data_6FOO
#
_entry.id   6FOO
#
loop_
_entity.id
_entity.type
_entity.pdbx_description
1 polymer 'Ryanodine receptor 1'
2 non-polymer 'ZINC ION'
#
_entity_poly.entity_id   1
_entity_poly.type   'polypeptide(L)'
_entity_poly.pdbx_seq_one_letter_code
;MGDGGEGEDEVQFLRTDDEVVLQCSATVLKEQLKLCLAAEGFGNRLCFLEPTSNAQNVPPDLAICCFTLEQSLSVRALQE
MLANTVEAGVESSQGGGHRTLLYGHAILLRHAHSRMYLSCLTTSRSMTDKLAFDVGLQEDATGEACWWTMHPASKQRSEG
EKVRVGDDLILVSVSSERYLHLSTASGELQVDASFMQTLWNMNPICSCCEEGYVTGGHVLRLFHGHMDECLTISAADSDD
QRRLVYYEGGAVCTHARSLWRLEPLRISWSGSHLRWGQPLRIRHVTTGRYLALTEDQGLVVVDACKAHTKATSFCFRVSK
EKLDTAPKRDVEGMGPPEIKYGESLCFVQHVASGLWLTYAAPDPKALRLGVLKKKAILHQEGHMDDALFLTRCQQEESQA
ARMIHSTAGLYNQFIKGLDSFSGKPRGSGPPAGPALPIEAVILSLQDLIGYFEPPSEELQHEEKQSKLRSLRNRQSLFQE
EGMLSLVLNCIDRLNVYTTAAHFAEYAGEEAAESWKEIVNLLYELLASLIRGNRANCALFSTNLDWVVSKLDRLEASSGI
LEVLYCVLIESPEVLNIIQENHIKSIISLLDKHGRNHKVLDVLCSLCVCNGVAVRSNQDLITENLLPGRELLLQTNLINY
VTSIRPNIFVGRAEGSTQYGKWYFEVMVDEVVPFLTAQATHLRVGWALTEGYSPYPGGGEGWGGNGVGDDLYSYGFDGLH
LWTGHVARPVTSPGQHLLAPEDVVSCCLDLSVPSISFRINGCPVQGVFEAFNLDGLFFPVVSFSAGVKVRFLLGGRHGEF
KFLPPPGYAPCHEAVLPRERLRLEPIKEYRREGPRGPHLVGPSRCLSHTDFVPCPVDTVQIVLPPHLERIREKLAENIHE
LWALTRIEQGWTYGPVRDDNKRLHPCLVNFHSLPEPERNYNLQMSGETLKTLLALGCHVGMADEKAEDNLKKTKLPKTYM
MSNGYKPAPLDLSHVRLTPAQTTLVDRLAENGHNVWARDRVAQGWSYSAVQDIPARRNPRLVPYRLLDEATKRSNRDSLC
QAVRTLLGYGYNIEPPDQEPSQVENQSRWDRVRIFRAEKSYTVQSGRWYFEFEAVTTGEMRVGWARPELRPDVELGADEL
AYVFNGHRGQRWHLGSEPFGRPWQSGDVVGCMIDLTENTIIFTLNGEVLMSDSGSETAFREIEIGDGFLPVCSLGPGQVG
HLNLGQDVSSLRFFAICGLQEGFEPFAINMQRPVTTWFSKSLPQFEPVPPEHPHYEVARMDGTVDTPPCLRLAHRTWGSQ
NSLVEMLFLRLSLPVQF(UNK)(UNK)(UNK)(UNK)(UNK)(UNK)(UNK)(UNK)(UNK)(UNK)(UNK)(UNK)
(UNK)(UNK)(UNK)(UNK)(UNK)(UNK)(UNK)(UNK)(UNK)(UNK)(UNK)(UNK)(UNK)(UNK)(UNK)(UNK)
(UNK)(UNK)(UNK)(UNK)(UNK)(UNK)(UNK)(UNK)(UNK)(UNK)(UNK)(UNK)(UNK)(UNK)(UNK)(UNK)
(UNK)(UNK)(UNK)(UNK)(UNK)(UNK)(UNK)(UNK)(UNK)(UNK)(UNK)(UNK)(UNK)(UNK)(UNK)(UNK)
(UNK)(UNK)(UNK)(UNK)(UNK)(UNK)(UNK)(UNK)(UNK)(UNK)(UNK)(UNK)(UNK)(UNK)(UNK)(UNK)
(UNK)(UNK)(UNK)(UNK)(UNK)(UNK)(UNK)(UNK)(UNK)(UNK)(UNK)(UNK)(UNK)(UNK)(UNK)(UNK)
(UNK)(UNK)(UNK)(UNK)(UNK)(UNK)(UNK)(UNK)(UNK)(UNK)(UNK)(UNK)(UNK)(UNK)(UNK)(UNK)
(UNK)(UNK)(UNK)(UNK)(UNK)(UNK)(UNK)(UNK)(UNK)(UNK)(UNK)(UNK)(UNK)(UNK)(UNK)(UNK)
(UNK)(UNK)(UNK)(UNK)(UNK)(UNK)(UNK)(UNK)(UNK)(UNK)(UNK)(UNK)(UNK)(UNK)(UNK)(UNK)
(UNK)(UNK)(UNK)(UNK)(UNK)(UNK)(UNK)(UNK)(UNK)(UNK)(UNK)(UNK)(UNK)(UNK)(UNK)(UNK)
(UNK)(UNK)(UNK)(UNK)(UNK)(UNK)(UNK)(UNK)(UNK)(UNK)(UNK)(UNK)(UNK)(UNK)(UNK)(UNK)
(UNK)(UNK)(UNK)(UNK)(UNK)(UNK)(UNK)(UNK)(UNK)(UNK)(UNK)(UNK)(UNK)(UNK)(UNK)(UNK)
(UNK)(UNK)(UNK)(UNK)(UNK)(UNK)(UNK)(UNK)(UNK)(UNK)(UNK)(UNK)(UNK)(UNK)(UNK)(UNK)
(UNK)(UNK)(UNK)(UNK)(UNK)(UNK)(UNK)(UNK)(UNK)(UNK)(UNK)(UNK)(UNK)(UNK)(UNK)(UNK)
(UNK)(UNK)(UNK)(UNK)(UNK)(UNK)(UNK)(UNK)(UNK)(UNK)(UNK)(UNK)(UNK)(UNK)(UNK)(UNK)
(UNK)(UNK)(UNK)(UNK)(UNK)(UNK)(UNK)(UNK)(UNK)(UNK)(UNK)(UNK)(UNK)(UNK)(UNK)(UNK)
(UNK)(UNK)(UNK)(UNK)(UNK)(UNK)(UNK)(UNK)(UNK)(UNK)(UNK)(UNK)(UNK)(UNK)(UNK)(UNK)
(UNK)(UNK)(UNK)(UNK)(UNK)(UNK)(UNK)MPLSAAMFLSERKNPAPQCPPRLEVQMLMPVSWSRMPNHFLQVET
RRAGERLGWAVQCQDPLTMMALHIPEENRCMDILELSERLDLQRFHSHTLRLYRAVCALGNNRVAHALCSHVDQAQLLHA
LEDAHLPGPLRAGYYDLLISIHLESACRSRRSMLSEYIVPLTPETRAITLFPPGRKGGNARRHGLPGVGVTTSLRPPHHF
SPPCFVAALPAAGVAEAPARLSPAIPLEALRDKALRMLGEAVRDGGQHARDPVGGSVEFQFVPVLKLVSTLLVMGIFGDE
DVKQILKMIEPEVFTEEEEEEEEEEEEEEEEEEDEEEKEEDEEEEEKEDAEKEEEEAPEGEKEDLEEGLLQMKLPESVKL
QMCNLLEYFCDQELQHRVESLAAFAERYVDKLQANQRSRYALLMRAFTMSAAETARRTREFRSPPQEQINMLLHFKDEAD
EEDCPLPEDIRQDLQDFHQDLLAHCGIQLEGEEEEPEEETSLSSRLRSLLETVRLVKKKEEKPEEELPAEEKKPQSLQEL
VSHMVVRWAQEDYVQSPELVRAMFSLLHRQYDGLGELLRALPRAYTISPSSVEDTMSLLECLGQIRSLLIVQMGPQEENL
MIQSIGNIMNNKVFYQHPNLMRALGMHETVMEVMVNVLGGGETKEIRFPKMVTSCCRFLCYFCRISRQNQRSMFDHLSYL
LENSGIGLGMQGSTPLDVAAASVIDNNELALALQEQDLEKVVSYLAGCGLQSCPMLLAKGYPDIGWNPCGGERYLDFLRF
AVFVNGESVEENANVVVRLLIRKPECFGPALRGEGGSGLLAAIEEAIRISEDPARDGPGVRRDRRREHFGEEPPEENRVH
LGHAIMSFYAALIDLLGRCAPEMHLIQAGKGEALRIRAILRSLVPLDDLVGIISLPLQIPTL(UNK)(UNK)(UNK)
(UNK)(UNK)(UNK)(UNK)(UNK)(UNK)(UNK)(UNK)(UNK)(UNK)(UNK)(UNK)(UNK)(UNK)(UNK)(UNK)
(UNK)(UNK)(UNK)(UNK)(UNK)(UNK)(UNK)(UNK)(UNK)(UNK)(UNK)(UNK)(UNK)(UNK)(UNK)(UNK)
(UNK)(UNK)(UNK)(UNK)(UNK)(UNK)(UNK)(UNK)(UNK)(UNK)(UNK)(UNK)(UNK)(UNK)(UNK)(UNK)
(UNK)(UNK)(UNK)(UNK)(UNK)(UNK)(UNK)(UNK)(UNK)(UNK)(UNK)(UNK)(UNK)(UNK)(UNK)(UNK)
(UNK)(UNK)(UNK)(UNK)(UNK)(UNK)(UNK)(UNK)(UNK)(UNK)(UNK)(UNK)(UNK)(UNK)(UNK)(UNK)
(UNK)(UNK)(UNK)(UNK)(UNK)(UNK)(UNK)(UNK)(UNK)(UNK)(UNK)(UNK)(UNK)(UNK)(UNK)(UNK)
(UNK)(UNK)(UNK)(UNK)(UNK)(UNK)(UNK)(UNK)(UNK)(UNK)(UNK)(UNK)(UNK)(UNK)(UNK)(UNK)
(UNK)(UNK)(UNK)(UNK)(UNK)(UNK)(UNK)(UNK)(UNK)(UNK)(UNK)(UNK)(UNK)(UNK)(UNK)(UNK)
(UNK)(UNK)(UNK)(UNK)(UNK)(UNK)(UNK)(UNK)(UNK)(UNK)(UNK)(UNK)(UNK)(UNK)(UNK)(UNK)
(UNK)(UNK)(UNK)(UNK)(UNK)(UNK)(UNK)(UNK)(UNK)(UNK)(UNK)(UNK)(UNK)(UNK)(UNK)(UNK)
(UNK)(UNK)(UNK)(UNK)(UNK)(UNK)(UNK)(UNK)(UNK)(UNK)(UNK)(UNK)(UNK)(UNK)(UNK)(UNK)
(UNK)(UNK)(UNK)(UNK)(UNK)(UNK)(UNK)(UNK)(UNK)(UNK)(UNK)(UNK)(UNK)(UNK)(UNK)(UNK)
(UNK)(UNK)(UNK)(UNK)(UNK)(UNK)(UNK)(UNK)(UNK)(UNK)(UNK)(UNK)(UNK)(UNK)(UNK)(UNK)
(UNK)(UNK)(UNK)(UNK)(UNK)(UNK)(UNK)(UNK)(UNK)(UNK)(UNK)(UNK)(UNK)(UNK)(UNK)(UNK)
(UNK)(UNK)(UNK)(UNK)(UNK)(UNK)(UNK)(UNK)(UNK)(UNK)(UNK)(UNK)(UNK)(UNK)(UNK)(UNK)
(UNK)(UNK)(UNK)(UNK)(UNK)(UNK)(UNK)(UNK)(UNK)(UNK)(UNK)NFDPRPVETLNVIIPEKLDSFINKF
AEYTHEKWAFDKIQNNWSYGENVDEELKTHPMLRPYKTFSEKDKEIYRWPIKESLKAMIAWEWTIEKAREGEEERTEKKK
TRKISQTAQTYDPREGYNPQPPDLSGVTLSRELQAMAEQLAENYHNTWGRKKKQELEAKGGGTHPLLVPYDTLTAKEKAR
DREKAQELLKFLQMNGYAVTR(UNK)(UNK)(UNK)(UNK)(UNK)(UNK)(UNK)(UNK)(UNK)(UNK)(UNK)
(UNK)(UNK)(UNK)(UNK)(UNK)(UNK)(UNK)(UNK)(UNK)(UNK)(UNK)(UNK)(UNK)(UNK)(UNK)(UNK)
(UNK)(UNK)(UNK)(UNK)(UNK)(UNK)(UNK)(UNK)(UNK)(UNK)(UNK)(UNK)(UNK)(UNK)(UNK)(UNK)
(UNK)(UNK)(UNK)(UNK)(UNK)(UNK)(UNK)(UNK)(UNK)(UNK)(UNK)(UNK)(UNK)(UNK)(UNK)(UNK)
(UNK)(UNK)(UNK)(UNK)(UNK)(UNK)(UNK)(UNK)(UNK)(UNK)(UNK)(UNK)(UNK)(UNK)(UNK)(UNK)
(UNK)(UNK)(UNK)(UNK)(UNK)(UNK)(UNK)(UNK)(UNK)(UNK)(UNK)(UNK)(UNK)(UNK)(UNK)(UNK)
(UNK)(UNK)(UNK)(UNK)(UNK)(UNK)(UNK)(UNK)(UNK)(UNK)(UNK)(UNK)(UNK)(UNK)(UNK)(UNK)
(UNK)(UNK)(UNK)(UNK)(UNK)(UNK)(UNK)(UNK)(UNK)(UNK)(UNK)(UNK)(UNK)(UNK)(UNK)(UNK)
(UNK)(UNK)(UNK)(UNK)(UNK)(UNK)(UNK)(UNK)(UNK)(UNK)(UNK)(UNK)(UNK)(UNK)(UNK)(UNK)
(UNK)(UNK)(UNK)(UNK)(UNK)(UNK)(UNK)(UNK)(UNK)(UNK)(UNK)(UNK)(UNK)(UNK)(UNK)(UNK)
(UNK)(UNK)(UNK)(UNK)(UNK)(UNK)(UNK)(UNK)(UNK)(UNK)(UNK)(UNK)(UNK)(UNK)(UNK)(UNK)
(UNK)(UNK)(UNK)(UNK)(UNK)(UNK)(UNK)(UNK)(UNK)(UNK)(UNK)(UNK)(UNK)(UNK)(UNK)(UNK)
(UNK)(UNK)(UNK)(UNK)(UNK)(UNK)(UNK)(UNK)(UNK)(UNK)(UNK)(UNK)(UNK)(UNK)(UNK)(UNK)
(UNK)(UNK)(UNK)(UNK)(UNK)(UNK)(UNK)(UNK)(UNK)(UNK)(UNK)(UNK)(UNK)(UNK)(UNK)(UNK)
(UNK)(UNK)(UNK)(UNK)(UNK)(UNK)(UNK)(UNK)(UNK)(UNK)(UNK)(UNK)(UNK)(UNK)(UNK)(UNK)
(UNK)(UNK)(UNK)(UNK)(UNK)(UNK)(UNK)(UNK)(UNK)(UNK)(UNK)(UNK)(UNK)(UNK)(UNK)(UNK)
(UNK)(UNK)(UNK)(UNK)(UNK)(UNK)(UNK)(UNK)(UNK)(UNK)(UNK)(UNK)(UNK)(UNK)(UNK)(UNK)
(UNK)(UNK)(UNK)(UNK)(UNK)(UNK)(UNK)(UNK)(UNK)(UNK)(UNK)(UNK)(UNK)(UNK)(UNK)(UNK)
(UNK)(UNK)(UNK)(UNK)(UNK)(UNK)(UNK)(UNK)(UNK)(UNK)(UNK)(UNK)(UNK)(UNK)(UNK)(UNK)
(UNK)(UNK)(UNK)(UNK)(UNK)(UNK)(UNK)(UNK)(UNK)(UNK)(UNK)(UNK)(UNK)(UNK)(UNK)(UNK)
(UNK)(UNK)(UNK)(UNK)(UNK)(UNK)(UNK)(UNK)(UNK)(UNK)(UNK)(UNK)(UNK)(UNK)(UNK)(UNK)
(UNK)(UNK)(UNK)(UNK)(UNK)(UNK)(UNK)(UNK)(UNK)(UNK)(UNK)(UNK)(UNK)(UNK)(UNK)(UNK)
(UNK)(UNK)(UNK)(UNK)(UNK)(UNK)(UNK)(UNK)(UNK)(UNK)(UNK)(UNK)(UNK)(UNK)(UNK)(UNK)
(UNK)(UNK)(UNK)(UNK)(UNK)(UNK)(UNK)(UNK)(UNK)(UNK)(UNK)(UNK)(UNK)(UNK)(UNK)(UNK)
(UNK)(UNK)(UNK)(UNK)(UNK)(UNK)(UNK)(UNK)(UNK)(UNK)(UNK)(UNK)(UNK)(UNK)(UNK)(UNK)
(UNK)(UNK)(UNK)(UNK)(UNK)(UNK)(UNK)(UNK)(UNK)(UNK)(UNK)(UNK)(UNK)(UNK)(UNK)(UNK)
(UNK)(UNK)(UNK)(UNK)(UNK)(UNK)(UNK)(UNK)(UNK)(UNK)(UNK)(UNK)(UNK)(UNK)(UNK)(UNK)
(UNK)(UNK)(UNK)(UNK)(UNK)(UNK)(UNK)(UNK)(UNK)(UNK)(UNK)(UNK)(UNK)(UNK)(UNK)(UNK)
(UNK)(UNK)(UNK)(UNK)(UNK)(UNK)(UNK)(UNK)(UNK)(UNK)(UNK)(UNK)(UNK)(UNK)(UNK)(UNK)
(UNK)(UNK)(UNK)(UNK)(UNK)(UNK)(UNK)(UNK)(UNK)(UNK)(UNK)(UNK)(UNK)(UNK)(UNK)(UNK)
(UNK)(UNK)(UNK)(UNK)(UNK)(UNK)(UNK)(UNK)(UNK)(UNK)(UNK)(UNK)(UNK)(UNK)(UNK)(UNK)
(UNK)(UNK)(UNK)(UNK)(UNK)(UNK)(UNK)(UNK)(UNK)(UNK)(UNK)(UNK)(UNK)(UNK)(UNK)(UNK)
(UNK)(UNK)(UNK)(UNK)(UNK)(UNK)(UNK)(UNK)(UNK)(UNK)(UNK)(UNK)(UNK)(UNK)(UNK)(UNK)
(UNK)(UNK)(UNK)(UNK)(UNK)(UNK)(UNK)(UNK)(UNK)(UNK)(UNK)(UNK)(UNK)(UNK)(UNK)(UNK)
(UNK)(UNK)(UNK)(UNK)(UNK)(UNK)(UNK)(UNK)(UNK)(UNK)(UNK)(UNK)(UNK)(UNK)(UNK)(UNK)
(UNK)(UNK)(UNK)(UNK)(UNK)(UNK)(UNK)(UNK)(UNK)(UNK)(UNK)(UNK)(UNK)(UNK)(UNK)(UNK)
(UNK)(UNK)(UNK)(UNK)(UNK)(UNK)(UNK)(UNK)(UNK)(UNK)(UNK)(UNK)(UNK)(UNK)(UNK)(UNK)
(UNK)(UNK)(UNK)(UNK)(UNK)(UNK)(UNK)(UNK)(UNK)(UNK)(UNK)(UNK)(UNK)(UNK)(UNK)(UNK)
(UNK)(UNK)(UNK)(UNK)(UNK)(UNK)(UNK)(UNK)(UNK)(UNK)(UNK)(UNK)(UNK)(UNK)(UNK)(UNK)
(UNK)(UNK)(UNK)(UNK)(UNK)(UNK)(UNK)(UNK)(UNK)(UNK)(UNK)(UNK)(UNK)(UNK)(UNK)(UNK)
(UNK)(UNK)(UNK)(UNK)(UNK)(UNK)(UNK)(UNK)(UNK)(UNK)(UNK)(UNK)(UNK)(UNK)(UNK)(UNK)
(UNK)(UNK)(UNK)(UNK)(UNK)(UNK)(UNK)(UNK)(UNK)(UNK)(UNK)(UNK)(UNK)(UNK)(UNK)(UNK)
(UNK)(UNK)(UNK)(UNK)(UNK)(UNK)(UNK)(UNK)(UNK)(UNK)(UNK)(UNK)(UNK)(UNK)(UNK)(UNK)
(UNK)(UNK)(UNK)(UNK)(UNK)(UNK)(UNK)(UNK)(UNK)(UNK)(UNK)(UNK)(UNK)(UNK)(UNK)(UNK)
TPLYNLPTHRACNMFLESYKAAWILTEDHSFEDRMIDDLSKAGEQEEEEEEVEEKKPDPLHQLVLHFSRTALTEKSKLDE
DYLYMAYADIMAKSCHLEEGGENGEAEEEEVEVSFEEKEMEKQRLLYQQSRLHTRGAAEMVLQMISACKGETGAMVSSTL
KLGISILNGGNAEVQQKMLDYLKDKKEVGFFQSIQALMQTCSVLDLNAFERQNKAEGLGMVNEDGTVINRQNGEKVMADD
EFTQDLFRFLQLLCEGHNNDFQNYLRTQTGNTTTINIIICTVDYLLRLQESISDFYWYYSGKDVIEEQGKRNFSKAMSVA
KQVFNSLTEYIQGPCTGNQQSLAHSRLWDAVVGFLHVFAHMMMKLAQDSSQIELLKELLDLQKDMVVMLLSLLEGNVVNG
MIARQMVDMLVESSSNVEMILKFFDMFLKLKDIVGSEAFQDYVTDPRGLISKKDFQKAMDSQKQFTGPEIQFLLSCSEAD
ENEMINFEEFANRFQEPARDIGFNVAVLLTNLSEHVPHDPRLRNFLELAESILEYFRPYLGRIEIMGASRRIERIYFEIS
ETNRAQWEMPQVKESKRQFIFDVVNEGGEAEKMELFVSFCEDTIFEMQIAAQISEPEGEPEADEDEGMGEAAAEGAEEGA
AGAEGAAGTVAAGATARLAAAAARALRGLSYRSLRRRVRRLRRLTAREAATALAALLWAVVARAGAAGAGAAAGALRLLW
GSLFGGGLVEGAKKVTVTELLAGMPDPTSDEVHGEQPAGPGGDADGAGEGEGEGDAAEGDGDEEVAGHEAGPGGAEGVVA
VADGGPFRPEGAGGLGDMGDTTPAEPPTPEGSPILKRKLGVDGEEEELVPEPEPEPEPEPEKADEENGEKEEVPEAPPEP
PKKAPPSPPAKKEEAGGAGMEFWGELEVQRVKFLNYLSRNFYTLRFLALFLAFAINFILLFYKVSDSPPGEDDMEGSAAG
DLAGAGSGGGSGWGSGAGEEAEGDEDENMVYYFLEESTGYMEPALWCLSLLHTLVAFLCIIGYNCLKVPLVIFKREKELA
RKLEFDGLYITEQPGDDDVKGQWDRLVLNTPSFPSNYWDKFVKRKVLDKHGDIFGRERIAELLGMDLASLEITAHNERKP
DPPPGLLTWLMSIDVKYQIWKFGVIFTDNSFLYLGWYMVMSLLGHYNNFFFAAHLLDIAMGVKTLRTILSSVTHNGKQLV
MTVGLLAVVVYLYTVVAFNFFRKFYNKSEDEDEPDMKCDDMMTCYLFHMYVGVRAGGGIGDEIEDPAGDEYELYRVVFDI
TFFFFVIVILLAIIQGLIIDAFGELRDQQEQVKEDMETKCFICGIGSDYFDTTPHGFETHTLEEHNLANYMFFLMYLINK
DETEHTGQESYVWKMYQERCWDFFPAGDCFRKQYEDQLS
;
_entity_poly.pdbx_strand_id   A,B,C,D
#
loop_
_chem_comp.id
_chem_comp.type
_chem_comp.name
_chem_comp.formula
ZN non-polymer 'ZINC ION' 'Zn 2'
#
# COMPACT_ATOMS: atom_id res chain seq x y z
N GLN A 12 -23.25 7.11 -23.42
CA GLN A 12 -23.40 5.96 -24.30
C GLN A 12 -24.40 6.23 -25.42
N PHE A 13 -25.63 5.83 -25.19
CA PHE A 13 -26.65 5.79 -26.24
C PHE A 13 -27.98 6.29 -25.70
N LEU A 14 -29.01 6.09 -26.51
CA LEU A 14 -30.35 6.53 -26.16
C LEU A 14 -31.33 5.38 -26.21
N ARG A 15 -32.16 5.30 -25.17
CA ARG A 15 -33.22 4.31 -25.04
C ARG A 15 -34.56 5.05 -24.94
N THR A 16 -35.63 4.31 -24.70
CA THR A 16 -36.91 4.98 -24.53
C THR A 16 -37.19 5.23 -23.06
N ASP A 17 -38.35 5.85 -22.81
CA ASP A 17 -38.76 6.41 -21.51
C ASP A 17 -37.72 7.35 -20.92
N ASP A 18 -37.23 8.28 -21.73
CA ASP A 18 -36.15 9.17 -21.34
C ASP A 18 -36.50 10.60 -21.69
N GLU A 19 -35.68 11.54 -21.20
CA GLU A 19 -35.98 12.96 -21.27
C GLU A 19 -34.85 13.71 -21.96
N VAL A 20 -35.15 14.25 -23.14
CA VAL A 20 -34.19 14.97 -23.97
C VAL A 20 -34.87 16.20 -24.57
N VAL A 21 -34.06 17.09 -25.10
CA VAL A 21 -34.57 18.34 -25.69
C VAL A 21 -33.95 18.59 -27.05
N LEU A 22 -34.68 19.34 -27.87
CA LEU A 22 -34.22 19.71 -29.20
C LEU A 22 -33.14 20.78 -29.13
N GLN A 23 -32.32 20.82 -30.18
CA GLN A 23 -31.39 21.91 -30.38
C GLN A 23 -31.10 22.07 -31.85
N CYS A 24 -31.09 23.31 -32.31
CA CYS A 24 -30.45 23.74 -33.54
C CYS A 24 -29.59 24.97 -33.23
N SER A 25 -28.82 25.42 -34.21
CA SER A 25 -28.07 26.67 -34.07
C SER A 25 -27.94 27.27 -35.47
N ALA A 26 -28.75 28.27 -35.76
CA ALA A 26 -28.76 28.92 -37.06
C ALA A 26 -28.19 30.32 -36.93
N THR A 27 -27.36 30.71 -37.88
CA THR A 27 -26.78 32.04 -37.83
C THR A 27 -27.75 33.09 -38.39
N VAL A 28 -27.59 34.31 -37.91
CA VAL A 28 -28.32 35.46 -38.42
C VAL A 28 -27.33 36.53 -38.82
N LEU A 29 -26.48 36.92 -37.88
CA LEU A 29 -25.59 38.07 -37.99
C LEU A 29 -24.16 37.60 -38.26
N LYS A 30 -24.04 36.58 -39.12
CA LYS A 30 -22.81 35.81 -39.35
C LYS A 30 -22.27 35.19 -38.06
N GLU A 31 -23.17 34.83 -37.14
CA GLU A 31 -22.80 34.17 -35.91
C GLU A 31 -23.96 33.29 -35.46
N GLN A 32 -23.62 32.09 -34.98
CA GLN A 32 -24.60 31.08 -34.65
C GLN A 32 -25.48 31.51 -33.48
N LEU A 33 -26.75 31.16 -33.58
CA LEU A 33 -27.72 31.45 -32.52
C LEU A 33 -28.36 30.14 -32.12
N LYS A 34 -28.05 29.67 -30.92
CA LYS A 34 -28.65 28.44 -30.40
C LYS A 34 -30.12 28.66 -30.14
N LEU A 35 -30.95 27.98 -30.90
CA LEU A 35 -32.39 28.15 -30.89
C LEU A 35 -33.07 26.86 -30.49
N CYS A 36 -34.02 26.97 -29.55
CA CYS A 36 -34.78 25.83 -29.09
C CYS A 36 -36.24 26.03 -29.47
N LEU A 37 -36.85 24.97 -29.98
CA LEU A 37 -38.24 25.00 -30.40
C LEU A 37 -39.14 25.08 -29.18
N ALA A 38 -40.07 26.02 -29.19
CA ALA A 38 -40.99 26.21 -28.08
C ALA A 38 -42.41 26.40 -28.63
N ALA A 39 -43.38 25.82 -27.93
CA ALA A 39 -44.77 25.94 -28.31
C ALA A 39 -45.60 25.86 -27.04
N GLU A 40 -46.59 26.75 -26.92
CA GLU A 40 -47.37 26.80 -25.68
C GLU A 40 -48.37 25.66 -25.61
N GLY A 41 -49.03 25.34 -26.72
CA GLY A 41 -50.08 24.35 -26.64
C GLY A 41 -51.41 25.06 -26.44
N PHE A 42 -51.81 25.20 -25.18
CA PHE A 42 -53.04 25.89 -24.81
C PHE A 42 -53.07 27.30 -25.37
N GLY A 43 -54.07 27.59 -26.22
CA GLY A 43 -54.14 28.85 -26.90
C GLY A 43 -53.17 29.01 -28.06
N ASN A 44 -51.87 28.79 -27.85
CA ASN A 44 -50.87 28.90 -28.91
C ASN A 44 -50.51 27.49 -29.36
N ARG A 45 -51.16 27.04 -30.42
CA ARG A 45 -50.77 25.79 -31.05
C ARG A 45 -49.52 25.94 -31.90
N LEU A 46 -49.19 27.16 -32.30
CA LEU A 46 -48.08 27.41 -33.21
C LEU A 46 -46.75 27.24 -32.49
N CYS A 47 -45.66 27.31 -33.24
CA CYS A 47 -44.33 27.05 -32.73
C CYS A 47 -43.42 28.22 -33.04
N PHE A 48 -42.42 28.41 -32.19
CA PHE A 48 -41.50 29.52 -32.32
C PHE A 48 -40.15 29.09 -31.75
N LEU A 49 -39.21 30.02 -31.68
CA LEU A 49 -37.85 29.69 -31.30
C LEU A 49 -37.43 30.50 -30.09
N GLU A 50 -36.50 29.94 -29.32
CA GLU A 50 -35.98 30.53 -28.11
C GLU A 50 -34.46 30.61 -28.21
N PRO A 51 -33.87 31.81 -28.24
CA PRO A 51 -32.41 31.90 -28.23
C PRO A 51 -31.87 31.67 -26.83
N THR A 52 -30.83 30.86 -26.75
CA THR A 52 -30.23 30.51 -25.46
C THR A 52 -28.81 31.02 -25.39
N SER A 53 -28.42 31.84 -26.37
CA SER A 53 -27.03 32.21 -26.55
C SER A 53 -26.51 33.23 -25.55
N ASN A 54 -27.40 33.97 -24.88
CA ASN A 54 -26.97 34.94 -23.88
C ASN A 54 -27.28 34.45 -22.47
N ALA A 55 -27.15 33.13 -22.25
CA ALA A 55 -27.56 32.53 -20.98
C ALA A 55 -26.67 32.94 -19.81
N GLN A 56 -25.49 33.47 -20.07
CA GLN A 56 -24.71 34.11 -19.02
C GLN A 56 -25.38 35.38 -18.49
N ASN A 57 -26.17 36.06 -19.32
CA ASN A 57 -26.82 37.30 -18.92
C ASN A 57 -28.33 37.26 -19.06
N VAL A 58 -28.84 36.88 -20.22
CA VAL A 58 -30.28 36.88 -20.50
C VAL A 58 -30.76 35.44 -20.42
N PRO A 59 -31.58 35.10 -19.43
CA PRO A 59 -32.04 33.71 -19.28
C PRO A 59 -33.08 33.37 -20.34
N PRO A 60 -32.94 32.22 -20.99
CA PRO A 60 -33.99 31.73 -21.89
C PRO A 60 -35.06 30.95 -21.15
N ASP A 61 -36.02 30.45 -21.92
CA ASP A 61 -37.14 29.66 -21.37
C ASP A 61 -37.00 28.22 -21.81
N LEU A 62 -37.08 27.30 -20.84
CA LEU A 62 -36.88 25.87 -21.08
C LEU A 62 -38.04 25.05 -20.54
N ALA A 63 -39.19 25.66 -20.29
CA ALA A 63 -40.33 24.93 -19.75
C ALA A 63 -41.19 24.30 -20.83
N ILE A 64 -41.54 25.07 -21.87
CA ILE A 64 -42.34 24.56 -22.97
C ILE A 64 -41.48 24.03 -24.10
N CYS A 65 -40.20 23.82 -23.85
CA CYS A 65 -39.32 23.25 -24.86
C CYS A 65 -39.13 21.75 -24.70
N CYS A 66 -39.57 21.17 -23.58
CA CYS A 66 -39.17 19.81 -23.24
C CYS A 66 -40.13 18.78 -23.84
N PHE A 67 -39.56 17.75 -24.45
CA PHE A 67 -40.33 16.69 -25.07
C PHE A 67 -40.02 15.35 -24.40
N THR A 68 -40.89 14.40 -24.67
CA THR A 68 -40.83 13.10 -24.00
C THR A 68 -41.01 12.02 -25.05
N LEU A 69 -40.19 10.98 -24.94
CA LEU A 69 -40.30 9.83 -25.81
C LEU A 69 -41.35 8.89 -25.25
N GLU A 70 -42.31 8.49 -26.08
CA GLU A 70 -43.39 7.63 -25.59
C GLU A 70 -43.38 6.26 -26.22
N GLN A 71 -43.14 6.17 -27.52
CA GLN A 71 -43.22 4.89 -28.20
C GLN A 71 -42.42 4.95 -29.48
N SER A 72 -41.49 4.01 -29.64
CA SER A 72 -40.62 3.96 -30.81
C SER A 72 -40.83 2.64 -31.54
N LEU A 73 -41.15 2.71 -32.82
CA LEU A 73 -41.48 1.53 -33.60
C LEU A 73 -40.93 1.60 -35.00
N SER A 74 -40.77 0.44 -35.62
CA SER A 74 -40.65 0.38 -37.05
C SER A 74 -41.97 0.76 -37.70
N VAL A 75 -41.91 1.04 -39.00
CA VAL A 75 -43.07 1.53 -39.73
C VAL A 75 -44.16 0.46 -39.83
N ARG A 76 -43.78 -0.80 -39.98
CA ARG A 76 -44.79 -1.83 -40.17
C ARG A 76 -45.40 -2.26 -38.84
N ALA A 77 -44.59 -2.22 -37.78
CA ALA A 77 -45.16 -2.40 -36.44
C ALA A 77 -46.09 -1.25 -36.10
N LEU A 78 -45.78 -0.04 -36.51
CA LEU A 78 -46.65 1.09 -36.25
C LEU A 78 -47.92 0.99 -37.07
N GLN A 79 -47.80 0.52 -38.31
CA GLN A 79 -48.95 0.28 -39.16
C GLN A 79 -49.82 -0.83 -38.61
N GLU A 80 -49.19 -1.84 -38.02
CA GLU A 80 -49.88 -2.87 -37.28
C GLU A 80 -50.65 -2.30 -36.10
N MET A 81 -50.01 -1.40 -35.35
CA MET A 81 -50.65 -0.72 -34.24
C MET A 81 -51.83 0.12 -34.71
N LEU A 82 -51.71 0.74 -35.86
CA LEU A 82 -52.78 1.55 -36.44
C LEU A 82 -53.91 0.71 -36.98
N ALA A 83 -53.77 -0.62 -37.03
CA ALA A 83 -54.89 -1.52 -37.22
C ALA A 83 -55.60 -1.81 -35.91
N ASN A 84 -55.25 -1.11 -34.83
CA ASN A 84 -55.86 -1.34 -33.55
C ASN A 84 -56.31 -0.01 -32.94
N GLY A 97 -40.75 0.68 -22.39
CA GLY A 97 -39.54 0.42 -21.65
C GLY A 97 -38.39 1.29 -22.10
N HIS A 98 -37.22 0.68 -22.25
CA HIS A 98 -36.01 1.41 -22.61
C HIS A 98 -35.42 0.76 -23.85
N ARG A 99 -36.25 0.63 -24.87
CA ARG A 99 -35.80 0.20 -26.18
C ARG A 99 -34.84 1.22 -26.76
N THR A 100 -33.66 0.75 -27.14
CA THR A 100 -32.59 1.58 -27.64
C THR A 100 -32.93 2.04 -29.06
N LEU A 101 -32.67 3.32 -29.33
CA LEU A 101 -33.17 3.97 -30.53
C LEU A 101 -32.38 3.57 -31.75
N LEU A 102 -33.07 3.10 -32.79
CA LEU A 102 -32.44 2.65 -34.02
C LEU A 102 -32.94 3.49 -35.19
N TYR A 103 -32.01 3.85 -36.08
CA TYR A 103 -32.32 4.71 -37.21
C TYR A 103 -33.26 4.01 -38.18
N GLY A 104 -34.37 4.66 -38.48
CA GLY A 104 -35.46 4.05 -39.21
C GLY A 104 -36.68 3.82 -38.37
N HIS A 105 -36.55 3.96 -37.06
CA HIS A 105 -37.73 3.86 -36.21
C HIS A 105 -38.56 5.12 -36.29
N ALA A 106 -39.87 4.91 -36.42
CA ALA A 106 -40.80 5.94 -36.04
C ALA A 106 -40.77 6.12 -34.52
N ILE A 107 -41.24 7.26 -34.05
CA ILE A 107 -41.22 7.54 -32.63
C ILE A 107 -42.46 8.36 -32.26
N LEU A 108 -42.90 8.22 -31.01
CA LEU A 108 -44.06 8.95 -30.50
C LEU A 108 -43.53 10.07 -29.62
N LEU A 109 -43.79 11.30 -30.04
CA LEU A 109 -43.29 12.47 -29.34
C LEU A 109 -44.41 13.16 -28.58
N ARG A 110 -44.21 13.30 -27.27
CA ARG A 110 -45.17 13.98 -26.41
C ARG A 110 -44.49 15.25 -25.96
N HIS A 111 -45.26 16.29 -25.66
CA HIS A 111 -44.66 17.37 -24.91
C HIS A 111 -44.61 16.96 -23.45
N ALA A 112 -43.52 17.31 -22.76
CA ALA A 112 -43.38 16.92 -21.37
C ALA A 112 -44.40 17.64 -20.49
N HIS A 113 -44.51 18.95 -20.64
CA HIS A 113 -45.31 19.76 -19.74
C HIS A 113 -46.80 19.53 -19.93
N SER A 114 -47.30 19.79 -21.15
CA SER A 114 -48.72 19.63 -21.45
C SER A 114 -49.17 18.19 -21.44
N ARG A 115 -48.22 17.25 -21.62
CA ARG A 115 -48.47 15.82 -21.72
C ARG A 115 -49.42 15.50 -22.87
N MET A 116 -49.36 16.32 -23.90
CA MET A 116 -50.13 16.17 -25.12
C MET A 116 -49.19 15.67 -26.20
N TYR A 117 -49.75 14.92 -27.15
CA TYR A 117 -48.94 14.34 -28.21
C TYR A 117 -48.70 15.40 -29.28
N LEU A 118 -47.42 15.67 -29.52
CA LEU A 118 -47.05 16.69 -30.49
C LEU A 118 -47.32 16.20 -31.90
N SER A 119 -48.36 16.74 -32.51
CA SER A 119 -48.82 16.28 -33.81
C SER A 119 -48.62 17.42 -34.80
N CYS A 120 -49.11 17.22 -36.03
CA CYS A 120 -48.92 18.14 -37.13
C CYS A 120 -50.29 18.52 -37.70
N LEU A 121 -50.51 19.81 -37.90
CA LEU A 121 -51.80 20.23 -38.41
C LEU A 121 -51.79 20.27 -39.92
N THR A 122 -52.99 20.31 -40.49
CA THR A 122 -53.16 20.22 -41.93
C THR A 122 -53.53 21.59 -42.47
N THR A 123 -53.04 22.63 -41.81
CA THR A 123 -53.46 23.99 -42.08
C THR A 123 -52.30 24.78 -42.70
N SER A 124 -52.65 25.89 -43.34
CA SER A 124 -51.69 26.76 -43.98
C SER A 124 -51.29 27.87 -43.02
N ARG A 125 -50.02 28.23 -43.03
CA ARG A 125 -49.51 29.31 -42.20
C ARG A 125 -48.46 30.08 -42.98
N SER A 126 -48.21 31.32 -42.53
CA SER A 126 -47.18 32.23 -43.00
C SER A 126 -47.30 32.63 -44.46
N MET A 127 -48.42 32.32 -45.13
CA MET A 127 -48.68 32.62 -46.55
C MET A 127 -47.59 32.06 -47.46
N THR A 128 -47.08 30.88 -47.10
CA THR A 128 -46.03 30.25 -47.89
C THR A 128 -46.56 29.69 -49.20
N ASP A 129 -47.88 29.50 -49.31
CA ASP A 129 -48.54 28.84 -50.45
C ASP A 129 -47.92 27.48 -50.71
N LYS A 130 -47.73 26.72 -49.63
CA LYS A 130 -46.97 25.49 -49.70
C LYS A 130 -47.60 24.49 -48.73
N LEU A 131 -46.87 23.41 -48.49
CA LEU A 131 -47.25 22.31 -47.62
C LEU A 131 -46.59 22.45 -46.26
N ALA A 132 -46.55 23.70 -45.77
CA ALA A 132 -45.88 24.06 -44.53
C ALA A 132 -46.43 23.26 -43.36
N PHE A 133 -47.76 23.33 -43.17
CA PHE A 133 -48.54 22.44 -42.31
C PHE A 133 -48.02 22.48 -40.87
N ASP A 134 -48.30 23.65 -40.26
CA ASP A 134 -47.81 24.06 -38.94
C ASP A 134 -48.02 22.98 -37.89
N VAL A 135 -47.04 22.88 -36.99
CA VAL A 135 -47.01 21.82 -35.99
C VAL A 135 -47.99 22.15 -34.87
N GLY A 136 -48.89 21.22 -34.58
CA GLY A 136 -49.87 21.45 -33.54
C GLY A 136 -50.22 20.21 -32.76
N LEU A 137 -50.03 20.32 -31.45
CA LEU A 137 -50.40 19.28 -30.48
C LEU A 137 -51.80 19.60 -29.96
N GLN A 138 -52.71 18.64 -30.08
CA GLN A 138 -54.06 18.95 -29.64
C GLN A 138 -54.44 18.10 -28.44
N GLU A 139 -54.49 16.79 -28.63
CA GLU A 139 -54.38 15.82 -27.56
C GLU A 139 -53.71 14.60 -28.16
N ASP A 140 -53.21 14.76 -29.38
CA ASP A 140 -53.56 13.83 -30.46
C ASP A 140 -52.98 12.44 -30.27
N ALA A 141 -53.70 11.63 -29.48
CA ALA A 141 -53.42 10.22 -29.35
C ALA A 141 -53.76 9.44 -30.61
N THR A 142 -54.55 10.02 -31.50
CA THR A 142 -54.79 9.43 -32.81
C THR A 142 -53.52 9.53 -33.64
N GLY A 143 -52.78 8.43 -33.71
CA GLY A 143 -51.42 8.45 -34.19
C GLY A 143 -51.24 8.46 -35.69
N GLU A 144 -51.38 9.62 -36.32
CA GLU A 144 -51.10 9.67 -37.74
C GLU A 144 -49.95 10.62 -38.05
N ALA A 145 -50.06 11.86 -37.58
CA ALA A 145 -49.09 12.91 -37.85
C ALA A 145 -48.06 13.07 -36.75
N CYS A 146 -48.39 12.65 -35.54
CA CYS A 146 -47.53 12.78 -34.37
C CYS A 146 -46.41 11.75 -34.34
N TRP A 147 -46.21 11.01 -35.42
CA TRP A 147 -45.20 9.97 -35.51
C TRP A 147 -44.13 10.40 -36.49
N TRP A 148 -42.88 10.14 -36.11
CA TRP A 148 -41.73 10.79 -36.70
C TRP A 148 -40.60 9.80 -36.87
N THR A 149 -40.43 9.31 -38.10
CA THR A 149 -39.34 8.41 -38.42
C THR A 149 -38.00 9.10 -38.33
N MET A 150 -37.00 8.32 -37.93
CA MET A 150 -35.68 8.83 -37.59
C MET A 150 -34.67 8.24 -38.57
N HIS A 151 -34.13 9.09 -39.40
CA HIS A 151 -33.17 8.59 -40.37
C HIS A 151 -31.78 9.15 -40.04
N PRO A 152 -30.74 8.39 -40.39
CA PRO A 152 -29.38 8.85 -40.15
C PRO A 152 -29.04 10.09 -40.95
N ALA A 153 -28.06 10.83 -40.45
CA ALA A 153 -27.69 12.10 -41.04
C ALA A 153 -27.02 11.92 -42.41
N SER A 154 -25.88 11.25 -42.42
CA SER A 154 -25.09 11.08 -43.63
C SER A 154 -24.81 9.60 -43.84
N LYS A 155 -23.90 9.31 -44.77
CA LYS A 155 -23.37 7.97 -44.95
C LYS A 155 -22.42 7.56 -43.83
N GLN A 156 -21.99 8.51 -43.01
CA GLN A 156 -21.22 8.18 -41.82
C GLN A 156 -22.06 7.37 -40.85
N ARG A 157 -23.32 7.75 -40.68
CA ARG A 157 -24.29 6.94 -39.97
C ARG A 157 -25.04 6.07 -40.97
N SER A 158 -25.89 5.19 -40.45
CA SER A 158 -26.68 4.29 -41.30
C SER A 158 -27.93 3.87 -40.54
N GLU A 159 -28.82 3.17 -41.23
CA GLU A 159 -30.09 2.77 -40.66
C GLU A 159 -29.90 1.70 -39.59
N GLY A 160 -30.79 1.70 -38.61
CA GLY A 160 -30.80 0.67 -37.59
C GLY A 160 -29.61 0.70 -36.65
N GLU A 161 -28.86 1.79 -36.64
CA GLU A 161 -27.75 1.94 -35.72
C GLU A 161 -28.26 2.54 -34.42
N LYS A 162 -27.58 2.23 -33.33
CA LYS A 162 -28.01 2.73 -32.03
C LYS A 162 -27.67 4.21 -31.92
N VAL A 163 -28.65 5.01 -31.52
CA VAL A 163 -28.42 6.45 -31.47
C VAL A 163 -27.65 6.79 -30.21
N ARG A 164 -26.47 7.37 -30.38
CA ARG A 164 -25.66 7.82 -29.27
C ARG A 164 -26.29 9.02 -28.59
N VAL A 165 -25.66 9.45 -27.51
CA VAL A 165 -26.10 10.62 -26.79
C VAL A 165 -25.87 11.85 -27.67
N GLY A 166 -26.96 12.41 -28.19
CA GLY A 166 -26.87 13.61 -29.01
C GLY A 166 -26.34 13.42 -30.42
N ASP A 167 -27.07 12.72 -31.29
CA ASP A 167 -26.61 12.52 -32.65
C ASP A 167 -27.30 13.49 -33.60
N ASP A 168 -26.86 13.49 -34.86
CA ASP A 168 -27.44 14.32 -35.92
C ASP A 168 -28.54 13.52 -36.61
N LEU A 169 -29.74 14.10 -36.64
CA LEU A 169 -30.95 13.32 -36.87
C LEU A 169 -31.73 13.87 -38.05
N ILE A 170 -32.45 12.97 -38.71
CA ILE A 170 -33.34 13.32 -39.81
C ILE A 170 -34.75 12.96 -39.38
N LEU A 171 -35.58 13.97 -39.15
CA LEU A 171 -36.85 13.80 -38.49
C LEU A 171 -37.98 13.93 -39.51
N VAL A 172 -38.44 12.79 -40.02
CA VAL A 172 -39.40 12.78 -41.10
C VAL A 172 -40.76 12.48 -40.50
N SER A 173 -41.82 13.04 -41.07
CA SER A 173 -43.14 12.74 -40.57
C SER A 173 -43.58 11.35 -41.03
N VAL A 174 -44.76 10.97 -40.60
CA VAL A 174 -45.36 9.70 -40.98
C VAL A 174 -46.58 9.91 -41.88
N SER A 175 -47.48 10.80 -41.47
CA SER A 175 -48.64 11.13 -42.27
C SER A 175 -48.27 11.86 -43.55
N SER A 176 -47.41 12.87 -43.46
CA SER A 176 -47.00 13.64 -44.63
C SER A 176 -45.61 13.31 -45.10
N GLU A 177 -44.72 12.89 -44.19
CA GLU A 177 -43.33 12.51 -44.47
C GLU A 177 -42.54 13.67 -45.06
N ARG A 178 -42.40 14.72 -44.25
CA ARG A 178 -41.56 15.88 -44.55
C ARG A 178 -40.57 16.02 -43.39
N TYR A 179 -39.51 16.79 -43.60
CA TYR A 179 -38.46 16.92 -42.60
C TYR A 179 -38.92 17.74 -41.39
N LEU A 180 -38.00 17.99 -40.48
CA LEU A 180 -38.21 19.03 -39.47
C LEU A 180 -37.60 20.28 -40.10
N HIS A 181 -38.35 20.90 -40.99
CA HIS A 181 -37.79 22.00 -41.76
C HIS A 181 -37.73 23.24 -40.90
N LEU A 182 -36.55 23.54 -40.38
CA LEU A 182 -36.29 24.85 -39.79
C LEU A 182 -36.26 25.83 -40.96
N SER A 183 -37.36 26.53 -41.14
CA SER A 183 -37.59 27.31 -42.36
C SER A 183 -37.76 28.77 -42.00
N THR A 184 -36.71 29.56 -42.19
CA THR A 184 -36.85 30.99 -42.06
C THR A 184 -37.72 31.54 -43.19
N ALA A 185 -38.37 32.66 -42.91
CA ALA A 185 -39.30 33.24 -43.87
C ALA A 185 -38.92 34.70 -44.04
N SER A 186 -39.79 35.47 -44.70
CA SER A 186 -39.62 36.92 -44.74
C SER A 186 -39.73 37.52 -43.35
N GLY A 187 -40.51 36.90 -42.47
CA GLY A 187 -40.50 37.26 -41.07
C GLY A 187 -39.34 36.62 -40.34
N GLU A 188 -39.63 35.99 -39.20
CA GLU A 188 -38.59 35.42 -38.38
C GLU A 188 -38.19 34.05 -38.91
N LEU A 189 -37.22 33.42 -38.25
CA LEU A 189 -36.87 32.03 -38.50
C LEU A 189 -38.00 31.16 -37.95
N GLN A 190 -38.70 30.49 -38.85
CA GLN A 190 -39.90 29.75 -38.48
C GLN A 190 -39.64 28.25 -38.58
N VAL A 191 -40.60 27.47 -38.06
CA VAL A 191 -40.47 26.03 -37.94
C VAL A 191 -41.70 25.37 -38.55
N ASP A 192 -41.48 24.45 -39.49
CA ASP A 192 -42.57 23.67 -40.09
C ASP A 192 -42.03 22.32 -40.55
N ALA A 193 -42.88 21.54 -41.21
CA ALA A 193 -42.46 20.29 -41.85
C ALA A 193 -42.73 20.47 -43.33
N SER A 194 -41.82 21.13 -44.02
CA SER A 194 -42.07 21.40 -45.43
C SER A 194 -41.00 20.85 -46.36
N PHE A 195 -39.76 21.35 -46.30
CA PHE A 195 -38.83 21.13 -47.40
C PHE A 195 -37.56 20.41 -46.99
N MET A 196 -36.79 20.97 -46.07
CA MET A 196 -35.35 20.71 -45.99
C MET A 196 -34.95 20.22 -44.61
N GLN A 197 -33.75 19.65 -44.56
CA GLN A 197 -33.24 19.03 -43.35
C GLN A 197 -32.94 20.05 -42.27
N THR A 198 -32.85 19.54 -41.05
CA THR A 198 -32.19 20.21 -39.95
C THR A 198 -31.75 19.12 -38.99
N LEU A 199 -30.46 19.08 -38.67
CA LEU A 199 -29.94 18.06 -37.78
C LEU A 199 -30.27 18.48 -36.36
N TRP A 200 -31.46 18.10 -35.92
CA TRP A 200 -31.89 18.41 -34.58
C TRP A 200 -31.21 17.52 -33.56
N ASN A 201 -30.72 18.16 -32.51
CA ASN A 201 -29.85 17.51 -31.56
C ASN A 201 -30.56 17.38 -30.23
N MET A 202 -30.70 16.14 -29.78
CA MET A 202 -31.25 15.91 -28.47
C MET A 202 -30.17 16.09 -27.43
N ASN A 203 -30.32 17.13 -26.63
CA ASN A 203 -29.47 17.37 -25.48
C ASN A 203 -30.05 16.56 -24.34
N PRO A 204 -29.23 15.79 -23.63
CA PRO A 204 -29.72 15.07 -22.46
C PRO A 204 -30.01 16.02 -21.32
N ILE A 205 -31.22 16.61 -21.37
CA ILE A 205 -31.65 17.54 -20.36
C ILE A 205 -31.78 16.86 -18.99
N CYS A 206 -32.01 15.56 -18.98
CA CYS A 206 -32.21 14.76 -17.78
C CYS A 206 -32.14 13.30 -18.20
N SER A 207 -32.42 12.41 -17.25
CA SER A 207 -32.42 10.96 -17.50
C SER A 207 -33.28 10.30 -16.43
N CYS A 208 -33.14 8.98 -16.31
CA CYS A 208 -33.81 8.23 -15.25
C CYS A 208 -33.18 8.52 -13.90
N CYS A 209 -33.92 9.20 -13.02
CA CYS A 209 -33.35 9.66 -11.77
C CYS A 209 -33.47 8.60 -10.68
N GLU A 210 -33.05 8.98 -9.48
CA GLU A 210 -33.18 8.14 -8.32
C GLU A 210 -34.22 8.70 -7.36
N GLU A 211 -34.96 7.80 -6.72
CA GLU A 211 -36.09 8.16 -5.88
C GLU A 211 -35.60 8.82 -4.60
N GLY A 212 -36.22 9.93 -4.24
CA GLY A 212 -35.84 10.63 -3.02
C GLY A 212 -34.57 11.44 -3.15
N TYR A 213 -34.18 11.79 -4.37
CA TYR A 213 -33.00 12.59 -4.59
C TYR A 213 -33.33 13.77 -5.46
N VAL A 214 -32.87 14.95 -5.04
CA VAL A 214 -33.18 16.18 -5.74
C VAL A 214 -32.32 16.26 -6.98
N THR A 215 -32.96 16.34 -8.14
CA THR A 215 -32.28 16.67 -9.38
C THR A 215 -32.79 18.02 -9.86
N GLY A 216 -32.18 18.51 -10.93
CA GLY A 216 -32.45 19.85 -11.39
C GLY A 216 -33.80 19.99 -12.03
N GLY A 217 -34.13 21.25 -12.35
CA GLY A 217 -35.39 21.57 -12.97
C GLY A 217 -36.59 21.34 -12.09
N HIS A 218 -36.42 21.31 -10.77
CA HIS A 218 -37.52 20.96 -9.90
C HIS A 218 -38.25 22.19 -9.40
N VAL A 219 -39.54 22.00 -9.16
CA VAL A 219 -40.47 23.10 -8.88
C VAL A 219 -41.04 22.80 -7.50
N LEU A 220 -40.44 23.38 -6.47
CA LEU A 220 -40.52 22.77 -5.15
C LEU A 220 -40.58 23.83 -4.06
N ARG A 221 -40.80 23.34 -2.85
CA ARG A 221 -40.94 24.16 -1.65
C ARG A 221 -39.66 24.09 -0.83
N LEU A 222 -39.48 25.12 -0.01
CA LEU A 222 -38.23 25.41 0.68
C LEU A 222 -38.57 25.58 2.15
N PHE A 223 -38.64 24.47 2.87
CA PHE A 223 -39.16 24.50 4.23
C PHE A 223 -38.15 25.06 5.21
N HIS A 224 -38.57 26.08 5.95
CA HIS A 224 -37.72 26.75 6.91
C HIS A 224 -38.00 26.20 8.30
N GLY A 225 -37.02 26.34 9.19
CA GLY A 225 -37.20 25.88 10.55
C GLY A 225 -37.09 24.37 10.62
N HIS A 226 -37.97 23.75 11.38
CA HIS A 226 -37.98 22.30 11.54
C HIS A 226 -39.27 21.67 11.03
N MET A 227 -40.42 22.15 11.48
CA MET A 227 -41.69 21.52 11.15
C MET A 227 -42.51 22.32 10.17
N ASP A 228 -42.93 23.53 10.52
CA ASP A 228 -43.90 24.23 9.67
C ASP A 228 -43.46 25.69 9.54
N GLU A 229 -42.60 25.94 8.57
CA GLU A 229 -42.25 27.27 8.12
C GLU A 229 -41.60 27.12 6.76
N CYS A 230 -41.76 28.10 5.88
CA CYS A 230 -41.09 28.07 4.60
C CYS A 230 -40.86 29.49 4.13
N LEU A 231 -40.23 29.59 2.96
CA LEU A 231 -39.90 30.88 2.39
C LEU A 231 -41.12 31.48 1.70
N THR A 232 -41.29 32.79 1.83
CA THR A 232 -42.35 33.47 1.11
C THR A 232 -41.89 34.88 0.76
N ILE A 233 -42.77 35.61 0.09
CA ILE A 233 -42.55 36.99 -0.29
C ILE A 233 -43.82 37.78 -0.03
N SER A 234 -43.80 39.06 -0.40
CA SER A 234 -45.00 39.86 -0.41
C SER A 234 -45.93 39.39 -1.52
N ALA A 235 -47.24 39.43 -1.23
CA ALA A 235 -48.25 38.92 -2.14
C ALA A 235 -48.44 39.87 -3.33
N ALA A 236 -49.32 39.48 -4.24
CA ALA A 236 -49.54 40.21 -5.46
C ALA A 236 -50.50 41.37 -5.21
N ASP A 237 -50.92 42.03 -6.30
CA ASP A 237 -51.64 43.31 -6.31
C ASP A 237 -50.90 44.34 -5.46
N SER A 238 -49.59 44.40 -5.68
CA SER A 238 -48.71 45.11 -4.77
C SER A 238 -48.00 46.22 -5.53
N ASP A 239 -47.94 47.38 -4.87
CA ASP A 239 -47.03 48.44 -5.29
C ASP A 239 -45.57 48.05 -5.11
N ASP A 240 -45.30 47.08 -4.23
CA ASP A 240 -44.00 46.45 -4.17
C ASP A 240 -43.66 45.72 -5.46
N GLN A 241 -44.67 45.24 -6.18
CA GLN A 241 -44.56 44.31 -7.32
C GLN A 241 -43.83 43.04 -6.93
N ARG A 242 -44.07 42.58 -5.69
CA ARG A 242 -43.60 41.30 -5.16
C ARG A 242 -42.08 41.20 -5.19
N ARG A 243 -41.42 42.05 -4.42
CA ARG A 243 -39.97 42.02 -4.33
C ARG A 243 -39.44 41.62 -2.96
N LEU A 244 -40.13 42.01 -1.90
CA LEU A 244 -39.65 41.80 -0.54
C LEU A 244 -39.85 40.36 -0.13
N VAL A 245 -38.80 39.74 0.37
CA VAL A 245 -38.78 38.31 0.64
C VAL A 245 -39.08 38.09 2.11
N TYR A 246 -39.90 37.08 2.43
CA TYR A 246 -40.30 36.90 3.81
C TYR A 246 -40.22 35.45 4.25
N TYR A 247 -40.82 35.19 5.42
CA TYR A 247 -41.00 33.86 5.95
C TYR A 247 -42.42 33.74 6.44
N GLU A 248 -42.90 32.49 6.54
CA GLU A 248 -44.27 32.22 6.92
C GLU A 248 -44.37 30.76 7.32
N GLY A 249 -45.26 30.48 8.28
CA GLY A 249 -45.50 29.14 8.74
C GLY A 249 -46.41 28.37 7.80
N GLY A 250 -47.48 27.80 8.36
CA GLY A 250 -48.31 26.88 7.62
C GLY A 250 -49.50 27.45 6.87
N ALA A 251 -49.33 28.54 6.15
CA ALA A 251 -50.35 29.01 5.23
C ALA A 251 -49.90 29.00 3.78
N VAL A 252 -48.76 29.64 3.46
CA VAL A 252 -48.28 29.72 2.09
C VAL A 252 -47.65 28.41 1.63
N CYS A 253 -47.50 27.44 2.54
CA CYS A 253 -47.08 26.08 2.22
C CYS A 253 -48.05 25.39 1.26
N THR A 254 -49.32 25.78 1.24
CA THR A 254 -50.23 25.21 0.27
C THR A 254 -50.42 26.18 -0.90
N HIS A 255 -49.58 27.19 -0.98
CA HIS A 255 -49.78 28.26 -1.93
C HIS A 255 -48.63 28.28 -2.94
N ALA A 256 -48.76 29.15 -3.94
CA ALA A 256 -47.83 29.18 -5.06
C ALA A 256 -46.67 30.15 -4.85
N ARG A 257 -46.76 31.02 -3.83
CA ARG A 257 -45.68 31.95 -3.60
C ARG A 257 -44.45 31.25 -3.02
N SER A 258 -44.68 30.17 -2.27
CA SER A 258 -43.61 29.34 -1.72
C SER A 258 -42.96 28.44 -2.76
N LEU A 259 -43.46 28.43 -3.99
CA LEU A 259 -42.94 27.54 -5.02
C LEU A 259 -41.79 28.18 -5.76
N TRP A 260 -40.75 27.38 -6.02
CA TRP A 260 -39.54 27.87 -6.66
C TRP A 260 -39.04 26.84 -7.65
N ARG A 261 -38.77 27.29 -8.86
CA ARG A 261 -38.23 26.47 -9.93
C ARG A 261 -36.70 26.59 -9.90
N LEU A 262 -36.03 25.47 -10.09
CA LEU A 262 -34.58 25.42 -10.13
C LEU A 262 -34.16 25.47 -11.59
N GLU A 263 -33.18 26.30 -11.91
CA GLU A 263 -32.62 26.32 -13.25
C GLU A 263 -31.10 26.31 -13.18
N PRO A 264 -30.46 25.16 -13.37
CA PRO A 264 -29.00 25.13 -13.43
C PRO A 264 -28.49 25.79 -14.71
N LEU A 265 -27.23 26.22 -14.64
CA LEU A 265 -26.64 27.00 -15.70
C LEU A 265 -26.22 26.15 -16.88
N ARG A 266 -26.14 24.82 -16.70
CA ARG A 266 -25.79 23.93 -17.79
C ARG A 266 -26.92 23.80 -18.79
N ILE A 267 -26.62 23.12 -19.88
CA ILE A 267 -27.63 22.84 -20.89
C ILE A 267 -28.03 21.37 -20.85
N SER A 268 -27.11 20.49 -21.20
CA SER A 268 -27.31 19.07 -21.01
C SER A 268 -27.05 18.71 -19.56
N TRP A 269 -27.76 17.68 -19.09
CA TRP A 269 -27.70 17.18 -17.72
C TRP A 269 -28.07 18.26 -16.71
N SER A 270 -29.00 19.13 -17.10
CA SER A 270 -29.64 20.00 -16.13
C SER A 270 -30.41 19.20 -15.10
N GLY A 271 -31.05 18.11 -15.53
CA GLY A 271 -31.77 17.23 -14.63
C GLY A 271 -30.91 16.10 -14.08
N SER A 272 -29.60 16.26 -14.13
CA SER A 272 -28.74 15.32 -13.44
C SER A 272 -28.80 15.55 -11.93
N HIS A 273 -28.16 14.66 -11.18
CA HIS A 273 -28.28 14.68 -9.72
C HIS A 273 -27.63 15.93 -9.15
N LEU A 274 -28.43 16.76 -8.50
CA LEU A 274 -27.92 17.97 -7.89
C LEU A 274 -27.05 17.62 -6.70
N ARG A 275 -25.94 18.32 -6.58
CA ARG A 275 -24.90 17.99 -5.62
C ARG A 275 -24.56 19.20 -4.77
N TRP A 276 -23.82 18.95 -3.70
CA TRP A 276 -23.30 20.03 -2.89
C TRP A 276 -22.23 20.76 -3.67
N GLY A 277 -22.13 22.07 -3.44
CA GLY A 277 -21.20 22.87 -4.21
C GLY A 277 -21.64 23.01 -5.64
N GLN A 278 -22.75 23.70 -5.87
CA GLN A 278 -23.26 23.74 -7.22
C GLN A 278 -24.01 25.04 -7.50
N PRO A 279 -23.52 25.84 -8.45
CA PRO A 279 -24.16 27.13 -8.73
C PRO A 279 -25.25 27.01 -9.77
N LEU A 280 -26.24 27.90 -9.67
CA LEU A 280 -27.45 27.83 -10.48
C LEU A 280 -28.23 29.13 -10.35
N ARG A 281 -29.45 29.13 -10.89
CA ARG A 281 -30.39 30.23 -10.79
C ARG A 281 -31.71 29.68 -10.28
N ILE A 282 -32.49 30.56 -9.65
CA ILE A 282 -33.76 30.19 -9.03
C ILE A 282 -34.83 31.11 -9.57
N ARG A 283 -35.89 30.54 -10.14
CA ARG A 283 -36.98 31.29 -10.72
C ARG A 283 -38.20 31.14 -9.83
N HIS A 284 -39.05 32.16 -9.76
CA HIS A 284 -40.38 31.92 -9.22
C HIS A 284 -41.27 31.37 -10.32
N VAL A 285 -42.22 30.54 -9.91
CA VAL A 285 -42.89 29.66 -10.83
C VAL A 285 -44.03 30.39 -11.54
N THR A 286 -45.04 30.80 -10.78
CA THR A 286 -46.19 31.46 -11.36
C THR A 286 -45.84 32.88 -11.81
N THR A 287 -44.94 33.54 -11.09
CA THR A 287 -44.57 34.89 -11.44
C THR A 287 -43.58 34.91 -12.60
N GLY A 288 -42.76 33.87 -12.72
CA GLY A 288 -41.78 33.84 -13.79
C GLY A 288 -40.63 34.79 -13.58
N ARG A 289 -40.29 35.06 -12.32
CA ARG A 289 -39.23 36.00 -11.97
C ARG A 289 -38.14 35.27 -11.21
N TYR A 290 -36.92 35.77 -11.33
CA TYR A 290 -35.77 35.21 -10.65
C TYR A 290 -35.54 35.94 -9.34
N LEU A 291 -34.35 35.76 -8.78
CA LEU A 291 -34.02 36.33 -7.48
C LEU A 291 -32.54 36.70 -7.46
N ALA A 292 -32.26 37.98 -7.26
CA ALA A 292 -30.87 38.43 -7.16
C ALA A 292 -30.79 39.62 -6.23
N LEU A 293 -29.58 39.89 -5.75
CA LEU A 293 -29.22 41.10 -5.03
C LEU A 293 -28.36 41.91 -6.01
N THR A 294 -28.97 42.92 -6.64
CA THR A 294 -28.38 43.48 -7.85
C THR A 294 -27.19 44.38 -7.56
N GLU A 295 -27.41 45.54 -6.95
CA GLU A 295 -26.29 46.29 -6.41
C GLU A 295 -26.59 46.83 -5.01
N ASP A 296 -27.77 47.40 -4.83
CA ASP A 296 -28.13 48.05 -3.59
C ASP A 296 -29.57 47.82 -3.16
N GLN A 297 -30.40 47.19 -3.99
CA GLN A 297 -31.84 47.25 -3.80
C GLN A 297 -32.34 46.35 -2.68
N GLY A 298 -31.46 45.64 -1.99
CA GLY A 298 -31.89 44.69 -1.00
C GLY A 298 -32.28 43.38 -1.67
N LEU A 299 -32.75 42.45 -0.86
CA LEU A 299 -33.08 41.13 -1.36
C LEU A 299 -34.41 41.21 -2.10
N VAL A 300 -34.33 41.44 -3.42
CA VAL A 300 -35.50 41.69 -4.23
C VAL A 300 -35.66 40.57 -5.27
N VAL A 301 -36.92 40.30 -5.62
CA VAL A 301 -37.28 39.24 -6.56
C VAL A 301 -37.07 39.80 -7.95
N VAL A 302 -35.92 39.52 -8.55
CA VAL A 302 -35.51 40.18 -9.77
C VAL A 302 -36.27 39.60 -10.96
N ASP A 303 -36.36 40.39 -12.03
CA ASP A 303 -37.13 40.00 -13.21
C ASP A 303 -36.35 38.98 -14.03
N ALA A 304 -36.90 38.59 -15.18
CA ALA A 304 -36.33 37.54 -16.01
C ALA A 304 -35.34 38.07 -17.04
N CYS A 305 -34.66 39.18 -16.75
CA CYS A 305 -33.67 39.72 -17.65
C CYS A 305 -32.41 40.22 -16.94
N LYS A 306 -32.43 40.31 -15.61
CA LYS A 306 -31.33 40.90 -14.85
C LYS A 306 -30.80 39.90 -13.82
N ALA A 307 -30.63 38.66 -14.26
CA ALA A 307 -30.16 37.58 -13.41
C ALA A 307 -28.85 37.03 -13.96
N HIS A 308 -27.91 37.92 -14.25
CA HIS A 308 -26.75 37.58 -15.06
C HIS A 308 -25.63 36.87 -14.30
N THR A 309 -25.99 35.86 -13.50
CA THR A 309 -25.16 34.83 -12.89
C THR A 309 -24.22 35.38 -11.80
N LYS A 310 -24.06 36.70 -11.71
CA LYS A 310 -23.13 37.31 -10.77
C LYS A 310 -23.86 37.89 -9.58
N ALA A 311 -24.90 38.66 -9.83
CA ALA A 311 -25.86 39.00 -8.81
C ALA A 311 -26.68 37.81 -8.37
N THR A 312 -26.88 36.81 -9.24
CA THR A 312 -27.66 35.64 -8.85
C THR A 312 -26.85 34.73 -7.94
N SER A 313 -25.82 34.09 -8.51
CA SER A 313 -24.70 33.42 -7.84
C SER A 313 -25.13 32.53 -6.66
N PHE A 314 -25.92 31.51 -6.94
CA PHE A 314 -26.56 30.80 -5.84
C PHE A 314 -26.16 29.33 -5.79
N CYS A 315 -25.64 28.95 -4.62
CA CYS A 315 -25.09 27.62 -4.45
C CYS A 315 -25.51 27.08 -3.10
N PHE A 316 -25.08 25.86 -2.81
CA PHE A 316 -25.57 25.08 -1.68
C PHE A 316 -24.42 24.59 -0.83
N ARG A 317 -24.61 24.70 0.48
CA ARG A 317 -23.57 24.47 1.45
C ARG A 317 -24.04 23.42 2.45
N VAL A 318 -23.17 22.47 2.73
CA VAL A 318 -23.31 21.64 3.92
C VAL A 318 -23.18 22.49 5.17
N SER A 319 -22.11 23.27 5.21
CA SER A 319 -21.93 24.37 6.16
C SER A 319 -21.12 25.43 5.45
N LYS A 320 -20.68 26.45 6.20
CA LYS A 320 -20.25 27.69 5.59
C LYS A 320 -18.73 27.74 5.53
N GLU A 321 -18.12 26.59 5.22
CA GLU A 321 -16.68 26.40 5.35
C GLU A 321 -15.88 27.07 4.23
N LYS A 322 -14.59 26.77 4.22
CA LYS A 322 -13.61 27.31 3.26
C LYS A 322 -13.74 26.67 1.88
N LEU A 323 -14.76 27.08 1.13
CA LEU A 323 -15.01 26.57 -0.21
C LEU A 323 -13.88 26.92 -1.17
N ASP A 324 -13.30 25.88 -1.78
CA ASP A 324 -12.14 26.02 -2.63
C ASP A 324 -12.47 26.21 -4.10
N THR A 325 -13.64 25.72 -4.53
CA THR A 325 -14.19 25.89 -5.88
C THR A 325 -13.26 25.34 -6.97
N ALA A 326 -12.60 24.22 -6.65
CA ALA A 326 -11.80 23.50 -7.65
C ALA A 326 -12.17 22.02 -7.67
N PRO A 327 -13.46 21.69 -7.52
CA PRO A 327 -13.92 20.34 -7.85
C PRO A 327 -14.58 20.31 -9.22
N LYS A 328 -14.48 21.41 -9.95
CA LYS A 328 -15.35 21.69 -11.11
C LYS A 328 -14.93 20.84 -12.30
N ARG A 329 -15.44 19.61 -12.31
CA ARG A 329 -15.37 18.73 -13.47
C ARG A 329 -16.80 18.41 -13.88
N ASP A 330 -17.15 18.71 -15.12
CA ASP A 330 -18.51 18.52 -15.58
C ASP A 330 -18.86 17.04 -15.70
N VAL A 331 -20.12 16.72 -15.44
CA VAL A 331 -20.62 15.36 -15.42
C VAL A 331 -21.56 15.17 -16.60
N GLU A 332 -21.19 14.27 -17.50
CA GLU A 332 -22.01 13.96 -18.66
C GLU A 332 -22.89 12.75 -18.43
N GLY A 333 -23.16 12.42 -17.17
CA GLY A 333 -24.19 11.47 -16.81
C GLY A 333 -25.06 12.08 -15.73
N MET A 334 -25.80 11.22 -15.02
CA MET A 334 -26.62 11.67 -13.91
C MET A 334 -25.80 12.10 -12.71
N GLY A 335 -24.58 11.57 -12.55
CA GLY A 335 -23.78 11.88 -11.41
C GLY A 335 -24.24 11.10 -10.19
N PRO A 336 -23.69 11.42 -9.02
CA PRO A 336 -24.11 10.73 -7.81
C PRO A 336 -25.31 11.43 -7.18
N PRO A 337 -26.36 10.66 -6.86
CA PRO A 337 -27.52 11.22 -6.14
C PRO A 337 -27.16 11.59 -4.71
N GLU A 338 -27.07 12.90 -4.45
CA GLU A 338 -26.67 13.38 -3.13
C GLU A 338 -27.82 14.03 -2.38
N ILE A 339 -28.42 15.07 -2.93
CA ILE A 339 -29.32 15.93 -2.17
C ILE A 339 -30.70 15.28 -2.12
N LYS A 340 -31.20 15.06 -0.92
CA LYS A 340 -32.47 14.38 -0.70
C LYS A 340 -33.55 15.40 -0.37
N TYR A 341 -34.74 14.92 -0.11
CA TYR A 341 -35.90 15.75 0.19
C TYR A 341 -36.14 15.73 1.70
N GLY A 342 -36.22 16.93 2.29
CA GLY A 342 -36.52 17.05 3.70
C GLY A 342 -35.37 16.82 4.65
N GLU A 343 -34.44 15.93 4.30
CA GLU A 343 -33.25 15.68 5.11
C GLU A 343 -32.00 16.26 4.44
N SER A 344 -32.17 17.20 3.52
CA SER A 344 -31.03 17.82 2.87
C SER A 344 -30.34 18.82 3.79
N LEU A 345 -31.11 19.76 4.35
CA LEU A 345 -30.63 20.80 5.28
C LEU A 345 -29.52 21.64 4.66
N CYS A 346 -29.79 22.19 3.48
CA CYS A 346 -28.80 22.96 2.73
C CYS A 346 -28.56 24.31 3.37
N PHE A 347 -27.60 25.04 2.80
CA PHE A 347 -27.44 26.46 3.10
C PHE A 347 -27.24 27.16 1.78
N VAL A 348 -28.25 27.94 1.38
CA VAL A 348 -28.13 28.72 0.17
C VAL A 348 -27.17 29.86 0.42
N GLN A 349 -26.05 29.84 -0.28
CA GLN A 349 -25.09 30.91 -0.18
C GLN A 349 -25.10 31.69 -1.48
N HIS A 350 -25.09 33.01 -1.35
CA HIS A 350 -24.75 33.84 -2.50
C HIS A 350 -23.26 33.74 -2.76
N VAL A 351 -22.90 33.35 -3.99
CA VAL A 351 -21.53 32.98 -4.28
C VAL A 351 -20.63 34.21 -4.38
N ALA A 352 -21.02 35.17 -5.23
CA ALA A 352 -20.13 36.28 -5.57
C ALA A 352 -19.92 37.21 -4.39
N SER A 353 -20.99 37.52 -3.66
CA SER A 353 -20.89 38.40 -2.51
C SER A 353 -20.50 37.65 -1.23
N GLY A 354 -20.54 36.31 -1.26
CA GLY A 354 -20.22 35.54 -0.07
C GLY A 354 -21.24 35.64 1.05
N LEU A 355 -22.44 36.13 0.76
CA LEU A 355 -23.42 36.39 1.79
C LEU A 355 -24.28 35.16 2.04
N TRP A 356 -24.63 34.96 3.31
CA TRP A 356 -25.46 33.83 3.69
C TRP A 356 -26.87 34.27 3.99
N LEU A 357 -27.82 33.52 3.45
CA LEU A 357 -29.23 33.84 3.58
C LEU A 357 -29.69 33.45 4.97
N THR A 358 -30.17 34.43 5.72
CA THR A 358 -30.79 34.16 7.02
C THR A 358 -31.88 35.20 7.25
N TYR A 359 -32.69 34.97 8.27
CA TYR A 359 -33.67 35.98 8.64
C TYR A 359 -32.98 37.13 9.36
N ALA A 360 -33.65 38.28 9.34
CA ALA A 360 -33.15 39.46 10.05
C ALA A 360 -33.77 39.64 11.42
N ALA A 361 -34.99 39.13 11.63
CA ALA A 361 -35.85 39.30 12.79
C ALA A 361 -35.99 40.77 13.17
N PRO A 362 -36.10 41.67 12.18
CA PRO A 362 -36.37 43.08 12.47
C PRO A 362 -37.87 43.31 12.60
N ASP A 363 -38.32 43.58 13.82
CA ASP A 363 -39.75 43.72 14.04
C ASP A 363 -40.04 44.63 15.22
N PRO A 364 -41.06 45.48 15.12
CA PRO A 364 -41.52 46.22 16.30
C PRO A 364 -42.46 45.38 17.14
N LYS A 365 -42.91 45.92 18.28
CA LYS A 365 -43.85 45.20 19.12
C LYS A 365 -45.21 45.09 18.46
N ALA A 366 -45.59 46.11 17.68
CA ALA A 366 -46.83 46.04 16.92
C ALA A 366 -46.71 45.06 15.76
N LEU A 367 -45.55 45.05 15.08
CA LEU A 367 -45.33 44.10 14.00
C LEU A 367 -45.24 42.67 14.49
N ARG A 368 -44.80 42.47 15.73
CA ARG A 368 -44.81 41.13 16.32
C ARG A 368 -46.22 40.63 16.55
N LEU A 369 -47.09 41.48 17.10
CA LEU A 369 -48.48 41.12 17.32
C LEU A 369 -49.28 41.04 16.02
N GLY A 370 -48.83 41.70 14.97
CA GLY A 370 -49.56 41.67 13.71
C GLY A 370 -49.11 40.57 12.78
N VAL A 371 -48.51 40.94 11.65
CA VAL A 371 -48.17 40.00 10.59
C VAL A 371 -46.97 39.17 11.00
N LEU A 372 -46.96 37.91 10.58
CA LEU A 372 -45.87 36.97 10.87
C LEU A 372 -44.90 36.96 9.67
N LYS A 373 -44.18 38.07 9.54
CA LYS A 373 -43.37 38.32 8.35
C LYS A 373 -41.98 38.78 8.77
N LYS A 374 -41.07 37.83 8.99
CA LYS A 374 -39.65 38.16 9.09
C LYS A 374 -39.10 38.34 7.69
N LYS A 375 -37.88 38.83 7.58
CA LYS A 375 -37.33 39.09 6.26
C LYS A 375 -36.04 38.33 6.05
N ALA A 376 -35.98 37.57 4.96
CA ALA A 376 -34.71 36.98 4.53
C ALA A 376 -33.77 38.06 4.02
N ILE A 377 -32.51 37.93 4.42
CA ILE A 377 -31.42 38.80 3.99
C ILE A 377 -30.21 37.94 3.67
N LEU A 378 -29.53 38.30 2.59
CA LEU A 378 -28.24 37.73 2.27
C LEU A 378 -27.24 38.38 3.21
N HIS A 379 -26.93 37.69 4.30
CA HIS A 379 -26.24 38.30 5.42
C HIS A 379 -24.79 37.85 5.43
N GLN A 380 -23.94 38.71 5.99
CA GLN A 380 -22.50 38.49 6.01
C GLN A 380 -22.09 37.34 6.92
N GLU A 381 -22.96 36.94 7.84
CA GLU A 381 -22.63 35.87 8.78
C GLU A 381 -23.65 34.73 8.73
N GLY A 382 -24.93 35.05 8.66
CA GLY A 382 -25.98 34.07 8.83
C GLY A 382 -26.17 33.67 10.28
N HIS A 383 -27.37 33.19 10.58
CA HIS A 383 -27.66 32.71 11.91
C HIS A 383 -27.45 31.20 11.98
N MET A 384 -27.58 30.63 13.17
CA MET A 384 -27.31 29.22 13.42
C MET A 384 -28.53 28.34 13.23
N ASP A 385 -29.62 28.91 12.69
CA ASP A 385 -30.90 28.20 12.63
C ASP A 385 -31.57 28.36 11.27
N ASP A 386 -30.81 28.27 10.18
CA ASP A 386 -31.41 28.37 8.85
C ASP A 386 -31.96 27.03 8.41
N ALA A 387 -31.08 26.04 8.22
CA ALA A 387 -31.42 24.62 8.00
C ALA A 387 -32.36 24.42 6.82
N LEU A 388 -31.88 24.74 5.62
CA LEU A 388 -32.74 24.84 4.46
C LEU A 388 -32.97 23.46 3.85
N PHE A 389 -34.14 22.87 4.08
CA PHE A 389 -34.49 21.58 3.53
C PHE A 389 -35.75 21.71 2.67
N LEU A 390 -35.92 20.75 1.75
CA LEU A 390 -36.75 20.93 0.58
C LEU A 390 -37.92 19.96 0.53
N THR A 391 -38.87 20.30 -0.35
CA THR A 391 -40.02 19.44 -0.60
C THR A 391 -40.57 19.73 -1.99
N ARG A 392 -40.57 18.71 -2.83
CA ARG A 392 -41.11 18.76 -4.18
C ARG A 392 -42.53 18.20 -4.18
N CYS A 393 -43.43 18.83 -4.92
CA CYS A 393 -44.81 18.38 -5.02
C CYS A 393 -45.05 17.85 -6.43
N GLN A 394 -44.88 16.54 -6.57
CA GLN A 394 -44.88 15.89 -7.88
C GLN A 394 -46.31 15.55 -8.27
N GLN A 395 -46.97 16.49 -8.93
CA GLN A 395 -48.33 16.29 -9.40
C GLN A 395 -48.65 17.29 -10.49
N GLU A 396 -49.93 17.34 -10.87
CA GLU A 396 -50.43 18.25 -11.90
C GLU A 396 -50.35 19.71 -11.46
N GLU A 397 -50.24 19.96 -10.15
CA GLU A 397 -50.08 21.31 -9.62
C GLU A 397 -48.87 22.01 -10.22
N SER A 398 -47.79 21.27 -10.47
CA SER A 398 -46.62 21.82 -11.16
C SER A 398 -46.97 22.27 -12.56
N GLN A 399 -47.86 21.55 -13.23
CA GLN A 399 -48.28 21.93 -14.57
C GLN A 399 -49.21 23.13 -14.55
N ALA A 400 -50.16 23.11 -13.62
CA ALA A 400 -51.13 24.19 -13.48
C ALA A 400 -50.49 25.49 -13.03
N ALA A 401 -49.35 25.43 -12.36
CA ALA A 401 -48.66 26.65 -11.95
C ALA A 401 -48.08 27.38 -13.15
N ARG A 402 -47.53 26.65 -14.12
CA ARG A 402 -47.11 27.27 -15.35
C ARG A 402 -48.30 27.67 -16.21
N MET A 403 -49.43 26.97 -16.05
CA MET A 403 -50.67 27.44 -16.65
C MET A 403 -51.07 28.80 -16.08
N ILE A 404 -50.80 29.07 -14.80
CA ILE A 404 -51.04 30.38 -14.22
C ILE A 404 -50.16 31.44 -14.88
N HIS A 405 -48.89 31.10 -15.11
CA HIS A 405 -47.98 32.08 -15.67
C HIS A 405 -48.30 32.38 -17.13
N SER A 406 -48.64 31.35 -17.90
CA SER A 406 -49.12 31.55 -19.25
C SER A 406 -50.43 32.32 -19.29
N THR A 407 -51.32 32.05 -18.34
CA THR A 407 -52.58 32.76 -18.18
C THR A 407 -52.36 34.24 -17.97
N ALA A 408 -51.50 34.59 -17.02
CA ALA A 408 -51.19 35.98 -16.73
C ALA A 408 -50.47 36.64 -17.89
N GLY A 409 -49.53 35.94 -18.54
CA GLY A 409 -48.83 36.49 -19.68
C GLY A 409 -49.72 36.75 -20.86
N LEU A 410 -50.79 35.97 -20.99
CA LEU A 410 -51.80 36.28 -22.00
C LEU A 410 -52.69 37.43 -21.57
N TYR A 411 -53.11 37.45 -20.32
CA TYR A 411 -54.21 38.34 -20.00
C TYR A 411 -53.73 39.75 -19.72
N ASN A 412 -52.50 39.91 -19.25
CA ASN A 412 -51.96 41.25 -19.10
C ASN A 412 -51.74 41.91 -20.45
N GLN A 413 -51.17 41.20 -21.42
CA GLN A 413 -50.98 41.76 -22.74
C GLN A 413 -52.29 41.91 -23.50
N PHE A 414 -53.32 41.16 -23.12
CA PHE A 414 -54.62 41.33 -23.75
C PHE A 414 -55.42 42.49 -23.18
N ILE A 415 -55.48 42.62 -21.85
CA ILE A 415 -56.30 43.63 -21.20
C ILE A 415 -55.82 45.04 -21.53
N LYS A 416 -54.50 45.22 -21.64
CA LYS A 416 -53.97 46.53 -21.99
C LYS A 416 -54.29 46.94 -23.43
N GLY A 417 -54.56 45.97 -24.30
CA GLY A 417 -55.04 46.34 -25.63
C GLY A 417 -56.46 46.85 -25.62
N LEU A 418 -57.22 46.52 -24.59
CA LEU A 418 -58.57 47.09 -24.44
C LEU A 418 -58.50 48.56 -24.06
N ASP A 419 -57.51 48.93 -23.26
CA ASP A 419 -57.36 50.33 -22.88
C ASP A 419 -56.80 51.17 -24.01
N SER A 420 -56.29 50.53 -25.07
CA SER A 420 -55.84 51.25 -26.25
C SER A 420 -56.98 51.91 -27.00
N PHE A 421 -58.19 51.35 -26.93
CA PHE A 421 -59.35 51.96 -27.55
C PHE A 421 -60.45 52.26 -26.55
N SER A 422 -60.19 52.04 -25.26
CA SER A 422 -61.17 52.40 -24.23
C SER A 422 -61.43 53.90 -24.22
N GLY A 423 -60.40 54.69 -23.97
CA GLY A 423 -60.53 56.12 -24.08
C GLY A 423 -60.39 56.64 -25.49
N LYS A 424 -60.06 55.79 -26.45
CA LYS A 424 -59.75 56.25 -27.80
C LYS A 424 -60.80 55.70 -28.76
N PRO A 425 -61.66 56.55 -29.32
CA PRO A 425 -62.66 56.06 -30.26
C PRO A 425 -62.06 55.67 -31.60
N ARG A 426 -62.95 55.30 -32.51
CA ARG A 426 -62.53 54.85 -33.84
C ARG A 426 -62.77 55.96 -34.85
N GLY A 427 -61.69 56.58 -35.31
CA GLY A 427 -61.78 57.39 -36.50
C GLY A 427 -61.96 56.50 -37.72
N SER A 428 -62.55 57.09 -38.77
CA SER A 428 -62.77 56.38 -40.02
C SER A 428 -61.42 56.04 -40.66
N GLY A 429 -61.12 54.74 -40.75
CA GLY A 429 -59.82 54.32 -41.18
C GLY A 429 -59.22 53.28 -40.24
N PRO A 430 -58.16 53.66 -39.54
CA PRO A 430 -57.57 52.75 -38.55
C PRO A 430 -58.51 52.53 -37.38
N PRO A 431 -58.82 51.26 -37.09
CA PRO A 431 -59.75 51.00 -35.98
C PRO A 431 -59.13 51.18 -34.61
N ALA A 432 -57.87 50.79 -34.45
CA ALA A 432 -57.15 50.87 -33.19
C ALA A 432 -55.66 50.84 -33.51
N GLY A 433 -54.85 50.61 -32.49
CA GLY A 433 -53.42 50.55 -32.65
C GLY A 433 -52.92 49.12 -32.73
N PRO A 434 -52.39 48.61 -31.62
CA PRO A 434 -51.94 47.21 -31.59
C PRO A 434 -53.14 46.28 -31.62
N ALA A 435 -52.87 45.05 -32.05
CA ALA A 435 -53.92 44.07 -32.16
C ALA A 435 -54.24 43.47 -30.79
N LEU A 436 -55.26 42.61 -30.78
CA LEU A 436 -55.64 41.87 -29.59
C LEU A 436 -55.55 40.38 -29.87
N PRO A 437 -55.02 39.58 -28.93
CA PRO A 437 -55.16 38.13 -29.06
C PRO A 437 -56.62 37.73 -28.91
N ILE A 438 -57.20 37.21 -29.98
CA ILE A 438 -58.62 36.90 -30.04
C ILE A 438 -58.85 35.41 -30.11
N GLU A 439 -58.34 34.76 -31.16
CA GLU A 439 -58.62 33.36 -31.42
C GLU A 439 -57.98 32.46 -30.38
N ALA A 440 -56.75 32.76 -29.98
CA ALA A 440 -56.07 32.02 -28.94
C ALA A 440 -56.73 32.16 -27.58
N VAL A 441 -57.19 33.36 -27.23
CA VAL A 441 -57.96 33.56 -26.01
C VAL A 441 -59.26 32.77 -26.05
N ILE A 442 -59.96 32.82 -27.18
CA ILE A 442 -61.15 31.98 -27.35
C ILE A 442 -60.77 30.52 -27.32
N LEU A 443 -59.61 30.18 -27.89
CA LEU A 443 -59.10 28.80 -27.78
C LEU A 443 -58.79 28.45 -26.33
N SER A 444 -58.08 29.33 -25.63
CA SER A 444 -57.66 29.04 -24.26
C SER A 444 -58.83 28.98 -23.29
N LEU A 445 -59.89 29.72 -23.55
CA LEU A 445 -61.08 29.60 -22.73
C LEU A 445 -61.79 28.28 -22.98
N GLN A 446 -61.84 27.85 -24.24
CA GLN A 446 -62.36 26.52 -24.51
C GLN A 446 -61.43 25.45 -23.96
N ASP A 447 -60.14 25.75 -23.85
CA ASP A 447 -59.22 24.85 -23.15
C ASP A 447 -59.58 24.77 -21.67
N LEU A 448 -59.75 25.90 -21.03
CA LEU A 448 -59.82 25.89 -19.58
C LEU A 448 -61.20 25.56 -19.05
N ILE A 449 -62.25 25.79 -19.83
CA ILE A 449 -63.59 25.38 -19.40
C ILE A 449 -63.71 23.86 -19.45
N GLY A 450 -63.26 23.25 -20.55
CA GLY A 450 -63.13 21.81 -20.59
C GLY A 450 -62.16 21.26 -19.58
N TYR A 451 -61.12 22.04 -19.25
CA TYR A 451 -60.23 21.69 -18.16
C TYR A 451 -60.92 21.73 -16.80
N PHE A 452 -61.91 22.60 -16.64
CA PHE A 452 -62.72 22.69 -15.43
C PHE A 452 -64.12 22.15 -15.64
N GLU A 453 -64.27 21.15 -16.49
CA GLU A 453 -65.54 20.45 -16.60
C GLU A 453 -65.82 19.65 -15.33
N PRO A 454 -67.07 19.63 -14.86
CA PRO A 454 -67.42 18.76 -13.74
C PRO A 454 -67.42 17.30 -14.17
N PRO A 455 -67.22 16.37 -13.24
CA PRO A 455 -67.34 14.96 -13.58
C PRO A 455 -68.77 14.58 -13.87
N SER A 456 -68.91 13.46 -14.58
CA SER A 456 -70.23 12.95 -14.91
C SER A 456 -70.92 12.40 -13.66
N GLU A 457 -72.24 12.31 -13.75
CA GLU A 457 -73.01 11.76 -12.63
C GLU A 457 -73.07 10.24 -12.68
N GLU A 458 -72.60 9.63 -13.76
CA GLU A 458 -72.47 8.18 -13.83
C GLU A 458 -71.15 7.68 -13.26
N LEU A 459 -70.34 8.56 -12.69
CA LEU A 459 -69.06 8.16 -12.12
C LEU A 459 -69.28 7.43 -10.79
N GLN A 460 -68.35 6.52 -10.50
CA GLN A 460 -68.24 5.89 -9.20
C GLN A 460 -68.14 6.95 -8.11
N HIS A 461 -68.76 6.67 -6.97
CA HIS A 461 -68.63 7.51 -5.79
C HIS A 461 -67.18 7.67 -5.35
N GLU A 462 -66.37 6.61 -5.49
CA GLU A 462 -64.98 6.67 -5.07
C GLU A 462 -64.17 7.65 -5.91
N GLU A 463 -64.13 7.40 -7.22
CA GLU A 463 -63.42 8.29 -8.13
C GLU A 463 -64.05 9.67 -8.14
N LYS A 464 -65.35 9.73 -7.89
CA LYS A 464 -66.08 10.97 -7.79
C LYS A 464 -65.56 11.83 -6.65
N GLN A 465 -65.48 11.26 -5.44
CA GLN A 465 -64.95 11.99 -4.29
C GLN A 465 -63.47 12.33 -4.46
N SER A 466 -62.71 11.50 -5.17
CA SER A 466 -61.33 11.86 -5.46
C SER A 466 -61.23 13.08 -6.36
N LYS A 467 -61.98 13.09 -7.46
CA LYS A 467 -61.96 14.23 -8.37
C LYS A 467 -62.59 15.47 -7.76
N LEU A 468 -63.47 15.29 -6.78
CA LEU A 468 -63.99 16.44 -6.04
C LEU A 468 -62.88 17.19 -5.31
N ARG A 469 -62.02 16.46 -4.61
CA ARG A 469 -60.88 17.10 -3.97
C ARG A 469 -59.90 17.64 -4.99
N SER A 470 -59.68 16.88 -6.07
CA SER A 470 -58.82 17.26 -7.18
C SER A 470 -59.26 18.55 -7.86
N LEU A 471 -60.56 18.78 -7.96
CA LEU A 471 -61.14 19.92 -8.64
C LEU A 471 -61.31 21.11 -7.73
N ARG A 472 -61.73 20.89 -6.48
CA ARG A 472 -61.75 21.95 -5.49
C ARG A 472 -60.36 22.45 -5.17
N ASN A 473 -59.35 21.60 -5.31
CA ASN A 473 -57.97 22.04 -5.24
C ASN A 473 -57.69 23.09 -6.29
N ARG A 474 -58.02 22.80 -7.55
CA ARG A 474 -57.75 23.70 -8.64
C ARG A 474 -58.62 24.95 -8.57
N GLN A 475 -59.79 24.83 -7.96
CA GLN A 475 -60.61 26.01 -7.65
C GLN A 475 -59.95 26.89 -6.60
N SER A 476 -59.66 26.33 -5.43
CA SER A 476 -59.17 27.10 -4.29
C SER A 476 -57.78 27.68 -4.53
N LEU A 477 -56.98 27.03 -5.37
CA LEU A 477 -55.71 27.61 -5.77
C LEU A 477 -55.87 28.79 -6.70
N PHE A 478 -57.04 28.94 -7.30
CA PHE A 478 -57.29 30.11 -8.13
C PHE A 478 -58.05 31.16 -7.33
N GLN A 479 -57.96 31.07 -6.02
CA GLN A 479 -58.03 32.23 -5.17
C GLN A 479 -56.66 32.70 -4.74
N GLU A 480 -55.64 31.85 -4.89
CA GLU A 480 -54.35 32.12 -4.28
C GLU A 480 -53.57 33.16 -5.08
N GLU A 481 -53.52 32.99 -6.40
CA GLU A 481 -52.99 34.01 -7.29
C GLU A 481 -54.06 35.01 -7.72
N GLY A 482 -55.08 35.18 -6.88
CA GLY A 482 -56.19 36.06 -7.14
C GLY A 482 -57.09 35.37 -8.12
N MET A 483 -56.73 35.43 -9.41
CA MET A 483 -57.26 34.65 -10.52
C MET A 483 -58.74 34.89 -10.80
N LEU A 484 -59.39 35.70 -9.99
CA LEU A 484 -60.83 35.95 -9.98
C LEU A 484 -61.12 37.42 -10.10
N SER A 485 -60.43 38.24 -9.31
CA SER A 485 -60.48 39.68 -9.49
C SER A 485 -59.88 40.08 -10.83
N LEU A 486 -58.95 39.27 -11.33
CA LEU A 486 -58.50 39.41 -12.70
C LEU A 486 -59.65 39.27 -13.68
N VAL A 487 -60.52 38.28 -13.45
CA VAL A 487 -61.69 38.11 -14.28
C VAL A 487 -62.68 39.25 -14.07
N LEU A 488 -62.75 39.75 -12.83
CA LEU A 488 -63.62 40.88 -12.53
C LEU A 488 -63.18 42.14 -13.27
N ASN A 489 -61.87 42.37 -13.36
CA ASN A 489 -61.35 43.49 -14.14
C ASN A 489 -61.48 43.24 -15.63
N CYS A 490 -61.43 41.98 -16.06
CA CYS A 490 -61.78 41.65 -17.43
C CYS A 490 -63.20 42.06 -17.75
N ILE A 491 -64.13 41.80 -16.85
CA ILE A 491 -65.50 42.22 -17.08
C ILE A 491 -65.63 43.73 -16.91
N ASP A 492 -64.79 44.33 -16.07
CA ASP A 492 -64.78 45.78 -15.90
C ASP A 492 -64.39 46.49 -17.18
N ARG A 493 -63.42 45.96 -17.90
CA ARG A 493 -63.05 46.53 -19.18
C ARG A 493 -63.85 45.93 -20.33
N LEU A 494 -64.67 44.92 -20.06
CA LEU A 494 -65.65 44.39 -20.98
C LEU A 494 -67.06 44.61 -20.46
N ASN A 495 -67.32 45.75 -19.85
CA ASN A 495 -68.48 45.87 -18.99
C ASN A 495 -69.50 46.85 -19.55
N VAL A 496 -69.06 48.08 -19.79
CA VAL A 496 -69.96 49.12 -20.29
C VAL A 496 -69.92 49.01 -21.81
N TYR A 497 -70.70 48.08 -22.34
CA TYR A 497 -70.80 47.88 -23.78
C TYR A 497 -72.27 47.65 -24.10
N THR A 498 -72.97 48.74 -24.38
CA THR A 498 -74.42 48.73 -24.47
C THR A 498 -74.89 47.91 -25.67
N THR A 499 -74.62 48.39 -26.87
CA THR A 499 -74.85 47.57 -28.05
C THR A 499 -73.67 46.67 -28.33
N ALA A 500 -72.46 47.23 -28.23
CA ALA A 500 -71.20 46.60 -28.63
C ALA A 500 -71.29 46.00 -30.03
N ALA A 501 -71.95 46.73 -30.92
CA ALA A 501 -72.01 46.36 -32.32
C ALA A 501 -71.40 47.45 -33.19
N HIS A 502 -71.97 48.65 -33.15
CA HIS A 502 -71.24 49.85 -33.50
C HIS A 502 -70.49 50.40 -32.30
N PHE A 503 -70.87 49.98 -31.11
CA PHE A 503 -70.15 50.35 -29.91
C PHE A 503 -68.93 49.47 -29.68
N ALA A 504 -68.86 48.31 -30.33
CA ALA A 504 -67.60 47.61 -30.45
C ALA A 504 -66.81 48.08 -31.66
N GLU A 505 -67.38 48.98 -32.46
CA GLU A 505 -66.61 49.66 -33.50
C GLU A 505 -65.96 50.92 -32.96
N TYR A 506 -65.30 50.78 -31.82
CA TYR A 506 -64.27 51.69 -31.38
C TYR A 506 -62.93 51.00 -31.35
N ALA A 507 -62.91 49.68 -31.40
CA ALA A 507 -61.81 48.90 -31.95
C ALA A 507 -62.11 48.42 -33.36
N GLY A 508 -63.22 48.87 -33.95
CA GLY A 508 -63.54 48.53 -35.33
C GLY A 508 -64.42 47.32 -35.48
N GLU A 509 -64.57 46.89 -36.72
CA GLU A 509 -65.44 45.79 -37.07
C GLU A 509 -64.77 44.45 -36.78
N GLU A 510 -65.55 43.38 -36.98
CA GLU A 510 -65.20 41.96 -36.89
C GLU A 510 -64.90 41.50 -35.47
N ALA A 511 -64.86 42.40 -34.49
CA ALA A 511 -64.77 42.03 -33.10
C ALA A 511 -66.12 41.97 -32.41
N ALA A 512 -67.07 42.80 -32.88
CA ALA A 512 -68.45 42.74 -32.38
C ALA A 512 -69.09 41.40 -32.67
N GLU A 513 -68.73 40.80 -33.80
CA GLU A 513 -69.17 39.47 -34.17
C GLU A 513 -68.79 38.43 -33.12
N SER A 514 -67.52 38.37 -32.77
CA SER A 514 -67.02 37.43 -31.78
C SER A 514 -67.43 37.80 -30.37
N TRP A 515 -67.66 39.10 -30.11
CA TRP A 515 -67.76 39.65 -28.77
C TRP A 515 -68.89 39.04 -27.96
N LYS A 516 -70.05 38.87 -28.58
CA LYS A 516 -71.21 38.34 -27.88
C LYS A 516 -70.94 36.92 -27.38
N GLU A 517 -70.38 36.08 -28.25
CA GLU A 517 -69.89 34.77 -27.86
C GLU A 517 -68.80 34.84 -26.80
N ILE A 518 -67.94 35.85 -26.89
CA ILE A 518 -66.88 36.03 -25.90
C ILE A 518 -67.47 36.28 -24.52
N VAL A 519 -68.59 37.00 -24.45
CA VAL A 519 -69.28 37.24 -23.19
C VAL A 519 -69.88 35.95 -22.63
N ASN A 520 -70.45 35.11 -23.51
CA ASN A 520 -70.89 33.77 -23.14
C ASN A 520 -69.76 32.97 -22.53
N LEU A 521 -68.60 33.03 -23.17
CA LEU A 521 -67.40 32.36 -22.67
C LEU A 521 -66.99 32.90 -21.31
N LEU A 522 -67.10 34.22 -21.12
CA LEU A 522 -66.74 34.86 -19.86
C LEU A 522 -67.60 34.34 -18.71
N TYR A 523 -68.91 34.47 -18.85
CA TYR A 523 -69.77 34.06 -17.74
C TYR A 523 -69.87 32.56 -17.62
N GLU A 524 -69.59 31.85 -18.70
CA GLU A 524 -69.47 30.40 -18.67
C GLU A 524 -68.31 29.96 -17.79
N LEU A 525 -67.11 30.45 -18.08
CA LEU A 525 -65.95 30.12 -17.26
C LEU A 525 -66.11 30.67 -15.85
N LEU A 526 -66.81 31.79 -15.71
CA LEU A 526 -67.11 32.34 -14.40
C LEU A 526 -68.00 31.41 -13.59
N ALA A 527 -69.01 30.81 -14.22
CA ALA A 527 -69.82 29.81 -13.57
C ALA A 527 -69.01 28.57 -13.24
N SER A 528 -68.03 28.23 -14.08
CA SER A 528 -67.11 27.15 -13.76
C SER A 528 -66.23 27.46 -12.55
N LEU A 529 -65.93 28.74 -12.31
CA LEU A 529 -65.01 29.15 -11.25
C LEU A 529 -65.53 28.92 -9.84
N ILE A 530 -66.82 28.62 -9.66
CA ILE A 530 -67.48 28.78 -8.37
C ILE A 530 -67.85 27.43 -7.75
N ARG A 531 -68.25 26.47 -8.59
CA ARG A 531 -69.11 25.38 -8.18
C ARG A 531 -68.42 24.42 -7.21
N GLY A 532 -69.14 24.05 -6.15
CA GLY A 532 -68.63 23.23 -5.09
C GLY A 532 -68.04 24.00 -3.93
N ASN A 533 -67.57 25.21 -4.17
CA ASN A 533 -66.91 25.99 -3.15
C ASN A 533 -67.85 27.06 -2.58
N ARG A 534 -67.80 27.22 -1.27
CA ARG A 534 -68.45 28.30 -0.56
C ARG A 534 -67.56 29.52 -0.44
N ALA A 535 -66.24 29.32 -0.47
CA ALA A 535 -65.31 30.43 -0.32
C ALA A 535 -65.29 31.35 -1.54
N ASN A 536 -65.55 30.80 -2.74
CA ASN A 536 -65.69 31.65 -3.91
C ASN A 536 -66.89 32.56 -3.80
N CYS A 537 -67.99 32.04 -3.23
CA CYS A 537 -69.17 32.86 -2.97
C CYS A 537 -68.90 33.87 -1.88
N ALA A 538 -68.06 33.50 -0.91
CA ALA A 538 -67.75 34.36 0.21
C ALA A 538 -66.94 35.58 -0.19
N LEU A 539 -66.08 35.45 -1.20
CA LEU A 539 -65.36 36.58 -1.74
C LEU A 539 -66.26 37.60 -2.39
N PHE A 540 -67.41 37.18 -2.91
CA PHE A 540 -68.20 38.04 -3.78
C PHE A 540 -69.45 38.55 -3.09
N SER A 541 -69.46 38.54 -1.76
CA SER A 541 -70.41 39.36 -1.01
C SER A 541 -70.24 40.83 -1.33
N THR A 542 -69.00 41.27 -1.56
CA THR A 542 -68.76 42.64 -1.98
C THR A 542 -69.10 42.82 -3.46
N ASN A 543 -68.73 41.87 -4.30
CA ASN A 543 -68.94 41.96 -5.73
C ASN A 543 -70.38 41.63 -6.13
N LEU A 544 -71.22 41.30 -5.14
CA LEU A 544 -72.60 40.88 -5.37
C LEU A 544 -73.41 41.96 -6.07
N ASP A 545 -73.45 43.16 -5.50
CA ASP A 545 -74.20 44.25 -6.10
C ASP A 545 -73.57 44.72 -7.40
N TRP A 546 -72.29 44.45 -7.61
CA TRP A 546 -71.70 44.75 -8.90
C TRP A 546 -72.20 43.79 -9.97
N VAL A 547 -72.27 42.50 -9.67
CA VAL A 547 -72.59 41.48 -10.67
C VAL A 547 -74.03 41.59 -11.14
N VAL A 548 -74.98 41.45 -10.22
CA VAL A 548 -76.35 41.22 -10.66
C VAL A 548 -77.06 42.49 -11.05
N SER A 549 -76.50 43.65 -10.72
CA SER A 549 -77.10 44.89 -11.17
C SER A 549 -76.75 45.22 -12.60
N LYS A 550 -75.83 44.45 -13.20
CA LYS A 550 -75.59 44.55 -14.63
C LYS A 550 -76.84 44.15 -15.41
N LEU A 551 -77.33 42.92 -15.16
CA LEU A 551 -78.56 42.36 -15.71
C LEU A 551 -78.52 42.42 -17.25
N ASP A 552 -77.48 41.78 -17.77
CA ASP A 552 -76.97 42.13 -19.10
C ASP A 552 -77.75 41.53 -20.26
N ARG A 553 -78.94 40.97 -20.02
CA ARG A 553 -80.10 40.88 -20.91
C ARG A 553 -79.83 40.26 -22.29
N LEU A 554 -78.63 39.76 -22.55
CA LEU A 554 -78.30 39.07 -23.79
C LEU A 554 -77.52 37.80 -23.53
N GLU A 555 -76.88 37.70 -22.38
CA GLU A 555 -76.17 36.52 -21.94
C GLU A 555 -76.74 35.96 -20.64
N ALA A 556 -77.48 36.78 -19.88
CA ALA A 556 -77.70 36.59 -18.45
C ALA A 556 -78.40 35.29 -18.10
N SER A 557 -79.23 34.76 -19.00
CA SER A 557 -79.86 33.47 -18.74
C SER A 557 -78.85 32.32 -18.79
N SER A 558 -77.76 32.49 -19.53
CA SER A 558 -76.82 31.39 -19.70
C SER A 558 -75.82 31.30 -18.56
N GLY A 559 -74.91 32.27 -18.47
CA GLY A 559 -73.82 32.14 -17.53
C GLY A 559 -74.16 32.75 -16.19
N ILE A 560 -74.81 33.92 -16.25
CA ILE A 560 -75.14 34.65 -15.03
C ILE A 560 -76.17 33.91 -14.21
N LEU A 561 -77.26 33.45 -14.85
CA LEU A 561 -78.33 32.74 -14.15
C LEU A 561 -77.83 31.45 -13.52
N GLU A 562 -76.88 30.78 -14.16
CA GLU A 562 -76.26 29.64 -13.54
C GLU A 562 -75.43 30.06 -12.34
N VAL A 563 -74.55 31.05 -12.50
CA VAL A 563 -73.60 31.35 -11.45
C VAL A 563 -74.27 32.04 -10.26
N LEU A 564 -75.40 32.71 -10.47
CA LEU A 564 -76.11 33.23 -9.32
C LEU A 564 -76.82 32.13 -8.56
N TYR A 565 -77.23 31.07 -9.23
CA TYR A 565 -77.63 29.90 -8.47
C TYR A 565 -76.45 29.27 -7.76
N CYS A 566 -75.27 29.32 -8.37
CA CYS A 566 -74.07 28.77 -7.77
C CYS A 566 -73.68 29.53 -6.51
N VAL A 567 -74.09 30.79 -6.40
CA VAL A 567 -73.85 31.51 -5.16
C VAL A 567 -75.07 31.52 -4.24
N LEU A 568 -76.25 31.22 -4.75
CA LEU A 568 -77.40 31.01 -3.88
C LEU A 568 -77.56 29.58 -3.45
N ILE A 569 -76.47 28.82 -3.43
CA ILE A 569 -76.50 27.45 -2.98
C ILE A 569 -75.41 27.15 -1.95
N GLU A 570 -74.39 27.99 -1.81
CA GLU A 570 -73.24 27.69 -0.98
C GLU A 570 -73.14 28.57 0.26
N SER A 571 -73.22 29.89 0.11
CA SER A 571 -73.00 30.79 1.23
C SER A 571 -74.30 31.50 1.60
N PRO A 572 -74.76 31.39 2.85
CA PRO A 572 -75.98 32.10 3.26
C PRO A 572 -75.77 33.58 3.56
N GLU A 573 -74.52 34.03 3.63
CA GLU A 573 -74.28 35.44 3.93
C GLU A 573 -74.57 36.32 2.73
N VAL A 574 -74.52 35.74 1.53
CA VAL A 574 -75.02 36.43 0.35
C VAL A 574 -76.54 36.56 0.43
N LEU A 575 -77.21 35.54 0.95
CA LEU A 575 -78.65 35.63 1.21
C LEU A 575 -78.94 36.64 2.30
N ASN A 576 -77.99 36.85 3.19
CA ASN A 576 -78.13 37.79 4.29
C ASN A 576 -78.01 39.24 3.85
N ILE A 577 -77.43 39.51 2.68
CA ILE A 577 -77.11 40.87 2.33
C ILE A 577 -77.95 41.33 1.13
N ILE A 578 -79.17 40.80 1.05
CA ILE A 578 -80.14 41.22 0.04
C ILE A 578 -80.52 42.68 0.26
N GLN A 579 -80.96 43.33 -0.81
CA GLN A 579 -81.15 44.77 -0.83
C GLN A 579 -82.48 45.15 -1.47
N GLU A 580 -83.18 44.17 -2.05
CA GLU A 580 -84.53 44.19 -2.62
C GLU A 580 -84.61 44.92 -3.96
N ASN A 581 -83.61 45.73 -4.28
CA ASN A 581 -83.48 46.26 -5.63
C ASN A 581 -83.01 45.18 -6.59
N HIS A 582 -82.31 44.18 -6.06
CA HIS A 582 -81.87 43.04 -6.85
C HIS A 582 -83.04 42.11 -7.15
N ILE A 583 -83.93 41.91 -6.18
CA ILE A 583 -85.07 41.04 -6.47
C ILE A 583 -86.09 41.78 -7.32
N LYS A 584 -86.13 43.11 -7.25
CA LYS A 584 -86.88 43.85 -8.25
C LYS A 584 -86.29 43.66 -9.65
N SER A 585 -84.96 43.56 -9.73
CA SER A 585 -84.34 43.23 -11.02
C SER A 585 -84.66 41.81 -11.45
N ILE A 586 -84.82 40.90 -10.48
CA ILE A 586 -85.24 39.53 -10.75
C ILE A 586 -86.64 39.49 -11.33
N ILE A 587 -87.58 40.23 -10.72
CA ILE A 587 -88.96 40.23 -11.19
C ILE A 587 -89.05 40.91 -12.55
N SER A 588 -88.25 41.96 -12.76
CA SER A 588 -88.20 42.59 -14.07
C SER A 588 -87.59 41.67 -15.12
N LEU A 589 -86.61 40.86 -14.73
CA LEU A 589 -86.02 39.92 -15.67
C LEU A 589 -86.99 38.81 -16.00
N LEU A 590 -87.78 38.39 -15.02
CA LEU A 590 -88.89 37.48 -15.25
C LEU A 590 -89.90 38.06 -16.21
N ASP A 591 -90.20 39.34 -16.07
CA ASP A 591 -91.06 40.06 -16.99
C ASP A 591 -90.47 40.11 -18.39
N LYS A 592 -89.15 40.26 -18.51
CA LYS A 592 -88.51 40.38 -19.81
C LYS A 592 -88.36 39.04 -20.52
N HIS A 593 -88.14 37.96 -19.79
CA HIS A 593 -87.79 36.70 -20.43
C HIS A 593 -88.72 35.56 -20.09
N GLY A 594 -89.22 35.48 -18.88
CA GLY A 594 -90.37 34.65 -18.59
C GLY A 594 -90.05 33.27 -18.07
N ARG A 595 -90.77 32.30 -18.63
CA ARG A 595 -90.94 31.00 -18.01
C ARG A 595 -89.70 30.14 -18.17
N ASN A 596 -89.08 29.81 -17.04
CA ASN A 596 -87.85 29.04 -17.00
C ASN A 596 -87.85 28.16 -15.76
N HIS A 597 -87.17 27.02 -15.88
CA HIS A 597 -86.88 26.18 -14.73
C HIS A 597 -85.95 26.89 -13.76
N LYS A 598 -84.95 27.57 -14.30
CA LYS A 598 -83.81 28.01 -13.51
C LYS A 598 -84.15 29.16 -12.58
N VAL A 599 -84.87 30.17 -13.08
CA VAL A 599 -85.24 31.31 -12.25
C VAL A 599 -86.17 30.91 -11.13
N LEU A 600 -86.94 29.84 -11.32
CA LEU A 600 -87.83 29.33 -10.29
C LEU A 600 -87.10 28.47 -9.29
N ASP A 601 -86.11 27.69 -9.75
CA ASP A 601 -85.26 26.96 -8.82
C ASP A 601 -84.42 27.90 -7.97
N VAL A 602 -84.01 29.03 -8.54
CA VAL A 602 -83.26 30.04 -7.80
C VAL A 602 -84.10 30.63 -6.69
N LEU A 603 -85.32 31.05 -7.02
CA LEU A 603 -86.19 31.61 -5.99
C LEU A 603 -86.76 30.53 -5.09
N CYS A 604 -86.67 29.26 -5.47
CA CYS A 604 -86.96 28.18 -4.55
C CYS A 604 -85.83 28.02 -3.54
N SER A 605 -84.59 28.13 -3.99
CA SER A 605 -83.43 28.13 -3.10
C SER A 605 -83.29 29.41 -2.31
N LEU A 606 -84.05 30.46 -2.68
CA LEU A 606 -83.98 31.75 -2.03
C LEU A 606 -84.36 31.73 -0.55
N CYS A 607 -85.46 31.08 -0.19
CA CYS A 607 -86.04 31.27 1.14
C CYS A 607 -85.22 30.58 2.24
N VAL A 608 -84.89 29.32 2.04
CA VAL A 608 -84.10 28.55 3.00
C VAL A 608 -82.72 28.29 2.40
N CYS A 609 -81.67 28.48 3.20
CA CYS A 609 -80.31 28.19 2.78
C CYS A 609 -79.89 26.79 3.20
N ASN A 610 -79.83 26.55 4.51
CA ASN A 610 -79.44 25.25 5.07
C ASN A 610 -80.20 25.10 6.39
N GLY A 611 -81.36 24.47 6.32
CA GLY A 611 -82.18 24.34 7.51
C GLY A 611 -82.84 25.63 7.94
N VAL A 612 -82.04 26.58 8.43
CA VAL A 612 -82.59 27.88 8.82
C VAL A 612 -82.98 28.67 7.58
N ALA A 613 -83.96 29.55 7.75
CA ALA A 613 -84.50 30.34 6.66
C ALA A 613 -84.76 31.76 7.13
N VAL A 614 -84.30 32.73 6.35
CA VAL A 614 -84.52 34.14 6.67
C VAL A 614 -85.94 34.51 6.28
N ARG A 615 -86.58 35.35 7.09
CA ARG A 615 -87.93 35.80 6.80
C ARG A 615 -87.96 36.98 5.86
N SER A 616 -86.80 37.59 5.60
CA SER A 616 -86.75 38.83 4.82
C SER A 616 -87.14 38.58 3.37
N ASN A 617 -86.50 37.61 2.72
CA ASN A 617 -86.85 37.27 1.35
C ASN A 617 -88.24 36.65 1.27
N GLN A 618 -88.63 35.88 2.29
CA GLN A 618 -89.96 35.27 2.31
C GLN A 618 -91.06 36.31 2.32
N ASP A 619 -90.92 37.33 3.16
CA ASP A 619 -91.91 38.39 3.24
C ASP A 619 -91.91 39.26 1.99
N LEU A 620 -90.71 39.59 1.49
CA LEU A 620 -90.61 40.45 0.31
C LEU A 620 -91.20 39.78 -0.92
N ILE A 621 -90.98 38.47 -1.08
CA ILE A 621 -91.51 37.80 -2.25
C ILE A 621 -92.96 37.37 -2.00
N THR A 622 -93.39 37.34 -0.73
CA THR A 622 -94.81 37.23 -0.46
C THR A 622 -95.56 38.47 -0.92
N GLU A 623 -94.99 39.65 -0.63
CA GLU A 623 -95.60 40.90 -1.05
C GLU A 623 -95.47 41.11 -2.56
N ASN A 624 -94.25 41.07 -3.06
CA ASN A 624 -93.93 41.27 -4.46
C ASN A 624 -94.46 40.16 -5.34
N LEU A 625 -94.79 39.02 -4.75
CA LEU A 625 -95.72 38.08 -5.37
C LEU A 625 -97.05 38.82 -5.35
N LEU A 626 -97.39 39.39 -6.49
CA LEU A 626 -98.60 40.18 -6.60
C LEU A 626 -99.82 39.27 -6.46
N PRO A 627 -100.78 39.61 -5.61
CA PRO A 627 -102.03 38.81 -5.54
C PRO A 627 -102.94 39.02 -6.73
N GLY A 628 -102.67 39.99 -7.60
CA GLY A 628 -103.28 40.01 -8.92
C GLY A 628 -102.81 38.85 -9.78
N ARG A 629 -101.56 38.40 -9.57
CA ARG A 629 -101.07 37.09 -10.03
C ARG A 629 -101.03 36.98 -11.56
N GLU A 630 -100.47 38.02 -12.20
CA GLU A 630 -100.54 38.17 -13.65
C GLU A 630 -99.72 37.14 -14.42
N LEU A 631 -98.66 36.60 -13.83
CA LEU A 631 -97.81 35.63 -14.50
C LEU A 631 -98.14 34.21 -14.09
N LEU A 632 -98.53 34.02 -12.84
CA LEU A 632 -98.64 32.70 -12.23
C LEU A 632 -99.89 31.99 -12.73
N LEU A 633 -99.98 30.70 -12.47
CA LEU A 633 -101.07 29.85 -12.94
C LEU A 633 -102.09 29.66 -11.84
N GLN A 634 -103.38 29.82 -12.19
CA GLN A 634 -104.46 29.69 -11.22
C GLN A 634 -105.60 28.87 -11.81
N THR A 635 -105.98 27.84 -11.07
CA THR A 635 -107.08 26.99 -11.49
C THR A 635 -108.32 27.34 -10.68
N ASN A 636 -109.46 26.86 -11.18
CA ASN A 636 -110.74 27.26 -10.65
C ASN A 636 -111.70 26.09 -10.78
N LEU A 637 -112.42 25.82 -9.69
CA LEU A 637 -113.48 24.82 -9.73
C LEU A 637 -114.64 25.34 -10.56
N ILE A 638 -114.81 24.73 -11.73
CA ILE A 638 -115.73 25.20 -12.75
C ILE A 638 -116.76 24.10 -13.00
N ASN A 639 -118.02 24.46 -13.03
CA ASN A 639 -119.05 23.51 -13.41
C ASN A 639 -119.08 23.36 -14.92
N TYR A 640 -119.51 22.19 -15.37
CA TYR A 640 -119.63 21.95 -16.80
C TYR A 640 -120.78 22.76 -17.40
N VAL A 641 -120.45 23.51 -18.44
CA VAL A 641 -121.40 24.40 -19.11
C VAL A 641 -121.95 23.68 -20.33
N THR A 642 -123.19 23.98 -20.67
CA THR A 642 -123.93 23.27 -21.71
C THR A 642 -124.58 24.28 -22.64
N SER A 643 -125.14 23.78 -23.75
CA SER A 643 -125.93 24.58 -24.68
C SER A 643 -126.74 23.64 -25.55
N ILE A 644 -128.05 23.60 -25.34
CA ILE A 644 -128.94 22.75 -26.14
C ILE A 644 -129.63 23.63 -27.17
N ARG A 645 -129.28 23.41 -28.42
CA ARG A 645 -130.10 24.11 -29.38
C ARG A 645 -131.37 23.32 -29.66
N PRO A 646 -132.43 23.98 -30.08
CA PRO A 646 -133.36 23.33 -31.00
C PRO A 646 -132.83 23.44 -32.42
N ASN A 647 -133.39 22.62 -33.30
CA ASN A 647 -133.02 22.66 -34.72
C ASN A 647 -133.71 23.85 -35.39
N ILE A 648 -133.25 25.04 -35.00
CA ILE A 648 -133.85 26.30 -35.44
C ILE A 648 -132.71 27.19 -35.91
N PHE A 649 -132.83 27.68 -37.14
CA PHE A 649 -131.73 28.29 -37.86
C PHE A 649 -132.25 29.51 -38.61
N VAL A 650 -132.02 30.69 -38.04
CA VAL A 650 -132.56 31.92 -38.60
C VAL A 650 -131.46 32.63 -39.36
N GLY A 651 -131.49 32.52 -40.69
CA GLY A 651 -130.59 33.27 -41.55
C GLY A 651 -131.40 34.17 -42.47
N ARG A 652 -130.94 35.42 -42.57
CA ARG A 652 -131.65 36.44 -43.33
C ARG A 652 -130.85 36.78 -44.57
N ALA A 653 -131.38 36.43 -45.74
CA ALA A 653 -130.75 36.76 -47.00
C ALA A 653 -131.79 37.44 -47.88
N GLU A 654 -131.39 37.72 -49.11
CA GLU A 654 -132.32 38.25 -50.10
C GLU A 654 -133.27 37.13 -50.52
N GLY A 655 -134.45 37.09 -49.90
CA GLY A 655 -135.41 36.04 -50.17
C GLY A 655 -136.00 35.48 -48.89
N SER A 656 -135.80 34.19 -48.65
CA SER A 656 -136.32 33.56 -47.44
C SER A 656 -135.57 34.04 -46.21
N THR A 657 -136.27 34.81 -45.39
CA THR A 657 -135.80 35.21 -44.07
C THR A 657 -136.74 34.78 -42.96
N GLN A 658 -137.89 34.18 -43.32
CA GLN A 658 -138.91 33.69 -42.39
C GLN A 658 -139.40 34.78 -41.44
N TYR A 659 -139.91 35.87 -42.02
CA TYR A 659 -140.73 36.91 -41.38
C TYR A 659 -139.95 37.82 -40.43
N GLY A 660 -138.71 37.46 -40.11
CA GLY A 660 -137.79 38.30 -39.35
C GLY A 660 -138.20 38.82 -37.98
N LYS A 661 -139.32 38.34 -37.44
CA LYS A 661 -139.90 38.89 -36.22
C LYS A 661 -140.35 37.71 -35.37
N TRP A 662 -139.53 37.35 -34.39
CA TRP A 662 -139.65 36.08 -33.69
C TRP A 662 -139.70 36.29 -32.19
N TYR A 663 -139.97 35.21 -31.46
CA TYR A 663 -140.52 35.34 -30.12
C TYR A 663 -140.32 34.05 -29.34
N PHE A 664 -139.70 34.16 -28.15
CA PHE A 664 -139.50 33.04 -27.26
C PHE A 664 -140.30 33.22 -25.97
N GLU A 665 -141.00 32.15 -25.58
CA GLU A 665 -141.49 31.99 -24.21
C GLU A 665 -141.02 30.65 -23.70
N VAL A 666 -140.20 30.67 -22.64
CA VAL A 666 -139.63 29.48 -22.04
C VAL A 666 -139.98 29.48 -20.56
N MET A 667 -140.50 28.35 -20.07
CA MET A 667 -140.93 28.22 -18.68
C MET A 667 -139.75 27.86 -17.79
N VAL A 668 -139.62 28.54 -16.67
CA VAL A 668 -138.52 28.31 -15.74
C VAL A 668 -139.12 27.80 -14.43
N ASP A 669 -139.09 26.48 -14.24
CA ASP A 669 -139.56 25.89 -13.00
C ASP A 669 -138.47 24.98 -12.45
N GLU A 670 -137.51 25.61 -11.76
CA GLU A 670 -136.41 24.91 -11.10
C GLU A 670 -135.93 25.75 -9.92
N VAL A 671 -135.61 25.07 -8.83
CA VAL A 671 -134.95 25.70 -7.68
C VAL A 671 -133.72 24.85 -7.39
N VAL A 672 -132.60 25.18 -8.03
CA VAL A 672 -131.28 24.78 -7.56
C VAL A 672 -130.47 26.07 -7.60
N PRO A 673 -130.60 26.97 -6.60
CA PRO A 673 -129.91 28.27 -6.69
C PRO A 673 -128.42 28.14 -6.47
N PHE A 674 -128.04 27.34 -5.47
CA PHE A 674 -126.66 27.02 -5.19
C PHE A 674 -126.45 25.55 -5.47
N LEU A 675 -125.36 25.23 -6.14
CA LEU A 675 -124.80 23.90 -6.01
C LEU A 675 -123.87 23.99 -4.80
N THR A 676 -123.39 22.85 -4.32
CA THR A 676 -122.34 22.86 -3.29
C THR A 676 -121.04 23.47 -3.78
N ALA A 677 -120.83 23.57 -5.09
CA ALA A 677 -119.68 24.28 -5.64
C ALA A 677 -119.89 25.79 -5.62
N GLN A 678 -120.89 26.29 -6.34
CA GLN A 678 -121.25 27.71 -6.29
C GLN A 678 -122.71 27.86 -6.69
N ALA A 679 -123.11 29.10 -6.97
CA ALA A 679 -124.39 29.35 -7.61
C ALA A 679 -124.40 28.74 -9.00
N THR A 680 -125.47 28.02 -9.30
CA THR A 680 -125.56 27.26 -10.54
C THR A 680 -125.68 28.17 -11.75
N HIS A 681 -124.99 27.79 -12.82
CA HIS A 681 -125.06 28.48 -14.09
C HIS A 681 -126.38 28.14 -14.78
N LEU A 682 -127.08 29.17 -15.25
CA LEU A 682 -128.32 29.00 -15.99
C LEU A 682 -128.55 30.27 -16.79
N ARG A 683 -128.36 30.21 -18.11
CA ARG A 683 -128.57 31.37 -18.97
C ARG A 683 -129.28 30.93 -20.25
N VAL A 684 -129.31 31.83 -21.23
CA VAL A 684 -130.05 31.61 -22.48
C VAL A 684 -129.53 32.60 -23.50
N GLY A 685 -129.62 32.24 -24.79
CA GLY A 685 -129.31 33.23 -25.81
C GLY A 685 -129.24 32.82 -27.26
N TRP A 686 -128.21 33.31 -27.96
CA TRP A 686 -128.16 33.28 -29.41
C TRP A 686 -126.74 33.07 -29.89
N ALA A 687 -126.64 32.75 -31.18
CA ALA A 687 -125.39 32.70 -31.92
C ALA A 687 -125.71 32.83 -33.40
N LEU A 688 -124.67 33.06 -34.21
CA LEU A 688 -124.80 33.11 -35.66
C LEU A 688 -123.74 32.19 -36.27
N THR A 689 -124.04 30.89 -36.31
CA THR A 689 -123.23 29.78 -36.81
C THR A 689 -121.85 29.66 -36.16
N GLU A 690 -121.57 30.44 -35.12
CA GLU A 690 -120.24 30.53 -34.53
C GLU A 690 -120.39 30.48 -33.02
N GLY A 691 -121.11 29.48 -32.54
CA GLY A 691 -121.47 29.43 -31.14
C GLY A 691 -120.34 28.73 -30.44
N TYR A 692 -120.51 27.43 -30.22
CA TYR A 692 -119.43 26.51 -29.81
C TYR A 692 -118.95 26.81 -28.40
N SER A 693 -119.92 26.94 -27.50
CA SER A 693 -119.75 26.58 -26.09
C SER A 693 -119.26 25.14 -25.92
N PRO A 694 -119.55 24.16 -26.86
CA PRO A 694 -118.71 22.96 -26.91
C PRO A 694 -117.25 23.21 -27.22
N TYR A 695 -116.46 22.14 -27.22
CA TYR A 695 -115.11 22.12 -26.65
C TYR A 695 -115.26 22.83 -25.29
N PRO A 696 -116.02 22.23 -24.29
CA PRO A 696 -116.53 23.02 -23.17
C PRO A 696 -115.54 23.27 -22.04
N GLY A 697 -114.30 23.61 -22.40
CA GLY A 697 -113.26 23.69 -21.41
C GLY A 697 -112.89 25.08 -20.98
N GLY A 698 -111.68 25.50 -21.34
CA GLY A 698 -111.14 26.74 -20.83
C GLY A 698 -111.17 27.85 -21.86
N GLY A 699 -112.01 28.85 -21.60
CA GLY A 699 -112.11 29.99 -22.48
C GLY A 699 -111.31 31.14 -21.95
N GLU A 700 -111.65 32.36 -22.38
CA GLU A 700 -110.84 33.52 -22.03
C GLU A 700 -111.06 33.91 -20.57
N GLY A 701 -112.27 33.71 -20.07
CA GLY A 701 -112.51 33.85 -18.65
C GLY A 701 -112.17 32.56 -17.93
N TRP A 702 -112.56 32.45 -16.66
CA TRP A 702 -112.29 31.27 -15.84
C TRP A 702 -113.20 30.16 -16.34
N GLY A 703 -112.79 29.52 -17.44
CA GLY A 703 -113.62 28.53 -18.11
C GLY A 703 -114.33 29.09 -19.32
N GLY A 704 -114.65 28.22 -20.27
CA GLY A 704 -115.37 28.63 -21.46
C GLY A 704 -116.86 28.60 -21.24
N ASN A 705 -117.37 29.54 -20.45
CA ASN A 705 -118.75 29.48 -20.00
C ASN A 705 -119.70 29.89 -21.13
N GLY A 706 -120.94 29.43 -21.02
CA GLY A 706 -121.80 29.22 -22.17
C GLY A 706 -122.25 30.37 -23.05
N VAL A 707 -123.18 31.19 -22.61
CA VAL A 707 -123.76 32.19 -23.51
C VAL A 707 -123.57 33.56 -22.88
N GLY A 708 -123.24 34.55 -23.71
CA GLY A 708 -122.91 35.86 -23.21
C GLY A 708 -121.51 35.98 -22.67
N ASP A 709 -120.60 35.19 -23.21
CA ASP A 709 -119.23 35.20 -22.75
C ASP A 709 -118.26 35.34 -23.91
N ASP A 710 -118.75 35.79 -25.06
CA ASP A 710 -117.97 36.26 -26.18
C ASP A 710 -118.80 37.27 -26.96
N LEU A 711 -118.37 37.62 -28.16
CA LEU A 711 -119.14 38.47 -29.07
C LEU A 711 -120.18 37.68 -29.85
N TYR A 712 -120.14 36.36 -29.76
CA TYR A 712 -121.04 35.51 -30.52
C TYR A 712 -122.23 35.02 -29.74
N SER A 713 -122.30 35.35 -28.45
CA SER A 713 -123.35 34.81 -27.61
C SER A 713 -123.79 35.89 -26.63
N TYR A 714 -125.04 35.76 -26.17
CA TYR A 714 -125.72 36.83 -25.45
C TYR A 714 -126.57 36.20 -24.34
N GLY A 715 -126.11 36.30 -23.10
CA GLY A 715 -126.67 35.54 -22.00
C GLY A 715 -127.36 36.44 -20.99
N PHE A 716 -128.00 35.78 -20.02
CA PHE A 716 -128.73 36.51 -18.99
C PHE A 716 -129.02 35.58 -17.82
N ASP A 717 -128.84 36.11 -16.60
CA ASP A 717 -129.11 35.35 -15.40
C ASP A 717 -129.71 36.21 -14.29
N GLY A 718 -130.56 37.17 -14.66
CA GLY A 718 -131.45 37.81 -13.71
C GLY A 718 -131.26 39.31 -13.55
N LEU A 719 -130.03 39.78 -13.37
CA LEU A 719 -129.78 41.21 -13.53
C LEU A 719 -128.39 41.37 -14.16
N HIS A 720 -128.33 41.25 -15.48
CA HIS A 720 -127.05 41.27 -16.19
C HIS A 720 -127.30 41.63 -17.63
N LEU A 721 -126.20 41.87 -18.35
CA LEU A 721 -126.21 42.02 -19.81
C LEU A 721 -124.97 41.30 -20.33
N TRP A 722 -125.09 39.99 -20.55
CA TRP A 722 -123.92 39.17 -20.84
C TRP A 722 -123.58 39.19 -22.33
N THR A 723 -122.36 39.62 -22.65
CA THR A 723 -121.64 39.27 -23.87
C THR A 723 -120.17 39.56 -23.63
N GLY A 724 -119.34 38.54 -23.76
CA GLY A 724 -117.94 38.73 -23.42
C GLY A 724 -117.72 38.86 -21.93
N HIS A 725 -118.44 38.06 -21.14
CA HIS A 725 -118.38 38.05 -19.67
C HIS A 725 -118.69 39.43 -19.07
N VAL A 726 -119.71 40.09 -19.61
CA VAL A 726 -120.08 41.42 -19.14
C VAL A 726 -121.25 41.30 -18.19
N ALA A 727 -121.05 41.73 -16.96
CA ALA A 727 -122.02 41.51 -15.88
C ALA A 727 -122.76 42.78 -15.53
N ARG A 728 -122.96 43.67 -16.51
CA ARG A 728 -123.62 44.88 -16.08
C ARG A 728 -125.13 44.67 -16.02
N PRO A 729 -125.76 45.07 -14.93
CA PRO A 729 -127.17 44.74 -14.70
C PRO A 729 -128.11 45.63 -15.52
N VAL A 730 -129.41 45.45 -15.27
CA VAL A 730 -130.45 46.11 -16.04
C VAL A 730 -131.29 47.02 -15.15
N THR A 731 -132.25 47.72 -15.74
CA THR A 731 -133.25 48.50 -15.03
C THR A 731 -134.61 47.88 -15.34
N SER A 732 -134.98 46.85 -14.58
CA SER A 732 -136.21 46.12 -14.80
C SER A 732 -137.08 46.14 -13.55
N PRO A 733 -138.40 46.05 -13.69
CA PRO A 733 -139.25 45.88 -12.51
C PRO A 733 -139.04 44.52 -11.87
N GLY A 734 -138.90 44.52 -10.55
CA GLY A 734 -138.56 43.32 -9.83
C GLY A 734 -137.13 42.92 -10.13
N GLN A 735 -136.20 43.84 -9.86
CA GLN A 735 -134.81 43.64 -10.23
C GLN A 735 -134.17 42.68 -9.24
N HIS A 736 -134.25 41.39 -9.56
CA HIS A 736 -133.62 40.33 -8.78
C HIS A 736 -133.12 39.30 -9.77
N LEU A 737 -132.81 38.11 -9.28
CA LEU A 737 -132.21 37.11 -10.15
C LEU A 737 -133.31 36.33 -10.87
N LEU A 738 -132.94 35.27 -11.57
CA LEU A 738 -133.93 34.44 -12.25
C LEU A 738 -134.64 33.59 -11.21
N ALA A 739 -135.82 34.06 -10.80
CA ALA A 739 -136.67 33.28 -9.93
C ALA A 739 -137.26 32.10 -10.72
N PRO A 740 -137.71 31.06 -10.01
CA PRO A 740 -138.58 30.08 -10.67
C PRO A 740 -139.94 30.69 -10.98
N GLU A 741 -140.70 29.97 -11.80
CA GLU A 741 -141.98 30.41 -12.37
C GLU A 741 -141.82 31.73 -13.14
N ASP A 742 -140.84 31.75 -14.02
CA ASP A 742 -140.64 32.91 -14.88
C ASP A 742 -140.66 32.51 -16.34
N VAL A 743 -141.12 33.42 -17.17
CA VAL A 743 -141.13 33.27 -18.62
C VAL A 743 -140.46 34.48 -19.23
N VAL A 744 -139.38 34.25 -19.97
CA VAL A 744 -138.63 35.31 -20.62
C VAL A 744 -139.03 35.35 -22.08
N SER A 745 -139.83 36.34 -22.45
CA SER A 745 -140.18 36.62 -23.83
C SER A 745 -138.95 37.24 -24.49
N CYS A 746 -138.30 36.45 -25.34
CA CYS A 746 -137.15 36.92 -26.10
C CYS A 746 -137.64 37.36 -27.47
N CYS A 747 -137.69 38.67 -27.69
CA CYS A 747 -138.20 39.22 -28.94
C CYS A 747 -137.06 39.53 -29.89
N LEU A 748 -137.23 39.09 -31.13
CA LEU A 748 -136.24 39.25 -32.18
C LEU A 748 -136.87 40.02 -33.34
N ASP A 749 -136.16 41.03 -33.84
CA ASP A 749 -136.53 41.73 -35.06
C ASP A 749 -135.30 41.79 -35.95
N LEU A 750 -135.53 41.70 -37.26
CA LEU A 750 -134.43 41.72 -38.22
C LEU A 750 -134.48 42.93 -39.15
N SER A 751 -135.40 43.87 -38.91
CA SER A 751 -135.44 45.08 -39.71
C SER A 751 -134.26 46.00 -39.39
N VAL A 752 -133.98 46.16 -38.10
CA VAL A 752 -132.90 47.04 -37.66
C VAL A 752 -131.53 46.40 -37.88
N PRO A 753 -131.23 45.16 -37.40
CA PRO A 753 -131.86 44.13 -36.56
C PRO A 753 -131.71 44.45 -35.07
N SER A 754 -132.60 43.89 -34.27
CA SER A 754 -132.67 44.22 -32.85
C SER A 754 -133.03 42.98 -32.06
N ILE A 755 -132.49 42.89 -30.85
CA ILE A 755 -132.81 41.83 -29.90
C ILE A 755 -133.23 42.50 -28.61
N SER A 756 -134.44 42.22 -28.15
CA SER A 756 -134.91 42.74 -26.89
C SER A 756 -135.41 41.58 -26.04
N PHE A 757 -135.28 41.72 -24.74
CA PHE A 757 -135.77 40.73 -23.80
C PHE A 757 -136.82 41.36 -22.91
N ARG A 758 -137.75 40.53 -22.44
CA ARG A 758 -138.80 41.03 -21.56
C ARG A 758 -139.33 39.85 -20.77
N ILE A 759 -139.14 39.87 -19.46
CA ILE A 759 -139.77 38.91 -18.57
C ILE A 759 -141.18 39.45 -18.37
N ASN A 760 -142.05 38.67 -17.69
CA ASN A 760 -143.51 38.67 -17.78
C ASN A 760 -144.18 40.04 -17.89
N GLY A 761 -144.10 40.87 -16.87
CA GLY A 761 -144.34 42.27 -17.13
C GLY A 761 -143.08 42.95 -17.62
N CYS A 762 -142.15 43.20 -16.67
CA CYS A 762 -140.70 43.41 -16.73
C CYS A 762 -140.17 43.98 -18.04
N PRO A 763 -140.49 45.23 -18.42
CA PRO A 763 -139.92 45.77 -19.66
C PRO A 763 -138.44 46.05 -19.52
N VAL A 764 -137.65 44.99 -19.75
CA VAL A 764 -136.21 45.03 -19.56
C VAL A 764 -135.57 46.02 -20.52
N GLN A 765 -134.92 47.03 -19.97
CA GLN A 765 -134.28 48.07 -20.77
C GLN A 765 -132.91 47.59 -21.28
N GLY A 766 -132.96 46.69 -22.25
CA GLY A 766 -131.75 46.25 -22.93
C GLY A 766 -132.04 45.93 -24.38
N VAL A 767 -131.40 46.66 -25.30
CA VAL A 767 -131.65 46.53 -26.72
C VAL A 767 -130.31 46.33 -27.41
N PHE A 768 -130.21 45.28 -28.20
CA PHE A 768 -128.95 44.90 -28.83
C PHE A 768 -129.12 44.94 -30.34
N GLU A 769 -128.45 45.89 -30.97
CA GLU A 769 -128.58 46.20 -32.38
C GLU A 769 -127.18 46.33 -32.97
N ALA A 770 -127.14 46.75 -34.25
CA ALA A 770 -125.90 47.03 -35.00
C ALA A 770 -124.98 45.82 -35.05
N PHE A 771 -125.54 44.69 -35.47
CA PHE A 771 -124.81 43.44 -35.55
C PHE A 771 -125.05 42.79 -36.90
N ASN A 772 -124.02 42.16 -37.44
CA ASN A 772 -124.13 41.53 -38.75
C ASN A 772 -125.02 40.30 -38.70
N LEU A 773 -125.75 40.10 -39.79
CA LEU A 773 -126.75 39.04 -39.93
C LEU A 773 -126.18 37.88 -40.74
N ASP A 774 -124.89 37.62 -40.54
CA ASP A 774 -124.14 36.70 -41.39
C ASP A 774 -124.35 35.26 -40.91
N GLY A 775 -125.50 34.71 -41.28
CA GLY A 775 -125.71 33.29 -41.07
C GLY A 775 -126.98 32.87 -40.35
N LEU A 776 -127.18 31.55 -40.28
CA LEU A 776 -128.29 30.97 -39.54
C LEU A 776 -128.08 31.18 -38.03
N PHE A 777 -129.16 31.04 -37.28
CA PHE A 777 -129.11 31.31 -35.85
C PHE A 777 -129.34 30.05 -35.05
N PHE A 778 -129.46 30.25 -33.74
CA PHE A 778 -129.55 29.22 -32.73
C PHE A 778 -130.31 29.73 -31.52
N PRO A 779 -131.33 29.02 -31.05
CA PRO A 779 -131.82 29.26 -29.70
C PRO A 779 -130.88 28.57 -28.71
N VAL A 780 -130.04 29.35 -28.05
CA VAL A 780 -129.01 28.85 -27.15
C VAL A 780 -129.56 28.96 -25.73
N VAL A 781 -129.42 27.90 -24.97
CA VAL A 781 -129.71 27.92 -23.55
C VAL A 781 -128.52 27.30 -22.82
N SER A 782 -127.83 28.12 -22.03
CA SER A 782 -126.66 27.64 -21.30
C SER A 782 -126.99 27.43 -19.84
N PHE A 783 -126.49 26.33 -19.28
CA PHE A 783 -126.90 25.96 -17.95
C PHE A 783 -125.90 25.01 -17.35
N SER A 784 -125.73 25.10 -16.04
CA SER A 784 -125.16 24.00 -15.27
C SER A 784 -126.30 23.04 -14.91
N ALA A 785 -125.97 21.96 -14.22
CA ALA A 785 -126.93 20.87 -14.04
C ALA A 785 -127.95 21.21 -12.97
N GLY A 786 -128.83 20.24 -12.71
CA GLY A 786 -129.91 20.44 -11.76
C GLY A 786 -131.13 21.11 -12.34
N VAL A 787 -131.11 21.44 -13.62
CA VAL A 787 -132.14 22.27 -14.24
C VAL A 787 -132.91 21.42 -15.24
N LYS A 788 -134.13 21.03 -14.88
CA LYS A 788 -135.07 20.39 -15.78
C LYS A 788 -136.07 21.43 -16.25
N VAL A 789 -136.08 21.69 -17.56
CA VAL A 789 -136.78 22.85 -18.11
C VAL A 789 -137.85 22.36 -19.08
N ARG A 790 -138.84 23.21 -19.35
CA ARG A 790 -139.86 22.95 -20.34
C ARG A 790 -139.96 24.13 -21.29
N PHE A 791 -140.18 23.83 -22.58
CA PHE A 791 -140.39 24.87 -23.56
C PHE A 791 -141.85 24.93 -23.96
N LEU A 792 -142.15 25.73 -24.98
CA LEU A 792 -143.47 25.79 -25.58
C LEU A 792 -143.28 25.79 -27.08
N LEU A 793 -143.93 24.86 -27.78
CA LEU A 793 -143.66 24.67 -29.20
C LEU A 793 -144.15 25.82 -30.07
N GLY A 794 -145.06 26.64 -29.58
CA GLY A 794 -145.69 27.62 -30.42
C GLY A 794 -146.79 26.99 -31.27
N GLY A 795 -146.40 26.09 -32.17
CA GLY A 795 -147.36 25.35 -32.96
C GLY A 795 -148.22 24.39 -32.17
N ARG A 796 -147.64 23.31 -31.66
CA ARG A 796 -148.47 22.28 -31.04
C ARG A 796 -148.57 22.45 -29.53
N HIS A 797 -147.45 22.34 -28.82
CA HIS A 797 -147.45 22.44 -27.36
C HIS A 797 -147.03 23.82 -26.89
N GLY A 798 -147.38 24.85 -27.63
CA GLY A 798 -147.21 26.18 -27.11
C GLY A 798 -148.44 26.59 -26.35
N GLU A 799 -148.39 26.42 -25.04
CA GLU A 799 -149.46 26.85 -24.14
C GLU A 799 -149.01 28.18 -23.53
N PHE A 800 -149.19 29.24 -24.33
CA PHE A 800 -148.61 30.54 -24.00
C PHE A 800 -149.36 31.17 -22.83
N LYS A 801 -148.64 31.39 -21.72
CA LYS A 801 -149.21 32.10 -20.59
C LYS A 801 -149.25 33.60 -20.83
N PHE A 802 -148.53 34.08 -21.84
CA PHE A 802 -148.51 35.49 -22.18
C PHE A 802 -148.63 35.65 -23.68
N LEU A 803 -148.58 36.84 -24.08
CA LEU A 803 -148.85 37.10 -25.49
C LEU A 803 -147.61 37.65 -26.19
N PRO A 804 -147.52 37.46 -27.50
CA PRO A 804 -146.47 38.13 -28.26
C PRO A 804 -146.73 39.62 -28.35
N PRO A 805 -145.71 40.41 -28.66
CA PRO A 805 -145.93 41.76 -29.21
C PRO A 805 -146.51 41.65 -30.61
N PRO A 806 -146.99 42.80 -31.21
CA PRO A 806 -147.65 42.71 -32.54
C PRO A 806 -146.85 42.06 -33.66
N GLY A 807 -147.35 40.89 -34.05
CA GLY A 807 -146.81 40.09 -35.13
C GLY A 807 -145.46 39.48 -34.87
N TYR A 808 -145.36 38.50 -33.97
CA TYR A 808 -144.10 37.78 -33.76
C TYR A 808 -144.30 36.26 -33.73
N ALA A 809 -144.49 35.66 -34.92
CA ALA A 809 -144.13 34.31 -35.40
C ALA A 809 -143.98 33.21 -34.34
N PRO A 810 -145.05 32.69 -33.77
CA PRO A 810 -144.92 31.55 -32.85
C PRO A 810 -144.62 30.19 -33.52
N CYS A 811 -143.61 30.17 -34.39
CA CYS A 811 -142.97 28.97 -34.94
C CYS A 811 -143.94 28.13 -35.78
N HIS A 812 -144.49 28.77 -36.80
CA HIS A 812 -145.45 28.10 -37.69
C HIS A 812 -145.05 28.09 -39.15
N GLU A 813 -144.77 29.27 -39.74
CA GLU A 813 -144.77 29.43 -41.20
C GLU A 813 -143.65 28.65 -41.88
N ALA A 814 -142.43 28.78 -41.38
CA ALA A 814 -141.27 28.10 -41.95
C ALA A 814 -140.46 27.50 -40.80
N VAL A 815 -140.72 26.22 -40.50
CA VAL A 815 -139.96 25.50 -39.49
C VAL A 815 -139.98 24.01 -39.81
N LEU A 816 -138.80 23.36 -39.75
CA LEU A 816 -138.52 21.97 -40.08
C LEU A 816 -139.03 21.60 -41.48
N PRO A 817 -138.37 22.06 -42.54
CA PRO A 817 -138.95 21.93 -43.89
C PRO A 817 -138.96 20.51 -44.45
N ARG A 818 -137.86 19.78 -44.38
CA ARG A 818 -137.83 18.40 -44.83
C ARG A 818 -137.64 17.43 -43.68
N GLU A 819 -137.76 17.88 -42.43
CA GLU A 819 -137.53 17.04 -41.26
C GLU A 819 -138.56 17.41 -40.20
N ARG A 820 -138.32 16.92 -38.99
CA ARG A 820 -139.19 17.15 -37.84
C ARG A 820 -138.54 18.13 -36.87
N LEU A 821 -139.13 18.25 -35.69
CA LEU A 821 -138.64 19.16 -34.66
C LEU A 821 -137.78 18.39 -33.66
N ARG A 822 -136.62 18.94 -33.33
CA ARG A 822 -135.64 18.31 -32.46
C ARG A 822 -134.94 19.35 -31.62
N LEU A 823 -134.61 18.96 -30.39
CA LEU A 823 -133.62 19.67 -29.59
C LEU A 823 -132.29 18.95 -29.75
N GLU A 824 -131.20 19.70 -29.70
CA GLU A 824 -129.91 19.09 -29.99
C GLU A 824 -128.80 19.78 -29.22
N PRO A 825 -127.73 19.05 -28.90
CA PRO A 825 -126.48 19.73 -28.54
C PRO A 825 -125.91 20.40 -29.78
N ILE A 826 -125.43 21.63 -29.60
CA ILE A 826 -124.93 22.44 -30.72
C ILE A 826 -123.62 21.82 -31.20
N LYS A 827 -123.69 21.09 -32.31
CA LYS A 827 -122.55 20.51 -33.03
C LYS A 827 -121.70 19.61 -32.14
N GLU A 828 -122.30 18.53 -31.65
CA GLU A 828 -121.55 17.65 -30.78
C GLU A 828 -120.54 16.84 -31.59
N TYR A 829 -119.50 16.40 -30.91
CA TYR A 829 -118.49 15.53 -31.47
C TYR A 829 -118.63 14.10 -30.96
N ARG A 830 -119.10 13.94 -29.73
CA ARG A 830 -119.42 12.65 -29.14
C ARG A 830 -120.91 12.59 -28.91
N ARG A 831 -121.47 11.39 -29.02
CA ARG A 831 -122.80 11.15 -28.49
C ARG A 831 -122.76 9.86 -27.70
N GLU A 832 -123.80 9.64 -26.90
CA GLU A 832 -123.92 8.37 -26.20
C GLU A 832 -124.48 7.30 -27.14
N GLY A 833 -124.24 6.06 -26.77
CA GLY A 833 -124.76 4.94 -27.50
C GLY A 833 -125.27 3.91 -26.54
N PRO A 834 -126.04 2.94 -27.04
CA PRO A 834 -126.39 1.80 -26.19
C PRO A 834 -125.17 0.98 -25.83
N ARG A 835 -124.26 0.84 -26.78
CA ARG A 835 -122.95 0.26 -26.54
C ARG A 835 -122.01 0.93 -27.53
N GLY A 836 -120.85 1.38 -27.06
CA GLY A 836 -119.98 2.13 -27.92
C GLY A 836 -120.55 3.50 -28.23
N PRO A 837 -120.48 4.42 -27.27
CA PRO A 837 -121.01 5.77 -27.48
C PRO A 837 -120.33 6.48 -28.64
N HIS A 838 -121.15 6.94 -29.57
CA HIS A 838 -120.66 7.25 -30.89
C HIS A 838 -120.03 8.63 -30.92
N LEU A 839 -118.90 8.68 -31.59
CA LEU A 839 -118.33 9.93 -32.04
C LEU A 839 -119.05 10.32 -33.33
N VAL A 840 -118.97 11.61 -33.64
CA VAL A 840 -119.59 12.16 -34.84
C VAL A 840 -118.73 13.31 -35.34
N GLY A 841 -118.49 13.34 -36.64
CA GLY A 841 -117.78 14.42 -37.27
C GLY A 841 -118.53 15.74 -37.27
N PRO A 842 -118.06 16.68 -38.07
CA PRO A 842 -118.72 18.00 -38.13
C PRO A 842 -120.06 17.91 -38.83
N SER A 843 -120.88 18.93 -38.62
CA SER A 843 -122.20 19.01 -39.24
C SER A 843 -122.12 19.83 -40.51
N ARG A 844 -122.76 19.35 -41.56
CA ARG A 844 -122.82 20.09 -42.82
C ARG A 844 -123.72 21.30 -42.64
N CYS A 845 -123.11 22.45 -42.38
CA CYS A 845 -123.87 23.68 -42.21
C CYS A 845 -124.43 24.13 -43.55
N LEU A 846 -125.69 23.83 -43.79
CA LEU A 846 -126.32 24.09 -45.08
C LEU A 846 -126.89 25.49 -45.09
N SER A 847 -126.30 26.37 -45.91
CA SER A 847 -126.79 27.71 -46.23
C SER A 847 -126.93 28.59 -44.99
N HIS A 848 -125.78 28.87 -44.38
CA HIS A 848 -125.72 29.88 -43.33
C HIS A 848 -126.14 31.25 -43.88
N THR A 849 -125.32 31.80 -44.78
CA THR A 849 -125.76 32.85 -45.66
C THR A 849 -126.46 32.21 -46.85
N ASP A 850 -127.27 33.02 -47.55
CA ASP A 850 -128.10 32.59 -48.69
C ASP A 850 -129.02 31.43 -48.31
N PHE A 851 -129.93 31.70 -47.36
CA PHE A 851 -130.95 30.74 -46.97
C PHE A 851 -132.21 30.87 -47.82
N VAL A 852 -132.08 31.35 -49.04
CA VAL A 852 -133.20 31.68 -49.92
C VAL A 852 -133.18 30.74 -51.11
N PRO A 853 -134.31 30.48 -51.76
CA PRO A 853 -134.27 29.90 -53.10
C PRO A 853 -133.97 30.99 -54.13
N CYS A 854 -133.67 30.55 -55.34
CA CYS A 854 -133.31 31.49 -56.40
C CYS A 854 -133.72 30.95 -57.76
N PRO A 855 -134.57 31.67 -58.50
CA PRO A 855 -134.89 31.26 -59.86
C PRO A 855 -133.70 31.47 -60.77
N VAL A 856 -133.42 30.45 -61.58
CA VAL A 856 -132.43 30.58 -62.63
C VAL A 856 -133.07 31.45 -63.72
N ASP A 857 -132.71 32.73 -63.73
CA ASP A 857 -133.39 33.71 -64.57
C ASP A 857 -132.99 33.58 -66.04
N ILE A 861 -136.02 33.90 -73.18
CA ILE A 861 -135.46 34.78 -74.19
C ILE A 861 -136.36 34.84 -75.43
N VAL A 862 -136.11 33.94 -76.37
CA VAL A 862 -136.79 33.95 -77.66
C VAL A 862 -137.49 32.61 -77.85
N LEU A 863 -138.05 32.40 -79.05
CA LEU A 863 -138.57 31.06 -79.35
C LEU A 863 -138.49 30.78 -80.85
N PRO A 864 -137.85 29.66 -81.23
CA PRO A 864 -137.86 29.26 -82.63
C PRO A 864 -139.26 28.86 -83.07
N PRO A 865 -139.57 28.95 -84.37
CA PRO A 865 -140.97 28.77 -84.80
C PRO A 865 -141.51 27.35 -84.68
N HIS A 866 -140.67 26.33 -84.85
CA HIS A 866 -141.16 24.97 -84.67
C HIS A 866 -141.48 24.67 -83.22
N LEU A 867 -140.88 25.38 -82.29
CA LEU A 867 -141.27 25.28 -80.89
C LEU A 867 -142.37 26.27 -80.52
N GLU A 868 -142.54 27.35 -81.29
CA GLU A 868 -143.76 28.14 -81.18
C GLU A 868 -144.98 27.32 -81.55
N ARG A 869 -144.82 26.44 -82.54
CA ARG A 869 -145.88 25.51 -82.91
C ARG A 869 -146.21 24.53 -81.79
N ILE A 870 -145.19 24.11 -81.03
CA ILE A 870 -145.43 23.12 -80.00
C ILE A 870 -145.72 23.78 -78.65
N ARG A 871 -145.57 25.10 -78.55
CA ARG A 871 -146.05 25.85 -77.40
C ARG A 871 -147.57 25.74 -77.27
N GLU A 872 -148.28 25.88 -78.39
CA GLU A 872 -149.73 25.76 -78.37
C GLU A 872 -150.17 24.33 -78.05
N LYS A 873 -149.47 23.34 -78.59
CA LYS A 873 -149.81 21.95 -78.33
C LYS A 873 -149.43 21.52 -76.92
N LEU A 874 -148.39 22.11 -76.34
CA LEU A 874 -148.10 21.85 -74.93
C LEU A 874 -149.11 22.52 -74.03
N ALA A 875 -149.55 23.73 -74.38
CA ALA A 875 -150.66 24.36 -73.65
C ALA A 875 -151.96 23.59 -73.83
N GLU A 876 -152.11 22.87 -74.94
CA GLU A 876 -153.21 21.91 -75.08
C GLU A 876 -153.07 20.77 -74.09
N ASN A 877 -151.95 20.04 -74.17
CA ASN A 877 -151.92 18.73 -73.53
C ASN A 877 -151.68 18.84 -72.03
N ILE A 878 -151.01 19.89 -71.57
CA ILE A 878 -150.94 20.18 -70.14
C ILE A 878 -152.34 20.51 -69.61
N HIS A 879 -153.13 21.24 -70.40
CA HIS A 879 -154.51 21.49 -70.02
C HIS A 879 -155.33 20.21 -70.08
N GLU A 880 -155.00 19.31 -70.99
CA GLU A 880 -155.64 18.00 -71.07
C GLU A 880 -155.42 17.20 -69.79
N LEU A 881 -154.17 17.16 -69.32
CA LEU A 881 -153.87 16.41 -68.11
C LEU A 881 -154.34 17.14 -66.86
N TRP A 882 -154.41 18.47 -66.90
CA TRP A 882 -154.94 19.23 -65.79
C TRP A 882 -156.45 19.08 -65.68
N ALA A 883 -157.12 18.94 -66.83
CA ALA A 883 -158.54 18.59 -66.86
C ALA A 883 -158.78 17.14 -66.43
N LEU A 884 -157.86 16.24 -66.79
CA LEU A 884 -157.93 14.86 -66.33
C LEU A 884 -157.76 14.76 -64.83
N THR A 885 -156.90 15.60 -64.25
CA THR A 885 -156.76 15.72 -62.81
C THR A 885 -158.09 16.10 -62.14
N ARG A 886 -158.85 16.99 -62.78
CA ARG A 886 -160.14 17.39 -62.24
C ARG A 886 -161.19 16.30 -62.40
N ILE A 887 -161.24 15.68 -63.58
CA ILE A 887 -162.33 14.74 -63.87
C ILE A 887 -162.11 13.42 -63.13
N GLU A 888 -160.86 13.02 -62.92
CA GLU A 888 -160.59 11.85 -62.07
C GLU A 888 -160.90 12.12 -60.60
N GLN A 889 -160.95 13.38 -60.17
CA GLN A 889 -161.45 13.73 -58.86
C GLN A 889 -162.94 14.00 -58.87
N GLY A 890 -163.56 14.05 -60.04
CA GLY A 890 -164.99 14.20 -60.13
C GLY A 890 -165.49 15.61 -60.38
N TRP A 891 -164.61 16.53 -60.71
CA TRP A 891 -164.97 17.91 -61.05
C TRP A 891 -165.65 17.88 -62.42
N THR A 892 -166.98 17.98 -62.43
CA THR A 892 -167.73 18.09 -63.66
C THR A 892 -167.63 19.51 -64.21
N TYR A 893 -168.05 19.69 -65.47
CA TYR A 893 -168.03 21.01 -66.09
C TYR A 893 -169.13 21.88 -65.51
N GLY A 894 -168.76 23.11 -65.21
CA GLY A 894 -169.71 24.10 -64.76
C GLY A 894 -169.06 25.47 -64.74
N PRO A 895 -169.72 26.45 -65.36
CA PRO A 895 -169.06 27.76 -65.60
C PRO A 895 -168.81 28.57 -64.34
N VAL A 896 -169.43 28.22 -63.22
CA VAL A 896 -169.10 28.80 -61.93
C VAL A 896 -168.03 27.94 -61.30
N ARG A 897 -166.86 28.53 -61.06
CA ARG A 897 -165.77 27.79 -60.42
C ARG A 897 -166.10 27.67 -58.93
N ASP A 898 -166.64 26.52 -58.56
CA ASP A 898 -166.98 26.27 -57.16
C ASP A 898 -166.32 24.99 -56.74
N ASP A 899 -165.99 24.90 -55.46
CA ASP A 899 -165.22 23.76 -54.97
C ASP A 899 -166.13 22.66 -54.45
N ASN A 900 -167.26 23.02 -53.83
CA ASN A 900 -168.17 22.01 -53.30
C ASN A 900 -169.12 21.47 -54.36
N LYS A 901 -169.47 22.28 -55.36
CA LYS A 901 -170.32 21.83 -56.44
C LYS A 901 -169.60 20.92 -57.43
N ARG A 902 -168.26 20.90 -57.37
CA ARG A 902 -167.39 20.25 -58.35
C ARG A 902 -167.70 20.73 -59.77
N LEU A 903 -167.68 22.04 -59.95
CA LEU A 903 -167.94 22.65 -61.24
C LEU A 903 -166.72 23.43 -61.68
N HIS A 904 -166.22 23.11 -62.86
CA HIS A 904 -164.97 23.68 -63.36
C HIS A 904 -165.21 24.34 -64.70
N PRO A 905 -165.02 25.65 -64.82
CA PRO A 905 -165.38 26.37 -66.05
C PRO A 905 -164.45 26.14 -67.22
N CYS A 906 -163.26 25.60 -67.00
CA CYS A 906 -162.29 25.41 -68.07
C CYS A 906 -162.18 23.94 -68.48
N LEU A 907 -163.26 23.19 -68.37
CA LEU A 907 -163.32 21.84 -68.96
C LEU A 907 -163.87 21.95 -70.39
N VAL A 908 -163.09 22.65 -71.20
CA VAL A 908 -163.47 23.06 -72.54
C VAL A 908 -162.38 22.61 -73.51
N ASN A 909 -162.66 22.78 -74.80
CA ASN A 909 -161.64 22.59 -75.82
C ASN A 909 -160.60 23.71 -75.74
N PHE A 910 -159.48 23.49 -76.45
CA PHE A 910 -158.42 24.50 -76.50
C PHE A 910 -158.88 25.76 -77.20
N HIS A 911 -159.67 25.60 -78.26
CA HIS A 911 -160.29 26.75 -78.91
C HIS A 911 -161.61 27.13 -78.27
N SER A 912 -162.08 26.34 -77.30
CA SER A 912 -163.18 26.75 -76.44
C SER A 912 -162.71 27.29 -75.11
N LEU A 913 -161.40 27.50 -74.94
CA LEU A 913 -160.87 28.04 -73.70
C LEU A 913 -161.30 29.48 -73.48
N PRO A 914 -161.52 29.89 -72.23
CA PRO A 914 -161.71 31.32 -71.93
C PRO A 914 -160.45 32.11 -72.25
N GLU A 915 -160.64 33.41 -72.40
CA GLU A 915 -159.51 34.32 -72.61
C GLU A 915 -158.52 34.37 -71.44
N PRO A 916 -158.90 34.28 -70.15
CA PRO A 916 -157.86 34.08 -69.14
C PRO A 916 -157.20 32.72 -69.20
N GLU A 917 -157.96 31.65 -69.47
CA GLU A 917 -157.42 30.30 -69.38
C GLU A 917 -156.46 30.00 -70.53
N ARG A 918 -156.81 30.38 -71.75
CA ARG A 918 -155.95 30.15 -72.90
C ARG A 918 -154.67 30.98 -72.80
N ASN A 919 -154.81 32.24 -72.40
CA ASN A 919 -153.64 33.09 -72.20
C ASN A 919 -152.76 32.61 -71.06
N TYR A 920 -153.33 32.04 -69.99
CA TYR A 920 -152.55 31.44 -68.93
C TYR A 920 -151.79 30.20 -69.39
N ASN A 921 -152.47 29.29 -70.12
CA ASN A 921 -151.80 28.09 -70.61
C ASN A 921 -150.70 28.42 -71.62
N LEU A 922 -150.97 29.34 -72.55
CA LEU A 922 -149.94 29.76 -73.50
C LEU A 922 -148.84 30.56 -72.82
N GLN A 923 -149.16 31.30 -71.75
CA GLN A 923 -148.16 32.06 -71.03
C GLN A 923 -147.21 31.15 -70.28
N MET A 924 -147.75 30.14 -69.61
CA MET A 924 -146.91 29.13 -68.98
C MET A 924 -146.10 28.35 -70.01
N SER A 925 -146.72 27.99 -71.13
CA SER A 925 -146.04 27.22 -72.17
C SER A 925 -145.04 28.06 -72.95
N GLY A 926 -145.09 29.39 -72.84
CA GLY A 926 -144.11 30.23 -73.46
C GLY A 926 -142.95 30.56 -72.54
N GLU A 927 -143.26 30.89 -71.29
CA GLU A 927 -142.23 31.14 -70.29
C GLU A 927 -141.42 29.89 -69.99
N THR A 928 -142.06 28.71 -70.05
CA THR A 928 -141.35 27.44 -69.91
C THR A 928 -140.32 27.27 -71.00
N LEU A 929 -140.68 27.54 -72.27
CA LEU A 929 -139.74 27.35 -73.36
C LEU A 929 -138.65 28.41 -73.36
N LYS A 930 -139.01 29.64 -72.96
CA LYS A 930 -138.00 30.69 -72.79
C LYS A 930 -137.00 30.35 -71.70
N THR A 931 -137.45 29.61 -70.69
CA THR A 931 -136.51 29.05 -69.72
C THR A 931 -135.69 27.92 -70.33
N LEU A 932 -136.34 27.01 -71.05
CA LEU A 932 -135.70 25.78 -71.54
C LEU A 932 -134.75 26.04 -72.69
N LEU A 933 -134.71 27.26 -73.24
CA LEU A 933 -133.66 27.61 -74.19
C LEU A 933 -132.28 27.50 -73.55
N ALA A 934 -132.07 28.17 -72.42
CA ALA A 934 -130.76 28.25 -71.80
C ALA A 934 -130.44 26.95 -71.05
N LEU A 935 -130.28 25.89 -71.83
CA LEU A 935 -129.93 24.58 -71.29
C LEU A 935 -128.82 23.89 -72.07
N GLY A 936 -128.55 24.30 -73.30
CA GLY A 936 -127.63 23.55 -74.12
C GLY A 936 -128.19 22.24 -74.62
N CYS A 937 -129.51 22.11 -74.69
CA CYS A 937 -130.16 20.91 -75.17
C CYS A 937 -130.52 21.07 -76.63
N HIS A 938 -130.32 20.00 -77.40
CA HIS A 938 -130.60 20.00 -78.83
C HIS A 938 -132.04 19.58 -79.04
N VAL A 939 -132.91 20.55 -79.33
CA VAL A 939 -134.32 20.32 -79.53
C VAL A 939 -134.67 20.76 -80.95
N GLY A 940 -135.24 19.86 -81.72
CA GLY A 940 -135.65 20.21 -83.08
C GLY A 940 -136.51 19.13 -83.69
N MET A 941 -137.34 19.56 -84.63
CA MET A 941 -138.17 18.61 -85.39
C MET A 941 -137.29 17.68 -86.22
N ALA A 942 -137.54 16.38 -86.09
CA ALA A 942 -136.67 15.37 -86.71
C ALA A 942 -137.43 14.42 -87.64
N ASP A 943 -138.67 14.08 -87.30
CA ASP A 943 -139.35 12.96 -87.95
C ASP A 943 -140.60 13.35 -88.72
N GLU A 944 -141.44 14.26 -88.20
CA GLU A 944 -142.68 14.75 -88.82
C GLU A 944 -143.70 13.64 -89.09
N LYS A 945 -143.58 12.48 -88.45
CA LYS A 945 -144.56 11.42 -88.60
C LYS A 945 -145.04 10.84 -87.28
N ALA A 946 -144.30 11.02 -86.18
CA ALA A 946 -144.84 10.69 -84.87
C ALA A 946 -145.98 11.63 -84.48
N GLU A 947 -145.98 12.87 -85.00
CA GLU A 947 -147.10 13.78 -84.82
C GLU A 947 -148.35 13.25 -85.50
N ASP A 948 -148.20 12.57 -86.63
CA ASP A 948 -149.33 11.92 -87.27
C ASP A 948 -149.65 10.58 -86.61
N ASN A 949 -148.67 9.95 -85.97
CA ASN A 949 -148.86 8.74 -85.20
C ASN A 949 -149.40 9.01 -83.80
N LEU A 950 -149.61 10.27 -83.45
CA LEU A 950 -150.28 10.63 -82.20
C LEU A 950 -151.70 10.09 -82.18
N LYS A 951 -152.00 9.25 -81.19
CA LYS A 951 -153.36 8.82 -80.92
C LYS A 951 -153.86 9.55 -79.68
N LYS A 952 -155.18 9.67 -79.58
CA LYS A 952 -155.81 10.34 -78.46
C LYS A 952 -156.38 9.31 -77.50
N THR A 953 -156.39 9.66 -76.21
CA THR A 953 -156.83 8.73 -75.18
C THR A 953 -158.35 8.59 -75.22
N LYS A 954 -158.83 7.41 -75.63
CA LYS A 954 -160.26 7.15 -75.68
C LYS A 954 -160.78 6.87 -74.27
N LEU A 955 -161.75 7.67 -73.86
CA LEU A 955 -162.29 7.59 -72.51
C LEU A 955 -163.80 7.38 -72.57
N PRO A 956 -164.40 6.85 -71.50
CA PRO A 956 -165.87 6.77 -71.49
C PRO A 956 -166.54 8.13 -71.29
N LYS A 957 -167.87 8.13 -71.30
CA LYS A 957 -168.64 9.36 -71.19
C LYS A 957 -168.61 9.97 -69.80
N THR A 958 -168.13 9.24 -68.79
CA THR A 958 -167.88 9.82 -67.48
C THR A 958 -166.82 10.90 -67.56
N TYR A 959 -165.84 10.73 -68.45
CA TYR A 959 -164.87 11.78 -68.72
C TYR A 959 -165.44 12.87 -69.60
N MET A 960 -166.43 12.54 -70.43
CA MET A 960 -167.10 13.55 -71.23
C MET A 960 -167.92 14.47 -70.34
N MET A 961 -167.77 15.77 -70.55
CA MET A 961 -168.35 16.76 -69.66
C MET A 961 -169.66 17.29 -70.21
N SER A 962 -170.29 18.18 -69.44
CA SER A 962 -171.62 18.68 -69.79
C SER A 962 -171.60 19.60 -70.99
N ASN A 963 -170.44 20.15 -71.34
CA ASN A 963 -170.24 20.85 -72.60
C ASN A 963 -169.84 19.91 -73.73
N GLY A 964 -169.91 18.60 -73.51
CA GLY A 964 -169.46 17.64 -74.49
C GLY A 964 -167.96 17.50 -74.61
N TYR A 965 -167.18 18.07 -73.69
CA TYR A 965 -165.73 18.01 -73.75
C TYR A 965 -165.22 16.80 -72.98
N LYS A 966 -164.85 15.77 -73.70
CA LYS A 966 -164.08 14.69 -73.12
C LYS A 966 -162.61 14.99 -73.33
N PRO A 967 -161.78 14.90 -72.28
CA PRO A 967 -160.35 15.17 -72.47
C PRO A 967 -159.70 14.06 -73.28
N ALA A 968 -158.96 14.45 -74.30
CA ALA A 968 -158.26 13.50 -75.16
C ALA A 968 -156.77 13.83 -75.17
N PRO A 969 -156.03 13.43 -74.14
CA PRO A 969 -154.57 13.58 -74.19
C PRO A 969 -153.96 12.56 -75.13
N LEU A 970 -152.69 12.77 -75.43
CA LEU A 970 -152.02 11.99 -76.45
C LEU A 970 -151.63 10.62 -75.91
N ASP A 971 -151.98 9.58 -76.67
CA ASP A 971 -151.67 8.20 -76.31
C ASP A 971 -150.17 7.99 -76.57
N LEU A 972 -149.36 8.35 -75.59
CA LEU A 972 -147.90 8.32 -75.71
C LEU A 972 -147.29 7.51 -74.59
N SER A 973 -147.86 6.33 -74.34
CA SER A 973 -147.29 5.41 -73.37
C SER A 973 -146.04 4.71 -73.89
N HIS A 974 -145.81 4.72 -75.20
CA HIS A 974 -144.71 4.00 -75.82
C HIS A 974 -143.43 4.82 -75.91
N VAL A 975 -143.36 5.98 -75.26
CA VAL A 975 -142.23 6.89 -75.42
C VAL A 975 -141.51 7.01 -74.09
N ARG A 976 -140.24 6.63 -74.07
CA ARG A 976 -139.34 7.03 -72.99
C ARG A 976 -138.66 8.35 -73.34
N LEU A 977 -138.43 9.16 -72.31
CA LEU A 977 -137.86 10.49 -72.55
C LEU A 977 -136.34 10.41 -72.73
N THR A 978 -135.62 9.94 -71.70
CA THR A 978 -134.19 9.74 -71.49
C THR A 978 -133.93 9.25 -70.08
N PRO A 979 -132.86 8.47 -69.86
CA PRO A 979 -132.36 8.30 -68.50
C PRO A 979 -131.52 9.46 -68.02
N ALA A 980 -130.96 10.24 -68.95
CA ALA A 980 -130.04 11.33 -68.66
C ALA A 980 -130.73 12.52 -68.00
N GLN A 981 -131.93 12.86 -68.45
CA GLN A 981 -132.67 14.00 -67.93
C GLN A 981 -133.44 13.67 -66.66
N THR A 982 -133.15 12.52 -66.03
CA THR A 982 -133.70 12.23 -64.71
C THR A 982 -133.19 13.22 -63.66
N THR A 983 -132.02 13.81 -63.88
CA THR A 983 -131.54 14.92 -63.08
C THR A 983 -131.92 16.27 -63.67
N LEU A 984 -132.02 16.38 -65.00
CA LEU A 984 -132.32 17.67 -65.62
C LEU A 984 -133.77 18.07 -65.38
N VAL A 985 -134.67 17.10 -65.21
CA VAL A 985 -136.04 17.41 -64.88
C VAL A 985 -136.13 17.98 -63.48
N ASP A 986 -135.35 17.44 -62.54
CA ASP A 986 -135.27 18.04 -61.21
C ASP A 986 -134.59 19.39 -61.24
N ARG A 987 -133.64 19.58 -62.16
CA ARG A 987 -133.00 20.89 -62.32
C ARG A 987 -133.97 21.95 -62.80
N LEU A 988 -134.80 21.63 -63.79
CA LEU A 988 -135.87 22.52 -64.20
C LEU A 988 -136.96 22.64 -63.14
N ALA A 989 -137.20 21.58 -62.36
CA ALA A 989 -138.22 21.61 -61.32
C ALA A 989 -137.85 22.54 -60.19
N GLU A 990 -136.59 22.54 -59.76
CA GLU A 990 -136.13 23.44 -58.71
C GLU A 990 -136.18 24.88 -59.18
N ASN A 991 -135.83 25.13 -60.44
CA ASN A 991 -135.91 26.48 -60.99
C ASN A 991 -137.34 26.96 -61.12
N GLY A 992 -138.27 26.08 -61.52
CA GLY A 992 -139.67 26.49 -61.61
C GLY A 992 -140.30 26.71 -60.24
N HIS A 993 -139.94 25.87 -59.27
CA HIS A 993 -140.42 26.07 -57.91
C HIS A 993 -139.83 27.33 -57.29
N ASN A 994 -138.58 27.66 -57.64
CA ASN A 994 -137.99 28.90 -57.17
C ASN A 994 -138.62 30.10 -57.84
N VAL A 995 -139.03 29.96 -59.10
CA VAL A 995 -139.74 31.02 -59.79
C VAL A 995 -141.11 31.24 -59.15
N TRP A 996 -141.80 30.17 -58.80
CA TRP A 996 -143.07 30.27 -58.09
C TRP A 996 -142.88 30.87 -56.70
N ALA A 997 -141.78 30.55 -56.04
CA ALA A 997 -141.50 31.10 -54.72
C ALA A 997 -141.18 32.59 -54.80
N ARG A 998 -140.43 33.00 -55.83
CA ARG A 998 -140.16 34.42 -56.02
C ARG A 998 -141.39 35.19 -56.44
N ASP A 999 -142.31 34.53 -57.15
CA ASP A 999 -143.60 35.12 -57.49
C ASP A 999 -144.45 35.34 -56.24
N ARG A 1000 -144.49 34.34 -55.36
CA ARG A 1000 -145.32 34.43 -54.17
C ARG A 1000 -144.67 35.19 -53.02
N VAL A 1001 -143.35 35.39 -53.06
CA VAL A 1001 -142.60 35.93 -51.93
C VAL A 1001 -141.81 37.16 -52.32
N ALA A 1002 -140.87 37.02 -53.26
CA ALA A 1002 -140.08 38.17 -53.70
C ALA A 1002 -140.95 39.16 -54.46
N GLN A 1003 -141.84 38.65 -55.30
CA GLN A 1003 -142.87 39.50 -55.90
C GLN A 1003 -144.08 39.62 -55.00
N GLY A 1004 -144.57 38.50 -54.46
CA GLY A 1004 -145.79 38.51 -53.70
C GLY A 1004 -145.68 39.04 -52.29
N TRP A 1005 -144.82 38.40 -51.48
CA TRP A 1005 -144.78 38.55 -50.02
C TRP A 1005 -146.17 38.34 -49.43
N SER A 1006 -146.70 37.13 -49.65
CA SER A 1006 -148.09 36.84 -49.32
C SER A 1006 -148.28 36.74 -47.81
N TYR A 1007 -149.34 37.37 -47.31
CA TYR A 1007 -149.72 37.29 -45.91
C TYR A 1007 -150.72 36.15 -45.73
N SER A 1008 -150.32 34.98 -46.23
CA SER A 1008 -151.10 33.76 -46.14
C SER A 1008 -150.17 32.61 -45.77
N ALA A 1009 -150.77 31.52 -45.30
CA ALA A 1009 -150.00 30.35 -44.90
C ALA A 1009 -149.43 29.62 -46.10
N ARG A 1020 -146.70 28.15 -45.20
CA ARG A 1020 -145.87 27.30 -46.03
C ARG A 1020 -145.08 28.11 -47.06
N LEU A 1021 -143.96 28.67 -46.61
CA LEU A 1021 -143.05 29.42 -47.48
C LEU A 1021 -141.63 29.20 -46.98
N VAL A 1022 -140.82 28.48 -47.78
CA VAL A 1022 -139.47 28.10 -47.35
C VAL A 1022 -138.56 27.91 -48.56
N PRO A 1023 -137.29 27.57 -48.36
CA PRO A 1023 -136.38 27.41 -49.51
C PRO A 1023 -136.66 26.11 -50.26
N TYR A 1024 -136.53 26.18 -51.58
CA TYR A 1024 -137.01 25.11 -52.46
C TYR A 1024 -135.97 24.05 -52.75
N ARG A 1025 -134.71 24.28 -52.40
CA ARG A 1025 -133.68 23.28 -52.65
C ARG A 1025 -133.85 22.05 -51.78
N LEU A 1026 -134.37 22.22 -50.57
CA LEU A 1026 -134.67 21.12 -49.67
C LEU A 1026 -136.05 21.32 -49.06
N LEU A 1027 -137.03 21.64 -49.91
CA LEU A 1027 -138.34 22.02 -49.42
C LEU A 1027 -139.13 20.81 -48.93
N ASP A 1028 -139.46 19.88 -49.84
CA ASP A 1028 -140.41 18.83 -49.53
C ASP A 1028 -140.25 17.71 -50.53
N GLU A 1029 -140.55 16.50 -50.08
CA GLU A 1029 -140.43 15.33 -50.94
C GLU A 1029 -141.60 15.22 -51.90
N ALA A 1030 -142.83 15.38 -51.40
CA ALA A 1030 -144.02 15.29 -52.24
C ALA A 1030 -144.10 16.41 -53.27
N THR A 1031 -143.60 17.59 -52.92
CA THR A 1031 -143.54 18.71 -53.86
C THR A 1031 -142.59 18.39 -55.02
N LYS A 1032 -141.42 17.83 -54.71
CA LYS A 1032 -140.48 17.49 -55.77
C LYS A 1032 -140.94 16.28 -56.57
N ARG A 1033 -141.68 15.36 -55.95
CA ARG A 1033 -142.27 14.26 -56.70
C ARG A 1033 -143.36 14.75 -57.65
N SER A 1034 -144.21 15.67 -57.19
CA SER A 1034 -145.22 16.25 -58.08
C SER A 1034 -144.60 17.12 -59.15
N ASN A 1035 -143.49 17.78 -58.84
CA ASN A 1035 -142.86 18.64 -59.83
C ASN A 1035 -142.05 17.82 -60.83
N ARG A 1036 -141.60 16.63 -60.42
CA ARG A 1036 -141.07 15.67 -61.37
C ARG A 1036 -142.18 15.08 -62.22
N ASP A 1037 -143.35 14.87 -61.62
CA ASP A 1037 -144.51 14.39 -62.36
C ASP A 1037 -144.98 15.43 -63.36
N SER A 1038 -144.77 16.71 -63.06
CA SER A 1038 -145.12 17.80 -63.97
C SER A 1038 -144.31 17.77 -65.26
N LEU A 1039 -143.11 17.22 -65.24
CA LEU A 1039 -142.27 17.16 -66.43
C LEU A 1039 -142.07 15.74 -66.94
N CYS A 1040 -142.57 14.73 -66.23
CA CYS A 1040 -142.53 13.37 -66.75
C CYS A 1040 -143.44 13.21 -67.95
N GLN A 1041 -144.53 13.97 -67.99
CA GLN A 1041 -145.43 14.04 -69.13
C GLN A 1041 -145.12 15.24 -70.02
N ALA A 1042 -143.86 15.66 -70.07
CA ALA A 1042 -143.44 16.74 -70.93
C ALA A 1042 -142.49 16.27 -72.03
N VAL A 1043 -141.38 15.65 -71.68
CA VAL A 1043 -140.40 15.25 -72.68
C VAL A 1043 -140.87 13.98 -73.40
N ARG A 1044 -141.56 13.09 -72.68
CA ARG A 1044 -142.23 11.96 -73.30
C ARG A 1044 -143.34 12.41 -74.24
N THR A 1045 -143.95 13.55 -73.95
CA THR A 1045 -145.00 14.08 -74.83
C THR A 1045 -144.39 14.73 -76.07
N LEU A 1046 -143.30 15.48 -75.91
CA LEU A 1046 -142.69 16.16 -77.04
C LEU A 1046 -141.94 15.22 -77.97
N LEU A 1047 -141.36 14.13 -77.45
CA LEU A 1047 -140.81 13.11 -78.34
C LEU A 1047 -141.90 12.36 -79.09
N GLY A 1048 -143.09 12.23 -78.49
CA GLY A 1048 -144.23 11.69 -79.22
C GLY A 1048 -144.77 12.66 -80.25
N TYR A 1049 -144.67 13.96 -79.99
CA TYR A 1049 -144.86 14.96 -81.04
C TYR A 1049 -143.83 14.83 -82.15
N GLY A 1050 -142.61 14.42 -81.82
CA GLY A 1050 -141.58 14.22 -82.81
C GLY A 1050 -140.40 15.16 -82.68
N TYR A 1051 -140.40 16.02 -81.67
CA TYR A 1051 -139.29 16.94 -81.43
C TYR A 1051 -138.18 16.19 -80.71
N ASN A 1052 -137.10 15.93 -81.45
CA ASN A 1052 -135.90 15.31 -80.91
C ASN A 1052 -135.30 16.23 -79.86
N ILE A 1053 -135.15 15.71 -78.64
CA ILE A 1053 -134.63 16.45 -77.50
C ILE A 1053 -133.45 15.65 -76.94
N GLU A 1054 -132.26 16.25 -76.99
CA GLU A 1054 -131.05 15.58 -76.53
C GLU A 1054 -130.28 16.45 -75.55
N ASP A 1070 -117.13 20.11 -45.54
CA ASP A 1070 -116.59 21.15 -44.67
C ASP A 1070 -115.17 20.81 -44.26
N ARG A 1071 -115.03 20.20 -43.08
CA ARG A 1071 -113.75 19.81 -42.51
C ARG A 1071 -113.90 18.45 -41.84
N VAL A 1072 -112.92 18.10 -41.01
CA VAL A 1072 -112.81 16.77 -40.41
C VAL A 1072 -112.45 16.94 -38.93
N ARG A 1073 -113.17 16.22 -38.07
CA ARG A 1073 -112.78 16.08 -36.68
C ARG A 1073 -111.81 14.90 -36.54
N ILE A 1074 -110.64 15.15 -35.94
CA ILE A 1074 -109.59 14.15 -35.87
C ILE A 1074 -109.37 13.78 -34.41
N PHE A 1075 -109.27 12.47 -34.14
CA PHE A 1075 -109.21 11.94 -32.80
C PHE A 1075 -108.03 10.99 -32.69
N ARG A 1076 -107.40 10.96 -31.52
CA ARG A 1076 -106.21 10.15 -31.33
C ARG A 1076 -106.03 9.88 -29.85
N ALA A 1077 -105.27 8.83 -29.55
CA ALA A 1077 -105.03 8.48 -28.16
C ALA A 1077 -103.96 9.38 -27.56
N GLU A 1078 -103.61 9.13 -26.31
CA GLU A 1078 -102.61 9.97 -25.68
C GLU A 1078 -101.22 9.49 -26.07
N LYS A 1079 -100.33 10.46 -26.28
CA LYS A 1079 -98.93 10.20 -26.63
C LYS A 1079 -98.18 9.44 -25.53
N SER A 1080 -98.66 9.49 -24.28
CA SER A 1080 -98.10 8.64 -23.24
C SER A 1080 -98.35 7.17 -23.51
N TYR A 1081 -99.43 6.84 -24.22
CA TYR A 1081 -99.77 5.48 -24.58
C TYR A 1081 -99.21 5.08 -25.94
N THR A 1082 -98.16 5.74 -26.40
CA THR A 1082 -97.54 5.39 -27.66
C THR A 1082 -96.78 4.07 -27.49
N VAL A 1083 -97.37 2.98 -27.96
CA VAL A 1083 -96.81 1.66 -27.78
C VAL A 1083 -95.55 1.53 -28.63
N GLN A 1084 -94.59 0.78 -28.12
CA GLN A 1084 -93.31 0.65 -28.80
C GLN A 1084 -92.88 -0.80 -28.94
N SER A 1085 -93.76 -1.76 -28.69
CA SER A 1085 -93.34 -3.16 -28.66
C SER A 1085 -94.56 -4.05 -28.88
N GLY A 1086 -94.28 -5.29 -29.27
CA GLY A 1086 -95.25 -6.36 -29.17
C GLY A 1086 -96.22 -6.44 -30.33
N ARG A 1087 -97.39 -6.99 -30.02
CA ARG A 1087 -98.46 -7.19 -30.98
C ARG A 1087 -99.74 -6.62 -30.42
N TRP A 1088 -100.44 -5.85 -31.24
CA TRP A 1088 -101.53 -5.03 -30.72
C TRP A 1088 -102.74 -5.10 -31.63
N TYR A 1089 -103.84 -4.56 -31.11
CA TYR A 1089 -105.13 -4.67 -31.75
C TYR A 1089 -106.07 -3.67 -31.12
N PHE A 1090 -106.96 -3.12 -31.93
CA PHE A 1090 -108.16 -2.45 -31.46
C PHE A 1090 -109.26 -2.74 -32.47
N GLU A 1091 -110.50 -2.46 -32.09
CA GLU A 1091 -111.64 -2.85 -32.91
C GLU A 1091 -112.55 -1.65 -33.10
N PHE A 1092 -112.79 -1.28 -34.36
CA PHE A 1092 -113.60 -0.12 -34.69
C PHE A 1092 -114.89 -0.55 -35.36
N GLU A 1093 -115.94 0.24 -35.18
CA GLU A 1093 -117.25 -0.03 -35.75
C GLU A 1093 -117.78 1.23 -36.40
N ALA A 1094 -118.09 1.15 -37.70
CA ALA A 1094 -118.47 2.30 -38.51
C ALA A 1094 -119.92 2.18 -38.96
N VAL A 1095 -120.77 3.06 -38.42
CA VAL A 1095 -122.18 3.07 -38.80
C VAL A 1095 -122.35 3.54 -40.25
N THR A 1096 -121.88 4.74 -40.53
CA THR A 1096 -121.88 5.25 -41.90
C THR A 1096 -120.86 4.52 -42.75
N THR A 1097 -121.04 4.63 -44.06
CA THR A 1097 -120.12 4.06 -45.03
C THR A 1097 -119.23 5.12 -45.64
N GLY A 1098 -119.28 6.33 -45.10
CA GLY A 1098 -118.81 7.51 -45.80
C GLY A 1098 -117.34 7.85 -45.66
N GLU A 1099 -117.07 9.05 -45.18
CA GLU A 1099 -115.76 9.68 -45.28
C GLU A 1099 -115.11 9.75 -43.92
N MET A 1100 -114.24 8.80 -43.63
CA MET A 1100 -113.37 8.87 -42.47
C MET A 1100 -112.17 8.00 -42.80
N ARG A 1101 -111.20 7.98 -41.89
CA ARG A 1101 -110.00 7.19 -42.07
C ARG A 1101 -109.54 6.70 -40.71
N VAL A 1102 -109.23 5.41 -40.64
CA VAL A 1102 -108.86 4.75 -39.40
C VAL A 1102 -107.51 4.09 -39.59
N GLY A 1103 -106.57 4.42 -38.71
CA GLY A 1103 -105.25 3.83 -38.82
C GLY A 1103 -104.37 4.14 -37.63
N TRP A 1104 -103.08 4.01 -37.86
CA TRP A 1104 -102.05 4.25 -36.88
C TRP A 1104 -101.24 5.45 -37.32
N ALA A 1105 -100.46 6.00 -36.38
CA ALA A 1105 -99.73 7.23 -36.70
C ALA A 1105 -98.49 7.34 -35.84
N ARG A 1106 -97.53 8.14 -36.32
CA ARG A 1106 -96.36 8.49 -35.54
C ARG A 1106 -96.78 9.39 -34.37
N PRO A 1107 -96.02 9.39 -33.26
CA PRO A 1107 -96.39 10.25 -32.14
C PRO A 1107 -96.10 11.73 -32.36
N GLU A 1108 -95.51 12.11 -33.48
CA GLU A 1108 -95.26 13.52 -33.78
C GLU A 1108 -96.33 14.06 -34.73
N LEU A 1109 -97.56 14.05 -34.24
CA LEU A 1109 -98.69 14.47 -35.07
C LEU A 1109 -98.79 15.99 -35.08
N ARG A 1110 -98.11 16.58 -36.04
CA ARG A 1110 -98.43 17.93 -36.46
C ARG A 1110 -99.85 17.94 -37.00
N PRO A 1111 -100.73 18.80 -36.51
CA PRO A 1111 -102.04 18.93 -37.14
C PRO A 1111 -101.98 19.73 -38.43
N ASP A 1112 -103.15 20.06 -38.99
CA ASP A 1112 -103.32 20.71 -40.29
C ASP A 1112 -102.74 19.89 -41.43
N VAL A 1113 -102.64 18.58 -41.23
CA VAL A 1113 -102.13 17.66 -42.23
C VAL A 1113 -103.21 16.62 -42.48
N GLU A 1114 -103.59 16.43 -43.73
CA GLU A 1114 -104.56 15.38 -44.02
C GLU A 1114 -103.91 14.02 -43.90
N LEU A 1115 -104.73 13.03 -43.63
CA LEU A 1115 -104.25 11.78 -43.05
C LEU A 1115 -103.87 10.79 -44.14
N GLY A 1116 -102.61 10.35 -44.11
CA GLY A 1116 -102.11 9.37 -45.06
C GLY A 1116 -101.64 9.95 -46.38
N ALA A 1117 -101.47 11.25 -46.47
CA ALA A 1117 -100.93 11.85 -47.68
C ALA A 1117 -99.41 11.86 -47.70
N ASP A 1118 -98.76 11.26 -46.70
CA ASP A 1118 -97.35 11.49 -46.50
C ASP A 1118 -96.72 10.26 -45.86
N GLU A 1119 -95.47 10.40 -45.44
CA GLU A 1119 -94.72 9.37 -44.74
C GLU A 1119 -95.12 9.26 -43.29
N LEU A 1120 -95.87 10.23 -42.78
CA LEU A 1120 -96.21 10.29 -41.37
C LEU A 1120 -97.20 9.21 -40.97
N ALA A 1121 -98.22 8.97 -41.79
CA ALA A 1121 -99.32 8.14 -41.33
C ALA A 1121 -99.68 7.10 -42.38
N TYR A 1122 -99.72 5.85 -41.92
CA TYR A 1122 -100.31 4.73 -42.65
C TYR A 1122 -101.77 4.67 -42.27
N VAL A 1123 -102.66 4.91 -43.24
CA VAL A 1123 -104.08 4.92 -42.96
C VAL A 1123 -104.81 4.41 -44.19
N PHE A 1124 -106.10 4.12 -44.01
CA PHE A 1124 -106.94 3.56 -45.04
C PHE A 1124 -108.19 4.42 -45.20
N ASN A 1125 -108.69 4.49 -46.43
CA ASN A 1125 -110.00 5.05 -46.72
C ASN A 1125 -110.79 4.00 -47.47
N GLY A 1126 -112.05 3.82 -47.09
CA GLY A 1126 -112.88 2.83 -47.73
C GLY A 1126 -114.17 3.42 -48.26
N HIS A 1127 -114.11 4.66 -48.72
CA HIS A 1127 -115.12 5.04 -49.66
C HIS A 1127 -114.74 4.57 -51.05
N ARG A 1128 -113.47 4.27 -51.25
CA ARG A 1128 -112.95 3.76 -52.51
C ARG A 1128 -112.13 2.49 -52.32
N GLY A 1129 -111.84 2.10 -51.08
CA GLY A 1129 -110.91 1.01 -50.85
C GLY A 1129 -109.50 1.43 -51.19
N GLN A 1130 -108.95 2.36 -50.41
CA GLN A 1130 -107.63 2.91 -50.67
C GLN A 1130 -106.88 3.10 -49.38
N ARG A 1131 -105.71 2.48 -49.28
CA ARG A 1131 -104.81 2.74 -48.17
C ARG A 1131 -104.01 4.00 -48.48
N TRP A 1132 -103.85 4.85 -47.50
CA TRP A 1132 -103.19 6.13 -47.71
C TRP A 1132 -101.93 6.18 -46.88
N HIS A 1133 -100.79 6.20 -47.56
CA HIS A 1133 -99.49 6.54 -46.98
C HIS A 1133 -98.62 6.99 -48.13
N LEU A 1134 -97.96 8.14 -47.97
CA LEU A 1134 -97.27 8.83 -49.06
C LEU A 1134 -98.20 9.05 -50.25
N GLY A 1135 -99.43 9.44 -49.93
CA GLY A 1135 -100.51 9.51 -50.90
C GLY A 1135 -101.38 8.28 -50.84
N SER A 1136 -102.41 8.30 -51.68
CA SER A 1136 -103.38 7.22 -51.76
C SER A 1136 -102.85 6.07 -52.60
N GLU A 1137 -103.39 4.88 -52.36
CA GLU A 1137 -102.96 3.65 -52.98
C GLU A 1137 -104.22 2.80 -53.05
N PRO A 1138 -104.54 2.23 -54.22
CA PRO A 1138 -105.68 1.31 -54.31
C PRO A 1138 -105.42 0.06 -53.49
N PHE A 1139 -106.39 -0.34 -52.69
CA PHE A 1139 -106.19 -1.42 -51.73
C PHE A 1139 -107.57 -1.97 -51.37
N GLY A 1140 -107.95 -3.08 -52.00
CA GLY A 1140 -109.16 -3.76 -51.63
C GLY A 1140 -110.42 -3.00 -52.02
N ARG A 1141 -111.39 -3.07 -51.11
CA ARG A 1141 -112.80 -2.75 -51.32
C ARG A 1141 -113.26 -1.59 -50.46
N PRO A 1142 -114.30 -0.87 -50.90
CA PRO A 1142 -114.90 0.16 -50.04
C PRO A 1142 -115.74 -0.39 -48.89
N TRP A 1143 -116.47 0.48 -48.21
CA TRP A 1143 -117.10 0.16 -46.94
C TRP A 1143 -118.53 -0.33 -47.09
N GLN A 1144 -119.03 -0.87 -45.97
CA GLN A 1144 -120.43 -1.18 -45.76
C GLN A 1144 -120.89 -0.53 -44.47
N SER A 1145 -122.14 -0.79 -44.05
CA SER A 1145 -122.57 -0.31 -42.75
C SER A 1145 -122.28 -1.37 -41.69
N GLY A 1146 -122.33 -0.96 -40.43
CA GLY A 1146 -121.90 -1.81 -39.34
C GLY A 1146 -120.39 -1.79 -39.28
N ASP A 1147 -119.75 -2.53 -40.19
CA ASP A 1147 -118.39 -2.27 -40.67
C ASP A 1147 -117.36 -2.40 -39.54
N VAL A 1148 -117.22 -3.63 -39.04
CA VAL A 1148 -116.28 -3.92 -37.96
C VAL A 1148 -114.86 -3.83 -38.52
N VAL A 1149 -114.07 -2.94 -37.93
CA VAL A 1149 -112.72 -2.67 -38.41
C VAL A 1149 -111.73 -3.07 -37.32
N GLY A 1150 -110.77 -3.92 -37.68
CA GLY A 1150 -109.69 -4.31 -36.79
C GLY A 1150 -108.35 -3.93 -37.39
N CYS A 1151 -107.47 -3.40 -36.55
CA CYS A 1151 -106.15 -2.97 -37.00
C CYS A 1151 -105.10 -3.56 -36.07
N MET A 1152 -104.25 -4.41 -36.65
CA MET A 1152 -103.23 -5.14 -35.92
C MET A 1152 -101.86 -4.66 -36.37
N ILE A 1153 -100.86 -4.91 -35.52
CA ILE A 1153 -99.49 -4.60 -35.87
C ILE A 1153 -98.56 -5.53 -35.11
N ASP A 1154 -97.65 -6.15 -35.83
CA ASP A 1154 -96.56 -6.87 -35.20
C ASP A 1154 -95.33 -6.00 -35.40
N LEU A 1155 -94.90 -5.37 -34.31
CA LEU A 1155 -93.71 -4.53 -34.35
C LEU A 1155 -92.45 -5.37 -34.45
N THR A 1156 -92.49 -6.61 -33.95
CA THR A 1156 -91.41 -7.55 -34.18
C THR A 1156 -91.29 -7.88 -35.65
N GLU A 1157 -92.42 -8.22 -36.28
CA GLU A 1157 -92.44 -8.44 -37.72
C GLU A 1157 -92.38 -7.13 -38.50
N ASN A 1158 -92.73 -6.01 -37.84
CA ASN A 1158 -92.82 -4.69 -38.45
C ASN A 1158 -93.80 -4.69 -39.62
N THR A 1159 -95.02 -5.12 -39.30
CA THR A 1159 -96.06 -5.24 -40.33
C THR A 1159 -97.41 -4.88 -39.74
N ILE A 1160 -98.13 -4.01 -40.46
CA ILE A 1160 -99.45 -3.54 -40.07
C ILE A 1160 -100.48 -4.32 -40.87
N ILE A 1161 -101.45 -4.93 -40.18
CA ILE A 1161 -102.44 -5.82 -40.78
C ILE A 1161 -103.81 -5.21 -40.53
N PHE A 1162 -104.65 -5.18 -41.55
CA PHE A 1162 -105.98 -4.64 -41.43
C PHE A 1162 -107.01 -5.72 -41.74
N THR A 1163 -108.00 -5.85 -40.86
CA THR A 1163 -109.12 -6.75 -41.06
C THR A 1163 -110.42 -5.96 -41.10
N LEU A 1164 -111.32 -6.34 -41.98
CA LEU A 1164 -112.64 -5.73 -42.07
C LEU A 1164 -113.70 -6.78 -41.84
N ASN A 1165 -114.52 -6.57 -40.80
CA ASN A 1165 -115.57 -7.49 -40.38
C ASN A 1165 -114.99 -8.88 -40.09
N GLY A 1166 -113.81 -8.89 -39.47
CA GLY A 1166 -113.10 -10.13 -39.25
C GLY A 1166 -112.43 -10.71 -40.47
N GLU A 1167 -112.44 -9.98 -41.59
CA GLU A 1167 -111.82 -10.46 -42.81
C GLU A 1167 -110.62 -9.59 -43.13
N VAL A 1168 -109.45 -10.22 -43.15
CA VAL A 1168 -108.20 -9.51 -43.42
C VAL A 1168 -108.19 -8.99 -44.84
N LEU A 1169 -107.68 -7.79 -45.02
CA LEU A 1169 -107.77 -7.10 -46.30
C LEU A 1169 -106.59 -7.46 -47.19
N MET A 1170 -106.84 -7.46 -48.50
CA MET A 1170 -105.88 -7.88 -49.49
C MET A 1170 -105.31 -6.69 -50.26
N SER A 1171 -104.09 -6.86 -50.73
CA SER A 1171 -103.44 -5.89 -51.58
C SER A 1171 -103.88 -6.10 -53.02
N ASP A 1172 -103.36 -5.26 -53.91
CA ASP A 1172 -103.55 -5.51 -55.33
C ASP A 1172 -102.58 -6.57 -55.84
N SER A 1173 -101.52 -6.83 -55.09
CA SER A 1173 -100.61 -7.94 -55.36
C SER A 1173 -101.03 -9.22 -54.63
N GLY A 1174 -102.18 -9.21 -53.97
CA GLY A 1174 -102.65 -10.37 -53.24
C GLY A 1174 -102.03 -10.56 -51.88
N SER A 1175 -101.19 -9.63 -51.43
CA SER A 1175 -100.57 -9.76 -50.12
C SER A 1175 -101.56 -9.41 -49.02
N GLU A 1176 -101.21 -9.79 -47.79
CA GLU A 1176 -102.09 -9.65 -46.64
C GLU A 1176 -101.68 -8.38 -45.89
N THR A 1177 -102.15 -7.24 -46.41
CA THR A 1177 -101.94 -5.89 -45.86
C THR A 1177 -100.44 -5.61 -45.72
N ALA A 1178 -99.79 -5.55 -46.87
CA ALA A 1178 -98.33 -5.50 -46.96
C ALA A 1178 -97.83 -4.12 -46.54
N PHE A 1179 -97.83 -3.88 -45.23
CA PHE A 1179 -97.17 -2.72 -44.66
C PHE A 1179 -95.84 -3.21 -44.08
N ARG A 1180 -94.94 -3.56 -44.97
CA ARG A 1180 -93.64 -4.06 -44.58
C ARG A 1180 -92.69 -2.89 -44.42
N GLU A 1181 -91.60 -3.15 -43.67
CA GLU A 1181 -90.50 -2.21 -43.46
C GLU A 1181 -91.00 -0.91 -42.81
N ILE A 1182 -91.44 -1.07 -41.58
CA ILE A 1182 -91.70 0.05 -40.69
C ILE A 1182 -90.73 -0.06 -39.53
N GLU A 1183 -90.30 1.08 -39.03
CA GLU A 1183 -89.37 1.12 -37.91
C GLU A 1183 -90.15 1.28 -36.61
N ILE A 1184 -89.44 1.59 -35.53
CA ILE A 1184 -90.08 2.06 -34.32
C ILE A 1184 -90.29 3.57 -34.40
N GLY A 1185 -89.23 4.29 -34.75
CA GLY A 1185 -89.21 5.73 -34.60
C GLY A 1185 -89.27 6.03 -33.13
N ASP A 1186 -90.42 6.51 -32.68
CA ASP A 1186 -90.72 6.65 -31.27
C ASP A 1186 -91.94 5.82 -30.90
N GLY A 1187 -92.11 4.69 -31.57
CA GLY A 1187 -93.31 3.94 -31.44
C GLY A 1187 -94.37 4.53 -32.34
N PHE A 1188 -95.60 4.06 -32.14
CA PHE A 1188 -96.72 4.52 -32.94
C PHE A 1188 -97.98 4.56 -32.08
N LEU A 1189 -99.01 5.18 -32.63
CA LEU A 1189 -100.23 5.41 -31.88
C LEU A 1189 -101.37 5.40 -32.89
N PRO A 1190 -102.51 4.77 -32.59
CA PRO A 1190 -103.60 4.75 -33.55
C PRO A 1190 -104.29 6.10 -33.63
N VAL A 1191 -105.11 6.27 -34.67
CA VAL A 1191 -105.70 7.56 -34.99
C VAL A 1191 -106.94 7.35 -35.84
N CYS A 1192 -107.91 8.25 -35.70
CA CYS A 1192 -109.11 8.22 -36.52
C CYS A 1192 -109.44 9.62 -37.00
N SER A 1193 -110.04 9.67 -38.19
CA SER A 1193 -110.60 10.90 -38.72
C SER A 1193 -112.11 10.76 -38.75
N LEU A 1194 -112.80 11.88 -38.95
CA LEU A 1194 -114.24 11.90 -39.14
C LEU A 1194 -114.65 13.05 -40.04
N GLY A 1195 -115.14 12.74 -41.22
CA GLY A 1195 -115.64 13.75 -42.12
C GLY A 1195 -117.00 14.26 -41.69
N PRO A 1196 -117.57 15.15 -42.49
CA PRO A 1196 -118.86 15.75 -42.12
C PRO A 1196 -119.98 14.73 -42.20
N GLY A 1197 -120.82 14.72 -41.17
CA GLY A 1197 -121.93 13.79 -41.10
C GLY A 1197 -121.51 12.34 -40.99
N GLN A 1198 -120.45 12.05 -40.24
CA GLN A 1198 -119.92 10.71 -40.12
C GLN A 1198 -120.01 10.28 -38.66
N VAL A 1199 -120.88 9.30 -38.39
CA VAL A 1199 -121.11 8.84 -37.04
C VAL A 1199 -120.47 7.47 -36.88
N GLY A 1200 -120.27 7.09 -35.61
CA GLY A 1200 -119.73 5.78 -35.32
C GLY A 1200 -118.81 5.84 -34.12
N HIS A 1201 -118.50 4.71 -33.51
CA HIS A 1201 -117.67 4.72 -32.31
C HIS A 1201 -116.46 3.83 -32.51
N LEU A 1202 -115.48 4.02 -31.64
CA LEU A 1202 -114.33 3.15 -31.55
C LEU A 1202 -114.46 2.32 -30.28
N ASN A 1203 -114.28 1.01 -30.41
CA ASN A 1203 -114.18 0.18 -29.23
C ASN A 1203 -112.70 0.01 -28.89
N LEU A 1204 -112.43 -0.29 -27.62
CA LEU A 1204 -111.11 -0.10 -27.07
C LEU A 1204 -110.42 -1.39 -26.64
N GLY A 1205 -111.15 -2.38 -26.15
CA GLY A 1205 -110.51 -3.51 -25.51
C GLY A 1205 -110.40 -3.35 -24.02
N GLN A 1206 -111.14 -2.40 -23.45
CA GLN A 1206 -111.19 -2.26 -21.99
C GLN A 1206 -111.85 -3.48 -21.37
N ASP A 1207 -112.89 -4.00 -22.01
CA ASP A 1207 -113.50 -5.25 -21.63
C ASP A 1207 -113.46 -6.23 -22.80
N VAL A 1208 -113.26 -7.50 -22.48
CA VAL A 1208 -113.15 -8.54 -23.49
C VAL A 1208 -114.50 -8.77 -24.18
N SER A 1209 -115.56 -8.90 -23.38
CA SER A 1209 -116.89 -9.10 -23.93
C SER A 1209 -117.43 -7.84 -24.60
N SER A 1210 -116.88 -6.68 -24.31
CA SER A 1210 -117.25 -5.46 -25.01
C SER A 1210 -116.76 -5.45 -26.45
N LEU A 1211 -115.71 -6.22 -26.75
CA LEU A 1211 -115.22 -6.30 -28.12
C LEU A 1211 -116.22 -7.00 -29.02
N ARG A 1212 -116.34 -6.49 -30.25
CA ARG A 1212 -117.45 -6.87 -31.12
C ARG A 1212 -117.31 -8.30 -31.62
N PHE A 1213 -116.30 -8.56 -32.44
CA PHE A 1213 -116.07 -9.94 -32.90
C PHE A 1213 -115.06 -10.61 -31.98
N PHE A 1214 -113.81 -10.13 -32.05
CA PHE A 1214 -112.63 -10.61 -31.32
C PHE A 1214 -112.62 -12.14 -31.16
N ALA A 1215 -112.62 -12.81 -32.29
CA ALA A 1215 -112.53 -14.26 -32.30
C ALA A 1215 -111.64 -14.81 -33.39
N ILE A 1216 -111.07 -13.96 -34.23
CA ILE A 1216 -110.50 -14.43 -35.48
C ILE A 1216 -109.02 -14.64 -35.35
N CYS A 1217 -108.28 -13.57 -35.06
CA CYS A 1217 -106.84 -13.54 -35.25
C CYS A 1217 -106.08 -12.86 -34.14
N GLY A 1218 -106.68 -11.88 -33.46
CA GLY A 1218 -105.96 -11.16 -32.41
C GLY A 1218 -105.67 -12.02 -31.22
N LEU A 1219 -106.49 -13.04 -31.00
CA LEU A 1219 -106.23 -14.01 -29.95
C LEU A 1219 -105.12 -14.95 -30.39
N GLN A 1220 -105.35 -15.67 -31.48
CA GLN A 1220 -104.51 -16.77 -31.93
C GLN A 1220 -103.13 -16.33 -32.36
N GLU A 1221 -102.99 -15.09 -32.83
CA GLU A 1221 -101.69 -14.60 -33.29
C GLU A 1221 -101.07 -13.61 -32.33
N GLY A 1222 -101.43 -13.67 -31.06
CA GLY A 1222 -100.70 -12.93 -30.04
C GLY A 1222 -100.95 -11.44 -30.02
N PHE A 1223 -101.90 -10.94 -30.79
CA PHE A 1223 -102.16 -9.51 -30.80
C PHE A 1223 -102.91 -9.12 -29.53
N GLU A 1224 -102.99 -7.82 -29.27
CA GLU A 1224 -103.50 -7.50 -27.97
C GLU A 1224 -104.44 -6.32 -28.05
N PRO A 1225 -105.60 -6.41 -27.41
CA PRO A 1225 -106.44 -5.22 -27.23
C PRO A 1225 -105.71 -4.19 -26.41
N PHE A 1226 -106.04 -2.93 -26.69
CA PHE A 1226 -105.16 -1.82 -26.29
C PHE A 1226 -105.20 -1.59 -24.79
N ALA A 1227 -106.36 -1.19 -24.25
CA ALA A 1227 -106.44 -0.83 -22.84
C ALA A 1227 -107.04 -2.00 -22.07
N ILE A 1228 -106.43 -3.16 -22.20
CA ILE A 1228 -106.94 -4.34 -21.51
C ILE A 1228 -106.61 -4.30 -20.03
N ASN A 1229 -105.37 -3.98 -19.68
CA ASN A 1229 -104.93 -3.98 -18.30
C ASN A 1229 -104.98 -2.56 -17.73
N MET A 1230 -106.13 -1.92 -17.93
CA MET A 1230 -106.28 -0.56 -17.44
C MET A 1230 -107.47 -0.45 -16.51
N GLN A 1231 -107.64 0.72 -15.90
CA GLN A 1231 -108.79 0.97 -15.05
C GLN A 1231 -109.65 2.11 -15.55
N ARG A 1232 -109.36 2.64 -16.73
CA ARG A 1232 -110.03 3.81 -17.28
C ARG A 1232 -109.77 3.86 -18.77
N PRO A 1233 -110.66 4.45 -19.55
CA PRO A 1233 -110.37 4.66 -20.97
C PRO A 1233 -109.36 5.78 -21.18
N VAL A 1234 -108.85 5.85 -22.41
CA VAL A 1234 -107.91 6.90 -22.78
C VAL A 1234 -108.66 8.23 -22.87
N THR A 1235 -107.95 9.33 -22.57
CA THR A 1235 -108.62 10.63 -22.58
C THR A 1235 -108.79 11.20 -23.97
N THR A 1236 -108.20 10.57 -25.00
CA THR A 1236 -108.55 10.75 -26.42
C THR A 1236 -108.40 12.19 -26.88
N TRP A 1237 -107.14 12.59 -26.98
CA TRP A 1237 -106.80 13.91 -27.50
C TRP A 1237 -107.31 14.09 -28.92
N PHE A 1238 -107.79 15.30 -29.21
CA PHE A 1238 -108.45 15.51 -30.49
C PHE A 1238 -108.12 16.88 -31.02
N SER A 1239 -108.45 17.10 -32.28
CA SER A 1239 -108.07 18.30 -33.00
C SER A 1239 -108.94 19.49 -32.59
N LYS A 1240 -108.29 20.65 -32.50
CA LYS A 1240 -108.98 21.93 -32.36
C LYS A 1240 -109.45 22.38 -33.73
N SER A 1241 -110.49 23.21 -33.77
CA SER A 1241 -111.02 23.74 -35.01
C SER A 1241 -111.27 25.25 -34.92
N LEU A 1242 -110.69 25.92 -33.92
CA LEU A 1242 -110.86 27.36 -33.78
C LEU A 1242 -109.50 27.99 -33.99
N PRO A 1243 -109.42 29.10 -34.74
CA PRO A 1243 -108.12 29.74 -35.00
C PRO A 1243 -107.48 30.34 -33.76
N GLN A 1244 -106.99 29.46 -32.90
CA GLN A 1244 -106.26 29.90 -31.73
C GLN A 1244 -104.88 30.40 -32.13
N PHE A 1245 -104.47 31.46 -31.46
CA PHE A 1245 -103.22 32.15 -31.69
C PHE A 1245 -102.04 31.22 -31.40
N GLU A 1246 -101.06 31.26 -32.30
CA GLU A 1246 -99.92 30.39 -32.08
C GLU A 1246 -98.69 31.17 -32.50
N PRO A 1247 -97.73 31.40 -31.61
CA PRO A 1247 -96.50 32.09 -31.98
C PRO A 1247 -95.73 31.30 -33.02
N VAL A 1248 -95.18 32.04 -33.97
CA VAL A 1248 -94.62 31.52 -35.22
C VAL A 1248 -93.45 30.60 -34.92
N PRO A 1249 -93.40 29.41 -35.50
CA PRO A 1249 -92.26 28.53 -35.29
C PRO A 1249 -91.01 29.15 -35.89
N PRO A 1250 -89.84 28.92 -35.29
CA PRO A 1250 -88.59 29.40 -35.89
C PRO A 1250 -88.30 28.73 -37.21
N GLU A 1251 -88.79 27.51 -37.42
CA GLU A 1251 -88.73 26.86 -38.72
C GLU A 1251 -90.09 27.02 -39.39
N HIS A 1252 -90.21 28.04 -40.21
CA HIS A 1252 -91.18 27.99 -41.27
C HIS A 1252 -90.41 28.07 -42.58
N PRO A 1253 -90.85 27.36 -43.63
CA PRO A 1253 -90.12 27.41 -44.91
C PRO A 1253 -90.00 28.79 -45.51
N HIS A 1254 -91.11 29.45 -45.81
CA HIS A 1254 -91.04 30.74 -46.46
C HIS A 1254 -91.43 31.90 -45.55
N TYR A 1255 -91.57 31.66 -44.25
CA TYR A 1255 -91.86 32.73 -43.30
C TYR A 1255 -90.67 32.90 -42.39
N GLU A 1256 -90.30 34.16 -42.16
CA GLU A 1256 -89.15 34.50 -41.34
C GLU A 1256 -89.31 35.94 -40.85
N VAL A 1257 -88.72 36.23 -39.69
CA VAL A 1257 -88.69 37.59 -39.16
C VAL A 1257 -87.24 37.89 -38.82
N ALA A 1258 -86.95 39.19 -38.68
CA ALA A 1258 -85.60 39.65 -38.42
C ALA A 1258 -85.65 40.67 -37.29
N ARG A 1259 -84.88 40.41 -36.25
CA ARG A 1259 -84.71 41.36 -35.16
C ARG A 1259 -83.85 42.52 -35.63
N MET A 1260 -84.31 43.74 -35.38
CA MET A 1260 -83.56 44.93 -35.74
C MET A 1260 -82.96 45.57 -34.51
N ASP A 1261 -81.86 46.28 -34.72
CA ASP A 1261 -81.19 47.01 -33.65
C ASP A 1261 -81.70 48.44 -33.63
N GLY A 1262 -81.79 49.00 -32.42
CA GLY A 1262 -82.16 50.39 -32.28
C GLY A 1262 -80.98 51.28 -32.58
N THR A 1263 -80.98 51.90 -33.76
CA THR A 1263 -79.87 52.74 -34.16
C THR A 1263 -80.12 54.16 -33.68
N VAL A 1264 -79.17 55.04 -34.00
CA VAL A 1264 -79.40 56.46 -33.81
C VAL A 1264 -80.50 56.95 -34.73
N ASP A 1265 -80.61 56.37 -35.92
CA ASP A 1265 -81.69 56.68 -36.85
C ASP A 1265 -82.92 55.81 -36.67
N THR A 1266 -82.77 54.54 -36.29
CA THR A 1266 -83.91 53.66 -36.27
C THR A 1266 -84.20 53.16 -34.87
N PRO A 1267 -85.46 53.06 -34.47
CA PRO A 1267 -85.84 52.28 -33.30
C PRO A 1267 -85.73 50.80 -33.61
N PRO A 1268 -85.67 49.91 -32.60
CA PRO A 1268 -85.62 48.48 -32.89
C PRO A 1268 -86.94 47.98 -33.45
N CYS A 1269 -86.84 47.14 -34.48
CA CYS A 1269 -88.00 46.72 -35.25
C CYS A 1269 -88.03 45.20 -35.39
N LEU A 1270 -89.18 44.72 -35.84
CA LEU A 1270 -89.40 43.34 -36.22
C LEU A 1270 -89.67 43.39 -37.71
N ARG A 1271 -88.67 43.07 -38.53
CA ARG A 1271 -88.88 43.07 -39.96
C ARG A 1271 -89.35 41.70 -40.41
N LEU A 1272 -90.61 41.62 -40.82
CA LEU A 1272 -91.10 40.40 -41.43
C LEU A 1272 -90.50 40.30 -42.82
N ALA A 1273 -90.05 39.11 -43.19
CA ALA A 1273 -89.56 38.84 -44.52
C ALA A 1273 -90.17 37.53 -45.00
N HIS A 1274 -89.94 37.23 -46.28
CA HIS A 1274 -90.63 36.14 -46.93
C HIS A 1274 -89.80 35.65 -48.10
N ARG A 1275 -89.80 34.34 -48.32
CA ARG A 1275 -89.19 33.76 -49.52
C ARG A 1275 -90.11 34.05 -50.70
N THR A 1276 -89.99 35.28 -51.21
CA THR A 1276 -90.90 35.82 -52.21
C THR A 1276 -90.57 35.19 -53.56
N TRP A 1277 -90.99 33.94 -53.71
CA TRP A 1277 -90.63 33.16 -54.89
C TRP A 1277 -91.76 32.24 -55.31
N GLY A 1278 -91.47 31.33 -56.23
CA GLY A 1278 -92.50 30.44 -56.75
C GLY A 1278 -92.70 29.23 -55.85
N SER A 1279 -93.62 28.35 -56.26
CA SER A 1279 -93.90 27.05 -55.66
C SER A 1279 -94.43 27.12 -54.22
N GLN A 1280 -94.74 28.32 -53.74
CA GLN A 1280 -95.23 28.52 -52.38
C GLN A 1280 -95.97 29.85 -52.32
N ASN A 1281 -97.22 29.79 -51.87
CA ASN A 1281 -98.03 31.00 -51.71
C ASN A 1281 -99.10 30.76 -50.65
N SER A 1282 -99.69 31.83 -50.13
CA SER A 1282 -100.64 31.72 -49.03
C SER A 1282 -101.56 32.93 -49.03
N LEU A 1283 -102.53 32.91 -48.12
CA LEU A 1283 -103.55 33.93 -48.00
C LEU A 1283 -103.15 35.02 -47.01
N VAL A 1284 -104.12 35.80 -46.57
CA VAL A 1284 -103.90 36.89 -45.61
C VAL A 1284 -103.45 36.31 -44.27
N GLU A 1285 -102.21 36.57 -43.91
CA GLU A 1285 -101.63 36.08 -42.66
C GLU A 1285 -102.12 36.95 -41.51
N MET A 1286 -103.09 36.44 -40.75
CA MET A 1286 -103.58 37.17 -39.60
C MET A 1286 -102.59 37.06 -38.45
N LEU A 1287 -101.63 37.98 -38.40
CA LEU A 1287 -100.61 37.96 -37.37
C LEU A 1287 -101.04 38.79 -36.17
N PHE A 1288 -100.58 38.38 -34.99
CA PHE A 1288 -101.01 39.05 -33.77
C PHE A 1288 -99.91 38.93 -32.72
N LEU A 1289 -99.45 40.08 -32.23
CA LEU A 1289 -98.40 40.07 -31.22
C LEU A 1289 -98.96 39.66 -29.87
N ARG A 1290 -98.07 39.30 -28.96
CA ARG A 1290 -98.44 38.99 -27.58
C ARG A 1290 -98.57 40.28 -26.76
N LEU A 1291 -99.69 40.95 -26.97
CA LEU A 1291 -99.99 42.19 -26.27
C LEU A 1291 -101.31 42.06 -25.53
N SER A 1292 -101.34 42.63 -24.33
CA SER A 1292 -102.59 42.77 -23.58
C SER A 1292 -102.54 44.15 -22.96
N LEU A 1293 -102.96 45.16 -23.71
CA LEU A 1293 -102.88 46.54 -23.28
C LEU A 1293 -103.98 46.78 -22.25
N PRO A 1294 -103.67 46.52 -20.99
CA PRO A 1294 -104.62 46.67 -19.90
C PRO A 1294 -104.98 48.13 -19.71
N VAL A 1295 -106.24 48.45 -19.94
CA VAL A 1295 -106.71 49.81 -19.77
C VAL A 1295 -106.74 50.16 -18.27
N GLN A 1296 -106.77 51.45 -17.99
CA GLN A 1296 -106.25 51.96 -16.72
C GLN A 1296 -107.29 52.08 -15.61
N PHE A 1297 -108.44 51.44 -15.69
CA PHE A 1297 -109.39 51.49 -14.58
C PHE A 1297 -109.68 50.10 -14.03
N UNK A 1438 -112.69 54.47 -13.55
CA UNK A 1438 -111.65 55.08 -12.72
C UNK A 1438 -110.60 55.75 -13.59
N UNK A 1439 -110.70 55.57 -14.90
CA UNK A 1439 -109.78 56.21 -15.84
C UNK A 1439 -110.47 56.35 -17.19
N UNK A 1440 -109.73 56.91 -18.14
CA UNK A 1440 -110.25 57.15 -19.49
C UNK A 1440 -109.20 56.70 -20.49
N UNK A 1441 -109.40 55.54 -21.09
CA UNK A 1441 -108.54 55.03 -22.14
C UNK A 1441 -109.15 55.42 -23.48
N UNK A 1442 -108.57 56.42 -24.13
CA UNK A 1442 -109.06 56.92 -25.42
C UNK A 1442 -107.84 56.99 -26.36
N UNK A 1443 -107.75 56.00 -27.24
CA UNK A 1443 -106.59 55.91 -28.12
C UNK A 1443 -106.87 56.58 -29.45
N UNK A 1444 -105.82 56.68 -30.26
CA UNK A 1444 -105.95 57.32 -31.58
C UNK A 1444 -104.87 56.74 -32.48
N UNK A 1445 -105.29 56.11 -33.57
CA UNK A 1445 -104.34 55.74 -34.61
C UNK A 1445 -104.11 56.90 -35.55
N UNK A 1446 -102.86 57.29 -35.73
CA UNK A 1446 -102.49 58.43 -36.54
C UNK A 1446 -101.83 57.95 -37.82
N UNK A 1447 -102.10 58.68 -38.91
CA UNK A 1447 -101.47 58.39 -40.19
C UNK A 1447 -100.08 59.00 -40.24
N UNK A 1448 -99.50 59.09 -41.44
CA UNK A 1448 -98.25 59.82 -41.62
C UNK A 1448 -98.40 61.29 -41.25
N UNK A 1449 -99.48 61.93 -41.68
CA UNK A 1449 -99.79 63.28 -41.23
C UNK A 1449 -101.22 63.35 -40.73
N UNK A 1450 -102.11 62.57 -41.35
CA UNK A 1450 -103.54 62.65 -41.07
C UNK A 1450 -103.86 61.98 -39.74
N UNK A 1451 -105.12 62.10 -39.32
CA UNK A 1451 -105.54 61.56 -38.02
C UNK A 1451 -106.86 60.83 -38.22
N UNK A 1452 -106.80 59.51 -38.31
CA UNK A 1452 -107.99 58.67 -38.25
C UNK A 1452 -108.50 58.76 -36.82
N UNK A 1453 -109.80 58.99 -36.69
CA UNK A 1453 -110.39 59.32 -35.40
C UNK A 1453 -110.61 58.11 -34.52
N UNK A 1454 -111.46 58.27 -33.51
CA UNK A 1454 -111.86 57.25 -32.54
C UNK A 1454 -112.72 56.17 -33.19
N UNK A 1455 -113.39 55.37 -32.33
CA UNK A 1455 -113.46 53.89 -32.32
C UNK A 1455 -112.30 53.32 -31.52
N UNK A 1456 -111.59 54.21 -30.83
CA UNK A 1456 -110.88 53.81 -29.63
C UNK A 1456 -111.03 54.92 -28.60
N UNK A 1457 -112.12 54.90 -27.85
CA UNK A 1457 -112.33 55.98 -26.88
C UNK A 1457 -113.03 55.50 -25.62
N UNK A 1458 -113.37 54.21 -25.56
CA UNK A 1458 -114.25 53.70 -24.50
C UNK A 1458 -113.64 52.41 -23.96
N UNK A 1459 -112.81 52.56 -22.93
CA UNK A 1459 -112.18 51.42 -22.30
C UNK A 1459 -111.85 51.77 -20.86
N UNK A 1460 -112.20 50.87 -19.95
CA UNK A 1460 -111.89 51.05 -18.54
C UNK A 1460 -110.73 50.19 -18.09
N UNK A 1461 -110.84 48.86 -18.19
CA UNK A 1461 -109.78 47.99 -17.72
C UNK A 1461 -109.54 46.84 -18.69
N UNK A 1462 -109.93 47.04 -19.94
CA UNK A 1462 -109.80 45.98 -20.93
C UNK A 1462 -108.34 45.83 -21.35
N UNK A 1463 -107.97 44.63 -21.80
CA UNK A 1463 -106.60 44.30 -22.19
C UNK A 1463 -106.59 44.03 -23.68
N UNK A 1464 -105.92 44.89 -24.44
CA UNK A 1464 -106.00 44.89 -25.89
C UNK A 1464 -104.69 44.44 -26.51
N UNK A 1465 -104.78 43.76 -27.64
CA UNK A 1465 -103.60 43.29 -28.35
C UNK A 1465 -103.19 44.29 -29.42
N UNK A 1466 -102.02 44.06 -29.99
CA UNK A 1466 -101.67 44.72 -31.24
C UNK A 1466 -101.88 43.73 -32.37
N UNK A 1467 -102.54 44.18 -33.44
CA UNK A 1467 -103.00 43.25 -34.46
C UNK A 1467 -102.44 43.63 -35.81
N UNK A 1468 -102.18 42.60 -36.62
CA UNK A 1468 -101.77 42.80 -38.00
C UNK A 1468 -102.26 41.66 -38.88
N UNK A 1469 -103.45 41.80 -39.45
CA UNK A 1469 -103.94 40.80 -40.39
C UNK A 1469 -103.38 41.10 -41.77
N UNK A 1470 -102.09 40.84 -41.95
CA UNK A 1470 -101.38 41.22 -43.16
C UNK A 1470 -101.65 40.20 -44.25
N UNK A 1471 -101.42 40.60 -45.49
CA UNK A 1471 -101.59 39.72 -46.64
C UNK A 1471 -100.30 39.69 -47.44
N UNK A 1472 -100.19 38.71 -48.34
CA UNK A 1472 -98.97 38.54 -49.10
C UNK A 1472 -98.87 39.57 -50.21
N UNK A 1473 -97.63 40.00 -50.48
CA UNK A 1473 -97.37 40.93 -51.57
C UNK A 1473 -96.20 40.48 -52.43
N UNK A 1474 -95.60 39.33 -52.09
CA UNK A 1474 -94.45 38.73 -52.80
C UNK A 1474 -93.28 39.71 -52.91
N UNK A 1475 -93.10 40.50 -51.86
CA UNK A 1475 -92.07 41.52 -51.86
C UNK A 1475 -91.49 41.65 -50.46
N UNK A 1476 -90.72 42.72 -50.23
CA UNK A 1476 -90.17 43.02 -48.91
C UNK A 1476 -91.31 43.44 -48.01
N UNK A 1477 -91.55 42.67 -46.95
CA UNK A 1477 -92.69 42.96 -46.09
C UNK A 1477 -92.37 44.06 -45.08
N UNK A 1478 -93.23 44.18 -44.07
CA UNK A 1478 -93.16 45.29 -43.15
C UNK A 1478 -92.04 45.11 -42.12
N UNK A 1479 -91.91 46.13 -41.27
CA UNK A 1479 -90.98 46.14 -40.15
C UNK A 1479 -91.65 46.96 -39.05
N UNK A 1480 -92.30 46.26 -38.13
CA UNK A 1480 -92.98 46.91 -37.01
C UNK A 1480 -91.93 47.41 -36.03
N UNK A 1481 -91.72 48.71 -35.99
CA UNK A 1481 -90.75 49.30 -35.09
C UNK A 1481 -91.40 49.64 -33.76
N UNK A 1482 -90.56 49.70 -32.72
CA UNK A 1482 -91.00 50.09 -31.39
C UNK A 1482 -90.40 51.46 -31.13
N UNK A 1483 -91.12 52.50 -31.52
CA UNK A 1483 -90.62 53.86 -31.51
C UNK A 1483 -91.20 54.65 -30.35
N UNK A 1484 -90.73 55.87 -30.23
CA UNK A 1484 -91.24 56.85 -29.28
C UNK A 1484 -91.26 58.23 -29.93
N UNK A 1485 -92.04 59.12 -29.33
CA UNK A 1485 -92.12 60.51 -29.77
C UNK A 1485 -91.98 61.41 -28.56
N UNK A 1486 -92.32 62.67 -28.74
CA UNK A 1486 -92.53 63.58 -27.62
C UNK A 1486 -93.93 63.47 -27.03
N UNK A 1487 -94.59 62.32 -27.21
CA UNK A 1487 -95.99 62.13 -26.85
C UNK A 1487 -96.11 60.73 -26.26
N UNK A 1488 -97.31 60.18 -26.16
CA UNK A 1488 -97.58 58.93 -25.47
C UNK A 1488 -97.06 57.74 -26.27
N UNK A 1489 -97.42 56.53 -25.79
CA UNK A 1489 -96.86 55.27 -26.28
C UNK A 1489 -97.23 55.03 -27.74
N UNK A 1490 -96.21 54.81 -28.57
CA UNK A 1490 -96.38 54.67 -30.01
C UNK A 1490 -95.60 53.45 -30.49
N UNK A 1491 -96.01 52.94 -31.66
CA UNK A 1491 -95.35 51.80 -32.32
C UNK A 1491 -95.59 51.92 -33.81
N UNK A 1492 -94.58 52.38 -34.54
CA UNK A 1492 -94.71 52.55 -35.98
C UNK A 1492 -94.50 51.21 -36.70
N UNK A 1493 -94.74 51.24 -38.01
CA UNK A 1493 -94.48 50.06 -38.84
C UNK A 1493 -94.25 50.56 -40.28
N UNK A 1494 -92.99 50.60 -40.69
CA UNK A 1494 -92.69 50.82 -42.10
C UNK A 1494 -93.05 49.56 -42.89
N UNK A 1495 -93.30 49.74 -44.18
CA UNK A 1495 -93.75 48.60 -44.99
C UNK A 1495 -93.43 48.85 -46.45
N UNK A 1496 -93.51 47.77 -47.24
CA UNK A 1496 -93.40 47.89 -48.69
C UNK A 1496 -94.38 46.97 -49.41
N UNK A 1497 -95.45 46.54 -48.76
CA UNK A 1497 -96.49 45.70 -49.34
C UNK A 1497 -97.50 46.57 -50.08
N UNK A 1498 -98.53 45.93 -50.62
CA UNK A 1498 -99.53 46.66 -51.39
C UNK A 1498 -100.68 47.14 -50.51
N UNK A 1499 -101.43 46.21 -49.92
CA UNK A 1499 -102.60 46.55 -49.10
C UNK A 1499 -102.87 45.40 -48.14
N UNK A 1500 -103.23 45.75 -46.90
CA UNK A 1500 -103.52 44.77 -45.87
C UNK A 1500 -104.35 45.44 -44.79
N UNK A 1501 -105.07 44.66 -44.00
CA UNK A 1501 -105.83 45.20 -42.89
C UNK A 1501 -104.98 45.23 -41.61
N UNK A 1502 -105.03 46.35 -40.91
CA UNK A 1502 -104.29 46.53 -39.68
C UNK A 1502 -105.23 46.96 -38.56
N UNK A 1503 -104.82 46.69 -37.33
CA UNK A 1503 -105.71 46.89 -36.20
C UNK A 1503 -104.89 47.00 -34.92
N UNK A 1504 -105.59 47.09 -33.80
CA UNK A 1504 -105.02 46.82 -32.47
C UNK A 1504 -106.13 46.08 -31.72
N UNK A 1505 -106.06 44.76 -31.76
CA UNK A 1505 -107.18 43.92 -31.36
C UNK A 1505 -107.34 43.88 -29.85
N UNK A 1506 -108.38 43.19 -29.41
CA UNK A 1506 -108.46 42.76 -28.02
C UNK A 1506 -107.75 41.41 -27.92
N UNK A 1507 -107.97 40.73 -26.80
CA UNK A 1507 -107.55 39.34 -26.68
C UNK A 1507 -108.75 38.42 -26.96
N UNK A 1508 -109.51 38.77 -27.99
CA UNK A 1508 -110.80 38.14 -28.26
C UNK A 1508 -110.98 37.83 -29.73
N UNK A 1509 -109.87 37.71 -30.46
CA UNK A 1509 -109.96 37.57 -31.90
C UNK A 1509 -109.83 36.11 -32.32
N UNK A 1510 -110.56 35.76 -33.38
CA UNK A 1510 -110.44 34.47 -34.05
C UNK A 1510 -110.73 34.67 -35.52
N UNK A 1511 -109.69 34.77 -36.34
CA UNK A 1511 -109.84 35.28 -37.70
C UNK A 1511 -110.38 34.24 -38.68
N UNK A 1512 -110.32 34.58 -39.96
CA UNK A 1512 -110.96 33.80 -41.01
C UNK A 1512 -110.18 33.93 -42.31
N UNK A 1513 -110.83 33.63 -43.42
CA UNK A 1513 -110.25 33.73 -44.76
C UNK A 1513 -110.34 35.18 -45.23
N UNK A 1514 -110.21 35.47 -46.53
CA UNK A 1514 -110.11 36.84 -47.04
C UNK A 1514 -111.39 37.63 -46.75
N UNK A 1515 -111.26 38.63 -45.87
CA UNK A 1515 -112.35 39.53 -45.52
C UNK A 1515 -111.74 40.86 -45.08
N UNK A 1516 -112.46 41.94 -45.33
CA UNK A 1516 -111.92 43.27 -45.07
C UNK A 1516 -112.78 44.04 -44.09
N UNK A 1517 -114.00 43.57 -43.86
CA UNK A 1517 -114.93 44.26 -42.99
C UNK A 1517 -115.84 43.26 -42.30
N UNK A 1518 -116.99 43.74 -41.80
CA UNK A 1518 -118.01 42.96 -41.09
C UNK A 1518 -117.42 42.26 -39.87
N UNK A 1519 -116.92 43.08 -38.94
CA UNK A 1519 -116.20 42.62 -37.78
C UNK A 1519 -117.09 42.13 -36.63
N UNK A 1520 -118.41 42.05 -36.87
CA UNK A 1520 -119.41 41.52 -35.94
C UNK A 1520 -119.43 42.23 -34.59
N UNK A 1521 -119.72 43.54 -34.61
CA UNK A 1521 -119.92 44.29 -33.39
C UNK A 1521 -121.38 44.19 -32.98
N UNK A 1522 -121.77 44.99 -31.99
CA UNK A 1522 -123.16 45.11 -31.60
C UNK A 1522 -123.38 46.51 -31.04
N UNK A 1523 -124.57 46.76 -30.50
CA UNK A 1523 -124.85 48.03 -29.84
C UNK A 1523 -125.83 47.81 -28.72
N UNK A 1524 -125.31 47.88 -27.49
CA UNK A 1524 -126.15 47.81 -26.31
C UNK A 1524 -126.83 49.15 -26.08
N UNK A 1525 -127.96 49.10 -25.38
CA UNK A 1525 -128.74 50.31 -25.10
C UNK A 1525 -129.58 50.02 -23.86
N UNK A 1526 -129.26 50.71 -22.77
CA UNK A 1526 -129.99 50.59 -21.51
C UNK A 1526 -130.64 51.93 -21.21
N UNK A 1527 -131.94 52.05 -21.51
CA UNK A 1527 -132.65 53.28 -21.18
C UNK A 1527 -133.06 53.23 -19.70
N UNK A 1528 -133.60 54.33 -19.19
CA UNK A 1528 -133.89 54.41 -17.77
C UNK A 1528 -135.19 53.72 -17.41
N UNK A 1529 -136.33 54.27 -17.85
CA UNK A 1529 -137.62 53.69 -17.47
C UNK A 1529 -138.40 53.17 -18.67
N UNK A 1530 -138.78 54.03 -19.62
CA UNK A 1530 -139.37 53.53 -20.85
C UNK A 1530 -138.39 53.67 -22.00
N UNK A 1531 -138.03 54.90 -22.35
CA UNK A 1531 -136.97 55.19 -23.31
C UNK A 1531 -136.25 56.48 -22.97
N UNK A 1532 -136.35 56.92 -21.71
CA UNK A 1532 -136.07 58.32 -21.40
C UNK A 1532 -134.58 58.67 -21.37
N UNK A 1533 -133.85 58.09 -20.44
CA UNK A 1533 -132.42 58.37 -20.34
C UNK A 1533 -131.63 57.14 -20.75
N UNK A 1534 -131.04 57.20 -21.93
CA UNK A 1534 -130.38 56.02 -22.48
C UNK A 1534 -128.89 56.02 -22.17
N UNK A 1535 -128.36 54.81 -21.95
CA UNK A 1535 -126.95 54.54 -21.86
C UNK A 1535 -126.68 53.50 -22.95
N UNK A 1536 -126.36 53.98 -24.14
CA UNK A 1536 -126.15 53.10 -25.28
C UNK A 1536 -124.70 53.19 -25.72
N UNK A 1537 -124.19 52.11 -26.30
CA UNK A 1537 -122.82 52.05 -26.76
C UNK A 1537 -122.69 50.97 -27.82
N UNK A 1538 -121.68 51.12 -28.67
CA UNK A 1538 -121.23 50.00 -29.47
C UNK A 1538 -120.58 48.97 -28.56
N UNK A 1539 -120.62 47.72 -28.99
CA UNK A 1539 -120.27 46.62 -28.11
C UNK A 1539 -118.96 45.94 -28.48
N UNK A 1540 -117.95 46.71 -28.89
CA UNK A 1540 -116.55 46.32 -28.89
C UNK A 1540 -116.22 45.09 -29.73
N UNK A 1541 -116.30 45.21 -31.05
CA UNK A 1541 -115.77 44.18 -31.93
C UNK A 1541 -114.29 43.92 -31.65
N UNK A 1542 -113.86 42.69 -31.90
CA UNK A 1542 -112.61 42.14 -31.38
C UNK A 1542 -111.36 42.85 -31.88
N UNK A 1543 -111.46 43.67 -32.92
CA UNK A 1543 -110.32 44.41 -33.43
C UNK A 1543 -110.73 45.71 -34.12
N UNK A 1544 -109.81 46.27 -34.92
CA UNK A 1544 -110.06 47.40 -35.79
C UNK A 1544 -109.84 46.96 -37.24
N UNK A 1545 -109.81 47.91 -38.18
CA UNK A 1545 -109.58 47.55 -39.57
C UNK A 1545 -108.86 48.69 -40.27
N UNK A 1546 -107.87 48.33 -41.09
CA UNK A 1546 -107.18 49.30 -41.93
C UNK A 1546 -106.97 48.73 -43.32
N UNK A 1547 -107.98 48.00 -43.84
CA UNK A 1547 -107.88 47.31 -45.11
C UNK A 1547 -107.84 48.31 -46.25
N UNK A 1548 -106.63 48.57 -46.76
CA UNK A 1548 -106.35 49.50 -47.85
C UNK A 1548 -106.87 50.90 -47.54
N UNK A 1549 -106.28 51.52 -46.52
CA UNK A 1549 -106.77 52.81 -46.06
C UNK A 1549 -106.29 53.95 -46.96
N UNK A 1550 -105.09 53.83 -47.53
CA UNK A 1550 -104.52 54.91 -48.32
C UNK A 1550 -105.15 54.99 -49.69
N UNK A 1551 -105.55 56.19 -50.09
CA UNK A 1551 -106.13 56.45 -51.40
C UNK A 1551 -105.10 57.14 -52.29
N UNK A 1552 -104.29 56.33 -52.96
CA UNK A 1552 -103.22 56.84 -53.80
C UNK A 1552 -103.45 56.42 -55.26
N UNK A 1553 -102.48 56.72 -56.11
CA UNK A 1553 -102.53 56.35 -57.52
C UNK A 1553 -101.97 54.94 -57.70
N UNK A 1554 -101.72 54.55 -58.94
CA UNK A 1554 -101.21 53.22 -59.25
C UNK A 1554 -99.69 53.15 -59.35
N UNK A 1555 -98.97 54.11 -58.77
CA UNK A 1555 -97.52 54.15 -58.91
C UNK A 1555 -96.78 54.28 -57.59
N UNK A 1556 -97.14 53.46 -56.59
CA UNK A 1556 -96.52 53.53 -55.27
C UNK A 1556 -95.08 53.03 -55.26
N UNK A 1557 -94.20 53.73 -54.56
CA UNK A 1557 -92.80 53.33 -54.48
C UNK A 1557 -92.25 53.43 -53.06
N UNK A 1558 -92.94 54.15 -52.18
CA UNK A 1558 -92.39 54.50 -50.88
C UNK A 1558 -93.03 53.66 -49.76
N UNK A 1559 -92.69 53.99 -48.52
CA UNK A 1559 -93.16 53.29 -47.34
C UNK A 1559 -94.25 54.10 -46.63
N UNK A 1560 -94.89 53.45 -45.66
CA UNK A 1560 -95.92 54.10 -44.86
C UNK A 1560 -95.49 54.09 -43.39
N UNK A 1561 -95.91 55.10 -42.63
CA UNK A 1561 -95.46 55.25 -41.26
C UNK A 1561 -96.63 55.65 -40.35
N UNK A 1562 -97.75 54.96 -40.49
CA UNK A 1562 -98.89 55.17 -39.59
C UNK A 1562 -98.58 54.55 -38.24
N UNK A 1563 -98.78 55.31 -37.17
CA UNK A 1563 -98.49 54.85 -35.82
C UNK A 1563 -99.75 54.94 -34.97
N UNK A 1564 -99.63 54.70 -33.66
CA UNK A 1564 -100.77 54.77 -32.76
C UNK A 1564 -100.36 55.56 -31.52
N UNK A 1565 -101.35 55.93 -30.72
CA UNK A 1565 -101.09 56.58 -29.44
C UNK A 1565 -102.22 56.20 -28.50
N UNK A 1566 -101.88 56.10 -27.21
CA UNK A 1566 -102.82 55.63 -26.21
C UNK A 1566 -102.99 56.70 -25.15
N UNK A 1567 -103.79 56.39 -24.12
CA UNK A 1567 -104.01 57.29 -23.02
C UNK A 1567 -102.91 57.16 -21.97
N UNK A 1568 -101.67 57.42 -22.37
CA UNK A 1568 -100.52 57.39 -21.48
C UNK A 1568 -100.13 58.82 -21.14
N UNK A 1569 -99.61 59.03 -19.94
CA UNK A 1569 -99.32 60.37 -19.44
C UNK A 1569 -97.99 60.87 -20.00
N UNK A 1570 -97.60 62.05 -19.53
CA UNK A 1570 -96.37 62.70 -19.95
C UNK A 1570 -95.58 63.14 -18.73
N UNK A 1571 -94.27 63.28 -18.92
CA UNK A 1571 -93.39 63.73 -17.85
C UNK A 1571 -92.27 64.55 -18.49
N UNK A 1572 -92.35 65.86 -18.33
CA UNK A 1572 -91.32 66.74 -18.86
C UNK A 1572 -90.98 67.81 -17.85
N MET A 1573 -94.12 57.05 -22.43
CA MET A 1573 -94.02 57.76 -23.70
C MET A 1573 -93.49 56.89 -24.87
N PRO A 1574 -92.54 55.94 -24.63
CA PRO A 1574 -92.39 54.86 -25.61
C PRO A 1574 -93.45 53.79 -25.38
N LEU A 1575 -93.43 52.76 -26.21
CA LEU A 1575 -94.37 51.67 -26.01
C LEU A 1575 -93.96 50.78 -24.84
N SER A 1576 -92.66 50.54 -24.68
CA SER A 1576 -92.17 49.66 -23.61
C SER A 1576 -92.26 50.31 -22.23
N ALA A 1577 -92.51 51.62 -22.17
CA ALA A 1577 -92.68 52.27 -20.88
C ALA A 1577 -94.06 52.01 -20.28
N ALA A 1578 -94.98 51.41 -21.05
CA ALA A 1578 -96.36 51.34 -20.60
C ALA A 1578 -96.67 50.11 -19.76
N MET A 1579 -96.22 48.93 -20.16
CA MET A 1579 -96.73 47.70 -19.57
C MET A 1579 -95.85 47.20 -18.44
N PHE A 1580 -94.54 47.29 -18.64
CA PHE A 1580 -93.62 46.45 -17.89
C PHE A 1580 -93.42 46.92 -16.45
N LEU A 1581 -93.90 48.12 -16.11
CA LEU A 1581 -94.19 48.57 -14.75
C LEU A 1581 -92.94 48.87 -13.91
N SER A 1582 -91.78 48.45 -14.38
CA SER A 1582 -90.50 48.92 -13.91
C SER A 1582 -89.84 49.82 -14.93
N GLU A 1583 -90.16 49.62 -16.21
CA GLU A 1583 -89.93 50.60 -17.24
C GLU A 1583 -91.04 51.66 -17.27
N ARG A 1584 -92.01 51.54 -16.37
CA ARG A 1584 -92.96 52.62 -16.15
C ARG A 1584 -92.26 53.87 -15.64
N LYS A 1585 -91.19 53.70 -14.87
CA LYS A 1585 -90.32 54.80 -14.50
C LYS A 1585 -89.13 54.96 -15.44
N ASN A 1586 -88.92 54.00 -16.35
CA ASN A 1586 -87.80 54.08 -17.29
C ASN A 1586 -88.33 54.18 -18.71
N PRO A 1587 -88.57 55.39 -19.22
CA PRO A 1587 -89.19 55.51 -20.56
C PRO A 1587 -88.22 55.24 -21.71
N ALA A 1588 -87.72 54.02 -21.79
CA ALA A 1588 -86.91 53.65 -22.93
C ALA A 1588 -87.57 52.54 -23.73
N PRO A 1589 -87.63 52.64 -25.05
CA PRO A 1589 -88.21 51.55 -25.85
C PRO A 1589 -87.28 50.36 -25.93
N GLN A 1590 -87.83 49.18 -25.68
CA GLN A 1590 -87.06 47.94 -25.60
C GLN A 1590 -87.80 46.83 -26.33
N CYS A 1591 -87.16 45.67 -26.39
CA CYS A 1591 -87.78 44.49 -27.00
C CYS A 1591 -87.43 43.26 -26.17
N PRO A 1592 -88.26 42.94 -25.18
CA PRO A 1592 -88.08 41.68 -24.46
C PRO A 1592 -88.40 40.50 -25.35
N PRO A 1593 -87.79 39.35 -25.09
CA PRO A 1593 -88.16 38.13 -25.83
C PRO A 1593 -89.57 37.62 -25.53
N ARG A 1594 -90.24 38.15 -24.50
CA ARG A 1594 -91.64 37.83 -24.27
C ARG A 1594 -92.55 38.38 -25.37
N LEU A 1595 -92.10 39.35 -26.14
CA LEU A 1595 -92.90 39.89 -27.24
C LEU A 1595 -92.84 38.91 -28.40
N GLU A 1596 -93.96 38.26 -28.66
CA GLU A 1596 -94.05 37.22 -29.69
C GLU A 1596 -95.29 37.43 -30.54
N VAL A 1597 -95.13 37.31 -31.86
CA VAL A 1597 -96.25 37.45 -32.76
C VAL A 1597 -96.86 36.08 -33.01
N GLN A 1598 -98.17 35.99 -32.88
CA GLN A 1598 -98.89 34.74 -32.97
C GLN A 1598 -99.55 34.59 -34.33
N MET A 1599 -99.26 33.47 -34.99
CA MET A 1599 -99.91 33.10 -36.24
C MET A 1599 -101.00 32.10 -35.84
N LEU A 1600 -102.24 32.57 -35.84
CA LEU A 1600 -103.38 31.77 -35.43
C LEU A 1600 -103.60 30.59 -36.37
N MET A 1601 -104.17 29.52 -35.81
CA MET A 1601 -104.47 28.34 -36.61
C MET A 1601 -105.62 27.56 -36.01
N PRO A 1602 -106.52 27.05 -36.87
CA PRO A 1602 -107.66 26.28 -36.36
C PRO A 1602 -107.35 24.82 -36.16
N VAL A 1603 -106.26 24.53 -35.46
CA VAL A 1603 -105.84 23.15 -35.22
C VAL A 1603 -104.90 23.14 -34.02
N SER A 1604 -105.11 22.18 -33.14
CA SER A 1604 -104.26 21.88 -32.00
C SER A 1604 -104.56 20.44 -31.61
N TRP A 1605 -104.20 20.05 -30.40
CA TRP A 1605 -104.64 18.77 -29.86
C TRP A 1605 -105.31 19.01 -28.52
N SER A 1606 -106.64 18.96 -28.53
CA SER A 1606 -107.46 19.20 -27.36
C SER A 1606 -107.80 17.89 -26.69
N ARG A 1607 -107.93 17.94 -25.37
CA ARG A 1607 -108.19 16.77 -24.56
C ARG A 1607 -109.68 16.54 -24.43
N MET A 1608 -110.11 15.30 -24.50
CA MET A 1608 -111.52 15.01 -24.29
C MET A 1608 -111.77 14.64 -22.83
N PRO A 1609 -112.86 15.12 -22.22
CA PRO A 1609 -113.18 14.72 -20.85
C PRO A 1609 -113.65 13.28 -20.79
N ASN A 1610 -113.21 12.58 -19.75
CA ASN A 1610 -113.69 11.24 -19.48
C ASN A 1610 -115.10 11.23 -18.91
N HIS A 1611 -115.60 12.40 -18.49
CA HIS A 1611 -116.93 12.48 -17.91
C HIS A 1611 -117.63 13.75 -18.37
N PHE A 1612 -118.94 13.69 -18.42
CA PHE A 1612 -119.79 14.82 -18.74
C PHE A 1612 -120.97 14.82 -17.78
N LEU A 1613 -121.94 15.70 -18.03
CA LEU A 1613 -123.15 15.69 -17.24
C LEU A 1613 -124.01 14.50 -17.66
N GLN A 1614 -124.36 13.67 -16.69
CA GLN A 1614 -125.11 12.45 -16.96
C GLN A 1614 -126.55 12.72 -17.38
N VAL A 1615 -127.11 13.87 -17.02
CA VAL A 1615 -128.47 14.20 -17.40
C VAL A 1615 -128.51 15.59 -18.02
N GLU A 1622 -139.37 15.89 -23.48
CA GLU A 1622 -140.43 14.91 -23.29
C GLU A 1622 -141.78 15.49 -23.74
N ARG A 1623 -142.71 15.59 -22.80
CA ARG A 1623 -144.06 16.09 -23.08
C ARG A 1623 -144.23 17.48 -22.49
N LEU A 1624 -145.39 18.08 -22.81
CA LEU A 1624 -145.80 19.42 -22.39
C LEU A 1624 -144.75 20.45 -22.81
N GLY A 1625 -144.58 20.56 -24.12
CA GLY A 1625 -143.55 21.41 -24.66
C GLY A 1625 -142.15 20.87 -24.46
N TRP A 1626 -141.98 19.54 -24.55
CA TRP A 1626 -140.69 18.86 -24.54
C TRP A 1626 -139.90 19.13 -23.25
N ALA A 1627 -140.44 18.55 -22.17
CA ALA A 1627 -139.78 18.58 -20.87
C ALA A 1627 -138.38 17.97 -20.94
N VAL A 1628 -137.39 18.80 -20.69
CA VAL A 1628 -135.99 18.40 -20.75
C VAL A 1628 -135.56 17.99 -19.34
N GLN A 1629 -134.82 16.90 -19.22
CA GLN A 1629 -134.35 16.41 -17.94
C GLN A 1629 -132.85 16.63 -17.80
N CYS A 1630 -132.45 17.28 -16.70
CA CYS A 1630 -131.05 17.48 -16.35
C CYS A 1630 -130.95 17.70 -14.86
N GLN A 1631 -130.37 16.75 -14.14
CA GLN A 1631 -130.28 16.86 -12.69
C GLN A 1631 -128.88 16.60 -12.14
N ASP A 1632 -128.13 15.67 -12.75
CA ASP A 1632 -126.91 15.12 -12.17
C ASP A 1632 -125.74 16.11 -12.23
N PRO A 1633 -125.24 16.55 -11.07
CA PRO A 1633 -124.21 17.60 -11.07
C PRO A 1633 -122.80 17.04 -11.17
N LEU A 1634 -121.91 17.85 -11.76
CA LEU A 1634 -120.50 17.52 -11.92
C LEU A 1634 -119.72 18.79 -12.18
N THR A 1635 -118.53 18.92 -11.57
CA THR A 1635 -117.68 20.08 -11.74
C THR A 1635 -116.31 19.66 -12.23
N MET A 1636 -115.46 20.64 -12.50
CA MET A 1636 -114.10 20.39 -12.94
C MET A 1636 -113.22 21.55 -12.50
N MET A 1637 -111.92 21.30 -12.43
CA MET A 1637 -110.95 22.35 -12.13
C MET A 1637 -109.96 22.50 -13.28
N ALA A 1638 -109.55 23.74 -13.53
CA ALA A 1638 -108.87 24.04 -14.79
C ALA A 1638 -108.13 25.36 -14.66
N LEU A 1639 -106.84 25.33 -15.03
CA LEU A 1639 -105.94 26.46 -14.91
C LEU A 1639 -106.30 27.60 -15.85
N HIS A 1640 -106.41 28.78 -15.26
CA HIS A 1640 -106.54 30.02 -16.04
C HIS A 1640 -105.18 30.69 -16.03
N ILE A 1641 -104.62 30.90 -17.21
CA ILE A 1641 -103.46 31.80 -17.30
C ILE A 1641 -103.95 33.24 -17.41
N PRO A 1642 -103.57 34.12 -16.50
CA PRO A 1642 -103.94 35.53 -16.65
C PRO A 1642 -103.03 36.27 -17.63
N GLU A 1643 -101.80 35.77 -17.82
CA GLU A 1643 -100.88 36.39 -18.75
C GLU A 1643 -101.37 36.33 -20.19
N GLU A 1644 -102.16 35.33 -20.53
CA GLU A 1644 -102.88 35.32 -21.80
C GLU A 1644 -104.33 35.74 -21.62
N ASN A 1645 -104.80 35.80 -20.37
CA ASN A 1645 -106.21 35.89 -19.99
C ASN A 1645 -107.01 34.83 -20.74
N ARG A 1646 -106.66 33.58 -20.47
CA ARG A 1646 -107.49 32.48 -20.89
C ARG A 1646 -107.32 31.32 -19.92
N CYS A 1647 -108.22 30.35 -20.04
CA CYS A 1647 -108.24 29.19 -19.17
C CYS A 1647 -107.93 27.94 -19.98
N MET A 1648 -107.53 26.88 -19.29
CA MET A 1648 -107.20 25.61 -19.91
C MET A 1648 -107.19 24.52 -18.86
N ASP A 1649 -107.17 23.27 -19.34
CA ASP A 1649 -107.26 22.13 -18.44
C ASP A 1649 -105.97 21.96 -17.66
N ILE A 1650 -106.12 21.36 -16.48
CA ILE A 1650 -104.99 20.90 -15.70
C ILE A 1650 -104.26 19.75 -16.40
N LEU A 1651 -104.92 19.04 -17.31
CA LEU A 1651 -104.28 17.94 -17.99
C LEU A 1651 -103.94 18.27 -19.44
N GLU A 1652 -103.99 19.54 -19.81
CA GLU A 1652 -103.27 20.03 -20.98
C GLU A 1652 -101.77 20.14 -20.73
N LEU A 1653 -101.33 20.02 -19.48
CA LEU A 1653 -99.94 20.24 -19.12
C LEU A 1653 -99.09 19.03 -19.44
N SER A 1654 -99.69 17.84 -19.42
CA SER A 1654 -99.10 16.62 -19.96
C SER A 1654 -99.10 16.59 -21.48
N GLU A 1655 -99.60 17.64 -22.13
CA GLU A 1655 -99.38 17.92 -23.54
C GLU A 1655 -98.34 19.01 -23.75
N ARG A 1656 -98.28 19.98 -22.83
CA ARG A 1656 -97.31 21.06 -22.98
C ARG A 1656 -95.89 20.59 -22.75
N LEU A 1657 -95.66 19.87 -21.64
CA LEU A 1657 -94.41 19.28 -21.19
C LEU A 1657 -93.34 20.31 -20.86
N ASP A 1658 -93.66 21.56 -20.84
CA ASP A 1658 -92.76 22.63 -20.41
C ASP A 1658 -93.41 23.54 -19.39
N LEU A 1659 -94.69 23.87 -19.57
CA LEU A 1659 -95.41 24.66 -18.59
C LEU A 1659 -95.71 23.84 -17.36
N GLN A 1660 -95.97 22.54 -17.55
CA GLN A 1660 -95.98 21.61 -16.43
C GLN A 1660 -94.65 21.59 -15.73
N ARG A 1661 -93.57 21.51 -16.52
CA ARG A 1661 -92.23 21.60 -15.97
C ARG A 1661 -91.98 22.96 -15.35
N PHE A 1662 -92.47 24.02 -16.00
CA PHE A 1662 -92.50 25.32 -15.36
C PHE A 1662 -93.34 25.32 -14.09
N HIS A 1663 -94.48 24.64 -14.09
CA HIS A 1663 -95.25 24.63 -12.87
C HIS A 1663 -94.69 23.66 -11.84
N SER A 1664 -94.00 22.61 -12.30
CA SER A 1664 -93.31 21.74 -11.34
C SER A 1664 -92.24 22.50 -10.58
N HIS A 1665 -91.56 23.43 -11.25
CA HIS A 1665 -90.69 24.35 -10.56
C HIS A 1665 -91.46 25.41 -9.78
N THR A 1666 -92.71 25.68 -10.18
CA THR A 1666 -93.54 26.53 -9.33
C THR A 1666 -94.05 25.72 -8.14
N LEU A 1667 -94.24 24.41 -8.33
CA LEU A 1667 -94.82 23.53 -7.32
C LEU A 1667 -93.89 23.39 -6.11
N ARG A 1668 -92.61 23.16 -6.35
CA ARG A 1668 -91.64 23.12 -5.27
C ARG A 1668 -91.32 24.50 -4.74
N LEU A 1669 -91.52 25.55 -5.54
CA LEU A 1669 -91.42 26.90 -5.05
C LEU A 1669 -92.49 27.21 -4.03
N TYR A 1670 -93.65 26.58 -4.19
CA TYR A 1670 -94.74 26.75 -3.24
C TYR A 1670 -94.40 26.19 -1.87
N ARG A 1671 -93.55 25.17 -1.83
CA ARG A 1671 -93.01 24.72 -0.56
C ARG A 1671 -91.97 25.70 -0.05
N ALA A 1672 -91.27 26.37 -0.95
CA ALA A 1672 -90.19 27.27 -0.55
C ALA A 1672 -90.75 28.58 -0.01
N VAL A 1673 -91.77 29.13 -0.67
CA VAL A 1673 -92.38 30.38 -0.23
C VAL A 1673 -93.10 30.15 1.09
N CYS A 1674 -93.95 29.14 1.16
CA CYS A 1674 -94.54 28.72 2.43
C CYS A 1674 -93.55 27.79 3.13
N ALA A 1675 -92.50 28.41 3.67
CA ALA A 1675 -91.44 27.64 4.29
C ALA A 1675 -91.83 27.23 5.71
N LEU A 1676 -90.85 26.75 6.46
CA LEU A 1676 -91.09 26.20 7.78
C LEU A 1676 -91.39 27.30 8.78
N GLY A 1677 -92.37 27.04 9.64
CA GLY A 1677 -92.84 27.98 10.64
C GLY A 1677 -93.49 29.22 10.06
N ASN A 1678 -93.97 29.15 8.82
CA ASN A 1678 -94.46 30.34 8.14
C ASN A 1678 -95.98 30.26 8.15
N ASN A 1679 -96.58 30.62 9.28
CA ASN A 1679 -98.02 30.60 9.41
C ASN A 1679 -98.65 31.93 9.12
N ARG A 1680 -97.88 33.02 9.26
CA ARG A 1680 -98.36 34.33 8.87
C ARG A 1680 -98.63 34.40 7.38
N VAL A 1681 -97.87 33.67 6.59
CA VAL A 1681 -98.15 33.52 5.17
C VAL A 1681 -99.14 32.38 4.91
N ALA A 1682 -99.18 31.36 5.78
CA ALA A 1682 -100.10 30.23 5.56
C ALA A 1682 -101.55 30.65 5.73
N HIS A 1683 -101.83 31.54 6.68
CA HIS A 1683 -103.18 32.09 6.82
C HIS A 1683 -103.49 33.06 5.69
N ALA A 1684 -102.46 33.58 5.01
CA ALA A 1684 -102.65 34.43 3.86
C ALA A 1684 -102.72 33.65 2.55
N LEU A 1685 -102.42 32.36 2.58
CA LEU A 1685 -102.25 31.53 1.39
C LEU A 1685 -103.53 30.83 0.95
N CYS A 1686 -104.56 30.77 1.78
CA CYS A 1686 -105.82 30.22 1.36
C CYS A 1686 -106.47 31.05 0.25
N SER A 1687 -106.18 32.35 0.21
CA SER A 1687 -106.62 33.17 -0.90
C SER A 1687 -105.79 32.92 -2.15
N HIS A 1688 -104.57 32.41 -1.97
CA HIS A 1688 -103.68 32.28 -3.11
C HIS A 1688 -104.11 31.15 -4.04
N VAL A 1689 -104.35 29.95 -3.50
CA VAL A 1689 -104.91 28.95 -4.39
C VAL A 1689 -106.38 28.77 -4.08
N ASP A 1690 -106.68 28.08 -2.98
CA ASP A 1690 -108.03 27.69 -2.60
C ASP A 1690 -108.06 26.98 -1.26
N GLN A 1691 -109.21 26.41 -0.94
CA GLN A 1691 -109.33 25.30 -0.01
C GLN A 1691 -109.86 24.04 -0.65
N ALA A 1692 -110.92 24.14 -1.44
CA ALA A 1692 -111.69 22.97 -1.85
C ALA A 1692 -111.01 22.21 -2.97
N GLN A 1693 -110.45 22.93 -3.94
CA GLN A 1693 -109.81 22.24 -5.05
C GLN A 1693 -108.49 21.61 -4.65
N LEU A 1694 -107.94 22.01 -3.51
CA LEU A 1694 -106.86 21.26 -2.91
C LEU A 1694 -107.31 19.86 -2.53
N LEU A 1695 -108.47 19.74 -1.89
CA LEU A 1695 -109.01 18.43 -1.56
C LEU A 1695 -109.51 17.72 -2.81
N HIS A 1696 -109.89 18.48 -3.84
CA HIS A 1696 -110.23 17.87 -5.11
C HIS A 1696 -108.98 17.34 -5.81
N ALA A 1697 -107.84 17.99 -5.58
CA ALA A 1697 -106.57 17.47 -6.06
C ALA A 1697 -106.17 16.22 -5.31
N LEU A 1698 -106.65 16.06 -4.08
CA LEU A 1698 -106.54 14.77 -3.41
C LEU A 1698 -107.36 13.73 -4.15
N GLU A 1699 -108.53 14.14 -4.64
CA GLU A 1699 -109.58 13.22 -5.06
C GLU A 1699 -109.24 12.46 -6.34
N ASP A 1700 -108.48 13.05 -7.26
CA ASP A 1700 -108.36 12.50 -8.60
C ASP A 1700 -107.44 11.28 -8.63
N ALA A 1701 -107.65 10.43 -9.63
CA ALA A 1701 -106.83 9.25 -9.86
C ALA A 1701 -106.07 9.25 -11.17
N HIS A 1702 -106.38 10.18 -12.07
CA HIS A 1702 -105.63 10.38 -13.31
C HIS A 1702 -104.90 11.71 -13.21
N LEU A 1703 -103.61 11.63 -12.92
CA LEU A 1703 -102.75 12.77 -12.67
C LEU A 1703 -101.32 12.36 -13.02
N PRO A 1704 -100.52 13.26 -13.58
CA PRO A 1704 -99.25 12.79 -14.18
C PRO A 1704 -98.14 12.53 -13.19
N GLY A 1705 -98.10 13.20 -12.05
CA GLY A 1705 -97.16 12.84 -11.01
C GLY A 1705 -96.12 13.87 -10.62
N PRO A 1706 -95.46 14.52 -11.59
CA PRO A 1706 -94.75 15.77 -11.27
C PRO A 1706 -95.70 16.90 -10.94
N LEU A 1707 -96.94 16.76 -11.32
CA LEU A 1707 -98.07 17.60 -10.95
C LEU A 1707 -98.60 17.07 -9.62
N ARG A 1708 -99.91 17.21 -9.40
CA ARG A 1708 -100.67 17.06 -8.15
C ARG A 1708 -100.25 15.95 -7.19
N ALA A 1709 -99.56 14.92 -7.67
CA ALA A 1709 -98.86 14.02 -6.76
C ALA A 1709 -97.84 14.78 -5.93
N GLY A 1710 -97.22 15.81 -6.49
CA GLY A 1710 -96.48 16.75 -5.70
C GLY A 1710 -97.33 17.59 -4.76
N TYR A 1711 -98.62 17.78 -5.04
CA TYR A 1711 -99.44 18.59 -4.16
C TYR A 1711 -99.75 17.92 -2.84
N TYR A 1712 -99.65 16.59 -2.77
CA TYR A 1712 -99.75 15.93 -1.48
C TYR A 1712 -98.58 16.33 -0.60
N ASP A 1713 -97.40 16.43 -1.18
CA ASP A 1713 -96.24 16.90 -0.44
C ASP A 1713 -96.32 18.41 -0.20
N LEU A 1714 -97.06 19.14 -1.04
CA LEU A 1714 -97.25 20.56 -0.76
C LEU A 1714 -98.21 20.78 0.41
N LEU A 1715 -99.23 19.93 0.50
CA LEU A 1715 -100.09 19.93 1.67
C LEU A 1715 -99.32 19.50 2.92
N ILE A 1716 -98.39 18.57 2.75
CA ILE A 1716 -97.44 18.25 3.81
C ILE A 1716 -96.64 19.49 4.22
N SER A 1717 -96.15 20.24 3.23
CA SER A 1717 -95.39 21.45 3.47
C SER A 1717 -96.20 22.54 4.17
N ILE A 1718 -97.51 22.57 3.97
CA ILE A 1718 -98.32 23.61 4.57
C ILE A 1718 -99.15 23.11 5.74
N HIS A 1719 -99.25 21.79 5.91
CA HIS A 1719 -100.02 21.24 7.04
C HIS A 1719 -99.32 20.03 7.62
N LEU A 1720 -98.01 20.10 7.77
CA LEU A 1720 -97.30 19.13 8.60
C LEU A 1720 -96.46 19.81 9.65
N GLU A 1721 -95.67 20.79 9.20
CA GLU A 1721 -94.42 21.20 9.78
C GLU A 1721 -94.54 21.71 11.21
N SER A 1722 -95.42 22.66 11.42
CA SER A 1722 -95.52 23.35 12.68
C SER A 1722 -96.20 22.53 13.76
N ALA A 1723 -96.75 21.37 13.41
CA ALA A 1723 -97.45 20.53 14.36
C ALA A 1723 -96.68 19.23 14.54
N CYS A 1724 -95.94 18.86 13.49
CA CYS A 1724 -95.27 17.58 13.47
C CYS A 1724 -93.84 17.71 13.96
N ARG A 1725 -93.17 18.80 13.63
CA ARG A 1725 -91.92 19.08 14.32
C ARG A 1725 -92.19 19.39 15.78
N SER A 1726 -93.30 20.05 16.08
CA SER A 1726 -93.83 20.12 17.43
C SER A 1726 -94.07 18.73 18.00
N ARG A 1727 -94.55 17.80 17.18
CA ARG A 1727 -94.77 16.45 17.66
C ARG A 1727 -93.45 15.69 17.79
N ARG A 1728 -92.64 15.67 16.73
CA ARG A 1728 -91.45 14.82 16.71
C ARG A 1728 -90.35 15.33 17.62
N SER A 1729 -90.38 16.62 17.97
CA SER A 1729 -89.37 17.18 18.86
C SER A 1729 -89.53 16.63 20.27
N MET A 1730 -90.72 16.78 20.83
CA MET A 1730 -91.03 16.28 22.15
C MET A 1730 -91.49 14.84 22.13
N LEU A 1731 -91.42 14.19 20.96
CA LEU A 1731 -91.60 12.75 20.87
C LEU A 1731 -90.60 12.00 21.72
N SER A 1732 -89.35 12.43 21.75
CA SER A 1732 -88.34 11.78 22.57
C SER A 1732 -88.38 12.29 24.01
N GLU A 1733 -89.58 12.38 24.58
CA GLU A 1733 -89.80 12.89 25.93
C GLU A 1733 -90.92 12.06 26.53
N TYR A 1734 -90.59 11.23 27.51
CA TYR A 1734 -91.55 10.37 28.18
C TYR A 1734 -91.77 10.87 29.60
N ILE A 1735 -93.03 11.18 29.92
CA ILE A 1735 -93.35 11.92 31.14
C ILE A 1735 -94.85 11.78 31.40
N VAL A 1736 -95.21 11.72 32.68
CA VAL A 1736 -96.54 11.27 33.05
C VAL A 1736 -96.98 11.78 34.42
N PRO A 1737 -98.26 12.15 34.60
CA PRO A 1737 -98.82 12.34 35.95
C PRO A 1737 -99.25 11.02 36.58
N LEU A 1738 -100.01 11.09 37.67
CA LEU A 1738 -100.79 9.95 38.15
C LEU A 1738 -102.26 10.19 37.85
N THR A 1739 -102.83 9.33 37.01
CA THR A 1739 -104.25 9.13 36.87
C THR A 1739 -104.51 7.68 37.25
N PRO A 1740 -105.76 7.28 37.47
CA PRO A 1740 -106.04 5.84 37.54
C PRO A 1740 -105.79 5.13 36.22
N GLU A 1741 -105.96 5.82 35.09
CA GLU A 1741 -105.58 5.25 33.80
C GLU A 1741 -104.07 5.07 33.71
N THR A 1742 -103.32 6.00 34.29
CA THR A 1742 -101.89 5.82 34.44
C THR A 1742 -101.56 4.66 35.35
N ARG A 1743 -102.26 4.57 36.49
CA ARG A 1743 -101.93 3.62 37.53
C ARG A 1743 -102.21 2.19 37.10
N ALA A 1744 -103.34 1.96 36.44
CA ALA A 1744 -103.73 0.64 35.99
C ALA A 1744 -103.42 0.56 34.50
N ILE A 1745 -102.18 0.21 34.18
CA ILE A 1745 -101.81 -0.19 32.82
C ILE A 1745 -100.68 -1.22 32.95
N THR A 1746 -100.78 -2.29 32.16
CA THR A 1746 -99.86 -3.41 32.19
C THR A 1746 -99.83 -4.02 30.80
N LEU A 1747 -99.35 -5.28 30.72
CA LEU A 1747 -99.50 -6.08 29.52
C LEU A 1747 -100.96 -6.22 29.15
N PHE A 1748 -101.76 -6.68 30.11
CA PHE A 1748 -103.17 -7.05 30.02
C PHE A 1748 -103.52 -7.86 28.78
N PRO A 1749 -103.20 -9.14 28.71
CA PRO A 1749 -103.92 -10.02 27.78
C PRO A 1749 -105.14 -10.64 28.44
N PRO A 1750 -106.34 -10.29 28.00
CA PRO A 1750 -107.53 -11.00 28.51
C PRO A 1750 -107.84 -12.22 27.66
N GLY A 1751 -108.02 -13.37 28.30
CA GLY A 1751 -108.39 -14.56 27.57
C GLY A 1751 -108.26 -15.84 28.37
N ARG A 1752 -107.64 -16.85 27.77
CA ARG A 1752 -107.40 -18.14 28.42
C ARG A 1752 -106.05 -18.18 29.13
N LYS A 1753 -105.54 -17.03 29.56
CA LYS A 1753 -104.28 -16.82 30.29
C LYS A 1753 -103.04 -17.24 29.51
N GLY A 1754 -103.14 -17.50 28.21
CA GLY A 1754 -101.99 -17.80 27.40
C GLY A 1754 -101.42 -16.61 26.66
N GLY A 1755 -101.96 -15.41 26.89
CA GLY A 1755 -101.50 -14.24 26.16
C GLY A 1755 -100.25 -13.62 26.77
N ASN A 1756 -100.00 -13.90 28.05
CA ASN A 1756 -98.72 -13.51 28.64
C ASN A 1756 -97.58 -14.33 28.06
N ALA A 1757 -97.88 -15.57 27.67
CA ALA A 1757 -96.92 -16.33 26.89
C ALA A 1757 -96.97 -15.98 25.41
N ARG A 1758 -98.12 -15.47 24.94
CA ARG A 1758 -98.32 -15.07 23.56
C ARG A 1758 -98.02 -13.58 23.42
N ARG A 1759 -98.49 -12.97 22.33
CA ARG A 1759 -98.39 -11.53 22.16
C ARG A 1759 -99.16 -10.80 23.26
N HIS A 1760 -98.50 -9.80 23.83
CA HIS A 1760 -99.01 -9.12 25.01
C HIS A 1760 -100.08 -8.10 24.70
N GLY A 1761 -100.36 -7.86 23.42
CA GLY A 1761 -101.35 -6.90 23.01
C GLY A 1761 -101.11 -6.41 21.60
N LEU A 1762 -101.43 -5.14 21.34
CA LEU A 1762 -101.30 -4.57 20.01
C LEU A 1762 -100.76 -3.14 20.13
N PRO A 1763 -99.83 -2.74 19.26
CA PRO A 1763 -99.50 -1.31 19.15
C PRO A 1763 -100.67 -0.54 18.58
N GLY A 1764 -100.72 0.75 18.90
CA GLY A 1764 -101.92 1.49 18.62
C GLY A 1764 -102.99 1.12 19.63
N VAL A 1765 -102.77 1.53 20.87
CA VAL A 1765 -103.59 1.15 22.01
C VAL A 1765 -104.17 2.47 22.52
N GLY A 1766 -104.87 2.46 23.65
CA GLY A 1766 -105.60 3.62 24.11
C GLY A 1766 -104.75 4.73 24.71
N VAL A 1767 -105.18 5.24 25.87
CA VAL A 1767 -104.64 6.48 26.41
C VAL A 1767 -103.19 6.30 26.85
N THR A 1768 -102.31 7.13 26.29
CA THR A 1768 -100.88 7.02 26.55
C THR A 1768 -100.40 7.82 27.74
N THR A 1769 -101.11 8.89 28.12
CA THR A 1769 -100.80 9.78 29.26
C THR A 1769 -99.41 10.40 29.19
N SER A 1770 -98.82 10.47 27.99
CA SER A 1770 -97.66 11.34 27.84
C SER A 1770 -98.13 12.77 27.73
N LEU A 1771 -97.24 13.69 28.09
CA LEU A 1771 -97.60 15.11 28.09
C LEU A 1771 -97.64 15.58 26.64
N ARG A 1772 -98.79 15.38 25.99
CA ARG A 1772 -98.95 15.63 24.57
C ARG A 1772 -100.02 16.71 24.40
N PRO A 1773 -99.69 17.86 23.83
CA PRO A 1773 -100.66 18.95 23.70
C PRO A 1773 -101.47 18.82 22.44
N PRO A 1774 -102.55 19.59 22.29
CA PRO A 1774 -103.08 19.88 20.97
C PRO A 1774 -102.12 20.80 20.21
N HIS A 1775 -102.27 20.84 18.89
CA HIS A 1775 -101.31 21.58 18.10
C HIS A 1775 -101.71 23.04 17.89
N HIS A 1776 -102.91 23.41 18.36
CA HIS A 1776 -103.39 24.80 18.45
C HIS A 1776 -103.44 25.48 17.09
N PHE A 1777 -104.38 25.01 16.28
CA PHE A 1777 -104.60 25.58 14.96
C PHE A 1777 -105.37 26.90 15.08
N SER A 1778 -105.48 27.62 13.96
CA SER A 1778 -106.21 28.87 13.92
C SER A 1778 -107.04 28.87 12.66
N PRO A 1779 -108.19 29.53 12.64
CA PRO A 1779 -108.93 29.70 11.40
C PRO A 1779 -108.24 30.68 10.50
N PRO A 1780 -107.88 30.28 9.28
CA PRO A 1780 -107.36 31.25 8.31
C PRO A 1780 -108.47 32.17 7.81
N CYS A 1781 -108.19 33.47 7.89
CA CYS A 1781 -109.18 34.48 7.56
C CYS A 1781 -108.46 35.75 7.15
N PHE A 1782 -109.24 36.70 6.64
CA PHE A 1782 -108.71 37.97 6.13
C PHE A 1782 -109.44 39.20 6.61
N VAL A 1783 -110.73 39.12 6.94
CA VAL A 1783 -111.50 40.30 7.34
C VAL A 1783 -111.23 40.74 8.76
N ALA A 1784 -110.42 39.99 9.51
CA ALA A 1784 -110.07 40.37 10.87
C ALA A 1784 -109.10 41.55 10.86
N ALA A 1785 -109.09 42.28 11.98
CA ALA A 1785 -108.19 43.41 12.14
C ALA A 1785 -106.78 42.92 12.46
N LEU A 1786 -105.86 43.87 12.55
CA LEU A 1786 -104.45 43.61 12.77
C LEU A 1786 -104.08 43.81 14.24
N PRO A 1787 -103.15 43.03 14.78
CA PRO A 1787 -102.68 43.28 16.15
C PRO A 1787 -101.81 44.52 16.21
N ALA A 1788 -102.03 45.32 17.27
CA ALA A 1788 -101.40 46.63 17.51
C ALA A 1788 -101.55 47.58 16.33
N GLU A 1793 -98.53 42.71 16.92
CA GLU A 1793 -98.22 42.25 18.27
C GLU A 1793 -99.16 41.13 18.69
N ALA A 1794 -98.78 39.90 18.34
CA ALA A 1794 -99.57 38.71 18.63
C ALA A 1794 -98.66 37.49 18.53
N PRO A 1795 -99.05 36.33 19.10
CA PRO A 1795 -98.38 35.08 18.73
C PRO A 1795 -98.75 34.73 17.30
N ALA A 1796 -98.03 35.34 16.35
CA ALA A 1796 -98.55 36.03 15.14
C ALA A 1796 -99.67 35.19 14.50
N ARG A 1797 -99.38 34.01 13.97
CA ARG A 1797 -100.39 33.14 13.38
C ARG A 1797 -100.11 31.72 13.83
N LEU A 1798 -101.16 31.01 14.24
CA LEU A 1798 -100.93 29.71 14.86
C LEU A 1798 -100.66 28.61 13.85
N SER A 1799 -101.70 28.20 13.11
CA SER A 1799 -101.67 27.31 11.95
C SER A 1799 -103.07 27.27 11.36
N PRO A 1800 -103.22 27.24 10.04
CA PRO A 1800 -104.56 27.04 9.46
C PRO A 1800 -105.03 25.60 9.67
N ALA A 1801 -106.34 25.40 9.62
CA ALA A 1801 -106.95 24.15 10.05
C ALA A 1801 -107.71 23.47 8.92
N ILE A 1802 -107.94 22.17 9.10
CA ILE A 1802 -108.60 21.28 8.13
C ILE A 1802 -109.58 20.43 8.91
N PRO A 1803 -110.75 20.04 8.35
CA PRO A 1803 -111.55 19.00 9.01
C PRO A 1803 -110.88 17.64 8.96
N LEU A 1804 -110.36 17.24 10.11
CA LEU A 1804 -109.37 16.17 10.18
C LEU A 1804 -109.99 14.79 10.12
N GLU A 1805 -111.16 14.59 10.72
CA GLU A 1805 -111.76 13.26 10.70
C GLU A 1805 -112.27 12.91 9.31
N ALA A 1806 -112.95 13.85 8.64
CA ALA A 1806 -113.38 13.61 7.28
C ALA A 1806 -112.19 13.50 6.34
N LEU A 1807 -111.15 14.29 6.60
CA LEU A 1807 -109.90 14.17 5.86
C LEU A 1807 -109.28 12.79 6.04
N ARG A 1808 -109.27 12.28 7.28
CA ARG A 1808 -108.71 10.98 7.59
C ARG A 1808 -109.49 9.88 6.92
N ASP A 1809 -110.82 9.98 6.92
CA ASP A 1809 -111.66 8.96 6.29
C ASP A 1809 -111.46 8.96 4.79
N LYS A 1810 -111.41 10.14 4.17
CA LYS A 1810 -111.13 10.29 2.75
C LYS A 1810 -109.78 9.72 2.37
N ALA A 1811 -108.78 9.95 3.21
CA ALA A 1811 -107.46 9.38 2.94
C ALA A 1811 -107.45 7.88 3.11
N LEU A 1812 -108.18 7.37 4.10
CA LEU A 1812 -108.15 5.94 4.40
C LEU A 1812 -108.86 5.14 3.32
N ARG A 1813 -110.00 5.64 2.84
CA ARG A 1813 -110.69 4.96 1.76
C ARG A 1813 -109.92 5.01 0.45
N MET A 1814 -109.20 6.12 0.19
CA MET A 1814 -108.42 6.21 -1.02
C MET A 1814 -107.18 5.34 -0.94
N LEU A 1815 -106.61 5.21 0.27
CA LEU A 1815 -105.48 4.32 0.46
C LEU A 1815 -105.88 2.87 0.32
N GLY A 1816 -107.01 2.47 0.90
CA GLY A 1816 -107.50 1.12 0.71
C GLY A 1816 -107.85 0.82 -0.72
N GLU A 1817 -108.36 1.83 -1.44
CA GLU A 1817 -108.57 1.71 -2.87
C GLU A 1817 -107.26 1.49 -3.62
N ALA A 1818 -106.21 2.22 -3.20
CA ALA A 1818 -104.90 2.06 -3.83
C ALA A 1818 -104.32 0.68 -3.59
N VAL A 1819 -104.52 0.14 -2.39
CA VAL A 1819 -104.01 -1.20 -2.09
C VAL A 1819 -104.80 -2.25 -2.87
N ARG A 1820 -106.12 -2.11 -2.94
CA ARG A 1820 -106.94 -3.05 -3.69
C ARG A 1820 -106.65 -2.97 -5.19
N ASP A 1821 -106.30 -1.80 -5.69
CA ASP A 1821 -105.92 -1.66 -7.09
C ASP A 1821 -104.53 -2.21 -7.37
N GLY A 1822 -103.59 -2.04 -6.44
CA GLY A 1822 -102.28 -2.66 -6.58
C GLY A 1822 -102.31 -4.16 -6.48
N GLY A 1823 -103.31 -4.70 -5.78
CA GLY A 1823 -103.54 -6.14 -5.82
C GLY A 1823 -103.98 -6.66 -7.16
N GLN A 1824 -104.53 -5.80 -8.01
CA GLN A 1824 -105.00 -6.23 -9.33
C GLN A 1824 -103.87 -6.29 -10.35
N HIS A 1825 -102.79 -5.53 -10.14
CA HIS A 1825 -101.61 -5.49 -11.02
C HIS A 1825 -101.98 -5.07 -12.43
N ALA A 1826 -102.79 -4.02 -12.54
CA ALA A 1826 -103.10 -3.45 -13.84
C ALA A 1826 -101.90 -2.68 -14.37
N ARG A 1827 -101.99 -2.32 -15.65
CA ARG A 1827 -100.94 -1.55 -16.30
C ARG A 1827 -101.27 -0.06 -16.31
N ASP A 1828 -102.01 0.39 -15.31
CA ASP A 1828 -102.29 1.82 -15.16
C ASP A 1828 -101.79 2.31 -13.81
N PRO A 1829 -100.49 2.51 -13.62
CA PRO A 1829 -100.02 3.07 -12.36
C PRO A 1829 -100.29 4.57 -12.34
N VAL A 1830 -100.66 5.06 -11.15
CA VAL A 1830 -101.03 6.46 -11.01
C VAL A 1830 -99.77 7.29 -11.13
N GLY A 1831 -99.83 8.35 -11.93
CA GLY A 1831 -98.65 9.13 -12.18
C GLY A 1831 -97.63 8.46 -13.06
N GLY A 1832 -98.01 7.41 -13.79
CA GLY A 1832 -97.10 6.73 -14.68
C GLY A 1832 -96.23 5.70 -14.00
N SER A 1833 -96.12 5.77 -12.68
CA SER A 1833 -95.18 4.95 -11.95
C SER A 1833 -95.87 4.33 -10.74
N VAL A 1834 -95.27 3.27 -10.23
CA VAL A 1834 -95.60 2.81 -8.89
C VAL A 1834 -95.17 3.86 -7.87
N GLU A 1835 -94.11 4.62 -8.19
CA GLU A 1835 -93.64 5.67 -7.30
C GLU A 1835 -94.66 6.80 -7.18
N PHE A 1836 -95.11 7.35 -8.31
CA PHE A 1836 -96.16 8.35 -8.21
C PHE A 1836 -97.53 7.73 -7.91
N GLN A 1837 -97.64 6.41 -7.99
CA GLN A 1837 -98.83 5.74 -7.53
C GLN A 1837 -98.85 5.67 -6.01
N PHE A 1838 -97.68 5.54 -5.41
CA PHE A 1838 -97.53 5.47 -3.97
C PHE A 1838 -96.67 6.63 -3.47
N VAL A 1839 -97.07 7.71 -4.13
CA VAL A 1839 -96.96 9.14 -3.83
C VAL A 1839 -97.08 9.46 -2.34
N PRO A 1840 -96.42 10.57 -1.85
CA PRO A 1840 -96.57 11.03 -0.46
C PRO A 1840 -97.96 11.32 0.11
N VAL A 1841 -99.02 10.90 -0.59
CA VAL A 1841 -100.20 10.33 0.08
C VAL A 1841 -99.78 9.47 1.26
N LEU A 1842 -98.82 8.57 1.05
CA LEU A 1842 -98.29 7.74 2.12
C LEU A 1842 -97.59 8.57 3.20
N LYS A 1843 -96.93 9.65 2.79
CA LYS A 1843 -96.29 10.51 3.77
C LYS A 1843 -97.32 11.25 4.60
N LEU A 1844 -98.44 11.60 3.99
CA LEU A 1844 -99.55 12.19 4.73
C LEU A 1844 -100.23 11.15 5.63
N VAL A 1845 -100.24 9.88 5.21
CA VAL A 1845 -100.71 8.81 6.07
C VAL A 1845 -99.84 8.71 7.31
N SER A 1846 -98.53 8.72 7.12
CA SER A 1846 -97.59 8.71 8.23
C SER A 1846 -97.67 9.99 9.05
N THR A 1847 -98.09 11.08 8.43
CA THR A 1847 -98.27 12.34 9.15
C THR A 1847 -99.45 12.26 10.10
N LEU A 1848 -100.58 11.80 9.60
CA LEU A 1848 -101.72 11.57 10.47
C LEU A 1848 -101.45 10.49 11.50
N LEU A 1849 -100.60 9.54 11.16
CA LEU A 1849 -100.10 8.56 12.12
C LEU A 1849 -99.35 9.22 13.25
N VAL A 1850 -98.32 9.98 12.92
CA VAL A 1850 -97.43 10.55 13.91
C VAL A 1850 -98.11 11.68 14.67
N MET A 1851 -99.15 12.28 14.09
CA MET A 1851 -99.96 13.24 14.82
C MET A 1851 -101.11 12.59 15.55
N GLY A 1852 -101.15 11.26 15.58
CA GLY A 1852 -102.12 10.52 16.36
C GLY A 1852 -103.55 10.69 15.92
N ILE A 1853 -103.77 10.96 14.63
CA ILE A 1853 -105.11 11.34 14.18
C ILE A 1853 -106.00 10.12 14.11
N PHE A 1854 -105.42 8.95 13.92
CA PHE A 1854 -106.19 7.74 13.70
C PHE A 1854 -106.80 7.24 15.00
N GLY A 1855 -108.03 6.73 14.88
CA GLY A 1855 -108.66 6.05 15.98
C GLY A 1855 -108.14 4.62 16.08
N ASP A 1856 -108.61 3.88 17.08
CA ASP A 1856 -108.09 2.54 17.31
C ASP A 1856 -108.55 1.58 16.22
N GLU A 1857 -109.76 1.78 15.69
CA GLU A 1857 -110.20 0.95 14.59
C GLU A 1857 -109.49 1.31 13.29
N ASP A 1858 -109.03 2.56 13.18
CA ASP A 1858 -108.18 2.93 12.05
C ASP A 1858 -106.81 2.27 12.16
N VAL A 1859 -106.30 2.16 13.40
CA VAL A 1859 -105.09 1.40 13.66
C VAL A 1859 -105.28 -0.05 13.27
N LYS A 1860 -106.43 -0.63 13.66
CA LYS A 1860 -106.75 -1.99 13.27
C LYS A 1860 -106.90 -2.13 11.76
N GLN A 1861 -107.35 -1.07 11.11
CA GLN A 1861 -107.51 -1.06 9.67
C GLN A 1861 -106.17 -1.04 8.96
N ILE A 1862 -105.24 -0.22 9.43
CA ILE A 1862 -103.95 -0.18 8.75
C ILE A 1862 -103.07 -1.35 9.16
N LEU A 1863 -103.35 -1.97 10.29
CA LEU A 1863 -102.77 -3.28 10.53
C LEU A 1863 -103.43 -4.35 9.67
N LYS A 1864 -104.68 -4.12 9.24
CA LYS A 1864 -105.33 -5.04 8.33
C LYS A 1864 -104.77 -4.97 6.91
N MET A 1865 -103.93 -3.97 6.61
CA MET A 1865 -103.11 -4.04 5.42
C MET A 1865 -102.16 -5.23 5.44
N ILE A 1866 -101.68 -5.63 6.62
CA ILE A 1866 -100.79 -6.77 6.71
C ILE A 1866 -101.47 -7.75 7.65
N GLU A 1867 -102.81 -7.79 7.59
CA GLU A 1867 -103.66 -8.70 8.37
C GLU A 1867 -103.22 -10.16 8.42
N PRO A 1868 -102.58 -10.76 7.40
CA PRO A 1868 -101.95 -12.06 7.65
C PRO A 1868 -100.80 -12.02 8.65
N GLU A 1869 -99.84 -11.13 8.45
CA GLU A 1869 -98.69 -11.07 9.37
C GLU A 1869 -99.08 -10.45 10.70
N VAL A 1870 -100.00 -9.49 10.69
CA VAL A 1870 -100.51 -8.92 11.93
C VAL A 1870 -101.28 -9.97 12.71
N PHE A 1871 -102.19 -10.68 12.02
CA PHE A 1871 -102.94 -11.83 12.54
C PHE A 1871 -103.76 -11.44 13.78
N THR A 1872 -104.72 -10.54 13.52
CA THR A 1872 -105.54 -9.97 14.58
C THR A 1872 -106.34 -11.04 15.31
N GLU A 1873 -106.55 -10.82 16.62
CA GLU A 1873 -107.12 -11.83 17.50
C GLU A 1873 -108.59 -12.11 17.22
N GLU A 1874 -109.28 -11.22 16.51
CA GLU A 1874 -110.66 -11.45 16.13
C GLU A 1874 -110.76 -12.30 14.89
N LEU A 1922 -107.40 -14.25 -2.93
CA LEU A 1922 -106.85 -14.31 -1.59
C LEU A 1922 -106.46 -12.92 -1.09
N GLU A 1923 -106.56 -12.72 0.22
CA GLU A 1923 -106.22 -11.44 0.83
C GLU A 1923 -104.73 -11.37 1.19
N GLU A 1924 -103.93 -10.83 0.27
CA GLU A 1924 -102.49 -10.73 0.52
C GLU A 1924 -102.18 -9.53 1.39
N GLY A 1925 -101.12 -9.64 2.18
CA GLY A 1925 -100.67 -8.53 3.00
C GLY A 1925 -100.09 -7.42 2.15
N LEU A 1926 -99.88 -6.27 2.81
CA LEU A 1926 -99.43 -5.08 2.11
C LEU A 1926 -98.02 -5.21 1.56
N LEU A 1927 -97.20 -6.06 2.18
CA LEU A 1927 -95.78 -5.89 2.03
C LEU A 1927 -95.21 -6.71 0.87
N GLN A 1928 -95.97 -7.68 0.36
CA GLN A 1928 -95.43 -8.63 -0.60
C GLN A 1928 -95.28 -8.06 -2.00
N MET A 1929 -95.80 -6.86 -2.25
CA MET A 1929 -95.68 -6.24 -3.56
C MET A 1929 -94.26 -5.75 -3.79
N LYS A 1930 -93.88 -5.67 -5.07
CA LYS A 1930 -92.53 -5.26 -5.45
C LYS A 1930 -92.42 -3.76 -5.36
N LEU A 1931 -91.81 -3.27 -4.28
CA LEU A 1931 -91.76 -1.83 -4.02
C LEU A 1931 -90.39 -1.32 -4.40
N PRO A 1932 -90.29 -0.42 -5.39
CA PRO A 1932 -88.97 -0.13 -5.99
C PRO A 1932 -87.92 0.51 -5.08
N GLU A 1933 -88.08 1.77 -4.67
CA GLU A 1933 -87.17 2.29 -3.66
C GLU A 1933 -87.86 3.19 -2.64
N SER A 1934 -88.72 4.07 -3.14
CA SER A 1934 -89.19 5.19 -2.35
C SER A 1934 -90.33 4.82 -1.43
N VAL A 1935 -90.86 3.61 -1.59
CA VAL A 1935 -91.91 3.14 -0.70
C VAL A 1935 -91.31 2.75 0.64
N LYS A 1936 -90.10 2.20 0.60
CA LYS A 1936 -89.55 1.54 1.78
C LYS A 1936 -89.09 2.55 2.81
N LEU A 1937 -88.71 3.75 2.38
CA LEU A 1937 -88.31 4.77 3.33
C LEU A 1937 -89.50 5.32 4.11
N GLN A 1938 -90.63 5.49 3.43
CA GLN A 1938 -91.87 5.82 4.14
C GLN A 1938 -92.32 4.68 5.02
N MET A 1939 -92.06 3.44 4.60
CA MET A 1939 -92.39 2.30 5.43
C MET A 1939 -91.54 2.25 6.69
N CYS A 1940 -90.28 2.63 6.58
CA CYS A 1940 -89.43 2.77 7.76
C CYS A 1940 -89.92 3.87 8.68
N ASN A 1941 -90.27 5.02 8.11
CA ASN A 1941 -90.91 6.11 8.86
C ASN A 1941 -92.18 5.66 9.57
N LEU A 1942 -92.92 4.77 8.93
CA LEU A 1942 -94.14 4.21 9.49
C LEU A 1942 -93.85 3.34 10.69
N LEU A 1943 -93.03 2.31 10.51
CA LEU A 1943 -92.80 1.31 11.54
C LEU A 1943 -91.96 1.82 12.69
N GLU A 1944 -91.17 2.87 12.43
CA GLU A 1944 -90.42 3.56 13.46
C GLU A 1944 -91.35 4.09 14.54
N TYR A 1945 -92.51 4.60 14.13
CA TYR A 1945 -93.54 5.04 15.06
C TYR A 1945 -94.01 3.88 15.95
N PHE A 1946 -94.20 2.71 15.35
CA PHE A 1946 -94.81 1.60 16.07
C PHE A 1946 -93.87 1.00 17.09
N CYS A 1947 -92.57 0.98 16.76
CA CYS A 1947 -91.59 0.55 17.75
C CYS A 1947 -91.57 1.52 18.93
N ASP A 1948 -91.74 2.81 18.67
CA ASP A 1948 -91.85 3.79 19.74
C ASP A 1948 -93.11 3.58 20.56
N GLN A 1949 -94.20 3.17 19.90
CA GLN A 1949 -95.44 2.85 20.59
C GLN A 1949 -95.25 1.72 21.57
N GLU A 1950 -94.63 0.63 21.10
CA GLU A 1950 -94.38 -0.53 21.96
C GLU A 1950 -93.44 -0.17 23.10
N LEU A 1951 -92.41 0.62 22.83
CA LEU A 1951 -91.48 1.00 23.87
C LEU A 1951 -92.13 1.90 24.92
N GLN A 1952 -92.99 2.82 24.46
CA GLN A 1952 -93.69 3.70 25.38
C GLN A 1952 -94.69 2.92 26.23
N HIS A 1953 -95.35 1.93 25.63
CA HIS A 1953 -96.26 1.08 26.40
C HIS A 1953 -95.51 0.24 27.42
N ARG A 1954 -94.33 -0.26 27.06
CA ARG A 1954 -93.51 -1.04 27.97
C ARG A 1954 -93.06 -0.21 29.16
N VAL A 1955 -92.54 0.99 28.89
CA VAL A 1955 -92.08 1.84 29.99
C VAL A 1955 -93.25 2.37 30.80
N GLU A 1956 -94.43 2.49 30.19
CA GLU A 1956 -95.61 2.93 30.91
C GLU A 1956 -96.09 1.85 31.87
N SER A 1957 -96.10 0.59 31.42
CA SER A 1957 -96.43 -0.54 32.28
C SER A 1957 -95.43 -0.68 33.42
N LEU A 1958 -94.15 -0.48 33.12
CA LEU A 1958 -93.11 -0.47 34.15
C LEU A 1958 -93.36 0.60 35.21
N ALA A 1959 -93.66 1.82 34.78
CA ALA A 1959 -93.88 2.91 35.72
C ALA A 1959 -95.15 2.69 36.52
N ALA A 1960 -96.15 2.05 35.93
CA ALA A 1960 -97.36 1.71 36.68
C ALA A 1960 -97.07 0.63 37.73
N PHE A 1961 -96.16 -0.30 37.42
CA PHE A 1961 -95.81 -1.32 38.41
C PHE A 1961 -95.01 -0.76 39.56
N ALA A 1962 -94.04 0.11 39.27
CA ALA A 1962 -93.16 0.65 40.31
C ALA A 1962 -93.90 1.49 41.34
N GLU A 1963 -95.06 2.03 40.98
CA GLU A 1963 -95.87 2.82 41.89
C GLU A 1963 -96.54 2.01 42.97
N ARG A 1964 -97.33 1.00 42.60
CA ARG A 1964 -97.97 0.20 43.63
C ARG A 1964 -96.99 -0.76 44.29
N TYR A 1965 -95.81 -0.96 43.70
CA TYR A 1965 -94.79 -1.64 44.48
C TYR A 1965 -94.24 -0.75 45.59
N VAL A 1966 -93.91 0.50 45.27
CA VAL A 1966 -93.31 1.36 46.27
C VAL A 1966 -94.34 1.84 47.29
N ASP A 1967 -95.63 1.79 46.95
CA ASP A 1967 -96.67 2.14 47.90
C ASP A 1967 -96.72 1.18 49.07
N LYS A 1968 -96.74 -0.12 48.79
CA LYS A 1968 -96.65 -1.10 49.86
C LYS A 1968 -95.25 -1.19 50.45
N LEU A 1969 -94.24 -0.73 49.73
CA LEU A 1969 -92.89 -0.79 50.27
C LEU A 1969 -92.62 0.27 51.35
N GLN A 1970 -93.10 1.51 51.12
CA GLN A 1970 -92.98 2.50 52.19
C GLN A 1970 -93.86 2.16 53.38
N ALA A 1971 -94.97 1.45 53.14
CA ALA A 1971 -95.74 0.88 54.24
C ALA A 1971 -94.97 -0.23 54.94
N ASN A 1972 -94.15 -0.98 54.21
CA ASN A 1972 -93.35 -2.02 54.85
C ASN A 1972 -92.31 -1.40 55.76
N GLN A 1973 -91.65 -0.33 55.30
CA GLN A 1973 -90.73 0.38 56.19
C GLN A 1973 -91.48 1.06 57.33
N ARG A 1974 -92.70 1.52 57.08
CA ARG A 1974 -93.48 2.20 58.10
C ARG A 1974 -93.89 1.25 59.22
N SER A 1975 -94.25 0.02 58.88
CA SER A 1975 -94.55 -0.97 59.90
C SER A 1975 -93.28 -1.53 60.52
N ARG A 1976 -92.20 -1.63 59.75
CA ARG A 1976 -90.96 -2.19 60.24
C ARG A 1976 -90.28 -1.25 61.24
N TYR A 1977 -90.48 0.05 61.09
CA TYR A 1977 -89.96 0.98 62.09
C TYR A 1977 -90.77 0.92 63.37
N ALA A 1978 -92.08 0.69 63.27
CA ALA A 1978 -92.87 0.43 64.46
C ALA A 1978 -92.48 -0.87 65.13
N LEU A 1979 -91.97 -1.83 64.34
CA LEU A 1979 -91.48 -3.10 64.87
C LEU A 1979 -90.16 -2.95 65.63
N LEU A 1980 -89.55 -1.77 65.64
CA LEU A 1980 -88.41 -1.50 66.50
C LEU A 1980 -88.64 -0.29 67.39
N MET A 1981 -89.73 0.44 67.19
CA MET A 1981 -90.13 1.50 68.09
C MET A 1981 -90.94 0.94 69.25
N ARG A 1982 -91.89 0.06 68.97
CA ARG A 1982 -92.70 -0.55 70.02
C ARG A 1982 -92.35 -2.01 70.26
N ALA A 1983 -91.81 -2.71 69.26
CA ALA A 1983 -91.52 -4.14 69.34
C ALA A 1983 -90.02 -4.35 69.31
N PHE A 1984 -89.30 -3.49 70.04
CA PHE A 1984 -87.85 -3.35 69.87
C PHE A 1984 -87.10 -4.61 70.31
N THR A 1985 -87.17 -4.94 71.61
CA THR A 1985 -86.30 -5.93 72.26
C THR A 1985 -84.83 -5.69 71.89
N MET A 1986 -84.34 -4.54 72.35
CA MET A 1986 -83.17 -3.90 71.75
C MET A 1986 -81.89 -4.70 71.99
N SER A 1987 -81.31 -5.18 70.90
CA SER A 1987 -80.03 -5.87 70.91
C SER A 1987 -79.11 -5.14 69.94
N ALA A 1988 -77.82 -5.49 69.97
CA ALA A 1988 -76.85 -4.79 69.15
C ALA A 1988 -76.96 -5.16 67.67
N ALA A 1989 -77.29 -6.41 67.38
CA ALA A 1989 -77.48 -6.84 65.99
C ALA A 1989 -78.70 -6.18 65.36
N GLU A 1990 -79.81 -6.12 66.09
CA GLU A 1990 -80.97 -5.35 65.62
C GLU A 1990 -80.63 -3.88 65.52
N THR A 1991 -79.82 -3.37 66.45
CA THR A 1991 -79.35 -1.99 66.41
C THR A 1991 -78.40 -1.72 65.26
N ALA A 1992 -77.51 -2.66 64.94
CA ALA A 1992 -76.65 -2.53 63.77
C ALA A 1992 -77.42 -2.62 62.47
N ARG A 1993 -78.49 -3.41 62.43
CA ARG A 1993 -79.33 -3.46 61.25
C ARG A 1993 -80.14 -2.18 61.06
N ARG A 1994 -80.74 -1.68 62.14
CA ARG A 1994 -81.58 -0.50 62.07
C ARG A 1994 -80.77 0.80 62.12
N THR A 1995 -79.44 0.70 62.16
CA THR A 1995 -78.60 1.88 62.02
C THR A 1995 -78.80 2.55 60.67
N ARG A 1996 -78.99 1.73 59.63
CA ARG A 1996 -79.17 2.25 58.28
C ARG A 1996 -80.54 2.84 58.05
N GLU A 1997 -81.46 2.76 59.01
CA GLU A 1997 -82.68 3.55 58.90
C GLU A 1997 -82.39 5.02 59.13
N PHE A 1998 -81.64 5.32 60.19
CA PHE A 1998 -81.31 6.71 60.50
C PHE A 1998 -80.14 7.17 59.65
N ARG A 1999 -79.30 6.25 59.21
CA ARG A 1999 -78.35 6.49 58.14
C ARG A 1999 -79.06 6.28 56.81
N SER A 2000 -78.28 6.17 55.72
CA SER A 2000 -78.73 5.85 54.37
C SER A 2000 -79.75 6.85 53.83
N PRO A 2001 -79.29 8.00 53.31
CA PRO A 2001 -80.17 8.85 52.53
C PRO A 2001 -80.75 8.08 51.36
N PRO A 2002 -81.97 8.43 50.92
CA PRO A 2002 -82.76 7.53 50.07
C PRO A 2002 -82.18 7.25 48.69
N GLN A 2003 -81.08 7.88 48.30
CA GLN A 2003 -80.27 7.31 47.25
C GLN A 2003 -79.72 5.95 47.66
N GLU A 2004 -78.84 5.92 48.67
CA GLU A 2004 -78.22 4.69 49.12
C GLU A 2004 -79.17 3.77 49.87
N GLN A 2005 -80.26 4.30 50.42
CA GLN A 2005 -81.18 3.51 51.21
C GLN A 2005 -81.96 2.53 50.36
N ILE A 2006 -82.42 2.96 49.20
CA ILE A 2006 -83.12 2.06 48.29
C ILE A 2006 -82.12 1.13 47.64
N ASN A 2007 -80.89 1.62 47.45
CA ASN A 2007 -79.82 0.79 46.92
C ASN A 2007 -79.51 -0.38 47.83
N MET A 2008 -79.49 -0.14 49.14
CA MET A 2008 -79.25 -1.22 50.10
C MET A 2008 -80.35 -2.26 50.03
N LEU A 2009 -81.61 -1.81 49.97
CA LEU A 2009 -82.73 -2.73 49.97
C LEU A 2009 -82.81 -3.52 48.67
N LEU A 2010 -82.45 -2.88 47.56
CA LEU A 2010 -82.53 -3.55 46.27
C LEU A 2010 -81.40 -4.55 46.08
N HIS A 2011 -80.33 -4.43 46.87
CA HIS A 2011 -79.28 -5.45 46.89
C HIS A 2011 -79.81 -6.78 47.38
N PHE A 2012 -80.76 -6.74 48.31
CA PHE A 2012 -81.32 -7.98 48.83
C PHE A 2012 -82.24 -8.63 47.81
N LYS A 2013 -83.00 -7.82 47.08
CA LYS A 2013 -83.94 -8.36 46.10
C LYS A 2013 -83.25 -8.78 44.82
N ASP A 2014 -82.47 -7.89 44.21
CA ASP A 2014 -81.87 -8.15 42.90
C ASP A 2014 -80.49 -8.73 43.14
N GLU A 2015 -80.45 -10.05 43.31
CA GLU A 2015 -79.20 -10.78 43.47
C GLU A 2015 -79.47 -12.23 43.14
N ALA A 2016 -78.47 -13.07 43.35
CA ALA A 2016 -78.70 -14.51 43.40
C ALA A 2016 -78.95 -14.96 44.84
N ASP A 2017 -79.85 -14.23 45.50
CA ASP A 2017 -80.14 -14.35 46.95
C ASP A 2017 -78.86 -14.31 47.79
N GLU A 2018 -77.92 -13.46 47.39
CA GLU A 2018 -76.57 -13.47 47.96
C GLU A 2018 -76.38 -12.31 48.92
N GLU A 2019 -77.44 -11.92 49.63
CA GLU A 2019 -77.34 -10.75 50.50
C GLU A 2019 -78.08 -10.88 51.83
N ASP A 2020 -78.66 -12.04 52.15
CA ASP A 2020 -79.39 -12.31 53.40
C ASP A 2020 -80.56 -11.32 53.59
N CYS A 2021 -81.52 -11.45 52.67
CA CYS A 2021 -82.61 -10.50 52.49
C CYS A 2021 -83.47 -10.37 53.75
N PRO A 2022 -84.11 -9.22 53.96
CA PRO A 2022 -84.99 -9.04 55.12
C PRO A 2022 -86.31 -9.77 55.02
N LEU A 2023 -87.22 -9.42 55.93
CA LEU A 2023 -88.55 -9.99 56.06
C LEU A 2023 -89.38 -10.16 54.78
N PRO A 2024 -89.51 -9.16 53.84
CA PRO A 2024 -90.51 -9.34 52.76
C PRO A 2024 -90.17 -10.41 51.72
N GLU A 2025 -90.89 -11.53 51.81
CA GLU A 2025 -90.67 -12.69 50.94
C GLU A 2025 -91.70 -12.79 49.83
N ASP A 2026 -92.85 -12.14 49.97
CA ASP A 2026 -93.84 -12.18 48.90
C ASP A 2026 -93.61 -11.08 47.88
N ILE A 2027 -93.06 -9.96 48.31
CA ILE A 2027 -92.88 -8.84 47.39
C ILE A 2027 -91.41 -8.74 46.99
N ARG A 2028 -90.63 -9.77 47.32
CA ARG A 2028 -89.45 -10.02 46.53
C ARG A 2028 -89.76 -10.91 45.34
N GLN A 2029 -90.94 -11.52 45.34
CA GLN A 2029 -91.37 -12.47 44.32
C GLN A 2029 -92.12 -11.81 43.19
N ASP A 2030 -92.94 -10.80 43.48
CA ASP A 2030 -93.64 -10.06 42.44
C ASP A 2030 -92.67 -9.32 41.54
N LEU A 2031 -91.61 -8.77 42.13
CA LEU A 2031 -90.57 -8.10 41.36
C LEU A 2031 -89.82 -9.08 40.47
N GLN A 2032 -89.58 -10.30 40.95
CA GLN A 2032 -88.91 -11.30 40.12
C GLN A 2032 -89.79 -11.75 38.97
N ASP A 2033 -91.07 -12.02 39.24
CA ASP A 2033 -92.00 -12.42 38.19
C ASP A 2033 -92.22 -11.28 37.20
N PHE A 2034 -92.25 -10.04 37.68
CA PHE A 2034 -92.40 -8.90 36.79
C PHE A 2034 -91.13 -8.68 35.98
N HIS A 2035 -89.97 -8.92 36.58
CA HIS A 2035 -88.72 -8.80 35.86
C HIS A 2035 -88.61 -9.87 34.79
N GLN A 2036 -89.16 -11.05 35.06
CA GLN A 2036 -89.21 -12.10 34.06
C GLN A 2036 -90.20 -11.73 32.94
N ASP A 2037 -91.38 -11.25 33.32
CA ASP A 2037 -92.37 -10.81 32.34
C ASP A 2037 -91.90 -9.61 31.54
N LEU A 2038 -91.00 -8.82 32.09
CA LEU A 2038 -90.50 -7.63 31.42
C LEU A 2038 -89.60 -8.01 30.25
N LEU A 2039 -88.63 -8.90 30.50
CA LEU A 2039 -87.81 -9.40 29.40
C LEU A 2039 -88.60 -10.28 28.45
N ALA A 2040 -89.64 -10.96 28.94
CA ALA A 2040 -90.51 -11.72 28.06
C ALA A 2040 -91.26 -10.79 27.10
N HIS A 2041 -91.77 -9.67 27.61
CA HIS A 2041 -92.39 -8.67 26.76
C HIS A 2041 -91.37 -7.98 25.87
N CYS A 2042 -90.14 -7.87 26.35
CA CYS A 2042 -89.05 -7.43 25.52
C CYS A 2042 -88.60 -8.57 24.62
N GLY A 2043 -87.52 -8.37 23.89
CA GLY A 2043 -87.10 -9.35 22.90
C GLY A 2043 -86.47 -10.62 23.45
N ILE A 2044 -86.35 -10.77 24.77
CA ILE A 2044 -85.67 -11.92 25.33
C ILE A 2044 -86.54 -13.16 25.18
N GLN A 2045 -85.93 -14.25 24.69
CA GLN A 2045 -86.67 -15.48 24.45
C GLN A 2045 -87.07 -16.18 25.74
N LEU A 2046 -86.41 -15.84 26.87
CA LEU A 2046 -86.71 -16.36 28.20
C LEU A 2046 -86.64 -17.88 28.25
N GLU A 2047 -85.64 -18.43 27.56
CA GLU A 2047 -85.47 -19.88 27.46
C GLU A 2047 -84.95 -20.41 28.79
N GLY A 2048 -85.79 -21.17 29.48
CA GLY A 2048 -85.42 -21.72 30.78
C GLY A 2048 -85.96 -20.90 31.93
N LYS A 2089 -89.89 -19.02 7.42
CA LYS A 2089 -90.53 -19.21 8.72
C LYS A 2089 -91.57 -18.13 8.97
N LYS A 2090 -92.66 -18.50 9.66
CA LYS A 2090 -93.72 -17.56 9.96
C LYS A 2090 -93.37 -16.72 11.20
N PRO A 2091 -93.28 -15.39 11.05
CA PRO A 2091 -92.91 -14.54 12.20
C PRO A 2091 -93.97 -14.48 13.28
N GLN A 2092 -95.20 -14.14 12.88
CA GLN A 2092 -96.32 -13.83 13.77
C GLN A 2092 -95.99 -12.77 14.81
N SER A 2093 -95.06 -11.87 14.50
CA SER A 2093 -94.52 -10.90 15.45
C SER A 2093 -93.78 -9.83 14.68
N LEU A 2094 -93.68 -8.66 15.30
CA LEU A 2094 -93.07 -7.51 14.63
C LEU A 2094 -91.57 -7.70 14.48
N GLN A 2095 -90.93 -8.28 15.49
CA GLN A 2095 -89.47 -8.37 15.45
C GLN A 2095 -89.00 -9.39 14.42
N GLU A 2096 -89.55 -10.61 14.47
CA GLU A 2096 -89.28 -11.59 13.45
C GLU A 2096 -89.84 -11.18 12.09
N LEU A 2097 -90.83 -10.31 12.07
CA LEU A 2097 -91.42 -9.83 10.83
C LEU A 2097 -90.50 -8.86 10.10
N VAL A 2098 -89.99 -7.86 10.84
CA VAL A 2098 -89.04 -6.93 10.26
C VAL A 2098 -87.75 -7.65 9.93
N SER A 2099 -87.31 -8.54 10.82
CA SER A 2099 -86.14 -9.35 10.54
C SER A 2099 -86.47 -10.57 9.69
N HIS A 2100 -87.52 -10.49 8.87
CA HIS A 2100 -87.64 -11.32 7.69
C HIS A 2100 -87.89 -10.49 6.44
N MET A 2101 -88.62 -9.39 6.57
CA MET A 2101 -88.90 -8.53 5.44
C MET A 2101 -87.68 -7.75 5.00
N VAL A 2102 -86.94 -7.18 5.95
CA VAL A 2102 -85.71 -6.52 5.61
C VAL A 2102 -84.68 -7.53 5.13
N VAL A 2103 -84.80 -8.78 5.61
CA VAL A 2103 -83.94 -9.87 5.15
C VAL A 2103 -84.18 -10.17 3.68
N ARG A 2104 -85.45 -10.30 3.29
CA ARG A 2104 -85.72 -10.58 1.90
C ARG A 2104 -85.44 -9.37 1.02
N TRP A 2105 -85.55 -8.16 1.58
CA TRP A 2105 -85.12 -6.97 0.87
C TRP A 2105 -83.61 -6.98 0.62
N ALA A 2106 -82.85 -7.42 1.61
CA ALA A 2106 -81.41 -7.44 1.50
C ALA A 2106 -80.93 -8.54 0.57
N GLN A 2107 -81.58 -9.71 0.60
CA GLN A 2107 -81.22 -10.78 -0.31
C GLN A 2107 -81.89 -10.60 -1.66
N GLU A 2108 -82.68 -9.53 -1.83
CA GLU A 2108 -82.96 -9.02 -3.16
C GLU A 2108 -81.75 -8.25 -3.68
N ASP A 2109 -81.90 -7.59 -4.82
CA ASP A 2109 -80.75 -7.17 -5.63
C ASP A 2109 -80.00 -5.99 -5.00
N TYR A 2110 -79.08 -5.46 -5.79
CA TYR A 2110 -78.21 -4.39 -5.32
C TYR A 2110 -79.02 -3.11 -5.10
N VAL A 2111 -79.02 -2.64 -3.87
CA VAL A 2111 -79.88 -1.54 -3.44
C VAL A 2111 -79.04 -0.27 -3.35
N GLN A 2112 -79.51 0.79 -3.98
CA GLN A 2112 -78.91 2.12 -3.89
C GLN A 2112 -79.80 3.01 -2.99
N SER A 2113 -79.61 4.34 -3.06
CA SER A 2113 -80.21 5.37 -2.21
C SER A 2113 -79.80 5.14 -0.76
N PRO A 2114 -78.56 5.48 -0.41
CA PRO A 2114 -77.97 5.00 0.85
C PRO A 2114 -78.58 5.59 2.10
N GLU A 2115 -79.26 6.72 1.99
CA GLU A 2115 -79.96 7.27 3.14
C GLU A 2115 -81.14 6.40 3.53
N LEU A 2116 -81.82 5.82 2.54
CA LEU A 2116 -82.76 4.74 2.80
C LEU A 2116 -82.08 3.57 3.52
N VAL A 2117 -80.86 3.25 3.11
CA VAL A 2117 -80.14 2.13 3.71
C VAL A 2117 -79.78 2.46 5.16
N ARG A 2118 -79.37 3.71 5.40
CA ARG A 2118 -79.18 4.22 6.76
C ARG A 2118 -80.44 4.09 7.58
N ALA A 2119 -81.59 4.47 7.00
CA ALA A 2119 -82.85 4.39 7.70
C ALA A 2119 -83.28 2.96 7.99
N MET A 2120 -82.98 2.05 7.06
CA MET A 2120 -83.28 0.64 7.25
C MET A 2120 -82.49 0.07 8.40
N PHE A 2121 -81.19 0.31 8.40
CA PHE A 2121 -80.40 -0.33 9.43
C PHE A 2121 -80.47 0.40 10.75
N SER A 2122 -80.97 1.64 10.76
CA SER A 2122 -81.31 2.30 12.02
C SER A 2122 -82.37 1.53 12.79
N LEU A 2123 -83.47 1.20 12.13
CA LEU A 2123 -84.52 0.43 12.80
C LEU A 2123 -84.10 -1.02 12.94
N LEU A 2124 -83.23 -1.51 12.06
CA LEU A 2124 -82.71 -2.85 12.21
C LEU A 2124 -81.81 -2.96 13.44
N HIS A 2125 -81.15 -1.88 13.80
CA HIS A 2125 -80.53 -1.81 15.12
C HIS A 2125 -81.55 -1.96 16.22
N ARG A 2126 -82.68 -1.27 16.09
CA ARG A 2126 -83.74 -1.31 17.09
C ARG A 2126 -84.40 -2.69 17.18
N GLN A 2127 -84.25 -3.51 16.14
CA GLN A 2127 -84.69 -4.89 16.16
C GLN A 2127 -83.98 -5.73 17.21
N TYR A 2128 -82.80 -5.31 17.64
CA TYR A 2128 -81.95 -6.14 18.49
C TYR A 2128 -81.57 -5.45 19.78
N ASP A 2129 -81.01 -4.25 19.71
CA ASP A 2129 -80.58 -3.55 20.93
C ASP A 2129 -81.69 -2.68 21.49
N GLY A 2130 -82.86 -3.28 21.70
CA GLY A 2130 -83.92 -2.59 22.42
C GLY A 2130 -83.55 -2.33 23.86
N LEU A 2131 -82.72 -3.19 24.44
CA LEU A 2131 -82.19 -2.96 25.77
C LEU A 2131 -81.24 -1.77 25.79
N GLY A 2132 -80.37 -1.69 24.77
CA GLY A 2132 -79.57 -0.49 24.60
C GLY A 2132 -80.42 0.71 24.26
N GLU A 2133 -81.48 0.51 23.46
CA GLU A 2133 -82.42 1.58 23.21
C GLU A 2133 -83.19 1.94 24.48
N LEU A 2134 -83.46 0.95 25.33
CA LEU A 2134 -84.06 1.25 26.63
C LEU A 2134 -83.13 2.09 27.49
N LEU A 2135 -81.85 1.73 27.51
CA LEU A 2135 -80.83 2.50 28.20
C LEU A 2135 -80.68 3.89 27.62
N ARG A 2136 -80.93 4.04 26.32
CA ARG A 2136 -80.89 5.36 25.70
C ARG A 2136 -81.97 6.28 26.24
N ALA A 2137 -83.23 5.84 26.26
CA ALA A 2137 -84.30 6.66 26.81
C ALA A 2137 -84.40 6.57 28.31
N LEU A 2138 -83.57 5.77 28.96
CA LEU A 2138 -83.55 5.71 30.41
C LEU A 2138 -83.21 7.04 31.11
N PRO A 2139 -82.31 7.90 30.60
CA PRO A 2139 -82.23 9.24 31.19
C PRO A 2139 -83.30 10.21 30.72
N ARG A 2140 -84.25 9.79 29.90
CA ARG A 2140 -85.23 10.72 29.33
C ARG A 2140 -86.65 10.45 29.80
N ALA A 2141 -86.83 9.64 30.83
CA ALA A 2141 -88.15 9.37 31.37
C ALA A 2141 -88.37 10.19 32.63
N TYR A 2142 -89.63 10.53 32.91
CA TYR A 2142 -89.93 11.27 34.12
C TYR A 2142 -91.37 10.99 34.51
N THR A 2143 -91.73 11.39 35.73
CA THR A 2143 -93.07 11.26 36.26
C THR A 2143 -93.36 12.52 37.07
N ILE A 2144 -94.51 13.14 36.82
CA ILE A 2144 -94.81 14.42 37.46
C ILE A 2144 -96.00 14.26 38.41
N SER A 2145 -96.09 15.18 39.36
CA SER A 2145 -97.16 15.14 40.34
C SER A 2145 -98.47 15.49 39.67
N PRO A 2146 -99.59 14.88 40.09
CA PRO A 2146 -100.87 15.16 39.43
C PRO A 2146 -101.33 16.59 39.65
N SER A 2147 -102.11 17.07 38.68
CA SER A 2147 -102.58 18.46 38.59
C SER A 2147 -101.42 19.45 38.58
N SER A 2148 -100.28 19.06 38.00
CA SER A 2148 -99.22 19.98 37.69
C SER A 2148 -99.09 20.20 36.19
N VAL A 2149 -100.09 19.76 35.43
CA VAL A 2149 -99.97 19.70 33.98
C VAL A 2149 -100.21 21.07 33.37
N GLU A 2150 -100.77 21.99 34.14
CA GLU A 2150 -101.14 23.30 33.64
C GLU A 2150 -99.93 24.20 33.44
N ASP A 2151 -98.92 24.14 34.31
CA ASP A 2151 -97.66 24.78 34.02
C ASP A 2151 -96.79 23.93 33.13
N THR A 2152 -97.04 22.61 33.10
CA THR A 2152 -96.24 21.70 32.30
C THR A 2152 -96.48 21.93 30.82
N MET A 2153 -97.74 22.03 30.39
CA MET A 2153 -98.06 22.31 29.00
C MET A 2153 -97.63 23.71 28.60
N SER A 2154 -97.69 24.65 29.55
CA SER A 2154 -97.26 26.02 29.25
C SER A 2154 -95.77 26.07 28.99
N LEU A 2155 -94.97 25.53 29.92
CA LEU A 2155 -93.53 25.41 29.75
C LEU A 2155 -93.18 24.52 28.55
N LEU A 2156 -94.03 23.56 28.25
CA LEU A 2156 -93.84 22.64 27.14
C LEU A 2156 -93.98 23.34 25.79
N GLU A 2157 -95.08 24.04 25.59
CA GLU A 2157 -95.26 24.83 24.37
C GLU A 2157 -94.29 26.00 24.31
N CYS A 2158 -93.84 26.48 25.48
CA CYS A 2158 -92.87 27.56 25.46
C CYS A 2158 -91.49 27.04 25.04
N LEU A 2159 -91.15 25.81 25.43
CA LEU A 2159 -90.01 25.11 24.86
C LEU A 2159 -90.21 24.86 23.37
N GLY A 2160 -91.46 24.64 22.96
CA GLY A 2160 -91.77 24.55 21.55
C GLY A 2160 -91.44 25.80 20.77
N GLN A 2161 -91.57 26.97 21.41
CA GLN A 2161 -91.11 28.22 20.79
C GLN A 2161 -89.62 28.20 20.58
N ILE A 2162 -88.88 27.73 21.57
CA ILE A 2162 -87.43 27.75 21.56
C ILE A 2162 -86.89 26.77 20.54
N ARG A 2163 -87.49 25.58 20.48
CA ARG A 2163 -87.12 24.60 19.47
C ARG A 2163 -87.53 25.06 18.08
N SER A 2164 -88.58 25.86 17.97
CA SER A 2164 -88.92 26.44 16.68
C SER A 2164 -87.96 27.57 16.31
N LEU A 2165 -87.78 28.55 17.19
CA LEU A 2165 -86.87 29.66 16.97
C LEU A 2165 -85.41 29.25 16.88
N LEU A 2166 -85.09 28.03 17.32
CA LEU A 2166 -83.80 27.42 17.03
C LEU A 2166 -83.49 27.41 15.53
N ILE A 2167 -84.47 27.00 14.70
CA ILE A 2167 -84.26 26.91 13.26
C ILE A 2167 -84.71 28.18 12.54
N VAL A 2168 -85.10 29.21 13.28
CA VAL A 2168 -85.60 30.44 12.71
C VAL A 2168 -84.49 31.49 12.74
N GLN A 2169 -84.25 32.11 11.58
CA GLN A 2169 -83.35 33.24 11.49
C GLN A 2169 -83.87 34.41 12.32
N MET A 2170 -82.94 35.10 12.98
CA MET A 2170 -83.30 36.14 13.94
C MET A 2170 -83.90 37.35 13.24
N GLY A 2171 -85.20 37.51 13.40
CA GLY A 2171 -85.84 38.77 13.13
C GLY A 2171 -86.02 39.49 14.45
N PRO A 2172 -86.34 40.78 14.40
CA PRO A 2172 -86.75 41.47 15.64
C PRO A 2172 -88.03 40.91 16.20
N GLN A 2173 -88.93 40.45 15.34
CA GLN A 2173 -90.13 39.75 15.79
C GLN A 2173 -89.77 38.41 16.41
N GLU A 2174 -88.66 37.80 15.97
CA GLU A 2174 -88.12 36.65 16.67
C GLU A 2174 -87.42 37.04 17.96
N GLU A 2175 -86.95 38.29 18.06
CA GLU A 2175 -86.18 38.70 19.22
C GLU A 2175 -87.06 38.86 20.44
N ASN A 2176 -88.05 39.74 20.37
CA ASN A 2176 -88.95 40.00 21.47
C ASN A 2176 -89.85 38.82 21.82
N LEU A 2177 -90.20 37.98 20.86
CA LEU A 2177 -90.98 36.78 21.17
C LEU A 2177 -90.16 35.79 21.99
N MET A 2178 -88.86 35.70 21.70
CA MET A 2178 -87.97 34.88 22.50
C MET A 2178 -87.87 35.40 23.94
N ILE A 2179 -87.80 36.71 24.09
CA ILE A 2179 -87.70 37.30 25.43
C ILE A 2179 -89.03 37.15 26.17
N GLN A 2180 -90.13 37.15 25.42
CA GLN A 2180 -91.44 36.83 25.98
C GLN A 2180 -91.49 35.39 26.49
N SER A 2181 -90.92 34.46 25.71
CA SER A 2181 -90.75 33.09 26.16
C SER A 2181 -89.87 32.99 27.41
N ILE A 2182 -88.83 33.82 27.48
CA ILE A 2182 -87.97 33.89 28.65
C ILE A 2182 -88.76 34.34 29.88
N GLY A 2183 -89.62 35.34 29.73
CA GLY A 2183 -90.48 35.74 30.82
C GLY A 2183 -91.48 34.68 31.24
N ASN A 2184 -91.99 33.92 30.28
CA ASN A 2184 -92.84 32.78 30.59
C ASN A 2184 -92.11 31.75 31.45
N ILE A 2185 -90.93 31.33 31.00
CA ILE A 2185 -90.20 30.31 31.76
C ILE A 2185 -89.53 30.86 33.00
N MET A 2186 -89.46 32.18 33.11
CA MET A 2186 -89.28 32.81 34.40
C MET A 2186 -90.47 32.63 35.30
N ASN A 2187 -91.66 32.65 34.74
CA ASN A 2187 -92.87 32.82 35.51
C ASN A 2187 -93.74 31.58 35.41
N ASN A 2188 -93.15 30.42 35.64
CA ASN A 2188 -93.90 29.17 35.64
C ASN A 2188 -93.65 28.31 36.86
N LYS A 2189 -92.54 28.52 37.57
CA LYS A 2189 -92.25 28.18 38.96
C LYS A 2189 -92.23 26.69 39.30
N VAL A 2190 -92.62 25.84 38.36
CA VAL A 2190 -92.32 24.42 38.43
C VAL A 2190 -90.90 24.19 37.93
N PHE A 2191 -90.42 25.11 37.08
CA PHE A 2191 -89.00 25.46 36.93
C PHE A 2191 -88.25 25.42 38.26
N TYR A 2192 -88.79 26.06 39.29
CA TYR A 2192 -88.15 26.04 40.60
C TYR A 2192 -88.43 24.76 41.36
N GLN A 2193 -89.47 24.04 40.99
CA GLN A 2193 -89.80 22.82 41.70
C GLN A 2193 -88.89 21.67 41.32
N HIS A 2194 -88.75 21.39 40.03
CA HIS A 2194 -87.93 20.26 39.58
C HIS A 2194 -87.04 20.65 38.41
N PRO A 2195 -85.87 21.24 38.69
CA PRO A 2195 -84.91 21.49 37.61
C PRO A 2195 -84.21 20.24 37.11
N ASN A 2196 -84.31 19.13 37.84
CA ASN A 2196 -83.68 17.88 37.43
C ASN A 2196 -84.28 17.34 36.15
N LEU A 2197 -85.56 17.65 35.89
CA LEU A 2197 -86.14 17.37 34.59
C LEU A 2197 -85.48 18.21 33.50
N MET A 2198 -85.19 19.49 33.79
CA MET A 2198 -84.62 20.38 32.79
C MET A 2198 -83.21 19.96 32.39
N ARG A 2199 -82.50 19.31 33.31
CA ARG A 2199 -81.23 18.69 33.00
C ARG A 2199 -81.39 17.60 31.95
N ALA A 2200 -82.53 16.91 31.95
CA ALA A 2200 -82.82 15.92 30.92
C ALA A 2200 -83.36 16.56 29.64
N LEU A 2201 -83.33 17.89 29.55
CA LEU A 2201 -83.86 18.56 28.37
C LEU A 2201 -82.80 19.19 27.49
N GLY A 2202 -81.57 19.34 27.98
CA GLY A 2202 -80.57 20.04 27.19
C GLY A 2202 -80.91 21.49 26.99
N MET A 2203 -81.53 22.11 28.01
CA MET A 2203 -82.08 23.45 27.85
C MET A 2203 -80.98 24.47 27.65
N HIS A 2204 -79.99 24.44 28.53
CA HIS A 2204 -78.78 25.22 28.39
C HIS A 2204 -78.05 24.93 27.08
N GLU A 2205 -78.12 23.70 26.59
CA GLU A 2205 -77.46 23.37 25.33
C GLU A 2205 -78.13 24.07 24.16
N THR A 2206 -79.47 24.05 24.12
CA THR A 2206 -80.21 24.80 23.12
C THR A 2206 -79.89 26.29 23.20
N VAL A 2207 -79.79 26.81 24.43
CA VAL A 2207 -79.42 28.21 24.63
C VAL A 2207 -78.02 28.49 24.09
N MET A 2208 -77.07 27.63 24.40
CA MET A 2208 -75.70 27.84 23.95
C MET A 2208 -75.58 27.73 22.44
N GLU A 2209 -76.31 26.79 21.85
CA GLU A 2209 -76.22 26.58 20.42
C GLU A 2209 -76.86 27.72 19.65
N VAL A 2210 -77.96 28.28 20.16
CA VAL A 2210 -78.49 29.45 19.49
C VAL A 2210 -77.67 30.69 19.84
N MET A 2211 -76.92 30.65 20.94
CA MET A 2211 -76.05 31.75 21.29
C MET A 2211 -74.77 31.77 20.46
N VAL A 2212 -74.28 30.60 20.08
CA VAL A 2212 -73.14 30.52 19.18
C VAL A 2212 -73.50 31.06 17.81
N ASN A 2213 -74.78 30.96 17.44
CA ASN A 2213 -75.24 31.57 16.20
C ASN A 2213 -75.16 33.09 16.25
N VAL A 2214 -75.63 33.69 17.34
CA VAL A 2214 -75.56 35.15 17.41
C VAL A 2214 -74.17 35.61 17.84
N LEU A 2215 -73.30 34.70 18.24
CA LEU A 2215 -71.92 35.03 18.56
C LEU A 2215 -70.93 34.67 17.47
N GLY A 2216 -71.40 34.07 16.38
CA GLY A 2216 -70.54 33.61 15.32
C GLY A 2216 -70.61 34.47 14.08
N GLY A 2217 -69.81 34.08 13.09
CA GLY A 2217 -69.76 34.78 11.82
C GLY A 2217 -69.00 36.09 11.91
N GLY A 2218 -69.64 37.10 12.49
CA GLY A 2218 -68.99 38.39 12.66
C GLY A 2218 -68.20 38.43 13.95
N GLU A 2219 -66.90 38.23 13.85
CA GLU A 2219 -66.04 38.29 15.02
C GLU A 2219 -65.95 39.72 15.55
N THR A 2220 -65.91 40.69 14.63
CA THR A 2220 -65.99 42.10 14.99
C THR A 2220 -66.90 42.89 14.07
N LYS A 2221 -67.73 42.22 13.27
CA LYS A 2221 -68.54 42.91 12.28
C LYS A 2221 -69.74 43.60 12.92
N GLU A 2222 -70.67 42.83 13.47
CA GLU A 2222 -71.87 43.39 14.05
C GLU A 2222 -72.17 42.73 15.39
N ILE A 2223 -72.61 43.55 16.34
CA ILE A 2223 -73.10 43.06 17.62
C ILE A 2223 -74.61 43.17 17.58
N ARG A 2224 -75.16 43.06 16.37
CA ARG A 2224 -76.59 43.20 16.10
C ARG A 2224 -77.39 42.18 16.90
N PHE A 2225 -78.66 42.54 17.13
CA PHE A 2225 -79.50 42.04 18.23
C PHE A 2225 -78.78 42.05 19.58
N PRO A 2226 -78.57 43.20 20.21
CA PRO A 2226 -78.29 43.20 21.65
C PRO A 2226 -79.59 43.03 22.43
N LYS A 2227 -79.47 43.05 23.76
CA LYS A 2227 -80.53 43.14 24.77
C LYS A 2227 -81.35 41.85 24.87
N MET A 2228 -81.15 40.92 23.93
CA MET A 2228 -81.73 39.59 23.94
C MET A 2228 -80.73 38.53 24.37
N VAL A 2229 -79.49 38.66 23.88
CA VAL A 2229 -78.38 37.89 24.41
C VAL A 2229 -78.19 38.14 25.89
N THR A 2230 -78.32 39.40 26.33
CA THR A 2230 -78.25 39.71 27.75
C THR A 2230 -79.46 39.15 28.48
N SER A 2231 -80.62 39.13 27.80
CA SER A 2231 -81.83 38.58 28.38
C SER A 2231 -81.71 37.10 28.67
N CYS A 2232 -81.34 36.31 27.66
CA CYS A 2232 -81.19 34.87 27.86
C CYS A 2232 -80.00 34.56 28.75
N CYS A 2233 -78.98 35.44 28.74
CA CYS A 2233 -77.84 35.27 29.63
C CYS A 2233 -78.22 35.45 31.09
N ARG A 2234 -78.89 36.55 31.42
CA ARG A 2234 -79.30 36.78 32.79
C ARG A 2234 -80.40 35.83 33.23
N PHE A 2235 -81.18 35.29 32.29
CA PHE A 2235 -82.06 34.20 32.67
C PHE A 2235 -81.30 32.93 33.00
N LEU A 2236 -80.31 32.58 32.18
CA LEU A 2236 -79.61 31.32 32.38
C LEU A 2236 -78.70 31.40 33.59
N CYS A 2237 -78.34 32.62 34.00
CA CYS A 2237 -77.77 32.84 35.32
C CYS A 2237 -78.63 32.29 36.43
N TYR A 2238 -79.95 32.45 36.35
CA TYR A 2238 -80.83 31.93 37.39
C TYR A 2238 -80.86 30.42 37.41
N PHE A 2239 -81.04 29.82 36.23
CA PHE A 2239 -81.07 28.37 36.09
C PHE A 2239 -79.73 27.75 36.47
N CYS A 2240 -78.64 28.46 36.23
CA CYS A 2240 -77.36 28.11 36.77
C CYS A 2240 -77.33 28.15 38.28
N ARG A 2241 -77.86 29.23 38.87
CA ARG A 2241 -77.84 29.47 40.30
C ARG A 2241 -78.61 28.40 41.06
N ILE A 2242 -79.76 27.99 40.55
CA ILE A 2242 -80.52 26.99 41.31
C ILE A 2242 -80.05 25.60 40.89
N SER A 2243 -78.88 25.23 41.39
CA SER A 2243 -78.22 23.97 41.08
C SER A 2243 -76.91 23.78 41.83
N ARG A 2244 -76.48 22.53 41.91
CA ARG A 2244 -75.08 22.17 42.01
C ARG A 2244 -74.73 21.14 40.96
N GLN A 2245 -75.67 20.82 40.08
CA GLN A 2245 -75.51 19.71 39.15
C GLN A 2245 -75.77 20.13 37.71
N ASN A 2246 -76.68 21.08 37.53
CA ASN A 2246 -76.85 21.69 36.22
C ASN A 2246 -75.63 22.51 35.85
N GLN A 2247 -75.11 23.26 36.81
CA GLN A 2247 -73.88 24.03 36.65
C GLN A 2247 -72.66 23.16 36.42
N ARG A 2248 -72.73 21.87 36.75
CA ARG A 2248 -71.69 20.93 36.37
C ARG A 2248 -71.63 20.72 34.87
N SER A 2249 -72.79 20.66 34.21
CA SER A 2249 -72.79 20.56 32.75
C SER A 2249 -72.38 21.87 32.10
N MET A 2250 -72.56 22.98 32.82
CA MET A 2250 -72.03 24.24 32.33
C MET A 2250 -70.53 24.28 32.46
N PHE A 2251 -70.00 23.72 33.54
CA PHE A 2251 -68.56 23.51 33.67
C PHE A 2251 -68.04 22.59 32.59
N ASP A 2252 -68.87 21.62 32.18
CA ASP A 2252 -68.56 20.77 31.04
C ASP A 2252 -68.47 21.58 29.75
N HIS A 2253 -69.23 22.67 29.64
CA HIS A 2253 -69.27 23.48 28.45
C HIS A 2253 -68.40 24.72 28.59
N LEU A 2254 -67.71 24.84 29.72
CA LEU A 2254 -67.20 26.12 30.19
C LEU A 2254 -66.12 26.68 29.28
N SER A 2255 -65.07 25.89 29.01
CA SER A 2255 -63.97 26.34 28.15
C SER A 2255 -64.43 26.66 26.75
N TYR A 2256 -65.40 25.90 26.26
CA TYR A 2256 -66.08 26.26 25.03
C TYR A 2256 -66.76 27.61 25.16
N LEU A 2257 -67.57 27.77 26.21
CA LEU A 2257 -68.25 29.06 26.37
C LEU A 2257 -67.27 30.10 26.88
N LEU A 2258 -66.13 29.70 27.42
CA LEU A 2258 -65.04 30.65 27.64
C LEU A 2258 -64.45 31.11 26.33
N GLU A 2259 -64.34 30.20 25.35
CA GLU A 2259 -63.91 30.61 24.02
C GLU A 2259 -64.93 31.54 23.38
N ASN A 2260 -66.20 31.40 23.75
CA ASN A 2260 -67.21 32.36 23.33
C ASN A 2260 -67.11 33.68 24.09
N SER A 2261 -66.95 33.64 25.41
CA SER A 2261 -67.06 34.81 26.25
C SER A 2261 -65.84 35.70 26.16
N GLY A 2262 -64.71 35.17 25.69
CA GLY A 2262 -63.48 35.95 25.56
C GLY A 2262 -63.55 37.10 24.60
N ILE A 2263 -64.38 36.99 23.56
CA ILE A 2263 -64.67 38.10 22.68
C ILE A 2263 -65.84 38.93 23.15
N GLY A 2264 -66.43 38.60 24.29
CA GLY A 2264 -67.58 39.32 24.78
C GLY A 2264 -67.20 40.58 25.52
N LEU A 2265 -67.70 40.72 26.75
CA LEU A 2265 -67.41 41.84 27.66
C LEU A 2265 -67.78 43.19 27.05
N GLY A 2266 -69.08 43.39 26.82
CA GLY A 2266 -69.56 44.64 26.27
C GLY A 2266 -70.38 45.44 27.26
N MET A 2267 -71.70 45.33 27.15
CA MET A 2267 -72.60 46.03 28.06
C MET A 2267 -72.53 45.42 29.45
N GLN A 2268 -72.64 46.29 30.46
CA GLN A 2268 -72.71 45.86 31.84
C GLN A 2268 -74.03 45.13 32.11
N GLY A 2269 -74.11 44.53 33.30
CA GLY A 2269 -75.25 43.70 33.62
C GLY A 2269 -75.01 42.26 33.23
N SER A 2270 -75.72 41.78 32.21
CA SER A 2270 -75.54 40.40 31.77
C SER A 2270 -74.43 40.33 30.73
N THR A 2271 -73.64 39.25 30.80
CA THR A 2271 -72.39 39.12 30.07
C THR A 2271 -72.08 37.63 30.01
N PRO A 2272 -71.59 37.10 28.88
CA PRO A 2272 -71.17 35.69 28.86
C PRO A 2272 -70.06 35.37 29.84
N LEU A 2273 -69.23 36.34 30.21
CA LEU A 2273 -68.39 36.18 31.39
C LEU A 2273 -69.21 36.19 32.67
N ASP A 2274 -70.31 36.95 32.71
CA ASP A 2274 -71.07 37.04 33.95
C ASP A 2274 -71.84 35.75 34.24
N VAL A 2275 -72.35 35.10 33.21
CA VAL A 2275 -73.00 33.82 33.44
C VAL A 2275 -71.98 32.74 33.78
N ALA A 2276 -70.75 32.85 33.26
CA ALA A 2276 -69.70 31.94 33.70
C ALA A 2276 -69.25 32.25 35.12
N ALA A 2277 -69.34 33.51 35.53
CA ALA A 2277 -69.06 33.88 36.91
C ALA A 2277 -70.15 33.34 37.83
N ALA A 2278 -71.38 33.29 37.36
CA ALA A 2278 -72.44 32.56 38.06
C ALA A 2278 -72.16 31.06 38.07
N SER A 2279 -71.48 30.56 37.05
CA SER A 2279 -71.12 29.15 36.95
C SER A 2279 -69.91 28.75 37.79
N VAL A 2280 -69.43 29.58 38.72
CA VAL A 2280 -68.25 29.27 39.52
C VAL A 2280 -68.44 29.58 40.99
N ILE A 2281 -69.57 30.16 41.39
CA ILE A 2281 -69.82 30.46 42.79
C ILE A 2281 -70.00 29.17 43.58
N ASP A 2282 -70.60 28.16 42.96
CA ASP A 2282 -70.71 26.84 43.57
C ASP A 2282 -69.34 26.18 43.56
N ASN A 2283 -68.52 26.53 44.55
CA ASN A 2283 -67.15 26.08 44.63
C ASN A 2283 -67.06 24.79 45.44
N ASN A 2284 -65.84 24.48 45.88
CA ASN A 2284 -65.41 23.26 46.58
C ASN A 2284 -65.63 22.00 45.74
N GLU A 2285 -65.90 22.14 44.44
CA GLU A 2285 -66.19 21.02 43.57
C GLU A 2285 -65.59 21.16 42.19
N LEU A 2286 -65.30 22.37 41.74
CA LEU A 2286 -64.83 22.62 40.39
C LEU A 2286 -63.50 23.33 40.32
N ALA A 2287 -63.08 24.01 41.40
CA ALA A 2287 -61.72 24.51 41.48
C ALA A 2287 -60.72 23.38 41.51
N LEU A 2288 -61.11 22.21 42.02
CA LEU A 2288 -60.31 21.02 41.86
C LEU A 2288 -60.42 20.44 40.45
N ALA A 2289 -61.55 20.61 39.79
CA ALA A 2289 -61.75 20.11 38.44
C ALA A 2289 -61.25 21.07 37.37
N LEU A 2290 -60.62 22.16 37.80
CA LEU A 2290 -60.23 23.28 36.96
C LEU A 2290 -59.24 22.91 35.86
N GLN A 2291 -59.25 23.66 34.75
CA GLN A 2291 -58.50 23.32 33.55
C GLN A 2291 -57.41 24.35 33.32
N GLU A 2292 -56.17 23.87 33.22
CA GLU A 2292 -55.03 24.73 32.98
C GLU A 2292 -55.12 25.41 31.62
N GLN A 2293 -55.74 24.75 30.64
CA GLN A 2293 -55.93 25.35 29.33
C GLN A 2293 -56.80 26.60 29.41
N ASP A 2294 -57.89 26.52 30.17
CA ASP A 2294 -58.75 27.68 30.37
C ASP A 2294 -58.11 28.74 31.23
N LEU A 2295 -57.33 28.34 32.24
CA LEU A 2295 -56.54 29.29 33.01
C LEU A 2295 -55.54 30.03 32.13
N GLU A 2296 -54.95 29.33 31.18
CA GLU A 2296 -54.08 29.94 30.19
C GLU A 2296 -54.82 30.92 29.32
N LYS A 2297 -56.05 30.59 28.93
CA LYS A 2297 -56.80 31.44 28.03
C LYS A 2297 -57.26 32.73 28.69
N VAL A 2298 -57.71 32.65 29.94
CA VAL A 2298 -58.13 33.89 30.60
C VAL A 2298 -56.93 34.76 30.93
N VAL A 2299 -55.74 34.17 31.09
CA VAL A 2299 -54.53 34.97 31.26
C VAL A 2299 -54.16 35.65 29.95
N SER A 2300 -54.29 34.93 28.83
CA SER A 2300 -54.10 35.55 27.52
C SER A 2300 -55.10 36.66 27.28
N TYR A 2301 -56.34 36.46 27.73
CA TYR A 2301 -57.38 37.45 27.67
C TYR A 2301 -57.00 38.71 28.42
N LEU A 2302 -56.52 38.56 29.66
CA LEU A 2302 -56.18 39.73 30.44
C LEU A 2302 -54.88 40.38 29.96
N ALA A 2303 -53.97 39.59 29.40
CA ALA A 2303 -52.75 40.15 28.83
C ALA A 2303 -53.06 40.98 27.59
N GLY A 2304 -54.05 40.57 26.81
CA GLY A 2304 -54.56 41.45 25.78
C GLY A 2304 -55.34 42.64 26.30
N CYS A 2305 -56.05 42.47 27.42
CA CYS A 2305 -56.76 43.57 28.05
C CYS A 2305 -55.83 44.68 28.53
N GLY A 2306 -54.64 44.32 29.00
CA GLY A 2306 -53.65 45.29 29.41
C GLY A 2306 -53.05 46.12 28.29
N LEU A 2307 -53.33 45.79 27.03
CA LEU A 2307 -52.82 46.54 25.89
C LEU A 2307 -53.91 47.12 25.00
N GLN A 2308 -55.11 46.56 25.00
CA GLN A 2308 -56.21 47.15 24.26
C GLN A 2308 -56.65 48.43 24.96
N SER A 2309 -57.28 49.32 24.21
CA SER A 2309 -57.48 50.69 24.68
C SER A 2309 -58.93 51.12 24.52
N CYS A 2310 -59.86 50.27 25.00
CA CYS A 2310 -61.31 50.53 25.07
C CYS A 2310 -61.93 50.93 23.74
N PRO A 2311 -62.15 49.99 22.81
CA PRO A 2311 -62.67 50.35 21.49
C PRO A 2311 -64.09 50.90 21.51
N MET A 2312 -64.92 50.48 22.48
CA MET A 2312 -66.25 51.06 22.61
C MET A 2312 -66.22 52.50 23.10
N LEU A 2313 -65.16 52.90 23.80
CA LEU A 2313 -64.99 54.26 24.24
C LEU A 2313 -64.15 55.08 23.26
N LEU A 2314 -63.52 54.44 22.28
CA LEU A 2314 -62.96 55.17 21.16
C LEU A 2314 -64.05 55.88 20.37
N ALA A 2315 -65.22 55.27 20.26
CA ALA A 2315 -66.36 55.83 19.56
C ALA A 2315 -67.22 56.72 20.46
N LYS A 2316 -66.68 57.22 21.56
CA LYS A 2316 -67.50 58.03 22.46
C LYS A 2316 -66.73 59.21 23.07
N GLY A 2317 -65.62 59.63 22.47
CA GLY A 2317 -64.93 60.82 22.94
C GLY A 2317 -64.19 60.62 24.24
N TYR A 2318 -63.15 59.79 24.23
CA TYR A 2318 -62.38 59.48 25.40
C TYR A 2318 -60.90 59.51 25.06
N PRO A 2319 -60.04 59.89 26.01
CA PRO A 2319 -58.62 60.13 25.69
C PRO A 2319 -57.80 58.89 25.40
N ASP A 2320 -58.40 57.69 25.44
CA ASP A 2320 -57.84 56.46 24.87
C ASP A 2320 -56.50 56.06 25.49
N ILE A 2321 -56.55 55.76 26.78
CA ILE A 2321 -55.39 55.24 27.50
C ILE A 2321 -55.14 53.81 27.04
N GLY A 2322 -53.88 53.44 26.86
CA GLY A 2322 -53.53 52.18 26.22
C GLY A 2322 -53.79 50.90 26.99
N TRP A 2323 -54.48 50.98 28.12
CA TRP A 2323 -54.97 49.78 28.80
C TRP A 2323 -56.46 49.99 29.05
N ASN A 2324 -57.09 49.03 29.73
CA ASN A 2324 -58.54 49.03 29.91
C ASN A 2324 -58.91 49.12 31.38
N PRO A 2325 -59.10 50.33 31.90
CA PRO A 2325 -59.63 50.47 33.27
C PRO A 2325 -61.04 49.96 33.38
N CYS A 2326 -61.82 50.02 32.31
CA CYS A 2326 -63.10 49.35 32.25
C CYS A 2326 -62.94 47.84 32.12
N GLY A 2327 -62.26 47.40 31.06
CA GLY A 2327 -62.14 46.00 30.68
C GLY A 2327 -61.51 45.10 31.70
N GLY A 2328 -60.50 45.58 32.45
CA GLY A 2328 -59.95 44.78 33.53
C GLY A 2328 -60.95 44.56 34.64
N GLU A 2329 -61.78 45.57 34.93
CA GLU A 2329 -62.85 45.38 35.91
C GLU A 2329 -63.98 44.52 35.35
N ARG A 2330 -64.15 44.49 34.03
CA ARG A 2330 -65.01 43.48 33.43
C ARG A 2330 -64.42 42.08 33.63
N TYR A 2331 -63.10 41.96 33.58
CA TYR A 2331 -62.44 40.76 34.04
C TYR A 2331 -62.38 40.71 35.56
N LEU A 2332 -61.67 39.70 36.07
CA LEU A 2332 -61.19 39.53 37.45
C LEU A 2332 -62.26 39.19 38.46
N ASP A 2333 -63.52 39.37 38.09
CA ASP A 2333 -64.61 39.07 39.02
C ASP A 2333 -64.81 37.57 39.15
N PHE A 2334 -64.85 36.89 38.00
CA PHE A 2334 -64.79 35.43 37.92
C PHE A 2334 -63.60 34.89 38.71
N LEU A 2335 -62.44 35.51 38.53
CA LEU A 2335 -61.22 35.00 39.14
C LEU A 2335 -61.23 35.19 40.64
N ARG A 2336 -61.89 36.23 41.11
CA ARG A 2336 -62.19 36.36 42.53
C ARG A 2336 -63.15 35.28 42.99
N PHE A 2337 -64.17 34.99 42.17
CA PHE A 2337 -65.28 34.12 42.57
C PHE A 2337 -64.88 32.67 42.76
N ALA A 2338 -63.67 32.29 42.32
CA ALA A 2338 -63.15 30.99 42.71
C ALA A 2338 -62.63 30.97 44.14
N VAL A 2339 -62.16 32.10 44.66
CA VAL A 2339 -61.42 32.07 45.92
C VAL A 2339 -62.36 32.67 46.98
N PHE A 2340 -63.65 32.63 46.70
CA PHE A 2340 -64.61 33.52 47.35
C PHE A 2340 -65.32 32.92 48.54
N VAL A 2341 -66.13 31.87 48.32
CA VAL A 2341 -67.01 31.36 49.36
C VAL A 2341 -66.24 30.55 50.38
N ASN A 2342 -65.21 29.85 49.95
CA ASN A 2342 -64.24 29.24 50.84
C ASN A 2342 -63.06 30.20 51.01
N GLY A 2343 -63.37 31.38 51.56
CA GLY A 2343 -62.49 32.53 51.65
C GLY A 2343 -61.07 32.23 52.10
N GLU A 2344 -60.09 32.73 51.34
CA GLU A 2344 -58.70 32.26 51.34
C GLU A 2344 -58.65 30.76 51.02
N SER A 2345 -59.04 30.46 49.78
CA SER A 2345 -59.13 29.09 49.28
C SER A 2345 -57.79 28.49 48.91
N VAL A 2346 -57.82 27.36 48.19
CA VAL A 2346 -56.64 26.56 47.97
C VAL A 2346 -55.65 27.31 47.08
N GLU A 2347 -54.36 27.16 47.41
CA GLU A 2347 -53.32 27.79 46.63
C GLU A 2347 -53.09 27.08 45.31
N GLU A 2348 -53.67 25.89 45.12
CA GLU A 2348 -53.67 25.22 43.84
C GLU A 2348 -54.28 26.10 42.75
N ASN A 2349 -55.29 26.89 43.09
CA ASN A 2349 -55.78 27.90 42.17
C ASN A 2349 -54.76 29.01 41.97
N ALA A 2350 -54.42 29.72 43.06
CA ALA A 2350 -53.65 30.94 42.99
C ALA A 2350 -52.21 30.77 42.53
N ASN A 2351 -51.67 29.54 42.61
CA ASN A 2351 -50.27 29.33 42.27
C ASN A 2351 -50.04 29.44 40.78
N VAL A 2352 -50.83 28.70 39.98
CA VAL A 2352 -50.73 28.84 38.54
C VAL A 2352 -51.24 30.19 38.07
N VAL A 2353 -52.06 30.86 38.88
CA VAL A 2353 -52.46 32.23 38.58
C VAL A 2353 -51.25 33.14 38.65
N VAL A 2354 -50.60 33.20 39.80
CA VAL A 2354 -49.62 34.24 40.04
C VAL A 2354 -48.29 33.90 39.38
N ARG A 2355 -47.92 32.62 39.38
CA ARG A 2355 -46.67 32.20 38.75
C ARG A 2355 -46.68 32.37 37.24
N LEU A 2356 -47.86 32.49 36.64
CA LEU A 2356 -47.93 32.84 35.24
C LEU A 2356 -48.29 34.30 35.04
N LEU A 2357 -48.85 34.94 36.06
CA LEU A 2357 -49.12 36.36 36.04
C LEU A 2357 -47.86 37.19 36.20
N ILE A 2358 -46.79 36.58 36.73
CA ILE A 2358 -45.47 37.19 36.70
C ILE A 2358 -44.78 36.95 35.36
N ARG A 2359 -45.14 35.89 34.64
CA ARG A 2359 -44.58 35.64 33.32
C ARG A 2359 -44.99 36.74 32.33
N LYS A 2360 -46.21 37.24 32.46
CA LYS A 2360 -46.64 38.43 31.74
C LYS A 2360 -46.76 39.58 32.72
N PRO A 2361 -45.73 40.41 32.88
CA PRO A 2361 -45.87 41.61 33.70
C PRO A 2361 -46.75 42.68 33.08
N GLU A 2362 -47.15 42.53 31.82
CA GLU A 2362 -48.15 43.42 31.22
C GLU A 2362 -49.55 43.09 31.70
N CYS A 2363 -49.74 41.97 32.40
CA CYS A 2363 -50.98 41.74 33.13
C CYS A 2363 -51.17 42.73 34.27
N PHE A 2364 -50.07 43.27 34.82
CA PHE A 2364 -50.18 44.29 35.84
C PHE A 2364 -50.60 45.62 35.23
N GLY A 2365 -50.89 46.57 36.11
CA GLY A 2365 -51.07 47.95 35.71
C GLY A 2365 -49.76 48.48 35.19
N PRO A 2366 -49.80 49.28 34.13
CA PRO A 2366 -48.55 49.85 33.58
C PRO A 2366 -47.95 50.91 34.49
N ALA A 2367 -48.78 51.65 35.23
CA ALA A 2367 -48.30 52.58 36.24
C ALA A 2367 -47.92 51.88 37.53
N LEU A 2368 -47.97 50.56 37.56
CA LEU A 2368 -47.44 49.75 38.65
C LEU A 2368 -46.17 49.03 38.24
N ARG A 2369 -46.22 48.23 37.17
CA ARG A 2369 -45.09 47.42 36.73
C ARG A 2369 -44.54 47.88 35.39
N GLY A 2370 -44.53 49.19 35.15
CA GLY A 2370 -43.75 49.73 34.06
C GLY A 2370 -42.26 49.54 34.33
N GLU A 2371 -41.50 49.38 33.26
CA GLU A 2371 -40.07 49.08 33.35
C GLU A 2371 -39.26 50.23 33.94
N GLY A 2372 -39.70 51.46 33.79
CA GLY A 2372 -39.02 52.57 34.39
C GLY A 2372 -39.70 53.03 35.67
N GLY A 2373 -40.21 54.26 35.66
CA GLY A 2373 -40.89 54.80 36.82
C GLY A 2373 -42.37 54.49 36.80
N SER A 2374 -42.80 53.59 37.67
CA SER A 2374 -44.21 53.22 37.76
C SER A 2374 -44.59 53.18 39.23
N GLY A 2375 -44.92 54.34 39.78
CA GLY A 2375 -45.31 54.43 41.16
C GLY A 2375 -46.79 54.17 41.31
N LEU A 2376 -47.16 53.25 42.19
CA LEU A 2376 -48.57 52.91 42.32
C LEU A 2376 -49.33 53.96 43.12
N LEU A 2377 -48.85 54.31 44.31
CA LEU A 2377 -49.47 55.38 45.08
C LEU A 2377 -49.31 56.72 44.38
N ALA A 2378 -48.22 56.90 43.64
CA ALA A 2378 -48.10 58.03 42.73
C ALA A 2378 -49.20 58.05 41.68
N ALA A 2379 -49.51 56.90 41.10
CA ALA A 2379 -50.60 56.78 40.14
C ALA A 2379 -51.95 57.07 40.79
N ILE A 2380 -52.10 56.67 42.05
CA ILE A 2380 -53.38 56.89 42.72
C ILE A 2380 -53.56 58.36 43.09
N GLU A 2381 -52.50 59.01 43.58
CA GLU A 2381 -52.57 60.43 43.85
C GLU A 2381 -52.75 61.23 42.57
N GLU A 2382 -52.21 60.75 41.45
CA GLU A 2382 -52.51 61.38 40.17
C GLU A 2382 -53.95 61.12 39.75
N ALA A 2383 -54.48 59.92 40.02
CA ALA A 2383 -55.85 59.59 39.67
C ALA A 2383 -56.86 60.37 40.50
N ILE A 2384 -56.46 60.82 41.68
CA ILE A 2384 -57.25 61.80 42.42
C ILE A 2384 -57.45 63.07 41.60
N ARG A 2385 -56.36 63.60 41.03
CA ARG A 2385 -56.45 64.77 40.18
C ARG A 2385 -57.17 64.46 38.87
N ILE A 2386 -57.06 63.23 38.38
CA ILE A 2386 -57.76 62.84 37.16
C ILE A 2386 -59.27 62.78 37.40
N SER A 2387 -59.68 62.25 38.55
CA SER A 2387 -61.09 62.29 38.93
C SER A 2387 -61.57 63.70 39.22
N GLU A 2388 -60.69 64.58 39.69
CA GLU A 2388 -61.03 65.98 39.88
C GLU A 2388 -61.13 66.74 38.55
N ASP A 2389 -60.39 66.33 37.52
CA ASP A 2389 -60.38 67.03 36.25
C ASP A 2389 -61.22 66.28 35.23
N PRO A 2390 -62.43 66.76 34.90
CA PRO A 2390 -63.31 66.03 33.98
C PRO A 2390 -62.91 66.11 32.52
N ALA A 2391 -61.82 66.79 32.19
CA ALA A 2391 -61.35 66.91 30.82
C ALA A 2391 -60.83 65.60 30.25
N ARG A 2392 -60.47 64.64 31.10
CA ARG A 2392 -59.96 63.35 30.65
C ARG A 2392 -61.07 62.31 30.50
N ASP A 2393 -62.30 62.75 30.22
CA ASP A 2393 -63.44 61.85 30.14
C ASP A 2393 -64.27 62.24 28.92
N GLY A 2394 -65.48 61.71 28.87
CA GLY A 2394 -66.42 62.07 27.83
C GLY A 2394 -67.25 63.27 28.26
N PRO A 2395 -66.87 64.46 27.77
CA PRO A 2395 -67.56 65.69 28.18
C PRO A 2395 -67.74 66.67 27.03
N ASN A 2414 -70.09 58.34 29.14
CA ASN A 2414 -70.43 59.27 30.22
C ASN A 2414 -71.23 58.55 31.30
N ARG A 2415 -71.02 57.24 31.42
CA ARG A 2415 -71.70 56.44 32.43
C ARG A 2415 -71.21 56.78 33.83
N VAL A 2416 -69.90 56.89 34.00
CA VAL A 2416 -69.29 57.26 35.25
C VAL A 2416 -68.02 58.07 34.95
N HIS A 2417 -67.45 58.64 36.01
CA HIS A 2417 -66.14 59.28 35.91
C HIS A 2417 -65.10 58.17 35.83
N LEU A 2418 -63.94 58.48 35.25
CA LEU A 2418 -62.97 57.46 34.90
C LEU A 2418 -61.97 57.16 36.01
N GLY A 2419 -61.84 58.06 36.98
CA GLY A 2419 -61.04 57.77 38.15
C GLY A 2419 -61.57 56.60 38.95
N HIS A 2420 -62.90 56.43 38.96
CA HIS A 2420 -63.46 55.25 39.59
C HIS A 2420 -63.20 54.00 38.77
N ALA A 2421 -63.16 54.11 37.44
CA ALA A 2421 -62.79 52.98 36.61
C ALA A 2421 -61.33 52.58 36.80
N ILE A 2422 -60.47 53.55 37.11
CA ILE A 2422 -59.10 53.24 37.54
C ILE A 2422 -59.12 52.49 38.87
N MET A 2423 -59.70 53.12 39.90
CA MET A 2423 -59.50 52.64 41.26
C MET A 2423 -60.27 51.37 41.54
N SER A 2424 -61.40 51.16 40.87
CA SER A 2424 -62.16 49.93 41.03
C SER A 2424 -61.36 48.74 40.54
N PHE A 2425 -60.74 48.87 39.38
CA PHE A 2425 -59.87 47.82 38.87
C PHE A 2425 -58.62 47.63 39.71
N TYR A 2426 -58.03 48.71 40.20
CA TYR A 2426 -56.83 48.57 41.02
C TYR A 2426 -57.13 47.97 42.40
N ALA A 2427 -58.17 48.46 43.08
CA ALA A 2427 -58.64 47.84 44.31
C ALA A 2427 -59.15 46.42 44.07
N ALA A 2428 -59.62 46.12 42.86
CA ALA A 2428 -59.97 44.75 42.49
C ALA A 2428 -58.76 43.85 42.40
N LEU A 2429 -57.70 44.35 41.78
CA LEU A 2429 -56.40 43.67 41.79
C LEU A 2429 -55.92 43.42 43.21
N ILE A 2430 -56.10 44.39 44.09
CA ILE A 2430 -55.66 44.23 45.47
C ILE A 2430 -56.54 43.24 46.22
N ASP A 2431 -57.85 43.27 45.95
CA ASP A 2431 -58.78 42.36 46.62
C ASP A 2431 -58.60 40.93 46.19
N LEU A 2432 -58.25 40.70 44.93
CA LEU A 2432 -57.92 39.35 44.49
C LEU A 2432 -56.69 38.82 45.20
N LEU A 2433 -55.72 39.69 45.47
CA LEU A 2433 -54.57 39.30 46.26
C LEU A 2433 -54.92 39.08 47.73
N GLY A 2434 -55.86 39.86 48.26
CA GLY A 2434 -56.27 39.68 49.64
C GLY A 2434 -57.04 38.38 49.85
N ARG A 2435 -57.82 37.96 48.85
CA ARG A 2435 -58.47 36.66 48.92
C ARG A 2435 -57.54 35.51 48.54
N CYS A 2436 -56.57 35.76 47.66
CA CYS A 2436 -55.58 34.78 47.27
C CYS A 2436 -54.29 34.98 48.03
N ALA A 2437 -54.40 35.39 49.30
CA ALA A 2437 -53.29 35.32 50.25
C ALA A 2437 -52.72 33.90 50.30
N PRO A 2438 -51.40 33.76 50.43
CA PRO A 2438 -50.78 32.44 50.21
C PRO A 2438 -51.13 31.40 51.25
N GLU A 2439 -51.31 31.80 52.50
CA GLU A 2439 -51.48 30.79 53.53
C GLU A 2439 -52.27 31.38 54.69
N MET A 2440 -53.25 30.59 55.14
CA MET A 2440 -53.78 30.76 56.47
C MET A 2440 -52.86 29.99 57.40
N HIS A 2441 -53.08 30.10 58.72
CA HIS A 2441 -52.05 29.78 59.70
C HIS A 2441 -51.68 28.31 59.75
N LEU A 2442 -52.56 27.43 59.26
CA LEU A 2442 -52.30 25.99 59.23
C LEU A 2442 -51.04 25.67 58.42
N ILE A 2443 -50.81 26.40 57.35
CA ILE A 2443 -49.64 26.21 56.50
C ILE A 2443 -48.76 27.45 56.50
N GLN A 2444 -49.24 28.56 57.07
CA GLN A 2444 -48.40 29.73 57.22
C GLN A 2444 -47.34 29.49 58.28
N ALA A 2445 -47.69 28.74 59.31
CA ALA A 2445 -46.70 28.23 60.25
C ALA A 2445 -46.17 26.87 59.85
N GLY A 2446 -46.75 26.23 58.83
CA GLY A 2446 -46.40 24.85 58.57
C GLY A 2446 -46.12 24.43 57.14
N LYS A 2447 -45.79 25.36 56.25
CA LYS A 2447 -45.42 24.98 54.90
C LYS A 2447 -44.44 25.99 54.32
N GLY A 2448 -43.26 25.50 53.94
CA GLY A 2448 -42.22 26.34 53.37
C GLY A 2448 -42.51 26.80 51.95
N GLU A 2449 -43.43 26.11 51.27
CA GLU A 2449 -43.78 26.50 49.92
C GLU A 2449 -44.56 27.80 49.90
N ALA A 2450 -45.55 27.95 50.78
CA ALA A 2450 -46.30 29.19 50.87
C ALA A 2450 -45.49 30.33 51.45
N LEU A 2451 -44.41 30.02 52.17
CA LEU A 2451 -43.52 31.06 52.66
C LEU A 2451 -42.82 31.79 51.53
N ARG A 2452 -42.43 31.04 50.49
CA ARG A 2452 -41.95 31.63 49.24
C ARG A 2452 -42.96 32.62 48.69
N ILE A 2453 -44.23 32.22 48.68
CA ILE A 2453 -45.25 33.01 48.02
C ILE A 2453 -45.57 34.25 48.82
N ARG A 2454 -45.55 34.13 50.15
CA ARG A 2454 -45.77 35.29 51.00
C ARG A 2454 -44.60 36.26 50.95
N ALA A 2455 -43.37 35.74 50.91
CA ALA A 2455 -42.20 36.60 50.73
C ALA A 2455 -42.22 37.27 49.37
N ILE A 2456 -42.70 36.56 48.34
CA ILE A 2456 -42.81 37.16 47.02
C ILE A 2456 -43.87 38.26 47.01
N LEU A 2457 -44.97 38.07 47.73
CA LEU A 2457 -45.97 39.13 47.81
C LEU A 2457 -45.45 40.34 48.58
N ARG A 2458 -44.76 40.11 49.69
CA ARG A 2458 -44.12 41.21 50.40
C ARG A 2458 -43.05 41.91 49.56
N SER A 2459 -42.40 41.19 48.64
CA SER A 2459 -41.51 41.83 47.69
C SER A 2459 -42.29 42.67 46.69
N LEU A 2460 -43.43 42.15 46.22
CA LEU A 2460 -44.21 42.83 45.20
C LEU A 2460 -44.86 44.08 45.76
N VAL A 2461 -45.73 43.92 46.76
CA VAL A 2461 -46.27 45.09 47.42
C VAL A 2461 -45.44 45.38 48.67
N PRO A 2462 -44.73 46.50 48.71
CA PRO A 2462 -43.94 46.83 49.89
C PRO A 2462 -44.84 47.34 51.00
N LEU A 2463 -44.26 47.42 52.19
CA LEU A 2463 -44.91 48.12 53.27
C LEU A 2463 -44.77 49.62 53.04
N ASP A 2464 -45.75 50.38 53.57
CA ASP A 2464 -45.86 51.84 53.60
C ASP A 2464 -46.19 52.46 52.25
N ASP A 2465 -46.19 51.67 51.18
CA ASP A 2465 -46.86 52.12 49.97
C ASP A 2465 -48.36 52.07 50.18
N LEU A 2466 -48.81 51.08 50.95
CA LEU A 2466 -50.21 50.90 51.27
C LEU A 2466 -50.69 51.87 52.34
N VAL A 2467 -49.77 52.38 53.15
CA VAL A 2467 -50.18 53.22 54.27
C VAL A 2467 -50.61 54.59 53.77
N GLY A 2468 -49.96 55.11 52.73
CA GLY A 2468 -50.46 56.31 52.08
C GLY A 2468 -51.80 56.10 51.41
N ILE A 2469 -52.00 54.91 50.83
CA ILE A 2469 -53.30 54.54 50.27
C ILE A 2469 -54.37 54.52 51.35
N ILE A 2470 -54.01 54.05 52.54
CA ILE A 2470 -54.91 54.12 53.70
C ILE A 2470 -55.14 55.57 54.11
N SER A 2471 -54.09 56.39 54.07
CA SER A 2471 -54.13 57.76 54.58
C SER A 2471 -54.59 58.76 53.51
N LEU A 2472 -55.15 58.23 52.43
CA LEU A 2472 -55.81 59.03 51.39
C LEU A 2472 -57.12 59.77 51.69
N PRO A 2473 -58.08 59.23 52.54
CA PRO A 2473 -59.52 59.26 52.19
C PRO A 2473 -60.17 60.59 51.80
N LEU A 2474 -61.21 60.46 51.00
CA LEU A 2474 -61.88 61.59 50.36
C LEU A 2474 -62.90 62.23 51.30
N GLN A 2475 -63.76 63.07 50.75
CA GLN A 2475 -64.71 63.89 51.51
C GLN A 2475 -65.91 63.06 51.97
N ILE A 2476 -66.93 63.76 52.45
CA ILE A 2476 -68.06 63.15 53.16
C ILE A 2476 -69.34 63.64 52.49
N PRO A 2477 -70.26 62.74 52.12
CA PRO A 2477 -71.58 63.14 51.58
C PRO A 2477 -72.52 63.70 52.65
N THR A 2478 -72.31 64.97 52.98
CA THR A 2478 -73.11 65.63 54.02
C THR A 2478 -73.19 67.11 53.67
N LEU A 2479 -74.33 67.52 53.12
CA LEU A 2479 -74.57 68.93 52.79
C LEU A 2479 -76.06 69.22 52.75
N UNK A 2517 -76.23 67.85 49.39
CA UNK A 2517 -75.37 67.41 48.30
C UNK A 2517 -74.53 66.21 48.71
N UNK A 2518 -74.88 65.04 48.19
CA UNK A 2518 -74.14 63.82 48.47
C UNK A 2518 -72.89 63.71 47.61
N UNK A 2519 -72.12 62.66 47.81
CA UNK A 2519 -70.86 62.47 47.10
C UNK A 2519 -71.11 61.62 45.85
N UNK A 2520 -70.15 61.62 44.93
CA UNK A 2520 -70.28 60.89 43.69
C UNK A 2520 -69.97 59.42 43.90
N UNK A 2521 -70.90 58.57 43.46
CA UNK A 2521 -70.65 57.15 43.38
C UNK A 2521 -69.78 56.78 42.19
N UNK A 2522 -69.54 57.74 41.29
CA UNK A 2522 -68.59 57.61 40.20
C UNK A 2522 -67.19 58.05 40.64
N UNK A 2523 -66.94 58.02 41.94
CA UNK A 2523 -65.65 58.35 42.53
C UNK A 2523 -65.14 57.15 43.31
N UNK A 2524 -64.06 57.33 44.07
CA UNK A 2524 -63.43 56.24 44.83
C UNK A 2524 -64.34 55.69 45.91
N UNK A 2525 -64.52 54.36 45.95
CA UNK A 2525 -65.40 53.74 46.93
C UNK A 2525 -64.71 53.58 48.28
N UNK A 2526 -65.42 53.94 49.34
CA UNK A 2526 -64.89 53.79 50.68
C UNK A 2526 -64.85 52.34 51.12
N UNK A 2527 -65.74 51.52 50.59
CA UNK A 2527 -65.69 50.09 50.87
C UNK A 2527 -64.51 49.43 50.19
N UNK A 2528 -64.02 50.02 49.10
CA UNK A 2528 -62.84 49.53 48.39
C UNK A 2528 -61.55 49.78 49.16
N UNK A 2529 -61.59 50.60 50.21
CA UNK A 2529 -60.44 50.73 51.10
C UNK A 2529 -60.24 49.47 51.93
N UNK A 2530 -61.32 48.71 52.17
CA UNK A 2530 -61.22 47.46 52.89
C UNK A 2530 -60.63 46.33 52.05
N UNK A 2531 -60.47 46.53 50.74
CA UNK A 2531 -59.80 45.55 49.90
C UNK A 2531 -58.32 45.42 50.23
N UNK A 2532 -57.70 46.51 50.67
CA UNK A 2532 -56.31 46.46 51.13
C UNK A 2532 -56.18 45.92 52.54
N UNK A 2533 -57.28 45.87 53.30
CA UNK A 2533 -57.22 45.41 54.68
C UNK A 2533 -56.89 43.94 54.77
N UNK A 2534 -57.55 43.10 53.96
CA UNK A 2534 -57.25 41.68 53.96
C UNK A 2534 -55.85 41.40 53.41
N UNK A 2535 -55.41 42.18 52.42
CA UNK A 2535 -54.07 42.00 51.88
C UNK A 2535 -53.01 42.42 52.89
N UNK A 2536 -53.21 43.53 53.57
CA UNK A 2536 -52.24 43.96 54.58
C UNK A 2536 -52.36 43.19 55.87
N UNK A 2537 -53.44 42.42 56.06
CA UNK A 2537 -53.58 41.58 57.24
C UNK A 2537 -53.20 40.14 56.97
N UNK A 2538 -53.04 39.75 55.70
CA UNK A 2538 -52.75 38.35 55.42
C UNK A 2538 -51.53 38.15 54.52
N UNK A 2539 -50.95 39.20 53.97
CA UNK A 2539 -49.72 39.08 53.19
C UNK A 2539 -48.67 40.03 53.75
N UNK A 2540 -49.08 41.25 54.05
CA UNK A 2540 -48.23 42.18 54.79
C UNK A 2540 -48.63 42.22 56.25
N UNK A 2541 -49.01 41.06 56.80
CA UNK A 2541 -49.60 40.90 58.13
C UNK A 2541 -48.75 41.49 59.25
N UNK A 2542 -49.36 42.36 60.05
CA UNK A 2542 -48.65 43.02 61.14
C UNK A 2542 -49.11 42.40 62.45
N UNK A 2543 -48.18 42.27 63.40
CA UNK A 2543 -48.52 41.82 64.74
C UNK A 2543 -47.83 42.70 65.76
N UNK A 2544 -46.93 43.56 65.28
CA UNK A 2544 -46.07 44.34 66.15
C UNK A 2544 -46.77 45.56 66.72
N UNK A 2545 -46.00 46.47 67.30
CA UNK A 2545 -46.50 47.75 67.80
C UNK A 2545 -46.64 48.78 66.68
N UNK A 2546 -46.34 48.35 65.45
CA UNK A 2546 -46.66 49.13 64.25
C UNK A 2546 -48.15 49.19 63.98
N UNK A 2547 -48.95 48.41 64.70
CA UNK A 2547 -50.40 48.59 64.70
C UNK A 2547 -50.80 49.97 65.22
N UNK A 2548 -50.00 50.56 66.10
CA UNK A 2548 -50.24 51.94 66.50
C UNK A 2548 -50.02 52.90 65.34
N UNK A 2549 -48.97 52.69 64.56
CA UNK A 2549 -48.76 53.51 63.36
C UNK A 2549 -49.82 53.24 62.31
N UNK A 2550 -50.34 52.03 62.29
CA UNK A 2550 -51.48 51.69 61.45
C UNK A 2550 -52.75 52.42 61.87
N UNK A 2551 -53.06 52.43 63.17
CA UNK A 2551 -54.15 53.23 63.69
C UNK A 2551 -53.94 54.71 63.46
N UNK A 2552 -52.68 55.17 63.41
CA UNK A 2552 -52.35 56.55 63.13
C UNK A 2552 -52.76 56.98 61.72
N UNK A 2553 -52.99 56.02 60.82
CA UNK A 2553 -53.58 56.34 59.52
C UNK A 2553 -55.01 55.84 59.49
N UNK A 2554 -55.37 55.02 60.47
CA UNK A 2554 -56.65 54.34 60.45
C UNK A 2554 -57.66 54.93 61.43
N UNK A 2555 -57.23 55.22 62.67
CA UNK A 2555 -58.17 55.73 63.66
C UNK A 2555 -58.59 57.16 63.39
N UNK A 2556 -57.89 57.89 62.51
CA UNK A 2556 -58.44 59.13 62.00
C UNK A 2556 -59.72 58.87 61.22
N UNK A 2557 -59.72 57.83 60.39
CA UNK A 2557 -60.95 57.43 59.71
C UNK A 2557 -61.96 56.87 60.69
N UNK A 2558 -61.51 56.26 61.80
CA UNK A 2558 -62.47 55.79 62.80
C UNK A 2558 -63.11 56.95 63.54
N UNK A 2559 -62.35 58.03 63.75
CA UNK A 2559 -62.93 59.24 64.30
C UNK A 2559 -63.89 59.89 63.33
N UNK A 2560 -63.56 59.88 62.04
CA UNK A 2560 -64.47 60.34 61.01
C UNK A 2560 -65.67 59.45 60.83
N UNK A 2561 -65.60 58.19 61.28
CA UNK A 2561 -66.69 57.25 61.13
C UNK A 2561 -67.86 57.59 62.04
N UNK A 2562 -67.58 58.15 63.21
CA UNK A 2562 -68.63 58.54 64.13
C UNK A 2562 -69.25 59.90 63.81
N UNK A 2563 -68.99 60.45 62.62
CA UNK A 2563 -69.45 61.80 62.30
C UNK A 2563 -70.82 61.78 61.63
N UNK A 2564 -70.93 61.11 60.48
CA UNK A 2564 -72.10 61.23 59.62
C UNK A 2564 -73.22 60.27 59.98
N UNK A 2565 -73.29 59.82 61.23
CA UNK A 2565 -74.33 58.91 61.70
C UNK A 2565 -75.51 59.67 62.30
N UNK A 2566 -75.72 60.91 61.88
CA UNK A 2566 -76.76 61.74 62.47
C UNK A 2566 -77.87 62.02 61.47
N UNK A 2567 -77.51 62.53 60.30
CA UNK A 2567 -78.53 63.03 59.39
C UNK A 2567 -79.23 61.90 58.63
N UNK A 2568 -78.51 61.24 57.72
CA UNK A 2568 -79.13 60.15 56.97
C UNK A 2568 -78.21 58.96 56.76
N UNK A 2569 -76.90 59.18 56.94
CA UNK A 2569 -75.84 58.25 56.55
C UNK A 2569 -76.02 57.71 55.13
N UNK A 2570 -76.23 58.62 54.17
CA UNK A 2570 -76.48 58.23 52.78
C UNK A 2570 -75.19 57.72 52.15
N UNK A 2571 -75.35 56.79 51.19
CA UNK A 2571 -74.27 56.07 50.51
C UNK A 2571 -73.35 55.40 51.52
N UNK A 2572 -73.88 54.43 52.27
CA UNK A 2572 -73.18 53.86 53.41
C UNK A 2572 -72.24 52.72 53.00
N UNK A 2573 -71.37 53.03 52.04
CA UNK A 2573 -70.28 52.12 51.69
C UNK A 2573 -69.24 52.08 52.80
N UNK A 2574 -69.10 53.15 53.56
CA UNK A 2574 -68.24 53.11 54.74
C UNK A 2574 -68.83 52.22 55.82
N UNK A 2575 -70.16 52.07 55.86
CA UNK A 2575 -70.76 51.13 56.78
C UNK A 2575 -70.45 49.69 56.40
N UNK A 2576 -70.22 49.43 55.12
CA UNK A 2576 -69.72 48.13 54.69
C UNK A 2576 -68.22 47.99 54.89
N UNK A 2577 -67.46 49.06 54.68
CA UNK A 2577 -66.03 49.09 54.95
C UNK A 2577 -65.71 48.84 56.41
N UNK A 2578 -66.47 49.43 57.32
CA UNK A 2578 -66.30 49.22 58.75
C UNK A 2578 -66.89 47.87 59.16
N UNK A 2579 -67.81 47.33 58.37
CA UNK A 2579 -68.21 45.95 58.53
C UNK A 2579 -67.13 45.01 58.05
N UNK A 2580 -66.19 45.51 57.23
CA UNK A 2580 -65.05 44.71 56.79
C UNK A 2580 -63.74 45.16 57.42
N UNK A 2581 -63.77 46.11 58.36
CA UNK A 2581 -62.54 46.52 59.03
C UNK A 2581 -62.61 46.46 60.54
N UNK A 2582 -63.80 46.53 61.16
CA UNK A 2582 -63.88 46.34 62.60
C UNK A 2582 -63.60 44.91 63.01
N UNK A 2583 -63.82 43.95 62.11
CA UNK A 2583 -63.40 42.58 62.38
C UNK A 2583 -61.88 42.47 62.41
N UNK A 2584 -61.18 43.28 61.63
CA UNK A 2584 -59.72 43.29 61.69
C UNK A 2584 -59.22 43.84 63.02
N UNK A 2585 -59.92 44.85 63.55
CA UNK A 2585 -59.61 45.33 64.89
C UNK A 2585 -59.98 44.30 65.95
N UNK A 2586 -61.09 43.57 65.73
CA UNK A 2586 -61.51 42.49 66.60
C UNK A 2586 -60.54 41.33 66.61
N UNK A 2587 -59.78 41.14 65.53
CA UNK A 2587 -58.76 40.10 65.43
C UNK A 2587 -57.42 40.59 65.94
N UNK A 2588 -57.45 41.54 66.87
CA UNK A 2588 -56.24 42.06 67.50
C UNK A 2588 -56.60 42.39 68.95
N UNK A 2589 -56.17 41.54 69.87
CA UNK A 2589 -56.37 41.76 71.31
C UNK A 2589 -55.07 42.12 72.01
N UNK A 2590 -54.16 42.79 71.30
CA UNK A 2590 -52.87 43.17 71.85
C UNK A 2590 -52.85 44.68 72.04
N UNK A 2591 -53.03 45.10 73.30
CA UNK A 2591 -52.96 46.52 73.63
C UNK A 2591 -51.80 46.75 74.58
N UNK A 2592 -51.39 48.01 74.70
CA UNK A 2592 -50.21 48.35 75.47
C UNK A 2592 -50.33 49.73 76.12
N UNK A 2593 -49.20 50.26 76.60
CA UNK A 2593 -49.14 51.56 77.28
C UNK A 2593 -48.94 52.66 76.24
N UNK A 2594 -48.58 53.85 76.75
CA UNK A 2594 -48.53 55.11 75.99
C UNK A 2594 -49.84 55.35 75.26
N UNK A 2595 -50.94 55.14 75.99
CA UNK A 2595 -52.29 55.13 75.42
C UNK A 2595 -52.75 56.57 75.21
N UNK A 2596 -52.10 57.24 74.25
CA UNK A 2596 -52.45 58.63 73.95
C UNK A 2596 -53.73 58.69 73.12
N UNK A 2597 -53.66 58.13 71.91
CA UNK A 2597 -54.82 58.09 71.03
C UNK A 2597 -55.69 56.87 71.28
N UNK A 2598 -55.32 55.99 72.21
CA UNK A 2598 -56.10 54.80 72.45
C UNK A 2598 -57.43 55.11 73.12
N UNK A 2599 -57.43 56.02 74.09
CA UNK A 2599 -58.69 56.46 74.70
C UNK A 2599 -59.56 57.21 73.72
N UNK A 2600 -58.95 57.97 72.81
CA UNK A 2600 -59.70 58.65 71.77
C UNK A 2600 -60.32 57.66 70.79
N UNK A 2601 -59.58 56.61 70.42
CA UNK A 2601 -60.12 55.60 69.53
C UNK A 2601 -61.22 54.78 70.22
N UNK A 2602 -61.06 54.53 71.51
CA UNK A 2602 -62.12 53.86 72.27
C UNK A 2602 -63.35 54.73 72.39
N UNK A 2603 -63.16 56.05 72.54
CA UNK A 2603 -64.29 56.96 72.58
C UNK A 2603 -64.97 57.05 71.23
N UNK A 2604 -64.20 56.99 70.14
CA UNK A 2604 -64.79 56.98 68.81
C UNK A 2604 -65.55 55.69 68.54
N UNK A 2605 -65.02 54.56 69.04
CA UNK A 2605 -65.72 53.29 68.95
C UNK A 2605 -67.01 53.28 69.74
N UNK A 2606 -66.97 53.83 70.96
CA UNK A 2606 -68.19 53.91 71.77
C UNK A 2606 -69.19 54.89 71.18
N UNK A 2607 -68.72 55.97 70.56
CA UNK A 2607 -69.63 56.93 69.94
C UNK A 2607 -70.29 56.34 68.71
N UNK A 2608 -69.52 55.65 67.86
CA UNK A 2608 -70.09 54.98 66.71
C UNK A 2608 -70.97 53.81 67.11
N UNK A 2609 -70.68 53.17 68.24
CA UNK A 2609 -71.51 52.06 68.71
C UNK A 2609 -72.82 52.55 69.29
N UNK A 2610 -72.78 53.68 70.00
CA UNK A 2610 -74.01 54.27 70.50
C UNK A 2610 -74.82 54.90 69.38
N UNK A 2611 -74.15 55.37 68.32
CA UNK A 2611 -74.84 55.97 67.17
C UNK A 2611 -75.42 54.86 66.30
N UNK A 2612 -76.51 54.29 66.78
CA UNK A 2612 -77.20 53.21 66.09
C UNK A 2612 -78.51 53.66 65.47
N UNK A 2613 -78.81 54.96 65.47
CA UNK A 2613 -80.06 55.45 64.91
C UNK A 2613 -80.04 55.42 63.39
N UNK A 2614 -79.13 56.19 62.79
CA UNK A 2614 -78.99 56.18 61.33
C UNK A 2614 -78.25 54.92 60.90
N UNK A 2615 -78.83 54.20 59.93
CA UNK A 2615 -78.29 52.99 59.31
C UNK A 2615 -78.02 51.89 60.34
N UNK A 2616 -79.09 51.36 60.96
CA UNK A 2616 -79.02 50.43 62.08
C UNK A 2616 -78.28 49.14 61.75
N UNK A 2617 -78.81 48.36 60.81
CA UNK A 2617 -78.20 47.14 60.27
C UNK A 2617 -77.87 46.13 61.37
N UNK A 2618 -78.90 45.55 62.00
CA UNK A 2618 -78.77 44.83 63.27
C UNK A 2618 -77.78 43.66 63.21
N UNK A 2619 -77.59 43.07 62.04
CA UNK A 2619 -76.52 42.08 61.87
C UNK A 2619 -75.15 42.72 62.05
N UNK A 2620 -74.91 43.85 61.39
CA UNK A 2620 -73.66 44.59 61.59
C UNK A 2620 -73.56 45.16 63.00
N UNK A 2621 -74.70 45.44 63.63
CA UNK A 2621 -74.70 45.89 65.02
C UNK A 2621 -74.23 44.78 65.95
N UNK A 2622 -74.71 43.55 65.73
CA UNK A 2622 -74.22 42.41 66.50
C UNK A 2622 -72.76 42.11 66.19
N UNK A 2623 -72.34 42.31 64.95
CA UNK A 2623 -70.93 42.11 64.59
C UNK A 2623 -70.02 43.11 65.29
N UNK A 2624 -70.43 44.37 65.32
CA UNK A 2624 -69.68 45.39 66.04
C UNK A 2624 -69.76 45.18 67.55
N UNK A 2625 -70.85 44.60 68.04
CA UNK A 2625 -70.95 44.26 69.46
C UNK A 2625 -69.95 43.18 69.84
N UNK A 2626 -69.83 42.15 69.02
CA UNK A 2626 -68.79 41.14 69.20
C UNK A 2626 -67.39 41.73 69.08
N UNK A 2627 -67.17 42.63 68.12
CA UNK A 2627 -65.89 43.30 67.95
C UNK A 2627 -65.52 44.17 69.14
N UNK A 2628 -66.50 44.82 69.77
CA UNK A 2628 -66.25 45.64 70.95
C UNK A 2628 -66.04 44.79 72.20
N UNK A 2629 -66.76 43.68 72.29
CA UNK A 2629 -66.54 42.76 73.40
C UNK A 2629 -65.19 42.07 73.31
N UNK A 2630 -64.66 41.88 72.11
CA UNK A 2630 -63.34 41.30 71.91
C UNK A 2630 -62.21 42.19 72.39
N UNK A 2631 -62.38 43.51 72.32
CA UNK A 2631 -61.33 44.43 72.73
C UNK A 2631 -61.16 44.52 74.25
N UNK A 2632 -62.12 43.99 75.01
CA UNK A 2632 -62.01 43.97 76.46
C UNK A 2632 -60.91 43.07 76.96
N UNK A 2633 -60.46 42.11 76.16
CA UNK A 2633 -59.33 41.25 76.48
C UNK A 2633 -58.04 41.79 75.88
N UNK A 2634 -57.91 43.11 75.75
CA UNK A 2634 -56.69 43.68 75.22
C UNK A 2634 -56.05 44.66 76.19
N UNK A 2635 -56.86 45.52 76.80
CA UNK A 2635 -56.38 46.65 77.58
C UNK A 2635 -56.48 46.37 79.07
N UNK A 2636 -55.87 47.27 79.86
CA UNK A 2636 -55.79 47.12 81.31
C UNK A 2636 -56.11 48.46 81.99
N UNK A 2637 -57.39 48.69 82.26
CA UNK A 2637 -57.89 49.71 83.19
C UNK A 2637 -57.56 51.14 82.77
N UNK A 2638 -57.16 51.34 81.53
CA UNK A 2638 -56.84 52.67 81.03
C UNK A 2638 -58.07 53.42 80.57
N UNK A 2639 -59.20 52.74 80.41
CA UNK A 2639 -60.43 53.36 79.93
C UNK A 2639 -61.09 54.10 81.09
N UNK A 2640 -60.70 55.37 81.23
CA UNK A 2640 -61.33 56.22 82.22
C UNK A 2640 -62.45 57.05 81.61
N UNK A 2641 -62.16 57.77 80.52
CA UNK A 2641 -63.14 58.66 79.92
C UNK A 2641 -64.26 57.88 79.25
N UNK A 2642 -63.93 56.76 78.62
CA UNK A 2642 -64.95 55.93 77.99
C UNK A 2642 -65.83 55.26 79.04
N UNK A 2643 -65.26 54.86 80.17
CA UNK A 2643 -66.07 54.30 81.25
C UNK A 2643 -66.94 55.37 81.90
N UNK A 2644 -66.44 56.60 81.97
CA UNK A 2644 -67.25 57.70 82.48
C UNK A 2644 -68.41 57.99 81.53
N UNK A 2645 -68.15 57.97 80.23
CA UNK A 2645 -69.19 58.14 79.23
C UNK A 2645 -70.20 57.01 79.25
N UNK A 2646 -69.75 55.78 79.49
CA UNK A 2646 -70.67 54.65 79.60
C UNK A 2646 -71.53 54.76 80.84
N UNK A 2647 -70.91 55.12 81.97
CA UNK A 2647 -71.66 55.26 83.22
C UNK A 2647 -72.61 56.44 83.19
N UNK A 2648 -72.38 57.40 82.28
CA UNK A 2648 -73.26 58.55 82.14
C UNK A 2648 -74.33 58.35 81.09
N UNK A 2649 -74.14 57.40 80.18
CA UNK A 2649 -75.10 57.25 79.09
C UNK A 2649 -75.95 56.00 79.26
N UNK A 2650 -75.31 54.85 79.48
CA UNK A 2650 -76.05 53.60 79.54
C UNK A 2650 -76.83 53.48 80.84
N UNK A 2651 -76.25 53.95 81.95
CA UNK A 2651 -76.98 53.97 83.20
C UNK A 2651 -78.13 54.96 83.17
N UNK A 2652 -77.99 56.05 82.42
CA UNK A 2652 -79.10 56.96 82.16
C UNK A 2652 -80.19 56.27 81.36
N UNK A 2653 -79.89 55.90 80.12
CA UNK A 2653 -80.84 55.25 79.24
C UNK A 2653 -80.67 53.74 79.37
N UNK A 2654 -81.20 53.20 80.46
CA UNK A 2654 -81.07 51.77 80.76
C UNK A 2654 -82.28 50.99 80.23
N UNK A 2655 -82.68 51.34 79.01
CA UNK A 2655 -83.74 50.62 78.31
C UNK A 2655 -83.39 50.48 76.83
N UNK A 2656 -82.23 50.99 76.43
CA UNK A 2656 -81.90 51.16 75.03
C UNK A 2656 -81.54 49.83 74.38
N UNK A 2657 -81.32 49.88 73.07
CA UNK A 2657 -80.88 48.70 72.33
C UNK A 2657 -79.47 48.30 72.68
N UNK A 2658 -78.57 49.27 72.88
CA UNK A 2658 -77.21 48.97 73.28
C UNK A 2658 -77.08 48.65 74.77
N UNK A 2659 -78.16 48.81 75.53
CA UNK A 2659 -78.11 48.63 76.98
C UNK A 2659 -77.90 47.17 77.39
N UNK A 2660 -78.49 46.23 76.65
CA UNK A 2660 -78.32 44.82 76.99
C UNK A 2660 -76.89 44.36 76.73
N UNK A 2661 -76.27 44.86 75.65
CA UNK A 2661 -74.87 44.58 75.40
C UNK A 2661 -73.95 45.28 76.39
N UNK A 2662 -74.33 46.49 76.81
CA UNK A 2662 -73.55 47.20 77.82
C UNK A 2662 -73.63 46.51 79.18
N UNK A 2663 -74.74 45.81 79.46
CA UNK A 2663 -74.83 45.01 80.68
C UNK A 2663 -73.79 43.90 80.70
N UNK A 2664 -73.64 43.19 79.58
CA UNK A 2664 -72.61 42.16 79.49
C UNK A 2664 -71.21 42.77 79.46
N UNK A 2665 -71.06 43.94 78.88
CA UNK A 2665 -69.75 44.61 78.87
C UNK A 2665 -69.35 45.06 80.26
N UNK A 2666 -70.32 45.53 81.05
CA UNK A 2666 -70.03 45.93 82.43
C UNK A 2666 -69.78 44.72 83.31
N UNK A 2667 -70.49 43.62 83.06
CA UNK A 2667 -70.18 42.37 83.75
C UNK A 2667 -68.80 41.84 83.37
N UNK A 2668 -68.34 42.10 82.16
CA UNK A 2668 -66.98 41.76 81.76
C UNK A 2668 -65.95 42.60 82.49
N UNK A 2669 -66.21 43.90 82.66
CA UNK A 2669 -65.31 44.76 83.42
C UNK A 2669 -65.38 44.47 84.92
N UNK A 2670 -66.47 43.87 85.38
CA UNK A 2670 -66.60 43.48 86.77
C UNK A 2670 -65.60 42.39 87.15
N UNK A 2671 -65.19 41.57 86.19
CA UNK A 2671 -64.21 40.50 86.42
C UNK A 2671 -62.78 41.01 86.28
N UNK A 2672 -62.58 42.32 86.32
CA UNK A 2672 -61.25 42.92 86.21
C UNK A 2672 -60.90 43.72 87.46
N UNK A 2673 -61.83 43.81 88.40
CA UNK A 2673 -61.59 44.54 89.64
C UNK A 2673 -61.85 43.64 90.83
N UNK A 2674 -61.92 42.33 90.57
CA UNK A 2674 -62.20 41.36 91.63
C UNK A 2674 -61.05 41.21 92.60
N UNK A 2675 -59.81 41.26 92.14
CA UNK A 2675 -58.65 41.12 93.01
C UNK A 2675 -57.82 42.40 93.09
N UNK A 2676 -57.29 42.86 91.97
CA UNK A 2676 -56.51 44.08 91.96
C UNK A 2676 -57.26 45.14 91.15
N UNK A 2677 -56.60 46.27 90.91
CA UNK A 2677 -57.12 47.40 90.14
C UNK A 2677 -58.44 47.94 90.70
N UNK A 2678 -58.61 47.82 92.02
CA UNK A 2678 -59.75 48.42 92.71
C UNK A 2678 -59.42 49.80 93.25
N UNK A 2679 -58.33 50.39 92.79
CA UNK A 2679 -57.79 51.64 93.33
C UNK A 2679 -58.23 52.85 92.50
N UNK A 2680 -59.47 53.29 92.68
CA UNK A 2680 -59.98 54.47 92.00
C UNK A 2680 -61.13 55.05 92.83
N UNK A 2681 -60.88 56.20 93.45
CA UNK A 2681 -61.88 56.77 94.36
C UNK A 2681 -63.03 57.44 93.62
N UNK A 2682 -62.72 58.23 92.59
CA UNK A 2682 -63.77 58.88 91.83
C UNK A 2682 -64.56 57.87 90.99
N UNK A 2683 -63.88 56.86 90.46
CA UNK A 2683 -64.59 55.81 89.76
C UNK A 2683 -65.35 54.92 90.73
N UNK A 2684 -64.90 54.83 91.98
CA UNK A 2684 -65.69 54.15 93.01
C UNK A 2684 -66.95 54.94 93.33
N UNK A 2685 -66.86 56.27 93.34
CA UNK A 2685 -68.04 57.10 93.50
C UNK A 2685 -69.01 56.94 92.34
N UNK A 2686 -68.47 56.92 91.11
CA UNK A 2686 -69.30 56.66 89.94
C UNK A 2686 -69.88 55.25 89.95
N UNK A 2687 -69.16 54.30 90.56
CA UNK A 2687 -69.65 52.93 90.64
C UNK A 2687 -70.76 52.81 91.68
N UNK A 2688 -70.65 53.54 92.78
CA UNK A 2688 -71.75 53.59 93.74
C UNK A 2688 -72.97 54.28 93.14
N UNK A 2689 -72.74 55.32 92.34
CA UNK A 2689 -73.83 55.95 91.61
C UNK A 2689 -74.46 54.99 90.61
N UNK A 2690 -73.64 54.17 89.95
CA UNK A 2690 -74.16 53.19 89.01
C UNK A 2690 -74.89 52.05 89.72
N UNK A 2691 -74.45 51.69 90.93
CA UNK A 2691 -75.17 50.70 91.72
C UNK A 2691 -76.52 51.23 92.17
N UNK A 2692 -76.58 52.53 92.50
CA UNK A 2692 -77.86 53.15 92.79
C UNK A 2692 -78.74 53.25 91.54
N UNK A 2693 -78.14 53.49 90.38
CA UNK A 2693 -78.90 53.57 89.15
C UNK A 2693 -79.44 52.22 88.73
N UNK A 2694 -78.67 51.16 88.95
CA UNK A 2694 -79.16 49.81 88.83
C UNK A 2694 -80.23 49.51 89.86
N UNK A 2695 -80.08 50.03 91.08
CA UNK A 2695 -81.13 49.92 92.08
C UNK A 2695 -82.36 50.75 91.70
N UNK A 2696 -82.17 51.83 90.95
CA UNK A 2696 -83.30 52.59 90.43
C UNK A 2696 -84.07 51.83 89.36
N UNK A 2697 -83.41 50.91 88.66
CA UNK A 2697 -84.08 50.07 87.68
C UNK A 2697 -84.69 48.82 88.29
N UNK A 2698 -84.59 48.65 89.61
CA UNK A 2698 -85.26 47.54 90.27
C UNK A 2698 -86.77 47.75 90.28
N UNK A 2699 -87.20 49.00 90.36
CA UNK A 2699 -88.60 49.37 90.27
C UNK A 2699 -89.03 49.66 88.84
N UNK A 2700 -88.19 49.33 87.85
CA UNK A 2700 -88.52 49.55 86.46
C UNK A 2700 -89.39 48.42 85.93
N UNK A 2701 -89.56 48.36 84.61
CA UNK A 2701 -90.41 47.37 83.95
C UNK A 2701 -89.89 45.95 84.17
N UNK A 2702 -90.80 45.07 84.58
CA UNK A 2702 -90.47 43.70 84.93
C UNK A 2702 -90.46 42.78 83.72
N UNK A 2703 -89.58 43.04 82.75
CA UNK A 2703 -89.44 42.16 81.60
C UNK A 2703 -88.73 40.90 82.06
N UNK A 2704 -89.51 39.90 82.47
CA UNK A 2704 -88.99 38.69 83.05
C UNK A 2704 -88.25 37.85 82.02
N UNK A 2705 -86.96 37.64 82.29
CA UNK A 2705 -85.99 36.85 81.53
C UNK A 2705 -85.65 37.43 80.16
N UNK A 2706 -86.29 38.53 79.78
CA UNK A 2706 -85.90 39.27 78.59
C UNK A 2706 -84.90 40.34 79.00
N UNK A 2707 -85.31 41.17 79.96
CA UNK A 2707 -84.40 42.11 80.57
C UNK A 2707 -84.06 41.73 82.01
N UNK A 2708 -84.85 40.88 82.64
CA UNK A 2708 -84.57 40.48 84.03
C UNK A 2708 -83.33 39.60 84.09
N UNK A 2709 -83.30 38.53 83.31
CA UNK A 2709 -82.11 37.68 83.24
C UNK A 2709 -80.97 38.32 82.49
N UNK A 2710 -81.24 39.38 81.71
CA UNK A 2710 -80.19 40.10 81.01
C UNK A 2710 -79.28 40.88 81.95
N UNK A 2711 -79.73 41.13 83.18
CA UNK A 2711 -78.88 41.78 84.18
C UNK A 2711 -78.89 41.05 85.52
N UNK A 2712 -79.67 39.97 85.66
CA UNK A 2712 -79.58 39.15 86.85
C UNK A 2712 -78.27 38.41 86.89
N UNK A 2713 -77.72 38.07 85.73
CA UNK A 2713 -76.35 37.64 85.61
C UNK A 2713 -75.36 38.77 85.84
N UNK A 2714 -75.75 40.01 85.56
CA UNK A 2714 -74.92 41.18 85.81
C UNK A 2714 -75.07 41.69 87.24
N UNK A 2715 -75.70 40.92 88.12
CA UNK A 2715 -75.70 41.19 89.55
C UNK A 2715 -74.34 40.91 90.19
N UNK A 2716 -73.46 40.18 89.49
CA UNK A 2716 -72.08 40.02 89.90
C UNK A 2716 -71.24 41.26 89.67
N UNK A 2717 -71.77 42.26 88.96
CA UNK A 2717 -71.11 43.56 88.89
C UNK A 2717 -71.13 44.25 90.24
N UNK A 2718 -72.12 43.96 91.07
CA UNK A 2718 -72.16 44.52 92.42
C UNK A 2718 -71.23 43.76 93.37
N UNK A 2719 -70.77 42.57 92.96
CA UNK A 2719 -69.93 41.77 93.85
C UNK A 2719 -68.47 42.19 93.85
N UNK A 2720 -68.02 42.90 92.81
CA UNK A 2720 -66.60 43.22 92.66
C UNK A 2720 -66.12 44.34 93.57
N UNK A 2721 -67.04 45.04 94.24
CA UNK A 2721 -66.65 46.17 95.06
C UNK A 2721 -66.70 45.82 96.55
N UNK A 2722 -66.18 46.74 97.37
CA UNK A 2722 -66.23 46.62 98.81
C UNK A 2722 -67.54 47.19 99.34
N UNK A 2723 -67.61 47.36 100.66
CA UNK A 2723 -68.79 47.92 101.31
C UNK A 2723 -68.52 49.24 102.00
N UNK A 2724 -67.31 49.78 101.87
CA UNK A 2724 -66.95 51.02 102.54
C UNK A 2724 -67.67 52.20 101.91
N UNK A 2725 -68.09 53.14 102.76
CA UNK A 2725 -68.75 54.35 102.31
C UNK A 2725 -67.70 55.41 102.08
N UNK A 2726 -67.68 55.97 100.87
CA UNK A 2726 -66.85 57.14 100.60
C UNK A 2726 -67.58 58.40 101.07
N UNK A 2727 -66.94 59.54 100.88
CA UNK A 2727 -67.52 60.83 101.27
C UNK A 2727 -68.57 61.22 100.24
N UNK A 2728 -69.79 60.71 100.44
CA UNK A 2728 -70.89 60.92 99.51
C UNK A 2728 -71.89 61.90 100.11
N UNK A 2729 -72.17 62.96 99.37
CA UNK A 2729 -73.19 63.92 99.78
C UNK A 2729 -74.57 63.45 99.35
N UNK A 2730 -75.60 64.24 99.65
CA UNK A 2730 -76.96 63.86 99.31
C UNK A 2730 -77.65 65.08 98.69
N UNK A 2731 -77.93 65.01 97.40
CA UNK A 2731 -78.59 66.09 96.69
C UNK A 2731 -79.38 65.50 95.52
N UNK A 2732 -80.42 66.22 95.12
CA UNK A 2732 -81.28 65.73 94.05
C UNK A 2732 -81.73 66.91 93.17
N UNK A 2733 -81.79 66.63 91.87
CA UNK A 2733 -82.23 67.62 90.90
C UNK A 2733 -82.82 66.93 89.66
N ASN A 2734 -79.16 64.22 73.65
CA ASN A 2734 -80.23 64.74 74.50
C ASN A 2734 -79.79 64.77 75.96
N PHE A 2735 -79.93 65.93 76.58
CA PHE A 2735 -79.48 66.11 77.95
C PHE A 2735 -80.30 67.24 78.59
N ASP A 2736 -80.40 67.24 79.91
CA ASP A 2736 -81.22 68.20 80.64
C ASP A 2736 -80.64 68.50 82.02
N PRO A 2737 -79.86 69.56 82.16
CA PRO A 2737 -79.47 70.02 83.49
C PRO A 2737 -80.57 70.87 84.13
N ARG A 2738 -80.34 71.24 85.39
CA ARG A 2738 -81.29 72.08 86.14
C ARG A 2738 -80.59 73.23 86.84
N PRO A 2739 -80.37 74.35 86.15
CA PRO A 2739 -80.10 75.60 86.87
C PRO A 2739 -81.41 76.22 87.32
N VAL A 2740 -81.35 77.22 88.18
CA VAL A 2740 -82.55 77.90 88.66
C VAL A 2740 -82.73 79.15 87.80
N GLU A 2741 -83.94 79.69 87.80
CA GLU A 2741 -84.22 80.96 87.11
C GLU A 2741 -83.53 82.09 87.85
N THR A 2742 -82.40 82.56 87.32
CA THR A 2742 -81.61 83.56 88.01
C THR A 2742 -82.05 84.99 87.72
N LEU A 2743 -82.37 85.32 86.47
CA LEU A 2743 -82.62 86.71 86.05
C LEU A 2743 -83.86 87.31 86.73
N ASN A 2744 -84.75 86.48 87.26
CA ASN A 2744 -85.91 86.95 88.00
C ASN A 2744 -85.69 86.89 89.51
N VAL A 2745 -84.46 87.12 89.97
CA VAL A 2745 -84.14 87.13 91.39
C VAL A 2745 -83.62 88.51 91.76
N ILE A 2746 -84.19 89.12 92.80
CA ILE A 2746 -83.87 90.49 93.19
C ILE A 2746 -82.54 90.50 93.92
N ILE A 2747 -81.64 91.37 93.49
CA ILE A 2747 -80.39 91.63 94.21
C ILE A 2747 -80.61 92.85 95.08
N PRO A 2748 -80.41 92.75 96.39
CA PRO A 2748 -80.49 93.94 97.26
C PRO A 2748 -79.39 94.95 96.97
N GLU A 2749 -79.62 96.18 97.43
CA GLU A 2749 -78.77 97.31 97.07
C GLU A 2749 -77.40 97.26 97.74
N LYS A 2750 -77.29 96.64 98.90
CA LYS A 2750 -75.99 96.47 99.54
C LYS A 2750 -75.14 95.42 98.84
N LEU A 2751 -75.73 94.57 98.01
CA LEU A 2751 -74.98 93.60 97.24
C LEU A 2751 -74.51 94.11 95.89
N ASP A 2752 -75.03 95.26 95.42
CA ASP A 2752 -74.57 95.79 94.13
C ASP A 2752 -73.15 96.32 94.22
N SER A 2753 -72.84 97.05 95.31
CA SER A 2753 -71.45 97.43 95.55
C SER A 2753 -70.58 96.21 95.87
N PHE A 2754 -71.18 95.14 96.39
CA PHE A 2754 -70.42 93.91 96.60
C PHE A 2754 -70.11 93.21 95.29
N ILE A 2755 -71.02 93.29 94.32
CA ILE A 2755 -70.76 92.80 92.97
C ILE A 2755 -69.67 93.64 92.31
N ASN A 2756 -69.72 94.95 92.51
CA ASN A 2756 -68.65 95.83 92.05
C ASN A 2756 -67.32 95.51 92.74
N LYS A 2757 -67.38 95.07 94.00
CA LYS A 2757 -66.16 94.68 94.70
C LYS A 2757 -65.61 93.36 94.17
N PHE A 2758 -66.46 92.39 93.81
CA PHE A 2758 -65.90 91.16 93.23
C PHE A 2758 -65.46 91.38 91.80
N ALA A 2759 -66.03 92.38 91.12
CA ALA A 2759 -65.49 92.76 89.81
C ALA A 2759 -64.16 93.47 89.96
N GLU A 2760 -64.02 94.28 91.02
CA GLU A 2760 -62.73 94.85 91.40
C GLU A 2760 -61.72 93.77 91.75
N TYR A 2761 -62.17 92.71 92.44
CA TYR A 2761 -61.27 91.61 92.75
C TYR A 2761 -60.99 90.75 91.54
N THR A 2762 -61.92 90.72 90.57
CA THR A 2762 -61.67 90.06 89.30
C THR A 2762 -60.54 90.75 88.56
N HIS A 2763 -60.59 92.08 88.47
CA HIS A 2763 -59.45 92.84 87.97
C HIS A 2763 -58.20 92.68 88.84
N GLU A 2764 -58.38 92.67 90.16
CA GLU A 2764 -57.29 92.68 91.13
C GLU A 2764 -56.49 91.39 91.09
N LYS A 2765 -57.15 90.29 90.74
CA LYS A 2765 -56.46 89.02 90.53
C LYS A 2765 -56.02 88.86 89.08
N TRP A 2766 -56.83 89.33 88.12
CA TRP A 2766 -56.59 89.03 86.72
C TRP A 2766 -55.45 89.86 86.15
N ALA A 2767 -55.48 91.18 86.35
CA ALA A 2767 -54.37 92.02 85.94
C ALA A 2767 -53.10 91.72 86.72
N PHE A 2768 -53.22 91.26 87.97
CA PHE A 2768 -52.04 90.81 88.69
C PHE A 2768 -51.44 89.54 88.10
N ASP A 2769 -52.28 88.60 87.67
CA ASP A 2769 -51.77 87.44 86.94
C ASP A 2769 -51.18 87.83 85.60
N LYS A 2770 -51.72 88.87 84.96
CA LYS A 2770 -51.11 89.42 83.75
C LYS A 2770 -49.73 89.99 84.03
N ILE A 2771 -49.55 90.65 85.16
CA ILE A 2771 -48.22 91.22 85.45
C ILE A 2771 -47.28 90.13 85.99
N GLN A 2772 -47.81 89.06 86.60
CA GLN A 2772 -46.97 87.92 86.94
C GLN A 2772 -46.51 87.18 85.69
N ASN A 2773 -47.34 87.16 84.65
CA ASN A 2773 -46.91 86.71 83.33
C ASN A 2773 -46.30 87.85 82.51
N ASN A 2774 -46.09 89.01 83.14
CA ASN A 2774 -45.43 90.19 82.56
C ASN A 2774 -46.17 90.74 81.34
N TRP A 2775 -47.48 90.91 81.48
CA TRP A 2775 -48.26 91.64 80.49
C TRP A 2775 -48.28 93.10 80.87
N SER A 2776 -47.54 93.92 80.13
CA SER A 2776 -47.33 95.32 80.48
C SER A 2776 -48.52 96.16 80.03
N TYR A 2777 -48.36 97.48 80.05
CA TYR A 2777 -49.39 98.39 79.59
C TYR A 2777 -49.10 98.80 78.14
N GLY A 2778 -50.17 99.01 77.37
CA GLY A 2778 -50.00 99.43 76.00
C GLY A 2778 -51.29 99.80 75.30
N GLU A 2779 -51.41 99.42 74.03
CA GLU A 2779 -52.57 99.83 73.24
C GLU A 2779 -53.67 98.77 73.25
N ASN A 2780 -53.34 97.53 72.93
CA ASN A 2780 -54.32 96.46 72.83
C ASN A 2780 -53.85 95.27 73.64
N VAL A 2781 -54.70 94.24 73.69
CA VAL A 2781 -54.31 92.95 74.26
C VAL A 2781 -53.45 92.29 73.18
N ASP A 2782 -52.16 92.57 73.21
CA ASP A 2782 -51.24 92.15 72.17
C ASP A 2782 -50.24 91.19 72.78
N GLU A 2783 -50.03 90.05 72.13
CA GLU A 2783 -49.11 89.05 72.63
C GLU A 2783 -47.66 89.36 72.28
N GLU A 2784 -47.42 90.02 71.14
CA GLU A 2784 -46.06 90.37 70.76
C GLU A 2784 -45.49 91.46 71.67
N LEU A 2785 -46.23 92.55 71.83
CA LEU A 2785 -45.78 93.64 72.70
C LEU A 2785 -46.05 93.37 74.16
N LYS A 2786 -46.81 92.31 74.47
CA LYS A 2786 -47.13 91.86 75.84
C LYS A 2786 -47.82 92.98 76.64
N THR A 2787 -48.92 93.47 76.08
CA THR A 2787 -49.59 94.64 76.58
C THR A 2787 -50.98 94.31 77.13
N HIS A 2788 -51.43 95.17 78.04
CA HIS A 2788 -52.72 95.10 78.72
C HIS A 2788 -53.22 96.53 78.90
N PRO A 2789 -54.10 97.02 78.03
CA PRO A 2789 -54.53 98.43 78.12
C PRO A 2789 -55.48 98.73 79.27
N MET A 2790 -56.02 97.70 79.93
CA MET A 2790 -56.94 97.90 81.03
C MET A 2790 -56.24 97.87 82.39
N LEU A 2791 -54.92 98.08 82.41
CA LEU A 2791 -54.17 98.18 83.67
C LEU A 2791 -54.51 99.53 84.31
N ARG A 2792 -55.66 99.56 84.98
CA ARG A 2792 -56.19 100.75 85.64
C ARG A 2792 -57.27 100.29 86.60
N PRO A 2793 -57.48 101.00 87.71
CA PRO A 2793 -58.35 100.48 88.79
C PRO A 2793 -59.81 100.38 88.38
N TYR A 2794 -60.56 99.64 89.19
CA TYR A 2794 -61.95 99.34 88.87
C TYR A 2794 -62.85 100.56 89.00
N LYS A 2795 -62.50 101.49 89.90
CA LYS A 2795 -63.21 102.76 90.03
C LYS A 2795 -63.00 103.68 88.84
N THR A 2796 -62.03 103.38 87.97
CA THR A 2796 -61.70 104.20 86.83
C THR A 2796 -62.30 103.70 85.53
N PHE A 2797 -62.84 102.49 85.49
CA PHE A 2797 -63.47 102.01 84.27
C PHE A 2797 -64.82 102.70 84.06
N SER A 2798 -65.30 102.61 82.83
CA SER A 2798 -66.62 103.09 82.45
C SER A 2798 -67.64 101.97 82.64
N GLU A 2799 -68.88 102.19 82.21
CA GLU A 2799 -69.95 101.22 82.44
C GLU A 2799 -70.02 100.12 81.40
N LYS A 2800 -68.93 99.84 80.70
CA LYS A 2800 -68.81 98.67 79.83
C LYS A 2800 -67.68 97.75 80.27
N ASP A 2801 -66.51 98.30 80.58
CA ASP A 2801 -65.41 97.50 81.08
C ASP A 2801 -65.64 97.00 82.50
N LYS A 2802 -66.45 97.72 83.28
CA LYS A 2802 -66.97 97.17 84.52
C LYS A 2802 -67.88 95.98 84.29
N GLU A 2803 -68.69 96.01 83.23
CA GLU A 2803 -69.59 94.91 82.91
C GLU A 2803 -68.86 93.68 82.40
N ILE A 2804 -67.62 93.83 81.92
CA ILE A 2804 -66.81 92.68 81.52
C ILE A 2804 -66.45 91.85 82.75
N TYR A 2805 -66.16 92.52 83.86
CA TYR A 2805 -65.81 91.87 85.12
C TYR A 2805 -67.05 91.47 85.91
N ARG A 2806 -68.15 92.20 85.70
CA ARG A 2806 -69.37 92.17 86.52
C ARG A 2806 -70.27 90.97 86.26
N TRP A 2807 -70.30 90.44 85.03
CA TRP A 2807 -71.37 89.51 84.66
C TRP A 2807 -71.30 88.13 85.31
N PRO A 2808 -70.09 87.52 85.64
CA PRO A 2808 -70.18 86.25 86.39
C PRO A 2808 -70.27 86.47 87.89
N ILE A 2809 -71.02 87.48 88.32
CA ILE A 2809 -71.19 87.80 89.74
C ILE A 2809 -72.67 87.91 89.99
N LYS A 2810 -73.33 88.70 89.13
CA LYS A 2810 -74.74 89.04 89.29
C LYS A 2810 -75.62 87.80 89.20
N GLU A 2811 -75.51 87.05 88.10
CA GLU A 2811 -76.32 85.86 87.93
C GLU A 2811 -75.87 84.72 88.82
N SER A 2812 -74.65 84.80 89.36
CA SER A 2812 -74.20 83.84 90.36
C SER A 2812 -74.90 84.05 91.70
N LEU A 2813 -74.89 85.29 92.19
CA LEU A 2813 -75.62 85.61 93.42
C LEU A 2813 -77.13 85.51 93.25
N LYS A 2814 -77.66 85.78 92.04
CA LYS A 2814 -79.08 85.56 91.76
C LYS A 2814 -79.45 84.09 91.88
N ALA A 2815 -78.58 83.18 91.44
CA ALA A 2815 -78.80 81.77 91.71
C ALA A 2815 -78.66 81.48 93.19
N MET A 2816 -77.70 82.12 93.85
CA MET A 2816 -77.47 81.92 95.28
C MET A 2816 -78.60 82.42 96.16
N ILE A 2817 -79.25 83.54 95.81
CA ILE A 2817 -80.39 84.01 96.61
C ILE A 2817 -81.58 83.07 96.42
N ALA A 2818 -81.82 82.61 95.19
CA ALA A 2818 -82.92 81.68 94.94
C ALA A 2818 -82.67 80.32 95.56
N TRP A 2819 -81.40 79.94 95.73
CA TRP A 2819 -81.08 78.69 96.39
C TRP A 2819 -81.17 78.82 97.91
N GLU A 2820 -80.35 79.69 98.49
CA GLU A 2820 -80.17 79.79 99.93
C GLU A 2820 -80.44 81.22 100.36
N TRP A 2821 -81.44 81.39 101.22
CA TRP A 2821 -81.86 82.71 101.70
C TRP A 2821 -81.03 83.17 102.90
N THR A 2822 -79.70 83.11 102.74
CA THR A 2822 -78.73 83.67 103.70
C THR A 2822 -77.60 84.29 102.90
N ILE A 2823 -77.72 85.58 102.55
CA ILE A 2823 -76.56 86.37 102.17
C ILE A 2823 -76.65 87.63 103.00
N GLU A 2824 -75.99 87.63 104.16
CA GLU A 2824 -76.17 88.65 105.18
C GLU A 2824 -74.82 89.06 105.73
N LYS A 2825 -74.75 90.28 106.26
CA LYS A 2825 -73.53 90.82 106.85
C LYS A 2825 -73.26 90.09 108.15
N ALA A 2826 -72.33 89.13 108.13
CA ALA A 2826 -72.11 88.22 109.26
C ALA A 2826 -70.71 88.33 109.85
N ARG A 2827 -69.68 88.47 109.02
CA ARG A 2827 -68.31 88.44 109.52
C ARG A 2827 -67.51 89.68 109.10
N GLU A 2828 -66.20 89.63 109.32
CA GLU A 2828 -65.28 90.68 108.89
C GLU A 2828 -64.36 90.11 107.82
N GLY A 2829 -63.97 90.97 106.88
CA GLY A 2829 -63.27 90.50 105.69
C GLY A 2829 -61.84 90.08 105.97
N GLU A 2830 -61.38 89.08 105.22
CA GLU A 2830 -60.03 88.56 105.33
C GLU A 2830 -59.37 88.47 103.97
N TYR A 2855 -50.81 99.75 85.87
CA TYR A 2855 -51.32 99.62 87.23
C TYR A 2855 -51.30 98.16 87.69
N ASN A 2856 -50.79 97.94 88.90
CA ASN A 2856 -50.62 96.60 89.46
C ASN A 2856 -51.49 96.46 90.71
N PRO A 2857 -52.68 95.89 90.59
CA PRO A 2857 -53.47 95.59 91.79
C PRO A 2857 -52.97 94.31 92.46
N GLN A 2858 -53.16 94.23 93.77
CA GLN A 2858 -52.60 93.14 94.57
C GLN A 2858 -53.70 92.34 95.25
N PRO A 2859 -53.95 91.10 94.85
CA PRO A 2859 -55.02 90.31 95.49
C PRO A 2859 -54.60 89.82 96.86
N PRO A 2860 -55.40 90.11 97.89
CA PRO A 2860 -55.04 89.68 99.25
C PRO A 2860 -55.29 88.20 99.48
N ASP A 2861 -54.99 87.73 100.69
CA ASP A 2861 -55.23 86.34 101.05
C ASP A 2861 -56.71 86.17 101.42
N LEU A 2862 -57.39 85.27 100.71
CA LEU A 2862 -58.79 84.98 100.97
C LEU A 2862 -58.97 83.64 101.68
N SER A 2863 -57.94 82.82 101.75
CA SER A 2863 -57.99 81.49 102.34
C SER A 2863 -57.57 81.51 103.81
N GLY A 2864 -57.97 82.56 104.53
CA GLY A 2864 -57.67 82.64 105.95
C GLY A 2864 -58.40 81.61 106.79
N VAL A 2865 -59.62 81.25 106.40
CA VAL A 2865 -60.42 80.23 107.08
C VAL A 2865 -60.84 79.19 106.04
N THR A 2866 -60.54 77.92 106.33
CA THR A 2866 -61.01 76.83 105.50
C THR A 2866 -62.52 76.71 105.62
N LEU A 2867 -63.19 76.54 104.48
CA LEU A 2867 -64.64 76.40 104.45
C LEU A 2867 -65.05 75.12 105.18
N SER A 2868 -66.19 75.18 105.87
CA SER A 2868 -66.69 74.06 106.65
C SER A 2868 -67.34 73.02 105.73
N ARG A 2869 -68.09 72.08 106.31
CA ARG A 2869 -68.95 71.28 105.45
C ARG A 2869 -70.10 72.10 104.89
N GLU A 2870 -70.68 72.98 105.71
CA GLU A 2870 -71.79 73.83 105.29
C GLU A 2870 -71.36 74.82 104.21
N LEU A 2871 -70.13 75.32 104.27
CA LEU A 2871 -69.61 76.23 103.26
C LEU A 2871 -68.90 75.52 102.11
N GLN A 2872 -68.39 74.32 102.33
CA GLN A 2872 -67.64 73.60 101.31
C GLN A 2872 -68.59 72.80 100.42
N ALA A 2873 -69.79 72.51 100.91
CA ALA A 2873 -70.86 72.05 100.05
C ALA A 2873 -71.28 73.12 99.06
N MET A 2874 -71.05 74.39 99.37
CA MET A 2874 -71.27 75.40 98.35
C MET A 2874 -70.12 75.53 97.37
N ALA A 2875 -68.95 74.94 97.64
CA ALA A 2875 -68.00 74.74 96.55
C ALA A 2875 -68.53 73.71 95.57
N GLU A 2876 -69.01 72.59 96.10
CA GLU A 2876 -69.75 71.57 95.36
C GLU A 2876 -70.99 72.14 94.67
N GLN A 2877 -71.55 73.24 95.18
CA GLN A 2877 -72.76 73.84 94.62
C GLN A 2877 -72.47 74.99 93.66
N LEU A 2878 -71.40 75.75 93.85
CA LEU A 2878 -71.13 76.87 92.96
C LEU A 2878 -70.26 76.47 91.79
N ALA A 2879 -69.41 75.45 91.93
CA ALA A 2879 -68.86 74.86 90.72
C ALA A 2879 -69.94 74.06 89.99
N GLU A 2880 -70.96 73.59 90.72
CA GLU A 2880 -72.15 73.06 90.07
C GLU A 2880 -72.94 74.17 89.39
N ASN A 2881 -72.89 75.39 89.90
CA ASN A 2881 -73.51 76.51 89.17
C ASN A 2881 -72.71 76.86 87.93
N TYR A 2882 -71.38 76.79 88.04
CA TYR A 2882 -70.45 76.91 86.93
C TYR A 2882 -70.63 75.81 85.91
N HIS A 2883 -71.26 74.70 86.30
CA HIS A 2883 -71.74 73.75 85.32
C HIS A 2883 -73.18 74.01 84.88
N ASN A 2884 -74.08 74.36 85.78
CA ASN A 2884 -75.51 74.47 85.48
C ASN A 2884 -75.81 75.65 84.57
N THR A 2885 -75.50 76.86 85.01
CA THR A 2885 -75.80 78.04 84.21
C THR A 2885 -74.92 78.07 82.96
N TRP A 2886 -73.61 77.84 83.14
CA TRP A 2886 -72.68 77.88 82.02
C TRP A 2886 -72.87 76.71 81.08
N GLY A 2887 -73.50 75.61 81.53
CA GLY A 2887 -73.69 74.47 80.67
C GLY A 2887 -75.07 74.42 80.04
N ARG A 2888 -76.06 75.02 80.69
CA ARG A 2888 -77.28 75.40 79.99
C ARG A 2888 -76.96 76.38 78.88
N LYS A 2889 -76.06 77.34 79.15
CA LYS A 2889 -75.60 78.25 78.11
C LYS A 2889 -74.75 77.53 77.07
N LYS A 2890 -74.01 76.48 77.47
CA LYS A 2890 -73.22 75.71 76.52
C LYS A 2890 -74.11 74.85 75.63
N LYS A 2891 -75.18 74.28 76.18
CA LYS A 2891 -76.16 73.57 75.37
C LYS A 2891 -76.90 74.51 74.44
N GLN A 2892 -77.23 75.72 74.91
CA GLN A 2892 -77.77 76.74 74.02
C GLN A 2892 -76.77 77.17 72.96
N GLU A 2893 -75.47 77.13 73.28
CA GLU A 2893 -74.43 77.43 72.30
C GLU A 2893 -74.38 76.39 71.21
N LEU A 2894 -74.72 75.14 71.51
CA LEU A 2894 -74.77 74.12 70.46
C LEU A 2894 -76.10 74.17 69.70
N GLU A 2895 -77.20 74.39 70.42
CA GLU A 2895 -78.52 74.46 69.81
C GLU A 2895 -78.71 75.70 68.95
N ALA A 2896 -77.95 76.77 69.18
CA ALA A 2896 -78.03 77.98 68.39
C ALA A 2896 -76.97 78.03 67.30
N LYS A 2897 -76.11 77.01 67.24
CA LYS A 2897 -75.18 76.85 66.13
C LYS A 2897 -75.56 75.71 65.22
N GLY A 2898 -76.84 75.37 65.12
CA GLY A 2898 -77.30 74.32 64.25
C GLY A 2898 -76.98 72.91 64.70
N GLY A 2899 -76.53 72.74 65.93
CA GLY A 2899 -76.09 71.45 66.42
C GLY A 2899 -74.64 71.48 66.86
N GLY A 2900 -74.06 70.31 66.94
CA GLY A 2900 -72.70 70.17 67.44
C GLY A 2900 -72.75 69.51 68.81
N THR A 2901 -71.71 68.74 69.12
CA THR A 2901 -71.60 68.01 70.37
C THR A 2901 -70.48 68.60 71.23
N HIS A 2902 -70.45 68.18 72.48
CA HIS A 2902 -69.41 68.60 73.40
C HIS A 2902 -69.30 67.51 74.46
N PRO A 2903 -68.09 67.02 74.75
CA PRO A 2903 -67.95 65.89 75.66
C PRO A 2903 -68.14 66.20 77.14
N LEU A 2904 -68.46 67.44 77.50
CA LEU A 2904 -68.65 67.81 78.89
C LEU A 2904 -70.09 68.22 79.16
N LEU A 2905 -71.02 67.49 78.56
CA LEU A 2905 -72.43 67.60 78.93
C LEU A 2905 -72.82 66.51 79.93
N VAL A 2906 -71.85 66.15 80.76
CA VAL A 2906 -72.00 65.14 81.80
C VAL A 2906 -72.33 65.86 83.10
N PRO A 2907 -72.95 65.16 84.07
CA PRO A 2907 -73.23 65.79 85.36
C PRO A 2907 -71.97 66.16 86.12
N TYR A 2908 -72.16 67.01 87.12
CA TYR A 2908 -71.07 67.62 87.87
C TYR A 2908 -70.32 66.59 88.72
N ASP A 2909 -71.02 65.58 89.24
CA ASP A 2909 -70.35 64.57 90.05
C ASP A 2909 -69.45 63.66 89.24
N THR A 2910 -69.64 63.62 87.92
CA THR A 2910 -68.89 62.73 87.05
C THR A 2910 -67.88 63.48 86.19
N LEU A 2911 -67.40 64.64 86.63
CA LEU A 2911 -66.43 65.38 85.85
C LEU A 2911 -65.03 64.80 86.01
N THR A 2912 -64.10 65.32 85.22
CA THR A 2912 -62.71 64.97 85.36
C THR A 2912 -62.04 65.89 86.38
N ALA A 2913 -60.80 65.58 86.74
CA ALA A 2913 -60.11 66.32 87.78
C ALA A 2913 -59.64 67.70 87.32
N LYS A 2914 -59.69 68.00 86.02
CA LYS A 2914 -59.34 69.33 85.54
C LYS A 2914 -60.38 70.35 85.96
N GLU A 2915 -61.65 70.10 85.62
CA GLU A 2915 -62.73 70.97 86.09
C GLU A 2915 -63.10 70.71 87.54
N LYS A 2916 -62.63 69.61 88.14
CA LYS A 2916 -62.65 69.44 89.58
C LYS A 2916 -61.44 70.11 90.24
N ALA A 2917 -60.66 70.86 89.47
CA ALA A 2917 -59.68 71.81 89.99
C ALA A 2917 -60.09 73.26 89.71
N ARG A 2918 -60.31 73.60 88.44
CA ARG A 2918 -60.49 75.00 88.03
C ARG A 2918 -61.81 75.63 88.46
N ASP A 2919 -62.94 75.01 88.12
CA ASP A 2919 -64.23 75.58 88.51
C ASP A 2919 -64.47 75.47 90.01
N ARG A 2920 -63.95 74.43 90.65
CA ARG A 2920 -64.00 74.37 92.11
C ARG A 2920 -63.14 75.45 92.75
N GLU A 2921 -61.98 75.75 92.14
CA GLU A 2921 -61.14 76.84 92.63
C GLU A 2921 -61.84 78.18 92.48
N LYS A 2922 -62.52 78.38 91.35
CA LYS A 2922 -63.30 79.60 91.15
C LYS A 2922 -64.45 79.71 92.13
N ALA A 2923 -65.10 78.58 92.43
CA ALA A 2923 -66.19 78.57 93.40
C ALA A 2923 -65.69 78.86 94.81
N GLN A 2924 -64.56 78.28 95.19
CA GLN A 2924 -64.01 78.52 96.52
C GLN A 2924 -63.49 79.94 96.65
N GLU A 2925 -62.95 80.54 95.58
CA GLU A 2925 -62.54 81.93 95.68
C GLU A 2925 -63.72 82.88 95.70
N LEU A 2926 -64.83 82.52 95.05
CA LEU A 2926 -66.06 83.29 95.19
C LEU A 2926 -66.61 83.18 96.61
N LEU A 2927 -66.55 82.00 97.21
CA LEU A 2927 -67.00 81.81 98.59
C LEU A 2927 -66.11 82.53 99.59
N LYS A 2928 -64.81 82.55 99.33
CA LYS A 2928 -63.92 83.28 100.23
C LYS A 2928 -63.99 84.78 99.99
N PHE A 2929 -64.41 85.22 98.81
CA PHE A 2929 -64.76 86.62 98.68
C PHE A 2929 -66.07 86.94 99.37
N LEU A 2930 -67.00 85.97 99.45
CA LEU A 2930 -68.19 86.16 100.28
C LEU A 2930 -67.80 86.27 101.75
N GLN A 2931 -66.80 85.51 102.17
CA GLN A 2931 -66.22 85.68 103.50
C GLN A 2931 -65.62 87.08 103.66
N MET A 2932 -64.97 87.59 102.61
CA MET A 2932 -64.56 89.00 102.61
C MET A 2932 -65.80 89.89 102.65
N ASN A 2933 -65.75 90.92 103.51
CA ASN A 2933 -66.89 91.74 103.93
C ASN A 2933 -68.03 90.92 104.54
N GLY A 2934 -67.74 89.70 105.02
CA GLY A 2934 -68.61 88.88 105.83
C GLY A 2934 -70.01 88.55 105.34
N TYR A 2935 -70.13 87.88 104.20
CA TYR A 2935 -71.44 87.45 103.69
C TYR A 2935 -71.48 85.93 103.75
N ALA A 2936 -71.85 85.41 104.92
CA ALA A 2936 -71.88 83.98 105.18
C ALA A 2936 -73.13 83.37 104.56
N VAL A 2937 -72.95 82.31 103.77
CA VAL A 2937 -74.08 81.74 103.04
C VAL A 2937 -74.26 80.28 103.46
N THR A 2938 -75.24 80.05 104.35
CA THR A 2938 -75.47 78.75 104.96
C THR A 2938 -76.91 78.33 104.70
N ARG A 2939 -77.11 77.11 104.20
CA ARG A 2939 -78.45 76.57 104.06
C ARG A 2939 -78.86 75.80 105.31
N UNK A 3113 -79.80 70.87 105.27
CA UNK A 3113 -78.51 71.48 104.97
C UNK A 3113 -77.46 70.42 104.67
N UNK A 3114 -76.55 70.23 105.62
CA UNK A 3114 -75.51 69.21 105.53
C UNK A 3114 -75.89 68.00 106.38
N UNK A 3115 -75.37 66.84 105.99
CA UNK A 3115 -75.71 65.61 106.69
C UNK A 3115 -74.74 65.32 107.83
N UNK A 3116 -74.88 64.15 108.45
CA UNK A 3116 -74.04 63.77 109.57
C UNK A 3116 -72.68 63.28 109.07
N UNK A 3117 -71.65 63.56 109.85
CA UNK A 3117 -70.28 63.12 109.53
C UNK A 3117 -69.97 61.81 110.24
N UNK A 3118 -70.78 60.80 109.95
CA UNK A 3118 -70.64 59.48 110.53
C UNK A 3118 -70.45 58.44 109.43
N UNK A 3119 -69.93 57.29 109.82
CA UNK A 3119 -69.76 56.19 108.88
C UNK A 3119 -71.12 55.60 108.54
N UNK A 3120 -71.77 56.16 107.52
CA UNK A 3120 -73.11 55.74 107.17
C UNK A 3120 -73.16 54.36 106.54
N UNK A 3121 -72.03 53.88 106.00
CA UNK A 3121 -71.88 52.57 105.37
C UNK A 3121 -72.87 52.38 104.24
N UNK A 3122 -72.69 53.13 103.14
CA UNK A 3122 -73.69 53.27 102.07
C UNK A 3122 -74.12 51.95 101.44
N UNK A 3123 -73.30 50.91 101.51
CA UNK A 3123 -73.78 49.58 101.14
C UNK A 3123 -74.75 49.03 102.18
N UNK A 3124 -74.57 49.37 103.46
CA UNK A 3124 -75.41 48.86 104.53
C UNK A 3124 -76.64 49.71 104.79
N UNK A 3125 -76.58 51.01 104.52
CA UNK A 3125 -77.78 51.83 104.60
C UNK A 3125 -78.74 51.53 103.45
N UNK A 3126 -78.20 51.26 102.26
CA UNK A 3126 -79.02 50.75 101.18
C UNK A 3126 -79.52 49.35 101.49
N UNK A 3127 -78.74 48.56 102.24
CA UNK A 3127 -79.22 47.26 102.68
C UNK A 3127 -80.33 47.39 103.70
N UNK A 3128 -80.28 48.42 104.54
CA UNK A 3128 -81.37 48.68 105.48
C UNK A 3128 -82.62 49.16 104.76
N UNK A 3129 -82.44 49.99 103.72
CA UNK A 3129 -83.57 50.37 102.88
C UNK A 3129 -84.15 49.17 102.13
N UNK A 3130 -83.29 48.23 101.74
CA UNK A 3130 -83.77 47.02 101.09
C UNK A 3130 -84.45 46.09 102.09
N UNK A 3131 -84.00 46.08 103.35
CA UNK A 3131 -84.70 45.30 104.37
C UNK A 3131 -86.04 45.91 104.71
N UNK A 3132 -86.13 47.24 104.64
CA UNK A 3132 -87.43 47.91 104.77
C UNK A 3132 -88.34 47.58 103.59
N UNK A 3133 -87.78 47.53 102.38
CA UNK A 3133 -88.55 47.09 101.23
C UNK A 3133 -88.93 45.62 101.34
N UNK A 3134 -88.11 44.82 102.02
CA UNK A 3134 -88.44 43.41 102.28
C UNK A 3134 -89.56 43.28 103.29
N UNK A 3135 -89.57 44.14 104.31
CA UNK A 3135 -90.69 44.16 105.25
C UNK A 3135 -91.96 44.66 104.58
N UNK A 3136 -91.83 45.59 103.62
CA UNK A 3136 -92.99 46.02 102.84
C UNK A 3136 -93.49 44.92 101.92
N UNK A 3137 -92.58 44.15 101.34
CA UNK A 3137 -92.93 42.98 100.55
C UNK A 3137 -93.44 41.84 101.38
N UNK A 3138 -93.14 41.82 102.69
CA UNK A 3138 -93.78 40.87 103.58
C UNK A 3138 -95.26 41.15 103.72
N UNK A 3139 -95.66 42.43 103.65
CA UNK A 3139 -97.08 42.76 103.58
C UNK A 3139 -97.70 42.29 102.27
N UNK A 3140 -96.94 42.38 101.17
CA UNK A 3140 -97.41 41.84 99.89
C UNK A 3140 -97.51 40.32 99.94
N UNK A 3141 -96.60 39.67 100.66
CA UNK A 3141 -96.65 38.23 100.85
C UNK A 3141 -97.85 37.82 101.70
N UNK A 3142 -98.17 38.62 102.72
CA UNK A 3142 -99.37 38.37 103.52
C UNK A 3142 -100.64 38.60 102.71
N UNK A 3143 -100.63 39.59 101.81
CA UNK A 3143 -101.77 39.81 100.93
C UNK A 3143 -101.93 38.70 99.91
N UNK A 3144 -100.82 38.16 99.40
CA UNK A 3144 -100.89 37.05 98.46
C UNK A 3144 -101.26 35.74 99.14
N UNK A 3145 -100.83 35.55 100.39
CA UNK A 3145 -101.30 34.42 101.17
C UNK A 3145 -102.78 34.56 101.50
N UNK A 3146 -103.24 35.80 101.68
CA UNK A 3146 -104.67 36.06 101.75
C UNK A 3146 -105.33 35.88 100.39
N UNK A 3147 -104.59 36.11 99.30
CA UNK A 3147 -105.10 35.89 97.96
C UNK A 3147 -104.92 34.45 97.54
N UNK A 3148 -96.02 43.45 93.15
CA UNK A 3148 -96.50 43.32 91.78
C UNK A 3148 -95.33 43.07 90.82
N UNK A 3149 -94.90 44.13 90.15
CA UNK A 3149 -93.79 44.04 89.20
C UNK A 3149 -92.44 43.86 89.86
N UNK A 3150 -92.30 44.27 91.13
CA UNK A 3150 -91.04 44.12 91.82
C UNK A 3150 -90.92 42.81 92.56
N UNK A 3151 -91.93 41.94 92.47
CA UNK A 3151 -91.84 40.62 93.08
C UNK A 3151 -90.80 39.75 92.41
N UNK A 3152 -90.64 39.88 91.09
CA UNK A 3152 -89.50 39.31 90.40
C UNK A 3152 -88.20 40.03 90.75
N UNK A 3153 -88.26 41.36 90.92
CA UNK A 3153 -87.09 42.10 91.38
C UNK A 3153 -86.74 41.75 92.82
N UNK A 3154 -87.73 41.36 93.63
CA UNK A 3154 -87.44 40.88 94.97
C UNK A 3154 -86.90 39.46 94.96
N UNK A 3155 -87.39 38.60 94.06
CA UNK A 3155 -86.87 37.23 93.99
C UNK A 3155 -85.45 37.20 93.44
N UNK A 3156 -85.11 38.12 92.53
CA UNK A 3156 -83.73 38.21 92.06
C UNK A 3156 -82.81 38.74 93.15
N UNK A 3157 -83.32 39.65 93.98
CA UNK A 3157 -82.57 40.11 95.13
C UNK A 3157 -82.39 39.03 96.18
N UNK A 3158 -83.36 38.12 96.30
CA UNK A 3158 -83.22 36.98 97.20
C UNK A 3158 -82.09 36.06 96.75
N UNK A 3159 -81.89 35.94 95.45
CA UNK A 3159 -80.75 35.19 94.94
C UNK A 3159 -79.45 35.97 95.12
N UNK A 3160 -79.47 37.27 94.85
CA UNK A 3160 -78.27 38.09 94.98
C UNK A 3160 -77.85 38.31 96.42
N UNK A 3161 -78.73 38.03 97.38
CA UNK A 3161 -78.39 38.20 98.79
C UNK A 3161 -77.34 37.21 99.26
N UNK A 3162 -77.46 35.94 98.86
CA UNK A 3162 -76.44 34.95 99.20
C UNK A 3162 -75.11 35.26 98.54
N UNK A 3163 -75.15 35.88 97.36
CA UNK A 3163 -73.94 36.34 96.70
C UNK A 3163 -73.31 37.52 97.43
N UNK A 3164 -74.09 38.53 97.79
CA UNK A 3164 -73.56 39.74 98.39
C UNK A 3164 -73.11 39.55 99.84
N UNK A 3165 -73.77 38.66 100.59
CA UNK A 3165 -73.33 38.38 101.95
C UNK A 3165 -72.00 37.65 101.97
N UNK A 3166 -71.85 36.66 101.09
CA UNK A 3166 -70.58 35.96 100.98
C UNK A 3166 -69.54 36.81 100.25
N UNK A 3167 -69.99 37.85 99.54
CA UNK A 3167 -69.06 38.76 98.89
C UNK A 3167 -68.24 39.55 99.90
N UNK A 3168 -68.89 40.12 100.92
CA UNK A 3168 -68.08 40.71 101.97
C UNK A 3168 -67.65 39.64 102.97
N UNK A 3169 -68.60 39.14 103.78
CA UNK A 3169 -68.46 37.97 104.67
C UNK A 3169 -67.35 38.08 105.72
N UNK A 3170 -66.57 39.16 105.73
CA UNK A 3170 -65.45 39.36 106.65
C UNK A 3170 -65.48 40.80 107.13
N UNK A 3171 -66.33 41.59 106.50
CA UNK A 3171 -66.54 42.98 106.90
C UNK A 3171 -67.15 43.09 108.29
N UNK A 3172 -67.85 42.05 108.76
CA UNK A 3172 -68.25 41.98 110.15
C UNK A 3172 -67.04 41.90 111.08
N UNK A 3173 -66.00 41.16 110.66
CA UNK A 3173 -64.77 41.12 111.44
C UNK A 3173 -63.97 42.41 111.27
N UNK A 3174 -64.19 43.11 110.15
CA UNK A 3174 -63.50 44.39 109.95
C UNK A 3174 -64.12 45.49 110.82
N UNK A 3175 -65.40 45.80 110.58
CA UNK A 3175 -66.15 46.80 111.35
C UNK A 3175 -67.58 46.27 111.51
N UNK A 3176 -67.96 45.98 112.75
CA UNK A 3176 -69.24 45.32 113.03
C UNK A 3176 -70.38 46.32 112.93
N UNK A 3177 -71.05 46.30 111.78
CA UNK A 3177 -72.32 46.99 111.62
C UNK A 3177 -73.44 46.00 111.86
N UNK A 3178 -74.26 46.26 112.87
CA UNK A 3178 -75.34 45.35 113.26
C UNK A 3178 -76.58 45.49 112.39
N UNK A 3179 -76.53 46.32 111.34
CA UNK A 3179 -77.65 46.44 110.42
C UNK A 3179 -77.89 45.14 109.66
N UNK A 3180 -76.83 44.38 109.40
CA UNK A 3180 -76.99 43.08 108.77
C UNK A 3180 -77.66 42.09 109.71
N UNK A 3181 -77.30 42.10 111.00
CA UNK A 3181 -77.95 41.23 111.96
C UNK A 3181 -79.41 41.62 112.17
N UNK A 3182 -79.71 42.91 112.08
CA UNK A 3182 -81.10 43.36 112.13
C UNK A 3182 -81.89 42.94 110.89
N UNK A 3183 -81.30 43.08 109.70
CA UNK A 3183 -81.94 42.62 108.48
C UNK A 3183 -82.09 41.11 108.43
N UNK A 3184 -81.24 40.38 109.16
CA UNK A 3184 -81.41 38.93 109.29
C UNK A 3184 -82.72 38.59 109.99
N UNK A 3185 -83.03 39.27 111.09
CA UNK A 3185 -84.31 39.07 111.75
C UNK A 3185 -85.46 39.66 110.94
N UNK A 3186 -85.20 40.74 110.19
CA UNK A 3186 -86.21 41.32 109.32
C UNK A 3186 -86.58 40.37 108.19
N UNK A 3187 -85.64 39.55 107.75
CA UNK A 3187 -85.95 38.48 106.83
C UNK A 3187 -86.54 37.27 107.53
N UNK A 3188 -86.14 37.03 108.79
CA UNK A 3188 -86.63 35.88 109.53
C UNK A 3188 -88.10 36.02 109.89
N UNK A 3189 -88.59 37.25 109.97
CA UNK A 3189 -90.03 37.46 110.19
C UNK A 3189 -90.85 36.96 109.00
N UNK A 3190 -90.49 37.36 107.79
CA UNK A 3190 -91.20 36.86 106.61
C UNK A 3190 -90.88 35.39 106.35
N UNK A 3191 -89.74 34.91 106.84
CA UNK A 3191 -89.45 33.48 106.81
C UNK A 3191 -90.36 32.68 107.72
N UNK A 3192 -90.66 33.19 108.91
CA UNK A 3192 -91.67 32.55 109.76
C UNK A 3192 -93.06 32.71 109.15
N UNK A 3193 -93.28 33.77 108.38
CA UNK A 3193 -94.53 33.94 107.66
C UNK A 3193 -94.73 32.92 106.54
N UNK A 3194 -93.66 32.24 106.11
CA UNK A 3194 -93.76 31.20 105.11
C UNK A 3194 -93.24 29.85 105.61
N UNK A 3195 -92.92 29.76 106.91
CA UNK A 3195 -92.35 28.54 107.47
C UNK A 3195 -93.36 27.39 107.52
N UNK A 3196 -94.65 27.71 107.42
CA UNK A 3196 -95.68 26.68 107.33
C UNK A 3196 -96.05 26.37 105.88
N UNK A 3197 -95.75 27.27 104.95
CA UNK A 3197 -96.20 27.10 103.57
C UNK A 3197 -95.04 26.91 102.61
N UNK A 3198 -94.13 27.89 102.57
CA UNK A 3198 -92.97 27.96 101.67
C UNK A 3198 -93.40 27.82 100.20
N UNK A 3199 -94.19 28.81 99.78
CA UNK A 3199 -94.69 28.84 98.40
C UNK A 3199 -93.66 29.38 97.41
N UNK A 3200 -92.70 30.18 97.88
CA UNK A 3200 -91.70 30.78 97.00
C UNK A 3200 -90.59 29.79 96.68
N UNK A 3201 -89.51 30.30 96.10
CA UNK A 3201 -88.37 29.49 95.73
C UNK A 3201 -87.62 28.99 96.97
N UNK A 3202 -87.17 27.75 96.91
CA UNK A 3202 -86.39 27.15 97.99
C UNK A 3202 -84.92 27.53 97.94
N UNK A 3203 -84.51 28.34 96.96
CA UNK A 3203 -83.16 28.89 96.93
C UNK A 3203 -82.94 29.90 98.05
N UNK A 3204 -84.02 30.52 98.54
CA UNK A 3204 -83.92 31.35 99.73
C UNK A 3204 -83.54 30.56 100.97
N UNK A 3205 -83.87 29.26 101.02
CA UNK A 3205 -83.44 28.43 102.14
C UNK A 3205 -81.94 28.20 102.12
N UNK A 3206 -81.36 28.03 100.94
CA UNK A 3206 -79.91 27.94 100.82
C UNK A 3206 -79.24 29.28 101.06
N UNK A 3207 -79.88 30.38 100.62
CA UNK A 3207 -79.42 31.72 100.95
C UNK A 3207 -79.44 31.98 102.45
N UNK A 3208 -80.41 31.40 103.15
CA UNK A 3208 -80.42 31.47 104.61
C UNK A 3208 -79.25 30.73 105.21
N UNK A 3209 -78.88 29.59 104.63
CA UNK A 3209 -77.68 28.89 105.06
C UNK A 3209 -76.43 29.66 104.68
N UNK A 3210 -76.44 30.34 103.53
CA UNK A 3210 -75.30 31.16 103.12
C UNK A 3210 -75.13 32.37 104.03
N UNK A 3211 -76.22 32.90 104.57
CA UNK A 3211 -76.15 33.95 105.55
C UNK A 3211 -75.77 33.43 106.94
N UNK A 3212 -76.22 32.23 107.30
CA UNK A 3212 -75.87 31.65 108.58
C UNK A 3212 -74.40 31.26 108.63
N UNK A 3213 -73.81 30.92 107.49
CA UNK A 3213 -72.39 30.64 107.44
C UNK A 3213 -71.53 31.89 107.61
N UNK A 3214 -71.95 33.02 107.04
CA UNK A 3214 -71.16 34.25 107.17
C UNK A 3214 -71.38 34.91 108.53
N UNK A 3215 -72.37 34.43 109.29
CA UNK A 3215 -72.66 35.03 110.58
C UNK A 3215 -71.63 34.65 111.62
N UNK A 3216 -71.48 33.35 111.89
CA UNK A 3216 -70.55 32.89 112.91
C UNK A 3216 -69.70 31.73 112.38
N UNK A 3217 -73.97 40.08 124.31
CA UNK A 3217 -73.14 41.28 124.24
C UNK A 3217 -74.00 42.53 124.10
N UNK A 3218 -73.35 43.67 123.82
CA UNK A 3218 -74.09 44.89 123.54
C UNK A 3218 -74.83 44.80 122.22
N UNK A 3219 -74.29 44.05 121.27
CA UNK A 3219 -75.02 43.74 120.04
C UNK A 3219 -76.19 42.82 120.33
N UNK A 3220 -75.98 41.84 121.22
CA UNK A 3220 -77.04 40.89 121.58
C UNK A 3220 -77.83 41.41 122.78
N UNK A 3221 -78.34 42.63 122.63
CA UNK A 3221 -79.05 43.29 123.71
C UNK A 3221 -80.55 43.06 123.60
N UNK A 3222 -81.16 43.52 122.51
CA UNK A 3222 -82.61 43.42 122.36
C UNK A 3222 -82.92 42.85 120.99
N UNK A 3223 -82.86 41.52 120.88
CA UNK A 3223 -83.30 40.87 119.65
C UNK A 3223 -84.31 39.76 119.95
N UNK A 3224 -84.01 38.96 120.96
CA UNK A 3224 -84.81 37.79 121.39
C UNK A 3224 -85.11 36.83 120.23
N UNK A 3225 -84.14 36.69 119.32
CA UNK A 3225 -84.31 35.77 118.21
C UNK A 3225 -84.19 34.32 118.67
N UNK A 3226 -83.40 34.09 119.72
CA UNK A 3226 -83.38 32.78 120.35
C UNK A 3226 -84.69 32.49 121.07
N UNK A 3227 -85.32 33.52 121.63
CA UNK A 3227 -86.66 33.35 122.18
C UNK A 3227 -87.69 33.13 121.09
N UNK A 3228 -87.43 33.62 119.87
CA UNK A 3228 -88.29 33.31 118.74
C UNK A 3228 -88.08 31.87 118.26
N UNK A 3229 -86.84 31.41 118.26
CA UNK A 3229 -86.51 30.04 117.90
C UNK A 3229 -86.88 29.04 118.98
N UNK A 3230 -87.20 29.52 120.20
CA UNK A 3230 -87.82 28.66 121.20
C UNK A 3230 -89.16 28.12 120.72
N UNK A 3231 -89.92 28.92 119.97
CA UNK A 3231 -91.16 28.44 119.38
C UNK A 3231 -90.88 27.39 118.30
N UNK A 3232 -89.76 27.52 117.59
CA UNK A 3232 -89.37 26.49 116.65
C UNK A 3232 -88.93 25.22 117.37
N UNK A 3233 -88.31 25.37 118.55
CA UNK A 3233 -87.94 24.21 119.35
C UNK A 3233 -89.18 23.51 119.92
N UNK A 3234 -90.24 24.28 120.19
CA UNK A 3234 -91.51 23.69 120.59
C UNK A 3234 -92.26 23.06 119.42
N UNK A 3235 -92.19 23.67 118.24
CA UNK A 3235 -92.71 23.05 117.03
C UNK A 3235 -91.93 21.80 116.64
N UNK A 3236 -90.66 21.71 117.05
CA UNK A 3236 -89.91 20.46 116.89
C UNK A 3236 -90.51 19.36 117.75
N UNK A 3237 -90.91 19.69 118.99
CA UNK A 3237 -91.62 18.73 119.81
C UNK A 3237 -93.00 18.41 119.24
N UNK A 3238 -93.64 19.40 118.63
CA UNK A 3238 -94.93 19.16 117.98
C UNK A 3238 -94.80 18.22 116.78
N UNK A 3239 -93.77 18.40 115.96
CA UNK A 3239 -93.53 17.50 114.85
C UNK A 3239 -93.05 16.14 115.33
N UNK A 3240 -92.36 16.09 116.47
CA UNK A 3240 -91.99 14.81 117.07
C UNK A 3240 -93.20 14.05 117.56
N UNK A 3241 -94.18 14.75 118.13
CA UNK A 3241 -95.44 14.11 118.50
C UNK A 3241 -96.24 13.72 117.27
N UNK A 3242 -96.15 14.50 116.19
CA UNK A 3242 -96.79 14.15 114.93
C UNK A 3242 -96.17 12.90 114.30
N UNK A 3243 -94.86 12.74 114.44
CA UNK A 3243 -94.19 11.54 113.94
C UNK A 3243 -94.40 10.34 114.86
N UNK A 3244 -94.52 10.57 116.17
CA UNK A 3244 -94.84 9.47 117.08
C UNK A 3244 -96.28 9.02 116.91
N UNK A 3245 -97.17 9.92 116.51
CA UNK A 3245 -98.55 9.56 116.17
C UNK A 3245 -98.71 9.15 114.72
N UNK A 3246 -97.67 9.34 113.90
CA UNK A 3246 -97.71 8.93 112.50
C UNK A 3246 -97.00 7.60 112.32
N UNK A 3247 -96.85 23.89 109.17
CA UNK A 3247 -96.00 23.38 110.24
C UNK A 3247 -95.02 22.36 109.68
N UNK A 3248 -95.24 21.99 108.42
CA UNK A 3248 -94.39 21.00 107.75
C UNK A 3248 -93.33 21.61 106.85
N UNK A 3249 -93.49 22.86 106.43
CA UNK A 3249 -92.50 23.46 105.54
C UNK A 3249 -91.23 23.89 106.27
N UNK A 3250 -91.29 24.06 107.60
CA UNK A 3250 -90.10 24.36 108.38
C UNK A 3250 -89.47 23.11 108.99
N UNK A 3251 -89.58 21.97 108.32
CA UNK A 3251 -89.10 20.72 108.89
C UNK A 3251 -87.69 20.34 108.43
N UNK A 3252 -87.24 20.86 107.30
CA UNK A 3252 -85.96 20.45 106.72
C UNK A 3252 -84.94 21.58 106.68
N UNK A 3253 -85.32 22.74 106.14
CA UNK A 3253 -84.38 23.86 106.05
C UNK A 3253 -84.05 24.42 107.42
N UNK A 3254 -85.02 24.36 108.34
CA UNK A 3254 -84.75 24.76 109.71
C UNK A 3254 -83.79 23.80 110.41
N UNK A 3255 -83.94 22.49 110.16
CA UNK A 3255 -83.03 21.51 110.74
C UNK A 3255 -81.63 21.63 110.14
N UNK A 3256 -81.55 22.05 108.87
CA UNK A 3256 -80.25 22.29 108.25
C UNK A 3256 -79.58 23.54 108.81
N UNK A 3257 -80.33 24.64 108.92
CA UNK A 3257 -79.76 25.88 109.43
C UNK A 3257 -79.47 25.77 110.92
N UNK A 3258 -80.15 24.87 111.63
CA UNK A 3258 -79.82 24.63 113.03
C UNK A 3258 -78.45 23.99 113.18
N UNK A 3259 -78.16 22.96 112.38
CA UNK A 3259 -76.82 22.39 112.33
C UNK A 3259 -75.79 23.39 111.87
N UNK A 3260 -76.15 24.24 110.90
CA UNK A 3260 -75.23 25.26 110.39
C UNK A 3260 -74.86 26.28 111.46
N UNK A 3261 -75.86 26.84 112.13
CA UNK A 3261 -75.59 27.85 113.16
C UNK A 3261 -74.98 27.24 114.41
N UNK A 3262 -75.30 25.99 114.72
CA UNK A 3262 -74.73 25.37 115.90
C UNK A 3262 -73.29 24.93 115.68
N UNK A 3263 -72.93 24.52 114.46
CA UNK A 3263 -71.53 24.32 114.11
C UNK A 3263 -70.80 25.64 113.93
N UNK A 3264 -71.52 26.72 113.61
CA UNK A 3264 -70.93 28.04 113.54
C UNK A 3264 -70.55 28.60 114.91
N UNK A 3265 -70.98 27.95 115.99
CA UNK A 3265 -70.60 28.30 117.35
C UNK A 3265 -69.22 27.76 117.72
N UNK A 3266 -68.49 27.22 116.75
CA UNK A 3266 -67.11 26.83 116.94
C UNK A 3266 -66.18 28.02 117.05
N UNK A 3267 -66.61 29.20 116.60
CA UNK A 3267 -65.80 30.40 116.71
C UNK A 3267 -66.47 31.41 117.62
N UNK A 3268 -67.79 31.52 117.52
CA UNK A 3268 -68.55 32.49 118.29
C UNK A 3268 -69.19 31.82 119.50
N UNK A 3269 -69.51 32.63 120.52
CA UNK A 3269 -70.13 32.14 121.73
C UNK A 3269 -70.94 33.26 122.37
N UNK A 3270 -72.06 32.87 122.98
CA UNK A 3270 -72.94 33.80 123.67
C UNK A 3270 -73.25 33.26 125.06
N UNK A 3271 -74.17 33.92 125.75
CA UNK A 3271 -74.54 33.56 127.12
C UNK A 3271 -75.81 32.74 127.20
N UNK A 3272 -76.40 32.38 126.06
CA UNK A 3272 -77.68 31.66 125.95
C UNK A 3272 -78.79 32.39 126.70
N UNK A 3273 -78.95 33.66 126.39
CA UNK A 3273 -79.98 34.51 126.99
C UNK A 3273 -81.34 34.05 126.49
N UNK A 3274 -82.11 33.44 127.39
CA UNK A 3274 -83.40 32.78 127.10
C UNK A 3274 -83.26 31.74 125.99
N UNK A 3275 -82.14 31.02 126.01
CA UNK A 3275 -81.82 30.07 124.96
C UNK A 3275 -81.38 28.70 125.46
N UNK A 3276 -80.81 28.59 126.66
CA UNK A 3276 -80.42 27.30 127.18
C UNK A 3276 -81.64 26.41 127.44
N UNK A 3277 -82.68 26.99 128.04
CA UNK A 3277 -83.93 26.26 128.21
C UNK A 3277 -84.64 26.04 126.88
N UNK A 3278 -84.48 26.98 125.94
CA UNK A 3278 -85.06 26.82 124.61
C UNK A 3278 -84.45 25.63 123.87
N UNK A 3279 -83.13 25.47 123.97
CA UNK A 3279 -82.46 24.31 123.39
C UNK A 3279 -82.78 23.05 124.19
N UNK A 3280 -82.90 23.17 125.51
CA UNK A 3280 -83.16 22.01 126.36
C UNK A 3280 -84.57 21.48 126.16
N UNK A 3281 -85.50 22.33 125.73
CA UNK A 3281 -86.85 21.88 125.41
C UNK A 3281 -86.85 20.89 124.25
N UNK A 3282 -86.25 21.28 123.12
CA UNK A 3282 -86.13 20.37 122.00
C UNK A 3282 -85.16 19.23 122.30
N UNK A 3283 -84.22 19.43 123.22
CA UNK A 3283 -83.30 18.36 123.59
C UNK A 3283 -84.00 17.26 124.37
N UNK A 3284 -84.83 17.63 125.34
CA UNK A 3284 -85.64 16.65 126.06
C UNK A 3284 -86.70 16.04 125.14
N UNK A 3285 -87.22 16.83 124.19
CA UNK A 3285 -88.13 16.29 123.18
C UNK A 3285 -87.45 15.24 122.31
N UNK A 3286 -86.19 15.46 121.94
CA UNK A 3286 -85.45 14.49 121.16
C UNK A 3286 -85.07 13.27 121.98
N UNK A 3287 -84.72 13.48 123.25
CA UNK A 3287 -84.43 12.35 124.15
C UNK A 3287 -85.66 11.50 124.39
N UNK A 3288 -86.85 12.11 124.37
CA UNK A 3288 -88.10 11.35 124.45
C UNK A 3288 -88.42 10.64 123.15
N UNK A 3289 -88.43 11.35 122.03
CA UNK A 3289 -88.85 10.79 120.76
C UNK A 3289 -87.74 10.03 120.05
N UNK A 3290 -86.60 9.80 120.70
CA UNK A 3290 -85.56 8.97 120.12
C UNK A 3290 -85.96 7.50 120.09
N UNK A 3291 -86.95 7.11 120.89
CA UNK A 3291 -87.48 5.75 120.87
C UNK A 3291 -88.93 5.70 120.41
N UNK A 3292 -89.41 6.74 119.75
CA UNK A 3292 -90.78 6.78 119.24
C UNK A 3292 -90.86 5.87 118.02
N UNK A 3293 -91.69 4.84 118.10
CA UNK A 3293 -91.83 3.90 116.99
C UNK A 3293 -92.70 4.49 115.89
N UNK A 3294 -92.66 3.84 114.73
CA UNK A 3294 -93.33 4.27 113.49
C UNK A 3294 -92.93 5.69 113.11
N UNK A 3295 -91.65 6.00 113.32
CA UNK A 3295 -91.08 7.31 113.05
C UNK A 3295 -89.90 7.10 112.09
N UNK A 3296 -90.16 6.35 111.02
CA UNK A 3296 -89.16 5.96 110.05
C UNK A 3296 -88.84 7.09 109.08
N UNK A 3297 -88.21 6.74 107.96
CA UNK A 3297 -87.80 7.66 106.88
C UNK A 3297 -86.80 8.70 107.39
N UNK A 3298 -85.62 8.19 107.72
CA UNK A 3298 -84.38 8.96 107.89
C UNK A 3298 -84.43 9.99 109.02
N UNK A 3299 -84.48 9.53 110.25
CA UNK A 3299 -84.35 10.41 111.41
C UNK A 3299 -82.92 10.92 111.55
N UNK A 3300 -82.51 11.80 110.66
CA UNK A 3300 -81.14 12.31 110.57
C UNK A 3300 -81.06 13.79 110.91
N UNK A 3301 -82.00 14.29 111.70
CA UNK A 3301 -81.94 15.65 112.22
C UNK A 3301 -81.02 15.76 113.43
N UNK A 3302 -80.39 14.65 113.84
CA UNK A 3302 -79.42 14.67 114.93
C UNK A 3302 -78.09 15.27 114.50
N UNK A 3303 -77.94 15.67 113.23
CA UNK A 3303 -76.82 16.51 112.84
C UNK A 3303 -76.84 17.85 113.55
N UNK A 3304 -78.02 18.44 113.73
CA UNK A 3304 -78.13 19.65 114.54
C UNK A 3304 -77.82 19.37 116.00
N UNK A 3305 -78.16 18.17 116.49
CA UNK A 3305 -77.79 17.76 117.84
C UNK A 3305 -76.29 17.60 118.02
N UNK A 3306 -75.62 16.99 117.04
CA UNK A 3306 -74.16 16.89 117.06
C UNK A 3306 -73.51 18.26 116.95
N UNK A 3307 -74.07 19.15 116.14
CA UNK A 3307 -73.52 20.49 115.99
C UNK A 3307 -73.76 21.36 117.22
N UNK A 3308 -74.84 21.13 117.96
CA UNK A 3308 -75.12 21.83 119.20
C UNK A 3308 -74.52 21.13 120.41
N UNK A 3309 -73.95 19.94 120.22
CA UNK A 3309 -73.25 19.21 121.26
C UNK A 3309 -71.91 19.85 121.65
N UNK A 3310 -71.43 20.82 120.87
CA UNK A 3310 -70.22 21.55 121.21
C UNK A 3310 -70.59 22.91 121.77
N UNK A 3311 -71.66 22.96 122.56
CA UNK A 3311 -72.11 24.20 123.20
C UNK A 3311 -71.32 24.46 124.47
N UNK A 3312 -71.81 25.40 125.29
CA UNK A 3312 -71.21 25.71 126.57
C UNK A 3312 -71.24 24.51 127.50
N UNK A 3313 -72.41 23.90 127.66
CA UNK A 3313 -72.54 22.71 128.48
C UNK A 3313 -73.62 21.78 127.93
N UNK A 3314 -85.11 16.27 133.13
CA UNK A 3314 -85.32 17.53 133.84
C UNK A 3314 -85.20 17.33 135.35
N UNK A 3315 -84.07 16.77 135.79
CA UNK A 3315 -83.84 16.51 137.19
C UNK A 3315 -83.52 17.79 137.94
N UNK A 3316 -82.42 18.45 137.57
CA UNK A 3316 -82.03 19.72 138.18
C UNK A 3316 -82.71 20.90 137.50
N UNK A 3317 -83.40 20.66 136.39
CA UNK A 3317 -84.18 21.69 135.71
C UNK A 3317 -85.41 22.10 136.50
N UNK A 3318 -85.94 21.22 137.34
CA UNK A 3318 -86.98 21.60 138.29
C UNK A 3318 -86.45 22.53 139.37
N UNK A 3319 -85.15 22.47 139.67
CA UNK A 3319 -84.50 23.38 140.59
C UNK A 3319 -84.06 24.67 139.92
N UNK A 3320 -84.40 24.84 138.65
CA UNK A 3320 -84.05 26.05 137.90
C UNK A 3320 -85.23 26.51 137.06
N UNK A 3321 -86.38 25.86 137.23
CA UNK A 3321 -87.57 26.19 136.45
C UNK A 3321 -88.15 27.54 136.87
N UNK A 3322 -88.56 27.64 138.14
CA UNK A 3322 -89.03 28.90 138.68
C UNK A 3322 -88.01 29.56 139.59
N UNK A 3323 -87.04 28.80 140.11
CA UNK A 3323 -86.05 29.35 141.02
C UNK A 3323 -85.10 30.30 140.29
N UNK A 3324 -84.58 29.88 139.14
CA UNK A 3324 -83.77 30.77 138.31
C UNK A 3324 -84.62 31.83 137.62
N UNK A 3325 -85.91 31.57 137.42
CA UNK A 3325 -86.80 32.58 136.84
C UNK A 3325 -87.05 33.73 137.80
N UNK A 3326 -87.19 33.42 139.10
CA UNK A 3326 -87.36 34.48 140.10
C UNK A 3326 -86.01 35.09 140.47
N UNK A 3327 -85.09 34.28 140.97
CA UNK A 3327 -83.76 34.75 141.33
C UNK A 3327 -82.85 34.73 140.12
N UNK A 3328 -77.18 31.86 136.69
CA UNK A 3328 -77.47 30.54 136.15
C UNK A 3328 -77.42 29.49 137.25
N UNK A 3329 -78.49 28.70 137.37
CA UNK A 3329 -78.56 27.64 138.37
C UNK A 3329 -77.98 26.35 137.79
N UNK A 3330 -76.67 26.37 137.59
CA UNK A 3330 -75.93 25.23 137.06
C UNK A 3330 -74.68 25.04 137.89
N UNK A 3331 -74.33 23.78 138.13
CA UNK A 3331 -73.21 23.46 139.01
C UNK A 3331 -72.19 22.56 138.32
N UNK A 3332 -71.23 22.05 139.09
CA UNK A 3332 -70.18 21.18 138.58
C UNK A 3332 -70.66 19.78 138.27
N UNK A 3333 -71.90 19.44 138.64
CA UNK A 3333 -72.49 18.16 138.31
C UNK A 3333 -73.87 18.38 137.68
N UNK A 3334 -73.95 19.34 136.76
CA UNK A 3334 -75.21 19.65 136.09
C UNK A 3334 -75.38 18.80 134.85
N UNK A 3335 -74.46 18.94 133.89
CA UNK A 3335 -74.45 18.10 132.70
C UNK A 3335 -73.69 16.80 132.91
N UNK A 3336 -72.83 16.75 133.94
CA UNK A 3336 -72.12 15.52 134.25
C UNK A 3336 -72.95 14.54 135.05
N UNK A 3337 -74.15 14.93 135.47
CA UNK A 3337 -75.02 14.01 136.20
C UNK A 3337 -75.63 12.96 135.29
N UNK A 3338 -76.05 13.35 134.09
CA UNK A 3338 -76.58 12.42 133.11
C UNK A 3338 -75.48 11.73 132.31
N UNK A 3339 -74.22 12.16 132.47
CA UNK A 3339 -73.11 11.56 131.77
C UNK A 3339 -72.84 10.14 132.24
N UNK A 3340 -73.10 9.85 133.52
CA UNK A 3340 -72.92 8.48 134.01
C UNK A 3340 -74.02 7.55 133.49
N UNK A 3341 -75.25 8.05 133.40
CA UNK A 3341 -76.33 7.26 132.80
C UNK A 3341 -76.08 7.00 131.32
N UNK A 3342 -75.57 8.01 130.61
CA UNK A 3342 -75.14 7.81 129.22
C UNK A 3342 -73.97 6.85 129.11
N UNK A 3343 -73.04 6.88 130.06
CA UNK A 3343 -71.90 5.97 130.03
C UNK A 3343 -72.33 4.53 130.31
N UNK A 3344 -73.30 4.36 131.20
CA UNK A 3344 -73.87 3.04 131.44
C UNK A 3344 -74.65 2.53 130.23
N UNK A 3345 -75.42 3.42 129.59
CA UNK A 3345 -76.13 3.04 128.36
C UNK A 3345 -75.17 2.73 127.23
N UNK A 3346 -74.02 3.38 127.19
CA UNK A 3346 -72.99 3.06 126.22
C UNK A 3346 -72.28 1.75 126.53
N UNK A 3347 -71.97 1.49 127.80
CA UNK A 3347 -71.33 0.25 128.19
C UNK A 3347 -72.26 -0.95 128.04
N UNK A 3348 -73.57 -0.73 128.03
CA UNK A 3348 -74.51 -1.81 127.71
C UNK A 3348 -74.33 -2.27 126.27
N UNK A 3349 -74.45 -1.36 125.31
CA UNK A 3349 -74.29 -1.70 123.90
C UNK A 3349 -72.85 -1.95 123.51
N UNK A 3350 -71.89 -1.65 124.38
CA UNK A 3350 -70.51 -2.04 124.13
C UNK A 3350 -70.36 -3.55 124.15
N UNK A 3351 -71.01 -4.21 125.11
CA UNK A 3351 -71.04 -5.66 125.16
C UNK A 3351 -72.12 -6.26 124.28
N UNK A 3352 -73.32 -5.69 124.30
CA UNK A 3352 -74.40 -6.17 123.45
C UNK A 3352 -74.11 -5.74 122.02
N UNK A 3353 -73.64 -6.68 121.20
CA UNK A 3353 -73.30 -6.40 119.81
C UNK A 3353 -74.60 -6.20 119.03
N UNK A 3354 -75.04 -4.95 118.98
CA UNK A 3354 -76.33 -4.59 118.37
C UNK A 3354 -76.20 -4.67 116.85
N UNK A 3355 -76.29 -5.90 116.35
CA UNK A 3355 -76.24 -6.12 114.91
C UNK A 3355 -77.52 -5.68 114.22
N UNK A 3356 -78.62 -5.58 114.94
CA UNK A 3356 -79.86 -5.12 114.36
C UNK A 3356 -79.79 -3.62 114.09
N UNK A 3357 -80.17 -3.23 112.87
CA UNK A 3357 -80.19 -1.82 112.50
C UNK A 3357 -81.24 -1.05 113.29
N UNK A 3358 -82.36 -1.71 113.63
CA UNK A 3358 -83.34 -1.08 114.51
C UNK A 3358 -82.80 -0.91 115.91
N UNK A 3359 -81.93 -1.82 116.35
CA UNK A 3359 -81.29 -1.65 117.65
C UNK A 3359 -80.27 -0.53 117.62
N UNK A 3360 -79.57 -0.36 116.50
CA UNK A 3360 -78.60 0.71 116.36
C UNK A 3360 -79.23 2.06 116.04
N UNK A 3361 -80.49 2.07 115.61
CA UNK A 3361 -81.12 3.31 115.16
C UNK A 3361 -81.49 4.22 116.33
N UNK A 3362 -81.38 3.74 117.56
CA UNK A 3362 -81.57 4.59 118.73
C UNK A 3362 -80.26 4.89 119.45
N UNK A 3363 -79.18 4.22 119.08
CA UNK A 3363 -77.90 4.38 119.75
C UNK A 3363 -76.90 5.14 118.87
N UNK A 3364 -76.67 4.67 117.65
CA UNK A 3364 -75.78 5.37 116.74
C UNK A 3364 -76.39 6.68 116.25
N UNK A 3365 -77.71 6.72 116.10
CA UNK A 3365 -78.38 7.95 115.68
C UNK A 3365 -78.52 8.96 116.81
N UNK A 3366 -78.18 8.57 118.03
CA UNK A 3366 -78.18 9.48 119.17
C UNK A 3366 -76.78 9.80 119.66
N UNK A 3367 -75.78 8.98 119.32
CA UNK A 3367 -74.41 9.22 119.76
C UNK A 3367 -73.73 10.36 119.02
N UNK A 3368 -74.39 10.92 118.00
CA UNK A 3368 -73.87 12.11 117.33
C UNK A 3368 -73.76 13.28 118.29
N UNK A 3369 -74.78 13.49 119.12
CA UNK A 3369 -74.70 14.50 120.16
C UNK A 3369 -73.83 14.07 121.34
N UNK A 3370 -73.44 12.80 121.39
CA UNK A 3370 -72.53 12.34 122.44
C UNK A 3370 -71.07 12.43 122.02
N UNK A 3371 -70.80 12.52 120.71
CA UNK A 3371 -69.44 12.51 120.20
C UNK A 3371 -68.62 13.73 120.62
N UNK A 3372 -69.26 14.83 120.99
CA UNK A 3372 -68.53 16.05 121.34
C UNK A 3372 -68.18 16.07 122.84
N UNK A 3373 -67.50 15.01 123.27
CA UNK A 3373 -67.12 14.87 124.67
C UNK A 3373 -66.03 15.86 125.05
N UNK A 3374 -64.94 15.90 124.27
CA UNK A 3374 -63.87 16.85 124.55
C UNK A 3374 -64.26 18.28 124.17
N UNK A 3375 -65.35 18.44 123.41
CA UNK A 3375 -65.85 19.77 123.11
C UNK A 3375 -66.72 20.31 124.23
N UNK A 3376 -67.58 19.46 124.81
CA UNK A 3376 -68.31 19.84 126.01
C UNK A 3376 -67.36 20.03 127.19
N UNK A 3377 -66.29 19.25 127.24
CA UNK A 3377 -65.21 19.53 128.17
C UNK A 3377 -64.38 20.70 127.67
N UNK A 3378 -63.60 21.27 128.57
CA UNK A 3378 -62.64 22.31 128.19
C UNK A 3378 -61.29 21.65 127.93
N UNK A 3379 -60.75 20.99 128.95
CA UNK A 3379 -59.49 20.25 128.84
C UNK A 3379 -59.82 18.79 128.54
N UNK A 3380 -58.85 17.89 128.51
CA UNK A 3380 -59.12 16.48 128.22
C UNK A 3380 -59.06 15.69 129.52
N UNK A 3381 -59.68 16.23 130.56
CA UNK A 3381 -59.70 15.57 131.86
C UNK A 3381 -60.48 14.25 131.79
N UNK A 3382 -61.49 14.19 130.92
CA UNK A 3382 -62.29 12.99 130.75
C UNK A 3382 -61.88 12.21 129.50
N UNK A 3383 -60.62 12.29 129.11
CA UNK A 3383 -60.16 11.58 127.92
C UNK A 3383 -59.79 10.12 128.20
N UNK A 3384 -59.71 9.72 129.47
CA UNK A 3384 -59.49 8.31 129.77
C UNK A 3384 -60.68 7.46 129.37
N UNK A 3385 -61.89 8.03 129.44
CA UNK A 3385 -63.06 7.34 128.93
C UNK A 3385 -63.04 7.26 127.41
N UNK A 3386 -62.57 8.32 126.74
CA UNK A 3386 -62.45 8.30 125.28
C UNK A 3386 -61.35 7.36 124.80
N UNK A 3387 -60.37 7.06 125.66
CA UNK A 3387 -59.34 6.08 125.33
C UNK A 3387 -59.91 4.67 125.16
N UNK A 3388 -61.04 4.38 125.80
CA UNK A 3388 -61.74 3.11 125.59
C UNK A 3388 -62.98 3.25 124.72
N UNK A 3389 -63.51 4.47 124.58
CA UNK A 3389 -64.66 4.68 123.70
C UNK A 3389 -64.29 4.50 122.24
N UNK A 3390 -63.03 4.79 121.88
CA UNK A 3390 -62.56 4.51 120.55
C UNK A 3390 -62.52 3.01 120.28
N UNK A 3391 -62.09 2.22 121.26
CA UNK A 3391 -62.11 0.77 121.12
C UNK A 3391 -63.54 0.24 121.10
N UNK A 3392 -64.46 0.92 121.80
CA UNK A 3392 -65.86 0.54 121.74
C UNK A 3392 -66.44 0.79 120.36
N UNK A 3393 -66.12 1.93 119.75
CA UNK A 3393 -66.54 2.19 118.38
C UNK A 3393 -65.85 1.24 117.40
N UNK A 3394 -64.64 0.80 117.71
CA UNK A 3394 -63.96 -0.17 116.87
C UNK A 3394 -64.62 -1.54 116.96
N UNK A 3395 -65.11 -1.91 118.15
CA UNK A 3395 -65.87 -3.14 118.29
C UNK A 3395 -67.22 -3.04 117.59
N UNK A 3396 -67.83 -1.85 117.61
CA UNK A 3396 -69.07 -1.63 116.89
C UNK A 3396 -68.87 -1.75 115.38
N UNK A 3397 -67.69 -1.39 114.90
CA UNK A 3397 -67.34 -1.58 113.50
C UNK A 3397 -66.97 -3.03 113.17
N UNK A 3398 -66.25 -3.70 114.07
CA UNK A 3398 -65.88 -5.10 113.92
C UNK A 3398 -67.07 -6.04 114.12
N UNK A 3399 -68.20 -5.51 114.58
CA UNK A 3399 -69.48 -6.21 114.53
C UNK A 3399 -69.95 -6.56 113.12
N UNK A 3400 -69.30 -6.01 112.08
CA UNK A 3400 -69.40 -6.45 110.69
C UNK A 3400 -70.81 -6.34 110.13
N UNK A 3401 -71.30 -5.11 110.03
CA UNK A 3401 -72.58 -4.82 109.38
C UNK A 3401 -72.56 -5.32 107.93
N UNK A 3402 -73.68 -5.87 107.50
CA UNK A 3402 -73.70 -6.69 106.30
C UNK A 3402 -73.68 -5.87 105.01
N UNK A 3403 -74.73 -5.08 104.77
CA UNK A 3403 -74.79 -4.36 103.51
C UNK A 3403 -74.77 -2.86 103.66
N UNK A 3404 -75.76 -2.31 104.36
CA UNK A 3404 -75.95 -0.85 104.43
C UNK A 3404 -76.39 -0.39 105.81
N UNK A 3405 -76.00 -1.11 106.87
CA UNK A 3405 -76.35 -0.65 108.21
C UNK A 3405 -75.40 0.46 108.67
N UNK A 3406 -74.12 0.13 108.84
CA UNK A 3406 -73.11 1.13 109.12
C UNK A 3406 -72.59 1.79 107.86
N UNK A 3407 -72.93 1.25 106.67
CA UNK A 3407 -72.56 1.90 105.43
C UNK A 3407 -73.44 3.11 105.14
N UNK A 3408 -74.75 3.01 105.36
CA UNK A 3408 -75.59 4.19 105.27
C UNK A 3408 -75.38 5.13 106.44
N UNK A 3409 -75.13 4.58 107.63
CA UNK A 3409 -74.73 5.40 108.77
C UNK A 3409 -73.21 5.50 108.86
N UNK A 3410 -72.58 5.90 107.76
CA UNK A 3410 -71.15 6.16 107.74
C UNK A 3410 -70.86 7.64 107.96
N UNK A 3411 -71.88 8.43 108.28
CA UNK A 3411 -71.66 9.81 108.72
C UNK A 3411 -71.04 9.87 110.10
N UNK A 3412 -71.09 8.77 110.86
CA UNK A 3412 -70.30 8.68 112.08
C UNK A 3412 -68.81 8.64 111.78
N UNK A 3413 -68.43 8.10 110.62
CA UNK A 3413 -67.01 8.14 110.24
C UNK A 3413 -66.57 9.55 109.90
N UNK A 3414 -67.51 10.42 109.52
CA UNK A 3414 -67.18 11.84 109.35
C UNK A 3414 -66.86 12.50 110.67
N UNK A 3415 -67.55 12.10 111.74
CA UNK A 3415 -67.22 12.60 113.07
C UNK A 3415 -66.04 11.90 113.70
N UNK A 3416 -65.69 10.71 113.19
CA UNK A 3416 -64.64 9.88 113.77
C UNK A 3416 -63.23 10.27 113.32
N UNK A 3417 -63.07 11.44 112.72
CA UNK A 3417 -61.74 11.88 112.31
C UNK A 3417 -61.01 12.56 113.47
N UNK A 3418 -61.65 13.51 114.14
CA UNK A 3418 -61.04 14.21 115.26
C UNK A 3418 -60.93 13.34 116.50
N UNK A 3419 -61.68 12.24 116.57
CA UNK A 3419 -61.55 11.30 117.66
C UNK A 3419 -60.24 10.54 117.63
N UNK A 3420 -59.63 10.40 116.45
CA UNK A 3420 -58.34 9.72 116.30
C UNK A 3420 -57.17 10.64 116.59
N UNK A 3421 -57.42 11.87 117.02
CA UNK A 3421 -56.36 12.81 117.37
C UNK A 3421 -55.87 12.56 118.79
N UNK A 3422 -56.78 12.68 119.77
CA UNK A 3422 -56.43 12.59 121.17
C UNK A 3422 -56.50 11.17 121.70
N UNK A 3423 -56.68 10.17 120.84
CA UNK A 3423 -56.74 8.78 121.27
C UNK A 3423 -55.35 8.30 121.65
N UNK A 3424 -55.20 7.85 122.88
CA UNK A 3424 -53.93 7.32 123.37
C UNK A 3424 -53.65 6.00 122.68
N UNK A 3425 -52.73 6.02 121.71
CA UNK A 3425 -52.41 4.80 120.96
C UNK A 3425 -51.56 3.84 121.75
N UNK A 3426 -50.84 4.32 122.78
CA UNK A 3426 -50.11 3.39 123.64
C UNK A 3426 -51.08 2.55 124.46
N UNK A 3427 -52.10 3.19 125.05
CA UNK A 3427 -53.18 2.46 125.70
C UNK A 3427 -54.02 1.67 124.71
N UNK A 3428 -54.17 2.16 123.49
CA UNK A 3428 -54.96 1.51 122.46
C UNK A 3428 -54.10 0.68 121.52
N UNK A 3429 -52.92 0.25 121.95
CA UNK A 3429 -52.18 -0.75 121.20
C UNK A 3429 -52.92 -2.07 121.15
N UNK A 3430 -53.66 -2.41 122.22
CA UNK A 3430 -54.54 -3.56 122.16
C UNK A 3430 -55.71 -3.32 121.20
N UNK A 3431 -56.20 -2.09 121.14
CA UNK A 3431 -57.21 -1.75 120.15
C UNK A 3431 -56.63 -1.74 118.74
N UNK A 3432 -55.35 -1.46 118.62
CA UNK A 3432 -54.67 -1.56 117.34
C UNK A 3432 -54.50 -3.01 116.93
N UNK A 3433 -54.25 -3.90 117.89
CA UNK A 3433 -54.23 -5.32 117.60
C UNK A 3433 -55.64 -5.84 117.29
N UNK A 3434 -56.66 -5.24 117.91
CA UNK A 3434 -58.04 -5.64 117.60
C UNK A 3434 -58.46 -5.14 116.23
N UNK A 3435 -58.06 -3.92 115.87
CA UNK A 3435 -58.28 -3.43 114.51
C UNK A 3435 -57.42 -4.19 113.52
N UNK A 3436 -56.28 -4.71 113.96
CA UNK A 3436 -55.47 -5.58 113.12
C UNK A 3436 -56.16 -6.92 112.93
N UNK A 3437 -56.86 -7.40 113.95
CA UNK A 3437 -57.66 -8.61 113.80
C UNK A 3437 -58.85 -8.38 112.88
N UNK A 3438 -59.46 -7.19 112.97
CA UNK A 3438 -60.54 -6.83 112.05
C UNK A 3438 -60.02 -6.68 110.62
N UNK A 3439 -58.82 -6.13 110.47
CA UNK A 3439 -58.19 -6.03 109.15
C UNK A 3439 -57.75 -7.39 108.65
N UNK A 3440 -57.40 -8.31 109.54
CA UNK A 3440 -57.08 -9.67 109.13
C UNK A 3440 -58.33 -10.43 108.71
N UNK A 3441 -59.46 -10.17 109.38
CA UNK A 3441 -60.74 -10.70 108.92
C UNK A 3441 -61.14 -10.13 107.57
N UNK A 3442 -60.92 -8.82 107.37
CA UNK A 3442 -61.15 -8.22 106.07
C UNK A 3442 -60.20 -8.75 105.03
N UNK A 3443 -58.96 -9.07 105.41
CA UNK A 3443 -58.00 -9.62 104.47
C UNK A 3443 -58.32 -11.07 104.14
N UNK A 3444 -58.90 -11.80 105.09
CA UNK A 3444 -59.34 -13.16 104.81
C UNK A 3444 -60.57 -13.18 103.92
N UNK A 3445 -61.50 -12.25 104.15
CA UNK A 3445 -62.64 -12.11 103.25
C UNK A 3445 -62.21 -11.64 101.87
N UNK A 3446 -61.22 -10.75 101.82
CA UNK A 3446 -60.66 -10.32 100.56
C UNK A 3446 -59.86 -11.43 99.90
N UNK A 3447 -59.28 -12.33 100.68
CA UNK A 3447 -58.59 -13.48 100.10
C UNK A 3447 -59.56 -14.49 99.55
N UNK A 3448 -60.73 -14.64 100.20
CA UNK A 3448 -61.79 -15.47 99.64
C UNK A 3448 -62.34 -14.87 98.36
N UNK A 3449 -62.55 -13.55 98.35
CA UNK A 3449 -62.99 -12.87 97.13
C UNK A 3449 -61.89 -12.89 96.06
N UNK A 3450 -60.62 -12.92 96.46
CA UNK A 3450 -59.53 -12.97 95.51
C UNK A 3450 -59.39 -14.37 94.92
N UNK A 3451 -59.66 -15.39 95.73
CA UNK A 3451 -59.76 -16.74 95.20
C UNK A 3451 -60.93 -16.88 94.25
N UNK A 3452 -62.04 -16.20 94.55
CA UNK A 3452 -63.18 -16.19 93.62
C UNK A 3452 -62.86 -15.47 92.32
N UNK A 3453 -62.13 -14.36 92.39
CA UNK A 3453 -61.77 -13.62 91.18
C UNK A 3453 -60.68 -14.34 90.40
N UNK A 3454 -59.79 -15.06 91.09
CA UNK A 3454 -58.82 -15.91 90.41
C UNK A 3454 -59.49 -17.14 89.83
N UNK A 3455 -60.65 -17.53 90.38
CA UNK A 3455 -61.53 -18.50 89.75
C UNK A 3455 -62.48 -17.83 88.78
N UNK A 3456 -61.92 -16.99 87.90
CA UNK A 3456 -62.59 -16.53 86.69
C UNK A 3456 -62.41 -17.57 85.59
N UNK A 3457 -63.16 -18.66 85.73
CA UNK A 3457 -62.98 -19.87 84.95
C UNK A 3457 -63.62 -19.70 83.57
N UNK A 3458 -63.85 -20.81 82.88
CA UNK A 3458 -64.54 -20.89 81.59
C UNK A 3458 -65.91 -20.23 81.68
N UNK A 3459 -66.53 -19.92 80.53
CA UNK A 3459 -67.41 -18.77 80.36
C UNK A 3459 -68.73 -18.90 81.14
N UNK A 3460 -68.66 -18.74 82.46
CA UNK A 3460 -69.86 -18.58 83.27
C UNK A 3460 -70.02 -17.11 83.65
N UNK A 3461 -71.20 -16.55 83.37
CA UNK A 3461 -71.45 -15.12 83.55
C UNK A 3461 -71.92 -14.80 84.97
N UNK A 3462 -71.67 -15.67 85.92
CA UNK A 3462 -72.06 -15.45 87.30
C UNK A 3462 -71.04 -14.65 88.08
N UNK A 3463 -69.84 -14.45 87.52
CA UNK A 3463 -68.80 -13.71 88.21
C UNK A 3463 -69.08 -12.21 88.27
N UNK A 3464 -69.83 -11.67 87.31
CA UNK A 3464 -70.14 -10.25 87.26
C UNK A 3464 -71.11 -9.83 88.36
N UNK A 3465 -71.94 -10.73 88.85
CA UNK A 3465 -72.85 -10.43 89.96
C UNK A 3465 -72.25 -10.80 91.30
N UNK A 3466 -71.07 -11.40 91.33
CA UNK A 3466 -70.46 -11.84 92.57
C UNK A 3466 -69.22 -11.02 92.94
N UNK A 3467 -68.25 -10.90 92.04
CA UNK A 3467 -67.04 -10.14 92.34
C UNK A 3467 -67.31 -8.65 92.44
N UNK A 3468 -68.14 -8.10 91.56
CA UNK A 3468 -68.53 -6.69 91.64
C UNK A 3468 -69.35 -6.41 92.88
N UNK A 3469 -70.16 -7.36 93.34
CA UNK A 3469 -70.89 -7.21 94.58
C UNK A 3469 -69.99 -7.26 95.81
N UNK A 3470 -69.05 -8.21 95.85
CA UNK A 3470 -68.15 -8.33 96.99
C UNK A 3470 -67.17 -7.17 97.05
N UNK A 3471 -66.85 -6.58 95.89
CA UNK A 3471 -66.00 -5.40 95.88
C UNK A 3471 -66.73 -4.18 96.41
N UNK A 3472 -67.94 -3.93 95.92
CA UNK A 3472 -68.70 -2.76 96.36
C UNK A 3472 -69.21 -2.89 97.79
N UNK A 3473 -69.30 -4.12 98.31
CA UNK A 3473 -69.62 -4.30 99.72
C UNK A 3473 -68.48 -3.80 100.61
N UNK A 3474 -67.25 -4.20 100.30
CA UNK A 3474 -66.10 -3.77 101.08
C UNK A 3474 -65.63 -2.37 100.71
N UNK A 3475 -66.19 -1.78 99.64
CA UNK A 3475 -65.82 -0.42 99.22
C UNK A 3475 -66.10 0.60 100.32
N UNK A 3476 -67.36 0.74 100.71
CA UNK A 3476 -67.73 1.67 101.76
C UNK A 3476 -67.20 1.26 103.13
N UNK A 3477 -66.87 -0.01 103.31
CA UNK A 3477 -66.25 -0.45 104.56
C UNK A 3477 -64.83 0.09 104.67
N UNK A 3478 -63.99 -0.18 103.66
CA UNK A 3478 -62.61 0.28 103.67
C UNK A 3478 -62.51 1.80 103.56
N UNK A 3479 -63.45 2.44 102.87
CA UNK A 3479 -63.44 3.89 102.76
C UNK A 3479 -63.67 4.56 104.11
N UNK A 3480 -64.59 4.03 104.91
CA UNK A 3480 -64.77 4.52 106.27
C UNK A 3480 -63.65 4.10 107.20
N UNK A 3481 -63.02 2.95 106.94
CA UNK A 3481 -61.95 2.46 107.80
C UNK A 3481 -60.69 3.30 107.67
N UNK A 3482 -60.36 3.68 106.43
CA UNK A 3482 -59.13 4.44 106.18
C UNK A 3482 -59.17 5.84 106.76
N UNK A 3483 -60.34 6.46 106.82
CA UNK A 3483 -60.45 7.81 107.36
C UNK A 3483 -60.15 7.85 108.85
N UNK A 3484 -60.64 6.86 109.59
CA UNK A 3484 -60.30 6.74 111.00
C UNK A 3484 -58.87 6.25 111.21
N UNK A 3485 -58.39 5.34 110.37
CA UNK A 3485 -57.06 4.79 110.54
C UNK A 3485 -55.95 5.79 110.20
N UNK A 3486 -56.24 6.78 109.35
CA UNK A 3486 -55.20 7.69 108.90
C UNK A 3486 -54.79 8.66 110.00
N UNK A 3487 -55.77 9.30 110.64
CA UNK A 3487 -55.46 10.24 111.72
C UNK A 3487 -54.94 9.54 112.96
N UNK A 3488 -55.28 8.25 113.13
CA UNK A 3488 -54.69 7.48 114.22
C UNK A 3488 -53.22 7.18 113.95
N UNK A 3489 -52.90 6.80 112.72
CA UNK A 3489 -51.53 6.45 112.37
C UNK A 3489 -50.63 7.69 112.29
N UNK A 3490 -51.17 8.79 111.76
CA UNK A 3490 -50.40 10.01 111.65
C UNK A 3490 -50.09 10.63 113.00
N UNK A 3491 -51.02 10.56 113.94
CA UNK A 3491 -50.75 11.02 115.29
C UNK A 3491 -49.79 10.11 116.03
N UNK A 3492 -49.84 8.80 115.75
CA UNK A 3492 -48.97 7.86 116.44
C UNK A 3492 -47.72 7.59 115.62
N UNK A 3493 -47.49 8.41 114.59
CA UNK A 3493 -46.33 8.22 113.73
C UNK A 3493 -45.04 8.50 114.47
N UNK A 3494 -45.04 9.51 115.35
CA UNK A 3494 -43.82 9.86 116.08
C UNK A 3494 -43.43 8.78 117.08
N UNK A 3495 -44.40 8.27 117.83
CA UNK A 3495 -44.09 7.22 118.80
C UNK A 3495 -43.71 5.91 118.13
N UNK A 3496 -44.40 5.56 117.05
CA UNK A 3496 -44.06 4.36 116.30
C UNK A 3496 -42.78 4.51 115.49
N UNK A 3497 -42.32 5.73 115.26
CA UNK A 3497 -41.06 5.95 114.58
C UNK A 3497 -39.90 6.11 115.54
N UNK A 3498 -40.17 6.43 116.81
CA UNK A 3498 -39.08 6.66 117.75
C UNK A 3498 -38.41 5.34 118.12
N UNK A 3499 -39.15 4.45 118.77
CA UNK A 3499 -38.57 3.16 119.13
C UNK A 3499 -39.37 1.98 118.61
N UNK A 3500 -40.66 1.92 118.95
CA UNK A 3500 -41.40 0.68 118.83
C UNK A 3500 -42.04 0.54 117.45
N UNK A 3501 -41.77 -0.59 116.79
CA UNK A 3501 -42.31 -0.83 115.47
C UNK A 3501 -42.83 -2.24 115.32
N UNK A 3502 -42.72 -3.05 116.38
CA UNK A 3502 -43.12 -4.45 116.29
C UNK A 3502 -44.62 -4.60 116.23
N UNK A 3503 -45.37 -3.75 116.95
CA UNK A 3503 -46.82 -3.73 116.77
C UNK A 3503 -47.19 -3.20 115.40
N UNK A 3504 -46.39 -2.28 114.87
CA UNK A 3504 -46.54 -1.80 113.51
C UNK A 3504 -45.94 -2.74 112.48
N UNK A 3505 -45.11 -3.70 112.90
CA UNK A 3505 -44.59 -4.70 111.98
C UNK A 3505 -45.70 -5.61 111.47
N UNK A 3506 -46.60 -6.02 112.36
CA UNK A 3506 -47.77 -6.79 111.94
C UNK A 3506 -48.70 -5.96 111.08
N UNK A 3507 -48.81 -4.66 111.35
CA UNK A 3507 -49.66 -3.79 110.55
C UNK A 3507 -49.11 -3.62 109.14
N UNK A 3508 -47.80 -3.45 109.03
CA UNK A 3508 -47.16 -3.39 107.72
C UNK A 3508 -47.22 -4.72 107.00
N UNK A 3509 -47.17 -5.83 107.74
CA UNK A 3509 -47.31 -7.15 107.11
C UNK A 3509 -48.72 -7.38 106.62
N UNK A 3510 -49.72 -6.85 107.31
CA UNK A 3510 -51.12 -7.03 106.94
C UNK A 3510 -51.59 -5.99 105.93
N UNK A 3511 -50.83 -4.90 105.77
CA UNK A 3511 -51.20 -3.83 104.84
C UNK A 3511 -50.83 -4.17 103.39
N UNK A 3512 -51.26 -5.33 102.91
CA UNK A 3512 -51.07 -5.71 101.52
C UNK A 3512 -52.34 -5.57 100.70
N UNK A 3513 -53.35 -4.88 101.24
CA UNK A 3513 -54.65 -4.82 100.59
C UNK A 3513 -54.62 -3.91 99.37
N UNK A 3514 -53.78 -2.87 99.39
CA UNK A 3514 -53.65 -2.03 98.21
C UNK A 3514 -52.92 -2.75 97.09
N UNK A 3515 -51.89 -3.53 97.42
CA UNK A 3515 -51.21 -4.35 96.42
C UNK A 3515 -52.11 -5.47 95.91
N UNK A 3516 -53.03 -5.94 96.75
CA UNK A 3516 -53.93 -7.00 96.32
C UNK A 3516 -55.07 -6.46 95.47
N UNK A 3517 -55.95 -5.64 96.04
CA UNK A 3517 -57.21 -5.28 95.39
C UNK A 3517 -57.01 -4.16 94.37
N UNK A 3518 -56.63 -2.97 94.83
CA UNK A 3518 -56.43 -1.88 93.89
C UNK A 3518 -54.99 -1.75 93.44
N UNK A 3519 -54.33 -2.86 93.13
CA UNK A 3519 -53.17 -2.84 92.23
C UNK A 3519 -53.41 -3.83 91.11
N UNK A 3520 -53.80 -5.05 91.50
CA UNK A 3520 -54.05 -6.11 90.54
C UNK A 3520 -55.54 -6.46 90.56
N UNK A 3521 -56.07 -6.72 89.37
CA UNK A 3521 -57.52 -6.87 89.13
C UNK A 3521 -58.29 -5.68 89.68
N UNK A 3522 -57.78 -4.48 89.38
CA UNK A 3522 -58.35 -3.24 89.89
C UNK A 3522 -59.45 -2.69 88.98
N UNK A 3523 -60.03 -3.52 88.12
CA UNK A 3523 -61.24 -3.10 87.41
C UNK A 3523 -62.45 -3.19 88.31
N UNK A 3524 -62.62 -4.31 89.01
CA UNK A 3524 -63.64 -4.44 90.04
C UNK A 3524 -63.31 -3.66 91.29
N UNK A 3525 -62.02 -3.48 91.59
CA UNK A 3525 -61.64 -2.55 92.64
C UNK A 3525 -61.81 -1.11 92.19
N UNK A 3526 -61.85 -0.88 90.88
CA UNK A 3526 -62.18 0.42 90.30
C UNK A 3526 -63.67 0.55 90.02
N UNK A 3527 -64.41 -0.54 90.16
CA UNK A 3527 -65.86 -0.49 90.19
C UNK A 3527 -66.38 -0.01 91.53
N UNK A 3528 -65.52 0.07 92.54
CA UNK A 3528 -65.81 0.72 93.81
C UNK A 3528 -65.91 2.23 93.68
N UNK A 3529 -65.46 2.80 92.56
CA UNK A 3529 -65.64 4.21 92.29
C UNK A 3529 -67.11 4.56 92.11
N UNK A 3530 -67.94 3.60 91.69
CA UNK A 3530 -69.37 3.83 91.67
C UNK A 3530 -69.94 3.98 93.08
N UNK A 3531 -69.47 3.15 94.01
CA UNK A 3531 -69.86 3.31 95.41
C UNK A 3531 -69.34 4.61 96.00
N UNK A 3532 -68.13 5.01 95.60
CA UNK A 3532 -67.58 6.27 96.06
C UNK A 3532 -68.31 7.48 95.48
N UNK A 3533 -68.76 7.38 94.24
CA UNK A 3533 -69.54 8.43 93.60
C UNK A 3533 -70.96 8.51 94.14
N UNK A 3534 -71.54 7.37 94.52
CA UNK A 3534 -72.78 7.38 95.29
C UNK A 3534 -72.56 8.00 96.66
N UNK A 3535 -71.37 7.80 97.22
CA UNK A 3535 -70.99 8.44 98.48
C UNK A 3535 -70.65 9.91 98.25
N UNK A 3536 -59.20 11.11 90.53
CA UNK A 3536 -57.87 11.09 91.13
C UNK A 3536 -57.71 9.92 92.08
N UNK A 3537 -56.56 9.84 92.73
CA UNK A 3537 -56.33 8.80 93.72
C UNK A 3537 -57.18 9.06 94.95
N UNK A 3538 -57.82 8.00 95.45
CA UNK A 3538 -58.74 8.15 96.58
C UNK A 3538 -58.22 7.28 97.71
N UNK A 3539 -57.19 7.78 98.41
CA UNK A 3539 -56.74 7.35 99.73
C UNK A 3539 -56.15 5.94 99.79
N UNK A 3540 -56.18 5.19 98.68
CA UNK A 3540 -55.65 3.83 98.72
C UNK A 3540 -54.13 3.84 98.71
N UNK A 3541 -53.55 4.50 97.70
CA UNK A 3541 -52.11 4.70 97.69
C UNK A 3541 -51.67 5.72 98.73
N UNK A 3542 -52.54 6.70 99.04
CA UNK A 3542 -52.24 7.68 100.06
C UNK A 3542 -52.15 7.07 101.45
N UNK A 3543 -52.87 5.98 101.70
CA UNK A 3543 -52.63 5.19 102.90
C UNK A 3543 -51.25 4.56 102.86
N UNK A 3544 -50.90 3.96 101.72
CA UNK A 3544 -49.56 3.45 101.52
C UNK A 3544 -48.52 4.55 101.46
N UNK A 3545 -48.91 5.75 100.99
CA UNK A 3545 -47.99 6.88 101.06
C UNK A 3545 -47.81 7.34 102.49
N UNK A 3546 -48.80 7.10 103.35
CA UNK A 3546 -48.70 7.43 104.77
C UNK A 3546 -48.15 6.27 105.58
N UNK A 3547 -47.81 5.16 104.93
CA UNK A 3547 -47.30 4.00 105.66
C UNK A 3547 -45.96 3.51 105.16
N UNK A 3548 -45.50 3.94 103.98
CA UNK A 3548 -44.27 3.44 103.42
C UNK A 3548 -43.03 3.99 104.12
N UNK A 3549 -43.15 5.13 104.82
CA UNK A 3549 -42.00 5.73 105.47
C UNK A 3549 -41.48 4.85 106.59
N UNK A 3550 -42.35 4.48 107.54
CA UNK A 3550 -41.95 3.57 108.60
C UNK A 3550 -41.72 2.16 108.09
N UNK A 3551 -42.34 1.79 106.97
CA UNK A 3551 -42.10 0.49 106.38
C UNK A 3551 -40.68 0.38 105.84
N UNK A 3552 -40.26 1.37 105.05
CA UNK A 3552 -38.89 1.42 104.55
C UNK A 3552 -37.89 1.76 105.65
N UNK A 3553 -38.35 2.38 106.73
CA UNK A 3553 -37.49 2.57 107.90
C UNK A 3553 -37.13 1.24 108.53
N UNK A 3554 -38.09 0.31 108.57
CA UNK A 3554 -37.88 -1.00 109.15
C UNK A 3554 -37.62 -2.07 108.09
N UNK A 3555 -37.40 -1.67 106.83
CA UNK A 3555 -37.17 -2.62 105.76
C UNK A 3555 -35.80 -3.28 105.90
N UNK A 3556 -34.75 -2.47 106.03
CA UNK A 3556 -33.40 -2.98 106.17
C UNK A 3556 -32.54 -1.94 106.87
N UNK A 3557 -31.62 -2.42 107.69
CA UNK A 3557 -30.44 -1.64 108.05
C UNK A 3557 -29.67 -1.32 106.77
N UNK A 3558 -29.19 -0.08 106.70
CA UNK A 3558 -28.78 0.52 105.43
C UNK A 3558 -27.46 -0.09 104.92
N UNK A 3559 -27.03 0.39 103.74
CA UNK A 3559 -25.82 -0.01 103.03
C UNK A 3559 -25.86 -1.48 102.56
N UNK A 3560 -27.01 -2.13 102.62
CA UNK A 3560 -27.23 -3.28 101.75
C UNK A 3560 -28.40 -2.98 100.84
N UNK A 3561 -29.58 -2.81 101.44
CA UNK A 3561 -30.78 -2.17 100.90
C UNK A 3561 -31.45 -2.91 99.74
N UNK A 3562 -30.75 -3.86 99.10
CA UNK A 3562 -31.24 -4.82 98.10
C UNK A 3562 -32.12 -4.23 97.00
N UNK A 3563 -31.98 -2.93 96.71
CA UNK A 3563 -33.07 -2.19 96.09
C UNK A 3563 -33.25 -2.50 94.61
N UNK A 3564 -32.27 -2.15 93.78
CA UNK A 3564 -32.34 -2.52 92.38
C UNK A 3564 -32.06 -4.00 92.18
N UNK A 3565 -31.45 -4.65 93.18
CA UNK A 3565 -31.25 -6.09 93.15
C UNK A 3565 -32.57 -6.83 93.19
N UNK A 3566 -33.58 -6.29 93.86
CA UNK A 3566 -34.87 -6.95 93.98
C UNK A 3566 -35.94 -6.36 93.08
N UNK A 3567 -35.85 -5.07 92.75
CA UNK A 3567 -36.91 -4.40 91.99
C UNK A 3567 -36.95 -4.89 90.55
N UNK A 3568 -35.80 -5.24 89.99
CA UNK A 3568 -35.77 -5.76 88.63
C UNK A 3568 -36.35 -7.16 88.54
N UNK A 3569 -36.03 -8.04 89.49
CA UNK A 3569 -36.59 -9.38 89.49
C UNK A 3569 -38.08 -9.36 89.81
N UNK A 3570 -38.53 -8.41 90.63
CA UNK A 3570 -39.95 -8.27 90.89
C UNK A 3570 -40.70 -7.60 89.76
N UNK A 3571 -40.01 -6.80 88.93
CA UNK A 3571 -40.63 -6.23 87.74
C UNK A 3571 -40.84 -7.28 86.65
N UNK A 3572 -40.10 -8.39 86.71
CA UNK A 3572 -40.26 -9.49 85.78
C UNK A 3572 -41.38 -10.45 86.15
N UNK A 3573 -42.25 -10.05 87.11
CA UNK A 3573 -43.41 -10.81 87.56
C UNK A 3573 -43.04 -12.18 88.11
N UNK A 3574 -41.87 -12.25 88.76
CA UNK A 3574 -41.45 -13.47 89.46
C UNK A 3574 -42.31 -13.63 90.70
N UNK A 3575 -42.62 -14.89 91.01
CA UNK A 3575 -43.46 -15.21 92.17
C UNK A 3575 -42.76 -14.89 93.48
N UNK A 3576 -43.53 -14.76 94.56
CA UNK A 3576 -42.98 -14.46 95.88
C UNK A 3576 -42.10 -15.56 96.44
N UNK A 3577 -42.50 -16.83 96.29
CA UNK A 3577 -41.60 -17.91 96.64
C UNK A 3577 -40.41 -17.97 95.68
N UNK A 3578 -40.64 -17.61 94.42
CA UNK A 3578 -39.53 -17.51 93.48
C UNK A 3578 -38.63 -16.32 93.82
N UNK A 3579 -39.21 -15.25 94.35
CA UNK A 3579 -38.39 -14.12 94.79
C UNK A 3579 -37.56 -14.48 96.02
N UNK A 3580 -38.15 -15.23 96.95
CA UNK A 3580 -37.42 -15.75 98.10
C UNK A 3580 -36.32 -16.72 97.70
N UNK A 3581 -36.59 -17.57 96.70
CA UNK A 3581 -35.57 -18.46 96.17
C UNK A 3581 -34.45 -17.71 95.46
N UNK A 3582 -34.78 -16.63 94.75
CA UNK A 3582 -33.75 -15.81 94.13
C UNK A 3582 -32.93 -15.07 95.18
N UNK A 3583 -33.55 -14.63 96.27
CA UNK A 3583 -32.81 -13.95 97.33
C UNK A 3583 -31.93 -14.92 98.10
N UNK A 3584 -32.38 -16.17 98.25
CA UNK A 3584 -31.57 -17.15 98.96
C UNK A 3584 -30.43 -17.66 98.07
N UNK A 3585 -30.77 -18.24 96.92
CA UNK A 3585 -29.81 -18.85 96.02
C UNK A 3585 -28.93 -17.82 95.33
N UNK A 3586 -29.37 -16.57 95.24
CA UNK A 3586 -28.52 -15.47 94.82
C UNK A 3586 -27.87 -14.80 96.01
N UNK A 3587 -26.57 -14.99 96.20
CA UNK A 3587 -25.86 -14.56 97.39
C UNK A 3587 -25.88 -13.04 97.54
N UNK A 3588 -26.12 -12.58 98.76
CA UNK A 3588 -26.22 -11.15 99.03
C UNK A 3588 -24.82 -10.56 99.04
N UNK A 3589 -24.76 -9.24 98.95
CA UNK A 3589 -23.49 -8.53 98.95
C UNK A 3589 -23.69 -7.17 99.57
N UNK A 3590 -22.76 -6.77 100.44
CA UNK A 3590 -22.80 -5.47 101.09
C UNK A 3590 -21.37 -5.04 101.39
N UNK A 3591 -20.99 -3.86 100.90
CA UNK A 3591 -19.62 -3.38 101.08
C UNK A 3591 -19.62 -1.99 101.72
N UNK A 3592 -18.45 -1.35 101.75
CA UNK A 3592 -18.30 -0.04 102.36
C UNK A 3592 -18.34 1.03 101.28
N UNK A 3593 -19.09 2.10 101.54
CA UNK A 3593 -19.19 3.20 100.60
C UNK A 3593 -19.36 4.52 101.33
N UNK A 3594 -19.51 5.61 100.57
CA UNK A 3594 -19.77 6.92 101.15
C UNK A 3594 -21.18 7.06 101.69
N UNK A 3595 -22.18 6.50 101.00
CA UNK A 3595 -23.54 6.49 101.50
C UNK A 3595 -23.72 5.56 102.69
N UNK A 3596 -22.79 4.61 102.88
CA UNK A 3596 -22.79 3.78 104.09
C UNK A 3596 -22.60 4.62 105.34
N UNK A 3597 -21.56 5.46 105.35
CA UNK A 3597 -21.36 6.40 106.46
C UNK A 3597 -22.46 7.44 106.55
N UNK A 3598 -23.12 7.75 105.45
CA UNK A 3598 -24.25 8.68 105.48
C UNK A 3598 -25.47 8.07 106.18
N UNK A 3599 -25.82 6.84 105.82
CA UNK A 3599 -27.07 6.25 106.27
C UNK A 3599 -26.87 5.18 107.33
N UNK A 3600 -26.09 4.14 107.03
CA UNK A 3600 -26.00 2.96 107.88
C UNK A 3600 -25.26 3.23 109.18
N UNK A 3601 -24.37 4.23 109.21
CA UNK A 3601 -23.71 4.61 110.46
C UNK A 3601 -24.73 5.12 111.47
N UNK A 3602 -25.76 5.81 111.01
CA UNK A 3602 -26.86 6.20 111.89
C UNK A 3602 -27.85 5.06 112.07
N UNK A 3603 -28.04 4.24 111.03
CA UNK A 3603 -29.09 3.22 111.05
C UNK A 3603 -28.77 2.08 112.01
N UNK A 3604 -27.54 1.54 111.94
CA UNK A 3604 -27.12 0.49 112.85
C UNK A 3604 -27.03 0.97 114.29
N UNK A 3605 -26.71 2.23 114.51
CA UNK A 3605 -26.71 2.79 115.86
C UNK A 3605 -28.11 2.99 116.40
N UNK A 3606 -29.04 3.52 115.60
CA UNK A 3606 -30.39 3.79 116.07
C UNK A 3606 -31.25 2.54 116.09
N UNK A 3607 -30.84 1.48 115.41
CA UNK A 3607 -31.55 0.22 115.50
C UNK A 3607 -31.34 -0.37 116.88
N UNK A 3608 -30.06 -0.65 117.21
CA UNK A 3608 -29.64 -1.25 118.49
C UNK A 3608 -30.38 -2.55 118.77
N UNK A 3609 -30.58 -3.35 117.72
CA UNK A 3609 -31.43 -4.53 117.80
C UNK A 3609 -30.71 -5.76 117.26
N UNK A 3610 -31.44 -6.86 117.14
CA UNK A 3610 -30.89 -8.12 116.67
C UNK A 3610 -30.85 -8.16 115.15
N UNK A 3611 -30.42 -9.29 114.60
CA UNK A 3611 -30.31 -9.47 113.16
C UNK A 3611 -30.41 -10.95 112.84
N UNK A 3612 -30.91 -11.26 111.65
CA UNK A 3612 -30.99 -12.63 111.17
C UNK A 3612 -30.74 -12.63 109.67
N UNK A 3613 -30.66 -13.84 109.10
CA UNK A 3613 -30.50 -13.99 107.66
C UNK A 3613 -31.80 -14.38 106.98
N UNK A 3614 -32.56 -15.28 107.59
CA UNK A 3614 -33.86 -15.64 107.06
C UNK A 3614 -34.89 -14.54 107.29
N UNK A 3615 -34.84 -13.87 108.43
CA UNK A 3615 -35.71 -12.72 108.66
C UNK A 3615 -35.32 -11.54 107.78
N UNK A 3616 -34.03 -11.37 107.48
CA UNK A 3616 -33.63 -10.37 106.50
C UNK A 3616 -34.18 -10.70 105.12
N UNK A 3617 -34.23 -11.99 104.78
CA UNK A 3617 -34.87 -12.40 103.53
C UNK A 3617 -36.36 -12.15 103.55
N UNK A 3618 -37.04 -12.47 104.65
CA UNK A 3618 -38.50 -12.36 104.71
C UNK A 3618 -38.96 -10.90 104.72
N UNK A 3619 -38.30 -10.06 105.52
CA UNK A 3619 -38.70 -8.66 105.61
C UNK A 3619 -38.41 -7.90 104.32
N UNK A 3620 -37.31 -8.23 103.65
CA UNK A 3620 -37.01 -7.58 102.39
C UNK A 3620 -37.90 -8.13 101.28
N UNK A 3621 -38.26 -9.41 101.35
CA UNK A 3621 -39.14 -9.99 100.34
C UNK A 3621 -40.56 -9.49 100.47
N UNK A 3622 -41.00 -9.19 101.69
CA UNK A 3622 -42.31 -8.57 101.88
C UNK A 3622 -42.31 -7.15 101.34
N UNK A 3623 -41.20 -6.43 101.52
CA UNK A 3623 -41.11 -5.04 101.12
C UNK A 3623 -40.89 -4.85 99.63
N UNK A 3624 -40.11 -5.72 98.99
CA UNK A 3624 -39.61 -5.46 97.65
C UNK A 3624 -40.71 -5.65 96.60
N UNK A 3625 -41.49 -6.70 96.73
CA UNK A 3625 -42.59 -6.93 95.80
C UNK A 3625 -43.68 -5.89 95.94
N UNK A 3626 -44.00 -5.48 97.18
CA UNK A 3626 -44.96 -4.42 97.38
C UNK A 3626 -44.43 -3.09 96.87
N UNK A 3627 -43.11 -2.87 96.96
CA UNK A 3627 -42.52 -1.65 96.45
C UNK A 3627 -42.53 -1.62 94.94
N UNK A 3628 -42.29 -2.77 94.30
CA UNK A 3628 -42.33 -2.83 92.84
C UNK A 3628 -43.77 -2.68 92.34
N UNK A 3629 -44.73 -3.26 93.06
CA UNK A 3629 -46.13 -3.04 92.73
C UNK A 3629 -46.55 -1.59 92.93
N UNK A 3630 -46.02 -0.94 93.97
CA UNK A 3630 -46.33 0.46 94.21
C UNK A 3630 -45.69 1.35 93.15
N UNK A 3631 -44.48 1.00 92.71
CA UNK A 3631 -43.84 1.76 91.64
C UNK A 3631 -44.56 1.57 90.32
N UNK A 3632 -45.03 0.35 90.05
CA UNK A 3632 -45.80 0.10 88.84
C UNK A 3632 -47.16 0.78 88.89
N UNK A 3633 -47.78 0.86 90.07
CA UNK A 3633 -49.06 1.51 90.22
C UNK A 3633 -48.93 2.98 90.60
N UNK A 3634 -47.70 3.50 90.57
CA UNK A 3634 -47.44 4.91 90.80
C UNK A 3634 -46.84 5.57 89.56
N UNK A 3635 -45.76 5.01 89.02
CA UNK A 3635 -45.13 5.60 87.85
C UNK A 3635 -46.00 5.46 86.60
N UNK A 3636 -46.73 4.36 86.46
CA UNK A 3636 -47.72 4.29 85.40
C UNK A 3636 -49.00 5.03 85.77
N UNK A 3637 -49.22 5.28 87.06
CA UNK A 3637 -50.28 6.20 87.44
C UNK A 3637 -49.87 7.64 87.16
N UNK A 3638 -48.58 7.94 87.31
CA UNK A 3638 -48.06 9.26 86.97
C UNK A 3638 -47.59 9.28 85.52
N THR A 3639 -83.89 9.97 56.81
CA THR A 3639 -85.30 9.97 56.47
C THR A 3639 -85.78 8.56 56.11
N PRO A 3640 -87.01 8.23 56.49
CA PRO A 3640 -87.58 6.92 56.14
C PRO A 3640 -88.20 6.96 54.76
N LEU A 3641 -88.68 5.80 54.32
CA LEU A 3641 -89.21 5.71 52.96
C LEU A 3641 -90.59 6.35 52.86
N TYR A 3642 -91.38 6.26 53.91
CA TYR A 3642 -92.66 6.95 53.97
C TYR A 3642 -92.41 8.44 54.21
N ASN A 3643 -93.49 9.19 54.47
CA ASN A 3643 -93.60 10.65 54.62
C ASN A 3643 -92.78 11.43 53.59
N LEU A 3644 -92.82 10.94 52.34
CA LEU A 3644 -92.00 11.41 51.24
C LEU A 3644 -92.93 11.73 50.07
N PRO A 3645 -92.58 12.73 49.25
CA PRO A 3645 -93.38 13.00 48.05
C PRO A 3645 -93.35 11.82 47.10
N THR A 3646 -94.52 11.51 46.53
CA THR A 3646 -94.69 10.24 45.84
C THR A 3646 -94.08 10.27 44.44
N HIS A 3647 -94.32 11.35 43.69
CA HIS A 3647 -93.68 11.52 42.39
C HIS A 3647 -92.16 11.63 42.52
N ARG A 3648 -91.70 12.28 43.58
CA ARG A 3648 -90.28 12.40 43.86
C ARG A 3648 -89.67 11.05 44.20
N ALA A 3649 -90.37 10.27 45.03
CA ALA A 3649 -89.93 8.93 45.37
C ALA A 3649 -89.96 8.01 44.17
N CYS A 3650 -90.94 8.20 43.28
CA CYS A 3650 -91.05 7.39 42.08
C CYS A 3650 -89.90 7.70 41.13
N ASN A 3651 -89.54 8.96 40.98
CA ASN A 3651 -88.40 9.33 40.15
C ASN A 3651 -87.09 8.83 40.76
N MET A 3652 -86.94 8.94 42.08
CA MET A 3652 -85.76 8.44 42.77
C MET A 3652 -85.62 6.93 42.65
N PHE A 3653 -86.70 6.19 42.89
CA PHE A 3653 -86.69 4.74 42.74
C PHE A 3653 -86.51 4.32 41.28
N LEU A 3654 -87.08 5.11 40.36
CA LEU A 3654 -86.94 4.88 38.93
C LEU A 3654 -85.48 4.95 38.53
N GLU A 3655 -84.74 5.91 39.07
CA GLU A 3655 -83.30 5.87 38.92
C GLU A 3655 -82.71 4.71 39.72
N SER A 3656 -83.28 4.41 40.87
CA SER A 3656 -82.78 3.40 41.79
C SER A 3656 -83.22 1.99 41.43
N TYR A 3657 -83.54 1.74 40.17
CA TYR A 3657 -83.77 0.42 39.60
C TYR A 3657 -82.44 -0.23 39.11
N LYS A 3658 -81.32 0.24 39.67
CA LYS A 3658 -80.03 0.16 38.98
C LYS A 3658 -79.48 -1.25 38.85
N ALA A 3659 -79.53 -2.05 39.93
CA ALA A 3659 -79.03 -3.41 39.80
C ALA A 3659 -79.99 -4.28 39.02
N ALA A 3660 -81.28 -3.95 39.04
CA ALA A 3660 -82.23 -4.65 38.21
C ALA A 3660 -82.35 -4.04 36.83
N TRP A 3661 -81.41 -3.19 36.43
CA TRP A 3661 -81.33 -2.72 35.05
C TRP A 3661 -80.87 -3.84 34.13
N ILE A 3662 -80.60 -3.43 32.89
CA ILE A 3662 -80.29 -4.32 31.79
C ILE A 3662 -78.81 -4.71 31.79
N LEU A 3663 -78.10 -4.36 32.87
CA LEU A 3663 -76.71 -4.74 33.06
C LEU A 3663 -76.56 -6.21 33.47
N THR A 3664 -77.15 -7.10 32.67
CA THR A 3664 -77.05 -8.55 32.81
C THR A 3664 -76.51 -9.11 31.51
N GLU A 3665 -76.28 -10.43 31.49
CA GLU A 3665 -75.77 -11.08 30.30
C GLU A 3665 -76.92 -11.23 29.31
N ASP A 3666 -76.86 -10.45 28.23
CA ASP A 3666 -77.93 -10.49 27.25
C ASP A 3666 -77.79 -11.67 26.32
N HIS A 3667 -76.72 -11.68 25.52
CA HIS A 3667 -76.25 -12.73 24.61
C HIS A 3667 -77.15 -12.95 23.39
N SER A 3668 -78.29 -12.26 23.30
CA SER A 3668 -79.31 -12.63 22.33
C SER A 3668 -79.00 -12.21 20.89
N PHE A 3669 -78.25 -11.12 20.70
CA PHE A 3669 -78.13 -10.54 19.38
C PHE A 3669 -76.69 -10.33 18.94
N GLU A 3670 -75.80 -11.20 19.38
CA GLU A 3670 -74.41 -11.14 18.97
C GLU A 3670 -74.10 -12.19 17.91
N ASP A 3671 -74.40 -13.45 18.18
CA ASP A 3671 -74.25 -14.47 17.16
C ASP A 3671 -75.35 -14.34 16.12
N ARG A 3672 -76.60 -14.29 16.59
CA ARG A 3672 -77.79 -14.36 15.74
C ARG A 3672 -77.85 -13.24 14.73
N MET A 3673 -77.44 -12.04 15.14
CA MET A 3673 -77.53 -10.89 14.26
C MET A 3673 -76.44 -10.91 13.20
N ILE A 3674 -75.42 -11.74 13.39
CA ILE A 3674 -74.38 -11.89 12.39
C ILE A 3674 -74.65 -13.08 11.47
N ASP A 3675 -75.34 -14.09 12.01
CA ASP A 3675 -75.66 -15.33 11.28
C ASP A 3675 -76.37 -15.04 9.98
N ASP A 3676 -77.52 -14.40 10.08
CA ASP A 3676 -78.35 -13.97 8.98
C ASP A 3676 -77.66 -13.03 7.99
N LEU A 3677 -76.90 -12.04 8.47
CA LEU A 3677 -76.28 -11.06 7.58
C LEU A 3677 -75.27 -11.68 6.63
N SER A 3678 -74.61 -12.74 7.06
CA SER A 3678 -73.71 -13.50 6.21
C SER A 3678 -74.47 -14.63 5.53
N LYS A 3679 -75.59 -15.03 6.10
CA LYS A 3679 -76.23 -16.28 5.69
C LYS A 3679 -77.32 -16.02 4.66
N ALA A 3680 -78.04 -14.90 4.77
CA ALA A 3680 -79.14 -14.63 3.87
C ALA A 3680 -78.69 -14.30 2.46
N GLY A 3681 -77.40 -14.00 2.26
CA GLY A 3681 -76.87 -13.82 0.93
C GLY A 3681 -76.72 -15.11 0.14
N GLU A 3682 -76.91 -16.27 0.78
CA GLU A 3682 -76.80 -17.57 0.15
C GLU A 3682 -78.16 -18.15 -0.24
N GLN A 3683 -79.09 -17.31 -0.68
CA GLN A 3683 -80.40 -17.80 -1.09
C GLN A 3683 -80.31 -18.52 -2.42
N GLU A 3684 -80.57 -19.83 -2.40
CA GLU A 3684 -80.50 -20.62 -3.63
C GLU A 3684 -81.71 -20.38 -4.51
N GLU A 3685 -82.83 -19.93 -3.93
CA GLU A 3685 -83.98 -19.56 -4.75
C GLU A 3685 -83.70 -18.29 -5.56
N GLU A 3686 -82.86 -17.40 -5.03
CA GLU A 3686 -82.37 -16.25 -5.77
C GLU A 3686 -81.06 -16.61 -6.47
N GLU A 3687 -81.11 -17.71 -7.24
CA GLU A 3687 -79.95 -18.16 -7.98
C GLU A 3687 -80.48 -18.85 -9.24
N GLU A 3688 -80.49 -18.12 -10.35
CA GLU A 3688 -80.96 -18.67 -11.63
C GLU A 3688 -80.20 -17.94 -12.74
N GLU A 3689 -79.09 -18.54 -13.18
CA GLU A 3689 -78.24 -18.06 -14.28
C GLU A 3689 -77.74 -16.63 -14.01
N VAL A 3690 -77.17 -16.44 -12.83
CA VAL A 3690 -76.70 -15.11 -12.45
C VAL A 3690 -75.39 -14.77 -13.15
N GLU A 3691 -74.41 -15.67 -13.03
CA GLU A 3691 -73.04 -15.49 -13.55
C GLU A 3691 -72.38 -14.22 -13.01
N GLU A 3692 -72.66 -13.89 -11.76
CA GLU A 3692 -72.11 -12.71 -11.10
C GLU A 3692 -72.18 -12.94 -9.60
N LYS A 3693 -71.97 -11.88 -8.82
CA LYS A 3693 -72.03 -11.97 -7.36
C LYS A 3693 -72.39 -10.60 -6.81
N LYS A 3694 -73.67 -10.39 -6.50
CA LYS A 3694 -74.04 -9.21 -5.75
C LYS A 3694 -73.59 -9.40 -4.29
N PRO A 3695 -73.28 -8.31 -3.58
CA PRO A 3695 -72.72 -8.46 -2.24
C PRO A 3695 -73.78 -8.87 -1.23
N ASP A 3696 -73.28 -9.26 -0.05
CA ASP A 3696 -74.11 -9.76 1.02
C ASP A 3696 -74.97 -8.64 1.62
N PRO A 3697 -75.98 -9.00 2.43
CA PRO A 3697 -76.54 -7.99 3.35
C PRO A 3697 -75.47 -7.36 4.22
N LEU A 3698 -74.64 -8.22 4.81
CA LEU A 3698 -73.50 -7.77 5.59
C LEU A 3698 -72.52 -6.98 4.74
N HIS A 3699 -72.29 -7.42 3.50
CA HIS A 3699 -71.26 -6.76 2.71
C HIS A 3699 -71.72 -5.40 2.22
N GLN A 3700 -72.96 -5.30 1.74
CA GLN A 3700 -73.52 -4.00 1.36
C GLN A 3700 -73.68 -3.10 2.58
N LEU A 3701 -73.88 -3.70 3.75
CA LEU A 3701 -73.86 -2.94 4.99
C LEU A 3701 -72.48 -2.34 5.25
N VAL A 3702 -71.43 -3.09 4.96
CA VAL A 3702 -70.07 -2.54 5.01
C VAL A 3702 -69.89 -1.47 3.95
N LEU A 3703 -70.48 -1.69 2.76
CA LEU A 3703 -70.35 -0.76 1.65
C LEU A 3703 -71.00 0.58 1.97
N HIS A 3704 -72.09 0.56 2.73
CA HIS A 3704 -72.69 1.80 3.19
C HIS A 3704 -71.77 2.54 4.13
N PHE A 3705 -71.06 1.81 5.00
CA PHE A 3705 -70.09 2.44 5.89
C PHE A 3705 -68.93 3.00 5.12
N SER A 3706 -68.48 2.30 4.09
CA SER A 3706 -67.41 2.80 3.25
C SER A 3706 -67.86 4.02 2.47
N ARG A 3707 -69.12 4.06 2.04
CA ARG A 3707 -69.60 5.20 1.29
C ARG A 3707 -69.78 6.41 2.20
N THR A 3708 -70.33 6.21 3.39
CA THR A 3708 -70.43 7.33 4.30
C THR A 3708 -69.08 7.72 4.89
N ALA A 3709 -68.08 6.84 4.81
CA ALA A 3709 -66.72 7.22 5.12
C ALA A 3709 -66.08 8.03 4.01
N LEU A 3710 -66.39 7.71 2.76
CA LEU A 3710 -65.83 8.44 1.63
C LEU A 3710 -66.58 9.70 1.30
N THR A 3711 -67.81 9.82 1.77
CA THR A 3711 -68.56 11.07 1.69
C THR A 3711 -67.94 12.00 2.70
N GLU A 3712 -66.88 12.70 2.30
CA GLU A 3712 -66.03 13.34 3.29
C GLU A 3712 -66.65 14.63 3.80
N LYS A 3713 -66.17 15.02 4.98
CA LYS A 3713 -66.44 16.33 5.55
C LYS A 3713 -65.20 16.70 6.32
N SER A 3714 -65.01 18.01 6.52
CA SER A 3714 -63.99 18.49 7.45
C SER A 3714 -64.23 17.96 8.85
N LYS A 3715 -65.49 17.93 9.29
CA LYS A 3715 -65.85 17.28 10.54
C LYS A 3715 -66.25 15.84 10.27
N LEU A 3716 -66.64 15.17 11.35
CA LEU A 3716 -67.38 13.92 11.26
C LEU A 3716 -68.21 13.82 12.53
N ASP A 3717 -69.47 13.44 12.37
CA ASP A 3717 -70.47 13.69 13.39
C ASP A 3717 -70.46 12.61 14.46
N GLU A 3718 -71.50 12.62 15.31
CA GLU A 3718 -71.68 11.60 16.33
C GLU A 3718 -71.84 10.22 15.71
N ASP A 3719 -72.94 10.03 14.98
CA ASP A 3719 -73.30 8.77 14.31
C ASP A 3719 -73.26 7.61 15.30
N TYR A 3720 -73.98 7.85 16.40
CA TYR A 3720 -74.11 6.89 17.51
C TYR A 3720 -74.64 5.56 17.04
N LEU A 3721 -75.55 5.61 16.07
CA LEU A 3721 -75.87 4.50 15.18
C LEU A 3721 -74.65 3.70 14.76
N TYR A 3722 -73.70 4.35 14.10
CA TYR A 3722 -72.57 3.61 13.57
C TYR A 3722 -71.58 3.24 14.67
N MET A 3723 -71.51 4.07 15.70
CA MET A 3723 -70.80 3.69 16.91
C MET A 3723 -71.34 2.40 17.49
N ALA A 3724 -72.67 2.27 17.55
CA ALA A 3724 -73.30 1.04 17.99
C ALA A 3724 -72.97 -0.11 17.05
N TYR A 3725 -72.74 0.18 15.78
CA TYR A 3725 -72.49 -0.88 14.82
C TYR A 3725 -71.08 -1.39 14.91
N ALA A 3726 -70.12 -0.49 15.08
CA ALA A 3726 -68.77 -0.89 15.41
C ALA A 3726 -68.73 -1.70 16.71
N ASP A 3727 -69.56 -1.33 17.68
CA ASP A 3727 -69.64 -2.10 18.91
C ASP A 3727 -70.23 -3.49 18.68
N ILE A 3728 -71.31 -3.57 17.89
CA ILE A 3728 -71.92 -4.85 17.52
C ILE A 3728 -70.91 -5.74 16.83
N MET A 3729 -70.14 -5.17 15.91
CA MET A 3729 -69.18 -5.96 15.16
C MET A 3729 -68.00 -6.37 16.02
N ALA A 3730 -67.63 -5.55 17.00
CA ALA A 3730 -66.59 -5.95 17.93
C ALA A 3730 -67.07 -7.07 18.82
N LYS A 3731 -68.28 -6.95 19.36
CA LYS A 3731 -68.87 -7.99 20.19
C LYS A 3731 -69.18 -9.26 19.42
N SER A 3732 -69.37 -9.18 18.12
CA SER A 3732 -69.49 -10.36 17.30
C SER A 3732 -68.20 -11.17 17.26
N CYS A 3733 -67.06 -10.52 17.00
CA CYS A 3733 -65.78 -11.20 17.09
C CYS A 3733 -65.45 -11.55 18.53
N HIS A 3734 -65.90 -10.74 19.48
CA HIS A 3734 -65.67 -11.01 20.88
C HIS A 3734 -66.52 -12.15 21.40
N LEU A 3735 -67.57 -12.56 20.69
CA LEU A 3735 -68.30 -13.76 21.05
C LEU A 3735 -67.40 -14.99 21.01
N GLU A 3736 -66.43 -15.01 20.10
CA GLU A 3736 -65.36 -16.00 20.16
C GLU A 3736 -64.25 -15.61 21.10
N GLU A 3737 -63.88 -14.32 21.16
CA GLU A 3737 -62.70 -13.92 21.93
C GLU A 3737 -62.98 -13.94 23.42
N GLY A 3738 -63.88 -13.07 23.90
CA GLY A 3738 -64.35 -13.17 25.25
C GLY A 3738 -65.17 -14.42 25.43
N GLY A 3739 -65.14 -14.96 26.64
CA GLY A 3739 -65.54 -16.33 26.86
C GLY A 3739 -64.42 -17.34 26.66
N GLU A 3740 -63.52 -17.06 25.71
CA GLU A 3740 -62.28 -17.81 25.58
C GLU A 3740 -61.07 -16.97 25.96
N ASN A 3741 -61.23 -15.67 26.10
CA ASN A 3741 -60.14 -14.79 26.51
C ASN A 3741 -60.71 -13.57 27.23
N GLU A 3747 -60.40 -22.71 38.55
CA GLU A 3747 -59.36 -21.69 38.68
C GLU A 3747 -58.22 -21.95 37.71
N GLU A 3748 -57.65 -23.15 37.79
CA GLU A 3748 -56.56 -23.55 36.91
C GLU A 3748 -57.13 -24.07 35.60
N VAL A 3749 -56.86 -23.36 34.52
CA VAL A 3749 -57.34 -23.71 33.19
C VAL A 3749 -56.24 -24.46 32.46
N GLU A 3750 -56.54 -25.70 32.06
CA GLU A 3750 -55.58 -26.51 31.34
C GLU A 3750 -56.15 -26.90 29.99
N VAL A 3751 -55.77 -26.16 28.96
CA VAL A 3751 -56.18 -26.42 27.59
C VAL A 3751 -55.41 -27.64 27.09
N SER A 3752 -56.15 -28.64 26.62
CA SER A 3752 -55.52 -29.82 26.06
C SER A 3752 -54.92 -29.50 24.70
N PHE A 3753 -54.09 -30.41 24.20
CA PHE A 3753 -53.64 -30.30 22.82
C PHE A 3753 -54.79 -30.49 21.84
N GLU A 3754 -55.80 -31.26 22.24
CA GLU A 3754 -57.00 -31.39 21.41
C GLU A 3754 -57.76 -30.07 21.35
N GLU A 3755 -57.85 -29.35 22.47
CA GLU A 3755 -58.52 -28.06 22.43
C GLU A 3755 -57.66 -27.04 21.69
N LYS A 3756 -56.35 -27.20 21.77
CA LYS A 3756 -55.42 -26.41 20.96
C LYS A 3756 -55.68 -26.63 19.48
N GLU A 3757 -55.81 -27.90 19.08
CA GLU A 3757 -56.25 -28.30 17.75
C GLU A 3757 -57.57 -27.65 17.36
N MET A 3758 -58.53 -27.61 18.28
CA MET A 3758 -59.84 -27.07 17.95
C MET A 3758 -59.86 -25.56 17.80
N GLU A 3759 -59.16 -24.84 18.65
CA GLU A 3759 -59.26 -23.39 18.70
C GLU A 3759 -58.51 -22.68 17.59
N LYS A 3760 -57.76 -23.42 16.76
CA LYS A 3760 -57.12 -22.80 15.62
C LYS A 3760 -58.15 -22.37 14.58
N GLN A 3761 -59.03 -23.28 14.21
CA GLN A 3761 -60.23 -22.88 13.47
C GLN A 3761 -61.27 -22.47 14.52
N ARG A 3762 -62.49 -22.12 14.12
CA ARG A 3762 -63.60 -21.55 14.89
C ARG A 3762 -63.21 -20.30 15.69
N LEU A 3763 -62.01 -19.79 15.48
CA LEU A 3763 -61.54 -18.50 15.93
C LEU A 3763 -60.86 -17.76 14.80
N LEU A 3764 -60.14 -18.47 13.94
CA LEU A 3764 -59.74 -17.98 12.64
C LEU A 3764 -60.83 -18.19 11.60
N TYR A 3765 -61.71 -19.17 11.82
CA TYR A 3765 -62.89 -19.31 10.98
C TYR A 3765 -63.79 -18.10 11.05
N GLN A 3766 -63.87 -17.48 12.24
CA GLN A 3766 -64.56 -16.21 12.43
C GLN A 3766 -64.06 -15.13 11.49
N GLN A 3767 -62.77 -15.15 11.16
CA GLN A 3767 -62.18 -14.08 10.38
C GLN A 3767 -62.59 -14.16 8.91
N SER A 3768 -62.63 -15.37 8.36
CA SER A 3768 -63.20 -15.47 7.02
C SER A 3768 -64.71 -15.34 7.05
N ARG A 3769 -65.33 -15.77 8.15
CA ARG A 3769 -66.74 -15.49 8.38
C ARG A 3769 -66.99 -14.00 8.51
N LEU A 3770 -65.99 -13.26 8.99
CA LEU A 3770 -66.01 -11.80 9.01
C LEU A 3770 -65.99 -11.18 7.63
N HIS A 3771 -65.82 -11.97 6.56
CA HIS A 3771 -65.80 -11.52 5.17
C HIS A 3771 -64.69 -10.49 4.97
N THR A 3772 -63.48 -11.04 5.05
CA THR A 3772 -62.22 -10.39 4.75
C THR A 3772 -62.28 -9.46 3.54
N ARG A 3773 -62.96 -9.87 2.47
CA ARG A 3773 -63.18 -9.00 1.33
C ARG A 3773 -63.97 -7.76 1.68
N GLY A 3774 -64.94 -7.86 2.58
CA GLY A 3774 -65.64 -6.68 3.02
C GLY A 3774 -64.96 -6.01 4.19
N ALA A 3775 -64.49 -6.82 5.14
CA ALA A 3775 -64.16 -6.32 6.47
C ALA A 3775 -62.91 -5.46 6.51
N ALA A 3776 -61.97 -5.66 5.59
CA ALA A 3776 -60.60 -5.21 5.82
C ALA A 3776 -60.42 -3.70 5.69
N GLU A 3777 -60.68 -3.13 4.52
CA GLU A 3777 -60.10 -1.85 4.16
C GLU A 3777 -60.72 -0.65 4.87
N MET A 3778 -61.93 -0.77 5.39
CA MET A 3778 -62.61 0.43 5.81
C MET A 3778 -62.20 0.92 7.19
N VAL A 3779 -61.65 0.06 8.05
CA VAL A 3779 -61.11 0.56 9.31
C VAL A 3779 -59.88 1.43 9.09
N LEU A 3780 -59.15 1.19 8.01
CA LEU A 3780 -58.04 2.01 7.57
C LEU A 3780 -58.51 3.40 7.17
N GLN A 3781 -59.52 3.47 6.33
CA GLN A 3781 -60.00 4.76 5.86
C GLN A 3781 -60.78 5.48 6.94
N MET A 3782 -61.27 4.77 7.94
CA MET A 3782 -61.87 5.44 9.07
C MET A 3782 -60.84 6.18 9.89
N ILE A 3783 -59.62 5.65 9.97
CA ILE A 3783 -58.57 6.35 10.68
C ILE A 3783 -57.95 7.43 9.79
N SER A 3784 -57.87 7.16 8.49
CA SER A 3784 -57.48 8.18 7.53
C SER A 3784 -58.51 9.30 7.40
N ALA A 3785 -59.73 9.10 7.93
CA ALA A 3785 -60.73 10.13 8.18
C ALA A 3785 -60.38 10.90 9.45
N CYS A 3786 -61.39 11.55 10.04
CA CYS A 3786 -61.32 12.54 11.12
C CYS A 3786 -60.29 12.21 12.20
N LYS A 3787 -59.42 13.15 12.46
CA LYS A 3787 -58.00 12.82 12.58
C LYS A 3787 -57.33 13.43 13.80
N GLY A 3788 -57.89 14.51 14.34
CA GLY A 3788 -57.24 15.20 15.43
C GLY A 3788 -57.90 14.93 16.76
N GLU A 3789 -59.18 14.58 16.73
CA GLU A 3789 -59.92 14.43 17.97
C GLU A 3789 -59.89 12.99 18.45
N THR A 3790 -59.96 12.84 19.77
CA THR A 3790 -60.04 11.53 20.41
C THR A 3790 -61.50 11.16 20.64
N GLY A 3791 -62.22 11.04 19.54
CA GLY A 3791 -63.63 10.70 19.60
C GLY A 3791 -63.84 9.28 20.07
N ALA A 3792 -64.99 9.08 20.70
CA ALA A 3792 -65.40 7.74 21.09
C ALA A 3792 -65.67 6.87 19.88
N MET A 3793 -66.05 7.47 18.74
CA MET A 3793 -66.07 6.77 17.47
C MET A 3793 -64.70 6.22 17.12
N VAL A 3794 -63.66 7.03 17.30
CA VAL A 3794 -62.31 6.61 16.97
C VAL A 3794 -61.85 5.55 17.95
N SER A 3795 -62.21 5.72 19.22
CA SER A 3795 -61.97 4.72 20.25
C SER A 3795 -62.60 3.39 19.91
N SER A 3796 -63.87 3.41 19.50
CA SER A 3796 -64.60 2.26 19.03
C SER A 3796 -63.97 1.62 17.82
N THR A 3797 -63.50 2.44 16.88
CA THR A 3797 -62.83 2.00 15.67
C THR A 3797 -61.60 1.18 15.97
N LEU A 3798 -60.81 1.64 16.94
CA LEU A 3798 -59.68 0.82 17.40
C LEU A 3798 -60.14 -0.40 18.17
N LYS A 3799 -61.15 -0.24 19.02
CA LYS A 3799 -61.75 -1.38 19.71
C LYS A 3799 -62.40 -2.36 18.74
N LEU A 3800 -62.89 -1.87 17.61
CA LEU A 3800 -63.34 -2.78 16.58
C LEU A 3800 -62.16 -3.45 15.88
N GLY A 3801 -61.16 -2.67 15.47
CA GLY A 3801 -60.04 -3.18 14.71
C GLY A 3801 -59.20 -4.19 15.44
N ILE A 3802 -59.16 -4.12 16.78
CA ILE A 3802 -58.49 -5.18 17.52
C ILE A 3802 -59.30 -6.48 17.43
N SER A 3803 -60.63 -6.37 17.49
CA SER A 3803 -61.46 -7.55 17.25
C SER A 3803 -61.37 -8.05 15.82
N ILE A 3804 -61.00 -7.18 14.88
CA ILE A 3804 -60.79 -7.61 13.50
C ILE A 3804 -59.53 -8.45 13.39
N LEU A 3805 -58.37 -7.83 13.59
CA LEU A 3805 -57.11 -8.52 13.36
C LEU A 3805 -56.51 -9.00 14.67
N ASN A 3806 -57.37 -9.41 15.60
CA ASN A 3806 -56.91 -9.84 16.91
C ASN A 3806 -56.14 -11.14 16.80
N GLY A 3807 -56.57 -12.02 15.90
CA GLY A 3807 -55.90 -13.28 15.72
C GLY A 3807 -54.83 -13.26 14.64
N GLY A 3808 -54.01 -12.20 14.61
CA GLY A 3808 -52.94 -12.23 13.65
C GLY A 3808 -53.47 -11.76 12.31
N ASN A 3809 -53.93 -12.76 11.54
CA ASN A 3809 -54.71 -12.60 10.33
C ASN A 3809 -53.85 -11.94 9.25
N ALA A 3810 -52.72 -12.60 8.97
CA ALA A 3810 -51.79 -12.14 7.96
C ALA A 3810 -52.38 -12.14 6.56
N GLU A 3811 -53.44 -12.92 6.32
CA GLU A 3811 -54.15 -12.82 5.06
C GLU A 3811 -54.76 -11.44 4.88
N VAL A 3812 -55.46 -10.95 5.90
CA VAL A 3812 -56.05 -9.62 5.75
C VAL A 3812 -54.99 -8.55 5.95
N GLN A 3813 -53.88 -8.86 6.60
CA GLN A 3813 -52.77 -7.93 6.66
C GLN A 3813 -52.13 -7.76 5.30
N GLN A 3814 -52.06 -8.86 4.53
CA GLN A 3814 -51.64 -8.80 3.14
C GLN A 3814 -52.51 -7.86 2.33
N LYS A 3815 -53.83 -8.08 2.39
CA LYS A 3815 -54.79 -7.23 1.70
C LYS A 3815 -54.70 -5.80 2.16
N MET A 3816 -54.46 -5.60 3.44
CA MET A 3816 -54.43 -4.29 4.05
C MET A 3816 -53.23 -3.49 3.62
N LEU A 3817 -52.02 -4.04 3.83
CA LEU A 3817 -50.79 -3.42 3.38
C LEU A 3817 -50.80 -3.21 1.87
N ASP A 3818 -51.37 -4.16 1.14
CA ASP A 3818 -51.56 -3.98 -0.28
C ASP A 3818 -52.50 -2.84 -0.58
N TYR A 3819 -53.53 -2.65 0.24
CA TYR A 3819 -54.44 -1.53 -0.03
C TYR A 3819 -53.81 -0.21 0.36
N LEU A 3820 -52.95 -0.21 1.38
CA LEU A 3820 -52.13 0.95 1.69
C LEU A 3820 -51.26 1.34 0.51
N LYS A 3821 -50.46 0.39 0.04
CA LYS A 3821 -49.60 0.58 -1.11
C LYS A 3821 -50.34 0.42 -2.43
N ASP A 3822 -51.66 0.49 -2.40
CA ASP A 3822 -52.52 0.56 -3.57
C ASP A 3822 -53.20 1.92 -3.69
N LYS A 3823 -53.96 2.30 -2.67
CA LYS A 3823 -54.62 3.59 -2.66
C LYS A 3823 -53.61 4.73 -2.54
N LYS A 3824 -52.57 4.54 -1.72
CA LYS A 3824 -51.34 5.35 -1.73
C LYS A 3824 -51.63 6.84 -1.48
N GLU A 3825 -52.00 7.15 -0.25
CA GLU A 3825 -52.25 8.53 0.11
C GLU A 3825 -51.76 8.81 1.52
N VAL A 3826 -51.44 10.08 1.77
CA VAL A 3826 -51.17 10.54 3.12
C VAL A 3826 -52.49 11.03 3.70
N GLY A 3827 -52.54 11.16 5.02
CA GLY A 3827 -53.76 11.47 5.72
C GLY A 3827 -54.14 10.43 6.76
N PHE A 3828 -53.42 9.32 6.78
CA PHE A 3828 -53.72 8.19 7.66
C PHE A 3828 -52.72 8.07 8.80
N PHE A 3829 -51.44 7.95 8.46
CA PHE A 3829 -50.41 7.85 9.50
C PHE A 3829 -50.19 9.20 10.16
N GLN A 3830 -50.41 10.28 9.42
CA GLN A 3830 -50.38 11.56 10.07
C GLN A 3830 -51.62 11.83 10.90
N SER A 3831 -52.74 11.19 10.56
CA SER A 3831 -53.85 11.12 11.49
C SER A 3831 -53.48 10.34 12.74
N ILE A 3832 -52.72 9.26 12.56
CA ILE A 3832 -52.30 8.41 13.67
C ILE A 3832 -51.39 9.18 14.63
N GLN A 3833 -50.37 9.84 14.10
CA GLN A 3833 -49.36 10.46 14.94
C GLN A 3833 -49.88 11.67 15.70
N ALA A 3834 -50.90 12.35 15.18
CA ALA A 3834 -51.50 13.45 15.91
C ALA A 3834 -52.24 12.93 17.13
N LEU A 3835 -52.90 11.79 16.97
CA LEU A 3835 -53.55 11.17 18.11
C LEU A 3835 -52.54 10.57 19.07
N MET A 3836 -51.39 10.14 18.54
CA MET A 3836 -50.29 9.77 19.43
C MET A 3836 -49.77 10.97 20.20
N GLN A 3837 -49.67 12.14 19.55
CA GLN A 3837 -49.39 13.38 20.25
C GLN A 3837 -50.46 13.70 21.26
N THR A 3838 -51.70 13.30 20.97
CA THR A 3838 -52.82 13.59 21.83
C THR A 3838 -53.06 12.39 22.75
N CYS A 3839 -52.14 12.23 23.69
CA CYS A 3839 -52.27 11.18 24.68
C CYS A 3839 -51.90 11.73 26.05
N SER A 3840 -52.77 11.47 27.03
CA SER A 3840 -52.51 11.91 28.39
C SER A 3840 -51.45 11.03 29.02
N VAL A 3841 -50.79 11.59 30.03
CA VAL A 3841 -49.86 10.86 30.86
C VAL A 3841 -50.31 11.02 32.31
N LEU A 3842 -49.56 10.41 33.23
CA LEU A 3842 -49.83 10.61 34.64
C LEU A 3842 -49.54 12.05 35.02
N ASP A 3843 -50.41 12.62 35.85
CA ASP A 3843 -50.39 14.04 36.15
C ASP A 3843 -50.40 14.20 37.66
N LEU A 3844 -49.28 14.64 38.22
CA LEU A 3844 -49.17 14.77 39.67
C LEU A 3844 -50.07 15.87 40.20
N ASN A 3845 -50.20 16.95 39.44
CA ASN A 3845 -51.04 18.05 39.88
C ASN A 3845 -52.51 17.66 39.84
N ALA A 3846 -52.91 16.93 38.80
CA ALA A 3846 -54.27 16.41 38.74
C ALA A 3846 -54.49 15.33 39.80
N PHE A 3847 -53.44 14.63 40.17
CA PHE A 3847 -53.54 13.75 41.32
C PHE A 3847 -53.71 14.54 42.60
N GLU A 3848 -53.08 15.69 42.72
CA GLU A 3848 -53.23 16.49 43.94
C GLU A 3848 -54.62 17.10 44.03
N ARG A 3849 -55.28 17.27 42.89
CA ARG A 3849 -56.66 17.69 42.89
C ARG A 3849 -57.56 16.61 43.46
N GLN A 3850 -57.43 15.39 42.95
CA GLN A 3850 -58.24 14.28 43.44
C GLN A 3850 -57.79 13.81 44.82
N ASN A 3851 -56.57 14.15 45.20
CA ASN A 3851 -56.10 13.87 46.56
C ASN A 3851 -56.86 14.71 47.56
N LYS A 3852 -56.93 16.02 47.32
CA LYS A 3852 -57.72 16.89 48.16
C LYS A 3852 -59.21 16.65 48.00
N ALA A 3853 -59.63 16.11 46.86
CA ALA A 3853 -61.03 15.68 46.72
C ALA A 3853 -61.32 14.47 47.59
N GLU A 3854 -60.37 13.54 47.67
CA GLU A 3854 -60.49 12.43 48.60
C GLU A 3854 -60.44 12.89 50.04
N GLY A 3855 -59.62 13.89 50.34
CA GLY A 3855 -59.64 14.54 51.65
C GLY A 3855 -60.93 15.27 51.95
N LEU A 3856 -61.63 15.73 50.93
CA LEU A 3856 -62.95 16.34 51.06
C LEU A 3856 -64.05 15.34 50.75
N GLY A 3857 -63.84 14.08 51.14
CA GLY A 3857 -64.85 13.05 50.96
C GLY A 3857 -65.94 13.08 52.01
N MET A 3858 -65.94 14.10 52.86
CA MET A 3858 -66.98 14.33 53.85
C MET A 3858 -68.10 15.23 53.33
N VAL A 3859 -68.42 15.12 52.04
CA VAL A 3859 -69.46 15.94 51.41
C VAL A 3859 -70.84 15.53 51.91
N ASN A 3860 -71.85 16.34 51.59
CA ASN A 3860 -73.18 16.18 52.15
C ASN A 3860 -73.90 14.96 51.56
N GLU A 3861 -75.17 14.81 51.94
CA GLU A 3861 -75.95 13.65 51.56
C GLU A 3861 -76.27 13.66 50.07
N ASP A 3862 -76.00 12.52 49.41
CA ASP A 3862 -76.15 12.32 47.96
C ASP A 3862 -75.35 13.34 47.15
N GLY A 3863 -74.18 13.73 47.66
CA GLY A 3863 -73.32 14.66 46.94
C GLY A 3863 -71.86 14.26 46.99
N THR A 3864 -71.55 13.23 47.77
CA THR A 3864 -70.19 12.70 47.85
C THR A 3864 -69.92 11.61 46.82
N VAL A 3865 -70.92 11.25 46.02
CA VAL A 3865 -70.80 10.16 45.05
C VAL A 3865 -70.74 10.67 43.63
N ILE A 3866 -70.69 11.99 43.43
CA ILE A 3866 -70.51 12.53 42.08
C ILE A 3866 -69.09 12.25 41.60
N ASN A 3867 -68.14 12.17 42.52
CA ASN A 3867 -66.77 11.77 42.24
C ASN A 3867 -66.38 10.60 43.12
N ARG A 3868 -67.27 9.61 43.21
CA ARG A 3868 -66.96 8.40 43.98
C ARG A 3868 -65.87 7.59 43.29
N GLN A 3869 -66.01 7.36 41.99
CA GLN A 3869 -64.91 6.83 41.18
C GLN A 3869 -64.16 7.95 40.48
N ASN A 3870 -64.86 8.68 39.59
CA ASN A 3870 -64.33 9.81 38.80
C ASN A 3870 -63.06 9.45 38.04
N GLY A 3871 -63.01 8.23 37.48
CA GLY A 3871 -61.79 7.71 36.89
C GLY A 3871 -61.42 8.29 35.54
N GLU A 3872 -62.20 9.27 35.05
CA GLU A 3872 -61.90 9.95 33.80
C GLU A 3872 -60.98 11.15 34.00
N LYS A 3873 -60.00 11.06 34.89
CA LYS A 3873 -59.25 12.22 35.33
C LYS A 3873 -57.76 12.18 35.00
N VAL A 3874 -57.00 11.25 35.56
CA VAL A 3874 -55.55 11.28 35.39
C VAL A 3874 -55.16 10.78 34.00
N MET A 3875 -55.63 9.59 33.64
CA MET A 3875 -55.43 9.06 32.30
C MET A 3875 -56.67 9.23 31.44
N ALA A 3876 -57.79 8.62 31.89
CA ALA A 3876 -58.98 8.35 31.05
C ALA A 3876 -58.58 7.65 29.75
N ASP A 3877 -57.58 6.79 29.82
CA ASP A 3877 -56.79 6.48 28.65
C ASP A 3877 -56.44 5.01 28.57
N ASP A 3878 -56.67 4.23 29.63
CA ASP A 3878 -56.30 2.82 29.64
C ASP A 3878 -57.19 2.03 28.70
N GLU A 3879 -58.47 2.36 28.65
CA GLU A 3879 -59.34 1.81 27.64
C GLU A 3879 -59.04 2.37 26.26
N PHE A 3880 -58.27 3.44 26.17
CA PHE A 3880 -57.93 4.05 24.89
C PHE A 3880 -56.50 3.76 24.46
N THR A 3881 -55.51 4.02 25.30
CA THR A 3881 -54.17 4.00 24.72
C THR A 3881 -53.47 2.65 24.88
N GLN A 3882 -53.83 1.83 25.86
CA GLN A 3882 -53.28 0.48 25.85
C GLN A 3882 -53.91 -0.32 24.73
N ASP A 3883 -55.21 -0.08 24.51
CA ASP A 3883 -55.90 -0.37 23.26
C ASP A 3883 -55.13 0.13 22.04
N LEU A 3884 -54.62 1.36 22.08
CA LEU A 3884 -53.88 1.91 20.94
C LEU A 3884 -52.59 1.15 20.69
N PHE A 3885 -51.78 0.94 21.73
CA PHE A 3885 -50.53 0.22 21.58
C PHE A 3885 -50.75 -1.24 21.20
N ARG A 3886 -51.79 -1.88 21.74
CA ARG A 3886 -52.13 -3.23 21.34
C ARG A 3886 -52.52 -3.29 19.88
N PHE A 3887 -53.26 -2.29 19.39
CA PHE A 3887 -53.64 -2.27 17.99
C PHE A 3887 -52.42 -2.08 17.09
N LEU A 3888 -51.56 -1.14 17.47
CA LEU A 3888 -50.38 -0.87 16.66
C LEU A 3888 -49.40 -2.04 16.71
N GLN A 3889 -49.41 -2.80 17.80
CA GLN A 3889 -48.61 -4.01 17.88
C GLN A 3889 -49.21 -5.11 17.01
N LEU A 3890 -50.53 -5.27 17.05
CA LEU A 3890 -51.20 -6.29 16.24
C LEU A 3890 -51.19 -5.95 14.76
N LEU A 3891 -50.83 -4.72 14.40
CA LEU A 3891 -50.40 -4.45 13.03
C LEU A 3891 -49.24 -5.35 12.62
N CYS A 3892 -48.23 -5.44 13.47
CA CYS A 3892 -46.94 -6.03 13.10
C CYS A 3892 -46.58 -7.22 13.98
N GLU A 3893 -47.59 -7.90 14.54
CA GLU A 3893 -47.32 -9.13 15.29
C GLU A 3893 -46.81 -10.23 14.37
N GLY A 3894 -47.50 -10.44 13.25
CA GLY A 3894 -46.91 -11.19 12.17
C GLY A 3894 -45.69 -10.45 11.65
N HIS A 3895 -44.52 -11.08 11.79
CA HIS A 3895 -43.26 -10.42 11.52
C HIS A 3895 -43.13 -10.27 10.01
N ASN A 3896 -43.69 -9.19 9.52
CA ASN A 3896 -43.94 -9.06 8.11
C ASN A 3896 -42.68 -8.67 7.35
N ASN A 3897 -41.87 -7.81 7.98
CA ASN A 3897 -40.52 -7.38 7.59
C ASN A 3897 -40.54 -6.48 6.36
N ASP A 3898 -41.71 -6.20 5.82
CA ASP A 3898 -41.86 -5.24 4.73
C ASP A 3898 -42.95 -4.23 5.01
N PHE A 3899 -44.04 -4.67 5.64
CA PHE A 3899 -44.90 -3.78 6.40
C PHE A 3899 -44.12 -3.04 7.46
N GLN A 3900 -43.16 -3.71 8.08
CA GLN A 3900 -42.26 -3.08 9.02
C GLN A 3900 -41.41 -2.02 8.34
N ASN A 3901 -40.92 -2.33 7.14
CA ASN A 3901 -40.18 -1.36 6.36
C ASN A 3901 -41.07 -0.24 5.88
N TYR A 3902 -42.32 -0.53 5.66
CA TYR A 3902 -43.31 0.46 5.28
C TYR A 3902 -43.58 1.43 6.42
N LEU A 3903 -43.65 0.91 7.64
CA LEU A 3903 -43.80 1.76 8.81
C LEU A 3903 -42.57 2.57 9.10
N ARG A 3904 -41.39 2.03 8.86
CA ARG A 3904 -40.19 2.84 8.94
C ARG A 3904 -40.16 3.90 7.85
N THR A 3905 -40.46 3.53 6.61
CA THR A 3905 -40.41 4.50 5.53
C THR A 3905 -41.54 4.24 4.55
N GLN A 3906 -42.28 5.29 4.29
CA GLN A 3906 -43.53 5.26 3.56
C GLN A 3906 -43.23 5.73 2.14
N THR A 3907 -42.28 5.06 1.50
CA THR A 3907 -41.72 5.52 0.23
C THR A 3907 -42.67 5.39 -0.94
N GLY A 3908 -43.73 4.58 -0.81
CA GLY A 3908 -44.76 4.53 -1.82
C GLY A 3908 -45.51 5.83 -1.84
N ASN A 3909 -45.63 6.45 -0.67
CA ASN A 3909 -46.14 7.79 -0.56
C ASN A 3909 -45.00 8.79 -0.75
N THR A 3910 -45.36 10.04 -1.00
CA THR A 3910 -44.37 11.09 -1.20
C THR A 3910 -43.64 11.48 0.08
N THR A 3911 -44.17 11.11 1.25
CA THR A 3911 -43.55 11.48 2.51
C THR A 3911 -43.10 10.24 3.25
N THR A 3912 -42.65 10.42 4.49
CA THR A 3912 -42.21 9.32 5.33
C THR A 3912 -42.43 9.70 6.78
N ILE A 3913 -43.16 8.87 7.51
CA ILE A 3913 -43.62 9.19 8.85
C ILE A 3913 -42.70 8.61 9.92
N ASN A 3914 -42.43 7.30 9.85
CA ASN A 3914 -41.53 6.57 10.76
C ASN A 3914 -41.97 6.71 12.22
N ILE A 3915 -43.08 6.02 12.49
CA ILE A 3915 -43.83 6.25 13.72
C ILE A 3915 -43.06 5.75 14.94
N ILE A 3916 -42.01 4.96 14.71
CA ILE A 3916 -41.14 4.49 15.78
C ILE A 3916 -40.46 5.65 16.48
N ILE A 3917 -40.19 6.73 15.74
CA ILE A 3917 -39.57 7.93 16.29
C ILE A 3917 -40.43 8.53 17.38
N CYS A 3918 -41.65 8.92 17.03
CA CYS A 3918 -42.58 9.46 17.99
C CYS A 3918 -43.10 8.42 18.99
N THR A 3919 -42.95 7.13 18.68
CA THR A 3919 -43.20 6.09 19.67
C THR A 3919 -42.22 6.18 20.81
N VAL A 3920 -40.92 6.25 20.46
CA VAL A 3920 -39.87 6.51 21.43
C VAL A 3920 -40.12 7.83 22.15
N ASP A 3921 -40.57 8.84 21.41
CA ASP A 3921 -40.85 10.13 22.02
C ASP A 3921 -42.01 10.10 23.00
N TYR A 3922 -43.11 9.43 22.67
CA TYR A 3922 -44.19 9.37 23.64
C TYR A 3922 -43.83 8.46 24.81
N LEU A 3923 -43.04 7.43 24.55
CA LEU A 3923 -42.47 6.64 25.63
C LEU A 3923 -41.63 7.50 26.56
N LEU A 3924 -40.90 8.46 26.02
CA LEU A 3924 -40.17 9.42 26.84
C LEU A 3924 -41.10 10.27 27.69
N ARG A 3925 -42.18 10.75 27.07
CA ARG A 3925 -43.14 11.59 27.79
C ARG A 3925 -43.85 10.82 28.88
N LEU A 3926 -44.08 9.54 28.65
CA LEU A 3926 -44.60 8.64 29.67
C LEU A 3926 -43.57 8.39 30.76
N GLN A 3927 -42.31 8.18 30.33
CA GLN A 3927 -41.22 7.82 31.23
C GLN A 3927 -40.98 8.91 32.24
N GLU A 3928 -40.88 10.14 31.77
CA GLU A 3928 -40.61 11.27 32.64
C GLU A 3928 -41.78 11.51 33.58
N SER A 3929 -42.99 11.30 33.09
CA SER A 3929 -44.18 11.42 33.93
C SER A 3929 -44.18 10.43 35.08
N ILE A 3930 -43.92 9.16 34.78
CA ILE A 3930 -43.89 8.14 35.83
C ILE A 3930 -42.66 8.32 36.72
N SER A 3931 -41.57 8.84 36.15
CA SER A 3931 -40.35 9.06 36.90
C SER A 3931 -40.57 10.12 37.96
N ASP A 3932 -41.21 11.21 37.59
CA ASP A 3932 -41.57 12.24 38.54
C ASP A 3932 -42.70 11.81 39.46
N PHE A 3933 -43.57 10.91 39.00
CA PHE A 3933 -44.56 10.30 39.88
C PHE A 3933 -43.91 9.55 41.03
N TYR A 3934 -42.81 8.85 40.74
CA TYR A 3934 -42.05 8.24 41.82
C TYR A 3934 -41.47 9.29 42.75
N TRP A 3935 -41.15 10.48 42.24
CA TRP A 3935 -40.66 11.52 43.13
C TRP A 3935 -41.72 12.04 44.07
N TYR A 3936 -42.99 11.83 43.76
CA TYR A 3936 -44.01 12.17 44.74
C TYR A 3936 -43.95 11.25 45.96
N TYR A 3937 -43.91 9.94 45.74
CA TYR A 3937 -43.87 8.98 46.82
C TYR A 3937 -42.46 8.71 47.29
N SER A 3938 -41.49 9.45 46.76
CA SER A 3938 -40.15 9.41 47.32
C SER A 3938 -40.13 9.96 48.75
N GLY A 3939 -41.06 10.83 49.10
CA GLY A 3939 -41.14 11.30 50.46
C GLY A 3939 -41.74 10.29 51.40
N LYS A 3940 -43.04 10.02 51.27
CA LYS A 3940 -43.73 9.19 52.24
C LYS A 3940 -43.68 7.73 51.81
N ASP A 3941 -43.85 6.83 52.78
CA ASP A 3941 -43.72 5.40 52.57
C ASP A 3941 -44.98 4.74 52.03
N VAL A 3942 -46.15 5.25 52.37
CA VAL A 3942 -47.39 4.56 52.05
C VAL A 3942 -47.93 5.05 50.71
N ILE A 3943 -48.52 4.13 49.96
CA ILE A 3943 -49.27 4.45 48.75
C ILE A 3943 -50.74 4.31 49.11
N GLU A 3944 -51.58 5.14 48.51
CA GLU A 3944 -52.99 4.91 48.71
C GLU A 3944 -53.45 3.70 47.91
N GLU A 3945 -54.64 3.21 48.26
CA GLU A 3945 -55.33 2.30 47.36
C GLU A 3945 -55.55 2.94 46.01
N GLN A 3946 -55.92 4.22 46.00
CA GLN A 3946 -56.05 4.95 44.75
C GLN A 3946 -54.69 5.16 44.10
N GLY A 3947 -53.65 5.35 44.90
CA GLY A 3947 -52.30 5.47 44.35
C GLY A 3947 -51.84 4.21 43.67
N LYS A 3948 -52.14 3.05 44.25
CA LYS A 3948 -51.88 1.79 43.58
C LYS A 3948 -52.83 1.58 42.40
N ARG A 3949 -54.04 2.11 42.51
CA ARG A 3949 -55.09 1.87 41.54
C ARG A 3949 -54.81 2.58 40.22
N ASN A 3950 -54.44 3.86 40.27
CA ASN A 3950 -54.15 4.63 39.07
C ASN A 3950 -52.79 4.29 38.49
N PHE A 3951 -51.99 3.51 39.20
CA PHE A 3951 -50.64 3.28 38.74
C PHE A 3951 -50.45 1.84 38.28
N SER A 3952 -51.31 0.93 38.75
CA SER A 3952 -51.42 -0.36 38.11
C SER A 3952 -51.80 -0.20 36.65
N LYS A 3953 -52.69 0.76 36.37
CA LYS A 3953 -52.99 1.20 35.02
C LYS A 3953 -51.73 1.62 34.28
N ALA A 3954 -50.95 2.52 34.89
CA ALA A 3954 -49.75 3.05 34.28
C ALA A 3954 -48.69 1.99 34.03
N MET A 3955 -48.64 0.97 34.86
CA MET A 3955 -47.72 -0.14 34.67
C MET A 3955 -48.21 -1.07 33.58
N SER A 3956 -49.50 -1.39 33.56
CA SER A 3956 -50.05 -2.29 32.57
C SER A 3956 -49.99 -1.71 31.16
N VAL A 3957 -50.11 -0.38 31.02
CA VAL A 3957 -50.05 0.19 29.68
C VAL A 3957 -48.61 0.20 29.18
N ALA A 3958 -47.67 0.60 30.04
CA ALA A 3958 -46.27 0.61 29.67
C ALA A 3958 -45.74 -0.78 29.36
N LYS A 3959 -46.32 -1.80 30.00
CA LYS A 3959 -46.12 -3.17 29.57
C LYS A 3959 -46.47 -3.36 28.11
N GLN A 3960 -47.65 -2.88 27.70
CA GLN A 3960 -48.07 -2.99 26.30
C GLN A 3960 -47.17 -2.16 25.39
N VAL A 3961 -46.64 -1.07 25.93
CA VAL A 3961 -45.66 -0.27 25.20
C VAL A 3961 -44.41 -1.09 24.92
N PHE A 3962 -43.90 -1.78 25.94
CA PHE A 3962 -42.79 -2.72 25.75
C PHE A 3962 -43.09 -3.75 24.70
N ASN A 3963 -44.29 -4.32 24.75
CA ASN A 3963 -44.63 -5.42 23.86
C ASN A 3963 -44.69 -4.98 22.41
N SER A 3964 -45.33 -3.83 22.15
CA SER A 3964 -45.32 -3.24 20.83
C SER A 3964 -43.93 -2.87 20.35
N LEU A 3965 -43.10 -2.29 21.22
CA LEU A 3965 -41.73 -1.96 20.87
C LEU A 3965 -40.87 -3.18 20.57
N THR A 3966 -41.13 -4.31 21.24
CA THR A 3966 -40.48 -5.55 20.85
C THR A 3966 -40.94 -5.98 19.47
N GLU A 3967 -42.24 -5.93 19.23
CA GLU A 3967 -42.78 -6.34 17.94
C GLU A 3967 -42.39 -5.44 16.80
N TYR A 3968 -41.84 -4.26 17.09
CA TYR A 3968 -41.17 -3.46 16.08
C TYR A 3968 -39.94 -4.14 15.53
N ILE A 3969 -39.15 -4.74 16.40
CA ILE A 3969 -37.81 -5.16 16.03
C ILE A 3969 -37.66 -6.66 15.89
N GLN A 3970 -38.59 -7.45 16.43
CA GLN A 3970 -38.49 -8.89 16.33
C GLN A 3970 -38.73 -9.34 14.89
N GLY A 3971 -38.02 -10.40 14.49
CA GLY A 3971 -37.82 -10.64 13.08
C GLY A 3971 -36.92 -9.55 12.57
N PRO A 3972 -35.59 -9.67 12.88
CA PRO A 3972 -34.71 -8.49 12.99
C PRO A 3972 -34.61 -7.61 11.77
N CYS A 3973 -35.23 -6.44 11.89
CA CYS A 3973 -35.28 -5.44 10.82
C CYS A 3973 -34.08 -4.53 11.03
N THR A 3974 -33.08 -4.73 10.18
CA THR A 3974 -31.79 -4.08 10.36
C THR A 3974 -31.87 -2.57 10.19
N GLY A 3975 -32.75 -2.09 9.32
CA GLY A 3975 -32.93 -0.66 9.22
C GLY A 3975 -33.53 -0.05 10.47
N ASN A 3976 -34.47 -0.77 11.10
CA ASN A 3976 -35.01 -0.32 12.37
C ASN A 3976 -33.98 -0.40 13.48
N GLN A 3977 -33.11 -1.40 13.42
CA GLN A 3977 -32.06 -1.50 14.41
C GLN A 3977 -31.02 -0.39 14.24
N GLN A 3978 -30.79 0.02 13.01
CA GLN A 3978 -29.91 1.16 12.76
C GLN A 3978 -30.57 2.47 13.15
N SER A 3979 -31.88 2.56 12.99
CA SER A 3979 -32.63 3.69 13.53
C SER A 3979 -32.50 3.76 15.04
N LEU A 3980 -32.58 2.62 15.71
CA LEU A 3980 -32.45 2.62 17.15
C LEU A 3980 -31.01 2.75 17.60
N ALA A 3981 -30.06 2.46 16.70
CA ALA A 3981 -28.68 2.82 16.96
C ALA A 3981 -28.53 4.32 17.10
N HIS A 3982 -29.14 5.07 16.20
CA HIS A 3982 -29.01 6.52 16.21
C HIS A 3982 -30.04 7.20 17.10
N SER A 3983 -31.04 6.47 17.57
CA SER A 3983 -32.02 7.07 18.45
C SER A 3983 -31.44 7.26 19.84
N ARG A 3984 -32.02 8.19 20.57
CA ARG A 3984 -31.68 8.42 21.96
C ARG A 3984 -32.62 7.67 22.89
N LEU A 3985 -33.22 6.61 22.34
CA LEU A 3985 -33.81 5.52 23.10
C LEU A 3985 -32.89 5.00 24.18
N TRP A 3986 -31.60 4.91 23.85
CA TRP A 3986 -30.55 4.53 24.77
C TRP A 3986 -30.56 5.38 26.03
N ASP A 3987 -30.84 6.67 25.91
CA ASP A 3987 -31.08 7.51 27.08
C ASP A 3987 -32.39 7.14 27.77
N ALA A 3988 -33.43 6.88 26.98
CA ALA A 3988 -34.76 6.59 27.52
C ALA A 3988 -34.80 5.30 28.32
N VAL A 3989 -33.88 4.38 28.08
CA VAL A 3989 -33.81 3.17 28.87
C VAL A 3989 -33.46 3.46 30.32
N VAL A 3990 -32.58 4.44 30.52
CA VAL A 3990 -31.78 4.53 31.75
C VAL A 3990 -32.64 5.04 32.91
N GLY A 3991 -33.54 5.98 32.63
CA GLY A 3991 -34.41 6.52 33.65
C GLY A 3991 -35.29 5.48 34.30
N PHE A 3992 -35.68 4.45 33.55
CA PHE A 3992 -36.41 3.33 34.12
C PHE A 3992 -35.59 2.60 35.16
N LEU A 3993 -34.32 2.31 34.85
CA LEU A 3993 -33.41 1.66 35.80
C LEU A 3993 -33.22 2.49 37.05
N HIS A 3994 -33.06 3.80 36.89
CA HIS A 3994 -32.87 4.65 38.06
C HIS A 3994 -34.14 4.75 38.91
N VAL A 3995 -35.31 4.71 38.29
CA VAL A 3995 -36.56 4.66 39.05
C VAL A 3995 -36.69 3.31 39.75
N PHE A 3996 -36.45 2.23 39.00
CA PHE A 3996 -36.58 0.86 39.46
C PHE A 3996 -35.71 0.57 40.67
N ALA A 3997 -34.45 1.01 40.66
CA ALA A 3997 -33.50 0.74 41.72
C ALA A 3997 -33.99 1.26 43.07
N HIS A 3998 -34.67 2.40 43.05
CA HIS A 3998 -35.29 2.91 44.26
C HIS A 3998 -36.63 2.23 44.52
N MET A 3999 -37.39 1.95 43.46
CA MET A 3999 -38.63 1.20 43.59
C MET A 3999 -38.38 -0.20 44.10
N MET A 4000 -37.33 -0.85 43.60
CA MET A 4000 -36.92 -2.18 44.06
C MET A 4000 -36.69 -2.20 45.57
N MET A 4001 -36.15 -1.12 46.11
CA MET A 4001 -35.93 -1.12 47.54
C MET A 4001 -37.21 -0.72 48.28
N LYS A 4002 -37.91 0.30 47.82
CA LYS A 4002 -38.99 0.85 48.62
C LYS A 4002 -40.23 -0.03 48.57
N LEU A 4003 -40.49 -0.66 47.43
CA LEU A 4003 -41.69 -1.49 47.29
C LEU A 4003 -41.53 -2.84 47.95
N ALA A 4004 -40.30 -3.24 48.24
CA ALA A 4004 -40.04 -4.46 48.99
C ALA A 4004 -40.41 -4.35 50.45
N GLN A 4005 -40.63 -3.14 50.95
CA GLN A 4005 -40.75 -2.86 52.37
C GLN A 4005 -42.20 -2.93 52.86
N ASP A 4006 -43.06 -3.67 52.18
CA ASP A 4006 -44.47 -3.68 52.53
C ASP A 4006 -45.11 -4.97 52.08
N SER A 4007 -45.86 -5.58 52.99
CA SER A 4007 -46.67 -6.75 52.72
C SER A 4007 -48.00 -6.42 52.06
N SER A 4008 -48.30 -5.14 51.85
CA SER A 4008 -49.44 -4.73 51.05
C SER A 4008 -49.08 -4.53 49.59
N GLN A 4009 -47.79 -4.42 49.28
CA GLN A 4009 -47.32 -4.08 47.95
C GLN A 4009 -46.82 -5.31 47.22
N ILE A 4010 -47.34 -6.48 47.60
CA ILE A 4010 -46.77 -7.75 47.15
C ILE A 4010 -47.12 -8.00 45.70
N GLU A 4011 -48.41 -8.02 45.38
CA GLU A 4011 -48.84 -8.20 44.00
C GLU A 4011 -48.43 -7.03 43.11
N LEU A 4012 -48.28 -5.83 43.69
CA LEU A 4012 -47.86 -4.68 42.93
C LEU A 4012 -46.40 -4.81 42.50
N LEU A 4013 -45.54 -5.18 43.44
CA LEU A 4013 -44.14 -5.38 43.10
C LEU A 4013 -43.95 -6.64 42.26
N LYS A 4014 -44.83 -7.63 42.42
CA LYS A 4014 -44.89 -8.76 41.51
C LYS A 4014 -45.19 -8.33 40.09
N GLU A 4015 -46.14 -7.40 39.93
CA GLU A 4015 -46.42 -6.82 38.64
C GLU A 4015 -45.24 -6.02 38.12
N LEU A 4016 -44.50 -5.37 39.02
CA LEU A 4016 -43.29 -4.66 38.62
C LEU A 4016 -42.22 -5.63 38.13
N LEU A 4017 -42.14 -6.80 38.74
CA LEU A 4017 -41.25 -7.85 38.25
C LEU A 4017 -41.62 -8.25 36.83
N ASP A 4018 -42.92 -8.37 36.56
CA ASP A 4018 -43.41 -8.68 35.22
C ASP A 4018 -43.07 -7.56 34.25
N LEU A 4019 -43.27 -6.32 34.69
CA LEU A 4019 -43.01 -5.15 33.86
C LEU A 4019 -41.54 -5.04 33.49
N GLN A 4020 -40.66 -5.21 34.47
CA GLN A 4020 -39.25 -5.07 34.21
C GLN A 4020 -38.71 -6.29 33.48
N LYS A 4021 -39.37 -7.44 33.62
CA LYS A 4021 -39.05 -8.58 32.78
C LYS A 4021 -39.42 -8.30 31.33
N ASP A 4022 -40.57 -7.70 31.10
CA ASP A 4022 -40.97 -7.26 29.77
C ASP A 4022 -40.04 -6.19 29.22
N MET A 4023 -39.48 -5.36 30.09
CA MET A 4023 -38.45 -4.43 29.69
C MET A 4023 -37.20 -5.15 29.24
N VAL A 4024 -36.69 -6.06 30.07
CA VAL A 4024 -35.39 -6.65 29.81
C VAL A 4024 -35.44 -7.64 28.66
N VAL A 4025 -36.61 -8.22 28.34
CA VAL A 4025 -36.64 -9.07 27.17
C VAL A 4025 -36.64 -8.25 25.90
N MET A 4026 -37.11 -7.00 25.96
CA MET A 4026 -36.86 -6.08 24.87
C MET A 4026 -35.37 -5.79 24.74
N LEU A 4027 -34.68 -5.72 25.87
CA LEU A 4027 -33.26 -5.45 25.83
C LEU A 4027 -32.50 -6.64 25.27
N LEU A 4028 -32.99 -7.84 25.54
CA LEU A 4028 -32.52 -9.05 24.88
C LEU A 4028 -32.76 -8.98 23.39
N SER A 4029 -33.97 -8.58 23.01
CA SER A 4029 -34.40 -8.46 21.62
C SER A 4029 -33.61 -7.43 20.84
N LEU A 4030 -33.01 -6.45 21.55
CA LEU A 4030 -32.18 -5.45 20.90
C LEU A 4030 -30.99 -6.06 20.19
N LEU A 4031 -30.47 -7.16 20.73
CA LEU A 4031 -29.32 -7.80 20.10
C LEU A 4031 -29.79 -8.52 18.86
N GLU A 4032 -30.61 -9.56 19.08
CA GLU A 4032 -31.24 -10.40 18.06
C GLU A 4032 -30.22 -10.83 17.01
N GLY A 4033 -29.10 -11.33 17.50
CA GLY A 4033 -27.94 -11.53 16.67
C GLY A 4033 -27.15 -10.24 16.56
N ASN A 4034 -26.70 -9.73 17.71
CA ASN A 4034 -25.82 -8.57 17.71
C ASN A 4034 -24.44 -8.99 17.21
N VAL A 4035 -23.84 -8.17 16.35
CA VAL A 4035 -22.46 -8.41 15.97
C VAL A 4035 -21.61 -7.87 17.10
N VAL A 4036 -20.32 -8.22 17.12
CA VAL A 4036 -19.43 -8.05 18.26
C VAL A 4036 -19.26 -6.59 18.69
N ASN A 4037 -19.04 -5.68 17.75
CA ASN A 4037 -18.65 -4.32 18.11
C ASN A 4037 -19.41 -3.29 17.31
N GLY A 4038 -20.37 -3.73 16.50
CA GLY A 4038 -21.06 -2.83 15.60
C GLY A 4038 -22.06 -1.90 16.25
N MET A 4039 -21.56 -1.01 17.12
CA MET A 4039 -22.22 0.19 17.60
C MET A 4039 -23.39 -0.07 18.54
N ILE A 4040 -23.81 -1.31 18.71
CA ILE A 4040 -24.96 -1.65 19.53
C ILE A 4040 -24.52 -2.13 20.90
N ALA A 4041 -23.77 -3.23 20.95
CA ALA A 4041 -23.12 -3.66 22.17
C ALA A 4041 -22.14 -2.62 22.68
N ARG A 4042 -21.54 -1.85 21.77
CA ARG A 4042 -20.66 -0.77 22.16
C ARG A 4042 -21.38 0.33 22.90
N GLN A 4043 -22.65 0.55 22.62
CA GLN A 4043 -23.46 1.47 23.39
C GLN A 4043 -24.14 0.80 24.57
N MET A 4044 -24.30 -0.51 24.53
CA MET A 4044 -24.77 -1.24 25.70
C MET A 4044 -23.74 -1.17 26.81
N VAL A 4045 -22.46 -1.28 26.44
CA VAL A 4045 -21.34 -0.92 27.31
C VAL A 4045 -21.56 0.43 27.93
N ASP A 4046 -21.92 1.42 27.10
CA ASP A 4046 -22.03 2.79 27.57
C ASP A 4046 -23.16 2.94 28.57
N MET A 4047 -24.33 2.40 28.26
CA MET A 4047 -25.45 2.55 29.17
C MET A 4047 -25.31 1.68 30.42
N LEU A 4048 -24.59 0.56 30.35
CA LEU A 4048 -24.43 -0.26 31.54
C LEU A 4048 -23.41 0.36 32.49
N VAL A 4049 -22.33 0.91 31.94
CA VAL A 4049 -21.41 1.70 32.75
C VAL A 4049 -22.10 2.95 33.28
N GLU A 4050 -23.02 3.50 32.49
CA GLU A 4050 -23.78 4.68 32.86
C GLU A 4050 -24.68 4.43 34.07
N SER A 4051 -25.63 3.51 33.95
CA SER A 4051 -26.59 3.24 35.00
C SER A 4051 -26.12 2.07 35.85
N SER A 4052 -24.80 1.88 35.86
CA SER A 4052 -24.19 0.76 36.55
C SER A 4052 -24.45 0.79 38.05
N SER A 4053 -24.55 1.98 38.63
CA SER A 4053 -24.80 2.05 40.07
C SER A 4053 -26.21 1.60 40.42
N ASN A 4054 -27.17 1.93 39.57
CA ASN A 4054 -28.48 1.30 39.68
C ASN A 4054 -28.36 -0.19 39.44
N VAL A 4055 -27.57 -0.59 38.45
CA VAL A 4055 -27.31 -2.00 38.19
C VAL A 4055 -26.56 -2.63 39.36
N GLU A 4056 -25.66 -1.87 40.01
CA GLU A 4056 -25.04 -2.34 41.26
C GLU A 4056 -26.08 -2.65 42.31
N MET A 4057 -27.06 -1.77 42.46
CA MET A 4057 -28.08 -1.93 43.49
C MET A 4057 -29.01 -3.09 43.14
N ILE A 4058 -29.28 -3.27 41.84
CA ILE A 4058 -30.15 -4.33 41.36
C ILE A 4058 -29.49 -5.69 41.52
N LEU A 4059 -28.23 -5.80 41.10
CA LEU A 4059 -27.47 -7.02 41.30
C LEU A 4059 -27.24 -7.29 42.76
N LYS A 4060 -27.12 -6.25 43.56
CA LYS A 4060 -26.99 -6.36 45.00
C LYS A 4060 -28.22 -7.01 45.61
N PHE A 4061 -29.39 -6.44 45.31
CA PHE A 4061 -30.70 -7.02 45.59
C PHE A 4061 -30.80 -8.47 45.15
N PHE A 4062 -30.31 -8.76 43.95
CA PHE A 4062 -30.37 -10.10 43.41
C PHE A 4062 -29.51 -11.05 44.22
N ASP A 4063 -28.29 -10.64 44.54
CA ASP A 4063 -27.33 -11.57 45.08
C ASP A 4063 -27.57 -11.81 46.56
N MET A 4064 -28.11 -10.82 47.26
CA MET A 4064 -28.44 -11.02 48.66
C MET A 4064 -29.59 -12.00 48.83
N PHE A 4065 -30.46 -12.09 47.85
CA PHE A 4065 -31.66 -12.86 47.97
C PHE A 4065 -31.61 -14.17 47.23
N LEU A 4066 -30.71 -14.30 46.26
CA LEU A 4066 -30.38 -15.60 45.69
C LEU A 4066 -29.74 -16.50 46.73
N LYS A 4067 -28.83 -15.96 47.53
CA LYS A 4067 -28.21 -16.76 48.58
C LYS A 4067 -29.12 -16.97 49.77
N LEU A 4068 -30.27 -16.29 49.82
CA LEU A 4068 -31.16 -16.38 50.96
C LEU A 4068 -31.73 -17.77 51.14
N LYS A 4069 -32.11 -18.44 50.04
CA LYS A 4069 -32.63 -19.79 50.13
C LYS A 4069 -31.51 -20.78 50.50
N ASP A 4070 -30.26 -20.38 50.30
CA ASP A 4070 -29.16 -21.17 50.79
C ASP A 4070 -28.89 -20.89 52.26
N ILE A 4071 -29.09 -19.64 52.67
CA ILE A 4071 -28.87 -19.25 54.06
C ILE A 4071 -29.94 -19.85 54.96
N VAL A 4072 -31.20 -19.74 54.55
CA VAL A 4072 -32.14 -20.69 55.13
C VAL A 4072 -32.20 -21.85 54.16
N GLY A 4073 -31.11 -22.61 54.13
CA GLY A 4073 -30.99 -23.95 53.59
C GLY A 4073 -29.90 -24.55 54.44
N SER A 4074 -29.51 -23.78 55.45
CA SER A 4074 -28.34 -24.06 56.26
C SER A 4074 -28.78 -24.46 57.65
N GLU A 4075 -28.18 -25.53 58.15
CA GLU A 4075 -28.52 -26.01 59.47
C GLU A 4075 -27.94 -25.14 60.58
N ALA A 4076 -26.92 -24.35 60.27
CA ALA A 4076 -26.43 -23.35 61.22
C ALA A 4076 -27.51 -22.34 61.55
N PHE A 4077 -28.31 -21.97 60.56
CA PHE A 4077 -29.54 -21.22 60.81
C PHE A 4077 -30.53 -22.04 61.62
N GLN A 4078 -30.53 -23.36 61.45
CA GLN A 4078 -31.51 -24.21 62.12
C GLN A 4078 -31.10 -24.57 63.54
N ASP A 4079 -29.89 -24.21 63.97
CA ASP A 4079 -29.40 -24.68 65.25
C ASP A 4079 -30.06 -23.93 66.40
N TYR A 4080 -29.90 -22.63 66.43
CA TYR A 4080 -30.19 -21.81 67.59
C TYR A 4080 -31.68 -21.56 67.81
N VAL A 4081 -32.53 -21.94 66.86
CA VAL A 4081 -33.96 -21.65 66.99
C VAL A 4081 -34.62 -22.67 67.92
N THR A 4082 -35.26 -22.18 68.97
CA THR A 4082 -36.06 -23.00 69.87
C THR A 4082 -37.50 -22.57 69.69
N ASP A 4083 -38.14 -23.10 68.66
CA ASP A 4083 -39.53 -22.80 68.31
C ASP A 4083 -40.13 -23.97 67.56
N PRO A 4084 -40.83 -24.86 68.28
CA PRO A 4084 -41.53 -25.96 67.60
C PRO A 4084 -42.74 -25.50 66.81
N ARG A 4085 -43.25 -24.30 67.05
CA ARG A 4085 -44.29 -23.75 66.18
C ARG A 4085 -43.73 -23.11 64.93
N GLY A 4086 -42.41 -23.05 64.79
CA GLY A 4086 -41.80 -22.53 63.58
C GLY A 4086 -41.77 -21.02 63.48
N LEU A 4087 -42.27 -20.32 64.50
CA LEU A 4087 -42.26 -18.86 64.54
C LEU A 4087 -40.96 -18.45 65.19
N ILE A 4088 -39.87 -18.47 64.41
CA ILE A 4088 -38.58 -18.02 64.89
C ILE A 4088 -38.63 -16.53 65.21
N SER A 4089 -38.13 -16.18 66.40
CA SER A 4089 -38.23 -14.83 66.91
C SER A 4089 -37.27 -13.90 66.18
N LYS A 4090 -37.28 -12.63 66.57
CA LYS A 4090 -36.46 -11.67 65.85
C LYS A 4090 -35.13 -11.42 66.55
N LYS A 4091 -34.99 -11.77 67.83
CA LYS A 4091 -33.76 -11.41 68.52
C LYS A 4091 -32.65 -12.44 68.31
N ASP A 4092 -32.98 -13.72 68.33
CA ASP A 4092 -32.02 -14.73 67.90
C ASP A 4092 -31.65 -14.55 66.43
N PHE A 4093 -32.65 -14.20 65.62
CA PHE A 4093 -32.44 -13.72 64.26
C PHE A 4093 -31.45 -12.56 64.23
N GLN A 4094 -31.64 -11.57 65.10
CA GLN A 4094 -30.80 -10.38 65.15
C GLN A 4094 -29.37 -10.70 65.51
N LYS A 4095 -29.18 -11.58 66.48
CA LYS A 4095 -27.87 -12.08 66.86
C LYS A 4095 -27.18 -12.80 65.71
N ALA A 4096 -27.81 -13.85 65.20
CA ALA A 4096 -27.12 -14.80 64.34
C ALA A 4096 -26.95 -14.30 62.91
N MET A 4097 -27.53 -13.15 62.57
CA MET A 4097 -27.19 -12.52 61.30
C MET A 4097 -25.76 -12.01 61.27
N ASP A 4098 -25.19 -11.68 62.42
CA ASP A 4098 -23.77 -11.47 62.52
C ASP A 4098 -22.98 -12.77 62.53
N SER A 4099 -23.54 -13.82 63.14
CA SER A 4099 -22.84 -15.09 63.25
C SER A 4099 -22.62 -15.71 61.88
N GLN A 4100 -23.65 -15.70 61.04
CA GLN A 4100 -23.47 -16.04 59.65
C GLN A 4100 -22.84 -14.86 58.92
N LYS A 4101 -21.85 -15.16 58.10
CA LYS A 4101 -20.97 -14.14 57.55
C LYS A 4101 -21.52 -13.65 56.21
N GLN A 4102 -20.67 -12.94 55.45
CA GLN A 4102 -20.87 -12.46 54.07
C GLN A 4102 -22.12 -11.59 53.92
N PHE A 4103 -22.57 -10.97 55.01
CA PHE A 4103 -23.69 -10.04 54.96
C PHE A 4103 -23.24 -8.69 55.49
N THR A 4104 -24.13 -7.70 55.41
CA THR A 4104 -23.80 -6.35 55.84
C THR A 4104 -24.97 -5.83 56.68
N GLY A 4105 -24.62 -4.97 57.64
CA GLY A 4105 -25.55 -4.26 58.49
C GLY A 4105 -26.77 -3.63 57.83
N PRO A 4106 -26.56 -2.72 56.87
CA PRO A 4106 -27.73 -2.13 56.16
C PRO A 4106 -28.54 -3.12 55.37
N GLU A 4107 -27.92 -4.18 54.85
CA GLU A 4107 -28.68 -5.26 54.24
C GLU A 4107 -29.63 -5.87 55.24
N ILE A 4108 -29.14 -6.16 56.44
CA ILE A 4108 -29.98 -6.76 57.47
C ILE A 4108 -31.02 -5.77 57.96
N GLN A 4109 -30.69 -4.48 57.95
CA GLN A 4109 -31.68 -3.45 58.27
C GLN A 4109 -32.79 -3.44 57.23
N PHE A 4110 -32.42 -3.59 55.97
CA PHE A 4110 -33.41 -3.69 54.92
C PHE A 4110 -34.21 -4.98 55.02
N LEU A 4111 -33.58 -6.06 55.51
CA LEU A 4111 -34.28 -7.31 55.78
C LEU A 4111 -35.34 -7.13 56.85
N LEU A 4112 -34.98 -6.42 57.92
CA LEU A 4112 -35.94 -6.13 58.98
C LEU A 4112 -37.03 -5.19 58.51
N SER A 4113 -36.69 -4.28 57.59
CA SER A 4113 -37.68 -3.39 57.00
C SER A 4113 -38.67 -4.15 56.15
N CYS A 4114 -38.20 -5.15 55.39
CA CYS A 4114 -39.09 -5.92 54.54
C CYS A 4114 -39.88 -6.98 55.30
N SER A 4115 -39.30 -7.53 56.36
CA SER A 4115 -39.95 -8.60 57.11
C SER A 4115 -41.01 -8.03 58.04
N GLU A 4116 -41.58 -8.91 58.86
CA GLU A 4116 -42.69 -8.55 59.72
C GLU A 4116 -42.30 -8.77 61.18
N ALA A 4117 -42.72 -7.86 62.05
CA ALA A 4117 -42.35 -7.92 63.45
C ALA A 4117 -43.14 -9.00 64.19
N ASP A 4118 -44.46 -8.85 64.23
CA ASP A 4118 -45.39 -9.65 65.02
C ASP A 4118 -44.97 -9.68 66.50
N GLU A 4119 -44.50 -8.50 66.95
CA GLU A 4119 -44.07 -8.24 68.32
C GLU A 4119 -42.93 -9.15 68.76
N ASN A 4120 -41.86 -9.18 67.95
CA ASN A 4120 -40.59 -9.86 68.27
C ASN A 4120 -40.81 -11.37 68.41
N GLU A 4121 -41.61 -11.94 67.51
CA GLU A 4121 -42.00 -13.34 67.59
C GLU A 4121 -41.78 -14.11 66.31
N MET A 4122 -41.94 -13.48 65.15
CA MET A 4122 -41.99 -14.21 63.89
C MET A 4122 -41.04 -13.61 62.87
N ILE A 4123 -40.44 -14.50 62.08
CA ILE A 4123 -39.67 -14.14 60.89
C ILE A 4123 -40.27 -14.76 59.63
N ASN A 4124 -40.65 -16.03 59.71
CA ASN A 4124 -41.24 -16.83 58.63
C ASN A 4124 -40.35 -16.81 57.39
N PHE A 4125 -39.19 -17.42 57.62
CA PHE A 4125 -38.19 -17.77 56.61
C PHE A 4125 -38.79 -18.34 55.32
N GLU A 4126 -39.79 -19.22 55.44
CA GLU A 4126 -40.25 -19.97 54.29
C GLU A 4126 -41.06 -19.09 53.35
N GLU A 4127 -42.05 -18.37 53.90
CA GLU A 4127 -42.78 -17.40 53.10
C GLU A 4127 -41.88 -16.27 52.65
N PHE A 4128 -40.90 -15.89 53.49
CA PHE A 4128 -40.01 -14.79 53.15
C PHE A 4128 -39.15 -15.12 51.94
N ALA A 4129 -38.77 -16.39 51.81
CA ALA A 4129 -38.07 -16.84 50.61
C ALA A 4129 -39.02 -17.02 49.44
N ASN A 4130 -40.09 -17.79 49.64
CA ASN A 4130 -40.92 -18.20 48.52
C ASN A 4130 -41.81 -17.08 47.99
N ARG A 4131 -41.97 -16.01 48.76
CA ARG A 4131 -42.52 -14.78 48.23
C ARG A 4131 -41.61 -14.18 47.17
N PHE A 4132 -40.31 -14.14 47.46
CA PHE A 4132 -39.33 -13.67 46.49
C PHE A 4132 -39.16 -14.62 45.32
N GLN A 4133 -39.47 -15.92 45.52
CA GLN A 4133 -39.03 -17.02 44.66
C GLN A 4133 -39.36 -16.86 43.18
N GLU A 4134 -40.64 -16.85 42.81
CA GLU A 4134 -41.02 -17.30 41.46
C GLU A 4134 -40.61 -16.34 40.35
N PRO A 4135 -40.92 -15.02 40.37
CA PRO A 4135 -40.51 -14.20 39.22
C PRO A 4135 -39.04 -13.87 39.19
N ALA A 4136 -38.35 -14.11 40.30
CA ALA A 4136 -36.94 -13.77 40.41
C ALA A 4136 -36.10 -14.59 39.45
N ARG A 4137 -36.45 -15.87 39.28
CA ARG A 4137 -35.77 -16.73 38.32
C ARG A 4137 -35.93 -16.19 36.91
N ASP A 4138 -37.11 -15.68 36.59
CA ASP A 4138 -37.38 -15.26 35.22
C ASP A 4138 -36.70 -13.94 34.91
N ILE A 4139 -36.70 -13.01 35.86
CA ILE A 4139 -35.98 -11.77 35.61
C ILE A 4139 -34.46 -11.99 35.64
N GLY A 4140 -33.96 -12.85 36.53
CA GLY A 4140 -32.54 -13.01 36.67
C GLY A 4140 -31.94 -13.86 35.56
N PHE A 4141 -32.74 -14.80 35.03
CA PHE A 4141 -32.36 -15.52 33.82
C PHE A 4141 -32.09 -14.55 32.68
N ASN A 4142 -33.01 -13.61 32.47
CA ASN A 4142 -32.89 -12.65 31.38
C ASN A 4142 -31.69 -11.75 31.55
N VAL A 4143 -31.52 -11.21 32.77
CA VAL A 4143 -30.39 -10.34 33.05
C VAL A 4143 -29.07 -11.09 32.89
N ALA A 4144 -29.01 -12.30 33.43
CA ALA A 4144 -27.77 -13.06 33.44
C ALA A 4144 -27.39 -13.51 32.05
N VAL A 4145 -28.36 -13.97 31.25
CA VAL A 4145 -28.04 -14.39 29.90
C VAL A 4145 -27.80 -13.20 29.00
N LEU A 4146 -28.34 -12.03 29.36
CA LEU A 4146 -28.02 -10.80 28.66
C LEU A 4146 -26.55 -10.47 28.81
N LEU A 4147 -26.10 -10.44 30.07
CA LEU A 4147 -24.69 -10.24 30.36
C LEU A 4147 -23.83 -11.33 29.75
N THR A 4148 -24.36 -12.55 29.71
CA THR A 4148 -23.64 -13.69 29.15
C THR A 4148 -23.39 -13.50 27.67
N ASN A 4149 -24.46 -13.29 26.91
CA ASN A 4149 -24.35 -13.14 25.48
C ASN A 4149 -23.56 -11.90 25.12
N LEU A 4150 -23.67 -10.82 25.91
CA LEU A 4150 -22.84 -9.65 25.67
C LEU A 4150 -21.37 -9.93 25.87
N SER A 4151 -21.04 -10.60 26.98
CA SER A 4151 -19.67 -10.98 27.26
C SER A 4151 -19.13 -11.91 26.18
N GLU A 4152 -20.01 -12.73 25.62
CA GLU A 4152 -19.60 -13.69 24.62
C GLU A 4152 -19.58 -13.09 23.22
N HIS A 4153 -20.31 -12.00 22.99
CA HIS A 4153 -20.08 -11.24 21.75
C HIS A 4153 -18.75 -10.54 21.83
N VAL A 4154 -18.60 -9.68 22.82
CA VAL A 4154 -17.37 -8.91 22.92
C VAL A 4154 -16.70 -9.17 24.26
N PRO A 4155 -15.67 -10.00 24.28
CA PRO A 4155 -14.78 -10.04 25.43
C PRO A 4155 -13.79 -8.88 25.41
N HIS A 4156 -12.83 -8.93 26.34
CA HIS A 4156 -11.73 -7.97 26.45
C HIS A 4156 -12.23 -6.56 26.71
N ASP A 4157 -13.00 -6.42 27.78
CA ASP A 4157 -13.29 -5.13 28.38
C ASP A 4157 -13.18 -5.31 29.90
N PRO A 4158 -12.23 -4.63 30.55
CA PRO A 4158 -12.12 -4.77 32.01
C PRO A 4158 -13.30 -4.22 32.77
N ARG A 4159 -13.98 -3.21 32.21
CA ARG A 4159 -15.22 -2.74 32.77
C ARG A 4159 -16.28 -3.82 32.74
N LEU A 4160 -16.34 -4.57 31.63
CA LEU A 4160 -17.20 -5.74 31.54
C LEU A 4160 -16.84 -6.79 32.56
N ARG A 4161 -15.53 -7.10 32.70
CA ARG A 4161 -15.04 -8.01 33.72
C ARG A 4161 -15.46 -7.60 35.12
N ASN A 4162 -15.48 -6.30 35.38
CA ASN A 4162 -16.00 -5.77 36.63
C ASN A 4162 -17.48 -6.08 36.77
N PHE A 4163 -18.24 -6.02 35.68
CA PHE A 4163 -19.64 -6.45 35.79
C PHE A 4163 -19.75 -7.94 36.03
N LEU A 4164 -18.85 -8.72 35.44
CA LEU A 4164 -18.80 -10.14 35.74
C LEU A 4164 -18.37 -10.36 37.18
N GLU A 4165 -17.47 -9.49 37.67
CA GLU A 4165 -17.04 -9.52 39.06
C GLU A 4165 -18.21 -9.28 40.00
N LEU A 4166 -19.12 -8.40 39.62
CA LEU A 4166 -20.34 -8.25 40.40
C LEU A 4166 -21.24 -9.47 40.27
N ALA A 4167 -21.65 -9.80 39.06
CA ALA A 4167 -22.67 -10.80 38.81
C ALA A 4167 -22.12 -12.21 38.71
N GLU A 4168 -21.02 -12.49 39.40
CA GLU A 4168 -20.37 -13.79 39.22
C GLU A 4168 -21.20 -14.94 39.81
N SER A 4169 -21.61 -14.83 41.07
CA SER A 4169 -22.23 -15.96 41.76
C SER A 4169 -23.64 -16.24 41.26
N ILE A 4170 -24.29 -15.23 40.68
CA ILE A 4170 -25.67 -15.39 40.25
C ILE A 4170 -25.73 -16.26 39.01
N LEU A 4171 -24.85 -15.99 38.05
CA LEU A 4171 -24.57 -16.89 36.95
C LEU A 4171 -24.11 -18.26 37.42
N GLU A 4172 -23.39 -18.32 38.53
CA GLU A 4172 -22.97 -19.60 39.08
C GLU A 4172 -24.16 -20.41 39.54
N TYR A 4173 -25.19 -19.74 40.04
CA TYR A 4173 -26.42 -20.45 40.32
C TYR A 4173 -27.14 -20.87 39.04
N PHE A 4174 -27.11 -20.04 38.01
CA PHE A 4174 -27.96 -20.22 36.86
C PHE A 4174 -27.44 -21.22 35.84
N ARG A 4175 -26.14 -21.47 35.84
CA ARG A 4175 -25.53 -22.33 34.83
C ARG A 4175 -26.03 -23.78 34.67
N PRO A 4176 -26.73 -24.41 35.62
CA PRO A 4176 -27.48 -25.62 35.23
C PRO A 4176 -28.79 -25.35 34.54
N TYR A 4177 -29.23 -24.10 34.45
CA TYR A 4177 -30.55 -23.83 33.91
C TYR A 4177 -30.53 -23.17 32.55
N LEU A 4178 -29.35 -22.79 32.06
CA LEU A 4178 -29.25 -22.21 30.73
C LEU A 4178 -28.83 -23.27 29.72
N GLY A 4179 -29.52 -23.29 28.58
CA GLY A 4179 -29.03 -23.99 27.42
C GLY A 4179 -28.52 -22.98 26.41
N ARG A 4180 -27.40 -23.35 25.78
CA ARG A 4180 -26.86 -22.60 24.66
C ARG A 4180 -27.19 -23.36 23.38
N ILE A 4181 -27.45 -22.62 22.33
CA ILE A 4181 -27.74 -23.24 21.05
C ILE A 4181 -27.21 -22.34 19.95
N GLU A 4182 -26.62 -22.92 18.92
CA GLU A 4182 -26.11 -22.17 17.79
C GLU A 4182 -26.66 -22.76 16.51
N ILE A 4183 -26.90 -21.89 15.53
CA ILE A 4183 -27.53 -22.25 14.28
C ILE A 4183 -26.79 -21.55 13.16
N MET A 4184 -27.13 -21.95 11.94
CA MET A 4184 -26.78 -21.16 10.76
C MET A 4184 -28.05 -21.09 9.94
N GLY A 4185 -28.73 -19.95 10.00
CA GLY A 4185 -29.95 -19.79 9.25
C GLY A 4185 -30.22 -18.36 8.87
N ALA A 4186 -30.57 -18.14 7.60
CA ALA A 4186 -30.96 -16.86 7.00
C ALA A 4186 -29.90 -15.78 7.09
N SER A 4187 -28.67 -16.12 7.45
CA SER A 4187 -27.61 -15.13 7.57
C SER A 4187 -26.37 -15.62 6.87
N ARG A 4188 -26.37 -16.87 6.43
CA ARG A 4188 -25.18 -17.62 6.02
C ARG A 4188 -24.12 -17.63 7.10
N ARG A 4189 -24.52 -17.56 8.37
CA ARG A 4189 -23.61 -17.33 9.48
C ARG A 4189 -24.14 -18.00 10.73
N ILE A 4190 -23.22 -18.34 11.62
CA ILE A 4190 -23.54 -19.04 12.86
C ILE A 4190 -23.91 -18.02 13.90
N GLU A 4191 -25.06 -18.21 14.52
CA GLU A 4191 -25.61 -17.33 15.53
C GLU A 4191 -25.99 -18.17 16.75
N ARG A 4192 -26.12 -17.51 17.89
CA ARG A 4192 -26.34 -18.22 19.15
C ARG A 4192 -27.57 -17.70 19.88
N ILE A 4193 -28.47 -18.61 20.20
CA ILE A 4193 -29.66 -18.32 20.98
C ILE A 4193 -29.49 -19.05 22.30
N TYR A 4194 -30.47 -18.89 23.19
CA TYR A 4194 -30.44 -19.47 24.52
C TYR A 4194 -31.85 -19.82 24.96
N PHE A 4195 -31.94 -20.51 26.10
CA PHE A 4195 -33.21 -21.03 26.58
C PHE A 4195 -33.06 -21.55 28.00
N GLU A 4196 -34.20 -21.74 28.65
CA GLU A 4196 -34.31 -22.22 30.01
C GLU A 4196 -34.30 -23.73 30.05
N ILE A 4197 -34.10 -24.26 31.25
CA ILE A 4197 -34.08 -25.70 31.49
C ILE A 4197 -35.08 -26.05 32.59
N SER A 4198 -36.09 -26.83 32.25
CA SER A 4198 -36.92 -27.48 33.26
C SER A 4198 -36.11 -28.56 33.95
N GLU A 4199 -35.98 -28.42 35.27
CA GLU A 4199 -35.12 -29.31 36.03
C GLU A 4199 -35.71 -30.71 36.12
N THR A 4200 -37.04 -30.80 36.09
CA THR A 4200 -37.74 -32.08 36.03
C THR A 4200 -37.29 -32.89 34.83
N ASN A 4201 -37.36 -32.30 33.65
CA ASN A 4201 -37.01 -33.01 32.44
C ASN A 4201 -35.51 -33.09 32.27
N ARG A 4202 -34.76 -32.21 32.95
CA ARG A 4202 -33.31 -32.37 33.04
C ARG A 4202 -32.93 -33.63 33.79
N ALA A 4203 -33.64 -33.92 34.88
CA ALA A 4203 -33.39 -35.15 35.62
C ALA A 4203 -33.92 -36.36 34.89
N GLN A 4204 -35.05 -36.21 34.18
CA GLN A 4204 -35.53 -37.25 33.29
C GLN A 4204 -34.56 -37.55 32.15
N TRP A 4205 -33.87 -36.51 31.67
CA TRP A 4205 -32.76 -36.68 30.75
C TRP A 4205 -31.67 -37.52 31.38
N GLU A 4206 -31.48 -37.40 32.67
CA GLU A 4206 -30.53 -38.24 33.40
C GLU A 4206 -31.20 -39.52 33.87
N MET A 4207 -31.63 -40.32 32.91
CA MET A 4207 -32.12 -41.65 33.20
C MET A 4207 -31.37 -42.67 32.36
N PRO A 4208 -30.94 -43.76 32.99
CA PRO A 4208 -30.18 -44.78 32.24
C PRO A 4208 -31.03 -45.56 31.28
N GLN A 4209 -32.35 -45.58 31.48
CA GLN A 4209 -33.23 -46.05 30.42
C GLN A 4209 -33.11 -45.15 29.20
N VAL A 4210 -33.03 -43.85 29.44
CA VAL A 4210 -32.85 -42.90 28.36
C VAL A 4210 -31.41 -42.87 27.89
N LYS A 4211 -30.46 -42.88 28.83
CA LYS A 4211 -29.04 -42.83 28.50
C LYS A 4211 -28.60 -44.05 27.71
N GLU A 4212 -29.12 -45.22 28.06
CA GLU A 4212 -28.74 -46.44 27.37
C GLU A 4212 -29.41 -46.54 26.01
N SER A 4213 -30.64 -46.05 25.90
CA SER A 4213 -31.28 -45.94 24.60
C SER A 4213 -30.49 -45.03 23.67
N LYS A 4214 -30.05 -43.88 24.19
CA LYS A 4214 -29.17 -42.98 23.46
C LYS A 4214 -27.86 -43.66 23.07
N ARG A 4215 -27.30 -44.42 24.01
CA ARG A 4215 -26.03 -45.07 23.83
C ARG A 4215 -26.08 -46.12 22.72
N GLN A 4216 -27.12 -46.96 22.75
CA GLN A 4216 -27.36 -47.91 21.69
C GLN A 4216 -27.63 -47.21 20.36
N PHE A 4217 -28.36 -46.09 20.40
CA PHE A 4217 -28.64 -45.35 19.18
C PHE A 4217 -27.36 -44.80 18.55
N ILE A 4218 -26.49 -44.24 19.36
CA ILE A 4218 -25.21 -43.71 18.87
C ILE A 4218 -24.33 -44.85 18.37
N PHE A 4219 -24.37 -46.00 19.05
CA PHE A 4219 -23.71 -47.20 18.58
C PHE A 4219 -24.23 -47.63 17.21
N ASP A 4220 -25.53 -47.48 16.97
CA ASP A 4220 -26.12 -47.91 15.73
C ASP A 4220 -25.83 -46.96 14.59
N VAL A 4221 -25.82 -45.65 14.87
CA VAL A 4221 -25.76 -44.68 13.78
C VAL A 4221 -24.36 -44.42 13.25
N VAL A 4222 -23.37 -45.15 13.73
CA VAL A 4222 -22.06 -45.17 13.09
C VAL A 4222 -21.69 -46.54 12.62
N ASN A 4223 -22.31 -47.58 13.18
CA ASN A 4223 -22.34 -48.88 12.52
C ASN A 4223 -23.02 -48.76 11.17
N GLU A 4224 -24.09 -47.99 11.11
CA GLU A 4224 -24.70 -47.52 9.88
C GLU A 4224 -24.58 -46.01 9.92
N GLY A 4225 -23.49 -45.48 9.38
CA GLY A 4225 -23.30 -44.04 9.36
C GLY A 4225 -23.18 -43.49 7.97
N GLY A 4226 -24.19 -42.73 7.53
CA GLY A 4226 -24.20 -42.24 6.17
C GLY A 4226 -24.70 -40.83 5.96
N GLU A 4227 -25.61 -40.69 4.98
CA GLU A 4227 -26.11 -39.40 4.48
C GLU A 4227 -27.03 -38.78 5.54
N ALA A 4228 -27.54 -37.56 5.30
CA ALA A 4228 -28.23 -36.66 6.23
C ALA A 4228 -29.50 -37.25 6.86
N GLU A 4229 -29.87 -38.49 6.52
CA GLU A 4229 -30.46 -39.40 7.49
C GLU A 4229 -29.74 -39.34 8.82
N LYS A 4230 -28.40 -39.33 8.80
CA LYS A 4230 -27.54 -39.20 9.98
C LYS A 4230 -27.94 -38.06 10.91
N MET A 4231 -28.51 -36.99 10.35
CA MET A 4231 -29.20 -36.00 11.18
C MET A 4231 -30.70 -36.29 11.30
N GLU A 4232 -31.32 -36.84 10.27
CA GLU A 4232 -32.77 -36.80 10.18
C GLU A 4232 -33.42 -37.86 11.06
N LEU A 4233 -32.96 -39.10 10.96
CA LEU A 4233 -33.39 -40.12 11.88
C LEU A 4233 -32.83 -39.90 13.28
N PHE A 4234 -31.72 -39.16 13.38
CA PHE A 4234 -31.33 -38.63 14.66
C PHE A 4234 -32.35 -37.63 15.19
N VAL A 4235 -32.84 -36.75 14.32
CA VAL A 4235 -33.96 -35.88 14.66
C VAL A 4235 -35.21 -36.70 14.95
N SER A 4236 -35.40 -37.82 14.26
CA SER A 4236 -36.48 -38.72 14.60
C SER A 4236 -36.31 -39.35 15.97
N PHE A 4237 -35.08 -39.68 16.36
CA PHE A 4237 -34.80 -40.20 17.69
C PHE A 4237 -35.04 -39.14 18.75
N CYS A 4238 -34.78 -37.89 18.38
CA CYS A 4238 -35.13 -36.79 19.26
C CYS A 4238 -36.64 -36.67 19.41
N GLU A 4239 -37.38 -36.84 18.31
CA GLU A 4239 -38.83 -36.78 18.40
C GLU A 4239 -39.42 -37.99 19.10
N ASP A 4240 -38.76 -39.13 18.99
CA ASP A 4240 -38.99 -40.28 19.85
C ASP A 4240 -38.83 -39.92 21.31
N THR A 4241 -37.74 -39.26 21.64
CA THR A 4241 -37.46 -38.82 22.99
C THR A 4241 -38.50 -37.83 23.49
N ILE A 4242 -39.02 -37.02 22.57
CA ILE A 4242 -40.15 -36.13 22.88
C ILE A 4242 -41.35 -36.94 23.33
N PHE A 4243 -41.73 -37.95 22.56
CA PHE A 4243 -42.86 -38.79 22.95
C PHE A 4243 -42.53 -39.65 24.15
N GLU A 4244 -41.26 -40.01 24.31
CA GLU A 4244 -40.81 -40.73 25.48
C GLU A 4244 -41.03 -39.93 26.75
N MET A 4245 -40.62 -38.67 26.76
CA MET A 4245 -40.88 -37.80 27.90
C MET A 4245 -42.35 -37.48 28.04
N GLN A 4246 -43.07 -37.49 26.91
CA GLN A 4246 -44.50 -37.25 26.92
C GLN A 4246 -45.24 -38.33 27.69
N ILE A 4247 -44.96 -39.59 27.38
CA ILE A 4247 -45.59 -40.66 28.12
C ILE A 4247 -44.98 -40.81 29.51
N ALA A 4248 -43.71 -40.40 29.68
CA ALA A 4248 -43.08 -40.40 30.99
C ALA A 4248 -43.74 -39.39 31.92
N ALA A 4249 -44.35 -38.35 31.37
CA ALA A 4249 -45.12 -37.43 32.19
C ALA A 4249 -46.37 -38.09 32.75
N GLN A 4250 -47.07 -38.86 31.94
CA GLN A 4250 -48.39 -39.35 32.33
C GLN A 4250 -48.32 -40.54 33.28
N ILE A 4251 -47.22 -41.29 33.27
CA ILE A 4251 -47.10 -42.47 34.11
C ILE A 4251 -46.79 -42.14 35.55
N SER A 4252 -46.30 -40.94 35.83
CA SER A 4252 -45.84 -40.60 37.16
C SER A 4252 -47.01 -40.31 38.10
N GLU A 4253 -46.71 -40.20 39.39
CA GLU A 4253 -47.72 -39.91 40.40
C GLU A 4253 -47.33 -38.68 41.22
N PHE A 4540 -67.44 -49.04 42.62
CA PHE A 4540 -68.86 -48.77 42.48
C PHE A 4540 -69.23 -48.54 41.02
N TRP A 4541 -69.79 -47.37 40.73
CA TRP A 4541 -70.08 -46.99 39.36
C TRP A 4541 -68.81 -46.75 38.55
N GLY A 4542 -67.90 -45.93 39.08
CA GLY A 4542 -66.63 -45.68 38.42
C GLY A 4542 -65.46 -45.77 39.36
N GLU A 4543 -65.73 -45.88 40.67
CA GLU A 4543 -64.67 -45.95 41.66
C GLU A 4543 -63.86 -47.24 41.55
N LEU A 4544 -64.50 -48.33 41.12
CA LEU A 4544 -63.76 -49.56 40.86
C LEU A 4544 -62.79 -49.38 39.69
N GLU A 4545 -63.19 -48.63 38.66
CA GLU A 4545 -62.29 -48.35 37.55
C GLU A 4545 -61.18 -47.39 37.97
N VAL A 4546 -61.49 -46.46 38.87
CA VAL A 4546 -60.48 -45.58 39.45
C VAL A 4546 -59.43 -46.38 40.20
N GLN A 4547 -59.89 -47.32 41.03
CA GLN A 4547 -58.98 -48.21 41.75
C GLN A 4547 -58.19 -49.11 40.79
N ARG A 4548 -58.82 -49.53 39.70
CA ARG A 4548 -58.17 -50.34 38.68
C ARG A 4548 -57.02 -49.59 38.02
N VAL A 4549 -57.28 -48.35 37.58
CA VAL A 4549 -56.24 -47.56 36.91
C VAL A 4549 -55.16 -47.16 37.91
N LYS A 4550 -55.54 -46.89 39.16
CA LYS A 4550 -54.55 -46.53 40.18
C LYS A 4550 -53.63 -47.69 40.52
N PHE A 4551 -54.18 -48.91 40.62
CA PHE A 4551 -53.34 -50.08 40.83
C PHE A 4551 -52.57 -50.43 39.57
N LEU A 4552 -53.11 -50.07 38.41
CA LEU A 4552 -52.39 -50.26 37.15
C LEU A 4552 -51.15 -49.39 37.08
N ASN A 4553 -51.21 -48.18 37.64
CA ASN A 4553 -50.03 -47.35 37.81
C ASN A 4553 -48.98 -48.03 38.68
N TYR A 4554 -49.40 -48.64 39.79
CA TYR A 4554 -48.47 -49.36 40.65
C TYR A 4554 -47.90 -50.58 39.96
N LEU A 4555 -48.71 -51.21 39.13
CA LEU A 4555 -48.27 -52.35 38.32
C LEU A 4555 -47.18 -51.93 37.34
N SER A 4556 -47.47 -50.94 36.51
CA SER A 4556 -46.54 -50.58 35.46
C SER A 4556 -45.39 -49.69 35.95
N ARG A 4557 -45.42 -49.28 37.22
CA ARG A 4557 -44.35 -48.44 37.76
C ARG A 4557 -43.02 -49.17 37.83
N ASN A 4558 -43.03 -50.40 38.32
CA ASN A 4558 -41.81 -51.17 38.56
C ASN A 4558 -41.85 -52.43 37.70
N PHE A 4559 -41.58 -52.26 36.41
CA PHE A 4559 -41.77 -53.35 35.48
C PHE A 4559 -40.54 -54.24 35.37
N TYR A 4560 -39.35 -53.65 35.30
CA TYR A 4560 -38.15 -54.45 35.24
C TYR A 4560 -37.84 -55.07 36.59
N THR A 4561 -38.41 -54.52 37.64
CA THR A 4561 -38.43 -55.22 38.92
C THR A 4561 -39.24 -56.50 38.82
N LEU A 4562 -40.34 -56.48 38.05
CA LEU A 4562 -41.14 -57.68 37.86
C LEU A 4562 -40.43 -58.67 36.94
N ARG A 4563 -39.73 -58.14 35.92
CA ARG A 4563 -38.88 -58.97 35.08
C ARG A 4563 -37.82 -59.67 35.93
N PHE A 4564 -37.16 -58.91 36.81
CA PHE A 4564 -36.19 -59.45 37.75
C PHE A 4564 -36.82 -60.44 38.72
N LEU A 4565 -38.07 -60.22 39.09
CA LEU A 4565 -38.72 -61.10 40.05
C LEU A 4565 -39.08 -62.45 39.44
N ALA A 4566 -39.62 -62.43 38.22
CA ALA A 4566 -39.88 -63.70 37.53
C ALA A 4566 -38.59 -64.40 37.16
N LEU A 4567 -37.54 -63.62 36.85
CA LEU A 4567 -36.18 -64.13 36.71
C LEU A 4567 -35.74 -64.89 37.95
N PHE A 4568 -35.95 -64.29 39.12
CA PHE A 4568 -35.58 -64.94 40.37
C PHE A 4568 -36.47 -66.15 40.65
N LEU A 4569 -37.72 -66.09 40.19
CA LEU A 4569 -38.67 -67.15 40.48
C LEU A 4569 -38.41 -68.40 39.64
N ALA A 4570 -37.84 -68.25 38.45
CA ALA A 4570 -37.54 -69.41 37.63
C ALA A 4570 -36.45 -70.31 38.24
N PHE A 4571 -35.55 -69.74 39.04
CA PHE A 4571 -34.38 -70.45 39.56
C PHE A 4571 -34.78 -71.62 40.46
N ALA A 4572 -35.53 -71.33 41.53
CA ALA A 4572 -35.85 -72.36 42.50
C ALA A 4572 -36.82 -73.38 41.93
N ILE A 4573 -37.73 -72.95 41.06
CA ILE A 4573 -38.70 -73.86 40.50
C ILE A 4573 -38.05 -74.78 39.47
N ASN A 4574 -36.90 -74.39 38.92
CA ASN A 4574 -36.14 -75.35 38.14
C ASN A 4574 -35.07 -76.07 38.96
N PHE A 4575 -34.74 -75.56 40.15
CA PHE A 4575 -33.71 -76.19 40.97
C PHE A 4575 -34.26 -77.34 41.78
N ILE A 4576 -35.49 -77.20 42.28
CA ILE A 4576 -36.15 -78.30 42.99
C ILE A 4576 -36.61 -79.40 42.05
N LEU A 4577 -36.55 -79.16 40.75
CA LEU A 4577 -36.82 -80.14 39.70
C LEU A 4577 -35.70 -81.17 39.56
N LEU A 4578 -34.63 -81.03 40.33
CA LEU A 4578 -33.51 -81.96 40.34
C LEU A 4578 -33.78 -83.23 41.13
N PHE A 4579 -35.01 -83.45 41.58
CA PHE A 4579 -35.30 -84.50 42.54
C PHE A 4579 -36.25 -85.55 41.99
N TYR A 4580 -36.54 -85.51 40.70
CA TYR A 4580 -37.39 -86.52 40.09
C TYR A 4580 -36.68 -87.86 40.02
N LYS A 4581 -37.46 -88.91 40.24
CA LYS A 4581 -36.92 -90.27 40.29
C LYS A 4581 -38.04 -91.22 39.90
N VAL A 4582 -38.00 -91.69 38.65
CA VAL A 4582 -39.08 -92.50 38.11
C VAL A 4582 -39.12 -93.85 38.82
N SER A 4583 -40.28 -94.51 38.74
CA SER A 4583 -40.46 -95.81 39.37
C SER A 4583 -41.33 -96.65 38.45
N ASP A 4584 -41.27 -97.96 38.61
CA ASP A 4584 -42.38 -98.79 38.16
C ASP A 4584 -43.35 -99.05 39.29
N SER A 4585 -43.71 -98.01 40.03
CA SER A 4585 -44.40 -98.16 41.30
C SER A 4585 -44.99 -96.83 41.73
N PRO A 4586 -46.29 -96.78 41.99
CA PRO A 4586 -46.89 -95.58 42.55
C PRO A 4586 -46.56 -95.46 44.02
N PRO A 4587 -46.51 -94.24 44.56
CA PRO A 4587 -46.35 -94.05 46.01
C PRO A 4587 -47.57 -94.50 46.80
N ASN A 4626 -45.98 -101.01 33.47
CA ASN A 4626 -46.26 -99.58 33.51
C ASN A 4626 -45.43 -98.89 34.57
N MET A 4627 -44.69 -97.87 34.17
CA MET A 4627 -43.84 -97.12 35.07
C MET A 4627 -44.60 -95.92 35.63
N VAL A 4628 -44.19 -95.48 36.82
CA VAL A 4628 -44.81 -94.36 37.49
C VAL A 4628 -43.76 -93.27 37.67
N TYR A 4629 -44.07 -92.08 37.15
CA TYR A 4629 -43.16 -90.93 37.27
C TYR A 4629 -43.19 -90.44 38.71
N TYR A 4630 -42.47 -91.17 39.56
CA TYR A 4630 -42.37 -90.79 40.94
C TYR A 4630 -41.42 -89.59 41.07
N PHE A 4631 -41.65 -88.78 42.09
CA PHE A 4631 -40.79 -87.67 42.45
C PHE A 4631 -40.19 -87.95 43.81
N LEU A 4632 -38.88 -88.07 43.88
CA LEU A 4632 -38.23 -88.30 45.16
C LEU A 4632 -38.16 -87.00 45.95
N GLU A 4633 -38.75 -87.01 47.15
CA GLU A 4633 -38.64 -85.88 48.05
C GLU A 4633 -37.57 -86.13 49.09
N GLU A 4634 -37.05 -85.05 49.65
CA GLU A 4634 -35.98 -85.13 50.64
C GLU A 4634 -36.57 -85.16 52.04
N SER A 4635 -35.73 -84.90 53.05
CA SER A 4635 -36.13 -84.96 54.44
C SER A 4635 -37.03 -83.80 54.86
N THR A 4636 -37.35 -82.86 53.97
CA THR A 4636 -38.13 -81.71 54.35
C THR A 4636 -39.62 -82.03 54.41
N GLY A 4637 -40.28 -81.53 55.45
CA GLY A 4637 -41.71 -81.66 55.59
C GLY A 4637 -42.51 -80.75 54.68
N TYR A 4638 -41.88 -79.72 54.13
CA TYR A 4638 -42.49 -78.88 53.11
C TYR A 4638 -42.18 -79.50 51.74
N MET A 4639 -42.30 -78.68 50.68
CA MET A 4639 -42.30 -79.04 49.26
C MET A 4639 -43.59 -79.82 49.06
N GLU A 4640 -44.64 -79.23 49.59
CA GLU A 4640 -46.05 -79.57 49.58
C GLU A 4640 -46.66 -78.89 48.35
N PRO A 4641 -48.01 -78.96 48.10
CA PRO A 4641 -48.60 -78.10 47.06
C PRO A 4641 -48.51 -76.58 47.24
N ALA A 4642 -47.76 -76.10 48.24
CA ALA A 4642 -47.13 -74.78 48.14
C ALA A 4642 -46.29 -74.66 46.87
N LEU A 4643 -45.70 -75.77 46.40
CA LEU A 4643 -45.16 -75.86 45.05
C LEU A 4643 -46.19 -75.48 43.98
N TRP A 4644 -47.40 -76.04 44.07
CA TRP A 4644 -48.46 -75.70 43.13
C TRP A 4644 -48.91 -74.25 43.27
N CYS A 4645 -48.89 -73.73 44.50
CA CYS A 4645 -49.09 -72.32 44.75
C CYS A 4645 -48.04 -71.46 44.04
N LEU A 4646 -46.78 -71.87 44.08
CA LEU A 4646 -45.72 -71.19 43.35
C LEU A 4646 -45.92 -71.28 41.84
N SER A 4647 -46.47 -72.40 41.36
CA SER A 4647 -46.71 -72.56 39.93
C SER A 4647 -47.78 -71.59 39.44
N LEU A 4648 -48.93 -71.57 40.11
CA LEU A 4648 -49.98 -70.63 39.75
C LEU A 4648 -49.56 -69.18 40.01
N LEU A 4649 -48.67 -68.98 40.99
CA LEU A 4649 -48.07 -67.67 41.21
C LEU A 4649 -47.20 -67.22 40.05
N HIS A 4650 -46.39 -68.11 39.50
CA HIS A 4650 -45.55 -67.74 38.38
C HIS A 4650 -46.35 -67.49 37.13
N THR A 4651 -47.42 -68.27 36.93
CA THR A 4651 -48.33 -67.99 35.83
C THR A 4651 -49.03 -66.65 36.01
N LEU A 4652 -49.39 -66.32 37.25
CA LEU A 4652 -50.00 -65.04 37.57
C LEU A 4652 -49.05 -63.88 37.28
N VAL A 4653 -47.78 -64.01 37.67
CA VAL A 4653 -46.88 -62.89 37.47
C VAL A 4653 -46.51 -62.74 36.00
N ALA A 4654 -46.47 -63.83 35.23
CA ALA A 4654 -46.32 -63.67 33.79
C ALA A 4654 -47.54 -63.01 33.17
N PHE A 4655 -48.74 -63.37 33.65
CA PHE A 4655 -49.98 -62.75 33.18
C PHE A 4655 -50.04 -61.26 33.49
N LEU A 4656 -49.46 -60.84 34.61
CA LEU A 4656 -49.36 -59.43 34.90
C LEU A 4656 -48.27 -58.74 34.09
N CYS A 4657 -47.18 -59.45 33.78
CA CYS A 4657 -46.15 -58.90 32.89
C CYS A 4657 -46.70 -58.63 31.49
N ILE A 4658 -47.69 -59.42 31.06
CA ILE A 4658 -48.39 -59.17 29.80
C ILE A 4658 -48.96 -57.76 29.75
N ILE A 4659 -49.74 -57.37 30.76
CA ILE A 4659 -50.42 -56.10 30.67
C ILE A 4659 -49.49 -54.97 31.13
N GLY A 4660 -48.46 -55.30 31.90
CA GLY A 4660 -47.41 -54.33 32.17
C GLY A 4660 -46.66 -53.93 30.92
N TYR A 4661 -46.31 -54.93 30.08
CA TYR A 4661 -45.72 -54.66 28.79
C TYR A 4661 -46.69 -53.92 27.87
N ASN A 4662 -47.97 -54.29 27.91
CA ASN A 4662 -49.02 -53.63 27.14
C ASN A 4662 -49.10 -52.14 27.47
N CYS A 4663 -49.28 -51.81 28.74
CA CYS A 4663 -49.44 -50.43 29.14
C CYS A 4663 -48.12 -49.69 29.16
N LEU A 4664 -47.01 -50.40 29.09
CA LEU A 4664 -45.70 -49.77 29.19
C LEU A 4664 -45.07 -49.52 27.84
N LYS A 4665 -44.77 -50.59 27.11
CA LYS A 4665 -43.83 -50.47 26.02
C LYS A 4665 -44.50 -49.98 24.75
N VAL A 4666 -45.71 -50.42 24.49
CA VAL A 4666 -46.25 -50.16 23.16
C VAL A 4666 -47.44 -49.19 23.19
N PRO A 4667 -47.21 -47.95 23.56
CA PRO A 4667 -47.77 -46.87 22.74
C PRO A 4667 -46.68 -46.38 21.79
N LEU A 4668 -45.47 -46.85 22.06
CA LEU A 4668 -44.28 -46.24 21.50
C LEU A 4668 -44.05 -46.65 20.05
N VAL A 4669 -44.10 -47.96 19.79
CA VAL A 4669 -43.91 -48.43 18.43
C VAL A 4669 -45.11 -48.04 17.58
N ILE A 4670 -46.27 -47.90 18.23
CA ILE A 4670 -47.44 -47.34 17.59
C ILE A 4670 -47.17 -45.92 17.11
N PHE A 4671 -46.57 -45.10 17.97
CA PHE A 4671 -46.27 -43.73 17.57
C PHE A 4671 -45.12 -43.69 16.58
N LYS A 4672 -44.22 -44.68 16.62
CA LYS A 4672 -43.21 -44.84 15.58
C LYS A 4672 -43.86 -44.99 14.22
N ARG A 4673 -44.81 -45.92 14.13
CA ARG A 4673 -45.58 -46.13 12.92
C ARG A 4673 -46.37 -44.89 12.54
N GLU A 4674 -46.97 -44.20 13.53
CA GLU A 4674 -47.67 -42.95 13.30
C GLU A 4674 -46.78 -41.90 12.64
N LYS A 4675 -45.58 -41.71 13.19
CA LYS A 4675 -44.70 -40.66 12.73
C LYS A 4675 -44.12 -40.98 11.36
N GLU A 4676 -43.68 -42.22 11.17
CA GLU A 4676 -43.16 -42.62 9.86
C GLU A 4676 -44.25 -42.64 8.80
N LEU A 4677 -45.49 -42.94 9.18
CA LEU A 4677 -46.57 -42.87 8.21
C LEU A 4677 -46.95 -41.44 7.92
N ALA A 4678 -46.84 -40.55 8.91
CA ALA A 4678 -47.09 -39.14 8.66
C ALA A 4678 -46.06 -38.56 7.71
N ARG A 4679 -44.80 -38.99 7.83
CA ARG A 4679 -43.79 -38.58 6.87
C ARG A 4679 -44.05 -39.17 5.49
N LYS A 4680 -44.44 -40.44 5.44
CA LYS A 4680 -44.66 -41.09 4.15
C LYS A 4680 -45.99 -40.72 3.52
N LEU A 4681 -46.84 -39.98 4.23
CA LEU A 4681 -48.02 -39.44 3.60
C LEU A 4681 -47.83 -37.98 3.23
N GLU A 4682 -47.16 -37.21 4.07
CA GLU A 4682 -46.96 -35.80 3.76
C GLU A 4682 -45.89 -35.63 2.69
N PHE A 4683 -44.71 -36.18 2.95
CA PHE A 4683 -43.58 -36.00 2.06
C PHE A 4683 -43.50 -37.07 0.98
N ASP A 4684 -44.24 -38.16 1.12
CA ASP A 4684 -44.21 -39.22 0.14
C ASP A 4684 -45.63 -39.47 -0.34
N GLY A 4685 -45.74 -40.13 -1.49
CA GLY A 4685 -47.05 -40.40 -2.06
C GLY A 4685 -47.33 -41.88 -2.05
N LEU A 4686 -46.97 -42.52 -0.94
CA LEU A 4686 -46.91 -43.98 -0.89
C LEU A 4686 -48.29 -44.61 -0.82
N TYR A 4687 -49.32 -43.81 -0.58
CA TYR A 4687 -50.63 -44.19 -1.04
C TYR A 4687 -51.17 -43.17 -2.02
N ILE A 4688 -50.58 -42.00 -2.05
CA ILE A 4688 -51.21 -40.83 -2.64
C ILE A 4688 -50.82 -40.79 -4.08
N THR A 4689 -49.53 -40.58 -4.32
CA THR A 4689 -49.07 -40.21 -5.65
C THR A 4689 -48.96 -41.46 -6.51
N GLU A 4690 -48.04 -42.35 -6.15
CA GLU A 4690 -47.91 -43.53 -6.98
C GLU A 4690 -48.71 -44.68 -6.44
N GLN A 4691 -48.23 -45.25 -5.33
CA GLN A 4691 -48.57 -46.62 -4.99
C GLN A 4691 -47.85 -46.98 -3.70
N PRO A 4692 -48.30 -48.00 -2.97
CA PRO A 4692 -47.40 -48.68 -2.04
C PRO A 4692 -46.39 -49.56 -2.74
N GLY A 4693 -45.59 -50.29 -1.98
CA GLY A 4693 -44.73 -51.26 -2.63
C GLY A 4693 -45.43 -52.50 -3.12
N ASP A 4694 -46.68 -52.70 -2.71
CA ASP A 4694 -47.55 -53.87 -2.88
C ASP A 4694 -47.00 -55.11 -2.16
N ASP A 4695 -45.91 -54.98 -1.42
CA ASP A 4695 -45.36 -55.93 -0.49
C ASP A 4695 -45.23 -55.15 0.80
N ASP A 4696 -44.46 -55.67 1.77
CA ASP A 4696 -44.25 -55.05 3.08
C ASP A 4696 -45.57 -54.86 3.81
N VAL A 4697 -46.14 -56.02 4.19
CA VAL A 4697 -47.52 -56.22 4.65
C VAL A 4697 -47.98 -55.27 5.75
N LYS A 4698 -47.04 -54.68 6.47
CA LYS A 4698 -47.33 -53.49 7.26
C LYS A 4698 -47.93 -52.37 6.40
N GLY A 4699 -47.46 -52.18 5.17
CA GLY A 4699 -48.04 -51.15 4.32
C GLY A 4699 -49.38 -51.55 3.75
N GLN A 4700 -49.54 -52.82 3.38
CA GLN A 4700 -50.85 -53.36 3.01
C GLN A 4700 -51.83 -53.30 4.17
N TRP A 4701 -51.31 -53.40 5.39
CA TRP A 4701 -52.10 -53.41 6.60
C TRP A 4701 -52.73 -52.06 6.90
N ASP A 4702 -52.06 -50.98 6.52
CA ASP A 4702 -52.54 -49.67 6.91
C ASP A 4702 -53.62 -49.14 6.00
N ARG A 4703 -53.93 -49.85 4.90
CA ARG A 4703 -55.08 -49.50 4.07
C ARG A 4703 -56.38 -49.64 4.84
N LEU A 4704 -56.41 -50.52 5.83
CA LEU A 4704 -57.60 -50.78 6.64
C LEU A 4704 -57.93 -49.65 7.61
N VAL A 4705 -56.99 -48.72 7.83
CA VAL A 4705 -57.12 -47.83 8.97
C VAL A 4705 -57.10 -46.35 8.57
N LEU A 4706 -56.93 -46.06 7.28
CA LEU A 4706 -56.98 -44.69 6.80
C LEU A 4706 -58.35 -44.05 6.99
N ASN A 4707 -59.40 -44.86 6.94
CA ASN A 4707 -60.76 -44.35 7.07
C ASN A 4707 -61.19 -44.22 8.52
N THR A 4708 -60.38 -44.68 9.45
CA THR A 4708 -60.69 -44.46 10.85
C THR A 4708 -60.51 -42.98 11.17
N PRO A 4709 -61.50 -42.35 11.81
CA PRO A 4709 -61.37 -40.93 12.14
C PRO A 4709 -60.32 -40.67 13.20
N SER A 4710 -60.06 -41.65 14.06
CA SER A 4710 -59.01 -41.49 15.06
C SER A 4710 -57.76 -42.20 14.58
N PHE A 4711 -57.52 -42.17 13.26
CA PHE A 4711 -56.26 -42.65 12.73
C PHE A 4711 -55.05 -41.89 13.29
N PRO A 4712 -55.05 -40.51 13.44
CA PRO A 4712 -54.02 -39.87 14.27
C PRO A 4712 -54.42 -39.78 15.74
N SER A 4713 -54.73 -40.91 16.35
CA SER A 4713 -54.96 -40.90 17.79
C SER A 4713 -53.67 -40.78 18.56
N ASN A 4714 -52.73 -41.70 18.34
CA ASN A 4714 -51.44 -41.64 19.01
C ASN A 4714 -50.56 -40.53 18.47
N TYR A 4715 -50.66 -40.24 17.18
CA TYR A 4715 -50.02 -39.04 16.68
C TYR A 4715 -50.82 -37.82 17.13
N TRP A 4716 -50.15 -36.67 17.13
CA TRP A 4716 -50.69 -35.50 17.78
C TRP A 4716 -51.55 -34.68 16.83
N ASP A 4717 -50.97 -34.26 15.70
CA ASP A 4717 -51.67 -33.37 14.78
C ASP A 4717 -52.78 -34.12 14.07
N LYS A 4718 -53.98 -33.54 14.10
CA LYS A 4718 -55.09 -34.02 13.31
C LYS A 4718 -55.42 -33.10 12.15
N PHE A 4719 -54.69 -32.00 12.01
CA PHE A 4719 -54.80 -31.16 10.84
C PHE A 4719 -54.23 -31.83 9.60
N VAL A 4720 -53.39 -32.86 9.78
CA VAL A 4720 -52.61 -33.46 8.70
C VAL A 4720 -53.50 -34.02 7.60
N LYS A 4721 -54.72 -34.45 7.96
CA LYS A 4721 -55.72 -34.78 6.95
C LYS A 4721 -56.04 -33.57 6.08
N ARG A 4722 -56.31 -32.42 6.70
CA ARG A 4722 -56.56 -31.19 5.95
C ARG A 4722 -55.33 -30.67 5.25
N LYS A 4723 -54.15 -31.01 5.75
CA LYS A 4723 -52.90 -30.62 5.13
C LYS A 4723 -52.65 -31.41 3.87
N VAL A 4724 -53.03 -32.68 3.88
CA VAL A 4724 -53.10 -33.45 2.65
C VAL A 4724 -54.17 -32.88 1.73
N LEU A 4725 -55.30 -32.42 2.29
CA LEU A 4725 -56.33 -31.77 1.49
C LEU A 4725 -55.83 -30.47 0.89
N ASP A 4726 -54.90 -29.80 1.57
CA ASP A 4726 -54.22 -28.67 0.95
C ASP A 4726 -53.28 -29.12 -0.15
N LYS A 4727 -52.34 -30.00 0.18
CA LYS A 4727 -51.21 -30.30 -0.69
C LYS A 4727 -51.62 -31.21 -1.84
N HIS A 4728 -52.03 -32.44 -1.52
CA HIS A 4728 -52.44 -33.40 -2.52
C HIS A 4728 -53.93 -33.44 -2.74
N GLY A 4729 -54.72 -32.87 -1.83
CA GLY A 4729 -56.15 -32.74 -2.09
C GLY A 4729 -56.49 -31.83 -3.24
N ASP A 4730 -55.57 -30.94 -3.60
CA ASP A 4730 -55.69 -30.19 -4.84
C ASP A 4730 -55.54 -31.12 -6.04
N ILE A 4731 -54.45 -31.88 -6.09
CA ILE A 4731 -53.99 -32.44 -7.35
C ILE A 4731 -54.81 -33.66 -7.80
N PHE A 4732 -55.58 -34.25 -6.91
CA PHE A 4732 -56.24 -35.51 -7.20
C PHE A 4732 -57.75 -35.36 -7.08
N GLY A 4733 -58.44 -36.50 -7.18
CA GLY A 4733 -59.86 -36.54 -6.91
C GLY A 4733 -60.10 -36.11 -5.48
N ARG A 4734 -60.70 -34.95 -5.30
CA ARG A 4734 -60.82 -34.38 -3.95
C ARG A 4734 -61.79 -35.19 -3.12
N GLU A 4735 -62.96 -35.51 -3.66
CA GLU A 4735 -63.86 -36.44 -3.00
C GLU A 4735 -63.32 -37.86 -2.98
N ARG A 4736 -62.44 -38.22 -3.93
CA ARG A 4736 -61.78 -39.51 -3.88
C ARG A 4736 -60.91 -39.64 -2.63
N ILE A 4737 -60.14 -38.61 -2.31
CA ILE A 4737 -59.33 -38.65 -1.11
C ILE A 4737 -60.19 -38.44 0.13
N ALA A 4738 -61.26 -37.64 0.00
CA ALA A 4738 -62.24 -37.42 1.05
C ALA A 4738 -63.24 -38.56 1.18
N GLU A 4739 -63.01 -39.64 0.45
CA GLU A 4739 -63.48 -40.97 0.77
C GLU A 4739 -62.35 -41.87 1.26
N LEU A 4740 -61.17 -41.73 0.67
CA LEU A 4740 -60.10 -42.70 0.87
C LEU A 4740 -59.47 -42.56 2.25
N LEU A 4741 -59.61 -41.40 2.88
CA LEU A 4741 -59.15 -41.22 4.24
C LEU A 4741 -60.29 -41.15 5.24
N GLY A 4742 -61.40 -41.82 4.94
CA GLY A 4742 -62.62 -41.50 5.64
C GLY A 4742 -63.05 -40.14 5.16
N MET A 4743 -63.20 -39.20 6.09
CA MET A 4743 -63.55 -37.79 5.82
C MET A 4743 -64.86 -37.69 5.04
N ASP A 4744 -65.81 -38.54 5.42
CA ASP A 4744 -67.08 -38.69 4.72
C ASP A 4744 -67.90 -37.42 4.85
N LEU A 4745 -68.01 -36.67 3.75
CA LEU A 4745 -68.56 -35.31 3.68
C LEU A 4745 -67.88 -34.36 4.64
N ALA A 4746 -66.60 -34.58 4.95
CA ALA A 4746 -65.82 -33.60 5.67
C ALA A 4746 -65.51 -32.39 4.81
N SER A 4747 -65.59 -32.54 3.48
CA SER A 4747 -65.71 -31.40 2.58
C SER A 4747 -66.85 -30.48 3.01
N LEU A 4748 -67.99 -31.03 3.39
CA LEU A 4748 -69.05 -30.23 3.97
C LEU A 4748 -68.76 -29.85 5.42
N GLU A 4749 -68.24 -30.77 6.21
CA GLU A 4749 -68.05 -30.57 7.65
C GLU A 4749 -66.91 -29.62 7.99
N ILE A 4750 -66.12 -29.20 6.99
CA ILE A 4750 -65.12 -28.17 7.22
C ILE A 4750 -65.77 -26.83 7.56
N THR A 4751 -66.93 -26.54 6.99
CA THR A 4751 -67.66 -25.32 7.29
C THR A 4751 -68.98 -25.58 8.01
N ALA A 4752 -69.57 -26.76 7.84
CA ALA A 4752 -70.82 -27.08 8.51
C ALA A 4752 -70.63 -27.29 9.99
N HIS A 4753 -69.51 -27.92 10.37
CA HIS A 4753 -69.18 -28.14 11.79
C HIS A 4753 -68.31 -26.98 12.27
N ASN A 4754 -68.78 -25.77 11.98
CA ASN A 4754 -68.09 -24.56 12.38
C ASN A 4754 -69.03 -23.49 12.92
N GLU A 4755 -70.35 -23.74 12.94
CA GLU A 4755 -71.27 -22.83 13.60
C GLU A 4755 -71.08 -22.88 15.11
N ARG A 4756 -71.13 -24.07 15.68
CA ARG A 4756 -70.82 -24.27 17.09
C ARG A 4756 -70.14 -25.62 17.24
N LYS A 4757 -69.29 -25.74 18.25
CA LYS A 4757 -68.62 -27.00 18.53
C LYS A 4757 -68.94 -27.43 19.96
N PRO A 4758 -70.11 -28.01 20.21
CA PRO A 4758 -70.50 -28.32 21.59
C PRO A 4758 -69.89 -29.62 22.08
N ASP A 4759 -70.26 -29.97 23.31
CA ASP A 4759 -69.85 -31.23 23.93
C ASP A 4759 -71.10 -32.05 24.25
N PRO A 4760 -71.39 -33.09 23.47
CA PRO A 4760 -72.52 -33.98 23.80
C PRO A 4760 -72.23 -34.79 25.04
N PRO A 4761 -73.25 -35.21 25.78
CA PRO A 4761 -73.03 -35.84 27.09
C PRO A 4761 -72.57 -37.29 26.96
N PRO A 4762 -71.61 -37.71 27.79
CA PRO A 4762 -71.20 -39.12 27.79
C PRO A 4762 -72.14 -39.99 28.62
N GLY A 4763 -72.60 -41.08 28.02
CA GLY A 4763 -73.43 -42.04 28.70
C GLY A 4763 -72.69 -43.35 28.86
N LEU A 4764 -71.44 -43.28 29.33
CA LEU A 4764 -70.45 -44.35 29.24
C LEU A 4764 -70.91 -45.64 29.93
N LEU A 4765 -70.30 -46.74 29.49
CA LEU A 4765 -70.62 -48.13 29.85
C LEU A 4765 -72.05 -48.53 29.49
N THR A 4766 -72.70 -47.80 28.57
CA THR A 4766 -73.99 -48.17 27.99
C THR A 4766 -73.93 -48.26 26.48
N TRP A 4767 -73.30 -47.29 25.82
CA TRP A 4767 -73.08 -47.31 24.39
C TRP A 4767 -71.79 -48.01 24.01
N LEU A 4768 -71.09 -48.59 25.00
CA LEU A 4768 -69.68 -48.99 24.95
C LEU A 4768 -69.35 -49.92 23.78
N MET A 4769 -70.34 -50.60 23.22
CA MET A 4769 -70.25 -51.24 21.91
C MET A 4769 -69.85 -50.29 20.79
N SER A 4770 -70.16 -49.00 20.91
CA SER A 4770 -69.98 -48.07 19.79
C SER A 4770 -68.62 -47.36 19.91
N ILE A 4771 -67.58 -48.18 19.82
CA ILE A 4771 -66.21 -47.69 19.77
C ILE A 4771 -65.63 -48.10 18.42
N ASP A 4772 -64.46 -47.55 18.10
CA ASP A 4772 -63.84 -47.77 16.80
C ASP A 4772 -63.27 -49.18 16.72
N VAL A 4773 -64.07 -50.10 16.20
CA VAL A 4773 -63.71 -51.52 16.16
C VAL A 4773 -62.59 -51.76 15.14
N LYS A 4774 -62.73 -51.17 13.96
CA LYS A 4774 -61.79 -51.39 12.86
C LYS A 4774 -60.40 -50.86 13.20
N TYR A 4775 -60.34 -49.72 13.88
CA TYR A 4775 -59.08 -49.18 14.38
C TYR A 4775 -58.43 -50.13 15.38
N GLN A 4776 -59.23 -50.73 16.27
CA GLN A 4776 -58.70 -51.70 17.23
C GLN A 4776 -58.23 -52.96 16.53
N ILE A 4777 -58.91 -53.38 15.47
CA ILE A 4777 -58.51 -54.53 14.68
C ILE A 4777 -57.14 -54.28 14.08
N TRP A 4778 -56.99 -53.14 13.41
CA TRP A 4778 -55.71 -52.72 12.86
C TRP A 4778 -54.63 -52.66 13.94
N LYS A 4779 -54.99 -52.08 15.07
CA LYS A 4779 -54.12 -51.96 16.24
C LYS A 4779 -53.62 -53.31 16.71
N PHE A 4780 -54.54 -54.25 16.91
CA PHE A 4780 -54.19 -55.54 17.48
C PHE A 4780 -53.41 -56.38 16.49
N GLY A 4781 -53.65 -56.16 15.20
CA GLY A 4781 -52.79 -56.77 14.20
C GLY A 4781 -51.37 -56.26 14.28
N VAL A 4782 -51.19 -54.95 14.48
CA VAL A 4782 -49.85 -54.41 14.71
C VAL A 4782 -49.23 -54.99 15.98
N ILE A 4783 -50.05 -55.13 17.03
CA ILE A 4783 -49.62 -55.73 18.30
C ILE A 4783 -49.12 -57.14 18.08
N PHE A 4784 -49.82 -57.90 17.27
CA PHE A 4784 -49.43 -59.28 17.05
C PHE A 4784 -48.26 -59.40 16.08
N THR A 4785 -48.06 -58.42 15.21
CA THR A 4785 -46.86 -58.39 14.42
C THR A 4785 -45.64 -57.93 15.19
N ASP A 4786 -45.82 -57.37 16.39
CA ASP A 4786 -44.67 -57.13 17.25
C ASP A 4786 -44.01 -58.44 17.65
N ASN A 4787 -42.68 -58.43 17.69
CA ASN A 4787 -41.92 -59.66 17.91
C ASN A 4787 -41.62 -59.88 19.38
N SER A 4788 -41.19 -58.83 20.09
CA SER A 4788 -40.92 -58.98 21.51
C SER A 4788 -42.20 -59.22 22.30
N PHE A 4789 -43.31 -58.69 21.81
CA PHE A 4789 -44.62 -59.10 22.31
C PHE A 4789 -44.83 -60.59 22.09
N LEU A 4790 -44.52 -61.07 20.88
CA LEU A 4790 -44.64 -62.49 20.60
C LEU A 4790 -43.60 -63.29 21.36
N TYR A 4791 -42.45 -62.69 21.68
CA TYR A 4791 -41.44 -63.30 22.52
C TYR A 4791 -41.97 -63.57 23.92
N LEU A 4792 -42.51 -62.54 24.57
CA LEU A 4792 -43.02 -62.74 25.92
C LEU A 4792 -44.32 -63.52 25.91
N GLY A 4793 -45.06 -63.52 24.80
CA GLY A 4793 -46.27 -64.33 24.73
C GLY A 4793 -45.98 -65.80 24.49
N TRP A 4794 -44.93 -66.10 23.73
CA TRP A 4794 -44.46 -67.47 23.63
C TRP A 4794 -43.91 -67.94 24.96
N TYR A 4795 -43.33 -67.03 25.74
CA TYR A 4795 -42.99 -67.34 27.12
C TYR A 4795 -44.21 -67.68 27.97
N MET A 4796 -45.38 -67.12 27.66
CA MET A 4796 -46.61 -67.41 28.41
C MET A 4796 -47.10 -68.84 28.19
N VAL A 4797 -46.86 -69.36 26.99
CA VAL A 4797 -47.40 -70.66 26.60
C VAL A 4797 -46.79 -71.75 27.47
N MET A 4798 -45.52 -71.59 27.84
CA MET A 4798 -44.87 -72.50 28.76
C MET A 4798 -45.50 -72.45 30.15
N SER A 4799 -45.89 -71.25 30.61
CA SER A 4799 -46.54 -71.13 31.92
C SER A 4799 -47.93 -71.74 31.92
N LEU A 4800 -48.64 -71.65 30.80
CA LEU A 4800 -49.92 -72.36 30.69
C LEU A 4800 -49.74 -73.86 30.66
N LEU A 4801 -48.72 -74.35 29.96
CA LEU A 4801 -48.65 -75.79 29.73
C LEU A 4801 -47.86 -76.52 30.81
N GLY A 4802 -47.18 -75.79 31.70
CA GLY A 4802 -46.51 -76.44 32.80
C GLY A 4802 -47.44 -77.10 33.79
N HIS A 4803 -48.65 -76.57 33.93
CA HIS A 4803 -49.64 -77.17 34.82
C HIS A 4803 -50.11 -78.53 34.33
N TYR A 4804 -50.08 -78.77 33.03
CA TYR A 4804 -50.10 -80.15 32.55
C TYR A 4804 -48.76 -80.79 32.92
N ASN A 4805 -48.83 -82.00 33.48
CA ASN A 4805 -47.68 -82.61 34.15
C ASN A 4805 -46.64 -83.00 33.12
N ASN A 4806 -45.83 -82.03 32.73
CA ASN A 4806 -44.87 -82.17 31.65
C ASN A 4806 -43.68 -81.28 31.95
N PHE A 4807 -42.93 -80.95 30.90
CA PHE A 4807 -41.68 -80.20 31.04
C PHE A 4807 -41.94 -78.75 31.41
N PHE A 4808 -43.00 -78.17 30.85
CA PHE A 4808 -43.14 -76.78 30.41
C PHE A 4808 -42.93 -75.75 31.48
N PHE A 4809 -42.71 -76.00 32.76
CA PHE A 4809 -42.15 -74.95 33.60
C PHE A 4809 -40.64 -74.84 33.44
N ALA A 4810 -40.00 -75.81 32.81
CA ALA A 4810 -38.54 -75.81 32.70
C ALA A 4810 -38.05 -74.82 31.66
N ALA A 4811 -38.85 -74.59 30.62
CA ALA A 4811 -38.45 -73.70 29.53
C ALA A 4811 -38.50 -72.23 29.88
N HIS A 4812 -38.85 -71.89 31.12
CA HIS A 4812 -38.97 -70.50 31.51
C HIS A 4812 -37.61 -69.82 31.59
N LEU A 4813 -36.57 -70.56 31.99
CA LEU A 4813 -35.33 -69.89 32.34
C LEU A 4813 -34.43 -69.65 31.12
N LEU A 4814 -34.88 -70.06 29.93
CA LEU A 4814 -34.07 -69.93 28.72
C LEU A 4814 -34.06 -68.50 28.19
N ASP A 4815 -35.23 -67.99 27.82
CA ASP A 4815 -35.31 -66.71 27.13
C ASP A 4815 -35.02 -65.54 28.06
N ILE A 4816 -35.17 -65.70 29.37
CA ILE A 4816 -34.79 -64.63 30.28
C ILE A 4816 -33.28 -64.45 30.36
N ALA A 4817 -32.49 -65.48 30.01
CA ALA A 4817 -31.06 -65.31 29.87
C ALA A 4817 -30.71 -64.39 28.71
N MET A 4818 -31.44 -64.48 27.60
CA MET A 4818 -31.28 -63.49 26.55
C MET A 4818 -31.87 -62.16 26.99
N GLY A 4819 -32.87 -62.19 27.89
CA GLY A 4819 -33.33 -60.98 28.54
C GLY A 4819 -32.26 -60.29 29.36
N VAL A 4820 -31.28 -61.02 29.86
CA VAL A 4820 -30.10 -60.39 30.44
C VAL A 4820 -29.31 -59.72 29.32
N LYS A 4821 -28.87 -58.49 29.58
CA LYS A 4821 -28.16 -57.69 28.58
C LYS A 4821 -26.83 -58.31 28.20
N THR A 4822 -26.08 -58.80 29.20
CA THR A 4822 -24.71 -59.23 28.97
C THR A 4822 -24.62 -60.50 28.15
N LEU A 4823 -25.72 -61.26 28.06
CA LEU A 4823 -25.69 -62.49 27.29
C LEU A 4823 -26.02 -62.24 25.83
N ARG A 4824 -26.74 -61.16 25.54
CA ARG A 4824 -26.95 -60.78 24.15
C ARG A 4824 -25.64 -60.37 23.49
N THR A 4825 -24.72 -59.80 24.28
CA THR A 4825 -23.37 -59.51 23.79
C THR A 4825 -22.66 -60.77 23.33
N ILE A 4826 -22.95 -61.89 23.97
CA ILE A 4826 -22.37 -63.15 23.57
C ILE A 4826 -23.11 -63.71 22.37
N LEU A 4827 -24.44 -63.69 22.45
CA LEU A 4827 -25.25 -64.49 21.53
C LEU A 4827 -25.43 -63.82 20.18
N SER A 4828 -25.46 -62.50 20.12
CA SER A 4828 -25.64 -61.84 18.83
C SER A 4828 -24.38 -61.92 17.98
N SER A 4829 -23.21 -62.01 18.61
CA SER A 4829 -21.99 -62.34 17.90
C SER A 4829 -22.10 -63.69 17.23
N VAL A 4830 -22.69 -64.66 17.94
CA VAL A 4830 -22.97 -65.97 17.35
C VAL A 4830 -23.99 -65.85 16.23
N THR A 4831 -24.98 -64.99 16.42
CA THR A 4831 -26.13 -64.88 15.53
C THR A 4831 -25.76 -64.19 14.21
N HIS A 4832 -24.72 -63.35 14.23
CA HIS A 4832 -24.40 -62.51 13.05
C HIS A 4832 -23.92 -63.36 11.88
N ASN A 4833 -22.94 -64.23 12.11
CA ASN A 4833 -22.37 -65.05 11.04
C ASN A 4833 -23.09 -66.37 10.86
N GLY A 4834 -24.27 -66.54 11.48
CA GLY A 4834 -25.03 -67.75 11.28
C GLY A 4834 -25.60 -67.84 9.88
N LYS A 4835 -25.87 -66.68 9.26
CA LYS A 4835 -26.29 -66.63 7.87
C LYS A 4835 -25.20 -67.14 6.93
N GLN A 4836 -23.93 -67.06 7.32
CA GLN A 4836 -22.87 -67.71 6.57
C GLN A 4836 -22.68 -69.15 7.01
N LEU A 4837 -22.96 -69.45 8.27
CA LEU A 4837 -22.67 -70.76 8.83
C LEU A 4837 -23.63 -71.82 8.32
N VAL A 4838 -24.90 -71.44 8.08
CA VAL A 4838 -25.86 -72.41 7.58
C VAL A 4838 -25.50 -72.88 6.17
N MET A 4839 -24.85 -72.03 5.39
CA MET A 4839 -24.38 -72.45 4.09
C MET A 4839 -23.23 -73.42 4.22
N THR A 4840 -22.41 -73.26 5.27
CA THR A 4840 -21.34 -74.23 5.52
C THR A 4840 -21.92 -75.57 5.93
N VAL A 4841 -23.04 -75.54 6.66
CA VAL A 4841 -23.75 -76.76 7.04
C VAL A 4841 -24.26 -77.51 5.81
N GLY A 4842 -24.97 -76.78 4.94
CA GLY A 4842 -25.45 -77.38 3.71
C GLY A 4842 -24.34 -77.85 2.79
N LEU A 4843 -23.20 -77.15 2.81
CA LEU A 4843 -22.01 -77.61 2.14
C LEU A 4843 -21.50 -78.92 2.71
N LEU A 4844 -21.48 -79.04 4.04
CA LEU A 4844 -20.95 -80.25 4.67
C LEU A 4844 -21.79 -81.45 4.33
N ALA A 4845 -23.11 -81.24 4.23
CA ALA A 4845 -24.03 -82.29 3.79
C ALA A 4845 -23.66 -82.82 2.41
N VAL A 4846 -23.46 -81.94 1.43
CA VAL A 4846 -23.21 -82.43 0.08
C VAL A 4846 -21.79 -82.98 -0.06
N VAL A 4847 -20.87 -82.55 0.81
CA VAL A 4847 -19.51 -83.08 0.74
C VAL A 4847 -19.47 -84.51 1.29
N VAL A 4848 -20.15 -84.76 2.41
CA VAL A 4848 -20.16 -86.15 2.89
C VAL A 4848 -21.05 -87.02 2.01
N TYR A 4849 -22.01 -86.41 1.30
CA TYR A 4849 -22.71 -87.12 0.23
C TYR A 4849 -21.77 -87.54 -0.89
N LEU A 4850 -20.85 -86.65 -1.28
CA LEU A 4850 -19.85 -87.00 -2.28
C LEU A 4850 -18.94 -88.12 -1.78
N TYR A 4851 -18.58 -88.07 -0.51
CA TYR A 4851 -17.76 -89.12 0.09
C TYR A 4851 -18.49 -90.43 0.23
N THR A 4852 -19.81 -90.40 0.28
CA THR A 4852 -20.60 -91.60 0.55
C THR A 4852 -20.54 -92.58 -0.62
N VAL A 4853 -20.66 -92.07 -1.85
CA VAL A 4853 -20.74 -92.94 -3.02
C VAL A 4853 -19.43 -93.67 -3.28
N VAL A 4854 -18.32 -93.11 -2.83
CA VAL A 4854 -17.00 -93.68 -3.04
C VAL A 4854 -16.88 -95.02 -2.34
N ALA A 4855 -17.15 -95.02 -1.03
CA ALA A 4855 -17.19 -96.27 -0.30
C ALA A 4855 -18.43 -97.08 -0.61
N PHE A 4856 -19.50 -96.46 -1.13
CA PHE A 4856 -20.67 -97.25 -1.43
C PHE A 4856 -20.45 -98.12 -2.66
N ASN A 4857 -19.58 -97.70 -3.56
CA ASN A 4857 -19.36 -98.53 -4.74
C ASN A 4857 -17.96 -99.09 -4.85
N PHE A 4858 -17.03 -98.68 -3.99
CA PHE A 4858 -15.68 -99.23 -4.00
C PHE A 4858 -15.35 -99.96 -2.71
N PHE A 4859 -15.59 -99.33 -1.56
CA PHE A 4859 -15.34 -99.98 -0.27
C PHE A 4859 -16.61 -100.57 0.30
N ARG A 4860 -17.49 -101.04 -0.59
CA ARG A 4860 -18.78 -101.55 -0.18
C ARG A 4860 -18.64 -102.82 0.61
N LYS A 4861 -17.65 -103.63 0.27
CA LYS A 4861 -17.29 -104.86 0.94
C LYS A 4861 -16.51 -104.66 2.22
N PHE A 4862 -16.42 -103.44 2.73
CA PHE A 4862 -15.32 -103.14 3.61
C PHE A 4862 -15.71 -102.57 4.96
N TYR A 4863 -17.01 -102.30 5.19
CA TYR A 4863 -17.42 -101.67 6.45
C TYR A 4863 -17.37 -102.64 7.62
N ASN A 4864 -18.26 -103.64 7.61
CA ASN A 4864 -18.15 -104.86 8.41
C ASN A 4864 -18.10 -104.58 9.91
N LYS A 4865 -19.27 -104.18 10.43
CA LYS A 4865 -19.42 -103.76 11.82
C LYS A 4865 -19.16 -104.84 12.88
N SER A 4866 -18.84 -106.06 12.45
CA SER A 4866 -18.19 -107.10 13.25
C SER A 4866 -18.99 -107.61 14.44
N GLU A 4867 -20.20 -108.10 14.18
CA GLU A 4867 -20.82 -109.04 15.10
C GLU A 4867 -20.09 -110.37 14.96
N ASP A 4868 -20.15 -111.17 16.01
CA ASP A 4868 -19.38 -112.41 16.06
C ASP A 4868 -19.89 -113.43 15.06
N GLU A 4869 -19.03 -113.76 14.07
CA GLU A 4869 -19.13 -114.83 13.08
C GLU A 4869 -20.18 -114.56 12.00
N ASP A 4870 -21.01 -113.55 12.21
CA ASP A 4870 -22.02 -113.12 11.26
C ASP A 4870 -21.95 -111.61 11.22
N GLU A 4871 -22.16 -111.02 10.05
CA GLU A 4871 -22.23 -109.56 9.93
C GLU A 4871 -23.43 -109.18 9.08
N PRO A 4872 -24.65 -109.18 9.64
CA PRO A 4872 -25.75 -108.50 8.95
C PRO A 4872 -25.56 -106.99 8.93
N ASP A 4873 -24.77 -106.46 9.86
CA ASP A 4873 -24.54 -105.03 10.00
C ASP A 4873 -23.35 -104.67 9.11
N MET A 4874 -23.66 -104.28 7.89
CA MET A 4874 -22.76 -103.50 7.05
C MET A 4874 -23.57 -102.35 6.50
N LYS A 4875 -23.11 -101.12 6.75
CA LYS A 4875 -23.89 -99.97 6.33
C LYS A 4875 -23.87 -99.77 4.83
N CYS A 4876 -22.94 -100.39 4.12
CA CYS A 4876 -22.97 -100.49 2.66
C CYS A 4876 -23.87 -101.63 2.17
N ASP A 4877 -25.10 -101.63 2.68
CA ASP A 4877 -26.21 -102.38 2.12
C ASP A 4877 -27.26 -101.45 1.57
N ASP A 4878 -27.62 -100.43 2.34
CA ASP A 4878 -28.54 -99.39 1.93
C ASP A 4878 -27.80 -98.05 1.87
N MET A 4879 -28.18 -97.25 0.87
CA MET A 4879 -27.49 -96.01 0.58
C MET A 4879 -27.72 -94.96 1.66
N MET A 4880 -28.99 -94.76 2.04
CA MET A 4880 -29.32 -93.87 3.15
C MET A 4880 -28.74 -94.34 4.47
N THR A 4881 -28.63 -95.65 4.66
CA THR A 4881 -28.03 -96.17 5.88
C THR A 4881 -26.55 -95.86 5.95
N CYS A 4882 -25.83 -96.04 4.84
CA CYS A 4882 -24.44 -95.65 4.76
C CYS A 4882 -24.25 -94.16 5.00
N TYR A 4883 -25.10 -93.34 4.38
CA TYR A 4883 -24.98 -91.90 4.51
C TYR A 4883 -25.30 -91.42 5.92
N LEU A 4884 -26.27 -92.05 6.58
CA LEU A 4884 -26.56 -91.72 7.96
C LEU A 4884 -25.46 -92.23 8.88
N PHE A 4885 -24.81 -93.32 8.50
CA PHE A 4885 -23.66 -93.82 9.24
C PHE A 4885 -22.50 -92.85 9.18
N HIS A 4886 -22.34 -92.14 8.07
CA HIS A 4886 -21.38 -91.05 8.00
C HIS A 4886 -21.70 -89.99 9.05
N MET A 4887 -22.91 -89.45 8.99
CA MET A 4887 -23.29 -88.30 9.81
C MET A 4887 -23.41 -88.63 11.28
N TYR A 4888 -23.57 -89.90 11.62
CA TYR A 4888 -23.62 -90.26 13.03
C TYR A 4888 -22.30 -90.81 13.53
N VAL A 4889 -21.48 -91.37 12.64
CA VAL A 4889 -20.28 -92.09 13.01
C VAL A 4889 -19.05 -91.51 12.33
N GLY A 4890 -19.05 -91.48 10.99
CA GLY A 4890 -17.87 -91.11 10.25
C GLY A 4890 -17.44 -89.68 10.48
N VAL A 4891 -18.40 -88.79 10.73
CA VAL A 4891 -18.09 -87.42 11.08
C VAL A 4891 -17.84 -87.28 12.58
N ARG A 4892 -18.23 -88.29 13.36
CA ARG A 4892 -18.14 -88.24 14.81
C ARG A 4892 -17.00 -89.11 15.35
N ALA A 4893 -16.32 -89.87 14.49
CA ALA A 4893 -15.33 -90.84 14.93
C ALA A 4893 -14.07 -90.20 15.51
N GLY A 4894 -13.59 -89.10 14.94
CA GLY A 4894 -12.44 -88.42 15.52
C GLY A 4894 -11.14 -89.18 15.34
N GLY A 4895 -10.60 -89.16 14.13
CA GLY A 4895 -9.55 -90.08 13.75
C GLY A 4895 -9.90 -90.59 12.37
N GLY A 4896 -10.94 -89.99 11.81
CA GLY A 4896 -11.36 -90.37 10.49
C GLY A 4896 -12.16 -91.64 10.51
N ILE A 4897 -12.35 -92.18 9.31
CA ILE A 4897 -13.22 -93.32 9.16
C ILE A 4897 -12.53 -94.61 9.60
N GLY A 4898 -11.19 -94.63 9.64
CA GLY A 4898 -10.45 -95.83 10.01
C GLY A 4898 -10.48 -96.11 11.51
N ASP A 4899 -11.69 -96.29 12.03
CA ASP A 4899 -11.90 -96.56 13.44
C ASP A 4899 -12.83 -97.74 13.69
N GLU A 4900 -13.81 -97.99 12.80
CA GLU A 4900 -14.76 -99.08 12.99
C GLU A 4900 -14.92 -99.89 11.70
N ILE A 4901 -14.14 -99.58 10.69
CA ILE A 4901 -14.22 -100.16 9.36
C ILE A 4901 -12.89 -100.85 9.12
N GLU A 4902 -12.90 -101.93 8.32
CA GLU A 4902 -11.86 -102.95 8.23
C GLU A 4902 -10.46 -102.37 7.96
N ASP A 4903 -9.49 -103.20 8.31
CA ASP A 4903 -8.09 -102.86 8.09
C ASP A 4903 -7.80 -102.91 6.59
N PRO A 4904 -7.22 -101.85 6.01
CA PRO A 4904 -6.85 -101.93 4.59
C PRO A 4904 -5.51 -102.62 4.35
N ALA A 4905 -5.01 -103.40 5.31
CA ALA A 4905 -3.70 -104.04 5.22
C ALA A 4905 -3.63 -105.16 4.19
N GLY A 4906 -4.74 -105.51 3.53
CA GLY A 4906 -4.72 -106.46 2.45
C GLY A 4906 -4.15 -105.88 1.17
N ASP A 4907 -4.21 -106.68 0.11
CA ASP A 4907 -3.59 -106.31 -1.16
C ASP A 4907 -4.39 -105.25 -1.88
N GLU A 4908 -5.69 -105.47 -2.06
CA GLU A 4908 -6.49 -104.60 -2.91
C GLU A 4908 -6.85 -103.31 -2.18
N TYR A 4909 -6.64 -102.19 -2.87
CA TYR A 4909 -7.16 -100.86 -2.51
C TYR A 4909 -6.60 -100.33 -1.19
N GLU A 4910 -5.45 -100.87 -0.77
CA GLU A 4910 -4.75 -100.35 0.40
C GLU A 4910 -4.33 -98.90 0.18
N LEU A 4911 -3.72 -98.65 -0.99
CA LEU A 4911 -3.35 -97.31 -1.41
C LEU A 4911 -4.55 -96.39 -1.53
N TYR A 4912 -5.70 -96.92 -1.89
CA TYR A 4912 -6.88 -96.07 -2.07
C TYR A 4912 -7.50 -95.71 -0.72
N ARG A 4913 -7.52 -96.65 0.24
CA ARG A 4913 -8.02 -96.31 1.57
C ARG A 4913 -7.07 -95.41 2.32
N VAL A 4914 -5.75 -95.60 2.15
CA VAL A 4914 -4.80 -94.72 2.82
C VAL A 4914 -4.78 -93.34 2.15
N VAL A 4915 -5.31 -93.23 0.92
CA VAL A 4915 -5.61 -91.92 0.38
C VAL A 4915 -6.86 -91.34 1.03
N PHE A 4916 -7.96 -92.10 0.99
CA PHE A 4916 -9.26 -91.49 1.25
C PHE A 4916 -9.48 -91.18 2.72
N ASP A 4917 -9.05 -92.08 3.62
CA ASP A 4917 -9.19 -91.84 5.05
C ASP A 4917 -8.37 -90.62 5.48
N ILE A 4918 -7.17 -90.45 4.93
CA ILE A 4918 -6.34 -89.34 5.38
C ILE A 4918 -6.81 -88.03 4.76
N THR A 4919 -7.26 -88.03 3.49
CA THR A 4919 -7.82 -86.81 2.92
C THR A 4919 -9.14 -86.42 3.57
N PHE A 4920 -9.95 -87.42 3.92
CA PHE A 4920 -11.07 -87.25 4.83
C PHE A 4920 -10.64 -86.58 6.13
N PHE A 4921 -9.56 -87.08 6.73
CA PHE A 4921 -9.04 -86.55 7.98
C PHE A 4921 -8.48 -85.14 7.80
N PHE A 4922 -8.11 -84.79 6.58
CA PHE A 4922 -7.75 -83.40 6.32
C PHE A 4922 -8.96 -82.52 6.25
N PHE A 4923 -9.88 -82.80 5.34
CA PHE A 4923 -10.73 -81.72 4.88
C PHE A 4923 -11.93 -81.53 5.79
N VAL A 4924 -12.79 -82.53 5.90
CA VAL A 4924 -13.97 -82.38 6.71
C VAL A 4924 -13.66 -82.45 8.20
N ILE A 4925 -12.48 -82.93 8.57
CA ILE A 4925 -12.09 -83.01 9.97
C ILE A 4925 -11.32 -81.78 10.41
N VAL A 4926 -10.26 -81.41 9.69
CA VAL A 4926 -9.47 -80.28 10.11
C VAL A 4926 -9.93 -79.02 9.40
N ILE A 4927 -10.03 -79.07 8.07
CA ILE A 4927 -10.25 -77.88 7.26
C ILE A 4927 -11.65 -77.34 7.48
N LEU A 4928 -12.65 -78.23 7.48
CA LEU A 4928 -14.03 -77.79 7.63
C LEU A 4928 -14.34 -77.31 9.04
N LEU A 4929 -13.53 -77.67 10.01
CA LEU A 4929 -13.78 -77.28 11.39
C LEU A 4929 -13.28 -75.87 11.71
N ALA A 4930 -12.12 -75.49 11.17
CA ALA A 4930 -11.57 -74.16 11.39
C ALA A 4930 -12.43 -73.07 10.76
N ILE A 4931 -13.28 -73.43 9.81
CA ILE A 4931 -14.23 -72.48 9.23
C ILE A 4931 -15.23 -71.99 10.27
N ILE A 4932 -15.96 -72.94 10.86
CA ILE A 4932 -16.95 -72.63 11.88
C ILE A 4932 -16.26 -72.07 13.12
N GLN A 4933 -15.03 -72.51 13.35
CA GLN A 4933 -14.22 -71.90 14.40
C GLN A 4933 -13.95 -70.42 14.11
N GLY A 4934 -13.58 -70.08 12.88
CA GLY A 4934 -13.14 -68.73 12.59
C GLY A 4934 -14.27 -67.74 12.40
N LEU A 4935 -15.47 -68.23 12.11
CA LEU A 4935 -16.65 -67.37 12.00
C LEU A 4935 -16.93 -66.58 13.27
N ILE A 4936 -16.89 -67.24 14.43
CA ILE A 4936 -17.20 -66.57 15.68
C ILE A 4936 -16.05 -65.66 16.09
N ILE A 4937 -14.82 -66.01 15.73
CA ILE A 4937 -13.67 -65.15 16.05
C ILE A 4937 -13.72 -63.89 15.20
N ASP A 4938 -14.18 -64.03 13.95
CA ASP A 4938 -14.49 -62.90 13.10
C ASP A 4938 -15.54 -61.99 13.71
N ALA A 4939 -16.62 -62.57 14.25
CA ALA A 4939 -17.65 -61.75 14.88
C ALA A 4939 -17.16 -61.09 16.15
N PHE A 4940 -16.28 -61.76 16.89
CA PHE A 4940 -15.68 -61.18 18.10
C PHE A 4940 -14.77 -60.01 17.78
N GLY A 4941 -13.95 -60.14 16.73
CA GLY A 4941 -13.20 -59.01 16.26
C GLY A 4941 -14.07 -57.87 15.78
N GLU A 4942 -15.19 -58.18 15.12
CA GLU A 4942 -16.19 -57.21 14.70
C GLU A 4942 -16.78 -56.41 15.84
N LEU A 4943 -17.37 -57.09 16.82
CA LEU A 4943 -18.19 -56.43 17.82
C LEU A 4943 -17.33 -55.63 18.77
N ARG A 4944 -16.11 -56.07 19.01
CA ARG A 4944 -15.19 -55.27 19.80
C ARG A 4944 -14.72 -54.05 19.02
N ASP A 4945 -14.52 -54.21 17.70
CA ASP A 4945 -14.12 -53.08 16.87
C ASP A 4945 -15.19 -52.02 16.82
N GLN A 4946 -16.45 -52.44 16.89
CA GLN A 4946 -17.55 -51.48 16.93
C GLN A 4946 -17.60 -50.74 18.27
N GLN A 4947 -17.33 -51.45 19.37
CA GLN A 4947 -17.25 -50.83 20.69
C GLN A 4947 -16.10 -49.85 20.77
N GLU A 4948 -15.02 -50.10 20.04
CA GLU A 4948 -13.92 -49.15 20.04
C GLU A 4948 -14.18 -47.99 19.10
N GLN A 4949 -14.84 -48.24 17.97
CA GLN A 4949 -15.18 -47.20 17.02
C GLN A 4949 -16.13 -46.18 17.62
N VAL A 4950 -17.12 -46.65 18.38
CA VAL A 4950 -17.98 -45.71 19.09
C VAL A 4950 -17.25 -45.04 20.23
N LYS A 4951 -16.21 -45.66 20.76
CA LYS A 4951 -15.36 -45.02 21.74
C LYS A 4951 -14.41 -44.04 21.09
N GLU A 4952 -13.84 -44.43 19.95
CA GLU A 4952 -12.88 -43.59 19.23
C GLU A 4952 -13.52 -42.32 18.72
N ASP A 4953 -14.63 -42.43 18.00
CA ASP A 4953 -15.14 -41.25 17.32
C ASP A 4953 -15.84 -40.32 18.30
N MET A 4954 -16.29 -40.83 19.45
CA MET A 4954 -16.80 -39.96 20.50
C MET A 4954 -15.70 -39.06 21.04
N GLU A 4955 -14.47 -39.55 21.05
CA GLU A 4955 -13.33 -38.76 21.49
C GLU A 4955 -12.76 -37.89 20.38
N THR A 4956 -12.86 -38.30 19.12
CA THR A 4956 -12.25 -37.55 18.03
C THR A 4956 -13.17 -36.55 17.34
N LYS A 4957 -14.49 -36.71 17.41
CA LYS A 4957 -15.40 -35.66 17.01
C LYS A 4957 -16.54 -35.57 18.01
N CYS A 4958 -16.96 -34.34 18.28
CA CYS A 4958 -18.21 -34.15 18.98
C CYS A 4958 -19.38 -34.58 18.13
N PHE A 4959 -19.27 -34.38 16.80
CA PHE A 4959 -20.13 -34.93 15.76
C PHE A 4959 -21.51 -34.27 15.72
N ILE A 4960 -21.85 -33.52 16.76
CA ILE A 4960 -23.05 -32.70 16.75
C ILE A 4960 -22.90 -31.57 15.74
N CYS A 4961 -21.69 -31.10 15.50
CA CYS A 4961 -21.29 -30.51 14.24
C CYS A 4961 -19.95 -31.15 13.90
N GLY A 4962 -19.83 -31.70 12.70
CA GLY A 4962 -18.79 -32.67 12.43
C GLY A 4962 -17.38 -32.11 12.32
N ILE A 4963 -16.82 -31.67 13.45
CA ILE A 4963 -15.48 -31.11 13.51
C ILE A 4963 -14.59 -32.03 14.33
N GLY A 4964 -13.38 -32.31 13.83
CA GLY A 4964 -12.43 -33.11 14.56
C GLY A 4964 -11.99 -32.47 15.87
N SER A 4965 -11.53 -33.32 16.78
CA SER A 4965 -11.19 -32.91 18.14
C SER A 4965 -9.99 -32.00 18.22
N ASP A 4966 -9.10 -32.05 17.23
CA ASP A 4966 -7.87 -31.26 17.28
C ASP A 4966 -8.15 -29.77 17.21
N TYR A 4967 -8.98 -29.35 16.26
CA TYR A 4967 -9.28 -27.93 16.12
C TYR A 4967 -10.06 -27.41 17.33
N PHE A 4968 -10.91 -28.25 17.91
CA PHE A 4968 -11.53 -27.93 19.20
C PHE A 4968 -10.52 -27.73 20.30
N ASP A 4969 -9.59 -28.65 20.45
CA ASP A 4969 -8.66 -28.58 21.55
C ASP A 4969 -7.40 -27.80 21.17
N THR A 4970 -7.48 -26.99 20.11
CA THR A 4970 -6.45 -26.00 19.83
C THR A 4970 -6.28 -25.05 21.01
N THR A 4971 -7.39 -24.52 21.52
CA THR A 4971 -7.39 -24.00 22.86
C THR A 4971 -7.37 -25.16 23.85
N PRO A 4972 -6.57 -25.07 24.91
CA PRO A 4972 -6.51 -26.17 25.89
C PRO A 4972 -7.84 -26.35 26.61
N HIS A 4973 -8.25 -27.62 26.71
CA HIS A 4973 -9.59 -28.02 27.15
C HIS A 4973 -10.65 -27.33 26.29
N GLY A 4974 -10.60 -27.58 24.98
CA GLY A 4974 -11.57 -26.99 24.09
C GLY A 4974 -12.56 -28.02 23.58
N PHE A 4975 -12.15 -29.28 23.53
CA PHE A 4975 -13.05 -30.33 23.07
C PHE A 4975 -14.17 -30.58 24.05
N GLU A 4976 -13.85 -30.74 25.34
CA GLU A 4976 -14.90 -30.93 26.32
C GLU A 4976 -15.65 -29.62 26.56
N THR A 4977 -15.00 -28.49 26.27
CA THR A 4977 -15.71 -27.22 26.24
C THR A 4977 -16.80 -27.21 25.17
N HIS A 4978 -16.53 -27.79 24.00
CA HIS A 4978 -17.58 -27.91 23.01
C HIS A 4978 -18.63 -28.93 23.44
N THR A 4979 -18.22 -30.02 24.07
CA THR A 4979 -19.23 -31.01 24.40
C THR A 4979 -19.96 -30.69 25.69
N LEU A 4980 -19.61 -29.61 26.38
CA LEU A 4980 -20.40 -29.15 27.52
C LEU A 4980 -21.05 -27.81 27.30
N GLU A 4981 -20.26 -26.77 27.06
CA GLU A 4981 -20.81 -25.42 26.96
C GLU A 4981 -21.43 -25.18 25.60
N GLU A 4982 -20.79 -25.66 24.55
CA GLU A 4982 -21.42 -25.72 23.25
C GLU A 4982 -22.32 -26.96 23.22
N HIS A 4983 -22.68 -27.41 22.02
CA HIS A 4983 -23.65 -28.47 21.84
C HIS A 4983 -23.22 -29.79 22.46
N ASN A 4984 -23.88 -30.12 23.56
CA ASN A 4984 -23.65 -31.33 24.33
C ASN A 4984 -24.42 -32.53 23.77
N LEU A 4985 -24.83 -32.45 22.51
CA LEU A 4985 -25.68 -33.42 21.82
C LEU A 4985 -27.07 -33.50 22.47
N ALA A 4986 -27.44 -32.51 23.27
CA ALA A 4986 -28.64 -32.59 24.08
C ALA A 4986 -29.45 -31.31 24.05
N ASN A 4987 -28.75 -30.19 23.79
CA ASN A 4987 -29.34 -28.86 23.73
C ASN A 4987 -30.47 -28.80 22.73
N TYR A 4988 -30.32 -29.54 21.63
CA TYR A 4988 -31.33 -29.54 20.58
C TYR A 4988 -32.64 -30.12 21.09
N MET A 4989 -32.58 -31.31 21.70
CA MET A 4989 -33.81 -31.93 22.16
C MET A 4989 -34.41 -31.15 23.31
N PHE A 4990 -33.55 -30.50 24.10
CA PHE A 4990 -34.06 -29.68 25.19
C PHE A 4990 -34.80 -28.47 24.64
N PHE A 4991 -34.25 -27.84 23.60
CA PHE A 4991 -34.90 -26.67 23.03
C PHE A 4991 -36.14 -27.05 22.23
N LEU A 4992 -36.18 -28.28 21.71
CA LEU A 4992 -37.42 -28.84 21.19
C LEU A 4992 -38.57 -28.77 22.18
N MET A 4993 -38.37 -29.33 23.37
CA MET A 4993 -39.37 -29.26 24.43
C MET A 4993 -39.68 -27.82 24.76
N TYR A 4994 -38.64 -26.99 24.83
CA TYR A 4994 -38.77 -25.58 25.15
C TYR A 4994 -39.67 -24.83 24.17
N LEU A 4995 -39.55 -25.11 22.88
CA LEU A 4995 -40.34 -24.36 21.92
C LEU A 4995 -41.71 -24.98 21.71
N ILE A 4996 -41.79 -26.32 21.73
CA ILE A 4996 -43.07 -27.01 21.68
C ILE A 4996 -43.97 -26.60 22.83
N ASN A 4997 -43.40 -26.38 24.00
CA ASN A 4997 -44.17 -25.91 25.13
C ASN A 4997 -44.31 -24.39 25.14
N LYS A 4998 -43.94 -23.72 24.05
CA LYS A 4998 -44.09 -22.29 23.91
C LYS A 4998 -45.14 -21.99 22.85
N ASP A 4999 -45.92 -20.94 23.09
CA ASP A 4999 -47.07 -20.63 22.26
C ASP A 4999 -46.65 -19.95 20.97
N GLU A 5000 -47.51 -20.11 19.96
CA GLU A 5000 -47.33 -19.59 18.62
C GLU A 5000 -47.17 -18.08 18.59
N THR A 5001 -48.01 -17.35 19.32
CA THR A 5001 -47.94 -15.91 19.39
C THR A 5001 -46.63 -15.46 20.02
N GLU A 5002 -46.14 -16.23 20.98
CA GLU A 5002 -45.07 -15.76 21.85
C GLU A 5002 -43.69 -15.89 21.22
N HIS A 5003 -43.56 -16.63 20.11
CA HIS A 5003 -42.24 -16.92 19.60
C HIS A 5003 -41.57 -15.69 19.02
N THR A 5004 -40.26 -15.75 18.90
CA THR A 5004 -39.51 -14.71 18.21
C THR A 5004 -39.69 -14.88 16.71
N GLY A 5005 -39.11 -13.95 15.95
CA GLY A 5005 -38.96 -14.18 14.53
C GLY A 5005 -38.06 -15.38 14.27
N GLN A 5006 -37.02 -15.52 15.08
CA GLN A 5006 -36.09 -16.64 14.93
C GLN A 5006 -36.75 -17.95 15.33
N GLU A 5007 -37.42 -17.96 16.48
CA GLU A 5007 -38.08 -19.16 16.98
C GLU A 5007 -39.22 -19.59 16.07
N SER A 5008 -40.04 -18.63 15.64
CA SER A 5008 -41.08 -18.90 14.67
C SER A 5008 -40.51 -19.34 13.33
N TYR A 5009 -39.36 -18.80 12.94
CA TYR A 5009 -38.75 -19.14 11.67
C TYR A 5009 -38.24 -20.56 11.66
N VAL A 5010 -37.59 -20.97 12.74
CA VAL A 5010 -37.06 -22.30 12.78
C VAL A 5010 -38.15 -23.33 13.03
N TRP A 5011 -39.25 -22.94 13.69
CA TRP A 5011 -40.37 -23.86 13.80
C TRP A 5011 -41.10 -24.01 12.48
N LYS A 5012 -41.15 -22.94 11.70
CA LYS A 5012 -41.60 -23.03 10.32
C LYS A 5012 -40.73 -24.01 9.54
N MET A 5013 -39.42 -23.95 9.74
CA MET A 5013 -38.52 -24.92 9.15
C MET A 5013 -38.75 -26.33 9.71
N TYR A 5014 -39.20 -26.42 10.95
CA TYR A 5014 -39.55 -27.73 11.50
C TYR A 5014 -40.75 -28.32 10.78
N GLN A 5015 -41.80 -27.51 10.64
CA GLN A 5015 -42.98 -27.96 9.91
C GLN A 5015 -42.65 -28.24 8.45
N GLU A 5016 -41.67 -27.52 7.92
CA GLU A 5016 -41.08 -27.83 6.64
C GLU A 5016 -40.28 -29.11 6.67
N ARG A 5017 -39.82 -29.52 7.86
CA ARG A 5017 -38.75 -30.48 8.07
C ARG A 5017 -37.50 -30.05 7.33
N CYS A 5018 -37.15 -28.78 7.48
CA CYS A 5018 -35.91 -28.25 6.94
C CYS A 5018 -34.88 -28.09 8.04
N TRP A 5019 -33.66 -28.52 7.76
CA TRP A 5019 -32.63 -28.74 8.77
C TRP A 5019 -31.36 -28.01 8.40
N ASP A 5020 -31.53 -26.82 7.83
CA ASP A 5020 -30.41 -25.98 7.46
C ASP A 5020 -29.67 -25.43 8.66
N PHE A 5021 -30.38 -25.13 9.73
CA PHE A 5021 -29.85 -24.48 10.92
C PHE A 5021 -28.88 -25.34 11.72
N PHE A 5022 -28.59 -26.55 11.30
CA PHE A 5022 -27.46 -27.20 11.91
C PHE A 5022 -26.19 -26.48 11.47
N PRO A 5023 -25.30 -26.21 12.41
CA PRO A 5023 -24.00 -25.63 12.07
C PRO A 5023 -23.19 -26.52 11.14
N ALA A 5024 -22.87 -27.73 11.61
CA ALA A 5024 -22.36 -28.84 10.79
C ALA A 5024 -21.12 -28.47 9.99
N GLY A 5025 -20.06 -28.10 10.71
CA GLY A 5025 -18.83 -27.74 10.03
C GLY A 5025 -18.08 -26.58 10.65
N ASP A 5026 -18.76 -25.83 11.50
CA ASP A 5026 -18.16 -24.71 12.22
C ASP A 5026 -19.07 -24.41 13.40
N CYS A 5027 -18.48 -24.11 14.56
CA CYS A 5027 -19.24 -23.63 15.71
C CYS A 5027 -18.69 -22.26 16.12
N PHE A 5028 -19.13 -21.24 15.38
CA PHE A 5028 -19.16 -19.84 15.78
C PHE A 5028 -17.78 -19.18 15.91
N ARG A 5029 -16.72 -19.96 15.91
CA ARG A 5029 -15.43 -19.41 16.27
C ARG A 5029 -14.38 -19.60 15.20
N LYS A 5030 -14.50 -20.59 14.33
CA LYS A 5030 -13.91 -20.43 13.02
C LYS A 5030 -14.67 -19.38 12.23
N GLN A 5031 -15.97 -19.26 12.50
CA GLN A 5031 -16.77 -18.13 12.04
C GLN A 5031 -16.18 -16.81 12.53
N TYR A 5032 -16.04 -16.65 13.84
CA TYR A 5032 -15.59 -15.40 14.42
C TYR A 5032 -14.18 -15.53 14.98
N GLU A 5033 -13.32 -16.18 14.20
CA GLU A 5033 -12.02 -16.62 14.69
C GLU A 5033 -11.00 -15.49 14.70
N ASP A 5034 -10.59 -15.03 13.53
CA ASP A 5034 -9.70 -13.89 13.45
C ASP A 5034 -10.44 -12.59 13.64
N GLN A 5035 -11.78 -12.66 13.57
CA GLN A 5035 -12.65 -11.57 13.98
C GLN A 5035 -12.37 -11.16 15.42
N LEU A 5036 -12.61 -12.08 16.36
CA LEU A 5036 -12.18 -11.87 17.73
C LEU A 5036 -11.97 -13.24 18.37
N SER A 5037 -10.70 -13.59 18.57
CA SER A 5037 -10.34 -14.88 19.13
C SER A 5037 -10.65 -14.96 20.61
N GLN B 12 -19.95 17.33 21.04
CA GLN B 12 -21.16 16.56 21.28
C GLN B 12 -22.14 17.32 22.17
N PHE B 13 -22.07 17.02 23.46
CA PHE B 13 -23.08 17.46 24.41
C PHE B 13 -22.43 17.91 25.70
N LEU B 14 -23.27 18.11 26.70
CA LEU B 14 -22.81 18.59 28.00
C LEU B 14 -23.25 17.64 29.11
N ARG B 15 -22.31 17.32 30.00
CA ARG B 15 -22.52 16.49 31.17
C ARG B 15 -22.20 17.30 32.41
N THR B 16 -22.25 16.67 33.57
CA THR B 16 -21.88 17.41 34.77
C THR B 16 -20.40 17.17 35.10
N ASP B 17 -19.97 17.83 36.20
CA ASP B 17 -18.57 17.95 36.62
C ASP B 17 -17.69 18.51 35.50
N ASP B 18 -18.13 19.60 34.86
CA ASP B 18 -17.44 20.15 33.72
C ASP B 18 -17.29 21.67 33.88
N GLU B 19 -16.52 22.27 32.99
CA GLU B 19 -16.11 23.66 33.13
C GLU B 19 -16.49 24.45 31.89
N VAL B 20 -17.42 25.38 32.06
CA VAL B 20 -17.95 26.22 30.98
C VAL B 20 -18.11 27.64 31.49
N VAL B 21 -18.29 28.57 30.54
CA VAL B 21 -18.43 29.98 30.89
C VAL B 21 -19.63 30.59 30.17
N LEU B 22 -20.16 31.66 30.76
CA LEU B 22 -21.27 32.40 30.19
C LEU B 22 -20.84 33.24 29.00
N GLN B 23 -21.80 33.52 28.14
CA GLN B 23 -21.60 34.50 27.08
C GLN B 23 -22.94 35.10 26.69
N CYS B 24 -22.96 36.41 26.51
CA CYS B 24 -23.96 37.14 25.76
C CYS B 24 -23.24 38.07 24.79
N SER B 25 -24.00 38.73 23.93
CA SER B 25 -23.44 39.76 23.05
C SER B 25 -24.55 40.77 22.77
N ALA B 26 -24.50 41.90 23.46
CA ALA B 26 -25.51 42.93 23.32
C ALA B 26 -24.90 44.13 22.61
N THR B 27 -25.65 44.72 21.69
CA THR B 27 -25.15 45.88 20.97
C THR B 27 -25.34 47.15 21.78
N VAL B 28 -24.48 48.12 21.50
CA VAL B 28 -24.57 49.45 22.08
C VAL B 28 -24.58 50.46 20.95
N LEU B 29 -23.55 50.41 20.11
CA LEU B 29 -23.26 51.41 19.09
C LEU B 29 -23.65 50.89 17.72
N LYS B 30 -24.80 50.20 17.67
CA LYS B 30 -25.26 49.40 16.52
C LYS B 30 -24.25 48.33 16.13
N GLU B 31 -23.52 47.79 17.11
CA GLU B 31 -22.58 46.72 16.88
C GLU B 31 -22.47 45.90 18.15
N GLN B 32 -22.41 44.58 17.97
CA GLN B 32 -22.45 43.64 19.08
C GLN B 32 -21.22 43.75 19.96
N LEU B 33 -21.45 43.62 21.27
CA LEU B 33 -20.38 43.67 22.24
C LEU B 33 -20.44 42.39 23.06
N LYS B 34 -19.46 41.51 22.86
CA LYS B 34 -19.40 40.27 23.61
C LYS B 34 -19.09 40.56 25.07
N LEU B 35 -20.06 40.28 25.93
CA LEU B 35 -20.00 40.62 27.35
C LEU B 35 -20.06 39.36 28.19
N CYS B 36 -19.17 39.27 29.16
CA CYS B 36 -19.11 38.16 30.07
C CYS B 36 -19.42 38.64 31.48
N LEU B 37 -20.27 37.90 32.17
CA LEU B 37 -20.67 38.24 33.52
C LEU B 37 -19.51 38.01 34.47
N ALA B 38 -19.21 39.02 35.30
CA ALA B 38 -18.12 38.95 36.24
C ALA B 38 -18.59 39.47 37.59
N ALA B 39 -18.13 38.81 38.66
CA ALA B 39 -18.46 39.22 40.01
C ALA B 39 -17.31 38.83 40.92
N GLU B 40 -16.90 39.75 41.80
CA GLU B 40 -15.73 39.47 42.63
C GLU B 40 -16.07 38.51 43.76
N GLY B 41 -17.23 38.66 44.38
CA GLY B 41 -17.49 37.86 45.55
C GLY B 41 -17.09 38.60 46.79
N PHE B 42 -15.85 38.37 47.25
CA PHE B 42 -15.28 39.05 48.40
C PHE B 42 -15.34 40.56 48.25
N GLY B 43 -16.05 41.22 49.15
CA GLY B 43 -16.27 42.65 49.04
C GLY B 43 -17.30 43.05 48.01
N ASN B 44 -17.16 42.62 46.76
CA ASN B 44 -18.11 42.96 45.70
C ASN B 44 -19.00 41.73 45.48
N ARG B 45 -20.16 41.75 46.12
CA ARG B 45 -21.16 40.74 45.84
C ARG B 45 -21.90 41.01 44.53
N LEU B 46 -21.87 42.26 44.04
CA LEU B 46 -22.63 42.64 42.87
C LEU B 46 -21.98 42.08 41.61
N CYS B 47 -22.65 42.26 40.48
CA CYS B 47 -22.25 41.68 39.22
C CYS B 47 -22.13 42.77 38.17
N PHE B 48 -21.26 42.54 37.19
CA PHE B 48 -20.99 43.51 36.15
C PHE B 48 -20.58 42.74 34.89
N LEU B 49 -20.21 43.47 33.85
CA LEU B 49 -19.94 42.87 32.56
C LEU B 49 -18.51 43.17 32.11
N GLU B 50 -17.97 42.27 31.30
CA GLU B 50 -16.62 42.36 30.77
C GLU B 50 -16.67 42.29 29.26
N PRO B 51 -16.29 43.34 28.55
CA PRO B 51 -16.23 43.24 27.09
C PRO B 51 -14.98 42.50 26.65
N THR B 52 -15.17 41.57 25.70
CA THR B 52 -14.06 40.75 25.23
C THR B 52 -13.82 41.03 23.75
N SER B 53 -14.45 42.08 23.23
CA SER B 53 -14.48 42.31 21.79
C SER B 53 -13.18 42.86 21.22
N ASN B 54 -12.32 43.43 22.05
CA ASN B 54 -11.04 43.96 21.57
C ASN B 54 -9.89 43.08 22.01
N ALA B 55 -10.12 41.75 22.04
CA ALA B 55 -9.15 40.81 22.58
C ALA B 55 -7.90 40.69 21.73
N GLN B 56 -7.94 41.13 20.47
CA GLN B 56 -6.72 41.28 19.69
C GLN B 56 -5.82 42.38 20.24
N ASN B 57 -6.37 43.39 20.89
CA ASN B 57 -5.58 44.50 21.42
C ASN B 57 -5.74 44.69 22.92
N VAL B 58 -6.98 44.78 23.41
CA VAL B 58 -7.25 45.06 24.81
C VAL B 58 -7.67 43.75 25.46
N PRO B 59 -6.86 43.19 26.36
CA PRO B 59 -7.19 41.92 26.98
C PRO B 59 -8.32 42.07 27.99
N PRO B 60 -9.32 41.19 27.95
CA PRO B 60 -10.35 41.16 29.00
C PRO B 60 -9.91 40.33 30.19
N ASP B 61 -10.83 40.22 31.16
CA ASP B 61 -10.58 39.44 32.38
C ASP B 61 -11.48 38.22 32.38
N LEU B 62 -10.88 37.06 32.62
CA LEU B 62 -11.58 35.78 32.58
C LEU B 62 -11.38 34.97 33.84
N ALA B 63 -10.94 35.60 34.93
CA ALA B 63 -10.70 34.88 36.17
C ALA B 63 -11.94 34.76 37.05
N ILE B 64 -12.65 35.87 37.26
CA ILE B 64 -13.87 35.87 38.04
C ILE B 64 -15.10 35.64 37.19
N CYS B 65 -14.93 35.20 35.95
CA CYS B 65 -16.05 34.89 35.10
C CYS B 65 -16.41 33.41 35.08
N CYS B 66 -15.56 32.55 35.63
CA CYS B 66 -15.69 31.11 35.41
C CYS B 66 -16.61 30.48 36.45
N PHE B 67 -17.52 29.64 35.98
CA PHE B 67 -18.48 28.95 36.82
C PHE B 67 -18.29 27.45 36.69
N THR B 68 -18.88 26.74 37.66
CA THR B 68 -18.69 25.31 37.77
C THR B 68 -20.04 24.66 38.02
N LEU B 69 -20.28 23.55 37.33
CA LEU B 69 -21.49 22.79 37.52
C LEU B 69 -21.29 21.84 38.70
N GLU B 70 -22.21 21.87 39.66
CA GLU B 70 -22.04 21.04 40.84
C GLU B 70 -23.10 19.96 40.95
N GLN B 71 -24.35 20.28 40.67
CA GLN B 71 -25.43 19.32 40.86
C GLN B 71 -26.61 19.71 39.97
N SER B 72 -27.07 18.76 39.16
CA SER B 72 -28.18 19.00 38.24
C SER B 72 -29.30 18.03 38.55
N LEU B 73 -30.50 18.57 38.79
CA LEU B 73 -31.63 17.76 39.23
C LEU B 73 -32.92 18.24 38.58
N SER B 74 -33.88 17.32 38.53
CA SER B 74 -35.26 17.73 38.34
C SER B 74 -35.76 18.47 39.58
N VAL B 75 -36.88 19.16 39.41
CA VAL B 75 -37.42 20.00 40.48
C VAL B 75 -37.89 19.16 41.66
N ARG B 76 -38.45 17.99 41.42
CA ARG B 76 -38.99 17.22 42.54
C ARG B 76 -37.89 16.46 43.25
N ALA B 77 -36.86 16.04 42.51
CA ALA B 77 -35.67 15.50 43.15
C ALA B 77 -34.96 16.56 43.98
N LEU B 78 -34.94 17.80 43.50
CA LEU B 78 -34.33 18.87 44.26
C LEU B 78 -35.16 19.22 45.49
N GLN B 79 -36.47 19.17 45.35
CA GLN B 79 -37.38 19.38 46.47
C GLN B 79 -37.23 18.26 47.50
N GLU B 80 -37.02 17.04 47.01
CA GLU B 80 -36.68 15.91 47.86
C GLU B 80 -35.38 16.15 48.60
N MET B 81 -34.37 16.67 47.92
CA MET B 81 -33.10 17.01 48.54
C MET B 81 -33.27 18.10 49.59
N LEU B 82 -34.15 19.05 49.33
CA LEU B 82 -34.43 20.12 50.27
C LEU B 82 -35.24 19.66 51.46
N ALA B 83 -35.73 18.42 51.46
CA ALA B 83 -36.22 17.78 52.66
C ALA B 83 -35.10 17.15 53.47
N ASN B 84 -33.85 17.41 53.11
CA ASN B 84 -32.72 16.85 53.82
C ASN B 84 -31.71 17.94 54.13
N GLY B 97 -21.34 13.14 39.19
CA GLY B 97 -20.73 12.50 38.05
C GLY B 97 -20.85 13.32 36.79
N HIS B 98 -21.18 12.66 35.69
CA HIS B 98 -21.25 13.31 34.38
C HIS B 98 -22.63 13.05 33.81
N ARG B 99 -23.65 13.37 34.59
CA ARG B 99 -25.02 13.34 34.13
C ARG B 99 -25.21 14.38 33.03
N THR B 100 -25.72 13.91 31.89
CA THR B 100 -25.90 14.73 30.70
C THR B 100 -27.08 15.67 30.91
N LEU B 101 -26.91 16.92 30.50
CA LEU B 101 -27.81 17.99 30.87
C LEU B 101 -29.10 17.92 30.05
N LEU B 102 -30.24 17.91 30.74
CA LEU B 102 -31.54 17.83 30.10
C LEU B 102 -32.36 19.06 30.43
N TYR B 103 -33.07 19.58 29.42
CA TYR B 103 -33.85 20.80 29.57
C TYR B 103 -35.01 20.59 30.53
N GLY B 104 -35.09 21.43 31.56
CA GLY B 104 -35.99 21.24 32.66
C GLY B 104 -35.29 20.91 33.94
N HIS B 105 -34.00 20.58 33.88
CA HIS B 105 -33.26 20.34 35.09
C HIS B 105 -32.92 21.65 35.77
N ALA B 106 -33.11 21.67 37.08
CA ALA B 106 -32.42 22.62 37.91
C ALA B 106 -30.95 22.27 37.94
N ILE B 107 -30.12 23.24 38.31
CA ILE B 107 -28.69 23.02 38.33
C ILE B 107 -28.09 23.82 39.49
N LEU B 108 -26.96 23.33 40.01
CA LEU B 108 -26.25 23.98 41.10
C LEU B 108 -25.03 24.67 40.50
N LEU B 109 -25.02 26.00 40.60
CA LEU B 109 -23.96 26.79 40.01
C LEU B 109 -23.02 27.33 41.08
N ARG B 110 -21.74 27.00 40.94
CA ARG B 110 -20.71 27.46 41.86
C ARG B 110 -19.85 28.42 41.07
N HIS B 111 -19.23 29.38 41.72
CA HIS B 111 -18.15 30.07 41.05
C HIS B 111 -16.91 29.19 41.12
N ALA B 112 -16.13 29.17 40.04
CA ALA B 112 -14.95 28.32 40.02
C ALA B 112 -13.89 28.82 40.99
N HIS B 113 -13.60 30.12 40.94
CA HIS B 113 -12.48 30.67 41.70
C HIS B 113 -12.76 30.70 43.20
N SER B 114 -13.82 31.42 43.60
CA SER B 114 -14.18 31.54 45.00
C SER B 114 -14.66 30.23 45.61
N ARG B 115 -15.13 29.31 44.77
CA ARG B 115 -15.72 28.03 45.18
C ARG B 115 -16.91 28.23 46.10
N MET B 116 -17.61 29.34 45.88
CA MET B 116 -18.82 29.69 46.59
C MET B 116 -20.00 29.47 45.66
N TYR B 117 -21.14 29.15 46.26
CA TYR B 117 -22.33 28.87 45.47
C TYR B 117 -22.98 30.18 45.04
N LEU B 118 -23.10 30.36 43.73
CA LEU B 118 -23.67 31.58 43.20
C LEU B 118 -25.16 31.63 43.45
N SER B 119 -25.56 32.48 44.39
CA SER B 119 -26.95 32.54 44.82
C SER B 119 -27.50 33.90 44.44
N CYS B 120 -28.72 34.18 44.88
CA CYS B 120 -29.45 35.39 44.53
C CYS B 120 -29.86 36.10 45.81
N LEU B 121 -29.63 37.40 45.88
CA LEU B 121 -29.98 38.12 47.09
C LEU B 121 -31.39 38.67 47.00
N THR B 122 -31.93 39.03 48.16
CA THR B 122 -33.31 39.46 48.26
C THR B 122 -33.37 40.96 48.43
N THR B 123 -32.39 41.66 47.87
CA THR B 123 -32.20 43.07 48.12
C THR B 123 -32.50 43.87 46.86
N SER B 124 -32.73 45.16 47.04
CA SER B 124 -33.03 46.07 45.95
C SER B 124 -31.75 46.74 45.49
N ARG B 125 -31.62 46.91 44.17
CA ARG B 125 -30.46 47.59 43.60
C ARG B 125 -30.93 48.43 42.43
N SER B 126 -30.10 49.41 42.06
CA SER B 126 -30.20 50.30 40.91
C SER B 126 -31.45 51.17 40.90
N MET B 127 -32.20 51.24 42.02
CA MET B 127 -33.43 52.03 42.17
C MET B 127 -34.47 51.67 41.11
N THR B 128 -34.52 50.39 40.75
CA THR B 128 -35.47 49.93 39.75
C THR B 128 -36.90 49.91 40.24
N ASP B 129 -37.08 49.92 41.57
CA ASP B 129 -38.38 49.78 42.24
C ASP B 129 -39.07 48.51 41.78
N LYS B 130 -38.32 47.42 41.73
CA LYS B 130 -38.79 46.20 41.11
C LYS B 130 -38.21 45.02 41.89
N LEU B 131 -38.34 43.84 41.31
CA LEU B 131 -37.90 42.57 41.86
C LEU B 131 -36.56 42.17 41.26
N ALA B 132 -35.68 43.18 41.10
CA ALA B 132 -34.38 43.00 40.46
C ALA B 132 -33.56 41.94 41.16
N PHE B 133 -33.37 42.11 42.48
CA PHE B 133 -32.88 41.08 43.39
C PHE B 133 -31.49 40.58 42.97
N ASP B 134 -30.54 41.51 43.13
CA ASP B 134 -29.16 41.38 42.68
C ASP B 134 -28.52 40.05 43.05
N VAL B 135 -27.69 39.55 42.15
CA VAL B 135 -27.11 38.21 42.28
C VAL B 135 -25.96 38.28 43.28
N GLY B 136 -26.01 37.41 44.30
CA GLY B 136 -24.96 37.41 45.30
C GLY B 136 -24.65 36.03 45.83
N LEU B 137 -23.38 35.66 45.69
CA LEU B 137 -22.82 34.43 46.23
C LEU B 137 -22.25 34.72 47.62
N GLN B 138 -22.69 33.98 48.61
CA GLN B 138 -22.18 34.29 49.94
C GLN B 138 -21.34 33.14 50.48
N GLU B 139 -21.97 31.99 50.67
CA GLU B 139 -21.28 30.71 50.72
C GLU B 139 -22.25 29.68 50.17
N ASP B 140 -23.35 30.18 49.60
CA ASP B 140 -24.67 29.72 49.98
C ASP B 140 -24.96 28.28 49.58
N ALA B 141 -24.49 27.35 50.43
CA ALA B 141 -24.84 25.95 50.31
C ALA B 141 -26.30 25.68 50.67
N THR B 142 -26.95 26.62 51.35
CA THR B 142 -28.39 26.54 51.57
C THR B 142 -29.12 26.74 50.26
N GLY B 143 -29.54 25.65 49.65
CA GLY B 143 -29.97 25.66 48.27
C GLY B 143 -31.38 26.14 48.01
N GLU B 144 -31.59 27.45 47.98
CA GLU B 144 -32.90 27.94 47.62
C GLU B 144 -32.85 28.80 46.35
N ALA B 145 -32.00 29.81 46.36
CA ALA B 145 -31.89 30.76 45.25
C ALA B 145 -30.79 30.41 44.28
N CYS B 146 -29.79 29.66 44.72
CA CYS B 146 -28.64 29.28 43.91
C CYS B 146 -28.95 28.17 42.92
N TRP B 147 -30.21 27.83 42.74
CA TRP B 147 -30.62 26.76 41.86
C TRP B 147 -31.40 27.35 40.69
N TRP B 148 -31.11 26.81 39.50
CA TRP B 148 -31.43 27.48 38.25
C TRP B 148 -31.92 26.48 37.23
N THR B 149 -33.22 26.40 37.06
CA THR B 149 -33.82 25.53 36.07
C THR B 149 -33.49 25.98 34.65
N MET B 150 -33.37 24.99 33.78
CA MET B 150 -32.86 25.19 32.43
C MET B 150 -33.96 24.85 31.44
N HIS B 151 -34.46 25.84 30.76
CA HIS B 151 -35.51 25.59 29.81
C HIS B 151 -35.00 25.82 28.39
N PRO B 152 -35.58 25.10 27.43
CA PRO B 152 -35.18 25.28 26.04
C PRO B 152 -35.52 26.67 25.52
N ALA B 153 -34.79 27.06 24.48
CA ALA B 153 -34.91 28.42 23.94
C ALA B 153 -36.25 28.61 23.23
N SER B 154 -36.47 27.84 22.18
CA SER B 154 -37.66 27.99 21.35
C SER B 154 -38.35 26.65 21.22
N LYS B 155 -39.31 26.58 20.29
CA LYS B 155 -39.92 25.31 19.93
C LYS B 155 -39.00 24.45 19.09
N GLN B 156 -37.90 25.01 18.58
CA GLN B 156 -36.88 24.20 17.92
C GLN B 156 -36.25 23.22 18.91
N ARG B 157 -35.98 23.69 20.12
CA ARG B 157 -35.60 22.81 21.21
C ARG B 157 -36.84 22.41 22.00
N SER B 158 -36.66 21.53 22.98
CA SER B 158 -37.77 21.07 23.81
C SER B 158 -37.20 20.59 25.14
N GLU B 159 -38.10 20.26 26.07
CA GLU B 159 -37.72 19.85 27.41
C GLU B 159 -37.08 18.47 27.39
N GLY B 160 -36.15 18.26 28.33
CA GLY B 160 -35.54 16.96 28.50
C GLY B 160 -34.64 16.53 27.36
N GLU B 161 -34.25 17.45 26.51
CA GLU B 161 -33.31 17.14 25.44
C GLU B 161 -31.90 17.34 25.95
N LYS B 162 -30.96 16.61 25.36
CA LYS B 162 -29.58 16.69 25.80
C LYS B 162 -28.98 17.99 25.30
N VAL B 163 -28.33 18.73 26.20
CA VAL B 163 -27.81 20.03 25.82
C VAL B 163 -26.49 19.83 25.09
N ARG B 164 -26.45 20.28 23.84
CA ARG B 164 -25.24 20.24 23.04
C ARG B 164 -24.20 21.22 23.57
N VAL B 165 -23.04 21.17 22.95
CA VAL B 165 -21.97 22.09 23.29
C VAL B 165 -22.38 23.50 22.88
N GLY B 166 -22.70 24.34 23.86
CA GLY B 166 -23.07 25.71 23.60
C GLY B 166 -24.45 25.93 23.03
N ASP B 167 -25.51 25.66 23.77
CA ASP B 167 -26.86 25.87 23.27
C ASP B 167 -27.43 27.19 23.79
N ASP B 168 -28.61 27.56 23.29
CA ASP B 168 -29.33 28.75 23.73
C ASP B 168 -30.26 28.38 24.86
N LEU B 169 -30.12 29.06 25.98
CA LEU B 169 -30.60 28.56 27.26
C LEU B 169 -31.55 29.56 27.91
N ILE B 170 -32.48 29.04 28.69
CA ILE B 170 -33.41 29.84 29.48
C ILE B 170 -33.14 29.53 30.94
N LEU B 171 -32.59 30.50 31.66
CA LEU B 171 -32.04 30.28 32.99
C LEU B 171 -32.97 30.88 34.03
N VAL B 172 -33.84 30.06 34.59
CA VAL B 172 -34.88 30.52 35.49
C VAL B 172 -34.42 30.20 36.91
N SER B 173 -34.77 31.06 37.86
CA SER B 173 -34.44 30.77 39.24
C SER B 173 -35.34 29.68 39.79
N VAL B 174 -35.08 29.32 41.04
CA VAL B 174 -35.87 28.34 41.76
C VAL B 174 -36.65 29.00 42.89
N SER B 175 -35.98 29.80 43.70
CA SER B 175 -36.65 30.51 44.78
C SER B 175 -37.60 31.57 44.25
N SER B 176 -37.16 32.38 43.30
CA SER B 176 -37.99 33.44 42.75
C SER B 176 -38.54 33.11 41.37
N GLU B 177 -37.81 32.31 40.58
CA GLU B 177 -38.18 31.87 39.23
C GLU B 177 -38.33 33.05 38.28
N ARG B 178 -37.22 33.76 38.08
CA ARG B 178 -37.11 34.82 37.09
C ARG B 178 -35.96 34.45 36.17
N TYR B 179 -35.88 35.11 35.01
CA TYR B 179 -34.88 34.77 34.00
C TYR B 179 -33.48 35.18 34.43
N LEU B 180 -32.51 35.01 33.55
CA LEU B 180 -31.22 35.67 33.68
C LEU B 180 -31.38 36.97 32.90
N HIS B 181 -32.03 37.94 33.53
CA HIS B 181 -32.37 39.15 32.82
C HIS B 181 -31.14 40.02 32.67
N LEU B 182 -30.54 39.98 31.48
CA LEU B 182 -29.54 40.98 31.10
C LEU B 182 -30.31 42.28 30.91
N SER B 183 -30.27 43.13 31.91
CA SER B 183 -31.14 44.30 31.99
C SER B 183 -30.31 45.56 32.01
N THR B 184 -30.21 46.23 30.86
CA THR B 184 -29.61 47.54 30.86
C THR B 184 -30.50 48.53 31.59
N ALA B 185 -29.88 49.57 32.13
CA ALA B 185 -30.59 50.55 32.93
C ALA B 185 -30.26 51.93 32.37
N SER B 186 -30.63 52.97 33.13
CA SER B 186 -30.18 54.31 32.78
C SER B 186 -28.67 54.43 32.90
N GLY B 187 -28.05 53.65 33.79
CA GLY B 187 -26.61 53.53 33.81
C GLY B 187 -26.13 52.54 32.78
N GLU B 188 -25.28 51.62 33.20
CA GLU B 188 -24.67 50.67 32.28
C GLU B 188 -25.64 49.52 32.01
N LEU B 189 -25.21 48.59 31.15
CA LEU B 189 -25.91 47.33 30.95
C LEU B 189 -25.71 46.49 32.19
N GLN B 190 -26.78 46.24 32.92
CA GLN B 190 -26.70 45.57 34.20
C GLN B 190 -27.30 44.17 34.12
N VAL B 191 -27.09 43.39 35.17
CA VAL B 191 -27.45 41.98 35.21
C VAL B 191 -28.26 41.73 36.48
N ASP B 192 -29.45 41.15 36.32
CA ASP B 192 -30.29 40.76 37.46
C ASP B 192 -31.18 39.58 37.05
N ALA B 193 -32.07 39.17 37.95
CA ALA B 193 -33.08 38.17 37.64
C ALA B 193 -34.42 38.86 37.81
N SER B 194 -34.85 39.59 36.79
CA SER B 194 -36.08 40.35 36.93
C SER B 194 -37.13 40.01 35.88
N PHE B 195 -36.89 40.30 34.61
CA PHE B 195 -37.99 40.35 33.64
C PHE B 195 -37.83 39.39 32.48
N MET B 196 -36.76 39.51 31.70
CA MET B 196 -36.76 39.05 30.31
C MET B 196 -35.63 38.09 30.06
N GLN B 197 -35.75 37.39 28.93
CA GLN B 197 -34.82 36.34 28.54
C GLN B 197 -33.45 36.90 28.19
N THR B 198 -32.47 36.00 28.24
CA THR B 198 -31.20 36.18 27.55
C THR B 198 -30.65 34.79 27.30
N LEU B 199 -30.36 34.48 26.04
CA LEU B 199 -29.85 33.17 25.68
C LEU B 199 -28.38 33.13 26.04
N TRP B 200 -28.11 32.77 27.28
CA TRP B 200 -26.74 32.68 27.75
C TRP B 200 -26.08 31.43 27.23
N ASN B 201 -24.87 31.61 26.73
CA ASN B 201 -24.19 30.58 25.98
C ASN B 201 -22.99 30.10 26.77
N MET B 202 -22.98 28.81 27.08
CA MET B 202 -21.83 28.23 27.73
C MET B 202 -20.77 27.91 26.69
N ASN B 203 -19.67 28.65 26.75
CA ASN B 203 -18.50 28.38 25.94
C ASN B 203 -17.71 27.31 26.67
N PRO B 204 -17.29 26.26 25.98
CA PRO B 204 -16.44 25.25 26.62
C PRO B 204 -15.05 25.80 26.86
N ILE B 205 -14.92 26.51 27.98
CA ILE B 205 -13.65 27.10 28.36
C ILE B 205 -12.59 26.04 28.64
N CYS B 206 -13.02 24.83 29.02
CA CYS B 206 -12.16 23.71 29.37
C CYS B 206 -13.05 22.47 29.44
N SER B 207 -12.47 21.37 29.87
CA SER B 207 -13.18 20.10 30.02
C SER B 207 -12.40 19.22 30.99
N CYS B 208 -12.74 17.93 31.03
CA CYS B 208 -12.00 16.97 31.83
C CYS B 208 -10.62 16.71 31.24
N CYS B 209 -9.58 17.14 31.94
CA CYS B 209 -8.24 17.09 31.40
C CYS B 209 -7.58 15.74 31.68
N GLU B 210 -6.31 15.66 31.30
CA GLU B 210 -5.50 14.49 31.57
C GLU B 210 -4.41 14.84 32.60
N GLU B 211 -4.13 13.86 33.47
CA GLU B 211 -3.23 14.06 34.60
C GLU B 211 -1.80 14.19 34.10
N GLY B 212 -1.09 15.20 34.61
CA GLY B 212 0.29 15.39 34.22
C GLY B 212 0.46 16.03 32.87
N TYR B 213 -0.56 16.71 32.37
CA TYR B 213 -0.49 17.39 31.09
C TYR B 213 -0.91 18.83 31.25
N VAL B 214 -0.12 19.73 30.67
CA VAL B 214 -0.36 21.16 30.82
C VAL B 214 -1.50 21.54 29.88
N THR B 215 -2.57 22.08 30.45
CA THR B 215 -3.61 22.71 29.66
C THR B 215 -3.62 24.20 29.99
N GLY B 216 -4.46 24.93 29.27
CA GLY B 216 -4.44 26.38 29.36
C GLY B 216 -5.01 26.90 30.66
N GLY B 217 -4.89 28.21 30.82
CA GLY B 217 -5.37 28.87 32.01
C GLY B 217 -4.64 28.51 33.28
N HIS B 218 -3.41 28.03 33.18
CA HIS B 218 -2.74 27.54 34.36
C HIS B 218 -1.85 28.62 34.97
N VAL B 219 -1.69 28.53 36.28
CA VAL B 219 -1.08 29.57 37.10
C VAL B 219 0.11 28.90 37.78
N LEU B 220 1.28 29.03 37.16
CA LEU B 220 2.32 28.04 37.38
C LEU B 220 3.71 28.67 37.39
N ARG B 221 4.68 27.83 37.72
CA ARG B 221 6.07 28.21 37.82
C ARG B 221 6.84 27.72 36.60
N LEU B 222 7.96 28.38 36.36
CA LEU B 222 8.73 28.27 35.12
C LEU B 222 10.17 27.98 35.52
N PHE B 223 10.47 26.71 35.75
CA PHE B 223 11.76 26.36 36.34
C PHE B 223 12.88 26.42 35.32
N HIS B 224 13.91 27.19 35.65
CA HIS B 224 15.05 27.40 34.78
C HIS B 224 16.17 26.45 35.20
N GLY B 225 17.07 26.17 34.27
CA GLY B 225 18.19 25.29 34.58
C GLY B 225 17.75 23.86 34.63
N HIS B 226 18.25 23.13 35.62
CA HIS B 226 17.90 21.73 35.80
C HIS B 226 17.19 21.46 37.12
N MET B 227 17.77 21.90 38.23
CA MET B 227 17.24 21.57 39.55
C MET B 227 16.56 22.76 40.22
N ASP B 228 17.30 23.83 40.52
CA ASP B 228 16.73 24.88 41.35
C ASP B 228 17.11 26.24 40.75
N GLU B 229 16.28 26.68 39.81
CA GLU B 229 16.31 28.04 39.29
C GLU B 229 14.99 28.27 38.59
N CYS B 230 14.49 29.50 38.60
CA CYS B 230 13.28 29.81 37.87
C CYS B 230 13.32 31.27 37.45
N LEU B 231 12.26 31.67 36.76
CA LEU B 231 12.17 33.03 36.25
C LEU B 231 11.70 33.96 37.36
N THR B 232 12.27 35.17 37.39
CA THR B 232 11.80 36.18 38.32
C THR B 232 11.95 37.55 37.69
N ILE B 233 11.56 38.57 38.45
CA ILE B 233 11.66 39.96 38.05
C ILE B 233 12.17 40.76 39.24
N SER B 234 12.23 42.08 39.05
CA SER B 234 12.49 42.98 40.15
C SER B 234 11.27 43.02 41.08
N ALA B 235 11.54 43.13 42.37
CA ALA B 235 10.50 43.09 43.39
C ALA B 235 9.70 44.38 43.40
N ALA B 236 8.70 44.43 44.27
CA ALA B 236 7.79 45.56 44.36
C ALA B 236 8.41 46.68 45.18
N ASP B 237 7.59 47.70 45.47
CA ASP B 237 8.01 48.99 46.03
C ASP B 237 9.17 49.58 45.23
N SER B 238 9.00 49.55 43.91
CA SER B 238 10.11 49.80 43.01
C SER B 238 9.78 51.01 42.14
N ASP B 239 10.78 51.87 41.98
CA ASP B 239 10.75 52.87 40.94
C ASP B 239 10.82 52.27 39.55
N ASP B 240 11.32 51.03 39.44
CA ASP B 240 11.18 50.26 38.21
C ASP B 240 9.72 49.97 37.89
N GLN B 241 8.86 49.89 38.91
CA GLN B 241 7.49 49.39 38.85
C GLN B 241 7.44 47.98 38.29
N ARG B 242 8.44 47.17 38.64
CA ARG B 242 8.53 45.73 38.35
C ARG B 242 8.47 45.46 36.84
N ARG B 243 9.50 45.92 36.13
CA ARG B 243 9.58 45.69 34.70
C ARG B 243 10.74 44.79 34.31
N LEU B 244 11.87 44.88 34.99
CA LEU B 244 13.09 44.18 34.61
C LEU B 244 12.98 42.72 35.01
N VAL B 245 13.26 41.84 34.06
CA VAL B 245 13.02 40.41 34.21
C VAL B 245 14.34 39.75 34.61
N TYR B 246 14.29 38.81 35.54
CA TYR B 246 15.53 38.23 36.04
C TYR B 246 15.44 36.72 36.16
N TYR B 247 16.45 36.16 36.83
CA TYR B 247 16.50 34.76 37.19
C TYR B 247 16.91 34.65 38.65
N GLU B 248 16.57 33.52 39.27
CA GLU B 248 16.83 33.31 40.67
C GLU B 248 16.70 31.83 40.97
N GLY B 249 17.51 31.36 41.93
CA GLY B 249 17.48 29.97 42.33
C GLY B 249 16.34 29.68 43.29
N GLY B 250 16.65 29.10 44.43
CA GLY B 250 15.64 28.58 45.33
C GLY B 250 15.11 29.51 46.41
N ALA B 251 14.79 30.76 46.07
CA ALA B 251 14.07 31.64 46.99
C ALA B 251 12.71 32.04 46.45
N VAL B 252 12.65 32.61 45.25
CA VAL B 252 11.39 33.08 44.68
C VAL B 252 10.52 31.92 44.19
N CYS B 253 11.06 30.70 44.19
CA CYS B 253 10.29 29.50 43.92
C CYS B 253 9.15 29.28 44.90
N THR B 254 9.25 29.81 46.11
CA THR B 254 8.13 29.71 47.03
C THR B 254 7.36 31.02 47.05
N HIS B 255 7.63 31.90 46.09
CA HIS B 255 7.09 33.25 46.11
C HIS B 255 6.16 33.45 44.93
N ALA B 256 5.52 34.62 44.90
CA ALA B 256 4.48 34.89 43.91
C ALA B 256 5.02 35.59 42.67
N ARG B 257 6.27 36.07 42.72
CA ARG B 257 6.81 36.74 41.54
C ARG B 257 7.14 35.74 40.44
N SER B 258 7.47 34.51 40.82
CA SER B 258 7.73 33.42 39.89
C SER B 258 6.45 32.83 39.29
N LEU B 259 5.29 33.29 39.72
CA LEU B 259 4.03 32.74 39.26
C LEU B 259 3.55 33.44 37.99
N TRP B 260 3.06 32.65 37.05
CA TRP B 260 2.63 33.18 35.76
C TRP B 260 1.36 32.47 35.31
N ARG B 261 0.37 33.27 34.95
CA ARG B 261 -0.90 32.80 34.43
C ARG B 261 -0.81 32.71 32.92
N LEU B 262 -1.36 31.63 32.36
CA LEU B 262 -1.40 31.43 30.92
C LEU B 262 -2.75 31.90 30.42
N GLU B 263 -2.76 32.68 29.34
CA GLU B 263 -4.02 33.07 28.71
C GLU B 263 -3.93 32.84 27.21
N PRO B 264 -4.49 31.75 26.69
CA PRO B 264 -4.54 31.57 25.24
C PRO B 264 -5.52 32.53 24.59
N LEU B 265 -5.29 32.76 23.31
CA LEU B 265 -6.02 33.78 22.56
C LEU B 265 -7.41 33.32 22.18
N ARG B 266 -7.69 32.02 22.27
CA ARG B 266 -9.01 31.49 21.96
C ARG B 266 -10.00 31.85 23.05
N ILE B 267 -11.27 31.53 22.77
CA ILE B 267 -12.32 31.74 23.75
C ILE B 267 -12.78 30.39 24.31
N SER B 268 -13.39 29.58 23.47
CA SER B 268 -13.70 28.21 23.86
C SER B 268 -12.45 27.36 23.71
N TRP B 269 -12.36 26.33 24.55
CA TRP B 269 -11.24 25.39 24.62
C TRP B 269 -9.92 26.12 24.92
N SER B 270 -10.02 27.17 25.73
CA SER B 270 -8.81 27.74 26.31
C SER B 270 -8.12 26.74 27.23
N GLY B 271 -8.90 25.95 27.97
CA GLY B 271 -8.36 24.92 28.81
C GLY B 271 -8.21 23.59 28.13
N SER B 272 -8.20 23.58 26.79
CA SER B 272 -7.86 22.35 26.09
C SER B 272 -6.35 22.09 26.21
N HIS B 273 -5.93 20.92 25.71
CA HIS B 273 -4.55 20.48 25.91
C HIS B 273 -3.59 21.37 25.14
N LEU B 274 -2.71 22.03 25.89
CA LEU B 274 -1.73 22.89 25.27
C LEU B 274 -0.71 22.05 24.51
N ARG B 275 -0.34 22.53 23.33
CA ARG B 275 0.46 21.77 22.40
C ARG B 275 1.67 22.59 21.96
N TRP B 276 2.60 21.90 21.32
CA TRP B 276 3.74 22.58 20.73
C TRP B 276 3.26 23.40 19.53
N GLY B 277 3.92 24.53 19.30
CA GLY B 277 3.47 25.41 18.25
C GLY B 277 2.17 26.08 18.59
N GLN B 278 2.18 26.94 19.60
CA GLN B 278 0.91 27.49 20.03
C GLN B 278 1.07 28.89 20.61
N PRO B 279 0.46 29.89 19.99
CA PRO B 279 0.62 31.27 20.47
C PRO B 279 -0.41 31.63 21.51
N LEU B 280 -0.04 32.55 22.39
CA LEU B 280 -0.83 32.91 23.56
C LEU B 280 -0.28 34.19 24.19
N ARG B 281 -0.81 34.52 25.37
CA ARG B 281 -0.36 35.62 26.19
C ARG B 281 -0.07 35.11 27.59
N ILE B 282 0.81 35.82 28.30
CA ILE B 282 1.26 35.42 29.63
C ILE B 282 1.05 36.59 30.57
N ARG B 283 0.30 36.37 31.64
CA ARG B 283 0.00 37.41 32.62
C ARG B 283 0.76 37.12 33.89
N HIS B 284 1.16 38.16 34.61
CA HIS B 284 1.57 37.92 35.99
C HIS B 284 0.35 37.87 36.88
N VAL B 285 0.44 37.09 37.94
CA VAL B 285 -0.73 36.65 38.66
C VAL B 285 -1.17 37.71 39.66
N THR B 286 -0.33 37.97 40.65
CA THR B 286 -0.66 38.93 41.70
C THR B 286 -0.61 40.35 41.16
N THR B 287 0.31 40.61 40.24
CA THR B 287 0.43 41.96 39.70
C THR B 287 -0.64 42.24 38.65
N GLY B 288 -1.09 41.20 37.96
CA GLY B 288 -2.09 41.40 36.93
C GLY B 288 -1.56 42.08 35.69
N ARG B 289 -0.28 41.88 35.38
CA ARG B 289 0.37 42.51 34.25
C ARG B 289 0.86 41.44 33.29
N TYR B 290 0.92 41.79 32.01
CA TYR B 290 1.38 40.90 30.97
C TYR B 290 2.88 41.12 30.74
N LEU B 291 3.36 40.62 29.61
CA LEU B 291 4.78 40.68 29.27
C LEU B 291 4.93 40.83 27.78
N ALA B 292 5.56 41.93 27.36
CA ALA B 292 5.82 42.14 25.94
C ALA B 292 7.10 42.94 25.77
N LEU B 293 7.64 42.88 24.56
CA LEU B 293 8.74 43.73 24.10
C LEU B 293 8.11 44.69 23.12
N THR B 294 7.85 45.93 23.56
CA THR B 294 6.90 46.79 22.85
C THR B 294 7.50 47.38 21.59
N GLU B 295 8.46 48.29 21.71
CA GLU B 295 9.24 48.67 20.54
C GLU B 295 10.73 48.75 20.84
N ASP B 296 11.07 49.37 21.98
CA ASP B 296 12.46 49.60 22.32
C ASP B 296 12.76 49.42 23.79
N GLN B 297 11.76 49.22 24.65
CA GLN B 297 11.95 49.39 26.08
C GLN B 297 12.70 48.23 26.74
N GLY B 298 13.12 47.24 25.99
CA GLY B 298 13.71 46.06 26.57
C GLY B 298 12.64 45.12 27.07
N LEU B 299 13.09 44.04 27.68
CA LEU B 299 12.16 43.01 28.13
C LEU B 299 11.47 43.50 29.40
N VAL B 300 10.32 44.14 29.22
CA VAL B 300 9.61 44.79 30.32
C VAL B 300 8.27 44.10 30.55
N VAL B 301 7.83 44.13 31.81
CA VAL B 301 6.59 43.49 32.24
C VAL B 301 5.46 44.46 31.89
N VAL B 302 4.83 44.24 30.75
CA VAL B 302 3.90 45.23 30.19
C VAL B 302 2.58 45.18 30.96
N ASP B 303 1.84 46.28 30.90
CA ASP B 303 0.58 46.40 31.64
C ASP B 303 -0.53 45.62 30.95
N ALA B 304 -1.75 45.71 31.47
CA ALA B 304 -2.88 44.92 30.98
C ALA B 304 -3.66 45.64 29.88
N CYS B 305 -3.00 46.50 29.11
CA CYS B 305 -3.65 47.18 28.00
C CYS B 305 -2.80 47.27 26.75
N LYS B 306 -1.52 46.91 26.81
CA LYS B 306 -0.59 47.07 25.70
C LYS B 306 0.05 45.73 25.35
N ALA B 307 -0.78 44.69 25.29
CA ALA B 307 -0.35 43.33 24.99
C ALA B 307 -1.02 42.84 23.73
N HIS B 308 -0.98 43.66 22.68
CA HIS B 308 -1.85 43.47 21.52
C HIS B 308 -1.37 42.41 20.54
N THR B 309 -0.95 41.25 21.04
CA THR B 309 -0.72 39.96 20.36
C THR B 309 0.51 40.01 19.44
N LYS B 310 1.04 41.19 19.13
CA LYS B 310 2.14 41.34 18.19
C LYS B 310 3.45 41.57 18.90
N ALA B 311 3.45 42.51 19.85
CA ALA B 311 4.53 42.60 20.81
C ALA B 311 4.53 41.43 21.79
N THR B 312 3.37 40.83 22.04
CA THR B 312 3.33 39.70 22.97
C THR B 312 3.88 38.44 22.32
N SER B 313 3.14 37.91 21.34
CA SER B 313 3.57 36.92 20.35
C SER B 313 4.38 35.75 20.93
N PHE B 314 3.76 34.99 21.81
CA PHE B 314 4.55 34.04 22.59
C PHE B 314 4.11 32.60 22.37
N CYS B 315 5.09 31.79 21.94
CA CYS B 315 4.81 30.42 21.57
C CYS B 315 5.89 29.50 22.12
N PHE B 316 5.75 28.21 21.84
CA PHE B 316 6.55 27.19 22.47
C PHE B 316 7.19 26.29 21.44
N ARG B 317 8.47 25.99 21.67
CA ARG B 317 9.32 25.32 20.72
C ARG B 317 9.90 24.07 21.36
N VAL B 318 9.84 22.97 20.62
CA VAL B 318 10.68 21.81 20.92
C VAL B 318 12.15 22.19 20.76
N SER B 319 12.47 22.77 19.61
CA SER B 319 13.73 23.46 19.36
C SER B 319 13.43 24.58 18.39
N LYS B 320 14.49 25.22 17.89
CA LYS B 320 14.34 26.54 17.28
C LYS B 320 14.31 26.42 15.77
N GLU B 321 13.64 25.38 15.28
CA GLU B 321 13.71 24.97 13.87
C GLU B 321 12.90 25.87 12.95
N LYS B 322 12.81 25.43 11.69
CA LYS B 322 12.10 26.14 10.62
C LYS B 322 10.58 26.01 10.75
N LEU B 323 10.00 26.77 11.67
CA LEU B 323 8.56 26.77 11.91
C LEU B 323 7.79 27.28 10.69
N ASP B 324 6.87 26.44 10.21
CA ASP B 324 6.13 26.71 8.98
C ASP B 324 4.81 27.41 9.22
N THR B 325 4.23 27.24 10.42
CA THR B 325 3.00 27.93 10.87
C THR B 325 1.81 27.66 9.95
N ALA B 326 1.73 26.42 9.43
CA ALA B 326 0.56 25.98 8.68
C ALA B 326 0.05 24.65 9.20
N PRO B 327 0.06 24.46 10.52
CA PRO B 327 -0.71 23.36 11.12
C PRO B 327 -2.03 23.87 11.70
N LYS B 328 -2.34 25.14 11.45
CA LYS B 328 -3.34 25.88 12.20
C LYS B 328 -4.74 25.43 11.83
N ARG B 329 -5.18 24.35 12.48
CA ARG B 329 -6.57 23.91 12.45
C ARG B 329 -7.07 23.91 13.87
N ASP B 330 -8.15 24.66 14.12
CA ASP B 330 -8.67 24.79 15.47
C ASP B 330 -9.28 23.50 15.97
N VAL B 331 -9.15 23.28 17.28
CA VAL B 331 -9.61 22.06 17.92
C VAL B 331 -10.79 22.38 18.81
N GLU B 332 -11.94 21.80 18.50
CA GLU B 332 -13.14 22.00 19.30
C GLU B 332 -13.34 20.89 20.32
N GLY B 333 -12.27 20.20 20.69
CA GLY B 333 -12.26 19.33 21.83
C GLY B 333 -11.06 19.64 22.68
N MET B 334 -10.68 18.70 23.54
CA MET B 334 -9.50 18.85 24.37
C MET B 334 -8.21 18.75 23.56
N GLY B 335 -8.23 18.05 22.44
CA GLY B 335 -7.04 17.85 21.66
C GLY B 335 -6.15 16.78 22.27
N PRO B 336 -4.95 16.61 21.75
CA PRO B 336 -4.03 15.63 22.32
C PRO B 336 -3.23 16.21 23.46
N PRO B 337 -3.18 15.52 24.61
CA PRO B 337 -2.34 15.95 25.73
C PRO B 337 -0.87 15.78 25.40
N GLU B 338 -0.18 16.90 25.19
CA GLU B 338 1.23 16.87 24.80
C GLU B 338 2.14 17.36 25.91
N ILE B 339 1.96 18.59 26.36
CA ILE B 339 2.96 19.26 27.20
C ILE B 339 2.77 18.81 28.64
N LYS B 340 3.82 18.26 29.22
CA LYS B 340 3.78 17.71 30.57
C LYS B 340 4.43 18.69 31.54
N TYR B 341 4.49 18.29 32.81
CA TYR B 341 5.05 19.12 33.86
C TYR B 341 6.46 18.63 34.19
N GLY B 342 7.42 19.56 34.17
CA GLY B 342 8.78 19.25 34.53
C GLY B 342 9.60 18.57 33.46
N GLU B 343 8.99 17.74 32.61
CA GLU B 343 9.68 17.09 31.51
C GLU B 343 9.27 17.69 30.17
N SER B 344 8.71 18.90 30.18
CA SER B 344 8.32 19.56 28.94
C SER B 344 9.53 20.10 28.19
N LEU B 345 10.37 20.89 28.89
CA LEU B 345 11.60 21.50 28.35
C LEU B 345 11.31 22.35 27.11
N CYS B 346 10.38 23.29 27.26
CA CYS B 346 9.95 24.12 26.16
C CYS B 346 11.01 25.15 25.80
N PHE B 347 10.73 25.89 24.73
CA PHE B 347 11.49 27.10 24.43
C PHE B 347 10.49 28.19 24.08
N VAL B 348 10.36 29.16 24.97
CA VAL B 348 9.48 30.29 24.71
C VAL B 348 10.12 31.15 23.63
N GLN B 349 9.47 31.22 22.49
CA GLN B 349 9.93 32.07 21.41
C GLN B 349 8.97 33.23 21.27
N HIS B 350 9.53 34.43 21.12
CA HIS B 350 8.74 35.53 20.63
C HIS B 350 8.48 35.34 19.14
N VAL B 351 7.20 35.34 18.78
CA VAL B 351 6.81 34.93 17.42
C VAL B 351 7.15 36.00 16.40
N ALA B 352 6.66 37.23 16.63
CA ALA B 352 6.72 38.26 15.61
C ALA B 352 8.15 38.72 15.35
N SER B 353 8.92 38.90 16.41
CA SER B 353 10.31 39.32 16.27
C SER B 353 11.25 38.15 16.05
N GLY B 354 10.80 36.92 16.24
CA GLY B 354 11.66 35.76 16.07
C GLY B 354 12.73 35.60 17.12
N LEU B 355 12.61 36.30 18.25
CA LEU B 355 13.66 36.33 19.25
C LEU B 355 13.47 35.21 20.26
N TRP B 356 14.58 34.64 20.69
CA TRP B 356 14.55 33.55 21.66
C TRP B 356 14.97 34.05 23.03
N LEU B 357 14.20 33.65 24.03
CA LEU B 357 14.41 34.08 25.40
C LEU B 357 15.58 33.30 25.96
N THR B 358 16.62 34.02 26.38
CA THR B 358 17.73 33.42 27.09
C THR B 358 18.29 34.45 28.06
N TYR B 359 19.16 34.00 28.95
CA TYR B 359 19.83 34.94 29.82
C TYR B 359 20.91 35.69 29.06
N ALA B 360 21.28 36.86 29.59
CA ALA B 360 22.34 37.66 29.00
C ALA B 360 23.69 37.45 29.66
N ALA B 361 23.70 37.06 30.94
CA ALA B 361 24.84 36.94 31.84
C ALA B 361 25.69 38.20 31.83
N PRO B 362 25.06 39.38 31.78
CA PRO B 362 25.80 40.64 31.91
C PRO B 362 25.99 41.00 33.37
N ASP B 363 27.22 40.90 33.86
CA ASP B 363 27.46 41.12 35.27
C ASP B 363 28.87 41.62 35.53
N PRO B 364 29.05 42.58 36.44
CA PRO B 364 30.40 42.94 36.87
C PRO B 364 30.90 41.98 37.93
N LYS B 365 32.14 42.17 38.38
CA LYS B 365 32.69 41.33 39.44
C LYS B 365 32.00 41.61 40.78
N ALA B 366 31.62 42.88 40.99
CA ALA B 366 30.86 43.22 42.19
C ALA B 366 29.44 42.68 42.11
N LEU B 367 28.81 42.75 40.94
CA LEU B 367 27.48 42.20 40.77
C LEU B 367 27.45 40.68 40.85
N ARG B 368 28.57 40.02 40.52
CA ARG B 368 28.66 38.58 40.71
C ARG B 368 28.71 38.21 42.18
N LEU B 369 29.49 38.93 42.97
CA LEU B 369 29.56 38.68 44.41
C LEU B 369 28.31 39.14 45.14
N GLY B 370 27.54 40.07 44.56
CA GLY B 370 26.34 40.54 45.21
C GLY B 370 25.09 39.76 44.85
N VAL B 371 24.17 40.41 44.15
CA VAL B 371 22.86 39.84 43.87
C VAL B 371 22.97 38.78 42.78
N LEU B 372 22.15 37.74 42.89
CA LEU B 372 22.12 36.64 41.93
C LEU B 372 21.00 36.90 40.92
N LYS B 373 21.25 37.90 40.07
CA LYS B 373 20.24 38.42 39.17
C LYS B 373 20.80 38.54 37.76
N LYS B 374 20.70 37.47 36.98
CA LYS B 374 20.93 37.56 35.55
C LYS B 374 19.68 38.13 34.91
N LYS B 375 19.75 38.48 33.63
CA LYS B 375 18.60 39.10 32.98
C LYS B 375 18.17 38.29 31.77
N ALA B 376 16.88 37.93 31.74
CA ALA B 376 16.29 37.37 30.54
C ALA B 376 16.19 38.42 29.44
N ILE B 377 16.54 38.02 28.22
CA ILE B 377 16.44 38.85 27.03
C ILE B 377 15.86 37.99 25.90
N LEU B 378 14.98 38.60 25.13
CA LEU B 378 14.49 38.02 23.90
C LEU B 378 15.61 38.19 22.89
N HIS B 379 16.41 37.15 22.71
CA HIS B 379 17.67 37.26 22.03
C HIS B 379 17.56 36.65 20.63
N GLN B 380 18.38 37.17 19.72
CA GLN B 380 18.34 36.78 18.32
C GLN B 380 18.82 35.35 18.09
N GLU B 381 19.54 34.77 19.04
CA GLU B 381 20.06 33.41 18.90
C GLU B 381 19.62 32.50 20.03
N GLY B 382 19.65 32.98 21.27
CA GLY B 382 19.46 32.13 22.41
C GLY B 382 20.70 31.31 22.74
N HIS B 383 20.80 30.90 24.00
CA HIS B 383 21.89 30.05 24.40
C HIS B 383 21.44 28.59 24.37
N MET B 384 22.38 27.68 24.64
CA MET B 384 22.14 26.24 24.53
C MET B 384 21.65 25.64 25.84
N ASP B 385 21.32 26.47 26.83
CA ASP B 385 21.02 26.00 28.17
C ASP B 385 19.78 26.68 28.75
N ASP B 386 18.73 26.86 27.93
CA ASP B 386 17.51 27.48 28.45
C ASP B 386 16.63 26.44 29.13
N ALA B 387 16.13 25.46 28.37
CA ALA B 387 15.44 24.25 28.84
C ALA B 387 14.24 24.58 29.73
N LEU B 388 13.23 25.22 29.15
CA LEU B 388 12.16 25.79 29.94
C LEU B 388 11.12 24.74 30.29
N PHE B 389 11.13 24.26 31.53
CA PHE B 389 10.17 23.29 32.00
C PHE B 389 9.38 23.84 33.18
N LEU B 390 8.20 23.28 33.41
CA LEU B 390 7.15 23.93 34.15
C LEU B 390 6.75 23.19 35.41
N THR B 391 6.03 23.91 36.28
CA THR B 391 5.49 23.34 37.50
C THR B 391 4.27 24.14 37.94
N ARG B 392 3.14 23.46 38.01
CA ARG B 392 1.88 24.03 38.47
C ARG B 392 1.68 23.67 39.94
N CYS B 393 1.18 24.63 40.72
CA CYS B 393 0.92 24.41 42.15
C CYS B 393 -0.59 24.42 42.37
N GLN B 394 -1.17 23.22 42.34
CA GLN B 394 -2.62 23.06 42.33
C GLN B 394 -3.11 23.03 43.77
N GLN B 395 -3.43 24.22 44.29
CA GLN B 395 -3.96 24.35 45.64
C GLN B 395 -4.65 25.69 45.78
N GLU B 396 -5.01 26.03 47.02
CA GLU B 396 -5.68 27.27 47.36
C GLU B 396 -4.76 28.48 47.15
N GLU B 397 -3.45 28.26 47.08
CA GLU B 397 -2.49 29.34 46.79
C GLU B 397 -2.81 30.05 45.48
N SER B 398 -3.28 29.30 44.47
CA SER B 398 -3.73 29.89 43.22
C SER B 398 -4.90 30.83 43.45
N GLN B 399 -5.78 30.48 44.38
CA GLN B 399 -6.92 31.33 44.67
C GLN B 399 -6.50 32.57 45.47
N ALA B 400 -5.65 32.36 46.47
CA ALA B 400 -5.17 33.45 47.30
C ALA B 400 -4.30 34.43 46.55
N ALA B 401 -3.68 34.01 45.45
CA ALA B 401 -2.87 34.94 44.66
C ALA B 401 -3.74 35.95 43.93
N ARG B 402 -4.90 35.50 43.43
CA ARG B 402 -5.85 36.46 42.87
C ARG B 402 -6.53 37.26 43.97
N MET B 403 -6.64 36.68 45.16
CA MET B 403 -7.05 37.49 46.31
C MET B 403 -6.06 38.62 46.59
N ILE B 404 -4.77 38.40 46.36
CA ILE B 404 -3.78 39.46 46.47
C ILE B 404 -4.04 40.56 45.45
N HIS B 405 -4.35 40.17 44.22
CA HIS B 405 -4.54 41.16 43.17
C HIS B 405 -5.81 41.96 43.39
N SER B 406 -6.88 41.30 43.80
CA SER B 406 -8.11 41.99 44.18
C SER B 406 -7.91 42.89 45.39
N THR B 407 -7.10 42.43 46.34
CA THR B 407 -6.73 43.19 47.52
C THR B 407 -6.02 44.49 47.15
N ALA B 408 -5.01 44.38 46.31
CA ALA B 408 -4.27 45.56 45.86
C ALA B 408 -5.12 46.48 45.01
N GLY B 409 -5.96 45.90 44.12
CA GLY B 409 -6.83 46.72 43.31
C GLY B 409 -7.87 47.46 44.11
N LEU B 410 -8.28 46.91 45.25
CA LEU B 410 -9.13 47.66 46.16
C LEU B 410 -8.34 48.72 46.93
N TYR B 411 -7.17 48.36 47.42
CA TYR B 411 -6.57 49.23 48.42
C TYR B 411 -5.85 50.39 47.80
N ASN B 412 -5.33 50.22 46.58
CA ASN B 412 -4.73 51.36 45.91
C ASN B 412 -5.78 52.41 45.55
N GLN B 413 -6.91 51.99 45.00
CA GLN B 413 -7.97 52.94 44.68
C GLN B 413 -8.65 53.49 45.93
N PHE B 414 -8.56 52.79 47.06
CA PHE B 414 -9.10 53.32 48.29
C PHE B 414 -8.19 54.31 48.99
N ILE B 415 -6.90 54.00 49.10
CA ILE B 415 -5.95 54.83 49.84
C ILE B 415 -5.79 56.19 49.17
N LYS B 416 -5.82 56.24 47.84
CA LYS B 416 -5.69 57.52 47.15
C LYS B 416 -6.91 58.41 47.35
N GLY B 417 -8.06 57.84 47.68
CA GLY B 417 -9.19 58.68 48.03
C GLY B 417 -9.04 59.33 49.39
N LEU B 418 -8.17 58.78 50.25
CA LEU B 418 -7.86 59.42 51.51
C LEU B 418 -7.02 60.66 51.32
N ASP B 419 -6.12 60.62 50.33
CA ASP B 419 -5.29 61.78 50.04
C ASP B 419 -6.07 62.88 49.33
N SER B 420 -7.27 62.57 48.84
CA SER B 420 -8.14 63.57 48.24
C SER B 420 -8.62 64.58 49.27
N PHE B 421 -8.77 64.19 50.53
CA PHE B 421 -9.16 65.11 51.59
C PHE B 421 -8.13 65.19 52.70
N SER B 422 -6.98 64.53 52.53
CA SER B 422 -5.91 64.64 53.52
C SER B 422 -5.40 66.07 53.61
N GLY B 423 -4.88 66.60 52.51
CA GLY B 423 -4.51 67.98 52.48
C GLY B 423 -5.65 68.93 52.20
N LYS B 424 -6.85 68.41 51.90
CA LYS B 424 -7.97 69.25 51.49
C LYS B 424 -9.06 69.19 52.53
N PRO B 425 -9.31 70.27 53.26
CA PRO B 425 -10.37 70.26 54.27
C PRO B 425 -11.76 70.25 53.64
N ARG B 426 -12.76 70.33 54.51
CA ARG B 426 -14.15 70.30 54.08
C ARG B 426 -14.73 71.71 54.14
N GLY B 427 -14.94 72.31 52.98
CA GLY B 427 -15.79 73.47 52.91
C GLY B 427 -17.24 73.06 53.12
N SER B 428 -18.03 74.03 53.58
CA SER B 428 -19.46 73.81 53.82
C SER B 428 -20.16 73.54 52.49
N GLY B 429 -20.67 72.32 52.32
CA GLY B 429 -21.21 71.90 51.05
C GLY B 429 -20.67 70.55 50.63
N PRO B 430 -19.86 70.54 49.58
CA PRO B 430 -19.22 69.29 49.14
C PRO B 430 -18.22 68.80 50.16
N PRO B 431 -18.37 67.56 50.64
CA PRO B 431 -17.43 67.06 51.65
C PRO B 431 -16.08 66.70 51.08
N ALA B 432 -16.04 66.12 49.89
CA ALA B 432 -14.82 65.69 49.23
C ALA B 432 -15.10 65.58 47.73
N GLY B 433 -14.21 64.93 47.00
CA GLY B 433 -14.36 64.75 45.59
C GLY B 433 -14.91 63.38 45.25
N PRO B 434 -14.03 62.47 44.84
CA PRO B 434 -14.47 61.11 44.56
C PRO B 434 -14.83 60.38 45.85
N ALA B 435 -15.65 59.35 45.69
CA ALA B 435 -16.10 58.59 46.85
C ALA B 435 -15.02 57.61 47.30
N LEU B 436 -15.30 56.94 48.41
CA LEU B 436 -14.44 55.90 48.94
C LEU B 436 -15.19 54.58 49.00
N PRO B 437 -14.58 53.47 48.60
CA PRO B 437 -15.18 52.16 48.91
C PRO B 437 -15.19 51.92 50.41
N ILE B 438 -16.39 51.86 50.99
CA ILE B 438 -16.56 51.77 52.42
C ILE B 438 -17.15 50.42 52.82
N GLU B 439 -18.34 50.11 52.33
CA GLU B 439 -19.06 48.92 52.76
C GLU B 439 -18.38 47.65 52.28
N ALA B 440 -17.90 47.65 51.04
CA ALA B 440 -17.16 46.52 50.50
C ALA B 440 -15.84 46.28 51.22
N VAL B 441 -15.10 47.34 51.55
CA VAL B 441 -13.90 47.22 52.36
C VAL B 441 -14.22 46.66 53.73
N ILE B 442 -15.27 47.16 54.37
CA ILE B 442 -15.73 46.59 55.63
C ILE B 442 -16.20 45.16 55.42
N LEU B 443 -16.82 44.89 54.27
CA LEU B 443 -17.17 43.51 53.94
C LEU B 443 -15.93 42.65 53.74
N SER B 444 -14.95 43.16 52.98
CA SER B 444 -13.76 42.38 52.67
C SER B 444 -12.89 42.14 53.88
N LEU B 445 -12.90 43.06 54.84
CA LEU B 445 -12.17 42.81 56.07
C LEU B 445 -12.86 41.76 56.92
N GLN B 446 -14.19 41.77 56.95
CA GLN B 446 -14.91 40.68 57.59
C GLN B 446 -14.74 39.38 56.83
N ASP B 447 -14.52 39.47 55.52
CA ASP B 447 -14.15 38.28 54.75
C ASP B 447 -12.80 37.76 55.19
N LEU B 448 -11.80 38.63 55.27
CA LEU B 448 -10.44 38.14 55.41
C LEU B 448 -10.08 37.82 56.85
N ILE B 449 -10.75 38.43 57.82
CA ILE B 449 -10.50 38.07 59.21
C ILE B 449 -11.06 36.69 59.51
N GLY B 450 -12.29 36.42 59.07
CA GLY B 450 -12.81 35.07 59.11
C GLY B 450 -12.03 34.11 58.25
N TYR B 451 -11.46 34.59 57.16
CA TYR B 451 -10.53 33.79 56.37
C TYR B 451 -9.25 33.47 57.12
N PHE B 452 -8.82 34.35 58.02
CA PHE B 452 -7.65 34.13 58.87
C PHE B 452 -8.04 33.87 60.32
N GLU B 453 -9.19 33.23 60.52
CA GLU B 453 -9.55 32.77 61.85
C GLU B 453 -8.62 31.63 62.29
N PRO B 454 -8.20 31.62 63.56
CA PRO B 454 -7.44 30.47 64.06
C PRO B 454 -8.34 29.25 64.20
N PRO B 455 -7.77 28.05 64.16
CA PRO B 455 -8.57 26.86 64.42
C PRO B 455 -8.99 26.78 65.87
N SER B 456 -10.03 25.99 66.10
CA SER B 456 -10.53 25.78 67.44
C SER B 456 -9.56 24.94 68.26
N GLU B 457 -9.68 25.05 69.57
CA GLU B 457 -8.83 24.25 70.46
C GLU B 457 -9.38 22.86 70.69
N GLU B 458 -10.60 22.59 70.23
CA GLU B 458 -11.15 21.24 70.26
C GLU B 458 -10.76 20.42 69.05
N LEU B 459 -9.92 20.96 68.17
CA LEU B 459 -9.50 20.23 66.98
C LEU B 459 -8.51 19.13 67.35
N GLN B 460 -8.53 18.07 66.54
CA GLN B 460 -7.50 17.04 66.57
C GLN B 460 -6.13 17.65 66.40
N HIS B 461 -5.16 17.08 67.12
CA HIS B 461 -3.76 17.47 66.95
C HIS B 461 -3.28 17.28 65.52
N GLU B 462 -3.75 16.25 64.84
CA GLU B 462 -3.32 15.98 63.47
C GLU B 462 -3.78 17.08 62.51
N GLU B 463 -5.09 17.28 62.42
CA GLU B 463 -5.64 18.33 61.58
C GLU B 463 -5.19 19.70 62.04
N LYS B 464 -4.95 19.83 63.34
CA LYS B 464 -4.45 21.06 63.92
C LYS B 464 -3.08 21.40 63.38
N GLN B 465 -2.13 20.46 63.43
CA GLN B 465 -0.80 20.69 62.88
C GLN B 465 -0.82 20.89 61.38
N SER B 466 -1.76 20.26 60.67
CA SER B 466 -1.90 20.51 59.24
C SER B 466 -2.32 21.94 58.97
N LYS B 467 -3.37 22.41 59.64
CA LYS B 467 -3.84 23.77 59.45
C LYS B 467 -2.87 24.81 59.96
N LEU B 468 -2.00 24.43 60.91
CA LEU B 468 -0.93 25.31 61.33
C LEU B 468 0.02 25.64 60.19
N ARG B 469 0.44 24.63 59.44
CA ARG B 469 1.28 24.85 58.28
C ARG B 469 0.51 25.58 57.20
N SER B 470 -0.76 25.21 57.01
CA SER B 470 -1.66 25.83 56.06
C SER B 470 -1.88 27.31 56.30
N LEU B 471 -1.91 27.71 57.57
CA LEU B 471 -2.18 29.08 57.98
C LEU B 471 -0.91 29.92 58.06
N ARG B 472 0.18 29.34 58.56
CA ARG B 472 1.47 30.01 58.52
C ARG B 472 1.96 30.20 57.10
N ASN B 473 1.55 29.32 56.19
CA ASN B 473 1.78 29.54 54.78
C ASN B 473 1.14 30.84 54.31
N ARG B 474 -0.14 31.02 54.61
CA ARG B 474 -0.86 32.21 54.18
C ARG B 474 -0.38 33.44 54.91
N GLN B 475 0.15 33.28 56.13
CA GLN B 475 0.82 34.38 56.81
C GLN B 475 2.10 34.78 56.11
N SER B 476 3.02 33.82 55.95
CA SER B 476 4.36 34.10 55.45
C SER B 476 4.35 34.55 54.00
N LEU B 477 3.35 34.13 53.21
CA LEU B 477 3.19 34.65 51.87
C LEU B 477 2.71 36.09 51.85
N PHE B 478 2.18 36.57 52.96
CA PHE B 478 1.79 37.96 53.03
C PHE B 478 2.88 38.77 53.71
N GLN B 479 4.09 38.23 53.70
CA GLN B 479 5.28 39.05 53.69
C GLN B 479 5.85 39.18 52.30
N GLU B 480 5.44 38.31 51.37
CA GLU B 480 6.12 38.20 50.09
C GLU B 480 5.73 39.33 49.15
N GLU B 481 4.43 39.62 49.06
CA GLU B 481 3.94 40.80 48.37
C GLU B 481 3.87 42.00 49.30
N GLY B 482 4.70 42.01 50.34
CA GLY B 482 4.73 43.05 51.32
C GLY B 482 3.56 42.85 52.24
N MET B 483 2.38 43.29 51.80
CA MET B 483 1.06 43.00 52.36
C MET B 483 0.87 43.50 53.79
N LEU B 484 1.90 44.08 54.39
CA LEU B 484 1.96 44.47 55.79
C LEU B 484 2.35 45.94 55.90
N SER B 485 3.38 46.35 55.17
CA SER B 485 3.70 47.75 55.05
C SER B 485 2.58 48.50 54.34
N LEU B 486 1.85 47.80 53.48
CA LEU B 486 0.60 48.32 52.94
C LEU B 486 -0.38 48.66 54.05
N VAL B 487 -0.50 47.77 55.03
CA VAL B 487 -1.37 48.03 56.18
C VAL B 487 -0.79 49.15 57.04
N LEU B 488 0.54 49.22 57.11
CA LEU B 488 1.19 50.29 57.86
C LEU B 488 0.91 51.64 57.25
N ASN B 489 0.94 51.73 55.91
CA ASN B 489 0.59 52.97 55.24
C ASN B 489 -0.90 53.25 55.32
N CYS B 490 -1.73 52.20 55.38
CA CYS B 490 -3.14 52.40 55.69
C CYS B 490 -3.32 53.07 57.04
N ILE B 491 -2.57 52.64 58.03
CA ILE B 491 -2.66 53.27 59.34
C ILE B 491 -2.01 54.65 59.31
N ASP B 492 -0.99 54.83 58.45
CA ASP B 492 -0.33 56.13 58.29
C ASP B 492 -1.31 57.17 57.76
N ARG B 493 -2.15 56.79 56.81
CA ARG B 493 -3.16 57.71 56.32
C ARG B 493 -4.45 57.62 57.10
N LEU B 494 -4.54 56.69 58.05
CA LEU B 494 -5.60 56.63 59.04
C LEU B 494 -5.06 56.83 60.45
N ASN B 495 -4.10 57.73 60.60
CA ASN B 495 -3.27 57.69 61.78
C ASN B 495 -3.47 58.92 62.65
N VAL B 496 -3.29 60.10 62.08
CA VAL B 496 -3.41 61.35 62.82
C VAL B 496 -4.88 61.75 62.70
N TYR B 497 -5.70 61.15 63.57
CA TYR B 497 -7.12 61.46 63.60
C TYR B 497 -7.51 61.53 65.07
N THR B 498 -7.43 62.73 65.63
CA THR B 498 -7.54 62.93 67.06
C THR B 498 -8.94 62.62 67.56
N THR B 499 -9.91 63.43 67.17
CA THR B 499 -11.30 63.09 67.43
C THR B 499 -11.87 62.20 66.34
N ALA B 500 -11.56 62.53 65.08
CA ALA B 500 -12.13 61.92 63.88
C ALA B 500 -13.65 61.84 63.96
N ALA B 501 -14.25 62.91 64.49
CA ALA B 501 -15.70 63.03 64.53
C ALA B 501 -16.15 64.26 63.75
N HIS B 502 -15.70 65.44 64.18
CA HIS B 502 -15.62 66.58 63.30
C HIS B 502 -14.30 66.62 62.55
N PHE B 503 -13.31 65.87 63.05
CA PHE B 503 -12.05 65.73 62.36
C PHE B 503 -12.13 64.68 61.26
N ALA B 504 -13.13 63.80 61.29
CA ALA B 504 -13.45 63.04 60.10
C ALA B 504 -14.43 63.78 59.21
N GLU B 505 -14.89 64.95 59.62
CA GLU B 505 -15.64 65.84 58.73
C GLU B 505 -14.68 66.76 57.98
N TYR B 506 -13.65 66.16 57.39
CA TYR B 506 -12.91 66.74 56.29
C TYR B 506 -13.10 65.93 55.04
N ALA B 507 -13.60 64.71 55.17
CA ALA B 507 -14.36 64.02 54.14
C ALA B 507 -15.86 64.07 54.41
N GLY B 508 -16.28 64.82 55.43
CA GLY B 508 -17.68 65.01 55.71
C GLY B 508 -18.25 64.03 56.72
N GLU B 509 -19.57 64.07 56.84
CA GLU B 509 -20.27 63.26 57.82
C GLU B 509 -20.44 61.83 57.32
N GLU B 510 -21.01 61.00 58.20
CA GLU B 510 -21.39 59.59 58.01
C GLU B 510 -20.21 58.65 57.84
N ALA B 511 -18.99 59.17 57.75
CA ALA B 511 -17.79 58.34 57.78
C ALA B 511 -17.20 58.24 59.16
N ALA B 512 -17.36 59.27 59.99
CA ALA B 512 -16.92 59.22 61.39
C ALA B 512 -17.65 58.15 62.17
N GLU B 513 -18.92 57.92 61.82
CA GLU B 513 -19.72 56.85 62.39
C GLU B 513 -19.08 55.49 62.17
N SER B 514 -18.74 55.16 60.94
CA SER B 514 -18.13 53.89 60.60
C SER B 514 -16.68 53.81 61.05
N TRP B 515 -16.02 54.97 61.14
CA TRP B 515 -14.56 55.05 61.25
C TRP B 515 -14.01 54.35 62.48
N LYS B 516 -14.68 54.55 63.63
CA LYS B 516 -14.20 53.95 64.87
C LYS B 516 -14.20 52.43 64.79
N GLU B 517 -15.30 51.87 64.28
CA GLU B 517 -15.38 50.44 63.96
C GLU B 517 -14.34 50.03 62.93
N ILE B 518 -14.07 50.89 61.95
CA ILE B 518 -13.06 50.60 60.93
C ILE B 518 -11.68 50.45 61.57
N VAL B 519 -11.40 51.25 62.59
CA VAL B 519 -10.14 51.14 63.34
C VAL B 519 -10.05 49.81 64.10
N ASN B 520 -11.16 49.40 64.72
CA ASN B 520 -11.27 48.07 65.33
C ASN B 520 -10.96 46.98 64.32
N LEU B 521 -11.53 47.10 63.12
CA LEU B 521 -11.26 46.16 62.04
C LEU B 521 -9.80 46.15 61.64
N LEU B 522 -9.18 47.34 61.61
CA LEU B 522 -7.78 47.48 61.26
C LEU B 522 -6.88 46.72 62.21
N TYR B 523 -6.98 47.04 63.51
CA TYR B 523 -6.08 46.40 64.45
C TYR B 523 -6.47 44.97 64.74
N GLU B 524 -7.73 44.63 64.48
CA GLU B 524 -8.19 43.26 64.53
C GLU B 524 -7.50 42.40 63.47
N LEU B 525 -7.58 42.81 62.21
CA LEU B 525 -6.91 42.09 61.14
C LEU B 525 -5.40 42.15 61.31
N LEU B 526 -4.90 43.23 61.89
CA LEU B 526 -3.48 43.35 62.20
C LEU B 526 -3.05 42.32 63.22
N ALA B 527 -3.86 42.11 64.25
CA ALA B 527 -3.58 41.04 65.22
C ALA B 527 -3.68 39.67 64.57
N SER B 528 -4.57 39.52 63.59
CA SER B 528 -4.63 38.28 62.81
C SER B 528 -3.38 38.06 61.97
N LEU B 529 -2.72 39.14 61.53
CA LEU B 529 -1.57 39.07 60.64
C LEU B 529 -0.32 38.44 61.26
N ILE B 530 -0.27 38.26 62.58
CA ILE B 530 0.99 38.06 63.29
C ILE B 530 1.11 36.64 63.83
N ARG B 531 0.00 36.08 64.29
CA ARG B 531 0.00 35.02 65.29
C ARG B 531 0.60 33.72 64.77
N GLY B 532 1.47 33.12 65.58
CA GLY B 532 2.18 31.92 65.23
C GLY B 532 3.56 32.19 64.62
N ASN B 533 3.74 33.34 63.99
CA ASN B 533 4.98 33.65 63.31
C ASN B 533 5.84 34.58 64.15
N ARG B 534 7.14 34.27 64.15
CA ARG B 534 8.16 35.13 64.71
C ARG B 534 8.70 36.12 63.70
N ALA B 535 8.61 35.78 62.41
CA ALA B 535 9.14 36.65 61.36
C ALA B 535 8.32 37.91 61.19
N ASN B 536 7.00 37.83 61.44
CA ASN B 536 6.17 39.04 61.41
C ASN B 536 6.58 40.00 62.52
N CYS B 537 6.92 39.47 63.69
CA CYS B 537 7.42 40.29 64.78
C CYS B 537 8.80 40.83 64.46
N ALA B 538 9.59 40.06 63.72
CA ALA B 538 10.95 40.45 63.38
C ALA B 538 10.98 41.62 62.41
N LEU B 539 10.00 41.73 61.52
CA LEU B 539 9.88 42.89 60.64
C LEU B 539 9.60 44.18 61.40
N PHE B 540 8.96 44.09 62.55
CA PHE B 540 8.43 45.28 63.20
C PHE B 540 9.22 45.68 64.41
N SER B 541 10.48 45.24 64.50
CA SER B 541 11.44 45.86 65.39
C SER B 541 11.65 47.33 65.04
N THR B 542 11.59 47.67 63.74
CA THR B 542 11.66 49.06 63.33
C THR B 542 10.33 49.76 63.57
N ASN B 543 9.22 49.09 63.26
CA ASN B 543 7.90 49.69 63.39
C ASN B 543 7.39 49.69 64.83
N LEU B 544 8.20 49.15 65.75
CA LEU B 544 7.83 49.01 67.15
C LEU B 544 7.52 50.36 67.80
N ASP B 545 8.47 51.29 67.73
CA ASP B 545 8.26 52.60 68.33
C ASP B 545 7.19 53.40 67.59
N TRP B 546 6.92 53.05 66.33
CA TRP B 546 5.81 53.69 65.63
C TRP B 546 4.48 53.21 66.18
N VAL B 547 4.34 51.91 66.43
CA VAL B 547 3.04 51.34 66.79
C VAL B 547 2.62 51.77 68.18
N VAL B 548 3.42 51.45 69.19
CA VAL B 548 2.92 51.55 70.55
C VAL B 548 2.97 52.95 71.10
N SER B 549 3.68 53.86 70.43
CA SER B 549 3.67 55.25 70.87
C SER B 549 2.42 55.99 70.41
N LYS B 550 1.62 55.35 69.54
CA LYS B 550 0.30 55.89 69.22
C LYS B 550 -0.58 55.94 70.46
N LEU B 551 -0.76 54.77 71.09
CA LEU B 551 -1.49 54.58 72.35
C LEU B 551 -2.92 55.13 72.23
N ASP B 552 -3.61 54.58 71.23
CA ASP B 552 -4.73 55.29 70.63
C ASP B 552 -6.03 55.21 71.40
N ARG B 553 -6.01 54.75 72.66
CA ARG B 553 -6.90 55.10 73.78
C ARG B 553 -8.40 54.96 73.50
N LEU B 554 -8.80 54.44 72.34
CA LEU B 554 -10.19 54.16 72.04
C LEU B 554 -10.36 52.79 71.42
N GLU B 555 -9.31 52.23 70.86
CA GLU B 555 -9.28 50.89 70.30
C GLU B 555 -8.26 50.01 71.00
N ALA B 556 -7.27 50.61 71.69
CA ALA B 556 -6.00 49.98 72.01
C ALA B 556 -6.11 48.74 72.86
N SER B 557 -7.14 48.64 73.70
CA SER B 557 -7.35 47.44 74.48
C SER B 557 -7.77 46.26 73.62
N SER B 558 -8.39 46.52 72.47
CA SER B 558 -8.92 45.43 71.66
C SER B 558 -7.86 44.84 70.73
N GLY B 559 -7.44 45.61 69.72
CA GLY B 559 -6.59 45.04 68.71
C GLY B 559 -5.13 45.21 69.06
N ILE B 560 -4.79 46.40 69.56
CA ILE B 560 -3.40 46.71 69.86
C ILE B 560 -2.89 45.88 71.02
N LEU B 561 -3.65 45.80 72.11
CA LEU B 561 -3.26 45.03 73.29
C LEU B 561 -3.08 43.55 72.98
N GLU B 562 -3.91 43.04 72.07
CA GLU B 562 -3.70 41.67 71.62
C GLU B 562 -2.41 41.56 70.82
N VAL B 563 -2.23 42.43 69.83
CA VAL B 563 -1.12 42.24 68.90
C VAL B 563 0.22 42.58 69.55
N LEU B 564 0.23 43.42 70.59
CA LEU B 564 1.49 43.62 71.30
C LEU B 564 1.83 42.41 72.16
N TYR B 565 0.82 41.70 72.65
CA TYR B 565 1.15 40.40 73.23
C TYR B 565 1.62 39.43 72.15
N CYS B 566 1.07 39.54 70.94
CA CYS B 566 1.47 38.67 69.85
C CYS B 566 2.92 38.91 69.44
N VAL B 567 3.45 40.11 69.72
CA VAL B 567 4.86 40.34 69.46
C VAL B 567 5.71 40.19 70.72
N LEU B 568 5.12 40.22 71.91
CA LEU B 568 5.85 39.89 73.12
C LEU B 568 5.77 38.42 73.46
N ILE B 569 5.55 37.57 72.46
CA ILE B 569 5.51 36.14 72.67
C ILE B 569 6.39 35.38 71.68
N GLU B 570 6.81 36.00 70.58
CA GLU B 570 7.51 35.30 69.51
C GLU B 570 8.97 35.69 69.38
N SER B 571 9.27 37.00 69.30
CA SER B 571 10.64 37.43 69.04
C SER B 571 11.21 38.13 70.27
N PRO B 572 12.34 37.68 70.80
CA PRO B 572 12.96 38.36 71.96
C PRO B 572 13.74 39.60 71.60
N GLU B 573 13.97 39.86 70.31
CA GLU B 573 14.74 41.04 69.93
C GLU B 573 13.89 42.29 70.05
N VAL B 574 12.56 42.15 70.00
CA VAL B 574 11.69 43.25 70.36
C VAL B 574 11.78 43.54 71.85
N LEU B 575 11.92 42.48 72.67
CA LEU B 575 12.17 42.67 74.10
C LEU B 575 13.55 43.28 74.34
N ASN B 576 14.46 43.06 73.41
CA ASN B 576 15.82 43.58 73.50
C ASN B 576 15.90 45.07 73.20
N ILE B 577 14.89 45.64 72.54
CA ILE B 577 15.01 47.01 72.04
C ILE B 577 14.04 47.92 72.76
N ILE B 578 13.76 47.62 74.03
CA ILE B 578 12.94 48.46 74.90
C ILE B 578 13.63 49.80 75.12
N GLN B 579 12.84 50.83 75.43
CA GLN B 579 13.30 52.19 75.45
C GLN B 579 12.82 52.93 76.68
N GLU B 580 11.92 52.30 77.46
CA GLU B 580 11.38 52.67 78.77
C GLU B 580 10.37 53.81 78.69
N ASN B 581 10.35 54.55 77.58
CA ASN B 581 9.26 55.47 77.33
C ASN B 581 8.00 54.73 76.92
N HIS B 582 8.17 53.53 76.38
CA HIS B 582 7.04 52.68 76.04
C HIS B 582 6.43 52.05 77.28
N ILE B 583 7.27 51.64 78.24
CA ILE B 583 6.70 51.08 79.46
C ILE B 583 6.13 52.17 80.34
N LYS B 584 6.64 53.40 80.23
CA LYS B 584 5.93 54.53 80.84
C LYS B 584 4.57 54.73 80.20
N SER B 585 4.46 54.50 78.88
CA SER B 585 3.16 54.54 78.24
C SER B 585 2.28 53.40 78.70
N ILE B 586 2.88 52.25 79.01
CA ILE B 586 2.16 51.11 79.57
C ILE B 586 1.57 51.44 80.94
N ILE B 587 2.39 52.03 81.80
CA ILE B 587 1.93 52.37 83.15
C ILE B 587 0.87 53.47 83.10
N SER B 588 1.04 54.42 82.17
CA SER B 588 0.02 55.44 81.99
C SER B 588 -1.27 54.85 81.43
N LEU B 589 -1.16 53.85 80.56
CA LEU B 589 -2.35 53.21 80.03
C LEU B 589 -3.06 52.40 81.11
N LEU B 590 -2.28 51.77 81.99
CA LEU B 590 -2.82 51.14 83.18
C LEU B 590 -3.55 52.13 84.06
N ASP B 591 -2.97 53.32 84.22
CA ASP B 591 -3.62 54.40 84.95
C ASP B 591 -4.92 54.84 84.29
N LYS B 592 -4.95 54.86 82.96
CA LYS B 592 -6.13 55.32 82.24
C LYS B 592 -7.25 54.29 82.20
N HIS B 593 -6.92 53.01 82.14
CA HIS B 593 -7.94 52.00 81.90
C HIS B 593 -8.02 50.93 82.96
N GLY B 594 -6.91 50.52 83.55
CA GLY B 594 -6.93 49.79 84.79
C GLY B 594 -6.90 48.29 84.65
N ARG B 595 -7.77 47.66 85.44
CA ARG B 595 -7.63 46.26 85.80
C ARG B 595 -8.05 45.35 84.65
N ASN B 596 -7.09 44.59 84.13
CA ASN B 596 -7.30 43.70 83.00
C ASN B 596 -6.43 42.47 83.17
N HIS B 597 -6.92 41.36 82.62
CA HIS B 597 -6.11 40.15 82.49
C HIS B 597 -4.94 40.39 81.54
N LYS B 598 -5.21 41.07 80.44
CA LYS B 598 -4.31 41.08 79.30
C LYS B 598 -3.06 41.89 79.56
N VAL B 599 -3.19 43.09 80.14
CA VAL B 599 -2.03 43.92 80.40
C VAL B 599 -1.11 43.29 81.44
N LEU B 600 -1.67 42.45 82.31
CA LEU B 600 -0.89 41.74 83.31
C LEU B 600 -0.22 40.51 82.73
N ASP B 601 -0.90 39.83 81.82
CA ASP B 601 -0.27 38.73 81.11
C ASP B 601 0.87 39.21 80.22
N VAL B 602 0.71 40.41 79.64
CA VAL B 602 1.76 41.00 78.82
C VAL B 602 3.00 41.30 79.66
N LEU B 603 2.81 41.94 80.81
CA LEU B 603 3.95 42.23 81.65
C LEU B 603 4.44 41.00 82.39
N CYS B 604 3.64 39.93 82.42
CA CYS B 604 4.15 38.64 82.87
C CYS B 604 5.06 38.02 81.84
N SER B 605 4.69 38.12 80.57
CA SER B 605 5.53 37.69 79.47
C SER B 605 6.72 38.61 79.22
N LEU B 606 6.72 39.79 79.84
CA LEU B 606 7.77 40.79 79.66
C LEU B 606 9.14 40.32 80.12
N CYS B 607 9.25 39.72 81.31
CA CYS B 607 10.56 39.53 81.93
C CYS B 607 11.37 38.43 81.25
N VAL B 608 10.75 37.26 81.05
CA VAL B 608 11.41 36.12 80.40
C VAL B 608 10.76 35.91 79.03
N CYS B 609 11.61 35.70 78.02
CA CYS B 609 11.13 35.40 76.67
C CYS B 609 11.07 33.89 76.44
N ASN B 610 12.21 33.22 76.47
CA ASN B 610 12.31 31.77 76.26
C ASN B 610 13.49 31.29 77.09
N GLY B 611 13.20 30.86 78.32
CA GLY B 611 14.26 30.44 79.20
C GLY B 611 15.09 31.59 79.74
N VAL B 612 15.89 32.23 78.88
CA VAL B 612 16.68 33.37 79.28
C VAL B 612 15.77 34.58 79.52
N ALA B 613 16.22 35.47 80.39
CA ALA B 613 15.45 36.63 80.78
C ALA B 613 16.37 37.83 80.92
N VAL B 614 15.98 38.94 80.30
CA VAL B 614 16.75 40.17 80.38
C VAL B 614 16.48 40.84 81.74
N ARG B 615 17.53 41.42 82.31
CA ARG B 615 17.39 42.11 83.59
C ARG B 615 16.89 43.53 83.43
N SER B 616 16.88 44.06 82.21
CA SER B 616 16.55 45.46 81.97
C SER B 616 15.10 45.76 82.32
N ASN B 617 14.18 44.98 81.75
CA ASN B 617 12.77 45.17 82.06
C ASN B 617 12.46 44.79 83.50
N GLN B 618 13.16 43.77 84.04
CA GLN B 618 12.94 43.36 85.42
C GLN B 618 13.30 44.46 86.40
N ASP B 619 14.45 45.12 86.19
CA ASP B 619 14.86 46.21 87.06
C ASP B 619 13.98 47.44 86.89
N LEU B 620 13.63 47.77 85.64
CA LEU B 620 12.80 48.95 85.38
C LEU B 620 11.42 48.81 85.98
N ILE B 621 10.83 47.61 85.89
CA ILE B 621 9.50 47.44 86.44
C ILE B 621 9.57 47.14 87.94
N THR B 622 10.74 46.74 88.43
CA THR B 622 10.95 46.72 89.87
C THR B 622 10.92 48.13 90.44
N GLU B 623 11.60 49.06 89.76
CA GLU B 623 11.62 50.44 90.21
C GLU B 623 10.28 51.12 89.98
N ASN B 624 9.80 51.11 88.74
CA ASN B 624 8.55 51.72 88.31
C ASN B 624 7.34 51.04 88.93
N LEU B 625 7.50 49.81 89.42
CA LEU B 625 6.61 49.26 90.42
C LEU B 625 6.85 50.11 91.64
N LEU B 626 5.97 51.07 91.86
CA LEU B 626 6.12 51.99 92.97
C LEU B 626 5.92 51.25 94.30
N PRO B 627 6.84 51.40 95.26
CA PRO B 627 6.61 50.78 96.57
C PRO B 627 5.54 51.49 97.40
N GLY B 628 5.07 52.65 96.97
CA GLY B 628 3.82 53.18 97.50
C GLY B 628 2.62 52.33 97.12
N ARG B 629 2.67 51.67 95.95
CA ARG B 629 1.81 50.55 95.58
C ARG B 629 0.34 50.96 95.48
N GLU B 630 0.09 52.07 94.77
CA GLU B 630 -1.22 52.70 94.75
C GLU B 630 -2.28 51.89 94.01
N LEU B 631 -1.89 51.06 93.05
CA LEU B 631 -2.84 50.27 92.28
C LEU B 631 -2.94 48.85 92.78
N LEU B 632 -1.83 48.30 93.26
CA LEU B 632 -1.71 46.87 93.55
C LEU B 632 -2.43 46.54 94.86
N LEU B 633 -2.62 45.25 95.09
CA LEU B 633 -3.36 44.75 96.24
C LEU B 633 -2.41 44.33 97.34
N GLN B 634 -2.69 44.76 98.57
CA GLN B 634 -1.84 44.45 99.71
C GLN B 634 -2.68 44.02 100.90
N THR B 635 -2.34 42.86 101.44
CA THR B 635 -3.03 42.34 102.61
C THR B 635 -2.17 42.55 103.84
N ASN B 636 -2.81 42.41 105.00
CA ASN B 636 -2.19 42.77 106.26
C ASN B 636 -2.73 41.83 107.33
N LEU B 637 -1.80 41.30 108.13
CA LEU B 637 -2.18 40.51 109.30
C LEU B 637 -2.81 41.42 110.34
N ILE B 638 -4.12 41.26 110.52
CA ILE B 638 -4.92 42.16 111.33
C ILE B 638 -5.55 41.34 112.45
N ASN B 639 -5.46 41.85 113.67
CA ASN B 639 -6.16 41.21 114.77
C ASN B 639 -7.64 41.57 114.74
N TYR B 640 -8.46 40.68 115.29
CA TYR B 640 -9.88 40.95 115.35
C TYR B 640 -10.18 42.06 116.37
N VAL B 641 -10.91 43.06 115.90
CA VAL B 641 -11.26 44.22 116.70
C VAL B 641 -12.66 44.03 117.26
N THR B 642 -12.89 44.58 118.45
CA THR B 642 -14.11 44.36 119.20
C THR B 642 -14.65 45.69 119.69
N SER B 643 -15.87 45.66 120.24
CA SER B 643 -16.50 46.81 120.88
C SER B 643 -17.64 46.32 121.75
N ILE B 644 -17.47 46.37 123.06
CA ILE B 644 -18.51 45.97 124.00
C ILE B 644 -19.21 47.21 124.53
N ARG B 645 -20.45 47.37 124.14
CA ARG B 645 -21.12 48.46 124.83
C ARG B 645 -21.67 47.97 126.15
N PRO B 646 -21.86 48.85 127.11
CA PRO B 646 -22.95 48.68 128.07
C PRO B 646 -24.24 49.18 127.44
N ASN B 647 -25.36 48.77 128.04
CA ASN B 647 -26.67 49.24 127.60
C ASN B 647 -26.92 50.67 128.11
N ILE B 648 -26.13 51.59 127.56
CA ILE B 648 -26.14 52.99 127.97
C ILE B 648 -26.27 53.84 126.72
N PHE B 649 -27.26 54.72 126.72
CA PHE B 649 -27.73 55.39 125.52
C PHE B 649 -28.02 56.84 125.85
N VAL B 650 -27.08 57.73 125.53
CA VAL B 650 -27.19 59.13 125.90
C VAL B 650 -27.67 59.91 124.67
N GLY B 651 -28.96 60.26 124.65
CA GLY B 651 -29.49 61.13 123.64
C GLY B 651 -30.08 62.38 124.27
N ARG B 652 -29.75 63.52 123.69
CA ARG B 652 -30.12 64.82 124.24
C ARG B 652 -31.17 65.45 123.33
N ALA B 653 -32.38 65.57 123.84
CA ALA B 653 -33.46 66.22 123.12
C ALA B 653 -34.07 67.29 124.01
N GLU B 654 -35.14 67.91 123.52
CA GLU B 654 -35.90 68.84 124.34
C GLU B 654 -36.68 68.05 125.39
N GLY B 655 -36.13 67.97 126.59
CA GLY B 655 -36.74 67.19 127.64
C GLY B 655 -35.73 66.31 128.36
N SER B 656 -35.94 65.00 128.32
CA SER B 656 -35.03 64.08 128.98
C SER B 656 -33.69 64.02 128.24
N THR B 657 -32.67 64.55 128.88
CA THR B 657 -31.29 64.43 128.46
C THR B 657 -30.40 63.78 129.50
N GLN B 658 -30.96 63.48 130.68
CA GLN B 658 -30.25 62.83 131.80
C GLN B 658 -29.00 63.59 132.22
N TYR B 659 -29.18 64.87 132.55
CA TYR B 659 -28.24 65.73 133.29
C TYR B 659 -27.03 66.17 132.47
N GLY B 660 -26.83 65.58 131.29
CA GLY B 660 -25.83 66.00 130.33
C GLY B 660 -24.37 66.07 130.75
N LYS B 661 -24.03 65.59 131.93
CA LYS B 661 -22.70 65.77 132.52
C LYS B 661 -22.31 64.44 133.14
N TRP B 662 -21.50 63.68 132.43
CA TRP B 662 -21.27 62.27 132.72
C TRP B 662 -19.77 61.98 132.83
N TYR B 663 -19.46 60.75 133.26
CA TYR B 663 -18.16 60.50 133.85
C TYR B 663 -17.86 59.00 133.84
N PHE B 664 -16.71 58.64 133.28
CA PHE B 664 -16.23 57.26 133.26
C PHE B 664 -14.97 57.10 134.10
N GLU B 665 -14.97 56.07 134.93
CA GLU B 665 -13.75 55.52 135.51
C GLU B 665 -13.71 54.03 135.22
N VAL B 666 -12.69 53.61 134.46
CA VAL B 666 -12.52 52.21 134.07
C VAL B 666 -11.13 51.76 134.49
N MET B 667 -11.06 50.62 135.16
CA MET B 667 -9.81 50.08 135.68
C MET B 667 -9.08 49.30 134.60
N VAL B 668 -7.78 49.55 134.44
CA VAL B 668 -6.97 48.88 133.43
C VAL B 668 -5.93 48.05 134.16
N ASP B 669 -6.18 46.75 134.28
CA ASP B 669 -5.21 45.83 134.89
C ASP B 669 -4.99 44.68 133.93
N GLU B 670 -4.13 44.90 132.94
CA GLU B 670 -3.72 43.90 131.96
C GLU B 670 -2.33 44.23 131.46
N VAL B 671 -1.52 43.20 131.28
CA VAL B 671 -0.22 43.32 130.61
C VAL B 671 -0.21 42.28 129.50
N VAL B 672 -0.70 42.67 128.32
CA VAL B 672 -0.37 41.97 127.08
C VAL B 672 0.03 43.10 126.12
N PRO B 673 1.27 43.62 126.21
CA PRO B 673 1.63 44.76 125.38
C PRO B 673 1.82 44.38 123.92
N PHE B 674 2.49 43.27 123.69
CA PHE B 674 2.66 42.70 122.37
C PHE B 674 1.92 41.39 122.31
N LEU B 675 1.19 41.19 121.24
CA LEU B 675 0.87 39.83 120.82
C LEU B 675 2.05 39.39 119.96
N THR B 676 2.13 38.10 119.63
CA THR B 676 3.10 37.65 118.66
C THR B 676 2.88 38.22 117.26
N ALA B 677 1.67 38.72 116.97
CA ALA B 677 1.41 39.42 115.72
C ALA B 677 1.93 40.86 115.77
N GLN B 678 1.41 41.68 116.67
CA GLN B 678 1.93 43.03 116.86
C GLN B 678 1.60 43.50 118.28
N ALA B 679 1.74 44.80 118.51
CA ALA B 679 1.21 45.40 119.71
C ALA B 679 -0.31 45.30 119.72
N THR B 680 -0.85 44.86 120.86
CA THR B 680 -2.27 44.57 120.97
C THR B 680 -3.11 45.84 120.91
N HIS B 681 -4.24 45.74 120.22
CA HIS B 681 -5.21 46.84 120.14
C HIS B 681 -5.97 46.91 121.46
N LEU B 682 -6.08 48.11 122.00
CA LEU B 682 -6.86 48.36 123.22
C LEU B 682 -7.19 49.84 123.26
N ARG B 683 -8.44 50.20 123.02
CA ARG B 683 -8.86 51.59 123.04
C ARG B 683 -10.22 51.68 123.72
N VAL B 684 -10.85 52.87 123.61
CA VAL B 684 -12.10 53.16 124.30
C VAL B 684 -12.72 54.37 123.61
N GLY B 685 -14.06 54.48 123.66
CA GLY B 685 -14.68 55.70 123.21
C GLY B 685 -16.19 55.78 123.10
N TRP B 686 -16.66 56.36 121.99
CA TRP B 686 -18.03 56.80 121.86
C TRP B 686 -18.55 56.59 120.45
N ALA B 687 -19.87 56.71 120.32
CA ALA B 687 -20.57 56.75 119.04
C ALA B 687 -21.92 57.41 119.28
N LEU B 688 -22.58 57.76 118.18
CA LEU B 688 -23.95 58.30 118.22
C LEU B 688 -24.82 57.52 117.23
N THR B 689 -25.29 56.35 117.69
CA THR B 689 -26.13 55.38 116.97
C THR B 689 -25.55 54.88 115.65
N GLU B 690 -24.30 55.22 115.34
CA GLU B 690 -23.68 54.96 114.05
C GLU B 690 -22.29 54.42 114.28
N GLY B 691 -22.18 53.42 115.13
CA GLY B 691 -20.89 52.95 115.56
C GLY B 691 -20.44 51.92 114.57
N TYR B 692 -20.68 50.64 114.89
CA TYR B 692 -20.60 49.53 113.95
C TYR B 692 -19.16 49.27 113.52
N SER B 693 -18.28 49.21 114.50
CA SER B 693 -17.08 48.39 114.45
C SER B 693 -17.39 46.92 114.14
N PRO B 694 -18.61 46.36 114.49
CA PRO B 694 -19.05 45.14 113.79
C PRO B 694 -19.23 45.31 112.28
N TYR B 695 -19.60 44.20 111.63
CA TYR B 695 -19.04 43.84 110.33
C TYR B 695 -17.53 44.06 110.47
N PRO B 696 -16.80 43.26 111.33
CA PRO B 696 -15.48 43.69 111.81
C PRO B 696 -14.32 43.43 110.85
N GLY B 697 -14.54 43.72 109.58
CA GLY B 697 -13.56 43.31 108.59
C GLY B 697 -12.68 44.44 108.09
N GLY B 698 -12.86 44.80 106.82
CA GLY B 698 -11.96 45.72 106.17
C GLY B 698 -12.55 47.11 106.02
N GLY B 699 -11.99 48.05 106.75
CA GLY B 699 -12.43 49.42 106.69
C GLY B 699 -11.53 50.22 105.77
N GLU B 700 -11.53 51.54 105.96
CA GLU B 700 -10.80 52.41 105.04
C GLU B 700 -9.30 52.33 105.30
N GLY B 701 -8.91 52.13 106.55
CA GLY B 701 -7.53 51.80 106.85
C GLY B 701 -7.29 50.32 106.70
N TRP B 702 -6.14 49.84 107.15
CA TRP B 702 -5.76 48.44 107.06
C TRP B 702 -6.62 47.68 108.07
N GLY B 703 -7.86 47.39 107.68
CA GLY B 703 -8.82 46.80 108.58
C GLY B 703 -9.80 47.81 109.14
N GLY B 704 -10.97 47.35 109.52
CA GLY B 704 -11.97 48.22 110.11
C GLY B 704 -11.79 48.30 111.61
N ASN B 705 -10.73 48.97 112.05
CA ASN B 705 -10.35 48.95 113.45
C ASN B 705 -11.29 49.82 114.29
N GLY B 706 -11.35 49.51 115.59
CA GLY B 706 -12.53 49.80 116.39
C GLY B 706 -12.96 51.23 116.66
N VAL B 707 -12.28 51.97 117.52
CA VAL B 707 -12.80 53.28 117.93
C VAL B 707 -11.73 54.32 117.63
N GLY B 708 -12.20 55.48 117.14
CA GLY B 708 -11.27 56.50 116.69
C GLY B 708 -10.71 56.26 115.33
N ASP B 709 -11.46 55.59 114.47
CA ASP B 709 -11.03 55.27 113.14
C ASP B 709 -12.05 55.67 112.10
N ASP B 710 -12.99 56.53 112.48
CA ASP B 710 -13.88 57.25 111.58
C ASP B 710 -14.27 58.55 112.26
N LEU B 711 -15.30 59.23 111.73
CA LEU B 711 -15.85 60.41 112.35
C LEU B 711 -16.88 60.07 113.43
N TYR B 712 -17.23 58.80 113.55
CA TYR B 712 -18.26 58.37 114.49
C TYR B 712 -17.69 57.79 115.76
N SER B 713 -16.37 57.68 115.87
CA SER B 713 -15.77 57.03 117.02
C SER B 713 -14.50 57.77 117.39
N TYR B 714 -14.12 57.65 118.65
CA TYR B 714 -13.09 58.48 119.25
C TYR B 714 -12.27 57.65 120.22
N GLY B 715 -11.05 57.27 119.82
CA GLY B 715 -10.28 56.26 120.52
C GLY B 715 -9.04 56.85 121.16
N PHE B 716 -8.36 56.00 121.92
CA PHE B 716 -7.15 56.41 122.63
C PHE B 716 -6.36 55.19 123.07
N ASP B 717 -5.05 55.27 122.90
CA ASP B 717 -4.17 54.19 123.31
C ASP B 717 -2.84 54.70 123.87
N GLY B 718 -2.88 55.81 124.60
CA GLY B 718 -1.77 56.22 125.44
C GLY B 718 -1.12 57.54 125.10
N LEU B 719 -0.77 57.76 123.83
CA LEU B 719 -0.44 59.12 123.41
C LEU B 719 -0.95 59.32 121.98
N HIS B 720 -2.24 59.62 121.87
CA HIS B 720 -2.88 59.73 120.57
C HIS B 720 -4.14 60.57 120.69
N LEU B 721 -4.71 60.91 119.54
CA LEU B 721 -6.03 61.53 119.45
C LEU B 721 -6.76 60.87 118.28
N TRP B 722 -7.40 59.74 118.52
CA TRP B 722 -7.95 58.93 117.45
C TRP B 722 -9.33 59.39 117.04
N THR B 723 -9.48 59.76 115.76
CA THR B 723 -10.73 59.74 115.02
C THR B 723 -10.39 59.76 113.54
N GLY B 724 -10.85 58.75 112.82
CA GLY B 724 -10.44 58.63 111.43
C GLY B 724 -8.99 58.24 111.28
N HIS B 725 -8.52 57.31 112.12
CA HIS B 725 -7.14 56.80 112.13
C HIS B 725 -6.12 57.93 112.32
N VAL B 726 -6.42 58.85 113.22
CA VAL B 726 -5.53 59.99 113.47
C VAL B 726 -4.70 59.69 114.70
N ALA B 727 -3.39 59.67 114.51
CA ALA B 727 -2.47 59.23 115.56
C ALA B 727 -1.71 60.40 116.17
N ARG B 728 -2.35 61.56 116.21
CA ARG B 728 -1.53 62.64 116.75
C ARG B 728 -1.56 62.62 118.29
N PRO B 729 -0.40 62.70 118.93
CA PRO B 729 -0.32 62.49 120.38
C PRO B 729 -0.82 63.71 121.16
N VAL B 730 -0.64 63.63 122.47
CA VAL B 730 -1.15 64.62 123.40
C VAL B 730 -0.02 65.28 124.18
N THR B 731 -0.36 66.25 125.03
CA THR B 731 0.57 66.87 125.97
C THR B 731 0.04 66.56 127.37
N SER B 732 0.42 65.40 127.89
CA SER B 732 -0.06 64.95 129.19
C SER B 732 1.12 64.64 130.10
N PRO B 733 0.93 64.78 131.42
CA PRO B 733 1.98 64.33 132.35
C PRO B 733 2.13 62.82 132.33
N GLY B 734 3.37 62.37 132.26
CA GLY B 734 3.64 60.96 132.09
C GLY B 734 3.26 60.51 130.70
N GLN B 735 3.81 61.17 129.69
CA GLN B 735 3.43 60.92 128.30
C GLN B 735 4.04 59.61 127.85
N HIS B 736 3.30 58.53 128.04
CA HIS B 736 3.69 57.21 127.59
C HIS B 736 2.41 56.51 127.15
N LEU B 737 2.48 55.20 126.99
CA LEU B 737 1.34 54.47 126.47
C LEU B 737 0.38 54.13 127.62
N LEU B 738 -0.64 53.32 127.33
CA LEU B 738 -1.57 52.89 128.37
C LEU B 738 -0.88 51.84 129.23
N ALA B 739 -0.35 52.29 130.35
CA ALA B 739 0.19 51.37 131.34
C ALA B 739 -0.94 50.61 132.02
N PRO B 740 -0.65 49.46 132.62
CA PRO B 740 -1.60 48.87 133.56
C PRO B 740 -1.70 49.71 134.82
N GLU B 741 -2.73 49.40 135.61
CA GLU B 741 -3.13 50.16 136.80
C GLU B 741 -3.40 51.62 136.46
N ASP B 742 -4.22 51.83 135.44
CA ASP B 742 -4.63 53.17 135.05
C ASP B 742 -6.15 53.27 135.04
N VAL B 743 -6.63 54.47 135.35
CA VAL B 743 -8.05 54.81 135.32
C VAL B 743 -8.20 56.06 134.47
N VAL B 744 -8.96 55.95 133.38
CA VAL B 744 -9.22 57.07 132.49
C VAL B 744 -10.59 57.64 132.81
N SER B 745 -10.60 58.79 133.47
CA SER B 745 -11.80 59.56 133.70
C SER B 745 -12.21 60.19 132.38
N CYS B 746 -13.26 59.67 131.78
CA CYS B 746 -13.81 60.22 130.55
C CYS B 746 -14.95 61.14 130.92
N CYS B 747 -14.72 62.45 130.80
CA CYS B 747 -15.71 63.44 131.18
C CYS B 747 -16.50 63.90 129.96
N LEU B 748 -17.82 63.93 130.11
CA LEU B 748 -18.74 64.31 129.06
C LEU B 748 -19.58 65.49 129.53
N ASP B 749 -19.69 66.50 128.69
CA ASP B 749 -20.61 67.61 128.92
C ASP B 749 -21.43 67.82 127.64
N LEU B 750 -22.68 68.20 127.80
CA LEU B 750 -23.57 68.41 126.67
C LEU B 750 -24.04 69.85 126.54
N SER B 751 -23.50 70.75 127.35
CA SER B 751 -23.85 72.17 127.20
C SER B 751 -23.22 72.76 125.96
N VAL B 752 -21.95 72.44 125.72
CA VAL B 752 -21.22 73.00 124.58
C VAL B 752 -21.65 72.30 123.27
N PRO B 753 -21.61 70.94 123.14
CA PRO B 753 -21.17 69.78 123.93
C PRO B 753 -19.66 69.56 123.83
N SER B 754 -19.09 68.88 124.82
CA SER B 754 -17.65 68.73 124.93
C SER B 754 -17.32 67.35 125.46
N ILE B 755 -16.21 66.80 124.99
CA ILE B 755 -15.69 65.53 125.49
C ILE B 755 -14.24 65.79 125.90
N SER B 756 -13.93 65.52 127.15
CA SER B 756 -12.56 65.64 127.63
C SER B 756 -12.17 64.33 128.30
N PHE B 757 -10.88 64.01 128.22
CA PHE B 757 -10.35 62.84 128.88
C PHE B 757 -9.31 63.27 129.89
N ARG B 758 -9.16 62.46 130.93
CA ARG B 758 -8.17 62.75 131.97
C ARG B 758 -7.82 61.45 132.67
N ILE B 759 -6.59 61.01 132.55
CA ILE B 759 -6.08 59.89 133.33
C ILE B 759 -5.73 60.51 134.68
N ASN B 760 -5.37 59.67 135.66
CA ASN B 760 -5.47 59.87 137.10
C ASN B 760 -5.12 61.27 137.61
N GLY B 761 -3.86 61.70 137.49
CA GLY B 761 -3.65 63.13 137.56
C GLY B 761 -3.86 63.76 136.20
N CYS B 762 -2.87 63.56 135.31
CA CYS B 762 -2.83 63.61 133.84
C CYS B 762 -3.88 64.50 133.18
N PRO B 763 -3.83 65.84 133.34
CA PRO B 763 -4.80 66.69 132.64
C PRO B 763 -4.56 66.72 131.14
N VAL B 764 -5.12 65.70 130.47
CA VAL B 764 -4.90 65.50 129.05
C VAL B 764 -5.48 66.67 128.26
N GLN B 765 -4.60 67.35 127.51
CA GLN B 765 -4.99 68.51 126.73
C GLN B 765 -5.62 68.06 125.40
N GLY B 766 -6.84 67.54 125.50
CA GLY B 766 -7.61 67.22 124.31
C GLY B 766 -9.09 67.42 124.55
N VAL B 767 -9.70 68.33 123.79
CA VAL B 767 -11.09 68.72 123.97
C VAL B 767 -11.79 68.60 122.63
N PHE B 768 -12.89 67.86 122.61
CA PHE B 768 -13.59 67.57 121.37
C PHE B 768 -15.00 68.12 121.45
N GLU B 769 -15.26 69.15 120.65
CA GLU B 769 -16.50 69.92 120.67
C GLU B 769 -16.98 70.06 119.24
N ALA B 770 -18.05 70.87 119.07
CA ALA B 770 -18.63 71.24 117.77
C ALA B 770 -19.10 70.01 116.99
N PHE B 771 -19.87 69.16 117.65
CA PHE B 771 -20.36 67.92 117.06
C PHE B 771 -21.85 67.80 117.32
N ASN B 772 -22.57 67.27 116.33
CA ASN B 772 -24.01 67.12 116.43
C ASN B 772 -24.39 66.06 117.46
N LEU B 773 -25.49 66.34 118.16
CA LEU B 773 -25.99 65.52 119.25
C LEU B 773 -27.14 64.63 118.77
N ASP B 774 -27.02 64.15 117.53
CA ASP B 774 -28.12 63.48 116.86
C ASP B 774 -28.16 62.01 117.25
N GLY B 775 -28.71 61.76 118.44
CA GLY B 775 -28.98 60.38 118.81
C GLY B 775 -28.47 59.91 120.15
N LEU B 776 -28.84 58.69 120.51
CA LEU B 776 -28.36 58.03 121.71
C LEU B 776 -26.87 57.70 121.56
N PHE B 777 -26.21 57.46 122.69
CA PHE B 777 -24.78 57.22 122.68
C PHE B 777 -24.45 55.79 123.11
N PHE B 778 -23.15 55.56 123.27
CA PHE B 778 -22.55 54.28 123.54
C PHE B 778 -21.24 54.45 124.29
N PRO B 779 -21.06 53.75 125.40
CA PRO B 779 -19.71 53.59 125.93
C PRO B 779 -19.00 52.50 125.13
N VAL B 780 -18.11 52.92 124.25
CA VAL B 780 -17.42 52.01 123.34
C VAL B 780 -16.06 51.72 123.93
N VAL B 781 -15.69 50.44 123.97
CA VAL B 781 -14.35 50.02 124.32
C VAL B 781 -13.85 49.06 123.25
N SER B 782 -12.82 49.47 122.51
CA SER B 782 -12.28 48.64 121.45
C SER B 782 -10.98 47.99 121.88
N PHE B 783 -10.83 46.73 121.52
CA PHE B 783 -9.70 45.99 122.04
C PHE B 783 -9.44 44.76 121.19
N SER B 784 -8.18 44.40 121.08
CA SER B 784 -7.82 43.05 120.68
C SER B 784 -7.82 42.17 121.93
N ALA B 785 -7.54 40.88 121.77
CA ALA B 785 -7.74 39.93 122.85
C ALA B 785 -6.62 40.01 123.90
N GLY B 786 -6.71 39.13 124.90
CA GLY B 786 -5.77 39.13 125.99
C GLY B 786 -6.10 40.11 127.09
N VAL B 787 -7.20 40.84 126.97
CA VAL B 787 -7.52 41.95 127.86
C VAL B 787 -8.75 41.59 128.67
N LYS B 788 -8.56 41.26 129.93
CA LYS B 788 -9.63 41.07 130.89
C LYS B 788 -9.74 42.33 131.74
N VAL B 789 -10.88 43.01 131.66
CA VAL B 789 -11.02 44.36 132.18
C VAL B 789 -12.12 44.35 133.25
N ARG B 790 -12.09 45.36 134.12
CA ARG B 790 -13.13 45.58 135.11
C ARG B 790 -13.63 47.00 135.03
N PHE B 791 -14.93 47.18 135.22
CA PHE B 791 -15.52 48.50 135.26
C PHE B 791 -15.88 48.87 136.69
N LEU B 792 -16.58 50.01 136.83
CA LEU B 792 -17.14 50.43 138.11
C LEU B 792 -18.55 50.91 137.83
N LEU B 793 -19.53 50.34 138.55
CA LEU B 793 -20.93 50.60 138.23
C LEU B 793 -21.36 52.04 138.53
N GLY B 794 -20.64 52.75 139.38
CA GLY B 794 -21.12 54.03 139.85
C GLY B 794 -22.13 53.84 140.96
N GLY B 795 -23.28 53.26 140.64
CA GLY B 795 -24.29 52.95 141.62
C GLY B 795 -23.87 51.90 142.63
N ARG B 796 -23.76 50.64 142.20
CA ARG B 796 -23.53 49.57 143.16
C ARG B 796 -22.04 49.25 143.34
N HIS B 797 -21.40 48.76 142.28
CA HIS B 797 -20.00 48.37 142.34
C HIS B 797 -19.08 49.45 141.78
N GLY B 798 -19.44 50.71 141.97
CA GLY B 798 -18.51 51.77 141.68
C GLY B 798 -17.66 52.04 142.90
N GLU B 799 -16.48 51.43 142.94
CA GLU B 799 -15.50 51.68 143.99
C GLU B 799 -14.49 52.66 143.44
N PHE B 800 -14.87 53.94 143.45
CA PHE B 800 -14.12 54.97 142.75
C PHE B 800 -12.81 55.26 143.48
N LYS B 801 -11.69 55.01 142.81
CA LYS B 801 -10.39 55.37 143.35
C LYS B 801 -10.11 56.86 143.20
N PHE B 802 -10.89 57.55 142.38
CA PHE B 802 -10.73 58.98 142.20
C PHE B 802 -12.10 59.65 142.21
N LEU B 803 -12.08 60.89 142.00
CA LEU B 803 -13.31 61.63 142.17
C LEU B 803 -13.77 62.22 140.84
N PRO B 804 -15.07 62.48 140.70
CA PRO B 804 -15.55 63.22 139.54
C PRO B 804 -15.14 64.68 139.64
N PRO B 805 -15.14 65.39 138.52
CA PRO B 805 -15.21 66.85 138.55
C PRO B 805 -16.58 67.31 139.06
N PRO B 806 -16.77 68.63 139.38
CA PRO B 806 -18.04 69.07 139.98
C PRO B 806 -19.30 68.74 139.20
N GLY B 807 -20.08 67.83 139.80
CA GLY B 807 -21.36 67.38 139.31
C GLY B 807 -21.31 66.56 138.04
N TYR B 808 -20.79 65.32 138.10
CA TYR B 808 -20.82 64.43 136.94
C TYR B 808 -21.29 63.02 137.32
N ALA B 809 -22.63 62.88 137.52
CA ALA B 809 -23.52 61.74 137.27
C ALA B 809 -22.91 60.35 137.30
N PRO B 810 -22.55 59.79 138.46
CA PRO B 810 -22.06 58.40 138.50
C PRO B 810 -23.15 57.32 138.34
N CYS B 811 -23.96 57.47 137.27
CA CYS B 811 -24.87 56.45 136.75
C CYS B 811 -25.96 56.07 137.75
N HIS B 812 -26.73 57.06 138.19
CA HIS B 812 -27.79 56.86 139.16
C HIS B 812 -29.17 57.29 138.69
N GLU B 813 -29.33 58.54 138.25
CA GLU B 813 -30.65 59.19 138.15
C GLU B 813 -31.54 58.55 137.09
N ALA B 814 -31.00 58.34 135.89
CA ALA B 814 -31.74 57.76 134.79
C ALA B 814 -30.86 56.72 134.11
N VAL B 815 -31.01 55.46 134.53
CA VAL B 815 -30.29 54.35 133.91
C VAL B 815 -31.09 53.06 134.09
N LEU B 816 -31.24 52.29 132.99
CA LEU B 816 -32.03 51.06 132.85
C LEU B 816 -33.47 51.24 133.33
N PRO B 817 -34.31 51.94 132.55
CA PRO B 817 -35.64 52.34 133.08
C PRO B 817 -36.63 51.20 133.22
N ARG B 818 -36.80 50.36 132.21
CA ARG B 818 -37.68 49.22 132.32
C ARG B 818 -36.93 47.90 132.29
N GLU B 819 -35.61 47.92 132.45
CA GLU B 819 -34.79 46.72 132.36
C GLU B 819 -33.67 46.84 133.39
N ARG B 820 -32.69 45.95 133.28
CA ARG B 820 -31.55 45.89 134.17
C ARG B 820 -30.30 46.41 133.47
N LEU B 821 -29.15 46.20 134.11
CA LEU B 821 -27.86 46.64 133.58
C LEU B 821 -27.18 45.48 132.87
N ARG B 822 -26.67 45.76 131.66
CA ARG B 822 -26.05 44.74 130.82
C ARG B 822 -24.89 45.35 130.05
N LEU B 823 -23.86 44.55 129.83
CA LEU B 823 -22.86 44.82 128.81
C LEU B 823 -23.24 44.03 127.56
N GLU B 824 -22.93 44.58 126.39
CA GLU B 824 -23.39 43.95 125.17
C GLU B 824 -22.42 44.20 124.03
N PRO B 825 -22.34 43.28 123.07
CA PRO B 825 -21.77 43.64 121.78
C PRO B 825 -22.69 44.61 121.07
N ILE B 826 -22.11 45.64 120.46
CA ILE B 826 -22.89 46.69 119.81
C ILE B 826 -23.53 46.12 118.55
N LYS B 827 -24.83 45.81 118.65
CA LYS B 827 -25.68 45.36 117.55
C LYS B 827 -25.14 44.13 116.84
N GLU B 828 -25.05 43.04 117.59
CA GLU B 828 -24.52 41.82 116.99
C GLU B 828 -25.54 41.20 116.05
N TYR B 829 -25.03 40.45 115.09
CA TYR B 829 -25.84 39.68 114.16
C TYR B 829 -25.85 38.21 114.48
N ARG B 830 -24.75 37.70 115.04
CA ARG B 830 -24.63 36.34 115.52
C ARG B 830 -24.45 36.40 117.03
N ARG B 831 -24.96 35.37 117.71
CA ARG B 831 -24.56 35.14 119.08
C ARG B 831 -24.25 33.67 119.23
N GLU B 832 -23.59 33.32 120.33
CA GLU B 832 -23.36 31.92 120.63
C GLU B 832 -24.60 31.30 121.26
N GLY B 833 -24.68 29.99 121.18
CA GLY B 833 -25.75 29.25 121.78
C GLY B 833 -25.19 28.03 122.46
N PRO B 834 -26.00 27.39 123.31
CA PRO B 834 -25.59 26.07 123.83
C PRO B 834 -25.51 25.04 122.74
N ARG B 835 -26.45 25.11 121.79
CA ARG B 835 -26.40 24.34 120.57
C ARG B 835 -27.10 25.17 119.50
N GLY B 836 -26.48 25.30 118.34
CA GLY B 836 -27.03 26.18 117.34
C GLY B 836 -26.87 27.63 117.73
N PRO B 837 -25.65 28.15 117.61
CA PRO B 837 -25.41 29.56 117.97
C PRO B 837 -26.25 30.52 117.16
N HIS B 838 -26.98 31.36 117.87
CA HIS B 838 -28.11 32.04 117.28
C HIS B 838 -27.67 33.25 116.49
N LEU B 839 -28.27 33.39 115.33
CA LEU B 839 -28.27 34.63 114.60
C LEU B 839 -29.35 35.51 115.21
N VAL B 840 -29.21 36.81 114.96
CA VAL B 840 -30.17 37.79 115.45
C VAL B 840 -30.23 38.92 114.44
N GLY B 841 -31.45 39.37 114.13
CA GLY B 841 -31.68 40.50 113.27
C GLY B 841 -31.24 41.82 113.87
N PRO B 842 -31.67 42.92 113.25
CA PRO B 842 -31.29 44.24 113.75
C PRO B 842 -31.99 44.56 115.07
N SER B 843 -31.45 45.54 115.77
CA SER B 843 -32.02 45.98 117.04
C SER B 843 -32.94 47.17 116.79
N ARG B 844 -34.11 47.15 117.44
CA ARG B 844 -35.05 48.27 117.33
C ARG B 844 -34.47 49.45 118.10
N CYS B 845 -33.84 50.37 117.38
CA CYS B 845 -33.27 51.55 118.01
C CYS B 845 -34.39 52.49 118.43
N LEU B 846 -34.73 52.44 119.72
CA LEU B 846 -35.87 53.19 120.23
C LEU B 846 -35.41 54.59 120.66
N SER B 847 -35.88 55.60 119.91
CA SER B 847 -35.75 57.03 120.23
C SER B 847 -34.28 57.44 120.34
N HIS B 848 -33.60 57.37 119.20
CA HIS B 848 -32.26 57.96 119.08
C HIS B 848 -32.33 59.46 119.32
N THR B 849 -32.97 60.17 118.40
CA THR B 849 -33.47 61.51 118.68
C THR B 849 -34.81 61.39 119.37
N ASP B 850 -35.20 62.47 120.05
CA ASP B 850 -36.42 62.56 120.86
C ASP B 850 -36.47 61.46 121.93
N PHE B 851 -35.51 61.51 122.84
CA PHE B 851 -35.46 60.61 123.99
C PHE B 851 -36.23 61.18 125.18
N VAL B 852 -37.21 62.02 124.93
CA VAL B 852 -37.95 62.75 125.95
C VAL B 852 -39.40 62.27 125.98
N PRO B 853 -40.09 62.40 127.10
CA PRO B 853 -41.56 62.29 127.06
C PRO B 853 -42.16 63.60 126.59
N CYS B 854 -43.44 63.56 126.26
CA CYS B 854 -44.12 64.74 125.74
C CYS B 854 -45.59 64.75 126.14
N PRO B 855 -46.04 65.78 126.86
CA PRO B 855 -47.48 65.88 127.15
C PRO B 855 -48.24 66.23 125.89
N VAL B 856 -49.34 65.52 125.69
CA VAL B 856 -50.29 65.87 124.64
C VAL B 856 -51.02 67.12 125.12
N ASP B 857 -50.60 68.27 124.61
CA ASP B 857 -51.07 69.56 125.13
C ASP B 857 -52.48 69.88 124.67
N ILE B 861 -59.13 72.92 127.27
CA ILE B 861 -59.77 74.01 126.56
C ILE B 861 -60.94 74.59 127.38
N VAL B 862 -62.13 74.03 127.18
CA VAL B 862 -63.34 74.56 127.79
C VAL B 862 -63.98 73.45 128.62
N LEU B 863 -65.19 73.71 129.14
CA LEU B 863 -65.94 72.64 129.79
C LEU B 863 -67.43 72.86 129.66
N PRO B 864 -68.16 71.87 129.13
CA PRO B 864 -69.63 71.96 129.12
C PRO B 864 -70.19 71.89 130.53
N PRO B 865 -71.38 72.45 130.75
CA PRO B 865 -71.87 72.61 132.15
C PRO B 865 -72.23 71.31 132.84
N HIS B 866 -72.74 70.31 132.12
CA HIS B 866 -73.03 69.04 132.77
C HIS B 866 -71.77 68.31 133.21
N LEU B 867 -70.64 68.59 132.56
CA LEU B 867 -69.36 68.08 133.03
C LEU B 867 -68.69 69.02 134.03
N GLU B 868 -69.05 70.31 134.05
CA GLU B 868 -68.70 71.16 135.17
C GLU B 868 -69.34 70.67 136.45
N ARG B 869 -70.57 70.15 136.34
CA ARG B 869 -71.24 69.54 137.48
C ARG B 869 -70.52 68.30 137.97
N ILE B 870 -69.94 67.53 137.06
CA ILE B 870 -69.30 66.28 137.45
C ILE B 870 -67.82 66.49 137.74
N ARG B 871 -67.28 67.67 137.44
CA ARG B 871 -65.95 68.05 137.91
C ARG B 871 -65.89 68.08 139.43
N GLU B 872 -66.90 68.67 140.07
CA GLU B 872 -66.94 68.74 141.51
C GLU B 872 -67.12 67.36 142.12
N LYS B 873 -67.95 66.52 141.51
CA LYS B 873 -68.19 65.18 142.02
C LYS B 873 -66.99 64.26 141.77
N LEU B 874 -66.23 64.49 140.70
CA LEU B 874 -64.99 63.74 140.51
C LEU B 874 -63.93 64.19 141.49
N ALA B 875 -63.85 65.50 141.78
CA ALA B 875 -62.98 65.98 142.84
C ALA B 875 -63.42 65.48 144.21
N GLU B 876 -64.71 65.19 144.38
CA GLU B 876 -65.17 64.48 145.57
C GLU B 876 -64.63 63.06 145.61
N ASN B 877 -64.93 62.27 144.58
CA ASN B 877 -64.77 60.84 144.74
C ASN B 877 -63.32 60.40 144.56
N ILE B 878 -62.52 61.15 143.80
CA ILE B 878 -61.08 60.93 143.79
C ILE B 878 -60.48 61.24 145.15
N HIS B 879 -60.99 62.29 145.81
CA HIS B 879 -60.57 62.56 147.18
C HIS B 879 -61.06 61.49 148.15
N GLU B 880 -62.23 60.90 147.86
CA GLU B 880 -62.74 59.78 148.64
C GLU B 880 -61.81 58.59 148.57
N LEU B 881 -61.37 58.24 147.37
CA LEU B 881 -60.47 57.10 147.22
C LEU B 881 -59.06 57.42 147.67
N TRP B 882 -58.65 58.69 147.58
CA TRP B 882 -57.35 59.09 148.08
C TRP B 882 -57.33 59.11 149.61
N ALA B 883 -58.45 59.44 150.24
CA ALA B 883 -58.62 59.29 151.67
C ALA B 883 -58.71 57.83 152.09
N LEU B 884 -59.34 56.99 151.27
CA LEU B 884 -59.37 55.56 151.52
C LEU B 884 -57.98 54.95 151.44
N THR B 885 -57.14 55.44 150.52
CA THR B 885 -55.74 55.05 150.45
C THR B 885 -55.01 55.35 151.75
N ARG B 886 -55.32 56.47 152.38
CA ARG B 886 -54.69 56.83 153.64
C ARG B 886 -55.22 56.00 154.79
N ILE B 887 -56.55 55.83 154.86
CA ILE B 887 -57.14 55.18 156.02
C ILE B 887 -56.88 53.67 156.01
N GLU B 888 -56.81 53.06 154.82
CA GLU B 888 -56.40 51.66 154.73
C GLU B 888 -54.93 51.46 155.07
N GLN B 889 -54.11 52.50 155.01
CA GLN B 889 -52.76 52.45 155.53
C GLN B 889 -52.69 52.89 156.98
N GLY B 890 -53.79 53.41 157.53
CA GLY B 890 -53.84 53.76 158.94
C GLY B 890 -53.60 55.22 159.25
N TRP B 891 -53.59 56.08 158.25
CA TRP B 891 -53.45 57.53 158.44
C TRP B 891 -54.76 58.04 159.04
N THR B 892 -54.75 58.30 160.35
CA THR B 892 -55.89 58.90 161.03
C THR B 892 -55.93 60.40 160.73
N TYR B 893 -57.05 61.05 161.06
CA TYR B 893 -57.19 62.47 160.86
C TYR B 893 -56.36 63.24 161.88
N GLY B 894 -55.66 64.24 161.39
CA GLY B 894 -54.91 65.14 162.24
C GLY B 894 -54.44 66.33 161.45
N PRO B 895 -54.69 67.54 161.96
CA PRO B 895 -54.47 68.75 161.14
C PRO B 895 -53.01 69.06 160.87
N VAL B 896 -52.09 68.45 161.59
CA VAL B 896 -50.66 68.51 161.27
C VAL B 896 -50.35 67.36 160.33
N ARG B 897 -49.91 67.69 159.11
CA ARG B 897 -49.54 66.65 158.15
C ARG B 897 -48.19 66.08 158.57
N ASP B 898 -48.22 64.96 159.26
CA ASP B 898 -47.00 64.30 159.70
C ASP B 898 -47.03 62.88 159.21
N ASP B 899 -45.85 62.32 158.97
CA ASP B 899 -45.77 61.01 158.35
C ASP B 899 -45.66 59.91 159.40
N ASN B 900 -44.96 60.18 160.52
CA ASN B 900 -44.81 59.17 161.56
C ASN B 900 -46.00 59.14 162.51
N LYS B 901 -46.67 60.28 162.71
CA LYS B 901 -47.86 60.32 163.55
C LYS B 901 -49.08 59.71 162.88
N ARG B 902 -49.03 59.51 161.56
CA ARG B 902 -50.16 59.11 160.72
C ARG B 902 -51.33 60.07 160.91
N LEU B 903 -51.05 61.36 160.72
CA LEU B 903 -52.07 62.38 160.85
C LEU B 903 -52.21 63.11 159.52
N HIS B 904 -53.42 63.15 158.99
CA HIS B 904 -53.69 63.68 157.66
C HIS B 904 -54.73 64.78 157.75
N PRO B 905 -54.39 66.03 157.41
CA PRO B 905 -55.31 67.14 157.63
C PRO B 905 -56.48 67.21 156.66
N CYS B 906 -56.45 66.48 155.56
CA CYS B 906 -57.50 66.54 154.56
C CYS B 906 -58.39 65.29 154.59
N LEU B 907 -58.56 64.69 155.76
CA LEU B 907 -59.56 63.64 155.93
C LEU B 907 -60.87 64.27 156.39
N VAL B 908 -61.40 65.11 155.50
CA VAL B 908 -62.53 65.97 155.76
C VAL B 908 -63.57 65.75 154.67
N ASN B 909 -64.73 66.37 154.86
CA ASN B 909 -65.75 66.41 153.82
C ASN B 909 -65.28 67.29 152.67
N PHE B 910 -66.00 67.19 151.54
CA PHE B 910 -65.70 68.01 150.37
C PHE B 910 -65.95 69.49 150.66
N HIS B 911 -67.01 69.78 151.40
CA HIS B 911 -67.23 71.16 151.84
C HIS B 911 -66.52 71.46 153.14
N SER B 912 -65.88 70.45 153.75
CA SER B 912 -64.95 70.69 154.85
C SER B 912 -63.50 70.70 154.39
N LEU B 913 -63.26 70.68 153.08
CA LEU B 913 -61.90 70.70 152.55
C LEU B 913 -61.22 72.03 152.83
N PRO B 914 -59.91 72.02 153.07
CA PRO B 914 -59.15 73.28 153.11
C PRO B 914 -59.16 73.97 151.75
N GLU B 915 -58.87 75.26 151.80
CA GLU B 915 -58.75 76.04 150.55
C GLU B 915 -57.62 75.58 149.63
N PRO B 916 -56.44 75.11 150.10
CA PRO B 916 -55.54 74.45 149.13
C PRO B 916 -56.05 73.12 148.62
N GLU B 917 -56.66 72.31 149.49
CA GLU B 917 -57.04 70.95 149.12
C GLU B 917 -58.20 70.92 148.13
N ARG B 918 -59.24 71.73 148.37
CA ARG B 918 -60.38 71.79 147.48
C ARG B 918 -60.00 72.38 146.12
N ASN B 919 -59.19 73.44 146.13
CA ASN B 919 -58.70 74.02 144.89
C ASN B 919 -57.78 73.08 144.13
N TYR B 920 -56.97 72.27 144.83
CA TYR B 920 -56.16 71.25 144.18
C TYR B 920 -57.00 70.15 143.54
N ASN B 921 -58.00 69.63 144.26
CA ASN B 921 -58.86 68.60 143.71
C ASN B 921 -59.69 69.09 142.54
N LEU B 922 -60.26 70.30 142.65
CA LEU B 922 -61.00 70.87 141.53
C LEU B 922 -60.08 71.27 140.38
N GLN B 923 -58.83 71.64 140.68
CA GLN B 923 -57.88 71.99 139.63
C GLN B 923 -57.47 70.77 138.83
N MET B 924 -57.18 69.67 139.51
CA MET B 924 -56.92 68.41 138.83
C MET B 924 -58.14 67.92 138.06
N SER B 925 -59.32 68.04 138.66
CA SER B 925 -60.56 67.59 138.03
C SER B 925 -61.00 68.51 136.89
N GLY B 926 -60.45 69.72 136.80
CA GLY B 926 -60.74 70.59 135.69
C GLY B 926 -59.75 70.44 134.55
N GLU B 927 -58.45 70.38 134.89
CA GLU B 927 -57.41 70.15 133.90
C GLU B 927 -57.54 68.78 133.26
N THR B 928 -58.01 67.78 134.01
CA THR B 928 -58.29 66.46 133.46
C THR B 928 -59.37 66.53 132.39
N LEU B 929 -60.47 67.25 132.66
CA LEU B 929 -61.56 67.32 131.69
C LEU B 929 -61.20 68.18 130.49
N LYS B 930 -60.40 69.24 130.72
CA LYS B 930 -59.88 70.04 129.62
C LYS B 930 -58.94 69.23 128.73
N THR B 931 -58.25 68.25 129.30
CA THR B 931 -57.52 67.29 128.48
C THR B 931 -58.47 66.34 127.77
N LEU B 932 -59.46 65.81 128.49
CA LEU B 932 -60.33 64.76 127.96
C LEU B 932 -61.31 65.25 126.91
N LEU B 933 -61.41 66.57 126.71
CA LEU B 933 -62.18 67.08 125.58
C LEU B 933 -61.61 66.60 124.26
N ALA B 934 -60.31 66.82 124.04
CA ALA B 934 -59.67 66.53 122.76
C ALA B 934 -59.40 65.03 122.63
N LEU B 935 -60.49 64.27 122.54
CA LEU B 935 -60.42 62.83 122.37
C LEU B 935 -61.37 62.30 121.32
N GLY B 936 -62.40 63.07 120.93
CA GLY B 936 -63.42 62.52 120.06
C GLY B 936 -64.32 61.53 120.73
N CYS B 937 -64.45 61.60 122.05
CA CYS B 937 -65.31 60.71 122.81
C CYS B 937 -66.64 61.40 123.07
N HIS B 938 -67.72 60.62 122.95
CA HIS B 938 -69.07 61.13 123.15
C HIS B 938 -69.43 60.99 124.62
N VAL B 939 -69.38 62.10 125.35
CA VAL B 939 -69.68 62.13 126.78
C VAL B 939 -70.86 63.06 126.99
N GLY B 940 -71.91 62.54 127.63
CA GLY B 940 -73.06 63.37 127.92
C GLY B 940 -74.00 62.67 128.87
N MET B 941 -74.77 63.49 129.59
CA MET B 941 -75.80 62.96 130.47
C MET B 941 -76.89 62.26 129.66
N ALA B 942 -77.22 61.03 130.06
CA ALA B 942 -78.13 60.18 129.28
C ALA B 942 -79.32 59.70 130.10
N ASP B 943 -79.14 59.42 131.38
CA ASP B 943 -80.13 58.68 132.15
C ASP B 943 -80.75 59.45 133.30
N GLU B 944 -79.96 60.23 134.05
CA GLU B 944 -80.39 61.04 135.20
C GLU B 944 -81.03 60.24 136.33
N LYS B 945 -80.82 58.92 136.37
CA LYS B 945 -81.33 58.10 137.45
C LYS B 945 -80.29 57.18 138.06
N ALA B 946 -79.19 56.89 137.37
CA ALA B 946 -78.06 56.22 138.02
C ALA B 946 -77.41 57.10 139.06
N GLU B 947 -77.48 58.43 138.89
CA GLU B 947 -77.01 59.36 139.90
C GLU B 947 -77.84 59.25 141.17
N ASP B 948 -79.13 58.97 141.04
CA ASP B 948 -79.97 58.70 142.20
C ASP B 948 -79.80 57.28 142.70
N ASN B 949 -79.40 56.36 141.84
CA ASN B 949 -79.09 54.99 142.20
C ASN B 949 -77.69 54.84 142.79
N LEU B 950 -76.93 55.94 142.87
CA LEU B 950 -75.65 55.93 143.56
C LEU B 950 -75.81 55.61 145.04
N LYS B 951 -75.17 54.53 145.48
CA LYS B 951 -75.08 54.20 146.89
C LYS B 951 -73.67 54.53 147.37
N LYS B 952 -73.55 54.78 148.67
CA LYS B 952 -72.28 55.11 149.28
C LYS B 952 -71.74 53.89 150.02
N THR B 953 -70.41 53.79 150.06
CA THR B 953 -69.75 52.63 150.65
C THR B 953 -69.86 52.71 152.17
N LYS B 954 -70.64 51.81 152.75
CA LYS B 954 -70.79 51.76 154.20
C LYS B 954 -69.58 51.10 154.83
N LEU B 955 -68.92 51.82 155.72
CA LEU B 955 -67.69 51.37 156.33
C LEU B 955 -67.84 51.36 157.85
N PRO B 956 -67.01 50.59 158.57
CA PRO B 956 -67.04 50.71 160.04
C PRO B 956 -66.41 51.99 160.55
N LYS B 957 -66.43 52.16 161.88
CA LYS B 957 -65.92 53.37 162.50
C LYS B 957 -64.41 53.46 162.48
N THR B 958 -63.71 52.38 162.14
CA THR B 958 -62.27 52.47 161.90
C THR B 958 -61.96 53.37 160.72
N TYR B 959 -62.85 53.39 159.72
CA TYR B 959 -62.75 54.34 158.62
C TYR B 959 -63.22 55.72 159.02
N MET B 960 -64.10 55.81 160.00
CA MET B 960 -64.53 57.11 160.50
C MET B 960 -63.40 57.77 161.25
N MET B 961 -63.15 59.04 160.96
CA MET B 961 -61.99 59.73 161.46
C MET B 961 -62.35 60.58 162.68
N SER B 962 -61.32 61.23 163.24
CA SER B 962 -61.50 61.98 164.48
C SER B 962 -62.32 63.24 164.30
N ASN B 963 -62.45 63.73 163.07
CA ASN B 963 -63.41 64.77 162.73
C ASN B 963 -64.79 64.23 162.38
N GLY B 964 -65.01 62.93 162.60
CA GLY B 964 -66.25 62.29 162.21
C GLY B 964 -66.40 62.02 160.74
N TYR B 965 -65.32 62.15 159.95
CA TYR B 965 -65.39 61.94 158.51
C TYR B 965 -65.06 60.49 158.18
N LYS B 966 -66.08 59.71 157.89
CA LYS B 966 -65.90 58.43 157.28
C LYS B 966 -65.97 58.60 155.77
N PRO B 967 -65.01 58.06 155.02
CA PRO B 967 -65.07 58.20 153.56
C PRO B 967 -66.20 57.34 152.99
N ALA B 968 -67.02 57.96 152.16
CA ALA B 968 -68.14 57.27 151.52
C ALA B 968 -68.02 57.39 150.01
N PRO B 969 -67.18 56.59 149.37
CA PRO B 969 -67.15 56.57 147.91
C PRO B 969 -68.38 55.84 147.37
N LEU B 970 -68.57 55.99 146.06
CA LEU B 970 -69.79 55.50 145.44
C LEU B 970 -69.74 53.99 145.24
N ASP B 971 -70.81 53.32 145.65
CA ASP B 971 -70.93 51.88 145.52
C ASP B 971 -71.23 51.58 144.05
N LEU B 972 -70.18 51.50 143.25
CA LEU B 972 -70.28 51.32 141.81
C LEU B 972 -69.49 50.12 141.35
N SER B 973 -69.66 49.00 142.06
CA SER B 973 -69.05 47.75 141.65
C SER B 973 -69.76 47.11 140.46
N HIS B 974 -70.98 47.53 140.17
CA HIS B 974 -71.80 46.93 139.12
C HIS B 974 -71.59 47.57 137.75
N VAL B 975 -70.59 48.41 137.58
CA VAL B 975 -70.42 49.19 136.36
C VAL B 975 -69.11 48.77 135.70
N ARG B 976 -69.21 48.25 134.48
CA ARG B 976 -68.05 48.14 133.61
C ARG B 976 -67.92 49.41 132.76
N LEU B 977 -66.68 49.81 132.50
CA LEU B 977 -66.45 51.06 131.76
C LEU B 977 -66.64 50.85 130.26
N THR B 978 -65.81 49.98 129.65
CA THR B 978 -65.66 49.55 128.26
C THR B 978 -64.50 48.58 128.13
N PRO B 979 -64.54 47.66 127.17
CA PRO B 979 -63.31 46.97 126.77
C PRO B 979 -62.46 47.81 125.83
N ALA B 980 -63.06 48.77 125.15
CA ALA B 980 -62.41 49.58 124.12
C ALA B 980 -61.40 50.55 124.70
N GLN B 981 -61.72 51.17 125.84
CA GLN B 981 -60.86 52.16 126.47
C GLN B 981 -59.78 51.51 127.33
N THR B 982 -59.57 50.20 127.21
CA THR B 982 -58.43 49.55 127.85
C THR B 982 -57.11 50.07 127.30
N THR B 983 -57.10 50.55 126.06
CA THR B 983 -55.97 51.27 125.51
C THR B 983 -56.07 52.77 125.68
N LEU B 984 -57.29 53.32 125.70
CA LEU B 984 -57.44 54.77 125.82
C LEU B 984 -57.09 55.26 127.23
N VAL B 985 -57.27 54.40 128.24
CA VAL B 985 -56.88 54.74 129.60
C VAL B 985 -55.36 54.82 129.69
N ASP B 986 -54.66 53.91 129.02
CA ASP B 986 -53.20 54.02 128.95
C ASP B 986 -52.76 55.20 128.11
N ARG B 987 -53.55 55.58 127.11
CA ARG B 987 -53.26 56.77 126.31
C ARG B 987 -53.36 58.04 127.14
N LEU B 988 -54.42 58.18 127.94
CA LEU B 988 -54.51 59.28 128.88
C LEU B 988 -53.48 59.17 130.00
N ALA B 989 -53.11 57.95 130.39
CA ALA B 989 -52.15 57.75 131.46
C ALA B 989 -50.75 58.21 131.05
N GLU B 990 -50.35 57.90 129.82
CA GLU B 990 -49.05 58.34 129.33
C GLU B 990 -48.99 59.85 129.20
N ASN B 991 -50.09 60.46 128.74
CA ASN B 991 -50.15 61.91 128.64
C ASN B 991 -50.13 62.59 130.01
N GLY B 992 -50.82 62.02 131.00
CA GLY B 992 -50.78 62.59 132.33
C GLY B 992 -49.43 62.43 133.01
N HIS B 993 -48.79 61.27 132.81
CA HIS B 993 -47.45 61.07 133.33
C HIS B 993 -46.44 61.97 132.63
N ASN B 994 -46.64 62.23 131.35
CA ASN B 994 -45.77 63.16 130.63
C ASN B 994 -46.00 64.59 131.10
N VAL B 995 -47.24 64.92 131.45
CA VAL B 995 -47.55 66.23 132.00
C VAL B 995 -46.89 66.41 133.36
N TRP B 996 -46.92 65.36 134.18
CA TRP B 996 -46.24 65.38 135.47
C TRP B 996 -44.73 65.47 135.30
N ALA B 997 -44.19 64.80 134.27
CA ALA B 997 -42.76 64.84 134.00
C ALA B 997 -42.33 66.21 133.50
N ARG B 998 -43.15 66.85 132.67
CA ARG B 998 -42.85 68.20 132.22
C ARG B 998 -43.02 69.22 133.34
N ASP B 999 -43.91 68.95 134.29
CA ASP B 999 -44.04 69.78 135.48
C ASP B 999 -42.80 69.67 136.36
N ARG B 1000 -42.31 68.45 136.56
CA ARG B 1000 -41.17 68.25 137.46
C ARG B 1000 -39.83 68.49 136.77
N VAL B 1001 -39.78 68.54 135.45
CA VAL B 1001 -38.53 68.56 134.70
C VAL B 1001 -38.47 69.74 133.75
N ALA B 1002 -39.39 69.81 132.79
CA ALA B 1002 -39.41 70.93 131.86
C ALA B 1002 -39.80 72.22 132.56
N GLN B 1003 -40.77 72.13 133.46
CA GLN B 1003 -41.06 73.25 134.34
C GLN B 1003 -40.19 73.21 135.59
N GLY B 1004 -40.06 72.05 136.22
CA GLY B 1004 -39.37 71.96 137.48
C GLY B 1004 -37.85 71.97 137.39
N TRP B 1005 -37.30 71.00 136.65
CA TRP B 1005 -35.88 70.65 136.67
C TRP B 1005 -35.40 70.42 138.10
N SER B 1006 -36.02 69.44 138.75
CA SER B 1006 -35.83 69.23 140.17
C SER B 1006 -34.45 68.65 140.46
N TYR B 1007 -33.78 69.21 141.46
CA TYR B 1007 -32.48 68.70 141.93
C TYR B 1007 -32.72 67.71 143.06
N SER B 1008 -33.57 66.73 142.77
CA SER B 1008 -33.90 65.66 143.69
C SER B 1008 -33.93 64.35 142.91
N ALA B 1009 -33.88 63.24 143.65
CA ALA B 1009 -33.88 61.92 143.03
C ALA B 1009 -35.26 61.57 142.49
N ARG B 1020 -34.86 59.56 140.00
CA ARG B 1020 -35.93 58.94 139.23
C ARG B 1020 -36.60 59.93 138.30
N LEU B 1021 -35.99 60.18 137.14
CA LEU B 1021 -36.54 61.05 136.12
C LEU B 1021 -36.13 60.50 134.75
N VAL B 1022 -37.10 60.00 133.99
CA VAL B 1022 -36.81 59.33 132.72
C VAL B 1022 -38.00 59.46 131.78
N PRO B 1023 -37.92 58.91 130.56
CA PRO B 1023 -39.05 59.02 129.62
C PRO B 1023 -40.19 58.09 130.00
N TYR B 1024 -41.42 58.58 129.81
CA TYR B 1024 -42.59 57.93 130.35
C TYR B 1024 -43.23 56.90 129.42
N ARG B 1025 -42.79 56.85 128.16
CA ARG B 1025 -43.35 55.87 127.23
C ARG B 1025 -42.95 54.45 127.59
N LEU B 1026 -41.76 54.27 128.16
CA LEU B 1026 -41.29 52.98 128.62
C LEU B 1026 -40.66 53.13 130.00
N LEU B 1027 -41.37 53.83 130.88
CA LEU B 1027 -40.80 54.19 132.17
C LEU B 1027 -40.76 53.00 133.12
N ASP B 1028 -41.92 52.47 133.49
CA ASP B 1028 -42.00 51.51 134.58
C ASP B 1028 -43.32 50.77 134.49
N GLU B 1029 -43.30 49.52 134.95
CA GLU B 1029 -44.51 48.71 134.93
C GLU B 1029 -45.47 49.07 136.05
N ALA B 1030 -44.95 49.22 137.27
CA ALA B 1030 -45.80 49.54 138.41
C ALA B 1030 -46.38 50.94 138.31
N THR B 1031 -45.64 51.87 137.70
CA THR B 1031 -46.16 53.22 137.47
C THR B 1031 -47.34 53.20 136.51
N LYS B 1032 -47.23 52.42 135.42
CA LYS B 1032 -48.32 52.34 134.46
C LYS B 1032 -49.49 51.53 135.01
N ARG B 1033 -49.23 50.55 135.89
CA ARG B 1033 -50.31 49.85 136.56
C ARG B 1033 -51.06 50.76 137.53
N SER B 1034 -50.33 51.57 138.29
CA SER B 1034 -50.97 52.53 139.19
C SER B 1034 -51.68 53.63 138.42
N ASN B 1035 -51.15 54.01 137.26
CA ASN B 1035 -51.79 55.06 136.48
C ASN B 1035 -53.00 54.53 135.72
N ARG B 1036 -53.01 53.22 135.43
CA ARG B 1036 -54.22 52.57 134.95
C ARG B 1036 -55.24 52.44 136.08
N ASP B 1037 -54.75 52.19 137.30
CA ASP B 1037 -55.62 52.14 138.47
C ASP B 1037 -56.22 53.50 138.76
N SER B 1038 -55.51 54.57 138.42
CA SER B 1038 -56.00 55.93 138.59
C SER B 1038 -57.22 56.24 137.73
N LEU B 1039 -57.37 55.56 136.60
CA LEU B 1039 -58.49 55.80 135.71
C LEU B 1039 -59.45 54.62 135.65
N CYS B 1040 -59.13 53.49 136.29
CA CYS B 1040 -60.08 52.39 136.38
C CYS B 1040 -61.27 52.76 137.24
N GLN B 1041 -61.06 53.62 138.24
CA GLN B 1041 -62.13 54.17 139.05
C GLN B 1041 -62.56 55.55 138.57
N ALA B 1042 -62.45 55.80 137.27
CA ALA B 1042 -62.89 57.05 136.68
C ALA B 1042 -64.07 56.86 135.74
N VAL B 1043 -63.94 56.01 134.72
CA VAL B 1043 -65.01 55.86 133.74
C VAL B 1043 -66.11 54.98 134.32
N ARG B 1044 -65.74 53.99 135.14
CA ARG B 1044 -66.72 53.22 135.90
C ARG B 1044 -67.46 54.09 136.89
N THR B 1045 -66.81 55.15 137.39
CA THR B 1045 -67.48 56.05 138.32
C THR B 1045 -68.42 57.00 137.58
N LEU B 1046 -67.99 57.51 136.43
CA LEU B 1046 -68.83 58.46 135.68
C LEU B 1046 -70.01 57.78 134.99
N LEU B 1047 -69.88 56.52 134.58
CA LEU B 1047 -71.06 55.80 134.09
C LEU B 1047 -72.03 55.48 135.22
N GLY B 1048 -71.52 55.31 136.44
CA GLY B 1048 -72.40 55.19 137.59
C GLY B 1048 -73.06 56.50 137.97
N TYR B 1049 -72.37 57.62 137.75
CA TYR B 1049 -73.02 58.92 137.76
C TYR B 1049 -74.10 59.05 136.69
N GLY B 1050 -73.91 58.40 135.54
CA GLY B 1050 -74.90 58.42 134.48
C GLY B 1050 -74.44 59.11 133.22
N TYR B 1051 -73.20 59.58 133.18
CA TYR B 1051 -72.65 60.22 132.00
C TYR B 1051 -72.22 59.14 131.01
N ASN B 1052 -72.99 59.00 129.92
CA ASN B 1052 -72.67 58.10 128.84
C ASN B 1052 -71.37 58.54 128.18
N ILE B 1053 -70.40 57.63 128.17
CA ILE B 1053 -69.06 57.87 127.62
C ILE B 1053 -68.80 56.80 126.58
N GLU B 1054 -68.62 57.22 125.33
CA GLU B 1054 -68.40 56.29 124.22
C GLU B 1054 -67.17 56.69 123.41
N ASP B 1070 -37.53 48.49 111.55
CA ASP B 1070 -36.35 49.11 110.95
C ASP B 1070 -36.07 48.47 109.59
N ARG B 1071 -35.15 47.50 109.59
CA ARG B 1071 -34.74 46.79 108.39
C ARG B 1071 -34.57 45.30 108.72
N VAL B 1072 -33.89 44.58 107.83
CA VAL B 1072 -33.77 43.13 107.91
C VAL B 1072 -32.32 42.74 107.62
N ARG B 1073 -31.76 41.87 108.46
CA ARG B 1073 -30.49 41.23 108.16
C ARG B 1073 -30.74 39.97 107.34
N ILE B 1074 -30.08 39.85 106.19
CA ILE B 1074 -30.34 38.76 105.25
C ILE B 1074 -29.10 37.89 105.16
N PHE B 1075 -29.28 36.59 105.22
CA PHE B 1075 -28.19 35.63 105.29
C PHE B 1075 -28.40 34.55 104.24
N ARG B 1076 -27.29 34.07 103.68
CA ARG B 1076 -27.38 33.09 102.59
C ARG B 1076 -26.07 32.32 102.52
N ALA B 1077 -26.13 31.15 101.89
CA ALA B 1077 -24.94 30.34 101.77
C ALA B 1077 -24.06 30.84 100.64
N GLU B 1078 -22.96 30.15 100.39
CA GLU B 1078 -22.07 30.59 99.34
C GLU B 1078 -22.58 30.11 97.99
N LYS B 1079 -22.45 30.97 96.98
CA LYS B 1079 -22.84 30.67 95.61
C LYS B 1079 -22.06 29.50 95.02
N SER B 1080 -20.87 29.20 95.55
CA SER B 1080 -20.17 27.97 95.14
C SER B 1080 -20.93 26.72 95.55
N TYR B 1081 -21.71 26.79 96.62
CA TYR B 1081 -22.52 25.68 97.08
C TYR B 1081 -23.91 25.70 96.51
N THR B 1082 -24.12 26.34 95.37
CA THR B 1082 -25.42 26.34 94.72
C THR B 1082 -25.69 24.97 94.13
N VAL B 1083 -26.51 24.18 94.81
CA VAL B 1083 -26.78 22.81 94.41
C VAL B 1083 -27.60 22.82 93.13
N GLN B 1084 -27.35 21.82 92.29
CA GLN B 1084 -28.03 21.77 91.00
C GLN B 1084 -28.65 20.41 90.72
N SER B 1085 -28.75 19.54 91.72
CA SER B 1085 -29.19 18.18 91.47
C SER B 1085 -29.71 17.56 92.76
N GLY B 1086 -30.48 16.50 92.61
CA GLY B 1086 -30.77 15.58 93.70
C GLY B 1086 -31.90 16.00 94.60
N ARG B 1087 -31.81 15.54 95.84
CA ARG B 1087 -32.79 15.80 96.87
C ARG B 1087 -32.09 16.31 98.11
N TRP B 1088 -32.61 17.40 98.67
CA TRP B 1088 -31.86 18.12 99.69
C TRP B 1088 -32.75 18.51 100.85
N TYR B 1089 -32.10 18.98 101.90
CA TYR B 1089 -32.75 19.24 103.17
C TYR B 1089 -31.83 20.09 104.02
N PHE B 1090 -32.42 20.98 104.80
CA PHE B 1090 -31.77 21.60 105.94
C PHE B 1090 -32.83 21.81 107.00
N GLU B 1091 -32.39 22.09 108.23
CA GLU B 1091 -33.31 22.14 109.36
C GLU B 1091 -33.09 23.44 110.12
N PHE B 1092 -34.15 24.23 110.25
CA PHE B 1092 -34.09 25.54 110.89
C PHE B 1092 -34.88 25.50 112.20
N GLU B 1093 -34.45 26.32 113.15
CA GLU B 1093 -35.10 26.42 114.46
C GLU B 1093 -35.30 27.88 114.81
N ALA B 1094 -36.54 28.27 115.06
CA ALA B 1094 -36.92 29.66 115.26
C ALA B 1094 -37.41 29.88 116.69
N VAL B 1095 -36.62 30.63 117.46
CA VAL B 1095 -36.98 30.95 118.84
C VAL B 1095 -38.19 31.88 118.88
N THR B 1096 -38.05 33.05 118.25
CA THR B 1096 -39.16 33.97 118.14
C THR B 1096 -40.20 33.44 117.15
N THR B 1097 -41.40 34.01 117.25
CA THR B 1097 -42.49 33.68 116.35
C THR B 1097 -42.70 34.78 115.31
N GLY B 1098 -41.78 35.74 115.26
CA GLY B 1098 -42.05 37.01 114.62
C GLY B 1098 -41.78 37.09 113.13
N GLU B 1099 -40.91 38.03 112.75
CA GLU B 1099 -40.78 38.48 111.37
C GLU B 1099 -39.46 38.02 110.79
N MET B 1100 -39.51 36.92 110.06
CA MET B 1100 -38.38 36.48 109.25
C MET B 1100 -38.97 35.63 108.14
N ARG B 1101 -38.11 35.20 107.22
CA ARG B 1101 -38.53 34.37 106.11
C ARG B 1101 -37.41 33.40 105.78
N VAL B 1102 -37.78 32.14 105.63
CA VAL B 1102 -36.82 31.06 105.40
C VAL B 1102 -37.21 30.35 104.12
N GLY B 1103 -36.26 30.23 103.20
CA GLY B 1103 -36.54 29.56 101.96
C GLY B 1103 -35.30 29.35 101.12
N TRP B 1104 -35.55 29.14 99.83
CA TRP B 1104 -34.54 28.91 98.83
C TRP B 1104 -34.52 30.08 97.86
N ALA B 1105 -33.46 30.19 97.08
CA ALA B 1105 -33.33 31.34 96.21
C ALA B 1105 -32.47 31.01 95.00
N ARG B 1106 -32.64 31.80 93.95
CA ARG B 1106 -31.77 31.72 92.79
C ARG B 1106 -30.38 32.23 93.15
N PRO B 1107 -29.33 31.76 92.46
CA PRO B 1107 -27.98 32.24 92.80
C PRO B 1107 -27.69 33.65 92.33
N GLU B 1108 -28.60 34.32 91.64
CA GLU B 1108 -28.41 35.70 91.22
C GLU B 1108 -29.14 36.65 92.16
N LEU B 1109 -28.69 36.64 93.42
CA LEU B 1109 -29.34 37.45 94.45
C LEU B 1109 -28.85 38.88 94.37
N ARG B 1110 -29.54 39.67 93.58
CA ARG B 1110 -29.49 41.11 93.72
C ARG B 1110 -30.01 41.48 95.10
N PRO B 1111 -29.27 42.21 95.90
CA PRO B 1111 -29.83 42.71 97.16
C PRO B 1111 -30.78 43.88 96.93
N ASP B 1112 -31.20 44.53 98.03
CA ASP B 1112 -32.21 45.59 98.05
C ASP B 1112 -33.56 45.13 97.51
N VAL B 1113 -33.82 43.83 97.57
CA VAL B 1113 -35.06 43.23 97.12
C VAL B 1113 -35.66 42.48 98.29
N GLU B 1114 -36.91 42.77 98.62
CA GLU B 1114 -37.55 42.01 99.69
C GLU B 1114 -37.88 40.61 99.20
N LEU B 1115 -37.97 39.69 100.15
CA LEU B 1115 -37.83 38.28 99.83
C LEU B 1115 -39.19 37.66 99.51
N GLY B 1116 -39.30 37.08 98.32
CA GLY B 1116 -40.51 36.44 97.89
C GLY B 1116 -41.55 37.34 97.28
N ALA B 1117 -41.20 38.58 96.95
CA ALA B 1117 -42.13 39.47 96.29
C ALA B 1117 -42.12 39.29 94.78
N ASP B 1118 -41.37 38.33 94.26
CA ASP B 1118 -41.10 38.30 92.84
C ASP B 1118 -40.90 36.86 92.39
N GLU B 1119 -40.44 36.70 91.15
CA GLU B 1119 -40.12 35.41 90.57
C GLU B 1119 -38.80 34.86 91.06
N LEU B 1120 -38.00 35.69 91.72
CA LEU B 1120 -36.66 35.33 92.11
C LEU B 1120 -36.65 34.31 93.24
N ALA B 1121 -37.51 34.48 94.24
CA ALA B 1121 -37.39 33.69 95.45
C ALA B 1121 -38.73 33.10 95.87
N TYR B 1122 -38.71 31.80 96.07
CA TYR B 1122 -39.79 31.07 96.74
C TYR B 1122 -39.46 31.06 98.22
N VAL B 1123 -40.30 31.72 99.03
CA VAL B 1123 -40.05 31.82 100.46
C VAL B 1123 -41.40 31.83 101.17
N PHE B 1124 -41.34 31.67 102.49
CA PHE B 1124 -42.51 31.59 103.34
C PHE B 1124 -42.39 32.59 104.47
N ASN B 1125 -43.53 33.14 104.88
CA ASN B 1125 -43.63 33.91 106.11
C ASN B 1125 -44.71 33.28 106.99
N GLY B 1126 -44.41 33.14 108.26
CA GLY B 1126 -45.36 32.53 109.16
C GLY B 1126 -45.67 33.41 110.34
N HIS B 1127 -45.69 34.72 110.12
CA HIS B 1127 -46.46 35.52 111.04
C HIS B 1127 -47.92 35.50 110.65
N ARG B 1128 -48.20 35.13 109.39
CA ARG B 1128 -49.55 35.00 108.87
C ARG B 1128 -49.79 33.65 108.21
N GLY B 1129 -48.75 32.84 108.03
CA GLY B 1129 -48.89 31.64 107.25
C GLY B 1129 -49.05 31.96 105.78
N GLN B 1130 -48.00 32.51 105.18
CA GLN B 1130 -48.04 32.94 103.79
C GLN B 1130 -46.75 32.59 103.10
N ARG B 1131 -46.85 31.84 102.00
CA ARG B 1131 -45.71 31.60 101.14
C ARG B 1131 -45.57 32.77 100.19
N TRP B 1132 -44.35 33.24 99.98
CA TRP B 1132 -44.11 34.42 99.18
C TRP B 1132 -43.30 34.02 97.96
N HIS B 1133 -43.92 34.13 96.79
CA HIS B 1133 -43.24 34.10 95.51
C HIS B 1133 -44.16 34.78 94.52
N LEU B 1134 -43.62 35.73 93.74
CA LEU B 1134 -44.41 36.66 92.92
C LEU B 1134 -45.46 37.36 93.77
N GLY B 1135 -45.04 37.77 94.96
CA GLY B 1135 -45.95 38.30 95.97
C GLY B 1135 -46.31 37.23 96.98
N SER B 1136 -47.11 37.66 97.95
CA SER B 1136 -47.56 36.80 99.04
C SER B 1136 -48.73 35.94 98.58
N GLU B 1137 -48.92 34.82 99.27
CA GLU B 1137 -49.91 33.83 98.95
C GLU B 1137 -50.28 33.21 100.29
N PRO B 1138 -51.57 33.10 100.61
CA PRO B 1138 -51.97 32.42 101.84
C PRO B 1138 -51.63 30.94 101.76
N PHE B 1139 -51.02 30.42 102.83
CA PHE B 1139 -50.48 29.07 102.79
C PHE B 1139 -50.34 28.59 104.24
N GLY B 1140 -51.31 27.82 104.71
CA GLY B 1140 -51.20 27.21 106.02
C GLY B 1140 -51.33 28.20 107.16
N ARG B 1141 -50.51 27.97 108.17
CA ARG B 1141 -50.62 28.51 109.51
C ARG B 1141 -49.42 29.37 109.89
N PRO B 1142 -49.61 30.31 110.82
CA PRO B 1142 -48.45 31.06 111.35
C PRO B 1142 -47.58 30.26 112.30
N TRP B 1143 -46.65 30.95 112.97
CA TRP B 1143 -45.57 30.29 113.69
C TRP B 1143 -45.88 30.07 115.17
N GLN B 1144 -45.03 29.26 115.79
CA GLN B 1144 -44.94 29.07 117.22
C GLN B 1144 -43.52 29.30 117.67
N SER B 1145 -43.23 29.09 118.95
CA SER B 1145 -41.85 29.14 119.40
C SER B 1145 -41.21 27.77 119.28
N GLY B 1146 -39.88 27.75 119.35
CA GLY B 1146 -39.14 26.52 119.08
C GLY B 1146 -39.05 26.33 117.59
N ASP B 1147 -40.15 25.87 116.98
CA ASP B 1147 -40.49 26.11 115.58
C ASP B 1147 -39.47 25.48 114.63
N VAL B 1148 -39.41 24.15 114.66
CA VAL B 1148 -38.48 23.39 113.82
C VAL B 1148 -38.95 23.50 112.38
N VAL B 1149 -38.10 24.03 111.51
CA VAL B 1149 -38.43 24.27 110.11
C VAL B 1149 -37.54 23.41 109.24
N GLY B 1150 -38.15 22.62 108.36
CA GLY B 1150 -37.42 21.83 107.39
C GLY B 1150 -37.85 22.22 105.98
N CYS B 1151 -36.87 22.33 105.09
CA CYS B 1151 -37.13 22.71 103.71
C CYS B 1151 -36.44 21.72 102.78
N MET B 1152 -37.25 21.01 102.00
CA MET B 1152 -36.81 19.97 101.11
C MET B 1152 -37.06 20.39 99.69
N ILE B 1153 -36.33 19.75 98.76
CA ILE B 1153 -36.54 19.99 97.34
C ILE B 1153 -36.12 18.75 96.57
N ASP B 1154 -37.00 18.28 95.70
CA ASP B 1154 -36.63 17.26 94.72
C ASP B 1154 -36.52 18.00 93.40
N LEU B 1155 -35.27 18.18 92.95
CA LEU B 1155 -35.00 18.82 91.67
C LEU B 1155 -35.36 17.92 90.51
N THR B 1156 -35.32 16.60 90.74
CA THR B 1156 -35.84 15.67 89.75
C THR B 1156 -37.33 15.83 89.59
N GLU B 1157 -38.06 15.86 90.71
CA GLU B 1157 -39.49 16.13 90.69
C GLU B 1157 -39.78 17.61 90.43
N ASN B 1158 -38.79 18.47 90.69
CA ASN B 1158 -38.91 19.93 90.60
C ASN B 1158 -40.03 20.44 91.51
N THR B 1159 -39.89 20.09 92.79
CA THR B 1159 -40.91 20.43 93.78
C THR B 1159 -40.25 20.76 95.11
N ILE B 1160 -40.64 21.88 95.69
CA ILE B 1160 -40.13 22.36 96.96
C ILE B 1160 -41.16 22.03 98.03
N ILE B 1161 -40.73 21.36 99.09
CA ILE B 1161 -41.60 20.85 100.14
C ILE B 1161 -41.19 21.50 101.45
N PHE B 1162 -42.14 21.98 102.22
CA PHE B 1162 -41.86 22.61 103.50
C PHE B 1162 -42.53 21.83 104.62
N THR B 1163 -41.76 21.53 105.66
CA THR B 1163 -42.26 20.89 106.87
C THR B 1163 -42.04 21.81 108.06
N LEU B 1164 -43.02 21.85 108.95
CA LEU B 1164 -42.92 22.63 110.19
C LEU B 1164 -43.06 21.70 111.38
N ASN B 1165 -42.03 21.66 112.22
CA ASN B 1165 -41.95 20.77 113.38
C ASN B 1165 -42.14 19.32 112.98
N GLY B 1166 -41.54 18.95 111.85
CA GLY B 1166 -41.74 17.63 111.30
C GLY B 1166 -43.08 17.42 110.63
N GLU B 1167 -43.89 18.46 110.49
CA GLU B 1167 -45.20 18.34 109.87
C GLU B 1167 -45.18 19.12 108.56
N VAL B 1168 -45.39 18.38 107.47
CA VAL B 1168 -45.39 18.98 106.13
C VAL B 1168 -46.57 19.94 106.00
N LEU B 1169 -46.32 21.07 105.34
CA LEU B 1169 -47.30 22.14 105.29
C LEU B 1169 -48.25 21.95 104.12
N MET B 1170 -49.47 22.43 104.29
CA MET B 1170 -50.54 22.24 103.32
C MET B 1170 -50.86 23.53 102.59
N SER B 1171 -51.35 23.38 101.37
CA SER B 1171 -51.81 24.50 100.57
C SER B 1171 -53.24 24.83 100.96
N ASP B 1172 -53.79 25.85 100.29
CA ASP B 1172 -55.21 26.12 100.45
C ASP B 1172 -56.04 25.17 99.58
N SER B 1173 -55.40 24.54 98.59
CA SER B 1173 -56.02 23.48 97.80
C SER B 1173 -55.77 22.11 98.40
N GLY B 1174 -55.16 22.04 99.57
CA GLY B 1174 -54.87 20.77 100.21
C GLY B 1174 -53.65 20.05 99.69
N SER B 1175 -52.90 20.67 98.77
CA SER B 1175 -51.71 20.03 98.24
C SER B 1175 -50.56 20.12 99.25
N GLU B 1176 -49.53 19.32 99.01
CA GLU B 1176 -48.40 19.17 99.92
C GLU B 1176 -47.28 20.05 99.41
N THR B 1177 -47.38 21.34 99.72
CA THR B 1177 -46.41 22.40 99.39
C THR B 1177 -46.16 22.44 97.88
N ALA B 1178 -47.22 22.80 97.17
CA ALA B 1178 -47.26 22.69 95.70
C ALA B 1178 -46.40 23.78 95.07
N PHE B 1179 -45.09 23.57 95.13
CA PHE B 1179 -44.15 24.37 94.36
C PHE B 1179 -43.75 23.56 93.14
N ARG B 1180 -44.70 23.41 92.23
CA ARG B 1180 -44.49 22.66 91.01
C ARG B 1180 -43.92 23.57 89.95
N GLU B 1181 -43.30 22.96 88.94
CA GLU B 1181 -42.76 23.62 87.76
C GLU B 1181 -41.72 24.68 88.15
N ILE B 1182 -40.62 24.18 88.67
CA ILE B 1182 -39.41 24.96 88.84
C ILE B 1182 -38.35 24.35 87.94
N GLU B 1183 -37.48 25.21 87.41
CA GLU B 1183 -36.40 24.75 86.56
C GLU B 1183 -35.14 24.57 87.38
N ILE B 1184 -34.01 24.41 86.69
CA ILE B 1184 -32.72 24.53 87.35
C ILE B 1184 -32.29 25.99 87.37
N GLY B 1185 -32.36 26.64 86.21
CA GLY B 1185 -31.74 27.94 86.05
C GLY B 1185 -30.25 27.74 86.15
N ASP B 1186 -29.68 28.18 87.27
CA ASP B 1186 -28.30 27.87 87.61
C ASP B 1186 -28.25 27.14 88.94
N GLY B 1187 -29.26 26.32 89.20
CA GLY B 1187 -29.41 25.72 90.49
C GLY B 1187 -30.07 26.71 91.43
N PHE B 1188 -30.07 26.35 92.71
CA PHE B 1188 -30.67 27.19 93.73
C PHE B 1188 -29.86 27.09 95.01
N LEU B 1189 -30.18 27.99 95.95
CA LEU B 1189 -29.42 28.10 97.17
C LEU B 1189 -30.38 28.57 98.24
N PRO B 1190 -30.33 28.02 99.45
CA PRO B 1190 -31.24 28.46 100.50
C PRO B 1190 -30.88 29.84 101.02
N VAL B 1191 -31.80 30.44 101.76
CA VAL B 1191 -31.67 31.82 102.18
C VAL B 1191 -32.58 32.06 103.39
N CYS B 1192 -32.15 32.98 104.25
CA CYS B 1192 -32.94 33.36 105.41
C CYS B 1192 -32.93 34.89 105.55
N SER B 1193 -34.03 35.41 106.08
CA SER B 1193 -34.13 36.80 106.47
C SER B 1193 -34.22 36.87 107.98
N LEU B 1194 -34.05 38.07 108.53
CA LEU B 1194 -34.23 38.33 109.95
C LEU B 1194 -34.69 39.76 110.18
N GLY B 1195 -35.93 39.91 110.63
CA GLY B 1195 -36.44 41.21 110.97
C GLY B 1195 -35.87 41.72 112.28
N PRO B 1196 -36.34 42.89 112.71
CA PRO B 1196 -35.80 43.49 113.93
C PRO B 1196 -36.23 42.69 115.16
N GLY B 1197 -35.27 42.45 116.05
CA GLY B 1197 -35.55 41.69 117.26
C GLY B 1197 -35.91 40.25 117.02
N GLN B 1198 -35.29 39.61 116.03
CA GLN B 1198 -35.63 38.24 115.66
C GLN B 1198 -34.41 37.36 115.88
N VAL B 1199 -34.49 36.48 116.86
CA VAL B 1199 -33.37 35.62 117.21
C VAL B 1199 -33.67 34.20 116.75
N GLY B 1200 -32.61 33.39 116.66
CA GLY B 1200 -32.76 32.01 116.28
C GLY B 1200 -31.61 31.56 115.43
N HIS B 1201 -31.41 30.26 115.28
CA HIS B 1201 -30.26 29.77 114.52
C HIS B 1201 -30.74 28.86 113.41
N LEU B 1202 -29.84 28.62 112.46
CA LEU B 1202 -30.04 27.62 111.42
C LEU B 1202 -29.13 26.45 111.72
N ASN B 1203 -29.69 25.25 111.67
CA ASN B 1203 -28.85 24.06 111.72
C ASN B 1203 -28.56 23.61 110.31
N LEU B 1204 -27.48 22.87 110.14
CA LEU B 1204 -26.87 22.69 108.84
C LEU B 1204 -26.90 21.27 108.31
N GLY B 1205 -26.77 20.27 109.18
CA GLY B 1205 -26.55 18.92 108.70
C GLY B 1205 -25.09 18.56 108.65
N GLN B 1206 -24.24 19.34 109.31
CA GLN B 1206 -22.83 19.00 109.42
C GLN B 1206 -22.65 17.73 110.25
N ASP B 1207 -23.45 17.59 111.31
CA ASP B 1207 -23.52 16.36 112.08
C ASP B 1207 -24.94 15.84 112.08
N VAL B 1208 -25.06 14.51 112.05
CA VAL B 1208 -26.38 13.87 112.00
C VAL B 1208 -27.11 14.06 113.32
N SER B 1209 -26.42 13.80 114.44
CA SER B 1209 -27.03 13.97 115.75
C SER B 1209 -27.24 15.42 116.11
N SER B 1210 -26.55 16.35 115.44
CA SER B 1210 -26.82 17.76 115.64
C SER B 1210 -28.16 18.19 115.07
N LEU B 1211 -28.69 17.45 114.11
CA LEU B 1211 -30.00 17.77 113.56
C LEU B 1211 -31.09 17.54 114.58
N ARG B 1212 -32.09 18.43 114.57
CA ARG B 1212 -33.04 18.50 115.67
C ARG B 1212 -34.00 17.32 115.66
N PHE B 1213 -34.85 17.22 114.65
CA PHE B 1213 -35.73 16.07 114.56
C PHE B 1213 -35.08 15.01 113.68
N PHE B 1214 -34.97 15.32 112.38
CA PHE B 1214 -34.43 14.47 111.30
C PHE B 1214 -34.80 13.00 111.47
N ALA B 1215 -36.09 12.75 111.48
CA ALA B 1215 -36.58 11.38 111.56
C ALA B 1215 -37.79 11.13 110.69
N ILE B 1216 -38.29 12.13 109.98
CA ILE B 1216 -39.61 12.02 109.41
C ILE B 1216 -39.55 11.61 107.96
N CYS B 1217 -38.91 12.42 107.12
CA CYS B 1217 -39.06 12.33 105.68
C CYS B 1217 -37.77 12.50 104.90
N GLY B 1218 -36.80 13.27 105.42
CA GLY B 1218 -35.57 13.51 104.68
C GLY B 1218 -34.73 12.26 104.56
N LEU B 1219 -34.88 11.34 105.50
CA LEU B 1219 -34.22 10.05 105.40
C LEU B 1219 -34.93 9.18 104.39
N GLN B 1220 -36.21 8.90 104.64
CA GLN B 1220 -36.98 7.91 103.91
C GLN B 1220 -37.23 8.31 102.46
N GLU B 1221 -37.25 9.60 102.15
CA GLU B 1221 -37.51 10.04 100.80
C GLU B 1221 -36.26 10.58 100.12
N GLY B 1222 -35.07 10.15 100.54
CA GLY B 1222 -33.87 10.41 99.79
C GLY B 1222 -33.34 11.82 99.87
N PHE B 1223 -33.92 12.67 100.72
CA PHE B 1223 -33.45 14.03 100.82
C PHE B 1223 -32.13 14.08 101.59
N GLU B 1224 -31.45 15.21 101.53
CA GLU B 1224 -30.13 15.13 102.07
C GLU B 1224 -29.81 16.38 102.87
N PRO B 1225 -29.25 16.23 104.06
CA PRO B 1225 -28.69 17.38 104.77
C PRO B 1225 -27.56 17.99 103.97
N PHE B 1226 -27.41 19.30 104.14
CA PHE B 1226 -26.65 20.10 103.17
C PHE B 1226 -25.15 19.81 103.26
N ALA B 1227 -24.53 20.16 104.39
CA ALA B 1227 -23.08 20.03 104.51
C ALA B 1227 -22.74 18.76 105.28
N ILE B 1228 -23.26 17.64 104.79
CA ILE B 1228 -23.02 16.37 105.46
C ILE B 1228 -21.60 15.87 105.22
N ASN B 1229 -21.15 15.91 103.97
CA ASN B 1229 -19.84 15.39 103.61
C ASN B 1229 -18.84 16.53 103.53
N MET B 1230 -18.82 17.34 104.59
CA MET B 1230 -17.91 18.47 104.61
C MET B 1230 -17.01 18.41 105.82
N GLN B 1231 -16.04 19.31 105.90
CA GLN B 1231 -15.16 19.41 107.04
C GLN B 1231 -15.27 20.75 107.75
N ARG B 1232 -16.19 21.61 107.34
CA ARG B 1232 -16.32 22.96 107.85
C ARG B 1232 -17.71 23.47 107.49
N PRO B 1233 -18.26 24.40 108.27
CA PRO B 1233 -19.52 25.03 107.89
C PRO B 1233 -19.33 26.02 106.74
N VAL B 1234 -20.46 26.44 106.16
CA VAL B 1234 -20.45 27.42 105.10
C VAL B 1234 -20.09 28.78 105.68
N THR B 1235 -19.43 29.62 104.89
CA THR B 1235 -19.01 30.93 105.39
C THR B 1235 -20.12 31.95 105.42
N THR B 1236 -21.29 31.63 104.86
CA THR B 1236 -22.58 32.30 105.10
C THR B 1236 -22.53 33.80 104.76
N TRP B 1237 -22.46 34.05 103.46
CA TRP B 1237 -22.51 35.41 102.95
C TRP B 1237 -23.79 36.12 103.37
N PHE B 1238 -23.67 37.39 103.69
CA PHE B 1238 -24.80 38.10 104.25
C PHE B 1238 -24.83 39.53 103.75
N SER B 1239 -25.96 40.18 103.98
CA SER B 1239 -26.22 41.50 103.43
C SER B 1239 -25.45 42.58 104.18
N LYS B 1240 -24.96 43.56 103.42
CA LYS B 1240 -24.41 44.79 103.96
C LYS B 1240 -25.56 45.73 104.30
N SER B 1241 -25.32 46.64 105.24
CA SER B 1241 -26.32 47.62 105.63
C SER B 1241 -25.73 49.03 105.71
N LEU B 1242 -24.56 49.24 105.11
CA LEU B 1242 -23.93 50.56 105.14
C LEU B 1242 -23.91 51.06 103.70
N PRO B 1243 -24.24 52.35 103.46
CA PRO B 1243 -24.26 52.87 102.08
C PRO B 1243 -22.89 52.94 101.45
N GLN B 1244 -22.35 51.77 101.11
CA GLN B 1244 -21.11 51.69 100.39
C GLN B 1244 -21.29 52.11 98.94
N PHE B 1245 -20.29 52.85 98.46
CA PHE B 1245 -20.26 53.40 97.12
C PHE B 1245 -20.29 52.30 96.08
N GLU B 1246 -21.11 52.50 95.06
CA GLU B 1246 -21.19 51.49 94.02
C GLU B 1246 -21.30 52.20 92.69
N PRO B 1247 -20.38 51.98 91.76
CA PRO B 1247 -20.48 52.61 90.45
C PRO B 1247 -21.72 52.13 89.72
N VAL B 1248 -22.35 53.07 89.04
CA VAL B 1248 -23.69 52.92 88.48
C VAL B 1248 -23.70 51.82 87.44
N PRO B 1249 -24.66 50.90 87.50
CA PRO B 1249 -24.74 49.86 86.47
C PRO B 1249 -25.08 50.49 85.12
N PRO B 1250 -24.57 49.93 84.03
CA PRO B 1250 -24.98 50.41 82.71
C PRO B 1250 -26.45 50.20 82.41
N GLU B 1251 -27.05 49.19 83.02
CA GLU B 1251 -28.49 49.01 82.97
C GLU B 1251 -29.08 49.53 84.27
N HIS B 1252 -29.51 50.79 84.24
CA HIS B 1252 -30.55 51.22 85.14
C HIS B 1252 -31.74 51.63 84.29
N PRO B 1253 -32.97 51.37 84.75
CA PRO B 1253 -34.15 51.75 83.95
C PRO B 1253 -34.26 53.23 83.65
N HIS B 1254 -34.32 54.08 84.66
CA HIS B 1254 -34.50 55.50 84.41
C HIS B 1254 -33.26 56.33 84.73
N TYR B 1255 -32.12 55.68 84.97
CA TYR B 1255 -30.86 56.40 85.17
C TYR B 1255 -29.92 56.12 84.02
N GLU B 1256 -29.29 57.17 83.51
CA GLU B 1256 -28.38 57.07 82.39
C GLU B 1256 -27.44 58.27 82.41
N VAL B 1257 -26.25 58.09 81.85
CA VAL B 1257 -25.30 59.17 81.70
C VAL B 1257 -24.85 59.17 80.23
N ALA B 1258 -24.28 60.30 79.81
CA ALA B 1258 -23.87 60.48 78.44
C ALA B 1258 -22.46 61.06 78.44
N ARG B 1259 -21.55 60.37 77.75
CA ARG B 1259 -20.20 60.87 77.54
C ARG B 1259 -20.24 62.01 76.52
N MET B 1260 -19.60 63.12 76.86
CA MET B 1260 -19.54 64.26 75.96
C MET B 1260 -18.15 64.38 75.36
N ASP B 1261 -18.09 64.98 74.17
CA ASP B 1261 -16.85 65.22 73.48
C ASP B 1261 -16.34 66.61 73.83
N GLY B 1262 -15.03 66.74 73.92
CA GLY B 1262 -14.42 68.04 74.15
C GLY B 1262 -14.39 68.83 72.86
N THR B 1263 -15.29 69.79 72.72
CA THR B 1263 -15.38 70.58 71.51
C THR B 1263 -14.44 71.77 71.62
N VAL B 1264 -14.44 72.59 70.57
CA VAL B 1264 -13.78 73.89 70.64
C VAL B 1264 -14.50 74.78 71.63
N ASP B 1265 -15.82 74.65 71.74
CA ASP B 1265 -16.59 75.38 72.72
C ASP B 1265 -16.74 74.66 74.05
N THR B 1266 -16.81 73.33 74.06
CA THR B 1266 -17.10 72.65 75.30
C THR B 1266 -15.95 71.73 75.72
N PRO B 1267 -15.63 71.67 77.00
CA PRO B 1267 -14.79 70.59 77.52
C PRO B 1267 -15.58 69.30 77.57
N PRO B 1268 -14.93 68.14 77.67
CA PRO B 1268 -15.68 66.89 77.76
C PRO B 1268 -16.40 66.78 79.09
N CYS B 1269 -17.64 66.31 79.04
CA CYS B 1269 -18.53 66.33 80.19
C CYS B 1269 -19.17 64.96 80.39
N LEU B 1270 -19.76 64.80 81.56
CA LEU B 1270 -20.59 63.65 81.90
C LEU B 1270 -21.99 64.24 82.10
N ARG B 1271 -22.85 64.08 81.09
CA ARG B 1271 -24.20 64.60 81.23
C ARG B 1271 -25.09 63.53 81.83
N LEU B 1272 -25.52 63.73 83.05
CA LEU B 1272 -26.51 62.86 83.66
C LEU B 1272 -27.85 63.16 83.00
N ALA B 1273 -28.58 62.10 82.67
CA ALA B 1273 -29.93 62.23 82.13
C ALA B 1273 -30.83 61.25 82.87
N HIS B 1274 -32.13 61.36 82.60
CA HIS B 1274 -33.13 60.64 83.37
C HIS B 1274 -34.38 60.48 82.54
N ARG B 1275 -35.02 59.33 82.68
CA ARG B 1275 -36.33 59.10 82.08
C ARG B 1275 -37.37 59.88 82.88
N THR B 1276 -37.43 61.18 82.60
CA THR B 1276 -38.20 62.14 83.39
C THR B 1276 -39.68 61.97 83.07
N TRP B 1277 -40.26 60.90 83.61
CA TRP B 1277 -41.62 60.52 83.28
C TRP B 1277 -42.33 59.94 84.49
N GLY B 1278 -43.50 59.34 84.26
CA GLY B 1278 -44.32 58.82 85.35
C GLY B 1278 -43.87 57.42 85.74
N SER B 1279 -44.56 56.84 86.72
CA SER B 1279 -44.43 55.45 87.19
C SER B 1279 -43.07 55.12 87.77
N GLN B 1280 -42.21 56.11 87.97
CA GLN B 1280 -40.87 55.91 88.51
C GLN B 1280 -40.37 57.22 89.09
N ASN B 1281 -39.99 57.18 90.36
CA ASN B 1281 -39.44 58.35 91.04
C ASN B 1281 -38.54 57.92 92.18
N SER B 1282 -37.69 58.82 92.67
CA SER B 1282 -36.72 58.46 93.69
C SER B 1282 -36.30 59.71 94.47
N LEU B 1283 -35.47 59.50 95.49
CA LEU B 1283 -35.02 60.55 96.39
C LEU B 1283 -33.72 61.18 95.91
N VAL B 1284 -33.05 61.89 96.82
CA VAL B 1284 -31.78 62.56 96.53
C VAL B 1284 -30.72 61.52 96.22
N GLU B 1285 -30.26 61.49 94.97
CA GLU B 1285 -29.25 60.53 94.53
C GLU B 1285 -27.89 61.03 94.97
N MET B 1286 -27.36 60.43 96.02
CA MET B 1286 -26.03 60.78 96.50
C MET B 1286 -24.97 60.17 95.58
N LEU B 1287 -24.60 60.89 94.52
CA LEU B 1287 -23.63 60.41 93.57
C LEU B 1287 -22.21 60.84 93.98
N PHE B 1288 -21.24 60.01 93.64
CA PHE B 1288 -19.87 60.28 94.04
C PHE B 1288 -18.91 59.68 93.02
N LEU B 1289 -18.05 60.53 92.46
CA LEU B 1289 -17.11 60.05 91.48
C LEU B 1289 -15.96 59.29 92.16
N ARG B 1290 -15.22 58.55 91.34
CA ARG B 1290 -14.03 57.85 91.83
C ARG B 1290 -12.83 58.78 91.85
N LEU B 1291 -12.81 59.62 92.89
CA LEU B 1291 -11.75 60.59 93.07
C LEU B 1291 -11.12 60.39 94.43
N SER B 1292 -9.79 60.53 94.47
CA SER B 1292 -9.05 60.56 95.73
C SER B 1292 -7.99 61.64 95.56
N LEU B 1293 -8.38 62.88 95.82
CA LEU B 1293 -7.49 64.02 95.61
C LEU B 1293 -6.47 64.04 96.73
N PRO B 1294 -5.36 63.33 96.51
CA PRO B 1294 -4.29 63.22 97.50
C PRO B 1294 -3.62 64.58 97.70
N VAL B 1295 -3.75 65.11 98.92
CA VAL B 1295 -3.13 66.38 99.23
C VAL B 1295 -1.62 66.21 99.30
N GLN B 1296 -0.91 67.33 99.19
CA GLN B 1296 0.46 67.32 98.69
C GLN B 1296 1.54 67.19 99.77
N PHE B 1297 1.22 66.76 100.99
CA PHE B 1297 2.29 66.56 101.98
C PHE B 1297 2.33 65.11 102.44
N UNK B 1438 4.22 69.40 104.97
CA UNK B 1438 5.21 69.58 103.92
C UNK B 1438 4.64 70.36 102.74
N UNK B 1439 3.34 70.65 102.80
CA UNK B 1439 2.68 71.44 101.76
C UNK B 1439 1.45 72.10 102.35
N UNK B 1440 0.74 72.85 101.52
CA UNK B 1440 -0.44 73.59 101.92
C UNK B 1440 -1.52 73.37 100.87
N UNK B 1441 -2.49 72.51 101.19
CA UNK B 1441 -3.64 72.28 100.32
C UNK B 1441 -4.77 73.17 100.83
N UNK B 1442 -5.03 74.25 100.10
CA UNK B 1442 -6.09 75.20 100.45
C UNK B 1442 -6.93 75.43 99.20
N UNK B 1443 -8.09 74.78 99.16
CA UNK B 1443 -8.94 74.85 97.98
C UNK B 1443 -9.98 75.96 98.11
N UNK B 1444 -10.69 76.19 97.02
CA UNK B 1444 -11.71 77.24 97.00
C UNK B 1444 -12.75 76.87 95.95
N UNK B 1445 -14.00 76.70 96.37
CA UNK B 1445 -15.09 76.56 95.42
C UNK B 1445 -15.57 77.95 95.02
N UNK B 1446 -15.59 78.20 93.71
CA UNK B 1446 -15.97 79.50 93.18
C UNK B 1446 -17.33 79.40 92.51
N UNK B 1447 -18.12 80.46 92.63
CA UNK B 1447 -19.41 80.56 91.98
C UNK B 1447 -19.24 80.96 90.52
N UNK B 1448 -20.33 81.37 89.87
CA UNK B 1448 -20.23 81.96 88.55
C UNK B 1448 -19.40 83.23 88.54
N UNK B 1449 -19.60 84.11 89.52
CA UNK B 1449 -18.72 85.26 89.71
C UNK B 1449 -18.24 85.33 91.15
N UNK B 1450 -19.09 84.92 92.08
CA UNK B 1450 -18.83 85.08 93.50
C UNK B 1450 -17.80 84.04 93.97
N UNK B 1451 -17.38 84.17 95.23
CA UNK B 1451 -16.35 83.29 95.77
C UNK B 1451 -16.79 82.85 97.16
N UNK B 1452 -17.32 81.64 97.25
CA UNK B 1452 -17.57 80.98 98.52
C UNK B 1452 -16.20 80.63 99.09
N UNK B 1453 -16.01 80.98 100.36
CA UNK B 1453 -14.70 80.94 100.99
C UNK B 1453 -14.28 79.53 101.38
N UNK B 1454 -13.27 79.45 102.26
CA UNK B 1454 -12.73 78.22 102.82
C UNK B 1454 -13.70 77.54 103.77
N UNK B 1455 -13.17 76.59 104.56
CA UNK B 1455 -13.66 75.21 104.80
C UNK B 1455 -13.09 74.28 103.75
N UNK B 1456 -12.13 74.78 102.99
CA UNK B 1456 -11.13 73.92 102.39
C UNK B 1456 -9.79 74.63 102.47
N UNK B 1457 -9.09 74.51 103.60
CA UNK B 1457 -7.83 75.20 103.73
C UNK B 1457 -6.81 74.43 104.55
N UNK B 1458 -7.18 73.25 105.03
CA UNK B 1458 -6.38 72.53 106.02
C UNK B 1458 -6.29 71.07 105.59
N UNK B 1459 -5.26 70.76 104.81
CA UNK B 1459 -5.05 69.40 104.33
C UNK B 1459 -3.57 69.22 104.05
N UNK B 1460 -3.01 68.11 104.54
CA UNK B 1460 -1.62 67.77 104.29
C UNK B 1460 -1.48 66.67 103.26
N UNK B 1461 -2.01 65.48 103.53
CA UNK B 1461 -1.86 64.38 102.59
C UNK B 1461 -3.15 63.60 102.43
N UNK B 1462 -4.28 64.24 102.73
CA UNK B 1462 -5.57 63.57 102.66
C UNK B 1462 -5.98 63.39 101.21
N UNK B 1463 -6.82 62.37 100.97
CA UNK B 1463 -7.27 62.02 99.61
C UNK B 1463 -8.78 62.25 99.55
N UNK B 1464 -9.19 63.24 98.75
CA UNK B 1464 -10.55 63.74 98.76
C UNK B 1464 -11.27 63.35 97.48
N UNK B 1465 -12.56 63.10 97.58
CA UNK B 1465 -13.37 62.76 96.43
C UNK B 1465 -14.04 64.00 95.85
N UNK B 1466 -14.64 63.83 94.68
CA UNK B 1466 -15.60 64.81 94.19
C UNK B 1466 -17.00 64.29 94.46
N UNK B 1467 -17.86 65.15 95.00
CA UNK B 1467 -19.12 64.68 95.51
C UNK B 1467 -20.28 65.42 94.83
N UNK B 1468 -21.38 64.69 94.65
CA UNK B 1468 -22.60 65.28 94.14
C UNK B 1468 -23.82 64.57 94.71
N UNK B 1469 -24.32 65.03 95.85
CA UNK B 1469 -25.55 64.48 96.39
C UNK B 1469 -26.74 65.15 95.74
N UNK B 1470 -26.98 64.81 94.48
CA UNK B 1470 -27.99 65.48 93.67
C UNK B 1470 -29.36 64.92 94.00
N UNK B 1471 -30.40 65.67 93.65
CA UNK B 1471 -31.77 65.25 93.86
C UNK B 1471 -32.52 65.34 92.53
N UNK B 1472 -33.68 64.71 92.50
CA UNK B 1472 -34.46 64.64 91.27
C UNK B 1472 -35.16 65.98 90.99
N UNK B 1473 -35.25 66.31 89.70
CA UNK B 1473 -35.95 67.51 89.28
C UNK B 1473 -36.91 67.23 88.12
N UNK B 1474 -36.96 65.97 87.66
CA UNK B 1474 -37.81 65.50 86.55
C UNK B 1474 -37.58 66.30 85.29
N UNK B 1475 -36.32 66.67 85.06
CA UNK B 1475 -35.96 67.50 83.93
C UNK B 1475 -34.60 67.09 83.41
N UNK B 1476 -34.01 67.91 82.55
CA UNK B 1476 -32.66 67.67 82.03
C UNK B 1476 -31.68 67.92 83.18
N UNK B 1477 -30.95 66.88 83.55
CA UNK B 1477 -30.05 67.00 84.69
C UNK B 1477 -28.74 67.66 84.31
N UNK B 1478 -27.75 67.54 85.19
CA UNK B 1478 -26.50 68.26 85.05
C UNK B 1478 -25.59 67.61 84.02
N UNK B 1479 -24.44 68.26 83.82
CA UNK B 1479 -23.37 67.79 82.95
C UNK B 1479 -22.07 68.26 83.58
N UNK B 1480 -21.45 67.39 84.35
CA UNK B 1480 -20.18 67.71 85.02
C UNK B 1480 -19.09 67.71 83.97
N UNK B 1481 -18.60 68.89 83.62
CA UNK B 1481 -17.54 69.02 82.63
C UNK B 1481 -16.19 68.98 83.32
N UNK B 1482 -15.18 68.59 82.54
CA UNK B 1482 -13.79 68.56 82.98
C UNK B 1482 -13.08 69.69 82.25
N UNK B 1483 -13.11 70.87 82.83
CA UNK B 1483 -12.63 72.07 82.18
C UNK B 1483 -11.28 72.50 82.73
N UNK B 1484 -10.75 73.55 82.14
CA UNK B 1484 -9.53 74.21 82.57
C UNK B 1484 -9.68 75.72 82.40
N UNK B 1485 -8.83 76.45 83.11
CA UNK B 1485 -8.77 77.90 83.01
C UNK B 1485 -7.32 78.31 82.83
N UNK B 1486 -7.07 79.61 83.03
CA UNK B 1486 -5.71 80.11 83.19
C UNK B 1486 -5.21 79.98 84.62
N UNK B 1487 -5.78 79.05 85.40
CA UNK B 1487 -5.53 78.93 86.83
C UNK B 1487 -5.44 77.44 87.14
N UNK B 1488 -5.55 77.04 88.40
CA UNK B 1488 -5.31 75.67 88.83
C UNK B 1488 -6.48 74.75 88.42
N UNK B 1489 -6.44 73.52 88.93
CA UNK B 1489 -7.31 72.43 88.50
C UNK B 1489 -8.77 72.74 88.81
N UNK B 1490 -9.61 72.69 87.79
CA UNK B 1490 -11.01 73.05 87.88
C UNK B 1490 -11.88 71.97 87.24
N UNK B 1491 -13.15 71.94 87.62
CA UNK B 1491 -14.14 71.01 87.07
C UNK B 1491 -15.52 71.65 87.22
N UNK B 1492 -16.04 72.19 86.12
CA UNK B 1492 -17.33 72.85 86.16
C UNK B 1492 -18.45 71.82 86.06
N UNK B 1493 -19.68 72.29 86.22
CA UNK B 1493 -20.86 71.45 86.05
C UNK B 1493 -22.04 72.36 85.70
N UNK B 1494 -22.40 72.37 84.42
CA UNK B 1494 -23.64 73.01 84.02
C UNK B 1494 -24.82 72.15 84.47
N UNK B 1495 -25.98 72.77 84.65
CA UNK B 1495 -27.13 72.04 85.17
C UNK B 1495 -28.42 72.72 84.74
N UNK B 1496 -29.52 71.98 84.90
CA UNK B 1496 -30.85 72.56 84.71
C UNK B 1496 -31.85 72.06 85.73
N UNK B 1497 -31.40 71.58 86.89
CA UNK B 1497 -32.25 71.12 87.97
C UNK B 1497 -32.65 72.31 88.85
N UNK B 1498 -33.39 72.01 89.91
CA UNK B 1498 -33.89 73.07 90.79
C UNK B 1498 -32.91 73.37 91.91
N UNK B 1499 -32.67 72.40 92.79
CA UNK B 1499 -31.81 72.58 93.96
C UNK B 1499 -31.28 71.23 94.41
N UNK B 1500 -30.01 71.19 94.80
CA UNK B 1500 -29.36 69.96 95.25
C UNK B 1500 -28.13 70.34 96.05
N UNK B 1501 -27.66 69.42 96.89
CA UNK B 1501 -26.44 69.65 97.64
C UNK B 1501 -25.24 69.15 96.87
N UNK B 1502 -24.18 69.97 96.83
CA UNK B 1502 -22.95 69.64 96.13
C UNK B 1502 -21.78 69.80 97.08
N UNK B 1503 -20.70 69.08 96.77
CA UNK B 1503 -19.57 69.00 97.70
C UNK B 1503 -18.32 68.57 96.93
N UNK B 1504 -17.24 68.36 97.68
CA UNK B 1504 -16.08 67.61 97.22
C UNK B 1504 -15.63 66.80 98.44
N UNK B 1505 -16.13 65.57 98.52
CA UNK B 1505 -16.04 64.79 99.74
C UNK B 1505 -14.64 64.28 99.98
N UNK B 1506 -14.46 63.62 101.12
CA UNK B 1506 -13.30 62.75 101.31
C UNK B 1506 -13.64 61.37 100.78
N UNK B 1507 -12.83 60.39 101.12
CA UNK B 1507 -13.18 59.00 100.88
C UNK B 1507 -13.76 58.38 102.16
N UNK B 1508 -14.63 59.15 102.81
CA UNK B 1508 -15.10 58.81 104.15
C UNK B 1508 -16.60 59.03 104.28
N UNK B 1509 -17.31 59.03 103.16
CA UNK B 1509 -18.72 59.38 103.20
C UNK B 1509 -19.61 58.14 103.21
N UNK B 1510 -20.73 58.26 103.91
CA UNK B 1510 -21.78 57.25 103.91
C UNK B 1510 -23.12 57.97 104.09
N UNK B 1511 -23.84 58.21 102.99
CA UNK B 1511 -24.95 59.15 103.02
C UNK B 1511 -26.22 58.58 103.62
N UNK B 1512 -27.32 59.32 103.46
CA UNK B 1512 -28.57 59.02 104.12
C UNK B 1512 -29.75 59.48 103.26
N UNK B 1513 -30.91 59.64 103.89
CA UNK B 1513 -32.12 60.10 103.23
C UNK B 1513 -32.08 61.63 103.12
N UNK B 1514 -33.20 62.33 102.90
CA UNK B 1514 -33.22 63.76 102.62
C UNK B 1514 -32.70 64.55 103.81
N UNK B 1515 -31.54 65.19 103.63
CA UNK B 1515 -30.92 66.04 104.61
C UNK B 1515 -30.05 67.05 103.89
N UNK B 1516 -29.92 68.24 104.46
CA UNK B 1516 -29.22 69.33 103.78
C UNK B 1516 -28.05 69.84 104.61
N UNK B 1517 -28.01 69.47 105.89
CA UNK B 1517 -26.96 69.94 106.78
C UNK B 1517 -26.66 68.88 107.83
N UNK B 1518 -26.05 69.31 108.94
CA UNK B 1518 -25.66 68.47 110.08
C UNK B 1518 -24.73 67.33 109.63
N UNK B 1519 -23.58 67.74 109.11
CA UNK B 1519 -22.63 66.82 108.49
C UNK B 1519 -21.73 66.11 109.50
N UNK B 1520 -22.00 66.27 110.80
CA UNK B 1520 -21.31 65.59 111.91
C UNK B 1520 -19.81 65.82 111.92
N UNK B 1521 -19.38 67.06 112.05
CA UNK B 1521 -17.97 67.40 112.23
C UNK B 1521 -17.64 67.34 113.71
N UNK B 1522 -16.46 67.82 114.06
CA UNK B 1522 -16.06 67.96 115.46
C UNK B 1522 -15.06 69.12 115.55
N UNK B 1523 -14.48 69.31 116.72
CA UNK B 1523 -13.45 70.32 116.89
C UNK B 1523 -12.46 69.86 117.95
N UNK B 1524 -11.28 69.46 117.50
CA UNK B 1524 -10.20 69.09 118.39
C UNK B 1524 -9.55 70.35 118.93
N UNK B 1525 -8.92 70.23 120.09
CA UNK B 1525 -8.26 71.36 120.75
C UNK B 1525 -7.19 70.78 121.68
N UNK B 1526 -5.94 71.02 121.35
CA UNK B 1526 -4.80 70.57 122.15
C UNK B 1526 -4.07 71.81 122.67
N UNK B 1527 -4.32 72.19 123.91
CA UNK B 1527 -3.60 73.30 124.51
C UNK B 1527 -2.25 72.82 124.99
N UNK B 1528 -1.40 73.75 125.43
CA UNK B 1528 -0.03 73.39 125.78
C UNK B 1528 0.06 72.79 127.18
N UNK B 1529 -0.19 73.58 128.22
CA UNK B 1529 -0.05 73.09 129.58
C UNK B 1529 -1.35 73.09 130.35
N UNK B 1530 -1.97 74.26 130.58
CA UNK B 1530 -3.30 74.27 131.16
C UNK B 1530 -4.33 74.66 130.10
N UNK B 1531 -4.22 75.89 129.60
CA UNK B 1531 -5.03 76.34 128.47
C UNK B 1531 -4.26 77.34 127.61
N UNK B 1532 -2.93 77.36 127.72
CA UNK B 1532 -2.15 78.52 127.31
C UNK B 1532 -2.00 78.66 125.81
N UNK B 1533 -1.31 77.70 125.18
CA UNK B 1533 -1.10 77.76 123.74
C UNK B 1533 -1.90 76.66 123.07
N UNK B 1534 -2.99 77.02 122.42
CA UNK B 1534 -3.89 76.03 121.87
C UNK B 1534 -3.58 75.74 120.41
N UNK B 1535 -3.76 74.47 120.03
CA UNK B 1535 -3.76 74.02 118.66
C UNK B 1535 -5.12 73.36 118.47
N UNK B 1536 -6.08 74.16 118.03
CA UNK B 1536 -7.46 73.71 117.85
C UNK B 1536 -7.82 73.75 116.38
N UNK B 1537 -8.72 72.88 115.97
CA UNK B 1537 -9.15 72.80 114.59
C UNK B 1537 -10.51 72.13 114.52
N UNK B 1538 -11.25 72.43 113.46
CA UNK B 1538 -12.38 71.59 113.10
C UNK B 1538 -11.86 70.25 112.61
N UNK B 1539 -12.69 69.21 112.78
CA UNK B 1539 -12.23 67.85 112.61
C UNK B 1539 -12.78 67.18 111.36
N UNK B 1540 -12.91 67.92 110.25
CA UNK B 1540 -13.01 67.38 108.90
C UNK B 1540 -14.21 66.45 108.67
N UNK B 1541 -15.43 67.02 108.66
CA UNK B 1541 -16.60 66.29 108.21
C UNK B 1541 -16.39 65.78 106.78
N UNK B 1542 -17.05 64.64 106.49
CA UNK B 1542 -16.73 63.80 105.33
C UNK B 1542 -16.93 64.49 103.98
N UNK B 1543 -17.65 65.61 103.94
CA UNK B 1543 -17.86 66.33 102.69
C UNK B 1543 -18.07 67.83 102.92
N UNK B 1544 -18.63 68.49 101.90
CA UNK B 1544 -19.07 69.88 101.98
C UNK B 1544 -20.58 69.92 101.73
N UNK B 1545 -21.15 71.11 101.55
CA UNK B 1545 -22.58 71.22 101.27
C UNK B 1545 -22.85 72.42 100.39
N UNK B 1546 -23.72 72.23 99.41
CA UNK B 1546 -24.18 73.34 98.59
C UNK B 1546 -25.69 73.24 98.37
N UNK B 1547 -26.42 72.86 99.40
CA UNK B 1547 -27.85 72.61 99.32
C UNK B 1547 -28.58 73.94 99.12
N UNK B 1548 -28.96 74.19 97.86
CA UNK B 1548 -29.68 75.40 97.42
C UNK B 1548 -28.93 76.67 97.79
N UNK B 1549 -27.74 76.82 97.20
CA UNK B 1549 -26.88 77.95 97.55
C UNK B 1549 -27.33 79.25 96.90
N UNK B 1550 -27.89 79.18 95.70
CA UNK B 1550 -28.26 80.38 94.96
C UNK B 1550 -29.55 80.99 95.51
N UNK B 1551 -29.52 82.29 95.74
CA UNK B 1551 -30.67 83.05 96.22
C UNK B 1551 -31.26 83.85 95.08
N UNK B 1552 -32.16 83.22 94.33
CA UNK B 1552 -32.77 83.85 93.17
C UNK B 1552 -34.28 83.97 93.37
N UNK B 1553 -34.98 84.42 92.32
CA UNK B 1553 -36.42 84.54 92.34
C UNK B 1553 -37.05 83.22 91.93
N UNK B 1554 -38.37 83.23 91.66
CA UNK B 1554 -39.09 82.02 91.29
C UNK B 1554 -39.19 81.81 89.79
N UNK B 1555 -38.32 82.42 88.99
CA UNK B 1555 -38.42 82.33 87.54
C UNK B 1555 -37.11 81.92 86.87
N UNK B 1556 -36.45 80.86 87.36
CA UNK B 1556 -35.18 80.41 86.82
C UNK B 1556 -35.33 79.77 85.45
N UNK B 1557 -34.41 80.07 84.53
CA UNK B 1557 -34.46 79.49 83.19
C UNK B 1557 -33.08 79.05 82.71
N UNK B 1558 -32.02 79.52 83.35
CA UNK B 1558 -30.67 79.34 82.84
C UNK B 1558 -29.92 78.27 83.63
N UNK B 1559 -28.63 78.12 83.31
CA UNK B 1559 -27.76 77.14 83.93
C UNK B 1559 -26.83 77.78 84.95
N UNK B 1560 -26.14 76.94 85.72
CA UNK B 1560 -25.18 77.40 86.70
C UNK B 1560 -23.79 76.86 86.36
N UNK B 1561 -22.75 77.60 86.71
CA UNK B 1561 -21.39 77.23 86.31
C UNK B 1561 -20.42 77.45 87.47
N UNK B 1562 -20.80 76.98 88.67
CA UNK B 1562 -19.90 77.02 89.82
C UNK B 1562 -18.83 75.95 89.64
N UNK B 1563 -17.57 76.34 89.82
CA UNK B 1563 -16.46 75.41 89.65
C UNK B 1563 -15.63 75.37 90.94
N UNK B 1564 -14.48 74.70 90.91
CA UNK B 1564 -13.63 74.61 92.08
C UNK B 1564 -12.19 74.88 91.65
N UNK B 1565 -11.32 75.08 92.63
CA UNK B 1565 -9.90 75.24 92.38
C UNK B 1565 -9.15 74.70 93.59
N UNK B 1566 -7.97 74.15 93.33
CA UNK B 1566 -7.20 73.49 94.36
C UNK B 1566 -5.83 74.15 94.46
N UNK B 1567 -4.99 73.62 95.35
CA UNK B 1567 -3.64 74.13 95.53
C UNK B 1567 -2.69 73.52 94.51
N UNK B 1568 -2.96 73.74 93.23
CA UNK B 1568 -2.12 73.27 92.14
C UNK B 1568 -1.31 74.45 91.61
N UNK B 1569 -0.10 74.17 91.14
CA UNK B 1569 0.81 75.22 90.72
C UNK B 1569 0.49 75.71 89.32
N UNK B 1570 1.32 76.62 88.82
CA UNK B 1570 1.16 77.21 87.50
C UNK B 1570 2.47 77.11 86.73
N UNK B 1571 2.35 77.14 85.41
CA UNK B 1571 3.52 77.10 84.54
C UNK B 1571 3.21 77.94 83.30
N UNK B 1572 3.80 79.12 83.24
CA UNK B 1572 3.60 80.00 82.10
C UNK B 1572 4.94 80.62 81.70
N MET B 1573 -3.05 72.48 85.77
CA MET B 1573 -4.01 73.55 85.53
C MET B 1573 -5.39 73.06 85.04
N PRO B 1574 -5.47 71.97 84.22
CA PRO B 1574 -6.76 71.27 84.15
C PRO B 1574 -6.92 70.33 85.32
N LEU B 1575 -8.05 69.63 85.38
CA LEU B 1575 -8.23 68.67 86.45
C LEU B 1575 -7.42 67.40 86.19
N SER B 1576 -7.34 66.95 84.94
CA SER B 1576 -6.62 65.72 84.62
C SER B 1576 -5.12 65.88 84.71
N ALA B 1577 -4.61 67.11 84.81
CA ALA B 1577 -3.19 67.30 84.98
C ALA B 1577 -2.73 67.04 86.41
N ALA B 1578 -3.65 66.85 87.34
CA ALA B 1578 -3.28 66.81 88.75
C ALA B 1578 -2.90 65.42 89.24
N MET B 1579 -3.67 64.39 88.89
CA MET B 1579 -3.54 63.11 89.57
C MET B 1579 -2.64 62.15 88.83
N PHE B 1580 -2.76 62.14 87.50
CA PHE B 1580 -2.33 60.99 86.72
C PHE B 1580 -0.83 60.93 86.54
N LEU B 1581 -0.10 61.99 86.90
CA LEU B 1581 1.32 62.00 87.22
C LEU B 1581 2.23 61.84 85.99
N SER B 1582 1.65 61.46 84.85
CA SER B 1582 2.29 61.59 83.56
C SER B 1582 1.63 62.69 82.74
N GLU B 1583 0.36 62.96 83.02
CA GLU B 1583 -0.29 64.20 82.63
C GLU B 1583 0.03 65.33 83.60
N ARG B 1584 0.82 65.04 84.64
CA ARG B 1584 1.38 66.10 85.47
C ARG B 1584 2.29 67.01 84.66
N LYS B 1585 2.97 66.47 83.65
CA LYS B 1585 3.70 67.26 82.68
C LYS B 1585 2.88 67.57 81.43
N ASN B 1586 1.71 66.95 81.28
CA ASN B 1586 0.87 67.20 80.12
C ASN B 1586 -0.44 67.83 80.56
N PRO B 1587 -0.53 69.17 80.64
CA PRO B 1587 -1.74 69.80 81.15
C PRO B 1587 -2.90 69.81 80.17
N ALA B 1588 -3.40 68.63 79.82
CA ALA B 1588 -4.58 68.57 78.97
C ALA B 1588 -5.71 67.87 79.73
N PRO B 1589 -6.93 68.42 79.69
CA PRO B 1589 -8.04 67.74 80.36
C PRO B 1589 -8.52 66.54 79.56
N GLN B 1590 -8.69 65.42 80.25
CA GLN B 1590 -9.01 64.14 79.63
C GLN B 1590 -10.08 63.43 80.45
N CYS B 1591 -10.53 62.29 79.96
CA CYS B 1591 -11.51 61.46 80.66
C CYS B 1591 -11.13 60.01 80.50
N PRO B 1592 -10.32 59.47 81.40
CA PRO B 1592 -10.07 58.04 81.42
C PRO B 1592 -11.31 57.27 81.82
N PRO B 1593 -11.45 56.03 81.36
CA PRO B 1593 -12.55 55.18 81.83
C PRO B 1593 -12.46 54.78 83.28
N ARG B 1594 -11.32 55.02 83.95
CA ARG B 1594 -11.23 54.81 85.39
C ARG B 1594 -12.08 55.79 86.18
N LEU B 1595 -12.48 56.91 85.57
CA LEU B 1595 -13.33 57.88 86.25
C LEU B 1595 -14.76 57.35 86.24
N GLU B 1596 -15.26 56.95 87.41
CA GLU B 1596 -16.57 56.35 87.56
C GLU B 1596 -17.31 56.98 88.72
N VAL B 1597 -18.59 57.28 88.50
CA VAL B 1597 -19.41 57.86 89.56
C VAL B 1597 -20.11 56.72 90.30
N GLN B 1598 -20.02 56.77 91.62
CA GLN B 1598 -20.55 55.71 92.46
C GLN B 1598 -21.89 56.12 93.06
N MET B 1599 -22.88 55.25 92.86
CA MET B 1599 -24.18 55.40 93.50
C MET B 1599 -24.18 54.47 94.70
N LEU B 1600 -24.02 55.07 95.88
CA LEU B 1600 -23.92 54.32 97.12
C LEU B 1600 -25.20 53.55 97.43
N MET B 1601 -25.05 52.45 98.14
CA MET B 1601 -26.19 51.64 98.52
C MET B 1601 -25.92 50.86 99.79
N PRO B 1602 -26.90 50.77 100.69
CA PRO B 1602 -26.70 50.03 101.94
C PRO B 1602 -26.99 48.56 101.82
N VAL B 1603 -26.42 47.91 100.79
CA VAL B 1603 -26.65 46.50 100.55
C VAL B 1603 -25.52 45.97 99.69
N SER B 1604 -25.01 44.80 100.05
CA SER B 1604 -24.03 44.04 99.29
C SER B 1604 -24.16 42.60 99.79
N TRP B 1605 -23.14 41.79 99.53
CA TRP B 1605 -23.08 40.46 100.14
C TRP B 1605 -21.73 40.32 100.84
N SER B 1606 -21.77 40.45 102.16
CA SER B 1606 -20.60 40.39 103.02
C SER B 1606 -20.42 38.97 103.54
N ARG B 1607 -19.16 38.60 103.74
CA ARG B 1607 -18.79 37.26 104.17
C ARG B 1607 -18.76 37.21 105.69
N MET B 1608 -19.25 36.11 106.25
CA MET B 1608 -19.17 35.95 107.69
C MET B 1608 -17.92 35.15 108.05
N PRO B 1609 -17.21 35.54 109.10
CA PRO B 1609 -16.06 34.74 109.54
C PRO B 1609 -16.49 33.43 110.18
N ASN B 1610 -15.73 32.38 109.88
CA ASN B 1610 -15.94 31.09 110.52
C ASN B 1610 -15.43 31.08 111.95
N HIS B 1611 -14.64 32.08 112.35
CA HIS B 1611 -14.09 32.13 113.68
C HIS B 1611 -14.10 33.55 114.20
N PHE B 1612 -14.19 33.68 115.51
CA PHE B 1612 -14.11 34.95 116.21
C PHE B 1612 -13.22 34.78 117.43
N LEU B 1613 -13.17 35.81 118.27
CA LEU B 1613 -12.44 35.69 119.52
C LEU B 1613 -13.25 34.82 120.49
N GLN B 1614 -12.62 33.76 120.99
CA GLN B 1614 -13.30 32.80 121.85
C GLN B 1614 -13.62 33.38 123.22
N VAL B 1615 -12.90 34.40 123.66
CA VAL B 1615 -13.16 35.00 124.96
C VAL B 1615 -13.28 36.51 124.82
N GLU B 1622 -18.46 39.95 135.26
CA GLU B 1622 -18.62 39.11 136.43
C GLU B 1622 -18.86 39.96 137.68
N ARG B 1623 -17.95 39.88 138.65
CA ARG B 1623 -18.06 40.59 139.91
C ARG B 1623 -17.04 41.73 139.95
N LEU B 1624 -17.15 42.52 141.03
CA LEU B 1624 -16.32 43.69 141.30
C LEU B 1624 -16.35 44.66 140.12
N GLY B 1625 -17.55 45.18 139.88
CA GLY B 1625 -17.76 46.02 138.72
C GLY B 1625 -17.73 45.28 137.41
N TRP B 1626 -18.25 44.05 137.39
CA TRP B 1626 -18.47 43.24 136.17
C TRP B 1626 -17.15 42.97 135.45
N ALA B 1627 -16.33 42.14 136.09
CA ALA B 1627 -15.08 41.66 135.51
C ALA B 1627 -15.34 40.94 134.19
N VAL B 1628 -14.82 41.51 133.11
CA VAL B 1628 -15.00 40.97 131.76
C VAL B 1628 -13.80 40.08 131.46
N GLN B 1629 -14.05 38.92 130.86
CA GLN B 1629 -13.00 37.98 130.51
C GLN B 1629 -12.77 37.96 129.00
N CYS B 1630 -11.52 38.14 128.61
CA CYS B 1630 -11.11 38.04 127.20
C CYS B 1630 -9.62 37.74 127.16
N GLN B 1631 -9.26 36.53 126.74
CA GLN B 1631 -7.85 36.15 126.71
C GLN B 1631 -7.41 35.55 125.38
N ASP B 1632 -8.28 34.79 124.71
CA ASP B 1632 -7.92 33.93 123.58
C ASP B 1632 -7.62 34.73 122.32
N PRO B 1633 -6.38 34.70 121.84
CA PRO B 1633 -6.01 35.54 120.69
C PRO B 1633 -6.28 34.88 119.34
N LEU B 1634 -6.54 35.73 118.34
CA LEU B 1634 -6.79 35.30 116.96
C LEU B 1634 -6.60 36.48 116.03
N THR B 1635 -5.96 36.25 114.88
CA THR B 1635 -5.72 37.29 113.90
C THR B 1635 -6.31 36.88 112.55
N MET B 1636 -6.23 37.79 111.58
CA MET B 1636 -6.72 37.53 110.24
C MET B 1636 -5.89 38.35 109.26
N MET B 1637 -5.90 37.94 107.99
CA MET B 1637 -5.25 38.70 106.93
C MET B 1637 -6.27 39.10 105.87
N ALA B 1638 -6.09 40.29 105.32
CA ALA B 1638 -7.15 40.91 104.55
C ALA B 1638 -6.58 42.01 103.66
N LEU B 1639 -6.93 41.94 102.38
CA LEU B 1639 -6.42 42.84 101.36
C LEU B 1639 -6.92 44.26 101.53
N HIS B 1640 -5.97 45.19 101.55
CA HIS B 1640 -6.29 46.61 101.49
C HIS B 1640 -6.03 47.08 100.07
N ILE B 1641 -7.07 47.59 99.42
CA ILE B 1641 -6.83 48.32 98.17
C ILE B 1641 -6.47 49.76 98.48
N PRO B 1642 -5.30 50.24 98.06
CA PRO B 1642 -4.97 51.66 98.26
C PRO B 1642 -5.63 52.55 97.22
N GLU B 1643 -5.97 52.00 96.05
CA GLU B 1643 -6.63 52.78 95.00
C GLU B 1643 -8.00 53.26 95.43
N GLU B 1644 -8.69 52.53 96.31
CA GLU B 1644 -9.88 53.04 96.95
C GLU B 1644 -9.58 53.55 98.36
N ASN B 1645 -8.39 53.25 98.87
CA ASN B 1645 -8.02 53.38 100.29
C ASN B 1645 -9.09 52.74 101.17
N ARG B 1646 -9.26 51.43 100.97
CA ARG B 1646 -10.03 50.64 101.90
C ARG B 1646 -9.51 49.22 101.92
N CYS B 1647 -9.98 48.47 102.91
CA CYS B 1647 -9.54 47.10 103.09
C CYS B 1647 -10.72 46.16 102.89
N MET B 1648 -10.41 44.88 102.66
CA MET B 1648 -11.43 43.87 102.44
C MET B 1648 -10.81 42.50 102.61
N ASP B 1649 -11.68 41.49 102.70
CA ASP B 1649 -11.22 40.14 102.96
C ASP B 1649 -10.51 39.56 101.75
N ILE B 1650 -9.61 38.62 102.03
CA ILE B 1650 -9.03 37.78 101.00
C ILE B 1650 -10.06 36.86 100.36
N LEU B 1651 -11.16 36.57 101.06
CA LEU B 1651 -12.17 35.70 100.50
C LEU B 1651 -13.42 36.43 100.05
N GLU B 1652 -13.34 37.76 99.94
CA GLU B 1652 -14.26 38.52 99.10
C GLU B 1652 -13.97 38.36 97.63
N LEU B 1653 -12.83 37.77 97.27
CA LEU B 1653 -12.40 37.68 95.89
C LEU B 1653 -13.10 36.55 95.15
N SER B 1654 -13.50 35.51 95.88
CA SER B 1654 -14.40 34.48 95.41
C SER B 1654 -15.84 34.95 95.33
N GLU B 1655 -16.11 36.21 95.67
CA GLU B 1655 -17.34 36.92 95.35
C GLU B 1655 -17.15 37.88 94.18
N ARG B 1656 -15.96 38.47 94.06
CA ARG B 1656 -15.72 39.42 92.98
C ARG B 1656 -15.65 38.71 91.63
N LEU B 1657 -14.84 37.65 91.55
CA LEU B 1657 -14.61 36.79 90.39
C LEU B 1657 -13.94 37.51 89.22
N ASP B 1658 -13.50 38.71 89.41
CA ASP B 1658 -12.72 39.46 88.42
C ASP B 1658 -11.47 40.05 89.02
N LEU B 1659 -11.54 40.57 90.23
CA LEU B 1659 -10.36 41.07 90.91
C LEU B 1659 -9.49 39.93 91.37
N GLN B 1660 -10.11 38.82 91.77
CA GLN B 1660 -9.37 37.58 91.94
C GLN B 1660 -8.70 37.16 90.65
N ARG B 1661 -9.45 37.21 89.56
CA ARG B 1661 -8.89 36.95 88.25
C ARG B 1661 -7.84 37.99 87.88
N PHE B 1662 -8.10 39.25 88.21
CA PHE B 1662 -7.05 40.26 88.13
C PHE B 1662 -5.88 39.94 89.03
N HIS B 1663 -6.12 39.45 90.24
CA HIS B 1663 -4.98 39.12 91.07
C HIS B 1663 -4.34 37.81 90.67
N SER B 1664 -5.11 36.89 90.07
CA SER B 1664 -4.51 35.68 89.55
C SER B 1664 -3.51 36.00 88.44
N HIS B 1665 -3.82 37.02 87.64
CA HIS B 1665 -2.85 37.53 86.69
C HIS B 1665 -1.77 38.36 87.38
N THR B 1666 -2.06 38.90 88.57
CA THR B 1666 -0.99 39.51 89.35
C THR B 1666 -0.14 38.42 90.01
N LEU B 1667 -0.77 37.29 90.32
CA LEU B 1667 -0.12 36.20 91.05
C LEU B 1667 0.98 35.55 90.22
N ARG B 1668 0.68 35.26 88.96
CA ARG B 1668 1.71 34.74 88.06
C ARG B 1668 2.68 35.81 87.61
N LEU B 1669 2.27 37.08 87.65
CA LEU B 1669 3.19 38.18 87.41
C LEU B 1669 4.24 38.25 88.50
N TYR B 1670 3.87 37.86 89.72
CA TYR B 1670 4.81 37.84 90.84
C TYR B 1670 5.90 36.82 90.63
N ARG B 1671 5.61 35.75 89.90
CA ARG B 1671 6.66 34.84 89.49
C ARG B 1671 7.49 35.45 88.37
N ALA B 1672 6.86 36.30 87.55
CA ALA B 1672 7.57 36.86 86.41
C ALA B 1672 8.51 37.98 86.84
N VAL B 1673 8.06 38.84 87.74
CA VAL B 1673 8.89 39.93 88.24
C VAL B 1673 10.05 39.37 89.05
N CYS B 1674 9.76 38.51 90.02
CA CYS B 1674 10.81 37.77 90.71
C CYS B 1674 11.17 36.55 89.86
N ALA B 1675 11.90 36.81 88.79
CA ALA B 1675 12.24 35.76 87.86
C ALA B 1675 13.43 34.95 88.37
N LEU B 1676 13.99 34.13 87.48
CA LEU B 1676 15.04 33.21 87.86
C LEU B 1676 16.35 33.94 88.09
N GLY B 1677 17.06 33.53 89.13
CA GLY B 1677 18.30 34.14 89.55
C GLY B 1677 18.17 35.56 90.01
N ASN B 1678 16.97 35.97 90.45
CA ASN B 1678 16.74 37.38 90.76
C ASN B 1678 16.70 37.48 92.28
N ASN B 1679 17.86 37.52 92.89
CA ASN B 1679 17.97 37.63 94.33
C ASN B 1679 18.14 39.05 94.78
N ARG B 1680 18.64 39.93 93.91
CA ARG B 1680 18.72 41.34 94.21
C ARG B 1680 17.34 41.94 94.40
N VAL B 1681 16.35 41.42 93.67
CA VAL B 1681 14.96 41.79 93.89
C VAL B 1681 14.32 40.93 94.99
N ALA B 1682 14.79 39.70 95.19
CA ALA B 1682 14.20 38.83 96.22
C ALA B 1682 14.48 39.34 97.63
N HIS B 1683 15.68 39.89 97.85
CA HIS B 1683 15.96 40.53 99.13
C HIS B 1683 15.23 41.85 99.27
N ALA B 1684 14.77 42.44 98.16
CA ALA B 1684 13.97 43.64 98.20
C ALA B 1684 12.47 43.36 98.28
N LEU B 1685 12.08 42.10 98.12
CA LEU B 1685 10.69 41.70 97.99
C LEU B 1685 10.02 41.35 99.31
N CYS B 1686 10.77 41.15 100.39
CA CYS B 1686 10.17 40.92 101.69
C CYS B 1686 9.40 42.15 102.18
N SER B 1687 9.80 43.35 101.74
CA SER B 1687 9.03 44.55 102.02
C SER B 1687 7.78 44.62 101.16
N HIS B 1688 7.78 43.93 100.02
CA HIS B 1688 6.67 44.07 99.08
C HIS B 1688 5.42 43.38 99.59
N VAL B 1689 5.52 42.12 99.99
CA VAL B 1689 4.34 41.54 100.61
C VAL B 1689 4.55 41.45 102.11
N ASP B 1690 5.36 40.48 102.55
CA ASP B 1690 5.57 40.16 103.95
C ASP B 1690 6.58 39.05 104.13
N GLN B 1691 6.68 38.56 105.36
CA GLN B 1691 7.18 37.22 105.64
C GLN B 1691 6.15 36.32 106.27
N ALA B 1692 5.43 36.81 107.28
CA ALA B 1692 4.64 35.95 108.15
C ALA B 1692 3.32 35.53 107.51
N GLN B 1693 2.66 36.45 106.81
CA GLN B 1693 1.39 36.09 106.20
C GLN B 1693 1.58 35.21 104.98
N LEU B 1694 2.80 35.13 104.46
CA LEU B 1694 3.13 34.10 103.49
C LEU B 1694 3.00 32.72 104.11
N LEU B 1695 3.55 32.54 105.31
CA LEU B 1695 3.41 31.28 106.01
C LEU B 1695 1.99 31.09 106.54
N HIS B 1696 1.27 32.18 106.76
CA HIS B 1696 -0.13 32.08 107.10
C HIS B 1696 -0.96 31.67 105.89
N ALA B 1697 -0.51 32.06 104.69
CA ALA B 1697 -1.12 31.58 103.46
C ALA B 1697 -0.83 30.11 103.25
N LEU B 1698 0.27 29.61 103.81
CA LEU B 1698 0.46 28.16 103.88
C LEU B 1698 -0.59 27.54 104.78
N GLU B 1699 -0.93 28.23 105.86
CA GLU B 1699 -1.65 27.63 106.98
C GLU B 1699 -3.11 27.31 106.66
N ASP B 1700 -3.76 28.08 105.79
CA ASP B 1700 -5.21 27.99 105.67
C ASP B 1700 -5.63 26.75 104.89
N ALA B 1701 -6.87 26.31 105.13
CA ALA B 1701 -7.47 25.17 104.45
C ALA B 1701 -8.69 25.53 103.62
N HIS B 1702 -9.23 26.73 103.78
CA HIS B 1702 -10.32 27.23 102.94
C HIS B 1702 -9.77 28.35 102.07
N LEU B 1703 -9.51 28.02 100.82
CA LEU B 1703 -8.88 28.91 99.86
C LEU B 1703 -9.33 28.47 98.47
N PRO B 1704 -9.54 29.38 97.53
CA PRO B 1704 -10.25 28.99 96.30
C PRO B 1704 -9.39 28.28 95.27
N GLY B 1705 -8.09 28.52 95.22
CA GLY B 1705 -7.22 27.73 94.38
C GLY B 1705 -6.50 28.43 93.26
N PRO B 1706 -7.18 29.28 92.48
CA PRO B 1706 -6.45 30.25 91.65
C PRO B 1706 -5.77 31.31 92.48
N LEU B 1707 -6.19 31.46 93.72
CA LEU B 1707 -5.58 32.26 94.76
C LEU B 1707 -4.51 31.40 95.42
N ARG B 1708 -4.26 31.62 96.71
CA ARG B 1708 -3.16 31.15 97.54
C ARG B 1708 -2.62 29.74 97.31
N ALA B 1709 -3.41 28.85 96.71
CA ALA B 1709 -2.84 27.62 96.18
C ALA B 1709 -1.80 27.92 95.11
N GLY B 1710 -1.97 29.00 94.35
CA GLY B 1710 -0.90 29.53 93.56
C GLY B 1710 0.26 30.10 94.35
N TYR B 1711 0.04 30.53 95.59
CA TYR B 1711 1.13 31.11 96.37
C TYR B 1711 2.16 30.07 96.81
N TYR B 1712 1.77 28.80 96.87
CA TYR B 1712 2.75 27.76 97.11
C TYR B 1712 3.74 27.69 95.96
N ASP B 1713 3.23 27.83 94.74
CA ASP B 1713 4.10 27.89 93.58
C ASP B 1713 4.84 29.22 93.49
N LEU B 1714 4.29 30.28 94.11
CA LEU B 1714 5.03 31.54 94.14
C LEU B 1714 6.18 31.47 95.13
N LEU B 1715 5.97 30.78 96.25
CA LEU B 1715 7.06 30.49 97.17
C LEU B 1715 8.11 29.59 96.53
N ILE B 1716 7.65 28.65 95.69
CA ILE B 1716 8.54 27.88 94.84
C ILE B 1716 9.36 28.81 93.94
N SER B 1717 8.68 29.78 93.31
CA SER B 1717 9.33 30.74 92.43
C SER B 1717 10.34 31.62 93.14
N ILE B 1718 10.15 31.87 94.43
CA ILE B 1718 11.06 32.75 95.16
C ILE B 1718 11.98 31.99 96.10
N HIS B 1719 11.70 30.72 96.36
CA HIS B 1719 12.56 29.93 97.23
C HIS B 1719 12.71 28.51 96.71
N LEU B 1720 12.89 28.36 95.40
CA LEU B 1720 13.35 27.10 94.87
C LEU B 1720 14.58 27.27 94.00
N GLU B 1721 14.49 28.25 93.09
CA GLU B 1721 15.20 28.28 91.82
C GLU B 1721 16.71 28.30 91.97
N SER B 1722 17.22 29.22 92.74
CA SER B 1722 18.64 29.45 92.84
C SER B 1722 19.37 28.42 93.66
N ALA B 1723 18.65 27.52 94.32
CA ALA B 1723 19.24 26.50 95.16
C ALA B 1723 18.98 25.14 94.54
N CYS B 1724 17.89 25.04 93.81
CA CYS B 1724 17.44 23.77 93.28
C CYS B 1724 17.97 23.55 91.88
N ARG B 1725 18.03 24.61 91.06
CA ARG B 1725 18.79 24.49 89.83
C ARG B 1725 20.27 24.31 90.14
N SER B 1726 20.75 24.98 91.19
CA SER B 1726 22.04 24.64 91.77
C SER B 1726 22.11 23.18 92.20
N ARG B 1727 21.01 22.66 92.73
CA ARG B 1727 21.01 21.25 93.13
C ARG B 1727 20.90 20.34 91.91
N ARG B 1728 19.89 20.57 91.05
CA ARG B 1728 19.61 19.64 89.97
C ARG B 1728 20.65 19.68 88.87
N SER B 1729 21.42 20.77 88.77
CA SER B 1729 22.45 20.87 87.75
C SER B 1729 23.59 19.91 88.05
N MET B 1730 24.15 20.00 89.25
CA MET B 1730 25.23 19.14 89.68
C MET B 1730 24.71 17.85 90.29
N LEU B 1731 23.40 17.64 90.24
CA LEU B 1731 22.82 16.33 90.58
C LEU B 1731 23.39 15.23 89.72
N SER B 1732 23.58 15.48 88.43
CA SER B 1732 24.14 14.46 87.54
C SER B 1732 25.67 14.46 87.60
N GLU B 1733 26.22 14.51 88.81
CA GLU B 1733 27.65 14.56 89.04
C GLU B 1733 27.92 13.72 90.28
N TYR B 1734 28.58 12.59 90.10
CA TYR B 1734 28.90 11.67 91.18
C TYR B 1734 30.41 11.69 91.43
N ILE B 1735 30.80 12.04 92.64
CA ILE B 1735 32.19 12.36 92.95
C ILE B 1735 32.38 12.33 94.46
N VAL B 1736 33.56 11.90 94.90
CA VAL B 1736 33.73 11.51 96.29
C VAL B 1736 35.19 11.60 96.74
N PRO B 1737 35.47 12.04 97.98
CA PRO B 1737 36.79 11.82 98.58
C PRO B 1737 36.94 10.44 99.20
N LEU B 1738 37.98 10.25 100.00
CA LEU B 1738 38.04 9.12 100.92
C LEU B 1738 37.82 9.61 102.34
N THR B 1739 36.74 9.16 102.96
CA THR B 1739 36.52 9.20 104.39
C THR B 1739 36.38 7.74 104.84
N PRO B 1740 36.44 7.46 106.13
CA PRO B 1740 36.02 6.12 106.57
C PRO B 1740 34.54 5.87 106.33
N GLU B 1741 33.70 6.90 106.36
CA GLU B 1741 32.31 6.75 105.98
C GLU B 1741 32.18 6.43 104.50
N THR B 1742 33.04 7.02 103.67
CA THR B 1742 33.15 6.62 102.27
C THR B 1742 33.61 5.18 102.14
N ARG B 1743 34.64 4.82 102.90
CA ARG B 1743 35.31 3.54 102.73
C ARG B 1743 34.42 2.38 103.15
N ALA B 1744 33.72 2.52 104.26
CA ALA B 1744 32.83 1.49 104.78
C ALA B 1744 31.41 1.87 104.40
N ILE B 1745 31.00 1.50 103.19
CA ILE B 1745 29.60 1.52 102.79
C ILE B 1745 29.38 0.39 101.80
N THR B 1746 28.28 -0.33 101.98
CA THR B 1746 27.95 -1.51 101.19
C THR B 1746 26.42 -1.63 101.16
N LEU B 1747 25.93 -2.82 100.81
CA LEU B 1747 24.53 -3.16 100.99
C LEU B 1747 24.12 -2.98 102.44
N PHE B 1748 24.87 -3.64 103.34
CA PHE B 1748 24.63 -3.78 104.77
C PHE B 1748 23.19 -4.07 105.14
N PRO B 1749 22.69 -5.30 104.97
CA PRO B 1749 21.51 -5.71 105.73
C PRO B 1749 21.91 -6.37 107.04
N PRO B 1750 21.61 -5.75 108.18
CA PRO B 1750 21.82 -6.43 109.46
C PRO B 1750 20.61 -7.25 109.86
N GLY B 1751 20.82 -8.52 110.20
CA GLY B 1751 19.73 -9.34 110.66
C GLY B 1751 20.06 -10.82 110.73
N ARG B 1752 19.16 -11.64 110.19
CA ARG B 1752 19.35 -13.09 110.13
C ARG B 1752 20.00 -13.54 108.84
N LYS B 1753 20.81 -12.67 108.22
CA LYS B 1753 21.58 -12.86 106.99
C LYS B 1753 20.73 -13.15 105.76
N GLY B 1754 19.42 -12.95 105.83
CA GLY B 1754 18.55 -13.09 104.68
C GLY B 1754 18.28 -11.81 103.94
N GLY B 1755 18.88 -10.70 104.36
CA GLY B 1755 18.60 -9.43 103.71
C GLY B 1755 19.39 -9.21 102.44
N ASN B 1756 20.51 -9.92 102.29
CA ASN B 1756 21.21 -9.91 101.01
C ASN B 1756 20.40 -10.63 99.94
N ALA B 1757 19.62 -11.63 100.35
CA ALA B 1757 18.62 -12.19 99.45
C ALA B 1757 17.37 -11.35 99.39
N ARG B 1758 17.08 -10.59 100.43
CA ARG B 1758 15.91 -9.74 100.52
C ARG B 1758 16.27 -8.33 100.05
N ARG B 1759 15.44 -7.34 100.38
CA ARG B 1759 15.77 -5.95 100.12
C ARG B 1759 17.05 -5.54 100.85
N HIS B 1760 17.93 -4.87 100.13
CA HIS B 1760 19.27 -4.56 100.61
C HIS B 1760 19.30 -3.36 101.54
N GLY B 1761 18.17 -2.69 101.73
CA GLY B 1761 18.11 -1.53 102.59
C GLY B 1761 16.94 -0.64 102.22
N LEU B 1762 17.12 0.67 102.37
CA LEU B 1762 16.07 1.65 102.10
C LEU B 1762 16.66 2.87 101.42
N PRO B 1763 16.00 3.41 100.40
CA PRO B 1763 16.37 4.74 99.90
C PRO B 1763 16.08 5.80 100.95
N GLY B 1764 16.82 6.91 100.87
CA GLY B 1764 16.79 7.84 101.97
C GLY B 1764 17.60 7.29 103.11
N VAL B 1765 18.91 7.23 102.92
CA VAL B 1765 19.85 6.60 103.84
C VAL B 1765 20.76 7.74 104.29
N GLY B 1766 21.81 7.44 105.05
CA GLY B 1766 22.63 8.46 105.66
C GLY B 1766 23.58 9.19 104.73
N VAL B 1767 24.84 9.33 105.16
CA VAL B 1767 25.77 10.25 104.52
C VAL B 1767 26.14 9.75 103.13
N THR B 1768 25.92 10.61 102.13
CA THR B 1768 26.12 10.24 100.73
C THR B 1768 27.52 10.53 100.23
N THR B 1769 28.23 11.49 100.83
CA THR B 1769 29.61 11.90 100.48
C THR B 1769 29.77 12.34 99.03
N SER B 1770 28.67 12.74 98.37
CA SER B 1770 28.83 13.44 97.11
C SER B 1770 29.21 14.89 97.41
N LEU B 1771 29.87 15.52 96.45
CA LEU B 1771 30.35 16.89 96.65
C LEU B 1771 29.13 17.81 96.55
N ARG B 1772 28.46 17.99 97.68
CA ARG B 1772 27.19 18.72 97.75
C ARG B 1772 27.38 19.91 98.67
N PRO B 1773 27.24 21.14 98.18
CA PRO B 1773 27.47 22.32 99.01
C PRO B 1773 26.23 22.72 99.77
N PRO B 1774 26.34 23.61 100.75
CA PRO B 1774 25.18 24.40 101.16
C PRO B 1774 24.79 25.39 100.06
N HIS B 1775 23.56 25.88 100.15
CA HIS B 1775 23.08 26.73 99.06
C HIS B 1775 23.36 28.20 99.29
N HIS B 1776 23.92 28.54 100.46
CA HIS B 1776 24.46 29.87 100.78
C HIS B 1776 23.41 30.96 100.68
N PHE B 1777 22.48 30.91 101.62
CA PHE B 1777 21.42 31.92 101.70
C PHE B 1777 21.97 33.20 102.33
N SER B 1778 21.16 34.25 102.30
CA SER B 1778 21.53 35.53 102.89
C SER B 1778 20.33 36.05 103.64
N PRO B 1779 20.53 36.82 104.71
CA PRO B 1779 19.41 37.48 105.35
C PRO B 1779 18.89 38.62 104.51
N PRO B 1780 17.62 38.60 104.13
CA PRO B 1780 17.03 39.77 103.46
C PRO B 1780 16.86 40.93 104.42
N CYS B 1781 17.38 42.09 104.01
CA CYS B 1781 17.40 43.26 104.87
C CYS B 1781 17.44 44.50 103.98
N PHE B 1782 17.28 45.66 104.63
CA PHE B 1782 17.24 46.94 103.92
C PHE B 1782 18.09 48.02 104.53
N VAL B 1783 18.37 48.00 105.85
CA VAL B 1783 19.12 49.07 106.50
C VAL B 1783 20.62 48.96 106.25
N ALA B 1784 21.07 47.92 105.57
CA ALA B 1784 22.49 47.79 105.26
C ALA B 1784 22.90 48.76 104.17
N ALA B 1785 24.19 49.08 104.13
CA ALA B 1785 24.73 49.96 103.12
C ALA B 1785 24.88 49.23 101.79
N LEU B 1786 25.31 49.98 100.77
CA LEU B 1786 25.44 49.47 99.41
C LEU B 1786 26.90 49.13 99.11
N PRO B 1787 27.15 48.10 98.30
CA PRO B 1787 28.52 47.82 97.88
C PRO B 1787 29.01 48.86 96.88
N ALA B 1788 30.27 49.27 97.06
CA ALA B 1788 30.95 50.34 96.29
C ALA B 1788 30.16 51.64 96.27
N GLU B 1793 29.12 46.51 93.87
CA GLU B 1793 30.23 45.59 93.68
C GLU B 1793 30.24 44.53 94.75
N ALA B 1794 29.51 43.46 94.51
CA ALA B 1794 29.35 42.34 95.43
C ALA B 1794 28.87 41.11 94.67
N PRO B 1795 29.01 39.89 95.21
CA PRO B 1795 28.25 38.76 94.66
C PRO B 1795 26.78 38.96 94.99
N ALA B 1796 26.11 39.77 94.17
CA ALA B 1796 25.19 40.87 94.55
C ALA B 1796 24.29 40.44 95.71
N ARG B 1797 23.40 39.47 95.54
CA ARG B 1797 22.53 38.99 96.59
C ARG B 1797 22.48 37.47 96.51
N LEU B 1798 22.62 36.80 97.65
CA LEU B 1798 22.78 35.35 97.61
C LEU B 1798 21.46 34.63 97.41
N SER B 1799 20.60 34.63 98.43
CA SER B 1799 19.21 34.17 98.45
C SER B 1799 18.62 34.50 99.81
N PRO B 1800 17.37 34.93 99.90
CA PRO B 1800 16.74 35.10 101.22
C PRO B 1800 16.45 33.74 101.86
N ALA B 1801 16.32 33.73 103.18
CA ALA B 1801 16.29 32.50 103.94
C ALA B 1801 14.99 32.34 104.72
N ILE B 1802 14.72 31.08 105.10
CA ILE B 1802 13.50 30.67 105.80
C ILE B 1802 13.94 29.72 106.92
N PRO B 1803 13.26 29.70 108.09
CA PRO B 1803 13.52 28.60 109.04
C PRO B 1803 13.02 27.26 108.53
N LEU B 1804 13.98 26.45 108.11
CA LEU B 1804 13.70 25.30 107.26
C LEU B 1804 13.17 24.11 108.02
N GLU B 1805 13.65 23.86 109.23
CA GLU B 1805 13.18 22.70 109.99
C GLU B 1805 11.75 22.89 110.46
N ALA B 1806 11.42 24.08 110.98
CA ALA B 1806 10.05 24.37 111.36
C ALA B 1806 9.15 24.43 110.14
N LEU B 1807 9.68 24.95 109.04
CA LEU B 1807 8.95 24.93 107.77
C LEU B 1807 8.66 23.50 107.32
N ARG B 1808 9.66 22.62 107.44
CA ARG B 1808 9.52 21.23 107.05
C ARG B 1808 8.50 20.51 107.92
N ASP B 1809 8.54 20.77 109.22
CA ASP B 1809 7.58 20.14 110.12
C ASP B 1809 6.17 20.62 109.86
N LYS B 1810 5.99 21.92 109.64
CA LYS B 1810 4.70 22.49 109.27
C LYS B 1810 4.17 21.91 107.97
N ALA B 1811 5.04 21.71 106.99
CA ALA B 1811 4.62 21.12 105.74
C ALA B 1811 4.28 19.66 105.91
N LEU B 1812 5.02 18.94 106.74
CA LEU B 1812 4.82 17.50 106.89
C LEU B 1812 3.53 17.21 107.62
N ARG B 1813 3.23 17.98 108.67
CA ARG B 1813 1.98 17.77 109.38
C ARG B 1813 0.78 18.17 108.53
N MET B 1814 0.91 19.21 107.70
CA MET B 1814 -0.20 19.59 106.83
C MET B 1814 -0.39 18.59 105.70
N LEU B 1815 0.70 18.01 105.22
CA LEU B 1815 0.60 16.97 104.22
C LEU B 1815 -0.02 15.71 104.76
N GLY B 1816 0.38 15.29 105.96
CA GLY B 1816 -0.26 14.14 106.59
C GLY B 1816 -1.72 14.39 106.90
N GLU B 1817 -2.06 15.63 107.25
CA GLU B 1817 -3.45 16.02 107.39
C GLU B 1817 -4.21 15.91 106.08
N ALA B 1818 -3.57 16.32 104.98
CA ALA B 1818 -4.19 16.22 103.66
C ALA B 1818 -4.43 14.77 103.25
N VAL B 1819 -3.48 13.89 103.57
CA VAL B 1819 -3.63 12.48 103.25
C VAL B 1819 -4.73 11.84 104.09
N ARG B 1820 -4.77 12.18 105.40
CA ARG B 1820 -5.81 11.65 106.27
C ARG B 1820 -7.19 12.18 105.90
N ASP B 1821 -7.26 13.40 105.39
CA ASP B 1821 -8.52 13.95 104.92
C ASP B 1821 -8.96 13.35 103.59
N GLY B 1822 -8.01 13.09 102.68
CA GLY B 1822 -8.34 12.40 101.45
C GLY B 1822 -8.75 10.96 101.65
N GLY B 1823 -8.28 10.34 102.75
CA GLY B 1823 -8.80 9.05 103.13
C GLY B 1823 -10.25 9.05 103.55
N GLN B 1824 -10.77 10.21 103.96
CA GLN B 1824 -12.16 10.31 104.40
C GLN B 1824 -13.13 10.46 103.24
N HIS B 1825 -12.67 10.96 102.09
CA HIS B 1825 -13.46 11.15 100.88
C HIS B 1825 -14.66 12.06 101.11
N ALA B 1826 -14.41 13.17 101.79
CA ALA B 1826 -15.45 14.17 101.98
C ALA B 1826 -15.68 14.92 100.67
N ARG B 1827 -16.75 15.70 100.64
CA ARG B 1827 -17.10 16.50 99.47
C ARG B 1827 -16.62 17.94 99.63
N ASP B 1828 -15.52 18.12 100.38
CA ASP B 1828 -14.91 19.44 100.49
C ASP B 1828 -13.46 19.39 100.02
N PRO B 1829 -13.21 19.35 98.71
CA PRO B 1829 -11.82 19.40 98.26
C PRO B 1829 -11.30 20.82 98.37
N VAL B 1830 -10.02 20.93 98.72
CA VAL B 1830 -9.42 22.24 98.94
C VAL B 1830 -9.25 22.90 97.59
N GLY B 1831 -9.64 24.16 97.49
CA GLY B 1831 -9.60 24.83 96.22
C GLY B 1831 -10.64 24.37 95.23
N GLY B 1832 -11.68 23.67 95.69
CA GLY B 1832 -12.74 23.23 94.82
C GLY B 1832 -12.44 21.92 94.11
N SER B 1833 -11.16 21.54 94.07
CA SER B 1833 -10.75 20.41 93.26
C SER B 1833 -9.82 19.52 94.08
N VAL B 1834 -9.69 18.28 93.63
CA VAL B 1834 -8.59 17.45 94.08
C VAL B 1834 -7.27 18.04 93.58
N GLU B 1835 -7.30 18.72 92.43
CA GLU B 1835 -6.11 19.35 91.90
C GLU B 1835 -5.63 20.49 92.79
N PHE B 1836 -6.50 21.44 93.12
CA PHE B 1836 -6.09 22.47 94.06
C PHE B 1836 -6.04 21.96 95.49
N GLN B 1837 -6.56 20.77 95.75
CA GLN B 1837 -6.36 20.13 97.03
C GLN B 1837 -4.96 19.56 97.14
N PHE B 1838 -4.42 19.10 96.02
CA PHE B 1838 -3.07 18.54 95.96
C PHE B 1838 -2.21 19.35 95.01
N VAL B 1839 -2.47 20.63 95.24
CA VAL B 1839 -1.71 21.85 95.00
C VAL B 1839 -0.20 21.67 95.15
N PRO B 1840 0.65 22.46 94.40
CA PRO B 1840 2.10 22.45 94.56
C PRO B 1840 2.72 22.70 95.95
N VAL B 1841 1.91 22.67 97.01
CA VAL B 1841 2.33 22.06 98.27
C VAL B 1841 3.16 20.81 98.02
N LEU B 1842 2.67 19.92 97.15
CA LEU B 1842 3.41 18.72 96.78
C LEU B 1842 4.71 19.05 96.06
N LYS B 1843 4.69 20.11 95.25
CA LYS B 1843 5.92 20.52 94.58
C LYS B 1843 6.94 21.06 95.56
N LEU B 1844 6.46 21.73 96.60
CA LEU B 1844 7.34 22.17 97.67
C LEU B 1844 7.83 20.98 98.50
N VAL B 1845 7.01 19.94 98.64
CA VAL B 1845 7.45 18.71 99.27
C VAL B 1845 8.60 18.09 98.49
N SER B 1846 8.43 18.00 97.17
CA SER B 1846 9.50 17.51 96.29
C SER B 1846 10.70 18.44 96.28
N THR B 1847 10.47 19.72 96.54
CA THR B 1847 11.57 20.68 96.61
C THR B 1847 12.42 20.44 97.84
N LEU B 1848 11.78 20.31 99.00
CA LEU B 1848 12.52 19.95 100.20
C LEU B 1848 13.12 18.56 100.11
N LEU B 1849 12.49 17.68 99.35
CA LEU B 1849 13.08 16.39 99.02
C LEU B 1849 14.37 16.54 98.27
N VAL B 1850 14.33 17.24 97.13
CA VAL B 1850 15.46 17.32 96.24
C VAL B 1850 16.55 18.22 96.83
N MET B 1851 16.21 19.09 97.76
CA MET B 1851 17.19 19.85 98.48
C MET B 1851 17.65 19.14 99.74
N GLY B 1852 17.22 17.89 99.94
CA GLY B 1852 17.70 17.06 101.02
C GLY B 1852 17.32 17.55 102.40
N ILE B 1853 16.20 18.25 102.52
CA ILE B 1853 15.88 18.92 103.78
C ILE B 1853 15.40 17.91 104.81
N PHE B 1854 14.83 16.81 104.34
CA PHE B 1854 14.21 15.85 105.24
C PHE B 1854 15.26 15.02 105.97
N GLY B 1855 14.96 14.74 107.23
CA GLY B 1855 15.76 13.81 108.00
C GLY B 1855 15.38 12.40 107.65
N ASP B 1856 16.06 11.42 108.26
CA ASP B 1856 15.83 10.03 107.89
C ASP B 1856 14.49 9.55 108.40
N GLU B 1857 14.03 10.06 109.55
CA GLU B 1857 12.71 9.70 110.03
C GLU B 1857 11.63 10.39 109.22
N ASP B 1858 11.93 11.53 108.61
CA ASP B 1858 11.01 12.14 107.66
C ASP B 1858 10.91 11.32 106.39
N VAL B 1859 12.05 10.75 105.97
CA VAL B 1859 12.05 9.81 104.86
C VAL B 1859 11.19 8.60 105.19
N LYS B 1860 11.34 8.07 106.41
CA LYS B 1860 10.52 6.96 106.86
C LYS B 1860 9.05 7.36 106.94
N GLN B 1861 8.79 8.62 107.24
CA GLN B 1861 7.44 9.13 107.33
C GLN B 1861 6.79 9.22 105.96
N ILE B 1862 7.52 9.72 104.96
CA ILE B 1862 6.91 9.83 103.64
C ILE B 1862 6.91 8.48 102.92
N LEU B 1863 7.76 7.55 103.32
CA LEU B 1863 7.56 6.18 102.92
C LEU B 1863 6.38 5.55 103.66
N LYS B 1864 6.04 6.06 104.83
CA LYS B 1864 4.85 5.58 105.53
C LYS B 1864 3.56 6.05 104.89
N MET B 1865 3.62 6.99 103.95
CA MET B 1865 2.48 7.21 103.06
C MET B 1865 2.11 5.98 102.27
N ILE B 1866 3.09 5.15 101.89
CA ILE B 1866 2.80 3.94 101.14
C ILE B 1866 3.35 2.80 101.97
N GLU B 1867 3.26 2.96 103.30
CA GLU B 1867 3.68 1.94 104.29
C GLU B 1867 3.25 0.50 104.02
N PRO B 1868 2.09 0.21 103.40
CA PRO B 1868 1.90 -1.17 102.94
C PRO B 1868 2.86 -1.60 101.85
N GLU B 1869 3.00 -0.83 100.77
CA GLU B 1869 3.89 -1.23 99.70
C GLU B 1869 5.34 -1.04 100.08
N VAL B 1870 5.64 -0.01 100.88
CA VAL B 1870 7.00 0.16 101.38
C VAL B 1870 7.37 -0.98 102.32
N PHE B 1871 6.46 -1.31 103.25
CA PHE B 1871 6.56 -2.46 104.16
C PHE B 1871 7.85 -2.41 104.99
N THR B 1872 7.90 -1.36 105.83
CA THR B 1872 9.08 -1.08 106.64
C THR B 1872 9.40 -2.22 107.59
N GLU B 1873 10.70 -2.41 107.84
CA GLU B 1873 11.18 -3.59 108.56
C GLU B 1873 10.81 -3.58 110.04
N GLU B 1874 10.42 -2.42 110.58
CA GLU B 1874 9.99 -2.34 111.96
C GLU B 1874 8.52 -2.71 112.09
N LEU B 1922 -8.87 0.99 108.03
CA LEU B 1922 -7.61 0.41 107.56
C LEU B 1922 -6.68 1.50 107.05
N GLU B 1923 -5.37 1.26 107.19
CA GLU B 1923 -4.36 2.20 106.74
C GLU B 1923 -3.99 1.97 105.28
N GLU B 1924 -4.66 2.68 104.37
CA GLU B 1924 -4.38 2.51 102.95
C GLU B 1924 -3.14 3.31 102.54
N GLY B 1925 -2.42 2.80 101.55
CA GLY B 1925 -1.28 3.52 101.02
C GLY B 1925 -1.70 4.77 100.28
N LEU B 1926 -0.69 5.59 99.97
CA LEU B 1926 -0.93 6.89 99.36
C LEU B 1926 -1.48 6.77 97.94
N LEU B 1927 -1.17 5.67 97.27
CA LEU B 1927 -1.25 5.70 95.82
C LEU B 1927 -2.60 5.25 95.29
N GLN B 1928 -3.42 4.61 96.12
CA GLN B 1928 -4.64 3.97 95.64
C GLN B 1928 -5.76 4.96 95.36
N MET B 1929 -5.60 6.22 95.72
CA MET B 1929 -6.63 7.22 95.46
C MET B 1929 -6.65 7.59 93.99
N LYS B 1930 -7.82 8.03 93.54
CA LYS B 1930 -8.03 8.37 92.12
C LYS B 1930 -7.45 9.74 91.86
N LEU B 1931 -6.26 9.76 91.25
CA LEU B 1931 -5.52 11.01 91.06
C LEU B 1931 -5.70 11.45 89.61
N PRO B 1932 -6.32 12.61 89.36
CA PRO B 1932 -6.77 12.91 87.99
C PRO B 1932 -5.68 13.07 86.93
N GLU B 1933 -4.88 14.14 86.96
CA GLU B 1933 -3.74 14.17 86.05
C GLU B 1933 -2.49 14.76 86.69
N SER B 1934 -2.67 15.86 87.41
CA SER B 1934 -1.56 16.70 87.81
C SER B 1934 -0.83 16.18 89.02
N VAL B 1935 -1.39 15.17 89.68
CA VAL B 1935 -0.72 14.57 90.81
C VAL B 1935 0.41 13.69 90.34
N LYS B 1936 0.21 13.04 89.20
CA LYS B 1936 1.10 11.96 88.79
C LYS B 1936 2.42 12.50 88.28
N LEU B 1937 2.42 13.72 87.73
CA LEU B 1937 3.67 14.31 87.27
C LEU B 1937 4.57 14.71 88.44
N GLN B 1938 3.98 15.24 89.52
CA GLN B 1938 4.73 15.46 90.73
C GLN B 1938 5.18 14.16 91.37
N MET B 1939 4.36 13.11 91.22
CA MET B 1939 4.76 11.81 91.73
C MET B 1939 5.94 11.24 90.95
N CYS B 1940 5.98 11.47 89.64
CA CYS B 1940 7.14 11.10 88.84
C CYS B 1940 8.38 11.88 89.26
N ASN B 1941 8.23 13.20 89.45
CA ASN B 1941 9.30 14.04 89.99
C ASN B 1941 9.78 13.54 91.34
N LEU B 1942 8.88 13.01 92.14
CA LEU B 1942 9.20 12.46 93.45
C LEU B 1942 10.05 11.21 93.33
N LEU B 1943 9.54 10.21 92.61
CA LEU B 1943 10.17 8.90 92.56
C LEU B 1943 11.44 8.90 91.72
N GLU B 1944 11.55 9.86 90.81
CA GLU B 1944 12.77 10.06 90.05
C GLU B 1944 13.95 10.32 90.96
N TYR B 1945 13.72 11.08 92.04
CA TYR B 1945 14.74 11.30 93.06
C TYR B 1945 15.17 9.99 93.70
N PHE B 1946 14.22 9.11 94.00
CA PHE B 1946 14.51 7.90 94.76
C PHE B 1946 15.28 6.90 93.95
N CYS B 1947 14.98 6.83 92.65
CA CYS B 1947 15.78 5.98 91.78
C CYS B 1947 17.22 6.47 91.70
N ASP B 1948 17.40 7.79 91.72
CA ASP B 1948 18.74 8.37 91.77
C ASP B 1948 19.43 8.05 93.09
N GLN B 1949 18.66 8.04 94.18
CA GLN B 1949 19.18 7.66 95.48
C GLN B 1949 19.72 6.24 95.48
N GLU B 1950 18.93 5.31 94.95
CA GLU B 1950 19.34 3.92 94.88
C GLU B 1950 20.55 3.74 93.98
N LEU B 1951 20.57 4.45 92.85
CA LEU B 1951 21.70 4.33 91.93
C LEU B 1951 22.97 4.91 92.54
N GLN B 1952 22.84 6.03 93.26
CA GLN B 1952 24.00 6.63 93.91
C GLN B 1952 24.52 5.75 95.03
N HIS B 1953 23.62 5.10 95.78
CA HIS B 1953 24.05 4.17 96.80
C HIS B 1953 24.73 2.95 96.21
N ARG B 1954 24.23 2.47 95.07
CA ARG B 1954 24.83 1.32 94.40
C ARG B 1954 26.25 1.65 93.92
N VAL B 1955 26.40 2.80 93.25
CA VAL B 1955 27.72 3.17 92.76
C VAL B 1955 28.65 3.54 93.91
N GLU B 1956 28.11 4.00 95.04
CA GLU B 1956 28.92 4.31 96.19
C GLU B 1956 29.46 3.04 96.85
N SER B 1957 28.60 2.02 96.97
CA SER B 1957 29.03 0.72 97.47
C SER B 1957 30.07 0.08 96.56
N LEU B 1958 29.88 0.22 95.24
CA LEU B 1958 30.87 -0.26 94.27
C LEU B 1958 32.21 0.42 94.45
N ALA B 1959 32.22 1.75 94.58
CA ALA B 1959 33.46 2.48 94.73
C ALA B 1959 34.14 2.16 96.06
N ALA B 1960 33.34 1.88 97.11
CA ALA B 1960 33.93 1.47 98.38
C ALA B 1960 34.55 0.08 98.27
N PHE B 1961 33.95 -0.80 97.45
CA PHE B 1961 34.54 -2.14 97.26
C PHE B 1961 35.83 -2.09 96.48
N ALA B 1962 35.87 -1.30 95.40
CA ALA B 1962 37.03 -1.25 94.52
C ALA B 1962 38.27 -0.72 95.21
N GLU B 1963 38.11 0.06 96.28
CA GLU B 1963 39.21 0.60 97.04
C GLU B 1963 39.95 -0.45 97.86
N ARG B 1964 39.26 -1.16 98.74
CA ARG B 1964 39.96 -2.19 99.51
C ARG B 1964 40.26 -3.42 98.69
N TYR B 1965 39.66 -3.56 97.51
CA TYR B 1965 40.17 -4.58 96.61
C TYR B 1965 41.52 -4.18 96.04
N VAL B 1966 41.64 -2.95 95.55
CA VAL B 1966 42.88 -2.55 94.90
C VAL B 1966 44.00 -2.32 95.92
N ASP B 1967 43.64 -2.08 97.19
CA ASP B 1967 44.64 -1.93 98.24
C ASP B 1967 45.42 -3.24 98.45
N LYS B 1968 44.71 -4.35 98.60
CA LYS B 1968 45.39 -5.63 98.69
C LYS B 1968 45.94 -6.08 97.34
N LEU B 1969 45.43 -5.54 96.24
CA LEU B 1969 45.94 -5.95 94.93
C LEU B 1969 47.30 -5.35 94.61
N GLN B 1970 47.51 -4.06 94.93
CA GLN B 1970 48.84 -3.50 94.77
C GLN B 1970 49.83 -4.11 95.73
N ALA B 1971 49.37 -4.54 96.91
CA ALA B 1971 50.19 -5.34 97.79
C ALA B 1971 50.49 -6.71 97.19
N ASN B 1972 49.56 -7.28 96.43
CA ASN B 1972 49.82 -8.56 95.78
C ASN B 1972 50.90 -8.42 94.73
N GLN B 1973 50.84 -7.35 93.93
CA GLN B 1973 51.93 -7.09 92.98
C GLN B 1973 53.22 -6.73 93.70
N ARG B 1974 53.12 -6.07 94.86
CA ARG B 1974 54.31 -5.69 95.61
C ARG B 1974 55.03 -6.89 96.18
N SER B 1975 54.29 -7.89 96.66
CA SER B 1975 54.91 -9.11 97.12
C SER B 1975 55.33 -10.01 95.96
N ARG B 1976 54.58 -9.96 94.86
CA ARG B 1976 54.87 -10.82 93.72
C ARG B 1976 56.13 -10.36 92.98
N TYR B 1977 56.43 -9.06 93.03
CA TYR B 1977 57.68 -8.58 92.47
C TYR B 1977 58.87 -8.97 93.34
N ALA B 1978 58.67 -9.00 94.66
CA ALA B 1978 59.71 -9.53 95.54
C ALA B 1978 59.90 -11.02 95.32
N LEU B 1979 58.84 -11.71 94.90
CA LEU B 1979 58.92 -13.13 94.58
C LEU B 1979 59.70 -13.41 93.30
N LEU B 1980 60.11 -12.39 92.56
CA LEU B 1980 61.02 -12.56 91.44
C LEU B 1980 62.28 -11.71 91.57
N MET B 1981 62.31 -10.81 92.56
CA MET B 1981 63.51 -10.07 92.90
C MET B 1981 64.41 -10.89 93.81
N ARG B 1982 63.83 -11.51 94.85
CA ARG B 1982 64.60 -12.32 95.78
C ARG B 1982 64.34 -13.82 95.60
N ALA B 1983 63.17 -14.18 95.10
CA ALA B 1983 62.77 -15.59 94.97
C ALA B 1983 62.69 -15.97 93.50
N PHE B 1984 63.67 -15.50 92.73
CA PHE B 1984 63.58 -15.49 91.27
C PHE B 1984 63.57 -16.90 90.69
N THR B 1985 64.68 -17.63 90.87
CA THR B 1985 64.98 -18.88 90.16
C THR B 1985 64.74 -18.71 88.66
N MET B 1986 65.55 -17.85 88.06
CA MET B 1986 65.22 -17.22 86.79
C MET B 1986 65.19 -18.21 85.62
N SER B 1987 64.01 -18.35 85.04
CA SER B 1987 63.81 -19.15 83.84
C SER B 1987 63.15 -18.27 82.80
N ALA B 1988 63.07 -18.76 81.57
CA ALA B 1988 62.55 -17.95 80.47
C ALA B 1988 61.03 -17.79 80.55
N ALA B 1989 60.32 -18.84 81.00
CA ALA B 1989 58.88 -18.74 81.18
C ALA B 1989 58.48 -17.77 82.27
N GLU B 1990 59.18 -17.81 83.41
CA GLU B 1990 58.99 -16.80 84.44
C GLU B 1990 59.39 -15.42 83.94
N THR B 1991 60.45 -15.36 83.13
CA THR B 1991 60.89 -14.11 82.51
C THR B 1991 59.90 -13.60 81.47
N ALA B 1992 59.29 -14.48 80.67
CA ALA B 1992 58.25 -14.08 79.75
C ALA B 1992 56.98 -13.63 80.44
N ARG B 1993 56.67 -14.23 81.59
CA ARG B 1993 55.52 -13.78 82.37
C ARG B 1993 55.77 -12.43 83.02
N ARG B 1994 56.95 -12.23 83.62
CA ARG B 1994 57.29 -11.00 84.31
C ARG B 1994 57.77 -9.91 83.38
N THR B 1995 57.79 -10.17 82.06
CA THR B 1995 58.07 -9.13 81.09
C THR B 1995 57.02 -8.04 81.14
N ARG B 1996 55.76 -8.42 81.37
CA ARG B 1996 54.67 -7.47 81.41
C ARG B 1996 54.63 -6.67 82.70
N GLU B 1997 55.50 -6.95 83.66
CA GLU B 1997 55.64 -6.02 84.78
C GLU B 1997 56.35 -4.76 84.34
N PHE B 1998 57.47 -4.93 83.62
CA PHE B 1998 58.22 -3.78 83.15
C PHE B 1998 57.60 -3.21 81.88
N ARG B 1999 56.88 -4.02 81.14
CA ARG B 1999 55.96 -3.57 80.11
C ARG B 1999 54.63 -3.22 80.77
N SER B 2000 53.58 -3.06 79.95
CA SER B 2000 52.19 -2.87 80.37
C SER B 2000 52.01 -1.62 81.23
N PRO B 2001 51.92 -0.44 80.62
CA PRO B 2001 51.46 0.74 81.35
C PRO B 2001 50.09 0.47 81.97
N PRO B 2002 49.78 1.11 83.10
CA PRO B 2002 48.66 0.64 83.94
C PRO B 2002 47.28 0.78 83.33
N GLN B 2003 47.15 1.36 82.14
CA GLN B 2003 45.96 1.07 81.34
C GLN B 2003 45.90 -0.40 80.97
N GLU B 2004 46.86 -0.88 80.17
CA GLU B 2004 46.87 -2.26 79.71
C GLU B 2004 47.26 -3.26 80.80
N GLN B 2005 47.94 -2.80 81.84
CA GLN B 2005 48.40 -3.70 82.89
C GLN B 2005 47.26 -4.24 83.72
N ILE B 2006 46.31 -3.37 84.07
CA ILE B 2006 45.14 -3.83 84.82
C ILE B 2006 44.23 -4.61 83.89
N ASN B 2007 44.23 -4.25 82.61
CA ASN B 2007 43.46 -4.98 81.61
C ASN B 2007 43.92 -6.42 81.49
N MET B 2008 45.24 -6.62 81.51
CA MET B 2008 45.79 -7.97 81.44
C MET B 2008 45.37 -8.79 82.66
N LEU B 2009 45.45 -8.20 83.85
CA LEU B 2009 45.11 -8.92 85.06
C LEU B 2009 43.62 -9.21 85.17
N LEU B 2010 42.79 -8.30 84.68
CA LEU B 2010 41.36 -8.48 84.76
C LEU B 2010 40.86 -9.48 83.74
N HIS B 2011 41.65 -9.78 82.71
CA HIS B 2011 41.34 -10.86 81.79
C HIS B 2011 41.35 -12.21 82.49
N PHE B 2012 42.22 -12.37 83.48
CA PHE B 2012 42.29 -13.62 84.20
C PHE B 2012 41.09 -13.78 85.13
N LYS B 2013 40.67 -12.68 85.75
CA LYS B 2013 39.57 -12.75 86.69
C LYS B 2013 38.23 -12.80 85.98
N ASP B 2014 37.95 -11.85 85.08
CA ASP B 2014 36.65 -11.73 84.45
C ASP B 2014 36.69 -12.54 83.16
N GLU B 2015 36.40 -13.82 83.27
CA GLU B 2015 36.33 -14.72 82.12
C GLU B 2015 35.52 -15.93 82.54
N ALA B 2016 35.45 -16.92 81.65
CA ALA B 2016 35.01 -18.24 82.04
C ALA B 2016 36.21 -19.10 82.42
N ASP B 2017 37.08 -18.53 83.27
CA ASP B 2017 38.38 -19.09 83.64
C ASP B 2017 39.21 -19.50 82.41
N GLU B 2018 39.13 -18.70 81.36
CA GLU B 2018 39.67 -19.05 80.06
C GLU B 2018 40.98 -18.31 79.78
N GLU B 2019 41.77 -18.05 80.83
CA GLU B 2019 42.98 -17.25 80.66
C GLU B 2019 44.18 -17.73 81.47
N ASP B 2020 44.09 -18.84 82.20
CA ASP B 2020 45.15 -19.42 83.02
C ASP B 2020 45.65 -18.42 84.07
N CYS B 2021 44.73 -18.12 84.99
CA CYS B 2021 44.89 -17.04 85.95
C CYS B 2021 46.09 -17.23 86.87
N PRO B 2022 46.67 -16.14 87.37
CA PRO B 2022 47.81 -16.25 88.29
C PRO B 2022 47.45 -16.74 89.68
N LEU B 2023 48.42 -16.59 90.58
CA LEU B 2023 48.33 -17.02 91.98
C LEU B 2023 47.06 -16.64 92.77
N PRO B 2024 46.51 -15.38 92.72
CA PRO B 2024 45.42 -15.07 93.67
C PRO B 2024 44.10 -15.77 93.41
N GLU B 2025 43.78 -16.75 94.25
CA GLU B 2025 42.58 -17.56 94.11
C GLU B 2025 41.48 -17.16 95.09
N ASP B 2026 41.81 -16.46 96.17
CA ASP B 2026 40.80 -16.02 97.10
C ASP B 2026 40.20 -14.69 96.69
N ILE B 2027 41.00 -13.84 96.04
CA ILE B 2027 40.51 -12.51 95.68
C ILE B 2027 40.19 -12.48 94.19
N ARG B 2028 40.15 -13.64 93.56
CA ARG B 2028 39.34 -13.76 92.36
C ARG B 2028 37.91 -14.15 92.72
N GLN B 2029 37.70 -14.57 93.95
CA GLN B 2029 36.42 -15.07 94.44
C GLN B 2029 35.55 -13.98 95.04
N ASP B 2030 36.17 -13.03 95.76
CA ASP B 2030 35.43 -11.92 96.31
C ASP B 2030 34.84 -11.04 95.22
N LEU B 2031 35.59 -10.85 94.13
CA LEU B 2031 35.11 -10.10 92.98
C LEU B 2031 33.95 -10.81 92.32
N GLN B 2032 33.99 -12.14 92.23
CA GLN B 2032 32.89 -12.88 91.64
C GLN B 2032 31.64 -12.82 92.50
N ASP B 2033 31.80 -13.00 93.82
CA ASP B 2033 30.66 -12.90 94.72
C ASP B 2033 30.10 -11.48 94.77
N PHE B 2034 30.98 -10.49 94.67
CA PHE B 2034 30.52 -9.11 94.65
C PHE B 2034 29.83 -8.79 93.33
N HIS B 2035 30.34 -9.34 92.23
CA HIS B 2035 29.72 -9.16 90.94
C HIS B 2035 28.36 -9.81 90.89
N GLN B 2036 28.21 -10.94 91.59
CA GLN B 2036 26.91 -11.58 91.71
C GLN B 2036 25.97 -10.75 92.58
N ASP B 2037 26.46 -10.26 93.72
CA ASP B 2037 25.68 -9.41 94.60
C ASP B 2037 25.33 -8.08 93.96
N LEU B 2038 26.14 -7.63 93.00
CA LEU B 2038 25.91 -6.36 92.33
C LEU B 2038 24.69 -6.44 91.43
N LEU B 2039 24.63 -7.47 90.58
CA LEU B 2039 23.45 -7.67 89.76
C LEU B 2039 22.24 -8.09 90.59
N ALA B 2040 22.47 -8.75 91.73
CA ALA B 2040 21.37 -9.06 92.63
C ALA B 2040 20.77 -7.79 93.22
N HIS B 2041 21.62 -6.85 93.63
CA HIS B 2041 21.14 -5.55 94.09
C HIS B 2041 20.56 -4.74 92.95
N CYS B 2042 21.05 -4.95 91.74
CA CYS B 2042 20.43 -4.38 90.56
C CYS B 2042 19.20 -5.22 90.20
N GLY B 2043 18.60 -4.91 89.06
CA GLY B 2043 17.36 -5.56 88.70
C GLY B 2043 17.45 -7.00 88.25
N ILE B 2044 18.65 -7.59 88.23
CA ILE B 2044 18.79 -8.95 87.71
C ILE B 2044 18.21 -9.94 88.71
N GLN B 2045 17.40 -10.87 88.20
CA GLN B 2045 16.75 -11.85 89.05
C GLN B 2045 17.73 -12.88 89.60
N LEU B 2046 18.90 -13.02 88.97
CA LEU B 2046 19.98 -13.92 89.40
C LEU B 2046 19.51 -15.36 89.49
N GLU B 2047 18.69 -15.78 88.53
CA GLU B 2047 18.11 -17.12 88.52
C GLU B 2047 19.19 -18.12 88.14
N GLY B 2048 19.58 -18.96 89.08
CA GLY B 2048 20.62 -19.94 88.85
C GLY B 2048 21.98 -19.50 89.35
N LYS B 2089 -0.51 -9.10 91.74
CA LYS B 2089 0.63 -9.63 92.47
C LYS B 2089 1.23 -8.57 93.39
N LYS B 2090 1.73 -9.01 94.55
CA LYS B 2090 2.33 -8.09 95.52
C LYS B 2090 3.78 -7.78 95.14
N PRO B 2091 4.09 -6.50 94.89
CA PRO B 2091 5.45 -6.13 94.49
C PRO B 2091 6.48 -6.30 95.59
N GLN B 2092 6.20 -5.69 96.75
CA GLN B 2092 7.13 -5.56 97.89
C GLN B 2092 8.48 -4.96 97.49
N SER B 2093 8.50 -4.13 96.44
CA SER B 2093 9.72 -3.61 95.85
C SER B 2093 9.36 -2.44 94.95
N LEU B 2094 10.34 -1.56 94.76
CA LEU B 2094 10.10 -0.34 93.99
C LEU B 2094 9.93 -0.65 92.51
N GLN B 2095 10.69 -1.62 91.99
CA GLN B 2095 10.63 -1.86 90.55
C GLN B 2095 9.33 -2.52 90.15
N GLU B 2096 8.97 -3.61 90.84
CA GLU B 2096 7.66 -4.24 90.62
C GLU B 2096 6.52 -3.33 91.05
N LEU B 2097 6.79 -2.38 91.94
CA LEU B 2097 5.76 -1.46 92.41
C LEU B 2097 5.43 -0.42 91.34
N VAL B 2098 6.46 0.21 90.78
CA VAL B 2098 6.24 1.15 89.69
C VAL B 2098 5.71 0.42 88.47
N SER B 2099 6.25 -0.75 88.18
CA SER B 2099 5.73 -1.56 87.10
C SER B 2099 4.51 -2.37 87.52
N HIS B 2100 3.76 -1.90 88.51
CA HIS B 2100 2.37 -2.26 88.66
C HIS B 2100 1.47 -1.05 88.74
N MET B 2101 1.94 0.03 89.36
CA MET B 2101 1.16 1.24 89.48
C MET B 2101 1.03 1.97 88.15
N VAL B 2102 2.13 2.09 87.40
CA VAL B 2102 2.04 2.67 86.09
C VAL B 2102 1.26 1.75 85.16
N VAL B 2103 1.29 0.45 85.44
CA VAL B 2103 0.51 -0.52 84.68
C VAL B 2103 -0.98 -0.29 84.88
N ARG B 2104 -1.41 -0.12 86.13
CA ARG B 2104 -2.83 0.12 86.36
C ARG B 2104 -3.24 1.52 85.91
N TRP B 2105 -2.31 2.46 85.90
CA TRP B 2105 -2.56 3.76 85.30
C TRP B 2105 -2.79 3.64 83.80
N ALA B 2106 -1.99 2.81 83.15
CA ALA B 2106 -2.09 2.66 81.71
C ALA B 2106 -3.33 1.86 81.30
N GLN B 2107 -3.69 0.84 82.09
CA GLN B 2107 -4.92 0.11 81.80
C GLN B 2107 -6.14 0.81 82.38
N GLU B 2108 -5.94 1.95 83.03
CA GLU B 2108 -7.02 2.91 83.18
C GLU B 2108 -7.24 3.65 81.86
N ASP B 2109 -8.08 4.67 81.88
CA ASP B 2109 -8.69 5.19 80.66
C ASP B 2109 -7.71 5.99 79.80
N TYR B 2110 -8.25 6.63 78.78
CA TYR B 2110 -7.44 7.38 77.83
C TYR B 2110 -6.81 8.59 78.49
N VAL B 2111 -5.49 8.62 78.51
CA VAL B 2111 -4.74 9.62 79.27
C VAL B 2111 -4.21 10.67 78.29
N GLN B 2112 -4.45 11.94 78.61
CA GLN B 2112 -3.91 13.07 77.87
C GLN B 2112 -2.78 13.71 78.69
N SER B 2113 -2.39 14.95 78.35
CA SER B 2113 -1.25 15.72 78.88
C SER B 2113 0.04 14.97 78.57
N PRO B 2114 0.50 15.00 77.32
CA PRO B 2114 1.53 14.06 76.86
C PRO B 2114 2.90 14.28 77.47
N GLU B 2115 3.17 15.46 78.01
CA GLU B 2115 4.43 15.67 78.70
C GLU B 2115 4.48 14.87 79.99
N LEU B 2116 3.35 14.74 80.67
CA LEU B 2116 3.23 13.76 81.75
C LEU B 2116 3.51 12.36 81.24
N VAL B 2117 3.03 12.03 80.04
CA VAL B 2117 3.23 10.71 79.49
C VAL B 2117 4.71 10.48 79.17
N ARG B 2118 5.36 11.52 78.64
CA ARG B 2118 6.81 11.52 78.46
C ARG B 2118 7.53 11.28 79.78
N ALA B 2119 7.10 11.96 80.83
CA ALA B 2119 7.72 11.82 82.15
C ALA B 2119 7.51 10.45 82.73
N MET B 2120 6.32 9.86 82.49
CA MET B 2120 6.03 8.52 82.97
C MET B 2120 6.93 7.50 82.30
N PHE B 2121 7.02 7.57 80.98
CA PHE B 2121 7.79 6.53 80.32
C PHE B 2121 9.28 6.78 80.40
N SER B 2122 9.69 8.01 80.75
CA SER B 2122 11.10 8.23 81.07
C SER B 2122 11.54 7.39 82.25
N LEU B 2123 10.80 7.44 83.35
CA LEU B 2123 11.16 6.64 84.50
C LEU B 2123 10.82 5.17 84.27
N LEU B 2124 9.84 4.91 83.41
CA LEU B 2124 9.54 3.53 83.06
C LEU B 2124 10.65 2.92 82.24
N HIS B 2125 11.38 3.72 81.48
CA HIS B 2125 12.63 3.27 80.93
C HIS B 2125 13.62 2.89 82.02
N ARG B 2126 13.72 3.72 83.06
CA ARG B 2126 14.62 3.47 84.16
C ARG B 2126 14.23 2.25 84.97
N GLN B 2127 12.98 1.80 84.87
CA GLN B 2127 12.53 0.55 85.46
C GLN B 2127 13.25 -0.66 84.91
N TYR B 2128 13.80 -0.57 83.71
CA TYR B 2128 14.34 -1.72 83.01
C TYR B 2128 15.80 -1.55 82.61
N ASP B 2129 16.14 -0.47 81.92
CA ASP B 2129 17.52 -0.28 81.48
C ASP B 2129 18.33 0.48 82.51
N GLY B 2130 18.31 -0.01 83.75
CA GLY B 2130 19.21 0.53 84.76
C GLY B 2130 20.66 0.25 84.44
N LEU B 2131 20.93 -0.85 83.76
CA LEU B 2131 22.28 -1.14 83.27
C LEU B 2131 22.69 -0.16 82.20
N GLY B 2132 21.77 0.15 81.28
CA GLY B 2132 22.03 1.23 80.33
C GLY B 2132 22.09 2.57 81.01
N GLU B 2133 21.27 2.77 82.04
CA GLU B 2133 21.39 3.97 82.86
C GLU B 2133 22.68 3.99 83.64
N LEU B 2134 23.16 2.82 84.06
CA LEU B 2134 24.47 2.73 84.69
C LEU B 2134 25.57 3.12 83.72
N LEU B 2135 25.48 2.61 82.49
CA LEU B 2135 26.41 2.98 81.44
C LEU B 2135 26.33 4.46 81.10
N ARG B 2136 25.15 5.07 81.25
CA ARG B 2136 25.01 6.49 81.04
C ARG B 2136 25.81 7.32 82.03
N ALA B 2137 25.68 7.05 83.34
CA ALA B 2137 26.46 7.76 84.33
C ALA B 2137 27.85 7.19 84.53
N LEU B 2138 28.19 6.13 83.81
CA LEU B 2138 29.54 5.58 83.89
C LEU B 2138 30.64 6.54 83.44
N PRO B 2139 30.47 7.41 82.43
CA PRO B 2139 31.48 8.46 82.23
C PRO B 2139 31.34 9.65 83.15
N ARG B 2140 30.42 9.66 84.10
CA ARG B 2140 30.20 10.83 84.93
C ARG B 2140 30.51 10.59 86.39
N ALA B 2141 31.21 9.53 86.72
CA ALA B 2141 31.62 9.26 88.09
C ALA B 2141 33.08 9.63 88.28
N TYR B 2142 33.44 10.01 89.50
CA TYR B 2142 34.83 10.33 89.79
C TYR B 2142 35.08 10.13 91.27
N THR B 2143 36.36 10.13 91.64
CA THR B 2143 36.80 10.01 93.02
C THR B 2143 37.98 10.94 93.20
N ILE B 2144 37.95 11.75 94.27
CA ILE B 2144 38.97 12.78 94.46
C ILE B 2144 39.79 12.45 95.70
N SER B 2145 40.99 13.01 95.73
CA SER B 2145 41.89 12.77 96.85
C SER B 2145 41.37 13.49 98.09
N PRO B 2146 41.54 12.92 99.28
CA PRO B 2146 41.00 13.56 100.49
C PRO B 2146 41.68 14.88 100.79
N SER B 2147 40.92 15.76 101.46
CA SER B 2147 41.30 17.14 101.76
C SER B 2147 41.64 17.92 100.50
N SER B 2148 40.98 17.61 99.40
CA SER B 2148 41.00 18.45 98.20
C SER B 2148 39.66 19.13 97.97
N VAL B 2149 38.79 19.10 98.98
CA VAL B 2149 37.41 19.52 98.78
C VAL B 2149 37.29 21.03 98.83
N GLU B 2150 38.33 21.70 99.34
CA GLU B 2150 38.29 23.13 99.53
C GLU B 2150 38.42 23.90 98.22
N ASP B 2151 39.22 23.42 97.28
CA ASP B 2151 39.19 23.96 95.93
C ASP B 2151 38.06 23.35 95.12
N THR B 2152 37.60 22.17 95.52
CA THR B 2152 36.54 21.49 94.79
C THR B 2152 35.22 22.21 94.91
N MET B 2153 34.85 22.60 96.13
CA MET B 2153 33.62 23.37 96.33
C MET B 2153 33.72 24.75 95.73
N SER B 2154 34.93 25.34 95.73
CA SER B 2154 35.12 26.65 95.13
C SER B 2154 34.90 26.60 93.63
N LEU B 2155 35.61 25.69 92.96
CA LEU B 2155 35.43 25.45 91.54
C LEU B 2155 34.01 24.99 91.22
N LEU B 2156 33.38 24.28 92.16
CA LEU B 2156 32.03 23.77 92.01
C LEU B 2156 31.00 24.89 92.01
N GLU B 2157 31.03 25.76 93.01
CA GLU B 2157 30.15 26.92 93.03
C GLU B 2157 30.50 27.91 91.93
N CYS B 2158 31.75 27.92 91.49
CA CYS B 2158 32.12 28.81 90.40
C CYS B 2158 31.57 28.30 89.07
N LEU B 2159 31.52 26.98 88.91
CA LEU B 2159 30.76 26.38 87.82
C LEU B 2159 29.27 26.65 87.96
N GLY B 2160 28.81 26.74 89.21
CA GLY B 2160 27.44 27.16 89.45
C GLY B 2160 27.13 28.55 88.93
N GLN B 2161 28.11 29.45 88.97
CA GLN B 2161 27.97 30.76 88.35
C GLN B 2161 27.78 30.63 86.84
N ILE B 2162 28.56 29.77 86.22
CA ILE B 2162 28.58 29.62 84.78
C ILE B 2162 27.29 28.96 84.30
N ARG B 2163 26.83 27.95 85.03
CA ARG B 2163 25.56 27.33 84.73
C ARG B 2163 24.40 28.26 84.99
N SER B 2164 24.55 29.19 85.94
CA SER B 2164 23.52 30.20 86.14
C SER B 2164 23.57 31.25 85.06
N LEU B 2165 24.73 31.85 84.81
CA LEU B 2165 24.90 32.87 83.77
C LEU B 2165 24.71 32.31 82.37
N LEU B 2166 24.71 30.99 82.20
CA LEU B 2166 24.24 30.36 80.97
C LEU B 2166 22.84 30.81 80.60
N ILE B 2167 21.90 30.84 81.56
CA ILE B 2167 20.52 31.20 81.29
C ILE B 2167 20.27 32.68 81.56
N VAL B 2168 21.30 33.44 81.86
CA VAL B 2168 21.18 34.86 82.19
C VAL B 2168 21.57 35.68 80.97
N GLN B 2169 20.69 36.61 80.61
CA GLN B 2169 20.99 37.59 79.57
C GLN B 2169 22.16 38.46 80.00
N MET B 2170 23.03 38.78 79.04
CA MET B 2170 24.28 39.48 79.33
C MET B 2170 24.02 40.92 79.75
N GLY B 2171 24.21 41.18 81.04
CA GLY B 2171 24.37 42.52 81.51
C GLY B 2171 25.85 42.78 81.68
N PRO B 2172 26.24 44.05 81.85
CA PRO B 2172 27.63 44.32 82.24
C PRO B 2172 27.96 43.77 83.61
N GLN B 2173 26.97 43.74 84.51
CA GLN B 2173 27.16 43.08 85.79
C GLN B 2173 27.30 41.58 85.62
N GLU B 2174 26.69 41.03 84.58
CA GLU B 2174 26.97 39.64 84.20
C GLU B 2174 28.32 39.50 83.52
N GLU B 2175 28.83 40.58 82.93
CA GLU B 2175 30.08 40.48 82.18
C GLU B 2175 31.27 40.32 83.11
N ASN B 2176 31.49 41.30 83.99
CA ASN B 2176 32.61 41.28 84.91
C ASN B 2176 32.53 40.17 85.94
N LEU B 2177 31.32 39.75 86.35
CA LEU B 2177 31.21 38.63 87.26
C LEU B 2177 31.66 37.32 86.61
N MET B 2178 31.38 37.17 85.32
CA MET B 2178 31.87 36.04 84.56
C MET B 2178 33.38 36.03 84.49
N ILE B 2179 33.98 37.20 84.27
CA ILE B 2179 35.43 37.28 84.18
C ILE B 2179 36.07 37.07 85.55
N GLN B 2180 35.35 37.45 86.60
CA GLN B 2180 35.74 37.12 87.97
C GLN B 2180 35.74 35.62 88.20
N SER B 2181 34.71 34.93 87.72
CA SER B 2181 34.67 33.48 87.72
C SER B 2181 35.81 32.86 86.93
N ILE B 2182 36.18 33.48 85.80
CA ILE B 2182 37.32 33.06 85.00
C ILE B 2182 38.61 33.17 85.80
N GLY B 2183 38.79 34.26 86.54
CA GLY B 2183 39.96 34.39 87.40
C GLY B 2183 39.99 33.38 88.54
N ASN B 2184 38.81 33.04 89.08
CA ASN B 2184 38.71 31.98 90.07
C ASN B 2184 39.17 30.64 89.50
N ILE B 2185 38.62 30.24 88.35
CA ILE B 2185 39.00 28.95 87.78
C ILE B 2185 40.36 28.98 87.12
N MET B 2186 40.92 30.16 86.92
CA MET B 2186 42.35 30.30 86.73
C MET B 2186 43.13 29.98 87.98
N ASN B 2187 42.58 30.34 89.14
CA ASN B 2187 43.36 30.39 90.35
C ASN B 2187 42.83 29.37 91.35
N ASN B 2188 42.66 28.13 90.91
CA ASN B 2188 42.23 27.07 91.80
C ASN B 2188 43.09 25.81 91.70
N LYS B 2189 43.84 25.64 90.61
CA LYS B 2189 45.05 24.82 90.44
C LYS B 2189 44.86 23.32 90.61
N VAL B 2190 43.69 22.88 91.04
CA VAL B 2190 43.28 21.49 90.90
C VAL B 2190 42.75 21.28 89.50
N PHE B 2191 42.27 22.35 88.87
CA PHE B 2191 42.26 22.55 87.42
C PHE B 2191 43.50 21.97 86.74
N TYR B 2192 44.69 22.29 87.26
CA TYR B 2192 45.92 21.77 86.70
C TYR B 2192 46.20 20.35 87.17
N GLN B 2193 45.60 19.93 88.27
CA GLN B 2193 45.85 18.59 88.77
C GLN B 2193 45.11 17.53 87.96
N HIS B 2194 43.81 17.68 87.78
CA HIS B 2194 43.02 16.68 87.08
C HIS B 2194 42.06 17.32 86.09
N PRO B 2195 42.53 17.63 84.89
CA PRO B 2195 41.61 18.11 83.84
C PRO B 2195 40.73 17.02 83.26
N ASN B 2196 41.04 15.74 83.52
CA ASN B 2196 40.24 14.64 83.02
C ASN B 2196 38.85 14.63 83.61
N LEU B 2197 38.69 15.16 84.82
CA LEU B 2197 37.36 15.41 85.36
C LEU B 2197 36.63 16.47 84.56
N MET B 2198 37.34 17.54 84.15
CA MET B 2198 36.70 18.63 83.42
C MET B 2198 36.21 18.20 82.05
N ARG B 2199 36.86 17.20 81.48
CA ARG B 2199 36.37 16.57 80.25
C ARG B 2199 35.01 15.92 80.48
N ALA B 2200 34.77 15.42 81.70
CA ALA B 2200 33.46 14.87 82.04
C ALA B 2200 32.46 15.95 82.43
N LEU B 2201 32.83 17.22 82.25
CA LEU B 2201 31.94 18.31 82.64
C LEU B 2201 31.33 19.06 81.46
N GLY B 2202 31.87 18.90 80.26
CA GLY B 2202 31.36 19.68 79.15
C GLY B 2202 31.67 21.16 79.31
N MET B 2203 32.82 21.46 79.90
CA MET B 2203 33.12 22.84 80.30
C MET B 2203 33.29 23.72 79.08
N HIS B 2204 34.11 23.28 78.14
CA HIS B 2204 34.26 23.91 76.84
C HIS B 2204 32.94 23.99 76.09
N GLU B 2205 32.06 23.00 76.26
CA GLU B 2205 30.77 23.03 75.58
C GLU B 2205 29.89 24.15 76.11
N THR B 2206 29.84 24.31 77.43
CA THR B 2206 29.14 25.44 78.03
C THR B 2206 29.72 26.76 77.55
N VAL B 2207 31.06 26.83 77.46
CA VAL B 2207 31.73 28.03 76.94
C VAL B 2207 31.33 28.30 75.50
N MET B 2208 31.32 27.27 74.66
CA MET B 2208 31.00 27.45 73.26
C MET B 2208 29.54 27.82 73.07
N GLU B 2209 28.66 27.23 73.88
CA GLU B 2209 27.25 27.52 73.73
C GLU B 2209 26.90 28.92 74.20
N VAL B 2210 27.55 29.39 75.25
CA VAL B 2210 27.31 30.79 75.61
C VAL B 2210 28.07 31.72 74.67
N MET B 2211 29.10 31.24 73.99
CA MET B 2211 29.81 32.03 73.03
C MET B 2211 29.05 32.17 71.72
N VAL B 2212 28.30 31.14 71.34
CA VAL B 2212 27.45 31.22 70.16
C VAL B 2212 26.33 32.23 70.39
N ASN B 2213 25.94 32.42 71.65
CA ASN B 2213 24.97 33.45 71.98
C ASN B 2213 25.53 34.85 71.73
N VAL B 2214 26.75 35.10 72.18
CA VAL B 2214 27.31 36.43 71.94
C VAL B 2214 27.89 36.56 70.54
N LEU B 2215 27.96 35.46 69.79
CA LEU B 2215 28.40 35.50 68.41
C LEU B 2215 27.26 35.39 67.42
N GLY B 2216 26.02 35.26 67.90
CA GLY B 2216 24.88 35.07 67.02
C GLY B 2216 24.00 36.30 66.94
N GLY B 2217 22.95 36.16 66.13
CA GLY B 2217 21.99 37.24 65.94
C GLY B 2217 22.53 38.33 65.05
N GLY B 2218 23.40 39.17 65.59
CA GLY B 2218 24.00 40.23 64.81
C GLY B 2218 25.25 39.75 64.10
N GLU B 2219 25.09 39.42 62.82
CA GLU B 2219 26.23 38.99 62.02
C GLU B 2219 27.20 40.14 61.80
N THR B 2220 26.68 41.35 61.60
CA THR B 2220 27.48 42.56 61.53
C THR B 2220 26.87 43.71 62.31
N LYS B 2221 25.88 43.46 63.17
CA LYS B 2221 25.18 44.54 63.83
C LYS B 2221 26.00 45.11 64.99
N GLU B 2222 26.25 44.32 66.03
CA GLU B 2222 26.97 44.80 67.19
C GLU B 2222 28.00 43.78 67.61
N ILE B 2223 29.16 44.28 68.03
CA ILE B 2223 30.20 43.46 68.63
C ILE B 2223 30.19 43.77 70.12
N ARG B 2224 29.00 44.13 70.61
CA ARG B 2224 28.78 44.52 71.99
C ARG B 2224 29.18 43.41 72.95
N PHE B 2225 29.50 43.82 74.18
CA PHE B 2225 30.35 43.10 75.12
C PHE B 2225 31.62 42.57 74.48
N PRO B 2226 32.62 43.41 74.18
CA PRO B 2226 33.98 42.89 73.98
C PRO B 2226 34.63 42.63 75.34
N LYS B 2227 35.90 42.19 75.27
CA LYS B 2227 36.87 42.08 76.37
C LYS B 2227 36.52 40.93 77.34
N MET B 2228 35.33 40.36 77.19
CA MET B 2228 34.88 39.18 77.92
C MET B 2228 34.92 37.93 77.06
N VAL B 2229 34.53 38.06 75.79
CA VAL B 2229 34.78 37.02 74.80
C VAL B 2229 36.27 36.75 74.67
N THR B 2230 37.10 37.79 74.68
CA THR B 2230 38.54 37.59 74.65
C THR B 2230 39.02 36.98 75.96
N SER B 2231 38.38 37.34 77.07
CA SER B 2231 38.72 36.77 78.37
C SER B 2231 38.49 35.27 78.43
N CYS B 2232 37.28 34.82 78.11
CA CYS B 2232 36.99 33.40 78.13
C CYS B 2232 37.74 32.67 77.02
N CYS B 2233 38.03 33.36 75.92
CA CYS B 2233 38.82 32.77 74.85
C CYS B 2233 40.25 32.50 75.28
N ARG B 2234 40.93 33.51 75.84
CA ARG B 2234 42.30 33.31 76.29
C ARG B 2234 42.37 32.41 77.51
N PHE B 2235 41.29 32.31 78.30
CA PHE B 2235 41.28 31.28 79.32
C PHE B 2235 41.16 29.89 78.72
N LEU B 2236 40.29 29.71 77.74
CA LEU B 2236 40.06 28.38 77.21
C LEU B 2236 41.24 27.94 76.35
N CYS B 2237 42.05 28.90 75.88
CA CYS B 2237 43.36 28.60 75.35
C CYS B 2237 44.22 27.82 76.33
N TYR B 2238 44.18 28.15 77.62
CA TYR B 2238 44.98 27.44 78.61
C TYR B 2238 44.48 26.02 78.80
N PHE B 2239 43.16 25.87 78.99
CA PHE B 2239 42.55 24.57 79.18
C PHE B 2239 42.71 23.70 77.94
N CYS B 2240 42.74 24.31 76.77
CA CYS B 2240 43.14 23.64 75.55
C CYS B 2240 44.58 23.18 75.60
N ARG B 2241 45.49 24.05 76.03
CA ARG B 2241 46.92 23.80 76.06
C ARG B 2241 47.27 22.64 77.00
N ILE B 2242 46.63 22.57 78.16
CA ILE B 2242 47.00 21.48 79.06
C ILE B 2242 46.15 20.26 78.73
N SER B 2243 46.50 19.59 77.63
CA SER B 2243 45.79 18.44 77.10
C SER B 2243 46.46 17.86 75.88
N ARG B 2244 46.12 16.61 75.59
CA ARG B 2244 46.11 16.06 74.25
C ARG B 2244 44.77 15.40 73.96
N GLN B 2245 43.82 15.52 74.87
CA GLN B 2245 42.58 14.76 74.79
C GLN B 2245 41.36 15.67 74.94
N ASN B 2246 41.50 16.74 75.72
CA ASN B 2246 40.47 17.76 75.75
C ASN B 2246 40.40 18.50 74.42
N GLN B 2247 41.57 18.81 73.88
CA GLN B 2247 41.70 19.44 72.57
C GLN B 2247 41.20 18.53 71.43
N ARG B 2248 41.08 17.23 71.68
CA ARG B 2248 40.42 16.36 70.71
C ARG B 2248 38.93 16.66 70.61
N SER B 2249 38.27 16.95 71.73
CA SER B 2249 36.87 17.34 71.66
C SER B 2249 36.70 18.74 71.07
N MET B 2250 37.75 19.55 71.16
CA MET B 2250 37.72 20.84 70.47
C MET B 2250 37.88 20.65 68.97
N PHE B 2251 38.72 19.70 68.58
CA PHE B 2251 38.79 19.28 67.19
C PHE B 2251 37.46 18.71 66.72
N ASP B 2252 36.74 18.05 67.62
CA ASP B 2252 35.38 17.60 67.34
C ASP B 2252 34.45 18.77 67.10
N HIS B 2253 34.70 19.91 67.73
CA HIS B 2253 33.85 21.08 67.61
C HIS B 2253 34.41 22.08 66.61
N LEU B 2254 35.51 21.73 65.97
CA LEU B 2254 36.40 22.70 65.35
C LEU B 2254 35.74 23.39 64.17
N SER B 2255 35.23 22.62 63.20
CA SER B 2255 34.60 23.18 62.02
C SER B 2255 33.38 24.01 62.35
N TYR B 2256 32.65 23.59 63.38
CA TYR B 2256 31.60 24.42 63.95
C TYR B 2256 32.17 25.72 64.49
N LEU B 2257 33.20 25.62 65.33
CA LEU B 2257 33.78 26.85 65.85
C LEU B 2257 34.63 27.55 64.80
N LEU B 2258 35.01 26.84 63.73
CA LEU B 2258 35.55 27.53 62.57
C LEU B 2258 34.47 28.32 61.85
N GLU B 2259 33.26 27.78 61.80
CA GLU B 2259 32.14 28.55 61.25
C GLU B 2259 31.84 29.76 62.13
N ASN B 2260 32.12 29.65 63.42
CA ASN B 2260 32.05 30.82 64.29
C ASN B 2260 33.20 31.80 64.08
N SER B 2261 34.43 31.29 64.00
CA SER B 2261 35.62 32.13 64.02
C SER B 2261 35.85 32.84 62.70
N GLY B 2262 35.24 32.36 61.62
CA GLY B 2262 35.40 32.97 60.32
C GLY B 2262 34.88 34.37 60.19
N ILE B 2263 33.85 34.73 60.98
CA ILE B 2263 33.38 36.10 61.09
C ILE B 2263 34.10 36.86 62.19
N GLY B 2264 35.06 36.23 62.87
CA GLY B 2264 35.75 36.90 63.95
C GLY B 2264 36.88 37.78 63.47
N LEU B 2265 38.08 37.56 64.03
CA LEU B 2265 39.31 38.27 63.65
C LEU B 2265 39.18 39.78 63.84
N GLY B 2266 39.01 40.20 65.09
CA GLY B 2266 38.92 41.61 65.41
C GLY B 2266 40.10 42.14 66.17
N MET B 2267 39.95 42.23 67.49
CA MET B 2267 41.03 42.69 68.35
C MET B 2267 42.14 41.66 68.42
N GLN B 2268 43.38 42.15 68.49
CA GLN B 2268 44.54 41.29 68.69
C GLN B 2268 44.53 40.68 70.09
N GLY B 2269 45.44 39.74 70.30
CA GLY B 2269 45.46 39.00 71.54
C GLY B 2269 44.60 37.75 71.44
N SER B 2270 43.48 37.72 72.16
CA SER B 2270 42.60 36.57 72.09
C SER B 2270 41.61 36.71 70.96
N THR B 2271 41.31 35.58 70.30
CA THR B 2271 40.59 35.55 69.03
C THR B 2271 40.05 34.14 68.88
N PRO B 2272 38.81 33.95 68.41
CA PRO B 2272 38.32 32.59 68.14
C PRO B 2272 39.15 31.82 67.13
N LEU B 2273 39.85 32.51 66.22
CA LEU B 2273 40.89 31.85 65.47
C LEU B 2273 42.11 31.55 66.34
N ASP B 2274 42.39 32.38 67.35
CA ASP B 2274 43.57 32.14 68.16
C ASP B 2274 43.40 30.94 69.08
N VAL B 2275 42.20 30.73 69.62
CA VAL B 2275 41.98 29.54 70.42
C VAL B 2275 41.94 28.29 69.54
N ALA B 2276 41.52 28.42 68.28
CA ALA B 2276 41.63 27.29 67.35
C ALA B 2276 43.08 27.05 66.96
N ALA B 2277 43.89 28.11 66.93
CA ALA B 2277 45.32 27.95 66.69
C ALA B 2277 45.99 27.27 67.87
N ALA B 2278 45.52 27.54 69.08
CA ALA B 2278 45.91 26.76 70.24
C ALA B 2278 45.43 25.32 70.14
N SER B 2279 44.31 25.09 69.46
CA SER B 2279 43.74 23.77 69.27
C SER B 2279 44.41 22.97 68.15
N VAL B 2280 45.57 23.39 67.64
CA VAL B 2280 46.23 22.68 66.54
C VAL B 2280 47.72 22.50 66.77
N ILE B 2281 48.28 23.06 67.85
CA ILE B 2281 49.69 22.90 68.12
C ILE B 2281 50.00 21.45 68.49
N ASP B 2282 49.07 20.79 69.17
CA ASP B 2282 49.20 19.36 69.46
C ASP B 2282 48.99 18.59 68.18
N ASN B 2283 50.04 18.48 67.38
CA ASN B 2283 49.98 17.86 66.07
C ASN B 2283 50.31 16.38 66.18
N ASN B 2284 50.63 15.79 65.02
CA ASN B 2284 50.88 14.35 64.77
C ASN B 2284 49.67 13.49 65.09
N GLU B 2285 48.49 14.08 65.26
CA GLU B 2285 47.29 13.37 65.64
C GLU B 2285 46.04 13.87 64.95
N LEU B 2286 46.04 15.13 64.50
CA LEU B 2286 44.85 15.75 63.95
C LEU B 2286 45.04 16.27 62.54
N ALA B 2287 46.29 16.49 62.11
CA ALA B 2287 46.56 16.77 60.70
C ALA B 2287 46.22 15.58 59.82
N LEU B 2288 46.30 14.36 60.37
CA LEU B 2288 45.75 13.20 59.71
C LEU B 2288 44.23 13.14 59.80
N ALA B 2289 43.65 13.66 60.88
CA ALA B 2289 42.21 13.66 61.06
C ALA B 2289 41.53 14.86 60.40
N LEU B 2290 42.31 15.66 59.67
CA LEU B 2290 41.90 16.94 59.11
C LEU B 2290 40.75 16.84 58.11
N GLN B 2291 39.97 17.91 57.99
CA GLN B 2291 38.73 17.90 57.22
C GLN B 2291 38.87 18.80 56.01
N GLU B 2292 38.63 18.23 54.83
CA GLU B 2292 38.71 18.98 53.58
C GLU B 2292 37.65 20.07 53.51
N GLN B 2293 36.51 19.85 54.17
CA GLN B 2293 35.47 20.88 54.21
C GLN B 2293 35.95 22.13 54.94
N ASP B 2294 36.62 21.94 56.07
CA ASP B 2294 37.20 23.05 56.81
C ASP B 2294 38.38 23.69 56.09
N LEU B 2295 39.19 22.87 55.41
CA LEU B 2295 40.25 23.41 54.56
C LEU B 2295 39.69 24.27 53.45
N GLU B 2296 38.56 23.85 52.89
CA GLU B 2296 37.84 24.65 51.90
C GLU B 2296 37.35 25.96 52.49
N LYS B 2297 36.85 25.92 53.72
CA LYS B 2297 36.27 27.12 54.32
C LYS B 2297 37.33 28.15 54.66
N VAL B 2298 38.48 27.72 55.19
CA VAL B 2298 39.52 28.70 55.49
C VAL B 2298 40.13 29.27 54.22
N VAL B 2299 40.10 28.51 53.13
CA VAL B 2299 40.55 29.05 51.85
C VAL B 2299 39.54 30.07 51.32
N SER B 2300 38.24 29.80 51.47
CA SER B 2300 37.21 30.79 51.15
C SER B 2300 37.36 32.03 52.01
N TYR B 2301 37.69 31.83 53.27
CA TYR B 2301 37.97 32.92 54.20
C TYR B 2301 39.11 33.81 53.72
N LEU B 2302 40.21 33.19 53.32
CA LEU B 2302 41.36 33.98 52.90
C LEU B 2302 41.14 34.59 51.51
N ALA B 2303 40.35 33.93 50.67
CA ALA B 2303 40.02 34.49 49.37
C ALA B 2303 39.14 35.72 49.51
N GLY B 2304 38.25 35.71 50.50
CA GLY B 2304 37.55 36.94 50.86
C GLY B 2304 38.44 37.98 51.51
N CYS B 2305 39.44 37.54 52.30
CA CYS B 2305 40.40 38.44 52.92
C CYS B 2305 41.23 39.20 51.89
N GLY B 2306 41.56 38.57 50.78
CA GLY B 2306 42.28 39.21 49.71
C GLY B 2306 41.53 40.29 48.96
N LEU B 2307 40.22 40.43 49.21
CA LEU B 2307 39.41 41.44 48.55
C LEU B 2307 38.75 42.42 49.52
N GLN B 2308 38.55 42.03 50.78
CA GLN B 2308 38.04 42.98 51.76
C GLN B 2308 39.12 44.00 52.09
N SER B 2309 38.71 45.16 52.58
CA SER B 2309 39.61 46.31 52.64
C SER B 2309 39.59 46.94 54.03
N CYS B 2310 39.74 46.11 55.07
CA CYS B 2310 39.87 46.49 56.48
C CYS B 2310 38.75 47.40 56.99
N PRO B 2311 37.56 46.84 57.26
CA PRO B 2311 36.42 47.69 57.67
C PRO B 2311 36.62 48.37 59.02
N MET B 2312 37.38 47.77 59.93
CA MET B 2312 37.67 48.42 61.20
C MET B 2312 38.62 49.61 61.02
N LEU B 2313 39.42 49.60 59.96
CA LEU B 2313 40.30 50.73 59.66
C LEU B 2313 39.68 51.71 58.69
N LEU B 2314 38.54 51.35 58.09
CA LEU B 2314 37.73 52.35 57.39
C LEU B 2314 37.22 53.41 58.34
N ALA B 2315 36.90 53.01 59.57
CA ALA B 2315 36.41 53.92 60.61
C ALA B 2315 37.54 54.55 61.41
N LYS B 2316 38.76 54.58 60.87
CA LYS B 2316 39.86 55.16 61.64
C LYS B 2316 40.85 55.94 60.77
N GLY B 2317 40.44 56.41 59.60
CA GLY B 2317 41.29 57.28 58.80
C GLY B 2317 42.46 56.56 58.16
N TYR B 2318 42.17 55.67 57.22
CA TYR B 2318 43.19 54.88 56.56
C TYR B 2318 42.90 54.85 55.07
N PRO B 2319 43.93 54.78 54.22
CA PRO B 2319 43.73 54.93 52.77
C PRO B 2319 43.04 53.77 52.08
N ASP B 2320 42.67 52.70 52.80
CA ASP B 2320 41.72 51.68 52.36
C ASP B 2320 42.19 50.93 51.10
N ILE B 2321 43.31 50.22 51.25
CA ILE B 2321 43.83 49.36 50.21
C ILE B 2321 42.92 48.15 50.10
N GLY B 2322 42.63 47.70 48.88
CA GLY B 2322 41.60 46.70 48.64
C GLY B 2322 41.89 45.27 49.09
N TRP B 2323 42.97 45.06 49.83
CA TRP B 2323 43.20 43.78 50.48
C TRP B 2323 43.50 44.06 51.95
N ASN B 2324 43.81 43.02 52.71
CA ASN B 2324 43.95 43.15 54.16
C ASN B 2324 45.37 42.78 54.60
N PRO B 2325 46.26 43.76 54.67
CA PRO B 2325 47.58 43.51 55.26
C PRO B 2325 47.51 43.17 56.73
N CYS B 2326 46.51 43.67 57.43
CA CYS B 2326 46.20 43.22 58.77
C CYS B 2326 45.59 41.84 58.78
N GLY B 2327 44.45 41.69 58.10
CA GLY B 2327 43.62 40.50 58.11
C GLY B 2327 44.29 39.24 57.64
N GLY B 2328 45.16 39.31 56.62
CA GLY B 2328 45.92 38.14 56.23
C GLY B 2328 46.88 37.69 57.31
N GLU B 2329 47.47 38.63 58.04
CA GLU B 2329 48.31 38.28 59.16
C GLU B 2329 47.50 37.79 60.35
N ARG B 2330 46.24 38.22 60.46
CA ARG B 2330 45.32 37.58 61.40
C ARG B 2330 45.05 36.14 60.98
N TYR B 2331 44.98 35.88 59.68
CA TYR B 2331 45.00 34.51 59.19
C TYR B 2331 46.43 33.96 59.22
N LEU B 2332 46.58 32.76 58.64
CA LEU B 2332 47.82 32.09 58.25
C LEU B 2332 48.65 31.57 59.42
N ASP B 2333 48.35 32.00 60.64
CA ASP B 2333 49.10 31.55 61.79
C ASP B 2333 48.72 30.13 62.16
N PHE B 2334 47.41 29.89 62.23
CA PHE B 2334 46.85 28.54 62.32
C PHE B 2334 47.41 27.62 61.25
N LEU B 2335 47.47 28.11 60.01
CA LEU B 2335 47.89 27.29 58.88
C LEU B 2335 49.36 26.96 58.96
N ARG B 2336 50.16 27.87 59.53
CA ARG B 2336 51.53 27.55 59.88
C ARG B 2336 51.59 26.52 60.99
N PHE B 2337 50.71 26.64 61.99
CA PHE B 2337 50.78 25.83 63.20
C PHE B 2337 50.47 24.37 62.97
N ALA B 2338 49.95 24.00 61.80
CA ALA B 2338 49.87 22.59 61.45
C ALA B 2338 51.22 22.03 61.01
N VAL B 2339 52.10 22.86 60.44
CA VAL B 2339 53.29 22.32 59.79
C VAL B 2339 54.47 22.63 60.70
N PHE B 2340 54.18 22.85 61.98
CA PHE B 2340 55.07 23.60 62.85
C PHE B 2340 55.99 22.71 63.69
N VAL B 2341 55.41 21.91 64.59
CA VAL B 2341 56.22 21.20 65.60
C VAL B 2341 56.92 20.01 64.98
N ASN B 2342 56.28 19.36 64.02
CA ASN B 2342 56.93 18.38 63.17
C ASN B 2342 57.41 19.08 61.89
N GLY B 2343 58.34 20.03 62.09
CA GLY B 2343 58.82 20.97 61.10
C GLY B 2343 59.16 20.36 59.75
N GLU B 2344 58.62 20.97 58.68
CA GLU B 2344 58.48 20.36 57.36
C GLU B 2344 57.68 19.05 57.45
N SER B 2345 56.41 19.23 57.80
CA SER B 2345 55.47 18.13 58.03
C SER B 2345 54.94 17.53 56.73
N VAL B 2346 53.88 16.72 56.86
CA VAL B 2346 53.41 15.89 55.76
C VAL B 2346 52.84 16.76 54.65
N GLU B 2347 53.12 16.35 53.41
CA GLU B 2347 52.61 17.08 52.26
C GLU B 2347 51.13 16.82 52.05
N GLU B 2348 50.55 15.85 52.75
CA GLU B 2348 49.11 15.65 52.76
C GLU B 2348 48.38 16.90 53.20
N ASN B 2349 48.95 17.66 54.13
CA ASN B 2349 48.41 18.97 54.46
C ASN B 2349 48.62 19.94 53.30
N ALA B 2350 49.88 20.20 52.94
CA ALA B 2350 50.24 21.28 52.03
C ALA B 2350 49.77 21.07 50.60
N ASN B 2351 49.43 19.85 50.22
CA ASN B 2351 49.07 19.59 48.84
C ASN B 2351 47.70 20.16 48.52
N VAL B 2352 46.69 19.83 49.34
CA VAL B 2352 45.38 20.43 49.15
C VAL B 2352 45.39 21.91 49.48
N VAL B 2353 46.36 22.37 50.25
CA VAL B 2353 46.53 23.79 50.48
C VAL B 2353 46.92 24.48 49.18
N VAL B 2354 48.03 24.06 48.59
CA VAL B 2354 48.62 24.84 47.51
C VAL B 2354 47.90 24.58 46.20
N ARG B 2355 47.47 23.33 45.98
CA ARG B 2355 46.76 22.99 44.75
C ARG B 2355 45.40 23.65 44.67
N LEU B 2356 44.86 24.11 45.79
CA LEU B 2356 43.65 24.92 45.75
C LEU B 2356 43.95 26.40 45.93
N LEU B 2357 45.12 26.73 46.46
CA LEU B 2357 45.58 28.10 46.58
C LEU B 2357 46.02 28.66 45.22
N ILE B 2358 46.33 27.78 44.27
CA ILE B 2358 46.52 28.20 42.90
C ILE B 2358 45.19 28.33 42.15
N ARG B 2359 44.14 27.61 42.60
CA ARG B 2359 42.82 27.77 42.00
C ARG B 2359 42.26 29.16 42.23
N LYS B 2360 42.54 29.74 43.40
CA LYS B 2360 42.25 31.15 43.64
C LYS B 2360 43.57 31.91 43.68
N PRO B 2361 44.00 32.50 42.57
CA PRO B 2361 45.18 33.38 42.62
C PRO B 2361 44.95 34.69 43.35
N GLU B 2362 43.69 35.02 43.69
CA GLU B 2362 43.43 36.16 44.55
C GLU B 2362 43.75 35.89 46.01
N CYS B 2363 44.03 34.62 46.35
CA CYS B 2363 44.62 34.32 47.66
C CYS B 2363 46.03 34.89 47.78
N PHE B 2364 46.73 35.08 46.68
CA PHE B 2364 48.05 35.70 46.71
C PHE B 2364 47.92 37.20 46.96
N GLY B 2365 49.07 37.84 47.18
CA GLY B 2365 49.13 39.27 47.18
C GLY B 2365 48.85 39.78 45.78
N PRO B 2366 48.11 40.89 45.69
CA PRO B 2366 47.82 41.44 44.36
C PRO B 2366 49.02 42.07 43.69
N ALA B 2367 49.97 42.60 44.47
CA ALA B 2367 51.24 43.08 43.93
C ALA B 2367 52.23 41.96 43.71
N LEU B 2368 51.80 40.72 43.91
CA LEU B 2368 52.55 39.53 43.53
C LEU B 2368 51.94 38.84 42.33
N ARG B 2369 50.67 38.45 42.41
CA ARG B 2369 49.99 37.70 41.37
C ARG B 2369 48.89 38.51 40.69
N GLY B 2370 49.12 39.81 40.52
CA GLY B 2370 48.28 40.58 39.63
C GLY B 2370 48.49 40.13 38.19
N GLU B 2371 47.43 40.23 37.39
CA GLU B 2371 47.44 39.76 36.02
C GLU B 2371 48.39 40.53 35.11
N GLY B 2372 48.65 41.79 35.41
CA GLY B 2372 49.61 42.54 34.63
C GLY B 2372 50.96 42.62 35.32
N GLY B 2373 51.36 43.84 35.69
CA GLY B 2373 52.61 44.05 36.37
C GLY B 2373 52.48 43.95 37.86
N SER B 2374 52.99 42.87 38.45
CA SER B 2374 52.93 42.67 39.90
C SER B 2374 54.30 42.19 40.35
N GLY B 2375 55.21 43.13 40.58
CA GLY B 2375 56.54 42.81 41.02
C GLY B 2375 56.57 42.70 42.53
N LEU B 2376 57.09 41.59 43.05
CA LEU B 2376 57.07 41.40 44.50
C LEU B 2376 58.16 42.22 45.16
N LEU B 2377 59.42 42.08 44.72
CA LEU B 2377 60.49 42.90 45.26
C LEU B 2377 60.28 44.38 44.91
N ALA B 2378 59.65 44.65 43.77
CA ALA B 2378 59.18 46.00 43.46
C ALA B 2378 58.19 46.50 44.50
N ALA B 2379 57.25 45.65 44.92
CA ALA B 2379 56.30 46.00 45.95
C ALA B 2379 56.98 46.22 47.28
N ILE B 2380 58.04 45.45 47.56
CA ILE B 2380 58.72 45.58 48.84
C ILE B 2380 59.57 46.86 48.87
N GLU B 2381 60.26 47.17 47.77
CA GLU B 2381 60.99 48.42 47.70
C GLU B 2381 60.06 49.62 47.71
N GLU B 2382 58.85 49.48 47.18
CA GLU B 2382 57.85 50.53 47.33
C GLU B 2382 57.35 50.61 48.77
N ALA B 2383 57.20 49.46 49.43
CA ALA B 2383 56.74 49.44 50.82
C ALA B 2383 57.76 50.01 51.77
N ILE B 2384 59.05 49.99 51.39
CA ILE B 2384 60.05 50.75 52.12
C ILE B 2384 59.70 52.24 52.11
N ARG B 2385 59.36 52.78 50.95
CA ARG B 2385 58.96 54.18 50.86
C ARG B 2385 57.61 54.42 51.53
N ILE B 2386 56.73 53.41 51.54
CA ILE B 2386 55.44 53.55 52.21
C ILE B 2386 55.63 53.60 53.73
N SER B 2387 56.54 52.77 54.27
CA SER B 2387 56.89 52.85 55.68
C SER B 2387 57.62 54.14 56.01
N GLU B 2388 58.38 54.69 55.06
CA GLU B 2388 59.02 55.99 55.26
C GLU B 2388 58.04 57.15 55.20
N ASP B 2389 56.94 57.01 54.45
CA ASP B 2389 55.97 58.09 54.29
C ASP B 2389 54.75 57.84 55.16
N PRO B 2390 54.59 58.53 56.29
CA PRO B 2390 53.46 58.27 57.19
C PRO B 2390 52.11 58.78 56.70
N ALA B 2391 52.05 59.40 55.52
CA ALA B 2391 50.80 59.90 54.97
C ALA B 2391 49.83 58.80 54.58
N ARG B 2392 50.31 57.58 54.37
CA ARG B 2392 49.46 56.46 53.99
C ARG B 2392 48.95 55.68 55.20
N ASP B 2393 48.82 56.33 56.35
CA ASP B 2393 48.44 55.67 57.59
C ASP B 2393 47.41 56.53 58.31
N GLY B 2394 47.16 56.21 59.57
CA GLY B 2394 46.31 57.00 60.40
C GLY B 2394 47.10 58.09 61.11
N PRO B 2395 47.04 59.31 60.57
CA PRO B 2395 47.83 60.40 61.15
C PRO B 2395 47.08 61.73 61.14
N ASN B 2414 46.23 53.54 64.53
CA ASN B 2414 47.54 54.08 64.82
C ASN B 2414 48.32 53.16 65.75
N ARG B 2415 48.00 51.87 65.70
CA ARG B 2415 48.66 50.87 66.53
C ARG B 2415 50.10 50.66 66.07
N VAL B 2416 50.32 50.54 64.76
CA VAL B 2416 51.63 50.39 64.17
C VAL B 2416 51.64 51.09 62.82
N HIS B 2417 52.83 51.21 62.25
CA HIS B 2417 52.96 51.66 60.88
C HIS B 2417 52.53 50.53 59.95
N LEU B 2418 52.10 50.87 58.74
CA LEU B 2418 51.44 49.90 57.87
C LEU B 2418 52.40 49.14 56.97
N GLY B 2419 53.62 49.64 56.79
CA GLY B 2419 54.63 48.87 56.09
C GLY B 2419 54.97 47.59 56.79
N HIS B 2420 54.92 47.59 58.14
CA HIS B 2420 55.11 46.34 58.85
C HIS B 2420 53.92 45.42 58.69
N ALA B 2421 52.71 45.96 58.58
CA ALA B 2421 51.55 45.12 58.28
C ALA B 2421 51.61 44.52 56.89
N ILE B 2422 52.24 45.21 55.94
CA ILE B 2422 52.54 44.60 54.66
C ILE B 2422 53.55 43.47 54.82
N MET B 2423 54.73 43.79 55.39
CA MET B 2423 55.85 42.86 55.32
C MET B 2423 55.67 41.67 56.23
N SER B 2424 54.95 41.85 57.35
CA SER B 2424 54.69 40.72 58.24
C SER B 2424 53.84 39.68 57.55
N PHE B 2425 52.79 40.11 56.85
CA PHE B 2425 51.96 39.19 56.10
C PHE B 2425 52.72 38.57 54.92
N TYR B 2426 53.55 39.36 54.24
CA TYR B 2426 54.28 38.80 53.11
C TYR B 2426 55.36 37.82 53.55
N ALA B 2427 56.17 38.19 54.56
CA ALA B 2427 57.10 37.25 55.16
C ALA B 2427 56.40 36.07 55.81
N ALA B 2428 55.16 36.24 56.25
CA ALA B 2428 54.35 35.14 56.74
C ALA B 2428 53.97 34.17 55.63
N LEU B 2429 53.56 34.71 54.48
CA LEU B 2429 53.37 33.92 53.28
C LEU B 2429 54.62 33.15 52.91
N ILE B 2430 55.78 33.79 53.01
CA ILE B 2430 57.03 33.12 52.67
C ILE B 2430 57.38 32.05 53.70
N ASP B 2431 57.12 32.32 54.97
CA ASP B 2431 57.45 31.38 56.04
C ASP B 2431 56.55 30.16 56.00
N LEU B 2432 55.29 30.31 55.60
CA LEU B 2432 54.43 29.16 55.42
C LEU B 2432 54.94 28.27 54.29
N LEU B 2433 55.50 28.89 53.24
CA LEU B 2433 56.13 28.11 52.19
C LEU B 2433 57.43 27.45 52.65
N GLY B 2434 58.18 28.13 53.51
CA GLY B 2434 59.41 27.54 54.02
C GLY B 2434 59.16 26.36 54.93
N ARG B 2435 58.08 26.40 55.70
CA ARG B 2435 57.69 25.24 56.49
C ARG B 2435 56.96 24.19 55.69
N CYS B 2436 56.23 24.59 54.65
CA CYS B 2436 55.53 23.68 53.74
C CYS B 2436 56.34 23.45 52.48
N ALA B 2437 57.67 23.42 52.62
CA ALA B 2437 58.55 22.91 51.59
C ALA B 2437 58.13 21.49 51.18
N PRO B 2438 58.21 21.15 49.88
CA PRO B 2438 57.56 19.91 49.41
C PRO B 2438 58.20 18.64 49.92
N GLU B 2439 59.51 18.62 50.13
CA GLU B 2439 60.14 17.36 50.47
C GLU B 2439 61.41 17.62 51.26
N MET B 2440 61.56 16.85 52.34
CA MET B 2440 62.87 16.63 52.91
C MET B 2440 63.50 15.49 52.13
N HIS B 2441 64.77 15.18 52.41
CA HIS B 2441 65.60 14.43 51.48
C HIS B 2441 65.16 12.99 51.28
N LEU B 2442 64.39 12.44 52.23
CA LEU B 2442 63.88 11.08 52.12
C LEU B 2442 63.03 10.89 50.87
N ILE B 2443 62.27 11.90 50.51
CA ILE B 2443 61.42 11.86 49.32
C ILE B 2443 61.84 12.91 48.30
N GLN B 2444 62.74 13.81 48.69
CA GLN B 2444 63.30 14.75 47.73
C GLN B 2444 64.22 14.04 46.76
N ALA B 2445 64.94 13.04 47.25
CA ALA B 2445 65.66 12.13 46.38
C ALA B 2445 64.83 10.93 45.98
N GLY B 2446 63.65 10.74 46.57
CA GLY B 2446 62.94 9.49 46.37
C GLY B 2446 61.46 9.55 46.07
N LYS B 2447 60.94 10.67 45.58
CA LYS B 2447 59.55 10.71 45.17
C LYS B 2447 59.35 11.73 44.07
N GLY B 2448 58.84 11.25 42.93
CA GLY B 2448 58.60 12.10 41.78
C GLY B 2448 57.42 13.04 41.94
N GLU B 2449 56.53 12.73 42.89
CA GLU B 2449 55.39 13.59 43.12
C GLU B 2449 55.80 14.91 43.75
N ALA B 2450 56.67 14.88 44.76
CA ALA B 2450 57.16 16.10 45.38
C ALA B 2450 58.09 16.87 44.46
N LEU B 2451 58.68 16.21 43.46
CA LEU B 2451 59.51 16.91 42.49
C LEU B 2451 58.70 17.88 41.66
N ARG B 2452 57.47 17.48 41.29
CA ARG B 2452 56.51 18.40 40.69
C ARG B 2452 56.30 19.62 41.55
N ILE B 2453 56.14 19.41 42.85
CA ILE B 2453 55.77 20.49 43.74
C ILE B 2453 56.95 21.42 43.97
N ARG B 2454 58.16 20.87 44.03
CA ARG B 2454 59.35 21.69 44.16
C ARG B 2454 59.64 22.47 42.89
N ALA B 2455 59.43 21.85 41.72
CA ALA B 2455 59.57 22.57 40.46
C ALA B 2455 58.51 23.65 40.33
N ILE B 2456 57.31 23.39 40.83
CA ILE B 2456 56.26 24.40 40.81
C ILE B 2456 56.60 25.56 41.73
N LEU B 2457 57.21 25.28 42.88
CA LEU B 2457 57.63 26.38 43.76
C LEU B 2457 58.76 27.19 43.15
N ARG B 2458 59.73 26.52 42.54
CA ARG B 2458 60.79 27.23 41.82
C ARG B 2458 60.24 28.03 40.64
N SER B 2459 59.15 27.58 40.03
CA SER B 2459 58.47 28.39 39.02
C SER B 2459 57.81 29.59 39.64
N LEU B 2460 57.18 29.41 40.81
CA LEU B 2460 56.44 30.48 41.46
C LEU B 2460 57.38 31.55 41.99
N VAL B 2461 58.25 31.17 42.91
CA VAL B 2461 59.27 32.11 43.37
C VAL B 2461 60.55 31.86 42.57
N PRO B 2462 60.98 32.81 41.75
CA PRO B 2462 62.20 32.63 40.99
C PRO B 2462 63.41 32.85 41.88
N LEU B 2463 64.56 32.45 41.35
CA LEU B 2463 65.81 32.83 41.98
C LEU B 2463 66.10 34.29 41.65
N ASP B 2464 66.84 34.94 42.58
CA ASP B 2464 67.37 36.31 42.53
C ASP B 2464 66.30 37.38 42.71
N ASP B 2465 65.03 37.00 42.74
CA ASP B 2465 64.03 37.91 43.29
C ASP B 2465 64.20 37.98 44.80
N LEU B 2466 64.57 36.85 45.40
CA LEU B 2466 64.80 36.75 46.83
C LEU B 2466 66.12 37.36 47.24
N VAL B 2467 67.08 37.45 46.32
CA VAL B 2467 68.41 37.92 46.69
C VAL B 2467 68.40 39.42 46.94
N GLY B 2468 67.59 40.16 46.18
CA GLY B 2468 67.38 41.57 46.50
C GLY B 2468 66.66 41.76 47.82
N ILE B 2469 65.72 40.86 48.12
CA ILE B 2469 65.04 40.85 49.42
C ILE B 2469 66.05 40.63 50.54
N ILE B 2470 67.01 39.75 50.31
CA ILE B 2470 68.10 39.53 51.24
C ILE B 2470 68.99 40.78 51.33
N SER B 2471 69.24 41.43 50.21
CA SER B 2471 70.17 42.55 50.12
C SER B 2471 69.51 43.89 50.40
N LEU B 2472 68.29 43.83 50.95
CA LEU B 2472 67.58 45.00 51.46
C LEU B 2472 68.09 45.76 52.71
N PRO B 2473 68.71 45.09 53.76
CA PRO B 2473 68.37 45.41 55.16
C PRO B 2473 68.45 46.86 55.64
N LEU B 2474 67.63 47.15 56.65
CA LEU B 2474 67.40 48.49 57.15
C LEU B 2474 68.49 48.90 58.13
N GLN B 2475 68.25 49.98 58.87
CA GLN B 2475 69.22 50.60 59.75
C GLN B 2475 69.36 49.83 61.07
N ILE B 2476 70.04 50.45 62.02
CA ILE B 2476 70.48 49.79 63.25
C ILE B 2476 70.00 50.62 64.43
N PRO B 2477 69.34 50.02 65.43
CA PRO B 2477 68.96 50.73 66.67
C PRO B 2477 70.14 51.02 67.59
N THR B 2478 70.89 52.07 67.25
CA THR B 2478 72.06 52.44 68.03
C THR B 2478 72.23 53.95 67.93
N LEU B 2479 71.84 54.66 68.98
CA LEU B 2479 71.99 56.11 69.04
C LEU B 2479 72.05 56.59 70.49
N UNK B 2517 68.43 56.44 70.62
CA UNK B 2517 67.26 56.28 69.77
C UNK B 2517 67.25 54.92 69.09
N UNK B 2518 66.36 54.05 69.54
CA UNK B 2518 66.23 52.72 68.96
C UNK B 2518 65.40 52.76 67.69
N UNK B 2519 65.24 51.61 67.04
CA UNK B 2519 64.51 51.52 65.78
C UNK B 2519 63.05 51.17 66.06
N UNK B 2520 62.20 51.35 65.05
CA UNK B 2520 60.78 51.10 65.20
C UNK B 2520 60.49 49.62 65.08
N UNK B 2521 59.78 49.09 66.07
CA UNK B 2521 59.23 47.74 65.98
C UNK B 2521 57.99 47.70 65.08
N UNK B 2522 57.47 48.87 64.70
CA UNK B 2522 56.42 48.99 63.71
C UNK B 2522 56.99 49.08 62.30
N UNK B 2523 58.21 48.59 62.11
CA UNK B 2523 58.90 48.54 60.83
C UNK B 2523 59.22 47.09 60.50
N UNK B 2524 60.02 46.87 59.44
CA UNK B 2524 60.37 45.52 58.99
C UNK B 2524 61.20 44.75 60.02
N UNK B 2525 60.78 43.53 60.33
CA UNK B 2525 61.48 42.74 61.34
C UNK B 2525 62.71 42.05 60.73
N UNK B 2526 63.82 42.12 61.48
CA UNK B 2526 65.05 41.47 61.03
C UNK B 2526 64.97 39.96 61.16
N UNK B 2527 64.17 39.47 62.13
CA UNK B 2527 63.96 38.04 62.25
C UNK B 2527 63.11 37.51 61.11
N UNK B 2528 62.29 38.36 60.51
CA UNK B 2528 61.48 37.99 59.35
C UNK B 2528 62.29 37.81 58.09
N UNK B 2529 63.57 38.23 58.09
CA UNK B 2529 64.45 37.92 56.99
C UNK B 2529 64.81 36.43 56.97
N UNK B 2530 64.77 35.78 58.13
CA UNK B 2530 65.03 34.35 58.22
C UNK B 2530 63.87 33.50 57.72
N UNK B 2531 62.71 34.11 57.47
CA UNK B 2531 61.59 33.38 56.86
C UNK B 2531 61.88 32.98 55.44
N UNK B 2532 62.67 33.77 54.71
CA UNK B 2532 63.10 33.40 53.37
C UNK B 2532 64.25 32.41 53.38
N UNK B 2533 64.93 32.25 54.52
CA UNK B 2533 66.07 31.36 54.59
C UNK B 2533 65.67 29.90 54.43
N UNK B 2534 64.62 29.47 55.13
CA UNK B 2534 64.13 28.10 54.98
C UNK B 2534 63.55 27.85 53.60
N UNK B 2535 62.88 28.86 53.03
CA UNK B 2535 62.33 28.70 51.69
C UNK B 2535 63.43 28.63 50.64
N UNK B 2536 64.45 29.47 50.75
CA UNK B 2536 65.54 29.42 49.79
C UNK B 2536 66.51 28.28 50.07
N UNK B 2537 66.41 27.63 51.23
CA UNK B 2537 67.23 26.47 51.53
C UNK B 2537 66.51 25.17 51.31
N UNK B 2538 65.18 25.20 51.13
CA UNK B 2538 64.45 23.95 50.97
C UNK B 2538 63.55 23.90 49.74
N UNK B 2539 63.39 25.01 49.01
CA UNK B 2539 62.63 24.99 47.77
C UNK B 2539 63.50 25.57 46.65
N UNK B 2540 64.19 26.67 46.93
CA UNK B 2540 65.20 27.18 46.03
C UNK B 2540 66.59 26.78 46.50
N UNK B 2541 66.71 25.57 47.04
CA UNK B 2541 67.90 25.04 47.71
C UNK B 2541 69.16 25.12 46.86
N UNK B 2542 70.20 25.73 47.41
CA UNK B 2542 71.45 25.90 46.69
C UNK B 2542 72.48 24.95 47.28
N UNK B 2543 73.34 24.40 46.43
CA UNK B 2543 74.44 23.56 46.88
C UNK B 2543 75.72 23.98 46.15
N UNK B 2544 75.57 24.83 45.14
CA UNK B 2544 76.66 25.16 44.24
C UNK B 2544 77.60 26.19 44.84
N UNK B 2545 78.46 26.75 43.99
CA UNK B 2545 79.35 27.85 44.38
C UNK B 2545 78.63 29.19 44.34
N UNK B 2546 77.33 29.18 44.02
CA UNK B 2546 76.47 30.33 44.19
C UNK B 2546 76.22 30.67 45.64
N UNK B 2547 76.62 29.80 46.57
CA UNK B 2547 76.67 30.15 47.99
C UNK B 2547 77.61 31.31 48.25
N UNK B 2548 78.65 31.47 47.43
CA UNK B 2548 79.49 32.66 47.54
C UNK B 2548 78.73 33.92 47.16
N UNK B 2549 77.92 33.85 46.09
CA UNK B 2549 77.08 34.98 45.73
C UNK B 2549 75.98 35.21 46.76
N UNK B 2550 75.54 34.16 47.42
CA UNK B 2550 74.63 34.26 48.54
C UNK B 2550 75.27 34.96 49.74
N UNK B 2551 76.49 34.58 50.11
CA UNK B 2551 77.23 35.28 51.13
C UNK B 2551 77.52 36.72 50.74
N UNK B 2552 77.64 37.01 49.44
CA UNK B 2552 77.84 38.35 48.93
C UNK B 2552 76.66 39.27 49.22
N UNK B 2553 75.48 38.70 49.51
CA UNK B 2553 74.36 39.50 49.98
C UNK B 2553 74.15 39.23 51.47
N UNK B 2554 74.78 38.18 51.96
CA UNK B 2554 74.53 37.71 53.32
C UNK B 2554 75.64 38.06 54.29
N UNK B 2555 76.89 37.87 53.90
CA UNK B 2555 77.99 38.13 54.82
C UNK B 2555 78.22 39.61 55.07
N UNK B 2556 77.64 40.49 54.25
CA UNK B 2556 77.57 41.89 54.63
C UNK B 2556 76.73 42.07 55.89
N UNK B 2557 75.61 41.37 55.96
CA UNK B 2557 74.82 41.38 57.19
C UNK B 2557 75.53 40.65 58.32
N UNK B 2558 76.37 39.66 58.00
CA UNK B 2558 77.15 39.00 59.05
C UNK B 2558 78.24 39.92 59.59
N UNK B 2559 78.80 40.77 58.73
CA UNK B 2559 79.73 41.78 59.19
C UNK B 2559 79.01 42.84 60.03
N UNK B 2560 77.79 43.21 59.62
CA UNK B 2560 76.98 44.11 60.42
C UNK B 2560 76.49 43.48 61.71
N UNK B 2561 76.49 42.14 61.79
CA UNK B 2561 76.01 41.45 62.99
C UNK B 2561 76.98 41.61 64.15
N UNK B 2562 78.28 41.71 63.87
CA UNK B 2562 79.26 41.89 64.92
C UNK B 2562 79.41 43.35 65.35
N UNK B 2563 78.47 44.23 64.98
CA UNK B 2563 78.63 45.65 65.26
C UNK B 2563 77.97 46.03 66.58
N UNK B 2564 76.66 45.80 66.72
CA UNK B 2564 75.88 46.35 67.82
C UNK B 2564 75.87 45.45 69.06
N UNK B 2565 76.91 44.63 69.24
CA UNK B 2565 77.03 43.76 70.41
C UNK B 2565 77.83 44.41 71.53
N UNK B 2566 77.85 45.74 71.56
CA UNK B 2566 78.67 46.44 72.54
C UNK B 2566 77.82 47.18 73.55
N UNK B 2567 76.88 48.00 73.08
CA UNK B 2567 76.18 48.90 73.99
C UNK B 2567 75.08 48.19 74.76
N UNK B 2568 74.01 47.77 74.08
CA UNK B 2568 72.93 47.09 74.78
C UNK B 2568 72.35 45.92 73.99
N UNK B 2569 72.59 45.91 72.67
CA UNK B 2569 71.94 45.04 71.70
C UNK B 2569 70.42 45.04 71.87
N UNK B 2570 69.81 46.23 71.92
CA UNK B 2570 68.38 46.35 72.14
C UNK B 2570 67.61 45.93 70.88
N UNK B 2571 66.40 45.39 71.09
CA UNK B 2571 65.54 44.82 70.06
C UNK B 2571 66.26 43.75 69.29
N UNK B 2572 66.64 42.65 69.96
CA UNK B 2572 67.54 41.65 69.39
C UNK B 2572 66.78 40.61 68.57
N UNK B 2573 65.98 41.11 67.61
CA UNK B 2573 65.37 40.24 66.62
C UNK B 2573 66.39 39.70 65.65
N UNK B 2574 67.49 40.43 65.43
CA UNK B 2574 68.59 39.89 64.65
C UNK B 2574 69.30 38.78 65.39
N UNK B 2575 69.28 38.79 66.73
CA UNK B 2575 69.82 37.67 67.49
C UNK B 2575 68.98 36.42 67.32
N UNK B 2576 67.69 36.57 67.04
CA UNK B 2576 66.85 35.44 66.67
C UNK B 2576 67.00 35.06 65.21
N UNK B 2577 67.18 36.04 64.33
CA UNK B 2577 67.46 35.79 62.92
C UNK B 2577 68.76 35.04 62.71
N UNK B 2578 69.81 35.38 63.45
CA UNK B 2578 71.08 34.68 63.38
C UNK B 2578 71.01 33.36 64.13
N UNK B 2579 70.07 33.24 65.06
CA UNK B 2579 69.75 31.94 65.63
C UNK B 2579 68.99 31.08 64.62
N UNK B 2580 68.41 31.71 63.60
CA UNK B 2580 67.73 30.97 62.54
C UNK B 2580 68.50 31.02 61.22
N UNK B 2581 69.70 31.59 61.19
CA UNK B 2581 70.48 31.60 59.97
C UNK B 2581 71.89 31.04 60.12
N UNK B 2582 72.47 31.05 61.31
CA UNK B 2582 73.77 30.41 61.50
C UNK B 2582 73.68 28.90 61.41
N UNK B 2583 72.50 28.34 61.68
CA UNK B 2583 72.30 26.91 61.43
C UNK B 2583 72.31 26.61 59.94
N UNK B 2584 71.85 27.54 59.11
CA UNK B 2584 71.93 27.35 57.67
C UNK B 2584 73.37 27.36 57.19
N UNK B 2585 74.21 28.21 57.79
CA UNK B 2585 75.64 28.17 57.50
C UNK B 2585 76.28 26.90 58.04
N UNK B 2586 75.81 26.44 59.21
CA UNK B 2586 76.27 25.18 59.80
C UNK B 2586 75.89 23.98 58.96
N UNK B 2587 74.82 24.07 58.18
CA UNK B 2587 74.38 23.01 57.28
C UNK B 2587 75.05 23.12 55.92
N UNK B 2588 76.25 23.70 55.89
CA UNK B 2588 77.03 23.83 54.66
C UNK B 2588 78.50 23.70 55.05
N UNK B 2589 79.09 22.55 54.78
CA UNK B 2589 80.51 22.30 55.02
C UNK B 2589 81.31 22.24 53.74
N UNK B 2590 80.87 22.99 52.72
CA UNK B 2590 81.53 23.00 51.42
C UNK B 2590 82.23 24.35 51.25
N UNK B 2591 83.55 24.36 51.45
CA UNK B 2591 84.34 25.55 51.23
C UNK B 2591 85.33 25.30 50.11
N UNK B 2592 85.88 26.40 49.56
CA UNK B 2592 86.73 26.31 48.39
C UNK B 2592 87.80 27.40 48.39
N UNK B 2593 88.45 27.60 47.24
CA UNK B 2593 89.51 28.57 47.07
C UNK B 2593 88.92 29.93 46.69
N UNK B 2594 89.80 30.82 46.22
CA UNK B 2594 89.51 32.25 45.99
C UNK B 2594 88.89 32.88 47.22
N UNK B 2595 89.49 32.58 48.38
CA UNK B 2595 88.94 32.92 49.69
C UNK B 2595 89.22 34.40 49.97
N UNK B 2596 88.55 35.26 49.21
CA UNK B 2596 88.74 36.70 49.38
C UNK B 2596 87.95 37.19 50.58
N UNK B 2597 86.63 37.06 50.53
CA UNK B 2597 85.77 37.46 51.63
C UNK B 2597 85.58 36.35 52.66
N UNK B 2598 86.17 35.18 52.43
CA UNK B 2598 85.98 34.07 53.36
C UNK B 2598 86.70 34.31 54.68
N UNK B 2599 87.93 34.84 54.62
CA UNK B 2599 88.63 35.19 55.85
C UNK B 2599 87.95 36.33 56.58
N UNK B 2600 87.35 37.27 55.85
CA UNK B 2600 86.60 38.35 56.46
C UNK B 2600 85.33 37.83 57.13
N UNK B 2601 84.65 36.88 56.50
CA UNK B 2601 83.46 36.30 57.10
C UNK B 2601 83.81 35.44 58.30
N UNK B 2602 84.95 34.75 58.26
CA UNK B 2602 85.43 34.00 59.42
C UNK B 2602 85.82 34.93 60.55
N UNK B 2603 86.40 36.09 60.22
CA UNK B 2603 86.73 37.07 61.24
C UNK B 2603 85.47 37.68 61.84
N UNK B 2604 84.44 37.90 61.02
CA UNK B 2604 83.17 38.40 61.53
C UNK B 2604 82.49 37.37 62.42
N UNK B 2605 82.58 36.10 62.05
CA UNK B 2605 82.05 35.02 62.87
C UNK B 2605 82.79 34.91 64.21
N UNK B 2606 84.12 35.01 64.17
CA UNK B 2606 84.90 34.97 65.40
C UNK B 2606 84.66 36.19 66.26
N UNK B 2607 84.45 37.36 65.65
CA UNK B 2607 84.17 38.58 66.39
C UNK B 2607 82.80 38.52 67.06
N UNK B 2608 81.79 38.06 66.33
CA UNK B 2608 80.47 37.89 66.90
C UNK B 2608 80.44 36.77 67.94
N UNK B 2609 81.30 35.76 67.78
CA UNK B 2609 81.35 34.67 68.74
C UNK B 2609 82.05 35.10 70.03
N UNK B 2610 83.10 35.92 69.90
CA UNK B 2610 83.75 36.45 71.07
C UNK B 2610 82.90 37.52 71.75
N UNK B 2611 82.07 38.22 70.98
CA UNK B 2611 81.18 39.25 71.52
C UNK B 2611 79.97 38.57 72.18
N UNK B 2612 80.22 38.02 73.36
CA UNK B 2612 79.21 37.32 74.13
C UNK B 2612 78.75 38.11 75.35
N UNK B 2613 79.18 39.37 75.49
CA UNK B 2613 78.81 40.17 76.65
C UNK B 2613 77.37 40.65 76.55
N UNK B 2614 77.07 41.44 75.54
CA UNK B 2614 75.71 41.91 75.31
C UNK B 2614 74.88 40.78 74.71
N UNK B 2615 73.72 40.51 75.31
CA UNK B 2615 72.74 39.50 74.87
C UNK B 2615 73.34 38.11 74.78
N UNK B 2616 73.72 37.54 75.94
CA UNK B 2616 74.47 36.29 76.02
C UNK B 2616 73.74 35.09 75.42
N UNK B 2617 72.58 34.74 75.99
CA UNK B 2617 71.67 33.71 75.49
C UNK B 2617 72.37 32.36 75.33
N UNK B 2618 72.75 31.73 76.46
CA UNK B 2618 73.71 30.62 76.48
C UNK B 2618 73.27 29.43 75.63
N UNK B 2619 71.97 29.24 75.43
CA UNK B 2619 71.49 28.25 74.49
C UNK B 2619 71.89 28.60 73.06
N UNK B 2620 71.65 29.86 72.66
CA UNK B 2620 72.10 30.32 71.35
C UNK B 2620 73.62 30.38 71.26
N UNK B 2621 74.31 30.57 72.39
CA UNK B 2621 75.76 30.52 72.41
C UNK B 2621 76.27 29.12 72.12
N UNK B 2622 75.65 28.11 72.73
CA UNK B 2622 75.98 26.72 72.41
C UNK B 2622 75.61 26.35 70.98
N UNK B 2623 74.51 26.90 70.46
CA UNK B 2623 74.13 26.67 69.08
C UNK B 2623 75.14 27.26 68.10
N UNK B 2624 75.58 28.48 68.37
CA UNK B 2624 76.61 29.10 67.55
C UNK B 2624 77.96 28.41 67.72
N UNK B 2625 78.21 27.84 68.90
CA UNK B 2625 79.43 27.06 69.11
C UNK B 2625 79.45 25.80 68.26
N UNK B 2626 78.32 25.10 68.22
CA UNK B 2626 78.17 23.96 67.31
C UNK B 2626 78.27 24.38 65.85
N UNK B 2627 77.67 25.52 65.48
CA UNK B 2627 77.75 26.03 64.12
C UNK B 2627 79.17 26.41 63.72
N UNK B 2628 79.97 26.93 64.64
CA UNK B 2628 81.35 27.28 64.37
C UNK B 2628 82.24 26.04 64.34
N UNK B 2629 81.96 25.05 65.17
CA UNK B 2629 82.70 23.79 65.12
C UNK B 2629 82.40 23.02 63.84
N UNK B 2630 81.20 23.18 63.29
CA UNK B 2630 80.83 22.53 62.02
C UNK B 2630 81.61 23.06 60.83
N UNK B 2631 81.98 24.35 60.84
CA UNK B 2631 82.70 24.94 59.72
C UNK B 2631 84.14 24.50 59.64
N UNK B 2632 84.68 23.86 60.68
CA UNK B 2632 86.05 23.35 60.65
C UNK B 2632 86.22 22.20 59.68
N UNK B 2633 85.14 21.52 59.31
CA UNK B 2633 85.18 20.47 58.30
C UNK B 2633 84.81 21.01 56.92
N UNK B 2634 85.13 22.27 56.65
CA UNK B 2634 84.83 22.84 55.34
C UNK B 2634 86.09 23.34 54.65
N UNK B 2635 86.94 24.04 55.39
CA UNK B 2635 88.06 24.78 54.82
C UNK B 2635 89.37 24.04 55.03
N UNK B 2636 90.43 24.54 54.37
CA UNK B 2636 91.75 23.91 54.39
C UNK B 2636 92.83 24.97 54.59
N UNK B 2637 93.14 25.26 55.85
CA UNK B 2637 94.36 25.97 56.28
C UNK B 2637 94.45 27.40 55.75
N UNK B 2638 93.34 27.95 55.27
CA UNK B 2638 93.33 29.33 54.78
C UNK B 2638 93.15 30.34 55.89
N UNK B 2639 92.74 29.88 57.08
CA UNK B 2639 92.49 30.78 58.20
C UNK B 2639 93.82 31.17 58.84
N UNK B 2640 94.39 32.25 58.32
CA UNK B 2640 95.60 32.81 58.90
C UNK B 2640 95.29 33.92 59.89
N UNK B 2641 94.51 34.92 59.45
CA UNK B 2641 94.23 36.07 60.30
C UNK B 2641 93.33 35.70 61.46
N UNK B 2642 92.35 34.82 61.23
CA UNK B 2642 91.47 34.38 62.30
C UNK B 2642 92.22 33.52 63.31
N UNK B 2643 93.16 32.70 62.84
CA UNK B 2643 93.98 31.92 63.77
C UNK B 2643 94.94 32.80 64.55
N UNK B 2644 95.43 33.87 63.91
CA UNK B 2644 96.26 34.84 64.63
C UNK B 2644 95.46 35.56 65.69
N UNK B 2645 94.23 35.94 65.36
CA UNK B 2645 93.34 36.57 66.32
C UNK B 2645 92.95 35.63 67.46
N UNK B 2646 92.78 34.35 67.16
CA UNK B 2646 92.48 33.38 68.20
C UNK B 2646 93.68 33.16 69.10
N UNK B 2647 94.88 33.05 68.52
CA UNK B 2647 96.08 32.85 69.31
C UNK B 2647 96.44 34.09 70.12
N UNK B 2648 95.92 35.25 69.74
CA UNK B 2648 96.17 36.49 70.47
C UNK B 2648 95.10 36.78 71.50
N UNK B 2649 93.92 36.17 71.37
CA UNK B 2649 92.83 36.51 72.27
C UNK B 2649 92.55 35.39 73.27
N UNK B 2650 92.38 34.17 72.77
CA UNK B 2650 92.01 33.07 73.66
C UNK B 2650 93.18 32.62 74.51
N UNK B 2651 94.39 32.62 73.95
CA UNK B 2651 95.58 32.31 74.74
C UNK B 2651 95.86 33.39 75.77
N UNK B 2652 95.52 34.64 75.47
CA UNK B 2652 95.58 35.71 76.44
C UNK B 2652 94.58 35.47 77.57
N UNK B 2653 93.29 35.50 77.23
CA UNK B 2653 92.22 35.31 78.21
C UNK B 2653 91.84 33.83 78.21
N UNK B 2654 92.68 33.02 78.85
CA UNK B 2654 92.48 31.57 78.90
C UNK B 2654 91.71 31.18 80.17
N UNK B 2655 90.67 31.96 80.46
CA UNK B 2655 89.75 31.65 81.56
C UNK B 2655 88.32 31.95 81.15
N UNK B 2656 88.14 32.44 79.92
CA UNK B 2656 86.88 33.01 79.49
C UNK B 2656 85.81 31.94 79.26
N UNK B 2657 84.60 32.39 78.97
CA UNK B 2657 83.52 31.48 78.62
C UNK B 2657 83.72 30.82 77.27
N UNK B 2658 84.25 31.55 76.29
CA UNK B 2658 84.54 30.96 74.99
C UNK B 2658 85.84 30.15 74.98
N UNK B 2659 86.60 30.18 76.08
CA UNK B 2659 87.90 29.53 76.12
C UNK B 2659 87.80 28.00 76.10
N UNK B 2660 86.78 27.44 76.76
CA UNK B 2660 86.62 25.99 76.77
C UNK B 2660 86.23 25.48 75.38
N UNK B 2661 85.41 26.23 74.65
CA UNK B 2661 85.09 25.87 73.28
C UNK B 2661 86.27 26.08 72.35
N UNK B 2662 87.07 27.12 72.60
CA UNK B 2662 88.27 27.35 71.81
C UNK B 2662 89.32 26.26 72.04
N UNK B 2663 89.32 25.65 73.22
CA UNK B 2663 90.21 24.51 73.47
C UNK B 2663 89.86 23.34 72.56
N UNK B 2664 88.57 23.02 72.44
CA UNK B 2664 88.15 21.96 71.54
C UNK B 2664 88.35 22.37 70.07
N UNK B 2665 88.19 23.64 69.75
CA UNK B 2665 88.42 24.11 68.38
C UNK B 2665 89.90 24.02 68.01
N UNK B 2666 90.79 24.31 68.96
CA UNK B 2666 92.21 24.19 68.70
C UNK B 2666 92.65 22.74 68.64
N UNK B 2667 92.03 21.87 69.45
CA UNK B 2667 92.26 20.44 69.32
C UNK B 2667 91.75 19.90 67.99
N UNK B 2668 90.69 20.50 67.44
CA UNK B 2668 90.23 20.14 66.12
C UNK B 2668 91.21 20.55 65.03
N UNK B 2669 91.80 21.74 65.15
CA UNK B 2669 92.81 22.18 64.21
C UNK B 2669 94.13 21.43 64.38
N UNK B 2670 94.34 20.84 65.57
CA UNK B 2670 95.53 20.03 65.80
C UNK B 2670 95.53 18.76 64.95
N UNK B 2671 94.35 18.26 64.59
CA UNK B 2671 94.22 17.07 63.75
C UNK B 2671 94.28 17.41 62.27
N UNK B 2672 94.77 18.60 61.92
CA UNK B 2672 94.88 19.03 60.53
C UNK B 2672 96.32 19.31 60.16
N UNK B 2673 97.23 19.20 61.12
CA UNK B 2673 98.65 19.45 60.87
C UNK B 2673 99.46 18.23 61.29
N UNK B 2674 98.78 17.11 61.50
CA UNK B 2674 99.44 15.89 61.94
C UNK B 2674 100.32 15.27 60.87
N UNK B 2675 99.92 15.33 59.61
CA UNK B 2675 100.70 14.76 58.52
C UNK B 2675 101.22 15.83 57.56
N UNK B 2676 100.33 16.56 56.91
CA UNK B 2676 100.74 17.62 56.00
C UNK B 2676 100.33 18.96 56.58
N UNK B 2677 100.49 20.02 55.79
CA UNK B 2677 100.12 21.40 56.14
C UNK B 2677 100.83 21.88 57.40
N UNK B 2678 102.03 21.36 57.67
CA UNK B 2678 102.86 21.82 58.77
C UNK B 2678 103.85 22.89 58.31
N UNK B 2679 103.62 23.46 57.14
CA UNK B 2679 104.55 24.38 56.50
C UNK B 2679 104.18 25.84 56.74
N UNK B 2680 104.49 26.35 57.94
CA UNK B 2680 104.23 27.75 58.28
C UNK B 2680 105.19 28.15 59.38
N UNK B 2681 106.17 28.99 59.06
CA UNK B 2681 107.20 29.34 60.03
C UNK B 2681 106.71 30.35 61.05
N UNK B 2682 106.03 31.41 60.60
CA UNK B 2682 105.50 32.40 61.54
C UNK B 2682 104.38 31.83 62.38
N UNK B 2683 103.54 30.98 61.79
CA UNK B 2683 102.51 30.31 62.59
C UNK B 2683 103.13 29.25 63.48
N UNK B 2684 104.28 28.70 63.12
CA UNK B 2684 104.99 27.81 64.03
C UNK B 2684 105.56 28.60 65.21
N UNK B 2685 106.01 29.83 64.97
CA UNK B 2685 106.44 30.70 66.05
C UNK B 2685 105.27 31.06 66.96
N UNK B 2686 104.11 31.38 66.38
CA UNK B 2686 102.92 31.63 67.17
C UNK B 2686 102.44 30.38 67.89
N UNK B 2687 102.69 29.20 67.32
CA UNK B 2687 102.31 27.95 67.98
C UNK B 2687 103.23 27.63 69.15
N UNK B 2688 104.52 27.94 69.01
CA UNK B 2688 105.43 27.80 70.15
C UNK B 2688 105.09 28.79 71.25
N UNK B 2689 104.69 30.00 70.86
CA UNK B 2689 104.19 30.97 71.83
C UNK B 2689 102.92 30.49 72.51
N UNK B 2690 102.03 29.84 71.75
CA UNK B 2690 100.81 29.30 72.33
C UNK B 2690 101.09 28.09 73.22
N UNK B 2691 102.11 27.31 72.89
CA UNK B 2691 102.51 26.20 73.75
C UNK B 2691 103.11 26.71 75.06
N UNK B 2692 103.85 27.82 74.99
CA UNK B 2692 104.31 28.46 76.21
C UNK B 2692 103.16 29.08 77.00
N UNK B 2693 102.15 29.62 76.31
CA UNK B 2693 101.00 30.20 76.99
C UNK B 2693 100.15 29.14 77.66
N UNK B 2694 100.02 27.98 77.02
CA UNK B 2694 99.44 26.81 77.67
C UNK B 2694 100.30 26.33 78.81
N UNK B 2695 101.63 26.39 78.67
CA UNK B 2695 102.51 26.09 79.78
C UNK B 2695 102.43 27.14 80.88
N UNK B 2696 102.08 28.38 80.53
CA UNK B 2696 101.83 29.40 81.54
C UNK B 2696 100.57 29.13 82.33
N UNK B 2697 99.59 28.43 81.76
CA UNK B 2697 98.38 28.06 82.45
C UNK B 2697 98.53 26.76 83.23
N UNK B 2698 99.72 26.15 83.21
CA UNK B 2698 99.96 24.98 84.05
C UNK B 2698 100.03 25.35 85.52
N UNK B 2699 100.51 26.56 85.81
CA UNK B 2699 100.53 27.10 87.16
C UNK B 2699 99.27 27.90 87.47
N UNK B 2700 98.25 27.81 86.63
CA UNK B 2700 97.00 28.52 86.87
C UNK B 2700 96.11 27.75 87.83
N UNK B 2701 94.84 28.15 87.92
CA UNK B 2701 93.90 27.56 88.84
C UNK B 2701 93.63 26.09 88.50
N UNK B 2702 93.70 25.25 89.53
CA UNK B 2702 93.58 23.81 89.37
C UNK B 2702 92.12 23.35 89.39
N UNK B 2703 91.31 23.81 88.44
CA UNK B 2703 89.93 23.35 88.33
C UNK B 2703 89.95 21.92 87.80
N UNK B 2704 89.99 20.96 88.72
CA UNK B 2704 90.14 19.56 88.36
C UNK B 2704 88.89 19.03 87.67
N UNK B 2705 89.10 18.59 86.43
CA UNK B 2705 88.12 17.98 85.51
C UNK B 2705 87.04 18.94 85.04
N UNK B 2706 87.04 20.17 85.53
CA UNK B 2706 86.17 21.20 85.00
C UNK B 2706 86.92 21.94 83.91
N UNK B 2707 88.09 22.46 84.26
CA UNK B 2707 89.01 23.02 83.29
C UNK B 2707 90.25 22.15 83.07
N UNK B 2708 90.54 21.24 83.99
CA UNK B 2708 91.70 20.37 83.82
C UNK B 2708 91.50 19.37 82.70
N UNK B 2709 90.40 18.63 82.74
CA UNK B 2709 90.06 17.71 81.67
C UNK B 2709 89.58 18.42 80.42
N UNK B 2710 89.20 19.69 80.52
CA UNK B 2710 88.80 20.48 79.36
C UNK B 2710 89.96 20.77 78.42
N UNK B 2711 91.20 20.65 78.91
CA UNK B 2711 92.36 20.82 78.05
C UNK B 2711 93.37 19.70 78.20
N UNK B 2712 93.14 18.74 79.11
CA UNK B 2712 93.99 17.57 79.18
C UNK B 2712 93.79 16.70 77.95
N UNK B 2713 92.59 16.70 77.40
CA UNK B 2713 92.34 16.17 76.07
C UNK B 2713 92.95 17.03 74.98
N UNK B 2714 93.10 18.33 75.22
CA UNK B 2714 93.74 19.23 74.27
C UNK B 2714 95.27 19.25 74.44
N UNK B 2715 95.82 18.31 75.20
CA UNK B 2715 97.26 18.10 75.24
C UNK B 2715 97.78 17.45 73.96
N UNK B 2716 96.89 16.89 73.13
CA UNK B 2716 97.24 16.43 71.80
C UNK B 2716 97.44 17.57 70.82
N UNK B 2717 97.11 18.80 71.20
CA UNK B 2717 97.49 19.95 70.38
C UNK B 2717 98.99 20.16 70.39
N UNK B 2718 99.67 19.73 71.46
CA UNK B 2718 101.13 19.81 71.50
C UNK B 2718 101.78 18.67 70.72
N UNK B 2719 101.00 17.64 70.38
CA UNK B 2719 101.57 16.49 69.68
C UNK B 2719 101.74 16.70 68.19
N UNK B 2720 101.00 17.66 67.60
CA UNK B 2720 100.98 17.82 66.15
C UNK B 2720 102.22 18.51 65.60
N UNK B 2721 103.07 19.05 66.46
CA UNK B 2721 104.24 19.79 65.99
C UNK B 2721 105.52 18.97 66.16
N UNK B 2722 106.59 19.50 65.59
CA UNK B 2722 107.92 18.91 65.73
C UNK B 2722 108.60 19.43 66.99
N UNK B 2723 109.89 19.17 67.10
CA UNK B 2723 110.68 19.61 68.24
C UNK B 2723 111.78 20.58 67.87
N UNK B 2724 111.86 20.98 66.60
CA UNK B 2724 112.90 21.87 66.14
C UNK B 2724 112.70 23.28 66.69
N UNK B 2725 113.80 23.92 67.04
CA UNK B 2725 113.80 25.29 67.54
C UNK B 2725 113.95 26.23 66.36
N UNK B 2726 113.00 27.14 66.21
CA UNK B 2726 113.15 28.22 65.25
C UNK B 2726 114.00 29.33 65.86
N UNK B 2727 114.22 30.40 65.08
CA UNK B 2727 115.01 31.54 65.53
C UNK B 2727 114.16 32.37 66.48
N UNK B 2728 114.16 31.99 67.75
CA UNK B 2728 113.34 32.62 68.78
C UNK B 2728 114.22 33.46 69.68
N UNK B 2729 113.87 34.75 69.81
CA UNK B 2729 114.58 35.63 70.73
C UNK B 2729 114.00 35.49 72.13
N UNK B 2730 114.54 36.26 73.07
CA UNK B 2730 114.06 36.20 74.46
C UNK B 2730 113.89 37.62 74.96
N UNK B 2731 112.63 38.02 75.18
CA UNK B 2731 112.33 39.36 75.69
C UNK B 2731 111.03 39.30 76.46
N UNK B 2732 110.87 40.22 77.41
CA UNK B 2732 109.69 40.23 78.25
C UNK B 2732 109.26 41.67 78.51
N UNK B 2733 107.94 41.86 78.53
CA UNK B 2733 107.35 43.16 78.82
C UNK B 2733 105.96 43.00 79.41
N ASN B 2734 90.01 45.35 75.23
CA ASN B 2734 90.96 45.67 76.28
C ASN B 2734 92.35 45.16 75.92
N PHE B 2735 93.34 46.06 75.96
CA PHE B 2735 94.70 45.72 75.57
C PHE B 2735 95.65 46.66 76.29
N ASP B 2736 96.90 46.23 76.45
CA ASP B 2736 97.90 47.00 77.20
C ASP B 2736 99.31 46.74 76.66
N PRO B 2737 99.81 47.59 75.78
CA PRO B 2737 101.23 47.53 75.41
C PRO B 2737 102.09 48.24 76.43
N ARG B 2738 103.40 48.15 76.23
CA ARG B 2738 104.37 48.79 77.12
C ARG B 2738 105.43 49.55 76.34
N PRO B 2739 105.17 50.81 75.96
CA PRO B 2739 106.27 51.70 75.59
C PRO B 2739 106.89 52.29 76.84
N VAL B 2740 108.04 52.93 76.71
CA VAL B 2740 108.70 53.56 77.86
C VAL B 2740 108.31 55.04 77.85
N GLU B 2741 108.48 55.69 78.98
CA GLU B 2741 108.26 57.14 79.08
C GLU B 2741 109.34 57.86 78.31
N THR B 2742 109.01 58.34 77.11
CA THR B 2742 110.01 58.95 76.24
C THR B 2742 110.21 60.44 76.51
N LEU B 2743 109.13 61.20 76.71
CA LEU B 2743 109.22 62.67 76.79
C LEU B 2743 110.03 63.16 77.98
N ASN B 2744 110.24 62.32 79.00
CA ASN B 2744 111.09 62.65 80.13
C ASN B 2744 112.49 62.06 79.99
N VAL B 2745 113.02 61.97 78.77
CA VAL B 2745 114.37 61.47 78.53
C VAL B 2745 115.19 62.58 77.88
N ILE B 2746 116.35 62.87 78.44
CA ILE B 2746 117.19 63.98 77.98
C ILE B 2746 117.90 63.58 76.70
N ILE B 2747 117.79 64.43 75.68
CA ILE B 2747 118.57 64.28 74.45
C ILE B 2747 119.81 65.16 74.59
N PRO B 2748 121.02 64.60 74.46
CA PRO B 2748 122.23 65.43 74.46
C PRO B 2748 122.30 66.34 73.24
N GLU B 2749 123.15 67.36 73.35
CA GLU B 2749 123.20 68.43 72.36
C GLU B 2749 123.83 67.99 71.04
N LYS B 2750 124.72 67.01 71.07
CA LYS B 2750 125.28 66.48 69.83
C LYS B 2750 124.28 65.63 69.06
N LEU B 2751 123.20 65.18 69.70
CA LEU B 2751 122.16 64.43 69.02
C LEU B 2751 121.07 65.30 68.43
N ASP B 2752 121.01 66.59 68.78
CA ASP B 2752 119.97 67.46 68.21
C ASP B 2752 120.26 67.76 66.74
N SER B 2753 121.53 68.04 66.41
CA SER B 2753 121.90 68.14 65.01
C SER B 2753 121.81 66.80 64.31
N PHE B 2754 121.92 65.69 65.04
CA PHE B 2754 121.72 64.38 64.43
C PHE B 2754 120.25 64.11 64.14
N ILE B 2755 119.35 64.62 64.98
CA ILE B 2755 117.93 64.59 64.70
C ILE B 2755 117.60 65.45 63.49
N ASN B 2756 118.23 66.63 63.41
CA ASN B 2756 118.10 67.46 62.22
C ASN B 2756 118.66 66.77 60.98
N LYS B 2757 119.71 65.95 61.14
CA LYS B 2757 120.23 65.19 60.02
C LYS B 2757 119.30 64.07 59.59
N PHE B 2758 118.63 63.39 60.53
CA PHE B 2758 117.67 62.38 60.08
C PHE B 2758 116.40 62.99 59.54
N ALA B 2759 116.09 64.22 59.96
CA ALA B 2759 115.01 64.95 59.31
C ALA B 2759 115.40 65.40 57.92
N GLU B 2760 116.67 65.78 57.74
CA GLU B 2760 117.23 66.03 56.42
C GLU B 2760 117.21 64.77 55.57
N TYR B 2761 117.50 63.61 56.16
CA TYR B 2761 117.44 62.36 55.41
C TYR B 2761 115.99 61.93 55.16
N THR B 2762 115.08 62.34 56.03
CA THR B 2762 113.65 62.12 55.80
C THR B 2762 113.21 62.87 54.56
N HIS B 2763 113.56 64.16 54.46
CA HIS B 2763 113.36 64.89 53.21
C HIS B 2763 114.15 64.29 52.05
N GLU B 2764 115.39 63.86 52.29
CA GLU B 2764 116.31 63.42 51.26
C GLU B 2764 115.84 62.12 50.61
N LYS B 2765 115.15 61.29 51.36
CA LYS B 2765 114.53 60.10 50.80
C LYS B 2765 113.12 60.37 50.32
N TRP B 2766 112.36 61.22 51.02
CA TRP B 2766 110.94 61.38 50.74
C TRP B 2766 110.69 62.21 49.49
N ALA B 2767 111.33 63.38 49.38
CA ALA B 2767 111.24 64.17 48.15
C ALA B 2767 111.89 63.46 46.97
N PHE B 2768 112.90 62.63 47.21
CA PHE B 2768 113.45 61.82 46.13
C PHE B 2768 112.47 60.78 45.64
N ASP B 2769 111.74 60.14 46.55
CA ASP B 2769 110.67 59.23 46.15
C ASP B 2769 109.54 59.97 45.43
N LYS B 2770 109.28 61.22 45.83
CA LYS B 2770 108.34 62.06 45.10
C LYS B 2770 108.81 62.33 43.68
N ILE B 2771 110.11 62.56 43.48
CA ILE B 2771 110.58 62.81 42.12
C ILE B 2771 110.74 61.51 41.33
N GLN B 2772 110.94 60.37 42.01
CA GLN B 2772 110.89 59.08 41.33
C GLN B 2772 109.47 58.74 40.89
N ASN B 2773 108.48 59.17 41.65
CA ASN B 2773 107.08 59.15 41.21
C ASN B 2773 106.71 60.41 40.43
N ASN B 2774 107.69 61.26 40.13
CA ASN B 2774 107.55 62.47 39.31
C ASN B 2774 106.58 63.47 39.92
N TRP B 2775 106.75 63.75 41.21
CA TRP B 2775 106.05 64.86 41.84
C TRP B 2775 106.91 66.11 41.72
N SER B 2776 106.50 67.03 40.86
CA SER B 2776 107.30 68.20 40.51
C SER B 2776 107.14 69.28 41.57
N TYR B 2777 107.61 70.48 41.26
CA TYR B 2777 107.46 71.62 42.16
C TYR B 2777 106.24 72.44 41.75
N GLY B 2778 105.59 73.03 42.74
CA GLY B 2778 104.43 73.86 42.45
C GLY B 2778 103.88 74.59 43.66
N GLU B 2779 102.55 74.67 43.76
CA GLU B 2779 101.94 75.47 44.81
C GLU B 2779 101.58 74.61 46.03
N ASN B 2780 100.86 73.52 45.82
CA ASN B 2780 100.39 72.67 46.91
C ASN B 2780 100.76 71.23 46.62
N VAL B 2781 100.45 70.35 47.58
CA VAL B 2781 100.55 68.92 47.36
C VAL B 2781 99.33 68.55 46.54
N ASP B 2782 99.46 68.64 45.22
CA ASP B 2782 98.36 68.48 44.31
C ASP B 2782 98.63 67.25 43.45
N GLU B 2783 97.62 66.38 43.34
CA GLU B 2783 97.77 65.17 42.56
C GLU B 2783 97.57 65.39 41.07
N GLU B 2784 96.73 66.36 40.69
CA GLU B 2784 96.49 66.65 39.29
C GLU B 2784 97.72 67.28 38.66
N LEU B 2785 98.23 68.34 39.27
CA LEU B 2785 99.42 69.02 38.75
C LEU B 2785 100.71 68.31 39.12
N LYS B 2786 100.64 67.31 40.01
CA LYS B 2786 101.76 66.48 40.45
C LYS B 2786 102.88 67.34 41.05
N THR B 2787 102.50 68.12 42.06
CA THR B 2787 103.36 69.14 42.63
C THR B 2787 103.75 68.82 44.07
N HIS B 2788 104.90 69.37 44.47
CA HIS B 2788 105.50 69.24 45.79
C HIS B 2788 106.14 70.58 46.13
N PRO B 2789 105.48 71.44 46.91
CA PRO B 2789 106.03 72.78 47.17
C PRO B 2789 107.21 72.79 48.14
N MET B 2790 107.48 71.68 48.83
CA MET B 2790 108.57 71.61 49.78
C MET B 2790 109.85 71.06 49.16
N LEU B 2791 109.96 71.07 47.82
CA LEU B 2791 111.18 70.65 47.14
C LEU B 2791 112.23 71.74 47.36
N ARG B 2792 112.86 71.69 48.53
CA ARG B 2792 113.87 72.65 48.96
C ARG B 2792 114.62 72.03 50.13
N PRO B 2793 115.90 72.35 50.33
CA PRO B 2793 116.72 71.62 51.30
C PRO B 2793 116.29 71.85 52.74
N TYR B 2794 116.80 70.98 53.62
CA TYR B 2794 116.37 70.97 55.01
C TYR B 2794 116.91 72.18 55.76
N LYS B 2795 118.06 72.71 55.36
CA LYS B 2795 118.60 73.94 55.93
C LYS B 2795 117.79 75.17 55.55
N THR B 2796 116.88 75.05 54.58
CA THR B 2796 116.10 76.17 54.11
C THR B 2796 114.69 76.21 54.68
N PHE B 2797 114.23 75.15 55.36
CA PHE B 2797 112.92 75.19 55.97
C PHE B 2797 112.94 76.07 57.22
N SER B 2798 111.74 76.45 57.64
CA SER B 2798 111.53 77.20 58.88
C SER B 2798 111.33 76.21 60.03
N GLU B 2799 110.98 76.72 61.21
CA GLU B 2799 110.87 75.86 62.39
C GLU B 2799 109.51 75.18 62.52
N LYS B 2800 108.76 75.03 61.43
CA LYS B 2800 107.56 74.20 61.40
C LYS B 2800 107.67 73.06 60.41
N ASP B 2801 108.17 73.32 59.21
CA ASP B 2801 108.37 72.27 58.22
C ASP B 2801 109.54 71.36 58.59
N LYS B 2802 110.51 71.87 59.36
CA LYS B 2802 111.50 71.01 60.00
C LYS B 2802 110.86 70.09 61.03
N GLU B 2803 109.85 70.57 61.76
CA GLU B 2803 109.18 69.76 62.76
C GLU B 2803 108.29 68.68 62.16
N ILE B 2804 107.91 68.84 60.89
CA ILE B 2804 107.15 67.80 60.19
C ILE B 2804 108.03 66.56 59.99
N TYR B 2805 109.31 66.78 59.69
CA TYR B 2805 110.27 65.71 59.48
C TYR B 2805 110.88 65.23 60.80
N ARG B 2806 110.92 66.12 61.80
CA ARG B 2806 111.65 65.97 63.05
C ARG B 2806 110.99 65.05 64.07
N TRP B 2807 109.65 64.97 64.09
CA TRP B 2807 108.98 64.36 65.24
C TRP B 2807 109.13 62.84 65.36
N PRO B 2808 109.25 62.01 64.25
CA PRO B 2808 109.53 60.58 64.52
C PRO B 2808 111.01 60.30 64.67
N ILE B 2809 111.75 61.19 65.31
CA ILE B 2809 113.19 61.04 65.52
C ILE B 2809 113.44 61.25 66.99
N LYS B 2810 112.90 62.35 67.50
CA LYS B 2810 113.14 62.79 68.88
C LYS B 2810 112.63 61.77 69.89
N GLU B 2811 111.35 61.42 69.80
CA GLU B 2811 110.77 60.47 70.74
C GLU B 2811 111.24 59.04 70.46
N SER B 2812 111.79 58.79 69.27
CA SER B 2812 112.41 57.51 68.99
C SER B 2812 113.73 57.35 69.73
N LEU B 2813 114.62 58.33 69.61
CA LEU B 2813 115.86 58.32 70.36
C LEU B 2813 115.65 58.46 71.87
N LYS B 2814 114.61 59.19 72.28
CA LYS B 2814 114.24 59.25 73.71
C LYS B 2814 113.85 57.88 74.26
N ALA B 2815 113.14 57.07 73.47
CA ALA B 2815 112.93 55.69 73.86
C ALA B 2815 114.23 54.90 73.83
N MET B 2816 115.08 55.17 72.83
CA MET B 2816 116.34 54.48 72.71
C MET B 2816 117.33 54.80 73.83
N ILE B 2817 117.38 56.04 74.32
CA ILE B 2817 118.26 56.35 75.43
C ILE B 2817 117.76 55.69 76.72
N ALA B 2818 116.45 55.70 76.95
CA ALA B 2818 115.88 55.05 78.13
C ALA B 2818 116.02 53.54 78.06
N TRP B 2819 116.06 52.97 76.85
CA TRP B 2819 116.26 51.54 76.72
C TRP B 2819 117.73 51.16 76.86
N GLU B 2820 118.58 51.69 75.99
CA GLU B 2820 119.97 51.27 75.88
C GLU B 2820 120.86 52.50 76.00
N TRP B 2821 121.72 52.51 77.02
CA TRP B 2821 122.61 53.63 77.32
C TRP B 2821 123.91 53.56 76.50
N THR B 2822 123.75 53.39 75.18
CA THR B 2822 124.85 53.47 74.21
C THR B 2822 124.32 54.18 72.97
N ILE B 2823 124.42 55.51 72.94
CA ILE B 2823 124.35 56.23 71.68
C ILE B 2823 125.55 57.15 71.67
N GLU B 2824 126.65 56.69 71.06
CA GLU B 2824 127.95 57.32 71.19
C GLU B 2824 128.64 57.34 69.83
N LYS B 2825 129.53 58.30 69.65
CA LYS B 2825 130.29 58.46 68.41
C LYS B 2825 131.28 57.30 68.29
N ALA B 2826 130.95 56.31 67.47
CA ALA B 2826 131.70 55.05 67.42
C ALA B 2826 132.32 54.78 66.05
N ARG B 2827 131.59 55.06 64.97
CA ARG B 2827 132.06 54.70 63.64
C ARG B 2827 132.09 55.89 62.69
N GLU B 2828 132.31 55.63 61.41
CA GLU B 2828 132.27 56.62 60.35
C GLU B 2828 131.07 56.34 59.44
N GLY B 2829 130.48 57.41 58.91
CA GLY B 2829 129.22 57.27 58.20
C GLY B 2829 129.35 56.60 56.85
N GLU B 2830 128.31 55.88 56.47
CA GLU B 2830 128.27 55.18 55.19
C GLU B 2830 126.95 55.47 54.48
N TYR B 2855 113.82 70.97 43.75
CA TYR B 2855 115.05 70.46 44.36
C TYR B 2855 115.00 68.95 44.50
N ASN B 2856 116.08 68.27 44.09
CA ASN B 2856 116.15 66.81 44.11
C ASN B 2856 117.26 66.38 45.05
N PRO B 2857 116.94 66.03 46.29
CA PRO B 2857 117.96 65.44 47.18
C PRO B 2857 118.16 63.97 46.86
N GLN B 2858 119.37 63.47 47.12
CA GLN B 2858 119.75 62.12 46.72
C GLN B 2858 120.13 61.28 47.94
N PRO B 2859 119.32 60.28 48.32
CA PRO B 2859 119.64 59.47 49.50
C PRO B 2859 120.77 58.50 49.22
N PRO B 2860 121.84 58.52 50.03
CA PRO B 2860 122.97 57.63 49.78
C PRO B 2860 122.70 56.19 50.22
N ASP B 2861 123.68 55.31 50.04
CA ASP B 2861 123.54 53.93 50.46
C ASP B 2861 123.81 53.83 51.96
N LEU B 2862 122.84 53.31 52.70
CA LEU B 2862 122.96 53.13 54.14
C LEU B 2862 123.17 51.67 54.50
N SER B 2863 122.98 50.74 53.56
CA SER B 2863 123.09 49.31 53.80
C SER B 2863 124.48 48.79 53.46
N GLY B 2864 125.52 49.57 53.78
CA GLY B 2864 126.88 49.14 53.55
C GLY B 2864 127.32 47.99 54.44
N VAL B 2865 126.82 47.94 55.67
CA VAL B 2865 127.10 46.85 56.61
C VAL B 2865 125.77 46.28 57.09
N THR B 2866 125.61 44.97 56.94
CA THR B 2866 124.45 44.27 57.49
C THR B 2866 124.51 44.32 59.01
N LEU B 2867 123.37 44.61 59.63
CA LEU B 2867 123.28 44.67 61.09
C LEU B 2867 123.52 43.30 61.68
N SER B 2868 124.18 43.26 62.84
CA SER B 2868 124.54 42.01 63.51
C SER B 2868 123.32 41.43 64.21
N ARG B 2869 123.54 40.45 65.10
CA ARG B 2869 122.45 40.08 66.00
C ARG B 2869 122.18 41.18 67.02
N GLU B 2870 123.24 41.81 67.54
CA GLU B 2870 123.12 42.88 68.51
C GLU B 2870 122.44 44.11 67.93
N LEU B 2871 122.67 44.40 66.65
CA LEU B 2871 122.04 45.52 65.97
C LEU B 2871 120.73 45.16 65.29
N GLN B 2872 120.55 43.89 64.93
CA GLN B 2872 119.34 43.48 64.22
C GLN B 2872 118.23 43.14 65.20
N ALA B 2873 118.58 42.86 66.45
CA ALA B 2873 117.59 42.85 67.52
C ALA B 2873 117.01 44.23 67.76
N MET B 2874 117.74 45.29 67.41
CA MET B 2874 117.13 46.60 67.45
C MET B 2874 116.26 46.90 66.25
N ALA B 2875 116.32 46.11 65.17
CA ALA B 2875 115.24 46.18 64.19
C ALA B 2875 113.96 45.60 64.77
N GLU B 2876 114.08 44.43 65.41
CA GLU B 2876 113.03 43.82 66.23
C GLU B 2876 112.56 44.74 67.35
N GLN B 2877 113.40 45.67 67.81
CA GLN B 2877 113.07 46.56 68.91
C GLN B 2877 112.55 47.92 68.45
N LEU B 2878 113.01 48.43 67.31
CA LEU B 2878 112.55 49.74 66.87
C LEU B 2878 111.32 49.65 65.99
N ALA B 2879 111.12 48.54 65.26
CA ALA B 2879 109.78 48.33 64.73
C ALA B 2879 108.81 47.96 65.84
N GLU B 2880 109.33 47.40 66.94
CA GLU B 2880 108.53 47.27 68.15
C GLU B 2880 108.24 48.63 68.77
N ASN B 2881 109.14 49.61 68.62
CA ASN B 2881 108.83 50.96 69.06
C ASN B 2881 107.79 51.60 68.17
N TYR B 2882 107.89 51.34 66.86
CA TYR B 2882 106.89 51.71 65.86
C TYR B 2882 105.55 51.03 66.12
N HIS B 2883 105.53 49.94 66.88
CA HIS B 2883 104.28 49.45 67.41
C HIS B 2883 103.95 50.01 68.78
N ASN B 2884 104.91 50.15 69.70
CA ASN B 2884 104.64 50.53 71.09
C ASN B 2884 104.17 51.98 71.21
N THR B 2885 105.00 52.93 70.78
CA THR B 2885 104.63 54.33 70.90
C THR B 2885 103.50 54.68 69.95
N TRP B 2886 103.60 54.23 68.70
CA TRP B 2886 102.57 54.52 67.71
C TRP B 2886 101.28 53.76 67.98
N GLY B 2887 101.33 52.67 68.75
CA GLY B 2887 100.13 51.91 69.03
C GLY B 2887 99.51 52.24 70.36
N ARG B 2888 100.32 52.71 71.31
CA ARG B 2888 99.76 53.45 72.44
C ARG B 2888 99.05 54.70 71.96
N LYS B 2889 99.64 55.39 70.98
CA LYS B 2889 98.97 56.53 70.36
C LYS B 2889 97.76 56.10 69.54
N LYS B 2890 97.80 54.90 68.94
CA LYS B 2890 96.65 54.40 68.20
C LYS B 2890 95.51 53.99 69.12
N LYS B 2891 95.83 53.41 70.29
CA LYS B 2891 94.81 53.14 71.29
C LYS B 2891 94.24 54.42 71.88
N GLN B 2892 95.09 55.44 72.09
CA GLN B 2892 94.59 56.75 72.47
C GLN B 2892 93.74 57.38 71.36
N GLU B 2893 94.05 57.08 70.10
CA GLU B 2893 93.25 57.55 68.98
C GLU B 2893 91.86 56.94 68.99
N LEU B 2894 91.72 55.71 69.49
CA LEU B 2894 90.39 55.12 69.59
C LEU B 2894 89.68 55.57 70.86
N GLU B 2895 90.41 55.67 71.98
CA GLU B 2895 89.85 56.11 73.24
C GLU B 2895 89.45 57.59 73.25
N ALA B 2896 90.04 58.41 72.38
CA ALA B 2896 89.70 59.82 72.28
C ALA B 2896 88.70 60.09 71.17
N LYS B 2897 88.31 59.05 70.43
CA LYS B 2897 87.24 59.16 69.46
C LYS B 2897 85.97 58.44 69.92
N GLY B 2898 85.76 58.32 71.23
CA GLY B 2898 84.57 57.68 71.75
C GLY B 2898 84.53 56.18 71.62
N GLY B 2899 85.63 55.55 71.25
CA GLY B 2899 85.66 54.13 70.99
C GLY B 2899 86.11 53.83 69.58
N GLY B 2900 85.81 52.63 69.13
CA GLY B 2900 86.25 52.17 67.83
C GLY B 2900 87.30 51.09 68.02
N THR B 2901 87.35 50.15 67.09
CA THR B 2901 88.29 49.04 67.13
C THR B 2901 89.29 49.16 66.00
N HIS B 2902 90.35 48.35 66.08
CA HIS B 2902 91.36 48.31 65.06
C HIS B 2902 91.99 46.92 65.12
N PRO B 2903 92.13 46.22 63.99
CA PRO B 2903 92.60 44.84 64.03
C PRO B 2903 94.09 44.66 64.25
N LEU B 2904 94.84 45.75 64.46
CA LEU B 2904 96.28 45.65 64.67
C LEU B 2904 96.64 46.12 66.07
N LEU B 2905 95.83 45.75 67.05
CA LEU B 2905 96.20 45.91 68.46
C LEU B 2905 96.76 44.60 69.01
N VAL B 2906 97.45 43.87 68.14
CA VAL B 2906 98.07 42.60 68.46
C VAL B 2906 99.54 42.88 68.77
N PRO B 2907 100.21 41.98 69.52
CA PRO B 2907 101.64 42.18 69.80
C PRO B 2907 102.49 42.11 68.54
N TYR B 2908 103.72 42.60 68.69
CA TYR B 2908 104.64 42.78 67.58
C TYR B 2908 105.10 41.45 67.00
N ASP B 2909 105.23 40.42 67.82
CA ASP B 2909 105.67 39.12 67.33
C ASP B 2909 104.61 38.42 66.48
N THR B 2910 103.36 38.84 66.61
CA THR B 2910 102.23 38.22 65.92
C THR B 2910 101.70 39.07 64.79
N LEU B 2911 102.52 39.95 64.21
CA LEU B 2911 102.03 40.79 63.12
C LEU B 2911 102.01 40.02 61.81
N THR B 2912 101.44 40.65 60.79
CA THR B 2912 101.47 40.11 59.44
C THR B 2912 102.75 40.54 58.74
N ALA B 2913 103.00 39.98 57.56
CA ALA B 2913 104.24 40.24 56.84
C ALA B 2913 104.27 41.62 56.19
N LYS B 2914 103.15 42.34 56.15
CA LYS B 2914 103.16 43.71 55.62
C LYS B 2914 103.89 44.64 56.56
N GLU B 2915 103.47 44.68 57.83
CA GLU B 2915 104.19 45.47 58.83
C GLU B 2915 105.47 44.80 59.30
N LYS B 2916 105.66 43.51 59.00
CA LYS B 2916 106.97 42.88 59.10
C LYS B 2916 107.82 43.13 57.87
N ALA B 2917 107.36 43.99 56.96
CA ALA B 2917 108.19 44.58 55.92
C ALA B 2917 108.40 46.08 56.14
N ARG B 2918 107.33 46.86 56.26
CA ARG B 2918 107.40 48.31 56.24
C ARG B 2918 107.99 48.92 57.52
N ASP B 2919 107.45 48.60 58.69
CA ASP B 2919 108.00 49.16 59.92
C ASP B 2919 109.37 48.59 60.26
N ARG B 2920 109.64 47.34 59.90
CA ARG B 2920 110.99 46.80 60.03
C ARG B 2920 111.96 47.49 59.09
N GLU B 2921 111.51 47.83 57.87
CA GLU B 2921 112.34 48.59 56.94
C GLU B 2921 112.65 49.98 57.48
N LYS B 2922 111.65 50.62 58.07
CA LYS B 2922 111.85 51.94 58.68
C LYS B 2922 112.80 51.86 59.88
N ALA B 2923 112.69 50.77 60.66
CA ALA B 2923 113.59 50.58 61.79
C ALA B 2923 115.02 50.33 61.35
N GLN B 2924 115.19 49.51 60.30
CA GLN B 2924 116.53 49.22 59.80
C GLN B 2924 117.16 50.45 59.13
N GLU B 2925 116.34 51.28 58.48
CA GLU B 2925 116.92 52.50 57.91
C GLU B 2925 117.23 53.53 58.98
N LEU B 2926 116.48 53.54 60.09
CA LEU B 2926 116.87 54.37 61.23
C LEU B 2926 118.16 53.88 61.86
N LEU B 2927 118.32 52.55 61.97
CA LEU B 2927 119.55 51.97 62.52
C LEU B 2927 120.75 52.22 61.60
N LYS B 2928 120.54 52.16 60.29
CA LYS B 2928 121.63 52.42 59.38
C LYS B 2928 121.92 53.91 59.26
N PHE B 2929 120.94 54.77 59.57
CA PHE B 2929 121.29 56.17 59.75
C PHE B 2929 122.04 56.40 61.05
N LEU B 2930 121.76 55.59 62.08
CA LEU B 2930 122.60 55.63 63.29
C LEU B 2930 124.03 55.20 62.97
N GLN B 2931 124.18 54.21 62.09
CA GLN B 2931 125.50 53.87 61.56
C GLN B 2931 126.12 55.04 60.81
N MET B 2932 125.31 55.79 60.06
CA MET B 2932 125.79 57.05 59.50
C MET B 2932 126.11 58.03 60.63
N ASN B 2933 127.27 58.69 60.50
CA ASN B 2933 127.94 59.46 61.57
C ASN B 2933 128.22 58.63 62.82
N GLY B 2934 128.26 57.30 62.69
CA GLY B 2934 128.74 56.37 63.70
C GLY B 2934 128.15 56.40 65.10
N TYR B 2935 126.85 56.17 65.23
CA TYR B 2935 126.21 56.10 66.55
C TYR B 2935 125.75 54.66 66.76
N ALA B 2936 126.67 53.83 67.25
CA ALA B 2936 126.43 52.41 67.46
C ALA B 2936 125.63 52.21 68.73
N VAL B 2937 124.52 51.46 68.63
CA VAL B 2937 123.64 51.30 69.77
C VAL B 2937 123.54 49.83 70.15
N THR B 2938 124.29 49.44 71.19
CA THR B 2938 124.42 48.04 71.60
C THR B 2938 124.02 47.92 73.06
N ARG B 2939 123.14 46.97 73.36
CA ARG B 2939 122.81 46.68 74.75
C ARG B 2939 123.72 45.60 75.32
N UNK B 3113 122.00 41.12 76.80
CA UNK B 3113 121.94 41.64 75.44
C UNK B 3113 121.33 40.60 74.50
N UNK B 3114 122.16 39.99 73.66
CA UNK B 3114 121.74 38.95 72.74
C UNK B 3114 122.14 37.59 73.29
N UNK B 3115 121.39 36.55 72.89
CA UNK B 3115 121.62 35.21 73.42
C UNK B 3115 122.61 34.45 72.54
N UNK B 3116 122.80 33.17 72.84
CA UNK B 3116 123.73 32.33 72.11
C UNK B 3116 123.11 31.87 70.80
N UNK B 3117 123.96 31.74 69.78
CA UNK B 3117 123.52 31.27 68.46
C UNK B 3117 123.75 29.77 68.33
N UNK B 3118 123.13 29.03 69.23
CA UNK B 3118 123.24 27.58 69.28
C UNK B 3118 121.86 26.96 69.14
N UNK B 3119 121.84 25.67 68.78
CA UNK B 3119 120.59 24.95 68.68
C UNK B 3119 120.05 24.68 70.08
N UNK B 3120 119.26 25.61 70.60
CA UNK B 3120 118.79 25.51 71.97
C UNK B 3120 117.72 24.44 72.14
N UNK B 3121 117.06 24.03 71.05
CA UNK B 3121 116.04 22.99 71.01
C UNK B 3121 114.89 23.31 71.96
N UNK B 3122 114.11 24.36 71.63
CA UNK B 3122 113.13 24.97 72.54
C UNK B 3122 112.10 24.00 73.09
N UNK B 3123 111.83 22.90 72.40
CA UNK B 3123 111.03 21.84 73.00
C UNK B 3123 111.81 21.10 74.09
N UNK B 3124 113.12 20.97 73.93
CA UNK B 3124 113.94 20.24 74.88
C UNK B 3124 114.47 21.10 76.02
N UNK B 3125 114.65 22.41 75.80
CA UNK B 3125 114.99 23.29 76.90
C UNK B 3125 113.80 23.50 77.83
N UNK B 3126 112.60 23.59 77.26
CA UNK B 3126 111.39 23.57 78.08
C UNK B 3126 111.20 22.22 78.75
N UNK B 3127 111.65 21.14 78.10
CA UNK B 3127 111.63 19.83 78.74
C UNK B 3127 112.62 19.75 79.89
N UNK B 3128 113.75 20.43 79.77
CA UNK B 3128 114.71 20.49 80.86
C UNK B 3128 114.18 21.33 82.02
N UNK B 3129 113.49 22.43 81.69
CA UNK B 3129 112.81 23.21 82.72
C UNK B 3129 111.70 22.41 83.39
N UNK B 3130 111.01 21.56 82.63
CA UNK B 3130 109.99 20.70 83.20
C UNK B 3130 110.61 19.58 84.04
N UNK B 3131 111.79 19.10 83.66
CA UNK B 3131 112.48 18.12 84.50
C UNK B 3131 113.00 18.74 85.77
N UNK B 3132 113.38 20.02 85.71
CA UNK B 3132 113.71 20.76 86.92
C UNK B 3132 112.48 20.96 87.80
N UNK B 3133 111.33 21.25 87.19
CA UNK B 3133 110.07 21.31 87.94
C UNK B 3133 109.70 19.95 88.50
N UNK B 3134 110.07 18.87 87.80
CA UNK B 3134 109.83 17.52 88.31
C UNK B 3134 110.73 17.19 89.49
N UNK B 3135 111.98 17.66 89.46
CA UNK B 3135 112.85 17.51 90.62
C UNK B 3135 112.38 18.36 91.79
N UNK B 3136 111.79 19.52 91.50
CA UNK B 3136 111.19 20.33 92.55
C UNK B 3136 109.95 19.67 93.13
N UNK B 3137 109.15 19.03 92.27
CA UNK B 3137 108.00 18.25 92.71
C UNK B 3137 108.40 16.96 93.39
N UNK B 3138 109.63 16.48 93.18
CA UNK B 3138 110.14 15.36 93.96
C UNK B 3138 110.36 15.77 95.41
N UNK B 3139 110.71 17.04 95.66
CA UNK B 3139 110.74 17.55 97.02
C UNK B 3139 109.34 17.62 97.61
N UNK B 3140 108.34 17.97 96.80
CA UNK B 3140 106.96 17.95 97.26
C UNK B 3140 106.49 16.53 97.53
N UNK B 3141 106.96 15.56 96.74
CA UNK B 3141 106.64 14.15 96.97
C UNK B 3141 107.29 13.65 98.24
N UNK B 3142 108.53 14.09 98.53
CA UNK B 3142 109.17 13.74 99.78
C UNK B 3142 108.47 14.38 100.98
N UNK B 3143 107.96 15.61 100.80
CA UNK B 3143 107.20 16.25 101.87
C UNK B 3143 105.86 15.56 102.10
N UNK B 3144 105.21 15.10 101.03
CA UNK B 3144 103.95 14.39 101.17
C UNK B 3144 104.14 12.97 101.73
N UNK B 3145 105.26 12.33 101.39
CA UNK B 3145 105.61 11.07 102.03
C UNK B 3145 105.95 11.28 103.49
N UNK B 3146 106.53 12.44 103.82
CA UNK B 3146 106.67 12.83 105.21
C UNK B 3146 105.32 13.19 105.81
N UNK B 3147 104.38 13.68 105.00
CA UNK B 3147 103.04 13.99 105.46
C UNK B 3147 102.15 12.75 105.41
N UNK B 3148 101.17 21.52 95.35
CA UNK B 3148 99.82 21.92 95.75
C UNK B 3148 98.86 21.86 94.58
N UNK B 3149 98.58 23.03 93.98
CA UNK B 3149 97.67 23.12 92.85
C UNK B 3149 98.25 22.56 91.57
N UNK B 3150 99.57 22.50 91.45
CA UNK B 3150 100.19 21.98 90.24
C UNK B 3150 100.46 20.49 90.31
N UNK B 3151 100.07 19.83 91.41
CA UNK B 3151 100.20 18.38 91.51
C UNK B 3151 99.28 17.66 90.53
N UNK B 3152 98.08 18.21 90.29
CA UNK B 3152 97.26 17.76 89.19
C UNK B 3152 97.85 18.16 87.84
N UNK B 3153 98.45 19.34 87.76
CA UNK B 3153 99.15 19.75 86.54
C UNK B 3153 100.39 18.90 86.30
N UNK B 3154 101.02 18.39 87.37
CA UNK B 3154 102.12 17.45 87.21
C UNK B 3154 101.63 16.06 86.83
N UNK B 3155 100.49 15.62 87.36
CA UNK B 3155 99.97 14.30 87.01
C UNK B 3155 99.47 14.28 85.57
N UNK B 3156 98.92 15.39 85.09
CA UNK B 3156 98.52 15.47 83.68
C UNK B 3156 99.74 15.48 82.77
N UNK B 3157 100.82 16.13 83.21
CA UNK B 3157 102.07 16.08 82.46
C UNK B 3157 102.70 14.69 82.48
N UNK B 3158 102.49 13.93 83.54
CA UNK B 3158 102.95 12.54 83.59
C UNK B 3158 102.24 11.69 82.55
N UNK B 3159 100.97 11.99 82.29
CA UNK B 3159 100.26 11.32 81.21
C UNK B 3159 100.70 11.82 79.84
N UNK B 3160 100.88 13.13 79.70
CA UNK B 3160 101.29 13.70 78.42
C UNK B 3160 102.73 13.38 78.06
N UNK B 3161 103.54 12.91 79.02
CA UNK B 3161 104.92 12.56 78.74
C UNK B 3161 105.04 11.34 77.84
N UNK B 3162 104.23 10.30 78.07
CA UNK B 3162 104.24 9.14 77.20
C UNK B 3162 103.73 9.49 75.80
N UNK B 3163 102.83 10.46 75.71
CA UNK B 3163 102.38 10.96 74.42
C UNK B 3163 103.47 11.74 73.70
N UNK B 3164 104.14 12.66 74.39
CA UNK B 3164 105.12 13.53 73.76
C UNK B 3164 106.42 12.81 73.40
N UNK B 3165 106.83 11.81 74.19
CA UNK B 3165 108.02 11.04 73.87
C UNK B 3165 107.81 10.19 72.63
N UNK B 3166 106.64 9.54 72.54
CA UNK B 3166 106.32 8.76 71.35
C UNK B 3166 105.93 9.67 70.20
N UNK B 3167 105.61 10.93 70.48
CA UNK B 3167 105.32 11.89 69.42
C UNK B 3167 106.54 12.18 68.58
N UNK B 3168 107.68 12.46 69.20
CA UNK B 3168 108.89 12.57 68.40
C UNK B 3168 109.47 11.18 68.14
N UNK B 3169 110.05 10.56 69.19
CA UNK B 3169 110.50 9.16 69.23
C UNK B 3169 111.53 8.76 68.16
N UNK B 3170 111.92 9.68 67.26
CA UNK B 3170 112.86 9.42 66.19
C UNK B 3170 113.80 10.61 66.08
N UNK B 3171 113.47 11.67 66.80
CA UNK B 3171 114.31 12.85 66.88
C UNK B 3171 115.65 12.57 67.55
N UNK B 3172 115.72 11.52 68.37
CA UNK B 3172 117.02 11.06 68.85
C UNK B 3172 117.87 10.51 67.71
N UNK B 3173 117.24 9.84 66.75
CA UNK B 3173 117.97 9.39 65.56
C UNK B 3173 118.26 10.55 64.62
N UNK B 3174 117.44 11.61 64.69
CA UNK B 3174 117.69 12.78 63.87
C UNK B 3174 118.87 13.60 64.40
N UNK B 3175 118.74 14.12 65.61
CA UNK B 3175 119.78 14.89 66.29
C UNK B 3175 119.75 14.52 67.78
N UNK B 3176 120.81 13.89 68.25
CA UNK B 3176 120.84 13.34 69.61
C UNK B 3176 121.07 14.45 70.63
N UNK B 3177 119.97 14.89 71.24
CA UNK B 3177 120.04 15.76 72.41
C UNK B 3177 119.91 14.88 73.64
N UNK B 3178 120.94 14.89 74.49
CA UNK B 3178 120.98 14.04 75.66
C UNK B 3178 120.20 14.61 76.84
N UNK B 3179 119.50 15.75 76.64
CA UNK B 3179 118.65 16.30 77.69
C UNK B 3179 117.50 15.36 78.04
N UNK B 3180 117.01 14.61 77.04
CA UNK B 3180 115.97 13.62 77.32
C UNK B 3180 116.51 12.46 78.15
N UNK B 3181 117.74 12.00 77.86
CA UNK B 3181 118.34 10.95 78.66
C UNK B 3181 118.66 11.42 80.06
N UNK B 3182 119.00 12.70 80.21
CA UNK B 3182 119.18 13.28 81.54
C UNK B 3182 117.87 13.39 82.32
N UNK B 3183 116.80 13.84 81.65
CA UNK B 3183 115.49 13.90 82.28
C UNK B 3183 114.93 12.52 82.59
N UNK B 3184 115.38 11.49 81.88
CA UNK B 3184 115.02 10.12 82.21
C UNK B 3184 115.54 9.73 83.58
N UNK B 3185 116.81 10.04 83.87
CA UNK B 3185 117.33 9.79 85.21
C UNK B 3185 116.76 10.75 86.24
N UNK B 3186 116.43 11.98 85.81
CA UNK B 3186 115.79 12.94 86.71
C UNK B 3186 114.40 12.47 87.13
N UNK B 3187 113.72 11.73 86.26
CA UNK B 3187 112.48 11.08 86.63
C UNK B 3187 112.74 9.79 87.39
N UNK B 3188 113.84 9.09 87.09
CA UNK B 3188 114.15 7.83 87.74
C UNK B 3188 114.52 8.02 89.21
N UNK B 3189 115.01 9.21 89.56
CA UNK B 3189 115.26 9.52 90.97
C UNK B 3189 113.97 9.54 91.78
N UNK B 3190 112.95 10.28 91.33
CA UNK B 3190 111.67 10.29 92.01
C UNK B 3190 110.94 8.96 91.86
N UNK B 3191 111.26 8.21 90.80
CA UNK B 3191 110.74 6.85 90.67
C UNK B 3191 111.32 5.91 91.71
N UNK B 3192 112.61 6.02 92.02
CA UNK B 3192 113.18 5.27 93.13
C UNK B 3192 112.65 5.80 94.46
N UNK B 3193 112.27 7.07 94.51
CA UNK B 3193 111.64 7.63 95.71
C UNK B 3193 110.24 7.07 95.95
N UNK B 3194 109.61 6.44 94.95
CA UNK B 3194 108.32 5.81 95.11
C UNK B 3194 108.35 4.32 94.78
N UNK B 3195 109.54 3.77 94.53
CA UNK B 3195 109.66 2.37 94.13
C UNK B 3195 109.32 1.40 95.27
N UNK B 3196 109.32 1.90 96.51
CA UNK B 3196 108.87 1.09 97.65
C UNK B 3196 107.40 1.32 97.97
N UNK B 3197 106.83 2.44 97.53
CA UNK B 3197 105.47 2.79 97.92
C UNK B 3197 104.51 2.79 96.73
N UNK B 3198 104.81 3.61 95.71
CA UNK B 3198 104.01 3.83 94.51
C UNK B 3198 102.57 4.25 94.88
N UNK B 3199 102.49 5.41 95.53
CA UNK B 3199 101.20 5.96 95.94
C UNK B 3199 100.47 6.67 94.82
N UNK B 3200 101.19 7.14 93.80
CA UNK B 3200 100.57 7.87 92.69
C UNK B 3200 99.95 6.91 91.67
N UNK B 3201 99.59 7.45 90.51
CA UNK B 3201 98.98 6.66 89.45
C UNK B 3201 100.00 5.70 88.85
N UNK B 3202 99.52 4.50 88.53
CA UNK B 3202 100.34 3.48 87.87
C UNK B 3202 100.45 3.67 86.38
N UNK B 3203 99.79 4.70 85.82
CA UNK B 3203 99.97 5.06 84.43
C UNK B 3203 101.37 5.61 84.16
N UNK B 3204 102.03 6.15 85.17
CA UNK B 3204 103.42 6.52 85.04
C UNK B 3204 104.33 5.32 84.82
N UNK B 3205 103.94 4.14 85.31
CA UNK B 3205 104.72 2.93 85.04
C UNK B 3205 104.64 2.54 83.57
N UNK B 3206 103.48 2.70 82.95
CA UNK B 3206 103.36 2.47 81.52
C UNK B 3206 104.04 3.58 80.71
N UNK B 3207 103.98 4.82 81.18
CA UNK B 3207 104.75 5.91 80.60
C UNK B 3207 106.26 5.66 80.67
N UNK B 3208 106.71 5.00 81.73
CA UNK B 3208 108.11 4.58 81.82
C UNK B 3208 108.44 3.54 80.76
N UNK B 3209 107.51 2.62 80.51
CA UNK B 3209 107.70 1.67 79.41
C UNK B 3209 107.62 2.37 78.07
N UNK B 3210 106.75 3.39 77.94
CA UNK B 3210 106.66 4.15 76.70
C UNK B 3210 107.93 4.95 76.43
N UNK B 3211 108.60 5.41 77.49
CA UNK B 3211 109.88 6.05 77.35
C UNK B 3211 111.02 5.07 77.11
N UNK B 3212 110.95 3.88 77.71
CA UNK B 3212 111.96 2.86 77.49
C UNK B 3212 111.91 2.29 76.08
N UNK B 3213 110.72 2.30 75.48
CA UNK B 3213 110.59 1.87 74.09
C UNK B 3213 111.18 2.87 73.12
N UNK B 3214 111.02 4.17 73.37
CA UNK B 3214 111.57 5.17 72.46
C UNK B 3214 113.07 5.37 72.67
N UNK B 3215 113.61 4.79 73.75
CA UNK B 3215 115.03 4.96 74.04
C UNK B 3215 115.89 4.12 73.10
N UNK B 3216 115.70 2.81 73.12
CA UNK B 3216 116.51 1.91 72.30
C UNK B 3216 115.64 0.92 71.56
N UNK B 3217 129.63 5.28 75.50
CA UNK B 3217 129.98 6.31 74.53
C UNK B 3217 130.26 7.64 75.24
N UNK B 3218 130.39 8.71 74.45
CA UNK B 3218 130.53 10.04 75.03
C UNK B 3218 129.24 10.48 75.71
N UNK B 3219 128.10 10.03 75.19
CA UNK B 3219 126.84 10.25 75.90
C UNK B 3219 126.78 9.43 77.18
N UNK B 3220 127.29 8.20 77.13
CA UNK B 3220 127.30 7.31 78.30
C UNK B 3220 128.60 7.50 79.10
N UNK B 3221 128.86 8.75 79.46
CA UNK B 3221 130.09 9.10 80.15
C UNK B 3221 129.89 9.11 81.65
N UNK B 3222 129.01 9.97 82.15
CA UNK B 3222 128.82 10.12 83.59
C UNK B 3222 127.33 10.07 83.89
N UNK B 3223 126.78 8.87 83.97
CA UNK B 3223 125.40 8.71 84.42
C UNK B 3223 125.29 7.72 85.56
N UNK B 3224 125.98 6.58 85.41
CA UNK B 3224 125.98 5.45 86.36
C UNK B 3224 124.56 4.98 86.69
N UNK B 3225 123.68 5.02 85.70
CA UNK B 3225 122.31 4.55 85.92
C UNK B 3225 122.26 3.03 85.99
N UNK B 3226 123.18 2.37 85.28
CA UNK B 3226 123.33 0.93 85.44
C UNK B 3226 123.89 0.58 86.81
N UNK B 3227 124.76 1.44 87.36
CA UNK B 3227 125.21 1.27 88.73
C UNK B 3227 124.09 1.54 89.72
N UNK B 3228 123.12 2.38 89.34
CA UNK B 3228 121.94 2.57 90.18
C UNK B 3228 121.00 1.38 90.10
N UNK B 3229 120.86 0.78 88.91
CA UNK B 3229 120.07 -0.43 88.73
C UNK B 3229 120.74 -1.68 89.27
N UNK B 3230 122.04 -1.60 89.59
CA UNK B 3230 122.69 -2.65 90.36
C UNK B 3230 122.02 -2.83 91.72
N UNK B 3231 121.59 -1.73 92.35
CA UNK B 3231 120.85 -1.84 93.60
C UNK B 3231 119.49 -2.48 93.39
N UNK B 3232 118.89 -2.26 92.22
CA UNK B 3232 117.65 -2.98 91.90
C UNK B 3232 117.92 -4.45 91.65
N UNK B 3233 119.08 -4.78 91.08
CA UNK B 3233 119.45 -6.18 90.89
C UNK B 3233 119.73 -6.87 92.22
N UNK B 3234 120.23 -6.11 93.20
CA UNK B 3234 120.39 -6.64 94.55
C UNK B 3234 119.07 -6.74 95.30
N UNK B 3235 118.17 -5.79 95.10
CA UNK B 3235 116.81 -5.90 95.62
C UNK B 3235 116.03 -7.04 94.96
N UNK B 3236 116.40 -7.41 93.74
CA UNK B 3236 115.85 -8.62 93.13
C UNK B 3236 116.28 -9.86 93.89
N UNK B 3237 117.55 -9.91 94.31
CA UNK B 3237 117.99 -11.00 95.18
C UNK B 3237 117.34 -10.95 96.54
N UNK B 3238 117.08 -9.73 97.05
CA UNK B 3238 116.37 -9.57 98.32
C UNK B 3238 114.93 -10.07 98.23
N UNK B 3239 114.23 -9.76 97.15
CA UNK B 3239 112.88 -10.26 96.94
C UNK B 3239 112.88 -11.75 96.64
N UNK B 3240 113.95 -12.26 96.04
CA UNK B 3240 114.08 -13.70 95.83
C UNK B 3240 114.27 -14.43 97.15
N UNK B 3241 115.04 -13.84 98.07
CA UNK B 3241 115.16 -14.41 99.42
C UNK B 3241 113.86 -14.26 100.20
N UNK B 3242 113.11 -13.19 99.95
CA UNK B 3242 111.79 -13.02 100.57
C UNK B 3242 110.79 -14.05 100.06
N UNK B 3243 110.87 -14.41 98.78
CA UNK B 3243 110.01 -15.45 98.23
C UNK B 3243 110.47 -16.85 98.61
N UNK B 3244 111.78 -17.06 98.79
CA UNK B 3244 112.27 -18.35 99.26
C UNK B 3244 111.94 -18.53 100.74
N UNK B 3245 111.85 -17.44 101.50
CA UNK B 3245 111.40 -17.51 102.88
C UNK B 3245 109.89 -17.39 103.01
N UNK B 3246 109.19 -17.06 101.93
CA UNK B 3246 107.73 -16.97 101.94
C UNK B 3246 107.12 -18.24 101.37
N UNK B 3247 109.65 -1.99 99.21
CA UNK B 3247 110.49 -2.93 98.49
C UNK B 3247 109.64 -3.82 97.61
N UNK B 3248 108.32 -3.72 97.79
CA UNK B 3248 107.38 -4.52 97.03
C UNK B 3248 106.74 -3.78 95.87
N UNK B 3249 106.77 -2.45 95.85
CA UNK B 3249 106.14 -1.72 94.75
C UNK B 3249 106.99 -1.71 93.49
N UNK B 3250 108.28 -1.99 93.59
CA UNK B 3250 109.15 -2.12 92.43
C UNK B 3250 109.30 -3.57 91.97
N UNK B 3251 108.29 -4.40 92.18
CA UNK B 3251 108.41 -5.82 91.86
C UNK B 3251 107.86 -6.19 90.50
N UNK B 3252 106.98 -5.39 89.93
CA UNK B 3252 106.32 -5.73 88.68
C UNK B 3252 106.67 -4.80 87.53
N UNK B 3253 106.54 -3.49 87.74
CA UNK B 3253 106.85 -2.52 86.69
C UNK B 3253 108.34 -2.50 86.37
N UNK B 3254 109.17 -2.74 87.39
CA UNK B 3254 110.60 -2.85 87.15
C UNK B 3254 110.94 -4.10 86.34
N UNK B 3255 110.27 -5.22 86.63
CA UNK B 3255 110.49 -6.44 85.85
C UNK B 3255 109.98 -6.31 84.43
N UNK B 3256 108.94 -5.50 84.23
CA UNK B 3256 108.44 -5.24 82.88
C UNK B 3256 109.40 -4.33 82.10
N UNK B 3257 109.86 -3.24 82.72
CA UNK B 3257 110.78 -2.33 82.05
C UNK B 3257 112.15 -2.96 81.84
N UNK B 3258 112.50 -3.96 82.66
CA UNK B 3258 113.74 -4.69 82.45
C UNK B 3258 113.69 -5.50 81.16
N UNK B 3259 112.58 -6.24 80.96
CA UNK B 3259 112.36 -6.93 79.69
C UNK B 3259 112.28 -5.96 78.52
N UNK B 3260 111.65 -4.80 78.74
CA UNK B 3260 111.52 -3.80 77.68
C UNK B 3260 112.87 -3.24 77.26
N UNK B 3261 113.69 -2.82 78.22
CA UNK B 3261 115.00 -2.25 77.90
C UNK B 3261 115.98 -3.31 77.42
N UNK B 3262 115.84 -4.55 77.89
CA UNK B 3262 116.75 -5.59 77.46
C UNK B 3262 116.41 -6.10 76.06
N UNK B 3263 115.13 -6.13 75.69
CA UNK B 3263 114.75 -6.36 74.32
C UNK B 3263 115.03 -5.17 73.42
N UNK B 3264 115.08 -3.96 74.00
CA UNK B 3264 115.48 -2.76 73.27
C UNK B 3264 116.96 -2.75 72.89
N UNK B 3265 117.75 -3.67 73.46
CA UNK B 3265 119.16 -3.84 73.11
C UNK B 3265 119.33 -4.64 71.82
N UNK B 3266 118.25 -4.92 71.11
CA UNK B 3266 118.32 -5.52 69.79
C UNK B 3266 118.83 -4.55 68.74
N UNK B 3267 118.80 -3.25 69.01
CA UNK B 3267 119.32 -2.27 68.07
C UNK B 3267 120.51 -1.54 68.68
N UNK B 3268 120.44 -1.23 69.97
CA UNK B 3268 121.48 -0.49 70.66
C UNK B 3268 122.38 -1.44 71.44
N UNK B 3269 123.60 -0.98 71.70
CA UNK B 3269 124.58 -1.77 72.45
C UNK B 3269 125.55 -0.83 73.16
N UNK B 3270 125.98 -1.25 74.33
CA UNK B 3270 126.93 -0.52 75.15
C UNK B 3270 128.05 -1.44 75.59
N UNK B 3271 128.91 -0.94 76.47
CA UNK B 3271 130.06 -1.68 76.94
C UNK B 3271 129.86 -2.32 78.30
N UNK B 3272 128.65 -2.22 78.87
CA UNK B 3272 128.29 -2.69 80.21
C UNK B 3272 129.24 -2.12 81.28
N UNK B 3273 129.37 -0.79 81.26
CA UNK B 3273 130.21 -0.08 82.23
C UNK B 3273 129.57 -0.17 83.60
N UNK B 3274 130.20 -0.96 84.49
CA UNK B 3274 129.69 -1.31 85.83
C UNK B 3274 128.30 -1.93 85.74
N UNK B 3275 128.08 -2.75 84.71
CA UNK B 3275 126.77 -3.33 84.45
C UNK B 3275 126.79 -4.82 84.18
N UNK B 3276 127.89 -5.39 83.71
CA UNK B 3276 127.94 -6.84 83.48
C UNK B 3276 127.88 -7.59 84.81
N UNK B 3277 128.63 -7.13 85.81
CA UNK B 3277 128.53 -7.72 87.14
C UNK B 3277 127.20 -7.39 87.81
N UNK B 3278 126.63 -6.22 87.49
CA UNK B 3278 125.31 -5.85 88.00
C UNK B 3278 124.23 -6.79 87.50
N UNK B 3279 124.28 -7.13 86.21
CA UNK B 3279 123.36 -8.11 85.66
C UNK B 3279 123.67 -9.51 86.15
N UNK B 3280 124.96 -9.82 86.33
CA UNK B 3280 125.36 -11.16 86.75
C UNK B 3280 124.98 -11.42 88.21
N UNK B 3281 124.84 -10.37 89.01
CA UNK B 3281 124.38 -10.52 90.39
C UNK B 3281 122.95 -11.05 90.43
N UNK B 3282 122.03 -10.38 89.73
CA UNK B 3282 120.66 -10.88 89.65
C UNK B 3282 120.57 -12.16 88.84
N UNK B 3283 121.53 -12.40 87.94
CA UNK B 3283 121.52 -13.64 87.16
C UNK B 3283 121.88 -14.84 88.03
N UNK B 3284 122.92 -14.71 88.86
CA UNK B 3284 123.24 -15.77 89.80
C UNK B 3284 122.17 -15.90 90.87
N UNK B 3285 121.52 -14.78 91.25
CA UNK B 3285 120.38 -14.84 92.17
C UNK B 3285 119.22 -15.61 91.57
N UNK B 3286 118.96 -15.44 90.28
CA UNK B 3286 117.90 -16.18 89.60
C UNK B 3286 118.28 -17.64 89.42
N UNK B 3287 119.55 -17.91 89.11
CA UNK B 3287 120.01 -19.30 88.99
C UNK B 3287 119.94 -20.02 90.33
N UNK B 3288 120.11 -19.30 91.43
CA UNK B 3288 119.92 -19.88 92.75
C UNK B 3288 118.45 -20.08 93.09
N UNK B 3289 117.63 -19.03 92.96
CA UNK B 3289 116.24 -19.08 93.37
C UNK B 3289 115.32 -19.70 92.32
N UNK B 3290 115.88 -20.27 91.24
CA UNK B 3290 115.07 -20.98 90.27
C UNK B 3290 114.53 -22.30 90.84
N UNK B 3291 115.15 -22.80 91.92
CA UNK B 3291 114.67 -24.01 92.58
C UNK B 3291 114.20 -23.72 94.00
N UNK B 3292 113.93 -22.45 94.33
CA UNK B 3292 113.45 -22.09 95.66
C UNK B 3292 111.98 -22.52 95.78
N UNK B 3293 111.69 -23.41 96.71
CA UNK B 3293 110.34 -23.90 96.91
C UNK B 3293 109.49 -22.87 97.65
N UNK B 3294 108.18 -23.10 97.62
CA UNK B 3294 107.14 -22.20 98.16
C UNK B 3294 107.28 -20.80 97.58
N UNK B 3295 107.58 -20.73 96.29
CA UNK B 3295 107.78 -19.49 95.57
C UNK B 3295 106.82 -19.51 94.37
N UNK B 3296 105.57 -19.83 94.66
CA UNK B 3296 104.52 -19.99 93.65
C UNK B 3296 104.00 -18.65 93.17
N UNK B 3297 102.83 -18.68 92.52
CA UNK B 3297 102.13 -17.52 91.95
C UNK B 3297 102.99 -16.84 90.87
N UNK B 3298 103.13 -17.57 89.77
CA UNK B 3298 103.57 -17.06 88.47
C UNK B 3298 104.97 -16.47 88.45
N UNK B 3299 105.99 -17.30 88.62
CA UNK B 3299 107.38 -16.88 88.46
C UNK B 3299 107.70 -16.64 86.98
N UNK B 3300 107.16 -15.56 86.44
CA UNK B 3300 107.26 -15.23 85.01
C UNK B 3300 108.07 -13.97 84.78
N UNK B 3301 108.98 -13.65 85.70
CA UNK B 3301 109.92 -12.56 85.51
C UNK B 3301 111.11 -12.97 84.65
N UNK B 3302 111.13 -14.22 84.19
CA UNK B 3302 112.18 -14.68 83.27
C UNK B 3302 111.99 -14.15 81.85
N UNK B 3303 110.93 -13.37 81.60
CA UNK B 3303 110.86 -12.60 80.37
C UNK B 3303 111.98 -11.58 80.28
N UNK B 3304 112.34 -10.94 81.40
CA UNK B 3304 113.50 -10.06 81.41
C UNK B 3304 114.79 -10.85 81.21
N UNK B 3305 114.84 -12.09 81.70
CA UNK B 3305 115.97 -12.97 81.46
C UNK B 3305 116.11 -13.36 80.00
N UNK B 3306 114.98 -13.69 79.35
CA UNK B 3306 114.99 -13.97 77.92
C UNK B 3306 115.36 -12.74 77.11
N UNK B 3307 114.90 -11.56 77.52
CA UNK B 3307 115.21 -10.33 76.82
C UNK B 3307 116.65 -9.90 77.02
N UNK B 3308 117.26 -10.22 78.16
CA UNK B 3308 118.66 -9.95 78.42
C UNK B 3308 119.57 -11.08 77.97
N UNK B 3309 118.99 -12.19 77.53
CA UNK B 3309 119.75 -13.31 76.97
C UNK B 3309 120.34 -13.01 75.60
N UNK B 3310 119.94 -11.91 74.96
CA UNK B 3310 120.52 -11.48 73.70
C UNK B 3310 121.50 -10.35 73.94
N UNK B 3311 122.25 -10.43 75.05
CA UNK B 3311 123.26 -9.43 75.38
C UNK B 3311 124.56 -9.71 74.64
N UNK B 3312 125.63 -9.05 75.05
CA UNK B 3312 126.96 -9.25 74.50
C UNK B 3312 127.42 -10.69 74.71
N UNK B 3313 127.36 -11.16 75.95
CA UNK B 3313 127.72 -12.54 76.27
C UNK B 3313 126.88 -13.09 77.40
N UNK B 3314 129.79 -18.53 89.71
CA UNK B 3314 130.87 -17.58 89.82
C UNK B 3314 132.23 -18.27 89.79
N UNK B 3315 132.46 -19.08 88.75
CA UNK B 3315 133.70 -19.82 88.63
C UNK B 3315 134.85 -18.91 88.21
N UNK B 3316 134.74 -18.32 87.01
CA UNK B 3316 135.73 -17.37 86.53
C UNK B 3316 135.48 -15.96 87.03
N UNK B 3317 134.34 -15.73 87.68
CA UNK B 3317 134.04 -14.45 88.30
C UNK B 3317 134.92 -14.18 89.51
N UNK B 3318 135.40 -15.22 90.19
CA UNK B 3318 136.40 -15.05 91.23
C UNK B 3318 137.74 -14.60 90.66
N UNK B 3319 138.02 -14.92 89.40
CA UNK B 3319 139.21 -14.46 88.69
C UNK B 3319 139.01 -13.07 88.08
N UNK B 3320 137.87 -12.45 88.32
CA UNK B 3320 137.58 -11.12 87.81
C UNK B 3320 136.93 -10.26 88.88
N UNK B 3321 136.86 -10.78 90.10
CA UNK B 3321 136.22 -10.06 91.19
C UNK B 3321 137.06 -8.88 91.64
N UNK B 3322 138.28 -9.14 92.10
CA UNK B 3322 139.22 -8.09 92.46
C UNK B 3322 140.31 -7.90 91.41
N UNK B 3323 140.55 -8.92 90.58
CA UNK B 3323 141.60 -8.81 89.57
C UNK B 3323 141.24 -7.81 88.49
N UNK B 3324 140.02 -7.89 87.97
CA UNK B 3324 139.56 -6.88 87.02
C UNK B 3324 139.25 -5.55 87.69
N UNK B 3325 138.97 -5.57 89.00
CA UNK B 3325 138.75 -4.32 89.73
C UNK B 3325 140.04 -3.54 89.91
N UNK B 3326 141.15 -4.23 90.14
CA UNK B 3326 142.45 -3.56 90.25
C UNK B 3326 143.02 -3.28 88.87
N UNK B 3327 143.23 -4.32 88.08
CA UNK B 3327 143.75 -4.16 86.72
C UNK B 3327 142.60 -3.89 85.74
N UNK B 3328 138.48 -6.13 80.26
CA UNK B 3328 137.52 -7.15 80.67
C UNK B 3328 138.21 -8.51 80.80
N UNK B 3329 138.04 -9.15 81.95
CA UNK B 3329 138.62 -10.47 82.19
C UNK B 3329 137.65 -11.55 81.75
N UNK B 3330 137.49 -11.63 80.43
CA UNK B 3330 136.61 -12.60 79.80
C UNK B 3330 137.34 -13.21 78.62
N UNK B 3331 137.15 -14.52 78.42
CA UNK B 3331 137.88 -15.25 77.40
C UNK B 3331 136.95 -15.98 76.45
N UNK B 3332 137.51 -16.84 75.60
CA UNK B 3332 136.74 -17.61 74.62
C UNK B 3332 135.98 -18.76 75.25
N UNK B 3333 136.19 -19.04 76.53
CA UNK B 3333 135.45 -20.07 77.25
C UNK B 3333 134.91 -19.48 78.55
N UNK B 3334 134.36 -18.27 78.47
CA UNK B 3334 133.83 -17.60 79.64
C UNK B 3334 132.36 -17.95 79.84
N UNK B 3335 131.52 -17.61 78.87
CA UNK B 3335 130.13 -18.00 78.90
C UNK B 3335 129.89 -19.38 78.30
N UNK B 3336 130.85 -19.89 77.51
CA UNK B 3336 130.75 -21.23 76.95
C UNK B 3336 131.16 -22.30 77.93
N UNK B 3337 131.66 -21.92 79.11
CA UNK B 3337 132.04 -22.92 80.10
C UNK B 3337 130.82 -23.53 80.79
N UNK B 3338 129.81 -22.71 81.09
CA UNK B 3338 128.56 -23.20 81.66
C UNK B 3338 127.59 -23.71 80.61
N UNK B 3339 127.92 -23.51 79.33
CA UNK B 3339 127.05 -23.98 78.25
C UNK B 3339 127.03 -25.50 78.18
N UNK B 3340 128.12 -26.16 78.53
CA UNK B 3340 128.14 -27.62 78.53
C UNK B 3340 127.33 -28.18 79.70
N UNK B 3341 127.38 -27.53 80.86
CA UNK B 3341 126.55 -27.94 81.98
C UNK B 3341 125.06 -27.72 81.68
N UNK B 3342 124.73 -26.60 81.03
CA UNK B 3342 123.38 -26.38 80.56
C UNK B 3342 122.96 -27.38 79.49
N UNK B 3343 123.88 -27.79 78.63
CA UNK B 3343 123.55 -28.78 77.60
C UNK B 3343 123.33 -30.15 78.20
N UNK B 3344 124.10 -30.50 79.23
CA UNK B 3344 123.87 -31.74 79.96
C UNK B 3344 122.55 -31.71 80.71
N UNK B 3345 122.23 -30.58 81.34
CA UNK B 3345 120.95 -30.43 82.04
C UNK B 3345 119.78 -30.47 81.06
N UNK B 3346 119.99 -29.98 79.84
CA UNK B 3346 118.97 -30.09 78.80
C UNK B 3346 118.83 -31.51 78.26
N UNK B 3347 119.94 -32.21 78.06
CA UNK B 3347 119.90 -33.58 77.58
C UNK B 3347 119.34 -34.54 78.62
N UNK B 3348 119.39 -34.17 79.90
CA UNK B 3348 118.72 -34.94 80.93
C UNK B 3348 117.21 -34.93 80.73
N UNK B 3349 116.61 -33.74 80.71
CA UNK B 3349 115.18 -33.60 80.51
C UNK B 3349 114.73 -33.89 79.08
N UNK B 3350 115.67 -34.01 78.13
CA UNK B 3350 115.31 -34.48 76.80
C UNK B 3350 114.83 -35.91 76.83
N UNK B 3351 115.51 -36.77 77.59
CA UNK B 3351 115.06 -38.13 77.78
C UNK B 3351 114.02 -38.27 78.87
N UNK B 3352 114.22 -37.60 80.01
CA UNK B 3352 113.24 -37.62 81.08
C UNK B 3352 112.03 -36.78 80.68
N UNK B 3353 110.96 -37.45 80.27
CA UNK B 3353 109.74 -36.76 79.83
C UNK B 3353 109.06 -36.16 81.05
N UNK B 3354 109.43 -34.91 81.35
CA UNK B 3354 108.96 -34.21 82.55
C UNK B 3354 107.51 -33.80 82.36
N UNK B 3355 106.62 -34.77 82.55
CA UNK B 3355 105.19 -34.51 82.45
C UNK B 3355 104.67 -33.71 83.64
N UNK B 3356 105.38 -33.72 84.76
CA UNK B 3356 104.97 -32.93 85.90
C UNK B 3356 105.22 -31.45 85.65
N UNK B 3357 104.20 -30.64 85.93
CA UNK B 3357 104.33 -29.20 85.76
C UNK B 3357 105.31 -28.61 86.76
N UNK B 3358 105.39 -29.20 87.96
CA UNK B 3358 106.42 -28.78 88.91
C UNK B 3358 107.82 -29.16 88.43
N UNK B 3359 107.94 -30.26 87.69
CA UNK B 3359 109.22 -30.62 87.10
C UNK B 3359 109.58 -29.68 85.96
N UNK B 3360 108.59 -29.23 85.20
CA UNK B 3360 108.83 -28.31 84.10
C UNK B 3360 108.97 -26.87 84.56
N UNK B 3361 108.55 -26.56 85.79
CA UNK B 3361 108.56 -25.17 86.26
C UNK B 3361 109.95 -24.66 86.57
N UNK B 3362 110.95 -25.53 86.58
CA UNK B 3362 112.34 -25.10 86.75
C UNK B 3362 113.12 -25.22 85.45
N UNK B 3363 112.56 -25.87 84.43
CA UNK B 3363 113.26 -26.10 83.17
C UNK B 3363 112.71 -25.22 82.05
N UNK B 3364 111.40 -25.28 81.81
CA UNK B 3364 110.79 -24.43 80.80
C UNK B 3364 110.76 -22.97 81.23
N UNK B 3365 110.62 -22.72 82.54
CA UNK B 3365 110.63 -21.35 83.02
C UNK B 3365 112.03 -20.76 83.11
N UNK B 3366 113.06 -21.57 82.90
CA UNK B 3366 114.43 -21.10 82.85
C UNK B 3366 115.02 -21.14 81.44
N UNK B 3367 114.44 -21.92 80.54
CA UNK B 3367 114.95 -22.02 79.17
C UNK B 3367 114.64 -20.78 78.33
N UNK B 3368 113.87 -19.84 78.86
CA UNK B 3368 113.65 -18.57 78.18
C UNK B 3368 114.94 -17.81 77.98
N UNK B 3369 115.78 -17.75 79.02
CA UNK B 3369 117.11 -17.17 78.88
C UNK B 3369 118.08 -18.07 78.14
N UNK B 3370 117.71 -19.33 77.88
CA UNK B 3370 118.54 -20.21 77.09
C UNK B 3370 118.20 -20.18 75.61
N UNK B 3371 117.01 -19.68 75.27
CA UNK B 3371 116.54 -19.70 73.90
C UNK B 3371 117.35 -18.80 72.97
N UNK B 3372 118.06 -17.81 73.49
CA UNK B 3372 118.81 -16.88 72.65
C UNK B 3372 120.22 -17.40 72.38
N UNK B 3373 120.29 -18.63 71.85
CA UNK B 3373 121.56 -19.27 71.56
C UNK B 3373 122.26 -18.60 70.39
N UNK B 3374 121.57 -18.44 69.26
CA UNK B 3374 122.16 -17.78 68.11
C UNK B 3374 122.27 -16.27 68.31
N UNK B 3375 121.61 -15.73 69.33
CA UNK B 3375 121.76 -14.32 69.66
C UNK B 3375 123.00 -14.09 70.53
N UNK B 3376 123.24 -14.97 71.51
CA UNK B 3376 124.48 -14.92 72.25
C UNK B 3376 125.66 -15.24 71.35
N UNK B 3377 125.47 -16.13 70.38
CA UNK B 3377 126.45 -16.32 69.33
C UNK B 3377 126.39 -15.16 68.35
N UNK B 3378 127.43 -15.01 67.55
CA UNK B 3378 127.43 -14.04 66.46
C UNK B 3378 126.99 -14.74 65.18
N UNK B 3379 127.73 -15.75 64.77
CA UNK B 3379 127.39 -16.56 63.60
C UNK B 3379 126.61 -17.79 64.08
N UNK B 3380 126.29 -18.75 63.22
CA UNK B 3380 125.55 -19.93 63.62
C UNK B 3380 126.50 -21.11 63.72
N UNK B 3381 127.65 -20.87 64.34
CA UNK B 3381 128.66 -21.93 64.51
C UNK B 3381 128.15 -23.03 65.42
N UNK B 3382 127.29 -22.67 66.38
CA UNK B 3382 126.71 -23.64 67.31
C UNK B 3382 125.28 -24.00 66.92
N UNK B 3383 124.95 -23.96 65.63
CA UNK B 3383 123.60 -24.29 65.19
C UNK B 3383 123.38 -25.78 65.01
N UNK B 3384 124.44 -26.59 65.05
CA UNK B 3384 124.26 -28.04 65.00
C UNK B 3384 123.58 -28.55 66.26
N UNK B 3385 123.81 -27.89 67.39
CA UNK B 3385 123.09 -28.22 68.61
C UNK B 3385 121.63 -27.79 68.51
N UNK B 3386 121.36 -26.64 67.90
CA UNK B 3386 119.99 -26.19 67.69
C UNK B 3386 119.23 -27.05 66.69
N UNK B 3387 119.94 -27.73 65.79
CA UNK B 3387 119.32 -28.66 64.87
C UNK B 3387 118.68 -29.86 65.59
N UNK B 3388 119.16 -30.21 66.78
CA UNK B 3388 118.54 -31.23 67.60
C UNK B 3388 117.75 -30.65 68.76
N UNK B 3389 118.01 -29.41 69.15
CA UNK B 3389 117.25 -28.77 70.23
C UNK B 3389 115.81 -28.50 69.79
N UNK B 3390 115.60 -28.27 68.50
CA UNK B 3390 114.24 -28.15 67.99
C UNK B 3390 113.49 -29.46 68.10
N UNK B 3391 114.16 -30.58 67.81
CA UNK B 3391 113.53 -31.88 68.00
C UNK B 3391 113.32 -32.20 69.47
N UNK B 3392 114.19 -31.68 70.33
CA UNK B 3392 114.00 -31.84 71.78
C UNK B 3392 112.77 -31.08 72.25
N UNK B 3393 112.58 -29.85 71.76
CA UNK B 3393 111.37 -29.10 72.08
C UNK B 3393 110.14 -29.74 71.46
N UNK B 3394 110.31 -30.40 70.32
CA UNK B 3394 109.19 -31.13 69.70
C UNK B 3394 108.81 -32.34 70.52
N UNK B 3395 109.80 -33.03 71.10
CA UNK B 3395 109.50 -34.13 72.01
C UNK B 3395 108.87 -33.63 73.30
N UNK B 3396 109.28 -32.45 73.77
CA UNK B 3396 108.66 -31.86 74.95
C UNK B 3396 107.20 -31.49 74.68
N UNK B 3397 106.87 -31.14 73.43
CA UNK B 3397 105.50 -30.90 73.03
C UNK B 3397 104.72 -32.19 72.83
N UNK B 3398 105.34 -33.20 72.22
CA UNK B 3398 104.73 -34.51 72.02
C UNK B 3398 104.60 -35.31 73.30
N UNK B 3399 105.18 -34.82 74.40
CA UNK B 3399 104.90 -35.31 75.75
C UNK B 3399 103.44 -35.10 76.17
N UNK B 3400 102.65 -34.33 75.41
CA UNK B 3400 101.19 -34.26 75.48
C UNK B 3400 100.69 -33.80 76.83
N UNK B 3401 101.00 -32.55 77.19
CA UNK B 3401 100.47 -31.91 78.38
C UNK B 3401 98.94 -31.89 78.34
N UNK B 3402 98.33 -32.12 79.51
CA UNK B 3402 96.92 -32.49 79.55
C UNK B 3402 96.00 -31.30 79.37
N UNK B 3403 96.02 -30.35 80.29
CA UNK B 3403 95.06 -29.25 80.21
C UNK B 3403 95.73 -27.90 80.03
N UNK B 3404 96.56 -27.48 80.99
CA UNK B 3404 97.11 -26.13 81.03
C UNK B 3404 98.56 -26.11 81.47
N UNK B 3405 99.32 -27.18 81.23
CA UNK B 3405 100.73 -27.15 81.59
C UNK B 3405 101.54 -26.39 80.55
N UNK B 3406 101.61 -26.90 79.32
CA UNK B 3406 102.22 -26.19 78.22
C UNK B 3406 101.26 -25.21 77.56
N UNK B 3407 99.97 -25.29 77.91
CA UNK B 3407 99.01 -24.32 77.39
C UNK B 3407 99.14 -22.98 78.11
N UNK B 3408 99.30 -22.98 79.43
CA UNK B 3408 99.59 -21.74 80.14
C UNK B 3408 101.02 -21.28 79.89
N UNK B 3409 101.96 -22.21 79.76
CA UNK B 3409 103.32 -21.88 79.33
C UNK B 3409 103.45 -22.01 77.83
N UNK B 3410 102.56 -21.35 77.10
CA UNK B 3410 102.64 -21.26 75.65
C UNK B 3410 103.35 -20.00 75.19
N UNK B 3411 103.91 -19.24 76.13
CA UNK B 3411 104.79 -18.13 75.79
C UNK B 3411 106.12 -18.61 75.23
N UNK B 3412 106.46 -19.87 75.44
CA UNK B 3412 107.58 -20.46 74.74
C UNK B 3412 107.31 -20.58 73.25
N UNK B 3413 106.05 -20.76 72.86
CA UNK B 3413 105.71 -20.77 71.45
C UNK B 3413 105.87 -19.38 70.83
N UNK B 3414 105.80 -18.33 71.63
CA UNK B 3414 106.11 -17.00 71.14
C UNK B 3414 107.60 -16.86 70.83
N UNK B 3415 108.46 -17.49 71.61
CA UNK B 3415 109.88 -17.50 71.30
C UNK B 3415 110.24 -18.53 70.24
N UNK B 3416 109.38 -19.51 70.00
CA UNK B 3416 109.65 -20.61 69.08
C UNK B 3416 109.36 -20.28 67.62
N UNK B 3417 109.20 -18.99 67.29
CA UNK B 3417 109.00 -18.60 65.90
C UNK B 3417 110.31 -18.46 65.15
N UNK B 3418 111.26 -17.70 65.73
CA UNK B 3418 112.55 -17.50 65.10
C UNK B 3418 113.43 -18.75 65.16
N UNK B 3419 113.11 -19.70 66.04
CA UNK B 3419 113.83 -20.97 66.07
C UNK B 3419 113.55 -21.82 64.84
N UNK B 3420 112.40 -21.65 64.19
CA UNK B 3420 112.05 -22.38 62.98
C UNK B 3420 112.66 -21.77 61.73
N UNK B 3421 113.47 -20.72 61.87
CA UNK B 3421 114.13 -20.10 60.72
C UNK B 3421 115.39 -20.86 60.35
N UNK B 3422 116.33 -20.95 61.28
CA UNK B 3422 117.64 -21.56 61.02
C UNK B 3422 117.66 -23.06 61.28
N UNK B 3423 116.51 -23.67 61.53
CA UNK B 3423 116.44 -25.10 61.77
C UNK B 3423 116.65 -25.85 60.47
N UNK B 3424 117.65 -26.72 60.44
CA UNK B 3424 117.96 -27.52 59.25
C UNK B 3424 116.86 -28.56 59.08
N UNK B 3425 115.97 -28.34 58.12
CA UNK B 3425 114.86 -29.26 57.91
C UNK B 3425 115.29 -30.54 57.20
N UNK B 3426 116.43 -30.52 56.49
CA UNK B 3426 116.94 -31.77 55.93
C UNK B 3426 117.42 -32.71 57.02
N UNK B 3427 118.16 -32.18 57.99
CA UNK B 3427 118.52 -32.94 59.18
C UNK B 3427 117.32 -33.25 60.05
N UNK B 3428 116.33 -32.35 60.08
CA UNK B 3428 115.13 -32.53 60.88
C UNK B 3428 113.97 -33.10 60.07
N UNK B 3429 114.26 -33.80 58.97
CA UNK B 3429 113.21 -34.57 58.31
C UNK B 3429 112.71 -35.70 59.20
N UNK B 3430 113.59 -36.27 60.02
CA UNK B 3430 113.15 -37.22 61.03
C UNK B 3430 112.32 -36.53 62.10
N UNK B 3431 112.67 -35.29 62.45
CA UNK B 3431 111.83 -34.53 63.37
C UNK B 3431 110.52 -34.12 62.72
N UNK B 3432 110.51 -33.97 61.39
CA UNK B 3432 109.27 -33.72 60.67
C UNK B 3432 108.41 -34.97 60.64
N UNK B 3433 109.02 -36.15 60.54
CA UNK B 3433 108.26 -37.38 60.68
C UNK B 3433 107.79 -37.60 62.11
N UNK B 3434 108.55 -37.12 63.09
CA UNK B 3434 108.12 -37.20 64.48
C UNK B 3434 106.98 -36.23 64.77
N UNK B 3435 107.06 -35.02 64.23
CA UNK B 3435 105.95 -34.09 64.32
C UNK B 3435 104.77 -34.57 63.48
N UNK B 3436 105.02 -35.34 62.43
CA UNK B 3436 103.95 -35.99 61.69
C UNK B 3436 103.31 -37.09 62.51
N UNK B 3437 104.09 -37.80 63.33
CA UNK B 3437 103.52 -38.77 64.24
C UNK B 3437 102.74 -38.09 65.35
N UNK B 3438 103.20 -36.94 65.82
CA UNK B 3438 102.45 -36.17 66.80
C UNK B 3438 101.17 -35.62 66.20
N UNK B 3439 101.22 -35.20 64.94
CA UNK B 3439 100.03 -34.75 64.23
C UNK B 3439 99.09 -35.90 63.92
N UNK B 3440 99.63 -37.11 63.74
CA UNK B 3440 98.79 -38.28 63.55
C UNK B 3440 98.13 -38.69 64.85
N UNK B 3441 98.82 -38.53 65.97
CA UNK B 3441 98.20 -38.72 67.27
C UNK B 3441 97.12 -37.68 67.54
N UNK B 3442 97.38 -36.43 67.16
CA UNK B 3442 96.36 -35.39 67.26
C UNK B 3442 95.19 -35.67 66.32
N UNK B 3443 95.47 -36.23 65.15
CA UNK B 3443 94.40 -36.57 64.20
C UNK B 3443 93.61 -37.77 64.66
N UNK B 3444 94.24 -38.70 65.37
CA UNK B 3444 93.52 -39.83 65.94
C UNK B 3444 92.65 -39.40 67.12
N UNK B 3445 93.18 -38.49 67.96
CA UNK B 3445 92.36 -37.91 69.03
C UNK B 3445 91.23 -37.07 68.47
N UNK B 3446 91.49 -36.35 67.38
CA UNK B 3446 90.45 -35.58 66.71
C UNK B 3446 89.46 -36.50 66.00
N UNK B 3447 89.91 -37.68 65.58
CA UNK B 3447 88.99 -38.64 64.98
C UNK B 3447 88.12 -39.29 66.04
N UNK B 3448 88.66 -39.50 67.24
CA UNK B 3448 87.85 -39.96 68.36
C UNK B 3448 86.83 -38.90 68.77
N UNK B 3449 87.26 -37.64 68.84
CA UNK B 3449 86.34 -36.55 69.12
C UNK B 3449 85.34 -36.34 67.99
N UNK B 3450 85.73 -36.65 66.75
CA UNK B 3450 84.82 -36.52 65.62
C UNK B 3450 83.81 -37.65 65.61
N UNK B 3451 84.21 -38.85 66.04
CA UNK B 3451 83.25 -39.92 66.25
C UNK B 3451 82.31 -39.59 67.39
N UNK B 3452 82.79 -38.91 68.42
CA UNK B 3452 81.92 -38.45 69.51
C UNK B 3452 80.94 -37.39 69.03
N UNK B 3453 81.39 -36.46 68.19
CA UNK B 3453 80.50 -35.42 67.68
C UNK B 3453 79.53 -35.96 66.64
N UNK B 3454 79.95 -36.97 65.88
CA UNK B 3454 79.04 -37.66 64.97
C UNK B 3454 78.08 -38.54 65.76
N UNK B 3455 78.44 -38.93 66.97
CA UNK B 3455 77.51 -39.53 67.91
C UNK B 3455 76.81 -38.46 68.74
N UNK B 3456 76.28 -37.46 68.05
CA UNK B 3456 75.28 -36.54 68.58
C UNK B 3456 73.91 -37.17 68.46
N UNK B 3457 73.66 -38.13 69.33
CA UNK B 3457 72.51 -39.04 69.25
C UNK B 3457 71.26 -38.34 69.79
N UNK B 3458 70.24 -39.12 70.12
CA UNK B 3458 68.98 -38.67 70.74
C UNK B 3458 69.28 -37.92 72.05
N UNK B 3459 68.30 -37.17 72.54
CA UNK B 3459 68.52 -35.93 73.29
C UNK B 3459 69.19 -36.15 74.64
N UNK B 3460 70.49 -36.45 74.63
CA UNK B 3460 71.28 -36.41 75.86
C UNK B 3460 72.13 -35.14 75.87
N UNK B 3461 72.05 -34.38 76.96
CA UNK B 3461 72.69 -33.08 77.06
C UNK B 3461 74.13 -33.18 77.57
N UNK B 3462 74.74 -34.35 77.46
CA UNK B 3462 76.11 -34.56 77.89
C UNK B 3462 77.13 -34.20 76.83
N UNK B 3463 76.67 -33.96 75.60
CA UNK B 3463 77.58 -33.62 74.50
C UNK B 3463 78.16 -32.22 74.63
N UNK B 3464 77.41 -31.30 75.25
CA UNK B 3464 77.85 -29.92 75.41
C UNK B 3464 79.02 -29.77 76.38
N UNK B 3465 79.16 -30.68 77.33
CA UNK B 3465 80.28 -30.65 78.25
C UNK B 3465 81.44 -31.52 77.77
N UNK B 3466 81.28 -32.24 76.66
CA UNK B 3466 82.31 -33.14 76.17
C UNK B 3466 82.95 -32.64 74.88
N UNK B 3467 82.15 -32.36 73.85
CA UNK B 3467 82.70 -31.89 72.59
C UNK B 3467 83.30 -30.50 72.69
N UNK B 3468 82.63 -29.59 73.40
CA UNK B 3468 83.19 -28.25 73.62
C UNK B 3468 84.45 -28.30 74.48
N UNK B 3469 84.54 -29.24 75.41
CA UNK B 3469 85.75 -29.42 76.20
C UNK B 3469 86.90 -29.99 75.38
N UNK B 3470 86.63 -31.01 74.55
CA UNK B 3470 87.67 -31.61 73.73
C UNK B 3470 88.13 -30.67 72.63
N UNK B 3471 87.25 -29.78 72.18
CA UNK B 3471 87.65 -28.77 71.20
C UNK B 3471 88.54 -27.70 71.82
N UNK B 3472 88.16 -27.17 72.97
CA UNK B 3472 88.95 -26.13 73.62
C UNK B 3472 90.24 -26.67 74.20
N UNK B 3473 90.32 -27.98 74.47
CA UNK B 3473 91.59 -28.57 74.88
C UNK B 3473 92.60 -28.54 73.75
N UNK B 3474 92.20 -28.97 72.55
CA UNK B 3474 93.09 -28.96 71.39
C UNK B 3474 93.23 -27.59 70.75
N UNK B 3475 92.41 -26.62 71.18
CA UNK B 3475 92.47 -25.25 70.65
C UNK B 3475 93.84 -24.62 70.87
N UNK B 3476 94.25 -24.47 72.12
CA UNK B 3476 95.54 -23.89 72.44
C UNK B 3476 96.70 -24.80 72.04
N UNK B 3477 96.45 -26.10 71.85
CA UNK B 3477 97.47 -27.00 71.35
C UNK B 3477 97.78 -26.70 69.88
N UNK B 3478 96.76 -26.73 69.04
CA UNK B 3478 96.93 -26.47 67.62
C UNK B 3478 97.34 -25.04 67.33
N UNK B 3479 96.89 -24.08 68.17
CA UNK B 3479 97.29 -22.69 67.99
C UNK B 3479 98.78 -22.49 68.21
N UNK B 3480 99.34 -23.13 69.22
CA UNK B 3480 100.78 -23.11 69.43
C UNK B 3480 101.52 -23.95 68.40
N UNK B 3481 100.91 -25.02 67.90
CA UNK B 3481 101.57 -25.89 66.93
C UNK B 3481 101.74 -25.21 65.58
N UNK B 3482 100.70 -24.48 65.14
CA UNK B 3482 100.73 -23.86 63.83
C UNK B 3482 101.76 -22.74 63.73
N UNK B 3483 102.00 -22.03 64.83
CA UNK B 3483 102.97 -20.93 64.82
C UNK B 3483 104.38 -21.43 64.60
N UNK B 3484 104.76 -22.54 65.24
CA UNK B 3484 106.04 -23.16 64.98
C UNK B 3484 106.09 -23.87 63.64
N UNK B 3485 104.99 -24.50 63.21
CA UNK B 3485 104.98 -25.23 61.96
C UNK B 3485 105.01 -24.33 60.74
N UNK B 3486 104.55 -23.08 60.87
CA UNK B 3486 104.44 -22.20 59.71
C UNK B 3486 105.81 -21.72 59.24
N UNK B 3487 106.62 -21.21 60.17
CA UNK B 3487 107.94 -20.73 59.82
C UNK B 3487 108.89 -21.87 59.46
N UNK B 3488 108.62 -23.08 59.94
CA UNK B 3488 109.40 -24.23 59.50
C UNK B 3488 109.05 -24.61 58.07
N UNK B 3489 107.76 -24.59 57.73
CA UNK B 3489 107.34 -24.98 56.39
C UNK B 3489 107.69 -23.91 55.36
N UNK B 3490 107.55 -22.63 55.73
CA UNK B 3490 107.86 -21.54 54.82
C UNK B 3490 109.35 -21.45 54.51
N UNK B 3491 110.21 -21.72 55.50
CA UNK B 3491 111.64 -21.77 55.25
C UNK B 3491 112.04 -23.00 54.45
N UNK B 3492 111.33 -24.10 54.63
CA UNK B 3492 111.67 -25.33 53.91
C UNK B 3492 110.82 -25.47 52.65
N UNK B 3493 110.13 -24.38 52.28
CA UNK B 3493 109.28 -24.41 51.11
C UNK B 3493 110.09 -24.56 49.82
N UNK B 3494 111.26 -23.92 49.76
CA UNK B 3494 112.07 -23.97 48.55
C UNK B 3494 112.65 -25.36 48.33
N UNK B 3495 113.18 -25.98 49.40
CA UNK B 3495 113.74 -27.32 49.27
C UNK B 3495 112.67 -28.36 49.00
N UNK B 3496 111.52 -28.25 49.66
CA UNK B 3496 110.42 -29.17 49.42
C UNK B 3496 109.73 -28.92 48.10
N UNK B 3497 109.93 -27.76 47.49
CA UNK B 3497 109.38 -27.47 46.18
C UNK B 3497 110.35 -27.79 45.05
N UNK B 3498 111.65 -27.87 45.34
CA UNK B 3498 112.62 -28.12 44.29
C UNK B 3498 112.55 -29.55 43.80
N UNK B 3499 112.85 -30.52 44.67
CA UNK B 3499 112.75 -31.91 44.26
C UNK B 3499 111.85 -32.74 45.16
N UNK B 3500 112.14 -32.75 46.45
CA UNK B 3500 111.60 -33.77 47.34
C UNK B 3500 110.25 -33.37 47.91
N UNK B 3501 109.26 -34.23 47.73
CA UNK B 3501 107.91 -33.95 48.23
C UNK B 3501 107.29 -35.17 48.89
N UNK B 3502 108.02 -36.29 48.92
CA UNK B 3502 107.46 -37.52 49.48
C UNK B 3502 107.33 -37.45 50.99
N UNK B 3503 108.28 -36.80 51.67
CA UNK B 3503 108.11 -36.54 53.09
C UNK B 3503 106.99 -35.54 53.32
N UNK B 3504 106.80 -34.61 52.40
CA UNK B 3504 105.69 -33.68 52.43
C UNK B 3504 104.41 -34.30 51.89
N UNK B 3505 104.50 -35.44 51.19
CA UNK B 3505 103.30 -36.12 50.75
C UNK B 3505 102.50 -36.67 51.92
N UNK B 3506 103.19 -37.24 52.91
CA UNK B 3506 102.52 -37.68 54.12
C UNK B 3506 101.97 -36.50 54.92
N UNK B 3507 102.68 -35.36 54.89
CA UNK B 3507 102.20 -34.17 55.58
C UNK B 3507 100.94 -33.61 54.95
N UNK B 3508 100.90 -33.58 53.61
CA UNK B 3508 99.70 -33.17 52.92
C UNK B 3508 98.56 -34.17 53.09
N UNK B 3509 98.88 -35.46 53.20
CA UNK B 3509 97.86 -36.45 53.45
C UNK B 3509 97.29 -36.34 54.85
N UNK B 3510 98.12 -35.95 55.83
CA UNK B 3510 97.68 -35.82 57.20
C UNK B 3510 97.09 -34.45 57.50
N UNK B 3511 97.30 -33.47 56.63
CA UNK B 3511 96.78 -32.12 56.81
C UNK B 3511 95.32 -32.00 56.42
N UNK B 3512 94.46 -32.86 56.94
CA UNK B 3512 93.03 -32.78 56.72
C UNK B 3512 92.29 -32.22 57.93
N UNK B 3513 93.02 -31.64 58.88
CA UNK B 3513 92.41 -31.20 60.13
C UNK B 3513 91.57 -29.95 59.93
N UNK B 3514 91.95 -29.09 58.98
CA UNK B 3514 91.13 -27.93 58.69
C UNK B 3514 89.83 -28.32 58.00
N UNK B 3515 89.89 -29.29 57.08
CA UNK B 3515 88.68 -29.79 56.45
C UNK B 3515 87.82 -30.57 57.43
N UNK B 3516 88.44 -31.18 58.43
CA UNK B 3516 87.68 -31.91 59.44
C UNK B 3516 87.03 -30.97 60.46
N UNK B 3517 87.84 -30.28 61.26
CA UNK B 3517 87.34 -29.57 62.44
C UNK B 3517 86.75 -28.22 62.07
N UNK B 3518 87.58 -27.31 61.58
CA UNK B 3518 87.06 -26.01 61.21
C UNK B 3518 86.70 -25.91 59.73
N UNK B 3519 86.04 -26.92 59.19
CA UNK B 3519 85.23 -26.75 58.00
C UNK B 3519 83.83 -27.28 58.28
N UNK B 3520 83.79 -28.49 58.82
CA UNK B 3520 82.52 -29.13 59.14
C UNK B 3520 82.40 -29.28 60.65
N UNK B 3521 81.19 -29.06 61.17
CA UNK B 3521 80.89 -28.95 62.59
C UNK B 3521 81.80 -27.92 63.26
N UNK B 3522 81.94 -26.77 62.60
CA UNK B 3522 82.82 -25.71 63.05
C UNK B 3522 82.15 -24.76 64.03
N UNK B 3523 81.04 -25.17 64.66
CA UNK B 3523 80.51 -24.39 65.77
C UNK B 3523 81.32 -24.62 67.03
N UNK B 3524 81.59 -25.89 67.36
CA UNK B 3524 82.49 -26.22 68.45
C UNK B 3524 83.95 -25.95 68.09
N UNK B 3525 84.30 -26.04 66.81
CA UNK B 3525 85.61 -25.56 66.38
C UNK B 3525 85.66 -24.04 66.36
N UNK B 3526 84.51 -23.39 66.32
CA UNK B 3526 84.40 -21.95 66.46
C UNK B 3526 84.16 -21.55 67.91
N UNK B 3527 83.91 -22.52 68.78
CA UNK B 3527 83.94 -22.31 70.21
C UNK B 3527 85.36 -22.24 70.75
N UNK B 3528 86.35 -22.60 69.93
CA UNK B 3528 87.76 -22.38 70.21
C UNK B 3528 88.15 -20.91 70.14
N UNK B 3529 87.28 -20.07 69.56
CA UNK B 3529 87.50 -18.63 69.57
C UNK B 3529 87.44 -18.06 70.99
N UNK B 3530 86.71 -18.73 71.89
CA UNK B 3530 86.74 -18.32 73.29
C UNK B 3530 88.11 -18.58 73.91
N UNK B 3531 88.73 -19.72 73.58
CA UNK B 3531 90.08 -20.00 74.03
C UNK B 3531 91.08 -19.04 73.39
N UNK B 3532 90.86 -18.69 72.13
CA UNK B 3532 91.72 -17.72 71.46
C UNK B 3532 91.58 -16.31 72.02
N UNK B 3533 90.37 -15.93 72.42
CA UNK B 3533 90.12 -14.64 73.04
C UNK B 3533 90.64 -14.58 74.46
N UNK B 3534 90.61 -15.69 75.19
CA UNK B 3534 91.30 -15.78 76.46
C UNK B 3534 92.81 -15.69 76.25
N UNK B 3535 93.29 -16.21 75.11
CA UNK B 3535 94.69 -16.08 74.74
C UNK B 3535 94.97 -14.67 74.22
N UNK B 3536 88.25 -12.40 62.32
CA UNK B 3536 88.82 -12.78 61.02
C UNK B 3536 89.33 -14.21 61.06
N UNK B 3537 89.92 -14.65 59.96
CA UNK B 3537 90.51 -15.98 59.90
C UNK B 3537 91.75 -16.04 60.78
N UNK B 3538 91.85 -17.11 61.55
CA UNK B 3538 92.95 -17.24 62.50
C UNK B 3538 93.73 -18.50 62.15
N UNK B 3539 94.57 -18.38 61.11
CA UNK B 3539 95.67 -19.28 60.79
C UNK B 3539 95.26 -20.69 60.36
N UNK B 3540 93.98 -21.02 60.41
CA UNK B 3540 93.56 -22.37 60.04
C UNK B 3540 93.56 -22.53 58.54
N UNK B 3541 92.84 -21.67 57.83
CA UNK B 3541 92.91 -21.65 56.38
C UNK B 3541 94.24 -21.09 55.89
N UNK B 3542 94.85 -20.18 56.65
CA UNK B 3542 96.15 -19.64 56.31
C UNK B 3542 97.25 -20.68 56.36
N UNK B 3543 97.11 -21.69 57.20
CA UNK B 3543 97.99 -22.86 57.12
C UNK B 3543 97.74 -23.62 55.83
N UNK B 3544 96.47 -23.84 55.49
CA UNK B 3544 96.13 -24.42 54.19
C UNK B 3544 96.47 -23.49 53.04
N UNK B 3545 96.41 -22.17 53.26
CA UNK B 3545 96.87 -21.25 52.24
C UNK B 3545 98.38 -21.31 52.07
N UNK B 3546 99.11 -21.69 53.13
CA UNK B 3546 100.54 -21.88 53.07
C UNK B 3546 100.93 -23.31 52.69
N UNK B 3547 99.95 -24.17 52.45
CA UNK B 3547 100.24 -25.56 52.12
C UNK B 3547 99.63 -26.01 50.80
N UNK B 3548 98.68 -25.27 50.25
CA UNK B 3548 97.99 -25.72 49.04
C UNK B 3548 98.84 -25.57 47.79
N UNK B 3549 99.88 -24.74 47.82
CA UNK B 3549 100.71 -24.53 46.64
C UNK B 3549 101.49 -25.80 46.29
N UNK B 3550 102.23 -26.34 47.24
CA UNK B 3550 102.94 -27.59 47.01
C UNK B 3550 101.99 -28.77 46.91
N UNK B 3551 100.80 -28.67 47.50
CA UNK B 3551 99.80 -29.73 47.38
C UNK B 3551 99.27 -29.82 45.96
N UNK B 3552 98.86 -28.69 45.38
CA UNK B 3552 98.43 -28.63 44.01
C UNK B 3552 99.59 -28.81 43.02
N UNK B 3553 100.83 -28.54 43.47
CA UNK B 3553 101.99 -28.85 42.65
C UNK B 3553 102.14 -30.36 42.49
N UNK B 3554 101.85 -31.11 43.54
CA UNK B 3554 101.95 -32.56 43.52
C UNK B 3554 100.60 -33.23 43.32
N UNK B 3555 99.56 -32.47 42.98
CA UNK B 3555 98.23 -33.04 42.80
C UNK B 3555 98.15 -33.88 41.53
N UNK B 3556 98.56 -33.29 40.41
CA UNK B 3556 98.55 -33.99 39.14
C UNK B 3556 99.55 -33.34 38.20
N UNK B 3557 100.19 -34.17 37.39
CA UNK B 3557 100.80 -33.72 36.14
C UNK B 3557 99.72 -33.08 35.28
N UNK B 3558 100.06 -31.97 34.66
CA UNK B 3558 99.08 -31.03 34.12
C UNK B 3558 98.42 -31.59 32.85
N UNK B 3559 97.48 -30.82 32.31
CA UNK B 3559 96.67 -31.10 31.11
C UNK B 3559 95.74 -32.30 31.28
N UNK B 3560 95.57 -32.80 32.51
CA UNK B 3560 94.36 -33.55 32.80
C UNK B 3560 93.58 -32.83 33.89
N UNK B 3561 94.19 -32.71 35.07
CA UNK B 3561 93.88 -31.79 36.16
C UNK B 3561 92.53 -32.01 36.86
N UNK B 3562 91.63 -32.76 36.23
CA UNK B 3562 90.35 -33.28 36.76
C UNK B 3562 89.51 -32.24 37.52
N UNK B 3563 89.67 -30.95 37.22
CA UNK B 3563 89.33 -29.91 38.19
C UNK B 3563 87.83 -29.70 38.32
N UNK B 3564 87.17 -29.22 37.27
CA UNK B 3564 85.72 -29.09 37.30
C UNK B 3564 85.05 -30.45 37.17
N UNK B 3565 85.79 -31.45 36.70
CA UNK B 3565 85.27 -32.82 36.66
C UNK B 3565 85.03 -33.37 38.06
N UNK B 3566 85.84 -32.95 39.03
CA UNK B 3566 85.72 -33.46 40.39
C UNK B 3566 85.05 -32.46 41.34
N UNK B 3567 85.18 -31.15 41.08
CA UNK B 3567 84.68 -30.16 42.02
C UNK B 3567 83.15 -30.12 42.05
N UNK B 3568 82.52 -30.40 40.91
CA UNK B 3568 81.06 -30.45 40.86
C UNK B 3568 80.49 -31.66 41.59
N UNK B 3569 81.11 -32.83 41.43
CA UNK B 3569 80.64 -34.02 42.13
C UNK B 3569 80.92 -33.92 43.62
N UNK B 3570 82.01 -33.25 44.00
CA UNK B 3570 82.30 -33.02 45.41
C UNK B 3570 81.44 -31.92 46.02
N UNK B 3571 80.95 -30.98 45.21
CA UNK B 3571 80.01 -29.98 45.70
C UNK B 3571 78.63 -30.57 45.96
N UNK B 3572 78.32 -31.72 45.37
CA UNK B 3572 77.07 -32.42 45.59
C UNK B 3572 77.08 -33.30 46.84
N UNK B 3573 78.10 -33.14 47.69
CA UNK B 3573 78.27 -33.85 48.96
C UNK B 3573 78.32 -35.37 48.77
N UNK B 3574 78.93 -35.80 47.67
CA UNK B 3574 79.17 -37.22 47.41
C UNK B 3574 80.28 -37.68 48.36
N UNK B 3575 80.16 -38.92 48.83
CA UNK B 3575 81.12 -39.50 49.76
C UNK B 3575 82.47 -39.73 49.09
N UNK B 3576 83.52 -39.87 49.89
CA UNK B 3576 84.87 -40.09 49.39
C UNK B 3576 85.04 -41.42 48.67
N UNK B 3577 84.47 -42.50 49.20
CA UNK B 3577 84.44 -43.75 48.44
C UNK B 3577 83.54 -43.63 47.23
N UNK B 3578 82.46 -42.85 47.34
CA UNK B 3578 81.64 -42.57 46.18
C UNK B 3578 82.35 -41.69 45.18
N UNK B 3579 83.22 -40.78 45.65
CA UNK B 3579 84.03 -39.97 44.74
C UNK B 3579 85.06 -40.83 44.03
N UNK B 3580 85.69 -41.77 44.74
CA UNK B 3580 86.60 -42.72 44.13
C UNK B 3580 85.90 -43.64 43.13
N UNK B 3581 84.68 -44.06 43.43
CA UNK B 3581 83.89 -44.86 42.50
C UNK B 3581 83.49 -44.05 41.27
N UNK B 3582 83.19 -42.76 41.44
CA UNK B 3582 82.89 -41.92 40.29
C UNK B 3582 84.13 -41.67 39.44
N UNK B 3583 85.30 -41.54 40.07
CA UNK B 3583 86.53 -41.36 39.32
C UNK B 3583 86.94 -42.63 38.58
N UNK B 3584 86.66 -43.79 39.18
CA UNK B 3584 87.00 -45.05 38.52
C UNK B 3584 86.01 -45.38 37.41
N UNK B 3585 84.73 -45.49 37.76
CA UNK B 3585 83.68 -45.88 36.82
C UNK B 3585 83.39 -44.80 35.79
N UNK B 3586 83.72 -43.54 36.09
CA UNK B 3586 83.71 -42.49 35.10
C UNK B 3586 85.06 -42.33 34.44
N UNK B 3587 85.19 -42.74 33.18
CA UNK B 3587 86.47 -42.81 32.49
C UNK B 3587 87.11 -41.45 32.35
N UNK B 3588 88.42 -41.38 32.60
CA UNK B 3588 89.15 -40.13 32.55
C UNK B 3588 89.38 -39.75 31.09
N UNK B 3589 89.75 -38.50 30.88
CA UNK B 3589 89.99 -38.00 29.54
C UNK B 3589 91.04 -36.90 29.61
N UNK B 3590 92.00 -36.94 28.69
CA UNK B 3590 93.04 -35.93 28.63
C UNK B 3590 93.49 -35.81 27.18
N UNK B 3591 93.44 -34.59 26.63
CA UNK B 3591 93.79 -34.36 25.23
C UNK B 3591 94.86 -33.29 25.10
N UNK B 3592 95.12 -32.84 23.89
CA UNK B 3592 96.13 -31.83 23.60
C UNK B 3592 95.47 -30.47 23.47
N UNK B 3593 96.07 -29.46 24.12
CA UNK B 3593 95.55 -28.10 24.04
C UNK B 3593 96.68 -27.09 24.11
N UNK B 3594 96.34 -25.80 24.09
CA UNK B 3594 97.32 -24.74 24.23
C UNK B 3594 97.86 -24.61 25.64
N UNK B 3595 97.01 -24.78 26.66
CA UNK B 3595 97.47 -24.79 28.04
C UNK B 3595 98.27 -26.03 28.37
N UNK B 3596 98.14 -27.10 27.57
CA UNK B 3596 98.98 -28.27 27.74
C UNK B 3596 100.44 -27.93 27.51
N UNK B 3597 100.76 -27.28 26.40
CA UNK B 3597 102.11 -26.80 26.14
C UNK B 3597 102.55 -25.72 27.12
N UNK B 3598 101.60 -24.97 27.69
CA UNK B 3598 101.92 -23.98 28.71
C UNK B 3598 102.36 -24.63 30.01
N UNK B 3599 101.61 -25.62 30.49
CA UNK B 3599 101.83 -26.17 31.82
C UNK B 3599 102.46 -27.55 31.80
N UNK B 3600 101.84 -28.51 31.13
CA UNK B 3600 102.25 -29.91 31.20
C UNK B 3600 103.58 -30.18 30.52
N UNK B 3601 103.94 -29.37 29.53
CA UNK B 3601 105.25 -29.51 28.89
C UNK B 3601 106.37 -29.25 29.89
N UNK B 3602 106.16 -28.31 30.82
CA UNK B 3602 107.09 -28.12 31.91
C UNK B 3602 106.87 -29.12 33.03
N UNK B 3603 105.62 -29.51 33.26
CA UNK B 3603 105.28 -30.34 34.40
C UNK B 3603 105.79 -31.76 34.27
N UNK B 3604 105.57 -32.39 33.12
CA UNK B 3604 106.07 -33.73 32.86
C UNK B 3604 107.59 -33.78 32.80
N UNK B 3605 108.24 -32.71 32.35
CA UNK B 3605 109.69 -32.63 32.37
C UNK B 3605 110.26 -32.45 33.76
N UNK B 3606 109.67 -31.57 34.57
CA UNK B 3606 110.18 -31.31 35.91
C UNK B 3606 109.77 -32.38 36.91
N UNK B 3607 108.77 -33.20 36.58
CA UNK B 3607 108.43 -34.33 37.44
C UNK B 3607 109.54 -35.36 37.36
N UNK B 3608 109.77 -35.88 36.15
CA UNK B 3608 110.76 -36.92 35.86
C UNK B 3608 110.58 -38.15 36.76
N UNK B 3609 109.32 -38.50 37.00
CA UNK B 3609 109.00 -39.54 37.97
C UNK B 3609 108.09 -40.60 37.37
N UNK B 3610 107.58 -41.50 38.20
CA UNK B 3610 106.73 -42.59 37.77
C UNK B 3610 105.28 -42.11 37.66
N UNK B 3611 104.39 -43.05 37.34
CA UNK B 3611 102.98 -42.76 37.18
C UNK B 3611 102.17 -44.02 37.42
N UNK B 3612 100.94 -43.84 37.89
CA UNK B 3612 100.02 -44.95 38.09
C UNK B 3612 98.62 -44.50 37.76
N UNK B 3613 97.68 -45.44 37.80
CA UNK B 3613 96.28 -45.11 37.58
C UNK B 3613 95.48 -45.10 38.87
N UNK B 3614 95.75 -46.05 39.76
CA UNK B 3614 95.11 -46.05 41.07
C UNK B 3614 95.68 -44.97 41.98
N UNK B 3615 96.99 -44.73 41.91
CA UNK B 3615 97.58 -43.62 42.64
C UNK B 3615 97.16 -42.28 42.09
N UNK B 3616 96.94 -42.18 40.78
CA UNK B 3616 96.36 -40.97 40.21
C UNK B 3616 94.95 -40.75 40.72
N UNK B 3617 94.18 -41.83 40.89
CA UNK B 3617 92.87 -41.73 41.51
C UNK B 3617 92.95 -41.31 42.96
N UNK B 3618 93.87 -41.88 43.73
CA UNK B 3618 93.96 -41.62 45.17
C UNK B 3618 94.45 -40.21 45.47
N UNK B 3619 95.49 -39.76 44.76
CA UNK B 3619 96.05 -38.43 45.01
C UNK B 3619 95.09 -37.35 44.56
N UNK B 3620 94.36 -37.56 43.47
CA UNK B 3620 93.38 -36.56 43.04
C UNK B 3620 92.14 -36.59 43.92
N UNK B 3621 91.78 -37.78 44.43
CA UNK B 3621 90.63 -37.88 45.31
C UNK B 3621 90.90 -37.28 46.67
N UNK B 3622 92.14 -37.35 47.14
CA UNK B 3622 92.50 -36.67 48.38
C UNK B 3622 92.48 -35.16 48.18
N UNK B 3623 92.90 -34.69 47.01
CA UNK B 3623 93.00 -33.27 46.75
C UNK B 3623 91.66 -32.62 46.43
N UNK B 3624 90.78 -33.32 45.72
CA UNK B 3624 89.61 -32.69 45.13
C UNK B 3624 88.55 -32.37 46.18
N UNK B 3625 88.30 -33.31 47.08
CA UNK B 3625 87.33 -33.08 48.15
C UNK B 3625 87.81 -32.02 49.12
N UNK B 3626 89.11 -32.00 49.44
CA UNK B 3626 89.65 -30.95 50.29
C UNK B 3626 89.61 -29.61 49.59
N UNK B 3627 89.79 -29.61 48.27
CA UNK B 3627 89.73 -28.37 47.52
C UNK B 3627 88.31 -27.83 47.43
N UNK B 3628 87.33 -28.73 47.29
CA UNK B 3628 85.94 -28.29 47.28
C UNK B 3628 85.50 -27.80 48.64
N UNK B 3629 85.97 -28.46 49.71
CA UNK B 3629 85.72 -27.99 51.06
C UNK B 3629 86.39 -26.65 51.31
N UNK B 3630 87.59 -26.45 50.78
CA UNK B 3630 88.28 -25.17 50.93
C UNK B 3630 87.59 -24.07 50.15
N UNK B 3631 87.08 -24.39 48.96
CA UNK B 3631 86.33 -23.41 48.18
C UNK B 3631 85.02 -23.06 48.86
N UNK B 3632 84.34 -24.06 49.45
CA UNK B 3632 83.11 -23.78 50.17
C UNK B 3632 83.37 -23.00 51.45
N UNK B 3633 84.50 -23.24 52.11
CA UNK B 3633 84.86 -22.53 53.32
C UNK B 3633 85.70 -21.30 53.03
N UNK B 3634 85.87 -20.96 51.76
CA UNK B 3634 86.55 -19.74 51.36
C UNK B 3634 85.63 -18.79 50.62
N UNK B 3635 84.94 -19.27 49.59
CA UNK B 3635 84.04 -18.40 48.84
C UNK B 3635 82.81 -18.01 49.65
N UNK B 3636 82.30 -18.90 50.48
CA UNK B 3636 81.26 -18.48 51.42
C UNK B 3636 81.85 -17.75 52.61
N UNK B 3637 83.14 -17.93 52.89
CA UNK B 3637 83.79 -17.06 53.86
C UNK B 3637 84.03 -15.68 53.26
N UNK B 3638 84.28 -15.61 51.96
CA UNK B 3638 84.41 -14.33 51.29
C UNK B 3638 83.07 -13.88 50.72
N THR B 3639 55.81 0.82 85.15
CA THR B 3639 55.48 1.11 86.53
C THR B 3639 54.66 -0.03 87.14
N PRO B 3640 54.89 -0.31 88.42
CA PRO B 3640 54.13 -1.35 89.10
C PRO B 3640 52.82 -0.78 89.65
N LEU B 3641 52.00 -1.66 90.23
CA LEU B 3641 50.69 -1.22 90.70
C LEU B 3641 50.79 -0.41 91.99
N TYR B 3642 51.75 -0.76 92.84
CA TYR B 3642 52.03 0.03 94.04
C TYR B 3642 52.75 1.32 93.63
N ASN B 3643 53.24 2.06 94.64
CA ASN B 3643 53.87 3.39 94.59
C ASN B 3643 53.17 4.35 93.64
N LEU B 3644 51.84 4.32 93.66
CA LEU B 3644 50.96 5.02 92.75
C LEU B 3644 49.96 5.84 93.56
N PRO B 3645 49.52 6.99 93.06
CA PRO B 3645 48.48 7.75 93.76
C PRO B 3645 47.18 6.96 93.81
N THR B 3646 46.52 7.00 94.97
CA THR B 3646 45.45 6.06 95.25
C THR B 3646 44.15 6.48 94.57
N HIS B 3647 43.81 7.78 94.63
CA HIS B 3647 42.64 8.28 93.92
C HIS B 3647 42.82 8.15 92.41
N ARG B 3648 44.05 8.36 91.93
CA ARG B 3648 44.37 8.19 90.52
C ARG B 3648 44.24 6.75 90.09
N ALA B 3649 44.75 5.83 90.91
CA ALA B 3649 44.64 4.41 90.65
C ALA B 3649 43.18 3.95 90.73
N CYS B 3650 42.41 4.55 91.63
CA CYS B 3650 41.00 4.20 91.75
C CYS B 3650 40.22 4.65 90.53
N ASN B 3651 40.51 5.86 90.03
CA ASN B 3651 39.87 6.32 88.81
C ASN B 3651 40.28 5.49 87.60
N MET B 3652 41.57 5.14 87.51
CA MET B 3652 42.06 4.29 86.43
C MET B 3652 41.44 2.91 86.46
N PHE B 3653 41.40 2.27 87.62
CA PHE B 3653 40.77 0.96 87.76
C PHE B 3653 39.26 1.04 87.56
N LEU B 3654 38.66 2.16 87.99
CA LEU B 3654 37.25 2.39 87.79
C LEU B 3654 36.89 2.41 86.32
N GLU B 3655 37.75 3.03 85.51
CA GLU B 3655 37.60 2.87 84.07
C GLU B 3655 37.96 1.45 83.65
N SER B 3656 38.95 0.85 84.33
CA SER B 3656 39.47 -0.46 83.98
C SER B 3656 38.67 -1.61 84.57
N TYR B 3657 37.38 -1.38 84.85
CA TYR B 3657 36.40 -2.39 85.18
C TYR B 3657 35.74 -3.01 83.92
N LYS B 3658 36.43 -2.90 82.78
CA LYS B 3658 35.78 -2.89 81.47
C LYS B 3658 35.19 -4.24 81.09
N ALA B 3659 35.93 -5.33 81.28
CA ALA B 3659 35.35 -6.62 80.92
C ALA B 3659 34.31 -7.06 81.93
N ALA B 3660 34.43 -6.60 83.18
CA ALA B 3660 33.41 -6.86 84.17
C ALA B 3660 32.31 -5.81 84.14
N TRP B 3661 32.23 -5.01 83.08
CA TRP B 3661 31.10 -4.12 82.87
C TRP B 3661 29.85 -4.90 82.51
N ILE B 3662 28.83 -4.14 82.12
CA ILE B 3662 27.49 -4.66 81.85
C ILE B 3662 27.38 -5.20 80.43
N LEU B 3663 28.52 -5.33 79.75
CA LEU B 3663 28.59 -5.92 78.42
C LEU B 3663 28.48 -7.45 78.46
N THR B 3664 27.42 -7.94 79.10
CA THR B 3664 27.07 -9.34 79.18
C THR B 3664 25.66 -9.52 78.63
N GLU B 3665 25.22 -10.76 78.55
CA GLU B 3665 23.87 -11.03 78.06
C GLU B 3665 22.87 -10.71 79.16
N ASP B 3666 22.12 -9.63 78.95
CA ASP B 3666 21.17 -9.20 79.97
C ASP B 3666 19.89 -10.02 79.92
N HIS B 3667 19.15 -9.89 78.82
CA HIS B 3667 17.96 -10.64 78.42
C HIS B 3667 16.72 -10.31 79.28
N SER B 3668 16.85 -9.50 80.32
CA SER B 3668 15.79 -9.40 81.31
C SER B 3668 14.60 -8.56 80.88
N PHE B 3669 14.79 -7.58 80.01
CA PHE B 3669 13.74 -6.60 79.77
C PHE B 3669 13.41 -6.45 78.28
N GLU B 3670 13.56 -7.52 77.52
CA GLU B 3670 13.20 -7.49 76.11
C GLU B 3670 11.85 -8.16 75.87
N ASP B 3671 11.68 -9.40 76.33
CA ASP B 3671 10.38 -10.03 76.23
C ASP B 3671 9.42 -9.43 77.26
N ARG B 3672 9.87 -9.37 78.51
CA ARG B 3672 9.03 -9.02 79.65
C ARG B 3672 8.46 -7.61 79.53
N MET B 3673 9.25 -6.69 79.01
CA MET B 3673 8.82 -5.31 78.93
C MET B 3673 7.81 -5.11 77.80
N ILE B 3674 7.72 -6.07 76.88
CA ILE B 3674 6.74 -6.01 75.81
C ILE B 3674 5.49 -6.79 76.17
N ASP B 3675 5.64 -7.83 77.00
CA ASP B 3675 4.54 -8.69 77.40
C ASP B 3675 3.39 -7.90 78.01
N ASP B 3676 3.70 -7.19 79.09
CA ASP B 3676 2.79 -6.32 79.81
C ASP B 3676 2.19 -5.21 78.96
N LEU B 3677 2.97 -4.53 78.12
CA LEU B 3677 2.48 -3.40 77.34
C LEU B 3677 1.39 -3.78 76.36
N SER B 3678 1.43 -5.00 75.86
CA SER B 3678 0.40 -5.53 75.01
C SER B 3678 -0.64 -6.27 75.85
N LYS B 3679 -0.24 -6.70 77.05
CA LYS B 3679 -1.06 -7.65 77.79
C LYS B 3679 -1.96 -6.94 78.79
N ALA B 3680 -1.47 -5.84 79.38
CA ALA B 3680 -2.25 -5.14 80.40
C ALA B 3680 -3.47 -4.43 79.83
N GLY B 3681 -3.52 -4.24 78.51
CA GLY B 3681 -4.72 -3.69 77.89
C GLY B 3681 -5.90 -4.65 77.85
N GLU B 3682 -5.67 -5.92 78.21
CA GLU B 3682 -6.72 -6.95 78.21
C GLU B 3682 -7.29 -7.19 79.60
N GLN B 3683 -7.44 -6.15 80.40
CA GLN B 3683 -7.99 -6.29 81.74
C GLN B 3683 -9.50 -6.54 81.66
N GLU B 3684 -9.92 -7.74 82.07
CA GLU B 3684 -11.35 -8.08 82.02
C GLU B 3684 -12.12 -7.41 83.15
N GLU B 3685 -11.43 -7.04 84.24
CA GLU B 3685 -12.08 -6.28 85.30
C GLU B 3685 -12.41 -4.87 84.83
N GLU B 3686 -11.61 -4.31 83.92
CA GLU B 3686 -11.91 -3.05 83.27
C GLU B 3686 -12.68 -3.31 81.97
N GLU B 3687 -13.76 -4.07 82.11
CA GLU B 3687 -14.61 -4.40 80.96
C GLU B 3687 -16.03 -4.56 81.51
N GLU B 3688 -16.83 -3.51 81.38
CA GLU B 3688 -18.22 -3.53 81.83
C GLU B 3688 -19.01 -2.58 80.95
N GLU B 3689 -19.62 -3.14 79.89
CA GLU B 3689 -20.47 -2.42 78.93
C GLU B 3689 -19.75 -1.24 78.28
N VAL B 3690 -18.56 -1.52 77.75
CA VAL B 3690 -17.74 -0.46 77.16
C VAL B 3690 -18.27 -0.08 75.79
N GLU B 3691 -18.46 -1.07 74.92
CA GLU B 3691 -18.87 -0.91 73.51
C GLU B 3691 -17.93 0.02 72.74
N GLU B 3692 -16.64 -0.06 73.05
CA GLU B 3692 -15.62 0.76 72.41
C GLU B 3692 -14.28 0.05 72.58
N LYS B 3693 -13.18 0.76 72.29
CA LYS B 3693 -11.85 0.20 72.45
C LYS B 3693 -10.86 1.34 72.67
N LYS B 3694 -10.51 1.59 73.93
CA LYS B 3694 -9.41 2.49 74.21
C LYS B 3694 -8.10 1.77 73.87
N PRO B 3695 -7.07 2.52 73.47
CA PRO B 3695 -5.85 1.86 73.00
C PRO B 3695 -5.05 1.28 74.15
N ASP B 3696 -4.07 0.45 73.77
CA ASP B 3696 -3.22 -0.27 74.71
C ASP B 3696 -2.31 0.69 75.46
N PRO B 3697 -1.67 0.21 76.55
CA PRO B 3697 -0.48 0.91 77.04
C PRO B 3697 0.56 1.08 75.96
N LEU B 3698 0.84 -0.02 75.25
CA LEU B 3698 1.74 0.00 74.12
C LEU B 3698 1.23 0.90 73.00
N HIS B 3699 -0.08 0.87 72.75
CA HIS B 3699 -0.60 1.63 71.63
C HIS B 3699 -0.61 3.11 71.91
N GLN B 3700 -1.04 3.52 73.10
CA GLN B 3700 -0.96 4.92 73.48
C GLN B 3700 0.48 5.38 73.61
N LEU B 3701 1.39 4.46 73.93
CA LEU B 3701 2.81 4.75 73.89
C LEU B 3701 3.27 5.06 72.47
N VAL B 3702 2.76 4.32 71.49
CA VAL B 3702 3.00 4.65 70.10
C VAL B 3702 2.37 5.99 69.74
N LEU B 3703 1.18 6.24 70.28
CA LEU B 3703 0.45 7.47 69.99
C LEU B 3703 1.19 8.70 70.50
N HIS B 3704 1.88 8.56 71.63
CA HIS B 3704 2.72 9.65 72.10
C HIS B 3704 3.88 9.91 71.16
N PHE B 3705 4.44 8.85 70.59
CA PHE B 3705 5.50 9.01 69.59
C PHE B 3705 4.98 9.66 68.34
N SER B 3706 3.78 9.29 67.93
CA SER B 3706 3.18 9.90 66.76
C SER B 3706 2.85 11.37 67.02
N ARG B 3707 2.44 11.69 68.25
CA ARG B 3707 2.12 13.07 68.56
C ARG B 3707 3.37 13.92 68.66
N THR B 3708 4.42 13.40 69.28
CA THR B 3708 5.66 14.17 69.30
C THR B 3708 6.36 14.16 67.95
N ALA B 3709 6.00 13.24 67.05
CA ALA B 3709 6.43 13.32 65.67
C ALA B 3709 5.67 14.36 64.88
N LEU B 3710 4.39 14.54 65.17
CA LEU B 3710 3.57 15.52 64.47
C LEU B 3710 3.68 16.90 65.05
N THR B 3711 4.15 17.01 66.29
CA THR B 3711 4.47 18.29 66.88
C THR B 3711 5.76 18.76 66.21
N GLU B 3712 5.62 19.41 65.06
CA GLU B 3712 6.78 19.57 64.20
C GLU B 3712 7.69 20.69 64.69
N LYS B 3713 8.93 20.60 64.24
CA LYS B 3713 9.91 21.66 64.40
C LYS B 3713 10.79 21.61 63.16
N SER B 3714 11.40 22.74 62.83
CA SER B 3714 12.45 22.74 61.82
C SER B 3714 13.60 21.81 62.20
N LYS B 3715 13.99 21.80 63.46
CA LYS B 3715 14.94 20.83 63.97
C LYS B 3715 14.20 19.61 64.50
N LEU B 3716 14.97 18.67 65.03
CA LEU B 3716 14.46 17.63 65.90
C LEU B 3716 15.61 17.21 66.80
N ASP B 3717 15.32 17.07 68.09
CA ASP B 3717 16.36 17.09 69.11
C ASP B 3717 17.00 15.72 69.28
N GLU B 3718 17.79 15.58 70.35
CA GLU B 3718 18.41 14.30 70.71
C GLU B 3718 17.36 13.25 70.98
N ASP B 3719 16.59 13.44 72.06
CA ASP B 3719 15.53 12.54 72.52
C ASP B 3719 16.07 11.11 72.66
N TYR B 3720 17.18 11.05 73.40
CA TYR B 3720 17.91 9.82 73.69
C TYR B 3720 17.00 8.79 74.35
N LEU B 3721 16.09 9.28 75.20
CA LEU B 3721 14.88 8.57 75.60
C LEU B 3721 14.24 7.82 74.45
N TYR B 3722 13.84 8.51 73.40
CA TYR B 3722 13.10 7.86 72.33
C TYR B 3722 14.03 7.03 71.46
N MET B 3723 15.29 7.46 71.34
CA MET B 3723 16.30 6.61 70.75
C MET B 3723 16.40 5.27 71.47
N ALA B 3724 16.39 5.31 72.79
CA ALA B 3724 16.39 4.08 73.58
C ALA B 3724 15.12 3.28 73.34
N TYR B 3725 14.03 3.95 73.02
CA TYR B 3725 12.78 3.23 72.83
C TYR B 3725 12.70 2.56 71.49
N ALA B 3726 13.18 3.22 70.44
CA ALA B 3726 13.37 2.56 69.16
C ALA B 3726 14.31 1.38 69.29
N ASP B 3727 15.36 1.51 70.11
CA ASP B 3727 16.25 0.38 70.37
C ASP B 3727 15.56 -0.76 71.09
N ILE B 3728 14.77 -0.45 72.12
CA ILE B 3728 13.99 -1.44 72.85
C ILE B 3728 13.04 -2.17 71.92
N MET B 3729 12.39 -1.43 71.04
CA MET B 3729 11.42 -2.03 70.14
C MET B 3729 12.11 -2.85 69.05
N ALA B 3730 13.31 -2.45 68.64
CA ALA B 3730 14.07 -3.26 67.70
C ALA B 3730 14.52 -4.55 68.36
N LYS B 3731 15.05 -4.47 69.57
CA LYS B 3731 15.48 -5.64 70.33
C LYS B 3731 14.33 -6.54 70.74
N SER B 3732 13.12 -6.00 70.85
CA SER B 3732 11.94 -6.83 71.05
C SER B 3732 11.65 -7.73 69.87
N CYS B 3733 11.65 -7.17 68.65
CA CYS B 3733 11.52 -8.00 67.45
C CYS B 3733 12.76 -8.84 67.24
N HIS B 3734 13.91 -8.34 67.65
CA HIS B 3734 15.15 -9.09 67.54
C HIS B 3734 15.25 -10.23 68.53
N LEU B 3735 14.42 -10.23 69.57
CA LEU B 3735 14.34 -11.39 70.45
C LEU B 3735 13.91 -12.64 69.70
N GLU B 3736 13.05 -12.47 68.69
CA GLU B 3736 12.79 -13.54 67.75
C GLU B 3736 13.83 -13.64 66.64
N GLU B 3737 14.32 -12.50 66.14
CA GLU B 3737 15.19 -12.52 64.97
C GLU B 3737 16.59 -13.00 65.33
N GLY B 3738 17.31 -12.24 66.14
CA GLY B 3738 18.56 -12.73 66.69
C GLY B 3738 18.29 -13.86 67.66
N GLY B 3739 19.25 -14.78 67.75
CA GLY B 3739 18.99 -16.08 68.32
C GLY B 3739 18.47 -17.08 67.31
N GLU B 3740 17.69 -16.63 66.33
CA GLU B 3740 17.31 -17.43 65.18
C GLU B 3740 17.98 -16.94 63.90
N ASN B 3741 18.56 -15.73 63.92
CA ASN B 3741 19.25 -15.19 62.77
C ASN B 3741 20.32 -14.21 63.23
N GLU B 3747 27.91 -26.58 64.55
CA GLU B 3747 28.39 -25.79 63.41
C GLU B 3747 27.40 -25.85 62.26
N GLU B 3748 27.07 -27.06 61.83
CA GLU B 3748 26.12 -27.28 60.75
C GLU B 3748 24.71 -27.26 61.31
N VAL B 3749 23.93 -26.26 60.90
CA VAL B 3749 22.56 -26.09 61.36
C VAL B 3749 21.63 -26.69 60.31
N GLU B 3750 20.84 -27.67 60.71
CA GLU B 3750 19.89 -28.33 59.81
C GLU B 3750 18.49 -28.16 60.36
N VAL B 3751 17.77 -27.17 59.84
CA VAL B 3751 16.38 -26.90 60.20
C VAL B 3751 15.51 -27.97 59.56
N SER B 3752 14.73 -28.67 60.37
CA SER B 3752 13.82 -29.65 59.84
C SER B 3752 12.65 -28.97 59.15
N PHE B 3753 11.88 -29.77 58.40
CA PHE B 3753 10.63 -29.26 57.87
C PHE B 3753 9.63 -28.98 58.97
N GLU B 3754 9.72 -29.70 60.09
CA GLU B 3754 8.89 -29.40 61.25
C GLU B 3754 9.27 -28.05 61.85
N GLU B 3755 10.55 -27.74 61.92
CA GLU B 3755 10.95 -26.44 62.43
C GLU B 3755 10.62 -25.34 61.43
N LYS B 3756 10.65 -25.68 60.14
CA LYS B 3756 10.16 -24.79 59.10
C LYS B 3756 8.69 -24.47 59.31
N GLU B 3757 7.89 -25.51 59.55
CA GLU B 3757 6.49 -25.39 59.96
C GLU B 3757 6.33 -24.48 61.17
N MET B 3758 7.20 -24.63 62.17
CA MET B 3758 7.05 -23.86 63.40
C MET B 3758 7.40 -22.40 63.24
N GLU B 3759 8.47 -22.08 62.51
CA GLU B 3759 9.00 -20.74 62.45
C GLU B 3759 8.20 -19.80 61.56
N LYS B 3760 7.18 -20.31 60.86
CA LYS B 3760 6.32 -19.42 60.09
C LYS B 3760 5.49 -18.55 61.01
N GLN B 3761 4.81 -19.15 61.98
CA GLN B 3761 4.24 -18.39 63.08
C GLN B 3761 5.35 -18.24 64.11
N ARG B 3762 5.07 -17.61 65.27
CA ARG B 3762 5.99 -17.20 66.35
C ARG B 3762 7.16 -16.34 65.87
N LEU B 3763 7.16 -15.95 64.60
CA LEU B 3763 8.01 -14.95 64.00
C LEU B 3763 7.21 -13.97 63.18
N LEU B 3764 6.17 -14.44 62.51
CA LEU B 3764 5.10 -13.61 61.99
C LEU B 3764 4.06 -13.31 63.05
N TYR B 3765 3.91 -14.19 64.04
CA TYR B 3765 3.06 -13.91 65.19
C TYR B 3765 3.53 -12.68 65.93
N GLN B 3766 4.85 -12.49 66.01
CA GLN B 3766 5.46 -11.29 66.56
C GLN B 3766 4.93 -10.02 65.89
N GLN B 3767 4.63 -10.09 64.60
CA GLN B 3767 4.26 -8.89 63.85
C GLN B 3767 2.85 -8.43 64.18
N SER B 3768 1.92 -9.37 64.33
CA SER B 3768 0.64 -8.95 64.84
C SER B 3768 0.69 -8.65 66.32
N ARG B 3769 1.56 -9.35 67.06
CA ARG B 3769 1.85 -8.99 68.43
C ARG B 3769 2.48 -7.61 68.51
N LEU B 3770 3.18 -7.19 67.46
CA LEU B 3770 3.71 -5.85 67.33
C LEU B 3770 2.61 -4.79 67.16
N HIS B 3771 1.35 -5.21 67.02
CA HIS B 3771 0.18 -4.32 66.87
C HIS B 3771 0.35 -3.43 65.65
N THR B 3772 0.26 -4.12 64.51
CA THR B 3772 0.21 -3.57 63.18
C THR B 3772 -0.61 -2.30 63.06
N ARG B 3773 -1.76 -2.23 63.73
CA ARG B 3773 -2.56 -1.02 63.79
C ARG B 3773 -1.82 0.13 64.46
N GLY B 3774 -1.01 -0.16 65.47
CA GLY B 3774 -0.21 0.89 66.05
C GLY B 3774 1.13 1.04 65.37
N ALA B 3775 1.75 -0.09 65.04
CA ALA B 3775 3.17 -0.10 64.74
C ALA B 3775 3.52 0.54 63.39
N ALA B 3776 2.59 0.54 62.43
CA ALA B 3776 2.98 0.72 61.04
C ALA B 3776 3.38 2.14 60.69
N GLU B 3777 2.47 3.10 60.82
CA GLU B 3777 2.55 4.35 60.07
C GLU B 3777 3.61 5.30 60.59
N MET B 3778 4.05 5.16 61.83
CA MET B 3778 4.85 6.23 62.41
C MET B 3778 6.32 6.18 62.02
N VAL B 3779 6.84 5.02 61.60
CA VAL B 3779 8.21 5.01 61.08
C VAL B 3779 8.30 5.74 59.75
N LEU B 3780 7.22 5.78 59.00
CA LEU B 3780 7.11 6.56 57.78
C LEU B 3780 7.19 8.05 58.06
N GLN B 3781 6.40 8.52 59.02
CA GLN B 3781 6.38 9.94 59.32
C GLN B 3781 7.63 10.36 60.07
N MET B 3782 8.33 9.41 60.70
CA MET B 3782 9.62 9.74 61.29
C MET B 3782 10.65 10.05 60.21
N ILE B 3783 10.56 9.36 59.07
CA ILE B 3783 11.48 9.66 57.98
C ILE B 3783 11.01 10.87 57.20
N SER B 3784 9.69 11.04 57.08
CA SER B 3784 9.14 12.28 56.53
C SER B 3784 9.38 13.49 57.43
N ALA B 3785 9.79 13.27 58.67
CA ALA B 3785 10.36 14.28 59.56
C ALA B 3785 11.84 14.53 59.20
N CYS B 3786 12.59 15.08 60.16
CA CYS B 3786 13.94 15.64 60.04
C CYS B 3786 14.85 14.83 59.11
N LYS B 3787 15.43 15.53 58.15
CA LYS B 3787 15.46 15.00 56.79
C LYS B 3787 16.82 15.07 56.13
N GLY B 3788 17.68 15.98 56.59
CA GLY B 3788 18.94 16.19 55.91
C GLY B 3788 20.10 15.56 56.67
N GLU B 3789 19.94 15.41 57.98
CA GLU B 3789 21.04 14.94 58.80
C GLU B 3789 21.02 13.43 58.95
N THR B 3790 22.21 12.87 59.12
CA THR B 3790 22.36 11.44 59.37
C THR B 3790 22.44 11.19 60.88
N GLY B 3791 21.36 11.54 61.55
CA GLY B 3791 21.28 11.38 62.98
C GLY B 3791 21.24 9.93 63.38
N ALA B 3792 21.76 9.67 64.58
CA ALA B 3792 21.66 8.34 65.16
C ALA B 3792 20.22 7.95 65.46
N MET B 3793 19.35 8.95 65.70
CA MET B 3793 17.91 8.71 65.73
C MET B 3793 17.42 8.14 64.41
N VAL B 3794 17.88 8.72 63.31
CA VAL B 3794 17.44 8.26 62.00
C VAL B 3794 18.01 6.88 61.70
N SER B 3795 19.26 6.67 62.12
CA SER B 3795 19.91 5.37 62.05
C SER B 3795 19.12 4.31 62.81
N SER B 3796 18.73 4.63 64.04
CA SER B 3796 17.89 3.79 64.88
C SER B 3796 16.54 3.52 64.26
N THR B 3797 15.94 4.54 63.64
CA THR B 3797 14.66 4.45 62.97
C THR B 3797 14.68 3.43 61.85
N LEU B 3798 15.76 3.43 61.07
CA LEU B 3798 15.92 2.39 60.07
C LEU B 3798 16.23 1.05 60.71
N LYS B 3799 17.08 1.03 61.74
CA LYS B 3799 17.33 -0.18 62.49
C LYS B 3799 16.08 -0.69 63.18
N LEU B 3800 15.18 0.21 63.57
CA LEU B 3800 13.90 -0.25 64.05
C LEU B 3800 13.03 -0.79 62.93
N GLY B 3801 12.92 -0.05 61.83
CA GLY B 3801 12.04 -0.41 60.74
C GLY B 3801 12.41 -1.71 60.06
N ILE B 3802 13.68 -2.09 60.07
CA ILE B 3802 14.03 -3.41 59.58
C ILE B 3802 13.50 -4.49 60.51
N SER B 3803 13.57 -4.26 61.82
CA SER B 3803 12.94 -5.17 62.77
C SER B 3803 11.43 -5.17 62.65
N ILE B 3804 10.85 -4.09 62.14
CA ILE B 3804 9.41 -4.06 61.91
C ILE B 3804 9.04 -4.97 60.75
N LEU B 3805 9.45 -4.59 59.53
CA LEU B 3805 9.01 -5.33 58.36
C LEU B 3805 10.08 -6.28 57.87
N ASN B 3806 10.81 -6.86 58.83
CA ASN B 3806 11.90 -7.76 58.49
C ASN B 3806 11.37 -9.05 57.87
N GLY B 3807 10.22 -9.51 58.35
CA GLY B 3807 9.64 -10.72 57.81
C GLY B 3807 8.66 -10.46 56.69
N GLY B 3808 8.98 -9.57 55.76
CA GLY B 3808 8.08 -9.40 54.64
C GLY B 3808 6.98 -8.46 55.05
N ASN B 3809 5.91 -9.09 55.57
CA ASN B 3809 4.81 -8.42 56.26
C ASN B 3809 4.02 -7.55 55.29
N ALA B 3810 3.55 -8.23 54.24
CA ALA B 3810 2.77 -7.58 53.19
C ALA B 3810 1.44 -7.04 53.70
N GLU B 3811 0.96 -7.55 54.84
CA GLU B 3811 -0.21 -6.96 55.47
C GLU B 3811 0.06 -5.53 55.90
N VAL B 3812 1.18 -5.31 56.60
CA VAL B 3812 1.48 -3.95 57.01
C VAL B 3812 2.05 -3.14 55.87
N GLN B 3813 2.58 -3.80 54.83
CA GLN B 3813 2.96 -3.08 53.62
C GLN B 3813 1.73 -2.55 52.89
N GLN B 3814 0.64 -3.32 52.92
CA GLN B 3814 -0.64 -2.87 52.42
C GLN B 3814 -1.10 -1.61 53.13
N LYS B 3815 -1.14 -1.66 54.46
CA LYS B 3815 -1.51 -0.53 55.29
C LYS B 3815 -0.59 0.64 55.06
N MET B 3816 0.68 0.38 54.86
CA MET B 3816 1.70 1.40 54.72
C MET B 3816 1.59 2.14 53.41
N LEU B 3817 1.61 1.41 52.30
CA LEU B 3817 1.40 1.99 50.97
C LEU B 3817 0.07 2.69 50.88
N ASP B 3818 -0.95 2.11 51.52
CA ASP B 3818 -2.24 2.77 51.60
C ASP B 3818 -2.14 4.06 52.40
N TYR B 3819 -1.32 4.10 53.45
CA TYR B 3819 -1.20 5.33 54.20
C TYR B 3819 -0.39 6.36 53.45
N LEU B 3820 0.59 5.91 52.65
CA LEU B 3820 1.28 6.79 51.72
C LEU B 3820 0.31 7.45 50.75
N LYS B 3821 -0.45 6.61 50.04
CA LYS B 3821 -1.46 7.07 49.11
C LYS B 3821 -2.75 7.45 49.78
N ASP B 3822 -2.73 7.67 51.09
CA ASP B 3822 -3.80 8.23 51.88
C ASP B 3822 -3.48 9.62 52.38
N LYS B 3823 -2.39 9.73 53.15
CA LYS B 3823 -1.97 11.02 53.66
C LYS B 3823 -1.46 11.91 52.54
N LYS B 3824 -0.74 11.34 51.57
CA LYS B 3824 -0.46 11.96 50.26
C LYS B 3824 0.28 13.29 50.39
N GLU B 3825 1.54 13.21 50.80
CA GLU B 3825 2.34 14.43 50.91
C GLU B 3825 3.76 14.15 50.47
N VAL B 3826 4.43 15.22 50.01
CA VAL B 3826 5.86 15.18 49.77
C VAL B 3826 6.55 15.59 51.06
N GLY B 3827 7.84 15.29 51.15
CA GLY B 3827 8.60 15.48 52.37
C GLY B 3827 9.21 14.22 52.92
N PHE B 3828 8.87 13.08 52.33
CA PHE B 3828 9.32 11.78 52.79
C PHE B 3828 10.36 11.16 51.88
N PHE B 3829 10.01 10.99 50.61
CA PHE B 3829 10.97 10.43 49.66
C PHE B 3829 12.05 11.44 49.33
N GLN B 3830 11.71 12.72 49.38
CA GLN B 3830 12.75 13.71 49.23
C GLN B 3830 13.61 13.84 50.47
N SER B 3831 13.06 13.49 51.65
CA SER B 3831 13.91 13.26 52.81
C SER B 3831 14.82 12.06 52.60
N ILE B 3832 14.30 11.02 51.94
CA ILE B 3832 15.06 9.81 51.68
C ILE B 3832 16.23 10.08 50.75
N GLN B 3833 15.97 10.77 49.64
CA GLN B 3833 16.98 10.93 48.60
C GLN B 3833 18.09 11.88 49.02
N ALA B 3834 17.82 12.81 49.93
CA ALA B 3834 18.88 13.67 50.44
C ALA B 3834 19.84 12.87 51.30
N LEU B 3835 19.31 11.94 52.08
CA LEU B 3835 20.16 11.06 52.86
C LEU B 3835 20.86 10.06 51.96
N MET B 3836 20.24 9.69 50.85
CA MET B 3836 20.96 8.91 49.84
C MET B 3836 22.11 9.72 49.24
N GLN B 3837 21.88 11.00 48.96
CA GLN B 3837 22.96 11.90 48.58
C GLN B 3837 24.01 12.00 49.68
N THR B 3838 23.59 11.87 50.92
CA THR B 3838 24.48 11.99 52.06
C THR B 3838 24.95 10.60 52.48
N CYS B 3839 25.78 10.01 51.63
CA CYS B 3839 26.37 8.71 51.93
C CYS B 3839 27.84 8.73 51.58
N SER B 3840 28.66 8.28 52.52
CA SER B 3840 30.09 8.20 52.29
C SER B 3840 30.40 7.04 51.36
N VAL B 3841 31.55 7.14 50.70
CA VAL B 3841 32.10 6.07 49.90
C VAL B 3841 33.51 5.79 50.41
N LEU B 3842 34.18 4.82 49.78
CA LEU B 3842 35.58 4.57 50.11
C LEU B 3842 36.42 5.76 49.67
N ASP B 3843 37.38 6.12 50.52
CA ASP B 3843 38.15 7.35 50.35
C ASP B 3843 39.62 7.00 50.43
N LEU B 3844 40.31 7.09 49.29
CA LEU B 3844 41.73 6.71 49.25
C LEU B 3844 42.58 7.67 50.04
N ASN B 3845 42.23 8.95 50.01
CA ASN B 3845 43.00 9.94 50.75
C ASN B 3845 42.82 9.77 52.25
N ALA B 3846 41.59 9.47 52.67
CA ALA B 3846 41.35 9.17 54.08
C ALA B 3846 41.97 7.85 54.47
N PHE B 3847 42.09 6.93 53.52
CA PHE B 3847 42.88 5.75 53.79
C PHE B 3847 44.35 6.08 53.94
N GLU B 3848 44.86 7.04 53.18
CA GLU B 3848 46.27 7.40 53.31
C GLU B 3848 46.54 8.11 54.61
N ARG B 3849 45.51 8.73 55.19
CA ARG B 3849 45.65 9.30 56.53
C ARG B 3849 45.80 8.21 57.56
N GLN B 3850 44.91 7.22 57.55
CA GLN B 3850 45.01 6.12 58.50
C GLN B 3850 46.14 5.17 58.18
N ASN B 3851 46.64 5.19 56.95
CA ASN B 3851 47.81 4.43 56.58
C ASN B 3851 49.04 4.98 57.29
N LYS B 3852 49.24 6.29 57.21
CA LYS B 3852 50.33 6.93 57.95
C LYS B 3852 50.08 6.93 59.44
N ALA B 3853 48.81 6.86 59.87
CA ALA B 3853 48.52 6.68 61.28
C ALA B 3853 48.93 5.30 61.75
N GLU B 3854 48.71 4.28 60.93
CA GLU B 3854 49.20 2.94 61.22
C GLU B 3854 50.72 2.90 61.20
N GLY B 3855 51.35 3.63 60.28
CA GLY B 3855 52.79 3.80 60.30
C GLY B 3855 53.31 4.55 61.50
N LEU B 3856 52.49 5.40 62.10
CA LEU B 3856 52.80 6.10 63.34
C LEU B 3856 52.17 5.40 64.54
N GLY B 3857 52.11 4.07 64.49
CA GLY B 3857 51.58 3.29 65.59
C GLY B 3857 52.56 3.09 66.73
N MET B 3858 53.71 3.78 66.66
CA MET B 3858 54.71 3.78 67.73
C MET B 3858 54.51 4.94 68.70
N VAL B 3859 53.25 5.31 68.97
CA VAL B 3859 52.92 6.41 69.87
C VAL B 3859 53.23 6.02 71.31
N ASN B 3860 53.20 7.01 72.21
CA ASN B 3860 53.66 6.84 73.58
C ASN B 3860 52.68 6.00 74.40
N GLU B 3861 52.97 5.89 75.69
CA GLU B 3861 52.21 5.02 76.59
C GLU B 3861 50.81 5.57 76.81
N ASP B 3862 49.81 4.70 76.64
CA ASP B 3862 48.37 5.01 76.74
C ASP B 3862 47.96 6.13 75.78
N GLY B 3863 48.59 6.18 74.61
CA GLY B 3863 48.24 7.17 73.61
C GLY B 3863 48.16 6.61 72.20
N THR B 3864 48.55 5.35 72.05
CA THR B 3864 48.47 4.66 70.78
C THR B 3864 47.14 3.95 70.58
N VAL B 3865 46.25 4.00 71.56
CA VAL B 3865 44.97 3.29 71.51
C VAL B 3865 43.80 4.24 71.32
N ILE B 3866 44.07 5.52 71.11
CA ILE B 3866 42.99 6.45 70.80
C ILE B 3866 42.45 6.19 69.40
N ASN B 3867 43.30 5.67 68.52
CA ASN B 3867 42.91 5.23 67.18
C ASN B 3867 43.36 3.79 66.98
N ARG B 3868 43.10 2.95 67.97
CA ARG B 3868 43.41 1.53 67.84
C ARG B 3868 42.50 0.87 66.81
N GLN B 3869 41.20 1.10 66.91
CA GLN B 3869 40.28 0.73 65.83
C GLN B 3869 40.00 1.92 64.93
N ASN B 3870 39.40 2.99 65.49
CA ASN B 3870 39.06 4.23 64.80
C ASN B 3870 38.22 4.00 63.54
N GLY B 3871 37.30 3.04 63.60
CA GLY B 3871 36.57 2.60 62.42
C GLY B 3871 35.51 3.55 61.92
N GLU B 3872 35.36 4.72 62.54
CA GLU B 3872 34.41 5.73 62.10
C GLU B 3872 35.02 6.68 61.08
N LYS B 3873 35.84 6.17 60.15
CA LYS B 3873 36.65 7.03 59.30
C LYS B 3873 36.35 6.91 57.82
N VAL B 3874 36.57 5.76 57.19
CA VAL B 3874 36.43 5.66 55.73
C VAL B 3874 34.96 5.61 55.34
N MET B 3875 34.22 4.67 55.92
CA MET B 3875 32.78 4.60 55.70
C MET B 3875 32.01 5.19 56.87
N ALA B 3876 32.21 4.62 58.07
CA ALA B 3876 31.33 4.79 59.23
C ALA B 3876 29.87 4.53 58.86
N ASP B 3877 29.67 3.57 57.96
CA ASP B 3877 28.46 3.57 57.16
C ASP B 3877 27.89 2.18 56.97
N ASP B 3878 28.63 1.13 57.34
CA ASP B 3878 28.16 -0.24 57.14
C ASP B 3878 27.00 -0.55 58.05
N GLU B 3879 27.05 -0.07 59.29
CA GLU B 3879 25.90 -0.14 60.16
C GLU B 3879 24.79 0.80 59.73
N PHE B 3880 25.08 1.74 58.83
CA PHE B 3880 24.08 2.69 58.36
C PHE B 3880 23.60 2.39 56.95
N THR B 3881 24.49 2.23 55.99
CA THR B 3881 23.96 2.24 54.63
C THR B 3881 23.66 0.84 54.09
N GLN B 3882 24.31 -0.22 54.58
CA GLN B 3882 23.85 -1.55 54.21
C GLN B 3882 22.51 -1.84 54.86
N ASP B 3883 22.37 -1.39 56.10
CA ASP B 3883 21.09 -1.16 56.75
C ASP B 3883 20.11 -0.38 55.87
N LEU B 3884 20.57 0.71 55.23
CA LEU B 3884 19.70 1.50 54.38
C LEU B 3884 19.22 0.71 53.17
N PHE B 3885 20.14 0.08 52.45
CA PHE B 3885 19.77 -0.71 51.29
C PHE B 3885 18.93 -1.92 51.64
N ARG B 3886 19.20 -2.56 52.77
CA ARG B 3886 18.36 -3.65 53.24
C ARG B 3886 16.96 -3.17 53.55
N PHE B 3887 16.83 -1.99 54.14
CA PHE B 3887 15.52 -1.46 54.45
C PHE B 3887 14.75 -1.13 53.18
N LEU B 3888 15.43 -0.49 52.23
CA LEU B 3888 14.78 -0.11 50.98
C LEU B 3888 14.45 -1.33 50.15
N GLN B 3889 15.21 -2.40 50.30
CA GLN B 3889 14.88 -3.67 49.66
C GLN B 3889 13.68 -4.32 50.32
N LEU B 3890 13.65 -4.33 51.65
CA LEU B 3890 12.55 -4.92 52.38
C LEU B 3890 11.27 -4.12 52.26
N LEU B 3891 11.34 -2.90 51.74
CA LEU B 3891 10.15 -2.25 51.23
C LEU B 3891 9.48 -3.08 50.14
N CYS B 3892 10.26 -3.59 49.20
CA CYS B 3892 9.73 -4.17 47.96
C CYS B 3892 10.16 -5.62 47.79
N GLU B 3893 10.44 -6.31 48.89
CA GLU B 3893 10.75 -7.74 48.81
C GLU B 3893 9.52 -8.53 48.39
N GLY B 3894 8.38 -8.28 49.02
CA GLY B 3894 7.11 -8.69 48.47
C GLY B 3894 6.88 -7.98 47.14
N HIS B 3895 6.82 -8.76 46.07
CA HIS B 3895 6.80 -8.21 44.73
C HIS B 3895 5.44 -7.59 44.49
N ASN B 3896 5.33 -6.33 44.90
CA ASN B 3896 4.04 -5.71 45.06
C ASN B 3896 3.48 -5.25 43.73
N ASN B 3897 4.36 -4.75 42.86
CA ASN B 3897 4.16 -4.40 41.46
C ASN B 3897 3.30 -3.14 41.31
N ASP B 3898 2.88 -2.56 42.41
CA ASP B 3898 2.17 -1.28 42.39
C ASP B 3898 2.76 -0.29 43.38
N PHE B 3899 3.19 -0.78 44.54
CA PHE B 3899 4.21 -0.10 45.34
C PHE B 3899 5.46 0.15 44.52
N GLN B 3900 5.82 -0.81 43.69
CA GLN B 3900 6.94 -0.64 42.78
C GLN B 3900 6.66 0.48 41.78
N ASN B 3901 5.43 0.53 41.27
CA ASN B 3901 5.04 1.60 40.37
C ASN B 3901 4.95 2.92 41.10
N TYR B 3902 4.62 2.88 42.37
CA TYR B 3902 4.60 4.06 43.22
C TYR B 3902 6.00 4.61 43.43
N LEU B 3903 6.96 3.73 43.63
CA LEU B 3903 8.35 4.15 43.75
C LEU B 3903 8.92 4.66 42.44
N ARG B 3904 8.51 4.08 41.32
CA ARG B 3904 8.87 4.67 40.04
C ARG B 3904 8.21 6.03 39.85
N THR B 3905 6.91 6.12 40.11
CA THR B 3905 6.22 7.37 39.90
C THR B 3905 5.20 7.60 41.00
N GLN B 3906 5.30 8.77 41.60
CA GLN B 3906 4.58 9.13 42.80
C GLN B 3906 3.41 10.02 42.37
N THR B 3907 2.59 9.48 41.47
CA THR B 3907 1.56 10.27 40.80
C THR B 3907 0.41 10.66 41.70
N GLY B 3908 0.24 9.99 42.84
CA GLY B 3908 -0.75 10.39 43.82
C GLY B 3908 -0.33 11.71 44.43
N ASN B 3909 0.98 11.91 44.53
CA ASN B 3909 1.52 13.20 44.89
C ASN B 3909 1.70 14.04 43.64
N THR B 3910 1.89 15.34 43.84
CA THR B 3910 2.06 16.27 42.72
C THR B 3910 3.41 16.12 42.03
N THR B 3911 4.38 15.46 42.66
CA THR B 3911 5.70 15.30 42.07
C THR B 3911 5.98 13.84 41.79
N THR B 3912 7.21 13.55 41.41
CA THR B 3912 7.64 12.18 41.13
C THR B 3912 9.13 12.07 41.39
N ILE B 3913 9.53 11.15 42.25
CA ILE B 3913 10.89 11.06 42.73
C ILE B 3913 11.71 10.05 41.94
N ASN B 3914 11.21 8.81 41.82
CA ASN B 3914 11.83 7.72 41.05
C ASN B 3914 13.24 7.42 41.55
N ILE B 3915 13.27 6.82 42.73
CA ILE B 3915 14.48 6.71 43.54
C ILE B 3915 15.47 5.75 42.89
N ILE B 3916 15.00 4.95 41.92
CA ILE B 3916 15.85 4.05 41.17
C ILE B 3916 16.92 4.82 40.39
N ILE B 3917 16.59 6.04 39.97
CA ILE B 3917 17.52 6.90 39.24
C ILE B 3917 18.74 7.21 40.10
N CYS B 3918 18.52 7.83 41.24
CA CYS B 3918 19.60 8.14 42.16
C CYS B 3918 20.18 6.90 42.83
N THR B 3919 19.46 5.78 42.82
CA THR B 3919 20.04 4.52 43.24
C THR B 3919 21.15 4.10 42.31
N VAL B 3920 20.87 4.11 41.01
CA VAL B 3920 21.88 3.90 39.97
C VAL B 3920 23.00 4.93 40.12
N ASP B 3921 22.65 6.16 40.41
CA ASP B 3921 23.64 7.22 40.57
C ASP B 3921 24.54 7.00 41.79
N TYR B 3922 23.99 6.62 42.93
CA TYR B 3922 24.88 6.36 44.06
C TYR B 3922 25.67 5.09 43.87
N LEU B 3923 25.08 4.12 43.18
CA LEU B 3923 25.85 2.95 42.77
C LEU B 3923 27.03 3.34 41.88
N LEU B 3924 26.84 4.33 41.02
CA LEU B 3924 27.95 4.85 40.23
C LEU B 3924 29.02 5.49 41.11
N ARG B 3925 28.60 6.28 42.10
CA ARG B 3925 29.54 6.94 42.99
C ARG B 3925 30.30 5.94 43.84
N LEU B 3926 29.64 4.85 44.21
CA LEU B 3926 30.30 3.74 44.87
C LEU B 3926 31.25 3.01 43.93
N GLN B 3927 30.79 2.80 42.70
CA GLN B 3927 31.53 2.04 41.70
C GLN B 3927 32.85 2.69 41.38
N GLU B 3928 32.82 3.99 41.13
CA GLU B 3928 34.02 4.72 40.78
C GLU B 3928 34.99 4.77 41.94
N SER B 3929 34.44 4.89 43.17
CA SER B 3929 35.24 4.87 44.37
C SER B 3929 35.99 3.56 44.53
N ILE B 3930 35.29 2.44 44.40
CA ILE B 3930 35.93 1.14 44.54
C ILE B 3930 36.85 0.85 43.36
N SER B 3931 36.50 1.38 42.19
CA SER B 3931 37.29 1.20 40.99
C SER B 3931 38.66 1.86 41.15
N ASP B 3932 38.66 3.08 41.64
CA ASP B 3932 39.91 3.77 41.93
C ASP B 3932 40.61 3.21 43.15
N PHE B 3933 39.86 2.63 44.09
CA PHE B 3933 40.46 1.89 45.18
C PHE B 3933 41.30 0.72 44.68
N TYR B 3934 40.82 0.03 43.66
CA TYR B 3934 41.63 -0.99 43.03
C TYR B 3934 42.87 -0.41 42.38
N TRP B 3935 42.79 0.85 41.92
CA TRP B 3935 43.98 1.47 41.35
C TRP B 3935 45.03 1.77 42.40
N TYR B 3936 44.67 1.82 43.67
CA TYR B 3936 45.68 1.94 44.69
C TYR B 3936 46.52 0.68 44.80
N TYR B 3937 45.87 -0.48 44.90
CA TYR B 3937 46.58 -1.74 45.02
C TYR B 3937 46.93 -2.33 43.68
N SER B 3938 46.70 -1.58 42.60
CA SER B 3938 47.22 -1.97 41.30
C SER B 3938 48.75 -1.94 41.29
N GLY B 3939 49.37 -1.12 42.14
CA GLY B 3939 50.81 -1.12 42.25
C GLY B 3939 51.36 -2.31 43.00
N LYS B 3940 51.12 -2.35 44.31
CA LYS B 3940 51.73 -3.36 45.14
C LYS B 3940 50.84 -4.59 45.24
N ASP B 3941 51.46 -5.74 45.55
CA ASP B 3941 50.78 -7.02 45.59
C ASP B 3941 50.04 -7.31 46.87
N VAL B 3942 50.51 -6.79 48.00
CA VAL B 3942 49.96 -7.18 49.29
C VAL B 3942 48.85 -6.21 49.69
N ILE B 3943 47.83 -6.75 50.35
CA ILE B 3943 46.78 -5.95 50.99
C ILE B 3943 47.07 -6.02 52.47
N GLU B 3944 46.78 -4.94 53.20
CA GLU B 3944 46.87 -5.05 54.63
C GLU B 3944 45.70 -5.85 55.17
N GLU B 3945 45.84 -6.28 56.43
CA GLU B 3945 44.68 -6.75 57.16
C GLU B 3945 43.63 -5.67 57.24
N GLN B 3946 44.05 -4.42 57.46
CA GLN B 3946 43.11 -3.31 57.45
C GLN B 3946 42.58 -3.06 56.04
N GLY B 3947 43.41 -3.30 55.03
CA GLY B 3947 42.96 -3.16 53.66
C GLY B 3947 41.89 -4.17 53.30
N LYS B 3948 42.05 -5.41 53.76
CA LYS B 3948 40.99 -6.40 53.61
C LYS B 3948 39.81 -6.07 54.50
N ARG B 3949 40.07 -5.46 55.66
CA ARG B 3949 39.06 -5.23 56.67
C ARG B 3949 38.06 -4.17 56.25
N ASN B 3950 38.55 -3.04 55.75
CA ASN B 3950 37.69 -1.95 55.30
C ASN B 3950 37.04 -2.25 53.96
N PHE B 3951 37.45 -3.32 53.29
CA PHE B 3951 36.96 -3.54 51.95
C PHE B 3951 36.04 -4.75 51.90
N SER B 3952 36.17 -5.66 52.87
CA SER B 3952 35.12 -6.64 53.11
C SER B 3952 33.80 -5.96 53.40
N LYS B 3953 33.86 -4.85 54.14
CA LYS B 3953 32.72 -3.96 54.31
C LYS B 3953 32.19 -3.48 52.97
N ALA B 3954 33.07 -2.93 52.14
CA ALA B 3954 32.69 -2.38 50.84
C ALA B 3954 32.11 -3.42 49.91
N MET B 3955 32.56 -4.66 50.02
CA MET B 3955 32.02 -5.74 49.23
C MET B 3955 30.66 -6.19 49.75
N SER B 3956 30.54 -6.32 51.07
CA SER B 3956 29.27 -6.76 51.66
C SER B 3956 28.15 -5.76 51.47
N VAL B 3957 28.46 -4.46 51.43
CA VAL B 3957 27.40 -3.49 51.22
C VAL B 3957 26.94 -3.49 49.78
N ALA B 3958 27.90 -3.52 48.84
CA ALA B 3958 27.57 -3.57 47.42
C ALA B 3958 26.82 -4.83 47.06
N LYS B 3959 27.08 -5.92 47.78
CA LYS B 3959 26.21 -7.08 47.70
C LYS B 3959 24.76 -6.73 48.00
N GLN B 3960 24.53 -6.00 49.09
CA GLN B 3960 23.17 -5.58 49.44
C GLN B 3960 22.60 -4.63 48.41
N VAL B 3961 23.47 -3.84 47.78
CA VAL B 3961 23.07 -2.97 46.69
C VAL B 3961 22.55 -3.80 45.53
N PHE B 3962 23.28 -4.86 45.15
CA PHE B 3962 22.81 -5.81 44.15
C PHE B 3962 21.47 -6.38 44.50
N ASN B 3963 21.30 -6.77 45.77
CA ASN B 3963 20.09 -7.47 46.19
C ASN B 3963 18.88 -6.56 46.12
N SER B 3964 19.02 -5.33 46.60
CA SER B 3964 17.96 -4.33 46.46
C SER B 3964 17.66 -4.00 45.01
N LEU B 3965 18.68 -3.86 44.18
CA LEU B 3965 18.47 -3.60 42.75
C LEU B 3965 17.79 -4.74 42.02
N THR B 3966 18.04 -5.99 42.43
CA THR B 3966 17.27 -7.11 41.92
C THR B 3966 15.81 -6.99 42.34
N GLU B 3967 15.59 -6.70 43.62
CA GLU B 3967 14.24 -6.60 44.14
C GLU B 3967 13.47 -5.41 43.59
N TYR B 3968 14.14 -4.48 42.92
CA TYR B 3968 13.47 -3.48 42.11
C TYR B 3968 12.74 -4.07 40.94
N ILE B 3969 13.36 -5.04 40.27
CA ILE B 3969 12.90 -5.46 38.96
C ILE B 3969 12.25 -6.83 38.98
N GLN B 3970 12.48 -7.64 40.02
CA GLN B 3970 11.91 -8.97 40.07
C GLN B 3970 10.40 -8.89 40.28
N GLY B 3971 9.68 -9.82 39.68
CA GLY B 3971 8.27 -9.61 39.45
C GLY B 3971 8.17 -8.53 38.39
N PRO B 3972 8.42 -8.91 37.11
CA PRO B 3972 8.94 -7.96 36.10
C PRO B 3972 8.09 -6.72 35.85
N CYS B 3973 8.59 -5.60 36.34
CA CYS B 3973 7.93 -4.31 36.21
C CYS B 3973 8.43 -3.68 34.93
N THR B 3974 7.59 -3.70 33.91
CA THR B 3974 7.98 -3.31 32.57
C THR B 3974 8.34 -1.85 32.47
N GLY B 3975 7.67 -0.99 33.24
CA GLY B 3975 8.05 0.41 33.26
C GLY B 3975 9.42 0.62 33.86
N ASN B 3976 9.76 -0.14 34.90
CA ASN B 3976 11.11 -0.07 35.45
C ASN B 3976 12.13 -0.64 34.49
N GLN B 3977 11.76 -1.67 33.74
CA GLN B 3977 12.67 -2.22 32.75
C GLN B 3977 12.89 -1.26 31.61
N GLN B 3978 11.87 -0.48 31.26
CA GLN B 3978 12.03 0.55 30.24
C GLN B 3978 12.83 1.72 30.77
N SER B 3979 12.70 2.02 32.06
CA SER B 3979 13.58 2.99 32.69
C SER B 3979 15.03 2.54 32.63
N LEU B 3980 15.27 1.27 32.88
CA LEU B 3980 16.63 0.77 32.83
C LEU B 3980 17.11 0.56 31.41
N ALA B 3981 16.19 0.48 30.46
CA ALA B 3981 16.57 0.55 29.05
C ALA B 3981 17.20 1.89 28.74
N HIS B 3982 16.61 2.97 29.22
CA HIS B 3982 17.11 4.30 28.93
C HIS B 3982 18.16 4.77 29.93
N SER B 3983 18.34 4.05 31.02
CA SER B 3983 19.35 4.44 31.97
C SER B 3983 20.74 4.09 31.45
N ARG B 3984 21.73 4.79 31.96
CA ARG B 3984 23.13 4.49 31.67
C ARG B 3984 23.73 3.60 32.74
N LEU B 3985 22.84 2.87 33.42
CA LEU B 3985 23.19 1.67 34.17
C LEU B 3985 24.05 0.71 33.36
N TRP B 3986 23.72 0.58 32.08
CA TRP B 3986 24.47 -0.22 31.13
C TRP B 3986 25.95 0.16 31.12
N ASP B 3987 26.26 1.44 31.24
CA ASP B 3987 27.64 1.86 31.45
C ASP B 3987 28.14 1.45 32.82
N ALA B 3988 27.31 1.61 33.85
CA ALA B 3988 27.70 1.32 35.22
C ALA B 3988 28.02 -0.15 35.45
N VAL B 3989 27.50 -1.04 34.63
CA VAL B 3989 27.82 -2.46 34.74
C VAL B 3989 29.30 -2.70 34.43
N VAL B 3990 29.84 -1.96 33.46
CA VAL B 3990 31.02 -2.38 32.74
C VAL B 3990 32.27 -2.20 33.58
N GLY B 3991 32.32 -1.11 34.36
CA GLY B 3991 33.45 -0.84 35.22
C GLY B 3991 33.70 -1.92 36.23
N PHE B 3992 32.64 -2.57 36.70
CA PHE B 3992 32.81 -3.73 37.58
C PHE B 3992 33.55 -4.85 36.89
N LEU B 3993 33.17 -5.18 35.66
CA LEU B 3993 33.85 -6.21 34.89
C LEU B 3993 35.31 -5.88 34.67
N HIS B 3994 35.61 -4.62 34.34
CA HIS B 3994 37.00 -4.24 34.13
C HIS B 3994 37.81 -4.28 35.41
N VAL B 3995 37.20 -3.95 36.56
CA VAL B 3995 37.88 -4.11 37.84
C VAL B 3995 38.09 -5.58 38.16
N PHE B 3996 37.03 -6.37 38.01
CA PHE B 3996 37.00 -7.80 38.30
C PHE B 3996 38.05 -8.57 37.56
N ALA B 3997 38.20 -8.31 36.25
CA ALA B 3997 39.13 -9.03 35.39
C ALA B 3997 40.56 -8.93 35.89
N HIS B 3998 40.92 -7.78 36.43
CA HIS B 3998 42.21 -7.63 37.05
C HIS B 3998 42.22 -8.18 38.48
N MET B 3999 41.12 -8.00 39.20
CA MET B 3999 40.97 -8.59 40.53
C MET B 3999 40.97 -10.10 40.46
N MET B 4000 40.30 -10.67 39.46
CA MET B 4000 40.31 -12.12 39.24
C MET B 4000 41.70 -12.67 39.08
N MET B 4001 42.59 -11.91 38.47
CA MET B 4001 43.94 -12.41 38.33
C MET B 4001 44.76 -12.13 39.57
N LYS B 4002 44.65 -10.93 40.13
CA LYS B 4002 45.59 -10.55 41.19
C LYS B 4002 45.22 -11.20 42.52
N LEU B 4003 43.93 -11.37 42.80
CA LEU B 4003 43.52 -11.95 44.05
C LEU B 4003 43.69 -13.46 44.09
N ALA B 4004 43.84 -14.08 42.92
CA ALA B 4004 44.12 -15.51 42.85
C ALA B 4004 45.54 -15.84 43.29
N GLN B 4005 46.41 -14.85 43.40
CA GLN B 4005 47.84 -15.05 43.56
C GLN B 4005 48.27 -15.10 45.02
N ASP B 4006 47.36 -15.45 45.93
CA ASP B 4006 47.68 -15.41 47.34
C ASP B 4006 46.79 -16.38 48.10
N SER B 4007 47.45 -17.16 48.96
CA SER B 4007 46.78 -18.06 49.88
C SER B 4007 46.25 -17.37 51.13
N SER B 4008 46.49 -16.08 51.27
CA SER B 4008 45.87 -15.28 52.31
C SER B 4008 44.56 -14.65 51.85
N GLN B 4009 44.33 -14.61 50.54
CA GLN B 4009 43.19 -13.90 49.97
C GLN B 4009 42.09 -14.87 49.57
N ILE B 4010 42.06 -16.02 50.25
CA ILE B 4010 41.21 -17.13 49.80
C ILE B 4010 39.74 -16.84 50.09
N GLU B 4011 39.42 -16.59 51.37
CA GLU B 4011 38.06 -16.25 51.73
C GLU B 4011 37.62 -14.91 51.15
N LEU B 4012 38.57 -14.01 50.90
CA LEU B 4012 38.25 -12.72 50.31
C LEU B 4012 37.83 -12.88 48.86
N LEU B 4013 38.60 -13.66 48.10
CA LEU B 4013 38.22 -13.90 46.71
C LEU B 4013 37.02 -14.81 46.61
N LYS B 4014 36.82 -15.68 47.62
CA LYS B 4014 35.58 -16.43 47.76
C LYS B 4014 34.38 -15.51 47.93
N GLU B 4015 34.54 -14.48 48.75
CA GLU B 4015 33.51 -13.47 48.91
C GLU B 4015 33.30 -12.70 47.61
N LEU B 4016 34.38 -12.48 46.86
CA LEU B 4016 34.26 -11.84 45.54
C LEU B 4016 33.48 -12.71 44.57
N LEU B 4017 33.66 -14.02 44.66
CA LEU B 4017 32.86 -14.94 43.87
C LEU B 4017 31.38 -14.80 44.21
N ASP B 4018 31.07 -14.66 45.49
CA ASP B 4018 29.70 -14.44 45.93
C ASP B 4018 29.17 -13.12 45.43
N LEU B 4019 30.00 -12.08 45.51
CA LEU B 4019 29.62 -10.74 45.08
C LEU B 4019 29.32 -10.70 43.59
N GLN B 4020 30.19 -11.29 42.79
CA GLN B 4020 30.01 -11.25 41.35
C GLN B 4020 28.93 -12.21 40.91
N LYS B 4021 28.67 -13.26 41.70
CA LYS B 4021 27.49 -14.08 41.46
C LYS B 4021 26.21 -13.29 41.72
N ASP B 4022 26.19 -12.51 42.79
CA ASP B 4022 25.07 -11.61 43.06
C ASP B 4022 24.92 -10.54 42.00
N MET B 4023 26.04 -10.12 41.40
CA MET B 4023 25.98 -9.24 40.25
C MET B 4023 25.33 -9.93 39.05
N VAL B 4024 25.82 -11.11 38.71
CA VAL B 4024 25.39 -11.74 37.46
C VAL B 4024 23.97 -12.28 37.57
N VAL B 4025 23.47 -12.58 38.77
CA VAL B 4025 22.07 -12.97 38.84
C VAL B 4025 21.15 -11.78 38.68
N MET B 4026 21.62 -10.57 39.01
CA MET B 4026 20.91 -9.38 38.60
C MET B 4026 20.90 -9.25 37.08
N LEU B 4027 22.00 -9.66 36.45
CA LEU B 4027 22.07 -9.56 35.00
C LEU B 4027 21.16 -10.59 34.35
N LEU B 4028 21.01 -11.74 35.00
CA LEU B 4028 19.98 -12.70 34.62
C LEU B 4028 18.58 -12.11 34.78
N SER B 4029 18.35 -11.46 35.92
CA SER B 4029 17.09 -10.83 36.26
C SER B 4029 16.72 -9.71 35.32
N LEU B 4030 17.70 -9.11 34.65
CA LEU B 4030 17.46 -8.05 33.68
C LEU B 4030 16.60 -8.54 32.52
N LEU B 4031 16.73 -9.81 32.15
CA LEU B 4031 15.94 -10.34 31.05
C LEU B 4031 14.51 -10.54 31.54
N GLU B 4032 14.36 -11.48 32.47
CA GLU B 4032 13.12 -11.85 33.14
C GLU B 4032 11.99 -12.03 32.13
N GLY B 4033 12.31 -12.80 31.10
CA GLY B 4033 11.46 -12.85 29.93
C GLY B 4033 11.81 -11.72 28.99
N ASN B 4034 13.06 -11.67 28.54
CA ASN B 4034 13.46 -10.69 27.54
C ASN B 4034 12.88 -11.09 26.20
N VAL B 4035 12.34 -10.12 25.46
CA VAL B 4035 11.92 -10.39 24.10
C VAL B 4035 13.19 -10.36 23.25
N VAL B 4036 13.10 -10.86 22.01
CA VAL B 4036 14.25 -11.19 21.18
C VAL B 4036 15.13 -9.99 20.86
N ASN B 4037 14.56 -8.85 20.49
CA ASN B 4037 15.36 -7.75 19.96
C ASN B 4037 14.95 -6.42 20.57
N GLY B 4038 14.04 -6.45 21.53
CA GLY B 4038 13.47 -5.23 22.06
C GLY B 4038 14.38 -4.45 22.98
N MET B 4039 15.51 -3.96 22.43
CA MET B 4039 16.37 -2.91 22.98
C MET B 4039 17.15 -3.33 24.21
N ILE B 4040 16.88 -4.50 24.78
CA ILE B 4040 17.53 -4.94 26.01
C ILE B 4040 18.66 -5.90 25.70
N ALA B 4041 18.33 -7.04 25.07
CA ALA B 4041 19.35 -7.93 24.54
C ALA B 4041 20.19 -7.24 23.50
N ARG B 4042 19.60 -6.31 22.76
CA ARG B 4042 20.34 -5.53 21.77
C ARG B 4042 21.42 -4.66 22.41
N GLN B 4043 21.19 -4.21 23.63
CA GLN B 4043 22.23 -3.50 24.38
C GLN B 4043 23.11 -4.43 25.17
N MET B 4044 22.61 -5.62 25.49
CA MET B 4044 23.48 -6.63 26.09
C MET B 4044 24.55 -7.07 25.12
N VAL B 4045 24.18 -7.21 23.86
CA VAL B 4045 25.14 -7.30 22.75
C VAL B 4045 26.17 -6.21 22.84
N ASP B 4046 25.72 -4.97 23.04
CA ASP B 4046 26.62 -3.83 23.03
C ASP B 4046 27.60 -3.89 24.17
N MET B 4047 27.11 -4.15 25.38
CA MET B 4047 28.00 -4.17 26.53
C MET B 4047 28.89 -5.41 26.56
N LEU B 4048 28.45 -6.53 25.96
CA LEU B 4048 29.30 -7.70 25.96
C LEU B 4048 30.42 -7.56 24.94
N VAL B 4049 30.11 -7.00 23.77
CA VAL B 4049 31.13 -6.66 22.80
C VAL B 4049 32.05 -5.58 23.39
N GLU B 4050 31.48 -4.68 24.19
CA GLU B 4050 32.22 -3.61 24.84
C GLU B 4050 33.26 -4.13 25.81
N SER B 4051 32.82 -4.84 26.86
CA SER B 4051 33.72 -5.32 27.90
C SER B 4051 34.13 -6.75 27.61
N SER B 4052 34.09 -7.10 26.32
CA SER B 4052 34.37 -8.45 25.88
C SER B 4052 35.78 -8.89 26.21
N SER B 4053 36.74 -7.96 26.20
CA SER B 4053 38.10 -8.34 26.52
C SER B 4053 38.28 -8.70 27.99
N ASN B 4054 37.58 -7.99 28.87
CA ASN B 4054 37.44 -8.46 30.24
C ASN B 4054 36.72 -9.78 30.28
N VAL B 4055 35.66 -9.92 29.49
CA VAL B 4055 34.94 -11.18 29.36
C VAL B 4055 35.84 -12.26 28.76
N GLU B 4056 36.72 -11.88 27.82
CA GLU B 4056 37.74 -12.81 27.32
C GLU B 4056 38.62 -13.32 28.44
N MET B 4057 39.05 -12.43 29.32
CA MET B 4057 39.94 -12.80 30.40
C MET B 4057 39.21 -13.65 31.44
N ILE B 4058 37.94 -13.35 31.65
CA ILE B 4058 37.12 -14.07 32.62
C ILE B 4058 36.82 -15.48 32.12
N LEU B 4059 36.39 -15.59 30.87
CA LEU B 4059 36.17 -16.89 30.25
C LEU B 4059 37.47 -17.67 30.13
N LYS B 4060 38.57 -16.97 29.94
CA LYS B 4060 39.89 -17.57 29.90
C LYS B 4060 40.23 -18.22 31.24
N PHE B 4061 40.12 -17.45 32.31
CA PHE B 4061 40.17 -17.92 33.69
C PHE B 4061 39.28 -19.12 33.92
N PHE B 4062 38.05 -19.05 33.42
CA PHE B 4062 37.10 -20.12 33.60
C PHE B 4062 37.54 -21.38 32.89
N ASP B 4063 38.00 -21.25 31.66
CA ASP B 4063 38.21 -22.43 30.83
C ASP B 4063 39.52 -23.11 31.18
N MET B 4064 40.50 -22.35 31.65
CA MET B 4064 41.76 -22.97 32.06
C MET B 4064 41.58 -23.79 33.32
N PHE B 4065 40.60 -23.44 34.15
CA PHE B 4065 40.44 -24.05 35.44
C PHE B 4065 39.30 -25.04 35.49
N LEU B 4066 38.36 -24.95 34.55
CA LEU B 4066 37.40 -26.02 34.34
C LEU B 4066 38.07 -27.28 33.87
N LYS B 4067 39.02 -27.16 32.95
CA LYS B 4067 39.74 -28.33 32.48
C LYS B 4067 40.77 -28.81 33.47
N LEU B 4068 41.05 -28.05 34.53
CA LEU B 4068 42.08 -28.41 35.49
C LEU B 4068 41.77 -29.70 36.22
N LYS B 4069 40.52 -29.90 36.62
CA LYS B 4069 40.13 -31.14 37.28
C LYS B 4069 40.16 -32.32 36.32
N ASP B 4070 40.11 -32.03 35.01
CA ASP B 4070 40.33 -33.08 34.03
C ASP B 4070 41.81 -33.34 33.81
N ILE B 4071 42.62 -32.28 33.89
CA ILE B 4071 44.06 -32.40 33.70
C ILE B 4071 44.68 -33.13 34.88
N VAL B 4072 44.32 -32.74 36.10
CA VAL B 4072 44.54 -33.70 37.17
C VAL B 4072 43.23 -34.45 37.31
N GLY B 4073 42.95 -35.28 36.31
CA GLY B 4073 42.00 -36.37 36.31
C GLY B 4073 42.61 -37.36 35.34
N SER B 4074 43.83 -37.02 34.92
CA SER B 4074 44.51 -37.69 33.84
C SER B 4074 45.69 -38.48 34.39
N GLU B 4075 45.80 -39.72 33.94
CA GLU B 4075 46.88 -40.57 34.40
C GLU B 4075 48.21 -40.19 33.79
N ALA B 4076 48.22 -39.47 32.67
CA ALA B 4076 49.44 -38.92 32.13
C ALA B 4076 50.09 -37.95 33.10
N PHE B 4077 49.27 -37.17 33.81
CA PHE B 4077 49.73 -36.41 34.95
C PHE B 4077 50.22 -37.33 36.07
N GLN B 4078 49.61 -38.49 36.22
CA GLN B 4078 49.94 -39.39 37.30
C GLN B 4078 51.16 -40.26 37.02
N ASP B 4079 51.70 -40.21 35.81
CA ASP B 4079 52.77 -41.14 35.44
C ASP B 4079 54.08 -40.74 36.08
N TYR B 4080 54.56 -39.55 35.76
CA TYR B 4080 55.92 -39.13 36.02
C TYR B 4080 56.19 -38.80 37.48
N VAL B 4081 55.16 -38.72 38.33
CA VAL B 4081 55.36 -38.33 39.71
C VAL B 4081 55.87 -39.50 40.53
N THR B 4082 57.03 -39.31 41.17
CA THR B 4082 57.60 -40.29 42.10
C THR B 4082 57.55 -39.64 43.48
N ASP B 4083 56.38 -39.71 44.11
CA ASP B 4083 56.14 -39.13 45.43
C ASP B 4083 55.04 -39.91 46.12
N PRO B 4084 55.41 -40.90 46.95
CA PRO B 4084 54.40 -41.61 47.75
C PRO B 4084 53.79 -40.77 48.85
N ARG B 4085 54.40 -39.66 49.23
CA ARG B 4085 53.77 -38.73 50.16
C ARG B 4085 52.80 -37.79 49.46
N GLY B 4086 52.71 -37.84 48.13
CA GLY B 4086 51.76 -37.03 47.40
C GLY B 4086 52.18 -35.60 47.20
N LEU B 4087 53.36 -35.21 47.68
CA LEU B 4087 53.88 -33.87 47.51
C LEU B 4087 54.67 -33.86 46.20
N ILE B 4088 53.93 -33.75 45.09
CA ILE B 4088 54.55 -33.65 43.77
C ILE B 4088 55.36 -32.36 43.67
N SER B 4089 56.59 -32.49 43.20
CA SER B 4089 57.53 -31.38 43.19
C SER B 4089 57.17 -30.39 42.08
N LYS B 4090 57.95 -29.33 41.96
CA LYS B 4090 57.61 -28.30 41.01
C LYS B 4090 58.37 -28.46 39.69
N LYS B 4091 59.46 -29.23 39.67
CA LYS B 4091 60.25 -29.28 38.44
C LYS B 4091 59.73 -30.30 37.45
N ASP B 4092 59.31 -31.47 37.92
CA ASP B 4092 58.57 -32.39 37.06
C ASP B 4092 57.26 -31.78 36.60
N PHE B 4093 56.59 -31.06 37.50
CA PHE B 4093 55.49 -30.18 37.17
C PHE B 4093 55.86 -29.22 36.04
N GLN B 4094 57.01 -28.56 36.17
CA GLN B 4094 57.46 -27.57 35.21
C GLN B 4094 57.71 -28.16 33.84
N LYS B 4095 58.33 -29.34 33.80
CA LYS B 4095 58.53 -30.08 32.58
C LYS B 4095 57.22 -30.46 31.91
N ALA B 4096 56.38 -31.20 32.63
CA ALA B 4096 55.25 -31.88 32.01
C ALA B 4096 54.08 -30.96 31.72
N MET B 4097 54.14 -29.70 32.14
CA MET B 4097 53.16 -28.73 31.66
C MET B 4097 53.31 -28.43 30.19
N ASP B 4098 54.53 -28.57 29.65
CA ASP B 4098 54.71 -28.58 28.21
C ASP B 4098 54.29 -29.88 27.57
N SER B 4099 54.51 -31.00 28.27
CA SER B 4099 54.18 -32.32 27.73
C SER B 4099 52.68 -32.47 27.53
N GLN B 4100 51.89 -32.06 28.50
CA GLN B 4100 50.46 -31.93 28.28
C GLN B 4100 50.18 -30.67 27.49
N LYS B 4101 49.32 -30.80 26.49
CA LYS B 4101 49.16 -29.76 25.48
C LYS B 4101 48.06 -28.79 25.89
N GLN B 4102 47.60 -27.98 24.93
CA GLN B 4102 46.46 -27.05 25.00
C GLN B 4102 46.59 -26.03 26.14
N PHE B 4103 47.82 -25.76 26.58
CA PHE B 4103 48.07 -24.74 27.58
C PHE B 4103 49.03 -23.70 27.00
N THR B 4104 49.27 -22.64 27.77
CA THR B 4104 50.14 -21.57 27.32
C THR B 4104 51.10 -21.20 28.46
N GLY B 4105 52.29 -20.77 28.06
CA GLY B 4105 53.32 -20.28 28.96
C GLY B 4105 52.90 -19.32 30.05
N PRO B 4106 52.29 -18.17 29.70
CA PRO B 4106 51.82 -17.24 30.74
C PRO B 4106 50.74 -17.80 31.63
N GLU B 4107 49.90 -18.69 31.11
CA GLU B 4107 48.95 -19.41 31.96
C GLU B 4107 49.67 -20.20 33.02
N ILE B 4108 50.71 -20.93 32.62
CA ILE B 4108 51.47 -21.73 33.57
C ILE B 4108 52.24 -20.84 34.53
N GLN B 4109 52.67 -19.66 34.06
CA GLN B 4109 53.30 -18.69 34.94
C GLN B 4109 52.33 -18.19 35.98
N PHE B 4110 51.09 -17.96 35.57
CA PHE B 4110 50.05 -17.58 36.50
C PHE B 4110 49.70 -18.72 37.45
N LEU B 4111 49.81 -19.97 36.96
CA LEU B 4111 49.63 -21.14 37.82
C LEU B 4111 50.69 -21.20 38.90
N LEU B 4112 51.94 -20.93 38.52
CA LEU B 4112 53.03 -20.90 39.49
C LEU B 4112 52.88 -19.72 40.45
N SER B 4113 52.33 -18.62 39.97
CA SER B 4113 52.06 -17.47 40.81
C SER B 4113 50.98 -17.77 41.84
N CYS B 4114 49.95 -18.51 41.44
CA CYS B 4114 48.88 -18.83 42.37
C CYS B 4114 49.22 -19.97 43.30
N SER B 4115 50.05 -20.92 42.85
CA SER B 4115 50.38 -22.09 43.65
C SER B 4115 51.44 -21.74 44.69
N GLU B 4116 51.91 -22.76 45.40
CA GLU B 4116 52.83 -22.57 46.52
C GLU B 4116 54.13 -23.31 46.22
N ALA B 4117 55.24 -22.70 46.60
CA ALA B 4117 56.55 -23.26 46.31
C ALA B 4117 56.87 -24.42 47.24
N ASP B 4118 56.94 -24.13 48.54
CA ASP B 4118 57.41 -25.03 49.60
C ASP B 4118 58.79 -25.59 49.26
N GLU B 4119 59.61 -24.70 48.68
CA GLU B 4119 61.00 -24.96 48.30
C GLU B 4119 61.13 -26.11 47.31
N ASN B 4120 60.37 -26.00 46.20
CA ASN B 4120 60.45 -26.90 45.03
C ASN B 4120 60.07 -28.33 45.42
N GLU B 4121 59.02 -28.46 46.24
CA GLU B 4121 58.63 -29.75 46.78
C GLU B 4121 57.16 -30.08 46.58
N MET B 4122 56.29 -29.08 46.61
CA MET B 4122 54.86 -29.34 46.68
C MET B 4122 54.10 -28.55 45.60
N ILE B 4123 53.06 -29.19 45.07
CA ILE B 4123 52.08 -28.55 44.22
C ILE B 4123 50.68 -28.64 44.80
N ASN B 4124 50.32 -29.81 45.32
CA ASN B 4124 49.02 -30.13 45.95
C ASN B 4124 47.87 -29.81 44.99
N PHE B 4125 47.90 -30.60 43.92
CA PHE B 4125 46.84 -30.72 42.92
C PHE B 4125 45.43 -30.75 43.51
N GLU B 4126 45.24 -31.49 44.61
CA GLU B 4126 43.89 -31.74 45.10
C GLU B 4126 43.29 -30.51 45.74
N GLU B 4127 44.04 -29.89 46.67
CA GLU B 4127 43.61 -28.63 47.25
C GLU B 4127 43.58 -27.54 46.19
N PHE B 4128 44.50 -27.58 45.24
CA PHE B 4128 44.58 -26.55 44.21
C PHE B 4128 43.33 -26.57 43.32
N ALA B 4129 42.78 -27.75 43.08
CA ALA B 4129 41.50 -27.86 42.37
C ALA B 4129 40.33 -27.52 43.28
N ASN B 4130 40.24 -28.17 44.44
CA ASN B 4130 39.05 -28.08 45.25
C ASN B 4130 38.91 -26.75 45.97
N ARG B 4131 39.99 -25.98 46.06
CA ARG B 4131 39.90 -24.59 46.43
C ARG B 4131 39.12 -23.79 45.40
N PHE B 4132 39.42 -24.01 44.13
CA PHE B 4132 38.69 -23.37 43.05
C PHE B 4132 37.26 -23.89 42.92
N GLN B 4133 37.01 -25.13 43.39
CA GLN B 4133 35.83 -25.93 43.03
C GLN B 4133 34.49 -25.26 43.26
N GLU B 4134 34.14 -24.96 44.51
CA GLU B 4134 32.72 -24.88 44.88
C GLU B 4134 31.99 -23.66 44.30
N PRO B 4135 32.45 -22.40 44.45
CA PRO B 4135 31.64 -21.29 43.91
C PRO B 4135 31.75 -21.16 42.39
N ALA B 4136 32.72 -21.85 41.79
CA ALA B 4136 32.95 -21.74 40.36
C ALA B 4136 31.79 -22.29 39.57
N ARG B 4137 31.19 -23.38 40.06
CA ARG B 4137 30.00 -23.95 39.43
C ARG B 4137 28.86 -22.96 39.44
N ASP B 4138 28.71 -22.22 40.55
CA ASP B 4138 27.56 -21.34 40.70
C ASP B 4138 27.72 -20.09 39.86
N ILE B 4139 28.93 -19.54 39.80
CA ILE B 4139 29.13 -18.39 38.93
C ILE B 4139 29.09 -18.80 37.46
N GLY B 4140 29.64 -19.95 37.11
CA GLY B 4140 29.74 -20.33 35.71
C GLY B 4140 28.42 -20.83 35.16
N PHE B 4141 27.59 -21.43 36.02
CA PHE B 4141 26.22 -21.75 35.67
C PHE B 4141 25.48 -20.50 35.23
N ASN B 4142 25.57 -19.43 36.03
CA ASN B 4142 24.87 -18.18 35.75
C ASN B 4142 25.36 -17.55 34.47
N VAL B 4143 26.68 -17.47 34.30
CA VAL B 4143 27.26 -16.89 33.09
C VAL B 4143 26.88 -17.70 31.86
N ALA B 4144 26.98 -19.04 31.97
CA ALA B 4144 26.74 -19.89 30.82
C ALA B 4144 25.28 -19.90 30.42
N VAL B 4145 24.37 -19.95 31.39
CA VAL B 4145 22.96 -19.93 31.04
C VAL B 4145 22.52 -18.54 30.63
N LEU B 4146 23.25 -17.50 31.05
CA LEU B 4146 22.99 -16.16 30.56
C LEU B 4146 23.28 -16.08 29.08
N LEU B 4147 24.47 -16.52 28.68
CA LEU B 4147 24.83 -16.61 27.28
C LEU B 4147 23.90 -17.53 26.52
N THR B 4148 23.44 -18.60 27.18
CA THR B 4148 22.55 -19.56 26.57
C THR B 4148 21.22 -18.92 26.22
N ASN B 4149 20.57 -18.34 27.21
CA ASN B 4149 19.27 -17.74 27.01
C ASN B 4149 19.35 -16.56 26.06
N LEU B 4150 20.45 -15.79 26.10
CA LEU B 4150 20.63 -14.72 25.13
C LEU B 4150 20.75 -15.24 23.71
N SER B 4151 21.56 -16.27 23.53
CA SER B 4151 21.71 -16.89 22.22
C SER B 4151 20.39 -17.47 21.73
N GLU B 4152 19.59 -17.94 22.67
CA GLU B 4152 18.32 -18.55 22.32
C GLU B 4152 17.21 -17.53 22.15
N HIS B 4153 17.34 -16.34 22.74
CA HIS B 4153 16.45 -15.25 22.37
C HIS B 4153 16.77 -14.79 20.97
N VAL B 4154 17.99 -14.33 20.77
CA VAL B 4154 18.36 -13.79 19.48
C VAL B 4154 19.55 -14.57 18.90
N PRO B 4155 19.29 -15.48 17.98
CA PRO B 4155 20.38 -16.01 17.16
C PRO B 4155 20.76 -15.05 16.06
N HIS B 4156 21.63 -15.51 15.16
CA HIS B 4156 22.07 -14.80 13.96
C HIS B 4156 22.78 -13.49 14.32
N ASP B 4157 23.83 -13.64 15.12
CA ASP B 4157 24.83 -12.59 15.28
C ASP B 4157 26.19 -13.27 15.28
N PRO B 4158 27.05 -12.97 14.31
CA PRO B 4158 28.38 -13.61 14.28
C PRO B 4158 29.26 -13.19 15.44
N ARG B 4159 29.06 -11.98 15.96
CA ARG B 4159 29.74 -11.57 17.18
C ARG B 4159 29.33 -12.45 18.34
N LEU B 4160 28.04 -12.76 18.43
CA LEU B 4160 27.55 -13.73 19.41
C LEU B 4160 28.16 -15.10 19.21
N ARG B 4161 28.19 -15.59 17.97
CA ARG B 4161 28.87 -16.85 17.63
C ARG B 4161 30.32 -16.87 18.08
N ASN B 4162 31.00 -15.74 17.97
CA ASN B 4162 32.34 -15.60 18.49
C ASN B 4162 32.36 -15.75 20.00
N PHE B 4163 31.34 -15.24 20.69
CA PHE B 4163 31.28 -15.50 22.13
C PHE B 4163 31.01 -16.96 22.42
N LEU B 4164 30.18 -17.60 21.59
CA LEU B 4164 30.00 -19.04 21.71
C LEU B 4164 31.29 -19.77 21.39
N GLU B 4165 32.04 -19.24 20.42
CA GLU B 4165 33.35 -19.77 20.07
C GLU B 4165 34.31 -19.73 21.25
N LEU B 4166 34.23 -18.66 22.05
CA LEU B 4166 35.01 -18.63 23.28
C LEU B 4166 34.47 -19.62 24.30
N ALA B 4167 33.20 -19.48 24.68
CA ALA B 4167 32.62 -20.20 25.80
C ALA B 4167 32.06 -21.55 25.39
N GLU B 4168 32.63 -22.18 24.37
CA GLU B 4168 32.04 -23.42 23.87
C GLU B 4168 32.18 -24.58 24.84
N SER B 4169 33.40 -24.85 25.31
CA SER B 4169 33.66 -26.06 26.10
C SER B 4169 33.08 -25.98 27.50
N ILE B 4170 32.86 -24.76 27.99
CA ILE B 4170 32.39 -24.60 29.36
C ILE B 4170 30.92 -24.99 29.45
N LEU B 4171 30.13 -24.53 28.49
CA LEU B 4171 28.79 -25.04 28.27
C LEU B 4171 28.78 -26.53 27.99
N GLU B 4172 29.82 -27.04 27.33
CA GLU B 4172 29.91 -28.48 27.09
C GLU B 4172 30.06 -29.24 28.39
N TYR B 4173 30.73 -28.65 29.37
CA TYR B 4173 30.73 -29.26 30.68
C TYR B 4173 29.39 -29.13 31.38
N PHE B 4174 28.70 -28.01 31.18
CA PHE B 4174 27.55 -27.70 32.01
C PHE B 4174 26.26 -28.35 31.54
N ARG B 4175 26.18 -28.75 30.28
CA ARG B 4175 24.96 -29.29 29.71
C ARG B 4175 24.32 -30.53 30.37
N PRO B 4176 24.98 -31.35 31.19
CA PRO B 4176 24.20 -32.26 32.03
C PRO B 4176 23.63 -31.62 33.27
N TYR B 4177 23.96 -30.36 33.56
CA TYR B 4177 23.51 -29.77 34.81
C TYR B 4177 22.47 -28.70 34.64
N LEU B 4178 22.15 -28.33 33.42
CA LEU B 4178 21.09 -27.36 33.17
C LEU B 4178 19.79 -28.07 32.82
N GLY B 4179 18.71 -27.62 33.46
CA GLY B 4179 17.38 -27.94 32.99
C GLY B 4179 16.77 -26.73 32.30
N ARG B 4180 16.07 -27.00 31.21
CA ARG B 4180 15.27 -26.00 30.52
C ARG B 4180 13.82 -26.25 30.87
N ILE B 4181 13.06 -25.16 31.00
CA ILE B 4181 11.65 -25.30 31.27
C ILE B 4181 10.92 -24.15 30.59
N GLU B 4182 9.76 -24.42 30.02
CA GLU B 4182 8.95 -23.40 29.37
C GLU B 4182 7.54 -23.46 29.91
N ILE B 4183 6.92 -22.29 30.00
CA ILE B 4183 5.62 -22.13 30.60
C ILE B 4183 4.80 -21.20 29.73
N MET B 4184 3.51 -21.12 30.04
CA MET B 4184 2.68 -20.03 29.54
C MET B 4184 1.91 -19.53 30.76
N GLY B 4185 2.34 -18.41 31.31
CA GLY B 4185 1.67 -17.87 32.46
C GLY B 4185 1.79 -16.36 32.54
N ALA B 4186 0.67 -15.69 32.79
CA ALA B 4186 0.53 -14.25 33.02
C ALA B 4186 0.98 -13.40 31.84
N SER B 4187 1.23 -13.98 30.67
CA SER B 4187 1.69 -13.23 29.52
C SER B 4187 0.89 -13.61 28.30
N ARG B 4188 0.05 -14.64 28.42
CA ARG B 4188 -0.58 -15.36 27.31
C ARG B 4188 0.45 -15.85 26.30
N ARG B 4189 1.67 -16.15 26.78
CA ARG B 4189 2.79 -16.42 25.90
C ARG B 4189 3.74 -17.40 26.57
N ILE B 4190 4.47 -18.13 25.74
CA ILE B 4190 5.39 -19.15 26.20
C ILE B 4190 6.73 -18.50 26.50
N GLU B 4191 7.22 -18.74 27.71
CA GLU B 4191 8.46 -18.19 28.21
C GLU B 4191 9.33 -19.33 28.75
N ARG B 4192 10.64 -19.07 28.87
CA ARG B 4192 11.57 -20.13 29.22
C ARG B 4192 12.41 -19.73 30.42
N ILE B 4193 12.40 -20.59 31.43
CA ILE B 4193 13.20 -20.42 32.63
C ILE B 4193 14.21 -21.57 32.61
N TYR B 4194 15.09 -21.61 33.61
CA TYR B 4194 16.15 -22.58 33.72
C TYR B 4194 16.43 -22.88 35.17
N PHE B 4195 17.27 -23.90 35.40
CA PHE B 4195 17.53 -24.38 36.76
C PHE B 4195 18.70 -25.36 36.73
N GLU B 4196 19.23 -25.61 37.93
CA GLU B 4196 20.36 -26.50 38.16
C GLU B 4196 19.88 -27.93 38.33
N ILE B 4197 20.83 -28.85 38.24
CA ILE B 4197 20.56 -30.28 38.40
C ILE B 4197 21.48 -30.84 39.49
N SER B 4198 20.87 -31.33 40.57
CA SER B 4198 21.60 -32.17 41.50
C SER B 4198 21.90 -33.52 40.86
N GLU B 4199 23.18 -33.83 40.79
CA GLU B 4199 23.62 -35.03 40.08
C GLU B 4199 23.22 -36.29 40.82
N THR B 4200 23.14 -36.21 42.16
CA THR B 4200 22.65 -37.30 42.99
C THR B 4200 21.25 -37.71 42.57
N ASN B 4201 20.35 -36.75 42.51
CA ASN B 4201 18.97 -37.06 42.18
C ASN B 4201 18.80 -37.26 40.69
N ARG B 4202 19.74 -36.77 39.89
CA ARG B 4202 19.79 -37.12 38.47
C ARG B 4202 20.08 -38.59 38.28
N ALA B 4203 21.01 -39.14 39.07
CA ALA B 4203 21.29 -40.56 39.00
C ALA B 4203 20.17 -41.39 39.63
N GLN B 4204 19.55 -40.87 40.69
CA GLN B 4204 18.36 -41.50 41.23
C GLN B 4204 17.20 -41.51 40.25
N TRP B 4205 17.10 -40.46 39.43
CA TRP B 4205 16.19 -40.45 38.29
C TRP B 4205 16.51 -41.59 37.33
N GLU B 4206 17.78 -41.93 37.20
CA GLU B 4206 18.19 -43.07 36.39
C GLU B 4206 18.19 -44.35 37.23
N MET B 4207 17.01 -44.71 37.69
CA MET B 4207 16.83 -45.99 38.34
C MET B 4207 15.71 -46.76 37.67
N PRO B 4208 15.94 -48.04 37.39
CA PRO B 4208 14.90 -48.84 36.72
C PRO B 4208 13.72 -49.15 37.61
N GLN B 4209 13.88 -49.07 38.92
CA GLN B 4209 12.72 -49.05 39.80
C GLN B 4209 11.88 -47.81 39.51
N VAL B 4210 12.54 -46.69 39.29
CA VAL B 4210 11.85 -45.46 38.95
C VAL B 4210 11.42 -45.46 37.50
N LYS B 4211 12.32 -45.90 36.60
CA LYS B 4211 12.04 -45.92 35.17
C LYS B 4211 10.90 -46.85 34.83
N GLU B 4212 10.83 -48.00 35.50
CA GLU B 4212 9.77 -48.95 35.22
C GLU B 4212 8.45 -48.52 35.82
N SER B 4213 8.50 -47.86 36.98
CA SER B 4213 7.29 -47.24 37.54
C SER B 4213 6.74 -46.18 36.60
N LYS B 4214 7.63 -45.34 36.06
CA LYS B 4214 7.25 -44.36 35.05
C LYS B 4214 6.68 -45.04 33.82
N ARG B 4215 7.30 -46.12 33.40
CA ARG B 4215 6.93 -46.83 32.19
C ARG B 4215 5.54 -47.44 32.31
N GLN B 4216 5.27 -48.10 33.43
CA GLN B 4216 3.93 -48.61 33.72
C GLN B 4216 2.93 -47.48 33.83
N PHE B 4217 3.33 -46.35 34.43
CA PHE B 4217 2.43 -45.22 34.56
C PHE B 4217 2.02 -44.65 33.20
N ILE B 4218 3.00 -44.50 32.31
CA ILE B 4218 2.73 -44.02 30.96
C ILE B 4218 1.88 -45.01 30.20
N PHE B 4219 2.14 -46.31 30.41
CA PHE B 4219 1.29 -47.36 29.85
C PHE B 4219 -0.14 -47.24 30.35
N ASP B 4220 -0.33 -46.86 31.60
CA ASP B 4220 -1.65 -46.78 32.17
C ASP B 4220 -2.40 -45.54 31.72
N VAL B 4221 -1.70 -44.41 31.57
CA VAL B 4221 -2.39 -43.16 31.35
C VAL B 4221 -2.79 -42.91 29.90
N VAL B 4222 -2.57 -43.87 29.02
CA VAL B 4222 -3.16 -43.84 27.69
C VAL B 4222 -4.07 -45.02 27.45
N ASN B 4223 -3.89 -46.10 28.21
CA ASN B 4223 -4.95 -47.09 28.35
C ASN B 4223 -6.19 -46.44 28.94
N GLU B 4224 -6.01 -45.58 29.92
CA GLU B 4224 -7.01 -44.65 30.41
C GLU B 4224 -6.46 -43.26 30.12
N GLY B 4225 -6.78 -42.72 28.95
CA GLY B 4225 -6.31 -41.40 28.59
C GLY B 4225 -7.44 -40.42 28.35
N GLY B 4226 -7.60 -39.45 29.24
CA GLY B 4226 -8.72 -38.53 29.12
C GLY B 4226 -8.45 -37.08 29.44
N GLU B 4227 -9.32 -36.51 30.28
CA GLU B 4227 -9.37 -35.09 30.61
C GLU B 4227 -8.17 -34.74 31.50
N ALA B 4228 -7.99 -33.45 31.86
CA ALA B 4228 -6.83 -32.84 32.49
C ALA B 4228 -6.45 -33.44 33.85
N GLU B 4229 -7.20 -34.44 34.33
CA GLU B 4229 -6.59 -35.54 35.08
C GLU B 4229 -5.31 -36.02 34.43
N LYS B 4230 -5.32 -36.17 33.10
CA LYS B 4230 -4.16 -36.55 32.29
C LYS B 4230 -2.90 -35.74 32.62
N MET B 4231 -3.06 -34.48 33.02
CA MET B 4231 -1.97 -33.75 33.65
C MET B 4231 -1.96 -33.87 35.16
N GLU B 4232 -3.13 -33.97 35.79
CA GLU B 4232 -3.23 -33.73 37.23
C GLU B 4232 -2.75 -34.92 38.03
N LEU B 4233 -3.26 -36.10 37.70
CA LEU B 4233 -2.73 -37.31 38.31
C LEU B 4233 -1.35 -37.63 37.79
N PHE B 4234 -0.99 -37.13 36.62
CA PHE B 4234 0.41 -37.10 36.23
C PHE B 4234 1.23 -36.22 37.17
N VAL B 4235 0.69 -35.04 37.50
CA VAL B 4235 1.29 -34.20 38.53
C VAL B 4235 1.28 -34.91 39.88
N SER B 4236 0.25 -35.70 40.16
CA SER B 4236 0.26 -36.52 41.36
C SER B 4236 1.33 -37.60 41.33
N PHE B 4237 1.61 -38.19 40.17
CA PHE B 4237 2.68 -39.15 40.01
C PHE B 4237 4.03 -38.47 40.20
N CYS B 4238 4.12 -37.22 39.77
CA CYS B 4238 5.32 -36.44 40.05
C CYS B 4238 5.47 -36.18 41.53
N GLU B 4239 4.38 -35.89 42.23
CA GLU B 4239 4.46 -35.68 43.67
C GLU B 4239 4.71 -36.98 44.43
N ASP B 4240 4.22 -38.08 43.90
CA ASP B 4240 4.63 -39.42 44.30
C ASP B 4240 6.13 -39.60 44.18
N THR B 4241 6.69 -39.21 43.04
CA THR B 4241 8.11 -39.29 42.78
C THR B 4241 8.90 -38.40 43.73
N ILE B 4242 8.30 -37.27 44.11
CA ILE B 4242 8.87 -36.40 45.14
C ILE B 4242 9.02 -37.16 46.44
N PHE B 4243 7.94 -37.81 46.90
CA PHE B 4243 8.02 -38.57 48.13
C PHE B 4243 8.86 -39.82 47.97
N GLU B 4244 8.91 -40.37 46.76
CA GLU B 4244 9.77 -41.49 46.45
C GLU B 4244 11.24 -41.13 46.65
N MET B 4245 11.68 -40.01 46.10
CA MET B 4245 13.04 -39.54 46.32
C MET B 4245 13.24 -39.12 47.76
N GLN B 4246 12.18 -38.66 48.41
CA GLN B 4246 12.26 -38.25 49.81
C GLN B 4246 12.61 -39.43 50.69
N ILE B 4247 11.89 -40.54 50.54
CA ILE B 4247 12.22 -41.71 51.34
C ILE B 4247 13.49 -42.38 50.81
N ALA B 4248 13.80 -42.22 49.51
CA ALA B 4248 15.04 -42.73 48.97
C ALA B 4248 16.25 -42.03 49.55
N ALA B 4249 16.07 -40.79 50.02
CA ALA B 4249 17.15 -40.10 50.72
C ALA B 4249 17.44 -40.76 52.06
N GLN B 4250 16.40 -41.12 52.80
CA GLN B 4250 16.59 -41.54 54.18
C GLN B 4250 17.08 -42.97 54.30
N ILE B 4251 16.85 -43.81 53.30
CA ILE B 4251 17.23 -45.20 53.35
C ILE B 4251 18.71 -45.42 53.08
N SER B 4252 19.38 -44.45 52.49
CA SER B 4252 20.76 -44.63 52.06
C SER B 4252 21.71 -44.52 53.23
N GLU B 4253 22.96 -44.89 52.99
CA GLU B 4253 24.01 -44.83 54.01
C GLU B 4253 25.20 -44.00 53.53
N PHE B 4540 22.78 -51.65 74.72
CA PHE B 4540 22.73 -51.18 76.10
C PHE B 4540 21.43 -50.44 76.36
N TRP B 4541 21.54 -49.17 76.76
CA TRP B 4541 20.37 -48.33 76.94
C TRP B 4541 19.71 -48.00 75.60
N GLY B 4542 20.50 -47.52 74.64
CA GLY B 4542 19.98 -47.23 73.32
C GLY B 4542 20.84 -47.77 72.21
N GLU B 4543 22.03 -48.26 72.57
CA GLU B 4543 22.96 -48.79 71.58
C GLU B 4543 22.43 -50.06 70.91
N LEU B 4544 21.65 -50.86 71.64
CA LEU B 4544 20.99 -52.01 71.03
C LEU B 4544 19.97 -51.58 69.99
N GLU B 4545 19.24 -50.49 70.25
CA GLU B 4545 18.31 -49.97 69.27
C GLU B 4545 19.04 -49.34 68.08
N VAL B 4546 20.20 -48.73 68.34
CA VAL B 4546 21.05 -48.23 67.27
C VAL B 4546 21.50 -49.36 66.35
N GLN B 4547 21.96 -50.46 66.95
CA GLN B 4547 22.35 -51.64 66.19
C GLN B 4547 21.15 -52.26 65.46
N ARG B 4548 19.97 -52.21 66.08
CA ARG B 4548 18.75 -52.72 65.46
C ARG B 4548 18.39 -51.93 64.21
N VAL B 4549 18.39 -50.61 64.30
CA VAL B 4549 18.04 -49.78 63.14
C VAL B 4549 19.13 -49.86 62.07
N LYS B 4550 20.39 -49.97 62.49
CA LYS B 4550 21.49 -50.10 61.52
C LYS B 4550 21.42 -51.42 60.77
N PHE B 4551 21.11 -52.51 61.45
CA PHE B 4551 20.92 -53.78 60.75
C PHE B 4551 19.62 -53.79 59.96
N LEU B 4552 18.64 -52.99 60.39
CA LEU B 4552 17.41 -52.84 59.65
C LEU B 4552 17.65 -52.16 58.31
N ASN B 4553 18.58 -51.21 58.27
CA ASN B 4553 19.04 -50.65 57.00
C ASN B 4553 19.64 -51.69 56.09
N TYR B 4554 20.48 -52.58 56.63
CA TYR B 4554 21.05 -53.65 55.83
C TYR B 4554 20.00 -54.64 55.36
N LEU B 4555 18.99 -54.86 56.20
CA LEU B 4555 17.86 -55.69 55.85
C LEU B 4555 17.09 -55.12 54.67
N SER B 4556 16.63 -53.88 54.80
CA SER B 4556 15.78 -53.30 53.77
C SER B 4556 16.55 -52.79 52.57
N ARG B 4557 17.88 -52.82 52.61
CA ARG B 4557 18.69 -52.34 51.49
C ARG B 4557 18.53 -53.22 50.25
N ASN B 4558 18.58 -54.52 50.43
CA ASN B 4558 18.56 -55.48 49.32
C ASN B 4558 17.32 -56.36 49.45
N PHE B 4559 16.17 -55.81 49.09
CA PHE B 4559 14.91 -56.49 49.36
C PHE B 4559 14.54 -57.45 48.24
N TYR B 4560 14.68 -57.01 46.98
CA TYR B 4560 14.37 -57.89 45.88
C TYR B 4560 15.42 -58.97 45.72
N THR B 4561 16.61 -58.72 46.27
CA THR B 4561 17.57 -59.80 46.44
C THR B 4561 17.03 -60.87 47.38
N LEU B 4562 16.31 -60.45 48.43
CA LEU B 4562 15.71 -61.42 49.34
C LEU B 4562 14.52 -62.12 48.71
N ARG B 4563 13.75 -61.38 47.91
CA ARG B 4563 12.69 -61.98 47.10
C ARG B 4563 13.26 -63.04 46.17
N PHE B 4564 14.36 -62.71 45.49
CA PHE B 4564 15.07 -63.65 44.63
C PHE B 4564 15.65 -64.82 45.42
N LEU B 4565 16.05 -64.58 46.67
CA LEU B 4565 16.65 -65.65 47.45
C LEU B 4565 15.62 -66.65 47.93
N ALA B 4566 14.47 -66.17 48.40
CA ALA B 4566 13.39 -67.08 48.76
C ALA B 4566 12.83 -67.78 47.53
N LEU B 4567 12.80 -67.07 46.40
CA LEU B 4567 12.52 -67.67 45.09
C LEU B 4567 13.44 -68.85 44.80
N PHE B 4568 14.74 -68.66 45.01
CA PHE B 4568 15.70 -69.72 44.79
C PHE B 4568 15.55 -70.83 45.81
N LEU B 4569 15.11 -70.48 47.03
CA LEU B 4569 15.01 -71.45 48.11
C LEU B 4569 13.81 -72.36 47.95
N ALA B 4570 12.75 -71.90 47.30
CA ALA B 4570 11.58 -72.75 47.09
C ALA B 4570 11.87 -73.93 46.14
N PHE B 4571 12.84 -73.77 45.22
CA PHE B 4571 13.09 -74.76 44.18
C PHE B 4571 13.54 -76.09 44.75
N ALA B 4572 14.64 -76.09 45.51
CA ALA B 4572 15.20 -77.34 46.00
C ALA B 4572 14.32 -77.98 47.05
N ILE B 4573 13.62 -77.17 47.86
CA ILE B 4573 12.78 -77.73 48.90
C ILE B 4573 11.52 -78.32 48.29
N ASN B 4574 11.13 -77.91 47.08
CA ASN B 4574 10.08 -78.64 46.39
C ASN B 4574 10.62 -79.72 45.46
N PHE B 4575 11.93 -79.68 45.15
CA PHE B 4575 12.50 -80.67 44.23
C PHE B 4575 12.86 -81.96 44.95
N ILE B 4576 13.37 -81.83 46.18
CA ILE B 4576 13.65 -83.02 47.00
C ILE B 4576 12.40 -83.67 47.53
N LEU B 4577 11.25 -83.03 47.37
CA LEU B 4577 9.94 -83.56 47.69
C LEU B 4577 9.48 -84.61 46.69
N LEU B 4578 10.26 -84.87 45.65
CA LEU B 4578 9.97 -85.88 44.64
C LEU B 4578 10.28 -87.30 45.10
N PHE B 4579 10.61 -87.50 46.37
CA PHE B 4579 11.16 -88.77 46.82
C PHE B 4579 10.28 -89.44 47.85
N TYR B 4580 9.07 -88.94 48.08
CA TYR B 4580 8.14 -89.58 49.00
C TYR B 4580 7.63 -90.89 48.44
N LYS B 4581 7.47 -91.86 49.34
CA LYS B 4581 7.07 -93.21 48.97
C LYS B 4581 6.37 -93.83 50.16
N VAL B 4582 5.05 -93.86 50.11
CA VAL B 4582 4.24 -94.30 51.25
C VAL B 4582 4.45 -95.80 51.48
N SER B 4583 4.15 -96.24 52.70
CA SER B 4583 4.29 -97.65 53.06
C SER B 4583 3.14 -98.01 53.97
N ASP B 4584 2.85 -99.30 54.06
CA ASP B 4584 2.13 -99.79 55.24
C ASP B 4584 3.10 -100.29 56.28
N SER B 4585 4.14 -99.51 56.56
CA SER B 4585 5.27 -99.99 57.33
C SER B 4585 6.12 -98.82 57.79
N PRO B 4586 6.37 -98.70 59.09
CA PRO B 4586 7.29 -97.69 59.57
C PRO B 4586 8.72 -98.11 59.32
N PRO B 4587 9.64 -97.15 59.16
CA PRO B 4587 11.07 -97.48 59.04
C PRO B 4587 11.64 -98.02 60.35
N ASN B 4626 -3.07 -99.86 58.80
CA ASN B 4626 -2.57 -98.50 58.92
C ASN B 4626 -1.31 -98.31 58.08
N MET B 4627 -1.35 -97.31 57.20
CA MET B 4627 -0.23 -97.01 56.33
C MET B 4627 0.69 -95.99 56.97
N VAL B 4628 1.96 -96.02 56.58
CA VAL B 4628 2.97 -95.12 57.10
C VAL B 4628 3.51 -94.29 55.95
N TYR B 4629 3.43 -92.97 56.09
CA TYR B 4629 3.93 -92.05 55.08
C TYR B 4629 5.45 -92.06 55.12
N TYR B 4630 6.01 -93.11 54.54
CA TYR B 4630 7.45 -93.23 54.46
C TYR B 4630 7.98 -92.27 53.40
N PHE B 4631 9.21 -91.83 53.59
CA PHE B 4631 9.93 -91.02 52.62
C PHE B 4631 11.14 -91.81 52.14
N LEU B 4632 11.17 -92.12 50.86
CA LEU B 4632 12.31 -92.82 50.30
C LEU B 4632 13.49 -91.88 50.13
N GLU B 4633 14.60 -92.22 50.78
CA GLU B 4633 15.83 -91.47 50.59
C GLU B 4633 16.75 -92.20 49.61
N GLU B 4634 17.64 -91.43 49.00
CA GLU B 4634 18.56 -91.96 48.00
C GLU B 4634 19.87 -92.39 48.67
N SER B 4635 20.90 -92.59 47.86
CA SER B 4635 22.19 -93.05 48.33
C SER B 4635 22.97 -92.00 49.12
N THR B 4636 22.44 -90.79 49.28
CA THR B 4636 23.18 -89.74 49.95
C THR B 4636 23.11 -89.87 51.47
N GLY B 4637 24.26 -89.67 52.11
CA GLY B 4637 24.32 -89.66 53.56
C GLY B 4637 23.76 -88.41 54.20
N TYR B 4638 23.59 -87.34 53.43
CA TYR B 4638 22.91 -86.15 53.89
C TYR B 4638 21.41 -86.30 53.58
N MET B 4639 20.70 -85.17 53.54
CA MET B 4639 19.24 -85.03 53.51
C MET B 4639 18.76 -85.54 54.87
N GLU B 4640 19.45 -85.02 55.88
CA GLU B 4640 19.31 -85.16 57.32
C GLU B 4640 18.37 -84.05 57.78
N PRO B 4641 18.09 -83.86 59.11
CA PRO B 4641 17.40 -82.63 59.54
C PRO B 4641 18.09 -81.28 59.29
N ALA B 4642 19.20 -81.27 58.55
CA ALA B 4642 19.56 -80.09 57.77
C ALA B 4642 18.41 -79.65 56.86
N LEU B 4643 17.61 -80.60 56.36
CA LEU B 4643 16.30 -80.30 55.77
C LEU B 4643 15.42 -79.46 56.69
N TRP B 4644 15.30 -79.87 57.96
CA TRP B 4644 14.52 -79.11 58.93
C TRP B 4644 15.12 -77.74 59.21
N CYS B 4645 16.46 -77.66 59.21
CA CYS B 4645 17.17 -76.40 59.25
C CYS B 4645 16.81 -75.50 58.08
N LEU B 4646 16.72 -76.05 56.88
CA LEU B 4646 16.27 -75.30 55.71
C LEU B 4646 14.82 -74.86 55.84
N SER B 4647 13.98 -75.67 56.48
CA SER B 4647 12.58 -75.32 56.66
C SER B 4647 12.43 -74.12 57.59
N LEU B 4648 13.06 -74.19 58.77
CA LEU B 4648 13.03 -73.05 59.68
C LEU B 4648 13.75 -71.85 59.11
N LEU B 4649 14.76 -72.08 58.26
CA LEU B 4649 15.42 -71.01 57.53
C LEU B 4649 14.49 -70.30 56.56
N HIS B 4650 13.68 -71.06 55.82
CA HIS B 4650 12.76 -70.45 54.88
C HIS B 4650 11.65 -69.69 55.59
N THR B 4651 11.20 -70.22 56.72
CA THR B 4651 10.23 -69.49 57.54
C THR B 4651 10.85 -68.21 58.09
N LEU B 4652 12.12 -68.27 58.48
CA LEU B 4652 12.85 -67.09 58.95
C LEU B 4652 12.98 -66.04 57.87
N VAL B 4653 13.32 -66.45 56.65
CA VAL B 4653 13.52 -65.43 55.62
C VAL B 4653 12.19 -64.86 55.15
N ALA B 4654 11.10 -65.62 55.19
CA ALA B 4654 9.80 -65.01 54.95
C ALA B 4654 9.42 -64.03 56.05
N PHE B 4655 9.74 -64.38 57.31
CA PHE B 4655 9.49 -63.49 58.44
C PHE B 4655 10.28 -62.20 58.35
N LEU B 4656 11.48 -62.26 57.79
CA LEU B 4656 12.24 -61.04 57.55
C LEU B 4656 11.71 -60.26 56.35
N CYS B 4657 11.20 -60.96 55.33
CA CYS B 4657 10.56 -60.27 54.20
C CYS B 4657 9.33 -59.49 54.63
N ILE B 4658 8.65 -59.96 55.69
CA ILE B 4658 7.53 -59.22 56.29
C ILE B 4658 7.96 -57.81 56.70
N ILE B 4659 9.02 -57.70 57.47
CA ILE B 4659 9.36 -56.39 58.00
C ILE B 4659 10.19 -55.61 56.98
N GLY B 4660 10.81 -56.30 56.03
CA GLY B 4660 11.41 -55.61 54.89
C GLY B 4660 10.37 -54.92 54.03
N TYR B 4661 9.26 -55.61 53.75
CA TYR B 4661 8.13 -55.00 53.07
C TYR B 4661 7.51 -53.88 53.91
N ASN B 4662 7.40 -54.10 55.22
CA ASN B 4662 6.89 -53.08 56.14
C ASN B 4662 7.70 -51.79 56.07
N CYS B 4663 8.99 -51.88 56.29
CA CYS B 4663 9.85 -50.70 56.30
C CYS B 4663 10.13 -50.19 54.91
N LEU B 4664 9.84 -50.96 53.88
CA LEU B 4664 10.16 -50.56 52.53
C LEU B 4664 8.98 -49.97 51.79
N LYS B 4665 7.94 -50.75 51.58
CA LYS B 4665 6.96 -50.39 50.58
C LYS B 4665 5.92 -49.44 51.12
N VAL B 4666 5.51 -49.60 52.37
CA VAL B 4666 4.34 -48.87 52.79
C VAL B 4666 4.68 -47.82 53.86
N PRO B 4667 5.45 -46.80 53.52
CA PRO B 4667 5.04 -45.45 53.91
C PRO B 4667 4.32 -44.81 52.72
N LEU B 4668 4.43 -45.49 51.58
CA LEU B 4668 4.12 -44.88 50.30
C LEU B 4668 2.63 -44.82 50.06
N VAL B 4669 1.93 -45.94 50.23
CA VAL B 4669 0.50 -45.96 50.03
C VAL B 4669 -0.19 -45.17 51.13
N ILE B 4670 0.46 -45.10 52.29
CA ILE B 4670 0.04 -44.22 53.37
C ILE B 4670 0.07 -42.78 52.91
N PHE B 4671 1.16 -42.36 52.26
CA PHE B 4671 1.24 -40.99 51.79
C PHE B 4671 0.34 -40.75 50.59
N LYS B 4672 0.06 -41.82 49.81
CA LYS B 4672 -0.97 -41.74 48.77
C LYS B 4672 -2.30 -41.34 49.36
N ARG B 4673 -2.71 -42.07 50.41
CA ARG B 4673 -3.93 -41.76 51.13
C ARG B 4673 -3.89 -40.38 51.75
N GLU B 4674 -2.73 -39.99 52.32
CA GLU B 4674 -2.52 -38.65 52.87
C GLU B 4674 -2.78 -37.58 51.83
N LYS B 4675 -2.19 -37.73 50.64
CA LYS B 4675 -2.26 -36.70 49.62
C LYS B 4675 -3.65 -36.61 49.01
N GLU B 4676 -4.25 -37.77 48.71
CA GLU B 4676 -5.60 -37.77 48.17
C GLU B 4676 -6.61 -37.30 49.19
N LEU B 4677 -6.38 -37.54 50.47
CA LEU B 4677 -7.28 -37.03 51.49
C LEU B 4677 -7.08 -35.54 51.69
N ALA B 4678 -5.84 -35.05 51.54
CA ALA B 4678 -5.61 -33.63 51.61
C ALA B 4678 -6.30 -32.89 50.47
N ARG B 4679 -6.31 -33.50 49.29
CA ARG B 4679 -7.06 -32.92 48.18
C ARG B 4679 -8.56 -32.98 48.43
N LYS B 4680 -9.05 -34.10 48.96
CA LYS B 4680 -10.48 -34.25 49.18
C LYS B 4680 -10.96 -33.53 50.43
N LEU B 4681 -10.06 -32.96 51.22
CA LEU B 4681 -10.48 -32.10 52.30
C LEU B 4681 -10.34 -30.64 51.93
N GLU B 4682 -9.28 -30.28 51.21
CA GLU B 4682 -9.09 -28.89 50.85
C GLU B 4682 -10.02 -28.51 49.71
N PHE B 4683 -9.96 -29.24 48.61
CA PHE B 4683 -10.73 -28.93 47.43
C PHE B 4683 -12.09 -29.58 47.40
N ASP B 4684 -12.34 -30.55 48.27
CA ASP B 4684 -13.62 -31.22 48.32
C ASP B 4684 -14.18 -31.12 49.73
N GLY B 4685 -15.48 -31.33 49.84
CA GLY B 4685 -16.12 -31.24 51.14
C GLY B 4685 -16.62 -32.59 51.60
N LEU B 4686 -15.79 -33.61 51.37
CA LEU B 4686 -16.23 -35.00 51.47
C LEU B 4686 -16.39 -35.43 52.92
N TYR B 4687 -15.91 -34.64 53.85
CA TYR B 4687 -16.48 -34.67 55.18
C TYR B 4687 -17.07 -33.34 55.54
N ILE B 4688 -16.69 -32.29 54.82
CA ILE B 4688 -16.86 -30.94 55.29
C ILE B 4688 -18.21 -30.45 54.82
N THR B 4689 -18.34 -30.34 53.50
CA THR B 4689 -19.47 -29.62 52.95
C THR B 4689 -20.69 -30.51 52.92
N GLU B 4690 -20.65 -31.57 52.13
CA GLU B 4690 -21.82 -32.41 52.09
C GLU B 4690 -21.70 -33.58 53.04
N GLN B 4691 -20.84 -34.53 52.68
CA GLN B 4691 -21.00 -35.88 53.19
C GLN B 4691 -19.89 -36.74 52.60
N PRO B 4692 -19.57 -37.89 53.20
CA PRO B 4692 -18.89 -38.94 52.44
C PRO B 4692 -19.85 -39.66 51.49
N GLY B 4693 -19.37 -40.70 50.82
CA GLY B 4693 -20.29 -41.48 50.04
C GLY B 4693 -21.17 -42.40 50.85
N ASP B 4694 -20.87 -42.56 52.14
CA ASP B 4694 -21.43 -43.50 53.12
C ASP B 4694 -21.17 -44.96 52.75
N ASP B 4695 -20.43 -45.21 51.69
CA ASP B 4695 -19.86 -46.50 51.30
C ASP B 4695 -18.38 -46.20 51.15
N ASP B 4696 -17.63 -47.11 50.50
CA ASP B 4696 -16.18 -46.99 50.29
C ASP B 4696 -15.45 -46.90 51.63
N VAL B 4697 -15.48 -48.03 52.34
CA VAL B 4697 -15.14 -48.21 53.75
C VAL B 4697 -13.79 -47.63 54.16
N LYS B 4698 -12.90 -47.43 53.20
CA LYS B 4698 -11.77 -46.55 53.40
C LYS B 4698 -12.20 -45.13 53.82
N GLY B 4699 -13.30 -44.61 53.27
CA GLY B 4699 -13.75 -43.30 53.67
C GLY B 4699 -14.44 -43.31 55.03
N GLN B 4700 -15.21 -44.35 55.30
CA GLN B 4700 -15.76 -44.56 56.64
C GLN B 4700 -14.66 -44.77 57.67
N TRP B 4701 -13.54 -45.34 57.23
CA TRP B 4701 -12.41 -45.65 58.08
C TRP B 4701 -11.68 -44.42 58.57
N ASP B 4702 -11.67 -43.36 57.77
CA ASP B 4702 -10.87 -42.21 58.11
C ASP B 4702 -11.57 -41.27 59.08
N ARG B 4703 -12.84 -41.54 59.40
CA ARG B 4703 -13.51 -40.79 60.46
C ARG B 4703 -12.85 -41.02 61.81
N LEU B 4704 -12.22 -42.17 61.99
CA LEU B 4704 -11.55 -42.54 63.24
C LEU B 4704 -10.27 -41.75 63.49
N VAL B 4705 -9.73 -41.09 62.47
CA VAL B 4705 -8.36 -40.61 62.56
C VAL B 4705 -8.25 -39.10 62.35
N LEU B 4706 -9.36 -38.42 62.09
CA LEU B 4706 -9.35 -36.96 61.95
C LEU B 4706 -8.97 -36.27 63.25
N ASN B 4707 -9.30 -36.86 64.38
CA ASN B 4707 -9.02 -36.27 65.68
C ASN B 4707 -7.62 -36.58 66.17
N THR B 4708 -6.89 -37.43 65.47
CA THR B 4708 -5.51 -37.64 65.83
C THR B 4708 -4.70 -36.39 65.49
N PRO B 4709 -3.91 -35.89 66.44
CA PRO B 4709 -3.10 -34.68 66.16
C PRO B 4709 -2.01 -34.93 65.15
N SER B 4710 -1.52 -36.16 65.05
CA SER B 4710 -0.52 -36.47 64.05
C SER B 4710 -1.20 -37.13 62.86
N PHE B 4711 -2.42 -36.70 62.55
CA PHE B 4711 -3.07 -37.12 61.32
C PHE B 4711 -2.28 -36.75 60.06
N PRO B 4712 -1.66 -35.51 59.92
CA PRO B 4712 -0.65 -35.31 58.87
C PRO B 4712 0.75 -35.67 59.33
N SER B 4713 0.94 -36.90 59.80
CA SER B 4713 2.30 -37.34 60.11
C SER B 4713 3.08 -37.64 58.85
N ASN B 4714 2.58 -38.55 58.01
CA ASN B 4714 3.24 -38.87 56.76
C ASN B 4714 3.12 -37.76 55.74
N TYR B 4715 2.00 -37.05 55.74
CA TYR B 4715 1.94 -35.83 54.94
C TYR B 4715 2.77 -34.74 55.61
N TRP B 4716 3.16 -33.76 54.82
CA TRP B 4716 4.17 -32.80 55.26
C TRP B 4716 3.53 -31.62 55.97
N ASP B 4717 2.62 -30.92 55.29
CA ASP B 4717 2.05 -29.71 55.83
C ASP B 4717 1.10 -30.02 56.98
N LYS B 4718 1.31 -29.35 58.10
CA LYS B 4718 0.40 -29.40 59.22
C LYS B 4718 -0.38 -28.12 59.38
N PHE B 4719 -0.14 -27.13 58.52
CA PHE B 4719 -0.97 -25.93 58.47
C PHE B 4719 -2.36 -26.22 57.92
N VAL B 4720 -2.51 -27.34 57.21
CA VAL B 4720 -3.72 -27.64 56.45
C VAL B 4720 -4.96 -27.70 57.33
N LYS B 4721 -4.78 -28.06 58.61
CA LYS B 4721 -5.85 -27.91 59.59
C LYS B 4721 -6.26 -26.45 59.74
N ARG B 4722 -5.31 -25.55 59.90
CA ARG B 4722 -5.60 -24.13 59.97
C ARG B 4722 -6.07 -23.55 58.65
N LYS B 4723 -5.70 -24.17 57.55
CA LYS B 4723 -6.12 -23.76 56.23
C LYS B 4723 -7.58 -24.11 56.00
N VAL B 4724 -8.00 -25.25 56.54
CA VAL B 4724 -9.42 -25.55 56.62
C VAL B 4724 -10.11 -24.59 57.56
N LEU B 4725 -9.44 -24.21 58.66
CA LEU B 4725 -9.98 -23.21 59.57
C LEU B 4725 -10.11 -21.84 58.89
N ASP B 4726 -9.24 -21.56 57.93
CA ASP B 4726 -9.42 -20.38 57.10
C ASP B 4726 -10.61 -20.56 56.16
N LYS B 4727 -10.57 -21.61 55.34
CA LYS B 4727 -11.48 -21.75 54.21
C LYS B 4727 -12.87 -22.16 54.66
N HIS B 4728 -12.99 -23.35 55.22
CA HIS B 4728 -14.27 -23.87 55.68
C HIS B 4728 -14.50 -23.66 57.16
N GLY B 4729 -13.47 -23.31 57.92
CA GLY B 4729 -13.69 -22.95 59.31
C GLY B 4729 -14.46 -21.67 59.48
N ASP B 4730 -14.49 -20.83 58.45
CA ASP B 4730 -15.41 -19.70 58.42
C ASP B 4730 -16.84 -20.18 58.32
N ILE B 4731 -17.14 -21.01 57.31
CA ILE B 4731 -18.51 -21.18 56.86
C ILE B 4731 -19.35 -22.06 57.78
N PHE B 4732 -18.72 -22.82 58.66
CA PHE B 4732 -19.42 -23.81 59.44
C PHE B 4732 -19.29 -23.54 60.93
N GLY B 4733 -19.77 -24.48 61.73
CA GLY B 4733 -19.54 -24.44 63.16
C GLY B 4733 -18.06 -24.48 63.44
N ARG B 4734 -17.50 -23.36 63.90
CA ARG B 4734 -16.05 -23.27 64.04
C ARG B 4734 -15.54 -24.19 65.13
N GLU B 4735 -16.18 -24.16 66.29
CA GLU B 4735 -15.88 -25.14 67.33
C GLU B 4735 -16.33 -26.55 66.95
N ARG B 4736 -17.33 -26.67 66.07
CA ARG B 4736 -17.71 -27.98 65.56
C ARG B 4736 -16.57 -28.63 64.79
N ILE B 4737 -15.91 -27.86 63.93
CA ILE B 4737 -14.79 -28.40 63.18
C ILE B 4737 -13.57 -28.51 64.08
N ALA B 4738 -13.43 -27.58 65.04
CA ALA B 4738 -12.37 -27.60 66.05
C ALA B 4738 -12.66 -28.60 67.17
N GLU B 4739 -13.69 -29.39 67.03
CA GLU B 4739 -13.86 -30.68 67.66
C GLU B 4739 -13.68 -31.83 66.67
N LEU B 4740 -14.17 -31.65 65.45
CA LEU B 4740 -14.30 -32.75 64.50
C LEU B 4740 -12.94 -33.16 63.94
N LEU B 4741 -11.96 -32.27 63.99
CA LEU B 4741 -10.61 -32.60 63.58
C LEU B 4741 -9.67 -32.73 64.76
N GLY B 4742 -10.18 -33.12 65.91
CA GLY B 4742 -9.43 -32.91 67.12
C GLY B 4742 -9.44 -31.42 67.37
N MET B 4743 -8.24 -30.83 67.46
CA MET B 4743 -8.03 -29.38 67.64
C MET B 4743 -8.74 -28.85 68.88
N ASP B 4744 -8.68 -29.66 69.94
CA ASP B 4744 -9.42 -29.40 71.19
C ASP B 4744 -8.86 -28.16 71.86
N LEU B 4745 -9.66 -27.08 71.83
CA LEU B 4745 -9.27 -25.73 72.22
C LEU B 4745 -8.03 -25.24 71.49
N ALA B 4746 -7.81 -25.70 70.26
CA ALA B 4746 -6.78 -25.12 69.42
C ALA B 4746 -7.18 -23.75 68.92
N SER B 4747 -8.48 -23.44 68.94
CA SER B 4747 -8.95 -22.06 68.90
C SER B 4747 -8.25 -21.20 69.94
N LEU B 4748 -8.10 -21.70 71.15
CA LEU B 4748 -7.28 -21.02 72.15
C LEU B 4748 -5.80 -21.18 71.89
N GLU B 4749 -5.35 -22.37 71.52
CA GLU B 4749 -3.93 -22.68 71.39
C GLU B 4749 -3.28 -22.04 70.17
N ILE B 4750 -4.06 -21.42 69.28
CA ILE B 4750 -3.49 -20.66 68.19
C ILE B 4750 -2.72 -19.44 68.70
N THR B 4751 -3.19 -18.83 69.79
CA THR B 4751 -2.50 -17.70 70.39
C THR B 4751 -1.92 -18.01 71.77
N ALA B 4752 -2.48 -19.00 72.47
CA ALA B 4752 -1.97 -19.35 73.79
C ALA B 4752 -0.64 -20.07 73.70
N HIS B 4753 -0.49 -20.93 72.68
CA HIS B 4753 0.77 -21.65 72.45
C HIS B 4753 1.62 -20.83 71.49
N ASN B 4754 1.75 -19.54 71.80
CA ASN B 4754 2.55 -18.63 71.00
C ASN B 4754 3.40 -17.69 71.85
N GLU B 4755 3.33 -17.77 73.17
CA GLU B 4755 4.25 -17.02 74.02
C GLU B 4755 5.65 -17.59 73.92
N ARG B 4756 5.78 -18.90 74.14
CA ARG B 4756 7.05 -19.58 73.92
C ARG B 4756 6.74 -20.98 73.41
N LYS B 4757 7.67 -21.53 72.63
CA LYS B 4757 7.51 -22.89 72.14
C LYS B 4757 8.71 -23.73 72.57
N PRO B 4758 8.75 -24.21 73.81
CA PRO B 4758 9.93 -24.91 74.31
C PRO B 4758 9.96 -26.37 73.87
N ASP B 4759 10.99 -27.05 74.35
CA ASP B 4759 11.16 -28.49 74.11
C ASP B 4759 11.17 -29.21 75.46
N PRO B 4760 10.08 -29.89 75.82
CA PRO B 4760 10.08 -30.68 77.06
C PRO B 4760 10.98 -31.90 76.94
N PRO B 4761 11.52 -32.41 78.05
CA PRO B 4761 12.54 -33.46 77.96
C PRO B 4761 11.94 -34.82 77.66
N PRO B 4762 12.58 -35.62 76.80
CA PRO B 4762 12.12 -36.99 76.54
C PRO B 4762 12.60 -37.96 77.62
N GLY B 4763 11.65 -38.71 78.17
CA GLY B 4763 11.97 -39.75 79.14
C GLY B 4763 11.68 -41.11 78.56
N LEU B 4764 12.16 -41.36 77.34
CA LEU B 4764 11.73 -42.45 76.47
C LEU B 4764 11.94 -43.82 77.11
N LEU B 4765 11.16 -44.79 76.61
CA LEU B 4765 11.03 -46.17 77.10
C LEU B 4765 10.54 -46.24 78.54
N THR B 4766 9.91 -45.17 79.05
CA THR B 4766 9.23 -45.16 80.34
C THR B 4766 7.77 -44.75 80.22
N TRP B 4767 7.49 -43.70 79.45
CA TRP B 4767 6.14 -43.28 79.16
C TRP B 4767 5.56 -43.97 77.94
N LEU B 4768 6.31 -44.92 77.36
CA LEU B 4768 6.13 -45.45 76.00
C LEU B 4768 4.72 -45.98 75.72
N MET B 4769 3.96 -46.30 76.75
CA MET B 4769 2.51 -46.48 76.66
C MET B 4769 1.78 -45.26 76.11
N SER B 4770 2.32 -44.05 76.26
CA SER B 4770 1.59 -42.83 75.92
C SER B 4770 1.95 -42.39 74.51
N ILE B 4771 1.61 -43.25 73.55
CA ILE B 4771 1.74 -42.94 72.14
C ILE B 4771 0.34 -42.96 71.53
N ASP B 4772 0.24 -42.48 70.30
CA ASP B 4772 -1.06 -42.32 69.63
C ASP B 4772 -1.59 -43.69 69.23
N VAL B 4773 -2.42 -44.28 70.10
CA VAL B 4773 -2.91 -45.63 69.89
C VAL B 4773 -3.94 -45.66 68.76
N LYS B 4774 -4.87 -44.70 68.77
CA LYS B 4774 -5.96 -44.65 67.80
C LYS B 4774 -5.45 -44.45 66.38
N TYR B 4775 -4.42 -43.62 66.23
CA TYR B 4775 -3.75 -43.43 64.95
C TYR B 4775 -3.13 -44.73 64.46
N GLN B 4776 -2.49 -45.48 65.37
CA GLN B 4776 -1.92 -46.77 65.01
C GLN B 4776 -2.98 -47.79 64.64
N ILE B 4777 -4.13 -47.74 65.32
CA ILE B 4777 -5.26 -48.60 64.99
C ILE B 4777 -5.74 -48.34 63.58
N TRP B 4778 -5.97 -47.06 63.27
CA TRP B 4778 -6.34 -46.65 61.92
C TRP B 4778 -5.29 -47.09 60.90
N LYS B 4779 -4.02 -46.88 61.25
CA LYS B 4779 -2.88 -47.26 60.44
C LYS B 4779 -2.89 -48.75 60.12
N PHE B 4780 -3.02 -49.57 61.14
CA PHE B 4780 -2.91 -51.01 60.97
C PHE B 4780 -4.12 -51.57 60.24
N GLY B 4781 -5.26 -50.90 60.39
CA GLY B 4781 -6.39 -51.24 59.55
C GLY B 4781 -6.13 -50.97 58.09
N VAL B 4782 -5.50 -49.83 57.78
CA VAL B 4782 -5.09 -49.57 56.39
C VAL B 4782 -4.08 -50.62 55.91
N ILE B 4783 -3.15 -50.99 56.80
CA ILE B 4783 -2.15 -52.02 56.51
C ILE B 4783 -2.83 -53.34 56.15
N PHE B 4784 -3.85 -53.69 56.90
CA PHE B 4784 -4.52 -54.95 56.65
C PHE B 4784 -5.46 -54.89 55.46
N THR B 4785 -5.94 -53.70 55.10
CA THR B 4785 -6.68 -53.56 53.86
C THR B 4785 -5.77 -53.54 52.64
N ASP B 4786 -4.45 -53.40 52.82
CA ASP B 4786 -3.55 -53.61 51.69
C ASP B 4786 -3.61 -55.05 51.21
N ASN B 4787 -3.55 -55.22 49.89
CA ASN B 4787 -3.75 -56.53 49.29
C ASN B 4787 -2.44 -57.27 49.10
N SER B 4788 -1.41 -56.57 48.60
CA SER B 4788 -0.12 -57.21 48.41
C SER B 4788 0.54 -57.54 49.74
N PHE B 4789 0.23 -56.74 50.77
CA PHE B 4789 0.55 -57.13 52.13
C PHE B 4789 -0.16 -58.42 52.50
N LEU B 4790 -1.45 -58.52 52.19
CA LEU B 4790 -2.20 -59.73 52.45
C LEU B 4790 -1.75 -60.87 51.55
N TYR B 4791 -1.22 -60.54 50.36
CA TYR B 4791 -0.63 -61.53 49.47
C TYR B 4791 0.59 -62.18 50.10
N LEU B 4792 1.54 -61.37 50.55
CA LEU B 4792 2.74 -61.93 51.15
C LEU B 4792 2.46 -62.50 52.53
N GLY B 4793 1.40 -62.04 53.21
CA GLY B 4793 1.05 -62.63 54.49
C GLY B 4793 0.33 -63.95 54.35
N TRP B 4794 -0.48 -64.11 53.31
CA TRP B 4794 -1.02 -65.42 52.99
C TRP B 4794 0.08 -66.37 52.57
N TYR B 4795 1.13 -65.84 51.93
CA TYR B 4795 2.32 -66.63 51.70
C TYR B 4795 3.00 -67.08 53.01
N MET B 4796 2.88 -66.31 54.09
CA MET B 4796 3.48 -66.69 55.37
C MET B 4796 2.78 -67.88 56.01
N VAL B 4797 1.47 -68.01 55.77
CA VAL B 4797 0.66 -69.03 56.43
C VAL B 4797 1.12 -70.42 55.99
N MET B 4798 1.54 -70.54 54.73
CA MET B 4798 2.12 -71.79 54.24
C MET B 4798 3.43 -72.11 54.93
N SER B 4799 4.25 -71.10 55.21
CA SER B 4799 5.52 -71.33 55.91
C SER B 4799 5.31 -71.74 57.35
N LEU B 4800 4.26 -71.20 57.99
CA LEU B 4800 3.91 -71.66 59.33
C LEU B 4800 3.38 -73.09 59.33
N LEU B 4801 2.56 -73.44 58.34
CA LEU B 4801 1.86 -74.70 58.41
C LEU B 4801 2.64 -75.84 57.77
N GLY B 4802 3.73 -75.54 57.06
CA GLY B 4802 4.57 -76.60 56.52
C GLY B 4802 5.26 -77.43 57.57
N HIS B 4803 5.55 -76.84 58.72
CA HIS B 4803 6.18 -77.57 59.82
C HIS B 4803 5.26 -78.62 60.41
N TYR B 4804 3.95 -78.42 60.34
CA TYR B 4804 3.04 -79.55 60.49
C TYR B 4804 3.18 -80.43 59.26
N ASN B 4805 3.31 -81.74 59.49
CA ASN B 4805 3.74 -82.67 58.45
C ASN B 4805 2.65 -82.83 57.41
N ASN B 4806 2.62 -81.88 56.48
CA ASN B 4806 1.56 -81.78 55.49
C ASN B 4806 2.16 -81.20 54.22
N PHE B 4807 1.31 -80.63 53.37
CA PHE B 4807 1.70 -80.13 52.07
C PHE B 4807 2.53 -78.86 52.17
N PHE B 4808 2.18 -78.01 53.13
CA PHE B 4808 2.24 -76.54 53.09
C PHE B 4808 3.60 -75.95 52.83
N PHE B 4809 4.72 -76.65 52.70
CA PHE B 4809 5.87 -76.01 52.07
C PHE B 4809 5.78 -76.04 50.56
N ALA B 4810 4.86 -76.83 50.00
CA ALA B 4810 4.79 -76.98 48.54
C ALA B 4810 4.13 -75.76 47.89
N ALA B 4811 3.23 -75.09 48.61
CA ALA B 4811 2.50 -73.96 48.05
C ALA B 4811 3.33 -72.68 47.95
N HIS B 4812 4.61 -72.74 48.32
CA HIS B 4812 5.44 -71.55 48.30
C HIS B 4812 5.76 -71.11 46.88
N LEU B 4813 5.90 -72.06 45.96
CA LEU B 4813 6.47 -71.71 44.67
C LEU B 4813 5.41 -71.20 43.69
N LEU B 4814 4.15 -71.12 44.11
CA LEU B 4814 3.06 -70.69 43.23
C LEU B 4814 3.05 -69.19 43.03
N ASP B 4815 2.86 -68.44 44.12
CA ASP B 4815 2.64 -67.00 44.01
C ASP B 4815 3.92 -66.25 43.64
N ILE B 4816 5.09 -66.83 43.88
CA ILE B 4816 6.31 -66.17 43.43
C ILE B 4816 6.46 -66.23 41.92
N ALA B 4817 5.80 -67.17 41.23
CA ALA B 4817 5.74 -67.13 39.78
C ALA B 4817 4.96 -65.94 39.27
N MET B 4818 3.88 -65.56 39.95
CA MET B 4818 3.24 -64.30 39.63
C MET B 4818 4.08 -63.13 40.08
N GLY B 4819 4.90 -63.34 41.12
CA GLY B 4819 5.92 -62.36 41.48
C GLY B 4819 6.94 -62.12 40.38
N VAL B 4820 7.18 -63.11 39.52
CA VAL B 4820 7.94 -62.84 38.30
C VAL B 4820 7.13 -61.94 37.39
N LYS B 4821 7.79 -60.93 36.82
CA LYS B 4821 7.13 -59.94 35.99
C LYS B 4821 6.58 -60.56 34.71
N THR B 4822 7.37 -61.44 34.08
CA THR B 4822 7.02 -61.94 32.75
C THR B 4822 5.82 -62.87 32.77
N LEU B 4823 5.46 -63.41 33.93
CA LEU B 4823 4.33 -64.31 34.00
C LEU B 4823 3.03 -63.55 34.22
N ARG B 4824 3.11 -62.35 34.80
CA ARG B 4824 1.93 -61.51 34.89
C ARG B 4824 1.46 -61.07 33.51
N THR B 4825 2.41 -60.91 32.57
CA THR B 4825 2.07 -60.65 31.17
C THR B 4825 1.21 -61.76 30.59
N ILE B 4826 1.44 -62.98 31.04
CA ILE B 4826 0.64 -64.10 30.58
C ILE B 4826 -0.69 -64.13 31.33
N LEU B 4827 -0.62 -63.97 32.64
CA LEU B 4827 -1.76 -64.31 33.49
C LEU B 4827 -2.82 -63.22 33.51
N SER B 4828 -2.42 -61.95 33.41
CA SER B 4828 -3.42 -60.89 33.43
C SER B 4828 -4.22 -60.84 32.15
N SER B 4829 -3.65 -61.28 31.02
CA SER B 4829 -4.41 -61.50 29.81
C SER B 4829 -5.51 -62.53 30.04
N VAL B 4830 -5.17 -63.59 30.78
CA VAL B 4830 -6.17 -64.59 31.16
C VAL B 4830 -7.20 -63.97 32.10
N THR B 4831 -6.73 -63.11 33.01
CA THR B 4831 -7.56 -62.57 34.08
C THR B 4831 -8.56 -61.53 33.57
N HIS B 4832 -8.25 -60.88 32.44
CA HIS B 4832 -9.07 -59.76 31.97
C HIS B 4832 -10.45 -60.20 31.53
N ASN B 4833 -10.52 -61.23 30.67
CA ASN B 4833 -11.79 -61.70 30.13
C ASN B 4833 -12.42 -62.79 30.99
N GLY B 4834 -11.90 -63.00 32.21
CA GLY B 4834 -12.52 -63.98 33.09
C GLY B 4834 -13.87 -63.52 33.59
N LYS B 4835 -14.06 -62.20 33.70
CA LYS B 4835 -15.36 -61.64 34.03
C LYS B 4835 -16.41 -61.94 32.96
N GLN B 4836 -15.99 -62.16 31.71
CA GLN B 4836 -16.90 -62.64 30.69
C GLN B 4836 -16.97 -64.15 30.69
N LEU B 4837 -15.89 -64.82 31.06
CA LEU B 4837 -15.80 -66.27 30.96
C LEU B 4837 -16.65 -66.97 32.00
N VAL B 4838 -16.77 -66.39 33.20
CA VAL B 4838 -17.58 -67.00 34.25
C VAL B 4838 -19.06 -67.02 33.86
N MET B 4839 -19.49 -66.04 33.08
CA MET B 4839 -20.86 -66.06 32.59
C MET B 4839 -21.05 -67.15 31.56
N THR B 4840 -20.00 -67.46 30.80
CA THR B 4840 -20.07 -68.57 29.86
C THR B 4840 -20.13 -69.89 30.60
N VAL B 4841 -19.46 -69.97 31.74
CA VAL B 4841 -19.52 -71.15 32.61
C VAL B 4841 -20.93 -71.37 33.13
N GLY B 4842 -21.52 -70.32 33.71
CA GLY B 4842 -22.89 -70.41 34.19
C GLY B 4842 -23.90 -70.68 33.10
N LEU B 4843 -23.63 -70.17 31.89
CA LEU B 4843 -24.40 -70.53 30.72
C LEU B 4843 -24.30 -72.00 30.39
N LEU B 4844 -23.09 -72.57 30.46
CA LEU B 4844 -22.90 -73.96 30.10
C LEU B 4844 -23.63 -74.88 31.05
N ALA B 4845 -23.67 -74.49 32.33
CA ALA B 4845 -24.45 -75.20 33.34
C ALA B 4845 -25.93 -75.28 32.96
N VAL B 4846 -26.55 -74.16 32.60
CA VAL B 4846 -27.98 -74.19 32.35
C VAL B 4846 -28.28 -74.84 30.99
N VAL B 4847 -27.31 -74.84 30.07
CA VAL B 4847 -27.52 -75.50 28.78
C VAL B 4847 -27.50 -77.01 28.93
N VAL B 4848 -26.53 -77.54 29.69
CA VAL B 4848 -26.55 -78.98 29.89
C VAL B 4848 -27.68 -79.40 30.82
N TYR B 4849 -28.16 -78.48 31.67
CA TYR B 4849 -29.41 -78.69 32.39
C TYR B 4849 -30.59 -78.84 31.44
N LEU B 4850 -30.66 -77.99 30.41
CA LEU B 4850 -31.69 -78.10 29.38
C LEU B 4850 -31.59 -79.43 28.65
N TYR B 4851 -30.36 -79.85 28.35
CA TYR B 4851 -30.16 -81.12 27.69
C TYR B 4851 -30.48 -82.32 28.57
N THR B 4852 -30.43 -82.13 29.88
CA THR B 4852 -30.60 -83.25 30.80
C THR B 4852 -32.02 -83.78 30.81
N VAL B 4853 -33.01 -82.88 30.80
CA VAL B 4853 -34.41 -83.31 30.91
C VAL B 4853 -34.89 -84.06 29.69
N VAL B 4854 -34.24 -83.82 28.54
CA VAL B 4854 -34.63 -84.45 27.28
C VAL B 4854 -34.41 -85.95 27.35
N ALA B 4855 -33.19 -86.35 27.68
CA ALA B 4855 -32.92 -87.75 27.91
C ALA B 4855 -33.50 -88.25 29.22
N PHE B 4856 -33.79 -87.37 30.17
CA PHE B 4856 -34.36 -87.87 31.42
C PHE B 4856 -35.80 -88.30 31.23
N ASN B 4857 -36.51 -87.72 30.27
CA ASN B 4857 -37.89 -88.11 30.09
C ASN B 4857 -38.16 -88.79 28.74
N PHE B 4858 -37.21 -88.80 27.83
CA PHE B 4858 -37.39 -89.49 26.56
C PHE B 4858 -36.41 -90.63 26.37
N PHE B 4859 -35.12 -90.40 26.60
CA PHE B 4859 -34.13 -91.46 26.49
C PHE B 4859 -33.80 -92.05 27.84
N ARG B 4860 -34.80 -92.08 28.73
CA ARG B 4860 -34.60 -92.53 30.09
C ARG B 4860 -34.28 -94.01 30.13
N LYS B 4861 -34.87 -94.76 29.23
CA LYS B 4861 -34.65 -96.19 29.04
C LYS B 4861 -33.37 -96.52 28.31
N PHE B 4862 -32.47 -95.56 28.11
CA PHE B 4862 -31.53 -95.71 27.02
C PHE B 4862 -30.08 -95.59 27.44
N TYR B 4863 -29.78 -95.24 28.70
CA TYR B 4863 -28.40 -95.03 29.11
C TYR B 4863 -27.62 -96.32 29.23
N ASN B 4864 -27.97 -97.14 30.22
CA ASN B 4864 -27.63 -98.56 30.29
C ASN B 4864 -26.12 -98.81 30.29
N LYS B 4865 -25.51 -98.46 31.43
CA LYS B 4865 -24.06 -98.51 31.61
C LYS B 4865 -23.42 -99.90 31.53
N SER B 4866 -24.24 -100.95 31.33
CA SER B 4866 -23.83 -102.27 30.84
C SER B 4866 -22.89 -103.04 31.76
N GLU B 4867 -23.31 -103.26 33.00
CA GLU B 4867 -22.77 -104.37 33.77
C GLU B 4867 -23.34 -105.65 33.19
N ASP B 4868 -22.62 -106.75 33.39
CA ASP B 4868 -22.98 -108.02 32.77
C ASP B 4868 -24.28 -108.57 33.34
N GLU B 4869 -25.30 -108.66 32.47
CA GLU B 4869 -26.60 -109.33 32.64
C GLU B 4869 -27.54 -108.57 33.59
N ASP B 4870 -27.01 -107.59 34.31
CA ASP B 4870 -27.78 -106.75 35.21
C ASP B 4870 -27.31 -105.34 34.98
N GLU B 4871 -28.21 -104.38 35.04
CA GLU B 4871 -27.83 -102.97 34.96
C GLU B 4871 -28.53 -102.17 36.05
N PRO B 4872 -28.00 -102.21 37.29
CA PRO B 4872 -28.43 -101.20 38.27
C PRO B 4872 -27.95 -99.82 37.91
N ASP B 4873 -26.89 -99.73 37.12
CA ASP B 4873 -26.26 -98.47 36.73
C ASP B 4873 -26.96 -97.97 35.47
N MET B 4874 -28.00 -97.17 35.66
CA MET B 4874 -28.51 -96.28 34.64
C MET B 4874 -28.64 -94.91 35.29
N LYS B 4875 -28.00 -93.90 34.70
CA LYS B 4875 -28.00 -92.59 35.33
C LYS B 4875 -29.35 -91.90 35.20
N CYS B 4876 -30.22 -92.36 34.31
CA CYS B 4876 -31.62 -91.96 34.28
C CYS B 4876 -32.47 -92.76 35.27
N ASP B 4877 -32.02 -92.77 36.52
CA ASP B 4877 -32.82 -93.16 37.67
C ASP B 4877 -33.03 -91.97 38.59
N ASP B 4878 -31.97 -91.23 38.87
CA ASP B 4878 -32.01 -90.00 39.64
C ASP B 4878 -31.61 -88.83 38.76
N MET B 4879 -32.29 -87.70 38.99
CA MET B 4879 -32.14 -86.53 38.15
C MET B 4879 -30.77 -85.89 38.32
N MET B 4880 -30.36 -85.66 39.57
CA MET B 4880 -29.01 -85.16 39.86
C MET B 4880 -27.93 -86.11 39.40
N THR B 4881 -28.18 -87.41 39.45
CA THR B 4881 -27.20 -88.39 38.99
C THR B 4881 -27.01 -88.30 37.48
N CYS B 4882 -28.12 -88.18 36.74
CA CYS B 4882 -28.03 -87.96 35.30
C CYS B 4882 -27.31 -86.67 34.96
N TYR B 4883 -27.63 -85.60 35.68
CA TYR B 4883 -27.03 -84.31 35.39
C TYR B 4883 -25.54 -84.29 35.75
N LEU B 4884 -25.14 -84.98 36.81
CA LEU B 4884 -23.73 -85.09 37.13
C LEU B 4884 -23.02 -86.00 36.15
N PHE B 4885 -23.73 -86.99 35.61
CA PHE B 4885 -23.19 -87.84 34.56
C PHE B 4885 -22.90 -87.06 33.29
N HIS B 4886 -23.72 -86.05 33.00
CA HIS B 4886 -23.40 -85.12 31.92
C HIS B 4886 -22.06 -84.43 32.16
N MET B 4887 -21.95 -83.76 33.31
CA MET B 4887 -20.80 -82.91 33.60
C MET B 4887 -19.53 -83.70 33.84
N TYR B 4888 -19.64 -84.98 34.16
CA TYR B 4888 -18.44 -85.77 34.32
C TYR B 4888 -18.13 -86.61 33.10
N VAL B 4889 -19.15 -86.95 32.31
CA VAL B 4889 -19.01 -87.90 31.21
C VAL B 4889 -19.45 -87.28 29.89
N GLY B 4890 -20.70 -86.80 29.82
CA GLY B 4890 -21.26 -86.36 28.57
C GLY B 4890 -20.56 -85.16 27.99
N VAL B 4891 -20.04 -84.29 28.85
CA VAL B 4891 -19.24 -83.16 28.41
C VAL B 4891 -17.78 -83.55 28.23
N ARG B 4892 -17.38 -84.71 28.77
CA ARG B 4892 -16.01 -85.16 28.75
C ARG B 4892 -15.78 -86.29 27.75
N ALA B 4893 -16.84 -86.80 27.11
CA ALA B 4893 -16.74 -87.98 26.26
C ALA B 4893 -15.96 -87.73 24.97
N GLY B 4894 -16.11 -86.57 24.33
CA GLY B 4894 -15.33 -86.27 23.15
C GLY B 4894 -15.73 -87.09 21.94
N GLY B 4895 -16.85 -86.73 21.33
CA GLY B 4895 -17.51 -87.61 20.38
C GLY B 4895 -18.99 -87.57 20.71
N GLY B 4896 -19.33 -86.69 21.64
CA GLY B 4896 -20.71 -86.55 22.03
C GLY B 4896 -21.13 -87.65 22.97
N ILE B 4897 -22.44 -87.74 23.16
CA ILE B 4897 -22.98 -88.65 24.15
C ILE B 4897 -22.99 -90.09 23.63
N GLY B 4898 -22.94 -90.27 22.31
CA GLY B 4898 -22.98 -91.61 21.72
C GLY B 4898 -21.68 -92.36 21.86
N ASP B 4899 -21.25 -92.57 23.11
CA ASP B 4899 -20.01 -93.26 23.42
C ASP B 4899 -20.19 -94.33 24.49
N GLU B 4900 -21.12 -94.15 25.44
CA GLU B 4900 -21.34 -95.11 26.52
C GLU B 4900 -22.82 -95.42 26.71
N ILE B 4901 -23.66 -94.88 25.84
CA ILE B 4901 -25.10 -94.98 25.92
C ILE B 4901 -25.54 -95.71 24.66
N GLU B 4902 -26.66 -96.44 24.75
CA GLU B 4902 -27.08 -97.49 23.83
C GLU B 4902 -27.11 -97.06 22.36
N ASP B 4903 -27.05 -98.05 21.51
CA ASP B 4903 -27.13 -97.85 20.07
C ASP B 4903 -28.56 -97.43 19.70
N PRO B 4904 -28.75 -96.32 18.99
CA PRO B 4904 -30.10 -95.96 18.55
C PRO B 4904 -30.55 -96.70 17.29
N ALA B 4905 -29.89 -97.80 16.93
CA ALA B 4905 -30.18 -98.52 15.70
C ALA B 4905 -31.53 -99.24 15.70
N GLY B 4906 -32.28 -99.21 16.80
CA GLY B 4906 -33.62 -99.75 16.84
C GLY B 4906 -34.62 -98.85 16.13
N ASP B 4907 -35.88 -99.24 16.23
CA ASP B 4907 -36.94 -98.55 15.50
C ASP B 4907 -37.29 -97.21 16.14
N GLU B 4908 -37.55 -97.20 17.44
CA GLU B 4908 -38.06 -96.00 18.09
C GLU B 4908 -36.94 -94.99 18.34
N TYR B 4909 -37.21 -93.74 17.97
CA TYR B 4909 -36.42 -92.56 18.36
C TYR B 4909 -34.99 -92.57 17.81
N GLU B 4910 -34.77 -93.35 16.76
CA GLU B 4910 -33.48 -93.35 16.06
C GLU B 4910 -33.20 -91.98 15.47
N LEU B 4911 -34.20 -91.42 14.78
CA LEU B 4911 -34.14 -90.08 14.23
C LEU B 4911 -33.97 -89.02 15.31
N TYR B 4912 -34.50 -89.26 16.51
CA TYR B 4912 -34.39 -88.27 17.56
C TYR B 4912 -33.01 -88.29 18.21
N ARG B 4913 -32.43 -89.49 18.39
CA ARG B 4913 -31.07 -89.57 18.91
C ARG B 4913 -30.04 -89.08 17.90
N VAL B 4914 -30.25 -89.36 16.61
CA VAL B 4914 -29.32 -88.88 15.61
C VAL B 4914 -29.49 -87.37 15.39
N VAL B 4915 -30.60 -86.81 15.84
CA VAL B 4915 -30.67 -85.35 15.96
C VAL B 4915 -29.89 -84.87 17.17
N PHE B 4916 -30.18 -85.43 18.35
CA PHE B 4916 -29.76 -84.79 19.59
C PHE B 4916 -28.28 -84.97 19.85
N ASP B 4917 -27.73 -86.15 19.57
CA ASP B 4917 -26.30 -86.38 19.76
C ASP B 4917 -25.48 -85.49 18.83
N ILE B 4918 -25.91 -85.31 17.59
CA ILE B 4918 -25.11 -84.52 16.67
C ILE B 4918 -25.26 -83.02 16.95
N THR B 4919 -26.45 -82.55 17.32
CA THR B 4919 -26.60 -81.15 17.72
C THR B 4919 -25.87 -80.84 19.02
N PHE B 4920 -25.88 -81.79 19.95
CA PHE B 4920 -24.99 -81.80 21.10
C PHE B 4920 -23.53 -81.65 20.66
N PHE B 4921 -23.12 -82.45 19.68
CA PHE B 4921 -21.75 -82.44 19.17
C PHE B 4921 -21.44 -81.12 18.44
N PHE B 4922 -22.48 -80.44 17.97
CA PHE B 4922 -22.24 -79.10 17.44
C PHE B 4922 -22.03 -78.11 18.55
N PHE B 4923 -22.99 -77.95 19.44
CA PHE B 4923 -23.07 -76.68 20.14
C PHE B 4923 -22.16 -76.66 21.35
N VAL B 4924 -22.41 -77.52 22.32
CA VAL B 4924 -21.60 -77.51 23.52
C VAL B 4924 -20.23 -78.10 23.30
N ILE B 4925 -20.01 -78.82 22.20
CA ILE B 4925 -18.72 -79.41 21.90
C ILE B 4925 -17.88 -78.51 21.02
N VAL B 4926 -18.43 -78.06 19.89
CA VAL B 4926 -17.65 -77.23 19.00
C VAL B 4926 -17.90 -75.75 19.28
N ILE B 4927 -19.17 -75.35 19.32
CA ILE B 4927 -19.52 -73.94 19.35
C ILE B 4927 -19.15 -73.34 20.69
N LEU B 4928 -19.47 -74.05 21.79
CA LEU B 4928 -19.19 -73.51 23.11
C LEU B 4928 -17.71 -73.49 23.44
N LEU B 4929 -16.90 -74.27 22.73
CA LEU B 4929 -15.48 -74.31 23.01
C LEU B 4929 -14.70 -73.17 22.37
N ALA B 4930 -15.06 -72.78 21.15
CA ALA B 4930 -14.40 -71.67 20.46
C ALA B 4930 -14.63 -70.34 21.15
N ILE B 4931 -15.66 -70.25 22.00
CA ILE B 4931 -15.90 -69.05 22.80
C ILE B 4931 -14.77 -68.82 23.79
N ILE B 4932 -14.54 -69.81 24.65
CA ILE B 4932 -13.48 -69.74 25.65
C ILE B 4932 -12.12 -69.72 24.98
N GLN B 4933 -12.04 -70.36 23.81
CA GLN B 4933 -10.84 -70.23 22.99
C GLN B 4933 -10.61 -68.79 22.54
N GLY B 4934 -11.65 -68.10 22.08
CA GLY B 4934 -11.45 -66.81 21.47
C GLY B 4934 -11.33 -65.68 22.47
N LEU B 4935 -11.77 -65.90 23.70
CA LEU B 4935 -11.60 -64.90 24.77
C LEU B 4935 -10.14 -64.55 25.03
N ILE B 4936 -9.28 -65.56 25.12
CA ILE B 4936 -7.88 -65.31 25.42
C ILE B 4936 -7.17 -64.74 24.20
N ILE B 4937 -7.61 -65.10 23.00
CA ILE B 4937 -7.01 -64.54 21.78
C ILE B 4937 -7.39 -63.09 21.64
N ASP B 4938 -8.61 -62.74 22.04
CA ASP B 4938 -9.04 -61.35 22.18
C ASP B 4938 -8.17 -60.58 23.15
N ALA B 4939 -7.87 -61.16 24.32
CA ALA B 4939 -7.02 -60.49 25.29
C ALA B 4939 -5.58 -60.35 24.79
N PHE B 4940 -5.10 -61.33 24.02
CA PHE B 4940 -3.77 -61.26 23.44
C PHE B 4940 -3.66 -60.18 22.38
N GLY B 4941 -4.67 -60.06 21.54
CA GLY B 4941 -4.73 -58.93 20.64
C GLY B 4941 -4.81 -57.60 21.33
N GLU B 4942 -5.55 -57.54 22.45
CA GLU B 4942 -5.64 -56.36 23.31
C GLU B 4942 -4.29 -55.92 23.86
N LEU B 4943 -3.61 -56.82 24.58
CA LEU B 4943 -2.46 -56.42 25.37
C LEU B 4943 -1.28 -56.09 24.48
N ARG B 4944 -1.19 -56.74 23.33
CA ARG B 4944 -0.17 -56.37 22.37
C ARG B 4944 -0.48 -55.03 21.72
N ASP B 4945 -1.77 -54.76 21.48
CA ASP B 4945 -2.17 -53.48 20.90
C ASP B 4945 -1.87 -52.34 21.86
N GLN B 4946 -1.96 -52.60 23.15
CA GLN B 4946 -1.62 -51.58 24.13
C GLN B 4946 -0.11 -51.33 24.16
N GLN B 4947 0.69 -52.39 24.04
CA GLN B 4947 2.14 -52.26 23.96
C GLN B 4947 2.57 -51.51 22.71
N GLU B 4948 1.80 -51.64 21.64
CA GLU B 4948 2.13 -50.89 20.44
C GLU B 4948 1.64 -49.46 20.51
N GLN B 4949 0.48 -49.24 21.13
CA GLN B 4949 -0.07 -47.90 21.30
C GLN B 4949 0.83 -47.03 22.16
N VAL B 4950 1.38 -47.60 23.24
CA VAL B 4950 2.35 -46.85 24.04
C VAL B 4950 3.67 -46.69 23.28
N LYS B 4951 3.96 -47.58 22.35
CA LYS B 4951 5.11 -47.40 21.50
C LYS B 4951 4.84 -46.39 20.40
N GLU B 4952 3.64 -46.45 19.81
CA GLU B 4952 3.26 -45.55 18.73
C GLU B 4952 3.20 -44.11 19.19
N ASP B 4953 2.47 -43.84 20.27
CA ASP B 4953 2.23 -42.45 20.62
C ASP B 4953 3.44 -41.81 21.26
N MET B 4954 4.35 -42.62 21.81
CA MET B 4954 5.62 -42.08 22.28
C MET B 4954 6.45 -41.56 21.12
N GLU B 4955 6.32 -42.18 19.95
CA GLU B 4955 7.00 -41.73 18.75
C GLU B 4955 6.26 -40.61 18.03
N THR B 4956 4.94 -40.57 18.12
CA THR B 4956 4.17 -39.58 17.36
C THR B 4956 3.85 -38.30 18.12
N LYS B 4957 3.85 -38.31 19.45
CA LYS B 4957 3.80 -37.08 20.22
C LYS B 4957 4.77 -37.19 21.40
N CYS B 4958 5.44 -36.08 21.68
CA CYS B 4958 6.14 -35.97 22.94
C CYS B 4958 5.17 -35.95 24.11
N PHE B 4959 4.00 -35.34 23.90
CA PHE B 4959 2.81 -35.39 24.76
C PHE B 4959 2.99 -34.60 26.05
N ILE B 4960 4.22 -34.20 26.36
CA ILE B 4960 4.47 -33.28 27.46
C ILE B 4960 3.90 -31.91 27.14
N CYS B 4961 3.85 -31.53 25.87
CA CYS B 4961 2.85 -30.62 25.34
C CYS B 4961 2.34 -31.26 24.06
N GLY B 4962 1.03 -31.39 23.95
CA GLY B 4962 0.47 -32.34 23.00
C GLY B 4962 0.57 -31.95 21.54
N ILE B 4963 1.78 -31.99 21.00
CA ILE B 4963 2.04 -31.65 19.60
C ILE B 4963 2.53 -32.89 18.87
N GLY B 4964 1.97 -33.14 17.68
CA GLY B 4964 2.40 -34.26 16.86
C GLY B 4964 3.85 -34.14 16.41
N SER B 4965 4.43 -35.30 16.11
CA SER B 4965 5.85 -35.41 15.79
C SER B 4965 6.25 -34.73 14.50
N ASP B 4966 5.31 -34.56 13.57
CA ASP B 4966 5.64 -33.99 12.28
C ASP B 4966 6.07 -32.54 12.37
N TYR B 4967 5.31 -31.73 13.10
CA TYR B 4967 5.66 -30.32 13.24
C TYR B 4967 6.94 -30.14 14.01
N PHE B 4968 7.21 -31.02 14.97
CA PHE B 4968 8.52 -31.06 15.62
C PHE B 4968 9.64 -31.36 14.67
N ASP B 4969 9.49 -32.39 13.85
CA ASP B 4969 10.56 -32.81 12.97
C ASP B 4969 10.46 -32.11 11.61
N THR B 4970 9.75 -30.99 11.55
CA THR B 4970 9.83 -30.10 10.40
C THR B 4970 11.27 -29.63 10.18
N THR B 4971 11.91 -29.17 11.25
CA THR B 4971 13.35 -29.12 11.28
C THR B 4971 13.89 -30.54 11.43
N PRO B 4972 14.92 -30.91 10.68
CA PRO B 4972 15.47 -32.27 10.80
C PRO B 4972 16.07 -32.52 12.18
N HIS B 4973 15.73 -33.68 12.74
CA HIS B 4973 16.00 -34.04 14.13
C HIS B 4973 15.41 -32.97 15.07
N GLY B 4974 14.10 -32.77 14.97
CA GLY B 4974 13.45 -31.81 15.83
C GLY B 4974 12.61 -32.48 16.90
N PHE B 4975 12.14 -33.69 16.62
CA PHE B 4975 11.34 -34.41 17.61
C PHE B 4975 12.17 -34.82 18.81
N GLU B 4976 13.32 -35.44 18.58
CA GLU B 4976 14.18 -35.83 19.69
C GLU B 4976 14.84 -34.59 20.29
N THR B 4977 14.95 -33.51 19.52
CA THR B 4977 15.33 -32.22 20.07
C THR B 4977 14.32 -31.72 21.09
N HIS B 4978 13.03 -31.91 20.82
CA HIS B 4978 12.05 -31.56 21.84
C HIS B 4978 12.09 -32.53 23.01
N THR B 4979 12.32 -33.81 22.76
CA THR B 4979 12.28 -34.72 23.89
C THR B 4979 13.61 -34.76 24.64
N LEU B 4980 14.62 -34.02 24.22
CA LEU B 4980 15.83 -33.88 25.00
C LEU B 4980 16.08 -32.47 25.48
N GLU B 4981 16.20 -31.51 24.57
CA GLU B 4981 16.56 -30.15 24.97
C GLU B 4981 15.35 -29.40 25.49
N GLU B 4982 14.21 -29.57 24.85
CA GLU B 4982 12.95 -29.13 25.41
C GLU B 4982 12.49 -30.17 26.43
N HIS B 4983 11.22 -30.14 26.77
CA HIS B 4983 10.69 -30.95 27.86
C HIS B 4983 10.82 -32.45 27.62
N ASN B 4984 11.74 -33.03 28.37
CA ASN B 4984 12.05 -34.45 28.31
C ASN B 4984 11.13 -35.29 29.17
N LEU B 4985 9.95 -34.75 29.51
CA LEU B 4985 8.97 -35.31 30.42
C LEU B 4985 9.53 -35.43 31.84
N ALA B 4986 10.63 -34.73 32.14
CA ALA B 4986 11.35 -34.93 33.38
C ALA B 4986 11.73 -33.61 34.04
N ASN B 4987 11.86 -32.58 33.21
CA ASN B 4987 12.25 -31.23 33.64
C ASN B 4987 11.33 -30.70 34.70
N TYR B 4988 10.05 -31.05 34.59
CA TYR B 4988 9.05 -30.58 35.54
C TYR B 4988 9.30 -31.12 36.92
N MET B 4989 9.48 -32.44 37.02
CA MET B 4989 9.69 -33.03 38.34
C MET B 4989 11.02 -32.61 38.91
N PHE B 4990 12.00 -32.36 38.02
CA PHE B 4990 13.30 -31.90 38.49
C PHE B 4990 13.18 -30.49 39.06
N PHE B 4991 12.43 -29.63 38.40
CA PHE B 4991 12.27 -28.27 38.88
C PHE B 4991 11.38 -28.20 40.10
N LEU B 4992 10.47 -29.17 40.25
CA LEU B 4992 9.78 -29.36 41.52
C LEU B 4992 10.72 -29.49 42.70
N MET B 4993 11.65 -30.44 42.64
CA MET B 4993 12.66 -30.60 43.67
C MET B 4993 13.46 -29.32 43.84
N TYR B 4994 13.81 -28.70 42.72
CA TYR B 4994 14.59 -27.48 42.70
C TYR B 4994 13.91 -26.34 43.45
N LEU B 4995 12.60 -26.19 43.31
CA LEU B 4995 11.94 -25.07 43.96
C LEU B 4995 11.51 -25.40 45.38
N ILE B 4996 11.07 -26.64 45.61
CA ILE B 4996 10.78 -27.12 46.95
C ILE B 4996 11.99 -27.01 47.85
N ASN B 4997 13.18 -27.27 47.33
CA ASN B 4997 14.39 -27.10 48.09
C ASN B 4997 14.91 -25.67 48.07
N LYS B 4998 14.11 -24.73 47.57
CA LYS B 4998 14.46 -23.32 47.54
C LYS B 4998 13.55 -22.55 48.50
N ASP B 4999 14.12 -21.56 49.16
CA ASP B 4999 13.44 -20.85 50.23
C ASP B 4999 12.45 -19.83 49.66
N GLU B 5000 11.44 -19.54 50.48
CA GLU B 5000 10.35 -18.64 50.17
C GLU B 5000 10.83 -17.23 49.85
N THR B 5001 11.76 -16.70 50.64
CA THR B 5001 12.31 -15.37 50.40
C THR B 5001 13.08 -15.33 49.08
N GLU B 5002 13.73 -16.42 48.74
CA GLU B 5002 14.70 -16.41 47.67
C GLU B 5002 14.09 -16.50 46.30
N HIS B 5003 12.81 -16.83 46.17
CA HIS B 5003 12.23 -17.10 44.87
C HIS B 5003 12.11 -15.83 44.04
N THR B 5004 11.99 -16.01 42.74
CA THR B 5004 11.71 -14.90 41.86
C THR B 5004 10.24 -14.54 41.97
N GLY B 5005 9.85 -13.49 41.25
CA GLY B 5005 8.43 -13.26 41.04
C GLY B 5005 7.79 -14.40 40.27
N GLN B 5006 8.50 -14.94 39.30
CA GLN B 5006 8.01 -16.04 38.50
C GLN B 5006 7.93 -17.33 39.32
N GLU B 5007 9.00 -17.63 40.04
CA GLU B 5007 9.06 -18.83 40.88
C GLU B 5007 8.05 -18.78 42.00
N SER B 5008 7.95 -17.65 42.68
CA SER B 5008 6.94 -17.45 43.69
C SER B 5008 5.54 -17.49 43.10
N TYR B 5009 5.37 -17.00 41.88
CA TYR B 5009 4.06 -16.96 41.25
C TYR B 5009 3.58 -18.35 40.91
N VAL B 5010 4.47 -19.17 40.37
CA VAL B 5010 4.06 -20.51 39.98
C VAL B 5010 3.95 -21.41 41.20
N TRP B 5011 4.68 -21.14 42.28
CA TRP B 5011 4.45 -21.89 43.50
C TRP B 5011 3.16 -21.50 44.17
N LYS B 5012 2.79 -20.23 44.05
CA LYS B 5012 1.45 -19.81 44.44
C LYS B 5012 0.40 -20.57 43.65
N MET B 5013 0.62 -20.74 42.35
CA MET B 5013 -0.25 -21.57 41.54
C MET B 5013 -0.20 -23.03 41.94
N TYR B 5014 0.93 -23.49 42.47
CA TYR B 5014 1.00 -24.84 42.99
C TYR B 5014 0.11 -25.00 44.21
N GLN B 5015 0.23 -24.07 45.16
CA GLN B 5015 -0.62 -24.10 46.33
C GLN B 5015 -2.07 -23.92 45.96
N GLU B 5016 -2.32 -23.18 44.88
CA GLU B 5016 -3.63 -23.12 44.27
C GLU B 5016 -4.02 -24.44 43.61
N ARG B 5017 -3.02 -25.27 43.28
CA ARG B 5017 -3.15 -26.38 42.33
C ARG B 5017 -3.69 -25.88 41.00
N CYS B 5018 -3.11 -24.78 40.52
CA CYS B 5018 -3.44 -24.27 39.20
C CYS B 5018 -2.33 -24.61 38.23
N TRP B 5019 -2.73 -25.06 37.04
CA TRP B 5019 -1.84 -25.73 36.10
C TRP B 5019 -1.91 -25.08 34.73
N ASP B 5020 -2.06 -23.76 34.74
CA ASP B 5020 -2.11 -22.99 33.52
C ASP B 5020 -0.78 -22.97 32.78
N PHE B 5021 0.33 -22.96 33.51
CA PHE B 5021 1.67 -22.81 32.97
C PHE B 5021 2.15 -24.00 32.16
N PHE B 5022 1.34 -25.03 31.97
CA PHE B 5022 1.70 -25.98 30.96
C PHE B 5022 1.56 -25.31 29.59
N PRO B 5023 2.55 -25.49 28.73
CA PRO B 5023 2.44 -25.00 27.36
C PRO B 5023 1.27 -25.62 26.62
N ALA B 5024 1.31 -26.95 26.45
CA ALA B 5024 0.16 -27.77 26.03
C ALA B 5024 -0.44 -27.32 24.71
N GLY B 5025 0.36 -27.34 23.65
CA GLY B 5025 -0.14 -26.93 22.36
C GLY B 5025 0.84 -26.14 21.52
N ASP B 5026 1.90 -25.64 22.16
CA ASP B 5026 2.96 -24.91 21.47
C ASP B 5026 4.16 -24.90 22.41
N CYS B 5027 5.35 -25.08 21.84
CA CYS B 5027 6.59 -24.93 22.61
C CYS B 5027 7.45 -23.85 21.92
N PHE B 5028 7.09 -22.60 22.20
CA PHE B 5028 7.94 -21.42 22.09
C PHE B 5028 8.29 -21.01 20.67
N ARG B 5029 8.05 -21.87 19.70
CA ARG B 5029 8.58 -21.64 18.38
C ARG B 5029 7.54 -21.59 17.29
N LYS B 5030 6.38 -22.22 17.48
CA LYS B 5030 5.20 -21.71 16.81
C LYS B 5030 4.81 -20.37 17.41
N GLN B 5031 5.08 -20.18 18.70
CA GLN B 5031 5.02 -18.88 19.34
C GLN B 5031 5.93 -17.87 18.64
N TYR B 5032 7.22 -18.18 18.54
CA TYR B 5032 8.19 -17.25 17.98
C TYR B 5032 8.70 -17.74 16.63
N GLU B 5033 7.75 -18.20 15.81
CA GLU B 5033 8.09 -18.93 14.60
C GLU B 5033 8.49 -18.01 13.45
N ASP B 5034 7.54 -17.23 12.94
CA ASP B 5034 7.86 -16.25 11.91
C ASP B 5034 8.48 -15.01 12.53
N GLN B 5035 8.37 -14.89 13.85
CA GLN B 5035 9.11 -13.89 14.61
C GLN B 5035 10.60 -14.02 14.37
N LEU B 5036 11.18 -15.17 14.76
CA LEU B 5036 12.55 -15.48 14.38
C LEU B 5036 12.68 -17.00 14.36
N SER B 5037 12.77 -17.55 13.16
CA SER B 5037 12.86 -18.99 12.97
C SER B 5037 14.24 -19.52 13.36
N GLN C 12 25.40 11.68 18.94
CA GLN C 12 25.35 11.04 20.25
C GLN C 12 26.43 11.57 21.18
N PHE C 13 27.55 10.86 21.22
CA PHE C 13 28.58 11.08 22.22
C PHE C 13 29.95 10.99 21.59
N LEU C 14 30.97 10.95 22.46
CA LEU C 14 32.34 10.90 22.01
C LEU C 14 33.06 9.70 22.62
N ARG C 15 33.81 8.99 21.77
CA ARG C 15 34.62 7.85 22.14
C ARG C 15 36.07 8.16 21.79
N THR C 16 36.95 7.18 21.97
CA THR C 16 38.33 7.43 21.58
C THR C 16 38.59 6.92 20.16
N ASP C 17 39.84 7.10 19.72
CA ASP C 17 40.29 6.92 18.34
C ASP C 17 39.45 7.70 17.34
N ASP C 18 39.20 8.97 17.63
CA ASP C 18 38.32 9.80 16.82
C ASP C 18 38.98 11.13 16.51
N GLU C 19 38.36 11.90 15.62
CA GLU C 19 38.96 13.10 15.06
C GLU C 19 38.06 14.31 15.29
N VAL C 20 38.52 15.24 16.12
CA VAL C 20 37.78 16.44 16.49
C VAL C 20 38.73 17.62 16.51
N VAL C 21 38.15 18.82 16.54
CA VAL C 21 38.95 20.05 16.54
C VAL C 21 38.47 21.01 17.62
N LEU C 22 39.39 21.87 18.06
CA LEU C 22 39.08 22.88 19.05
C LEU C 22 38.24 24.01 18.46
N GLN C 23 37.52 24.69 19.34
CA GLN C 23 36.85 25.93 18.97
C GLN C 23 36.67 26.78 20.22
N CYS C 24 36.94 28.07 20.08
CA CYS C 24 36.47 29.14 20.95
C CYS C 24 35.88 30.24 20.08
N SER C 25 35.28 31.23 20.71
CA SER C 25 34.81 32.42 19.98
C SER C 25 34.88 33.59 20.96
N ALA C 26 35.90 34.41 20.82
CA ALA C 26 36.10 35.56 21.69
C ALA C 26 35.85 36.83 20.91
N THR C 27 35.17 37.79 21.55
CA THR C 27 34.89 39.05 20.89
C THR C 27 36.08 39.98 20.97
N VAL C 28 36.15 40.88 20.00
CA VAL C 28 37.15 41.94 19.97
C VAL C 28 36.42 43.27 19.80
N LEU C 29 35.64 43.36 18.73
CA LEU C 29 35.02 44.61 18.28
C LEU C 29 33.54 44.63 18.66
N LYS C 30 33.24 44.14 19.87
CA LYS C 30 31.89 43.83 20.36
C LYS C 30 31.17 42.84 19.45
N GLU C 31 31.92 41.92 18.85
CA GLU C 31 31.35 40.87 18.02
C GLU C 31 32.28 39.66 18.07
N GLN C 32 31.66 38.49 18.15
CA GLN C 32 32.39 37.24 18.37
C GLN C 32 33.28 36.91 17.18
N LEU C 33 34.46 36.38 17.48
CA LEU C 33 35.40 35.96 16.46
C LEU C 33 35.74 34.50 16.72
N LYS C 34 35.27 33.63 15.82
CA LYS C 34 35.56 32.21 15.95
C LYS C 34 37.04 31.96 15.68
N LEU C 35 37.73 31.52 16.73
CA LEU C 35 39.18 31.36 16.70
C LEU C 35 39.55 29.91 16.95
N CYS C 36 40.44 29.40 16.13
CA CYS C 36 40.93 28.04 16.25
C CYS C 36 42.42 28.07 16.58
N LEU C 37 42.81 27.25 17.54
CA LEU C 37 44.19 27.17 17.98
C LEU C 37 45.03 26.49 16.90
N ALA C 38 46.14 27.13 16.53
CA ALA C 38 47.02 26.60 15.50
C ALA C 38 48.46 26.70 15.98
N ALA C 39 49.24 25.68 15.65
CA ALA C 39 50.66 25.65 16.02
C ALA C 39 51.39 24.84 14.95
N GLU C 40 52.53 25.36 14.49
CA GLU C 40 53.24 24.68 13.41
C GLU C 40 53.97 23.44 13.91
N GLY C 41 54.60 23.52 15.09
CA GLY C 41 55.42 22.41 15.49
C GLY C 41 56.85 22.65 15.08
N PHE C 42 57.22 22.13 13.90
CA PHE C 42 58.54 22.29 13.32
C PHE C 42 58.90 23.78 13.20
N GLY C 43 59.96 24.18 13.88
CA GLY C 43 60.34 25.58 13.94
C GLY C 43 59.50 26.43 14.85
N ASN C 44 58.17 26.42 14.69
CA ASN C 44 57.27 27.21 15.53
C ASN C 44 56.65 26.25 16.55
N ARG C 45 57.24 26.19 17.74
CA ARG C 45 56.63 25.47 18.84
C ARG C 45 55.47 26.25 19.45
N LEU C 46 55.44 27.57 19.25
CA LEU C 46 54.44 28.42 19.91
C LEU C 46 53.07 28.23 19.26
N CYS C 47 52.07 28.86 19.86
CA CYS C 47 50.69 28.68 19.45
C CYS C 47 50.07 30.04 19.15
N PHE C 48 49.08 30.04 18.27
CA PHE C 48 48.43 31.25 17.83
C PHE C 48 47.00 30.91 17.45
N LEU C 49 46.27 31.89 16.93
CA LEU C 49 44.85 31.72 16.66
C LEU C 49 44.55 31.98 15.20
N GLU C 50 43.49 31.34 14.72
CA GLU C 50 43.04 31.44 13.35
C GLU C 50 41.59 31.88 13.32
N PRO C 51 41.27 33.05 12.78
CA PRO C 51 39.87 33.43 12.65
C PRO C 51 39.21 32.73 11.47
N THR C 52 38.01 32.20 11.72
CA THR C 52 37.31 31.46 10.69
C THR C 52 36.01 32.17 10.34
N SER C 53 35.86 33.40 10.81
CA SER C 53 34.59 34.11 10.74
C SER C 53 34.25 34.65 9.36
N ASN C 54 35.23 34.81 8.48
CA ASN C 54 34.98 35.30 7.14
C ASN C 54 35.11 34.18 6.12
N ALA C 55 34.69 32.97 6.49
CA ALA C 55 34.89 31.78 5.66
C ALA C 55 34.06 31.80 4.39
N GLN C 56 33.03 32.64 4.31
CA GLN C 56 32.36 32.89 3.05
C GLN C 56 33.25 33.61 2.05
N ASN C 57 34.21 34.41 2.53
CA ASN C 57 35.09 35.17 1.65
C ASN C 57 36.56 34.87 1.87
N VAL C 58 37.03 34.95 3.10
CA VAL C 58 38.44 34.78 3.42
C VAL C 58 38.62 33.39 4.02
N PRO C 59 39.28 32.47 3.33
CA PRO C 59 39.44 31.11 3.84
C PRO C 59 40.42 31.06 4.99
N PRO C 60 40.07 30.37 6.07
CA PRO C 60 41.03 30.13 7.15
C PRO C 60 41.89 28.89 6.89
N ASP C 61 42.76 28.59 7.86
CA ASP C 61 43.64 27.42 7.76
C ASP C 61 43.22 26.39 8.80
N LEU C 62 43.06 25.15 8.33
CA LEU C 62 42.58 24.05 9.17
C LEU C 62 43.51 22.85 9.13
N ALA C 63 44.74 23.03 8.69
CA ALA C 63 45.67 21.91 8.59
C ALA C 63 46.44 21.66 9.88
N ILE C 64 47.00 22.71 10.47
CA ILE C 64 47.73 22.61 11.73
C ILE C 64 46.83 22.83 12.93
N CYS C 65 45.52 22.81 12.73
CA CYS C 65 44.60 22.94 13.85
C CYS C 65 44.07 21.60 14.36
N CYS C 66 44.32 20.51 13.66
CA CYS C 66 43.63 19.26 13.94
C CYS C 66 44.38 18.43 14.96
N PHE C 67 43.64 17.92 15.94
CA PHE C 67 44.19 17.11 17.01
C PHE C 67 43.57 15.73 16.99
N THR C 68 44.23 14.82 17.70
CA THR C 68 43.86 13.42 17.68
C THR C 68 43.86 12.90 19.12
N LEU C 69 42.83 12.13 19.44
CA LEU C 69 42.74 11.49 20.74
C LEU C 69 43.54 10.19 20.70
N GLU C 70 44.43 10.01 21.67
CA GLU C 70 45.27 8.83 21.66
C GLU C 70 44.99 7.91 22.84
N GLN C 71 44.82 8.46 24.03
CA GLN C 71 44.66 7.64 25.22
C GLN C 71 43.96 8.43 26.29
N SER C 72 42.86 7.88 26.82
CA SER C 72 42.06 8.55 27.84
C SER C 72 42.01 7.68 29.08
N LEU C 73 42.41 8.25 30.22
CA LEU C 73 42.53 7.49 31.46
C LEU C 73 42.06 8.31 32.64
N SER C 74 41.69 7.59 33.70
CA SER C 74 41.63 8.21 35.01
C SER C 74 43.05 8.54 35.48
N VAL C 75 43.11 9.39 36.51
CA VAL C 75 44.39 9.89 37.02
C VAL C 75 45.23 8.77 37.63
N ARG C 76 44.59 7.82 38.31
CA ARG C 76 45.37 6.80 39.00
C ARG C 76 45.80 5.71 38.03
N ALA C 77 44.97 5.44 37.01
CA ALA C 77 45.41 4.57 35.94
C ALA C 77 46.56 5.20 35.15
N LEU C 78 46.52 6.51 34.97
CA LEU C 78 47.61 7.19 34.28
C LEU C 78 48.87 7.19 35.13
N GLN C 79 48.71 7.37 36.43
CA GLN C 79 49.83 7.31 37.36
C GLN C 79 50.41 5.90 37.40
N GLU C 80 49.55 4.89 37.29
CA GLU C 80 49.97 3.51 37.13
C GLU C 80 50.78 3.32 35.85
N MET C 81 50.31 3.91 34.77
CA MET C 81 51.03 3.87 33.50
C MET C 81 52.38 4.55 33.59
N LEU C 82 52.45 5.64 34.35
CA LEU C 82 53.70 6.36 34.55
C LEU C 82 54.65 5.63 35.47
N ALA C 83 54.22 4.55 36.10
CA ALA C 83 55.14 3.61 36.72
C ALA C 83 55.69 2.61 35.73
N ASN C 84 55.46 2.82 34.44
CA ASN C 84 55.94 1.91 33.41
C ASN C 84 56.62 2.70 32.31
N GLY C 97 41.06 1.91 21.77
CA GLY C 97 39.78 1.61 21.17
C GLY C 97 38.87 2.81 21.13
N HIS C 98 37.60 2.60 21.47
CA HIS C 98 36.59 3.65 21.40
C HIS C 98 35.95 3.77 22.78
N ARG C 99 36.79 3.93 23.78
CA ARG C 99 36.32 4.23 25.12
C ARG C 99 35.63 5.60 25.14
N THR C 100 34.40 5.59 25.64
CA THR C 100 33.55 6.78 25.66
C THR C 100 34.06 7.74 26.73
N LEU C 101 34.09 9.02 26.39
CA LEU C 101 34.78 10.01 27.20
C LEU C 101 33.97 10.38 28.44
N LEU C 102 34.60 10.28 29.61
CA LEU C 102 33.96 10.59 30.87
C LEU C 102 34.68 11.73 31.57
N TYR C 103 33.89 12.63 32.16
CA TYR C 103 34.43 13.81 32.80
C TYR C 103 35.26 13.44 34.02
N GLY C 104 36.50 13.90 34.07
CA GLY C 104 37.47 13.47 35.05
C GLY C 104 38.57 12.64 34.45
N HIS C 105 38.41 12.20 33.21
CA HIS C 105 39.49 11.48 32.57
C HIS C 105 40.57 12.44 32.12
N ALA C 106 41.80 12.04 32.38
CA ALA C 106 42.92 12.57 31.63
C ALA C 106 42.85 12.04 30.20
N ILE C 107 43.54 12.73 29.29
CA ILE C 107 43.50 12.34 27.89
C ILE C 107 44.86 12.62 27.27
N LEU C 108 45.19 11.85 26.24
CA LEU C 108 46.46 12.01 25.51
C LEU C 108 46.14 12.71 24.19
N LEU C 109 46.68 13.91 24.03
CA LEU C 109 46.40 14.72 22.86
C LEU C 109 47.59 14.75 21.93
N ARG C 110 47.38 14.33 20.69
CA ARG C 110 48.41 14.33 19.67
C ARG C 110 47.99 15.38 18.67
N HIS C 111 48.95 15.98 17.97
CA HIS C 111 48.55 16.71 16.78
C HIS C 111 48.35 15.72 15.66
N ALA C 112 47.33 15.96 14.84
CA ALA C 112 47.04 15.02 13.76
C ALA C 112 48.12 15.04 12.70
N HIS C 113 48.52 16.22 12.26
CA HIS C 113 49.43 16.34 11.13
C HIS C 113 50.85 15.92 11.49
N SER C 114 51.46 16.58 12.47
CA SER C 114 52.81 16.28 12.89
C SER C 114 52.94 14.92 13.55
N ARG C 115 51.83 14.38 14.08
CA ARG C 115 51.78 13.13 14.82
C ARG C 115 52.70 13.16 16.03
N MET C 116 52.86 14.35 16.60
CA MET C 116 53.63 14.60 17.79
C MET C 116 52.67 14.85 18.93
N TYR C 117 53.11 14.49 20.14
CA TYR C 117 52.26 14.64 21.31
C TYR C 117 52.29 16.09 21.78
N LEU C 118 51.12 16.70 21.81
CA LEU C 118 51.02 18.10 22.21
C LEU C 118 51.26 18.24 23.70
N SER C 119 52.42 18.76 24.04
CA SER C 119 52.83 18.85 25.44
C SER C 119 52.93 20.33 25.82
N CYS C 120 53.42 20.59 27.02
CA CYS C 120 53.50 21.93 27.59
C CYS C 120 54.93 22.22 27.99
N LEU C 121 55.43 23.39 27.61
CA LEU C 121 56.81 23.70 27.93
C LEU C 121 56.89 24.41 29.28
N THR C 122 58.10 24.45 29.83
CA THR C 122 58.33 24.97 31.16
C THR C 122 59.00 26.32 31.05
N THR C 123 58.70 27.04 29.97
CA THR C 123 59.41 28.25 29.63
C THR C 123 58.49 29.46 29.77
N SER C 124 59.10 30.63 29.86
CA SER C 124 58.38 31.89 30.00
C SER C 124 58.18 32.50 28.63
N ARG C 125 57.01 33.09 28.41
CA ARG C 125 56.70 33.77 27.16
C ARG C 125 55.88 35.01 27.46
N SER C 126 55.89 35.94 26.51
CA SER C 126 55.09 37.16 26.45
C SER C 126 55.36 38.14 27.59
N MET C 127 56.43 37.93 28.38
CA MET C 127 56.82 38.77 29.53
C MET C 127 55.68 38.91 30.55
N THR C 128 54.91 37.84 30.72
CA THR C 128 53.80 37.86 31.66
C THR C 128 54.25 37.85 33.10
N ASP C 129 55.50 37.45 33.35
CA ASP C 129 56.07 37.25 34.69
C ASP C 129 55.20 36.31 35.51
N LYS C 130 54.79 35.22 34.87
CA LYS C 130 53.80 34.33 35.45
C LYS C 130 54.15 32.90 35.05
N LEU C 131 53.19 32.01 35.28
CA LEU C 131 53.29 30.59 35.02
C LEU C 131 52.60 30.24 33.70
N ALA C 132 52.81 31.13 32.71
CA ALA C 132 52.16 31.01 31.40
C ALA C 132 52.48 29.68 30.74
N PHE C 133 53.77 29.38 30.60
CA PHE C 133 54.30 28.05 30.27
C PHE C 133 53.74 27.56 28.95
N ASP C 134 54.21 28.25 27.90
CA ASP C 134 53.77 28.11 26.51
C ASP C 134 53.67 26.66 26.06
N VAL C 135 52.66 26.38 25.24
CA VAL C 135 52.36 25.03 24.82
C VAL C 135 53.32 24.60 23.73
N GLY C 136 53.99 23.47 23.93
CA GLY C 136 54.94 23.00 22.94
C GLY C 136 54.98 21.50 22.82
N LEU C 137 54.75 21.04 21.59
CA LEU C 137 54.85 19.64 21.21
C LEU C 137 56.25 19.38 20.68
N GLN C 138 56.93 18.41 21.25
CA GLN C 138 58.30 18.20 20.79
C GLN C 138 58.42 16.84 20.11
N GLU C 139 58.22 15.78 20.88
CA GLU C 139 57.84 14.48 20.34
C GLU C 139 56.96 13.82 21.38
N ASP C 140 56.58 14.62 22.39
CA ASP C 140 56.76 14.22 23.78
C ASP C 140 55.90 13.05 24.20
N ALA C 141 56.39 11.84 23.88
CA ALA C 141 55.80 10.61 24.38
C ALA C 141 56.03 10.42 25.88
N THR C 142 56.98 11.16 26.46
CA THR C 142 57.16 11.18 27.90
C THR C 142 55.97 11.90 28.54
N GLY C 143 55.02 11.14 29.05
CA GLY C 143 53.72 11.66 29.39
C GLY C 143 53.61 12.37 30.72
N GLU C 144 54.04 13.62 30.78
CA GLU C 144 53.84 14.37 32.01
C GLU C 144 52.94 15.58 31.80
N ALA C 145 53.29 16.42 30.84
CA ALA C 145 52.57 17.66 30.58
C ALA C 145 51.55 17.53 29.46
N CYS C 146 51.72 16.55 28.57
CA CYS C 146 50.85 16.32 27.43
C CYS C 146 49.54 15.65 27.81
N TRP C 147 49.24 15.54 29.10
CA TRP C 147 48.05 14.90 29.59
C TRP C 147 47.14 15.93 30.22
N TRP C 148 45.85 15.79 29.93
CA TRP C 148 44.88 16.88 30.11
C TRP C 148 43.58 16.34 30.64
N THR C 149 43.38 16.48 31.95
CA THR C 149 42.14 16.07 32.58
C THR C 149 40.97 16.93 32.14
N MET C 150 39.81 16.28 32.07
CA MET C 150 38.61 16.85 31.47
C MET C 150 37.56 16.99 32.55
N HIS C 151 37.25 18.21 32.90
CA HIS C 151 36.26 18.43 33.92
C HIS C 151 35.00 19.05 33.32
N PRO C 152 33.85 18.76 33.92
CA PRO C 152 32.59 19.35 33.43
C PRO C 152 32.57 20.86 33.58
N ALA C 153 31.74 21.49 32.75
CA ALA C 153 31.70 22.95 32.70
C ALA C 153 31.07 23.52 33.96
N SER C 154 29.81 23.19 34.21
CA SER C 154 29.07 23.76 35.33
C SER C 154 28.48 22.63 36.17
N LYS C 155 27.59 22.99 37.08
CA LYS C 155 26.80 22.00 37.81
C LYS C 155 25.73 21.36 36.95
N GLN C 156 25.46 21.91 35.77
CA GLN C 156 24.58 21.25 34.81
C GLN C 156 25.18 19.93 34.34
N ARG C 157 26.48 19.92 34.09
CA ARG C 157 27.23 18.70 33.87
C ARG C 157 27.81 18.22 35.19
N SER C 158 28.44 17.05 35.16
CA SER C 158 29.06 16.47 36.35
C SER C 158 30.15 15.51 35.91
N GLU C 159 30.91 15.02 36.90
CA GLU C 159 32.04 14.13 36.64
C GLU C 159 31.56 12.77 36.15
N GLY C 160 32.38 12.14 35.31
CA GLY C 160 32.11 10.79 34.86
C GLY C 160 30.92 10.66 33.95
N GLU C 161 30.42 11.76 33.41
CA GLU C 161 29.32 11.71 32.46
C GLU C 161 29.88 11.55 31.07
N LYS C 162 29.09 10.95 30.19
CA LYS C 162 29.55 10.70 28.83
C LYS C 162 29.53 12.01 28.07
N VAL C 163 30.64 12.32 27.38
CA VAL C 163 30.72 13.60 26.70
C VAL C 163 29.97 13.49 25.38
N ARG C 164 28.95 14.33 25.21
CA ARG C 164 28.20 14.39 23.97
C ARG C 164 29.04 15.00 22.87
N VAL C 165 28.46 15.03 21.68
CA VAL C 165 29.10 15.64 20.53
C VAL C 165 29.18 17.15 20.76
N GLY C 166 30.39 17.64 21.04
CA GLY C 166 30.60 19.06 21.24
C GLY C 166 30.11 19.63 22.54
N ASP C 167 30.71 19.26 23.67
CA ASP C 167 30.30 19.79 24.96
C ASP C 167 31.23 20.92 25.41
N ASP C 168 30.86 21.58 26.51
CA ASP C 168 31.66 22.63 27.11
C ASP C 168 32.60 22.03 28.14
N LEU C 169 33.89 22.27 27.98
CA LEU C 169 34.92 21.44 28.58
C LEU C 169 35.86 22.27 29.43
N ILE C 170 36.40 21.64 30.47
CA ILE C 170 37.40 22.24 31.34
C ILE C 170 38.69 21.44 31.19
N LEU C 171 39.68 22.04 30.57
CA LEU C 171 40.86 21.32 30.12
C LEU C 171 42.04 21.65 31.02
N VAL C 172 42.28 20.80 32.01
CA VAL C 172 43.27 21.06 33.04
C VAL C 172 44.50 20.24 32.70
N SER C 173 45.68 20.76 33.01
CA SER C 173 46.89 19.99 32.78
C SER C 173 47.03 18.90 33.82
N VAL C 174 48.08 18.12 33.67
CA VAL C 174 48.43 17.06 34.61
C VAL C 174 49.70 17.40 35.37
N SER C 175 50.75 17.79 34.65
CA SER C 175 51.99 18.18 35.30
C SER C 175 51.85 19.46 36.09
N SER C 176 51.22 20.48 35.52
CA SER C 176 51.04 21.76 36.18
C SER C 176 49.63 21.99 36.68
N GLU C 177 48.64 21.41 36.02
CA GLU C 177 47.21 21.49 36.37
C GLU C 177 46.71 22.93 36.34
N ARG C 178 46.77 23.52 35.14
CA ARG C 178 46.19 24.83 34.85
C ARG C 178 45.22 24.65 33.70
N TYR C 179 44.36 25.63 33.49
CA TYR C 179 43.30 25.52 32.48
C TYR C 179 43.87 25.60 31.07
N LEU C 180 42.98 25.61 30.08
CA LEU C 180 43.35 26.02 28.74
C LEU C 180 43.05 27.52 28.71
N HIS C 181 43.96 28.30 29.28
CA HIS C 181 43.70 29.71 29.44
C HIS C 181 43.85 30.42 28.10
N LEU C 182 42.73 30.70 27.45
CA LEU C 182 42.73 31.63 26.34
C LEU C 182 42.97 33.01 26.94
N SER C 183 44.21 33.47 26.85
CA SER C 183 44.66 34.64 27.59
C SER C 183 45.11 35.71 26.62
N THR C 184 44.26 36.71 26.39
CA THR C 184 44.70 37.86 25.65
C THR C 184 45.73 38.65 26.46
N ALA C 185 46.58 39.37 25.75
CA ALA C 185 47.66 40.10 26.39
C ALA C 185 47.60 41.53 25.87
N SER C 186 48.66 42.30 26.16
CA SER C 186 48.79 43.62 25.55
C SER C 186 48.96 43.50 24.04
N GLY C 187 49.54 42.40 23.57
CA GLY C 187 49.55 42.10 22.16
C GLY C 187 48.24 41.46 21.72
N GLU C 188 48.34 40.35 21.01
CA GLU C 188 47.16 39.70 20.46
C GLU C 188 46.50 38.83 21.54
N LEU C 189 45.39 38.20 21.17
CA LEU C 189 44.76 37.17 22.00
C LEU C 189 45.65 35.95 21.96
N GLN C 190 46.24 35.60 23.09
CA GLN C 190 47.23 34.54 23.16
C GLN C 190 46.67 33.34 23.90
N VAL C 191 47.41 32.23 23.84
CA VAL C 191 46.97 30.94 24.37
C VAL C 191 48.06 30.39 25.27
N ASP C 192 47.70 30.04 26.51
CA ASP C 192 48.63 29.41 27.44
C ASP C 192 47.84 28.55 28.42
N ALA C 193 48.53 27.98 29.40
CA ALA C 193 47.89 27.27 30.52
C ALA C 193 48.27 28.03 31.77
N SER C 194 47.55 29.11 32.06
CA SER C 194 47.92 29.92 33.20
C SER C 194 46.81 30.08 34.23
N PHE C 195 45.71 30.75 33.88
CA PHE C 195 44.81 31.25 34.91
C PHE C 195 43.40 30.72 34.81
N MET C 196 42.70 30.96 33.69
CA MET C 196 41.25 31.00 33.67
C MET C 196 40.69 30.04 32.64
N GLN C 197 39.39 29.78 32.79
CA GLN C 197 38.69 28.81 31.96
C GLN C 197 38.56 29.28 30.51
N THR C 198 38.32 28.30 29.65
CA THR C 198 37.74 28.54 28.33
C THR C 198 37.05 27.25 27.94
N LEU C 199 35.77 27.35 27.61
CA LEU C 199 34.99 26.18 27.24
C LEU C 199 35.33 25.84 25.80
N TRP C 200 36.38 25.06 25.63
CA TRP C 200 36.81 24.65 24.32
C TRP C 200 35.90 23.57 23.76
N ASN C 201 35.51 23.76 22.52
CA ASN C 201 34.46 22.96 21.92
C ASN C 201 35.06 22.10 20.83
N MET C 202 34.92 20.79 20.98
CA MET C 202 35.34 19.88 19.94
C MET C 202 34.27 19.80 18.87
N ASN C 203 34.59 20.33 17.70
CA ASN C 203 33.75 20.20 16.53
C ASN C 203 34.09 18.87 15.90
N PRO C 204 33.10 18.06 15.56
CA PRO C 204 33.36 16.80 14.86
C PRO C 204 33.79 17.06 13.44
N ILE C 205 35.09 17.33 13.29
CA ILE C 205 35.67 17.61 11.99
C ILE C 205 35.58 16.39 11.07
N CYS C 206 35.52 15.19 11.66
CA CYS C 206 35.49 13.92 10.95
C CYS C 206 35.12 12.85 11.97
N SER C 207 35.16 11.59 11.54
CA SER C 207 34.86 10.45 12.39
C SER C 207 35.50 9.21 11.78
N CYS C 208 35.09 8.03 12.25
CA CYS C 208 35.53 6.77 11.67
C CYS C 208 34.91 6.56 10.30
N CYS C 209 35.72 6.60 9.27
CA CYS C 209 35.21 6.56 7.90
C CYS C 209 35.04 5.13 7.42
N GLU C 210 34.66 5.01 6.14
CA GLU C 210 34.54 3.73 5.49
C GLU C 210 35.63 3.58 4.43
N GLU C 211 36.12 2.35 4.31
CA GLU C 211 37.27 2.05 3.46
C GLU C 211 36.86 2.15 2.00
N GLY C 212 37.68 2.84 1.20
CA GLY C 212 37.40 2.98 -0.21
C GLY C 212 36.35 4.01 -0.53
N TYR C 213 36.10 4.94 0.39
CA TYR C 213 35.11 5.98 0.16
C TYR C 213 35.74 7.33 0.42
N VAL C 214 35.52 8.26 -0.49
CA VAL C 214 36.13 9.58 -0.39
C VAL C 214 35.37 10.39 0.64
N THR C 215 36.07 10.83 1.67
CA THR C 215 35.53 11.83 2.59
C THR C 215 36.34 13.11 2.45
N GLY C 216 35.90 14.13 3.16
CA GLY C 216 36.47 15.45 2.98
C GLY C 216 37.87 15.58 3.56
N GLY C 217 38.46 16.73 3.31
CA GLY C 217 39.80 17.02 3.77
C GLY C 217 40.88 16.17 3.15
N HIS C 218 40.64 15.60 1.98
CA HIS C 218 41.58 14.66 1.42
C HIS C 218 42.53 15.36 0.45
N VAL C 219 43.75 14.81 0.39
CA VAL C 219 44.87 15.44 -0.30
C VAL C 219 45.30 14.44 -1.38
N LEU C 220 44.77 14.62 -2.59
CA LEU C 220 44.66 13.49 -3.48
C LEU C 220 44.90 13.91 -4.93
N ARG C 221 44.94 12.89 -5.79
CA ARG C 221 45.17 13.04 -7.21
C ARG C 221 43.87 12.88 -7.98
N LEU C 222 43.88 13.46 -9.18
CA LEU C 222 42.69 13.67 -9.99
C LEU C 222 42.98 13.09 -11.36
N PHE C 223 42.78 11.78 -11.51
CA PHE C 223 43.23 11.11 -12.71
C PHE C 223 42.31 11.36 -13.88
N HIS C 224 42.89 11.82 -14.98
CA HIS C 224 42.15 12.17 -16.18
C HIS C 224 42.24 11.02 -17.17
N GLY C 225 41.28 10.95 -18.08
CA GLY C 225 41.28 9.89 -19.07
C GLY C 225 40.84 8.59 -18.47
N HIS C 226 41.53 7.51 -18.83
CA HIS C 226 41.24 6.18 -18.32
C HIS C 226 42.38 5.59 -17.52
N MET C 227 43.59 5.56 -18.08
CA MET C 227 44.71 4.88 -17.45
C MET C 227 45.73 5.85 -16.87
N ASP C 228 46.38 6.65 -17.70
CA ASP C 228 47.51 7.43 -17.22
C ASP C 228 47.41 8.85 -17.77
N GLU C 229 46.66 9.68 -17.05
CA GLU C 229 46.63 11.12 -17.26
C GLU C 229 46.03 11.73 -16.01
N CYS C 230 46.45 12.93 -15.65
CA CYS C 230 45.85 13.62 -14.53
C CYS C 230 45.95 15.12 -14.75
N LEU C 231 45.42 15.85 -13.80
CA LEU C 231 45.40 17.31 -13.87
C LEU C 231 46.75 17.87 -13.47
N THR C 232 47.19 18.92 -14.16
CA THR C 232 48.40 19.61 -13.75
C THR C 232 48.27 21.09 -14.09
N ILE C 233 49.33 21.84 -13.78
CA ILE C 233 49.42 23.26 -14.06
C ILE C 233 50.82 23.55 -14.60
N SER C 234 51.08 24.83 -14.82
CA SER C 234 52.42 25.28 -15.12
C SER C 234 53.30 25.16 -13.87
N ALA C 235 54.56 24.79 -14.08
CA ALA C 235 55.49 24.55 -12.99
C ALA C 235 55.93 25.85 -12.34
N ALA C 236 56.75 25.73 -11.31
CA ALA C 236 57.20 26.87 -10.52
C ALA C 236 58.36 27.57 -11.23
N ASP C 237 58.97 28.53 -10.51
CA ASP C 237 59.93 29.49 -11.04
C ASP C 237 59.39 30.17 -12.29
N SER C 238 58.13 30.59 -12.19
CA SER C 238 57.39 31.00 -13.37
C SER C 238 56.97 32.45 -13.23
N ASP C 239 57.12 33.19 -14.33
CA ASP C 239 56.48 34.48 -14.47
C ASP C 239 54.97 34.37 -14.53
N ASP C 240 54.46 33.19 -14.90
CA ASP C 240 53.04 32.89 -14.74
C ASP C 240 52.62 32.90 -13.28
N GLN C 241 53.54 32.59 -12.37
CA GLN C 241 53.30 32.33 -10.96
C GLN C 241 52.30 31.19 -10.77
N ARG C 242 52.37 30.20 -11.65
CA ARG C 242 51.61 28.95 -11.58
C ARG C 242 50.10 29.20 -11.58
N ARG C 243 49.59 29.73 -12.70
CA ARG C 243 48.17 29.97 -12.83
C ARG C 243 47.51 29.13 -13.90
N LEU C 244 48.20 28.85 -14.99
CA LEU C 244 47.62 28.17 -16.14
C LEU C 244 47.50 26.68 -15.84
N VAL C 245 46.32 26.14 -16.07
CA VAL C 245 45.98 24.78 -15.68
C VAL C 245 46.14 23.87 -16.88
N TYR C 246 46.70 22.68 -16.67
CA TYR C 246 47.00 21.83 -17.81
C TYR C 246 46.60 20.38 -17.55
N TYR C 247 47.05 19.51 -18.46
CA TYR C 247 46.92 18.08 -18.33
C TYR C 247 48.26 17.44 -18.65
N GLU C 248 48.45 16.22 -18.15
CA GLU C 248 49.71 15.52 -18.29
C GLU C 248 49.49 14.06 -18.00
N GLY C 249 50.25 13.20 -18.69
CA GLY C 249 50.16 11.78 -18.48
C GLY C 249 50.95 11.32 -17.27
N GLY C 250 51.83 10.35 -17.46
CA GLY C 250 52.49 9.70 -16.34
C GLY C 250 53.81 10.28 -15.86
N ALA C 251 53.90 11.60 -15.71
CA ALA C 251 55.06 12.19 -15.05
C ALA C 251 54.67 12.92 -13.77
N VAL C 252 53.73 13.86 -13.83
CA VAL C 252 53.34 14.65 -12.67
C VAL C 252 52.47 13.84 -11.70
N CYS C 253 52.07 12.63 -12.09
CA CYS C 253 51.40 11.68 -11.21
C CYS C 253 52.24 11.30 -10.01
N THR C 254 53.55 11.38 -10.10
CA THR C 254 54.37 11.12 -8.93
C THR C 254 54.83 12.44 -8.31
N HIS C 255 54.22 13.54 -8.73
CA HIS C 255 54.69 14.86 -8.34
C HIS C 255 53.63 15.56 -7.51
N ALA C 256 54.00 16.74 -7.00
CA ALA C 256 53.14 17.46 -6.06
C ALA C 256 52.22 18.46 -6.74
N ARG C 257 52.43 18.74 -8.02
CA ARG C 257 51.56 19.68 -8.71
C ARG C 257 50.20 19.07 -8.96
N SER C 258 50.14 17.76 -9.15
CA SER C 258 48.90 17.01 -9.33
C SER C 258 48.13 16.83 -8.03
N LEU C 259 48.67 17.26 -6.89
CA LEU C 259 48.03 17.05 -5.61
C LEU C 259 47.07 18.19 -5.29
N TRP C 260 45.91 17.83 -4.76
CA TRP C 260 44.87 18.80 -4.46
C TRP C 260 44.20 18.45 -3.14
N ARG C 261 44.11 19.44 -2.27
CA ARG C 261 43.45 19.32 -0.99
C ARG C 261 42.00 19.74 -1.14
N LEU C 262 41.11 18.99 -0.50
CA LEU C 262 39.67 19.27 -0.52
C LEU C 262 39.35 20.05 0.75
N GLU C 263 38.59 21.14 0.60
CA GLU C 263 38.12 21.86 1.77
C GLU C 263 36.63 22.14 1.63
N PRO C 264 35.76 21.36 2.28
CA PRO C 264 34.34 21.69 2.27
C PRO C 264 34.04 22.92 3.10
N LEU C 265 32.91 23.53 2.77
CA LEU C 265 32.54 24.82 3.35
C LEU C 265 32.01 24.69 4.77
N ARG C 266 31.65 23.49 5.18
CA ARG C 266 31.17 23.26 6.54
C ARG C 266 32.31 23.36 7.55
N ILE C 267 31.92 23.31 8.82
CA ILE C 267 32.90 23.30 9.90
C ILE C 267 32.97 21.92 10.53
N SER C 268 31.89 21.51 11.18
CA SER C 268 31.79 20.14 11.66
C SER C 268 31.38 19.24 10.51
N TRP C 269 31.83 17.98 10.60
CA TRP C 269 31.59 16.95 9.59
C TRP C 269 32.14 17.36 8.22
N SER C 270 33.25 18.10 8.24
CA SER C 270 34.01 18.29 7.01
C SER C 270 34.54 16.96 6.49
N GLY C 271 34.96 16.07 7.38
CA GLY C 271 35.42 14.75 7.01
C GLY C 271 34.31 13.71 6.99
N SER C 272 33.07 14.15 6.89
CA SER C 272 31.99 13.21 6.65
C SER C 272 32.04 12.73 5.20
N HIS C 273 31.19 11.75 4.88
CA HIS C 273 31.23 11.10 3.57
C HIS C 273 30.82 12.07 2.49
N LEU C 274 31.75 12.32 1.57
CA LEU C 274 31.47 13.22 0.46
C LEU C 274 30.50 12.56 -0.49
N ARG C 275 29.55 13.35 -0.97
CA ARG C 275 28.43 12.85 -1.73
C ARG C 275 28.30 13.61 -3.04
N TRP C 276 27.48 13.07 -3.92
CA TRP C 276 27.15 13.76 -5.16
C TRP C 276 26.30 14.97 -4.85
N GLY C 277 26.48 16.02 -5.63
CA GLY C 277 25.77 17.26 -5.35
C GLY C 277 26.31 17.94 -4.11
N GLN C 278 27.55 18.40 -4.16
CA GLN C 278 28.13 18.92 -2.94
C GLN C 278 29.15 20.02 -3.23
N PRO C 279 28.89 21.25 -2.78
CA PRO C 279 29.81 22.35 -3.07
C PRO C 279 30.90 22.47 -2.02
N LEU C 280 32.05 23.00 -2.45
CA LEU C 280 33.25 23.04 -1.64
C LEU C 280 34.29 23.96 -2.30
N ARG C 281 35.49 23.93 -1.75
CA ARG C 281 36.65 24.64 -2.28
C ARG C 281 37.80 23.66 -2.44
N ILE C 282 38.72 23.98 -3.34
CA ILE C 282 39.83 23.10 -3.68
C ILE C 282 41.11 23.92 -3.54
N ARG C 283 42.04 23.45 -2.72
CA ARG C 283 43.31 24.13 -2.49
C ARG C 283 44.42 23.34 -3.15
N HIS C 284 45.45 24.02 -3.62
CA HIS C 284 46.66 23.28 -3.94
C HIS C 284 47.47 23.10 -2.67
N VAL C 285 48.21 22.00 -2.62
CA VAL C 285 48.74 21.50 -1.36
C VAL C 285 50.02 22.21 -0.99
N THR C 286 51.05 22.02 -1.81
CA THR C 286 52.36 22.61 -1.53
C THR C 286 52.33 24.11 -1.77
N THR C 287 51.57 24.55 -2.75
CA THR C 287 51.51 25.97 -3.07
C THR C 287 50.60 26.70 -2.09
N GLY C 288 49.60 26.03 -1.55
CA GLY C 288 48.68 26.68 -0.64
C GLY C 288 47.75 27.66 -1.32
N ARG C 289 47.41 27.43 -2.57
CA ARG C 289 46.57 28.31 -3.35
C ARG C 289 45.31 27.56 -3.76
N TYR C 290 44.23 28.31 -3.93
CA TYR C 290 42.94 27.77 -4.35
C TYR C 290 42.82 27.85 -5.87
N LEU C 291 41.59 27.70 -6.35
CA LEU C 291 41.33 27.69 -7.78
C LEU C 291 39.96 28.33 -8.03
N ALA C 292 39.94 29.42 -8.80
CA ALA C 292 38.68 30.04 -9.15
C ALA C 292 38.81 30.68 -10.53
N LEU C 293 37.65 30.96 -11.13
CA LEU C 293 37.52 31.78 -12.33
C LEU C 293 36.91 33.10 -11.87
N THR C 294 37.75 34.13 -11.73
CA THR C 294 37.35 35.28 -10.92
C THR C 294 36.37 36.19 -11.65
N GLU C 295 36.81 36.87 -12.69
CA GLU C 295 35.85 37.53 -13.57
C GLU C 295 36.17 37.32 -15.04
N ASP C 296 37.45 37.48 -15.40
CA ASP C 296 37.87 37.40 -16.78
C ASP C 296 39.20 36.70 -16.98
N GLN C 297 39.93 36.35 -15.92
CA GLN C 297 41.33 36.02 -16.06
C GLN C 297 41.58 34.63 -16.62
N GLY C 298 40.53 33.90 -16.98
CA GLY C 298 40.69 32.53 -17.40
C GLY C 298 40.83 31.62 -16.20
N LEU C 299 41.05 30.34 -16.49
CA LEU C 299 41.11 29.34 -15.42
C LEU C 299 42.47 29.46 -14.74
N VAL C 300 42.50 30.26 -13.67
CA VAL C 300 43.74 30.59 -12.99
C VAL C 300 43.72 30.04 -11.57
N VAL C 301 44.90 29.71 -11.07
CA VAL C 301 45.07 29.12 -9.74
C VAL C 301 45.06 30.27 -8.75
N VAL C 302 43.90 30.54 -8.16
CA VAL C 302 43.70 31.76 -7.38
C VAL C 302 44.40 31.62 -6.02
N ASP C 303 44.71 32.76 -5.40
CA ASP C 303 45.42 32.79 -4.14
C ASP C 303 44.49 32.43 -2.99
N ALA C 304 45.00 32.47 -1.76
CA ALA C 304 44.27 32.05 -0.58
C ALA C 304 43.47 33.19 0.06
N CYS C 305 43.03 34.16 -0.73
CA CYS C 305 42.21 35.25 -0.22
C CYS C 305 41.07 35.65 -1.14
N LYS C 306 41.02 35.13 -2.37
CA LYS C 306 40.04 35.53 -3.37
C LYS C 306 39.27 34.32 -3.86
N ALA C 307 38.85 33.47 -2.94
CA ALA C 307 38.12 32.25 -3.23
C ALA C 307 36.75 32.29 -2.57
N HIS C 308 36.04 33.39 -2.76
CA HIS C 308 34.87 33.72 -1.94
C HIS C 308 33.60 32.99 -2.35
N THR C 309 33.69 31.68 -2.60
CA THR C 309 32.62 30.68 -2.73
C THR C 309 31.78 30.88 -4.00
N LYS C 310 31.90 32.02 -4.67
CA LYS C 310 31.07 32.34 -5.82
C LYS C 310 31.83 32.15 -7.12
N ALA C 311 33.04 32.71 -7.18
CA ALA C 311 33.99 32.35 -8.20
C ALA C 311 34.52 30.93 -8.01
N THR C 312 34.54 30.42 -6.78
CA THR C 312 35.03 29.07 -6.57
C THR C 312 34.00 28.04 -7.01
N SER C 313 32.89 27.96 -6.27
CA SER C 313 31.63 27.31 -6.64
C SER C 313 31.80 25.92 -7.27
N PHE C 314 32.36 24.99 -6.52
CA PHE C 314 32.78 23.74 -7.16
C PHE C 314 32.08 22.53 -6.58
N CYS C 315 31.42 21.80 -7.47
CA CYS C 315 30.60 20.66 -7.06
C CYS C 315 30.83 19.50 -8.01
N PHE C 316 30.13 18.41 -7.73
CA PHE C 316 30.38 17.13 -8.38
C PHE C 316 29.11 16.56 -8.97
N ARG C 317 29.26 16.04 -10.18
CA ARG C 317 28.14 15.62 -11.00
C ARG C 317 28.33 14.18 -11.42
N VAL C 318 27.26 13.40 -11.27
CA VAL C 318 27.16 12.12 -11.96
C VAL C 318 27.16 12.33 -13.46
N SER C 319 26.27 13.21 -13.91
CA SER C 319 26.29 13.78 -15.25
C SER C 319 25.75 15.21 -15.14
N LYS C 320 25.51 15.84 -16.27
CA LYS C 320 25.38 17.29 -16.31
C LYS C 320 23.92 17.68 -16.35
N GLU C 321 23.09 16.96 -15.60
CA GLU C 321 21.64 17.03 -15.69
C GLU C 321 21.06 18.29 -15.04
N LYS C 322 19.73 18.31 -14.96
CA LYS C 322 18.95 19.41 -14.39
C LYS C 322 19.01 19.43 -12.86
N LEU C 323 20.13 19.91 -12.33
CA LEU C 323 20.33 20.01 -10.89
C LEU C 323 19.34 20.98 -10.25
N ASP C 324 18.59 20.47 -9.27
CA ASP C 324 17.52 21.23 -8.62
C ASP C 324 17.97 21.98 -7.38
N THR C 325 19.02 21.49 -6.71
CA THR C 325 19.67 22.13 -5.57
C THR C 325 18.70 22.34 -4.39
N ALA C 326 17.80 21.36 -4.20
CA ALA C 326 16.92 21.34 -3.04
C ALA C 326 16.97 19.98 -2.34
N PRO C 327 18.14 19.37 -2.27
CA PRO C 327 18.32 18.23 -1.34
C PRO C 327 19.02 18.68 -0.07
N LYS C 328 19.21 19.99 0.08
CA LYS C 328 20.16 20.57 1.03
C LYS C 328 19.65 20.43 2.46
N ARG C 329 19.88 19.26 3.04
CA ARG C 329 19.68 19.03 4.47
C ARG C 329 21.02 18.63 5.05
N ASP C 330 21.49 19.37 6.05
CA ASP C 330 22.81 19.12 6.62
C ASP C 330 22.84 17.81 7.40
N VAL C 331 23.99 17.15 7.37
CA VAL C 331 24.19 15.85 7.98
C VAL C 331 25.12 16.02 9.18
N GLU C 332 24.61 15.72 10.37
CA GLU C 332 25.41 15.78 11.57
C GLU C 332 26.00 14.44 11.95
N GLY C 333 26.13 13.54 10.98
CA GLY C 333 26.91 12.34 11.14
C GLY C 333 27.83 12.19 9.95
N MET C 334 28.33 10.98 9.73
CA MET C 334 29.17 10.70 8.59
C MET C 334 28.40 10.72 7.28
N GLY C 335 27.10 10.43 7.31
CA GLY C 335 26.31 10.36 6.11
C GLY C 335 26.54 9.05 5.39
N PRO C 336 26.01 8.92 4.18
CA PRO C 336 26.22 7.69 3.41
C PRO C 336 27.51 7.76 2.62
N PRO C 337 28.35 6.72 2.71
CA PRO C 337 29.56 6.66 1.89
C PRO C 337 29.21 6.41 0.42
N GLU C 338 29.40 7.45 -0.41
CA GLU C 338 29.04 7.38 -1.81
C GLU C 338 30.26 7.35 -2.72
N ILE C 339 31.10 8.38 -2.65
CA ILE C 339 32.12 8.59 -3.67
C ILE C 339 33.32 7.72 -3.36
N LYS C 340 33.70 6.87 -4.31
CA LYS C 340 34.78 5.93 -4.14
C LYS C 340 36.04 6.44 -4.83
N TYR C 341 37.10 5.64 -4.79
CA TYR C 341 38.38 5.98 -5.37
C TYR C 341 38.54 5.25 -6.69
N GLY C 342 38.84 6.00 -7.76
CA GLY C 342 39.09 5.41 -9.06
C GLY C 342 37.87 5.03 -9.86
N GLU C 343 36.78 4.63 -9.20
CA GLU C 343 35.53 4.30 -9.86
C GLU C 343 34.48 5.36 -9.60
N SER C 344 34.89 6.56 -9.17
CA SER C 344 33.94 7.63 -8.93
C SER C 344 33.42 8.23 -10.23
N LEU C 345 34.35 8.64 -11.12
CA LEU C 345 34.07 9.23 -12.43
C LEU C 345 33.18 10.48 -12.30
N CYS C 346 33.63 11.42 -11.49
CA CYS C 346 32.87 12.62 -11.20
C CYS C 346 32.89 13.58 -12.40
N PHE C 347 32.14 14.66 -12.26
CA PHE C 347 32.26 15.79 -13.16
C PHE C 347 32.29 17.04 -12.31
N VAL C 348 33.45 17.68 -12.24
CA VAL C 348 33.58 18.93 -11.52
C VAL C 348 32.87 20.02 -12.30
N GLN C 349 31.80 20.53 -11.73
CA GLN C 349 31.08 21.63 -12.33
C GLN C 349 31.33 22.88 -11.52
N HIS C 350 31.59 23.99 -12.23
CA HIS C 350 31.49 25.28 -11.58
C HIS C 350 30.03 25.63 -11.38
N VAL C 351 29.66 25.91 -10.15
CA VAL C 351 28.25 26.03 -9.78
C VAL C 351 27.65 27.32 -10.29
N ALA C 352 28.27 28.45 -9.94
CA ALA C 352 27.66 29.76 -10.16
C ALA C 352 27.59 30.08 -11.65
N SER C 353 28.66 29.81 -12.38
CA SER C 353 28.68 30.07 -13.81
C SER C 353 28.09 28.93 -14.63
N GLY C 354 27.85 27.77 -14.02
CA GLY C 354 27.31 26.65 -14.76
C GLY C 354 28.26 26.02 -15.75
N LEU C 355 29.56 26.31 -15.64
CA LEU C 355 30.52 25.87 -16.64
C LEU C 355 31.08 24.51 -16.27
N TRP C 356 31.32 23.69 -17.29
CA TRP C 356 31.86 22.36 -17.08
C TRP C 356 33.33 22.32 -17.49
N LEU C 357 34.13 21.71 -16.61
CA LEU C 357 35.56 21.63 -16.79
C LEU C 357 35.84 20.56 -17.85
N THR C 358 36.49 20.97 -18.93
CA THR C 358 36.97 20.04 -19.94
C THR C 358 38.24 20.61 -20.54
N TYR C 359 38.94 19.78 -21.31
CA TYR C 359 40.08 20.28 -22.05
C TYR C 359 39.63 21.11 -23.24
N ALA C 360 40.52 21.97 -23.71
CA ALA C 360 40.24 22.79 -24.88
C ALA C 360 40.82 22.20 -26.16
N ALA C 361 41.90 21.42 -26.05
CA ALA C 361 42.71 20.85 -27.13
C ALA C 361 43.14 21.94 -28.11
N PRO C 362 43.49 23.13 -27.63
CA PRO C 362 44.03 24.17 -28.50
C PRO C 362 45.54 24.00 -28.64
N ASP C 363 45.98 23.60 -29.84
CA ASP C 363 47.39 23.30 -30.02
C ASP C 363 47.82 23.51 -31.46
N PRO C 364 49.00 24.08 -31.69
CA PRO C 364 49.54 24.10 -33.06
C PRO C 364 50.22 22.80 -33.39
N LYS C 365 50.72 22.66 -34.62
CA LYS C 365 51.44 21.46 -35.01
C LYS C 365 52.78 21.37 -34.29
N ALA C 366 53.41 22.52 -34.05
CA ALA C 366 54.65 22.53 -33.26
C ALA C 366 54.38 22.23 -31.79
N LEU C 367 53.28 22.76 -31.25
CA LEU C 367 52.93 22.48 -29.86
C LEU C 367 52.49 21.03 -29.67
N ARG C 368 51.97 20.39 -30.72
CA ARG C 368 51.66 18.97 -30.64
C ARG C 368 52.93 18.12 -30.55
N LEU C 369 53.92 18.43 -31.38
CA LEU C 369 55.20 17.72 -31.35
C LEU C 369 56.02 18.07 -30.11
N GLY C 370 55.78 19.21 -29.48
CA GLY C 370 56.53 19.59 -28.31
C GLY C 370 55.92 19.14 -27.01
N VAL C 371 55.47 20.10 -26.20
CA VAL C 371 55.00 19.81 -24.86
C VAL C 371 53.61 19.17 -24.91
N LEU C 372 53.36 18.26 -23.97
CA LEU C 372 52.08 17.57 -23.87
C LEU C 372 51.20 18.28 -22.84
N LYS C 373 50.74 19.46 -23.24
CA LYS C 373 50.06 20.38 -22.33
C LYS C 373 48.78 20.89 -22.98
N LYS C 374 47.68 20.16 -22.81
CA LYS C 374 46.37 20.70 -23.13
C LYS C 374 45.94 21.60 -21.98
N LYS C 375 44.85 22.34 -22.17
CA LYS C 375 44.44 23.27 -21.11
C LYS C 375 43.03 22.97 -20.67
N ALA C 376 42.85 22.81 -19.36
CA ALA C 376 41.53 22.76 -18.77
C ALA C 376 40.85 24.13 -18.85
N ILE C 377 39.57 24.10 -19.21
CA ILE C 377 38.73 25.28 -19.26
C ILE C 377 37.37 24.94 -18.66
N LEU C 378 36.85 25.88 -17.88
CA LEU C 378 35.47 25.80 -17.40
C LEU C 378 34.60 26.16 -18.60
N HIS C 379 34.09 25.15 -19.27
CA HIS C 379 33.50 25.32 -20.58
C HIS C 379 31.98 25.22 -20.47
N GLN C 380 31.30 25.91 -21.38
CA GLN C 380 29.85 26.01 -21.39
C GLN C 380 29.16 24.69 -21.71
N GLU C 381 29.87 23.74 -22.31
CA GLU C 381 29.29 22.47 -22.69
C GLU C 381 30.04 21.30 -22.08
N GLY C 382 31.37 21.33 -22.09
CA GLY C 382 32.16 20.17 -21.75
C GLY C 382 32.20 19.14 -22.87
N HIS C 383 33.25 18.33 -22.86
CA HIS C 383 33.36 17.26 -23.82
C HIS C 383 32.83 15.96 -23.21
N MET C 384 32.79 14.91 -24.02
CA MET C 384 32.19 13.64 -23.62
C MET C 384 33.22 12.70 -23.00
N ASP C 385 34.43 13.19 -22.72
CA ASP C 385 35.52 12.33 -22.29
C ASP C 385 36.29 12.93 -21.11
N ASP C 386 35.57 13.50 -20.14
CA ASP C 386 36.25 14.05 -18.97
C ASP C 386 36.53 12.96 -17.94
N ALA C 387 35.46 12.38 -17.38
CA ALA C 387 35.50 11.17 -16.53
C ALA C 387 36.44 11.32 -15.33
N LEU C 388 36.09 12.24 -14.44
CA LEU C 388 37.02 12.65 -13.39
C LEU C 388 36.98 11.68 -12.22
N PHE C 389 37.99 10.82 -12.12
CA PHE C 389 38.09 9.87 -11.02
C PHE C 389 39.38 10.10 -10.24
N LEU C 390 39.39 9.63 -9.00
CA LEU C 390 40.30 10.14 -7.98
C LEU C 390 41.23 9.07 -7.44
N THR C 391 42.27 9.54 -6.76
CA THR C 391 43.23 8.67 -6.10
C THR C 391 43.89 9.42 -4.96
N ARG C 392 43.72 8.90 -3.75
CA ARG C 392 44.33 9.44 -2.53
C ARG C 392 45.59 8.64 -2.22
N CYS C 393 46.64 9.34 -1.78
CA CYS C 393 47.91 8.69 -1.43
C CYS C 393 48.10 8.81 0.08
N GLN C 394 47.66 7.77 0.79
CA GLN C 394 47.58 7.80 2.24
C GLN C 394 48.93 7.36 2.81
N GLN C 395 49.81 8.34 3.01
CA GLN C 395 51.12 8.08 3.59
C GLN C 395 51.70 9.37 4.14
N GLU C 396 52.97 9.31 4.52
CA GLU C 396 53.70 10.45 5.06
C GLU C 396 53.93 11.54 4.02
N GLU C 397 53.80 11.19 2.72
CA GLU C 397 53.90 12.17 1.65
C GLU C 397 52.90 13.31 1.80
N SER C 398 51.70 13.00 2.31
CA SER C 398 50.71 14.03 2.61
C SER C 398 51.23 14.99 3.69
N GLN C 399 51.98 14.46 4.65
CA GLN C 399 52.53 15.30 5.70
C GLN C 399 53.69 16.14 5.18
N ALA C 400 54.57 15.50 4.41
CA ALA C 400 55.74 16.17 3.87
C ALA C 400 55.37 17.24 2.85
N ALA C 401 54.19 17.13 2.22
CA ALA C 401 53.78 18.15 1.27
C ALA C 401 53.41 19.45 1.98
N ARG C 402 52.79 19.36 3.16
CA ARG C 402 52.57 20.54 3.96
C ARG C 402 53.86 21.01 4.60
N MET C 403 54.79 20.10 4.84
CA MET C 403 56.14 20.51 5.21
C MET C 403 56.80 21.37 4.13
N ILE C 404 56.51 21.07 2.85
CA ILE C 404 57.00 21.90 1.75
C ILE C 404 56.40 23.30 1.83
N HIS C 405 55.10 23.39 2.12
CA HIS C 405 54.45 24.68 2.15
C HIS C 405 54.91 25.52 3.32
N SER C 406 55.06 24.90 4.49
CA SER C 406 55.63 25.57 5.65
C SER C 406 57.08 25.98 5.40
N THR C 407 57.84 25.13 4.70
CA THR C 407 59.21 25.41 4.31
C THR C 407 59.31 26.65 3.46
N ALA C 408 58.48 26.71 2.41
CA ALA C 408 58.47 27.86 1.52
C ALA C 408 57.97 29.11 2.23
N GLY C 409 56.94 28.98 3.06
CA GLY C 409 56.43 30.12 3.79
C GLY C 409 57.42 30.68 4.80
N LEU C 410 58.30 29.83 5.31
CA LEU C 410 59.39 30.34 6.12
C LEU C 410 60.48 30.96 5.26
N TYR C 411 60.84 30.33 4.16
CA TYR C 411 62.09 30.73 3.54
C TYR C 411 61.91 31.93 2.64
N ASN C 412 60.71 32.12 2.08
CA ASN C 412 60.47 33.33 1.33
C ASN C 412 60.46 34.56 2.23
N GLN C 413 59.80 34.50 3.38
CA GLN C 413 59.80 35.62 4.31
C GLN C 413 61.15 35.80 4.97
N PHE C 414 61.98 34.76 5.03
CA PHE C 414 63.32 34.91 5.57
C PHE C 414 64.31 35.49 4.59
N ILE C 415 64.32 35.01 3.35
CA ILE C 415 65.31 35.42 2.35
C ILE C 415 65.15 36.89 2.01
N LYS C 416 63.92 37.38 1.95
CA LYS C 416 63.69 38.79 1.65
C LYS C 416 64.17 39.71 2.77
N GLY C 417 64.27 39.20 3.99
CA GLY C 417 64.87 40.02 5.04
C GLY C 417 66.37 40.15 4.89
N LEU C 418 67.00 39.24 4.14
CA LEU C 418 68.42 39.39 3.83
C LEU C 418 68.66 40.51 2.83
N ASP C 419 67.72 40.69 1.90
CA ASP C 419 67.86 41.77 0.93
C ASP C 419 67.54 43.13 1.54
N SER C 420 66.96 43.15 2.73
CA SER C 420 66.73 44.39 3.46
C SER C 420 68.03 45.06 3.88
N PHE C 421 69.09 44.28 4.13
CA PHE C 421 70.39 44.85 4.48
C PHE C 421 71.47 44.42 3.50
N SER C 422 71.10 43.72 2.42
CA SER C 422 72.08 43.35 1.40
C SER C 422 72.66 44.60 0.74
N GLY C 423 71.80 45.40 0.11
CA GLY C 423 72.25 46.66 -0.42
C GLY C 423 72.29 47.77 0.59
N LYS C 424 71.83 47.54 1.82
CA LYS C 424 71.69 48.59 2.81
C LYS C 424 72.65 48.33 3.96
N PRO C 425 73.70 49.12 4.12
CA PRO C 425 74.63 48.91 5.23
C PRO C 425 74.02 49.29 6.58
N ARG C 426 74.86 49.19 7.61
CA ARG C 426 74.42 49.48 8.96
C ARG C 426 74.95 50.85 9.39
N GLY C 427 74.05 51.83 9.47
CA GLY C 427 74.36 53.04 10.18
C GLY C 427 74.41 52.77 11.67
N SER C 428 75.16 53.61 12.37
CA SER C 428 75.29 53.51 13.82
C SER C 428 73.94 53.79 14.48
N GLY C 429 73.37 52.77 15.12
CA GLY C 429 72.03 52.87 15.63
C GLY C 429 71.18 51.68 15.23
N PRO C 430 70.19 51.92 14.37
CA PRO C 430 69.37 50.81 13.86
C PRO C 430 70.17 49.90 12.97
N PRO C 431 70.20 48.59 13.28
CA PRO C 431 71.00 47.68 12.47
C PRO C 431 70.37 47.37 11.12
N ALA C 432 69.04 47.21 11.09
CA ALA C 432 68.29 46.88 9.89
C ALA C 432 66.85 47.31 10.11
N GLY C 433 65.94 46.83 9.26
CA GLY C 433 64.55 47.15 9.35
C GLY C 433 63.76 46.05 10.04
N PRO C 434 63.08 45.23 9.25
CA PRO C 434 62.36 44.10 9.83
C PRO C 434 63.32 43.04 10.32
N ALA C 435 62.81 42.23 11.25
CA ALA C 435 63.64 41.19 11.84
C ALA C 435 63.75 39.99 10.91
N LEU C 436 64.57 39.02 11.32
CA LEU C 436 64.72 37.76 10.61
C LEU C 436 64.33 36.61 11.51
N PRO C 437 63.60 35.62 11.00
CA PRO C 437 63.43 34.38 11.77
C PRO C 437 64.76 33.65 11.88
N ILE C 438 65.27 33.56 13.11
CA ILE C 438 66.59 33.02 13.38
C ILE C 438 66.50 31.69 14.12
N GLU C 439 65.92 31.71 15.32
CA GLU C 439 65.91 30.55 16.19
C GLU C 439 65.05 29.44 15.63
N ALA C 440 63.88 29.79 15.08
CA ALA C 440 63.00 28.82 14.45
C ALA C 440 63.62 28.19 13.20
N VAL C 441 64.29 28.99 12.38
CA VAL C 441 65.04 28.45 11.24
C VAL C 441 66.13 27.50 11.68
N ILE C 442 66.89 27.90 12.70
CA ILE C 442 67.87 27.00 13.30
C ILE C 442 67.19 25.79 13.90
N LEU C 443 66.01 25.99 14.49
CA LEU C 443 65.23 24.87 14.98
C LEU C 443 64.77 23.97 13.84
N SER C 444 64.23 24.58 12.77
CA SER C 444 63.68 23.80 11.66
C SER C 444 64.77 23.07 10.89
N LEU C 445 65.98 23.62 10.84
CA LEU C 445 67.06 22.88 10.23
C LEU C 445 67.49 21.70 11.06
N GLN C 446 67.51 21.87 12.38
CA GLN C 446 67.75 20.72 13.26
C GLN C 446 66.59 19.74 13.19
N ASP C 447 65.39 20.23 12.89
CA ASP C 447 64.27 19.33 12.62
C ASP C 447 64.51 18.53 11.36
N LEU C 448 64.90 19.19 10.28
CA LEU C 448 64.89 18.52 8.99
C LEU C 448 66.14 17.70 8.75
N ILE C 449 67.25 18.03 9.40
CA ILE C 449 68.44 17.20 9.26
C ILE C 449 68.25 15.87 9.98
N GLY C 450 67.72 15.93 11.21
CA GLY C 450 67.31 14.72 11.88
C GLY C 450 66.18 13.99 11.17
N TYR C 451 65.32 14.74 10.49
CA TYR C 451 64.32 14.14 9.63
C TYR C 451 64.93 13.43 8.43
N PHE C 452 66.08 13.91 7.95
CA PHE C 452 66.82 13.27 6.86
C PHE C 452 68.09 12.59 7.35
N GLU C 453 68.06 12.07 8.57
CA GLU C 453 69.16 11.25 9.06
C GLU C 453 69.20 9.92 8.29
N PRO C 454 70.39 9.43 7.93
CA PRO C 454 70.49 8.10 7.34
C PRO C 454 70.19 7.02 8.37
N PRO C 455 69.77 5.84 7.94
CA PRO C 455 69.59 4.74 8.88
C PRO C 455 70.92 4.24 9.39
N SER C 456 70.86 3.55 10.53
CA SER C 456 72.06 2.97 11.12
C SER C 456 72.54 1.79 10.29
N GLU C 457 73.83 1.47 10.46
CA GLU C 457 74.40 0.33 9.76
C GLU C 457 74.14 -0.98 10.47
N GLU C 458 73.60 -0.93 11.69
CA GLU C 458 73.18 -2.13 12.39
C GLU C 458 71.75 -2.54 12.03
N LEU C 459 71.11 -1.85 11.09
CA LEU C 459 69.76 -2.19 10.70
C LEU C 459 69.74 -3.46 9.86
N GLN C 460 68.62 -4.18 9.95
CA GLN C 460 68.32 -5.29 9.06
C GLN C 460 68.40 -4.83 7.61
N HIS C 461 68.88 -5.73 6.74
CA HIS C 461 68.87 -5.48 5.31
C HIS C 461 67.47 -5.23 4.79
N GLU C 462 66.46 -5.92 5.33
CA GLU C 462 65.09 -5.76 4.86
C GLU C 462 64.55 -4.36 5.13
N GLU C 463 64.52 -3.98 6.41
CA GLU C 463 64.07 -2.65 6.79
C GLU C 463 64.98 -1.57 6.22
N LYS C 464 66.25 -1.92 6.04
CA LYS C 464 67.22 -1.02 5.43
C LYS C 464 66.83 -0.69 3.99
N GLN C 465 66.57 -1.71 3.17
CA GLN C 465 66.16 -1.47 1.79
C GLN C 465 64.80 -0.79 1.71
N SER C 466 63.92 -1.02 2.68
CA SER C 466 62.65 -0.30 2.70
C SER C 466 62.87 1.19 2.95
N LYS C 467 63.66 1.53 3.98
CA LYS C 467 63.93 2.93 4.29
C LYS C 467 64.78 3.60 3.23
N LEU C 468 65.55 2.82 2.46
CA LEU C 468 66.25 3.38 1.32
C LEU C 468 65.30 3.95 0.28
N ARG C 469 64.26 3.18 -0.07
CA ARG C 469 63.25 3.69 -0.99
C ARG C 469 62.47 4.83 -0.35
N SER C 470 62.16 4.69 0.93
CA SER C 470 61.45 5.69 1.70
C SER C 470 62.18 7.03 1.77
N LEU C 471 63.50 7.00 1.81
CA LEU C 471 64.35 8.17 1.95
C LEU C 471 64.73 8.76 0.61
N ARG C 472 65.02 7.92 -0.39
CA ARG C 472 65.22 8.41 -1.74
C ARG C 472 63.95 9.00 -2.32
N ASN C 473 62.80 8.53 -1.86
CA ASN C 473 61.54 9.17 -2.19
C ASN C 473 61.53 10.63 -1.74
N ARG C 474 61.85 10.85 -0.47
CA ARG C 474 61.84 12.19 0.09
C ARG C 474 62.96 13.05 -0.48
N GLN C 475 64.05 12.43 -0.93
CA GLN C 475 65.07 13.14 -1.67
C GLN C 475 64.56 13.58 -3.04
N SER C 476 64.10 12.63 -3.86
CA SER C 476 63.73 12.89 -5.24
C SER C 476 62.52 13.80 -5.35
N LEU C 477 61.63 13.79 -4.36
CA LEU C 477 60.53 14.74 -4.33
C LEU C 477 61.00 16.14 -4.01
N PHE C 478 62.20 16.30 -3.47
CA PHE C 478 62.73 17.63 -3.25
C PHE C 478 63.66 18.02 -4.39
N GLN C 479 63.48 17.37 -5.53
CA GLN C 479 63.76 17.99 -6.80
C GLN C 479 62.50 18.50 -7.45
N GLU C 480 61.33 18.04 -7.00
CA GLU C 480 60.09 18.30 -7.74
C GLU C 480 59.59 19.71 -7.51
N GLU C 481 59.58 20.16 -6.27
CA GLU C 481 59.33 21.56 -5.94
C GLU C 481 60.61 22.38 -5.97
N GLY C 482 61.60 21.94 -6.73
CA GLY C 482 62.87 22.59 -6.84
C GLY C 482 63.66 22.24 -5.60
N MET C 483 63.38 22.94 -4.50
CA MET C 483 63.79 22.65 -3.13
C MET C 483 65.30 22.67 -2.92
N LEU C 484 66.08 22.88 -3.98
CA LEU C 484 67.52 22.78 -4.01
C LEU C 484 68.13 24.05 -4.55
N SER C 485 67.58 24.55 -5.66
CA SER C 485 67.96 25.87 -6.14
C SER C 485 67.52 26.94 -5.15
N LEU C 486 66.47 26.66 -4.39
CA LEU C 486 66.12 27.49 -3.25
C LEU C 486 67.27 27.56 -2.26
N VAL C 487 67.90 26.42 -1.97
CA VAL C 487 69.05 26.38 -1.09
C VAL C 487 70.24 27.07 -1.75
N LEU C 488 70.36 26.94 -3.07
CA LEU C 488 71.42 27.61 -3.79
C LEU C 488 71.30 29.12 -3.70
N ASN C 489 70.08 29.64 -3.81
CA ASN C 489 69.85 31.07 -3.64
C ASN C 489 70.00 31.49 -2.18
N CYS C 490 69.70 30.59 -1.24
CA CYS C 490 70.03 30.85 0.15
C CYS C 490 71.53 31.05 0.32
N ILE C 491 72.34 30.22 -0.33
CA ILE C 491 73.77 30.39 -0.23
C ILE C 491 74.22 31.61 -1.04
N ASP C 492 73.49 31.93 -2.10
CA ASP C 492 73.78 33.11 -2.91
C ASP C 492 73.62 34.39 -2.10
N ARG C 493 72.58 34.46 -1.27
CA ARG C 493 72.42 35.60 -0.39
C ARG C 493 73.13 35.42 0.94
N LEU C 494 73.69 34.24 1.18
CA LEU C 494 74.59 33.98 2.30
C LEU C 494 75.99 33.65 1.81
N ASN C 495 76.45 34.32 0.76
CA ASN C 495 77.55 33.78 0.01
C ASN C 495 78.79 34.67 0.11
N VAL C 496 78.64 35.94 -0.23
CA VAL C 496 79.76 36.87 -0.21
C VAL C 496 79.78 37.47 1.19
N TYR C 497 80.37 36.73 2.11
CA TYR C 497 80.49 37.18 3.50
C TYR C 497 81.89 36.81 3.96
N THR C 498 82.83 37.73 3.77
CA THR C 498 84.24 37.45 3.94
C THR C 498 84.58 37.17 5.38
N THR C 499 84.48 38.18 6.23
CA THR C 499 84.59 37.95 7.66
C THR C 499 83.27 37.54 8.27
N ALA C 500 82.19 38.24 7.86
CA ALA C 500 80.85 38.14 8.43
C ALA C 500 80.88 38.23 9.95
N ALA C 501 81.73 39.12 10.45
CA ALA C 501 81.79 39.40 11.88
C ALA C 501 81.46 40.87 12.15
N HIS C 502 82.28 41.77 11.60
CA HIS C 502 81.83 43.12 11.34
C HIS C 502 81.17 43.23 9.99
N PHE C 503 81.38 42.25 9.12
CA PHE C 503 80.70 42.19 7.85
C PHE C 503 79.31 41.59 7.98
N ALA C 504 79.03 40.89 9.07
CA ALA C 504 77.65 40.60 9.42
C ALA C 504 77.05 41.71 10.25
N GLU C 505 77.83 42.73 10.60
CA GLU C 505 77.28 43.95 11.19
C GLU C 505 76.89 44.95 10.10
N TYR C 506 76.16 44.45 9.12
CA TYR C 506 75.32 45.26 8.26
C TYR C 506 73.86 44.94 8.47
N ALA C 507 73.57 43.82 9.12
CA ALA C 507 72.36 43.62 9.90
C ALA C 507 72.62 43.76 11.39
N GLY C 508 73.82 44.18 11.77
CA GLY C 508 74.13 44.43 13.16
C GLY C 508 74.75 43.25 13.88
N GLU C 509 74.87 43.42 15.20
CA GLU C 509 75.50 42.42 16.04
C GLU C 509 74.54 41.27 16.35
N GLU C 510 75.08 40.27 17.04
CA GLU C 510 74.44 39.06 17.57
C GLU C 510 73.97 38.10 16.49
N ALA C 511 74.08 38.45 15.22
CA ALA C 511 73.83 37.52 14.13
C ALA C 511 75.11 36.89 13.62
N ALA C 512 76.24 37.60 13.71
CA ALA C 512 77.54 37.04 13.35
C ALA C 512 77.90 35.87 14.24
N GLU C 513 77.48 35.93 15.51
CA GLU C 513 77.64 34.84 16.45
C GLU C 513 77.00 33.56 15.97
N SER C 514 75.73 33.61 15.60
CA SER C 514 74.99 32.46 15.11
C SER C 514 75.39 32.06 13.71
N TRP C 515 75.89 33.03 12.93
CA TRP C 515 76.03 32.90 11.48
C TRP C 515 76.96 31.77 11.09
N LYS C 516 78.10 31.65 11.78
CA LYS C 516 79.07 30.62 11.44
C LYS C 516 78.48 29.22 11.61
N GLU C 517 77.80 29.00 12.73
CA GLU C 517 77.02 27.79 12.95
C GLU C 517 75.93 27.61 11.91
N ILE C 518 75.29 28.71 11.50
CA ILE C 518 74.25 28.65 10.48
C ILE C 518 74.81 28.13 9.16
N VAL C 519 76.06 28.49 8.84
CA VAL C 519 76.72 27.98 7.65
C VAL C 519 77.00 26.49 7.75
N ASN C 520 77.43 26.03 8.93
CA ASN C 520 77.55 24.60 9.22
C ASN C 520 76.24 23.88 8.98
N LEU C 521 75.15 24.46 9.47
CA LEU C 521 73.82 23.91 9.25
C LEU C 521 73.46 23.86 7.78
N LEU C 522 73.84 24.90 7.03
CA LEU C 522 73.57 24.97 5.60
C LEU C 522 74.23 23.84 4.85
N TYR C 523 75.55 23.72 4.98
CA TYR C 523 76.24 22.69 4.21
C TYR C 523 76.02 21.31 4.78
N GLU C 524 75.64 21.23 6.06
CA GLU C 524 75.22 19.99 6.66
C GLU C 524 73.95 19.45 6.02
N LEU C 525 72.89 20.27 5.99
CA LEU C 525 71.65 19.86 5.34
C LEU C 525 71.85 19.68 3.85
N LEU C 526 72.77 20.44 3.27
CA LEU C 526 73.12 20.27 1.86
C LEU C 526 73.74 18.90 1.59
N ALA C 527 74.63 18.46 2.48
CA ALA C 527 75.18 17.12 2.38
C ALA C 527 74.10 16.06 2.59
N SER C 528 73.12 16.36 3.44
CA SER C 528 71.97 15.47 3.60
C SER C 528 71.13 15.39 2.34
N LEU C 529 71.08 16.46 1.55
CA LEU C 529 70.23 16.55 0.36
C LEU C 529 70.62 15.59 -0.77
N ILE C 530 71.79 14.98 -0.73
CA ILE C 530 72.42 14.40 -1.91
C ILE C 530 72.45 12.88 -1.85
N ARG C 531 72.69 12.33 -0.66
CA ARG C 531 73.26 11.02 -0.48
C ARG C 531 72.34 9.90 -0.96
N GLY C 532 72.91 8.95 -1.71
CA GLY C 532 72.18 7.87 -2.31
C GLY C 532 71.72 8.15 -3.73
N ASN C 533 71.52 9.42 -4.07
CA ASN C 533 70.99 9.78 -5.38
C ASN C 533 72.10 10.26 -6.30
N ARG C 534 72.02 9.81 -7.55
CA ARG C 534 72.86 10.30 -8.63
C ARG C 534 72.24 11.50 -9.33
N ALA C 535 70.91 11.62 -9.28
CA ALA C 535 70.22 12.71 -9.96
C ALA C 535 70.48 14.06 -9.28
N ASN C 536 70.67 14.06 -7.96
CA ASN C 536 71.05 15.30 -7.28
C ASN C 536 72.41 15.78 -7.73
N CYS C 537 73.34 14.85 -7.94
CA CYS C 537 74.65 15.19 -8.47
C CYS C 537 74.55 15.63 -9.92
N ALA C 538 73.60 15.06 -10.66
CA ALA C 538 73.42 15.37 -12.07
C ALA C 538 72.90 16.79 -12.29
N LEU C 539 72.09 17.30 -11.38
CA LEU C 539 71.66 18.69 -11.43
C LEU C 539 72.80 19.67 -11.26
N PHE C 540 73.85 19.30 -10.56
CA PHE C 540 74.85 20.26 -10.12
C PHE C 540 76.15 20.13 -10.90
N SER C 541 76.09 19.52 -12.09
CA SER C 541 77.15 19.70 -13.06
C SER C 541 77.31 21.16 -13.45
N THR C 542 76.20 21.90 -13.50
CA THR C 542 76.28 23.34 -13.75
C THR C 542 76.73 24.08 -12.49
N ASN C 543 76.20 23.70 -11.33
CA ASN C 543 76.51 24.38 -10.08
C ASN C 543 77.86 23.96 -9.51
N LEU C 544 78.55 23.05 -10.20
CA LEU C 544 79.83 22.50 -9.73
C LEU C 544 80.88 23.57 -9.55
N ASP C 545 81.14 24.36 -10.60
CA ASP C 545 82.15 25.42 -10.51
C ASP C 545 81.70 26.54 -9.58
N TRP C 546 80.39 26.67 -9.34
CA TRP C 546 79.94 27.63 -8.35
C TRP C 546 80.29 27.17 -6.93
N VAL C 547 80.07 25.88 -6.64
CA VAL C 547 80.20 25.39 -5.27
C VAL C 547 81.66 25.39 -4.82
N VAL C 548 82.52 24.65 -5.54
CA VAL C 548 83.82 24.35 -4.97
C VAL C 548 84.81 25.48 -5.16
N SER C 549 84.49 26.46 -6.00
CA SER C 549 85.37 27.62 -6.12
C SER C 549 85.17 28.61 -4.99
N LYS C 550 84.13 28.41 -4.17
CA LYS C 550 83.99 29.18 -2.93
C LYS C 550 85.17 28.92 -2.01
N LEU C 551 85.37 27.64 -1.65
CA LEU C 551 86.48 27.13 -0.86
C LEU C 551 86.53 27.87 0.50
N ASP C 552 85.40 27.78 1.20
CA ASP C 552 85.06 28.78 2.20
C ASP C 552 85.74 28.60 3.53
N ARG C 553 86.77 27.75 3.63
CA ARG C 553 87.94 27.83 4.54
C ARG C 553 87.60 27.96 6.03
N LEU C 554 86.33 27.90 6.43
CA LEU C 554 85.93 27.93 7.82
C LEU C 554 84.89 26.87 8.11
N GLU C 555 84.18 26.40 7.09
CA GLU C 555 83.22 25.33 7.19
C GLU C 555 83.59 24.15 6.31
N ALA C 556 84.45 24.36 5.30
CA ALA C 556 84.55 23.51 4.12
C ALA C 556 84.94 22.08 4.42
N SER C 557 85.68 21.84 5.50
CA SER C 557 86.01 20.48 5.89
C SER C 557 84.80 19.71 6.39
N SER C 558 83.79 20.42 6.92
CA SER C 558 82.65 19.74 7.52
C SER C 558 81.60 19.36 6.49
N GLY C 559 80.92 20.36 5.93
CA GLY C 559 79.77 20.07 5.09
C GLY C 559 80.18 19.92 3.64
N ILE C 560 81.05 20.82 3.20
CA ILE C 560 81.46 20.85 1.80
C ILE C 560 82.28 19.62 1.45
N LEU C 561 83.27 19.28 2.28
CA LEU C 561 84.13 18.12 2.03
C LEU C 561 83.34 16.82 2.01
N GLU C 562 82.31 16.73 2.84
CA GLU C 562 81.41 15.59 2.76
C GLU C 562 80.64 15.59 1.45
N VAL C 563 80.00 16.71 1.12
CA VAL C 563 79.08 16.71 0.00
C VAL C 563 79.82 16.64 -1.33
N LEU C 564 81.08 17.08 -1.39
CA LEU C 564 81.83 16.87 -2.62
C LEU C 564 82.24 15.42 -2.78
N TYR C 565 82.45 14.70 -1.67
CA TYR C 565 82.56 13.26 -1.82
C TYR C 565 81.23 12.65 -2.23
N CYS C 566 80.12 13.22 -1.76
CA CYS C 566 78.79 12.73 -2.12
C CYS C 566 78.51 12.91 -3.61
N VAL C 567 79.19 13.87 -4.25
CA VAL C 567 79.04 13.99 -5.69
C VAL C 567 80.18 13.34 -6.46
N LEU C 568 81.31 13.04 -5.80
CA LEU C 568 82.34 12.23 -6.43
C LEU C 568 82.17 10.76 -6.17
N ILE C 569 80.94 10.33 -5.91
CA ILE C 569 80.65 8.92 -5.69
C ILE C 569 79.48 8.43 -6.54
N GLU C 570 78.65 9.33 -7.09
CA GLU C 570 77.42 8.93 -7.75
C GLU C 570 77.45 9.17 -9.26
N SER C 571 77.81 10.38 -9.71
CA SER C 571 77.74 10.70 -11.13
C SER C 571 79.13 10.88 -11.70
N PRO C 572 79.49 10.13 -12.74
CA PRO C 572 80.82 10.30 -13.37
C PRO C 572 80.91 11.49 -14.31
N GLU C 573 79.79 12.12 -14.63
CA GLU C 573 79.84 13.27 -15.55
C GLU C 573 80.36 14.50 -14.85
N VAL C 574 80.25 14.55 -13.51
CA VAL C 574 80.95 15.57 -12.75
C VAL C 574 82.45 15.33 -12.79
N LEU C 575 82.87 14.06 -12.78
CA LEU C 575 84.28 13.72 -12.96
C LEU C 575 84.72 14.04 -14.39
N ASN C 576 83.79 14.04 -15.32
CA ASN C 576 84.08 14.32 -16.72
C ASN C 576 84.29 15.81 -16.98
N ILE C 577 83.84 16.69 -16.08
CA ILE C 577 83.83 18.11 -16.38
C ILE C 577 84.81 18.85 -15.48
N ILE C 578 85.90 18.17 -15.10
CA ILE C 578 86.99 18.78 -14.34
C ILE C 578 87.66 19.87 -15.16
N GLN C 579 88.28 20.81 -14.47
CA GLN C 579 88.77 22.04 -15.09
C GLN C 579 90.17 22.37 -14.62
N GLU C 580 90.69 21.63 -13.63
CA GLU C 580 92.03 21.61 -13.06
C GLU C 580 92.33 22.83 -12.19
N ASN C 581 91.53 23.89 -12.32
CA ASN C 581 91.59 24.98 -11.35
C ASN C 581 90.95 24.57 -10.04
N HIS C 582 90.03 23.60 -10.10
CA HIS C 582 89.41 23.07 -8.90
C HIS C 582 90.36 22.14 -8.16
N ILE C 583 91.14 21.34 -8.90
CA ILE C 583 92.09 20.47 -8.20
C ILE C 583 93.28 21.28 -7.71
N LYS C 584 93.60 22.40 -8.37
CA LYS C 584 94.54 23.33 -7.76
C LYS C 584 93.99 23.90 -6.46
N SER C 585 92.68 24.14 -6.40
CA SER C 585 92.07 24.56 -5.14
C SER C 585 92.10 23.45 -4.11
N ILE C 586 92.01 22.19 -4.56
CA ILE C 586 92.15 21.03 -3.69
C ILE C 586 93.54 20.96 -3.08
N ILE C 587 94.57 21.13 -3.91
CA ILE C 587 95.94 21.05 -3.42
C ILE C 587 96.26 22.22 -2.50
N SER C 588 95.70 23.40 -2.82
CA SER C 588 95.86 24.55 -1.93
C SER C 588 95.12 24.34 -0.61
N LEU C 589 93.97 23.68 -0.65
CA LEU C 589 93.24 23.40 0.57
C LEU C 589 93.97 22.37 1.42
N LEU C 590 94.60 21.40 0.76
CA LEU C 590 95.49 20.48 1.44
C LEU C 590 96.66 21.20 2.09
N ASP C 591 97.22 22.18 1.40
CA ASP C 591 98.26 23.04 1.95
C ASP C 591 97.76 23.84 3.16
N LYS C 592 96.52 24.30 3.11
CA LYS C 592 95.98 25.11 4.20
C LYS C 592 95.59 24.30 5.42
N HIS C 593 95.10 23.08 5.24
CA HIS C 593 94.53 22.35 6.36
C HIS C 593 95.16 21.00 6.61
N GLY C 594 95.59 20.29 5.58
CA GLY C 594 96.51 19.20 5.76
C GLY C 594 95.88 17.83 5.88
N ARG C 595 96.39 17.09 6.86
CA ARG C 595 96.26 15.64 6.90
C ARG C 595 94.87 15.23 7.36
N ASN C 596 94.14 14.57 6.46
CA ASN C 596 92.77 14.14 6.72
C ASN C 596 92.53 12.83 5.99
N HIS C 597 91.63 12.04 6.57
CA HIS C 597 91.11 10.85 5.91
C HIS C 597 90.31 11.24 4.68
N LYS C 598 89.49 12.28 4.80
CA LYS C 598 88.43 12.56 3.84
C LYS C 598 88.97 13.07 2.52
N VAL C 599 89.92 14.01 2.55
CA VAL C 599 90.47 14.56 1.32
C VAL C 599 91.24 13.51 0.53
N LEU C 600 91.77 12.50 1.22
CA LEU C 600 92.48 11.41 0.58
C LEU C 600 91.53 10.37 0.03
N ASP C 601 90.43 10.11 0.73
CA ASP C 601 89.40 9.24 0.19
C ASP C 601 88.74 9.86 -1.03
N VAL C 602 88.60 11.19 -1.04
CA VAL C 602 88.04 11.88 -2.20
C VAL C 602 88.94 11.73 -3.41
N LEU C 603 90.24 11.98 -3.23
CA LEU C 603 91.14 11.82 -4.36
C LEU C 603 91.43 10.36 -4.66
N CYS C 604 91.09 9.45 -3.75
CA CYS C 604 91.10 8.04 -4.09
C CYS C 604 89.91 7.69 -4.98
N SER C 605 88.74 8.25 -4.67
CA SER C 605 87.57 8.10 -5.53
C SER C 605 87.67 8.89 -6.82
N LEU C 606 88.65 9.80 -6.91
CA LEU C 606 88.82 10.65 -8.09
C LEU C 606 89.12 9.90 -9.37
N CYS C 607 90.03 8.93 -9.35
CA CYS C 607 90.57 8.38 -10.60
C CYS C 607 89.57 7.47 -11.31
N VAL C 608 88.98 6.53 -10.58
CA VAL C 608 88.00 5.60 -11.13
C VAL C 608 86.63 5.94 -10.54
N CYS C 609 85.61 5.97 -11.40
CA CYS C 609 84.24 6.19 -10.97
C CYS C 609 83.51 4.88 -10.74
N ASN C 610 83.33 4.10 -11.81
CA ASN C 610 82.64 2.80 -11.75
C ASN C 610 83.28 1.93 -12.82
N GLY C 611 84.28 1.15 -12.43
CA GLY C 611 84.99 0.34 -13.39
C GLY C 611 85.89 1.13 -14.31
N VAL C 612 85.30 1.90 -15.22
CA VAL C 612 86.08 2.75 -16.11
C VAL C 612 86.70 3.91 -15.34
N ALA C 613 87.82 4.39 -15.84
CA ALA C 613 88.58 5.45 -15.19
C ALA C 613 89.12 6.41 -16.23
N VAL C 614 88.91 7.70 -15.99
CA VAL C 614 89.41 8.73 -16.89
C VAL C 614 90.90 8.93 -16.63
N ARG C 615 91.65 9.16 -17.70
CA ARG C 615 93.09 9.39 -17.58
C ARG C 615 93.41 10.84 -17.25
N SER C 616 92.43 11.73 -17.36
CA SER C 616 92.68 13.17 -17.20
C SER C 616 93.09 13.51 -15.78
N ASN C 617 92.28 13.09 -14.81
CA ASN C 617 92.62 13.33 -13.42
C ASN C 617 93.86 12.54 -13.00
N GLN C 618 94.02 11.32 -13.54
CA GLN C 618 95.18 10.51 -13.21
C GLN C 618 96.48 11.17 -13.63
N ASP C 619 96.51 11.70 -14.85
CA ASP C 619 97.71 12.38 -15.33
C ASP C 619 97.95 13.70 -14.62
N LEU C 620 96.88 14.47 -14.38
CA LEU C 620 97.03 15.76 -13.71
C LEU C 620 97.52 15.60 -12.28
N ILE C 621 97.04 14.58 -11.57
CA ILE C 621 97.47 14.41 -10.19
C ILE C 621 98.78 13.62 -10.16
N THR C 622 99.13 12.93 -11.25
CA THR C 622 100.48 12.41 -11.37
C THR C 622 101.48 13.54 -11.47
N GLU C 623 101.17 14.55 -12.29
CA GLU C 623 102.06 15.70 -12.44
C GLU C 623 102.05 16.57 -11.20
N ASN C 624 100.87 17.03 -10.79
CA ASN C 624 100.66 17.90 -9.64
C ASN C 624 101.01 17.20 -8.33
N LEU C 625 101.05 15.88 -8.33
CA LEU C 625 101.79 15.15 -7.32
C LEU C 625 103.24 15.50 -7.59
N LEU C 626 103.75 16.42 -6.82
CA LEU C 626 105.11 16.90 -7.01
C LEU C 626 106.11 15.80 -6.66
N PRO C 627 107.07 15.50 -7.53
CA PRO C 627 108.11 14.52 -7.18
C PRO C 627 109.10 15.03 -6.14
N GLY C 628 109.08 16.32 -5.83
CA GLY C 628 109.75 16.79 -4.62
C GLY C 628 109.10 16.27 -3.36
N ARG C 629 107.78 16.04 -3.40
CA ARG C 629 107.04 15.22 -2.43
C ARG C 629 107.05 15.82 -1.02
N GLU C 630 106.76 17.13 -0.94
CA GLU C 630 106.93 17.89 0.29
C GLU C 630 105.96 17.51 1.40
N LEU C 631 104.78 17.00 1.05
CA LEU C 631 103.78 16.64 2.04
C LEU C 631 103.77 15.15 2.32
N LEU C 632 104.04 14.34 1.31
CA LEU C 632 103.85 12.90 1.37
C LEU C 632 104.95 12.25 2.19
N LEU C 633 104.73 10.99 2.53
CA LEU C 633 105.63 10.23 3.39
C LEU C 633 106.55 9.35 2.55
N GLN C 634 107.85 9.37 2.84
CA GLN C 634 108.82 8.60 2.10
C GLN C 634 109.79 7.91 3.05
N THR C 635 109.92 6.60 2.86
CA THR C 635 110.83 5.81 3.68
C THR C 635 112.07 5.50 2.87
N ASN C 636 113.10 5.06 3.57
CA ASN C 636 114.42 4.90 2.99
C ASN C 636 115.11 3.73 3.67
N LEU C 637 115.69 2.85 2.86
CA LEU C 637 116.52 1.78 3.38
C LEU C 637 117.80 2.35 3.97
N ILE C 638 117.89 2.31 5.29
CA ILE C 638 118.95 2.97 6.03
C ILE C 638 119.72 1.91 6.80
N ASN C 639 121.05 1.97 6.72
CA ASN C 639 121.86 1.10 7.54
C ASN C 639 121.93 1.63 8.97
N TYR C 640 122.14 0.71 9.92
CA TYR C 640 122.27 1.12 11.31
C TYR C 640 123.59 1.85 11.53
N VAL C 641 123.48 3.04 12.11
CA VAL C 641 124.63 3.90 12.37
C VAL C 641 125.07 3.72 13.81
N THR C 642 126.38 3.86 14.04
CA THR C 642 127.00 3.55 15.32
C THR C 642 127.89 4.70 15.73
N SER C 643 128.38 4.64 16.97
CA SER C 643 129.37 5.58 17.49
C SER C 643 130.01 4.98 18.73
N ILE C 644 131.26 4.57 18.63
CA ILE C 644 132.00 4.01 19.76
C ILE C 644 132.90 5.09 20.34
N ARG C 645 132.58 5.52 21.53
CA ARG C 645 133.59 6.38 22.11
C ARG C 645 134.67 5.55 22.78
N PRO C 646 135.86 6.08 22.91
CA PRO C 646 136.68 5.73 24.08
C PRO C 646 136.25 6.57 25.26
N ASN C 647 136.66 6.13 26.45
CA ASN C 647 136.39 6.88 27.67
C ASN C 647 137.34 8.07 27.79
N ILE C 648 137.15 9.03 26.87
CA ILE C 648 138.00 10.19 26.75
C ILE C 648 137.12 11.42 26.71
N PHE C 649 137.41 12.37 27.59
CA PHE C 649 136.50 13.45 27.91
C PHE C 649 137.30 14.73 28.06
N VAL C 650 137.30 15.55 27.01
CA VAL C 650 138.11 16.76 26.99
C VAL C 650 137.22 17.95 27.31
N GLY C 651 137.31 18.45 28.54
CA GLY C 651 136.63 19.66 28.93
C GLY C 651 137.65 20.69 29.39
N ARG C 652 137.48 21.92 28.91
CA ARG C 652 138.43 22.99 29.16
C ARG C 652 137.78 24.01 30.07
N ALA C 653 138.28 24.10 31.30
CA ALA C 653 137.81 25.09 32.26
C ALA C 653 139.01 25.86 32.78
N GLU C 654 138.75 26.73 33.75
CA GLU C 654 139.82 27.44 34.45
C GLU C 654 140.52 26.45 35.36
N GLY C 655 141.63 25.89 34.89
CA GLY C 655 142.36 24.89 35.64
C GLY C 655 142.75 23.71 34.78
N SER C 656 142.27 22.51 35.13
CA SER C 656 142.58 21.33 34.36
C SER C 656 141.89 21.36 33.00
N THR C 657 142.69 21.51 31.96
CA THR C 657 142.26 21.37 30.58
C THR C 657 143.03 20.31 29.83
N GLN C 658 144.04 19.69 30.48
CA GLN C 658 144.88 18.63 29.92
C GLN C 658 145.55 19.06 28.61
N TYR C 659 146.30 20.16 28.66
CA TYR C 659 147.28 20.60 27.67
C TYR C 659 146.68 21.13 26.38
N GLY C 660 145.37 20.95 26.18
CA GLY C 660 144.62 21.53 25.08
C GLY C 660 145.05 21.28 23.66
N LYS C 661 146.02 20.39 23.44
CA LYS C 661 146.64 20.20 22.13
C LYS C 661 146.78 18.70 21.93
N TRP C 662 145.86 18.12 21.16
CA TRP C 662 145.67 16.68 21.11
C TRP C 662 145.69 16.19 19.67
N TYR C 663 145.68 14.87 19.52
CA TYR C 663 146.18 14.26 18.29
C TYR C 663 145.67 12.83 18.16
N PHE C 664 145.02 12.54 17.02
CA PHE C 664 144.55 11.19 16.71
C PHE C 664 145.30 10.61 15.53
N GLU C 665 145.74 9.36 15.68
CA GLU C 665 146.12 8.50 14.56
C GLU C 665 145.33 7.22 14.68
N VAL C 666 144.50 6.94 13.67
CA VAL C 666 143.65 5.75 13.64
C VAL C 666 143.92 5.02 12.33
N MET C 667 144.17 3.71 12.43
CA MET C 667 144.48 2.88 11.28
C MET C 667 143.21 2.42 10.58
N VAL C 668 143.16 2.55 9.26
CA VAL C 668 142.00 2.15 8.48
C VAL C 668 142.41 1.00 7.58
N ASP C 669 142.09 -0.22 7.98
CA ASP C 669 142.36 -1.40 7.16
C ASP C 669 141.08 -2.19 7.01
N GLU C 670 140.24 -1.76 6.07
CA GLU C 670 138.98 -2.41 5.73
C GLU C 670 138.63 -2.11 4.30
N VAL C 671 138.12 -3.12 3.59
CA VAL C 671 137.56 -2.94 2.26
C VAL C 671 136.16 -3.54 2.30
N VAL C 672 135.17 -2.73 2.68
CA VAL C 672 133.77 -3.01 2.37
C VAL C 672 133.25 -1.69 1.80
N PRO C 673 133.52 -1.39 0.52
CA PRO C 673 133.14 -0.08 -0.02
C PRO C 673 131.63 0.02 -0.24
N PHE C 674 131.05 -1.02 -0.80
CA PHE C 674 129.61 -1.14 -0.97
C PHE C 674 129.11 -2.25 -0.09
N LEU C 675 128.02 -1.99 0.61
CA LEU C 675 127.18 -3.08 1.05
C LEU C 675 126.24 -3.36 -0.12
N THR C 676 125.49 -4.46 -0.06
CA THR C 676 124.43 -4.68 -1.03
C THR C 676 123.30 -3.65 -0.95
N ALA C 677 123.19 -2.94 0.17
CA ALA C 677 122.25 -1.83 0.30
C ALA C 677 122.78 -0.57 -0.39
N GLN C 678 123.90 -0.04 0.09
CA GLN C 678 124.53 1.09 -0.58
C GLN C 678 126.02 1.10 -0.22
N ALA C 679 126.68 2.22 -0.50
CA ALA C 679 128.01 2.46 0.03
C ALA C 679 127.97 2.54 1.55
N THR C 680 128.88 1.82 2.19
CA THR C 680 128.86 1.69 3.64
C THR C 680 129.23 3.00 4.32
N HIS C 681 128.54 3.29 5.41
CA HIS C 681 128.83 4.45 6.25
C HIS C 681 130.07 4.17 7.07
N LEU C 682 130.99 5.13 7.07
CA LEU C 682 132.21 5.05 7.87
C LEU C 682 132.74 6.47 8.05
N ARG C 683 132.62 7.04 9.24
CA ARG C 683 133.11 8.38 9.49
C ARG C 683 133.76 8.42 10.87
N VAL C 684 134.04 9.63 11.36
CA VAL C 684 134.78 9.83 12.60
C VAL C 684 134.54 11.27 13.04
N GLY C 685 134.60 11.52 14.36
CA GLY C 685 134.58 12.89 14.82
C GLY C 685 134.48 13.19 16.30
N TRP C 686 133.63 14.16 16.64
CA TRP C 686 133.64 14.79 17.94
C TRP C 686 132.23 15.12 18.41
N ALA C 687 132.14 15.44 19.70
CA ALA C 687 130.95 15.99 20.32
C ALA C 687 131.36 16.69 21.59
N LEU C 688 130.44 17.47 22.16
CA LEU C 688 130.65 18.13 23.45
C LEU C 688 129.45 17.83 24.35
N THR C 689 129.47 16.66 24.97
CA THR C 689 128.46 16.09 25.89
C THR C 689 127.06 15.99 25.29
N GLU C 690 126.89 16.26 24.00
CA GLU C 690 125.60 16.36 23.35
C GLU C 690 125.65 15.61 22.03
N GLY C 691 126.12 14.37 22.09
CA GLY C 691 126.38 13.63 20.88
C GLY C 691 125.10 12.94 20.50
N TYR C 692 124.97 11.69 20.89
CA TYR C 692 123.71 10.94 20.89
C TYR C 692 123.23 10.67 19.47
N SER C 693 124.15 10.17 18.65
CA SER C 693 123.85 9.27 17.55
C SER C 693 123.05 8.04 18.01
N PRO C 694 123.17 7.55 19.30
CA PRO C 694 122.10 6.70 19.84
C PRO C 694 120.74 7.38 19.92
N TYR C 695 119.74 6.60 20.38
CA TYR C 695 118.40 6.63 19.79
C TYR C 695 118.63 6.60 18.29
N PRO C 696 119.18 5.48 17.69
CA PRO C 696 119.80 5.56 16.35
C PRO C 696 118.82 5.48 15.19
N GLY C 697 117.71 6.20 15.30
CA GLY C 697 116.65 6.05 14.32
C GLY C 697 116.57 7.15 13.29
N GLY C 698 115.50 7.93 13.37
CA GLY C 698 115.21 8.90 12.34
C GLY C 698 115.53 10.31 12.75
N GLY C 699 116.55 10.88 12.13
CA GLY C 699 116.94 12.25 12.42
C GLY C 699 116.36 13.18 11.39
N GLU C 700 116.97 14.35 11.24
CA GLU C 700 116.41 15.38 10.37
C GLU C 700 116.64 15.03 8.90
N GLY C 701 117.76 14.38 8.60
CA GLY C 701 117.95 13.80 7.29
C GLY C 701 117.31 12.44 7.21
N TRP C 702 117.60 11.70 6.15
CA TRP C 702 117.04 10.37 5.93
C TRP C 702 117.71 9.43 6.91
N GLY C 703 117.24 9.45 8.16
CA GLY C 703 117.87 8.71 9.23
C GLY C 703 118.73 9.59 10.10
N GLY C 704 118.92 9.18 11.35
CA GLY C 704 119.77 9.92 12.27
C GLY C 704 121.20 9.48 12.17
N ASN C 705 121.86 9.82 11.06
CA ASN C 705 123.17 9.29 10.77
C ASN C 705 124.24 9.94 11.64
N GLY C 706 125.36 9.23 11.80
CA GLY C 706 126.21 9.38 12.98
C GLY C 706 126.93 10.68 13.27
N VAL C 707 128.00 11.00 12.55
CA VAL C 707 128.82 12.14 12.94
C VAL C 707 128.90 13.09 11.75
N GLY C 708 128.83 14.39 12.04
CA GLY C 708 128.75 15.38 11.00
C GLY C 708 127.39 15.54 10.39
N ASP C 709 126.36 15.29 11.17
CA ASP C 709 125.00 15.39 10.70
C ASP C 709 124.14 16.23 11.62
N ASP C 710 124.78 17.02 12.47
CA ASP C 710 124.17 18.11 13.22
C ASP C 710 125.24 19.15 13.50
N LEU C 711 124.96 20.08 14.41
CA LEU C 711 125.93 21.05 14.87
C LEU C 711 126.81 20.50 15.98
N TYR C 712 126.50 19.32 16.49
CA TYR C 712 127.22 18.73 17.60
C TYR C 712 128.24 17.70 17.16
N SER C 713 128.32 17.39 15.88
CA SER C 713 129.19 16.32 15.42
C SER C 713 129.80 16.74 14.09
N TYR C 714 130.96 16.16 13.79
CA TYR C 714 131.81 16.62 12.71
C TYR C 714 132.45 15.41 12.04
N GLY C 715 131.96 15.04 10.86
CA GLY C 715 132.29 13.77 10.25
C GLY C 715 133.11 13.95 8.98
N PHE C 716 133.54 12.81 8.44
CA PHE C 716 134.36 12.81 7.24
C PHE C 716 134.37 11.43 6.61
N ASP C 717 134.27 11.40 5.28
CA ASP C 717 134.30 10.13 4.56
C ASP C 717 135.01 10.26 3.22
N GLY C 718 136.06 11.07 3.17
CA GLY C 718 137.01 11.03 2.07
C GLY C 718 137.14 12.30 1.25
N LEU C 719 136.03 12.88 0.81
CA LEU C 719 136.10 14.25 0.30
C LEU C 719 134.81 14.97 0.72
N HIS C 720 134.79 15.46 1.96
CA HIS C 720 133.59 16.07 2.51
C HIS C 720 133.97 16.97 3.66
N LEU C 721 133.00 17.74 4.14
CA LEU C 721 133.11 18.52 5.37
C LEU C 721 131.77 18.39 6.10
N TRP C 722 131.63 17.32 6.89
CA TRP C 722 130.33 16.99 7.46
C TRP C 722 130.08 17.74 8.76
N THR C 723 128.99 18.52 8.79
CA THR C 723 128.28 18.91 10.00
C THR C 723 126.89 19.37 9.59
N GLY C 724 125.87 18.72 10.12
CA GLY C 724 124.53 19.03 9.65
C GLY C 724 124.27 18.53 8.25
N HIS C 725 124.75 17.32 7.93
CA HIS C 725 124.61 16.67 6.63
C HIS C 725 125.18 17.54 5.49
N VAL C 726 126.35 18.13 5.73
CA VAL C 726 126.96 19.01 4.74
C VAL C 726 128.04 18.21 4.01
N ALA C 727 127.87 18.08 2.69
CA ALA C 727 128.71 17.22 1.89
C ALA C 727 129.69 18.01 1.04
N ARG C 728 130.11 19.17 1.54
CA ARG C 728 131.01 19.90 0.64
C ARG C 728 132.43 19.37 0.75
N PRO C 729 133.08 19.09 -0.37
CA PRO C 729 134.37 18.40 -0.35
C PRO C 729 135.51 19.33 0.04
N VAL C 730 136.73 18.80 -0.05
CA VAL C 730 137.93 19.49 0.40
C VAL C 730 138.90 19.71 -0.76
N THR C 731 140.01 20.38 -0.49
CA THR C 731 141.12 20.52 -1.43
C THR C 731 142.33 19.84 -0.80
N SER C 732 142.44 18.52 -1.01
CA SER C 732 143.50 17.73 -0.42
C SER C 732 144.28 16.99 -1.50
N PRO C 733 145.55 16.70 -1.27
CA PRO C 733 146.30 15.84 -2.20
C PRO C 733 145.77 14.42 -2.18
N GLY C 734 145.56 13.87 -3.37
CA GLY C 734 144.93 12.57 -3.49
C GLY C 734 143.47 12.67 -3.13
N GLN C 735 142.75 13.55 -3.82
CA GLN C 735 141.35 13.83 -3.47
C GLN C 735 140.48 12.67 -3.96
N HIS C 736 140.29 11.69 -3.09
CA HIS C 736 139.43 10.56 -3.34
C HIS C 736 138.78 10.21 -2.02
N LEU C 737 138.18 9.03 -1.95
CA LEU C 737 137.44 8.66 -0.77
C LEU C 737 138.38 8.08 0.28
N LEU C 738 137.82 7.54 1.36
CA LEU C 738 138.65 6.92 2.39
C LEU C 738 139.11 5.56 1.88
N ALA C 739 140.34 5.54 1.36
CA ALA C 739 140.96 4.29 0.98
C ALA C 739 141.32 3.49 2.23
N PRO C 740 141.51 2.18 2.10
CA PRO C 740 142.18 1.44 3.16
C PRO C 740 143.65 1.81 3.23
N GLU C 741 144.28 1.38 4.33
CA GLU C 741 145.66 1.75 4.70
C GLU C 741 145.82 3.26 4.79
N ASP C 742 144.91 3.90 5.52
CA ASP C 742 145.00 5.33 5.76
C ASP C 742 145.01 5.62 7.25
N VAL C 743 145.70 6.70 7.60
CA VAL C 743 145.76 7.20 8.98
C VAL C 743 145.38 8.68 8.94
N VAL C 744 144.32 9.03 9.65
CA VAL C 744 143.85 10.40 9.72
C VAL C 744 144.32 11.00 11.04
N SER C 745 145.32 11.85 10.96
CA SER C 745 145.79 12.65 12.08
C SER C 745 144.76 13.72 12.34
N CYS C 746 144.01 13.57 13.41
CA CYS C 746 143.02 14.56 13.83
C CYS C 746 143.67 15.45 14.88
N CYS C 747 143.99 16.68 14.50
CA CYS C 747 144.68 17.60 15.39
C CYS C 747 143.69 18.54 16.04
N LEU C 748 143.81 18.67 17.37
CA LEU C 748 142.93 19.49 18.18
C LEU C 748 143.77 20.54 18.91
N ASP C 749 143.32 21.79 18.86
CA ASP C 749 143.89 22.86 19.66
C ASP C 749 142.76 23.57 20.37
N LEU C 750 143.02 24.04 21.58
CA LEU C 750 142.01 24.72 22.38
C LEU C 750 142.36 26.17 22.68
N SER C 751 143.44 26.69 22.08
CA SER C 751 143.78 28.09 22.27
C SER C 751 142.81 28.98 21.51
N VAL C 752 142.49 28.62 20.27
CA VAL C 752 141.62 29.42 19.43
C VAL C 752 140.16 29.25 19.86
N PRO C 753 139.57 28.02 19.95
CA PRO C 753 139.93 26.61 19.70
C PRO C 753 139.78 26.27 18.22
N SER C 754 140.48 25.22 17.79
CA SER C 754 140.55 24.87 16.38
C SER C 754 140.60 23.35 16.24
N ILE C 755 139.98 22.86 15.18
CA ILE C 755 140.03 21.45 14.82
C ILE C 755 140.51 21.37 13.39
N SER C 756 141.61 20.66 13.16
CA SER C 756 142.12 20.45 11.82
C SER C 756 142.31 18.95 11.61
N PHE C 757 142.15 18.53 10.37
CA PHE C 757 142.37 17.14 10.02
C PHE C 757 143.48 17.07 8.99
N ARG C 758 144.19 15.95 8.98
CA ARG C 758 145.28 15.75 8.03
C ARG C 758 145.50 14.26 7.87
N ILE C 759 145.26 13.74 6.67
CA ILE C 759 145.62 12.36 6.35
C ILE C 759 147.10 12.45 5.99
N ASN C 760 147.75 11.30 5.79
CA ASN C 760 149.17 11.02 5.94
C ASN C 760 150.13 12.12 5.47
N GLY C 761 150.17 12.40 4.17
CA GLY C 761 150.73 13.69 3.80
C GLY C 761 149.66 14.76 3.86
N CYS C 762 148.76 14.74 2.86
CA CYS C 762 147.40 15.27 2.73
C CYS C 762 147.06 16.47 3.64
N PRO C 763 147.65 17.65 3.43
CA PRO C 763 147.29 18.79 4.27
C PRO C 763 145.89 19.29 3.94
N VAL C 764 144.91 18.64 4.58
CA VAL C 764 143.50 18.90 4.32
C VAL C 764 143.13 20.31 4.71
N GLN C 765 142.68 21.09 3.73
CA GLN C 765 142.32 22.49 3.95
C GLN C 765 140.91 22.59 4.55
N GLY C 766 140.81 22.23 5.82
CA GLY C 766 139.58 22.41 6.56
C GLY C 766 139.85 22.71 8.02
N VAL C 767 139.45 23.89 8.47
CA VAL C 767 139.73 24.36 9.82
C VAL C 767 138.42 24.78 10.46
N PHE C 768 138.13 24.23 11.63
CA PHE C 768 136.86 24.46 12.30
C PHE C 768 137.11 25.12 13.63
N GLU C 769 136.69 26.38 13.73
CA GLU C 769 136.95 27.25 14.87
C GLU C 769 135.65 27.92 15.27
N ALA C 770 135.76 28.86 16.22
CA ALA C 770 134.65 29.71 16.70
C ALA C 770 133.50 28.88 17.25
N PHE C 771 133.83 27.96 18.14
CA PHE C 771 132.85 27.06 18.74
C PHE C 771 133.02 27.05 20.25
N ASN C 772 131.91 26.97 20.96
CA ASN C 772 131.94 26.98 22.42
C ASN C 772 132.54 25.69 22.98
N LEU C 773 133.27 25.85 24.06
CA LEU C 773 134.02 24.79 24.72
C LEU C 773 133.27 24.26 25.93
N ASP C 774 131.94 24.21 25.80
CA ASP C 774 131.05 23.95 26.93
C ASP C 774 130.94 22.44 27.16
N GLY C 775 131.96 21.88 27.80
CA GLY C 775 131.85 20.51 28.24
C GLY C 775 132.95 19.55 27.86
N LEU C 776 132.87 18.34 28.39
CA LEU C 776 133.79 17.26 28.04
C LEU C 776 133.55 16.82 26.59
N PHE C 777 134.54 16.14 26.03
CA PHE C 777 134.47 15.74 24.64
C PHE C 777 134.39 14.23 24.49
N PHE C 778 134.49 13.80 23.24
CA PHE C 778 134.31 12.43 22.80
C PHE C 778 135.10 12.17 21.53
N PRO C 779 135.91 11.14 21.48
CA PRO C 779 136.37 10.63 20.18
C PRO C 779 135.26 9.80 19.56
N VAL C 780 134.58 10.36 18.59
CA VAL C 780 133.42 9.74 17.95
C VAL C 780 133.90 9.10 16.67
N VAL C 781 133.51 7.85 16.46
CA VAL C 781 133.72 7.18 15.18
C VAL C 781 132.39 6.56 14.74
N SER C 782 131.85 7.06 13.64
CA SER C 782 130.57 6.58 13.14
C SER C 782 130.77 5.68 11.94
N PHE C 783 130.02 4.59 11.91
CA PHE C 783 130.28 3.58 10.90
C PHE C 783 129.07 2.69 10.75
N SER C 784 128.86 2.23 9.53
CA SER C 784 128.03 1.06 9.30
C SER C 784 128.90 -0.18 9.46
N ALA C 785 128.33 -1.36 9.32
CA ALA C 785 129.02 -2.60 9.68
C ALA C 785 130.04 -3.01 8.63
N GLY C 786 130.68 -4.15 8.87
CA GLY C 786 131.73 -4.63 7.99
C GLY C 786 133.09 -4.04 8.26
N VAL C 787 133.21 -3.17 9.27
CA VAL C 787 134.42 -2.41 9.51
C VAL C 787 135.03 -2.86 10.81
N LYS C 788 136.13 -3.61 10.73
CA LYS C 788 136.94 -3.97 11.87
C LYS C 788 138.17 -3.06 11.88
N VAL C 789 138.31 -2.26 12.92
CA VAL C 789 139.26 -1.15 12.94
C VAL C 789 140.24 -1.38 14.08
N ARG C 790 141.40 -0.73 13.99
CA ARG C 790 142.40 -0.73 15.05
C ARG C 790 142.80 0.70 15.37
N PHE C 791 143.01 0.96 16.66
CA PHE C 791 143.49 2.26 17.10
C PHE C 791 144.95 2.17 17.50
N LEU C 792 145.47 3.27 18.06
CA LEU C 792 146.80 3.31 18.64
C LEU C 792 146.68 4.02 19.97
N LEU C 793 147.15 3.38 21.05
CA LEU C 793 146.93 3.91 22.39
C LEU C 793 147.69 5.19 22.67
N GLY C 794 148.74 5.48 21.92
CA GLY C 794 149.60 6.59 22.28
C GLY C 794 150.57 6.17 23.36
N GLY C 795 150.06 5.88 24.55
CA GLY C 795 150.87 5.39 25.63
C GLY C 795 151.47 4.01 25.39
N ARG C 796 150.64 2.97 25.40
CA ARG C 796 151.20 1.62 25.34
C ARG C 796 151.27 1.07 23.92
N HIS C 797 150.11 0.90 23.27
CA HIS C 797 150.05 0.34 21.93
C HIS C 797 149.91 1.41 20.87
N GLY C 798 150.50 2.57 21.10
CA GLY C 798 150.61 3.54 20.04
C GLY C 798 151.85 3.28 19.23
N GLU C 799 151.70 2.55 18.13
CA GLU C 799 152.78 2.31 17.19
C GLU C 799 152.60 3.29 16.04
N PHE C 800 153.04 4.53 16.28
CA PHE C 800 152.74 5.64 15.37
C PHE C 800 153.55 5.51 14.08
N LYS C 801 152.84 5.34 12.96
CA LYS C 801 153.49 5.34 11.66
C LYS C 801 153.86 6.74 11.21
N PHE C 802 153.31 7.77 11.86
CA PHE C 802 153.61 9.15 11.53
C PHE C 802 153.83 9.93 12.81
N LEU C 803 154.06 11.16 12.65
CA LEU C 803 154.44 11.95 13.80
C LEU C 803 153.39 13.00 14.11
N PRO C 804 153.32 13.45 15.36
CA PRO C 804 152.49 14.60 15.69
C PRO C 804 153.07 15.88 15.13
N PRO C 805 152.25 16.91 14.99
CA PRO C 805 152.78 18.27 14.89
C PRO C 805 153.38 18.70 16.22
N PRO C 806 154.13 19.86 16.29
CA PRO C 806 154.83 20.22 17.53
C PRO C 806 153.97 20.34 18.78
N GLY C 807 154.22 19.37 19.68
CA GLY C 807 153.59 19.29 20.97
C GLY C 807 152.13 18.93 20.95
N TYR C 808 151.77 17.68 20.58
CA TYR C 808 150.38 17.24 20.64
C TYR C 808 150.25 15.87 21.30
N ALA C 809 150.37 15.83 22.65
CA ALA C 809 149.75 14.95 23.65
C ALA C 809 149.31 13.56 23.20
N PRO C 810 150.22 12.61 22.97
CA PRO C 810 149.80 11.23 22.65
C PRO C 810 149.26 10.43 23.84
N CYS C 811 148.31 11.01 24.57
CA CYS C 811 147.46 10.35 25.56
C CYS C 811 148.27 9.79 26.74
N HIS C 812 148.99 10.68 27.41
CA HIS C 812 149.83 10.29 28.54
C HIS C 812 149.52 11.02 29.83
N GLU C 813 149.53 12.37 29.83
CA GLU C 813 149.63 13.15 31.05
C GLU C 813 148.41 13.02 31.94
N ALA C 814 147.22 13.15 31.38
CA ALA C 814 145.97 13.07 32.13
C ALA C 814 145.00 12.22 31.33
N VAL C 815 144.95 10.92 31.65
CA VAL C 815 144.01 10.00 31.02
C VAL C 815 143.73 8.83 31.98
N LEU C 816 142.43 8.51 32.15
CA LEU C 816 141.89 7.49 33.06
C LEU C 816 142.37 7.69 34.49
N PRO C 817 141.88 8.71 35.21
CA PRO C 817 142.50 9.07 36.51
C PRO C 817 142.23 8.08 37.63
N ARG C 818 140.99 7.66 37.84
CA ARG C 818 140.70 6.66 38.85
C ARG C 818 140.23 5.34 38.25
N GLU C 819 140.40 5.15 36.95
CA GLU C 819 139.93 3.96 36.26
C GLU C 819 140.95 3.58 35.20
N ARG C 820 140.56 2.66 34.32
CA ARG C 820 141.40 2.16 33.25
C ARG C 820 140.93 2.72 31.90
N LEU C 821 141.47 2.17 30.82
CA LEU C 821 141.13 2.60 29.47
C LEU C 821 140.08 1.68 28.88
N ARG C 822 139.05 2.27 28.28
CA ARG C 822 137.92 1.53 27.73
C ARG C 822 137.41 2.21 26.48
N LEU C 823 136.94 1.40 25.54
CA LEU C 823 136.08 1.87 24.46
C LEU C 823 134.65 1.60 24.85
N GLU C 824 133.73 2.46 24.42
CA GLU C 824 132.36 2.33 24.88
C GLU C 824 131.38 2.83 23.84
N PRO C 825 130.17 2.27 23.81
CA PRO C 825 129.08 2.97 23.13
C PRO C 825 128.73 4.23 23.90
N ILE C 826 128.51 5.32 23.17
CA ILE C 826 128.25 6.62 23.80
C ILE C 826 126.86 6.58 24.42
N LYS C 827 126.84 6.42 25.76
CA LYS C 827 125.64 6.49 26.60
C LYS C 827 124.56 5.49 26.16
N GLU C 828 124.90 4.21 26.23
CA GLU C 828 123.94 3.20 25.81
C GLU C 828 122.82 3.08 26.84
N TYR C 829 121.67 2.62 26.37
CA TYR C 829 120.54 2.31 27.21
C TYR C 829 120.34 0.83 27.40
N ARG C 830 120.71 0.04 26.40
CA ARG C 830 120.70 -1.41 26.46
C ARG C 830 122.15 -1.88 26.36
N ARG C 831 122.44 -3.00 27.02
CA ARG C 831 123.66 -3.73 26.72
C ARG C 831 123.29 -5.20 26.59
N GLU C 832 124.22 -5.96 26.03
CA GLU C 832 124.04 -7.40 25.97
C GLU C 832 124.40 -8.03 27.32
N GLY C 833 123.88 -9.23 27.53
CA GLY C 833 124.19 -9.98 28.71
C GLY C 833 124.43 -11.42 28.34
N PRO C 834 125.00 -12.20 29.25
CA PRO C 834 125.06 -13.66 29.02
C PRO C 834 123.67 -14.27 29.00
N ARG C 835 122.79 -13.77 29.86
CA ARG C 835 121.38 -14.09 29.84
C ARG C 835 120.66 -12.88 30.39
N GLY C 836 119.61 -12.44 29.70
CA GLY C 836 118.95 -11.22 30.09
C GLY C 836 119.81 -10.01 29.79
N PRO C 837 119.89 -9.63 28.51
CA PRO C 837 120.72 -8.48 28.13
C PRO C 837 120.26 -7.20 28.81
N HIS C 838 121.21 -6.56 29.47
CA HIS C 838 120.87 -5.59 30.49
C HIS C 838 120.54 -4.24 29.88
N LEU C 839 119.47 -3.66 30.39
CA LEU C 839 119.23 -2.25 30.22
C LEU C 839 120.07 -1.49 31.22
N VAL C 840 120.29 -0.22 30.93
CA VAL C 840 121.06 0.65 31.79
C VAL C 840 120.49 2.06 31.67
N GLY C 841 120.34 2.73 32.81
CA GLY C 841 119.90 4.09 32.87
C GLY C 841 120.91 5.09 32.31
N PRO C 842 120.69 6.37 32.59
CA PRO C 842 121.61 7.38 32.09
C PRO C 842 122.95 7.34 32.81
N SER C 843 123.96 7.96 32.20
CA SER C 843 125.29 8.02 32.79
C SER C 843 125.44 9.33 33.56
N ARG C 844 126.03 9.24 34.75
CA ARG C 844 126.30 10.43 35.55
C ARG C 844 127.42 11.21 34.89
N CYS C 845 127.06 12.22 34.12
CA CYS C 845 128.07 13.05 33.46
C CYS C 845 128.76 13.93 34.48
N LEU C 846 129.95 13.51 34.89
CA LEU C 846 130.69 14.17 35.97
C LEU C 846 131.55 15.27 35.37
N SER C 847 131.19 16.52 35.68
CA SER C 847 131.98 17.73 35.41
C SER C 847 132.24 17.91 33.91
N HIS C 848 131.15 18.13 33.18
CA HIS C 848 131.25 18.55 31.78
C HIS C 848 131.97 19.89 31.70
N THR C 849 131.34 20.94 32.20
CA THR C 849 132.04 22.16 32.56
C THR C 849 132.65 21.98 33.94
N ASP C 850 133.64 22.83 34.23
CA ASP C 850 134.42 22.79 35.48
C ASP C 850 135.05 21.42 35.72
N PHE C 851 135.95 21.03 34.80
CA PHE C 851 136.72 19.81 34.92
C PHE C 851 138.02 20.03 35.68
N VAL C 852 138.05 21.03 36.55
CA VAL C 852 139.26 21.45 37.25
C VAL C 852 139.10 21.18 38.73
N PRO C 853 140.19 21.01 39.48
CA PRO C 853 140.10 21.11 40.94
C PRO C 853 140.09 22.57 41.36
N CYS C 854 139.75 22.80 42.62
CA CYS C 854 139.66 24.16 43.14
C CYS C 854 140.01 24.22 44.61
N PRO C 855 141.03 24.99 44.99
CA PRO C 855 141.33 25.17 46.41
C PRO C 855 140.26 26.00 47.07
N VAL C 856 139.81 25.54 48.23
CA VAL C 856 138.93 26.34 49.07
C VAL C 856 139.79 27.44 49.68
N ASP C 857 139.71 28.64 49.10
CA ASP C 857 140.62 29.72 49.45
C ASP C 857 140.27 30.35 50.80
N ILE C 861 143.67 33.15 57.19
CA ILE C 861 143.36 34.50 57.67
C ILE C 861 144.31 34.90 58.80
N VAL C 862 143.93 34.60 60.03
CA VAL C 862 144.65 35.04 61.21
C VAL C 862 145.07 33.81 62.01
N LEU C 863 145.62 34.03 63.21
CA LEU C 863 145.86 32.90 64.09
C LEU C 863 145.80 33.34 65.56
N PRO C 864 144.96 32.68 66.36
CA PRO C 864 144.95 32.95 67.81
C PRO C 864 146.25 32.48 68.44
N PRO C 865 146.65 33.08 69.58
CA PRO C 865 148.00 32.83 70.11
C PRO C 865 148.21 31.43 70.67
N HIS C 866 147.19 30.79 71.23
CA HIS C 866 147.37 29.41 71.71
C HIS C 866 147.55 28.44 70.57
N LEU C 867 147.06 28.78 69.38
CA LEU C 867 147.35 27.99 68.19
C LEU C 867 148.61 28.44 67.47
N GLU C 868 149.04 29.68 67.69
CA GLU C 868 150.40 30.08 67.30
C GLU C 868 151.44 29.26 68.06
N ARG C 869 151.14 28.97 69.33
CA ARG C 869 152.00 28.11 70.13
C ARG C 869 152.04 26.69 69.58
N ILE C 870 150.93 26.20 69.04
CA ILE C 870 150.90 24.83 68.56
C ILE C 870 151.26 24.74 67.09
N ARG C 871 151.38 25.87 66.40
CA ARG C 871 151.96 25.91 65.07
C ARG C 871 153.41 25.43 65.07
N GLU C 872 154.19 25.89 66.05
CA GLU C 872 155.58 25.47 66.17
C GLU C 872 155.68 24.01 66.53
N LYS C 873 154.81 23.53 67.41
CA LYS C 873 154.84 22.14 67.83
C LYS C 873 154.31 21.20 66.74
N LEU C 874 153.39 21.68 65.90
CA LEU C 874 152.98 20.90 64.74
C LEU C 874 154.06 20.85 63.69
N ALA C 875 154.77 21.97 63.48
CA ALA C 875 155.95 21.96 62.62
C ALA C 875 157.06 21.09 63.18
N GLU C 876 157.11 20.93 64.50
CA GLU C 876 157.99 19.93 65.10
C GLU C 876 157.55 18.52 64.73
N ASN C 877 156.31 18.16 65.06
CA ASN C 877 155.97 16.75 65.07
C ASN C 877 155.68 16.21 63.68
N ILE C 878 155.22 17.08 62.76
CA ILE C 878 155.16 16.70 61.35
C ILE C 878 156.55 16.46 60.80
N HIS C 879 157.53 17.27 61.21
CA HIS C 879 158.90 17.03 60.83
C HIS C 879 159.44 15.77 61.50
N GLU C 880 158.97 15.45 62.70
CA GLU C 880 159.32 14.21 63.39
C GLU C 880 158.87 13.00 62.59
N LEU C 881 157.62 13.02 62.13
CA LEU C 881 157.09 11.89 61.37
C LEU C 881 157.66 11.87 59.94
N TRP C 882 158.00 13.03 59.39
CA TRP C 882 158.63 13.07 58.08
C TRP C 882 160.07 12.59 58.14
N ALA C 883 160.75 12.82 59.26
CA ALA C 883 162.06 12.23 59.51
C ALA C 883 161.96 10.74 59.79
N LEU C 884 160.90 10.31 60.46
CA LEU C 884 160.65 8.89 60.68
C LEU C 884 160.39 8.16 59.36
N THR C 885 159.70 8.82 58.42
CA THR C 885 159.51 8.31 57.07
C THR C 885 160.84 8.07 56.38
N ARG C 886 161.81 8.95 56.60
CA ARG C 886 163.13 8.79 56.00
C ARG C 886 163.93 7.70 56.68
N ILE C 887 163.92 7.68 58.02
CA ILE C 887 164.78 6.75 58.75
C ILE C 887 164.26 5.32 58.66
N GLU C 888 162.94 5.13 58.59
CA GLU C 888 162.39 3.81 58.34
C GLU C 888 162.67 3.32 56.93
N GLN C 889 162.97 4.22 55.99
CA GLN C 889 163.46 3.83 54.68
C GLN C 889 164.98 3.74 54.64
N GLY C 890 165.65 4.18 55.69
CA GLY C 890 167.09 4.04 55.79
C GLY C 890 167.88 5.27 55.40
N TRP C 891 167.23 6.42 55.24
CA TRP C 891 167.90 7.68 54.94
C TRP C 891 168.62 8.13 56.21
N THR C 892 169.94 7.93 56.25
CA THR C 892 170.76 8.41 57.35
C THR C 892 170.99 9.92 57.21
N TYR C 893 171.50 10.54 58.26
CA TYR C 893 171.80 11.97 58.23
C TYR C 893 173.03 12.25 57.37
N GLY C 894 172.91 13.26 56.53
CA GLY C 894 174.03 13.72 55.74
C GLY C 894 173.68 15.04 55.08
N PRO C 895 174.57 16.03 55.23
CA PRO C 895 174.22 17.40 54.83
C PRO C 895 174.08 17.60 53.33
N VAL C 896 174.55 16.67 52.52
CA VAL C 896 174.29 16.67 51.09
C VAL C 896 173.03 15.86 50.86
N ARG C 897 172.00 16.52 50.32
CA ARG C 897 170.75 15.83 50.02
C ARG C 897 170.97 14.99 48.77
N ASP C 898 171.23 13.70 48.97
CA ASP C 898 171.44 12.80 47.85
C ASP C 898 170.50 11.63 48.02
N ASP C 899 170.10 11.05 46.88
CA ASP C 899 169.08 10.02 46.91
C ASP C 899 169.71 8.62 47.00
N ASN C 900 170.85 8.42 46.33
CA ASN C 900 171.50 7.11 46.35
C ASN C 900 172.37 6.92 47.59
N LYS C 901 172.93 8.00 48.13
CA LYS C 901 173.71 7.90 49.36
C LYS C 901 172.87 7.71 50.60
N ARG C 902 171.56 7.94 50.50
CA ARG C 902 170.62 7.99 51.62
C ARG C 902 171.10 8.98 52.69
N LEU C 903 171.36 10.20 52.26
CA LEU C 903 171.81 11.25 53.15
C LEU C 903 170.81 12.40 53.14
N HIS C 904 170.31 12.75 54.31
CA HIS C 904 169.24 13.73 54.44
C HIS C 904 169.69 14.86 55.35
N PRO C 905 169.78 16.09 54.87
CA PRO C 905 170.35 17.18 55.66
C PRO C 905 169.46 17.71 56.77
N CYS C 906 168.16 17.39 56.75
CA CYS C 906 167.23 17.91 57.74
C CYS C 906 166.83 16.84 58.76
N LEU C 907 167.73 15.90 59.06
CA LEU C 907 167.53 14.99 60.18
C LEU C 907 168.15 15.59 61.43
N VAL C 908 167.58 16.74 61.81
CA VAL C 908 168.12 17.60 62.86
C VAL C 908 167.00 17.88 63.86
N ASN C 909 167.37 18.53 64.95
CA ASN C 909 166.40 19.06 65.90
C ASN C 909 165.61 20.21 65.27
N PHE C 910 164.51 20.57 65.94
CA PHE C 910 163.69 21.69 65.49
C PHE C 910 164.45 23.01 65.58
N HIS C 911 165.24 23.17 66.64
CA HIS C 911 166.11 24.32 66.73
C HIS C 911 167.45 24.08 66.06
N SER C 912 167.69 22.87 65.57
CA SER C 912 168.81 22.62 64.67
C SER C 912 168.40 22.59 63.22
N LEU C 913 167.16 22.98 62.91
CA LEU C 913 166.69 23.01 61.53
C LEU C 913 167.41 24.08 60.72
N PRO C 914 167.65 23.83 59.43
CA PRO C 914 168.11 24.88 58.54
C PRO C 914 167.07 25.98 58.39
N GLU C 915 167.55 27.15 57.96
CA GLU C 915 166.65 28.26 57.69
C GLU C 915 165.64 28.01 56.56
N PRO C 916 165.93 27.27 55.49
CA PRO C 916 164.81 26.87 54.61
C PRO C 916 163.88 25.85 55.25
N GLU C 917 164.41 24.87 55.99
CA GLU C 917 163.60 23.79 56.50
C GLU C 917 162.65 24.23 57.59
N ARG C 918 163.13 25.04 58.54
CA ARG C 918 162.30 25.53 59.63
C ARG C 918 161.23 26.49 59.11
N ASN C 919 161.61 27.37 58.18
CA ASN C 919 160.64 28.27 57.57
C ASN C 919 159.62 27.53 56.72
N TYR C 920 160.00 26.44 56.06
CA TYR C 920 159.06 25.60 55.33
C TYR C 920 158.08 24.89 56.25
N ASN C 921 158.58 24.29 57.34
CA ASN C 921 157.70 23.60 58.28
C ASN C 921 156.75 24.57 58.98
N LEU C 922 157.25 25.73 59.41
CA LEU C 922 156.39 26.73 60.03
C LEU C 922 155.45 27.37 59.01
N GLN C 923 155.87 27.47 57.75
CA GLN C 923 155.02 28.02 56.71
C GLN C 923 153.85 27.09 56.40
N MET C 924 154.13 25.79 56.27
CA MET C 924 153.06 24.82 56.11
C MET C 924 152.16 24.77 57.34
N SER C 925 152.75 24.83 58.54
CA SER C 925 151.98 24.77 59.77
C SER C 925 151.21 26.06 60.06
N GLY C 926 151.54 27.14 59.37
CA GLY C 926 150.79 28.38 59.49
C GLY C 926 149.69 28.49 58.46
N GLU C 927 150.00 28.16 57.21
CA GLU C 927 148.99 28.15 56.15
C GLU C 927 147.92 27.10 56.40
N THR C 928 148.31 25.97 57.02
CA THR C 928 147.34 24.95 57.41
C THR C 928 146.33 25.52 58.42
N LEU C 929 146.82 26.22 59.44
CA LEU C 929 145.91 26.75 60.47
C LEU C 929 145.08 27.91 59.94
N LYS C 930 145.66 28.72 59.05
CA LYS C 930 144.90 29.77 58.38
C LYS C 930 143.80 29.20 57.50
N THR C 931 144.02 28.00 56.95
CA THR C 931 142.94 27.29 56.29
C THR C 931 141.92 26.75 57.30
N LEU C 932 142.41 26.15 58.39
CA LEU C 932 141.55 25.44 59.34
C LEU C 932 140.72 26.38 60.20
N LEU C 933 140.97 27.68 60.14
CA LEU C 933 140.07 28.63 60.78
C LEU C 933 138.68 28.56 60.20
N ALA C 934 138.56 28.68 58.88
CA ALA C 934 137.26 28.75 58.21
C ALA C 934 136.63 27.36 58.10
N LEU C 935 136.29 26.81 59.26
CA LEU C 935 135.65 25.52 59.35
C LEU C 935 134.46 25.49 60.30
N GLY C 936 134.34 26.46 61.20
CA GLY C 936 133.33 26.37 62.23
C GLY C 936 133.62 25.33 63.27
N CYS C 937 134.88 24.97 63.47
CA CYS C 937 135.28 23.99 64.46
C CYS C 937 135.74 24.72 65.72
N HIS C 938 135.36 24.17 66.87
CA HIS C 938 135.69 24.74 68.17
C HIS C 938 137.04 24.16 68.61
N VAL C 939 138.10 24.95 68.48
CA VAL C 939 139.44 24.54 68.84
C VAL C 939 139.95 25.49 69.92
N GLY C 940 140.36 24.93 71.06
CA GLY C 940 140.89 25.75 72.12
C GLY C 940 141.54 24.90 73.19
N MET C 941 142.49 25.50 73.89
CA MET C 941 143.13 24.85 75.02
C MET C 941 142.11 24.60 76.13
N ALA C 942 142.08 23.36 76.63
CA ALA C 942 141.05 22.94 77.58
C ALA C 942 141.63 22.37 78.87
N ASP C 943 142.75 21.65 78.78
CA ASP C 943 143.22 20.83 79.89
C ASP C 943 144.56 21.25 80.48
N GLU C 944 145.53 21.62 79.65
CA GLU C 944 146.88 22.05 80.04
C GLU C 944 147.66 21.01 80.83
N LYS C 945 147.26 19.73 80.77
CA LYS C 945 148.00 18.66 81.43
C LYS C 945 148.28 17.48 80.53
N ALA C 946 147.54 17.30 79.44
CA ALA C 946 147.93 16.32 78.43
C ALA C 946 149.22 16.72 77.73
N GLU C 947 149.50 18.02 77.65
CA GLU C 947 150.78 18.49 77.12
C GLU C 947 151.93 18.07 78.03
N ASP C 948 151.69 18.02 79.34
CA ASP C 948 152.69 17.48 80.26
C ASP C 948 152.69 15.97 80.28
N ASN C 949 151.57 15.35 79.95
CA ASN C 949 151.45 13.90 79.81
C ASN C 949 151.96 13.39 78.46
N LEU C 950 152.43 14.30 77.59
CA LEU C 950 153.09 13.90 76.36
C LEU C 950 154.37 13.13 76.65
N LYS C 951 154.43 11.90 76.15
CA LYS C 951 155.64 11.10 76.16
C LYS C 951 156.22 11.07 74.76
N LYS C 952 157.53 10.87 74.68
CA LYS C 952 158.23 10.80 73.41
C LYS C 952 158.52 9.36 73.05
N THR C 953 158.54 9.09 71.75
CA THR C 953 158.72 7.73 71.26
C THR C 953 160.17 7.31 71.43
N LYS C 954 160.41 6.36 72.35
CA LYS C 954 161.75 5.86 72.57
C LYS C 954 162.14 4.88 71.48
N LEU C 955 163.23 5.18 70.79
CA LEU C 955 163.67 4.40 69.66
C LEU C 955 165.09 3.91 69.89
N PRO C 956 165.52 2.84 69.19
CA PRO C 956 166.94 2.47 69.28
C PRO C 956 167.87 3.42 68.54
N LYS C 957 169.16 3.14 68.61
CA LYS C 957 170.17 4.00 68.00
C LYS C 957 170.21 3.90 66.49
N THR C 958 169.53 2.92 65.90
CA THR C 958 169.34 2.89 64.45
C THR C 958 168.54 4.10 63.98
N TYR C 959 167.59 4.56 64.80
CA TYR C 959 166.89 5.80 64.54
C TYR C 959 167.72 7.01 64.87
N MET C 960 168.66 6.89 65.79
CA MET C 960 169.56 7.99 66.10
C MET C 960 170.51 8.21 64.93
N MET C 961 170.66 9.47 64.53
CA MET C 961 171.38 9.80 63.33
C MET C 961 172.81 10.23 63.66
N SER C 962 173.57 10.53 62.59
CA SER C 962 175.00 10.84 62.75
C SER C 962 175.23 12.18 63.41
N ASN C 963 174.24 13.06 63.42
CA ASN C 963 174.26 14.27 64.24
C ASN C 963 173.72 14.04 65.64
N GLY C 964 173.49 12.79 66.02
CA GLY C 964 172.90 12.48 67.31
C GLY C 964 171.42 12.73 67.41
N TYR C 965 170.73 12.98 66.29
CA TYR C 965 169.31 13.28 66.29
C TYR C 965 168.51 11.99 66.11
N LYS C 966 167.97 11.48 67.20
CA LYS C 966 166.96 10.47 67.14
C LYS C 966 165.60 11.13 67.10
N PRO C 967 164.72 10.76 66.18
CA PRO C 967 163.39 11.38 66.14
C PRO C 967 162.55 10.91 67.32
N ALA C 968 161.97 11.87 68.02
CA ALA C 968 161.12 11.57 69.19
C ALA C 968 159.74 12.18 68.97
N PRO C 969 158.88 11.53 68.19
CA PRO C 969 157.50 12.00 68.09
C PRO C 969 156.73 11.65 69.36
N LEU C 970 155.55 12.25 69.46
CA LEU C 970 154.78 12.15 70.69
C LEU C 970 154.09 10.80 70.81
N ASP C 971 154.24 10.17 71.97
CA ASP C 971 153.61 8.88 72.24
C ASP C 971 152.14 9.13 72.49
N LEU C 972 151.36 9.19 71.42
CA LEU C 972 149.95 9.51 71.47
C LEU C 972 149.12 8.43 70.79
N SER C 973 149.41 7.19 71.12
CA SER C 973 148.61 6.07 70.64
C SER C 973 147.27 5.96 71.34
N HIS C 974 147.11 6.61 72.50
CA HIS C 974 145.92 6.49 73.32
C HIS C 974 144.84 7.52 72.97
N VAL C 975 144.99 8.24 71.87
CA VAL C 975 144.10 9.35 71.54
C VAL C 975 143.35 9.01 70.27
N ARG C 976 142.03 8.94 70.36
CA ARG C 976 141.18 8.99 69.17
C ARG C 976 140.82 10.45 68.85
N LEU C 977 140.71 10.75 67.56
CA LEU C 977 140.44 12.14 67.17
C LEU C 977 138.96 12.47 67.28
N THR C 978 138.11 11.75 66.52
CA THR C 978 136.65 11.79 66.35
C THR C 978 136.22 10.78 65.30
N PRO C 979 135.00 10.25 65.40
CA PRO C 979 134.41 9.58 64.24
C PRO C 979 133.82 10.57 63.25
N ALA C 980 133.48 11.78 63.70
CA ALA C 980 132.80 12.80 62.90
C ALA C 980 133.69 13.38 61.82
N GLN C 981 134.96 13.62 62.14
CA GLN C 981 135.90 14.22 61.21
C GLN C 981 136.51 13.21 60.25
N THR C 982 135.96 11.99 60.18
CA THR C 982 136.36 11.03 59.16
C THR C 982 136.03 11.54 57.77
N THR C 983 135.02 12.39 57.63
CA THR C 983 134.75 13.11 56.40
C THR C 983 135.43 14.47 56.34
N LEU C 984 135.62 15.13 57.49
CA LEU C 984 136.22 16.46 57.48
C LEU C 984 137.71 16.40 57.17
N VAL C 985 138.36 15.29 57.49
CA VAL C 985 139.76 15.12 57.13
C VAL C 985 139.90 14.96 55.62
N ASP C 986 138.97 14.25 54.99
CA ASP C 986 138.95 14.18 53.52
C ASP C 986 138.58 15.53 52.91
N ARG C 987 137.74 16.30 53.60
CA ARG C 987 137.40 17.65 53.14
C ARG C 987 138.60 18.58 53.13
N LEU C 988 139.39 18.56 54.21
CA LEU C 988 140.65 19.29 54.23
C LEU C 988 141.68 18.70 53.28
N ALA C 989 141.64 17.38 53.07
CA ALA C 989 142.59 16.71 52.20
C ALA C 989 142.38 17.10 50.74
N GLU C 990 141.12 17.18 50.30
CA GLU C 990 140.82 17.58 48.94
C GLU C 990 141.20 19.05 48.71
N ASN C 991 140.97 19.90 49.70
CA ASN C 991 141.36 21.30 49.59
C ASN C 991 142.87 21.47 49.57
N GLY C 992 143.61 20.69 50.37
CA GLY C 992 145.06 20.77 50.34
C GLY C 992 145.65 20.23 49.06
N HIS C 993 145.08 19.13 48.54
CA HIS C 993 145.52 18.61 47.25
C HIS C 993 145.19 19.56 46.11
N ASN C 994 144.05 20.26 46.21
CA ASN C 994 143.71 21.25 45.21
C ASN C 994 144.62 22.47 45.30
N VAL C 995 145.04 22.81 46.52
CA VAL C 995 146.01 23.90 46.70
C VAL C 995 147.36 23.51 46.09
N TRP C 996 147.78 22.26 46.30
CA TRP C 996 149.01 21.78 45.68
C TRP C 996 148.89 21.72 44.17
N ALA C 997 147.71 21.38 43.65
CA ALA C 997 147.49 21.33 42.22
C ALA C 997 147.48 22.73 41.61
N ARG C 998 146.90 23.71 42.31
CA ARG C 998 146.94 25.08 41.83
C ARG C 998 148.33 25.67 41.95
N ASP C 999 149.12 25.21 42.91
CA ASP C 999 150.52 25.60 43.01
C ASP C 999 151.33 25.06 41.84
N ARG C 1000 151.12 23.79 41.49
CA ARG C 1000 151.90 23.17 40.44
C ARG C 1000 151.36 23.46 39.04
N VAL C 1001 150.12 23.93 38.92
CA VAL C 1001 149.44 24.05 37.63
C VAL C 1001 148.95 25.47 37.39
N ALA C 1002 148.06 25.96 38.25
CA ALA C 1002 147.55 27.32 38.09
C ALA C 1002 148.65 28.33 38.37
N GLN C 1003 149.45 28.08 39.39
CA GLN C 1003 150.66 28.86 39.60
C GLN C 1003 151.82 28.31 38.80
N GLY C 1004 152.02 27.00 38.84
CA GLY C 1004 153.19 26.39 38.22
C GLY C 1004 153.13 26.26 36.72
N TRP C 1005 152.11 25.53 36.25
CA TRP C 1005 152.04 25.01 34.87
C TRP C 1005 153.31 24.27 34.50
N SER C 1006 153.58 23.21 35.26
CA SER C 1006 154.86 22.52 35.17
C SER C 1006 154.95 21.71 33.88
N TYR C 1007 156.09 21.82 33.21
CA TYR C 1007 156.37 21.03 32.00
C TYR C 1007 157.09 19.74 32.40
N SER C 1008 156.49 19.03 33.35
CA SER C 1008 156.98 17.77 33.85
C SER C 1008 155.81 16.81 33.98
N ALA C 1009 156.13 15.53 34.08
CA ALA C 1009 155.11 14.49 34.21
C ALA C 1009 154.47 14.51 35.59
N ARG C 1020 151.45 13.42 35.29
CA ARG C 1020 150.50 13.22 36.38
C ARG C 1020 149.95 14.55 36.88
N LEU C 1021 148.95 15.08 36.18
CA LEU C 1021 148.27 16.31 36.59
C LEU C 1021 146.81 16.19 36.17
N VAL C 1022 145.91 16.11 37.14
CA VAL C 1022 144.49 15.87 36.86
C VAL C 1022 143.62 16.44 37.99
N PRO C 1023 142.30 16.32 37.90
CA PRO C 1023 141.44 16.88 38.96
C PRO C 1023 141.47 16.03 40.22
N TYR C 1024 141.43 16.71 41.37
CA TYR C 1024 141.72 16.07 42.64
C TYR C 1024 140.49 15.50 43.33
N ARG C 1025 139.28 15.81 42.84
CA ARG C 1025 138.08 15.27 43.45
C ARG C 1025 137.94 13.77 43.24
N LEU C 1026 138.43 13.27 42.11
CA LEU C 1026 138.44 11.84 41.81
C LEU C 1026 139.79 11.46 41.24
N LEU C 1027 140.86 11.90 41.92
CA LEU C 1027 142.20 11.73 41.38
C LEU C 1027 142.68 10.30 41.52
N ASP C 1028 142.84 9.84 42.75
CA ASP C 1028 143.55 8.58 42.99
C ASP C 1028 143.20 8.09 44.39
N GLU C 1029 143.21 6.75 44.53
CA GLU C 1029 142.89 6.16 45.82
C GLU C 1029 144.07 6.24 46.79
N ALA C 1030 145.27 5.90 46.33
CA ALA C 1030 146.45 5.93 47.19
C ALA C 1030 146.81 7.35 47.60
N THR C 1031 146.56 8.34 46.73
CA THR C 1031 146.79 9.74 47.08
C THR C 1031 145.86 10.18 48.20
N LYS C 1032 144.59 9.80 48.13
CA LYS C 1032 143.64 10.18 49.17
C LYS C 1032 143.87 9.39 50.45
N ARG C 1033 144.36 8.15 50.34
CA ARG C 1033 144.75 7.41 51.53
C ARG C 1033 145.96 8.03 52.23
N SER C 1034 146.97 8.44 51.44
CA SER C 1034 148.12 9.12 52.03
C SER C 1034 147.76 10.49 52.56
N ASN C 1035 146.79 11.17 51.94
CA ASN C 1035 146.42 12.49 52.41
C ASN C 1035 145.50 12.39 53.63
N ARG C 1036 144.79 11.27 53.77
CA ARG C 1036 144.11 10.97 55.02
C ARG C 1036 145.11 10.59 56.10
N ASP C 1037 146.18 9.89 55.71
CA ASP C 1037 147.25 9.57 56.65
C ASP C 1037 147.98 10.81 57.10
N SER C 1038 148.04 11.84 56.25
CA SER C 1038 148.65 13.12 56.59
C SER C 1038 147.93 13.84 57.72
N LEU C 1039 146.63 13.61 57.89
CA LEU C 1039 145.86 14.25 58.94
C LEU C 1039 145.39 13.30 60.02
N CYS C 1040 145.63 12.00 59.86
CA CYS C 1040 145.32 11.05 60.93
C CYS C 1040 146.24 11.25 62.12
N GLN C 1041 147.47 11.71 61.86
CA GLN C 1041 148.40 12.09 62.91
C GLN C 1041 148.42 13.59 63.14
N ALA C 1042 147.28 14.24 62.94
CA ALA C 1042 147.14 15.66 63.21
C ALA C 1042 146.17 15.94 64.35
N VAL C 1043 144.93 15.47 64.26
CA VAL C 1043 143.94 15.78 65.29
C VAL C 1043 144.17 14.91 66.52
N ARG C 1044 144.62 13.67 66.30
CA ARG C 1044 145.07 12.81 67.40
C ARG C 1044 146.29 13.38 68.09
N THR C 1045 147.12 14.12 67.36
CA THR C 1045 148.28 14.74 67.96
C THR C 1045 147.90 15.99 68.75
N LEU C 1046 146.99 16.81 68.21
CA LEU C 1046 146.60 18.04 68.89
C LEU C 1046 145.71 17.78 70.10
N LEU C 1047 144.89 16.72 70.10
CA LEU C 1047 144.18 16.36 71.31
C LEU C 1047 145.13 15.81 72.38
N GLY C 1048 146.23 15.18 71.95
CA GLY C 1048 147.26 14.80 72.90
C GLY C 1048 148.05 15.98 73.42
N TYR C 1049 148.21 17.02 72.61
CA TYR C 1049 148.66 18.31 73.11
C TYR C 1049 147.69 18.91 74.11
N GLY C 1050 146.39 18.67 73.93
CA GLY C 1050 145.39 19.16 74.85
C GLY C 1050 144.44 20.17 74.26
N TYR C 1051 144.56 20.47 72.97
CA TYR C 1051 143.67 21.39 72.29
C TYR C 1051 142.39 20.65 71.93
N ASN C 1052 141.32 20.99 72.65
CA ASN C 1052 139.98 20.46 72.38
C ASN C 1052 139.54 20.93 71.00
N ILE C 1053 139.23 19.97 70.14
CA ILE C 1053 138.82 20.21 68.76
C ILE C 1053 137.47 19.52 68.56
N GLU C 1054 136.44 20.31 68.27
CA GLU C 1054 135.09 19.78 68.09
C GLU C 1054 134.48 20.27 66.79
N ASP C 1070 120.90 12.87 37.67
CA ASP C 1070 120.55 13.50 36.41
C ASP C 1070 119.07 13.32 36.13
N ARG C 1071 118.74 12.30 35.33
CA ARG C 1071 117.38 11.98 34.94
C ARG C 1071 117.20 10.46 34.95
N VAL C 1072 116.13 10.00 34.31
CA VAL C 1072 115.71 8.60 34.36
C VAL C 1072 115.33 8.16 32.95
N ARG C 1073 115.84 7.00 32.54
CA ARG C 1073 115.34 6.34 31.34
C ARG C 1073 114.15 5.46 31.68
N ILE C 1074 113.03 5.66 30.99
CA ILE C 1074 111.77 4.98 31.31
C ILE C 1074 111.41 4.05 30.17
N PHE C 1075 111.03 2.82 30.50
CA PHE C 1075 110.79 1.77 29.53
C PHE C 1075 109.42 1.15 29.81
N ARG C 1076 108.75 0.74 28.74
CA ARG C 1076 107.41 0.20 28.88
C ARG C 1076 107.08 -0.66 27.66
N ALA C 1077 106.11 -1.54 27.81
CA ALA C 1077 105.73 -2.41 26.71
C ALA C 1077 104.84 -1.67 25.72
N GLU C 1078 104.40 -2.37 24.70
CA GLU C 1078 103.56 -1.71 23.72
C GLU C 1078 102.12 -1.66 24.21
N LYS C 1079 101.46 -0.52 23.92
CA LYS C 1079 100.06 -0.31 24.27
C LYS C 1079 99.12 -1.30 23.59
N SER C 1080 99.53 -1.91 22.48
CA SER C 1080 98.76 -3.00 21.90
C SER C 1080 98.70 -4.21 22.81
N TYR C 1081 99.72 -4.40 23.64
CA TYR C 1081 99.77 -5.50 24.59
C TYR C 1081 99.22 -5.12 25.95
N THR C 1082 98.36 -4.12 26.01
CA THR C 1082 97.74 -3.74 27.28
C THR C 1082 96.71 -4.79 27.66
N VAL C 1083 97.08 -5.65 28.60
CA VAL C 1083 96.24 -6.76 29.01
C VAL C 1083 95.03 -6.23 29.75
N GLN C 1084 93.90 -6.91 29.58
CA GLN C 1084 92.66 -6.45 30.18
C GLN C 1084 91.93 -7.55 30.93
N SER C 1085 92.58 -8.68 31.19
CA SER C 1085 91.88 -9.82 31.76
C SER C 1085 92.89 -10.76 32.41
N GLY C 1086 92.37 -11.61 33.29
CA GLY C 1086 93.08 -12.78 33.75
C GLY C 1086 94.07 -12.54 34.87
N ARG C 1087 95.07 -13.41 34.89
CA ARG C 1087 96.12 -13.38 35.89
C ARG C 1087 97.48 -13.41 35.21
N TRP C 1088 98.36 -12.52 35.62
CA TRP C 1088 99.57 -12.27 34.85
C TRP C 1088 100.78 -12.19 35.76
N TYR C 1089 101.94 -12.19 35.10
CA TYR C 1089 103.22 -12.27 35.80
C TYR C 1089 104.31 -11.88 34.83
N PHE C 1090 105.34 -11.23 35.35
CA PHE C 1090 106.63 -11.11 34.70
C PHE C 1090 107.69 -11.15 35.79
N GLU C 1091 108.94 -11.34 35.38
CA GLU C 1091 110.00 -11.55 36.35
C GLU C 1091 111.17 -10.63 36.03
N PHE C 1092 111.54 -9.79 36.99
CA PHE C 1092 112.59 -8.80 36.82
C PHE C 1092 113.80 -9.17 37.68
N GLU C 1093 114.98 -8.77 37.21
CA GLU C 1093 116.22 -9.03 37.92
C GLU C 1093 117.06 -7.76 37.97
N ALA C 1094 117.40 -7.32 39.18
CA ALA C 1094 118.06 -6.05 39.40
C ALA C 1094 119.47 -6.24 39.93
N VAL C 1095 120.45 -5.91 39.11
CA VAL C 1095 121.86 -6.03 39.51
C VAL C 1095 122.19 -5.02 40.60
N THR C 1096 122.00 -3.73 40.30
CA THR C 1096 122.19 -2.68 41.28
C THR C 1096 121.08 -2.72 42.32
N THR C 1097 121.35 -2.08 43.46
CA THR C 1097 120.37 -1.95 44.53
C THR C 1097 119.76 -0.56 44.55
N GLY C 1098 120.04 0.24 43.53
CA GLY C 1098 119.86 1.68 43.62
C GLY C 1098 118.50 2.22 43.27
N GLU C 1099 118.47 3.11 42.27
CA GLU C 1099 117.33 3.97 42.03
C GLU C 1099 116.64 3.57 40.74
N MET C 1100 115.57 2.80 40.87
CA MET C 1100 114.67 2.52 39.76
C MET C 1100 113.34 2.17 40.37
N ARG C 1101 112.34 1.96 39.52
CA ARG C 1101 111.00 1.61 39.97
C ARG C 1101 110.39 0.67 38.95
N VAL C 1102 109.82 -0.42 39.46
CA VAL C 1102 109.25 -1.46 38.62
C VAL C 1102 107.80 -1.66 39.01
N GLY C 1103 106.90 -1.57 38.03
CA GLY C 1103 105.50 -1.76 38.32
C GLY C 1103 104.65 -1.82 37.08
N TRP C 1104 103.37 -1.56 37.29
CA TRP C 1104 102.36 -1.58 36.24
C TRP C 1104 101.85 -0.16 36.06
N ALA C 1105 101.16 0.07 34.95
CA ALA C 1105 100.73 1.43 34.63
C ALA C 1105 99.50 1.40 33.75
N ARG C 1106 98.76 2.52 33.78
CA ARG C 1106 97.65 2.72 32.86
C ARG C 1106 98.19 2.90 31.44
N PRO C 1107 97.40 2.56 30.42
CA PRO C 1107 97.89 2.74 29.04
C PRO C 1107 97.92 4.18 28.57
N GLU C 1108 97.49 5.14 29.38
CA GLU C 1108 97.57 6.55 29.00
C GLU C 1108 98.77 7.21 29.67
N LEU C 1109 99.94 6.73 29.29
CA LEU C 1109 101.17 7.22 29.89
C LEU C 1109 101.59 8.53 29.24
N ARG C 1110 101.10 9.62 29.79
CA ARG C 1110 101.72 10.90 29.59
C ARG C 1110 103.14 10.85 30.14
N PRO C 1111 104.15 11.19 29.36
CA PRO C 1111 105.50 11.31 29.92
C PRO C 1111 105.66 12.60 30.72
N ASP C 1112 106.91 12.88 31.13
CA ASP C 1112 107.28 13.99 32.01
C ASP C 1112 106.60 13.91 33.38
N VAL C 1113 106.22 12.71 33.78
CA VAL C 1113 105.57 12.45 35.06
C VAL C 1113 106.41 11.44 35.79
N GLU C 1114 106.81 11.75 37.02
CA GLU C 1114 107.55 10.76 37.80
C GLU C 1114 106.61 9.65 38.25
N LEU C 1115 107.20 8.50 38.50
CA LEU C 1115 106.42 7.26 38.51
C LEU C 1115 105.90 6.96 39.91
N GLY C 1116 104.57 6.84 40.02
CA GLY C 1116 103.94 6.52 41.28
C GLY C 1116 103.66 7.71 42.17
N ALA C 1117 103.77 8.92 41.67
CA ALA C 1117 103.43 10.09 42.45
C ALA C 1117 101.95 10.43 42.38
N ASP C 1118 101.15 9.60 41.73
CA ASP C 1118 99.80 10.02 41.39
C ASP C 1118 98.90 8.79 41.33
N GLU C 1119 97.69 9.00 40.83
CA GLU C 1119 96.70 7.95 40.61
C GLU C 1119 97.00 7.12 39.39
N LEU C 1120 97.92 7.58 38.55
CA LEU C 1120 98.17 6.92 37.27
C LEU C 1120 98.90 5.60 37.44
N ALA C 1121 99.89 5.53 38.33
CA ALA C 1121 100.76 4.37 38.35
C ALA C 1121 100.94 3.86 39.77
N TYR C 1122 100.69 2.56 39.92
CA TYR C 1122 101.06 1.79 41.10
C TYR C 1122 102.47 1.25 40.86
N VAL C 1123 103.42 1.70 41.66
CA VAL C 1123 104.80 1.29 41.48
C VAL C 1123 105.47 1.24 42.84
N PHE C 1124 106.65 0.64 42.88
CA PHE C 1124 107.41 0.42 44.09
C PHE C 1124 108.81 0.98 43.92
N ASN C 1125 109.37 1.48 45.01
CA ASN C 1125 110.79 1.82 45.09
C ASN C 1125 111.39 1.07 46.27
N GLY C 1126 112.55 0.47 46.06
CA GLY C 1126 113.19 -0.28 47.13
C GLY C 1126 114.59 0.20 47.40
N HIS C 1127 114.82 1.49 47.25
CA HIS C 1127 115.94 2.03 47.97
C HIS C 1127 115.55 2.32 49.42
N ARG C 1128 114.23 2.42 49.66
CA ARG C 1128 113.69 2.64 50.98
C ARG C 1128 112.61 1.63 51.34
N GLY C 1129 112.18 0.81 50.40
CA GLY C 1129 111.03 -0.04 50.62
C GLY C 1129 109.76 0.77 50.66
N GLN C 1130 109.39 1.35 49.53
CA GLN C 1130 108.23 2.23 49.46
C GLN C 1130 107.47 1.97 48.17
N ARG C 1131 106.18 1.64 48.30
CA ARG C 1131 105.31 1.56 47.15
C ARG C 1131 104.81 2.97 46.83
N TRP C 1132 104.79 3.30 45.55
CA TRP C 1132 104.43 4.66 45.15
C TRP C 1132 103.17 4.59 44.31
N HIS C 1133 102.09 5.15 44.86
CA HIS C 1133 100.87 5.46 44.11
C HIS C 1133 100.17 6.55 44.90
N LEU C 1134 99.77 7.62 44.23
CA LEU C 1134 99.29 8.86 44.86
C LEU C 1134 100.32 9.38 45.87
N GLY C 1135 101.58 9.32 45.47
CA GLY C 1135 102.69 9.58 46.35
C GLY C 1135 103.28 8.28 46.89
N SER C 1136 104.33 8.47 47.68
CA SER C 1136 105.06 7.36 48.29
C SER C 1136 104.32 6.85 49.52
N GLU C 1137 104.60 5.60 49.87
CA GLU C 1137 103.95 4.89 50.95
C GLU C 1137 105.00 3.91 51.46
N PRO C 1138 105.24 3.87 52.77
CA PRO C 1138 106.17 2.87 53.31
C PRO C 1138 105.60 1.47 53.13
N PHE C 1139 106.43 0.56 52.64
CA PHE C 1139 105.96 -0.76 52.25
C PHE C 1139 107.17 -1.70 52.25
N GLY C 1140 107.33 -2.47 53.32
CA GLY C 1140 108.35 -3.48 53.35
C GLY C 1140 109.76 -2.91 53.43
N ARG C 1141 110.65 -3.58 52.69
CA ARG C 1141 112.10 -3.51 52.81
C ARG C 1141 112.75 -2.98 51.54
N PRO C 1142 113.95 -2.38 51.67
CA PRO C 1142 114.70 -2.00 50.47
C PRO C 1142 115.35 -3.18 49.75
N TRP C 1143 116.21 -2.87 48.78
CA TRP C 1143 116.69 -3.85 47.82
C TRP C 1143 117.99 -4.51 48.24
N GLN C 1144 118.31 -5.59 47.51
CA GLN C 1144 119.61 -6.25 47.54
C GLN C 1144 120.12 -6.36 46.11
N SER C 1145 121.25 -7.03 45.92
CA SER C 1145 121.71 -7.29 44.56
C SER C 1145 121.15 -8.62 44.08
N GLY C 1146 121.22 -8.83 42.77
CA GLY C 1146 120.57 -9.97 42.16
C GLY C 1146 119.10 -9.66 42.01
N ASP C 1147 118.37 -9.76 43.12
CA ASP C 1147 117.12 -9.03 43.36
C ASP C 1147 116.03 -9.42 42.36
N VAL C 1148 115.61 -10.69 42.45
CA VAL C 1148 114.57 -11.23 41.58
C VAL C 1148 113.23 -10.60 41.96
N VAL C 1149 112.61 -9.91 41.01
CA VAL C 1149 111.37 -9.18 41.24
C VAL C 1149 110.27 -9.80 40.39
N GLY C 1150 109.17 -10.17 41.04
CA GLY C 1150 108.00 -10.68 40.37
C GLY C 1150 106.80 -9.80 40.66
N CYS C 1151 106.01 -9.52 39.63
CA CYS C 1151 104.84 -8.67 39.78
C CYS C 1151 103.65 -9.37 39.16
N MET C 1152 102.66 -9.67 40.00
CA MET C 1152 101.47 -10.41 39.62
C MET C 1152 100.26 -9.51 39.75
N ILE C 1153 99.20 -9.89 39.06
CA ILE C 1153 97.93 -9.17 39.15
C ILE C 1153 96.79 -10.12 38.84
N ASP C 1154 95.81 -10.15 39.72
CA ASP C 1154 94.55 -10.82 39.42
C ASP C 1154 93.54 -9.72 39.15
N LEU C 1155 93.20 -9.56 37.87
CA LEU C 1155 92.22 -8.56 37.47
C LEU C 1155 90.83 -8.98 37.87
N THR C 1156 90.59 -10.29 37.99
CA THR C 1156 89.34 -10.77 38.54
C THR C 1156 89.23 -10.37 40.01
N GLU C 1157 90.28 -10.63 40.79
CA GLU C 1157 90.34 -10.19 42.16
C GLU C 1157 90.59 -8.69 42.28
N ASN C 1158 91.14 -8.08 41.21
CA ASN C 1158 91.54 -6.68 41.17
C ASN C 1158 92.56 -6.37 42.26
N THR C 1159 93.64 -7.14 42.24
CA THR C 1159 94.68 -7.02 43.25
C THR C 1159 96.04 -7.25 42.64
N ILE C 1160 96.96 -6.33 42.92
CA ILE C 1160 98.34 -6.38 42.43
C ILE C 1160 99.22 -6.91 43.55
N ILE C 1161 99.99 -7.95 43.25
CA ILE C 1161 100.79 -8.67 44.23
C ILE C 1161 102.26 -8.54 43.81
N PHE C 1162 103.13 -8.24 44.76
CA PHE C 1162 104.55 -8.11 44.48
C PHE C 1162 105.33 -9.13 45.29
N THR C 1163 106.23 -9.85 44.61
CA THR C 1163 107.14 -10.79 45.24
C THR C 1163 108.57 -10.34 44.99
N LEU C 1164 109.42 -10.49 46.00
CA LEU C 1164 110.83 -10.19 45.87
C LEU C 1164 111.64 -11.43 46.19
N ASN C 1165 112.43 -11.88 45.21
CA ASN C 1165 113.24 -13.10 45.29
C ASN C 1165 112.36 -14.31 45.62
N GLY C 1166 111.18 -14.35 45.02
CA GLY C 1166 110.21 -15.37 45.33
C GLY C 1166 109.49 -15.19 46.65
N GLU C 1167 109.72 -14.06 47.32
CA GLU C 1167 109.07 -13.79 48.60
C GLU C 1167 108.10 -12.64 48.44
N VAL C 1168 106.82 -12.93 48.67
CA VAL C 1168 105.77 -11.94 48.53
C VAL C 1168 105.95 -10.85 49.58
N LEU C 1169 105.71 -9.61 49.17
CA LEU C 1169 106.01 -8.46 50.01
C LEU C 1169 104.83 -8.12 50.91
N MET C 1170 105.14 -7.59 52.08
CA MET C 1170 104.16 -7.32 53.12
C MET C 1170 103.91 -5.82 53.25
N SER C 1171 102.69 -5.49 53.68
CA SER C 1171 102.31 -4.13 53.97
C SER C 1171 102.76 -3.76 55.37
N ASP C 1172 102.48 -2.53 55.78
CA ASP C 1172 102.70 -2.15 57.17
C ASP C 1172 101.55 -2.64 58.04
N SER C 1173 100.41 -2.98 57.44
CA SER C 1173 99.31 -3.63 58.12
C SER C 1173 99.40 -5.15 58.06
N GLY C 1174 100.50 -5.68 57.52
CA GLY C 1174 100.68 -7.12 57.42
C GLY C 1174 99.96 -7.76 56.25
N SER C 1175 99.32 -6.98 55.39
CA SER C 1175 98.61 -7.54 54.26
C SER C 1175 99.60 -7.94 53.17
N GLU C 1176 99.11 -8.74 52.21
CA GLU C 1176 99.94 -9.32 51.16
C GLU C 1176 99.78 -8.46 49.91
N THR C 1177 100.50 -7.34 49.88
CA THR C 1177 100.55 -6.37 48.79
C THR C 1177 99.15 -5.86 48.45
N ALA C 1178 98.58 -5.16 49.44
CA ALA C 1178 97.18 -4.77 49.40
C ALA C 1178 96.96 -3.65 48.39
N PHE C 1179 96.95 -4.03 47.12
CA PHE C 1179 96.51 -3.12 46.06
C PHE C 1179 95.09 -3.52 45.69
N ARG C 1180 94.17 -3.24 46.60
CA ARG C 1180 92.78 -3.58 46.40
C ARG C 1180 92.10 -2.43 45.68
N GLU C 1181 90.94 -2.75 45.09
CA GLU C 1181 90.06 -1.81 44.41
C GLU C 1181 90.80 -1.06 43.29
N ILE C 1182 91.12 -1.85 42.28
CA ILE C 1182 91.58 -1.32 41.00
C ILE C 1182 90.53 -1.72 39.96
N GLU C 1183 90.33 -0.87 38.97
CA GLU C 1183 89.38 -1.14 37.91
C GLU C 1183 90.11 -1.75 36.72
N ILE C 1184 89.42 -1.80 35.58
CA ILE C 1184 90.10 -2.07 34.32
C ILE C 1184 90.61 -0.77 33.73
N GLY C 1185 89.75 0.24 33.67
CA GLY C 1185 90.03 1.43 32.91
C GLY C 1185 90.08 1.03 31.45
N ASP C 1186 91.29 0.99 30.89
CA ASP C 1186 91.54 0.42 29.58
C ASP C 1186 92.53 -0.72 29.69
N GLY C 1187 92.49 -1.44 30.80
CA GLY C 1187 93.50 -2.41 31.08
C GLY C 1187 94.71 -1.72 31.67
N PHE C 1188 95.79 -2.48 31.77
CA PHE C 1188 97.03 -1.97 32.33
C PHE C 1188 98.21 -2.57 31.61
N LEU C 1189 99.39 -2.01 31.88
CA LEU C 1189 100.59 -2.41 31.18
C LEU C 1189 101.75 -2.21 32.14
N PRO C 1190 102.70 -3.14 32.20
CA PRO C 1190 103.83 -2.95 33.12
C PRO C 1190 104.78 -1.89 32.62
N VAL C 1191 105.67 -1.45 33.52
CA VAL C 1191 106.53 -0.31 33.26
C VAL C 1191 107.75 -0.39 34.18
N CYS C 1192 108.87 0.13 33.70
CA CYS C 1192 110.09 0.21 34.51
C CYS C 1192 110.73 1.58 34.34
N SER C 1193 111.38 2.02 35.40
CA SER C 1193 112.21 3.21 35.35
C SER C 1193 113.66 2.78 35.52
N LEU C 1194 114.58 3.70 35.25
CA LEU C 1194 116.01 3.49 35.48
C LEU C 1194 116.69 4.81 35.78
N GLY C 1195 117.16 4.96 37.01
CA GLY C 1195 117.92 6.12 37.38
C GLY C 1195 119.33 6.09 36.84
N PRO C 1196 120.12 7.10 37.19
CA PRO C 1196 121.49 7.19 36.66
C PRO C 1196 122.37 6.09 37.25
N GLY C 1197 123.13 5.44 36.37
CA GLY C 1197 124.01 4.37 36.78
C GLY C 1197 123.29 3.15 37.30
N GLN C 1198 122.16 2.79 36.70
CA GLN C 1198 121.34 1.69 37.16
C GLN C 1198 121.27 0.64 36.06
N VAL C 1199 121.89 -0.51 36.30
CA VAL C 1199 121.95 -1.57 35.31
C VAL C 1199 121.02 -2.69 35.74
N GLY C 1200 120.69 -3.55 34.78
CA GLY C 1200 119.86 -4.71 35.06
C GLY C 1200 118.91 -4.99 33.92
N HIS C 1201 118.34 -6.18 33.87
CA HIS C 1201 117.48 -6.52 32.75
C HIS C 1201 116.11 -6.95 33.26
N LEU C 1202 115.16 -6.96 32.34
CA LEU C 1202 113.85 -7.53 32.60
C LEU C 1202 113.73 -8.83 31.84
N ASN C 1203 113.28 -9.87 32.52
CA ASN C 1203 112.95 -11.10 31.84
C ASN C 1203 111.45 -11.09 31.53
N LEU C 1204 111.07 -11.85 30.53
CA LEU C 1204 109.79 -11.66 29.87
C LEU C 1204 108.81 -12.82 30.03
N GLY C 1205 109.29 -14.05 30.08
CA GLY C 1205 108.39 -15.19 29.97
C GLY C 1205 108.24 -15.68 28.56
N GLN C 1206 109.14 -15.28 27.66
CA GLN C 1206 109.14 -15.81 26.31
C GLN C 1206 109.49 -17.29 26.32
N ASP C 1207 110.42 -17.69 27.18
CA ASP C 1207 110.75 -19.08 27.43
C ASP C 1207 110.55 -19.39 28.91
N VAL C 1208 110.07 -20.60 29.18
CA VAL C 1208 109.80 -21.02 30.54
C VAL C 1208 111.10 -21.20 31.32
N SER C 1209 112.07 -21.90 30.72
CA SER C 1209 113.35 -22.11 31.38
C SER C 1209 114.18 -20.84 31.45
N SER C 1210 113.86 -19.83 30.63
CA SER C 1210 114.53 -18.55 30.74
C SER C 1210 114.12 -17.79 31.99
N LEU C 1211 112.96 -18.09 32.56
CA LEU C 1211 112.52 -17.45 33.78
C LEU C 1211 113.41 -17.87 34.95
N ARG C 1212 113.68 -16.90 35.84
CA ARG C 1212 114.73 -17.09 36.83
C ARG C 1212 114.32 -18.08 37.91
N PHE C 1213 113.31 -17.72 38.71
CA PHE C 1213 112.83 -18.66 39.72
C PHE C 1213 111.65 -19.44 39.15
N PHE C 1214 110.54 -18.74 38.93
CA PHE C 1214 109.24 -19.22 38.44
C PHE C 1214 108.90 -20.62 38.97
N ALA C 1215 108.82 -20.70 40.28
CA ALA C 1215 108.43 -21.94 40.93
C ALA C 1215 107.49 -21.74 42.10
N ILE C 1216 107.16 -20.50 42.45
CA ILE C 1216 106.58 -20.24 43.76
C ILE C 1216 105.06 -20.16 43.65
N CYS C 1217 104.57 -19.20 42.89
CA CYS C 1217 103.17 -18.79 42.97
C CYS C 1217 102.52 -18.53 41.62
N GLY C 1218 103.27 -18.11 40.61
CA GLY C 1218 102.67 -17.79 39.33
C GLY C 1218 102.15 -19.02 38.61
N LEU C 1219 102.72 -20.18 38.92
CA LEU C 1219 102.20 -21.43 38.41
C LEU C 1219 100.94 -21.82 39.16
N GLN C 1220 101.07 -22.00 40.47
CA GLN C 1220 100.04 -22.58 41.31
C GLN C 1220 98.81 -21.71 41.44
N GLU C 1221 98.96 -20.39 41.29
CA GLU C 1221 97.83 -19.49 41.42
C GLU C 1221 97.38 -18.91 40.10
N GLY C 1222 97.64 -19.61 38.99
CA GLY C 1222 97.05 -19.27 37.72
C GLY C 1222 97.61 -18.03 37.04
N PHE C 1223 98.68 -17.47 37.56
CA PHE C 1223 99.23 -16.28 36.95
C PHE C 1223 100.00 -16.66 35.69
N GLU C 1224 100.33 -15.67 34.87
CA GLU C 1224 100.83 -16.07 33.59
C GLU C 1224 102.00 -15.21 33.19
N PRO C 1225 103.09 -15.82 32.72
CA PRO C 1225 104.14 -15.04 32.06
C PRO C 1225 103.61 -14.36 30.83
N PHE C 1226 104.21 -13.20 30.54
CA PHE C 1226 103.57 -12.23 29.65
C PHE C 1226 103.59 -12.70 28.20
N ALA C 1227 104.76 -12.85 27.60
CA ALA C 1227 104.85 -13.18 26.18
C ALA C 1227 105.16 -14.67 26.04
N ILE C 1228 104.32 -15.49 26.65
CA ILE C 1228 104.53 -16.93 26.58
C ILE C 1228 104.14 -17.49 25.23
N ASN C 1229 102.98 -17.10 24.70
CA ASN C 1229 102.48 -17.62 23.44
C ASN C 1229 102.80 -16.66 22.31
N MET C 1230 104.07 -16.25 22.26
CA MET C 1230 104.48 -15.32 21.23
C MET C 1230 105.63 -15.89 20.41
N GLN C 1231 106.01 -15.18 19.35
CA GLN C 1231 107.13 -15.59 18.54
C GLN C 1231 108.25 -14.56 18.53
N ARG C 1232 108.13 -13.51 19.32
CA ARG C 1232 109.07 -12.39 19.32
C ARG C 1232 108.89 -11.63 20.63
N PRO C 1233 109.93 -10.95 21.10
CA PRO C 1233 109.77 -10.08 22.27
C PRO C 1233 109.03 -8.80 21.90
N VAL C 1234 108.61 -8.07 22.95
CA VAL C 1234 107.93 -6.80 22.77
C VAL C 1234 108.95 -5.76 22.30
N THR C 1235 108.49 -4.79 21.50
CA THR C 1235 109.41 -3.80 20.95
C THR C 1235 109.77 -2.71 21.95
N THR C 1236 109.12 -2.68 23.13
CA THR C 1236 109.55 -1.97 24.33
C THR C 1236 109.74 -0.47 24.09
N TRP C 1237 108.60 0.19 23.93
CA TRP C 1237 108.58 1.64 23.79
C TRP C 1237 109.19 2.32 25.01
N PHE C 1238 109.93 3.39 24.77
CA PHE C 1238 110.68 4.01 25.84
C PHE C 1238 110.69 5.51 25.68
N SER C 1239 111.11 6.18 26.73
CA SER C 1239 111.04 7.63 26.82
C SER C 1239 112.11 8.30 25.98
N LYS C 1240 111.73 9.40 25.33
CA LYS C 1240 112.66 10.31 24.67
C LYS C 1240 113.28 11.21 25.73
N SER C 1241 114.48 11.72 25.44
CA SER C 1241 115.17 12.63 26.34
C SER C 1241 115.73 13.85 25.60
N LEU C 1242 115.25 14.10 24.38
CA LEU C 1242 115.72 15.25 23.62
C LEU C 1242 114.54 16.19 23.45
N PRO C 1243 114.74 17.52 23.63
CA PRO C 1243 113.62 18.47 23.52
C PRO C 1243 113.06 18.57 22.12
N GLN C 1244 112.35 17.52 21.70
CA GLN C 1244 111.67 17.54 20.43
C GLN C 1244 110.46 18.44 20.49
N PHE C 1245 110.25 19.16 19.39
CA PHE C 1245 109.18 20.12 19.22
C PHE C 1245 107.82 19.44 19.32
N GLU C 1246 106.92 20.07 20.06
CA GLU C 1246 105.61 19.47 20.19
C GLU C 1246 104.59 20.60 20.17
N PRO C 1247 103.66 20.59 19.21
CA PRO C 1247 102.63 21.63 19.17
C PRO C 1247 101.76 21.57 20.42
N VAL C 1248 101.43 22.76 20.91
CA VAL C 1248 100.84 22.97 22.22
C VAL C 1248 99.48 22.30 22.30
N PRO C 1249 99.22 21.53 23.36
CA PRO C 1249 97.90 20.91 23.50
C PRO C 1249 96.84 21.99 23.70
N PRO C 1250 95.62 21.76 23.20
CA PRO C 1250 94.54 22.72 23.47
C PRO C 1250 94.18 22.79 24.94
N GLU C 1251 94.41 21.72 25.69
CA GLU C 1251 94.28 21.75 27.14
C GLU C 1251 95.67 21.89 27.74
N HIS C 1252 96.05 23.12 28.01
CA HIS C 1252 97.03 23.35 29.04
C HIS C 1252 96.37 24.17 30.14
N PRO C 1253 96.70 23.92 31.40
CA PRO C 1253 96.06 24.68 32.49
C PRO C 1253 96.27 26.18 32.41
N HIS C 1254 97.51 26.64 32.43
CA HIS C 1254 97.76 28.08 32.44
C HIS C 1254 98.34 28.59 31.14
N TYR C 1255 98.36 27.78 30.09
CA TYR C 1255 98.81 28.22 28.77
C TYR C 1255 97.64 28.22 27.81
N GLU C 1256 97.52 29.29 27.04
CA GLU C 1256 96.44 29.46 26.08
C GLU C 1256 96.89 30.46 25.02
N VAL C 1257 96.31 30.32 23.82
CA VAL C 1257 96.54 31.27 22.75
C VAL C 1257 95.17 31.70 22.22
N ALA C 1258 95.16 32.82 21.52
CA ALA C 1258 93.93 33.40 21.01
C ALA C 1258 94.14 33.77 19.55
N ARG C 1259 93.27 33.24 18.69
CA ARG C 1259 93.26 33.62 17.28
C ARG C 1259 92.68 35.02 17.14
N MET C 1260 93.38 35.87 16.40
CA MET C 1260 92.92 37.22 16.16
C MET C 1260 92.41 37.37 14.73
N ASP C 1261 91.50 38.31 14.56
CA ASP C 1261 90.95 38.61 13.25
C ASP C 1261 91.75 39.73 12.61
N GLY C 1262 91.89 39.66 11.30
CA GLY C 1262 92.55 40.73 10.56
C GLY C 1262 91.61 41.89 10.38
N THR C 1263 91.79 42.94 11.15
CA THR C 1263 90.91 44.10 11.08
C THR C 1263 91.43 45.06 10.02
N VAL C 1264 90.71 46.17 9.87
CA VAL C 1264 91.22 47.28 9.08
C VAL C 1264 92.45 47.88 9.74
N ASP C 1265 92.50 47.88 11.07
CA ASP C 1265 93.65 48.33 11.81
C ASP C 1265 94.67 47.24 12.11
N THR C 1266 94.22 45.99 12.33
CA THR C 1266 95.16 44.98 12.76
C THR C 1266 95.25 43.84 11.74
N PRO C 1267 96.44 43.33 11.50
CA PRO C 1267 96.58 42.04 10.81
C PRO C 1267 96.19 40.91 11.75
N PRO C 1268 95.89 39.71 11.24
CA PRO C 1268 95.55 38.61 12.13
C PRO C 1268 96.76 38.14 12.93
N CYS C 1269 96.53 37.88 14.21
CA CYS C 1269 97.61 37.62 15.15
C CYS C 1269 97.33 36.36 15.95
N LEU C 1270 98.37 35.89 16.62
CA LEU C 1270 98.30 34.82 17.59
C LEU C 1270 98.66 35.47 18.92
N ARG C 1271 97.66 35.76 19.73
CA ARG C 1271 97.94 36.36 21.03
C ARG C 1271 98.13 35.27 22.06
N LEU C 1272 99.35 35.11 22.53
CA LEU C 1272 99.61 34.22 23.64
C LEU C 1272 99.07 34.88 24.90
N ALA C 1273 98.40 34.09 25.73
CA ALA C 1273 97.92 34.57 27.02
C ALA C 1273 98.28 33.51 28.07
N HIS C 1274 98.05 33.87 29.32
CA HIS C 1274 98.52 33.06 30.44
C HIS C 1274 97.67 33.34 31.66
N ARG C 1275 97.40 32.29 32.43
CA ARG C 1275 96.74 32.45 33.73
C ARG C 1275 97.75 33.05 34.71
N THR C 1276 97.93 34.36 34.60
CA THR C 1276 98.98 35.09 35.32
C THR C 1276 98.60 35.21 36.78
N TRP C 1277 98.75 34.10 37.50
CA TRP C 1277 98.28 34.03 38.88
C TRP C 1277 99.22 33.17 39.71
N GLY C 1278 98.79 32.85 40.93
CA GLY C 1278 99.63 32.09 41.85
C GLY C 1278 99.53 30.59 41.59
N SER C 1279 100.26 29.81 42.39
CA SER C 1279 100.23 28.35 42.46
C SER C 1279 100.68 27.66 41.17
N GLN C 1280 101.22 28.43 40.21
CA GLN C 1280 101.67 27.89 38.94
C GLN C 1280 102.65 28.86 38.32
N ASN C 1281 103.85 28.35 38.01
CA ASN C 1281 104.89 29.15 37.37
C ASN C 1281 105.83 28.25 36.59
N SER C 1282 106.61 28.82 35.67
CA SER C 1282 107.46 28.03 34.80
C SER C 1282 108.61 28.89 34.29
N LEU C 1283 109.51 28.25 33.54
CA LEU C 1283 110.72 28.87 33.02
C LEU C 1283 110.50 29.47 31.64
N VAL C 1284 111.59 29.74 30.94
CA VAL C 1284 111.56 30.31 29.59
C VAL C 1284 110.94 29.30 28.64
N GLU C 1285 109.76 29.63 28.12
CA GLU C 1285 109.02 28.77 27.20
C GLU C 1285 109.63 28.91 25.82
N MET C 1286 110.43 27.93 25.41
CA MET C 1286 111.00 27.94 24.08
C MET C 1286 109.96 27.54 23.05
N LEU C 1287 109.21 28.52 22.55
CA LEU C 1287 108.16 28.27 21.58
C LEU C 1287 108.70 28.36 20.16
N PHE C 1288 108.11 27.58 19.27
CA PHE C 1288 108.60 27.52 17.90
C PHE C 1288 107.45 27.18 16.96
N LEU C 1289 107.22 28.06 15.98
CA LEU C 1289 106.15 27.82 15.04
C LEU C 1289 106.54 26.74 14.03
N ARG C 1290 105.54 26.23 13.33
CA ARG C 1290 105.76 25.26 12.27
C ARG C 1290 106.12 25.99 10.97
N LEU C 1291 107.37 26.42 10.90
CA LEU C 1291 107.90 27.13 9.75
C LEU C 1291 109.12 26.41 9.22
N SER C 1292 109.21 26.36 7.89
CA SER C 1292 110.41 25.88 7.22
C SER C 1292 110.63 26.81 6.03
N LEU C 1293 111.29 27.94 6.29
CA LEU C 1293 111.49 28.96 5.27
C LEU C 1293 112.56 28.48 4.32
N PRO C 1294 112.14 27.75 3.29
CA PRO C 1294 113.04 27.19 2.29
C PRO C 1294 113.69 28.31 1.48
N VAL C 1295 115.01 28.42 1.62
CA VAL C 1295 115.74 29.42 0.88
C VAL C 1295 115.76 29.05 -0.60
N GLN C 1296 116.06 30.05 -1.44
CA GLN C 1296 115.59 30.03 -2.82
C GLN C 1296 116.58 29.42 -3.82
N PHE C 1297 117.58 28.65 -3.39
CA PHE C 1297 118.45 28.00 -4.37
C PHE C 1297 118.40 26.49 -4.23
N UNK C 1438 122.25 29.42 -6.45
CA UNK C 1438 121.33 29.81 -7.52
C UNK C 1438 120.49 31.01 -7.10
N UNK C 1439 120.61 31.42 -5.84
CA UNK C 1439 119.89 32.58 -5.33
C UNK C 1439 120.67 33.16 -4.15
N UNK C 1440 120.12 34.23 -3.58
CA UNK C 1440 120.75 34.93 -2.46
C UNK C 1440 119.66 35.21 -1.42
N UNK C 1441 119.66 34.42 -0.36
CA UNK C 1441 118.75 34.63 0.77
C UNK C 1441 119.51 35.43 1.82
N UNK C 1442 119.19 36.72 1.92
CA UNK C 1442 119.82 37.63 2.88
C UNK C 1442 118.71 38.36 3.62
N UNK C 1443 118.44 37.92 4.85
CA UNK C 1443 117.34 38.47 5.61
C UNK C 1443 117.83 39.60 6.52
N UNK C 1444 116.88 40.27 7.15
CA UNK C 1444 117.20 41.38 8.05
C UNK C 1444 116.07 41.51 9.06
N UNK C 1445 116.40 41.36 10.33
CA UNK C 1445 115.45 41.70 11.37
C UNK C 1445 115.52 43.18 11.69
N UNK C 1446 114.37 43.85 11.62
CA UNK C 1446 114.31 45.29 11.81
C UNK C 1446 113.63 45.59 13.13
N UNK C 1447 114.10 46.65 13.80
CA UNK C 1447 113.49 47.11 15.04
C UNK C 1447 112.27 47.95 14.74
N UNK C 1448 111.78 48.68 15.75
CA UNK C 1448 110.72 49.67 15.52
C UNK C 1448 111.16 50.75 14.55
N UNK C 1449 112.38 51.27 14.70
CA UNK C 1449 112.95 52.18 13.71
C UNK C 1449 114.33 51.70 13.29
N UNK C 1450 115.06 51.11 14.24
CA UNK C 1450 116.46 50.76 14.03
C UNK C 1450 116.57 49.51 13.16
N UNK C 1451 117.79 49.16 12.79
CA UNK C 1451 118.03 48.02 11.90
C UNK C 1451 119.17 47.20 12.46
N UNK C 1452 118.84 46.10 13.13
CA UNK C 1452 119.81 45.09 13.52
C UNK C 1452 120.26 44.42 12.23
N UNK C 1453 121.57 44.29 12.07
CA UNK C 1453 122.16 43.88 10.81
C UNK C 1453 122.06 42.37 10.56
N UNK C 1454 122.87 41.89 9.62
CA UNK C 1454 122.99 40.49 9.25
C UNK C 1454 123.65 39.65 10.35
N UNK C 1455 124.08 38.43 9.97
CA UNK C 1455 123.83 37.13 10.62
C UNK C 1455 122.53 36.53 10.11
N UNK C 1456 122.00 37.14 9.05
CA UNK C 1456 121.16 36.41 8.12
C UNK C 1456 121.49 36.89 6.71
N UNK C 1457 122.52 36.30 6.10
CA UNK C 1457 122.90 36.76 4.77
C UNK C 1457 123.42 35.63 3.90
N UNK C 1458 123.47 34.41 4.43
CA UNK C 1458 124.16 33.32 3.77
C UNK C 1458 123.27 32.08 3.82
N UNK C 1459 122.44 31.92 2.79
CA UNK C 1459 121.55 30.79 2.70
C UNK C 1459 121.23 30.52 1.24
N UNK C 1460 121.33 29.26 0.85
CA UNK C 1460 120.99 28.85 -0.51
C UNK C 1460 119.65 28.15 -0.59
N UNK C 1461 119.49 27.01 0.10
CA UNK C 1461 118.25 26.28 0.02
C UNK C 1461 117.82 25.76 1.38
N UNK C 1462 118.30 26.40 2.45
CA UNK C 1462 117.99 25.96 3.80
C UNK C 1462 116.56 26.32 4.15
N UNK C 1463 115.98 25.56 5.07
CA UNK C 1463 114.58 25.74 5.49
C UNK C 1463 114.59 26.17 6.96
N UNK C 1464 114.17 27.39 7.21
CA UNK C 1464 114.31 28.03 8.51
C UNK C 1464 112.97 28.18 9.20
N UNK C 1465 112.97 28.08 10.52
CA UNK C 1465 111.75 28.24 11.30
C UNK C 1465 111.62 29.67 11.78
N UNK C 1466 110.46 29.98 12.34
CA UNK C 1466 110.33 31.18 13.15
C UNK C 1466 110.38 30.78 14.62
N UNK C 1467 111.17 31.50 15.39
CA UNK C 1467 111.47 31.06 16.74
C UNK C 1467 111.07 32.11 17.75
N UNK C 1468 110.65 31.63 18.93
CA UNK C 1468 110.35 32.51 20.04
C UNK C 1468 110.63 31.80 21.37
N UNK C 1469 111.85 31.93 21.87
CA UNK C 1469 112.16 31.37 23.18
C UNK C 1469 111.75 32.36 24.25
N UNK C 1470 110.46 32.50 24.46
CA UNK C 1470 109.90 33.52 25.35
C UNK C 1470 110.01 33.05 26.79
N UNK C 1471 109.92 34.00 27.71
CA UNK C 1471 109.96 33.72 29.13
C UNK C 1471 108.74 34.33 29.80
N UNK C 1472 108.47 33.89 31.02
CA UNK C 1472 107.29 34.34 31.74
C UNK C 1472 107.46 35.76 32.26
N UNK C 1473 106.36 36.52 32.24
CA UNK C 1473 106.35 37.87 32.79
C UNK C 1473 105.16 38.11 33.71
N UNK C 1474 104.31 37.09 33.87
CA UNK C 1474 103.10 37.12 34.72
C UNK C 1474 102.18 38.27 34.32
N UNK C 1475 102.11 38.53 33.02
CA UNK C 1475 101.32 39.63 32.51
C UNK C 1475 100.71 39.25 31.17
N UNK C 1476 100.18 40.24 30.45
CA UNK C 1476 99.63 40.03 29.11
C UNK C 1476 100.80 39.75 28.18
N UNK C 1477 100.82 38.56 27.59
CA UNK C 1477 101.94 38.18 26.74
C UNK C 1477 101.81 38.76 25.35
N UNK C 1478 102.62 38.23 24.42
CA UNK C 1478 102.74 38.80 23.10
C UNK C 1478 101.57 38.42 22.21
N UNK C 1479 101.61 38.95 20.99
CA UNK C 1479 100.65 38.67 19.93
C UNK C 1479 101.42 38.74 18.62
N UNK C 1480 101.86 37.59 18.14
CA UNK C 1480 102.60 37.51 16.89
C UNK C 1480 101.63 37.72 15.73
N UNK C 1481 101.70 38.89 15.12
CA UNK C 1481 100.83 39.21 14.00
C UNK C 1481 101.48 38.77 12.69
N UNK C 1482 100.63 38.54 11.70
CA UNK C 1482 101.06 38.18 10.34
C UNK C 1482 100.75 39.40 9.47
N UNK C 1483 101.71 40.32 9.40
CA UNK C 1483 101.49 41.60 8.76
C UNK C 1483 102.17 41.65 7.40
N UNK C 1484 101.97 42.76 6.71
CA UNK C 1484 102.63 43.08 5.45
C UNK C 1484 102.97 44.56 5.42
N UNK C 1485 103.88 44.91 4.54
CA UNK C 1485 104.28 46.29 4.31
C UNK C 1485 104.28 46.56 2.81
N UNK C 1486 104.90 47.66 2.43
CA UNK C 1486 105.23 47.91 1.04
C UNK C 1486 106.54 47.25 0.63
N UNK C 1487 106.96 46.20 1.34
CA UNK C 1487 108.27 45.57 1.18
C UNK C 1487 108.06 44.07 1.28
N UNK C 1488 109.11 43.29 1.50
CA UNK C 1488 109.05 41.84 1.44
C UNK C 1488 108.34 41.26 2.67
N UNK C 1489 108.42 39.94 2.80
CA UNK C 1489 107.63 39.17 3.77
C UNK C 1489 108.01 39.53 5.20
N UNK C 1490 107.01 39.93 5.98
CA UNK C 1490 107.21 40.41 7.34
C UNK C 1490 106.23 39.72 8.29
N UNK C 1491 106.57 39.72 9.57
CA UNK C 1491 105.71 39.16 10.63
C UNK C 1491 106.06 39.89 11.93
N UNK C 1492 105.20 40.82 12.32
CA UNK C 1492 105.44 41.58 13.54
C UNK C 1492 104.99 40.79 14.76
N UNK C 1493 105.29 41.34 15.93
CA UNK C 1493 104.83 40.74 17.19
C UNK C 1493 104.78 41.86 18.24
N UNK C 1494 103.58 42.34 18.53
CA UNK C 1494 103.41 43.22 19.67
C UNK C 1494 103.53 42.42 20.96
N UNK C 1495 103.89 43.10 22.05
CA UNK C 1495 104.12 42.37 23.30
C UNK C 1495 103.93 43.31 24.48
N UNK C 1496 103.83 42.70 25.67
CA UNK C 1496 103.81 43.48 26.90
C UNK C 1496 104.61 42.79 28.01
N UNK C 1497 105.54 41.90 27.68
CA UNK C 1497 106.40 41.21 28.63
C UNK C 1497 107.61 42.08 28.94
N UNK C 1498 108.51 41.54 29.77
CA UNK C 1498 109.67 42.31 30.19
C UNK C 1498 110.86 42.09 29.24
N UNK C 1499 111.35 40.86 29.16
CA UNK C 1499 112.52 40.53 28.35
C UNK C 1499 112.50 39.06 28.00
N UNK C 1500 112.86 38.73 26.77
CA UNK C 1500 112.88 37.35 26.28
C UNK C 1500 113.78 37.28 25.06
N UNK C 1501 114.27 36.08 24.75
CA UNK C 1501 115.07 35.91 23.55
C UNK C 1501 114.20 35.54 22.37
N UNK C 1502 114.44 36.20 21.23
CA UNK C 1502 113.69 35.96 20.01
C UNK C 1502 114.64 35.64 18.88
N UNK C 1503 114.13 34.94 17.87
CA UNK C 1503 114.98 34.42 16.81
C UNK C 1503 114.14 34.12 15.58
N UNK C 1504 114.78 33.55 14.57
CA UNK C 1504 114.11 32.85 13.48
C UNK C 1504 114.99 31.63 13.19
N UNK C 1505 114.64 30.51 13.83
CA UNK C 1505 115.54 29.37 13.89
C UNK C 1505 115.60 28.63 12.57
N UNK C 1506 116.45 27.61 12.53
CA UNK C 1506 116.35 26.60 11.49
C UNK C 1506 115.38 25.53 11.96
N UNK C 1507 115.39 24.39 11.27
CA UNK C 1507 114.69 23.22 11.77
C UNK C 1507 115.67 22.29 12.48
N UNK C 1508 116.54 22.89 13.29
CA UNK C 1508 117.68 22.19 13.87
C UNK C 1508 117.86 22.54 15.34
N UNK C 1509 116.80 23.00 15.99
CA UNK C 1509 116.93 23.50 17.35
C UNK C 1509 116.51 22.44 18.37
N UNK C 1510 117.20 22.46 19.50
CA UNK C 1510 116.84 21.66 20.66
C UNK C 1510 117.24 22.43 21.92
N UNK C 1511 116.29 23.10 22.54
CA UNK C 1511 116.61 24.12 23.54
C UNK C 1511 116.97 23.53 24.90
N UNK C 1512 117.05 24.41 25.90
CA UNK C 1512 117.56 24.07 27.21
C UNK C 1512 116.89 24.93 28.28
N UNK C 1513 117.53 25.02 29.44
CA UNK C 1513 117.05 25.83 30.56
C UNK C 1513 117.46 27.28 30.34
N UNK C 1514 117.47 28.14 31.36
CA UNK C 1514 117.68 29.58 31.21
C UNK C 1514 119.09 29.87 30.66
N UNK C 1515 119.13 30.37 29.43
CA UNK C 1515 120.37 30.76 28.77
C UNK C 1515 120.03 31.84 27.75
N UNK C 1516 120.98 32.75 27.52
CA UNK C 1516 120.71 33.90 26.67
C UNK C 1516 121.67 33.96 25.50
N UNK C 1517 122.75 33.19 25.57
CA UNK C 1517 123.76 33.20 24.52
C UNK C 1517 124.40 31.82 24.39
N UNK C 1518 125.59 31.77 23.80
CA UNK C 1518 126.39 30.57 23.56
C UNK C 1518 125.59 29.54 22.75
N UNK C 1519 125.25 29.95 21.54
CA UNK C 1519 124.38 29.17 20.66
C UNK C 1519 125.10 28.06 19.91
N UNK C 1520 126.38 27.80 20.22
CA UNK C 1520 127.19 26.72 19.67
C UNK C 1520 127.30 26.74 18.16
N UNK C 1521 127.85 27.81 17.60
CA UNK C 1521 128.15 27.89 16.18
C UNK C 1521 129.53 27.30 15.93
N UNK C 1522 130.03 27.48 14.71
CA UNK C 1522 131.40 27.11 14.39
C UNK C 1522 131.88 28.03 13.27
N UNK C 1523 133.07 27.75 12.73
CA UNK C 1523 133.57 28.51 11.60
C UNK C 1523 134.42 27.60 10.74
N UNK C 1524 133.88 27.23 9.59
CA UNK C 1524 134.62 26.46 8.60
C UNK C 1524 135.55 27.37 7.84
N UNK C 1525 136.62 26.79 7.29
CA UNK C 1525 137.61 27.55 6.54
C UNK C 1525 138.31 26.57 5.60
N UNK C 1526 138.09 26.74 4.30
CA UNK C 1526 138.71 25.92 3.28
C UNK C 1526 139.62 26.81 2.44
N UNK C 1527 140.92 26.78 2.71
CA UNK C 1527 141.86 27.54 1.91
C UNK C 1527 142.17 26.75 0.63
N UNK C 1528 142.92 27.37 -0.28
CA UNK C 1528 143.14 26.75 -1.58
C UNK C 1528 144.25 25.71 -1.53
N UNK C 1529 145.50 26.14 -1.32
CA UNK C 1529 146.62 25.20 -1.34
C UNK C 1529 147.32 25.11 0.01
N UNK C 1530 147.93 26.20 0.49
CA UNK C 1530 148.45 26.19 1.84
C UNK C 1530 147.58 27.03 2.77
N UNK C 1531 147.52 28.34 2.50
CA UNK C 1531 146.60 29.24 3.18
C UNK C 1531 146.13 30.35 2.27
N UNK C 1532 146.26 30.17 0.95
CA UNK C 1532 146.29 31.30 0.03
C UNK C 1532 144.91 31.91 -0.23
N UNK C 1533 144.02 31.14 -0.84
CA UNK C 1533 142.68 31.64 -1.12
C UNK C 1533 141.67 30.94 -0.24
N UNK C 1534 141.16 31.63 0.77
CA UNK C 1534 140.30 31.00 1.74
C UNK C 1534 138.83 31.17 1.38
N UNK C 1535 138.04 30.13 1.69
CA UNK C 1535 136.60 30.17 1.66
C UNK C 1535 136.18 29.79 3.09
N UNK C 1536 136.02 30.80 3.93
CA UNK C 1536 135.69 30.61 5.32
C UNK C 1536 134.32 31.19 5.60
N UNK C 1537 133.62 30.61 6.58
CA UNK C 1537 132.29 31.06 6.94
C UNK C 1537 131.98 30.63 8.37
N UNK C 1538 131.08 31.35 9.00
CA UNK C 1538 130.45 30.82 10.20
C UNK C 1538 129.53 29.67 9.82
N UNK C 1539 129.33 28.76 10.76
CA UNK C 1539 128.72 27.47 10.44
C UNK C 1539 127.31 27.33 11.01
N UNK C 1540 126.52 28.41 10.98
CA UNK C 1540 125.06 28.36 11.09
C UNK C 1540 124.52 27.73 12.36
N UNK C 1541 124.69 28.41 13.50
CA UNK C 1541 124.01 28.01 14.73
C UNK C 1541 122.49 27.99 14.50
N UNK C 1542 121.82 27.12 15.26
CA UNK C 1542 120.46 26.68 14.98
C UNK C 1542 119.42 27.78 15.04
N UNK C 1543 119.74 28.94 15.62
CA UNK C 1543 118.81 30.05 15.67
C UNK C 1543 119.52 31.40 15.73
N UNK C 1544 118.78 32.43 16.15
CA UNK C 1544 119.31 33.76 16.44
C UNK C 1544 119.07 34.07 17.92
N UNK C 1545 119.31 35.32 18.34
CA UNK C 1545 119.07 35.67 19.73
C UNK C 1545 118.64 37.13 19.82
N UNK C 1546 117.63 37.39 20.66
CA UNK C 1546 117.22 38.76 20.94
C UNK C 1546 116.96 38.93 22.43
N UNK C 1547 117.81 38.31 23.25
CA UNK C 1547 117.63 38.30 24.70
C UNK C 1547 117.87 39.68 25.27
N UNK C 1548 116.77 40.38 25.55
CA UNK C 1548 116.75 41.75 26.11
C UNK C 1548 117.55 42.72 25.23
N UNK C 1549 117.04 42.92 24.00
CA UNK C 1549 117.77 43.74 23.04
C UNK C 1549 117.59 45.23 23.31
N UNK C 1550 116.43 45.64 23.81
CA UNK C 1550 116.14 47.05 24.01
C UNK C 1550 116.84 47.59 25.24
N UNK C 1551 117.50 48.73 25.08
CA UNK C 1551 118.20 49.42 26.16
C UNK C 1551 117.38 50.63 26.59
N UNK C 1552 116.46 50.40 27.51
CA UNK C 1552 115.56 51.45 27.98
C UNK C 1552 115.77 51.69 29.48
N UNK C 1553 114.94 52.53 30.07
CA UNK C 1553 114.97 52.83 31.49
C UNK C 1553 114.13 51.80 32.25
N UNK C 1554 113.87 52.07 33.52
CA UNK C 1554 113.11 51.15 34.36
C UNK C 1554 111.62 51.46 34.42
N UNK C 1555 111.09 52.20 33.43
CA UNK C 1555 109.69 52.60 33.47
C UNK C 1555 108.93 52.28 32.18
N UNK C 1556 109.04 51.05 31.68
CA UNK C 1556 108.39 50.65 30.43
C UNK C 1556 106.88 50.52 30.58
N UNK C 1557 106.13 51.00 29.59
CA UNK C 1557 104.68 50.91 29.62
C UNK C 1557 104.09 50.49 28.29
N UNK C 1558 104.87 50.57 27.21
CA UNK C 1558 104.35 50.42 25.86
C UNK C 1558 104.73 49.06 25.28
N UNK C 1559 104.41 48.86 24.01
CA UNK C 1559 104.66 47.62 23.28
C UNK C 1559 105.85 47.77 22.35
N UNK C 1560 106.30 46.65 21.80
CA UNK C 1560 107.40 46.64 20.84
C UNK C 1560 106.90 46.07 19.51
N UNK C 1561 107.49 46.51 18.41
CA UNK C 1561 107.01 46.13 17.09
C UNK C 1561 108.20 45.82 16.16
N UNK C 1562 109.15 45.04 16.64
CA UNK C 1562 110.26 44.59 15.82
C UNK C 1562 109.76 43.51 14.87
N UNK C 1563 110.06 43.65 13.58
CA UNK C 1563 109.60 42.71 12.57
C UNK C 1563 110.81 42.13 11.82
N UNK C 1564 110.58 41.38 10.75
CA UNK C 1564 111.66 40.79 9.97
C UNK C 1564 111.36 41.01 8.50
N UNK C 1565 112.37 40.77 7.66
CA UNK C 1565 112.19 40.82 6.23
C UNK C 1565 113.16 39.83 5.61
N UNK C 1566 112.75 39.24 4.49
CA UNK C 1566 113.51 38.19 3.85
C UNK C 1566 113.85 38.61 2.42
N UNK C 1567 114.50 37.71 1.70
CA UNK C 1567 114.86 37.96 0.31
C UNK C 1567 113.70 37.61 -0.62
N UNK C 1568 112.57 38.27 -0.44
CA UNK C 1568 111.40 38.09 -1.28
C UNK C 1568 111.31 39.27 -2.24
N UNK C 1569 110.78 39.03 -3.44
CA UNK C 1569 110.76 40.03 -4.48
C UNK C 1569 109.60 41.00 -4.29
N UNK C 1570 109.44 41.90 -5.24
CA UNK C 1570 108.39 42.92 -5.23
C UNK C 1570 107.66 42.92 -6.55
N UNK C 1571 106.43 43.40 -6.51
CA UNK C 1571 105.60 43.51 -7.71
C UNK C 1571 104.72 44.74 -7.57
N UNK C 1572 105.06 45.79 -8.29
CA UNK C 1572 104.29 47.03 -8.26
C UNK C 1572 104.13 47.57 -9.67
N MET C 1573 105.13 39.59 -0.61
CA MET C 1573 105.25 40.80 0.22
C MET C 1573 104.60 40.67 1.62
N PRO C 1574 103.46 39.93 1.77
CA PRO C 1574 103.14 39.46 3.12
C PRO C 1574 103.93 38.21 3.45
N LEU C 1575 103.74 37.68 4.65
CA LEU C 1575 104.41 36.45 5.00
C LEU C 1575 103.77 35.24 4.32
N SER C 1576 102.43 35.24 4.23
CA SER C 1576 101.72 34.10 3.64
C SER C 1576 101.88 34.03 2.13
N ALA C 1577 102.39 35.09 1.50
CA ALA C 1577 102.64 35.04 0.07
C ALA C 1577 103.89 34.25 -0.28
N ALA C 1578 104.70 33.88 0.71
CA ALA C 1578 106.02 33.33 0.42
C ALA C 1578 106.01 31.82 0.23
N MET C 1579 105.33 31.07 1.09
CA MET C 1579 105.54 29.63 1.14
C MET C 1579 104.53 28.87 0.32
N PHE C 1580 103.28 29.32 0.37
CA PHE C 1580 102.16 28.45 0.03
C PHE C 1580 101.98 28.26 -1.46
N LEU C 1581 102.70 29.05 -2.29
CA LEU C 1581 103.00 28.77 -3.70
C LEU C 1581 101.81 28.92 -4.63
N SER C 1582 100.60 29.02 -4.08
CA SER C 1582 99.43 29.49 -4.79
C SER C 1582 99.03 30.87 -4.30
N GLU C 1583 99.37 31.19 -3.06
CA GLU C 1583 99.41 32.56 -2.59
C GLU C 1583 100.71 33.25 -2.97
N ARG C 1584 101.60 32.54 -3.67
CA ARG C 1584 102.74 33.18 -4.30
C ARG C 1584 102.30 34.19 -5.35
N LYS C 1585 101.18 33.93 -6.01
CA LYS C 1585 100.54 34.90 -6.88
C LYS C 1585 99.47 35.71 -6.17
N ASN C 1586 99.09 35.33 -4.94
CA ASN C 1586 98.07 36.05 -4.20
C ASN C 1586 98.68 36.66 -2.95
N PRO C 1587 99.21 37.89 -3.01
CA PRO C 1587 99.90 38.46 -1.85
C PRO C 1587 98.96 38.94 -0.75
N ALA C 1588 98.22 38.03 -0.14
CA ALA C 1588 97.39 38.39 0.99
C ALA C 1588 97.85 37.63 2.23
N PRO C 1589 98.00 38.30 3.37
CA PRO C 1589 98.37 37.59 4.59
C PRO C 1589 97.21 36.79 5.16
N GLN C 1590 97.49 35.53 5.49
CA GLN C 1590 96.47 34.58 5.92
C GLN C 1590 96.99 33.78 7.11
N CYS C 1591 96.13 32.93 7.66
CA CYS C 1591 96.50 32.05 8.76
C CYS C 1591 95.86 30.68 8.54
N PRO C 1592 96.55 29.79 7.84
CA PRO C 1592 96.08 28.41 7.75
C PRO C 1592 96.18 27.72 9.10
N PRO C 1593 95.32 26.73 9.35
CA PRO C 1593 95.47 25.90 10.56
C PRO C 1593 96.72 25.04 10.59
N ARG C 1594 97.43 24.90 9.48
CA ARG C 1594 98.72 24.22 9.48
C ARG C 1594 99.78 24.99 10.26
N LEU C 1595 99.58 26.28 10.49
CA LEU C 1595 100.53 27.07 11.27
C LEU C 1595 100.33 26.75 12.75
N GLU C 1596 101.30 26.05 13.34
CA GLU C 1596 101.21 25.60 14.72
C GLU C 1596 102.52 25.89 15.44
N VAL C 1597 102.39 26.40 16.66
CA VAL C 1597 103.57 26.69 17.48
C VAL C 1597 103.88 25.48 18.33
N GLN C 1598 105.14 25.07 18.32
CA GLN C 1598 105.56 23.86 19.00
C GLN C 1598 106.25 24.21 20.32
N MET C 1599 105.76 23.59 21.38
CA MET C 1599 106.39 23.68 22.70
C MET C 1599 107.22 22.41 22.86
N LEU C 1600 108.53 22.55 22.70
CA LEU C 1600 109.45 21.43 22.76
C LEU C 1600 109.45 20.77 24.13
N MET C 1601 109.77 19.48 24.14
CA MET C 1601 109.83 18.74 25.38
C MET C 1601 110.77 17.55 25.26
N PRO C 1602 111.58 17.29 26.29
CA PRO C 1602 112.50 16.16 26.25
C PRO C 1602 111.88 14.86 26.70
N VAL C 1603 110.71 14.52 26.15
CA VAL C 1603 110.00 13.32 26.53
C VAL C 1603 109.02 12.97 25.42
N SER C 1604 108.98 11.70 25.07
CA SER C 1604 108.02 11.11 24.14
C SER C 1604 108.00 9.62 24.45
N TRP C 1605 107.49 8.82 23.52
CA TRP C 1605 107.63 7.37 23.63
C TRP C 1605 108.25 6.83 22.36
N SER C 1606 109.54 6.52 22.45
CA SER C 1606 110.34 6.03 21.34
C SER C 1606 110.37 4.52 21.35
N ARG C 1607 110.43 3.94 20.16
CA ARG C 1607 110.39 2.50 19.97
C ARG C 1607 111.80 1.94 20.02
N MET C 1608 111.96 0.80 20.66
CA MET C 1608 113.26 0.15 20.68
C MET C 1608 113.36 -0.87 19.54
N PRO C 1609 114.48 -0.95 18.84
CA PRO C 1609 114.63 -1.99 17.82
C PRO C 1609 114.78 -3.37 18.43
N ASN C 1610 114.16 -4.34 17.78
CA ASN C 1610 114.33 -5.74 18.17
C ASN C 1610 115.68 -6.29 17.73
N HIS C 1611 116.40 -5.58 16.87
CA HIS C 1611 117.68 -6.04 16.37
C HIS C 1611 118.64 -4.88 16.25
N PHE C 1612 119.92 -5.18 16.41
CA PHE C 1612 121.01 -4.24 16.22
C PHE C 1612 122.11 -4.92 15.42
N LEU C 1613 123.24 -4.25 15.30
CA LEU C 1613 124.40 -4.87 14.65
C LEU C 1613 125.01 -5.90 15.61
N GLN C 1614 125.12 -7.13 15.13
CA GLN C 1614 125.61 -8.23 15.96
C GLN C 1614 127.08 -8.11 16.29
N VAL C 1615 127.85 -7.39 15.48
CA VAL C 1615 129.27 -7.22 15.74
C VAL C 1615 129.65 -5.75 15.67
N GLU C 1622 140.57 -5.38 20.98
CA GLU C 1622 141.40 -6.52 21.29
C GLU C 1622 142.86 -6.12 21.50
N ARG C 1623 143.75 -6.64 20.67
CA ARG C 1623 145.17 -6.36 20.76
C ARG C 1623 145.60 -5.46 19.62
N LEU C 1624 146.88 -5.05 19.70
CA LEU C 1624 147.55 -4.15 18.75
C LEU C 1624 146.76 -2.85 18.61
N GLY C 1625 146.70 -2.13 19.73
CA GLY C 1625 145.89 -0.94 19.79
C GLY C 1625 144.41 -1.19 19.76
N TRP C 1626 143.96 -2.27 20.43
CA TRP C 1626 142.55 -2.60 20.66
C TRP C 1626 141.78 -2.77 19.35
N ALA C 1627 142.12 -3.87 18.68
CA ALA C 1627 141.42 -4.28 17.45
C ALA C 1627 139.93 -4.48 17.72
N VAL C 1628 139.11 -3.66 17.08
CA VAL C 1628 137.67 -3.69 17.25
C VAL C 1628 137.09 -4.57 16.15
N GLN C 1629 136.13 -5.42 16.49
CA GLN C 1629 135.51 -6.32 15.53
C GLN C 1629 134.09 -5.86 15.23
N CYS C 1630 133.78 -5.71 13.95
CA CYS C 1630 132.43 -5.39 13.48
C CYS C 1630 132.31 -5.84 12.03
N GLN C 1631 131.51 -6.87 11.79
CA GLN C 1631 131.37 -7.39 10.43
C GLN C 1631 129.92 -7.57 10.00
N ASP C 1632 129.02 -7.95 10.91
CA ASP C 1632 127.69 -8.43 10.58
C ASP C 1632 126.76 -7.29 10.13
N PRO C 1633 126.31 -7.31 8.88
CA PRO C 1633 125.52 -6.19 8.35
C PRO C 1633 124.02 -6.32 8.62
N LEU C 1634 123.37 -5.17 8.74
CA LEU C 1634 121.92 -5.08 8.96
C LEU C 1634 121.44 -3.69 8.59
N THR C 1635 120.29 -3.60 7.93
CA THR C 1635 119.72 -2.34 7.51
C THR C 1635 118.30 -2.20 8.07
N MET C 1636 117.70 -1.04 7.83
CA MET C 1636 116.34 -0.77 8.28
C MET C 1636 115.71 0.22 7.31
N MET C 1637 114.38 0.26 7.29
CA MET C 1637 113.65 1.24 6.51
C MET C 1637 112.76 2.10 7.42
N ALA C 1638 112.65 3.37 7.08
CA ALA C 1638 112.11 4.34 8.02
C ALA C 1638 111.65 5.59 7.29
N LEU C 1639 110.42 6.00 7.57
CA LEU C 1639 109.77 7.12 6.91
C LEU C 1639 110.41 8.46 7.25
N HIS C 1640 110.75 9.20 6.21
CA HIS C 1640 111.17 10.58 6.36
C HIS C 1640 109.99 11.46 5.98
N ILE C 1641 109.54 12.28 6.91
CA ILE C 1641 108.61 13.35 6.53
C ILE C 1641 109.41 14.56 6.02
N PRO C 1642 109.17 14.99 4.79
CA PRO C 1642 109.85 16.21 4.32
C PRO C 1642 109.16 17.47 4.81
N GLU C 1643 107.87 17.39 5.15
CA GLU C 1643 107.14 18.54 5.65
C GLU C 1643 107.68 19.03 6.99
N GLU C 1644 108.27 18.14 7.79
CA GLU C 1644 109.02 18.55 8.95
C GLU C 1644 110.52 18.52 8.68
N ASN C 1645 110.92 17.92 7.56
CA ASN C 1645 112.29 17.52 7.25
C ASN C 1645 112.90 16.76 8.44
N ARG C 1646 112.27 15.63 8.73
CA ARG C 1646 112.87 14.69 9.65
C ARG C 1646 112.41 13.28 9.29
N CYS C 1647 113.09 12.30 9.87
CA CYS C 1647 112.81 10.91 9.61
C CYS C 1647 112.29 10.24 10.87
N MET C 1648 111.64 9.10 10.71
CA MET C 1648 111.08 8.34 11.82
C MET C 1648 110.78 6.93 11.37
N ASP C 1649 110.53 6.06 12.35
CA ASP C 1649 110.32 4.65 12.06
C ASP C 1649 108.99 4.43 11.37
N ILE C 1650 108.94 3.35 10.59
CA ILE C 1650 107.70 2.84 10.05
C ILE C 1650 106.79 2.31 11.14
N LEU C 1651 107.32 1.95 12.30
CA LEU C 1651 106.49 1.44 13.38
C LEU C 1651 106.30 2.44 14.50
N GLU C 1652 106.64 3.70 14.27
CA GLU C 1652 106.11 4.80 15.06
C GLU C 1652 104.66 5.11 14.71
N LEU C 1653 104.15 4.54 13.63
CA LEU C 1653 102.81 4.86 13.13
C LEU C 1653 101.73 4.14 13.92
N SER C 1654 102.06 2.97 14.47
CA SER C 1654 101.26 2.27 15.45
C SER C 1654 101.34 2.92 16.83
N GLU C 1655 102.07 4.02 16.96
CA GLU C 1655 101.99 4.94 18.09
C GLU C 1655 101.23 6.20 17.73
N ARG C 1656 101.32 6.65 16.48
CA ARG C 1656 100.62 7.86 16.08
C ARG C 1656 99.12 7.64 16.02
N LEU C 1657 98.69 6.58 15.34
CA LEU C 1657 97.31 6.14 15.14
C LEU C 1657 96.47 7.11 14.34
N ASP C 1658 97.05 8.12 13.76
CA ASP C 1658 96.37 9.03 12.86
C ASP C 1658 97.15 9.24 11.58
N LEU C 1659 98.47 9.34 11.66
CA LEU C 1659 99.29 9.44 10.47
C LEU C 1659 99.36 8.11 9.74
N GLN C 1660 99.35 7.01 10.51
CA GLN C 1660 99.11 5.70 9.93
C GLN C 1660 97.75 5.66 9.24
N ARG C 1661 96.73 6.16 9.92
CA ARG C 1661 95.42 6.28 9.33
C ARG C 1661 95.43 7.24 8.15
N PHE C 1662 96.16 8.35 8.28
CA PHE C 1662 96.45 9.19 7.13
C PHE C 1662 97.20 8.44 6.04
N HIS C 1663 98.16 7.61 6.40
CA HIS C 1663 98.85 6.89 5.35
C HIS C 1663 98.04 5.71 4.85
N SER C 1664 97.16 5.15 5.68
CA SER C 1664 96.26 4.12 5.19
C SER C 1664 95.34 4.67 4.11
N HIS C 1665 94.92 5.92 4.26
CA HIS C 1665 94.22 6.59 3.18
C HIS C 1665 95.16 6.99 2.06
N THR C 1666 96.46 7.15 2.35
CA THR C 1666 97.41 7.33 1.26
C THR C 1666 97.68 5.99 0.57
N LEU C 1667 97.59 4.90 1.34
CA LEU C 1667 97.92 3.56 0.86
C LEU C 1667 96.92 3.09 -0.20
N ARG C 1668 95.64 3.27 0.06
CA ARG C 1668 94.63 2.96 -0.94
C ARG C 1668 94.57 3.99 -2.05
N LEU C 1669 95.03 5.21 -1.79
CA LEU C 1669 95.19 6.20 -2.83
C LEU C 1669 96.25 5.78 -3.83
N TYR C 1670 97.27 5.06 -3.36
CA TYR C 1670 98.32 4.55 -4.22
C TYR C 1670 97.79 3.53 -5.21
N ARG C 1671 96.75 2.81 -4.83
CA ARG C 1671 96.07 1.96 -5.80
C ARG C 1671 95.22 2.81 -6.74
N ALA C 1672 94.73 3.95 -6.26
CA ALA C 1672 93.85 4.77 -7.09
C ALA C 1672 94.65 5.55 -8.13
N VAL C 1673 95.79 6.11 -7.72
CA VAL C 1673 96.63 6.86 -8.65
C VAL C 1673 97.22 5.93 -9.70
N CYS C 1674 97.83 4.84 -9.26
CA CYS C 1674 98.24 3.78 -10.17
C CYS C 1674 97.04 2.87 -10.44
N ALA C 1675 96.13 3.39 -11.26
CA ALA C 1675 94.91 2.66 -11.52
C ALA C 1675 95.12 1.60 -12.58
N LEU C 1676 94.02 1.06 -13.09
CA LEU C 1676 94.09 -0.06 -14.01
C LEU C 1676 94.56 0.39 -15.38
N GLY C 1677 95.41 -0.43 -15.99
CA GLY C 1677 96.02 -0.16 -17.27
C GLY C 1677 96.94 1.04 -17.26
N ASN C 1678 97.47 1.42 -16.10
CA ASN C 1678 98.23 2.66 -16.01
C ASN C 1678 99.70 2.26 -15.89
N ASN C 1679 100.30 1.95 -17.03
CA ASN C 1679 101.70 1.55 -17.07
C ASN C 1679 102.62 2.72 -17.37
N ARG C 1680 102.08 3.76 -18.02
CA ARG C 1680 102.84 4.98 -18.25
C ARG C 1680 103.20 5.64 -16.93
N VAL C 1681 102.33 5.52 -15.93
CA VAL C 1681 102.65 5.97 -14.58
C VAL C 1681 103.38 4.88 -13.79
N ALA C 1682 103.17 3.59 -14.10
CA ALA C 1682 103.83 2.52 -13.37
C ALA C 1682 105.34 2.49 -13.63
N HIS C 1683 105.75 2.78 -14.87
CA HIS C 1683 107.17 2.92 -15.15
C HIS C 1683 107.74 4.20 -14.57
N ALA C 1684 106.89 5.16 -14.24
CA ALA C 1684 107.32 6.39 -13.58
C ALA C 1684 107.27 6.28 -12.06
N LEU C 1685 106.70 5.20 -11.53
CA LEU C 1685 106.43 5.05 -10.12
C LEU C 1685 107.55 4.36 -9.33
N CYS C 1686 108.50 3.72 -10.01
CA CYS C 1686 109.64 3.16 -9.31
C CYS C 1686 110.50 4.24 -8.67
N SER C 1687 110.49 5.45 -9.22
CA SER C 1687 111.16 6.56 -8.58
C SER C 1687 110.36 7.08 -7.39
N HIS C 1688 109.05 6.82 -7.37
CA HIS C 1688 108.20 7.40 -6.34
C HIS C 1688 108.44 6.75 -4.99
N VAL C 1689 108.39 5.41 -4.93
CA VAL C 1689 108.77 4.81 -3.66
C VAL C 1689 110.15 4.20 -3.79
N ASP C 1690 110.24 3.05 -4.45
CA ASP C 1690 111.45 2.25 -4.54
C ASP C 1690 111.26 1.04 -5.42
N GLN C 1691 112.25 0.15 -5.39
CA GLN C 1691 112.07 -1.25 -5.72
C GLN C 1691 112.36 -2.18 -4.56
N ALA C 1692 113.46 -1.96 -3.84
CA ALA C 1692 113.97 -2.96 -2.92
C ALA C 1692 113.22 -2.97 -1.60
N GLN C 1693 112.87 -1.79 -1.08
CA GLN C 1693 112.15 -1.76 0.17
C GLN C 1693 110.71 -2.21 0.03
N LEU C 1694 110.20 -2.25 -1.20
CA LEU C 1694 108.96 -2.95 -1.46
C LEU C 1694 109.07 -4.43 -1.14
N LEU C 1695 110.14 -5.06 -1.61
CA LEU C 1695 110.38 -6.47 -1.27
C LEU C 1695 110.79 -6.64 0.17
N HIS C 1696 111.37 -5.60 0.76
CA HIS C 1696 111.63 -5.63 2.19
C HIS C 1696 110.34 -5.51 2.99
N ALA C 1697 109.35 -4.81 2.44
CA ALA C 1697 108.03 -4.77 3.03
C ALA C 1697 107.33 -6.11 2.90
N LEU C 1698 107.70 -6.91 1.90
CA LEU C 1698 107.29 -8.29 1.88
C LEU C 1698 107.91 -9.05 3.03
N GLU C 1699 109.16 -8.73 3.35
CA GLU C 1699 110.00 -9.55 4.19
C GLU C 1699 109.58 -9.58 5.66
N ASP C 1700 109.01 -8.49 6.18
CA ASP C 1700 108.85 -8.34 7.62
C ASP C 1700 107.70 -9.20 8.14
N ALA C 1701 107.75 -9.54 9.42
CA ALA C 1701 106.73 -10.30 10.11
C ALA C 1701 106.05 -9.54 11.24
N HIS C 1702 106.59 -8.40 11.65
CA HIS C 1702 105.96 -7.51 12.63
C HIS C 1702 105.52 -6.25 11.91
N LEU C 1703 104.24 -6.17 11.62
CA LEU C 1703 103.64 -5.10 10.84
C LEU C 1703 102.18 -5.00 11.26
N PRO C 1704 101.60 -3.80 11.33
CA PRO C 1704 100.31 -3.67 12.01
C PRO C 1704 99.10 -4.10 11.19
N GLY C 1705 99.15 -4.02 9.86
CA GLY C 1705 98.11 -4.59 9.05
C GLY C 1705 97.29 -3.64 8.19
N PRO C 1706 96.84 -2.51 8.73
CA PRO C 1706 96.39 -1.42 7.85
C PRO C 1706 97.53 -0.79 7.10
N LEU C 1707 98.76 -1.00 7.57
CA LEU C 1707 100.01 -0.68 6.92
C LEU C 1707 100.35 -1.84 5.99
N ARG C 1708 101.65 -2.09 5.79
CA ARG C 1708 102.28 -2.94 4.79
C ARG C 1708 101.60 -4.25 4.40
N ALA C 1709 100.72 -4.79 5.26
CA ALA C 1709 99.81 -5.82 4.80
C ALA C 1709 98.92 -5.32 3.68
N GLY C 1710 98.57 -4.03 3.70
CA GLY C 1710 98.02 -3.41 2.52
C GLY C 1710 98.96 -3.28 1.35
N TYR C 1711 100.27 -3.27 1.59
CA TYR C 1711 101.21 -3.13 0.47
C TYR C 1711 101.29 -4.37 -0.39
N TYR C 1712 100.91 -5.53 0.13
CA TYR C 1712 100.81 -6.70 -0.71
C TYR C 1712 99.71 -6.51 -1.75
N ASP C 1713 98.60 -5.91 -1.32
CA ASP C 1713 97.54 -5.57 -2.26
C ASP C 1713 97.92 -4.39 -3.14
N LEU C 1714 98.85 -3.54 -2.69
CA LEU C 1714 99.31 -2.46 -3.55
C LEU C 1714 100.24 -3.00 -4.63
N LEU C 1715 101.05 -4.00 -4.30
CA LEU C 1715 101.83 -4.71 -5.30
C LEU C 1715 100.94 -5.47 -6.26
N ILE C 1716 99.83 -6.01 -5.75
CA ILE C 1716 98.78 -6.55 -6.59
C ILE C 1716 98.25 -5.49 -7.55
N SER C 1717 97.97 -4.29 -7.03
CA SER C 1717 97.48 -3.18 -7.83
C SER C 1717 98.46 -2.72 -8.89
N ILE C 1718 99.76 -2.89 -8.66
CA ILE C 1718 100.75 -2.42 -9.62
C ILE C 1718 101.39 -3.56 -10.40
N HIS C 1719 101.20 -4.80 -9.97
CA HIS C 1719 101.77 -5.94 -10.67
C HIS C 1719 100.80 -7.11 -10.70
N LEU C 1720 99.53 -6.83 -10.92
CA LEU C 1720 98.60 -7.89 -11.27
C LEU C 1720 97.85 -7.59 -12.56
N GLU C 1721 97.33 -6.37 -12.62
CA GLU C 1721 96.15 -6.00 -13.40
C GLU C 1721 96.32 -6.23 -14.90
N SER C 1722 97.36 -5.69 -15.46
CA SER C 1722 97.55 -5.67 -16.90
C SER C 1722 97.98 -7.00 -17.46
N ALA C 1723 98.28 -7.98 -16.60
CA ALA C 1723 98.74 -9.29 -17.04
C ALA C 1723 97.70 -10.32 -16.66
N CYS C 1724 96.97 -10.02 -15.59
CA CYS C 1724 96.03 -10.98 -15.04
C CYS C 1724 94.64 -10.79 -15.61
N ARG C 1725 94.23 -9.54 -15.84
CA ARG C 1725 93.05 -9.34 -16.64
C ARG C 1725 93.29 -9.78 -18.07
N SER C 1726 94.51 -9.57 -18.57
CA SER C 1726 94.96 -10.23 -19.78
C SER C 1726 94.87 -11.75 -19.66
N ARG C 1727 95.19 -12.29 -18.49
CA ARG C 1727 95.08 -13.72 -18.31
C ARG C 1727 93.63 -14.16 -18.15
N ARG C 1728 92.89 -13.54 -17.22
CA ARG C 1728 91.55 -14.01 -16.90
C ARG C 1728 90.54 -13.74 -18.00
N SER C 1729 90.83 -12.79 -18.88
CA SER C 1729 89.91 -12.48 -19.97
C SER C 1729 89.88 -13.62 -20.99
N MET C 1730 91.05 -13.99 -21.49
CA MET C 1730 91.18 -15.08 -22.44
C MET C 1730 91.31 -16.42 -21.74
N LEU C 1731 91.17 -16.45 -20.42
CA LEU C 1731 91.06 -17.70 -19.69
C LEU C 1731 89.88 -18.52 -20.17
N SER C 1732 88.75 -17.89 -20.44
CA SER C 1732 87.58 -18.61 -20.95
C SER C 1732 87.65 -18.81 -22.45
N GLU C 1733 88.81 -19.24 -22.94
CA GLU C 1733 89.06 -19.45 -24.36
C GLU C 1733 89.96 -20.68 -24.46
N TYR C 1734 89.40 -21.77 -25.00
CA TYR C 1734 90.12 -23.02 -25.16
C TYR C 1734 90.38 -23.26 -26.64
N ILE C 1735 91.65 -23.40 -27.00
CA ILE C 1735 92.05 -23.37 -28.40
C ILE C 1735 93.47 -23.92 -28.50
N VAL C 1736 93.75 -24.62 -29.60
CA VAL C 1736 94.93 -25.46 -29.66
C VAL C 1736 95.40 -25.72 -31.09
N PRO C 1737 96.72 -25.76 -31.35
CA PRO C 1737 97.23 -26.32 -32.61
C PRO C 1737 97.35 -27.83 -32.57
N LEU C 1738 98.05 -28.42 -33.53
CA LEU C 1738 98.53 -29.79 -33.42
C LEU C 1738 100.04 -29.76 -33.17
N THR C 1739 100.46 -30.25 -32.02
CA THR C 1739 101.82 -30.67 -31.73
C THR C 1739 101.74 -32.16 -31.41
N PRO C 1740 102.87 -32.87 -31.37
CA PRO C 1740 102.82 -34.21 -30.78
C PRO C 1740 102.49 -34.19 -29.29
N GLU C 1741 102.86 -33.12 -28.58
CA GLU C 1741 102.43 -32.97 -27.19
C GLU C 1741 100.93 -32.76 -27.11
N THR C 1742 100.36 -32.04 -28.08
CA THR C 1742 98.91 -31.96 -28.20
C THR C 1742 98.31 -33.32 -28.52
N ARG C 1743 98.91 -34.04 -29.45
CA ARG C 1743 98.33 -35.26 -29.98
C ARG C 1743 98.33 -36.37 -28.95
N ALA C 1744 99.41 -36.52 -28.20
CA ALA C 1744 99.54 -37.55 -27.19
C ALA C 1744 99.29 -36.89 -25.83
N ILE C 1745 98.02 -36.79 -25.46
CA ILE C 1745 97.64 -36.46 -24.08
C ILE C 1745 96.32 -37.16 -23.79
N THR C 1746 96.23 -37.76 -22.61
CA THR C 1746 95.09 -38.55 -22.19
C THR C 1746 95.00 -38.47 -20.67
N LEU C 1747 94.27 -39.41 -20.07
CA LEU C 1747 94.31 -39.61 -18.62
C LEU C 1747 95.72 -39.88 -18.16
N PHE C 1748 96.36 -40.87 -18.77
CA PHE C 1748 97.66 -41.46 -18.45
C PHE C 1748 97.89 -41.68 -16.97
N PRO C 1749 97.31 -42.70 -16.35
CA PRO C 1749 97.87 -43.20 -15.09
C PRO C 1749 98.89 -44.29 -15.34
N PRO C 1750 100.17 -44.05 -15.05
CA PRO C 1750 101.14 -45.14 -15.12
C PRO C 1750 101.24 -45.89 -13.81
N GLY C 1751 101.13 -47.21 -13.86
CA GLY C 1751 101.27 -48.00 -12.65
C GLY C 1751 100.84 -49.45 -12.81
N ARG C 1752 100.05 -49.93 -11.84
CA ARG C 1752 99.51 -51.28 -11.87
C ARG C 1752 98.14 -51.35 -12.55
N LYS C 1753 97.86 -50.43 -13.47
CA LYS C 1753 96.65 -50.31 -14.28
C LYS C 1753 95.39 -50.06 -13.46
N GLY C 1754 95.50 -49.73 -12.18
CA GLY C 1754 94.35 -49.37 -11.38
C GLY C 1754 94.09 -47.90 -11.28
N GLY C 1755 94.87 -47.07 -11.98
CA GLY C 1755 94.69 -45.63 -11.89
C GLY C 1755 93.58 -45.10 -12.76
N ASN C 1756 93.20 -45.85 -13.80
CA ASN C 1756 92.01 -45.51 -14.57
C ASN C 1756 90.75 -45.72 -13.73
N ALA C 1757 90.79 -46.70 -12.82
CA ALA C 1757 89.74 -46.80 -11.83
C ALA C 1757 89.95 -45.84 -10.67
N ARG C 1758 91.19 -45.44 -10.42
CA ARG C 1758 91.54 -44.52 -9.35
C ARG C 1758 91.57 -43.09 -9.90
N ARG C 1759 92.22 -42.18 -9.18
CA ARG C 1759 92.45 -40.83 -9.68
C ARG C 1759 93.29 -40.86 -10.93
N HIS C 1760 92.84 -40.09 -11.93
CA HIS C 1760 93.41 -40.13 -13.27
C HIS C 1760 94.69 -39.33 -13.38
N GLY C 1761 95.08 -38.62 -12.34
CA GLY C 1761 96.28 -37.81 -12.35
C GLY C 1761 96.22 -36.71 -11.32
N LEU C 1762 96.81 -35.56 -11.62
CA LEU C 1762 96.87 -34.43 -10.70
C LEU C 1762 96.64 -33.13 -11.47
N PRO C 1763 95.86 -32.20 -10.93
CA PRO C 1763 95.84 -30.84 -11.48
C PRO C 1763 97.19 -30.17 -11.26
N GLY C 1764 97.49 -29.19 -12.12
CA GLY C 1764 98.84 -28.68 -12.14
C GLY C 1764 99.74 -29.68 -12.81
N VAL C 1765 99.55 -29.83 -14.12
CA VAL C 1765 100.22 -30.85 -14.92
C VAL C 1765 101.04 -30.04 -15.94
N GLY C 1766 101.66 -30.71 -16.91
CA GLY C 1766 102.60 -30.05 -17.80
C GLY C 1766 101.97 -29.19 -18.88
N VAL C 1767 102.45 -29.35 -20.12
CA VAL C 1767 102.16 -28.39 -21.18
C VAL C 1767 100.69 -28.44 -21.56
N THR C 1768 100.03 -27.28 -21.49
CA THR C 1768 98.60 -27.18 -21.72
C THR C 1768 98.24 -26.92 -23.18
N THR C 1769 99.13 -26.31 -23.96
CA THR C 1769 98.97 -25.98 -25.38
C THR C 1769 97.74 -25.11 -25.67
N SER C 1770 97.24 -24.39 -24.67
CA SER C 1770 96.30 -23.33 -24.97
C SER C 1770 97.07 -22.13 -25.49
N LEU C 1771 96.39 -21.30 -26.28
CA LEU C 1771 97.05 -20.14 -26.88
C LEU C 1771 97.25 -19.10 -25.80
N ARG C 1772 98.37 -19.23 -25.08
CA ARG C 1772 98.65 -18.41 -23.91
C ARG C 1772 99.93 -17.62 -24.18
N PRO C 1773 99.87 -16.30 -24.20
CA PRO C 1773 101.06 -15.49 -24.53
C PRO C 1773 101.90 -15.22 -23.29
N PRO C 1774 103.12 -14.72 -23.46
CA PRO C 1774 103.76 -13.98 -22.36
C PRO C 1774 103.06 -12.64 -22.16
N HIS C 1775 103.29 -12.06 -20.99
CA HIS C 1775 102.54 -10.85 -20.66
C HIS C 1775 103.25 -9.58 -21.09
N HIS C 1776 104.48 -9.72 -21.62
CA HIS C 1776 105.23 -8.66 -22.30
C HIS C 1776 105.49 -7.47 -21.38
N PHE C 1777 106.35 -7.71 -20.40
CA PHE C 1777 106.77 -6.67 -19.46
C PHE C 1777 107.79 -5.74 -20.11
N SER C 1778 108.10 -4.65 -19.44
CA SER C 1778 109.09 -3.69 -19.92
C SER C 1778 109.96 -3.30 -18.74
N PRO C 1779 111.22 -2.98 -18.98
CA PRO C 1779 112.04 -2.43 -17.90
C PRO C 1779 111.62 -1.02 -17.56
N PRO C 1780 111.25 -0.75 -16.31
CA PRO C 1780 111.00 0.64 -15.90
C PRO C 1780 112.29 1.42 -15.81
N CYS C 1781 112.31 2.57 -16.48
CA CYS C 1781 113.50 3.38 -16.59
C CYS C 1781 113.10 4.83 -16.82
N PHE C 1782 114.09 5.72 -16.75
CA PHE C 1782 113.85 7.16 -16.89
C PHE C 1782 114.81 7.86 -17.83
N VAL C 1783 116.04 7.36 -18.03
CA VAL C 1783 117.02 8.06 -18.86
C VAL C 1783 116.77 7.86 -20.35
N ALA C 1784 115.78 7.05 -20.72
CA ALA C 1784 115.46 6.85 -22.13
C ALA C 1784 114.77 8.08 -22.70
N ALA C 1785 114.86 8.22 -24.01
CA ALA C 1785 114.21 9.32 -24.70
C ALA C 1785 112.71 9.05 -24.85
N LEU C 1786 112.02 10.04 -25.40
CA LEU C 1786 110.56 10.01 -25.55
C LEU C 1786 110.17 9.61 -26.97
N PRO C 1787 109.07 8.89 -27.15
CA PRO C 1787 108.59 8.59 -28.51
C PRO C 1787 108.01 9.83 -29.16
N ALA C 1788 108.33 10.01 -30.46
CA ALA C 1788 107.98 11.16 -31.28
C ALA C 1788 108.39 12.50 -30.65
N GLU C 1793 104.39 8.62 -29.16
CA GLU C 1793 103.91 7.70 -30.18
C GLU C 1793 104.57 6.33 -30.01
N ALA C 1794 103.97 5.50 -29.17
CA ALA C 1794 104.46 4.18 -28.84
C ALA C 1794 103.32 3.35 -28.27
N PRO C 1795 103.42 2.01 -28.24
CA PRO C 1795 102.52 1.23 -27.39
C PRO C 1795 102.88 1.49 -25.94
N ALA C 1796 102.36 2.59 -25.40
CA ALA C 1796 103.08 3.61 -24.59
C ALA C 1796 104.02 2.94 -23.59
N ARG C 1797 103.51 2.21 -22.60
CA ARG C 1797 104.34 1.51 -21.63
C ARG C 1797 103.75 0.13 -21.42
N LEU C 1798 104.60 -0.90 -21.42
CA LEU C 1798 104.07 -2.26 -21.41
C LEU C 1798 103.62 -2.71 -20.03
N SER C 1799 104.58 -2.95 -19.13
CA SER C 1799 104.42 -3.20 -17.70
C SER C 1799 105.81 -3.27 -17.08
N PRO C 1800 106.02 -2.74 -15.88
CA PRO C 1800 107.31 -2.95 -15.20
C PRO C 1800 107.45 -4.39 -14.73
N ALA C 1801 108.70 -4.82 -14.52
CA ALA C 1801 109.00 -6.23 -14.32
C ALA C 1801 109.66 -6.48 -12.97
N ILE C 1802 109.59 -7.74 -12.53
CA ILE C 1802 110.09 -8.21 -11.24
C ILE C 1802 110.84 -9.52 -11.51
N PRO C 1803 111.92 -9.86 -10.77
CA PRO C 1803 112.44 -11.22 -10.86
C PRO C 1803 111.51 -12.24 -10.24
N LEU C 1804 110.86 -12.99 -11.12
CA LEU C 1804 109.67 -13.74 -10.75
C LEU C 1804 109.97 -15.04 -10.05
N GLU C 1805 111.04 -15.73 -10.45
CA GLU C 1805 111.35 -17.01 -9.81
C GLU C 1805 111.84 -16.81 -8.38
N ALA C 1806 112.74 -15.84 -8.17
CA ALA C 1806 113.18 -15.53 -6.81
C ALA C 1806 112.03 -14.95 -6.00
N LEU C 1807 111.17 -14.16 -6.63
CA LEU C 1807 109.97 -13.67 -5.99
C LEU C 1807 109.05 -14.82 -5.55
N ARG C 1808 108.88 -15.80 -6.43
CA ARG C 1808 108.04 -16.96 -6.17
C ARG C 1808 108.60 -17.80 -5.03
N ASP C 1809 109.92 -17.98 -5.02
CA ASP C 1809 110.55 -18.76 -3.95
C ASP C 1809 110.45 -18.05 -2.61
N LYS C 1810 110.67 -16.74 -2.60
CA LYS C 1810 110.51 -15.92 -1.41
C LYS C 1810 109.08 -15.96 -0.89
N ALA C 1811 108.10 -15.93 -1.78
CA ALA C 1811 106.71 -16.01 -1.36
C ALA C 1811 106.38 -17.39 -0.84
N LEU C 1812 106.94 -18.44 -1.46
CA LEU C 1812 106.58 -19.80 -1.09
C LEU C 1812 107.16 -20.16 0.27
N ARG C 1813 108.41 -19.76 0.53
CA ARG C 1813 108.99 -20.02 1.83
C ARG C 1813 108.30 -19.22 2.94
N MET C 1814 107.87 -17.99 2.64
CA MET C 1814 107.18 -17.21 3.66
C MET C 1814 105.77 -17.73 3.90
N LEU C 1815 105.14 -18.27 2.84
CA LEU C 1815 103.83 -18.88 3.01
C LEU C 1815 103.91 -20.17 3.81
N GLY C 1816 104.91 -21.02 3.52
CA GLY C 1816 105.11 -22.21 4.32
C GLY C 1816 105.47 -21.90 5.76
N GLU C 1817 106.21 -20.82 5.97
CA GLU C 1817 106.47 -20.33 7.32
C GLU C 1817 105.18 -19.90 8.01
N ALA C 1818 104.28 -19.23 7.27
CA ALA C 1818 103.00 -18.81 7.82
C ALA C 1818 102.13 -20.00 8.20
N VAL C 1819 102.15 -21.04 7.38
CA VAL C 1819 101.36 -22.24 7.67
C VAL C 1819 101.93 -22.97 8.89
N ARG C 1820 103.27 -23.09 8.95
CA ARG C 1820 103.90 -23.75 10.09
C ARG C 1820 103.71 -22.96 11.37
N ASP C 1821 103.64 -21.64 11.29
CA ASP C 1821 103.37 -20.81 12.45
C ASP C 1821 101.91 -20.87 12.88
N GLY C 1822 100.98 -20.93 11.92
CA GLY C 1822 99.58 -21.13 12.25
C GLY C 1822 99.29 -22.49 12.83
N GLY C 1823 100.11 -23.49 12.50
CA GLY C 1823 100.03 -24.76 13.19
C GLY C 1823 100.41 -24.72 14.65
N GLN C 1824 101.18 -23.71 15.05
CA GLN C 1824 101.61 -23.59 16.44
C GLN C 1824 100.56 -22.95 17.33
N HIS C 1825 99.65 -22.15 16.75
CA HIS C 1825 98.56 -21.47 17.44
C HIS C 1825 99.07 -20.55 18.55
N ALA C 1826 100.09 -19.77 18.21
CA ALA C 1826 100.59 -18.77 19.14
C ALA C 1826 99.61 -17.60 19.22
N ARG C 1827 99.83 -16.73 20.19
CA ARG C 1827 99.00 -15.55 20.38
C ARG C 1827 99.65 -14.32 19.75
N ASP C 1828 100.42 -14.53 18.69
CA ASP C 1828 100.98 -13.42 17.94
C ASP C 1828 100.53 -13.49 16.48
N PRO C 1829 99.29 -13.12 16.15
CA PRO C 1829 98.89 -13.09 14.75
C PRO C 1829 99.48 -11.86 14.07
N VAL C 1830 99.88 -12.04 12.81
CA VAL C 1830 100.52 -10.96 12.08
C VAL C 1830 99.47 -9.92 11.76
N GLY C 1831 99.81 -8.66 12.00
CA GLY C 1831 98.83 -7.62 11.83
C GLY C 1831 97.73 -7.59 12.86
N GLY C 1832 97.92 -8.26 13.99
CA GLY C 1832 96.93 -8.26 15.05
C GLY C 1832 95.83 -9.27 14.86
N SER C 1833 95.68 -9.78 13.63
CA SER C 1833 94.55 -10.62 13.30
C SER C 1833 95.04 -11.84 12.54
N VAL C 1834 94.18 -12.86 12.52
CA VAL C 1834 94.34 -13.93 11.54
C VAL C 1834 94.09 -13.37 10.15
N GLU C 1835 93.24 -12.35 10.03
CA GLU C 1835 92.96 -11.73 8.75
C GLU C 1835 94.19 -11.03 8.19
N PHE C 1836 94.81 -10.15 8.97
CA PHE C 1836 96.05 -9.54 8.51
C PHE C 1836 97.22 -10.49 8.57
N GLN C 1837 97.05 -11.63 9.24
CA GLN C 1837 98.05 -12.68 9.18
C GLN C 1837 97.98 -13.42 7.86
N PHE C 1838 96.79 -13.55 7.32
CA PHE C 1838 96.54 -14.22 6.05
C PHE C 1838 95.94 -13.25 5.05
N VAL C 1839 96.58 -12.10 5.17
CA VAL C 1839 96.77 -10.97 4.27
C VAL C 1839 96.87 -11.38 2.80
N PRO C 1840 96.45 -10.49 1.84
CA PRO C 1840 96.62 -10.74 0.39
C PRO C 1840 98.01 -11.05 -0.17
N VAL C 1841 98.99 -11.32 0.70
CA VAL C 1841 99.97 -12.36 0.42
C VAL C 1841 99.33 -13.55 -0.29
N LEU C 1842 98.21 -14.04 0.25
CA LEU C 1842 97.46 -15.12 -0.36
C LEU C 1842 96.91 -14.74 -1.73
N LYS C 1843 96.50 -13.48 -1.88
CA LYS C 1843 96.02 -13.02 -3.17
C LYS C 1843 97.14 -12.97 -4.19
N LEU C 1844 98.34 -12.63 -3.74
CA LEU C 1844 99.50 -12.69 -4.60
C LEU C 1844 99.89 -14.13 -4.92
N VAL C 1845 99.66 -15.05 -3.97
CA VAL C 1845 99.84 -16.47 -4.24
C VAL C 1845 98.92 -16.92 -5.35
N SER C 1846 97.64 -16.55 -5.25
CA SER C 1846 96.67 -16.85 -6.29
C SER C 1846 96.98 -16.12 -7.58
N THR C 1847 97.65 -14.99 -7.50
CA THR C 1847 98.06 -14.25 -8.68
C THR C 1847 99.14 -14.99 -9.44
N LEU C 1848 100.18 -15.42 -8.73
CA LEU C 1848 101.20 -16.25 -9.36
C LEU C 1848 100.65 -17.59 -9.81
N LEU C 1849 99.63 -18.08 -9.12
CA LEU C 1849 98.90 -19.25 -9.56
C LEU C 1849 98.25 -19.02 -10.92
N VAL C 1850 97.42 -17.99 -11.00
CA VAL C 1850 96.62 -17.75 -12.20
C VAL C 1850 97.49 -17.25 -13.34
N MET C 1851 98.66 -16.69 -13.04
CA MET C 1851 99.62 -16.35 -14.08
C MET C 1851 100.56 -17.49 -14.38
N GLY C 1852 100.32 -18.66 -13.80
CA GLY C 1852 101.07 -19.86 -14.13
C GLY C 1852 102.52 -19.82 -13.74
N ILE C 1853 102.86 -19.06 -12.70
CA ILE C 1853 104.26 -18.82 -12.39
C ILE C 1853 104.89 -20.04 -11.74
N PHE C 1854 104.07 -20.84 -11.07
CA PHE C 1854 104.58 -21.97 -10.31
C PHE C 1854 105.01 -23.12 -11.21
N GLY C 1855 106.09 -23.76 -10.82
CA GLY C 1855 106.51 -24.98 -11.47
C GLY C 1855 105.71 -26.15 -10.95
N ASP C 1856 105.96 -27.34 -11.49
CA ASP C 1856 105.14 -28.49 -11.12
C ASP C 1856 105.45 -28.94 -9.69
N GLU C 1857 106.69 -28.79 -9.25
CA GLU C 1857 107.01 -29.12 -7.86
C GLU C 1857 106.46 -28.07 -6.91
N ASP C 1858 106.27 -26.84 -7.38
CA ASP C 1858 105.58 -25.84 -6.59
C ASP C 1858 104.10 -26.17 -6.47
N VAL C 1859 103.53 -26.70 -7.54
CA VAL C 1859 102.17 -27.22 -7.50
C VAL C 1859 102.07 -28.36 -6.50
N LYS C 1860 103.03 -29.27 -6.52
CA LYS C 1860 103.07 -30.36 -5.55
C LYS C 1860 103.26 -29.83 -4.14
N GLN C 1861 103.96 -28.71 -4.01
CA GLN C 1861 104.20 -28.10 -2.72
C GLN C 1861 102.94 -27.48 -2.15
N ILE C 1862 102.18 -26.78 -2.98
CA ILE C 1862 100.96 -26.16 -2.47
C ILE C 1862 99.83 -27.18 -2.36
N LEU C 1863 99.91 -28.29 -3.08
CA LEU C 1863 99.07 -29.40 -2.74
C LEU C 1863 99.53 -30.09 -1.46
N LYS C 1864 100.81 -29.97 -1.11
CA LYS C 1864 101.28 -30.51 0.15
C LYS C 1864 100.83 -29.68 1.35
N MET C 1865 100.25 -28.50 1.13
CA MET C 1865 99.48 -27.86 2.19
C MET C 1865 98.31 -28.70 2.65
N ILE C 1866 97.69 -29.47 1.76
CA ILE C 1866 96.58 -30.31 2.15
C ILE C 1866 96.98 -31.73 1.76
N GLU C 1867 98.28 -32.02 1.91
CA GLU C 1867 98.88 -33.34 1.67
C GLU C 1867 98.14 -34.54 2.24
N PRO C 1868 97.44 -34.47 3.39
CA PRO C 1868 96.54 -35.58 3.71
C PRO C 1868 95.38 -35.75 2.74
N GLU C 1869 94.63 -34.68 2.47
CA GLU C 1869 93.49 -34.80 1.58
C GLU C 1869 93.93 -34.93 0.12
N VAL C 1870 95.03 -34.29 -0.25
CA VAL C 1870 95.58 -34.45 -1.58
C VAL C 1870 96.08 -35.88 -1.77
N PHE C 1871 96.84 -36.38 -0.79
CA PHE C 1871 97.30 -37.77 -0.71
C PHE C 1871 98.12 -38.16 -1.95
N THR C 1872 99.26 -37.47 -2.07
CA THR C 1872 100.14 -37.62 -3.23
C THR C 1872 100.65 -39.04 -3.37
N GLU C 1873 100.84 -39.47 -4.61
CA GLU C 1873 101.14 -40.87 -4.93
C GLU C 1873 102.52 -41.30 -4.47
N GLU C 1874 103.41 -40.35 -4.21
CA GLU C 1874 104.74 -40.68 -3.70
C GLU C 1874 104.71 -40.90 -2.19
N LEU C 1922 101.92 -33.92 14.42
CA LEU C 1922 101.31 -34.46 13.22
C LEU C 1922 101.20 -33.39 12.13
N GLU C 1923 101.27 -33.82 10.88
CA GLU C 1923 101.18 -32.91 9.75
C GLU C 1923 99.72 -32.69 9.33
N GLU C 1924 99.10 -31.65 9.86
CA GLU C 1924 97.71 -31.36 9.53
C GLU C 1924 97.62 -30.65 8.19
N GLY C 1925 96.52 -30.87 7.48
CA GLY C 1925 96.27 -30.16 6.23
C GLY C 1925 95.98 -28.70 6.47
N LEU C 1926 95.99 -27.95 5.36
CA LEU C 1926 95.85 -26.50 5.42
C LEU C 1926 94.46 -26.07 5.90
N LEU C 1927 93.46 -26.91 5.68
CA LEU C 1927 92.11 -26.40 5.68
C LEU C 1927 91.44 -26.47 7.04
N GLN C 1928 92.01 -27.25 7.97
CA GLN C 1928 91.32 -27.53 9.23
C GLN C 1928 91.37 -26.38 10.22
N MET C 1929 92.14 -25.33 9.93
CA MET C 1929 92.23 -24.19 10.82
C MET C 1929 90.96 -23.36 10.74
N LYS C 1930 90.67 -22.64 11.82
CA LYS C 1930 89.45 -21.83 11.92
C LYS C 1930 89.66 -20.53 11.16
N LEU C 1931 89.12 -20.46 9.95
CA LEU C 1931 89.36 -19.33 9.07
C LEU C 1931 88.16 -18.41 9.11
N PRO C 1932 88.29 -17.16 9.58
CA PRO C 1932 87.10 -16.36 9.93
C PRO C 1932 86.17 -15.99 8.78
N GLU C 1933 86.56 -15.11 7.86
CA GLU C 1933 85.74 -14.91 6.68
C GLU C 1933 86.55 -14.73 5.41
N SER C 1934 87.61 -13.93 5.49
CA SER C 1934 88.27 -13.41 4.31
C SER C 1934 89.24 -14.39 3.71
N VAL C 1935 89.51 -15.48 4.42
CA VAL C 1935 90.40 -16.50 3.89
C VAL C 1935 89.66 -17.31 2.84
N LYS C 1936 88.37 -17.52 3.05
CA LYS C 1936 87.63 -18.50 2.28
C LYS C 1936 87.35 -17.98 0.87
N LEU C 1937 87.24 -16.67 0.70
CA LEU C 1937 87.03 -16.12 -0.62
C LEU C 1937 88.27 -16.24 -1.50
N GLN C 1938 89.45 -16.03 -0.92
CA GLN C 1938 90.68 -16.32 -1.63
C GLN C 1938 90.84 -17.81 -1.89
N MET C 1939 90.34 -18.64 -0.97
CA MET C 1939 90.39 -20.08 -1.18
C MET C 1939 89.48 -20.50 -2.33
N CYS C 1940 88.32 -19.84 -2.47
CA CYS C 1940 87.47 -20.07 -3.62
C CYS C 1940 88.13 -19.63 -4.92
N ASN C 1941 88.75 -18.45 -4.91
CA ASN C 1941 89.56 -17.97 -6.03
C ASN C 1941 90.67 -18.95 -6.40
N LEU C 1942 91.24 -19.60 -5.38
CA LEU C 1942 92.28 -20.59 -5.58
C LEU C 1942 91.76 -21.83 -6.28
N LEU C 1943 90.74 -22.45 -5.71
CA LEU C 1943 90.26 -23.74 -6.18
C LEU C 1943 89.49 -23.63 -7.48
N GLU C 1944 88.95 -22.44 -7.76
CA GLU C 1944 88.32 -22.14 -9.03
C GLU C 1944 89.28 -22.35 -10.18
N TYR C 1945 90.54 -21.97 -9.99
CA TYR C 1945 91.59 -22.23 -10.96
C TYR C 1945 91.76 -23.72 -11.21
N PHE C 1946 91.73 -24.52 -10.15
CA PHE C 1946 92.04 -25.94 -10.26
C PHE C 1946 90.95 -26.71 -10.96
N CYS C 1947 89.70 -26.31 -10.72
CA CYS C 1947 88.61 -26.91 -11.46
C CYS C 1947 88.72 -26.60 -12.95
N ASP C 1948 89.18 -25.39 -13.29
CA ASP C 1948 89.44 -25.04 -14.67
C ASP C 1948 90.58 -25.85 -15.24
N GLN C 1949 91.59 -26.14 -14.41
CA GLN C 1949 92.70 -26.99 -14.83
C GLN C 1949 92.23 -28.38 -15.20
N GLU C 1950 91.41 -28.98 -14.34
CA GLU C 1950 90.88 -30.31 -14.59
C GLU C 1950 89.98 -30.33 -15.83
N LEU C 1951 89.15 -29.29 -15.99
CA LEU C 1951 88.27 -29.23 -17.14
C LEU C 1951 89.05 -29.05 -18.43
N GLN C 1952 90.10 -28.23 -18.40
CA GLN C 1952 90.93 -28.02 -19.58
C GLN C 1952 91.70 -29.29 -19.94
N HIS C 1953 92.17 -30.03 -18.93
CA HIS C 1953 92.82 -31.30 -19.19
C HIS C 1953 91.87 -32.32 -19.77
N ARG C 1954 90.62 -32.33 -19.28
CA ARG C 1954 89.61 -33.26 -19.78
C ARG C 1954 89.29 -32.97 -21.24
N VAL C 1955 89.05 -31.70 -21.57
CA VAL C 1955 88.72 -31.35 -22.95
C VAL C 1955 89.94 -31.50 -23.85
N GLU C 1956 91.14 -31.38 -23.30
CA GLU C 1956 92.36 -31.57 -24.08
C GLU C 1956 92.56 -33.04 -24.43
N SER C 1957 92.31 -33.93 -23.46
CA SER C 1957 92.35 -35.37 -23.72
C SER C 1957 91.29 -35.79 -24.73
N LEU C 1958 90.09 -35.20 -24.61
CA LEU C 1958 89.04 -35.44 -25.59
C LEU C 1958 89.44 -35.03 -27.00
N ALA C 1959 90.02 -33.84 -27.14
CA ALA C 1959 90.42 -33.36 -28.46
C ALA C 1959 91.58 -34.18 -29.02
N ALA C 1960 92.45 -34.70 -28.14
CA ALA C 1960 93.51 -35.57 -28.61
C ALA C 1960 92.96 -36.91 -29.08
N PHE C 1961 91.88 -37.39 -28.43
CA PHE C 1961 91.27 -38.64 -28.86
C PHE C 1961 90.55 -38.50 -30.20
N ALA C 1962 89.81 -37.41 -30.38
CA ALA C 1962 89.01 -37.21 -31.58
C ALA C 1962 89.85 -37.10 -32.83
N GLU C 1963 91.12 -36.72 -32.70
CA GLU C 1963 92.03 -36.60 -33.83
C GLU C 1963 92.46 -37.94 -34.40
N ARG C 1964 93.03 -38.82 -33.58
CA ARG C 1964 93.43 -40.11 -34.11
C ARG C 1964 92.24 -41.03 -34.32
N TYR C 1965 91.07 -40.69 -33.77
CA TYR C 1965 89.90 -41.42 -34.21
C TYR C 1965 89.49 -41.02 -35.63
N VAL C 1966 89.45 -39.71 -35.91
CA VAL C 1966 89.00 -39.28 -37.23
C VAL C 1966 90.05 -39.54 -38.30
N ASP C 1967 91.32 -39.71 -37.90
CA ASP C 1967 92.37 -40.05 -38.86
C ASP C 1967 92.15 -41.42 -39.47
N LYS C 1968 91.90 -42.43 -38.64
CA LYS C 1968 91.56 -43.74 -39.17
C LYS C 1968 90.15 -43.78 -39.72
N LEU C 1969 89.28 -42.84 -39.34
CA LEU C 1969 87.92 -42.85 -39.86
C LEU C 1969 87.84 -42.35 -41.30
N GLN C 1970 88.58 -41.29 -41.64
CA GLN C 1970 88.63 -40.86 -43.04
C GLN C 1970 89.34 -41.88 -43.90
N ALA C 1971 90.30 -42.62 -43.33
CA ALA C 1971 90.86 -43.77 -44.01
C ALA C 1971 89.84 -44.89 -44.18
N ASN C 1972 88.93 -45.04 -43.23
CA ASN C 1972 87.89 -46.05 -43.39
C ASN C 1972 86.95 -45.70 -44.53
N GLN C 1973 86.56 -44.43 -44.62
CA GLN C 1973 85.78 -44.02 -45.78
C GLN C 1973 86.58 -44.09 -47.07
N ARG C 1974 87.89 -43.83 -46.99
CA ARG C 1974 88.75 -43.87 -48.16
C ARG C 1974 88.89 -45.28 -48.72
N SER C 1975 88.99 -46.27 -47.85
CA SER C 1975 89.02 -47.66 -48.30
C SER C 1975 87.63 -48.16 -48.67
N ARG C 1976 86.60 -47.66 -47.99
CA ARG C 1976 85.24 -48.10 -48.25
C ARG C 1976 84.72 -47.60 -49.58
N TYR C 1977 85.21 -46.43 -50.03
CA TYR C 1977 84.84 -45.95 -51.36
C TYR C 1977 85.56 -46.75 -52.44
N ALA C 1978 86.79 -47.19 -52.18
CA ALA C 1978 87.45 -48.11 -53.09
C ALA C 1978 86.75 -49.46 -53.12
N LEU C 1979 86.10 -49.84 -52.02
CA LEU C 1979 85.33 -51.06 -51.95
C LEU C 1979 84.03 -50.99 -52.76
N LEU C 1980 83.69 -49.84 -53.34
CA LEU C 1980 82.58 -49.74 -54.28
C LEU C 1980 83.02 -49.15 -55.60
N MET C 1981 84.25 -48.65 -55.69
CA MET C 1981 84.83 -48.22 -56.95
C MET C 1981 85.43 -49.39 -57.69
N ARG C 1982 86.19 -50.24 -57.00
CA ARG C 1982 86.79 -51.41 -57.63
C ARG C 1982 86.13 -52.71 -57.20
N ALA C 1983 85.52 -52.75 -56.03
CA ALA C 1983 84.91 -53.97 -55.48
C ALA C 1983 83.41 -53.82 -55.43
N PHE C 1984 82.85 -53.24 -56.51
CA PHE C 1984 81.47 -52.74 -56.49
C PHE C 1984 80.45 -53.87 -56.36
N THR C 1985 80.38 -54.75 -57.36
CA THR C 1985 79.29 -55.72 -57.56
C THR C 1985 77.93 -55.03 -57.42
N MET C 1986 77.67 -54.13 -58.36
CA MET C 1986 76.69 -53.06 -58.17
C MET C 1986 75.26 -53.59 -58.09
N SER C 1987 74.65 -53.39 -56.93
CA SER C 1987 73.25 -53.73 -56.70
C SER C 1987 72.56 -52.47 -56.20
N ALA C 1988 71.23 -52.52 -56.13
CA ALA C 1988 70.46 -51.33 -55.76
C ALA C 1988 70.57 -51.02 -54.28
N ALA C 1989 70.64 -52.04 -53.43
CA ALA C 1989 70.81 -51.83 -51.99
C ALA C 1989 72.17 -51.25 -51.66
N GLU C 1990 73.24 -51.75 -52.28
CA GLU C 1990 74.55 -51.13 -52.16
C GLU C 1990 74.54 -49.72 -52.74
N THR C 1991 73.81 -49.52 -53.84
CA THR C 1991 73.65 -48.21 -54.43
C THR C 1991 72.84 -47.26 -53.57
N ALA C 1992 71.78 -47.75 -52.92
CA ALA C 1992 71.03 -46.93 -51.97
C ALA C 1992 71.82 -46.59 -50.73
N ARG C 1993 72.70 -47.48 -50.29
CA ARG C 1993 73.57 -47.18 -49.17
C ARG C 1993 74.64 -46.16 -49.54
N ARG C 1994 75.28 -46.33 -50.69
CA ARG C 1994 76.35 -45.45 -51.12
C ARG C 1994 75.84 -44.17 -51.78
N THR C 1995 74.53 -43.99 -51.83
CA THR C 1995 73.95 -42.72 -52.28
C THR C 1995 74.36 -41.60 -51.35
N ARG C 1996 74.43 -41.87 -50.06
CA ARG C 1996 74.78 -40.86 -49.07
C ARG C 1996 76.26 -40.53 -49.05
N GLU C 1997 77.09 -41.22 -49.83
CA GLU C 1997 78.45 -40.75 -50.02
C GLU C 1997 78.47 -39.51 -50.90
N PHE C 1998 77.75 -39.57 -52.03
CA PHE C 1998 77.70 -38.42 -52.93
C PHE C 1998 76.70 -37.39 -52.44
N ARG C 1999 75.72 -37.82 -51.67
CA ARG C 1999 74.89 -36.93 -50.87
C ARG C 1999 75.62 -36.68 -49.55
N SER C 2000 74.88 -36.12 -48.58
CA SER C 2000 75.33 -35.89 -47.19
C SER C 2000 76.55 -35.00 -47.11
N PRO C 2001 76.37 -33.67 -47.19
CA PRO C 2001 77.45 -32.77 -46.83
C PRO C 2001 77.93 -33.04 -45.41
N PRO C 2002 79.21 -32.80 -45.11
CA PRO C 2002 79.83 -33.38 -43.91
C PRO C 2002 79.27 -32.87 -42.58
N GLN C 2003 78.35 -31.92 -42.57
CA GLN C 2003 77.49 -31.77 -41.41
C GLN C 2003 76.64 -33.02 -41.21
N GLU C 2004 75.74 -33.32 -42.13
CA GLU C 2004 74.84 -34.45 -42.02
C GLU C 2004 75.53 -35.79 -42.23
N GLN C 2005 76.68 -35.80 -42.90
CA GLN C 2005 77.37 -37.04 -43.22
C GLN C 2005 77.96 -37.68 -41.97
N ILE C 2006 78.57 -36.88 -41.11
CA ILE C 2006 79.10 -37.41 -39.86
C ILE C 2006 77.96 -37.71 -38.91
N ASN C 2007 76.87 -36.95 -39.03
CA ASN C 2007 75.68 -37.20 -38.24
C ASN C 2007 75.08 -38.56 -38.54
N MET C 2008 75.04 -38.93 -39.82
CA MET C 2008 74.54 -40.24 -40.21
C MET C 2008 75.39 -41.35 -39.63
N LEU C 2009 76.72 -41.20 -39.71
CA LEU C 2009 77.62 -42.24 -39.24
C LEU C 2009 77.59 -42.36 -37.72
N LEU C 2010 77.43 -41.25 -37.03
CA LEU C 2010 77.44 -41.27 -35.58
C LEU C 2010 76.13 -41.80 -35.02
N HIS C 2011 75.07 -41.82 -35.84
CA HIS C 2011 73.84 -42.49 -35.46
C HIS C 2011 74.04 -43.99 -35.27
N PHE C 2012 74.93 -44.57 -36.07
CA PHE C 2012 75.19 -46.00 -35.96
C PHE C 2012 75.99 -46.30 -34.70
N LYS C 2013 76.94 -45.43 -34.38
CA LYS C 2013 77.79 -45.67 -33.22
C LYS C 2013 77.09 -45.32 -31.92
N ASP C 2014 76.56 -44.11 -31.81
CA ASP C 2014 75.99 -43.62 -30.56
C ASP C 2014 74.50 -43.94 -30.58
N GLU C 2015 74.17 -45.14 -30.15
CA GLU C 2015 72.79 -45.59 -30.03
C GLU C 2015 72.76 -46.76 -29.06
N ALA C 2016 71.59 -47.38 -28.94
CA ALA C 2016 71.51 -48.70 -28.32
C ALA C 2016 71.59 -49.78 -29.39
N ASP C 2017 72.59 -49.64 -30.27
CA ASP C 2017 72.77 -50.44 -31.49
C ASP C 2017 71.49 -50.51 -32.33
N GLU C 2018 70.77 -49.40 -32.40
CA GLU C 2018 69.43 -49.37 -32.96
C GLU C 2018 69.43 -48.75 -34.36
N GLU C 2019 70.52 -48.95 -35.12
CA GLU C 2019 70.63 -48.31 -36.42
C GLU C 2019 71.26 -49.15 -37.51
N ASP C 2020 71.57 -50.44 -37.25
CA ASP C 2020 72.15 -51.39 -38.21
C ASP C 2020 73.49 -50.86 -38.76
N CYS C 2021 74.44 -50.77 -37.83
CA CYS C 2021 75.71 -50.10 -38.04
C CYS C 2021 76.52 -50.73 -39.18
N PRO C 2022 77.38 -49.95 -39.84
CA PRO C 2022 78.22 -50.50 -40.92
C PRO C 2022 79.36 -51.37 -40.43
N LEU C 2023 80.27 -51.67 -41.36
CA LEU C 2023 81.45 -52.51 -41.15
C LEU C 2023 82.29 -52.26 -39.90
N PRO C 2024 82.67 -51.00 -39.49
CA PRO C 2024 83.66 -50.89 -38.39
C PRO C 2024 83.15 -51.29 -37.01
N GLU C 2025 83.61 -52.45 -36.56
CA GLU C 2025 83.20 -53.02 -35.27
C GLU C 2025 84.24 -52.83 -34.17
N ASP C 2026 85.49 -52.58 -34.53
CA ASP C 2026 86.50 -52.35 -33.51
C ASP C 2026 86.57 -50.89 -33.10
N ILE C 2027 86.24 -49.98 -34.01
CA ILE C 2027 86.35 -48.57 -33.70
C ILE C 2027 84.96 -47.99 -33.46
N ARG C 2028 83.97 -48.86 -33.33
CA ARG C 2028 82.79 -48.47 -32.58
C ARG C 2028 82.97 -48.78 -31.11
N GLN C 2029 84.00 -49.57 -30.77
CA GLN C 2029 84.27 -50.03 -29.43
C GLN C 2029 85.19 -49.11 -28.66
N ASP C 2030 86.19 -48.54 -29.33
CA ASP C 2030 87.08 -47.58 -28.69
C ASP C 2030 86.34 -46.33 -28.27
N LEU C 2031 85.39 -45.89 -29.09
CA LEU C 2031 84.56 -44.74 -28.76
C LEU C 2031 83.67 -45.03 -27.57
N GLN C 2032 83.15 -46.26 -27.46
CA GLN C 2032 82.33 -46.62 -26.31
C GLN C 2032 83.15 -46.69 -25.04
N ASP C 2033 84.33 -47.31 -25.10
CA ASP C 2033 85.20 -47.39 -23.93
C ASP C 2033 85.71 -46.01 -23.54
N PHE C 2034 85.97 -45.15 -24.52
CA PHE C 2034 86.40 -43.79 -24.23
C PHE C 2034 85.26 -42.97 -23.66
N HIS C 2035 84.04 -43.19 -24.15
CA HIS C 2035 82.89 -42.50 -23.62
C HIS C 2035 82.60 -42.94 -22.20
N GLN C 2036 82.88 -44.20 -21.89
CA GLN C 2036 82.77 -44.68 -20.52
C GLN C 2036 83.85 -44.07 -19.63
N ASP C 2037 85.09 -44.07 -20.12
CA ASP C 2037 86.20 -43.46 -19.39
C ASP C 2037 86.04 -41.96 -19.23
N LEU C 2038 85.30 -41.32 -20.14
CA LEU C 2038 85.09 -39.88 -20.09
C LEU C 2038 84.20 -39.51 -18.92
N LEU C 2039 83.06 -40.18 -18.78
CA LEU C 2039 82.20 -39.95 -17.63
C LEU C 2039 82.83 -40.46 -16.35
N ALA C 2040 83.68 -41.50 -16.43
CA ALA C 2040 84.41 -41.94 -15.26
C ALA C 2040 85.39 -40.87 -14.78
N HIS C 2041 86.10 -40.24 -15.71
CA HIS C 2041 86.96 -39.11 -15.36
C HIS C 2041 86.16 -37.90 -14.93
N CYS C 2042 84.95 -37.76 -15.46
CA CYS C 2042 84.02 -36.77 -14.98
C CYS C 2042 83.39 -37.27 -13.68
N GLY C 2043 82.41 -36.54 -13.17
CA GLY C 2043 81.84 -36.86 -11.88
C GLY C 2043 80.93 -38.07 -11.83
N ILE C 2044 80.73 -38.77 -12.96
CA ILE C 2044 79.78 -39.88 -12.98
C ILE C 2044 80.38 -41.07 -12.25
N GLN C 2045 79.58 -41.67 -11.35
CA GLN C 2045 80.04 -42.80 -10.56
C GLN C 2045 80.22 -44.06 -11.37
N LEU C 2046 79.60 -44.12 -12.56
CA LEU C 2046 79.71 -45.23 -13.52
C LEU C 2046 79.30 -46.57 -12.88
N GLU C 2047 78.25 -46.52 -12.07
CA GLU C 2047 77.79 -47.70 -11.33
C GLU C 2047 77.10 -48.64 -12.32
N GLY C 2048 77.71 -49.79 -12.56
CA GLY C 2048 77.17 -50.77 -13.49
C GLY C 2048 77.82 -50.68 -14.86
N LYS C 2089 83.30 -38.97 6.41
CA LYS C 2089 83.81 -39.84 5.37
C LYS C 2089 85.05 -39.24 4.71
N LYS C 2090 86.00 -40.09 4.31
CA LYS C 2090 87.23 -39.64 3.67
C LYS C 2090 86.99 -39.39 2.18
N PRO C 2091 87.19 -38.15 1.71
CA PRO C 2091 86.95 -37.84 0.29
C PRO C 2091 87.95 -38.50 -0.65
N GLN C 2092 89.24 -38.28 -0.38
CA GLN C 2092 90.37 -38.65 -1.25
C GLN C 2092 90.21 -38.12 -2.67
N SER C 2093 89.50 -37.00 -2.84
CA SER C 2093 89.14 -36.47 -4.15
C SER C 2093 88.68 -35.04 -3.98
N LEU C 2094 88.81 -34.27 -5.05
CA LEU C 2094 88.49 -32.85 -5.00
C LEU C 2094 86.99 -32.62 -4.86
N GLN C 2095 86.18 -33.44 -5.54
CA GLN C 2095 84.74 -33.20 -5.54
C GLN C 2095 84.13 -33.52 -4.19
N GLU C 2096 84.41 -34.72 -3.66
CA GLU C 2096 83.98 -35.06 -2.31
C GLU C 2096 84.67 -34.22 -1.26
N LEU C 2097 85.83 -33.66 -1.59
CA LEU C 2097 86.57 -32.82 -0.66
C LEU C 2097 85.92 -31.46 -0.49
N VAL C 2098 85.61 -30.81 -1.61
CA VAL C 2098 84.89 -29.54 -1.56
C VAL C 2098 83.50 -29.74 -1.01
N SER C 2099 82.84 -30.81 -1.44
CA SER C 2099 81.54 -31.15 -0.89
C SER C 2099 81.66 -31.90 0.44
N HIS C 2100 82.73 -31.70 1.19
CA HIS C 2100 82.74 -31.91 2.61
C HIS C 2100 83.20 -30.68 3.38
N MET C 2101 84.15 -29.94 2.81
CA MET C 2101 84.67 -28.75 3.45
C MET C 2101 83.66 -27.62 3.43
N VAL C 2102 83.02 -27.39 2.29
CA VAL C 2102 81.97 -26.39 2.25
C VAL C 2102 80.78 -26.85 3.07
N VAL C 2103 80.60 -28.16 3.20
CA VAL C 2103 79.55 -28.73 4.05
C VAL C 2103 79.80 -28.39 5.51
N ARG C 2104 81.03 -28.59 5.99
CA ARG C 2104 81.31 -28.27 7.38
C ARG C 2104 81.34 -26.77 7.60
N TRP C 2105 81.67 -25.99 6.57
CA TRP C 2105 81.54 -24.54 6.65
C TRP C 2105 80.09 -24.13 6.81
N ALA C 2106 79.20 -24.79 6.07
CA ALA C 2106 77.79 -24.44 6.12
C ALA C 2106 77.14 -24.89 7.40
N GLN C 2107 77.53 -26.06 7.92
CA GLN C 2107 76.99 -26.50 9.21
C GLN C 2107 77.75 -25.89 10.36
N GLU C 2108 78.75 -25.06 10.09
CA GLU C 2108 79.21 -24.08 11.06
C GLU C 2108 78.21 -22.92 11.12
N ASP C 2109 78.56 -21.87 11.84
CA ASP C 2109 77.57 -20.90 12.32
C ASP C 2109 77.06 -19.99 11.21
N TYR C 2110 76.30 -18.98 11.62
CA TYR C 2110 75.66 -18.07 10.68
C TYR C 2110 76.71 -17.23 9.96
N VAL C 2111 76.75 -17.38 8.64
CA VAL C 2111 77.81 -16.79 7.81
C VAL C 2111 77.25 -15.55 7.12
N GLN C 2112 77.97 -14.44 7.23
CA GLN C 2112 77.66 -13.20 6.53
C GLN C 2112 78.66 -13.02 5.38
N SER C 2113 78.76 -11.79 4.84
CA SER C 2113 79.53 -11.40 3.65
C SER C 2113 79.01 -12.16 2.44
N PRO C 2114 77.85 -11.76 1.92
CA PRO C 2114 77.11 -12.61 0.98
C PRO C 2114 77.77 -12.78 -0.37
N GLU C 2115 78.68 -11.90 -0.75
CA GLU C 2115 79.42 -12.08 -1.98
C GLU C 2115 80.36 -13.26 -1.89
N LEU C 2116 80.95 -13.47 -0.71
CA LEU C 2116 81.63 -14.73 -0.42
C LEU C 2116 80.68 -15.92 -0.56
N VAL C 2117 79.44 -15.76 -0.12
CA VAL C 2117 78.47 -16.84 -0.20
C VAL C 2117 78.11 -17.13 -1.66
N ARG C 2118 77.98 -16.06 -2.45
CA ARG C 2118 77.83 -16.19 -3.90
C ARG C 2118 79.00 -16.93 -4.52
N ALA C 2119 80.21 -16.59 -4.11
CA ALA C 2119 81.41 -17.24 -4.64
C ALA C 2119 81.49 -18.70 -4.23
N MET C 2120 81.06 -19.01 -3.01
CA MET C 2120 81.05 -20.39 -2.54
C MET C 2120 80.09 -21.23 -3.36
N PHE C 2121 78.86 -20.74 -3.52
CA PHE C 2121 77.91 -21.58 -4.20
C PHE C 2121 78.08 -21.56 -5.71
N SER C 2122 78.83 -20.58 -6.24
CA SER C 2122 79.22 -20.65 -7.64
C SER C 2122 80.05 -21.89 -7.93
N LEU C 2123 81.10 -22.12 -7.14
CA LEU C 2123 81.92 -23.31 -7.34
C LEU C 2123 81.21 -24.54 -6.85
N LEU C 2124 80.29 -24.39 -5.89
CA LEU C 2124 79.50 -25.52 -5.45
C LEU C 2124 78.53 -25.96 -6.53
N HIS C 2125 78.10 -25.04 -7.39
CA HIS C 2125 77.43 -25.44 -8.62
C HIS C 2125 78.35 -26.28 -9.49
N ARG C 2126 79.61 -25.86 -9.62
CA ARG C 2126 80.57 -26.57 -10.44
C ARG C 2126 80.92 -27.94 -9.87
N GLN C 2127 80.66 -28.16 -8.59
CA GLN C 2127 80.79 -29.47 -7.97
C GLN C 2127 79.87 -30.51 -8.57
N TYR C 2128 78.77 -30.09 -9.19
CA TYR C 2128 77.74 -31.01 -9.62
C TYR C 2128 77.44 -30.90 -11.11
N ASP C 2129 77.15 -29.71 -11.61
CA ASP C 2129 76.82 -29.55 -13.03
C ASP C 2129 78.07 -29.28 -13.86
N GLY C 2130 79.06 -30.15 -13.73
CA GLY C 2130 80.21 -30.09 -14.62
C GLY C 2130 79.83 -30.43 -16.04
N LEU C 2131 78.81 -31.27 -16.23
CA LEU C 2131 78.28 -31.54 -17.55
C LEU C 2131 77.60 -30.31 -18.13
N GLY C 2132 76.82 -29.60 -17.31
CA GLY C 2132 76.31 -28.32 -17.73
C GLY C 2132 77.40 -27.30 -17.91
N GLU C 2133 78.43 -27.35 -17.06
CA GLU C 2133 79.60 -26.51 -17.27
C GLU C 2133 80.36 -26.92 -18.52
N LEU C 2134 80.36 -28.22 -18.83
CA LEU C 2134 80.95 -28.67 -20.09
C LEU C 2134 80.18 -28.11 -21.27
N LEU C 2135 78.85 -28.16 -21.20
CA LEU C 2135 77.99 -27.59 -22.22
C LEU C 2135 78.16 -26.09 -22.32
N ARG C 2136 78.50 -25.43 -21.22
CA ARG C 2136 78.78 -24.00 -21.25
C ARG C 2136 80.00 -23.66 -22.08
N ALA C 2137 81.13 -24.33 -21.84
CA ALA C 2137 82.33 -24.09 -22.64
C ALA C 2137 82.33 -24.86 -23.95
N LEU C 2138 81.31 -25.67 -24.22
CA LEU C 2138 81.21 -26.36 -25.49
C LEU C 2138 81.12 -25.44 -26.71
N PRO C 2139 80.46 -24.28 -26.70
CA PRO C 2139 80.64 -23.36 -27.83
C PRO C 2139 81.91 -22.53 -27.77
N ARG C 2140 82.80 -22.73 -26.80
CA ARG C 2140 83.97 -21.88 -26.67
C ARG C 2140 85.27 -22.63 -26.88
N ALA C 2141 85.22 -23.83 -27.45
CA ALA C 2141 86.43 -24.59 -27.74
C ALA C 2141 86.75 -24.48 -29.22
N TYR C 2142 88.04 -24.57 -29.55
CA TYR C 2142 88.43 -24.54 -30.96
C TYR C 2142 89.76 -25.26 -31.11
N THR C 2143 90.12 -25.53 -32.36
CA THR C 2143 91.38 -26.17 -32.70
C THR C 2143 91.89 -25.49 -33.96
N ILE C 2144 93.16 -25.09 -33.97
CA ILE C 2144 93.70 -24.33 -35.09
C ILE C 2144 94.76 -25.14 -35.81
N SER C 2145 95.01 -24.77 -37.06
CA SER C 2145 95.98 -25.48 -37.87
C SER C 2145 97.39 -25.16 -37.37
N PRO C 2146 98.32 -26.11 -37.41
CA PRO C 2146 99.66 -25.85 -36.88
C PRO C 2146 100.40 -24.80 -37.69
N SER C 2147 101.32 -24.11 -37.00
CA SER C 2147 102.07 -22.97 -37.51
C SER C 2147 101.15 -21.85 -38.01
N SER C 2148 99.99 -21.69 -37.37
CA SER C 2148 99.16 -20.52 -37.55
C SER C 2148 99.16 -19.65 -36.31
N VAL C 2149 100.08 -19.90 -35.40
CA VAL C 2149 100.02 -19.28 -34.08
C VAL C 2149 100.58 -17.86 -34.13
N GLU C 2150 101.29 -17.54 -35.21
CA GLU C 2150 101.96 -16.25 -35.33
C GLU C 2150 100.98 -15.12 -35.61
N ASP C 2151 99.93 -15.35 -36.39
CA ASP C 2151 98.85 -14.39 -36.50
C ASP C 2151 97.87 -14.55 -35.35
N THR C 2152 97.84 -15.73 -34.74
CA THR C 2152 96.90 -16.00 -33.65
C THR C 2152 97.26 -15.18 -32.42
N MET C 2153 98.53 -15.19 -32.02
CA MET C 2153 98.97 -14.38 -30.89
C MET C 2153 98.87 -12.90 -31.18
N SER C 2154 99.08 -12.51 -32.43
CA SER C 2154 98.96 -11.10 -32.80
C SER C 2154 97.53 -10.62 -32.67
N LEU C 2155 96.60 -11.34 -33.30
CA LEU C 2155 95.18 -11.06 -33.16
C LEU C 2155 94.70 -11.22 -31.72
N LEU C 2156 95.34 -12.11 -30.98
CA LEU C 2156 95.02 -12.37 -29.58
C LEU C 2156 95.37 -11.19 -28.69
N GLU C 2157 96.61 -10.72 -28.76
CA GLU C 2157 97.01 -9.54 -28.02
C GLU C 2157 96.31 -8.29 -28.53
N CYS C 2158 95.92 -8.28 -29.80
CA CYS C 2158 95.20 -7.14 -30.32
C CYS C 2158 93.77 -7.11 -29.79
N LEU C 2159 93.16 -8.28 -29.61
CA LEU C 2159 91.93 -8.39 -28.84
C LEU C 2159 92.14 -7.98 -27.39
N GLY C 2160 93.33 -8.26 -26.87
CA GLY C 2160 93.69 -7.78 -25.55
C GLY C 2160 93.66 -6.27 -25.43
N GLN C 2161 94.02 -5.56 -26.50
CA GLN C 2161 93.87 -4.11 -26.54
C GLN C 2161 92.41 -3.72 -26.41
N ILE C 2162 91.54 -4.41 -27.13
CA ILE C 2162 90.13 -4.08 -27.21
C ILE C 2162 89.45 -4.36 -25.87
N ARG C 2163 89.79 -5.49 -25.27
CA ARG C 2163 89.28 -5.82 -23.95
C ARG C 2163 89.83 -4.89 -22.88
N SER C 2164 91.03 -4.36 -23.09
CA SER C 2164 91.55 -3.35 -22.18
C SER C 2164 90.88 -2.00 -22.39
N LEU C 2165 90.87 -1.51 -23.64
CA LEU C 2165 90.23 -0.25 -23.97
C LEU C 2165 88.72 -0.26 -23.80
N LEU C 2166 88.12 -1.44 -23.65
CA LEU C 2166 86.74 -1.57 -23.19
C LEU C 2166 86.53 -0.85 -21.86
N ILE C 2167 87.43 -1.04 -20.89
CA ILE C 2167 87.29 -0.44 -19.57
C ILE C 2167 88.03 0.90 -19.47
N VAL C 2168 88.58 1.38 -20.57
CA VAL C 2168 89.37 2.60 -20.58
C VAL C 2168 88.51 3.74 -21.13
N GLN C 2169 88.47 4.84 -20.39
CA GLN C 2169 87.84 6.05 -20.86
C GLN C 2169 88.54 6.59 -22.09
N MET C 2170 87.75 7.09 -23.04
CA MET C 2170 88.28 7.50 -24.33
C MET C 2170 89.15 8.73 -24.22
N GLY C 2171 90.45 8.53 -24.37
CA GLY C 2171 91.36 9.60 -24.66
C GLY C 2171 91.61 9.60 -26.15
N PRO C 2172 92.21 10.68 -26.66
CA PRO C 2172 92.68 10.63 -28.06
C PRO C 2172 93.79 9.63 -28.25
N GLN C 2173 94.62 9.42 -27.22
CA GLN C 2173 95.61 8.36 -27.26
C GLN C 2173 94.94 6.99 -27.24
N GLU C 2174 93.76 6.89 -26.62
CA GLU C 2174 92.95 5.70 -26.77
C GLU C 2174 92.28 5.61 -28.12
N GLU C 2175 92.09 6.75 -28.79
CA GLU C 2175 91.37 6.76 -30.06
C GLU C 2175 92.20 6.16 -31.17
N ASN C 2176 93.35 6.75 -31.45
CA ASN C 2176 94.23 6.29 -32.51
C ASN C 2176 94.83 4.91 -32.25
N LEU C 2177 95.05 4.53 -30.99
CA LEU C 2177 95.54 3.19 -30.70
C LEU C 2177 94.49 2.14 -31.03
N MET C 2178 93.22 2.47 -30.80
CA MET C 2178 92.13 1.59 -31.20
C MET C 2178 92.08 1.42 -32.71
N ILE C 2179 92.27 2.50 -33.44
CA ILE C 2179 92.23 2.44 -34.90
C ILE C 2179 93.46 1.70 -35.43
N GLN C 2180 94.57 1.81 -34.71
CA GLN C 2180 95.75 1.00 -34.99
C GLN C 2180 95.46 -0.49 -34.81
N SER C 2181 94.77 -0.84 -33.73
CA SER C 2181 94.28 -2.19 -33.53
C SER C 2181 93.34 -2.65 -34.63
N ILE C 2182 92.50 -1.74 -35.12
CA ILE C 2182 91.61 -2.02 -36.25
C ILE C 2182 92.42 -2.34 -37.50
N GLY C 2183 93.48 -1.58 -37.77
CA GLY C 2183 94.35 -1.91 -38.89
C GLY C 2183 95.07 -3.23 -38.75
N ASN C 2184 95.46 -3.57 -37.52
CA ASN C 2184 96.03 -4.89 -37.24
C ASN C 2184 95.05 -6.00 -37.58
N ILE C 2185 93.83 -5.93 -37.05
CA ILE C 2185 92.86 -6.98 -37.30
C ILE C 2185 92.27 -6.92 -38.69
N MET C 2186 92.48 -5.81 -39.40
CA MET C 2186 92.36 -5.80 -40.84
C MET C 2186 93.45 -6.60 -41.50
N ASN C 2187 94.65 -6.59 -40.94
CA ASN C 2187 95.81 -7.04 -41.66
C ASN C 2187 96.41 -8.26 -40.97
N ASN C 2188 95.57 -9.25 -40.68
CA ASN C 2188 96.05 -10.49 -40.09
C ASN C 2188 95.54 -11.74 -40.80
N LYS C 2189 94.47 -11.62 -41.58
CA LYS C 2189 94.04 -12.48 -42.70
C LYS C 2189 93.70 -13.93 -42.34
N VAL C 2190 93.94 -14.33 -41.09
CA VAL C 2190 93.34 -15.54 -40.55
C VAL C 2190 91.94 -15.20 -40.07
N PHE C 2191 91.70 -13.93 -39.75
CA PHE C 2191 90.41 -13.27 -39.84
C PHE C 2191 89.59 -13.72 -41.04
N TYR C 2192 90.20 -13.74 -42.22
CA TYR C 2192 89.51 -14.20 -43.41
C TYR C 2192 89.47 -15.71 -43.51
N GLN C 2193 90.36 -16.40 -42.80
CA GLN C 2193 90.38 -17.85 -42.88
C GLN C 2193 89.26 -18.48 -42.08
N HIS C 2194 89.12 -18.12 -40.81
CA HIS C 2194 88.11 -18.73 -39.95
C HIS C 2194 87.39 -17.68 -39.12
N PRO C 2195 86.35 -17.05 -39.68
CA PRO C 2195 85.52 -16.13 -38.88
C PRO C 2195 84.60 -16.85 -37.92
N ASN C 2196 84.42 -18.16 -38.07
CA ASN C 2196 83.57 -18.93 -37.18
C ASN C 2196 84.11 -18.96 -35.76
N LEU C 2197 85.43 -18.85 -35.60
CA LEU C 2197 86.00 -18.63 -34.29
C LEU C 2197 85.59 -17.28 -33.72
N MET C 2198 85.57 -16.25 -34.56
CA MET C 2198 85.25 -14.89 -34.10
C MET C 2198 83.82 -14.78 -33.62
N ARG C 2199 82.94 -15.60 -34.19
CA ARG C 2199 81.57 -15.73 -33.70
C ARG C 2199 81.56 -16.24 -32.26
N ALA C 2200 82.52 -17.09 -31.91
CA ALA C 2200 82.65 -17.55 -30.53
C ALA C 2200 83.36 -16.54 -29.64
N LEU C 2201 83.63 -15.34 -30.15
CA LEU C 2201 84.35 -14.34 -29.38
C LEU C 2201 83.49 -13.18 -28.92
N GLY C 2202 82.30 -13.00 -29.50
CA GLY C 2202 81.52 -11.83 -29.15
C GLY C 2202 82.17 -10.55 -29.60
N MET C 2203 82.85 -10.60 -30.74
CA MET C 2203 83.69 -9.49 -31.18
C MET C 2203 82.84 -8.27 -31.50
N HIS C 2204 81.81 -8.47 -32.33
CA HIS C 2204 80.80 -7.47 -32.62
C HIS C 2204 80.11 -6.99 -31.35
N GLU C 2205 79.93 -7.86 -30.35
CA GLU C 2205 79.29 -7.44 -29.11
C GLU C 2205 80.14 -6.45 -28.35
N THR C 2206 81.44 -6.74 -28.24
CA THR C 2206 82.38 -5.80 -27.65
C THR C 2206 82.38 -4.48 -28.40
N VAL C 2207 82.34 -4.54 -29.74
CA VAL C 2207 82.25 -3.34 -30.56
C VAL C 2207 80.99 -2.56 -30.27
N MET C 2208 79.85 -3.24 -30.20
CA MET C 2208 78.59 -2.57 -29.97
C MET C 2208 78.52 -1.97 -28.58
N GLU C 2209 79.07 -2.68 -27.60
CA GLU C 2209 79.01 -2.20 -26.23
C GLU C 2209 79.92 -0.99 -26.02
N VAL C 2210 81.08 -0.97 -26.66
CA VAL C 2210 81.88 0.23 -26.56
C VAL C 2210 81.32 1.33 -27.46
N MET C 2211 80.53 0.96 -28.47
CA MET C 2211 79.90 1.95 -29.33
C MET C 2211 78.71 2.61 -28.65
N VAL C 2212 77.99 1.86 -27.82
CA VAL C 2212 76.90 2.43 -27.04
C VAL C 2212 77.44 3.44 -26.03
N ASN C 2213 78.69 3.24 -25.60
CA ASN C 2213 79.32 4.23 -24.73
C ASN C 2213 79.58 5.54 -25.46
N VAL C 2214 80.09 5.48 -26.68
CA VAL C 2214 80.33 6.73 -27.39
C VAL C 2214 79.06 7.24 -28.06
N LEU C 2215 77.99 6.45 -28.05
CA LEU C 2215 76.70 6.89 -28.56
C LEU C 2215 75.72 7.27 -27.46
N GLY C 2216 76.11 7.14 -26.20
CA GLY C 2216 75.21 7.40 -25.09
C GLY C 2216 75.54 8.69 -24.36
N GLY C 2217 74.71 8.96 -23.35
CA GLY C 2217 74.89 10.14 -22.53
C GLY C 2217 74.42 11.40 -23.23
N GLY C 2218 75.22 11.89 -24.17
CA GLY C 2218 74.86 13.07 -24.92
C GLY C 2218 74.04 12.69 -26.13
N GLU C 2219 72.72 12.84 -26.02
CA GLU C 2219 71.84 12.56 -27.14
C GLU C 2219 72.03 13.59 -28.25
N THR C 2220 72.24 14.84 -27.87
CA THR C 2220 72.59 15.89 -28.81
C THR C 2220 73.71 16.80 -28.30
N LYS C 2221 74.41 16.39 -27.24
CA LYS C 2221 75.41 17.26 -26.63
C LYS C 2221 76.69 17.32 -27.45
N GLU C 2222 77.39 16.21 -27.55
CA GLU C 2222 78.67 16.18 -28.26
C GLU C 2222 78.74 14.95 -29.14
N ILE C 2223 79.31 15.14 -30.33
CA ILE C 2223 79.61 14.04 -31.23
C ILE C 2223 81.12 13.83 -31.17
N ARG C 2224 81.69 14.16 -30.01
CA ARG C 2224 83.12 14.10 -29.76
C ARG C 2224 83.65 12.68 -29.99
N PHE C 2225 84.95 12.62 -30.29
CA PHE C 2225 85.60 11.52 -30.99
C PHE C 2225 84.84 11.09 -32.24
N PRO C 2226 84.85 11.85 -33.33
CA PRO C 2226 84.51 11.27 -34.64
C PRO C 2226 85.69 10.49 -35.18
N LYS C 2227 85.50 9.94 -36.39
CA LYS C 2227 86.51 9.34 -37.28
C LYS C 2227 87.04 8.00 -36.75
N MET C 2228 86.69 7.65 -35.52
CA MET C 2228 86.98 6.37 -34.89
C MET C 2228 85.75 5.48 -34.85
N VAL C 2229 84.59 6.07 -34.53
CA VAL C 2229 83.31 5.40 -34.72
C VAL C 2229 83.11 5.00 -36.18
N THR C 2230 83.48 5.87 -37.12
CA THR C 2230 83.41 5.52 -38.53
C THR C 2230 84.44 4.45 -38.86
N SER C 2231 85.60 4.49 -38.20
CA SER C 2231 86.63 3.49 -38.41
C SER C 2231 86.18 2.10 -38.01
N CYS C 2232 85.71 1.94 -36.78
CA CYS C 2232 85.25 0.63 -36.32
C CYS C 2232 83.97 0.22 -37.05
N CYS C 2233 83.17 1.20 -37.48
CA CYS C 2233 81.97 0.92 -38.25
C CYS C 2233 82.30 0.33 -39.61
N ARG C 2234 83.18 1.00 -40.37
CA ARG C 2234 83.55 0.50 -41.68
C ARG C 2234 84.40 -0.75 -41.59
N PHE C 2235 85.09 -0.97 -40.47
CA PHE C 2235 85.71 -2.28 -40.27
C PHE C 2235 84.67 -3.36 -40.04
N LEU C 2236 83.68 -3.09 -39.20
CA LEU C 2236 82.73 -4.13 -38.86
C LEU C 2236 81.79 -4.41 -40.02
N CYS C 2237 81.68 -3.46 -40.96
CA CYS C 2237 81.09 -3.72 -42.26
C CYS C 2237 81.76 -4.89 -42.97
N TYR C 2238 83.09 -4.99 -42.90
CA TYR C 2238 83.79 -6.10 -43.55
C TYR C 2238 83.49 -7.42 -42.88
N PHE C 2239 83.60 -7.45 -41.56
CA PHE C 2239 83.32 -8.66 -40.79
C PHE C 2239 81.87 -9.09 -40.92
N CYS C 2240 80.97 -8.12 -41.08
CA CYS C 2240 79.61 -8.40 -41.46
C CYS C 2240 79.52 -9.03 -42.84
N ARG C 2241 80.22 -8.46 -43.82
CA ARG C 2241 80.19 -8.89 -45.20
C ARG C 2241 80.67 -10.32 -45.37
N ILE C 2242 81.74 -10.70 -44.67
CA ILE C 2242 82.23 -12.06 -44.86
C ILE C 2242 81.50 -12.99 -43.90
N SER C 2243 80.24 -13.28 -44.23
CA SER C 2243 79.34 -14.10 -43.42
C SER C 2243 78.00 -14.33 -44.09
N ARG C 2244 77.31 -15.36 -43.63
CA ARG C 2244 75.87 -15.42 -43.62
C ARG C 2244 75.36 -15.77 -42.23
N GLN C 2245 76.24 -15.85 -41.25
CA GLN C 2245 75.89 -16.37 -39.95
C GLN C 2245 76.32 -15.42 -38.84
N ASN C 2246 77.43 -14.70 -39.05
CA ASN C 2246 77.78 -13.63 -38.13
C ASN C 2246 76.78 -12.49 -38.23
N GLN C 2247 76.38 -12.15 -39.45
CA GLN C 2247 75.36 -11.15 -39.72
C GLN C 2247 73.99 -11.55 -39.19
N ARG C 2248 73.78 -12.84 -38.91
CA ARG C 2248 72.57 -13.26 -38.20
C ARG C 2248 72.56 -12.76 -36.76
N SER C 2249 73.70 -12.76 -36.08
CA SER C 2249 73.75 -12.20 -34.73
C SER C 2249 73.66 -10.69 -34.76
N MET C 2250 74.03 -10.08 -35.88
CA MET C 2250 73.82 -8.65 -36.04
C MET C 2250 72.34 -8.35 -36.26
N PHE C 2251 71.66 -9.22 -37.00
CA PHE C 2251 70.21 -9.15 -37.10
C PHE C 2251 69.56 -9.36 -35.74
N ASP C 2252 70.18 -10.19 -34.90
CA ASP C 2252 69.75 -10.35 -33.52
C ASP C 2252 69.91 -9.05 -32.73
N HIS C 2253 70.89 -8.23 -33.09
CA HIS C 2253 71.16 -6.99 -32.38
C HIS C 2253 70.56 -5.79 -33.09
N LEU C 2254 69.85 -6.04 -34.19
CA LEU C 2254 69.60 -5.04 -35.21
C LEU C 2254 68.71 -3.92 -34.71
N SER C 2255 67.54 -4.25 -34.17
CA SER C 2255 66.61 -3.25 -33.66
C SER C 2255 67.19 -2.45 -32.52
N TYR C 2256 68.00 -3.09 -31.69
CA TYR C 2256 68.82 -2.38 -30.71
C TYR C 2256 69.76 -1.41 -31.40
N LEU C 2257 70.54 -1.90 -32.37
CA LEU C 2257 71.44 -1.00 -33.06
C LEU C 2257 70.70 -0.10 -34.04
N LEU C 2258 69.46 -0.46 -34.39
CA LEU C 2258 68.60 0.50 -35.07
C LEU C 2258 68.18 1.61 -34.12
N GLU C 2259 67.94 1.28 -32.85
CA GLU C 2259 67.67 2.32 -31.86
C GLU C 2259 68.89 3.19 -31.66
N ASN C 2260 70.08 2.64 -31.86
CA ASN C 2260 71.29 3.45 -31.87
C ASN C 2260 71.44 4.28 -33.13
N SER C 2261 71.21 3.69 -34.30
CA SER C 2261 71.52 4.31 -35.58
C SER C 2261 70.52 5.39 -35.95
N GLY C 2262 69.33 5.38 -35.35
CA GLY C 2262 68.31 6.36 -35.64
C GLY C 2262 68.67 7.78 -35.29
N ILE C 2263 69.51 7.97 -34.28
CA ILE C 2263 70.07 9.27 -33.96
C ILE C 2263 71.37 9.53 -34.70
N GLY C 2264 71.82 8.60 -35.55
CA GLY C 2264 73.07 8.77 -36.24
C GLY C 2264 72.92 9.62 -37.49
N LEU C 2265 73.39 9.09 -38.63
CA LEU C 2265 73.29 9.71 -39.95
C LEU C 2265 73.98 11.09 -39.98
N GLY C 2266 75.29 11.08 -39.80
CA GLY C 2266 76.06 12.31 -39.84
C GLY C 2266 76.97 12.40 -41.03
N MET C 2267 78.25 12.06 -40.83
CA MET C 2267 79.23 12.08 -41.90
C MET C 2267 78.95 10.94 -42.89
N GLN C 2268 79.19 11.22 -44.17
CA GLN C 2268 79.10 10.22 -45.21
C GLN C 2268 80.22 9.18 -45.06
N GLY C 2269 80.11 8.12 -45.85
CA GLY C 2269 81.04 7.00 -45.70
C GLY C 2269 80.51 5.98 -44.73
N SER C 2270 81.16 5.86 -43.57
CA SER C 2270 80.70 4.90 -42.57
C SER C 2270 79.67 5.54 -41.65
N THR C 2271 78.66 4.74 -41.28
CA THR C 2271 77.45 5.22 -40.63
C THR C 2271 76.83 4.02 -39.94
N PRO C 2272 76.30 4.16 -38.71
CA PRO C 2272 75.59 3.04 -38.09
C PRO C 2272 74.38 2.55 -38.88
N LEU C 2273 73.78 3.41 -39.69
CA LEU C 2273 72.85 2.92 -40.70
C LEU C 2273 73.58 2.19 -41.81
N ASP C 2274 74.81 2.60 -42.14
CA ASP C 2274 75.52 1.96 -43.25
C ASP C 2274 75.97 0.55 -42.89
N VAL C 2275 76.39 0.33 -41.65
CA VAL C 2275 76.75 -1.03 -41.26
C VAL C 2275 75.50 -1.89 -41.12
N ALA C 2276 74.35 -1.31 -40.78
CA ALA C 2276 73.10 -2.07 -40.81
C ALA C 2276 72.67 -2.34 -42.24
N ALA C 2277 72.99 -1.44 -43.17
CA ALA C 2277 72.74 -1.68 -44.58
C ALA C 2277 73.63 -2.79 -45.12
N ALA C 2278 74.85 -2.89 -44.60
CA ALA C 2278 75.69 -4.06 -44.84
C ALA C 2278 75.10 -5.31 -44.21
N SER C 2279 74.37 -5.15 -43.11
CA SER C 2279 73.75 -6.25 -42.40
C SER C 2279 72.43 -6.71 -43.03
N VAL C 2280 72.10 -6.30 -44.27
CA VAL C 2280 70.84 -6.68 -44.89
C VAL C 2280 71.01 -7.10 -46.35
N ILE C 2281 72.22 -7.01 -46.91
CA ILE C 2281 72.44 -7.43 -48.28
C ILE C 2281 72.31 -8.95 -48.40
N ASP C 2282 72.71 -9.68 -47.37
CA ASP C 2282 72.51 -11.12 -47.31
C ASP C 2282 71.03 -11.39 -47.09
N ASN C 2283 70.25 -11.36 -48.16
CA ASN C 2283 68.81 -11.50 -48.10
C ASN C 2283 68.42 -12.96 -48.26
N ASN C 2284 67.14 -13.17 -48.57
CA ASN C 2284 66.43 -14.44 -48.67
C ASN C 2284 66.42 -15.22 -47.36
N GLU C 2285 66.77 -14.58 -46.24
CA GLU C 2285 66.87 -15.22 -44.95
C GLU C 2285 66.37 -14.35 -43.81
N LEU C 2286 66.37 -13.04 -43.97
CA LEU C 2286 66.05 -12.12 -42.88
C LEU C 2286 64.90 -11.19 -43.21
N ALA C 2287 64.58 -10.99 -44.49
CA ALA C 2287 63.35 -10.30 -44.86
C ALA C 2287 62.12 -11.08 -44.44
N LEU C 2288 62.23 -12.41 -44.36
CA LEU C 2288 61.20 -13.20 -43.72
C LEU C 2288 61.25 -13.11 -42.20
N ALA C 2289 62.44 -12.90 -41.63
CA ALA C 2289 62.59 -12.78 -40.18
C ALA C 2289 62.36 -11.36 -39.69
N LEU C 2290 61.96 -10.47 -40.58
CA LEU C 2290 61.85 -9.03 -40.36
C LEU C 2290 60.87 -8.66 -39.24
N GLN C 2291 61.10 -7.52 -38.60
CA GLN C 2291 60.35 -7.12 -37.41
C GLN C 2291 59.52 -5.89 -37.72
N GLU C 2292 58.22 -6.00 -37.48
CA GLU C 2292 57.29 -4.89 -37.70
C GLU C 2292 57.59 -3.72 -36.79
N GLN C 2293 58.12 -3.99 -35.59
CA GLN C 2293 58.49 -2.92 -34.67
C GLN C 2293 59.60 -2.06 -35.26
N ASP C 2294 60.61 -2.70 -35.84
CA ASP C 2294 61.69 -1.96 -36.51
C ASP C 2294 61.24 -1.28 -37.78
N LEU C 2295 60.34 -1.91 -38.53
CA LEU C 2295 59.73 -1.27 -39.69
C LEU C 2295 58.98 -0.02 -39.28
N GLU C 2296 58.29 -0.08 -38.15
CA GLU C 2296 57.62 1.08 -37.58
C GLU C 2296 58.61 2.17 -37.20
N LYS C 2297 59.75 1.78 -36.64
CA LYS C 2297 60.71 2.77 -36.17
C LYS C 2297 61.39 3.49 -37.32
N VAL C 2298 61.76 2.77 -38.38
CA VAL C 2298 62.38 3.47 -39.51
C VAL C 2298 61.39 4.34 -40.25
N VAL C 2299 60.10 4.00 -40.20
CA VAL C 2299 59.08 4.88 -40.76
C VAL C 2299 58.92 6.13 -39.91
N SER C 2300 58.96 5.98 -38.58
CA SER C 2300 58.97 7.15 -37.69
C SER C 2300 60.19 8.02 -37.92
N TYR C 2301 61.33 7.36 -38.17
CA TYR C 2301 62.58 8.03 -38.51
C TYR C 2301 62.42 8.87 -39.77
N LEU C 2302 61.86 8.29 -40.82
CA LEU C 2302 61.74 9.04 -42.07
C LEU C 2302 60.64 10.09 -42.00
N ALA C 2303 59.62 9.85 -41.18
CA ALA C 2303 58.56 10.84 -40.98
C ALA C 2303 59.11 12.05 -40.24
N GLY C 2304 60.03 11.84 -39.31
CA GLY C 2304 60.77 12.95 -38.74
C GLY C 2304 61.75 13.59 -39.69
N CYS C 2305 62.34 12.80 -40.59
CA CYS C 2305 63.25 13.31 -41.62
C CYS C 2305 62.55 14.26 -42.58
N GLY C 2306 61.29 13.99 -42.90
CA GLY C 2306 60.51 14.87 -43.75
C GLY C 2306 60.15 16.22 -43.15
N LEU C 2307 60.42 16.43 -41.86
CA LEU C 2307 60.14 17.70 -41.21
C LEU C 2307 61.37 18.37 -40.61
N GLN C 2308 62.43 17.62 -40.30
CA GLN C 2308 63.67 18.23 -39.85
C GLN C 2308 64.33 18.94 -41.02
N SER C 2309 65.18 19.92 -40.72
CA SER C 2309 65.63 20.85 -41.74
C SER C 2309 67.15 21.00 -41.72
N CYS C 2310 67.86 19.85 -41.71
CA CYS C 2310 69.32 19.72 -41.81
C CYS C 2310 70.08 20.53 -40.77
N PRO C 2311 70.14 20.08 -39.52
CA PRO C 2311 70.80 20.87 -38.46
C PRO C 2311 72.30 21.04 -38.67
N MET C 2312 72.96 20.07 -39.30
CA MET C 2312 74.37 20.23 -39.60
C MET C 2312 74.62 21.27 -40.68
N LEU C 2313 73.63 21.53 -41.54
CA LEU C 2313 73.74 22.56 -42.55
C LEU C 2313 73.15 23.88 -42.09
N LEU C 2314 72.44 23.89 -40.96
CA LEU C 2314 72.10 25.15 -40.30
C LEU C 2314 73.36 25.90 -39.87
N ALA C 2315 74.38 25.15 -39.44
CA ALA C 2315 75.66 25.71 -39.00
C ALA C 2315 76.64 25.91 -40.15
N LYS C 2316 76.16 25.96 -41.39
CA LYS C 2316 77.08 26.10 -42.50
C LYS C 2316 76.55 27.01 -43.62
N GLY C 2317 75.59 27.88 -43.33
CA GLY C 2317 75.15 28.85 -44.32
C GLY C 2317 74.32 28.25 -45.43
N TYR C 2318 73.13 27.76 -45.09
CA TYR C 2318 72.25 27.13 -46.06
C TYR C 2318 70.83 27.62 -45.83
N PRO C 2319 70.02 27.71 -46.90
CA PRO C 2319 68.71 28.37 -46.79
C PRO C 2319 67.65 27.59 -46.01
N ASP C 2320 67.97 26.41 -45.49
CA ASP C 2320 67.21 25.71 -44.45
C ASP C 2320 65.77 25.37 -44.91
N ILE C 2321 65.69 24.52 -45.92
CA ILE C 2321 64.41 24.00 -46.39
C ILE C 2321 63.90 23.01 -45.36
N GLY C 2322 62.60 23.04 -45.09
CA GLY C 2322 62.02 22.30 -43.97
C GLY C 2322 61.97 20.80 -44.08
N TRP C 2323 62.60 20.21 -45.08
CA TRP C 2323 62.79 18.77 -45.13
C TRP C 2323 64.27 18.52 -45.38
N ASN C 2324 64.65 17.24 -45.53
CA ASN C 2324 66.05 16.85 -45.61
C ASN C 2324 66.35 16.20 -46.95
N PRO C 2325 66.76 16.98 -47.95
CA PRO C 2325 67.25 16.38 -49.20
C PRO C 2325 68.52 15.57 -49.01
N CYS C 2326 69.33 15.94 -48.03
CA CYS C 2326 70.45 15.12 -47.61
C CYS C 2326 69.98 13.90 -46.84
N GLY C 2327 69.27 14.13 -45.73
CA GLY C 2327 68.87 13.11 -44.78
C GLY C 2327 68.01 12.01 -45.32
N GLY C 2328 67.10 12.31 -46.24
CA GLY C 2328 66.34 11.24 -46.88
C GLY C 2328 67.21 10.34 -47.73
N GLU C 2329 68.22 10.92 -48.38
CA GLU C 2329 69.17 10.10 -49.12
C GLU C 2329 70.11 9.35 -48.20
N ARG C 2330 70.35 9.87 -46.99
CA ARG C 2330 71.01 9.08 -45.96
C ARG C 2330 70.13 7.90 -45.54
N TYR C 2331 68.81 8.10 -45.52
CA TYR C 2331 67.88 6.99 -45.41
C TYR C 2331 67.74 6.28 -46.77
N LEU C 2332 66.80 5.33 -46.81
CA LEU C 2332 66.23 4.67 -47.97
C LEU C 2332 67.16 3.70 -48.68
N ASP C 2333 68.45 3.75 -48.37
CA ASP C 2333 69.38 2.84 -49.00
C ASP C 2333 69.25 1.43 -48.44
N PHE C 2334 69.22 1.34 -47.11
CA PHE C 2334 68.85 0.13 -46.40
C PHE C 2334 67.53 -0.44 -46.91
N LEU C 2335 66.54 0.42 -47.10
CA LEU C 2335 65.21 -0.02 -47.47
C LEU C 2335 65.19 -0.54 -48.90
N ARG C 2336 66.02 0.03 -49.75
CA ARG C 2336 66.27 -0.57 -51.06
C ARG C 2336 66.96 -1.91 -50.94
N PHE C 2337 67.93 -2.01 -50.03
CA PHE C 2337 68.81 -3.18 -49.95
C PHE C 2337 68.10 -4.44 -49.48
N ALA C 2338 66.87 -4.33 -48.99
CA ALA C 2338 66.06 -5.52 -48.77
C ALA C 2338 65.47 -6.05 -50.08
N VAL C 2339 65.23 -5.21 -51.07
CA VAL C 2339 64.45 -5.64 -52.23
C VAL C 2339 65.42 -5.79 -53.39
N PHE C 2340 66.70 -5.98 -53.06
CA PHE C 2340 67.78 -5.69 -53.97
C PHE C 2340 68.29 -6.91 -54.74
N VAL C 2341 68.86 -7.89 -54.03
CA VAL C 2341 69.56 -8.99 -54.69
C VAL C 2341 68.60 -9.98 -55.29
N ASN C 2342 67.47 -10.18 -54.64
CA ASN C 2342 66.33 -10.89 -55.22
C ASN C 2342 65.38 -9.89 -55.84
N GLY C 2343 65.91 -9.18 -56.86
CA GLY C 2343 65.28 -8.03 -57.49
C GLY C 2343 63.82 -8.18 -57.83
N GLU C 2344 63.02 -7.20 -57.41
CA GLU C 2344 61.56 -7.31 -57.27
C GLU C 2344 61.20 -8.47 -56.34
N SER C 2345 61.57 -8.26 -55.06
CA SER C 2345 61.40 -9.25 -54.01
C SER C 2345 59.98 -9.31 -53.47
N VAL C 2346 59.82 -9.98 -52.33
CA VAL C 2346 58.49 -10.33 -51.83
C VAL C 2346 57.73 -9.07 -51.42
N GLU C 2347 56.43 -9.08 -51.71
CA GLU C 2347 55.59 -7.95 -51.35
C GLU C 2347 55.28 -7.94 -49.87
N GLU C 2348 55.60 -9.01 -49.15
CA GLU C 2348 55.54 -9.02 -47.69
C GLU C 2348 56.36 -7.89 -47.08
N ASN C 2349 57.50 -7.58 -47.69
CA ASN C 2349 58.24 -6.40 -47.28
C ASN C 2349 57.48 -5.13 -47.66
N ALA C 2350 57.25 -4.93 -48.97
CA ALA C 2350 56.76 -3.66 -49.49
C ALA C 2350 55.34 -3.31 -49.08
N ASN C 2351 54.56 -4.28 -48.63
CA ASN C 2351 53.16 -4.03 -48.31
C ASN C 2351 53.04 -3.22 -47.03
N VAL C 2352 53.68 -3.68 -45.95
CA VAL C 2352 53.69 -2.89 -44.73
C VAL C 2352 54.50 -1.61 -44.88
N VAL C 2353 55.40 -1.56 -45.86
CA VAL C 2353 56.10 -0.32 -46.18
C VAL C 2353 55.12 0.71 -46.70
N VAL C 2354 54.43 0.37 -47.79
CA VAL C 2354 53.68 1.38 -48.53
C VAL C 2354 52.34 1.66 -47.86
N ARG C 2355 51.71 0.62 -47.30
CA ARG C 2355 50.44 0.81 -46.62
C ARG C 2355 50.57 1.62 -45.35
N LEU C 2356 51.77 1.74 -44.79
CA LEU C 2356 51.99 2.66 -43.70
C LEU C 2356 52.66 3.94 -44.15
N LEU C 2357 53.29 3.93 -45.32
CA LEU C 2357 53.85 5.12 -45.93
C LEU C 2357 52.78 6.03 -46.50
N ILE C 2358 51.60 5.49 -46.75
CA ILE C 2358 50.44 6.32 -47.06
C ILE C 2358 49.77 6.85 -45.80
N ARG C 2359 49.93 6.17 -44.66
CA ARG C 2359 49.40 6.67 -43.40
C ARG C 2359 50.08 7.97 -42.99
N LYS C 2360 51.38 8.09 -43.27
CA LYS C 2360 52.09 9.35 -43.13
C LYS C 2360 52.40 9.89 -44.51
N PRO C 2361 51.55 10.76 -45.07
CA PRO C 2361 51.91 11.41 -46.34
C PRO C 2361 53.03 12.43 -46.20
N GLU C 2362 53.45 12.78 -44.99
CA GLU C 2362 54.64 13.60 -44.81
C GLU C 2362 55.92 12.81 -45.02
N CYS C 2363 55.84 11.48 -45.13
CA CYS C 2363 56.95 10.69 -45.62
C CYS C 2363 57.29 11.01 -47.07
N PHE C 2364 56.32 11.46 -47.85
CA PHE C 2364 56.58 11.87 -49.22
C PHE C 2364 57.31 13.20 -49.26
N GLY C 2365 57.75 13.58 -50.45
CA GLY C 2365 58.23 14.92 -50.69
C GLY C 2365 57.09 15.89 -50.54
N PRO C 2366 57.36 17.05 -49.93
CA PRO C 2366 56.30 18.05 -49.78
C PRO C 2366 55.89 18.70 -51.07
N ALA C 2367 56.82 18.83 -52.03
CA ALA C 2367 56.49 19.30 -53.37
C ALA C 2367 55.91 18.19 -54.24
N LEU C 2368 55.66 17.02 -53.67
CA LEU C 2368 54.93 15.95 -54.30
C LEU C 2368 53.56 15.77 -53.68
N ARG C 2369 53.48 15.54 -52.36
CA ARG C 2369 52.24 15.27 -51.67
C ARG C 2369 51.87 16.39 -50.70
N GLY C 2370 52.14 17.64 -51.08
CA GLY C 2370 51.56 18.76 -50.39
C GLY C 2370 50.05 18.79 -50.62
N GLU C 2371 49.32 19.29 -49.61
CA GLU C 2371 47.86 19.29 -49.64
C GLU C 2371 47.28 20.20 -50.73
N GLY C 2372 48.00 21.25 -51.12
CA GLY C 2372 47.53 22.09 -52.20
C GLY C 2372 48.22 21.77 -53.50
N GLY C 2373 48.97 22.74 -54.01
CA GLY C 2373 49.70 22.55 -55.25
C GLY C 2373 51.08 21.98 -55.03
N SER C 2374 51.26 20.71 -55.38
CA SER C 2374 52.56 20.06 -55.22
C SER C 2374 52.84 19.28 -56.50
N GLY C 2375 53.38 19.97 -57.49
CA GLY C 2375 53.72 19.35 -58.75
C GLY C 2375 55.11 18.74 -58.69
N LEU C 2376 55.23 17.46 -59.05
CA LEU C 2376 56.53 16.82 -58.94
C LEU C 2376 57.44 17.22 -60.08
N LEU C 2377 56.98 17.08 -61.33
CA LEU C 2377 57.79 17.54 -62.46
C LEU C 2377 57.95 19.06 -62.44
N ALA C 2378 56.96 19.77 -61.90
CA ALA C 2378 57.12 21.19 -61.61
C ALA C 2378 58.25 21.44 -60.63
N ALA C 2379 58.34 20.63 -59.57
CA ALA C 2379 59.43 20.73 -58.61
C ALA C 2379 60.77 20.40 -59.25
N ILE C 2380 60.78 19.46 -60.20
CA ILE C 2380 62.04 19.08 -60.82
C ILE C 2380 62.51 20.15 -61.81
N GLU C 2381 61.58 20.72 -62.58
CA GLU C 2381 61.94 21.82 -63.46
C GLU C 2381 62.35 23.06 -62.67
N GLU C 2382 61.79 23.25 -61.47
CA GLU C 2382 62.28 24.30 -60.59
C GLU C 2382 63.65 23.96 -60.02
N ALA C 2383 63.89 22.69 -59.72
CA ALA C 2383 65.18 22.26 -59.18
C ALA C 2383 66.28 22.35 -60.21
N ILE C 2384 65.93 22.31 -61.51
CA ILE C 2384 66.89 22.66 -62.55
C ILE C 2384 67.38 24.08 -62.37
N ARG C 2385 66.45 25.03 -62.15
CA ARG C 2385 66.85 26.41 -61.92
C ARG C 2385 67.54 26.57 -60.57
N ILE C 2386 67.20 25.75 -59.59
CA ILE C 2386 67.86 25.80 -58.29
C ILE C 2386 69.31 25.32 -58.41
N SER C 2387 69.54 24.26 -59.18
CA SER C 2387 70.90 23.82 -59.46
C SER C 2387 71.66 24.82 -60.33
N GLU C 2388 70.96 25.55 -61.18
CA GLU C 2388 71.58 26.62 -61.94
C GLU C 2388 71.92 27.85 -61.11
N ASP C 2389 71.16 28.11 -60.04
CA ASP C 2389 71.35 29.28 -59.21
C ASP C 2389 72.07 28.91 -57.93
N PRO C 2390 73.37 29.21 -57.79
CA PRO C 2390 74.11 28.80 -56.59
C PRO C 2390 73.81 29.61 -55.33
N ALA C 2391 72.91 30.59 -55.40
CA ALA C 2391 72.54 31.41 -54.26
C ALA C 2391 71.79 30.63 -53.19
N ARG C 2392 71.19 29.49 -53.54
CA ARG C 2392 70.45 28.67 -52.59
C ARG C 2392 71.31 27.60 -51.93
N ASP C 2393 72.62 27.86 -51.81
CA ASP C 2393 73.55 26.86 -51.29
C ASP C 2393 74.50 27.56 -50.33
N GLY C 2394 75.58 26.87 -49.99
CA GLY C 2394 76.62 27.44 -49.18
C GLY C 2394 77.66 28.12 -50.04
N PRO C 2395 77.57 29.45 -50.16
CA PRO C 2395 78.49 30.19 -51.03
C PRO C 2395 78.92 31.52 -50.44
N ASN C 2414 79.34 22.83 -48.49
CA ASN C 2414 79.82 23.09 -49.84
C ASN C 2414 80.38 21.81 -50.45
N ARG C 2415 79.90 20.66 -50.00
CA ARG C 2415 80.35 19.37 -50.51
C ARG C 2415 79.86 19.15 -51.93
N VAL C 2416 78.60 19.45 -52.19
CA VAL C 2416 78.01 19.34 -53.51
C VAL C 2416 76.98 20.45 -53.67
N HIS C 2417 76.47 20.60 -54.90
CA HIS C 2417 75.34 21.47 -55.15
C HIS C 2417 74.09 20.76 -54.65
N LEU C 2418 73.06 21.54 -54.32
CA LEU C 2418 71.91 21.01 -53.61
C LEU C 2418 70.81 20.48 -54.51
N GLY C 2419 70.83 20.85 -55.80
CA GLY C 2419 69.92 20.25 -56.75
C GLY C 2419 70.16 18.76 -56.91
N HIS C 2420 71.41 18.33 -56.78
CA HIS C 2420 71.68 16.90 -56.79
C HIS C 2420 71.19 16.23 -55.51
N ALA C 2421 71.26 16.93 -54.38
CA ALA C 2421 70.69 16.40 -53.15
C ALA C 2421 69.18 16.27 -53.22
N ILE C 2422 68.52 17.16 -53.97
CA ILE C 2422 67.11 16.99 -54.27
C ILE C 2422 66.90 15.75 -55.13
N MET C 2423 67.54 15.71 -56.30
CA MET C 2423 67.19 14.73 -57.32
C MET C 2423 67.65 13.33 -56.96
N SER C 2424 68.75 13.21 -56.21
CA SER C 2424 69.21 11.91 -55.76
C SER C 2424 68.19 11.26 -54.85
N PHE C 2425 67.67 12.02 -53.89
CA PHE C 2425 66.63 11.53 -53.00
C PHE C 2425 65.33 11.25 -53.74
N TYR C 2426 64.97 12.10 -54.70
CA TYR C 2426 63.72 11.86 -55.42
C TYR C 2426 63.82 10.67 -56.36
N ALA C 2427 64.89 10.57 -57.15
CA ALA C 2427 65.16 9.38 -57.94
C ALA C 2427 65.37 8.14 -57.08
N ALA C 2428 65.83 8.32 -55.84
CA ALA C 2428 65.90 7.22 -54.89
C ALA C 2428 64.53 6.73 -54.46
N LEU C 2429 63.62 7.67 -54.18
CA LEU C 2429 62.21 7.36 -53.96
C LEU C 2429 61.63 6.60 -55.13
N ILE C 2430 61.96 7.02 -56.35
CA ILE C 2430 61.43 6.35 -57.53
C ILE C 2430 62.04 4.97 -57.70
N ASP C 2431 63.33 4.84 -57.42
CA ASP C 2431 64.01 3.57 -57.57
C ASP C 2431 63.55 2.54 -56.54
N LEU C 2432 63.22 2.98 -55.34
CA LEU C 2432 62.65 2.07 -54.35
C LEU C 2432 61.30 1.55 -54.83
N LEU C 2433 60.52 2.40 -55.50
CA LEU C 2433 59.28 1.95 -56.10
C LEU C 2433 59.50 1.03 -57.28
N GLY C 2434 60.56 1.27 -58.06
CA GLY C 2434 60.85 0.41 -59.19
C GLY C 2434 61.31 -0.98 -58.76
N ARG C 2435 62.03 -1.06 -57.64
CA ARG C 2435 62.38 -2.36 -57.09
C ARG C 2435 61.26 -2.99 -56.28
N CYS C 2436 60.41 -2.18 -55.67
CA CYS C 2436 59.24 -2.64 -54.93
C CYS C 2436 57.98 -2.54 -55.77
N ALA C 2437 58.12 -2.77 -57.07
CA ALA C 2437 56.99 -3.01 -57.94
C ALA C 2437 56.13 -4.16 -57.38
N PRO C 2438 54.79 -4.05 -57.50
CA PRO C 2438 53.91 -4.96 -56.75
C PRO C 2438 53.98 -6.41 -57.20
N GLU C 2439 54.17 -6.66 -58.49
CA GLU C 2439 54.08 -8.03 -58.96
C GLU C 2439 54.93 -8.21 -60.21
N MET C 2440 55.68 -9.29 -60.20
CA MET C 2440 56.17 -9.86 -61.44
C MET C 2440 55.06 -10.75 -61.99
N HIS C 2441 55.24 -11.29 -63.19
CA HIS C 2441 54.12 -11.78 -63.99
C HIS C 2441 53.43 -13.01 -63.40
N LEU C 2442 54.13 -13.74 -62.51
CA LEU C 2442 53.57 -14.91 -61.86
C LEU C 2442 52.32 -14.57 -61.07
N ILE C 2443 52.30 -13.40 -60.45
CA ILE C 2443 51.16 -12.95 -59.67
C ILE C 2443 50.56 -11.68 -60.25
N GLN C 2444 51.24 -11.08 -61.23
CA GLN C 2444 50.66 -9.95 -61.94
C GLN C 2444 49.52 -10.40 -62.83
N ALA C 2445 49.66 -11.59 -63.40
CA ALA C 2445 48.54 -12.24 -64.05
C ALA C 2445 47.75 -13.12 -63.12
N GLY C 2446 48.23 -13.35 -61.90
CA GLY C 2446 47.61 -14.37 -61.07
C GLY C 2446 47.32 -14.03 -59.62
N LYS C 2447 47.23 -12.76 -59.26
CA LYS C 2447 46.85 -12.41 -57.89
C LYS C 2447 46.14 -11.06 -57.88
N GLY C 2448 44.91 -11.06 -57.38
CA GLY C 2448 44.11 -9.86 -57.30
C GLY C 2448 44.56 -8.89 -56.22
N GLU C 2449 45.34 -9.38 -55.26
CA GLU C 2449 45.84 -8.52 -54.20
C GLU C 2449 46.88 -7.54 -54.72
N ALA C 2450 47.83 -8.02 -55.53
CA ALA C 2450 48.83 -7.14 -56.13
C ALA C 2450 48.24 -6.22 -57.19
N LEU C 2451 47.08 -6.59 -57.75
CA LEU C 2451 46.41 -5.72 -58.71
C LEU C 2451 45.94 -4.43 -58.05
N ARG C 2452 45.45 -4.53 -56.81
CA ARG C 2452 45.18 -3.35 -55.99
C ARG C 2452 46.40 -2.47 -55.87
N ILE C 2453 47.55 -3.08 -55.63
CA ILE C 2453 48.75 -2.32 -55.32
C ILE C 2453 49.28 -1.66 -56.59
N ARG C 2454 49.17 -2.36 -57.72
CA ARG C 2454 49.59 -1.77 -58.99
C ARG C 2454 48.66 -0.66 -59.43
N ALA C 2455 47.35 -0.82 -59.22
CA ALA C 2455 46.41 0.24 -59.51
C ALA C 2455 46.63 1.44 -58.59
N ILE C 2456 47.00 1.18 -57.34
CA ILE C 2456 47.31 2.25 -56.41
C ILE C 2456 48.57 2.99 -56.83
N LEU C 2457 49.58 2.27 -57.35
CA LEU C 2457 50.76 2.95 -57.84
C LEU C 2457 50.48 3.76 -59.09
N ARG C 2458 49.70 3.22 -60.01
CA ARG C 2458 49.27 4.00 -61.16
C ARG C 2458 48.43 5.21 -60.78
N SER C 2459 47.69 5.12 -59.67
CA SER C 2459 47.00 6.30 -59.15
C SER C 2459 47.99 7.30 -58.60
N LEU C 2460 49.00 6.81 -57.89
CA LEU C 2460 49.97 7.70 -57.24
C LEU C 2460 50.85 8.40 -58.27
N VAL C 2461 51.60 7.64 -59.05
CA VAL C 2461 52.35 8.25 -60.14
C VAL C 2461 51.54 8.10 -61.42
N PRO C 2462 51.08 9.21 -61.98
CA PRO C 2462 50.33 9.15 -63.23
C PRO C 2462 51.25 8.90 -64.41
N LEU C 2463 50.64 8.57 -65.53
CA LEU C 2463 51.37 8.56 -66.78
C LEU C 2463 51.56 10.00 -67.25
N ASP C 2464 52.65 10.20 -68.01
CA ASP C 2464 53.08 11.43 -68.69
C ASP C 2464 53.60 12.51 -67.74
N ASP C 2465 53.47 12.30 -66.43
CA ASP C 2465 54.30 13.08 -65.52
C ASP C 2465 55.74 12.63 -65.61
N LEU C 2466 55.93 11.32 -65.82
CA LEU C 2466 57.24 10.73 -65.96
C LEU C 2466 57.85 11.01 -67.32
N VAL C 2467 57.02 11.27 -68.33
CA VAL C 2467 57.54 11.43 -69.69
C VAL C 2467 58.28 12.75 -69.82
N GLY C 2468 57.82 13.79 -69.15
CA GLY C 2468 58.58 15.02 -69.08
C GLY C 2468 59.88 14.85 -68.31
N ILE C 2469 59.86 14.03 -67.27
CA ILE C 2469 61.07 13.68 -66.53
C ILE C 2469 62.06 12.96 -67.43
N ILE C 2470 61.56 12.10 -68.31
CA ILE C 2470 62.38 11.45 -69.32
C ILE C 2470 62.89 12.47 -70.33
N SER C 2471 62.06 13.43 -70.71
CA SER C 2471 62.36 14.39 -71.77
C SER C 2471 63.07 15.63 -71.25
N LEU C 2472 63.55 15.54 -70.00
CA LEU C 2472 64.42 16.56 -69.41
C LEU C 2472 65.85 16.78 -69.94
N PRO C 2473 66.62 15.73 -70.41
CA PRO C 2473 68.05 15.62 -70.04
C PRO C 2473 68.99 16.80 -70.24
N LEU C 2474 70.03 16.83 -69.42
CA LEU C 2474 70.95 17.94 -69.32
C LEU C 2474 72.03 17.86 -70.40
N GLN C 2475 73.08 18.66 -70.24
CA GLN C 2475 74.13 18.83 -71.23
C GLN C 2475 75.10 17.65 -71.20
N ILE C 2476 76.23 17.82 -71.90
CA ILE C 2476 77.17 16.75 -72.20
C ILE C 2476 78.55 17.19 -71.75
N PRO C 2477 79.29 16.38 -70.98
CA PRO C 2477 80.68 16.68 -70.61
C PRO C 2477 81.65 16.50 -71.77
N THR C 2478 81.70 17.50 -72.64
CA THR C 2478 82.58 17.44 -73.81
C THR C 2478 83.00 18.86 -74.16
N LEU C 2479 84.22 19.23 -73.79
CA LEU C 2479 84.76 20.54 -74.12
C LEU C 2479 86.29 20.50 -74.13
N UNK C 2517 86.33 20.77 -70.52
CA UNK C 2517 85.46 21.05 -69.39
C UNK C 2517 84.36 20.01 -69.27
N UNK C 2518 84.47 19.15 -68.26
CA UNK C 2518 83.48 18.11 -68.01
C UNK C 2518 82.28 18.68 -67.25
N UNK C 2519 81.28 17.84 -67.00
CA UNK C 2519 80.06 18.26 -66.33
C UNK C 2519 80.19 18.03 -64.83
N UNK C 2520 79.29 18.63 -64.06
CA UNK C 2520 79.33 18.53 -62.61
C UNK C 2520 78.71 17.21 -62.18
N UNK C 2521 79.46 16.48 -61.35
CA UNK C 2521 78.92 15.33 -60.66
C UNK C 2521 78.04 15.73 -59.47
N UNK C 2522 78.07 17.01 -59.10
CA UNK C 2522 77.15 17.60 -58.13
C UNK C 2522 75.87 18.08 -58.78
N UNK C 2523 75.54 17.52 -59.95
CA UNK C 2523 74.32 17.83 -60.69
C UNK C 2523 73.53 16.54 -60.87
N UNK C 2524 72.47 16.58 -61.69
CA UNK C 2524 71.60 15.44 -61.91
C UNK C 2524 72.31 14.27 -62.59
N UNK C 2525 72.19 13.07 -62.02
CA UNK C 2525 72.88 11.91 -62.57
C UNK C 2525 72.10 11.31 -63.75
N UNK C 2526 72.83 10.99 -64.82
CA UNK C 2526 72.19 10.39 -65.98
C UNK C 2526 71.82 8.94 -65.73
N UNK C 2527 72.56 8.27 -64.84
CA UNK C 2527 72.19 6.91 -64.46
C UNK C 2527 70.93 6.90 -63.60
N UNK C 2528 70.63 7.99 -62.93
CA UNK C 2528 69.42 8.13 -62.14
C UNK C 2528 68.18 8.29 -63.00
N UNK C 2529 68.33 8.51 -64.31
CA UNK C 2529 67.19 8.48 -65.21
C UNK C 2529 66.68 7.06 -65.40
N UNK C 2530 67.56 6.07 -65.23
CA UNK C 2530 67.16 4.67 -65.32
C UNK C 2530 66.38 4.19 -64.09
N UNK C 2531 66.35 4.98 -63.02
CA UNK C 2531 65.52 4.65 -61.86
C UNK C 2531 64.04 4.70 -62.18
N UNK C 2532 63.63 5.58 -63.09
CA UNK C 2532 62.26 5.64 -63.55
C UNK C 2532 61.94 4.56 -64.58
N UNK C 2533 62.97 3.95 -65.17
CA UNK C 2533 62.74 2.95 -66.20
C UNK C 2533 62.10 1.70 -65.64
N UNK C 2534 62.60 1.18 -64.52
CA UNK C 2534 62.00 0.01 -63.89
C UNK C 2534 60.61 0.31 -63.36
N UNK C 2535 60.40 1.52 -62.84
CA UNK C 2535 59.07 1.90 -62.34
C UNK C 2535 58.08 2.04 -63.48
N UNK C 2536 58.48 2.67 -64.59
CA UNK C 2536 57.57 2.79 -65.72
C UNK C 2536 57.46 1.52 -66.53
N UNK C 2537 58.33 0.54 -66.30
CA UNK C 2537 58.24 -0.73 -66.96
C UNK C 2537 57.58 -1.80 -66.10
N UNK C 2538 57.40 -1.54 -64.80
CA UNK C 2538 56.82 -2.57 -63.95
C UNK C 2538 55.64 -2.09 -63.12
N UNK C 2539 55.33 -0.79 -63.12
CA UNK C 2539 54.14 -0.31 -62.44
C UNK C 2539 53.29 0.50 -63.40
N UNK C 2540 53.94 1.34 -64.20
CA UNK C 2540 53.27 2.00 -65.32
C UNK C 2540 53.59 1.30 -66.63
N UNK C 2541 53.70 -0.02 -66.59
CA UNK C 2541 54.17 -0.89 -67.67
C UNK C 2541 53.41 -0.68 -68.96
N UNK C 2542 54.15 -0.44 -70.05
CA UNK C 2542 53.54 -0.19 -71.34
C UNK C 2542 53.79 -1.41 -72.22
N UNK C 2543 52.81 -1.74 -73.05
CA UNK C 2543 52.96 -2.81 -74.04
C UNK C 2543 52.44 -2.34 -75.38
N UNK C 2544 51.77 -1.19 -75.38
CA UNK C 2544 51.04 -0.71 -76.55
C UNK C 2544 51.97 -0.07 -77.57
N UNK C 2545 51.37 0.63 -78.54
CA UNK C 2545 52.10 1.42 -79.52
C UNK C 2545 52.52 2.78 -78.96
N UNK C 2546 52.20 3.03 -77.69
CA UNK C 2546 52.73 4.16 -76.95
C UNK C 2546 54.22 4.02 -76.66
N UNK C 2547 54.80 2.85 -76.92
CA UNK C 2547 56.25 2.70 -76.92
C UNK C 2547 56.91 3.57 -77.99
N UNK C 2548 56.20 3.87 -79.08
CA UNK C 2548 56.71 4.84 -80.04
C UNK C 2548 56.76 6.24 -79.44
N UNK C 2549 55.73 6.63 -78.69
CA UNK C 2549 55.76 7.92 -78.01
C UNK C 2549 56.79 7.93 -76.88
N UNK C 2550 57.06 6.77 -76.30
CA UNK C 2550 58.14 6.61 -75.34
C UNK C 2550 59.50 6.79 -75.99
N UNK C 2551 59.74 6.16 -77.13
CA UNK C 2551 60.95 6.38 -77.90
C UNK C 2551 61.08 7.83 -78.37
N UNK C 2552 59.95 8.50 -78.60
CA UNK C 2552 59.92 9.91 -78.97
C UNK C 2552 60.48 10.82 -77.88
N UNK C 2553 60.55 10.34 -76.64
CA UNK C 2553 61.26 11.07 -75.59
C UNK C 2553 62.56 10.34 -75.27
N UNK C 2554 62.68 9.12 -75.75
CA UNK C 2554 63.80 8.26 -75.37
C UNK C 2554 64.85 8.12 -76.47
N UNK C 2555 64.43 7.91 -77.71
CA UNK C 2555 65.40 7.71 -78.78
C UNK C 2555 66.13 8.99 -79.16
N UNK C 2556 65.65 10.16 -78.73
CA UNK C 2556 66.47 11.36 -78.80
C UNK C 2556 67.71 11.20 -77.92
N UNK C 2557 67.53 10.66 -76.73
CA UNK C 2557 68.67 10.36 -75.87
C UNK C 2557 69.50 9.22 -76.44
N UNK C 2558 68.88 8.30 -77.18
CA UNK C 2558 69.65 7.23 -77.82
C UNK C 2558 70.48 7.77 -78.97
N UNK C 2559 69.98 8.78 -79.67
CA UNK C 2559 70.76 9.46 -80.68
C UNK C 2559 71.89 10.26 -80.04
N UNK C 2560 71.62 10.90 -78.90
CA UNK C 2560 72.66 11.57 -78.15
C UNK C 2560 73.66 10.61 -77.53
N UNK C 2561 73.29 9.33 -77.37
CA UNK C 2561 74.18 8.36 -76.76
C UNK C 2561 75.33 8.00 -77.68
N UNK C 2562 75.12 8.02 -78.99
CA UNK C 2562 76.19 7.72 -79.93
C UNK C 2562 77.09 8.92 -80.22
N UNK C 2563 77.02 9.98 -79.41
CA UNK C 2563 77.76 11.20 -79.70
C UNK C 2563 79.13 11.19 -79.02
N UNK C 2564 79.15 11.09 -77.69
CA UNK C 2564 80.37 11.34 -76.92
C UNK C 2564 81.24 10.10 -76.75
N UNK C 2565 81.15 9.13 -77.67
CA UNK C 2565 81.94 7.91 -77.63
C UNK C 2565 83.23 8.05 -78.44
N UNK C 2566 83.71 9.28 -78.61
CA UNK C 2566 84.88 9.51 -79.46
C UNK C 2566 86.07 9.97 -78.64
N UNK C 2567 85.89 11.01 -77.82
CA UNK C 2567 87.05 11.63 -77.18
C UNK C 2567 87.51 10.84 -75.97
N UNK C 2568 86.72 10.82 -74.90
CA UNK C 2568 87.14 10.08 -73.71
C UNK C 2568 86.00 9.33 -73.04
N UNK C 2569 84.75 9.72 -73.35
CA UNK C 2569 83.53 9.31 -72.65
C UNK C 2569 83.67 9.44 -71.13
N UNK C 2570 84.11 10.61 -70.67
CA UNK C 2570 84.34 10.84 -69.25
C UNK C 2570 83.02 10.95 -68.51
N UNK C 2571 83.02 10.54 -67.24
CA UNK C 2571 81.85 10.45 -66.37
C UNK C 2571 80.75 9.61 -67.02
N UNK C 2572 81.03 8.32 -67.22
CA UNK C 2572 80.17 7.46 -68.03
C UNK C 2572 79.03 6.86 -67.20
N UNK C 2573 78.30 7.74 -66.52
CA UNK C 2573 77.06 7.34 -65.87
C UNK C 2573 75.98 7.03 -66.88
N UNK C 2574 76.04 7.64 -68.06
CA UNK C 2574 75.13 7.27 -69.13
C UNK C 2574 75.46 5.89 -69.67
N UNK C 2575 76.72 5.45 -69.58
CA UNK C 2575 77.06 4.10 -69.95
C UNK C 2575 76.47 3.08 -68.98
N UNK C 2576 76.24 3.48 -67.73
CA UNK C 2576 75.51 2.65 -66.79
C UNK C 2576 74.01 2.75 -66.98
N UNK C 2577 73.51 3.94 -67.32
CA UNK C 2577 72.11 4.15 -67.64
C UNK C 2577 71.66 3.35 -68.85
N UNK C 2578 72.48 3.30 -69.89
CA UNK C 2578 72.20 2.51 -71.08
C UNK C 2578 72.47 1.04 -70.83
N UNK C 2579 73.29 0.72 -69.83
CA UNK C 2579 73.38 -0.64 -69.34
C UNK C 2579 72.14 -1.01 -68.53
N UNK C 2580 71.37 -0.01 -68.08
CA UNK C 2580 70.12 -0.27 -67.38
C UNK C 2580 68.90 0.12 -68.22
N UNK C 2581 69.08 0.52 -69.47
CA UNK C 2581 67.95 0.84 -70.32
C UNK C 2581 67.92 0.10 -71.65
N UNK C 2582 69.05 -0.37 -72.16
CA UNK C 2582 69.03 -1.19 -73.36
C UNK C 2582 68.43 -2.56 -73.11
N UNK C 2583 68.48 -3.04 -71.86
CA UNK C 2583 67.77 -4.26 -71.52
C UNK C 2583 66.26 -4.05 -71.57
N UNK C 2584 65.79 -2.84 -71.26
CA UNK C 2584 64.37 -2.55 -71.40
C UNK C 2584 63.94 -2.56 -72.86
N UNK C 2585 64.80 -2.07 -73.75
CA UNK C 2585 64.52 -2.19 -75.18
C UNK C 2585 64.63 -3.63 -75.64
N UNK C 2586 65.55 -4.40 -75.07
CA UNK C 2586 65.70 -5.82 -75.35
C UNK C 2586 64.50 -6.62 -74.87
N UNK C 2587 63.77 -6.14 -73.87
CA UNK C 2587 62.57 -6.79 -73.36
C UNK C 2587 61.33 -6.31 -74.11
N UNK C 2588 61.51 -5.90 -75.36
CA UNK C 2588 60.42 -5.48 -76.22
C UNK C 2588 60.76 -5.91 -77.65
N UNK C 2589 60.11 -6.97 -78.11
CA UNK C 2589 60.28 -7.46 -79.48
C UNK C 2589 59.05 -7.18 -80.33
N UNK C 2590 58.35 -6.09 -80.04
CA UNK C 2590 57.14 -5.73 -80.77
C UNK C 2590 57.44 -4.50 -81.63
N UNK C 2591 57.65 -4.72 -82.92
CA UNK C 2591 57.86 -3.63 -83.85
C UNK C 2591 56.71 -3.61 -84.86
N UNK C 2592 56.59 -2.48 -85.55
CA UNK C 2592 55.46 -2.27 -86.46
C UNK C 2592 55.84 -1.39 -87.64
N UNK C 2593 54.84 -0.90 -88.37
CA UNK C 2593 55.01 -0.06 -89.54
C UNK C 2593 55.10 1.40 -89.13
N UNK C 2594 54.98 2.28 -90.13
CA UNK C 2594 55.23 3.73 -90.01
C UNK C 2594 56.61 3.99 -89.41
N UNK C 2595 57.60 3.25 -89.91
CA UNK C 2595 58.93 3.20 -89.33
C UNK C 2595 59.70 4.45 -89.76
N UNK C 2596 59.27 5.60 -89.23
CA UNK C 2596 59.91 6.86 -89.57
C UNK C 2596 61.21 7.02 -88.78
N UNK C 2597 61.10 7.08 -87.46
CA UNK C 2597 62.26 7.19 -86.59
C UNK C 2597 62.85 5.84 -86.22
N UNK C 2598 62.25 4.74 -86.69
CA UNK C 2598 62.75 3.42 -86.33
C UNK C 2598 64.07 3.11 -86.99
N UNK C 2599 64.22 3.47 -88.28
CA UNK C 2599 65.49 3.31 -88.95
C UNK C 2599 66.57 4.22 -88.37
N UNK C 2600 66.17 5.42 -87.91
CA UNK C 2600 67.11 6.31 -87.26
C UNK C 2600 67.56 5.76 -85.91
N UNK C 2601 66.63 5.17 -85.16
CA UNK C 2601 66.99 4.57 -83.88
C UNK C 2601 67.84 3.32 -84.07
N UNK C 2602 67.57 2.55 -85.12
CA UNK C 2602 68.41 1.41 -85.44
C UNK C 2602 69.80 1.85 -85.88
N UNK C 2603 69.88 2.97 -86.61
CA UNK C 2603 71.18 3.50 -87.00
C UNK C 2603 71.94 4.04 -85.78
N UNK C 2604 71.23 4.64 -84.82
CA UNK C 2604 71.87 5.10 -83.59
C UNK C 2604 72.35 3.93 -82.76
N UNK C 2605 71.57 2.85 -82.72
CA UNK C 2605 71.98 1.63 -82.03
C UNK C 2605 73.20 1.00 -82.68
N UNK C 2606 73.21 0.93 -84.01
CA UNK C 2606 74.37 0.39 -84.71
C UNK C 2606 75.59 1.27 -84.57
N UNK C 2607 75.40 2.60 -84.52
CA UNK C 2607 76.51 3.52 -84.35
C UNK C 2607 77.10 3.41 -82.94
N UNK C 2608 76.24 3.36 -81.93
CA UNK C 2608 76.71 3.17 -80.57
C UNK C 2608 77.32 1.78 -80.36
N UNK C 2609 76.84 0.78 -81.11
CA UNK C 2609 77.37 -0.57 -80.99
C UNK C 2609 78.74 -0.68 -81.66
N UNK C 2610 78.90 0.00 -82.79
CA UNK C 2610 80.20 0.04 -83.45
C UNK C 2610 81.17 0.90 -82.68
N UNK C 2611 80.68 1.92 -81.98
CA UNK C 2611 81.53 2.81 -81.18
C UNK C 2611 81.90 2.11 -79.87
N UNK C 2612 82.83 1.17 -80.00
CA UNK C 2612 83.31 0.39 -78.87
C UNK C 2612 84.72 0.78 -78.44
N UNK C 2613 85.28 1.85 -79.00
CA UNK C 2613 86.65 2.25 -78.66
C UNK C 2613 86.69 2.92 -77.29
N UNK C 2614 85.99 4.04 -77.14
CA UNK C 2614 85.92 4.71 -75.85
C UNK C 2614 84.96 3.96 -74.94
N UNK C 2615 85.42 3.65 -73.72
CA UNK C 2615 84.67 2.99 -72.66
C UNK C 2615 84.12 1.63 -73.10
N UNK C 2616 85.03 0.67 -73.36
CA UNK C 2616 84.69 -0.62 -73.96
C UNK C 2616 83.71 -1.44 -73.13
N UNK C 2617 84.12 -1.82 -71.90
CA UNK C 2617 83.28 -2.51 -70.91
C UNK C 2617 82.69 -3.80 -71.46
N UNK C 2618 83.54 -4.81 -71.71
CA UNK C 2618 83.19 -5.97 -72.53
C UNK C 2618 82.00 -6.75 -72.01
N UNK C 2619 81.74 -6.70 -70.70
CA UNK C 2619 80.50 -7.26 -70.17
C UNK C 2619 79.28 -6.50 -70.69
N UNK C 2620 79.32 -5.16 -70.61
CA UNK C 2620 78.25 -4.35 -71.18
C UNK C 2620 78.21 -4.46 -72.70
N UNK C 2621 79.34 -4.74 -73.34
CA UNK C 2621 79.36 -4.97 -74.78
C UNK C 2621 78.62 -6.24 -75.14
N UNK C 2622 78.84 -7.32 -74.37
CA UNK C 2622 78.09 -8.54 -74.57
C UNK C 2622 76.61 -8.37 -74.24
N UNK C 2623 76.30 -7.54 -73.23
CA UNK C 2623 74.91 -7.26 -72.90
C UNK C 2623 74.20 -6.51 -74.02
N UNK C 2624 74.86 -5.51 -74.57
CA UNK C 2624 74.31 -4.78 -75.72
C UNK C 2624 74.27 -5.66 -76.96
N UNK C 2625 75.18 -6.62 -77.09
CA UNK C 2625 75.13 -7.56 -78.21
C UNK C 2625 73.91 -8.46 -78.12
N UNK C 2626 73.61 -8.96 -76.92
CA UNK C 2626 72.38 -9.69 -76.70
C UNK C 2626 71.14 -8.84 -76.92
N UNK C 2627 71.17 -7.58 -76.47
CA UNK C 2627 70.07 -6.65 -76.68
C UNK C 2627 69.83 -6.35 -78.15
N UNK C 2628 70.89 -6.26 -78.96
CA UNK C 2628 70.77 -6.02 -80.38
C UNK C 2628 70.32 -7.27 -81.13
N UNK C 2629 70.77 -8.44 -80.69
CA UNK C 2629 70.31 -9.69 -81.28
C UNK C 2629 68.85 -9.96 -80.97
N UNK C 2630 68.36 -9.47 -79.82
CA UNK C 2630 66.96 -9.61 -79.45
C UNK C 2630 66.02 -8.82 -80.35
N UNK C 2631 66.46 -7.66 -80.87
CA UNK C 2631 65.61 -6.82 -81.70
C UNK C 2631 65.40 -7.39 -83.09
N UNK C 2632 66.17 -8.39 -83.50
CA UNK C 2632 66.00 -9.03 -84.79
C UNK C 2632 64.70 -9.81 -84.89
N UNK C 2633 64.11 -10.19 -83.76
CA UNK C 2633 62.80 -10.84 -83.73
C UNK C 2633 61.68 -9.83 -83.50
N UNK C 2634 61.85 -8.59 -83.98
CA UNK C 2634 60.82 -7.59 -83.81
C UNK C 2634 60.35 -7.05 -85.15
N UNK C 2635 61.29 -6.75 -86.04
CA UNK C 2635 61.01 -6.00 -87.26
C UNK C 2635 60.97 -6.93 -88.47
N UNK C 2636 60.53 -6.37 -89.61
CA UNK C 2636 60.35 -7.13 -90.84
C UNK C 2636 60.91 -6.34 -92.03
N UNK C 2637 62.21 -6.54 -92.30
CA UNK C 2637 62.86 -6.17 -93.57
C UNK C 2637 62.85 -4.66 -93.85
N UNK C 2638 62.57 -3.85 -92.84
CA UNK C 2638 62.56 -2.40 -93.01
C UNK C 2638 63.95 -1.80 -92.88
N UNK C 2639 64.92 -2.57 -92.36
CA UNK C 2639 66.27 -2.08 -92.15
C UNK C 2639 67.02 -2.09 -93.49
N UNK C 2640 66.90 -0.97 -94.19
CA UNK C 2640 67.65 -0.80 -95.43
C UNK C 2640 68.96 -0.05 -95.20
N UNK C 2641 68.86 1.13 -94.56
CA UNK C 2641 70.05 1.96 -94.36
C UNK C 2641 71.01 1.33 -93.36
N UNK C 2642 70.48 0.72 -92.31
CA UNK C 2642 71.33 0.05 -91.34
C UNK C 2642 72.00 -1.18 -91.92
N UNK C 2643 71.29 -1.91 -92.79
CA UNK C 2643 71.91 -3.04 -93.46
C UNK C 2643 72.95 -2.60 -94.48
N UNK C 2644 72.73 -1.45 -95.12
CA UNK C 2644 73.73 -0.89 -96.01
C UNK C 2644 74.96 -0.47 -95.25
N UNK C 2645 74.77 0.15 -94.08
CA UNK C 2645 75.88 0.52 -93.22
C UNK C 2645 76.62 -0.68 -92.67
N UNK C 2646 75.91 -1.76 -92.37
CA UNK C 2646 76.56 -2.97 -91.91
C UNK C 2646 77.35 -3.63 -93.03
N UNK C 2647 76.77 -3.69 -94.23
CA UNK C 2647 77.48 -4.29 -95.37
C UNK C 2647 78.66 -3.44 -95.82
N UNK C 2648 78.69 -2.16 -95.46
CA UNK C 2648 79.79 -1.28 -95.80
C UNK C 2648 80.85 -1.23 -94.71
N UNK C 2649 80.51 -1.60 -93.48
CA UNK C 2649 81.46 -1.45 -92.40
C UNK C 2649 82.01 -2.79 -91.94
N UNK C 2650 81.13 -3.75 -91.66
CA UNK C 2650 81.58 -5.02 -91.12
C UNK C 2650 82.26 -5.87 -92.18
N UNK C 2651 81.74 -5.84 -93.41
CA UNK C 2651 82.39 -6.53 -94.51
C UNK C 2651 83.72 -5.90 -94.86
N UNK C 2652 83.86 -4.59 -94.68
CA UNK C 2652 85.14 -3.92 -94.80
C UNK C 2652 86.10 -4.39 -93.73
N UNK C 2653 85.79 -4.10 -92.47
CA UNK C 2653 86.63 -4.47 -91.33
C UNK C 2653 86.13 -5.80 -90.79
N UNK C 2654 86.48 -6.87 -91.51
CA UNK C 2654 86.03 -8.22 -91.14
C UNK C 2654 87.07 -8.92 -90.26
N UNK C 2655 87.61 -8.16 -89.30
CA UNK C 2655 88.51 -8.70 -88.31
C UNK C 2655 88.22 -8.09 -86.94
N UNK C 2656 87.23 -7.22 -86.87
CA UNK C 2656 87.01 -6.38 -85.71
C UNK C 2656 86.41 -7.17 -84.54
N UNK C 2657 86.26 -6.50 -83.41
CA UNK C 2657 85.63 -7.10 -82.25
C UNK C 2657 84.14 -7.30 -82.45
N UNK C 2658 83.46 -6.36 -83.11
CA UNK C 2658 82.05 -6.51 -83.40
C UNK C 2658 81.78 -7.42 -84.59
N UNK C 2659 82.84 -7.85 -85.30
CA UNK C 2659 82.67 -8.64 -86.51
C UNK C 2659 82.13 -10.05 -86.24
N UNK C 2660 82.55 -10.67 -85.13
CA UNK C 2660 82.05 -12.00 -84.81
C UNK C 2660 80.58 -11.97 -84.44
N UNK C 2661 80.15 -10.93 -83.74
CA UNK C 2661 78.72 -10.76 -83.46
C UNK C 2661 77.94 -10.40 -84.71
N UNK C 2662 78.54 -9.62 -85.60
CA UNK C 2662 77.88 -9.29 -86.86
C UNK C 2662 77.75 -10.51 -87.76
N UNK C 2663 78.65 -11.48 -87.64
CA UNK C 2663 78.51 -12.74 -88.37
C UNK C 2663 77.25 -13.49 -87.95
N UNK C 2664 77.02 -13.58 -86.64
CA UNK C 2664 75.80 -14.20 -86.14
C UNK C 2664 74.57 -13.38 -86.47
N UNK C 2665 74.70 -12.06 -86.48
CA UNK C 2665 73.56 -11.20 -86.82
C UNK C 2665 73.20 -11.34 -88.30
N UNK C 2666 74.19 -11.49 -89.16
CA UNK C 2666 73.94 -11.70 -90.58
C UNK C 2666 73.40 -13.09 -90.85
N UNK C 2667 73.86 -14.09 -90.10
CA UNK C 2667 73.26 -15.41 -90.18
C UNK C 2667 71.82 -15.41 -89.68
N UNK C 2668 71.49 -14.54 -88.72
CA UNK C 2668 70.10 -14.38 -88.29
C UNK C 2668 69.24 -13.75 -89.37
N UNK C 2669 69.76 -12.75 -90.08
CA UNK C 2669 69.03 -12.15 -91.19
C UNK C 2669 68.96 -13.08 -92.39
N UNK C 2670 69.88 -14.05 -92.48
CA UNK C 2670 69.84 -15.03 -93.55
C UNK C 2670 68.61 -15.94 -93.46
N UNK C 2671 68.09 -16.14 -92.25
CA UNK C 2671 66.89 -16.95 -92.03
C UNK C 2671 65.61 -16.15 -92.21
N UNK C 2672 65.70 -14.97 -92.84
CA UNK C 2672 64.53 -14.13 -93.07
C UNK C 2672 64.30 -13.92 -94.57
N UNK C 2673 65.18 -14.46 -95.40
CA UNK C 2673 65.03 -14.32 -96.84
C UNK C 2673 65.03 -15.70 -97.49
N UNK C 2674 64.84 -16.73 -96.67
CA UNK C 2674 64.86 -18.10 -97.16
C UNK C 2674 63.65 -18.43 -98.03
N UNK C 2675 62.48 -17.91 -97.71
CA UNK C 2675 61.27 -18.17 -98.48
C UNK C 2675 60.74 -16.92 -99.16
N UNK C 2676 60.36 -15.91 -98.40
CA UNK C 2676 59.87 -14.67 -98.97
C UNK C 2676 60.85 -13.56 -98.68
N UNK C 2677 60.47 -12.32 -99.00
CA UNK C 2677 61.26 -11.10 -98.78
C UNK C 2677 62.63 -11.17 -99.47
N UNK C 2678 62.71 -11.89 -100.59
CA UNK C 2678 63.91 -11.93 -101.40
C UNK C 2678 63.85 -10.90 -102.52
N UNK C 2679 62.93 -9.94 -102.43
CA UNK C 2679 62.65 -8.98 -103.49
C UNK C 2679 63.38 -7.66 -103.27
N UNK C 2680 64.68 -7.62 -103.57
CA UNK C 2680 65.46 -6.40 -103.45
C UNK C 2680 66.65 -6.51 -104.40
N UNK C 2681 66.63 -5.73 -105.48
CA UNK C 2681 67.69 -5.86 -106.50
C UNK C 2681 68.98 -5.19 -106.06
N UNK C 2682 68.90 -3.97 -105.53
CA UNK C 2682 70.12 -3.29 -105.07
C UNK C 2682 70.71 -3.97 -103.85
N UNK C 2683 69.85 -4.46 -102.95
CA UNK C 2683 70.35 -5.22 -101.82
C UNK C 2683 70.85 -6.58 -102.25
N UNK C 2684 70.34 -7.13 -103.35
CA UNK C 2684 70.91 -8.34 -103.92
C UNK C 2684 72.29 -8.07 -104.51
N UNK C 2685 72.48 -6.90 -105.10
CA UNK C 2685 73.81 -6.50 -105.57
C UNK C 2685 74.77 -6.32 -104.40
N UNK C 2686 74.31 -5.68 -103.32
CA UNK C 2686 75.13 -5.56 -102.12
C UNK C 2686 75.38 -6.91 -101.47
N UNK C 2687 74.45 -7.86 -101.63
CA UNK C 2687 74.64 -9.19 -101.06
C UNK C 2687 75.64 -9.99 -101.87
N UNK C 2688 75.64 -9.82 -103.20
CA UNK C 2688 76.67 -10.45 -104.02
C UNK C 2688 78.03 -9.84 -103.74
N UNK C 2689 78.07 -8.53 -103.50
CA UNK C 2689 79.30 -7.88 -103.06
C UNK C 2689 79.77 -8.41 -101.71
N UNK C 2690 78.83 -8.65 -100.80
CA UNK C 2690 79.17 -9.20 -99.49
C UNK C 2690 79.61 -10.65 -99.59
N UNK C 2691 79.05 -11.41 -100.53
CA UNK C 2691 79.50 -12.78 -100.76
C UNK C 2691 80.89 -12.81 -101.33
N UNK C 2692 81.22 -11.84 -102.19
CA UNK C 2692 82.58 -11.71 -102.66
C UNK C 2692 83.53 -11.25 -101.55
N UNK C 2693 83.05 -10.39 -100.65
CA UNK C 2693 83.88 -9.93 -99.54
C UNK C 2693 84.14 -11.03 -98.54
N UNK C 2694 83.14 -11.89 -98.31
CA UNK C 2694 83.34 -13.12 -97.57
C UNK C 2694 84.27 -14.07 -98.31
N UNK C 2695 84.17 -14.12 -99.64
CA UNK C 2695 85.13 -14.88 -100.42
C UNK C 2695 86.51 -14.26 -100.40
N UNK C 2696 86.60 -12.95 -100.22
CA UNK C 2696 87.89 -12.29 -100.03
C UNK C 2696 88.53 -12.65 -98.70
N UNK C 2697 87.74 -12.99 -97.69
CA UNK C 2697 88.26 -13.42 -96.40
C UNK C 2697 88.56 -14.92 -96.37
N UNK C 2698 88.35 -15.63 -97.48
CA UNK C 2698 88.73 -17.04 -97.54
C UNK C 2698 90.26 -17.18 -97.57
N UNK C 2699 90.94 -16.21 -98.18
CA UNK C 2699 92.39 -16.16 -98.19
C UNK C 2699 92.95 -15.35 -97.01
N UNK C 2700 92.11 -15.03 -96.03
CA UNK C 2700 92.56 -14.29 -94.86
C UNK C 2700 93.18 -15.21 -93.83
N UNK C 2701 93.40 -14.71 -92.62
CA UNK C 2701 94.05 -15.46 -91.56
C UNK C 2701 93.23 -16.69 -91.15
N UNK C 2702 93.91 -17.82 -91.07
CA UNK C 2702 93.28 -19.10 -90.79
C UNK C 2702 93.13 -19.36 -89.30
N UNK C 2703 92.39 -18.51 -88.60
CA UNK C 2703 92.11 -18.74 -87.17
C UNK C 2703 91.13 -19.89 -87.06
N UNK C 2704 91.66 -21.10 -86.95
CA UNK C 2704 90.87 -22.31 -86.96
C UNK C 2704 90.02 -22.42 -85.70
N UNK C 2705 88.70 -22.45 -85.91
CA UNK C 2705 87.62 -22.59 -84.93
C UNK C 2705 87.48 -21.40 -83.98
N UNK C 2706 88.35 -20.41 -84.10
CA UNK C 2706 88.19 -19.16 -83.38
C UNK C 2706 87.44 -18.21 -84.27
N UNK C 2707 87.96 -17.98 -85.47
CA UNK C 2707 87.25 -17.25 -86.50
C UNK C 2707 86.75 -18.13 -87.63
N UNK C 2708 87.32 -19.34 -87.78
CA UNK C 2708 86.88 -20.24 -88.84
C UNK C 2708 85.48 -20.78 -88.58
N UNK C 2709 85.26 -21.34 -87.40
CA UNK C 2709 83.93 -21.80 -87.02
C UNK C 2709 82.98 -20.67 -86.69
N UNK C 2710 83.51 -19.46 -86.46
CA UNK C 2710 82.68 -18.29 -86.21
C UNK C 2710 81.91 -17.85 -87.45
N UNK C 2711 82.33 -18.27 -88.63
CA UNK C 2711 81.59 -17.97 -89.84
C UNK C 2711 81.39 -19.20 -90.72
N UNK C 2712 81.91 -20.36 -90.33
CA UNK C 2712 81.58 -21.59 -91.04
C UNK C 2712 80.14 -21.98 -90.81
N UNK C 2713 79.60 -21.64 -89.65
CA UNK C 2713 78.17 -21.67 -89.41
C UNK C 2713 77.44 -20.57 -90.17
N UNK C 2714 78.11 -19.46 -90.45
CA UNK C 2714 77.52 -18.38 -91.24
C UNK C 2714 77.70 -18.60 -92.74
N UNK C 2715 78.11 -19.80 -93.15
CA UNK C 2715 78.09 -20.19 -94.55
C UNK C 2715 76.68 -20.43 -95.06
N UNK C 2716 75.71 -20.58 -94.17
CA UNK C 2716 74.30 -20.61 -94.53
C UNK C 2716 73.76 -19.24 -94.91
N UNK C 2717 74.53 -18.17 -94.70
CA UNK C 2717 74.15 -16.87 -95.25
C UNK C 2717 74.25 -16.87 -96.76
N UNK C 2718 75.12 -17.70 -97.33
CA UNK C 2718 75.20 -17.83 -98.78
C UNK C 2718 74.09 -18.72 -99.33
N UNK C 2719 73.40 -19.47 -98.47
CA UNK C 2719 72.38 -20.39 -98.95
C UNK C 2719 71.04 -19.71 -99.21
N UNK C 2720 70.80 -18.52 -98.62
CA UNK C 2720 69.50 -17.89 -98.69
C UNK C 2720 69.23 -17.21 -100.03
N UNK C 2721 70.23 -17.10 -100.90
CA UNK C 2721 70.04 -16.40 -102.16
C UNK C 2721 69.94 -17.38 -103.33
N UNK C 2722 69.59 -16.83 -104.49
CA UNK C 2722 69.54 -17.59 -105.72
C UNK C 2722 70.91 -17.61 -106.39
N UNK C 2723 70.95 -18.06 -107.64
CA UNK C 2723 72.18 -18.12 -108.41
C UNK C 2723 72.17 -17.22 -109.63
N UNK C 2724 71.11 -16.44 -109.82
CA UNK C 2724 70.99 -15.58 -110.98
C UNK C 2724 71.97 -14.42 -110.91
N UNK C 2725 72.54 -14.08 -112.07
CA UNK C 2725 73.47 -12.97 -112.18
C UNK C 2725 72.68 -11.71 -112.49
N UNK C 2726 72.84 -10.69 -111.67
CA UNK C 2726 72.30 -9.38 -111.99
C UNK C 2726 73.25 -8.64 -112.93
N UNK C 2727 72.88 -7.42 -113.31
CA UNK C 2727 73.71 -6.61 -114.19
C UNK C 2727 74.86 -6.03 -113.39
N UNK C 2728 75.93 -6.82 -113.28
CA UNK C 2728 77.10 -6.46 -112.49
C UNK C 2728 78.25 -6.09 -113.41
N UNK C 2729 78.80 -4.90 -113.21
CA UNK C 2729 79.96 -4.46 -113.96
C UNK C 2729 81.23 -4.97 -113.29
N UNK C 2730 82.39 -4.64 -113.86
CA UNK C 2730 83.66 -5.10 -113.31
C UNK C 2730 84.62 -3.92 -113.27
N UNK C 2731 84.94 -3.46 -112.07
CA UNK C 2731 85.86 -2.34 -111.88
C UNK C 2731 86.56 -2.49 -110.54
N UNK C 2732 87.75 -1.92 -110.44
CA UNK C 2732 88.55 -2.05 -109.22
C UNK C 2732 89.26 -0.74 -108.95
N UNK C 2733 89.34 -0.41 -107.66
CA UNK C 2733 90.02 0.79 -107.21
C UNK C 2733 90.51 0.61 -105.77
N ASN C 2734 87.19 6.18 -90.43
CA ASN C 2734 88.29 6.02 -91.37
C ASN C 2734 87.80 5.50 -92.70
N PHE C 2735 88.15 6.19 -93.78
CA PHE C 2735 87.69 5.84 -95.11
C PHE C 2735 88.70 6.36 -96.13
N ASP C 2736 88.72 5.74 -97.31
CA ASP C 2736 89.68 6.09 -98.35
C ASP C 2736 89.11 5.85 -99.74
N PRO C 2737 88.56 6.88 -100.38
CA PRO C 2737 88.21 6.77 -101.80
C PRO C 2737 89.44 6.98 -102.69
N ARG C 2738 89.23 6.80 -104.00
CA ARG C 2738 90.30 6.99 -104.98
C ARG C 2738 89.83 7.83 -106.16
N PRO C 2739 89.89 9.16 -106.05
CA PRO C 2739 89.86 9.98 -107.27
C PRO C 2739 91.24 10.04 -107.89
N VAL C 2740 91.35 10.53 -109.10
CA VAL C 2740 92.64 10.66 -109.76
C VAL C 2740 93.13 12.10 -109.55
N GLU C 2741 94.43 12.31 -109.73
CA GLU C 2741 95.00 13.65 -109.66
C GLU C 2741 94.53 14.45 -110.87
N THR C 2742 93.56 15.34 -110.65
CA THR C 2742 92.96 16.08 -111.76
C THR C 2742 93.71 17.34 -112.12
N LEU C 2743 94.15 18.13 -111.12
CA LEU C 2743 94.72 19.47 -111.37
C LEU C 2743 96.01 19.43 -112.17
N ASN C 2744 96.69 18.28 -112.23
CA ASN C 2744 97.87 18.11 -113.04
C ASN C 2744 97.57 17.43 -114.38
N VAL C 2745 96.40 17.68 -114.96
CA VAL C 2745 96.02 17.13 -116.25
C VAL C 2745 95.79 18.28 -117.22
N ILE C 2746 96.43 18.22 -118.38
CA ILE C 2746 96.38 19.30 -119.36
C ILE C 2746 95.04 19.27 -120.10
N ILE C 2747 94.37 20.41 -120.14
CA ILE C 2747 93.18 20.58 -120.95
C ILE C 2747 93.60 21.21 -122.28
N PRO C 2748 93.32 20.58 -123.41
CA PRO C 2748 93.61 21.21 -124.71
C PRO C 2748 92.77 22.46 -124.95
N GLU C 2749 93.23 23.26 -125.91
CA GLU C 2749 92.66 24.59 -126.13
C GLU C 2749 91.28 24.54 -126.77
N LYS C 2750 90.98 23.50 -127.55
CA LYS C 2750 89.64 23.36 -128.10
C LYS C 2750 88.61 22.94 -127.06
N LEU C 2751 89.05 22.44 -125.90
CA LEU C 2751 88.15 22.10 -124.82
C LEU C 2751 87.87 23.24 -123.87
N ASP C 2752 88.64 24.34 -123.93
CA ASP C 2752 88.38 25.47 -123.04
C ASP C 2752 87.11 26.20 -123.43
N SER C 2753 86.90 26.41 -124.74
CA SER C 2753 85.62 26.93 -125.20
C SER C 2753 84.50 25.92 -124.98
N PHE C 2754 84.82 24.63 -124.94
CA PHE C 2754 83.81 23.62 -124.63
C PHE C 2754 83.42 23.66 -123.14
N ILE C 2755 84.38 23.97 -122.28
CA ILE C 2755 84.09 24.20 -120.86
C ILE C 2755 83.24 25.45 -120.71
N ASN C 2756 83.56 26.50 -121.47
CA ASN C 2756 82.72 27.69 -121.50
C ASN C 2756 81.33 27.39 -122.04
N LYS C 2757 81.21 26.44 -122.97
CA LYS C 2757 79.91 26.04 -123.47
C LYS C 2757 79.11 25.25 -122.45
N PHE C 2758 79.76 24.39 -121.64
CA PHE C 2758 78.98 23.70 -120.61
C PHE C 2758 78.68 24.62 -119.45
N ALA C 2759 79.47 25.67 -119.25
CA ALA C 2759 79.10 26.70 -118.29
C ALA C 2759 77.93 27.53 -118.81
N GLU C 2760 77.92 27.79 -120.12
CA GLU C 2760 76.77 28.40 -120.77
C GLU C 2760 75.53 27.51 -120.67
N TYR C 2761 75.71 26.19 -120.78
CA TYR C 2761 74.59 25.28 -120.62
C TYR C 2761 74.19 25.14 -119.16
N THR C 2762 75.13 25.34 -118.24
CA THR C 2762 74.82 25.39 -116.82
C THR C 2762 73.90 26.56 -116.52
N HIS C 2763 74.24 27.76 -117.04
CA HIS C 2763 73.31 28.88 -116.99
C HIS C 2763 72.02 28.61 -117.76
N GLU C 2764 72.12 27.97 -118.92
CA GLU C 2764 71.01 27.79 -119.84
C GLU C 2764 69.96 26.85 -119.27
N LYS C 2765 70.38 25.91 -118.44
CA LYS C 2765 69.46 25.05 -117.73
C LYS C 2765 69.06 25.65 -116.38
N TRP C 2766 70.00 26.31 -115.69
CA TRP C 2766 69.77 26.72 -114.32
C TRP C 2766 68.87 27.94 -114.22
N ALA C 2767 69.17 29.00 -114.99
CA ALA C 2767 68.28 30.16 -115.07
C ALA C 2767 66.94 29.81 -115.69
N PHE C 2768 66.90 28.82 -116.59
CA PHE C 2768 65.62 28.36 -117.11
C PHE C 2768 64.79 27.66 -116.03
N ASP C 2769 65.43 26.85 -115.18
CA ASP C 2769 64.72 26.27 -114.05
C ASP C 2769 64.30 27.35 -113.05
N LYS C 2770 65.09 28.41 -112.91
CA LYS C 2770 64.66 29.56 -112.11
C LYS C 2770 63.42 30.22 -112.69
N ILE C 2771 63.33 30.33 -114.01
CA ILE C 2771 62.15 30.97 -114.58
C ILE C 2771 60.96 29.99 -114.63
N GLN C 2772 61.23 28.69 -114.67
CA GLN C 2772 60.14 27.71 -114.50
C GLN C 2772 59.59 27.72 -113.08
N ASN C 2773 60.45 27.99 -112.10
CA ASN C 2773 60.00 28.28 -110.75
C ASN C 2773 59.70 29.77 -110.55
N ASN C 2774 59.70 30.54 -111.64
CA ASN C 2774 59.33 31.96 -111.69
C ASN C 2774 60.24 32.82 -110.80
N TRP C 2775 61.56 32.63 -110.93
CA TRP C 2775 62.51 33.55 -110.32
C TRP C 2775 62.84 34.65 -111.33
N SER C 2776 62.33 35.84 -111.07
CA SER C 2776 62.39 36.95 -112.00
C SER C 2776 63.76 37.63 -111.93
N TYR C 2777 63.88 38.80 -112.54
CA TYR C 2777 65.11 39.58 -112.47
C TYR C 2777 64.98 40.64 -111.39
N GLY C 2778 66.10 40.94 -110.74
CA GLY C 2778 66.10 41.96 -109.70
C GLY C 2778 67.47 42.31 -109.18
N GLU C 2779 67.58 42.52 -107.86
CA GLU C 2779 68.83 42.99 -107.28
C GLU C 2779 69.69 41.82 -106.77
N ASN C 2780 69.11 40.96 -105.95
CA ASN C 2780 69.84 39.86 -105.33
C ASN C 2780 69.09 38.56 -105.55
N VAL C 2781 69.70 37.46 -105.08
CA VAL C 2781 69.02 36.19 -105.04
C VAL C 2781 68.10 36.26 -103.83
N ASP C 2782 66.89 36.77 -104.04
CA ASP C 2782 65.96 37.06 -102.97
C ASP C 2782 64.75 36.16 -103.15
N GLU C 2783 64.34 35.52 -102.06
CA GLU C 2783 63.20 34.62 -102.11
C GLU C 2783 61.86 35.35 -102.01
N GLU C 2784 61.83 36.48 -101.31
CA GLU C 2784 60.60 37.25 -101.18
C GLU C 2784 60.23 37.91 -102.50
N LEU C 2785 61.17 38.63 -103.11
CA LEU C 2785 60.92 39.28 -104.38
C LEU C 2785 61.04 38.34 -105.56
N LYS C 2786 61.55 37.11 -105.33
CA LYS C 2786 61.71 36.05 -106.33
C LYS C 2786 62.57 36.52 -107.50
N THR C 2787 63.78 36.96 -107.16
CA THR C 2787 64.66 37.62 -108.11
C THR C 2787 65.91 36.79 -108.38
N HIS C 2788 66.49 37.03 -109.55
CA HIS C 2788 67.70 36.39 -110.06
C HIS C 2788 68.48 37.45 -110.85
N PRO C 2789 69.49 38.08 -110.24
CA PRO C 2789 70.21 39.17 -110.92
C PRO C 2789 71.13 38.72 -112.03
N MET C 2790 71.41 37.42 -112.14
CA MET C 2790 72.29 36.90 -113.17
C MET C 2790 71.53 36.43 -114.41
N LEU C 2791 70.28 36.87 -114.58
CA LEU C 2791 69.52 36.56 -115.79
C LEU C 2791 70.10 37.37 -116.94
N ARG C 2792 71.19 36.86 -117.50
CA ARG C 2792 71.93 37.49 -118.59
C ARG C 2792 72.84 36.42 -119.20
N PRO C 2793 73.15 36.50 -120.50
CA PRO C 2793 73.82 35.38 -121.18
C PRO C 2793 75.24 35.17 -120.69
N TYR C 2794 75.78 34.01 -121.06
CA TYR C 2794 77.08 33.60 -120.56
C TYR C 2794 78.22 34.40 -121.18
N LYS C 2795 78.03 34.89 -122.41
CA LYS C 2795 78.99 35.79 -123.05
C LYS C 2795 79.04 37.16 -122.42
N THR C 2796 78.07 37.49 -121.56
CA THR C 2796 77.99 38.78 -120.93
C THR C 2796 78.53 38.79 -119.50
N PHE C 2797 78.80 37.64 -118.90
CA PHE C 2797 79.38 37.64 -117.57
C PHE C 2797 80.85 38.05 -117.62
N SER C 2798 81.37 38.41 -116.44
CA SER C 2798 82.78 38.72 -116.26
C SER C 2798 83.52 37.44 -115.88
N GLU C 2799 84.80 37.56 -115.53
CA GLU C 2799 85.63 36.39 -115.25
C GLU C 2799 85.51 35.88 -113.82
N LYS C 2800 84.42 36.19 -113.13
CA LYS C 2800 84.09 35.58 -111.84
C LYS C 2800 82.78 34.82 -111.88
N ASP C 2801 81.74 35.41 -112.46
CA ASP C 2801 80.46 34.73 -112.60
C ASP C 2801 80.51 33.62 -113.63
N LYS C 2802 81.43 33.71 -114.61
CA LYS C 2802 81.75 32.57 -115.46
C LYS C 2802 82.40 31.45 -114.68
N GLU C 2803 83.24 31.78 -113.70
CA GLU C 2803 83.91 30.77 -112.88
C GLU C 2803 82.95 30.08 -111.91
N ILE C 2804 81.80 30.69 -111.61
CA ILE C 2804 80.79 30.04 -110.78
C ILE C 2804 80.20 28.85 -111.52
N TYR C 2805 80.00 29.00 -112.82
CA TYR C 2805 79.46 27.94 -113.69
C TYR C 2805 80.54 26.98 -114.15
N ARG C 2806 81.78 27.47 -114.23
CA ARG C 2806 82.91 26.83 -114.89
C ARG C 2806 83.56 25.71 -114.07
N TRP C 2807 83.53 25.79 -112.73
CA TRP C 2807 84.40 24.92 -111.93
C TRP C 2807 84.01 23.44 -111.90
N PRO C 2808 82.69 23.02 -112.00
CA PRO C 2808 82.46 21.57 -112.09
C PRO C 2808 82.52 21.06 -113.53
N ILE C 2809 83.44 21.59 -114.33
CA ILE C 2809 83.60 21.20 -115.72
C ILE C 2809 85.07 20.87 -115.93
N LYS C 2810 85.92 21.81 -115.47
CA LYS C 2810 87.35 21.72 -115.69
C LYS C 2810 87.95 20.49 -115.02
N GLU C 2811 87.74 20.37 -113.70
CA GLU C 2811 88.30 19.23 -112.98
C GLU C 2811 87.56 17.94 -113.29
N SER C 2812 86.37 18.03 -113.88
CA SER C 2812 85.67 16.85 -114.36
C SER C 2812 86.33 16.28 -115.61
N LEU C 2813 86.57 17.14 -116.62
CA LEU C 2813 87.28 16.72 -117.81
C LEU C 2813 88.74 16.38 -117.54
N LYS C 2814 89.37 17.05 -116.56
CA LYS C 2814 90.72 16.68 -116.13
C LYS C 2814 90.78 15.26 -115.56
N ALA C 2815 89.75 14.86 -114.81
CA ALA C 2815 89.65 13.46 -114.41
C ALA C 2815 89.37 12.57 -115.61
N MET C 2816 88.54 13.05 -116.54
CA MET C 2816 88.20 12.29 -117.74
C MET C 2816 89.37 12.09 -118.69
N ILE C 2817 90.25 13.08 -118.84
CA ILE C 2817 91.42 12.89 -119.70
C ILE C 2817 92.40 11.90 -119.07
N ALA C 2818 92.60 12.00 -117.75
CA ALA C 2818 93.49 11.07 -117.06
C ALA C 2818 92.92 9.66 -117.01
N TRP C 2819 91.60 9.53 -117.05
CA TRP C 2819 90.98 8.21 -117.11
C TRP C 2819 91.01 7.63 -118.52
N GLU C 2820 90.38 8.31 -119.46
CA GLU C 2820 90.14 7.79 -120.80
C GLU C 2820 90.69 8.78 -121.82
N TRP C 2821 91.67 8.33 -122.61
CA TRP C 2821 92.34 9.18 -123.60
C TRP C 2821 91.56 9.22 -124.93
N THR C 2822 90.25 9.52 -124.82
CA THR C 2822 89.38 9.77 -125.98
C THR C 2822 88.45 10.92 -125.59
N ILE C 2823 88.87 12.16 -125.84
CA ILE C 2823 87.91 13.27 -125.93
C ILE C 2823 88.23 13.98 -127.23
N GLU C 2824 87.51 13.61 -128.29
CA GLU C 2824 87.87 14.00 -129.66
C GLU C 2824 86.60 14.39 -130.40
N LYS C 2825 86.76 15.24 -131.41
CA LYS C 2825 85.66 15.71 -132.24
C LYS C 2825 85.18 14.54 -133.10
N ALA C 2826 84.07 13.92 -132.70
CA ALA C 2826 83.61 12.68 -133.31
C ALA C 2826 82.23 12.80 -133.96
N ARG C 2827 81.30 13.51 -133.34
CA ARG C 2827 79.92 13.56 -133.83
C ARG C 2827 79.43 14.99 -134.05
N GLU C 2828 78.13 15.13 -134.30
CA GLU C 2828 77.48 16.43 -134.43
C GLU C 2828 76.52 16.61 -133.26
N GLY C 2829 76.36 17.86 -132.82
CA GLY C 2829 75.64 18.13 -131.58
C GLY C 2829 74.14 17.94 -131.72
N GLU C 2830 73.53 17.51 -130.62
CA GLU C 2830 72.09 17.29 -130.57
C GLU C 2830 71.49 17.96 -129.34
N TYR C 2855 66.46 37.66 -118.62
CA TYR C 2855 66.87 36.82 -119.75
C TYR C 2855 66.50 35.36 -119.52
N ASN C 2856 65.90 34.73 -120.53
CA ASN C 2856 65.43 33.36 -120.44
C ASN C 2856 66.17 32.49 -121.45
N PRO C 2857 67.22 31.79 -121.03
CA PRO C 2857 67.87 30.83 -121.93
C PRO C 2857 67.08 29.53 -121.98
N GLN C 2858 67.18 28.83 -123.10
CA GLN C 2858 66.35 27.65 -123.36
C GLN C 2858 67.22 26.42 -123.56
N PRO C 2859 67.22 25.46 -122.64
CA PRO C 2859 68.07 24.27 -122.79
C PRO C 2859 67.49 23.32 -123.83
N PRO C 2860 68.28 22.94 -124.83
CA PRO C 2860 67.76 22.04 -125.88
C PRO C 2860 67.68 20.59 -125.42
N ASP C 2861 67.22 19.71 -126.30
CA ASP C 2861 67.16 18.29 -125.99
C ASP C 2861 68.53 17.66 -126.17
N LEU C 2862 69.04 17.06 -125.10
CA LEU C 2862 70.34 16.38 -125.13
C LEU C 2862 70.20 14.86 -125.15
N SER C 2863 69.00 14.34 -124.91
CA SER C 2863 68.74 12.91 -124.85
C SER C 2863 68.26 12.37 -126.19
N GLY C 2864 68.84 12.87 -127.28
CA GLY C 2864 68.49 12.36 -128.60
C GLY C 2864 68.94 10.94 -128.85
N VAL C 2865 70.09 10.54 -128.28
CA VAL C 2865 70.60 9.18 -128.39
C VAL C 2865 70.84 8.65 -126.98
N THR C 2866 70.26 7.49 -126.69
CA THR C 2866 70.53 6.81 -125.43
C THR C 2866 71.98 6.32 -125.42
N LEU C 2867 72.65 6.55 -124.28
CA LEU C 2867 74.03 6.13 -124.12
C LEU C 2867 74.14 4.60 -124.18
N SER C 2868 75.23 4.10 -124.76
CA SER C 2868 75.43 2.68 -124.94
C SER C 2868 75.90 2.04 -123.63
N ARG C 2869 76.40 0.81 -123.68
CA ARG C 2869 77.10 0.31 -122.52
C ARG C 2869 78.43 1.03 -122.32
N GLU C 2870 79.15 1.31 -123.42
CA GLU C 2870 80.42 2.00 -123.37
C GLU C 2870 80.29 3.43 -122.86
N LEU C 2871 79.18 4.10 -123.19
CA LEU C 2871 78.91 5.45 -122.73
C LEU C 2871 78.13 5.50 -121.42
N GLN C 2872 77.36 4.46 -121.11
CA GLN C 2872 76.53 4.45 -119.91
C GLN C 2872 77.33 3.95 -118.72
N ALA C 2873 78.43 3.23 -118.97
CA ALA C 2873 79.40 2.98 -117.93
C ALA C 2873 80.10 4.27 -117.50
N MET C 2874 80.14 5.28 -118.36
CA MET C 2874 80.61 6.57 -117.89
C MET C 2874 79.56 7.36 -117.13
N ALA C 2875 78.29 6.97 -117.16
CA ALA C 2875 77.38 7.49 -116.15
C ALA C 2875 77.71 6.92 -114.79
N GLU C 2876 77.92 5.61 -114.74
CA GLU C 2876 78.47 4.89 -113.59
C GLU C 2876 79.84 5.42 -113.16
N GLN C 2877 80.58 6.04 -114.07
CA GLN C 2877 81.92 6.56 -113.79
C GLN C 2877 81.93 8.05 -113.44
N LEU C 2878 81.04 8.85 -114.02
CA LEU C 2878 81.06 10.28 -113.74
C LEU C 2878 80.18 10.64 -112.55
N ALA C 2879 79.13 9.86 -112.27
CA ALA C 2879 78.53 10.01 -110.95
C ALA C 2879 79.45 9.41 -109.89
N GLU C 2880 80.30 8.46 -110.28
CA GLU C 2880 81.38 8.04 -109.40
C GLU C 2880 82.43 9.13 -109.25
N ASN C 2881 82.61 9.98 -110.25
CA ASN C 2881 83.50 11.14 -110.07
C ASN C 2881 82.85 12.17 -109.16
N TYR C 2882 81.54 12.35 -109.30
CA TYR C 2882 80.70 13.14 -108.39
C TYR C 2882 80.70 12.60 -106.98
N HIS C 2883 81.06 11.33 -106.80
CA HIS C 2883 81.37 10.85 -105.48
C HIS C 2883 82.85 10.96 -105.13
N ASN C 2884 83.78 10.66 -106.05
CA ASN C 2884 85.20 10.59 -105.75
C ASN C 2884 85.80 11.96 -105.46
N THR C 2885 85.72 12.88 -106.41
CA THR C 2885 86.31 14.20 -106.19
C THR C 2885 85.51 14.97 -105.14
N TRP C 2886 84.19 14.97 -105.27
CA TRP C 2886 83.35 15.70 -104.34
C TRP C 2886 83.32 15.06 -102.96
N GLY C 2887 83.69 13.78 -102.84
CA GLY C 2887 83.67 13.12 -101.55
C GLY C 2887 85.03 13.06 -100.90
N ARG C 2888 86.10 13.09 -101.70
CA ARG C 2888 87.40 13.47 -101.17
C ARG C 2888 87.36 14.89 -100.63
N LYS C 2889 86.67 15.79 -101.34
CA LYS C 2889 86.47 17.14 -100.85
C LYS C 2889 85.53 17.16 -99.64
N LYS C 2890 84.58 16.23 -99.58
CA LYS C 2890 83.68 16.15 -98.42
C LYS C 2890 84.41 15.61 -97.19
N LYS C 2891 85.31 14.64 -97.39
CA LYS C 2891 86.16 14.18 -96.29
C LYS C 2891 87.13 15.25 -95.84
N GLN C 2892 87.68 16.03 -96.78
CA GLN C 2892 88.47 17.20 -96.41
C GLN C 2892 87.64 18.25 -95.71
N GLU C 2893 86.35 18.35 -96.05
CA GLU C 2893 85.44 19.27 -95.36
C GLU C 2893 85.23 18.87 -93.90
N LEU C 2894 85.28 17.56 -93.61
CA LEU C 2894 85.17 17.14 -92.22
C LEU C 2894 86.51 17.24 -91.49
N GLU C 2895 87.59 16.87 -92.18
CA GLU C 2895 88.94 16.93 -91.60
C GLU C 2895 89.42 18.35 -91.37
N ALA C 2896 88.90 19.33 -92.10
CA ALA C 2896 89.28 20.73 -91.93
C ALA C 2896 88.31 21.48 -91.02
N LYS C 2897 87.26 20.81 -90.55
CA LYS C 2897 86.37 21.36 -89.55
C LYS C 2897 86.54 20.69 -88.20
N GLY C 2898 87.74 20.17 -87.90
CA GLY C 2898 88.00 19.54 -86.62
C GLY C 2898 87.35 18.19 -86.42
N GLY C 2899 86.82 17.59 -87.45
CA GLY C 2899 86.10 16.34 -87.35
C GLY C 2899 84.67 16.48 -87.83
N GLY C 2900 83.84 15.55 -87.41
CA GLY C 2900 82.47 15.49 -87.87
C GLY C 2900 82.31 14.30 -88.79
N THR C 2901 81.10 13.71 -88.77
CA THR C 2901 80.78 12.54 -89.58
C THR C 2901 79.77 12.91 -90.65
N HIS C 2902 79.58 11.99 -91.59
CA HIS C 2902 78.62 12.17 -92.66
C HIS C 2902 78.22 10.77 -93.12
N PRO C 2903 76.93 10.48 -93.23
CA PRO C 2903 76.49 9.12 -93.54
C PRO C 2903 76.67 8.69 -94.99
N LEU C 2904 77.24 9.54 -95.84
CA LEU C 2904 77.43 9.20 -97.25
C LEU C 2904 78.90 9.13 -97.58
N LEU C 2905 79.69 8.56 -96.69
CA LEU C 2905 81.07 8.19 -97.01
C LEU C 2905 81.16 6.72 -97.38
N VAL C 2906 80.10 6.24 -98.03
CA VAL C 2906 79.97 4.86 -98.48
C VAL C 2906 80.38 4.84 -99.95
N PRO C 2907 80.79 3.67 -100.48
CA PRO C 2907 81.14 3.59 -101.90
C PRO C 2907 79.94 3.84 -102.81
N TYR C 2908 80.27 4.09 -104.08
CA TYR C 2908 79.29 4.51 -105.07
C TYR C 2908 78.29 3.40 -105.41
N ASP C 2909 78.73 2.14 -105.39
CA ASP C 2909 77.83 1.03 -105.70
C ASP C 2909 76.79 0.81 -104.60
N THR C 2910 77.04 1.32 -103.40
CA THR C 2910 76.16 1.10 -102.26
C THR C 2910 75.37 2.34 -101.88
N LEU C 2911 75.13 3.25 -102.82
CA LEU C 2911 74.40 4.46 -102.50
C LEU C 2911 72.90 4.18 -102.45
N THR C 2912 72.14 5.18 -102.03
CA THR C 2912 70.69 5.11 -102.05
C THR C 2912 70.19 5.60 -103.42
N ALA C 2913 68.89 5.43 -103.66
CA ALA C 2913 68.32 5.76 -104.96
C ALA C 2913 68.18 7.27 -105.18
N LYS C 2914 68.36 8.09 -104.15
CA LYS C 2914 68.32 9.54 -104.34
C LYS C 2914 69.54 10.01 -105.12
N GLU C 2915 70.74 9.68 -104.65
CA GLU C 2915 71.95 10.00 -105.39
C GLU C 2915 72.18 9.05 -106.56
N LYS C 2916 71.47 7.93 -106.61
CA LYS C 2916 71.37 7.13 -107.83
C LYS C 2916 70.31 7.68 -108.78
N ALA C 2917 69.73 8.84 -108.47
CA ALA C 2917 68.97 9.63 -109.41
C ALA C 2917 69.68 10.93 -109.78
N ARG C 2918 70.03 11.76 -108.79
CA ARG C 2918 70.52 13.12 -109.03
C ARG C 2918 71.92 13.19 -109.63
N ASP C 2919 72.92 12.56 -109.00
CA ASP C 2919 74.28 12.61 -109.53
C ASP C 2919 74.42 11.79 -110.81
N ARG C 2920 73.65 10.71 -110.95
CA ARG C 2920 73.61 10.00 -112.22
C ARG C 2920 72.96 10.83 -113.32
N GLU C 2921 71.94 11.61 -112.97
CA GLU C 2921 71.31 12.53 -113.93
C GLU C 2921 72.30 13.61 -114.37
N LYS C 2922 73.06 14.14 -113.41
CA LYS C 2922 74.08 15.14 -113.73
C LYS C 2922 75.19 14.54 -114.59
N ALA C 2923 75.57 13.28 -114.33
CA ALA C 2923 76.58 12.61 -115.13
C ALA C 2923 76.08 12.35 -116.55
N GLN C 2924 74.83 11.92 -116.69
CA GLN C 2924 74.28 11.65 -118.01
C GLN C 2924 74.07 12.93 -118.80
N GLU C 2925 73.73 14.04 -118.13
CA GLU C 2925 73.61 15.29 -118.86
C GLU C 2925 74.97 15.86 -119.23
N LEU C 2926 76.00 15.60 -118.43
CA LEU C 2926 77.36 15.94 -118.85
C LEU C 2926 77.81 15.10 -120.04
N LEU C 2927 77.47 13.82 -120.04
CA LEU C 2927 77.81 12.94 -121.17
C LEU C 2927 77.03 13.32 -122.43
N LYS C 2928 75.78 13.72 -122.29
CA LYS C 2928 75.01 14.14 -123.45
C LYS C 2928 75.42 15.54 -123.91
N PHE C 2929 75.98 16.36 -123.03
CA PHE C 2929 76.62 17.56 -123.52
C PHE C 2929 77.94 17.25 -124.21
N LEU C 2930 78.64 16.19 -123.81
CA LEU C 2930 79.79 15.72 -124.57
C LEU C 2930 79.37 15.24 -125.95
N GLN C 2931 78.21 14.60 -126.04
CA GLN C 2931 77.60 14.29 -127.34
C GLN C 2931 77.30 15.56 -128.13
N MET C 2932 76.84 16.61 -127.46
CA MET C 2932 76.75 17.92 -128.09
C MET C 2932 78.14 18.41 -128.47
N ASN C 2933 78.26 18.92 -129.69
CA ASN C 2933 79.53 19.22 -130.38
C ASN C 2933 80.44 17.99 -130.50
N GLY C 2934 79.87 16.78 -130.41
CA GLY C 2934 80.51 15.52 -130.72
C GLY C 2934 81.82 15.15 -130.07
N TYR C 2935 81.86 15.05 -128.74
CA TYR C 2935 83.06 14.63 -128.03
C TYR C 2935 82.78 13.27 -127.40
N ALA C 2936 82.98 12.22 -128.20
CA ALA C 2936 82.68 10.85 -127.78
C ALA C 2936 83.80 10.34 -126.89
N VAL C 2937 83.44 9.81 -125.73
CA VAL C 2937 84.45 9.39 -124.76
C VAL C 2937 84.31 7.89 -124.49
N THR C 2938 85.16 7.10 -125.12
CA THR C 2938 85.08 5.64 -125.07
C THR C 2938 86.41 5.09 -124.59
N ARG C 2939 86.37 4.20 -123.59
CA ARG C 2939 87.58 3.51 -123.15
C ARG C 2939 87.76 2.20 -123.91
N UNK C 3113 87.61 -2.27 -121.62
CA UNK C 3113 86.50 -1.33 -121.69
C UNK C 3113 85.27 -1.90 -121.01
N UNK C 3114 84.28 -2.30 -121.81
CA UNK C 3114 83.06 -2.92 -121.32
C UNK C 3114 83.13 -4.43 -121.54
N UNK C 3115 82.39 -5.16 -120.70
CA UNK C 3115 82.44 -6.61 -120.75
C UNK C 3115 81.37 -7.16 -121.69
N UNK C 3116 81.22 -8.48 -121.72
CA UNK C 3116 80.26 -9.14 -122.59
C UNK C 3116 78.86 -9.05 -121.99
N UNK C 3117 77.87 -8.93 -122.87
CA UNK C 3117 76.48 -8.88 -122.46
C UNK C 3117 75.84 -10.27 -122.52
N UNK C 3118 76.44 -11.20 -121.77
CA UNK C 3118 76.00 -12.57 -121.72
C UNK C 3118 75.64 -12.94 -120.28
N UNK C 3119 74.87 -14.01 -120.14
CA UNK C 3119 74.51 -14.50 -118.82
C UNK C 3119 75.73 -15.15 -118.18
N UNK C 3120 76.53 -14.36 -117.48
CA UNK C 3120 77.78 -14.85 -116.92
C UNK C 3120 77.56 -15.77 -115.74
N UNK C 3121 76.39 -15.71 -115.09
CA UNK C 3121 75.98 -16.54 -113.96
C UNK C 3121 76.98 -16.41 -112.81
N UNK C 3122 77.02 -15.23 -112.17
CA UNK C 3122 78.07 -14.85 -111.22
C UNK C 3122 78.24 -15.81 -110.05
N UNK C 3123 77.22 -16.57 -109.70
CA UNK C 3123 77.42 -17.66 -108.75
C UNK C 3123 78.21 -18.81 -109.39
N UNK C 3124 78.02 -19.05 -110.69
CA UNK C 3124 78.69 -20.14 -111.37
C UNK C 3124 80.06 -19.78 -111.92
N UNK C 3125 80.29 -18.52 -112.26
CA UNK C 3125 81.63 -18.09 -112.64
C UNK C 3125 82.55 -18.06 -111.43
N UNK C 3126 82.03 -17.64 -110.28
CA UNK C 3126 82.78 -17.78 -109.03
C UNK C 3126 82.95 -19.24 -108.66
N UNK C 3127 81.98 -20.09 -109.02
CA UNK C 3127 82.15 -21.52 -108.82
C UNK C 3127 83.22 -22.10 -109.73
N UNK C 3128 83.35 -21.57 -110.94
CA UNK C 3128 84.41 -22.00 -111.84
C UNK C 3128 85.77 -21.52 -111.35
N UNK C 3129 85.83 -20.32 -110.80
CA UNK C 3129 87.05 -19.84 -110.16
C UNK C 3129 87.40 -20.67 -108.93
N UNK C 3130 86.38 -21.12 -108.19
CA UNK C 3130 86.62 -22.00 -107.06
C UNK C 3130 87.04 -23.39 -107.50
N UNK C 3131 86.54 -23.87 -108.63
CA UNK C 3131 86.99 -25.15 -109.17
C UNK C 3131 88.42 -25.05 -109.68
N UNK C 3132 88.80 -23.88 -110.20
CA UNK C 3132 90.20 -23.64 -110.55
C UNK C 3132 91.07 -23.59 -109.31
N UNK C 3133 90.58 -22.97 -108.23
CA UNK C 3133 91.29 -23.01 -106.96
C UNK C 3133 91.36 -24.42 -106.40
N UNK C 3134 90.35 -25.25 -106.69
CA UNK C 3134 90.36 -26.65 -106.26
C UNK C 3134 91.37 -27.46 -107.06
N UNK C 3135 91.52 -27.16 -108.36
CA UNK C 3135 92.57 -27.80 -109.14
C UNK C 3135 93.95 -27.34 -108.71
N UNK C 3136 94.06 -26.08 -108.27
CA UNK C 3136 95.32 -25.60 -107.71
C UNK C 3136 95.62 -26.26 -106.37
N UNK C 3137 94.60 -26.47 -105.55
CA UNK C 3137 94.73 -27.21 -104.30
C UNK C 3137 94.94 -28.69 -104.52
N UNK C 3138 94.58 -29.22 -105.69
CA UNK C 3138 94.96 -30.58 -106.03
C UNK C 3138 96.46 -30.71 -106.21
N UNK C 3139 97.12 -29.65 -106.69
CA UNK C 3139 98.57 -29.63 -106.71
C UNK C 3139 99.15 -29.59 -105.30
N UNK C 3140 98.49 -28.86 -104.39
CA UNK C 3140 98.91 -28.87 -102.99
C UNK C 3140 98.67 -30.23 -102.35
N UNK C 3141 97.60 -30.93 -102.74
CA UNK C 3141 97.34 -32.28 -102.26
C UNK C 3141 98.37 -33.26 -102.79
N UNK C 3142 98.81 -33.09 -104.04
CA UNK C 3142 99.89 -33.93 -104.57
C UNK C 3142 101.21 -33.63 -103.89
N UNK C 3143 101.46 -32.37 -103.52
CA UNK C 3143 102.67 -32.02 -102.79
C UNK C 3143 102.64 -32.58 -101.37
N UNK C 3144 101.47 -32.57 -100.74
CA UNK C 3144 101.34 -33.13 -99.39
C UNK C 3144 101.39 -34.65 -99.40
N UNK C 3145 100.88 -35.28 -100.45
CA UNK C 3145 101.05 -36.72 -100.61
C UNK C 3145 102.51 -37.05 -100.90
N UNK C 3146 103.21 -36.15 -101.60
CA UNK C 3146 104.66 -36.26 -101.70
C UNK C 3146 105.33 -35.96 -100.37
N UNK C 3147 104.71 -35.11 -99.54
CA UNK C 3147 105.23 -34.81 -98.22
C UNK C 3147 104.76 -35.85 -97.20
N UNK C 3148 98.22 -24.17 -97.75
CA UNK C 3148 98.73 -23.77 -96.44
C UNK C 3148 97.59 -23.31 -95.54
N UNK C 3149 97.42 -21.99 -95.43
CA UNK C 3149 96.38 -21.42 -94.59
C UNK C 3149 94.99 -21.58 -95.17
N UNK C 3150 94.87 -21.76 -96.48
CA UNK C 3150 93.57 -21.92 -97.11
C UNK C 3150 93.14 -23.37 -97.19
N UNK C 3151 93.94 -24.30 -96.67
CA UNK C 3151 93.55 -25.71 -96.62
C UNK C 3151 92.37 -25.93 -95.70
N UNK C 3152 92.32 -25.20 -94.59
CA UNK C 3152 91.11 -25.15 -93.78
C UNK C 3152 89.99 -24.40 -94.47
N UNK C 3153 90.31 -23.35 -95.21
CA UNK C 3153 89.32 -22.65 -96.01
C UNK C 3153 88.81 -23.53 -97.16
N UNK C 3154 89.66 -24.42 -97.66
CA UNK C 3154 89.21 -25.39 -98.65
C UNK C 3154 88.38 -26.51 -98.04
N UNK C 3155 88.72 -26.94 -96.83
CA UNK C 3155 87.93 -27.99 -96.19
C UNK C 3155 86.56 -27.48 -95.76
N UNK C 3156 86.47 -26.20 -95.37
CA UNK C 3156 85.17 -25.62 -95.05
C UNK C 3156 84.34 -25.45 -96.32
N UNK C 3157 84.98 -25.13 -97.44
CA UNK C 3157 84.28 -25.09 -98.71
C UNK C 3157 83.83 -26.46 -99.18
N UNK C 3158 84.58 -27.51 -98.82
CA UNK C 3158 84.15 -28.87 -99.13
C UNK C 3158 82.88 -29.23 -98.38
N UNK C 3159 82.72 -28.71 -97.17
CA UNK C 3159 81.47 -28.89 -96.44
C UNK C 3159 80.36 -28.02 -97.00
N UNK C 3160 80.67 -26.77 -97.35
CA UNK C 3160 79.67 -25.87 -97.89
C UNK C 3160 79.24 -26.22 -99.30
N UNK C 3161 79.98 -27.08 -99.99
CA UNK C 3161 79.62 -27.49 -101.34
C UNK C 3161 78.36 -28.33 -101.37
N UNK C 3162 78.22 -29.29 -100.44
CA UNK C 3162 77.00 -30.08 -100.36
C UNK C 3162 75.81 -29.23 -99.97
N UNK C 3163 76.03 -28.18 -99.19
CA UNK C 3163 74.98 -27.23 -98.87
C UNK C 3163 74.58 -26.40 -100.08
N UNK C 3164 75.54 -25.84 -100.81
CA UNK C 3164 75.25 -24.95 -101.91
C UNK C 3164 74.70 -25.66 -103.14
N UNK C 3165 75.11 -26.91 -103.39
CA UNK C 3165 74.56 -27.67 -104.50
C UNK C 3165 73.10 -28.02 -104.26
N UNK C 3166 72.79 -28.46 -103.04
CA UNK C 3166 71.40 -28.75 -102.69
C UNK C 3166 70.61 -27.47 -102.47
N UNK C 3167 71.30 -26.34 -102.28
CA UNK C 3167 70.63 -25.06 -102.15
C UNK C 3167 69.94 -24.66 -103.45
N UNK C 3168 70.64 -24.75 -104.58
CA UNK C 3168 69.93 -24.53 -105.83
C UNK C 3168 69.24 -25.82 -106.27
N UNK C 3169 70.01 -26.81 -106.71
CA UNK C 3169 69.58 -28.20 -106.99
C UNK C 3169 68.46 -28.33 -108.04
N UNK C 3170 67.94 -27.23 -108.57
CA UNK C 3170 66.84 -27.23 -109.54
C UNK C 3170 67.15 -26.20 -110.61
N UNK C 3171 68.19 -25.41 -110.35
CA UNK C 3171 68.66 -24.43 -111.32
C UNK C 3171 69.21 -25.08 -112.58
N UNK C 3172 69.65 -26.35 -112.50
CA UNK C 3172 69.96 -27.11 -113.70
C UNK C 3172 68.71 -27.34 -114.54
N UNK C 3173 67.56 -27.57 -113.89
CA UNK C 3173 66.31 -27.69 -114.64
C UNK C 3173 65.81 -26.32 -115.09
N UNK C 3174 66.22 -25.26 -114.41
CA UNK C 3174 65.85 -23.91 -114.83
C UNK C 3174 66.64 -23.48 -116.05
N UNK C 3175 67.96 -23.37 -115.93
CA UNK C 3175 68.87 -23.01 -117.01
C UNK C 3175 70.13 -23.84 -116.85
N UNK C 3176 70.39 -24.73 -117.82
CA UNK C 3176 71.48 -25.70 -117.71
C UNK C 3176 72.81 -25.03 -118.01
N UNK C 3177 73.52 -24.68 -116.94
CA UNK C 3177 74.91 -24.27 -117.03
C UNK C 3177 75.79 -25.48 -116.75
N UNK C 3178 76.59 -25.88 -117.72
CA UNK C 3178 77.42 -27.07 -117.61
C UNK C 3178 78.71 -26.83 -116.84
N UNK C 3179 78.89 -25.62 -116.28
CA UNK C 3179 80.06 -25.35 -115.44
C UNK C 3179 80.05 -26.19 -114.18
N UNK C 3180 78.86 -26.51 -113.66
CA UNK C 3180 78.78 -27.40 -112.51
C UNK C 3180 79.18 -28.82 -112.87
N UNK C 3181 78.76 -29.30 -114.05
CA UNK C 3181 79.16 -30.63 -114.48
C UNK C 3181 80.65 -30.70 -114.77
N UNK C 3182 81.23 -29.60 -115.24
CA UNK C 3182 82.68 -29.52 -115.42
C UNK C 3182 83.42 -29.50 -114.09
N UNK C 3183 82.94 -28.73 -113.12
CA UNK C 3183 83.53 -28.72 -111.78
C UNK C 3183 83.36 -30.05 -111.07
N UNK C 3184 82.34 -30.83 -111.44
CA UNK C 3184 82.18 -32.18 -110.90
C UNK C 3184 83.36 -33.06 -111.31
N UNK C 3185 83.74 -33.03 -112.58
CA UNK C 3185 84.92 -33.77 -113.00
C UNK C 3185 86.21 -33.14 -112.49
N UNK C 3186 86.22 -31.81 -112.32
CA UNK C 3186 87.37 -31.13 -111.75
C UNK C 3186 87.60 -31.53 -110.29
N UNK C 3187 86.52 -31.85 -109.58
CA UNK C 3187 86.65 -32.44 -108.25
C UNK C 3187 86.92 -33.93 -108.32
N UNK C 3188 86.42 -34.61 -109.36
CA UNK C 3188 86.61 -36.05 -109.49
C UNK C 3188 88.06 -36.40 -109.79
N UNK C 3189 88.81 -35.47 -110.39
CA UNK C 3189 90.23 -35.68 -110.61
C UNK C 3189 90.99 -35.78 -109.29
N UNK C 3190 90.79 -34.80 -108.38
CA UNK C 3190 91.43 -34.87 -107.08
C UNK C 3190 90.83 -35.97 -106.21
N UNK C 3191 89.58 -36.36 -106.49
CA UNK C 3191 89.00 -37.52 -105.84
C UNK C 3191 89.68 -38.81 -106.26
N UNK C 3192 90.01 -38.97 -107.53
CA UNK C 3192 90.81 -40.11 -107.95
C UNK C 3192 92.24 -40.00 -107.42
N UNK C 3193 92.71 -38.78 -107.18
CA UNK C 3193 94.02 -38.58 -106.55
C UNK C 3193 94.04 -39.01 -105.09
N UNK C 3194 92.88 -39.18 -104.45
CA UNK C 3194 92.80 -39.68 -103.08
C UNK C 3194 91.99 -40.95 -102.97
N UNK C 3195 91.58 -41.54 -104.10
CA UNK C 3195 90.74 -42.73 -104.08
C UNK C 3195 91.49 -43.96 -103.57
N UNK C 3196 92.81 -43.93 -103.56
CA UNK C 3196 93.61 -44.99 -102.96
C UNK C 3196 93.96 -44.70 -101.51
N UNK C 3197 93.92 -43.43 -101.09
CA UNK C 3197 94.39 -43.07 -99.76
C UNK C 3197 93.26 -42.55 -98.88
N UNK C 3198 92.59 -41.50 -99.32
CA UNK C 3198 91.51 -40.78 -98.60
C UNK C 3198 91.98 -40.33 -97.21
N UNK C 3199 92.99 -39.47 -97.22
CA UNK C 3199 93.55 -38.92 -96.00
C UNK C 3199 92.72 -37.79 -95.41
N UNK C 3200 91.92 -37.10 -96.23
CA UNK C 3200 91.12 -35.99 -95.75
C UNK C 3200 89.84 -36.46 -95.09
N UNK C 3201 88.92 -35.52 -94.85
CA UNK C 3201 87.65 -35.83 -94.22
C UNK C 3201 86.76 -36.65 -95.14
N UNK C 3202 86.05 -37.61 -94.55
CA UNK C 3202 85.11 -38.45 -95.28
C UNK C 3202 83.76 -37.78 -95.49
N UNK C 3203 83.58 -36.55 -95.00
CA UNK C 3203 82.39 -35.77 -95.29
C UNK C 3203 82.33 -35.35 -96.74
N UNK C 3204 83.48 -35.26 -97.41
CA UNK C 3204 83.51 -35.04 -98.84
C UNK C 3204 82.91 -36.20 -99.61
N UNK C 3205 82.95 -37.42 -99.07
CA UNK C 3205 82.30 -38.56 -99.72
C UNK C 3205 80.78 -38.43 -99.68
N UNK C 3206 80.24 -37.92 -98.57
CA UNK C 3206 78.81 -37.64 -98.50
C UNK C 3206 78.43 -36.44 -99.35
N UNK C 3207 79.31 -35.42 -99.41
CA UNK C 3207 79.13 -34.31 -100.33
C UNK C 3207 79.14 -34.75 -101.78
N UNK C 3208 79.92 -35.77 -102.11
CA UNK C 3208 79.88 -36.37 -103.44
C UNK C 3208 78.54 -37.03 -103.70
N UNK C 3209 77.97 -37.70 -102.69
CA UNK C 3209 76.62 -38.23 -102.83
C UNK C 3209 75.58 -37.12 -102.90
N UNK C 3210 75.80 -36.02 -102.17
CA UNK C 3210 74.88 -34.89 -102.23
C UNK C 3210 74.92 -34.20 -103.59
N UNK C 3211 76.07 -34.21 -104.25
CA UNK C 3211 76.19 -33.72 -105.61
C UNK C 3211 75.64 -34.71 -106.63
N UNK C 3212 75.79 -36.01 -106.39
CA UNK C 3212 75.26 -37.01 -107.30
C UNK C 3212 73.74 -37.06 -107.25
N UNK C 3213 73.15 -36.72 -106.11
CA UNK C 3213 71.71 -36.64 -106.00
C UNK C 3213 71.13 -35.45 -106.76
N UNK C 3214 71.81 -34.30 -106.74
CA UNK C 3214 71.30 -33.13 -107.44
C UNK C 3214 71.58 -33.20 -108.93
N UNK C 3215 72.40 -34.16 -109.35
CA UNK C 3215 72.76 -34.28 -110.76
C UNK C 3215 71.61 -34.86 -111.57
N UNK C 3216 71.18 -36.08 -111.23
CA UNK C 3216 70.12 -36.73 -111.99
C UNK C 3216 69.07 -37.32 -111.05
N UNK C 3217 74.41 -36.29 -125.20
CA UNK C 3217 73.86 -35.04 -125.73
C UNK C 3217 74.97 -34.07 -126.11
N UNK C 3218 74.59 -32.82 -126.41
CA UNK C 3218 75.59 -31.79 -126.66
C UNK C 3218 76.36 -31.44 -125.40
N UNK C 3219 75.72 -31.55 -124.24
CA UNK C 3219 76.43 -31.43 -122.98
C UNK C 3219 77.37 -32.61 -122.76
N UNK C 3220 76.90 -33.81 -123.13
CA UNK C 3220 77.71 -35.03 -122.98
C UNK C 3220 78.53 -35.28 -124.24
N UNK C 3221 79.30 -34.26 -124.63
CA UNK C 3221 80.08 -34.32 -125.85
C UNK C 3221 81.49 -34.78 -125.57
N UNK C 3222 82.25 -34.03 -124.78
CA UNK C 3222 83.65 -34.35 -124.52
C UNK C 3222 83.89 -34.30 -123.02
N UNK C 3223 83.56 -35.39 -122.33
CA UNK C 3223 83.91 -35.51 -120.92
C UNK C 3223 84.65 -36.82 -120.64
N UNK C 3224 84.13 -37.91 -121.21
CA UNK C 3224 84.64 -39.28 -121.03
C UNK C 3224 84.79 -39.67 -119.55
N UNK C 3225 83.86 -39.18 -118.72
CA UNK C 3225 83.89 -39.52 -117.30
C UNK C 3225 83.44 -40.95 -117.08
N UNK C 3226 82.57 -41.46 -117.96
CA UNK C 3226 82.23 -42.87 -117.94
C UNK C 3226 83.42 -43.72 -118.39
N UNK C 3227 84.22 -43.21 -119.32
CA UNK C 3227 85.47 -43.89 -119.67
C UNK C 3227 86.47 -43.83 -118.53
N UNK C 3228 86.39 -42.79 -117.69
CA UNK C 3228 87.22 -42.74 -116.49
C UNK C 3228 86.75 -43.73 -115.43
N UNK C 3229 85.43 -43.87 -115.28
CA UNK C 3229 84.83 -44.83 -114.37
C UNK C 3229 84.92 -46.27 -114.87
N UNK C 3230 85.28 -46.47 -116.16
CA UNK C 3230 85.65 -47.78 -116.64
C UNK C 3230 86.87 -48.33 -115.89
N UNK C 3231 87.81 -47.46 -115.54
CA UNK C 3231 88.95 -47.87 -114.74
C UNK C 3231 88.52 -48.24 -113.32
N UNK C 3232 87.48 -47.57 -112.81
CA UNK C 3232 86.93 -47.98 -111.52
C UNK C 3232 86.19 -49.30 -111.63
N UNK C 3233 85.56 -49.56 -112.78
CA UNK C 3233 84.91 -50.85 -113.00
C UNK C 3233 85.95 -51.97 -113.13
N UNK C 3234 87.13 -51.66 -113.66
CA UNK C 3234 88.23 -52.62 -113.69
C UNK C 3234 88.88 -52.80 -112.32
N UNK C 3235 89.00 -51.73 -111.54
CA UNK C 3235 89.44 -51.84 -110.16
C UNK C 3235 88.43 -52.58 -109.29
N UNK C 3236 87.15 -52.57 -109.69
CA UNK C 3236 86.16 -53.43 -109.03
C UNK C 3236 86.47 -54.90 -109.28
N UNK C 3237 86.87 -55.25 -110.51
CA UNK C 3237 87.32 -56.61 -110.78
C UNK C 3237 88.62 -56.92 -110.06
N UNK C 3238 89.50 -55.94 -109.91
CA UNK C 3238 90.73 -56.12 -109.16
C UNK C 3238 90.48 -56.37 -107.68
N UNK C 3239 89.54 -55.63 -107.08
CA UNK C 3239 89.17 -55.87 -105.70
C UNK C 3239 88.38 -57.16 -105.55
N UNK C 3240 87.64 -57.57 -106.58
CA UNK C 3240 86.97 -58.86 -106.56
C UNK C 3240 87.98 -60.01 -106.60
N UNK C 3241 89.05 -59.86 -107.37
CA UNK C 3241 90.12 -60.85 -107.36
C UNK C 3241 90.89 -60.81 -106.04
N UNK C 3242 91.02 -59.63 -105.43
CA UNK C 3242 91.63 -59.52 -104.11
C UNK C 3242 90.80 -60.18 -103.03
N UNK C 3243 89.47 -60.11 -103.14
CA UNK C 3243 88.59 -60.79 -102.20
C UNK C 3243 88.49 -62.28 -102.48
N UNK C 3244 88.59 -62.70 -103.74
CA UNK C 3244 88.63 -64.12 -104.05
C UNK C 3244 89.94 -64.75 -103.62
N UNK C 3245 91.02 -63.97 -103.62
CA UNK C 3245 92.30 -64.43 -103.09
C UNK C 3245 92.45 -64.18 -101.60
N UNK C 3246 91.52 -63.42 -101.00
CA UNK C 3246 91.54 -63.17 -99.57
C UNK C 3246 90.57 -64.09 -98.85
N UNK C 3247 94.05 -48.49 -103.30
CA UNK C 3247 93.06 -49.23 -104.07
C UNK C 3247 91.92 -49.66 -103.17
N UNK C 3248 92.10 -49.46 -101.87
CA UNK C 3248 91.11 -49.85 -100.87
C UNK C 3248 90.26 -48.68 -100.39
N UNK C 3249 90.69 -47.44 -100.56
CA UNK C 3249 89.90 -46.32 -100.09
C UNK C 3249 88.72 -46.00 -100.99
N UNK C 3250 88.75 -46.45 -102.25
CA UNK C 3250 87.61 -46.29 -103.15
C UNK C 3250 86.70 -47.51 -103.17
N UNK C 3251 86.59 -48.24 -102.06
CA UNK C 3251 85.83 -49.47 -102.03
C UNK C 3251 84.40 -49.30 -101.52
N UNK C 3252 84.13 -48.24 -100.76
CA UNK C 3252 82.82 -48.07 -100.14
C UNK C 3252 82.07 -46.86 -100.65
N UNK C 3253 82.71 -45.69 -100.66
CA UNK C 3253 82.04 -44.47 -101.13
C UNK C 3253 81.77 -44.53 -102.62
N UNK C 3254 82.65 -45.19 -103.37
CA UNK C 3254 82.40 -45.40 -104.79
C UNK C 3254 81.23 -46.34 -105.03
N UNK C 3255 81.11 -47.40 -104.22
CA UNK C 3255 79.98 -48.30 -104.35
C UNK C 3255 78.67 -47.64 -103.93
N UNK C 3256 78.75 -46.70 -102.99
CA UNK C 3256 77.57 -45.94 -102.61
C UNK C 3256 77.14 -44.96 -103.70
N UNK C 3257 78.10 -44.21 -104.25
CA UNK C 3257 77.79 -43.24 -105.29
C UNK C 3257 77.41 -43.93 -106.59
N UNK C 3258 77.84 -45.18 -106.79
CA UNK C 3258 77.41 -45.94 -107.95
C UNK C 3258 75.92 -46.27 -107.87
N UNK C 3259 75.46 -46.75 -106.70
CA UNK C 3259 74.04 -46.95 -106.48
C UNK C 3259 73.27 -45.65 -106.56
N UNK C 3260 73.85 -44.55 -106.06
CA UNK C 3260 73.19 -43.24 -106.10
C UNK C 3260 73.00 -42.75 -107.53
N UNK C 3261 74.06 -42.78 -108.33
CA UNK C 3261 73.95 -42.30 -109.71
C UNK C 3261 73.16 -43.25 -110.59
N UNK C 3262 73.19 -44.55 -110.28
CA UNK C 3262 72.44 -45.49 -111.09
C UNK C 3262 70.95 -45.47 -110.79
N UNK C 3263 70.58 -45.21 -109.53
CA UNK C 3263 69.19 -44.93 -109.19
C UNK C 3263 68.77 -43.54 -109.66
N UNK C 3264 69.71 -42.61 -109.82
CA UNK C 3264 69.43 -41.31 -110.38
C UNK C 3264 69.11 -41.36 -111.86
N UNK C 3265 69.33 -42.49 -112.52
CA UNK C 3265 68.96 -42.71 -113.91
C UNK C 3265 67.49 -43.05 -114.07
N UNK C 3266 66.71 -42.94 -113.00
CA UNK C 3266 65.26 -43.07 -113.06
C UNK C 3266 64.61 -41.87 -113.75
N UNK C 3267 65.30 -40.75 -113.85
CA UNK C 3267 64.76 -39.58 -114.52
C UNK C 3267 65.59 -39.25 -115.75
N UNK C 3268 66.90 -39.39 -115.64
CA UNK C 3268 67.81 -39.05 -116.72
C UNK C 3268 68.23 -40.31 -117.47
N UNK C 3269 68.66 -40.13 -118.73
CA UNK C 3269 69.10 -41.23 -119.56
C UNK C 3269 70.10 -40.71 -120.59
N UNK C 3270 71.07 -41.56 -120.91
CA UNK C 3270 72.10 -41.25 -121.89
C UNK C 3270 72.22 -42.40 -122.88
N UNK C 3271 73.22 -42.33 -123.74
CA UNK C 3271 73.44 -43.32 -124.78
C UNK C 3271 74.49 -44.36 -124.43
N UNK C 3272 75.05 -44.29 -123.22
CA UNK C 3272 76.15 -45.14 -122.74
C UNK C 3272 77.35 -45.08 -123.67
N UNK C 3273 77.80 -43.85 -123.96
CA UNK C 3273 78.95 -43.60 -124.82
C UNK C 3273 80.21 -44.07 -124.09
N UNK C 3274 80.78 -45.17 -124.59
CA UNK C 3274 81.91 -45.89 -123.97
C UNK C 3274 81.61 -46.26 -122.53
N UNK C 3275 80.37 -46.66 -122.28
CA UNK C 3275 79.91 -46.95 -120.93
C UNK C 3275 79.16 -48.27 -120.79
N UNK C 3276 78.52 -48.78 -121.84
CA UNK C 3276 77.83 -50.07 -121.75
C UNK C 3276 78.82 -51.20 -121.53
N UNK C 3277 79.93 -51.19 -122.27
CA UNK C 3277 80.99 -52.17 -122.03
C UNK C 3277 81.70 -51.91 -120.71
N UNK C 3278 81.79 -50.65 -120.30
CA UNK C 3278 82.39 -50.31 -119.00
C UNK C 3278 81.59 -50.89 -117.85
N UNK C 3279 80.25 -50.79 -117.93
CA UNK C 3279 79.39 -51.40 -116.93
C UNK C 3279 79.38 -52.92 -117.06
N UNK C 3280 79.46 -53.43 -118.29
CA UNK C 3280 79.43 -54.87 -118.51
C UNK C 3280 80.69 -55.55 -118.04
N UNK C 3281 81.81 -54.81 -117.98
CA UNK C 3281 83.05 -55.35 -117.42
C UNK C 3281 82.89 -55.69 -115.94
N UNK C 3282 82.45 -54.72 -115.15
CA UNK C 3282 82.20 -54.98 -113.73
C UNK C 3282 80.99 -55.91 -113.55
N UNK C 3283 80.07 -55.94 -114.51
CA UNK C 3283 78.92 -56.84 -114.41
C UNK C 3283 79.34 -58.29 -114.59
N UNK C 3284 80.18 -58.58 -115.57
CA UNK C 3284 80.72 -59.92 -115.73
C UNK C 3284 81.67 -60.27 -114.59
N UNK C 3285 82.39 -59.27 -114.06
CA UNK C 3285 83.21 -59.49 -112.88
C UNK C 3285 82.38 -59.87 -111.67
N UNK C 3286 81.21 -59.24 -111.50
CA UNK C 3286 80.33 -59.58 -110.40
C UNK C 3286 79.65 -60.93 -110.62
N UNK C 3287 79.29 -61.24 -111.86
CA UNK C 3287 78.73 -62.55 -112.17
C UNK C 3287 79.73 -63.67 -111.95
N UNK C 3288 81.02 -63.37 -112.15
CA UNK C 3288 82.06 -64.33 -111.81
C UNK C 3288 82.30 -64.45 -110.32
N UNK C 3289 82.52 -63.34 -109.63
CA UNK C 3289 82.87 -63.34 -108.22
C UNK C 3289 81.67 -63.45 -107.30
N UNK C 3290 80.47 -63.69 -107.85
CA UNK C 3290 79.31 -63.94 -107.01
C UNK C 3290 79.39 -65.29 -106.31
N UNK C 3291 80.23 -66.20 -106.80
CA UNK C 3291 80.46 -67.49 -106.15
C UNK C 3291 81.89 -67.63 -105.64
N UNK C 3292 82.61 -66.53 -105.49
CA UNK C 3292 83.98 -66.56 -104.98
C UNK C 3292 83.93 -66.82 -103.48
N UNK C 3293 84.51 -67.93 -103.05
CA UNK C 3293 84.50 -68.29 -101.63
C UNK C 3293 85.54 -67.47 -100.87
N UNK C 3294 85.42 -67.51 -99.54
CA UNK C 3294 86.22 -66.72 -98.60
C UNK C 3294 86.16 -65.23 -98.91
N UNK C 3295 84.97 -64.78 -99.29
CA UNK C 3295 84.70 -63.40 -99.67
C UNK C 3295 83.56 -62.91 -98.78
N UNK C 3296 83.70 -63.14 -97.48
CA UNK C 3296 82.69 -62.83 -96.49
C UNK C 3296 82.68 -61.35 -96.13
N UNK C 3297 82.04 -61.02 -95.01
CA UNK C 3297 81.89 -59.66 -94.48
C UNK C 3297 81.11 -58.76 -95.46
N UNK C 3298 79.82 -59.10 -95.57
CA UNK C 3298 78.78 -58.25 -96.14
C UNK C 3298 78.99 -57.86 -97.59
N UNK C 3299 78.87 -58.83 -98.49
CA UNK C 3299 78.88 -58.54 -99.93
C UNK C 3299 77.58 -57.86 -100.35
N UNK C 3300 77.42 -56.61 -99.97
CA UNK C 3300 76.19 -55.84 -100.19
C UNK C 3300 76.41 -54.68 -101.15
N UNK C 3301 77.40 -54.80 -102.04
CA UNK C 3301 77.60 -53.84 -103.11
C UNK C 3301 76.67 -54.09 -104.29
N UNK C 3302 75.80 -55.10 -104.19
CA UNK C 3302 74.79 -55.36 -105.23
C UNK C 3302 73.64 -54.37 -105.18
N UNK C 3303 73.64 -53.42 -104.23
CA UNK C 3303 72.75 -52.28 -104.30
C UNK C 3303 73.02 -51.44 -105.54
N UNK C 3304 74.29 -51.25 -105.90
CA UNK C 3304 74.62 -50.59 -107.16
C UNK C 3304 74.18 -51.41 -108.36
N UNK C 3305 74.23 -52.74 -108.24
CA UNK C 3305 73.72 -53.63 -109.28
C UNK C 3305 72.20 -53.52 -109.44
N UNK C 3306 71.47 -53.48 -108.33
CA UNK C 3306 70.03 -53.26 -108.38
C UNK C 3306 69.69 -51.89 -108.93
N UNK C 3307 70.47 -50.87 -108.58
CA UNK C 3307 70.22 -49.52 -109.07
C UNK C 3307 70.58 -49.36 -110.55
N UNK C 3308 71.55 -50.12 -111.04
CA UNK C 3308 71.91 -50.12 -112.45
C UNK C 3308 71.10 -51.14 -113.25
N UNK C 3309 70.31 -51.97 -112.56
CA UNK C 3309 69.42 -52.92 -113.22
C UNK C 3309 68.23 -52.26 -113.92
N UNK C 3310 68.01 -50.96 -113.68
CA UNK C 3310 66.96 -50.22 -114.37
C UNK C 3310 67.58 -49.37 -115.47
N UNK C 3311 68.60 -49.90 -116.13
CA UNK C 3311 69.27 -49.20 -117.23
C UNK C 3311 68.49 -49.38 -118.53
N UNK C 3312 69.13 -49.03 -119.64
CA UNK C 3312 68.54 -49.20 -120.97
C UNK C 3312 68.27 -50.67 -121.26
N UNK C 3313 69.27 -51.52 -121.07
CA UNK C 3313 69.11 -52.95 -121.27
C UNK C 3313 69.99 -53.74 -120.31
N UNK C 3314 79.77 -63.30 -121.92
CA UNK C 3314 80.20 -62.56 -123.10
C UNK C 3314 79.97 -63.39 -124.37
N UNK C 3315 78.72 -63.82 -124.55
CA UNK C 3315 78.37 -64.63 -125.71
C UNK C 3315 78.29 -63.78 -126.98
N UNK C 3316 77.37 -62.82 -126.99
CA UNK C 3316 77.24 -61.89 -128.11
C UNK C 3316 78.19 -60.71 -128.00
N UNK C 3317 78.86 -60.57 -126.87
CA UNK C 3317 79.88 -59.53 -126.69
C UNK C 3317 81.12 -59.79 -127.52
N UNK C 3318 81.42 -61.05 -127.84
CA UNK C 3318 82.46 -61.36 -128.80
C UNK C 3318 82.09 -60.91 -130.21
N UNK C 3319 80.79 -60.83 -130.52
CA UNK C 3319 80.30 -60.31 -131.78
C UNK C 3319 80.18 -58.80 -131.78
N UNK C 3320 80.61 -58.15 -130.70
CA UNK C 3320 80.57 -56.70 -130.59
C UNK C 3320 81.86 -56.17 -129.99
N UNK C 3321 82.84 -57.05 -129.79
CA UNK C 3321 84.11 -56.67 -129.18
C UNK C 3321 84.93 -55.81 -130.13
N UNK C 3322 85.29 -56.37 -131.28
CA UNK C 3322 85.99 -55.62 -132.31
C UNK C 3322 85.09 -55.24 -133.46
N UNK C 3323 83.96 -55.93 -133.64
CA UNK C 3323 83.06 -55.63 -134.75
C UNK C 3323 82.37 -54.28 -134.56
N UNK C 3324 81.84 -54.03 -133.37
CA UNK C 3324 81.28 -52.71 -133.07
C UNK C 3324 82.36 -51.66 -132.89
N UNK C 3325 83.58 -52.07 -132.53
CA UNK C 3325 84.69 -51.13 -132.42
C UNK C 3325 85.13 -50.61 -133.78
N UNK C 3326 85.14 -51.48 -134.79
CA UNK C 3326 85.48 -51.05 -136.15
C UNK C 3326 84.28 -50.39 -136.82
N UNK C 3327 83.18 -51.12 -136.95
CA UNK C 3327 81.96 -50.59 -137.55
C UNK C 3327 81.12 -49.87 -136.50
N UNK C 3328 75.16 -49.63 -132.45
CA UNK C 3328 75.19 -50.61 -131.36
C UNK C 3328 74.86 -52.00 -131.88
N UNK C 3329 75.73 -52.97 -131.58
CA UNK C 3329 75.53 -54.35 -132.00
C UNK C 3329 74.72 -55.09 -130.94
N UNK C 3330 73.45 -54.70 -130.83
CA UNK C 3330 72.52 -55.29 -129.89
C UNK C 3330 71.21 -55.57 -130.61
N UNK C 3331 70.59 -56.70 -130.28
CA UNK C 3331 69.39 -57.13 -130.98
C UNK C 3331 68.23 -57.39 -130.02
N UNK C 3332 67.15 -57.97 -130.52
CA UNK C 3332 65.97 -58.27 -129.72
C UNK C 3332 66.15 -59.46 -128.80
N UNK C 3333 67.26 -60.18 -128.92
CA UNK C 3333 67.59 -61.28 -128.02
C UNK C 3333 69.01 -61.09 -127.49
N UNK C 3334 69.34 -59.87 -127.09
CA UNK C 3334 70.67 -59.56 -126.57
C UNK C 3334 70.72 -59.79 -125.07
N UNK C 3335 69.89 -59.03 -124.32
CA UNK C 3335 69.78 -59.25 -122.88
C UNK C 3335 68.74 -60.31 -122.54
N UNK C 3336 67.84 -60.62 -123.47
CA UNK C 3336 66.86 -61.68 -123.24
C UNK C 3336 67.43 -63.07 -123.48
N UNK C 3337 68.67 -63.17 -123.96
CA UNK C 3337 69.28 -64.48 -124.16
C UNK C 3337 69.70 -65.11 -122.85
N UNK C 3338 70.25 -64.34 -121.93
CA UNK C 3338 70.62 -64.82 -120.61
C UNK C 3338 69.44 -64.83 -119.65
N UNK C 3339 68.30 -64.26 -120.05
CA UNK C 3339 67.11 -64.23 -119.20
C UNK C 3339 66.53 -65.62 -119.01
N UNK C 3340 66.66 -66.49 -120.01
CA UNK C 3340 66.17 -67.85 -119.84
C UNK C 3340 67.07 -68.68 -118.92
N UNK C 3341 68.39 -68.46 -118.98
CA UNK C 3341 69.29 -69.10 -118.05
C UNK C 3341 69.07 -68.63 -116.63
N UNK C 3342 68.83 -67.32 -116.46
CA UNK C 3342 68.44 -66.79 -115.16
C UNK C 3342 67.09 -67.32 -114.69
N UNK C 3343 66.14 -67.52 -115.60
CA UNK C 3343 64.84 -68.06 -115.22
C UNK C 3343 64.94 -69.52 -114.81
N UNK C 3344 65.80 -70.28 -115.48
CA UNK C 3344 66.07 -71.65 -115.08
C UNK C 3344 66.78 -71.72 -113.73
N UNK C 3345 67.75 -70.83 -113.51
CA UNK C 3345 68.43 -70.76 -112.22
C UNK C 3345 67.48 -70.33 -111.11
N UNK C 3346 66.50 -69.49 -111.43
CA UNK C 3346 65.48 -69.12 -110.46
C UNK C 3346 64.49 -70.24 -110.19
N UNK C 3347 64.07 -70.97 -111.23
CA UNK C 3347 63.16 -72.09 -111.06
C UNK C 3347 63.81 -73.26 -110.34
N UNK C 3348 65.15 -73.35 -110.36
CA UNK C 3348 65.85 -74.34 -109.55
C UNK C 3348 65.64 -74.07 -108.07
N UNK C 3349 66.01 -72.87 -107.61
CA UNK C 3349 65.86 -72.50 -106.21
C UNK C 3349 64.41 -72.24 -105.82
N UNK C 3350 63.49 -72.16 -106.78
CA UNK C 3350 62.07 -72.10 -106.45
C UNK C 3350 61.60 -73.39 -105.81
N UNK C 3351 62.05 -74.53 -106.33
CA UNK C 3351 61.76 -75.82 -105.73
C UNK C 3351 62.74 -76.17 -104.62
N UNK C 3352 64.04 -75.95 -104.83
CA UNK C 3352 65.02 -76.21 -103.81
C UNK C 3352 64.91 -75.14 -102.73
N UNK C 3353 64.29 -75.50 -101.60
CA UNK C 3353 64.09 -74.56 -100.50
C UNK C 3353 65.44 -74.31 -99.83
N UNK C 3354 66.14 -73.29 -100.31
CA UNK C 3354 67.49 -72.99 -99.87
C UNK C 3354 67.44 -72.35 -98.49
N UNK C 3355 67.29 -73.21 -97.48
CA UNK C 3355 67.27 -72.75 -96.10
C UNK C 3355 68.64 -72.34 -95.60
N UNK C 3356 69.70 -72.81 -96.25
CA UNK C 3356 71.05 -72.40 -95.87
C UNK C 3356 71.31 -70.96 -96.30
N UNK C 3357 71.82 -70.17 -95.36
CA UNK C 3357 72.15 -68.79 -95.67
C UNK C 3357 73.31 -68.69 -96.65
N UNK C 3358 74.24 -69.65 -96.61
CA UNK C 3358 75.29 -69.69 -97.62
C UNK C 3358 74.73 -70.07 -98.99
N UNK C 3359 73.66 -70.87 -99.02
CA UNK C 3359 73.01 -71.17 -100.28
C UNK C 3359 72.25 -69.95 -100.81
N UNK C 3360 71.66 -69.16 -99.92
CA UNK C 3360 70.94 -67.96 -100.32
C UNK C 3360 71.87 -66.78 -100.60
N UNK C 3361 73.12 -66.85 -100.16
CA UNK C 3361 74.03 -65.71 -100.28
C UNK C 3361 74.52 -65.51 -101.71
N UNK C 3362 74.24 -66.45 -102.60
CA UNK C 3362 74.56 -66.28 -104.02
C UNK C 3362 73.31 -66.06 -104.86
N UNK C 3363 72.12 -66.25 -104.29
CA UNK C 3363 70.87 -66.14 -105.02
C UNK C 3363 70.11 -64.87 -104.63
N UNK C 3364 69.84 -64.69 -103.34
CA UNK C 3364 69.17 -63.48 -102.89
C UNK C 3364 70.07 -62.25 -102.99
N UNK C 3365 71.38 -62.43 -102.81
CA UNK C 3365 72.31 -61.32 -102.95
C UNK C 3365 72.60 -60.97 -104.41
N UNK C 3366 72.13 -61.79 -105.34
CA UNK C 3366 72.26 -61.50 -106.76
C UNK C 3366 70.94 -61.14 -107.42
N UNK C 3367 69.81 -61.49 -106.79
CA UNK C 3367 68.50 -61.19 -107.36
C UNK C 3367 68.11 -59.72 -107.24
N UNK C 3368 68.93 -58.92 -106.55
CA UNK C 3368 68.71 -57.47 -106.51
C UNK C 3368 68.80 -56.87 -107.90
N UNK C 3369 69.80 -57.27 -108.68
CA UNK C 3369 69.88 -56.83 -110.06
C UNK C 3369 68.89 -57.55 -110.97
N UNK C 3370 68.22 -58.59 -110.47
CA UNK C 3370 67.19 -59.27 -111.25
C UNK C 3370 65.81 -58.70 -110.99
N UNK C 3371 65.63 -57.98 -109.87
CA UNK C 3371 64.33 -57.47 -109.48
C UNK C 3371 63.77 -56.42 -110.44
N UNK C 3372 64.60 -55.76 -111.23
CA UNK C 3372 64.14 -54.70 -112.12
C UNK C 3372 63.72 -55.27 -113.47
N UNK C 3373 62.81 -56.25 -113.43
CA UNK C 3373 62.34 -56.91 -114.65
C UNK C 3373 61.46 -55.99 -115.48
N UNK C 3374 60.45 -55.37 -114.85
CA UNK C 3374 59.60 -54.44 -115.58
C UNK C 3374 60.30 -53.12 -115.86
N UNK C 3375 61.44 -52.87 -115.20
CA UNK C 3375 62.23 -51.68 -115.50
C UNK C 3375 63.13 -51.90 -116.70
N UNK C 3376 63.76 -53.08 -116.79
CA UNK C 3376 64.49 -53.45 -118.00
C UNK C 3376 63.55 -53.59 -119.18
N UNK C 3377 62.33 -54.08 -118.94
CA UNK C 3377 61.29 -54.02 -119.95
C UNK C 3377 60.76 -52.60 -120.06
N UNK C 3378 60.06 -52.34 -121.16
CA UNK C 3378 59.37 -51.06 -121.33
C UNK C 3378 57.93 -51.23 -120.87
N UNK C 3379 57.20 -52.14 -121.51
CA UNK C 3379 55.83 -52.47 -121.16
C UNK C 3379 55.86 -53.67 -120.21
N UNK C 3380 54.71 -54.24 -119.84
CA UNK C 3380 54.70 -55.39 -118.94
C UNK C 3380 54.41 -56.64 -119.74
N UNK C 3381 55.07 -56.78 -120.89
CA UNK C 3381 54.88 -57.93 -121.76
C UNK C 3381 55.37 -59.21 -121.07
N UNK C 3382 56.38 -59.09 -120.22
CA UNK C 3382 56.92 -60.23 -119.47
C UNK C 3382 56.42 -60.26 -118.03
N UNK C 3383 55.21 -59.74 -117.79
CA UNK C 3383 54.67 -59.74 -116.43
C UNK C 3383 54.00 -61.04 -116.05
N UNK C 3384 53.77 -61.95 -117.01
CA UNK C 3384 53.24 -63.27 -116.67
C UNK C 3384 54.24 -64.08 -115.87
N UNK C 3385 55.53 -63.87 -116.12
CA UNK C 3385 56.56 -64.49 -115.29
C UNK C 3385 56.60 -63.88 -113.90
N UNK C 3386 56.40 -62.56 -113.80
CA UNK C 3386 56.35 -61.90 -112.50
C UNK C 3386 55.10 -62.27 -111.71
N UNK C 3387 54.05 -62.71 -112.38
CA UNK C 3387 52.85 -63.20 -111.70
C UNK C 3387 53.11 -64.46 -110.90
N UNK C 3388 54.12 -65.25 -111.28
CA UNK C 3388 54.54 -66.40 -110.50
C UNK C 3388 55.82 -66.15 -109.72
N UNK C 3389 56.61 -65.15 -110.11
CA UNK C 3389 57.82 -64.82 -109.36
C UNK C 3389 57.50 -64.25 -107.98
N UNK C 3390 56.35 -63.57 -107.86
CA UNK C 3390 55.90 -63.11 -106.56
C UNK C 3390 55.56 -64.29 -105.66
N UNK C 3391 54.91 -65.32 -106.21
CA UNK C 3391 54.63 -66.53 -105.44
C UNK C 3391 55.91 -67.28 -105.11
N UNK C 3392 56.92 -67.20 -106.00
CA UNK C 3392 58.21 -67.80 -105.71
C UNK C 3392 58.90 -67.09 -104.54
N UNK C 3393 58.86 -65.76 -104.53
CA UNK C 3393 59.39 -65.01 -103.40
C UNK C 3393 58.58 -65.25 -102.12
N UNK C 3394 57.28 -65.51 -102.27
CA UNK C 3394 56.45 -65.84 -101.13
C UNK C 3394 56.80 -67.22 -100.56
N UNK C 3395 57.14 -68.17 -101.44
CA UNK C 3395 57.61 -69.46 -100.96
C UNK C 3395 58.98 -69.35 -100.33
N UNK C 3396 59.83 -68.46 -100.85
CA UNK C 3396 61.13 -68.21 -100.23
C UNK C 3396 60.99 -67.59 -98.85
N UNK C 3397 59.93 -66.81 -98.63
CA UNK C 3397 59.62 -66.29 -97.31
C UNK C 3397 58.97 -67.32 -96.40
N UNK C 3398 58.08 -68.15 -96.93
CA UNK C 3398 57.43 -69.23 -96.20
C UNK C 3398 58.37 -70.38 -95.90
N UNK C 3399 59.57 -70.36 -96.47
CA UNK C 3399 60.67 -71.23 -96.07
C UNK C 3399 61.13 -71.00 -94.62
N UNK C 3400 60.66 -69.92 -93.98
CA UNK C 3400 60.73 -69.70 -92.53
C UNK C 3400 62.16 -69.65 -92.01
N UNK C 3401 62.91 -68.64 -92.44
CA UNK C 3401 64.25 -68.38 -91.92
C UNK C 3401 64.20 -68.16 -90.41
N UNK C 3402 65.20 -68.69 -89.72
CA UNK C 3402 65.10 -68.87 -88.28
C UNK C 3402 65.32 -67.58 -87.50
N UNK C 3403 66.53 -67.01 -87.58
CA UNK C 3403 66.81 -65.83 -86.77
C UNK C 3403 67.10 -64.59 -87.58
N UNK C 3404 68.15 -64.64 -88.40
CA UNK C 3404 68.64 -63.44 -89.10
C UNK C 3404 69.09 -63.75 -90.52
N UNK C 3405 68.51 -64.77 -91.16
CA UNK C 3405 68.88 -65.04 -92.54
C UNK C 3405 68.17 -64.07 -93.49
N UNK C 3406 66.84 -64.17 -93.56
CA UNK C 3406 66.05 -63.20 -94.31
C UNK C 3406 65.75 -61.95 -93.50
N UNK C 3407 66.03 -61.97 -92.20
CA UNK C 3407 65.86 -60.77 -91.39
C UNK C 3407 66.99 -59.78 -91.62
N UNK C 3408 68.24 -60.24 -91.71
CA UNK C 3408 69.32 -59.36 -92.11
C UNK C 3408 69.25 -59.02 -93.59
N UNK C 3409 68.84 -59.96 -94.42
CA UNK C 3409 68.55 -59.68 -95.83
C UNK C 3409 67.09 -59.31 -96.03
N UNK C 3410 66.62 -58.34 -95.25
CA UNK C 3410 65.29 -57.79 -95.41
C UNK C 3410 65.30 -56.54 -96.30
N UNK C 3411 66.45 -56.21 -96.88
CA UNK C 3411 66.50 -55.17 -97.89
C UNK C 3411 65.84 -55.60 -99.19
N UNK C 3412 65.61 -56.90 -99.38
CA UNK C 3412 64.76 -57.37 -100.47
C UNK C 3412 63.32 -56.94 -100.26
N UNK C 3413 62.88 -56.81 -99.00
CA UNK C 3413 61.53 -56.31 -98.75
C UNK C 3413 61.42 -54.84 -99.09
N UNK C 3414 62.54 -54.11 -99.10
CA UNK C 3414 62.53 -52.73 -99.59
C UNK C 3414 62.29 -52.68 -101.09
N UNK C 3415 62.83 -53.64 -101.83
CA UNK C 3415 62.55 -53.73 -103.26
C UNK C 3415 61.21 -54.38 -103.56
N UNK C 3416 60.64 -55.11 -102.60
CA UNK C 3416 59.41 -55.86 -102.80
C UNK C 3416 58.15 -55.03 -102.63
N UNK C 3417 58.27 -53.70 -102.63
CA UNK C 3417 57.08 -52.85 -102.54
C UNK C 3417 56.45 -52.63 -103.91
N UNK C 3418 57.25 -52.23 -104.90
CA UNK C 3418 56.74 -51.99 -106.24
C UNK C 3418 56.38 -53.29 -106.97
N UNK C 3419 56.89 -54.43 -106.50
CA UNK C 3419 56.50 -55.71 -107.07
C UNK C 3419 55.06 -56.07 -106.77
N UNK C 3420 54.49 -55.54 -105.68
CA UNK C 3420 53.10 -55.80 -105.32
C UNK C 3420 52.14 -54.87 -106.04
N UNK C 3421 52.63 -54.05 -106.96
CA UNK C 3421 51.77 -53.16 -107.74
C UNK C 3421 51.17 -53.91 -108.94
N UNK C 3422 52.03 -54.43 -109.81
CA UNK C 3422 51.60 -55.06 -111.04
C UNK C 3422 51.34 -56.55 -110.88
N UNK C 3423 51.35 -57.07 -109.65
CA UNK C 3423 51.10 -58.48 -109.41
C UNK C 3423 49.62 -58.77 -109.60
N UNK C 3424 49.31 -59.69 -110.52
CA UNK C 3424 47.93 -60.09 -110.78
C UNK C 3424 47.41 -60.87 -109.59
N UNK C 3425 46.57 -60.22 -108.78
CA UNK C 3425 46.03 -60.87 -107.59
C UNK C 3425 44.95 -61.89 -107.91
N UNK C 3426 44.31 -61.78 -109.07
CA UNK C 3426 43.36 -62.82 -109.47
C UNK C 3426 44.08 -64.12 -109.78
N UNK C 3427 45.17 -64.04 -110.53
CA UNK C 3427 46.04 -65.19 -110.73
C UNK C 3427 46.75 -65.62 -109.46
N UNK C 3428 47.06 -64.68 -108.58
CA UNK C 3428 47.74 -64.95 -107.33
C UNK C 3428 46.78 -65.07 -106.16
N UNK C 3429 45.51 -65.39 -106.42
CA UNK C 3429 44.61 -65.77 -105.34
C UNK C 3429 45.06 -67.05 -104.66
N UNK C 3430 45.65 -67.98 -105.42
CA UNK C 3430 46.27 -69.14 -104.82
C UNK C 3430 47.51 -68.75 -104.02
N UNK C 3431 48.25 -67.76 -104.48
CA UNK C 3431 49.36 -67.24 -103.69
C UNK C 3431 48.87 -66.48 -102.48
N UNK C 3432 47.68 -65.91 -102.55
CA UNK C 3432 47.06 -65.28 -101.39
C UNK C 3432 46.62 -66.33 -100.39
N UNK C 3433 46.13 -67.46 -100.88
CA UNK C 3433 45.83 -68.58 -99.97
C UNK C 3433 47.10 -69.19 -99.40
N UNK C 3434 48.20 -69.16 -100.16
CA UNK C 3434 49.46 -69.66 -99.64
C UNK C 3434 50.06 -68.71 -98.62
N UNK C 3435 49.95 -67.40 -98.86
CA UNK C 3435 50.33 -66.42 -97.86
C UNK C 3435 49.39 -66.45 -96.67
N UNK C 3436 48.14 -66.85 -96.90
CA UNK C 3436 47.21 -67.07 -95.80
C UNK C 3436 47.60 -68.30 -94.99
N UNK C 3437 48.14 -69.32 -95.66
CA UNK C 3437 48.67 -70.47 -94.94
C UNK C 3437 49.93 -70.11 -94.16
N UNK C 3438 50.76 -69.25 -94.74
CA UNK C 3438 51.94 -68.75 -94.02
C UNK C 3438 51.54 -67.88 -92.84
N UNK C 3439 50.49 -67.08 -93.01
CA UNK C 3439 49.97 -66.27 -91.91
C UNK C 3439 49.27 -67.13 -90.87
N UNK C 3440 48.69 -68.26 -91.28
CA UNK C 3440 48.11 -69.18 -90.32
C UNK C 3440 49.19 -69.93 -89.55
N UNK C 3441 50.31 -70.23 -90.20
CA UNK C 3441 51.47 -70.77 -89.50
C UNK C 3441 52.05 -69.75 -88.52
N UNK C 3442 52.13 -68.48 -88.94
CA UNK C 3442 52.55 -67.43 -88.03
C UNK C 3442 51.57 -67.22 -86.90
N UNK C 3443 50.26 -67.40 -87.18
CA UNK C 3443 49.26 -67.26 -86.14
C UNK C 3443 49.27 -68.44 -85.18
N UNK C 3444 49.65 -69.63 -85.67
CA UNK C 3444 49.79 -70.78 -84.79
C UNK C 3444 51.03 -70.66 -83.92
N UNK C 3445 52.13 -70.16 -84.49
CA UNK C 3445 53.31 -69.87 -83.70
C UNK C 3445 53.06 -68.76 -82.70
N UNK C 3446 52.29 -67.75 -83.10
CA UNK C 3446 51.91 -66.69 -82.18
C UNK C 3446 50.91 -67.18 -81.15
N UNK C 3447 50.12 -68.21 -81.48
CA UNK C 3447 49.23 -68.79 -80.48
C UNK C 3447 49.99 -69.64 -79.49
N UNK C 3448 51.06 -70.30 -79.94
CA UNK C 3448 51.95 -71.00 -79.02
C UNK C 3448 52.68 -70.02 -78.11
N UNK C 3449 53.17 -68.92 -78.68
CA UNK C 3449 53.79 -67.88 -77.87
C UNK C 3449 52.78 -67.18 -76.96
N UNK C 3450 51.52 -67.12 -77.38
CA UNK C 3450 50.49 -66.50 -76.56
C UNK C 3450 50.08 -67.43 -75.42
N UNK C 3451 50.09 -68.74 -75.66
CA UNK C 3451 49.92 -69.69 -74.59
C UNK C 3451 51.09 -69.65 -73.61
N UNK C 3452 52.31 -69.42 -74.12
CA UNK C 3452 53.46 -69.24 -73.25
C UNK C 3452 53.37 -67.97 -72.42
N UNK C 3453 52.89 -66.88 -73.02
CA UNK C 3453 52.76 -65.62 -72.28
C UNK C 3453 51.58 -65.66 -71.31
N UNK C 3454 50.53 -66.41 -71.66
CA UNK C 3454 49.43 -66.64 -70.72
C UNK C 3454 49.85 -67.59 -69.62
N UNK C 3455 50.87 -68.41 -69.89
CA UNK C 3455 51.55 -69.17 -68.84
C UNK C 3455 52.68 -68.35 -68.22
N UNK C 3456 52.35 -67.12 -67.84
CA UNK C 3456 53.16 -66.32 -66.93
C UNK C 3456 52.82 -66.70 -65.50
N UNK C 3457 53.31 -67.86 -65.10
CA UNK C 3457 52.92 -68.53 -63.86
C UNK C 3457 53.65 -67.91 -62.67
N UNK C 3458 53.68 -68.62 -61.55
CA UNK C 3458 54.40 -68.25 -60.32
C UNK C 3458 55.88 -68.02 -60.63
N UNK C 3459 56.60 -67.36 -59.72
CA UNK C 3459 57.71 -66.48 -60.03
C UNK C 3459 58.92 -67.22 -60.60
N UNK C 3460 58.83 -67.65 -61.86
CA UNK C 3460 59.99 -68.13 -62.59
C UNK C 3460 60.44 -67.05 -63.58
N UNK C 3461 61.73 -66.69 -63.52
CA UNK C 3461 62.27 -65.59 -64.31
C UNK C 3461 62.73 -66.03 -65.68
N UNK C 3462 62.25 -67.16 -66.16
CA UNK C 3462 62.60 -67.67 -67.48
C UNK C 3462 61.74 -67.10 -68.58
N UNK C 3463 60.64 -66.43 -68.23
CA UNK C 3463 59.75 -65.85 -69.23
C UNK C 3463 60.34 -64.65 -69.94
N UNK C 3464 61.23 -63.91 -69.28
CA UNK C 3464 61.84 -62.72 -69.86
C UNK C 3464 62.82 -63.05 -70.98
N UNK C 3465 63.42 -64.24 -70.98
CA UNK C 3465 64.30 -64.65 -72.05
C UNK C 3465 63.58 -65.45 -73.12
N UNK C 3466 62.29 -65.73 -72.94
CA UNK C 3466 61.54 -66.55 -73.88
C UNK C 3466 60.49 -65.73 -74.64
N UNK C 3467 59.61 -65.02 -73.94
CA UNK C 3467 58.58 -64.23 -74.60
C UNK C 3467 59.15 -63.03 -75.34
N UNK C 3468 60.13 -62.34 -74.76
CA UNK C 3468 60.80 -61.24 -75.44
C UNK C 3468 61.60 -61.72 -76.64
N UNK C 3469 62.16 -62.93 -76.58
CA UNK C 3469 62.84 -63.50 -77.72
C UNK C 3469 61.90 -63.90 -78.84
N UNK C 3470 60.77 -64.55 -78.50
CA UNK C 3470 59.81 -64.97 -79.51
C UNK C 3470 59.10 -63.78 -80.13
N UNK C 3471 58.97 -62.68 -79.37
CA UNK C 3471 58.39 -61.47 -79.94
C UNK C 3471 59.34 -60.79 -80.92
N UNK C 3472 60.60 -60.62 -80.52
CA UNK C 3472 61.57 -59.96 -81.40
C UNK C 3472 61.96 -60.82 -82.60
N UNK C 3473 61.76 -62.14 -82.51
CA UNK C 3473 61.96 -62.99 -83.68
C UNK C 3473 60.92 -62.71 -84.75
N UNK C 3474 59.64 -62.66 -84.35
CA UNK C 3474 58.58 -62.38 -85.30
C UNK C 3474 58.43 -60.90 -85.62
N UNK C 3475 59.16 -60.04 -84.90
CA UNK C 3475 59.11 -58.59 -85.15
C UNK C 3475 59.54 -58.24 -86.57
N UNK C 3476 60.78 -58.57 -86.92
CA UNK C 3476 61.29 -58.30 -88.26
C UNK C 3476 60.62 -59.16 -89.32
N UNK C 3477 60.01 -60.28 -88.93
CA UNK C 3477 59.25 -61.08 -89.89
C UNK C 3477 57.97 -60.35 -90.30
N UNK C 3478 57.15 -59.97 -89.31
CA UNK C 3478 55.90 -59.28 -89.60
C UNK C 3478 56.12 -57.89 -90.17
N UNK C 3479 57.22 -57.22 -89.81
CA UNK C 3479 57.53 -55.91 -90.36
C UNK C 3479 57.82 -55.98 -91.85
N UNK C 3480 58.57 -56.99 -92.28
CA UNK C 3480 58.78 -57.21 -93.70
C UNK C 3480 57.55 -57.75 -94.40
N UNK C 3481 56.70 -58.50 -93.69
CA UNK C 3481 55.51 -59.08 -94.30
C UNK C 3481 54.46 -58.01 -94.62
N UNK C 3482 54.29 -57.07 -93.70
CA UNK C 3482 53.26 -56.04 -93.86
C UNK C 3482 53.57 -55.09 -95.01
N UNK C 3483 54.85 -54.82 -95.28
CA UNK C 3483 55.21 -53.91 -96.36
C UNK C 3483 54.85 -54.49 -97.73
N UNK C 3484 55.08 -55.78 -97.93
CA UNK C 3484 54.65 -56.44 -99.15
C UNK C 3484 53.14 -56.66 -99.19
N UNK C 3485 52.52 -56.97 -98.05
CA UNK C 3485 51.09 -57.23 -98.03
C UNK C 3485 50.25 -55.98 -98.22
N UNK C 3486 50.78 -54.81 -97.90
CA UNK C 3486 49.98 -53.58 -97.95
C UNK C 3486 49.73 -53.15 -99.39
N UNK C 3487 50.79 -53.08 -100.20
CA UNK C 3487 50.63 -52.68 -101.59
C UNK C 3487 49.91 -53.74 -102.42
N UNK C 3488 49.96 -55.01 -101.98
CA UNK C 3488 49.17 -56.02 -102.64
C UNK C 3488 47.69 -55.86 -102.33
N UNK C 3489 47.35 -55.57 -101.08
CA UNK C 3489 45.96 -55.43 -100.69
C UNK C 3489 45.35 -54.13 -101.21
N UNK C 3490 46.14 -53.05 -101.20
CA UNK C 3490 45.65 -51.76 -101.68
C UNK C 3490 45.41 -51.78 -103.18
N UNK C 3491 46.26 -52.45 -103.95
CA UNK C 3491 46.02 -52.59 -105.37
C UNK C 3491 44.85 -53.52 -105.67
N UNK C 3492 44.64 -54.54 -104.85
CA UNK C 3492 43.56 -55.48 -105.08
C UNK C 3492 42.33 -55.08 -104.28
N UNK C 3493 42.32 -53.86 -103.75
CA UNK C 3493 41.20 -53.39 -102.96
C UNK C 3493 39.96 -53.21 -103.81
N UNK C 3494 40.13 -52.72 -105.05
CA UNK C 3494 38.98 -52.48 -105.92
C UNK C 3494 38.32 -53.78 -106.34
N UNK C 3495 39.11 -54.77 -106.74
CA UNK C 3495 38.55 -56.05 -107.15
C UNK C 3495 37.93 -56.79 -105.98
N UNK C 3496 38.58 -56.77 -104.82
CA UNK C 3496 38.02 -57.42 -103.65
C UNK C 3496 36.85 -56.66 -103.05
N UNK C 3497 36.68 -55.39 -103.41
CA UNK C 3497 35.53 -54.61 -102.98
C UNK C 3497 34.38 -54.67 -103.96
N UNK C 3498 34.64 -55.01 -105.22
CA UNK C 3498 33.58 -55.00 -106.21
C UNK C 3498 32.63 -56.17 -106.00
N UNK C 3499 33.12 -57.39 -106.15
CA UNK C 3499 32.27 -58.54 -105.92
C UNK C 3499 32.83 -59.51 -104.88
N UNK C 3500 34.04 -59.99 -105.10
CA UNK C 3500 34.52 -61.18 -104.40
C UNK C 3500 35.18 -60.82 -103.08
N UNK C 3501 34.71 -61.45 -102.00
CA UNK C 3501 35.25 -61.17 -100.68
C UNK C 3501 35.48 -62.46 -99.89
N UNK C 3502 35.14 -63.61 -100.49
CA UNK C 3502 35.23 -64.87 -99.76
C UNK C 3502 36.68 -65.30 -99.56
N UNK C 3503 37.55 -65.03 -100.54
CA UNK C 3503 38.97 -65.23 -100.33
C UNK C 3503 39.52 -64.25 -99.31
N UNK C 3504 38.95 -63.04 -99.29
CA UNK C 3504 39.28 -62.05 -98.27
C UNK C 3504 38.55 -62.29 -96.97
N UNK C 3505 37.51 -63.13 -96.96
CA UNK C 3505 36.84 -63.48 -95.71
C UNK C 3505 37.75 -64.28 -94.81
N UNK C 3506 38.50 -65.23 -95.37
CA UNK C 3506 39.49 -65.95 -94.59
C UNK C 3506 40.62 -65.05 -94.15
N UNK C 3507 40.99 -64.06 -94.96
CA UNK C 3507 42.05 -63.13 -94.60
C UNK C 3507 41.62 -62.24 -93.44
N UNK C 3508 40.38 -61.76 -93.48
CA UNK C 3508 39.83 -60.98 -92.37
C UNK C 3508 39.65 -61.84 -91.12
N UNK C 3509 39.33 -63.12 -91.30
CA UNK C 3509 39.21 -64.01 -90.14
C UNK C 3509 40.57 -64.30 -89.52
N UNK C 3510 41.62 -64.36 -90.33
CA UNK C 3510 42.96 -64.65 -89.85
C UNK C 3510 43.70 -63.39 -89.39
N UNK C 3511 43.20 -62.20 -89.76
CA UNK C 3511 43.83 -60.95 -89.39
C UNK C 3511 43.48 -60.51 -87.97
N UNK C 3512 43.67 -61.39 -86.99
CA UNK C 3512 43.48 -61.07 -85.59
C UNK C 3512 44.79 -60.84 -84.86
N UNK C 3513 45.89 -60.71 -85.59
CA UNK C 3513 47.21 -60.64 -84.98
C UNK C 3513 47.43 -59.30 -84.30
N UNK C 3514 46.83 -58.23 -84.81
CA UNK C 3514 46.94 -56.95 -84.15
C UNK C 3514 46.14 -56.92 -82.85
N UNK C 3515 44.95 -57.53 -82.85
CA UNK C 3515 44.17 -57.63 -81.63
C UNK C 3515 44.82 -58.59 -80.63
N UNK C 3516 45.57 -59.57 -81.13
CA UNK C 3516 46.26 -60.49 -80.23
C UNK C 3516 47.52 -59.88 -79.65
N UNK C 3517 48.53 -59.60 -80.48
CA UNK C 3517 49.87 -59.27 -80.00
C UNK C 3517 49.97 -57.80 -79.59
N UNK C 3518 49.83 -56.89 -80.55
CA UNK C 3518 49.91 -55.48 -80.20
C UNK C 3518 48.55 -54.86 -79.94
N UNK C 3519 47.69 -55.54 -79.20
CA UNK C 3519 46.61 -54.88 -78.47
C UNK C 3519 46.68 -55.30 -77.01
N UNK C 3520 46.77 -56.61 -76.79
CA UNK C 3520 46.86 -57.15 -75.44
C UNK C 3520 48.22 -57.78 -75.23
N UNK C 3521 48.76 -57.59 -74.02
CA UNK C 3521 50.15 -57.93 -73.67
C UNK C 3521 51.13 -57.30 -74.66
N UNK C 3522 50.90 -56.02 -74.95
CA UNK C 3522 51.70 -55.29 -75.92
C UNK C 3522 52.92 -54.64 -75.31
N UNK C 3523 53.36 -55.11 -74.14
CA UNK C 3523 54.67 -54.68 -73.63
C UNK C 3523 55.78 -55.41 -74.34
N UNK C 3524 55.68 -56.74 -74.45
CA UNK C 3524 56.60 -57.52 -75.25
C UNK C 3524 56.37 -57.33 -76.75
N UNK C 3525 55.14 -57.03 -77.15
CA UNK C 3525 54.91 -56.61 -78.53
C UNK C 3525 55.41 -55.19 -78.76
N UNK C 3526 55.57 -54.42 -77.68
CA UNK C 3526 56.19 -53.11 -77.73
C UNK C 3526 57.68 -53.18 -77.47
N UNK C 3527 58.16 -54.35 -77.07
CA UNK C 3527 59.59 -54.64 -77.04
C UNK C 3527 60.14 -54.92 -78.43
N UNK C 3528 59.26 -55.11 -79.41
CA UNK C 3528 59.62 -55.18 -80.82
C UNK C 3528 60.05 -53.83 -81.38
N UNK C 3529 59.78 -52.74 -80.65
CA UNK C 3529 60.27 -51.43 -81.03
C UNK C 3529 61.79 -51.36 -80.95
N UNK C 3530 62.42 -52.19 -80.10
CA UNK C 3530 63.88 -52.28 -80.10
C UNK C 3530 64.38 -52.90 -81.40
N UNK C 3531 63.70 -53.93 -81.90
CA UNK C 3531 64.04 -54.51 -83.20
C UNK C 3531 63.77 -53.53 -84.33
N UNK C 3532 62.70 -52.75 -84.22
CA UNK C 3532 62.40 -51.73 -85.22
C UNK C 3532 63.40 -50.58 -85.20
N UNK C 3533 63.89 -50.21 -84.02
CA UNK C 3533 64.92 -49.18 -83.89
C UNK C 3533 66.29 -49.66 -84.33
N UNK C 3534 66.58 -50.94 -84.13
CA UNK C 3534 67.76 -51.53 -84.76
C UNK C 3534 67.60 -51.56 -86.27
N UNK C 3535 66.38 -51.73 -86.74
CA UNK C 3535 66.08 -51.65 -88.17
C UNK C 3535 66.07 -50.20 -88.64
N UNK C 3536 55.54 -43.28 -82.86
CA UNK C 3536 54.22 -43.27 -83.45
C UNK C 3536 53.77 -44.69 -83.78
N UNK C 3537 52.58 -44.80 -84.39
CA UNK C 3537 52.09 -46.10 -84.83
C UNK C 3537 52.91 -46.61 -86.00
N UNK C 3538 53.28 -47.88 -85.94
CA UNK C 3538 54.16 -48.45 -86.96
C UNK C 3538 53.41 -49.60 -87.62
N UNK C 3539 52.48 -49.26 -88.51
CA UNK C 3539 51.88 -50.12 -89.52
C UNK C 3539 51.00 -51.25 -88.99
N UNK C 3540 50.92 -51.41 -87.66
CA UNK C 3540 50.12 -52.50 -87.11
C UNK C 3540 48.64 -52.16 -87.18
N UNK C 3541 48.26 -51.02 -86.61
CA UNK C 3541 46.90 -50.53 -86.76
C UNK C 3541 46.64 -50.01 -88.16
N UNK C 3542 47.68 -49.49 -88.83
CA UNK C 3542 47.55 -49.02 -90.19
C UNK C 3542 47.25 -50.16 -91.17
N UNK C 3543 47.72 -51.38 -90.87
CA UNK C 3543 47.25 -52.53 -91.61
C UNK C 3543 45.77 -52.78 -91.35
N UNK C 3544 45.36 -52.72 -90.09
CA UNK C 3544 43.95 -52.79 -89.75
C UNK C 3544 43.18 -51.58 -90.24
N UNK C 3545 43.83 -50.41 -90.33
CA UNK C 3545 43.17 -49.27 -90.95
C UNK C 3545 43.02 -49.46 -92.45
N UNK C 3546 43.90 -50.25 -93.06
CA UNK C 3546 43.79 -50.59 -94.46
C UNK C 3546 42.97 -51.85 -94.71
N UNK C 3547 42.43 -52.45 -93.65
CA UNK C 3547 41.65 -53.67 -93.81
C UNK C 3547 40.26 -53.59 -93.22
N UNK C 3548 39.97 -52.59 -92.38
CA UNK C 3548 38.68 -52.52 -91.72
C UNK C 3548 37.57 -52.07 -92.64
N UNK C 3549 37.89 -51.44 -93.77
CA UNK C 3549 36.86 -50.95 -94.68
C UNK C 3549 36.10 -52.11 -95.32
N UNK C 3550 36.84 -53.03 -95.96
CA UNK C 3550 36.19 -54.22 -96.52
C UNK C 3550 35.69 -55.16 -95.45
N UNK C 3551 36.27 -55.12 -94.25
CA UNK C 3551 35.79 -55.94 -93.15
C UNK C 3551 34.41 -55.49 -92.69
N UNK C 3552 34.25 -54.19 -92.44
CA UNK C 3552 32.96 -53.63 -92.10
C UNK C 3552 32.00 -53.62 -93.27
N UNK C 3553 32.52 -53.66 -94.50
CA UNK C 3553 31.66 -53.83 -95.67
C UNK C 3553 31.00 -55.19 -95.67
N UNK C 3554 31.73 -56.21 -95.23
CA UNK C 3554 31.23 -57.57 -95.17
C UNK C 3554 30.80 -57.97 -93.76
N UNK C 3555 30.73 -57.01 -92.84
CA UNK C 3555 30.35 -57.32 -91.46
C UNK C 3555 28.87 -57.67 -91.36
N UNK C 3556 28.01 -56.79 -91.89
CA UNK C 3556 26.57 -57.02 -91.86
C UNK C 3556 25.93 -56.23 -92.99
N UNK C 3557 24.88 -56.83 -93.56
CA UNK C 3557 23.88 -56.06 -94.29
C UNK C 3557 23.26 -55.03 -93.33
N UNK C 3558 23.07 -53.83 -93.83
CA UNK C 3558 22.85 -52.65 -92.99
C UNK C 3558 21.46 -52.67 -92.34
N UNK C 3559 21.20 -51.65 -91.52
CA UNK C 3559 19.97 -51.42 -90.75
C UNK C 3559 19.72 -52.48 -89.69
N UNK C 3560 20.70 -53.33 -89.39
CA UNK C 3560 20.72 -53.99 -88.09
C UNK C 3560 21.97 -53.57 -87.34
N UNK C 3561 23.13 -53.93 -87.90
CA UNK C 3561 24.46 -53.40 -87.64
C UNK C 3561 25.02 -53.67 -86.25
N UNK C 3562 24.17 -54.05 -85.29
CA UNK C 3562 24.49 -54.56 -83.94
C UNK C 3562 25.53 -53.73 -83.18
N UNK C 3563 25.69 -52.45 -83.49
CA UNK C 3563 26.94 -51.75 -83.22
C UNK C 3563 27.12 -51.41 -81.75
N UNK C 3564 26.28 -50.52 -81.21
CA UNK C 3564 26.34 -50.23 -79.79
C UNK C 3564 25.76 -51.38 -78.98
N UNK C 3565 24.98 -52.25 -79.62
CA UNK C 3565 24.48 -53.45 -78.95
C UNK C 3565 25.61 -54.40 -78.58
N UNK C 3566 26.67 -54.44 -79.38
CA UNK C 3566 27.78 -55.35 -79.12
C UNK C 3566 29.00 -54.65 -78.53
N UNK C 3567 29.20 -53.37 -78.81
CA UNK C 3567 30.41 -52.68 -78.38
C UNK C 3567 30.43 -52.47 -76.88
N UNK C 3568 29.26 -52.27 -76.27
CA UNK C 3568 29.19 -52.11 -74.83
C UNK C 3568 29.46 -53.42 -74.08
N UNK C 3569 28.91 -54.54 -74.57
CA UNK C 3569 29.17 -55.82 -73.94
C UNK C 3569 30.62 -56.26 -74.15
N UNK C 3570 31.22 -55.90 -75.28
CA UNK C 3570 32.62 -56.19 -75.52
C UNK C 3570 33.56 -55.25 -74.76
N UNK C 3571 33.09 -54.04 -74.42
CA UNK C 3571 33.88 -53.16 -73.57
C UNK C 3571 33.91 -53.62 -72.13
N UNK C 3572 32.95 -54.47 -71.72
CA UNK C 3572 32.92 -55.04 -70.39
C UNK C 3572 33.80 -56.27 -70.25
N UNK C 3573 34.67 -56.55 -71.23
CA UNK C 3573 35.63 -57.65 -71.23
C UNK C 3573 34.94 -59.01 -71.12
N UNK C 3574 33.75 -59.12 -71.74
CA UNK C 3574 33.05 -60.39 -71.83
C UNK C 3574 33.79 -61.28 -72.83
N UNK C 3575 33.81 -62.57 -72.54
CA UNK C 3575 34.50 -63.55 -73.39
C UNK C 3575 33.82 -63.71 -74.73
N UNK C 3576 34.54 -64.23 -75.72
CA UNK C 3576 34.01 -64.44 -77.06
C UNK C 3576 32.89 -65.46 -77.11
N UNK C 3577 33.01 -66.58 -76.40
CA UNK C 3577 31.89 -67.50 -76.27
C UNK C 3577 30.76 -66.86 -75.46
N UNK C 3578 31.12 -66.04 -74.47
CA UNK C 3578 30.11 -65.28 -73.74
C UNK C 3578 29.47 -64.22 -74.60
N UNK C 3579 30.24 -63.64 -75.54
CA UNK C 3579 29.66 -62.68 -76.48
C UNK C 3579 28.71 -63.37 -77.46
N UNK C 3580 29.07 -64.56 -77.93
CA UNK C 3580 28.19 -65.36 -78.76
C UNK C 3580 26.94 -65.81 -78.01
N UNK C 3581 27.07 -66.15 -76.74
CA UNK C 3581 25.91 -66.48 -75.91
C UNK C 3581 25.01 -65.27 -75.68
N UNK C 3582 25.60 -64.08 -75.51
CA UNK C 3582 24.80 -62.87 -75.37
C UNK C 3582 24.10 -62.53 -76.68
N UNK C 3583 24.75 -62.76 -77.81
CA UNK C 3583 24.12 -62.49 -79.10
C UNK C 3583 23.01 -63.48 -79.40
N UNK C 3584 23.17 -64.72 -78.96
CA UNK C 3584 22.14 -65.73 -79.20
C UNK C 3584 20.97 -65.54 -78.23
N UNK C 3585 21.23 -65.60 -76.92
CA UNK C 3585 20.21 -65.52 -75.89
C UNK C 3585 19.60 -64.13 -75.79
N UNK C 3586 20.31 -63.10 -76.23
CA UNK C 3586 19.73 -61.78 -76.39
C UNK C 3586 19.19 -61.58 -77.79
N UNK C 3587 17.86 -61.56 -77.93
CA UNK C 3587 17.20 -61.56 -79.24
C UNK C 3587 17.53 -60.32 -80.04
N UNK C 3588 17.81 -60.50 -81.33
CA UNK C 3588 18.20 -59.41 -82.20
C UNK C 3588 16.95 -58.60 -82.54
N UNK C 3589 17.18 -57.40 -83.06
CA UNK C 3589 16.09 -56.51 -83.43
C UNK C 3589 16.55 -55.64 -84.59
N UNK C 3590 15.68 -55.49 -85.59
CA UNK C 3590 15.96 -54.65 -86.74
C UNK C 3590 14.65 -54.11 -87.28
N UNK C 3591 14.54 -52.79 -87.39
CA UNK C 3591 13.30 -52.15 -87.84
C UNK C 3591 13.56 -51.24 -89.03
N UNK C 3592 12.56 -50.45 -89.40
CA UNK C 3592 12.66 -49.54 -90.54
C UNK C 3592 12.98 -48.14 -90.04
N UNK C 3593 13.92 -47.48 -90.72
CA UNK C 3593 14.31 -46.13 -90.35
C UNK C 3593 14.72 -45.33 -91.59
N UNK C 3594 15.14 -44.09 -91.39
CA UNK C 3594 15.64 -43.26 -92.48
C UNK C 3594 17.02 -43.67 -92.95
N UNK C 3595 17.91 -44.07 -92.04
CA UNK C 3595 19.21 -44.59 -92.42
C UNK C 3595 19.12 -45.98 -93.06
N UNK C 3596 18.01 -46.68 -92.85
CA UNK C 3596 17.77 -47.94 -93.54
C UNK C 3596 17.70 -47.73 -95.05
N UNK C 3597 16.86 -46.79 -95.50
CA UNK C 3597 16.81 -46.42 -96.90
C UNK C 3597 18.10 -45.80 -97.40
N UNK C 3598 18.87 -45.16 -96.52
CA UNK C 3598 20.16 -44.62 -96.90
C UNK C 3598 21.19 -45.71 -97.19
N UNK C 3599 21.29 -46.70 -96.31
CA UNK C 3599 22.36 -47.69 -96.39
C UNK C 3599 21.88 -49.05 -96.87
N UNK C 3600 20.92 -49.64 -96.18
CA UNK C 3600 20.53 -51.03 -96.42
C UNK C 3600 19.80 -51.22 -97.74
N UNK C 3601 19.15 -50.17 -98.25
CA UNK C 3601 18.53 -50.25 -99.57
C UNK C 3601 19.56 -50.48 -100.65
N UNK C 3602 20.75 -49.89 -100.50
CA UNK C 3602 21.85 -50.19 -101.39
C UNK C 3602 22.58 -51.47 -100.99
N UNK C 3603 22.63 -51.76 -99.69
CA UNK C 3603 23.44 -52.88 -99.21
C UNK C 3603 22.83 -54.22 -99.56
N UNK C 3604 21.53 -54.40 -99.33
CA UNK C 3604 20.85 -55.64 -99.70
C UNK C 3604 20.79 -55.84 -101.19
N UNK C 3605 20.73 -54.77 -101.98
CA UNK C 3605 20.80 -54.88 -103.43
C UNK C 3605 22.17 -55.25 -103.94
N UNK C 3606 23.23 -54.63 -103.41
CA UNK C 3606 24.58 -54.90 -103.88
C UNK C 3606 25.15 -56.17 -103.30
N UNK C 3607 24.57 -56.71 -102.23
CA UNK C 3607 24.98 -58.00 -101.72
C UNK C 3607 24.57 -59.08 -102.70
N UNK C 3608 23.26 -59.20 -102.94
CA UNK C 3608 22.65 -60.19 -103.83
C UNK C 3608 23.09 -61.61 -103.46
N UNK C 3609 23.17 -61.87 -102.15
CA UNK C 3609 23.73 -63.12 -101.67
C UNK C 3609 22.80 -63.80 -100.68
N UNK C 3610 23.28 -64.86 -100.03
CA UNK C 3610 22.49 -65.63 -99.08
C UNK C 3610 22.54 -64.96 -97.70
N UNK C 3611 21.90 -65.62 -96.73
CA UNK C 3611 21.83 -65.11 -95.38
C UNK C 3611 21.63 -66.28 -94.42
N UNK C 3612 22.11 -66.11 -93.19
CA UNK C 3612 21.92 -67.11 -92.15
C UNK C 3612 21.74 -66.40 -90.82
N UNK C 3613 21.45 -67.17 -89.78
CA UNK C 3613 21.33 -66.62 -88.44
C UNK C 3613 22.55 -66.94 -87.59
N UNK C 3614 23.06 -68.16 -87.69
CA UNK C 3614 24.29 -68.51 -86.99
C UNK C 3614 25.51 -67.88 -87.63
N UNK C 3615 25.55 -67.79 -88.96
CA UNK C 3615 26.63 -67.08 -89.63
C UNK C 3615 26.55 -65.58 -89.39
N UNK C 3616 25.34 -65.03 -89.26
CA UNK C 3616 25.21 -63.63 -88.86
C UNK C 3616 25.74 -63.42 -87.45
N UNK C 3617 25.54 -64.39 -86.56
CA UNK C 3617 26.14 -64.34 -85.23
C UNK C 3617 27.65 -64.44 -85.28
N UNK C 3618 28.19 -65.36 -86.08
CA UNK C 3618 29.63 -65.59 -86.12
C UNK C 3618 30.39 -64.43 -86.75
N UNK C 3619 29.88 -63.91 -87.88
CA UNK C 3619 30.57 -62.83 -88.56
C UNK C 3619 30.52 -61.54 -87.76
N UNK C 3620 29.40 -61.28 -87.07
CA UNK C 3620 29.32 -60.09 -86.24
C UNK C 3620 30.12 -60.26 -84.96
N UNK C 3621 30.20 -61.48 -84.44
CA UNK C 3621 30.98 -61.73 -83.24
C UNK C 3621 32.47 -61.65 -83.51
N UNK C 3622 32.91 -62.03 -84.71
CA UNK C 3622 34.30 -61.85 -85.08
C UNK C 3622 34.63 -60.38 -85.23
N UNK C 3623 33.69 -59.60 -85.77
CA UNK C 3623 33.92 -58.19 -86.04
C UNK C 3623 33.82 -57.31 -84.80
N UNK C 3624 32.91 -57.62 -83.88
CA UNK C 3624 32.55 -56.69 -82.82
C UNK C 3624 33.63 -56.61 -81.75
N UNK C 3625 34.17 -57.76 -81.35
CA UNK C 3625 35.23 -57.78 -80.36
C UNK C 3625 36.51 -57.17 -80.90
N UNK C 3626 36.84 -57.43 -82.17
CA UNK C 3626 38.00 -56.80 -82.78
C UNK C 3626 37.79 -55.31 -82.94
N UNK C 3627 36.54 -54.88 -83.18
CA UNK C 3627 36.26 -53.46 -83.30
C UNK C 3627 36.35 -52.76 -81.96
N UNK C 3628 35.90 -53.43 -80.89
CA UNK C 3628 36.00 -52.84 -79.56
C UNK C 3628 37.46 -52.79 -79.12
N UNK C 3629 38.24 -53.81 -79.45
CA UNK C 3629 39.67 -53.79 -79.18
C UNK C 3629 40.37 -52.70 -79.98
N UNK C 3630 39.94 -52.49 -81.23
CA UNK C 3630 40.53 -51.43 -82.04
C UNK C 3630 40.15 -50.06 -81.53
N UNK C 3631 38.92 -49.90 -81.05
CA UNK C 3631 38.51 -48.63 -80.46
C UNK C 3631 39.25 -48.37 -79.16
N UNK C 3632 39.46 -49.41 -78.35
CA UNK C 3632 40.22 -49.24 -77.11
C UNK C 3632 41.68 -48.97 -77.39
N UNK C 3633 42.24 -49.55 -78.45
CA UNK C 3633 43.63 -49.33 -78.82
C UNK C 3633 43.79 -48.19 -79.82
N UNK C 3634 42.70 -47.47 -80.08
CA UNK C 3634 42.73 -46.29 -80.93
C UNK C 3634 42.36 -45.04 -80.16
N UNK C 3635 41.21 -45.05 -79.47
CA UNK C 3635 40.78 -43.88 -78.71
C UNK C 3635 41.66 -43.63 -77.50
N UNK C 3636 42.15 -44.68 -76.84
CA UNK C 3636 43.15 -44.47 -75.81
C UNK C 3636 44.54 -44.26 -76.41
N UNK C 3637 44.75 -44.67 -77.66
CA UNK C 3637 45.96 -44.26 -78.36
C UNK C 3637 45.87 -42.81 -78.77
N UNK C 3638 44.67 -42.34 -79.09
CA UNK C 3638 44.46 -40.93 -79.42
C UNK C 3638 44.08 -40.16 -78.16
N THR C 3639 81.11 -34.49 -50.96
CA THR C 3639 82.50 -34.64 -50.58
C THR C 3639 82.69 -35.81 -49.61
N PRO C 3640 83.79 -36.53 -49.74
CA PRO C 3640 84.08 -37.63 -48.82
C PRO C 3640 84.77 -37.12 -47.57
N LEU C 3641 85.02 -38.03 -46.62
CA LEU C 3641 85.59 -37.61 -45.35
C LEU C 3641 87.07 -37.31 -45.47
N TYR C 3642 87.77 -38.03 -46.34
CA TYR C 3642 89.16 -37.72 -46.64
C TYR C 3642 89.22 -36.48 -47.52
N ASN C 3643 90.43 -36.18 -48.04
CA ASN C 3643 90.84 -34.99 -48.81
C ASN C 3643 90.25 -33.68 -48.28
N LEU C 3644 90.25 -33.56 -46.95
CA LEU C 3644 89.61 -32.48 -46.20
C LEU C 3644 90.65 -31.88 -45.27
N PRO C 3645 90.56 -30.58 -44.99
CA PRO C 3645 91.46 -29.98 -44.00
C PRO C 3645 91.22 -30.57 -42.62
N THR C 3646 92.32 -30.83 -41.92
CA THR C 3646 92.25 -31.67 -40.73
C THR C 3646 91.75 -30.89 -39.53
N HIS C 3647 92.24 -29.66 -39.32
CA HIS C 3647 91.72 -28.80 -38.26
C HIS C 3647 90.26 -28.44 -38.50
N ARG C 3648 89.89 -28.25 -39.77
CA ARG C 3648 88.52 -27.97 -40.15
C ARG C 3648 87.62 -29.17 -39.88
N ALA C 3649 88.09 -30.36 -40.23
CA ALA C 3649 87.36 -31.59 -39.97
C ALA C 3649 87.26 -31.87 -38.48
N CYS C 3650 88.30 -31.50 -37.73
CA CYS C 3650 88.29 -31.70 -36.28
C CYS C 3650 87.29 -30.76 -35.62
N ASN C 3651 87.22 -29.52 -36.08
CA ASN C 3651 86.22 -28.59 -35.55
C ASN C 3651 84.80 -29.02 -35.94
N MET C 3652 84.61 -29.48 -37.18
CA MET C 3652 83.32 -29.96 -37.64
C MET C 3652 82.87 -31.20 -36.86
N PHE C 3653 83.75 -32.18 -36.69
CA PHE C 3653 83.44 -33.36 -35.90
C PHE C 3653 83.26 -33.04 -34.43
N LEU C 3654 84.02 -32.07 -33.93
CA LEU C 3654 83.90 -31.60 -32.56
C LEU C 3654 82.51 -31.05 -32.30
N GLU C 3655 81.98 -30.30 -33.26
CA GLU C 3655 80.56 -29.96 -33.17
C GLU C 3655 79.70 -31.20 -33.40
N SER C 3656 80.14 -32.11 -34.26
CA SER C 3656 79.38 -33.27 -34.66
C SER C 3656 79.55 -34.44 -33.69
N TYR C 3657 79.86 -34.15 -32.44
CA TYR C 3657 79.83 -35.10 -31.32
C TYR C 3657 78.42 -35.17 -30.67
N LYS C 3658 77.39 -34.77 -31.42
CA LYS C 3658 76.15 -34.25 -30.85
C LYS C 3658 75.33 -35.31 -30.14
N ALA C 3659 75.15 -36.49 -30.73
CA ALA C 3659 74.37 -37.51 -30.04
C ALA C 3659 75.17 -38.12 -28.89
N ALA C 3660 76.49 -38.12 -29.01
CA ALA C 3660 77.33 -38.56 -27.90
C ALA C 3660 77.65 -37.44 -26.93
N TRP C 3661 76.92 -36.32 -27.00
CA TRP C 3661 77.01 -35.28 -25.99
C TRP C 3661 76.38 -35.75 -24.68
N ILE C 3662 76.26 -34.78 -23.77
CA ILE C 3662 75.82 -35.00 -22.40
C ILE C 3662 74.30 -35.02 -22.32
N LEU C 3663 73.62 -35.05 -23.47
CA LEU C 3663 72.18 -35.17 -23.54
C LEU C 3663 71.69 -36.60 -23.26
N THR C 3664 72.12 -37.14 -22.12
CA THR C 3664 71.72 -38.43 -21.61
C THR C 3664 71.13 -38.24 -20.22
N GLU C 3665 70.62 -39.33 -19.63
CA GLU C 3665 70.06 -39.25 -18.29
C GLU C 3665 71.19 -39.18 -17.28
N ASP C 3666 71.35 -38.01 -16.67
CA ASP C 3666 72.44 -37.84 -15.73
C ASP C 3666 72.10 -38.43 -14.37
N HIS C 3667 71.10 -37.84 -13.70
CA HIS C 3667 70.46 -38.26 -12.45
C HIS C 3667 71.36 -38.10 -11.22
N SER C 3668 72.62 -37.69 -11.38
CA SER C 3668 73.58 -37.80 -10.30
C SER C 3668 73.43 -36.73 -9.22
N PHE C 3669 72.95 -35.54 -9.57
CA PHE C 3669 73.03 -34.42 -8.64
C PHE C 3669 71.68 -33.73 -8.43
N GLU C 3670 70.61 -34.50 -8.49
CA GLU C 3670 69.28 -33.97 -8.21
C GLU C 3670 68.81 -34.34 -6.82
N ASP C 3671 68.83 -35.63 -6.48
CA ASP C 3671 68.52 -36.02 -5.12
C ASP C 3671 69.67 -35.68 -4.18
N ARG C 3672 70.88 -36.11 -4.56
CA ARG C 3672 72.06 -36.05 -3.72
C ARG C 3672 72.40 -34.64 -3.31
N MET C 3673 72.24 -33.69 -4.23
CA MET C 3673 72.62 -32.31 -3.96
C MET C 3673 71.61 -31.63 -3.06
N ILE C 3674 70.43 -32.21 -2.91
CA ILE C 3674 69.42 -31.68 -2.00
C ILE C 3674 69.49 -32.36 -0.64
N ASP C 3675 69.92 -33.63 -0.63
CA ASP C 3675 70.00 -34.44 0.59
C ASP C 3675 70.82 -33.76 1.66
N ASP C 3676 72.08 -33.50 1.34
CA ASP C 3676 73.04 -32.81 2.19
C ASP C 3676 72.61 -31.41 2.61
N LEU C 3677 72.05 -30.60 1.70
CA LEU C 3677 71.70 -29.22 2.03
C LEU C 3677 70.63 -29.11 3.10
N SER C 3678 69.74 -30.09 3.17
CA SER C 3678 68.76 -30.18 4.22
C SER C 3678 69.29 -31.01 5.36
N LYS C 3679 70.27 -31.86 5.08
CA LYS C 3679 70.64 -32.90 6.05
C LYS C 3679 71.81 -32.45 6.90
N ALA C 3680 72.74 -31.68 6.34
CA ALA C 3680 73.93 -31.28 7.08
C ALA C 3680 73.62 -30.27 8.18
N GLY C 3681 72.44 -29.64 8.14
CA GLY C 3681 72.03 -28.78 9.24
C GLY C 3681 71.65 -29.52 10.51
N GLU C 3682 71.56 -30.85 10.45
CA GLU C 3682 71.20 -31.68 11.60
C GLU C 3682 72.42 -32.30 12.27
N GLN C 3683 73.53 -31.57 12.34
CA GLN C 3683 74.74 -32.08 12.98
C GLN C 3683 74.56 -32.10 14.50
N GLU C 3684 74.53 -33.31 15.08
CA GLU C 3684 74.36 -33.43 16.51
C GLU C 3684 75.65 -33.09 17.27
N GLU C 3685 76.79 -33.19 16.61
CA GLU C 3685 78.04 -32.75 17.22
C GLU C 3685 78.07 -31.23 17.37
N GLU C 3686 77.42 -30.51 16.45
CA GLU C 3686 77.22 -29.07 16.58
C GLU C 3686 75.90 -28.79 17.31
N GLU C 3687 75.76 -29.42 18.47
CA GLU C 3687 74.56 -29.23 19.30
C GLU C 3687 75.00 -29.39 20.74
N GLU C 3688 75.23 -28.26 21.42
CA GLU C 3688 75.63 -28.26 22.82
C GLU C 3688 75.10 -26.98 23.45
N GLU C 3689 73.91 -27.07 24.06
CA GLU C 3689 73.24 -25.98 24.77
C GLU C 3689 73.04 -24.75 23.89
N VAL C 3690 72.46 -24.98 22.71
CA VAL C 3690 72.27 -23.90 21.75
C VAL C 3690 71.11 -23.01 22.16
N GLU C 3691 69.94 -23.64 22.42
CA GLU C 3691 68.67 -22.96 22.73
C GLU C 3691 68.27 -21.96 21.64
N GLU C 3692 68.55 -22.29 20.39
CA GLU C 3692 68.23 -21.44 19.24
C GLU C 3692 68.17 -22.33 18.01
N LYS C 3693 68.15 -21.70 16.83
CA LYS C 3693 68.12 -22.44 15.58
C LYS C 3693 68.74 -21.58 14.48
N LYS C 3694 70.02 -21.81 14.17
CA LYS C 3694 70.59 -21.19 12.99
C LYS C 3694 70.04 -21.91 11.75
N PRO C 3695 69.93 -21.21 10.63
CA PRO C 3695 69.28 -21.82 9.46
C PRO C 3695 70.17 -22.86 8.79
N ASP C 3696 69.55 -23.61 7.90
CA ASP C 3696 70.20 -24.70 7.19
C ASP C 3696 71.24 -24.18 6.21
N PRO C 3697 72.11 -25.06 5.69
CA PRO C 3697 72.82 -24.72 4.45
C PRO C 3697 71.87 -24.33 3.34
N LEU C 3698 70.85 -25.16 3.16
CA LEU C 3698 69.79 -24.87 2.21
C LEU C 3698 69.04 -23.61 2.56
N HIS C 3699 68.78 -23.38 3.85
CA HIS C 3699 67.96 -22.24 4.21
C HIS C 3699 68.74 -20.93 4.07
N GLN C 3700 69.99 -20.90 4.52
CA GLN C 3700 70.83 -19.72 4.30
C GLN C 3700 71.11 -19.52 2.82
N LEU C 3701 71.12 -20.60 2.04
CA LEU C 3701 71.20 -20.49 0.59
C LEU C 3701 69.98 -19.79 0.02
N VAL C 3702 68.79 -20.09 0.57
CA VAL C 3702 67.59 -19.34 0.22
C VAL C 3702 67.70 -17.90 0.68
N LEU C 3703 68.28 -17.69 1.86
CA LEU C 3703 68.41 -16.36 2.43
C LEU C 3703 69.32 -15.47 1.58
N HIS C 3704 70.34 -16.06 0.97
CA HIS C 3704 71.16 -15.31 0.03
C HIS C 3704 70.37 -14.90 -1.19
N PHE C 3705 69.48 -15.76 -1.67
CA PHE C 3705 68.62 -15.41 -2.78
C PHE C 3705 67.65 -14.32 -2.42
N SER C 3706 67.12 -14.38 -1.20
CA SER C 3706 66.23 -13.34 -0.73
C SER C 3706 66.95 -12.03 -0.56
N ARG C 3707 68.21 -12.08 -0.13
CA ARG C 3707 68.97 -10.85 0.06
C ARG C 3707 69.36 -10.24 -1.27
N THR C 3708 69.79 -11.06 -2.23
CA THR C 3708 70.08 -10.52 -3.54
C THR C 3708 68.82 -10.16 -4.31
N ALA C 3709 67.65 -10.67 -3.89
CA ALA C 3709 66.39 -10.20 -4.41
C ALA C 3709 65.99 -8.86 -3.81
N LEU C 3710 66.30 -8.64 -2.54
CA LEU C 3710 65.96 -7.39 -1.88
C LEU C 3710 66.98 -6.30 -2.10
N THR C 3711 68.18 -6.67 -2.53
CA THR C 3711 69.19 -5.71 -2.96
C THR C 3711 68.73 -5.22 -4.32
N GLU C 3712 67.85 -4.20 -4.32
CA GLU C 3712 67.12 -3.91 -5.54
C GLU C 3712 67.96 -3.14 -6.54
N LYS C 3713 67.52 -3.23 -7.78
CA LYS C 3713 68.05 -2.40 -8.86
C LYS C 3713 66.87 -2.16 -9.79
N SER C 3714 66.95 -1.06 -10.55
CA SER C 3714 66.00 -0.85 -11.64
C SER C 3714 66.07 -1.99 -12.66
N LYS C 3715 67.26 -2.47 -12.97
CA LYS C 3715 67.41 -3.67 -13.78
C LYS C 3715 67.50 -4.89 -12.88
N LEU C 3716 67.70 -6.04 -13.51
CA LEU C 3716 68.15 -7.23 -12.84
C LEU C 3716 68.87 -8.07 -13.89
N ASP C 3717 70.03 -8.60 -13.52
CA ASP C 3717 71.02 -9.04 -14.50
C ASP C 3717 70.72 -10.46 -14.97
N GLU C 3718 71.69 -11.05 -15.68
CA GLU C 3718 71.61 -12.43 -16.12
C GLU C 3718 71.49 -13.39 -14.94
N ASP C 3719 72.56 -13.47 -14.15
CA ASP C 3719 72.68 -14.33 -12.98
C ASP C 3719 72.34 -15.78 -13.34
N TYR C 3720 73.03 -16.22 -14.40
CA TYR C 3720 72.90 -17.57 -14.96
C TYR C 3720 73.16 -18.63 -13.91
N LEU C 3721 74.11 -18.35 -13.03
CA LEU C 3721 74.24 -18.99 -11.73
C LEU C 3721 72.89 -19.23 -11.06
N TYR C 3722 72.13 -18.18 -10.80
CA TYR C 3722 70.89 -18.34 -10.06
C TYR C 3722 69.81 -18.94 -10.92
N MET C 3723 69.86 -18.66 -12.22
CA MET C 3723 69.02 -19.39 -13.17
C MET C 3723 69.25 -20.88 -13.08
N ALA C 3724 70.51 -21.30 -13.00
CA ALA C 3724 70.84 -22.70 -12.82
C ALA C 3724 70.32 -23.21 -11.49
N TYR C 3725 70.24 -22.34 -10.49
CA TYR C 3725 69.81 -22.79 -9.18
C TYR C 3725 68.31 -22.97 -9.10
N ALA C 3726 67.56 -22.06 -9.71
CA ALA C 3726 66.13 -22.27 -9.89
C ALA C 3726 65.86 -23.54 -10.69
N ASP C 3727 66.70 -23.83 -11.68
CA ASP C 3727 66.56 -25.07 -12.44
C ASP C 3727 66.86 -26.29 -11.57
N ILE C 3728 67.92 -26.24 -10.77
CA ILE C 3728 68.26 -27.32 -9.85
C ILE C 3728 67.14 -27.57 -8.87
N MET C 3729 66.54 -26.50 -8.36
CA MET C 3729 65.48 -26.65 -7.38
C MET C 3729 64.19 -27.14 -8.03
N ALA C 3730 63.95 -26.78 -9.29
CA ALA C 3730 62.81 -27.32 -9.99
C ALA C 3730 62.99 -28.80 -10.27
N LYS C 3731 64.17 -29.19 -10.74
CA LYS C 3731 64.49 -30.59 -11.00
C LYS C 3731 64.56 -31.42 -9.72
N SER C 3732 64.83 -30.81 -8.58
CA SER C 3732 64.73 -31.50 -7.30
C SER C 3732 63.31 -31.91 -6.99
N CYS C 3733 62.35 -30.99 -7.10
CA CYS C 3733 60.94 -31.34 -6.94
C CYS C 3733 60.48 -32.22 -8.09
N HIS C 3734 61.04 -32.03 -9.28
CA HIS C 3734 60.69 -32.85 -10.43
C HIS C 3734 61.25 -34.26 -10.34
N LEU C 3735 62.22 -34.51 -9.45
CA LEU C 3735 62.66 -35.87 -9.21
C LEU C 3735 61.52 -36.73 -8.68
N GLU C 3736 60.62 -36.14 -7.91
CA GLU C 3736 59.37 -36.78 -7.56
C GLU C 3736 58.30 -36.64 -8.64
N GLU C 3737 58.23 -35.47 -9.28
CA GLU C 3737 57.13 -35.21 -10.21
C GLU C 3737 57.31 -35.95 -11.53
N GLY C 3738 58.35 -35.59 -12.29
CA GLY C 3738 58.71 -36.38 -13.44
C GLY C 3738 59.25 -37.73 -12.99
N GLY C 3739 59.03 -38.73 -13.83
CA GLY C 3739 59.12 -40.11 -13.41
C GLY C 3739 57.84 -40.64 -12.82
N GLU C 3740 57.05 -39.80 -12.15
CA GLU C 3740 55.69 -40.12 -11.75
C GLU C 3740 54.67 -39.32 -12.54
N ASN C 3741 55.10 -38.28 -13.24
CA ASN C 3741 54.21 -37.46 -14.06
C ASN C 3741 54.98 -36.84 -15.20
N GLU C 3747 52.15 -49.78 -21.27
CA GLU C 3747 51.35 -48.73 -21.89
C GLU C 3747 50.24 -48.28 -20.96
N GLU C 3748 49.42 -49.23 -20.53
CA GLU C 3748 48.31 -48.96 -19.61
C GLU C 3748 48.83 -48.95 -18.19
N VAL C 3749 48.77 -47.78 -17.55
CA VAL C 3749 49.25 -47.59 -16.18
C VAL C 3749 48.05 -47.69 -15.25
N GLU C 3750 48.08 -48.64 -14.33
CA GLU C 3750 47.01 -48.84 -13.37
C GLU C 3750 47.55 -48.70 -11.96
N VAL C 3751 47.40 -47.51 -11.39
CA VAL C 3751 47.81 -47.21 -10.02
C VAL C 3751 46.83 -47.89 -9.07
N SER C 3752 47.35 -48.71 -8.18
CA SER C 3752 46.51 -49.35 -7.18
C SER C 3752 46.07 -48.32 -6.14
N PHE C 3753 45.10 -48.73 -5.33
CA PHE C 3753 44.75 -47.91 -4.17
C PHE C 3753 45.87 -47.90 -3.15
N GLU C 3754 46.68 -48.96 -3.10
CA GLU C 3754 47.86 -48.96 -2.25
C GLU C 3754 48.89 -47.95 -2.74
N GLU C 3755 49.07 -47.84 -4.06
CA GLU C 3755 50.00 -46.83 -4.57
C GLU C 3755 49.42 -45.44 -4.41
N LYS C 3756 48.10 -45.33 -4.48
CA LYS C 3756 47.40 -44.09 -4.15
C LYS C 3756 47.69 -43.68 -2.72
N GLU C 3757 47.56 -44.63 -1.79
CA GLU C 3757 47.97 -44.48 -0.40
C GLU C 3757 49.42 -44.03 -0.27
N MET C 3758 50.31 -44.60 -1.06
CA MET C 3758 51.73 -44.26 -0.94
C MET C 3758 52.09 -42.89 -1.47
N GLU C 3759 51.51 -42.49 -2.59
CA GLU C 3759 51.91 -41.27 -3.27
C GLU C 3759 51.38 -40.00 -2.63
N LYS C 3760 50.54 -40.12 -1.60
CA LYS C 3760 50.10 -38.92 -0.89
C LYS C 3760 51.25 -38.31 -0.11
N GLN C 3761 51.95 -39.12 0.68
CA GLN C 3761 53.23 -38.71 1.22
C GLN C 3761 54.28 -39.04 0.15
N ARG C 3762 55.57 -38.81 0.41
CA ARG C 3762 56.74 -38.90 -0.47
C ARG C 3762 56.59 -38.08 -1.76
N LEU C 3763 55.53 -37.29 -1.87
CA LEU C 3763 55.32 -36.25 -2.86
C LEU C 3763 54.86 -34.97 -2.22
N LEU C 3764 54.05 -35.06 -1.17
CA LEU C 3764 53.84 -33.97 -0.24
C LEU C 3764 54.92 -33.91 0.82
N TYR C 3765 55.55 -35.05 1.12
CA TYR C 3765 56.72 -35.06 2.00
C TYR C 3765 57.84 -34.23 1.43
N GLN C 3766 57.99 -34.24 0.10
CA GLN C 3766 58.92 -33.37 -0.61
C GLN C 3766 58.71 -31.90 -0.27
N GLN C 3767 57.47 -31.49 -0.04
CA GLN C 3767 57.16 -30.08 0.16
C GLN C 3767 57.61 -29.59 1.53
N SER C 3768 57.43 -30.40 2.56
CA SER C 3768 58.03 -30.02 3.82
C SER C 3768 59.53 -30.24 3.82
N ARG C 3769 59.99 -31.24 3.06
CA ARG C 3769 61.41 -31.40 2.80
C ARG C 3769 61.96 -30.21 2.03
N LEU C 3770 61.12 -29.57 1.23
CA LEU C 3770 61.46 -28.32 0.55
C LEU C 3770 61.64 -27.14 1.52
N HIS C 3771 61.35 -27.33 2.81
CA HIS C 3771 61.51 -26.32 3.86
C HIS C 3771 60.65 -25.09 3.53
N THR C 3772 59.35 -25.35 3.63
CA THR C 3772 58.27 -24.38 3.54
C THR C 3772 58.59 -23.05 4.21
N ARG C 3773 59.22 -23.07 5.38
CA ARG C 3773 59.68 -21.86 6.03
C ARG C 3773 60.70 -21.09 5.21
N GLY C 3774 61.56 -21.80 4.49
CA GLY C 3774 62.48 -21.11 3.61
C GLY C 3774 61.91 -20.91 2.23
N ALA C 3775 61.22 -21.93 1.72
CA ALA C 3775 60.95 -22.02 0.30
C ALA C 3775 59.90 -21.03 -0.19
N ALA C 3776 58.99 -20.59 0.68
CA ALA C 3776 57.74 -20.01 0.20
C ALA C 3776 57.89 -18.60 -0.37
N GLU C 3777 58.33 -17.64 0.43
CA GLU C 3777 58.04 -16.23 0.15
C GLU C 3777 58.87 -15.65 -0.97
N MET C 3778 60.00 -16.24 -1.32
CA MET C 3778 60.91 -15.53 -2.21
C MET C 3778 60.54 -15.63 -3.68
N VAL C 3779 59.77 -16.65 -4.09
CA VAL C 3779 59.29 -16.65 -5.47
C VAL C 3779 58.29 -15.54 -5.71
N LEU C 3780 57.58 -15.11 -4.69
CA LEU C 3780 56.69 -13.97 -4.73
C LEU C 3780 57.46 -12.68 -4.96
N GLN C 3781 58.51 -12.46 -4.17
CA GLN C 3781 59.27 -11.23 -4.30
C GLN C 3781 60.13 -11.25 -5.56
N MET C 3782 60.41 -12.42 -6.11
CA MET C 3782 61.09 -12.48 -7.40
C MET C 3782 60.19 -11.97 -8.51
N ILE C 3783 58.89 -12.20 -8.39
CA ILE C 3783 57.97 -11.69 -9.40
C ILE C 3783 57.64 -10.23 -9.11
N SER C 3784 57.58 -9.86 -7.83
CA SER C 3784 57.46 -8.46 -7.45
C SER C 3784 58.71 -7.66 -7.79
N ALA C 3785 59.82 -8.32 -8.11
CA ALA C 3785 61.00 -7.75 -8.74
C ALA C 3785 60.77 -7.57 -10.24
N CYS C 3786 61.87 -7.49 -11.01
CA CYS C 3786 61.96 -7.08 -12.42
C CYS C 3786 60.82 -7.64 -13.27
N LYS C 3787 60.15 -6.75 -13.98
CA LYS C 3787 58.70 -6.79 -14.02
C LYS C 3787 58.12 -6.67 -15.42
N GLY C 3788 58.87 -6.08 -16.34
CA GLY C 3788 58.31 -5.83 -17.66
C GLY C 3788 58.83 -6.79 -18.70
N GLU C 3789 60.01 -7.36 -18.45
CA GLU C 3789 60.64 -8.20 -19.44
C GLU C 3789 60.27 -9.66 -19.24
N THR C 3790 60.26 -10.39 -20.36
CA THR C 3790 60.01 -11.83 -20.34
C THR C 3790 61.35 -12.57 -20.30
N GLY C 3791 62.09 -12.34 -19.23
CA GLY C 3791 63.37 -12.95 -19.06
C GLY C 3791 63.26 -14.45 -18.83
N ALA C 3792 64.31 -15.15 -19.26
CA ALA C 3792 64.40 -16.58 -18.98
C ALA C 3792 64.55 -16.85 -17.49
N MET C 3793 65.10 -15.90 -16.72
CA MET C 3793 65.03 -15.95 -15.28
C MET C 3793 63.59 -15.98 -14.79
N VAL C 3794 62.75 -15.13 -15.36
CA VAL C 3794 61.36 -15.06 -14.94
C VAL C 3794 60.63 -16.32 -15.37
N SER C 3795 60.96 -16.82 -16.57
CA SER C 3795 60.46 -18.09 -17.06
C SER C 3795 60.81 -19.24 -16.13
N SER C 3796 62.07 -19.30 -15.71
CA SER C 3796 62.57 -20.26 -14.74
C SER C 3796 61.88 -20.14 -13.40
N THR C 3797 61.63 -18.91 -12.95
CA THR C 3797 60.96 -18.61 -11.70
C THR C 3797 59.56 -19.19 -11.68
N LEU C 3798 58.84 -19.06 -12.78
CA LEU C 3798 57.55 -19.73 -12.88
C LEU C 3798 57.70 -21.24 -13.00
N LYS C 3799 58.67 -21.69 -13.79
CA LYS C 3799 58.97 -23.11 -13.86
C LYS C 3799 59.44 -23.67 -12.53
N LEU C 3800 60.09 -22.85 -11.72
CA LEU C 3800 60.38 -23.27 -10.36
C LEU C 3800 59.13 -23.30 -9.50
N GLY C 3801 58.34 -22.22 -9.53
CA GLY C 3801 57.18 -22.09 -8.67
C GLY C 3801 56.11 -23.11 -8.93
N ILE C 3802 56.01 -23.63 -10.15
CA ILE C 3802 55.10 -24.75 -10.38
C ILE C 3802 55.61 -26.01 -9.69
N SER C 3803 56.92 -26.23 -9.71
CA SER C 3803 57.51 -27.32 -8.94
C SER C 3803 57.37 -27.10 -7.43
N ILE C 3804 57.26 -25.85 -7.00
CA ILE C 3804 57.03 -25.56 -5.59
C ILE C 3804 55.62 -25.97 -5.19
N LEU C 3805 54.61 -25.27 -5.69
CA LEU C 3805 53.25 -25.51 -5.24
C LEU C 3805 52.49 -26.38 -6.22
N ASN C 3806 53.20 -27.33 -6.83
CA ASN C 3806 52.59 -28.19 -7.84
C ASN C 3806 51.57 -29.11 -7.19
N GLY C 3807 51.85 -29.56 -5.97
CA GLY C 3807 50.93 -30.44 -5.29
C GLY C 3807 49.94 -29.70 -4.40
N GLY C 3808 49.38 -28.60 -4.87
CA GLY C 3808 48.37 -27.97 -4.05
C GLY C 3808 49.06 -27.08 -3.05
N ASN C 3809 49.33 -27.71 -1.89
CA ASN C 3809 50.19 -27.19 -0.83
C ASN C 3809 49.55 -25.96 -0.20
N ALA C 3810 48.33 -26.17 0.28
CA ALA C 3810 47.55 -25.12 0.93
C ALA C 3810 48.20 -24.62 2.21
N GLU C 3811 49.09 -25.41 2.81
CA GLU C 3811 49.87 -24.92 3.94
C GLU C 3811 50.76 -23.77 3.53
N VAL C 3812 51.51 -23.94 2.43
CA VAL C 3812 52.35 -22.84 2.00
C VAL C 3812 51.56 -21.77 1.29
N GLN C 3813 50.37 -22.10 0.78
CA GLN C 3813 49.48 -21.08 0.26
C GLN C 3813 48.95 -20.19 1.38
N GLN C 3814 48.70 -20.79 2.54
CA GLN C 3814 48.37 -20.03 3.74
C GLN C 3814 49.46 -19.04 4.09
N LYS C 3815 50.69 -19.53 4.20
CA LYS C 3815 51.85 -18.69 4.49
C LYS C 3815 52.04 -17.63 3.44
N MET C 3816 51.78 -17.99 2.19
CA MET C 3816 52.01 -17.11 1.06
C MET C 3816 51.02 -15.95 1.02
N LEU C 3817 49.72 -16.28 1.01
CA LEU C 3817 48.67 -15.27 1.08
C LEU C 3817 48.80 -14.43 2.33
N ASP C 3818 49.20 -15.04 3.44
CA ASP C 3818 49.48 -14.29 4.64
C ASP C 3818 50.67 -13.37 4.44
N TYR C 3819 51.68 -13.79 3.69
CA TYR C 3819 52.80 -12.89 3.47
C TYR C 3819 52.45 -11.78 2.51
N LEU C 3820 51.56 -12.05 1.55
CA LEU C 3820 51.00 -11.01 0.71
C LEU C 3820 50.29 -9.96 1.55
N LYS C 3821 49.32 -10.41 2.35
CA LYS C 3821 48.59 -9.55 3.25
C LYS C 3821 49.34 -9.26 4.54
N ASP C 3822 50.65 -9.49 4.55
CA ASP C 3822 51.56 -9.08 5.60
C ASP C 3822 52.51 -7.99 5.14
N LYS C 3823 53.28 -8.28 4.09
CA LYS C 3823 54.20 -7.30 3.55
C LYS C 3823 53.47 -6.16 2.89
N LYS C 3824 52.36 -6.46 2.18
CA LYS C 3824 51.34 -5.49 1.77
C LYS C 3824 51.92 -4.37 0.90
N GLU C 3825 52.29 -4.73 -0.33
CA GLU C 3825 52.81 -3.74 -1.24
C GLU C 3825 52.32 -4.02 -2.66
N VAL C 3826 52.26 -2.96 -3.45
CA VAL C 3826 52.03 -3.10 -4.88
C VAL C 3826 53.39 -3.22 -5.56
N GLY C 3827 53.40 -3.70 -6.79
CA GLY C 3827 54.62 -4.01 -7.50
C GLY C 3827 54.72 -5.46 -7.93
N PHE C 3828 53.77 -6.28 -7.50
CA PHE C 3828 53.78 -7.70 -7.78
C PHE C 3828 52.72 -8.11 -8.78
N PHE C 3829 51.46 -7.80 -8.50
CA PHE C 3829 50.40 -8.12 -9.42
C PHE C 3829 50.44 -7.20 -10.63
N GLN C 3830 50.91 -5.98 -10.43
CA GLN C 3830 51.11 -5.13 -11.60
C GLN C 3830 52.34 -5.54 -12.38
N SER C 3831 53.32 -6.19 -11.75
CA SER C 3831 54.35 -6.90 -12.49
C SER C 3831 53.75 -8.06 -13.28
N ILE C 3832 52.78 -8.76 -12.68
CA ILE C 3832 52.13 -9.89 -13.32
C ILE C 3832 51.36 -9.47 -14.56
N GLN C 3833 50.55 -8.43 -14.43
CA GLN C 3833 49.64 -8.06 -15.51
C GLN C 3833 50.36 -7.45 -16.70
N ALA C 3834 51.53 -6.84 -16.49
CA ALA C 3834 52.31 -6.34 -17.60
C ALA C 3834 52.87 -7.50 -18.42
N LEU C 3835 53.28 -8.56 -17.74
CA LEU C 3835 53.73 -9.74 -18.45
C LEU C 3835 52.56 -10.48 -19.09
N MET C 3836 51.37 -10.36 -18.49
CA MET C 3836 50.17 -10.84 -19.16
C MET C 3836 49.90 -10.05 -20.42
N GLN C 3837 50.06 -8.71 -20.35
CA GLN C 3837 50.02 -7.89 -21.55
C GLN C 3837 51.09 -8.29 -22.55
N THR C 3838 52.22 -8.77 -22.05
CA THR C 3838 53.35 -9.14 -22.88
C THR C 3838 53.27 -10.65 -23.17
N CYS C 3839 52.28 -11.01 -23.98
CA CYS C 3839 52.14 -12.40 -24.39
C CYS C 3839 51.83 -12.45 -25.88
N SER C 3840 52.58 -13.29 -26.59
CA SER C 3840 52.35 -13.46 -28.01
C SER C 3840 51.08 -14.28 -28.24
N VAL C 3841 50.51 -14.10 -29.42
CA VAL C 3841 49.40 -14.92 -29.89
C VAL C 3841 49.81 -15.52 -31.23
N LEU C 3842 48.90 -16.29 -31.82
CA LEU C 3842 49.13 -16.81 -33.16
C LEU C 3842 49.13 -15.67 -34.16
N ASP C 3843 50.06 -15.72 -35.11
CA ASP C 3843 50.33 -14.61 -36.01
C ASP C 3843 50.31 -15.15 -37.43
N LEU C 3844 49.27 -14.78 -38.19
CA LEU C 3844 49.11 -15.28 -39.55
C LEU C 3844 50.20 -14.76 -40.45
N ASN C 3845 50.60 -13.51 -40.25
CA ASN C 3845 51.63 -12.93 -41.09
C ASN C 3845 52.98 -13.56 -40.82
N ALA C 3846 53.28 -13.82 -39.54
CA ALA C 3846 54.50 -14.54 -39.19
C ALA C 3846 54.43 -15.99 -39.63
N PHE C 3847 53.22 -16.55 -39.71
CA PHE C 3847 53.08 -17.85 -40.34
C PHE C 3847 53.36 -17.77 -41.83
N GLU C 3848 52.98 -16.67 -42.48
CA GLU C 3848 53.24 -16.56 -43.91
C GLU C 3848 54.71 -16.37 -44.19
N ARG C 3849 55.44 -15.85 -43.22
CA ARG C 3849 56.89 -15.78 -43.34
C ARG C 3849 57.51 -17.17 -43.32
N GLN C 3850 57.14 -17.97 -42.33
CA GLN C 3850 57.68 -19.32 -42.24
C GLN C 3850 57.07 -20.25 -43.27
N ASN C 3851 55.92 -19.87 -43.83
CA ASN C 3851 55.34 -20.61 -44.94
C ASN C 3851 56.21 -20.48 -46.18
N LYS C 3852 56.57 -19.27 -46.53
CA LYS C 3852 57.48 -19.05 -47.64
C LYS C 3852 58.90 -19.51 -47.31
N ALA C 3853 59.26 -19.56 -46.03
CA ALA C 3853 60.53 -20.17 -45.64
C ALA C 3853 60.51 -21.67 -45.87
N GLU C 3854 59.38 -22.32 -45.58
CA GLU C 3854 59.22 -23.72 -45.91
C GLU C 3854 59.20 -23.95 -47.41
N GLY C 3855 58.59 -23.03 -48.16
CA GLY C 3855 58.68 -23.06 -49.61
C GLY C 3855 60.07 -22.83 -50.15
N LEU C 3856 60.91 -22.13 -49.40
CA LEU C 3856 62.32 -21.93 -49.72
C LEU C 3856 63.20 -22.89 -48.95
N GLY C 3857 62.71 -24.12 -48.74
CA GLY C 3857 63.47 -25.16 -48.07
C GLY C 3857 64.49 -25.84 -48.97
N MET C 3858 64.67 -25.32 -50.17
CA MET C 3858 65.68 -25.79 -51.11
C MET C 3858 67.00 -25.01 -50.99
N VAL C 3859 67.35 -24.60 -49.78
CA VAL C 3859 68.56 -23.83 -49.53
C VAL C 3859 69.80 -24.70 -49.72
N ASN C 3860 70.97 -24.07 -49.74
CA ASN C 3860 72.21 -24.74 -50.11
C ASN C 3860 72.69 -25.68 -49.00
N GLU C 3861 73.87 -26.26 -49.21
CA GLU C 3861 74.41 -27.26 -48.31
C GLU C 3861 74.80 -26.66 -46.96
N ASP C 3862 74.33 -27.30 -45.88
CA ASP C 3862 74.51 -26.86 -44.49
C ASP C 3862 73.98 -25.44 -44.26
N GLY C 3863 72.90 -25.08 -44.95
CA GLY C 3863 72.30 -23.77 -44.76
C GLY C 3863 70.78 -23.83 -44.71
N THR C 3864 70.21 -25.00 -44.95
CA THR C 3864 68.78 -25.21 -44.87
C THR C 3864 68.33 -25.65 -43.47
N VAL C 3865 69.27 -25.81 -42.54
CA VAL C 3865 68.97 -26.31 -41.20
C VAL C 3865 69.10 -25.21 -40.15
N ILE C 3866 69.34 -23.96 -40.57
CA ILE C 3866 69.34 -22.86 -39.62
C ILE C 3866 67.93 -22.58 -39.14
N ASN C 3867 66.93 -22.86 -39.97
CA ASN C 3867 65.53 -22.79 -39.60
C ASN C 3867 64.85 -24.12 -39.90
N ARG C 3868 65.50 -25.21 -39.49
CA ARG C 3868 64.90 -26.54 -39.65
C ARG C 3868 63.70 -26.70 -38.73
N GLN C 3869 63.86 -26.35 -37.45
CA GLN C 3869 62.71 -26.22 -36.56
C GLN C 3869 62.25 -24.77 -36.46
N ASN C 3870 63.13 -23.88 -35.96
CA ASN C 3870 62.90 -22.44 -35.79
C ASN C 3870 61.63 -22.14 -35.01
N GLY C 3871 61.35 -22.94 -33.98
CA GLY C 3871 60.07 -22.87 -33.27
C GLY C 3871 59.91 -21.70 -32.35
N GLU C 3872 60.89 -20.79 -32.30
CA GLU C 3872 60.81 -19.58 -31.49
C GLU C 3872 60.17 -18.43 -32.26
N LYS C 3873 59.14 -18.69 -33.06
CA LYS C 3873 58.63 -17.72 -34.01
C LYS C 3873 57.19 -17.29 -33.78
N VAL C 3874 56.22 -18.19 -33.91
CA VAL C 3874 54.82 -17.77 -33.82
C VAL C 3874 54.41 -17.51 -32.39
N MET C 3875 54.63 -18.48 -31.51
CA MET C 3875 54.38 -18.30 -30.09
C MET C 3875 55.67 -18.04 -29.34
N ALA C 3876 56.62 -18.99 -29.40
CA ALA C 3876 57.76 -19.12 -28.48
C ALA C 3876 57.29 -19.06 -27.03
N ASP C 3877 56.12 -19.63 -26.76
CA ASP C 3877 55.36 -19.21 -25.61
C ASP C 3877 54.70 -20.38 -24.89
N ASP C 3878 54.70 -21.58 -25.48
CA ASP C 3878 54.04 -22.73 -24.89
C ASP C 3878 54.79 -23.18 -23.64
N GLU C 3879 56.12 -23.15 -23.69
CA GLU C 3879 56.90 -23.36 -22.48
C GLU C 3879 56.80 -22.19 -21.52
N PHE C 3880 56.27 -21.06 -21.97
CA PHE C 3880 56.13 -19.89 -21.11
C PHE C 3880 54.70 -19.65 -20.67
N THR C 3881 53.75 -19.58 -21.59
CA THR C 3881 52.47 -19.06 -21.13
C THR C 3881 51.49 -20.14 -20.70
N GLN C 3882 51.61 -21.37 -21.20
CA GLN C 3882 50.80 -22.43 -20.61
C GLN C 3882 51.30 -22.76 -19.22
N ASP C 3883 52.61 -22.73 -19.07
CA ASP C 3883 53.29 -22.58 -17.79
C ASP C 3883 52.71 -21.43 -16.95
N LEU C 3884 52.48 -20.27 -17.56
CA LEU C 3884 51.94 -19.13 -16.83
C LEU C 3884 50.53 -19.40 -16.33
N PHE C 3885 49.65 -19.87 -17.21
CA PHE C 3885 48.27 -20.17 -16.81
C PHE C 3885 48.19 -21.32 -15.82
N ARG C 3886 49.05 -22.33 -15.95
CA ARG C 3886 49.11 -23.40 -14.98
C ARG C 3886 49.55 -22.89 -13.63
N PHE C 3887 50.50 -21.96 -13.61
CA PHE C 3887 50.95 -21.40 -12.35
C PHE C 3887 49.86 -20.57 -11.69
N LEU C 3888 49.19 -19.74 -12.48
CA LEU C 3888 48.14 -18.89 -11.95
C LEU C 3888 46.93 -19.71 -11.52
N GLN C 3889 46.73 -20.86 -12.15
CA GLN C 3889 45.69 -21.79 -11.72
C GLN C 3889 46.07 -22.47 -10.43
N LEU C 3890 47.32 -22.92 -10.32
CA LEU C 3890 47.81 -23.59 -9.11
C LEU C 3890 47.95 -22.63 -7.94
N LEU C 3891 47.87 -21.33 -8.18
CA LEU C 3891 47.59 -20.40 -7.10
C LEU C 3891 46.28 -20.74 -6.40
N CYS C 3892 45.22 -20.99 -7.16
CA CYS C 3892 43.87 -21.06 -6.64
C CYS C 3892 43.21 -22.41 -6.92
N GLU C 3893 44.03 -23.47 -7.06
CA GLU C 3893 43.47 -24.80 -7.20
C GLU C 3893 42.79 -25.25 -5.91
N GLY C 3894 43.46 -25.08 -4.78
CA GLY C 3894 42.78 -25.12 -3.50
C GLY C 3894 41.78 -23.99 -3.43
N HIS C 3895 40.50 -24.36 -3.33
CA HIS C 3895 39.42 -23.38 -3.45
C HIS C 3895 39.40 -22.56 -2.18
N ASN C 3896 40.20 -21.51 -2.20
CA ASN C 3896 40.55 -20.83 -0.97
C ASN C 3896 39.44 -19.89 -0.54
N ASN C 3897 38.80 -19.23 -1.52
CA ASN C 3897 37.60 -18.41 -1.44
C ASN C 3897 37.87 -17.09 -0.73
N ASP C 3898 39.09 -16.85 -0.31
CA ASP C 3898 39.50 -15.56 0.23
C ASP C 3898 40.77 -15.04 -0.40
N PHE C 3899 41.70 -15.94 -0.71
CA PHE C 3899 42.69 -15.69 -1.76
C PHE C 3899 42.03 -15.34 -3.07
N GLN C 3900 40.93 -16.01 -3.37
CA GLN C 3900 40.14 -15.68 -4.55
C GLN C 3900 39.56 -14.28 -4.45
N ASN C 3901 39.09 -13.91 -3.26
CA ASN C 3901 38.60 -12.56 -3.04
C ASN C 3901 39.73 -11.55 -3.06
N TYR C 3902 40.91 -11.98 -2.66
CA TYR C 3902 42.10 -11.16 -2.74
C TYR C 3902 42.51 -10.88 -4.16
N LEU C 3903 42.41 -11.88 -5.02
CA LEU C 3903 42.69 -11.71 -6.43
C LEU C 3903 41.63 -10.87 -7.12
N ARG C 3904 40.37 -10.98 -6.72
CA ARG C 3904 39.37 -10.05 -7.21
C ARG C 3904 39.64 -8.64 -6.72
N THR C 3905 39.90 -8.47 -5.43
CA THR C 3905 40.12 -7.14 -4.89
C THR C 3905 41.22 -7.18 -3.85
N GLN C 3906 42.18 -6.30 -4.05
CA GLN C 3906 43.43 -6.26 -3.30
C GLN C 3906 43.31 -5.16 -2.28
N THR C 3907 42.27 -5.25 -1.44
CA THR C 3907 41.89 -4.16 -0.55
C THR C 3907 42.85 -3.96 0.61
N GLY C 3908 43.69 -4.95 0.91
CA GLY C 3908 44.74 -4.76 1.89
C GLY C 3908 45.76 -3.78 1.36
N ASN C 3909 45.94 -3.80 0.05
CA ASN C 3909 46.72 -2.78 -0.62
C ASN C 3909 45.83 -1.59 -0.97
N THR C 3910 46.45 -0.47 -1.28
CA THR C 3910 45.73 0.74 -1.63
C THR C 3910 45.04 0.66 -2.98
N THR C 3911 45.42 -0.28 -3.82
CA THR C 3911 44.83 -0.40 -5.15
C THR C 3911 44.07 -1.71 -5.28
N THR C 3912 43.62 -2.01 -6.50
CA THR C 3912 42.91 -3.25 -6.78
C THR C 3912 43.12 -3.61 -8.23
N ILE C 3913 43.64 -4.81 -8.47
CA ILE C 3913 44.08 -5.23 -9.79
C ILE C 3913 43.00 -6.01 -10.53
N ASN C 3914 42.47 -7.06 -9.90
CA ASN C 3914 41.38 -7.90 -10.43
C ASN C 3914 41.78 -8.52 -11.77
N ILE C 3915 42.69 -9.48 -11.66
CA ILE C 3915 43.42 -10.00 -12.82
C ILE C 3915 42.50 -10.80 -13.73
N ILE C 3916 41.32 -11.17 -13.22
CA ILE C 3916 40.31 -11.87 -14.01
C ILE C 3916 39.85 -11.03 -15.19
N ILE C 3917 39.86 -9.70 -15.03
CA ILE C 3917 39.47 -8.78 -16.08
C ILE C 3917 40.40 -8.92 -17.29
N CYS C 3918 41.69 -8.69 -17.07
CA CYS C 3918 42.67 -8.84 -18.14
C CYS C 3918 42.89 -10.30 -18.54
N THR C 3919 42.48 -11.25 -17.69
CA THR C 3919 42.47 -12.65 -18.10
C THR C 3919 41.46 -12.87 -19.21
N VAL C 3920 40.24 -12.38 -18.99
CA VAL C 3920 39.21 -12.37 -20.03
C VAL C 3920 39.70 -11.59 -21.24
N ASP C 3921 40.39 -10.48 -21.02
CA ASP C 3921 40.91 -9.69 -22.12
C ASP C 3921 41.98 -10.40 -22.93
N TYR C 3922 42.94 -11.07 -22.27
CA TYR C 3922 43.92 -11.79 -23.07
C TYR C 3922 43.32 -13.01 -23.72
N LEU C 3923 42.34 -13.62 -23.07
CA LEU C 3923 41.57 -14.67 -23.71
C LEU C 3923 40.88 -14.17 -24.97
N LEU C 3924 40.40 -12.93 -24.95
CA LEU C 3924 39.84 -12.32 -26.15
C LEU C 3924 40.89 -12.15 -27.24
N ARG C 3925 42.09 -11.68 -26.85
CA ARG C 3925 43.16 -11.47 -27.81
C ARG C 3925 43.64 -12.79 -28.41
N LEU C 3926 43.61 -13.85 -27.62
CA LEU C 3926 43.86 -15.19 -28.10
C LEU C 3926 42.75 -15.67 -29.02
N GLN C 3927 41.50 -15.41 -28.61
CA GLN C 3927 40.32 -15.87 -29.30
C GLN C 3927 40.25 -15.33 -30.71
N GLU C 3928 40.45 -14.03 -30.83
CA GLU C 3928 40.39 -13.38 -32.13
C GLU C 3928 41.52 -13.83 -33.03
N SER C 3929 42.69 -14.07 -32.44
CA SER C 3929 43.83 -14.58 -33.17
C SER C 3929 43.55 -15.96 -33.76
N ILE C 3930 43.04 -16.87 -32.94
CA ILE C 3930 42.75 -18.22 -33.41
C ILE C 3930 41.55 -18.20 -34.35
N SER C 3931 40.62 -17.27 -34.13
CA SER C 3931 39.44 -17.14 -34.96
C SER C 3931 39.83 -16.75 -36.38
N ASP C 3932 40.70 -15.76 -36.51
CA ASP C 3932 41.22 -15.37 -37.80
C ASP C 3932 42.19 -16.40 -38.37
N PHE C 3933 42.87 -17.16 -37.50
CA PHE C 3933 43.66 -18.29 -37.96
C PHE C 3933 42.80 -19.31 -38.70
N TYR C 3934 41.61 -19.56 -38.18
CA TYR C 3934 40.67 -20.41 -38.91
C TYR C 3934 40.28 -19.79 -40.24
N TRP C 3935 40.26 -18.46 -40.33
CA TRP C 3935 39.95 -17.84 -41.61
C TRP C 3935 41.05 -18.04 -42.64
N TYR C 3936 42.26 -18.36 -42.21
CA TYR C 3936 43.27 -18.72 -43.18
C TYR C 3936 42.96 -20.05 -43.85
N TYR C 3937 42.65 -21.08 -43.08
CA TYR C 3937 42.36 -22.39 -43.63
C TYR C 3937 40.89 -22.53 -43.98
N SER C 3938 40.13 -21.44 -43.89
CA SER C 3938 38.79 -21.44 -44.45
C SER C 3938 38.81 -21.60 -45.97
N GLY C 3939 39.89 -21.18 -46.62
CA GLY C 3939 40.00 -21.40 -48.04
C GLY C 3939 40.32 -22.84 -48.41
N LYS C 3940 41.53 -23.28 -48.10
CA LYS C 3940 41.98 -24.58 -48.56
C LYS C 3940 41.64 -25.65 -47.53
N ASP C 3941 41.57 -26.89 -47.99
CA ASP C 3941 41.15 -28.03 -47.17
C ASP C 3941 42.27 -28.64 -46.33
N VAL C 3942 43.50 -28.59 -46.80
CA VAL C 3942 44.58 -29.31 -46.15
C VAL C 3942 45.27 -28.40 -45.14
N ILE C 3943 45.70 -28.99 -44.02
CA ILE C 3943 46.55 -28.33 -43.05
C ILE C 3943 47.94 -28.92 -43.24
N GLU C 3944 48.98 -28.12 -43.03
CA GLU C 3944 50.30 -28.71 -43.03
C GLU C 3944 50.52 -29.50 -41.75
N GLU C 3945 51.56 -30.34 -41.78
CA GLU C 3945 52.08 -30.87 -40.53
C GLU C 3945 52.51 -29.75 -39.61
N GLN C 3946 53.14 -28.72 -40.16
CA GLN C 3946 53.48 -27.56 -39.36
C GLN C 3946 52.24 -26.80 -38.93
N GLY C 3947 51.21 -26.77 -39.79
CA GLY C 3947 49.95 -26.14 -39.42
C GLY C 3947 49.27 -26.83 -38.27
N LYS C 3948 49.29 -28.15 -38.26
CA LYS C 3948 48.80 -28.90 -37.11
C LYS C 3948 49.74 -28.75 -35.92
N ARG C 3949 51.03 -28.60 -36.19
CA ARG C 3949 52.06 -28.60 -35.15
C ARG C 3949 52.01 -27.33 -34.30
N ASN C 3950 51.91 -26.17 -34.95
CA ASN C 3950 51.84 -24.90 -34.24
C ASN C 3950 50.48 -24.64 -33.63
N PHE C 3951 49.50 -25.47 -33.96
CA PHE C 3951 48.15 -25.19 -33.52
C PHE C 3951 47.69 -26.19 -32.47
N SER C 3952 48.30 -27.37 -32.44
CA SER C 3952 48.18 -28.23 -31.28
C SER C 3952 48.67 -27.53 -30.03
N LYS C 3953 49.73 -26.75 -30.17
CA LYS C 3953 50.19 -25.83 -29.13
C LYS C 3953 49.09 -24.86 -28.73
N ALA C 3954 48.49 -24.19 -29.71
CA ALA C 3954 47.46 -23.19 -29.47
C ALA C 3954 46.22 -23.79 -28.83
N MET C 3955 45.91 -25.03 -29.12
CA MET C 3955 44.79 -25.72 -28.51
C MET C 3955 45.12 -26.14 -27.09
N SER C 3956 46.32 -26.69 -26.87
CA SER C 3956 46.70 -27.14 -25.55
C SER C 3956 46.85 -26.00 -24.54
N VAL C 3957 47.26 -24.81 -25.01
CA VAL C 3957 47.38 -23.70 -24.07
C VAL C 3957 46.01 -23.17 -23.70
N ALA C 3958 45.13 -23.01 -24.69
CA ALA C 3958 43.78 -22.52 -24.44
C ALA C 3958 43.00 -23.49 -23.57
N LYS C 3959 43.30 -24.78 -23.66
CA LYS C 3959 42.83 -25.74 -22.67
C LYS C 3959 43.22 -25.33 -21.27
N GLN C 3960 44.49 -24.98 -21.05
CA GLN C 3960 44.94 -24.53 -19.74
C GLN C 3960 44.28 -23.23 -19.34
N VAL C 3961 43.97 -22.40 -20.33
CA VAL C 3961 43.23 -21.17 -20.07
C VAL C 3961 41.86 -21.49 -19.52
N PHE C 3962 41.15 -22.44 -20.16
CA PHE C 3962 39.88 -22.94 -19.63
C PHE C 3962 40.00 -23.43 -18.21
N ASN C 3963 41.06 -24.20 -17.94
CA ASN C 3963 41.21 -24.84 -16.64
C ASN C 3963 41.42 -23.80 -15.54
N SER C 3964 42.30 -22.84 -15.79
CA SER C 3964 42.49 -21.74 -14.87
C SER C 3964 41.24 -20.90 -14.68
N LEU C 3965 40.50 -20.61 -15.75
CA LEU C 3965 39.26 -19.87 -15.65
C LEU C 3965 38.17 -20.61 -14.90
N THR C 3966 38.14 -21.94 -14.98
CA THR C 3966 37.27 -22.72 -14.10
C THR C 3966 37.70 -22.57 -12.66
N GLU C 3967 38.99 -22.71 -12.39
CA GLU C 3967 39.50 -22.61 -11.04
C GLU C 3967 39.37 -21.22 -10.44
N TYR C 3968 39.06 -20.22 -11.25
CA TYR C 3968 38.63 -18.93 -10.74
C TYR C 3968 37.32 -19.00 -10.01
N ILE C 3969 36.37 -19.75 -10.55
CA ILE C 3969 34.99 -19.66 -10.11
C ILE C 3969 34.53 -20.87 -9.32
N GLN C 3970 35.24 -21.99 -9.40
CA GLN C 3970 34.84 -23.19 -8.67
C GLN C 3970 35.05 -22.99 -7.18
N GLY C 3971 34.16 -23.58 -6.39
CA GLY C 3971 34.00 -23.12 -5.03
C GLY C 3971 33.36 -21.75 -5.10
N PRO C 3972 32.03 -21.71 -5.39
CA PRO C 3972 31.41 -20.55 -6.06
C PRO C 3972 31.57 -19.21 -5.36
N CYS C 3973 32.42 -18.38 -5.96
CA CYS C 3973 32.73 -17.05 -5.46
C CYS C 3973 31.75 -16.10 -6.10
N THR C 3974 30.77 -15.66 -5.31
CA THR C 3974 29.64 -14.92 -5.83
C THR C 3974 30.04 -13.55 -6.34
N GLY C 3975 31.05 -12.92 -5.74
CA GLY C 3975 31.54 -11.67 -6.27
C GLY C 3975 32.19 -11.84 -7.63
N ASN C 3976 32.92 -12.94 -7.82
CA ASN C 3976 33.48 -13.23 -9.13
C ASN C 3976 32.40 -13.57 -10.14
N GLN C 3977 31.35 -14.24 -9.69
CA GLN C 3977 30.24 -14.54 -10.58
C GLN C 3977 29.48 -13.28 -10.98
N GLN C 3978 29.40 -12.31 -10.06
CA GLN C 3978 28.80 -11.03 -10.41
C GLN C 3978 29.70 -10.21 -11.30
N SER C 3979 31.01 -10.34 -11.13
CA SER C 3979 31.95 -9.76 -12.08
C SER C 3979 31.75 -10.34 -13.47
N LEU C 3980 31.56 -11.65 -13.56
CA LEU C 3980 31.36 -12.27 -14.85
C LEU C 3980 29.97 -12.05 -15.38
N ALA C 3981 29.03 -11.69 -14.50
CA ALA C 3981 27.73 -11.21 -14.96
C ALA C 3981 27.90 -9.92 -15.76
N HIS C 3982 28.71 -8.99 -15.27
CA HIS C 3982 28.89 -7.72 -15.93
C HIS C 3982 30.00 -7.74 -16.96
N SER C 3983 30.78 -8.81 -17.01
CA SER C 3983 31.83 -8.88 -18.01
C SER C 3983 31.23 -9.21 -19.37
N ARG C 3984 31.97 -8.84 -20.41
CA ARG C 3984 31.60 -9.20 -21.77
C ARG C 3984 32.31 -10.47 -22.22
N LEU C 3985 32.70 -11.27 -21.22
CA LEU C 3985 33.01 -12.68 -21.38
C LEU C 3985 31.94 -13.42 -22.17
N TRP C 3986 30.68 -13.07 -21.90
CA TRP C 3986 29.52 -13.59 -22.61
C TRP C 3986 29.66 -13.42 -24.12
N ASP C 3987 30.21 -12.29 -24.56
CA ASP C 3987 30.56 -12.15 -25.96
C ASP C 3987 31.72 -13.05 -26.34
N ALA C 3988 32.73 -13.15 -25.48
CA ALA C 3988 33.93 -13.92 -25.77
C ALA C 3988 33.66 -15.40 -25.91
N VAL C 3989 32.58 -15.91 -25.33
CA VAL C 3989 32.21 -17.30 -25.49
C VAL C 3989 31.85 -17.61 -26.93
N VAL C 3990 31.20 -16.66 -27.61
CA VAL C 3990 30.39 -16.95 -28.77
C VAL C 3990 31.26 -17.22 -30.00
N GLY C 3991 32.36 -16.48 -30.12
CA GLY C 3991 33.27 -16.65 -31.24
C GLY C 3991 33.87 -18.02 -31.30
N PHE C 3992 34.07 -18.66 -30.14
CA PHE C 3992 34.52 -20.05 -30.14
C PHE C 3992 33.50 -20.96 -30.78
N LEU C 3993 32.22 -20.81 -30.43
CA LEU C 3993 31.16 -21.60 -31.04
C LEU C 3993 31.08 -21.41 -32.54
N HIS C 3994 31.20 -20.16 -32.98
CA HIS C 3994 31.14 -19.90 -34.42
C HIS C 3994 32.35 -20.47 -35.16
N VAL C 3995 33.53 -20.47 -34.52
CA VAL C 3995 34.69 -21.12 -35.12
C VAL C 3995 34.50 -22.63 -35.14
N PHE C 3996 34.07 -23.19 -34.00
CA PHE C 3996 33.88 -24.62 -33.79
C PHE C 3996 32.92 -25.22 -34.78
N ALA C 3997 31.78 -24.56 -35.04
CA ALA C 3997 30.73 -25.07 -35.92
C ALA C 3997 31.26 -25.32 -37.33
N HIS C 3998 32.17 -24.47 -37.78
CA HIS C 3998 32.82 -24.70 -39.06
C HIS C 3998 33.98 -25.68 -38.93
N MET C 3999 34.71 -25.61 -37.81
CA MET C 3999 35.75 -26.59 -37.52
C MET C 3999 35.18 -27.99 -37.36
N MET C 4000 34.04 -28.10 -36.70
CA MET C 4000 33.34 -29.37 -36.54
C MET C 4000 33.03 -30.02 -37.87
N MET C 4001 32.71 -29.20 -38.87
CA MET C 4001 32.43 -29.80 -40.17
C MET C 4001 33.71 -30.06 -40.94
N LYS C 4002 34.64 -29.10 -40.94
CA LYS C 4002 35.77 -29.22 -41.86
C LYS C 4002 36.79 -30.23 -41.35
N LEU C 4003 36.97 -30.32 -40.04
CA LEU C 4003 37.97 -31.22 -39.49
C LEU C 4003 37.49 -32.67 -39.48
N ALA C 4004 36.19 -32.88 -39.63
CA ALA C 4004 35.64 -34.23 -39.75
C ALA C 4004 35.95 -34.86 -41.10
N GLN C 4005 36.40 -34.08 -42.06
CA GLN C 4005 36.52 -34.49 -43.46
C GLN C 4005 37.87 -35.08 -43.80
N ASP C 4006 38.59 -35.60 -42.81
CA ASP C 4006 39.95 -36.07 -43.05
C ASP C 4006 40.33 -37.12 -42.03
N SER C 4007 40.88 -38.22 -42.54
CA SER C 4007 41.44 -39.29 -41.73
C SER C 4007 42.84 -38.99 -41.23
N SER C 4008 43.41 -37.85 -41.59
CA SER C 4008 44.65 -37.38 -41.00
C SER C 4008 44.41 -36.48 -39.81
N GLN C 4009 43.20 -35.97 -39.65
CA GLN C 4009 42.88 -34.98 -38.63
C GLN C 4009 42.16 -35.62 -37.46
N ILE C 4010 42.41 -36.91 -37.25
CA ILE C 4010 41.61 -37.70 -36.32
C ILE C 4010 41.97 -37.34 -34.87
N GLU C 4011 43.24 -37.49 -34.51
CA GLU C 4011 43.69 -37.12 -33.18
C GLU C 4011 43.58 -35.62 -32.93
N LEU C 4012 43.67 -34.81 -33.99
CA LEU C 4012 43.54 -33.37 -33.84
C LEU C 4012 42.11 -32.99 -33.49
N LEU C 4013 41.13 -33.55 -34.20
CA LEU C 4013 39.74 -33.27 -33.88
C LEU C 4013 39.34 -33.95 -32.58
N LYS C 4014 39.99 -35.07 -32.24
CA LYS C 4014 39.84 -35.66 -30.91
C LYS C 4014 40.31 -34.71 -29.83
N GLU C 4015 41.43 -34.04 -30.05
CA GLU C 4015 41.90 -33.02 -29.13
C GLU C 4015 40.94 -31.84 -29.08
N LEU C 4016 40.31 -31.52 -30.21
CA LEU C 4016 39.30 -30.47 -30.24
C LEU C 4016 38.08 -30.85 -29.42
N LEU C 4017 37.71 -32.14 -29.45
CA LEU C 4017 36.65 -32.64 -28.58
C LEU C 4017 36.99 -32.43 -27.13
N ASP C 4018 38.26 -32.70 -26.76
CA ASP C 4018 38.73 -32.47 -25.41
C ASP C 4018 38.70 -31.00 -25.05
N LEU C 4019 39.12 -30.15 -25.99
CA LEU C 4019 39.17 -28.71 -25.78
C LEU C 4019 37.78 -28.14 -25.56
N GLN C 4020 36.84 -28.53 -26.42
CA GLN C 4020 35.49 -28.00 -26.32
C GLN C 4020 34.74 -28.62 -25.15
N LYS C 4021 35.13 -29.82 -24.74
CA LYS C 4021 34.62 -30.37 -23.49
C LYS C 4021 35.11 -29.56 -22.29
N ASP C 4022 36.38 -29.17 -22.31
CA ASP C 4022 36.93 -28.28 -21.28
C ASP C 4022 36.28 -26.91 -21.32
N MET C 4023 35.87 -26.47 -22.50
CA MET C 4023 35.09 -25.24 -22.60
C MET C 4023 33.72 -25.41 -21.95
N VAL C 4024 32.99 -26.47 -22.31
CA VAL C 4024 31.62 -26.59 -21.87
C VAL C 4024 31.51 -26.95 -20.40
N VAL C 4025 32.54 -27.56 -19.81
CA VAL C 4025 32.46 -27.78 -18.37
C VAL C 4025 32.70 -26.49 -17.60
N MET C 4026 33.42 -25.54 -18.19
CA MET C 4026 33.42 -24.19 -17.64
C MET C 4026 32.04 -23.58 -17.72
N LEU C 4027 31.32 -23.88 -18.80
CA LEU C 4027 29.99 -23.32 -18.97
C LEU C 4027 29.02 -23.94 -17.98
N LEU C 4028 29.24 -25.21 -17.66
CA LEU C 4028 28.55 -25.87 -16.55
C LEU C 4028 28.88 -25.19 -15.23
N SER C 4029 30.17 -24.93 -15.00
CA SER C 4029 30.69 -24.30 -13.81
C SER C 4029 30.17 -22.88 -13.61
N LEU C 4030 29.77 -22.23 -14.70
CA LEU C 4030 29.19 -20.89 -14.62
C LEU C 4030 27.94 -20.86 -13.78
N LEU C 4031 27.16 -21.93 -13.79
CA LEU C 4031 25.94 -21.97 -13.00
C LEU C 4031 26.31 -22.13 -11.54
N GLU C 4032 26.87 -23.30 -11.23
CA GLU C 4032 27.36 -23.73 -9.92
C GLU C 4032 26.34 -23.41 -8.84
N GLY C 4033 25.11 -23.84 -9.11
CA GLY C 4033 23.97 -23.38 -8.34
C GLY C 4033 23.48 -22.05 -8.86
N ASN C 4034 23.09 -22.02 -10.13
CA ASN C 4034 22.49 -20.82 -10.69
C ASN C 4034 21.08 -20.67 -10.14
N VAL C 4035 20.71 -19.46 -9.75
CA VAL C 4035 19.33 -19.20 -9.37
C VAL C 4035 18.55 -19.05 -10.68
N VAL C 4036 17.22 -19.09 -10.60
CA VAL C 4036 16.34 -19.27 -11.75
C VAL C 4036 16.46 -18.14 -12.78
N ASN C 4037 16.48 -16.89 -12.36
CA ASN C 4037 16.37 -15.78 -13.31
C ASN C 4037 17.38 -14.69 -13.01
N GLY C 4038 18.26 -14.93 -12.06
CA GLY C 4038 19.17 -13.89 -11.60
C GLY C 4038 20.31 -13.58 -12.55
N MET C 4039 19.97 -13.09 -13.75
CA MET C 4039 20.85 -12.40 -14.69
C MET C 4039 21.87 -13.29 -15.36
N ILE C 4040 22.02 -14.53 -14.93
CA ILE C 4040 23.03 -15.44 -15.46
C ILE C 4040 22.42 -16.37 -16.48
N ALA C 4041 21.45 -17.19 -16.06
CA ALA C 4041 20.66 -17.98 -17.01
C ALA C 4041 19.91 -17.08 -17.98
N ARG C 4042 19.53 -15.88 -17.54
CA ARG C 4042 18.88 -14.92 -18.40
C ARG C 4042 19.79 -14.46 -19.54
N GLN C 4043 21.08 -14.41 -19.30
CA GLN C 4043 22.03 -14.12 -20.37
C GLN C 4043 22.48 -15.37 -21.10
N MET C 4044 22.37 -16.54 -20.46
CA MET C 4044 22.61 -17.79 -21.16
C MET C 4044 21.56 -18.01 -22.23
N VAL C 4045 20.31 -17.67 -21.92
CA VAL C 4045 19.25 -17.50 -22.90
C VAL C 4045 19.72 -16.64 -24.06
N ASP C 4046 20.32 -15.50 -23.73
CA ASP C 4046 20.70 -14.53 -24.76
C ASP C 4046 21.78 -15.09 -25.67
N MET C 4047 22.82 -15.67 -25.09
CA MET C 4047 23.91 -16.19 -25.91
C MET C 4047 23.51 -17.47 -26.65
N LEU C 4048 22.59 -18.26 -26.11
CA LEU C 4048 22.20 -19.46 -26.84
C LEU C 4048 21.29 -19.13 -28.00
N VAL C 4049 20.37 -18.18 -27.82
CA VAL C 4049 19.60 -17.66 -28.93
C VAL C 4049 20.52 -16.97 -29.93
N GLU C 4050 21.57 -16.32 -29.42
CA GLU C 4050 22.54 -15.63 -30.24
C GLU C 4050 23.31 -16.57 -31.16
N SER C 4051 24.05 -17.52 -30.60
CA SER C 4051 24.88 -18.44 -31.37
C SER C 4051 24.12 -19.72 -31.63
N SER C 4052 22.80 -19.62 -31.63
CA SER C 4052 21.93 -20.77 -31.77
C SER C 4052 22.11 -21.46 -33.11
N SER C 4053 22.42 -20.71 -34.16
CA SER C 4053 22.61 -21.34 -35.47
C SER C 4053 23.87 -22.19 -35.50
N ASN C 4054 24.93 -21.73 -34.85
CA ASN C 4054 26.07 -22.61 -34.59
C ASN C 4054 25.64 -23.77 -33.72
N VAL C 4055 24.84 -23.50 -32.69
CA VAL C 4055 24.29 -24.55 -31.85
C VAL C 4055 23.38 -25.47 -32.65
N GLU C 4056 22.63 -24.91 -33.62
CA GLU C 4056 21.86 -25.73 -34.55
C GLU C 4056 22.75 -26.70 -35.30
N MET C 4057 23.89 -26.20 -35.79
CA MET C 4057 24.79 -27.03 -36.57
C MET C 4057 25.47 -28.08 -35.69
N ILE C 4058 25.76 -27.71 -34.46
CA ILE C 4058 26.41 -28.60 -33.51
C ILE C 4058 25.47 -29.71 -33.08
N LEU C 4059 24.23 -29.36 -32.71
CA LEU C 4059 23.22 -30.34 -32.38
C LEU C 4059 22.86 -31.19 -33.58
N LYS C 4060 22.94 -30.60 -34.77
CA LYS C 4060 22.71 -31.32 -36.00
C LYS C 4060 23.74 -32.42 -36.19
N PHE C 4061 25.02 -32.04 -36.12
CA PHE C 4061 26.16 -32.95 -36.05
C PHE C 4061 25.97 -34.03 -35.01
N PHE C 4062 25.49 -33.63 -33.83
CA PHE C 4062 25.29 -34.58 -32.75
C PHE C 4062 24.21 -35.59 -33.08
N ASP C 4063 23.09 -35.11 -33.62
CA ASP C 4063 21.92 -35.96 -33.74
C ASP C 4063 22.04 -36.88 -34.94
N MET C 4064 22.75 -36.43 -35.99
CA MET C 4064 22.94 -37.32 -37.13
C MET C 4064 23.85 -38.48 -36.79
N PHE C 4065 24.73 -38.30 -35.82
CA PHE C 4065 25.74 -39.29 -35.53
C PHE C 4065 25.45 -40.09 -34.28
N LEU C 4066 24.58 -39.57 -33.41
CA LEU C 4066 24.01 -40.38 -32.34
C LEU C 4066 23.15 -41.49 -32.89
N LYS C 4067 22.34 -41.20 -33.91
CA LYS C 4067 21.51 -42.22 -34.51
C LYS C 4067 22.29 -43.13 -35.43
N LEU C 4068 23.55 -42.80 -35.73
CA LEU C 4068 24.35 -43.58 -36.66
C LEU C 4068 24.60 -44.99 -36.17
N LYS C 4069 24.88 -45.16 -34.88
CA LYS C 4069 25.09 -46.49 -34.33
C LYS C 4069 23.79 -47.26 -34.28
N ASP C 4070 22.65 -46.57 -34.33
CA ASP C 4070 21.38 -47.24 -34.48
C ASP C 4070 21.10 -47.60 -35.92
N ILE C 4071 21.54 -46.74 -36.84
CA ILE C 4071 21.34 -46.96 -38.27
C ILE C 4071 22.21 -48.12 -38.74
N VAL C 4072 23.48 -48.11 -38.36
CA VAL C 4072 24.17 -49.39 -38.42
C VAL C 4072 24.03 -49.98 -37.02
N GLY C 4073 22.81 -50.39 -36.71
CA GLY C 4073 22.44 -51.29 -35.64
C GLY C 4073 21.20 -51.95 -36.19
N SER C 4074 20.93 -51.66 -37.45
CA SER C 4074 19.69 -52.01 -38.11
C SER C 4074 19.96 -53.07 -39.17
N GLU C 4075 19.12 -54.10 -39.16
CA GLU C 4075 19.28 -55.18 -40.11
C GLU C 4075 18.85 -54.80 -41.51
N ALA C 4076 18.03 -53.74 -41.65
CA ALA C 4076 17.73 -53.20 -42.96
C ALA C 4076 18.98 -52.70 -43.66
N PHE C 4077 19.89 -52.10 -42.89
CA PHE C 4077 21.23 -51.83 -43.38
C PHE C 4077 21.98 -53.12 -43.70
N GLN C 4078 21.71 -54.18 -42.96
CA GLN C 4078 22.45 -55.43 -43.13
C GLN C 4078 21.91 -56.29 -44.26
N ASP C 4079 20.78 -55.91 -44.85
CA ASP C 4079 20.13 -56.79 -45.83
C ASP C 4079 20.89 -56.79 -47.14
N TYR C 4080 21.00 -55.63 -47.76
CA TYR C 4080 21.39 -55.50 -49.15
C TYR C 4080 22.89 -55.71 -49.38
N VAL C 4081 23.69 -55.79 -48.32
CA VAL C 4081 25.14 -55.90 -48.50
C VAL C 4081 25.52 -57.34 -48.83
N THR C 4082 26.19 -57.52 -49.96
CA THR C 4082 26.75 -58.81 -50.36
C THR C 4082 28.27 -58.66 -50.32
N ASP C 4083 28.83 -58.79 -49.12
CA ASP C 4083 30.26 -58.66 -48.88
C ASP C 4083 30.64 -59.49 -47.66
N PRO C 4084 31.09 -60.73 -47.87
CA PRO C 4084 31.58 -61.53 -46.74
C PRO C 4084 32.89 -61.03 -46.17
N ARG C 4085 33.64 -60.19 -46.89
CA ARG C 4085 34.81 -59.57 -46.32
C ARG C 4085 34.47 -58.33 -45.50
N GLY C 4086 33.20 -57.93 -45.49
CA GLY C 4086 32.77 -56.81 -44.66
C GLY C 4086 33.07 -55.44 -45.24
N LEU C 4087 33.66 -55.40 -46.44
CA LEU C 4087 33.95 -54.15 -47.12
C LEU C 4087 32.74 -53.81 -47.96
N ILE C 4088 31.72 -53.25 -47.30
CA ILE C 4088 30.53 -52.79 -48.00
C ILE C 4088 30.87 -51.65 -48.95
N SER C 4089 30.40 -51.77 -50.19
CA SER C 4089 30.77 -50.84 -51.24
C SER C 4089 30.06 -49.50 -51.06
N LYS C 4090 30.32 -48.57 -51.96
CA LYS C 4090 29.76 -47.24 -51.80
C LYS C 4090 28.48 -47.05 -52.60
N LYS C 4091 28.21 -47.89 -53.59
CA LYS C 4091 27.04 -47.64 -54.44
C LYS C 4091 25.75 -48.19 -53.85
N ASP C 4092 25.80 -49.40 -53.28
CA ASP C 4092 24.67 -49.87 -52.49
C ASP C 4092 24.43 -48.99 -51.28
N PHE C 4093 25.52 -48.53 -50.66
CA PHE C 4093 25.48 -47.46 -49.67
C PHE C 4093 24.76 -46.24 -50.21
N GLN C 4094 25.11 -45.80 -51.42
CA GLN C 4094 24.56 -44.61 -52.03
C GLN C 4094 23.07 -44.74 -52.29
N LYS C 4095 22.64 -45.90 -52.77
CA LYS C 4095 21.24 -46.22 -52.95
C LYS C 4095 20.47 -46.18 -51.64
N ALA C 4096 20.89 -47.02 -50.68
CA ALA C 4096 20.06 -47.31 -49.53
C ALA C 4096 20.07 -46.19 -48.48
N MET C 4097 20.91 -45.17 -48.66
CA MET C 4097 20.77 -43.98 -47.83
C MET C 4097 19.48 -43.23 -48.10
N ASP C 4098 18.94 -43.33 -49.30
CA ASP C 4098 17.59 -42.88 -49.56
C ASP C 4098 16.55 -43.84 -49.03
N SER C 4099 16.83 -45.15 -49.08
CA SER C 4099 15.87 -46.15 -48.64
C SER C 4099 15.60 -46.05 -47.14
N GLN C 4100 16.65 -45.88 -46.35
CA GLN C 4100 16.47 -45.51 -44.96
C GLN C 4100 16.15 -44.04 -44.87
N LYS C 4101 15.15 -43.72 -44.06
CA LYS C 4101 14.55 -42.39 -44.06
C LYS C 4101 15.25 -41.48 -43.06
N GLN C 4102 14.60 -40.35 -42.74
CA GLN C 4102 14.98 -39.36 -41.71
C GLN C 4102 16.39 -38.80 -41.90
N PHE C 4103 16.91 -38.85 -43.13
CA PHE C 4103 18.21 -38.25 -43.44
C PHE C 4103 18.02 -37.22 -44.54
N THR C 4104 19.10 -36.51 -44.85
CA THR C 4104 19.06 -35.46 -45.86
C THR C 4104 20.25 -35.62 -46.79
N GLY C 4105 20.04 -35.24 -48.05
CA GLY C 4105 21.06 -35.20 -49.07
C GLY C 4105 22.42 -34.62 -48.71
N PRO C 4106 22.47 -33.35 -48.26
CA PRO C 4106 23.76 -32.77 -47.84
C PRO C 4106 24.38 -33.45 -46.65
N GLU C 4107 23.58 -34.01 -45.74
CA GLU C 4107 24.14 -34.84 -44.68
C GLU C 4107 24.87 -36.03 -45.24
N ILE C 4108 24.27 -36.71 -46.22
CA ILE C 4108 24.90 -37.87 -46.83
C ILE C 4108 26.12 -37.44 -47.65
N GLN C 4109 26.06 -36.25 -48.24
CA GLN C 4109 27.24 -35.71 -48.93
C GLN C 4109 28.37 -35.47 -47.95
N PHE C 4110 28.04 -34.96 -46.77
CA PHE C 4110 29.04 -34.79 -45.73
C PHE C 4110 29.54 -36.12 -45.21
N LEU C 4111 28.67 -37.13 -45.21
CA LEU C 4111 29.07 -38.49 -44.85
C LEU C 4111 30.09 -39.05 -45.84
N LEU C 4112 29.84 -38.83 -47.13
CA LEU C 4112 30.78 -39.25 -48.16
C LEU C 4112 32.07 -38.46 -48.09
N SER C 4113 31.97 -37.19 -47.69
CA SER C 4113 33.16 -36.36 -47.52
C SER C 4113 34.01 -36.86 -46.35
N CYS C 4114 33.38 -37.29 -45.27
CA CYS C 4114 34.13 -37.76 -44.12
C CYS C 4114 34.63 -39.19 -44.29
N SER C 4115 33.90 -40.02 -45.02
CA SER C 4115 34.26 -41.42 -45.18
C SER C 4115 35.36 -41.57 -46.21
N GLU C 4116 35.70 -42.82 -46.52
CA GLU C 4116 36.81 -43.13 -47.40
C GLU C 4116 36.31 -43.88 -48.62
N ALA C 4117 36.88 -43.56 -49.78
CA ALA C 4117 36.43 -44.17 -51.03
C ALA C 4117 36.93 -45.61 -51.17
N ASP C 4118 38.24 -45.77 -51.20
CA ASP C 4118 38.95 -47.02 -51.50
C ASP C 4118 38.46 -47.60 -52.83
N GLU C 4119 38.23 -46.69 -53.78
CA GLU C 4119 37.79 -46.98 -55.15
C GLU C 4119 36.46 -47.73 -55.20
N ASN C 4120 35.45 -47.17 -54.52
CA ASN C 4120 34.06 -47.63 -54.55
C ASN C 4120 33.94 -49.04 -53.99
N GLU C 4121 34.64 -49.31 -52.90
CA GLU C 4121 34.73 -50.65 -52.33
C GLU C 4121 34.40 -50.70 -50.85
N MET C 4122 34.75 -49.67 -50.09
CA MET C 4122 34.71 -49.76 -48.64
C MET C 4122 33.96 -48.58 -48.04
N ILE C 4123 33.24 -48.87 -46.96
CA ILE C 4123 32.62 -47.86 -46.11
C ILE C 4123 33.14 -47.97 -44.67
N ASN C 4124 33.23 -49.19 -44.15
CA ASN C 4124 33.70 -49.52 -42.80
C ASN C 4124 32.89 -48.77 -41.74
N PHE C 4125 31.61 -49.16 -41.74
CA PHE C 4125 30.62 -48.80 -40.73
C PHE C 4125 31.15 -48.85 -39.30
N GLU C 4126 31.93 -49.88 -38.96
CA GLU C 4126 32.29 -50.12 -37.58
C GLU C 4126 33.30 -49.11 -37.09
N GLU C 4127 34.40 -48.94 -37.84
CA GLU C 4127 35.36 -47.89 -37.53
C GLU C 4127 34.74 -46.52 -37.68
N PHE C 4128 33.82 -46.35 -38.63
CA PHE C 4128 33.20 -45.06 -38.88
C PHE C 4128 32.35 -44.61 -37.70
N ALA C 4129 31.72 -45.57 -37.03
CA ALA C 4129 31.01 -45.29 -35.79
C ALA C 4129 31.96 -45.12 -34.62
N ASN C 4130 32.82 -46.11 -34.40
CA ASN C 4130 33.61 -46.15 -33.17
C ASN C 4130 34.73 -45.12 -33.15
N ARG C 4131 35.08 -44.57 -34.31
CA ARG C 4131 35.91 -43.38 -34.35
C ARG C 4131 35.19 -42.20 -33.72
N PHE C 4132 33.92 -42.01 -34.06
CA PHE C 4132 33.11 -40.97 -33.46
C PHE C 4132 32.81 -41.24 -31.99
N GLN C 4133 32.83 -42.52 -31.58
CA GLN C 4133 32.20 -43.00 -30.35
C GLN C 4133 32.63 -42.27 -29.08
N GLU C 4134 33.91 -42.38 -28.69
CA GLU C 4134 34.26 -42.23 -27.27
C GLU C 4134 34.11 -40.82 -26.71
N PRO C 4135 34.69 -39.76 -27.31
CA PRO C 4135 34.53 -38.43 -26.66
C PRO C 4135 33.16 -37.82 -26.86
N ALA C 4136 32.38 -38.38 -27.78
CA ALA C 4136 31.07 -37.83 -28.10
C ALA C 4136 30.12 -37.94 -26.92
N ARG C 4137 30.21 -39.05 -26.18
CA ARG C 4137 29.41 -39.23 -24.97
C ARG C 4137 29.75 -38.15 -23.95
N ASP C 4138 31.03 -37.83 -23.82
CA ASP C 4138 31.46 -36.91 -22.78
C ASP C 4138 31.08 -35.48 -23.12
N ILE C 4139 31.23 -35.09 -24.39
CA ILE C 4139 30.80 -33.75 -24.76
C ILE C 4139 29.28 -33.63 -24.76
N GLY C 4140 28.56 -34.67 -25.19
CA GLY C 4140 27.13 -34.56 -25.32
C GLY C 4140 26.43 -34.68 -23.99
N PHE C 4141 27.02 -35.44 -23.05
CA PHE C 4141 26.56 -35.44 -21.67
C PHE C 4141 26.57 -34.04 -21.09
N ASN C 4142 27.68 -33.32 -21.26
CA ASN C 4142 27.82 -31.98 -20.73
C ASN C 4142 26.84 -31.01 -21.36
N VAL C 4143 26.72 -31.04 -22.68
CA VAL C 4143 25.79 -30.17 -23.39
C VAL C 4143 24.36 -30.48 -22.98
N ALA C 4144 24.01 -31.76 -22.92
CA ALA C 4144 22.63 -32.16 -22.65
C ALA C 4144 22.23 -31.85 -21.22
N VAL C 4145 23.12 -32.10 -20.26
CA VAL C 4145 22.79 -31.80 -18.88
C VAL C 4145 22.86 -30.30 -18.63
N LEU C 4146 23.61 -29.57 -19.44
CA LEU C 4146 23.60 -28.11 -19.38
C LEU C 4146 22.23 -27.59 -19.74
N LEU C 4147 21.73 -28.02 -20.89
CA LEU C 4147 20.38 -27.68 -21.32
C LEU C 4147 19.35 -28.17 -20.32
N THR C 4148 19.60 -29.33 -19.72
CA THR C 4148 18.69 -29.91 -18.75
C THR C 4148 18.55 -29.04 -17.53
N ASN C 4149 19.68 -28.74 -16.89
CA ASN C 4149 19.68 -27.94 -15.68
C ASN C 4149 19.19 -26.53 -15.95
N LEU C 4150 19.49 -25.98 -17.12
CA LEU C 4150 18.94 -24.68 -17.47
C LEU C 4150 17.43 -24.70 -17.61
N SER C 4151 16.92 -25.71 -18.31
CA SER C 4151 15.48 -25.87 -18.46
C SER C 4151 14.82 -26.08 -17.11
N GLU C 4152 15.52 -26.73 -16.21
CA GLU C 4152 14.98 -27.04 -14.90
C GLU C 4152 15.15 -25.89 -13.92
N HIS C 4153 16.10 -24.99 -14.16
CA HIS C 4153 16.11 -23.74 -13.41
C HIS C 4153 14.96 -22.87 -13.86
N VAL C 4154 14.94 -22.53 -15.13
CA VAL C 4154 13.91 -21.64 -15.63
C VAL C 4154 13.12 -22.33 -16.75
N PRO C 4155 11.95 -22.83 -16.44
CA PRO C 4155 11.00 -23.20 -17.50
C PRO C 4155 10.29 -21.98 -18.05
N HIS C 4156 9.30 -22.22 -18.92
CA HIS C 4156 8.41 -21.21 -19.48
C HIS C 4156 9.21 -20.19 -20.32
N ASP C 4157 9.92 -20.73 -21.31
CA ASP C 4157 10.44 -19.93 -22.41
C ASP C 4157 10.23 -20.74 -23.67
N PRO C 4158 9.42 -20.24 -24.61
CA PRO C 4158 9.20 -20.98 -25.87
C PRO C 4158 10.44 -21.08 -26.73
N ARG C 4159 11.33 -20.11 -26.65
CA ARG C 4159 12.62 -20.21 -27.29
C ARG C 4159 13.43 -21.37 -26.72
N LEU C 4160 13.39 -21.54 -25.40
CA LEU C 4160 13.97 -22.69 -24.76
C LEU C 4160 13.34 -23.99 -25.22
N ARG C 4161 12.01 -24.05 -25.26
CA ARG C 4161 11.27 -25.19 -25.80
C ARG C 4161 11.70 -25.54 -27.22
N ASN C 4162 11.99 -24.52 -28.03
CA ASN C 4162 12.54 -24.74 -29.35
C ASN C 4162 13.92 -25.39 -29.27
N PHE C 4163 14.72 -25.01 -28.28
CA PHE C 4163 15.98 -25.73 -28.11
C PHE C 4163 15.76 -27.16 -27.66
N LEU C 4164 14.75 -27.38 -26.82
CA LEU C 4164 14.38 -28.74 -26.47
C LEU C 4164 13.84 -29.48 -27.68
N GLU C 4165 13.13 -28.75 -28.54
CA GLU C 4165 12.63 -29.30 -29.79
C GLU C 4165 13.77 -29.76 -30.69
N LEU C 4166 14.88 -29.02 -30.69
CA LEU C 4166 16.05 -29.50 -31.39
C LEU C 4166 16.67 -30.69 -30.70
N ALA C 4167 17.07 -30.53 -29.43
CA ALA C 4167 17.87 -31.51 -28.73
C ALA C 4167 17.03 -32.57 -28.03
N GLU C 4168 15.86 -32.89 -28.58
CA GLU C 4168 14.97 -33.80 -27.88
C GLU C 4168 15.49 -35.23 -27.84
N SER C 4169 15.85 -35.79 -28.99
CA SER C 4169 16.18 -37.21 -29.07
C SER C 4169 17.53 -37.52 -28.43
N ILE C 4170 18.40 -36.53 -28.33
CA ILE C 4170 19.74 -36.78 -27.80
C ILE C 4170 19.68 -36.99 -26.30
N LEU C 4171 18.92 -36.14 -25.62
CA LEU C 4171 18.52 -36.38 -24.23
C LEU C 4171 17.75 -37.68 -24.08
N GLU C 4172 16.97 -38.06 -25.09
CA GLU C 4172 16.26 -39.33 -25.03
C GLU C 4172 17.23 -40.50 -25.02
N TYR C 4173 18.36 -40.35 -25.70
CA TYR C 4173 19.39 -41.36 -25.56
C TYR C 4173 20.08 -41.30 -24.21
N PHE C 4174 20.26 -40.11 -23.66
CA PHE C 4174 21.12 -39.94 -22.50
C PHE C 4174 20.46 -40.26 -21.18
N ARG C 4175 19.13 -40.19 -21.12
CA ARG C 4175 18.40 -40.36 -19.88
C ARG C 4175 18.59 -41.65 -19.07
N PRO C 4176 19.09 -42.78 -19.59
CA PRO C 4176 19.58 -43.82 -18.67
C PRO C 4176 20.95 -43.55 -18.10
N TYR C 4177 21.65 -42.52 -18.56
CA TYR C 4177 23.03 -42.32 -18.12
C TYR C 4177 23.21 -41.13 -17.22
N LEU C 4178 22.18 -40.34 -17.00
CA LEU C 4178 22.26 -39.22 -16.08
C LEU C 4178 21.69 -39.60 -14.72
N GLY C 4179 22.42 -39.26 -13.67
CA GLY C 4179 21.85 -39.25 -12.34
C GLY C 4179 21.60 -37.81 -11.91
N ARG C 4180 20.47 -37.62 -11.24
CA ARG C 4180 20.16 -36.35 -10.59
C ARG C 4180 20.38 -36.51 -9.11
N ILE C 4181 20.85 -35.45 -8.47
CA ILE C 4181 21.06 -35.48 -7.04
C ILE C 4181 20.79 -34.09 -6.49
N GLU C 4182 20.15 -34.02 -5.33
CA GLU C 4182 19.87 -32.75 -4.68
C GLU C 4182 20.35 -32.80 -3.25
N ILE C 4183 20.81 -31.67 -2.76
CA ILE C 4183 21.42 -31.55 -1.45
C ILE C 4183 20.90 -30.29 -0.79
N MET C 4184 21.21 -30.17 0.49
CA MET C 4184 21.09 -28.88 1.17
C MET C 4184 22.39 -28.72 1.94
N GLY C 4185 23.30 -27.91 1.41
CA GLY C 4185 24.56 -27.70 2.08
C GLY C 4185 25.14 -26.33 1.80
N ALA C 4186 25.59 -25.65 2.85
CA ALA C 4186 26.29 -24.36 2.83
C ALA C 4186 25.47 -23.23 2.23
N SER C 4187 24.18 -23.43 1.98
CA SER C 4187 23.35 -22.39 1.38
C SER C 4187 22.06 -22.24 2.16
N ARG C 4188 21.82 -23.14 3.11
CA ARG C 4188 20.53 -23.35 3.75
C ARG C 4188 19.43 -23.62 2.73
N ARG C 4189 19.79 -24.20 1.59
CA ARG C 4189 18.88 -24.30 0.46
C ARG C 4189 19.19 -25.56 -0.34
N ILE C 4190 18.17 -26.05 -1.02
CA ILE C 4190 18.27 -27.29 -1.80
C ILE C 4190 18.80 -26.94 -3.18
N GLU C 4191 19.85 -27.63 -3.58
CA GLU C 4191 20.52 -27.43 -4.86
C GLU C 4191 20.67 -28.77 -5.55
N ARG C 4192 20.87 -28.75 -6.87
CA ARG C 4192 20.86 -29.96 -7.66
C ARG C 4192 22.14 -30.10 -8.47
N ILE C 4193 22.80 -31.23 -8.31
CA ILE C 4193 23.99 -31.58 -9.06
C ILE C 4193 23.60 -32.77 -9.93
N TYR C 4194 24.54 -33.24 -10.75
CA TYR C 4194 24.33 -34.32 -11.68
C TYR C 4194 25.60 -35.13 -11.85
N PHE C 4195 25.48 -36.25 -12.56
CA PHE C 4195 26.60 -37.18 -12.70
C PHE C 4195 26.26 -38.24 -13.74
N GLU C 4196 27.31 -38.94 -14.17
CA GLU C 4196 27.23 -39.99 -15.18
C GLU C 4196 26.91 -41.32 -14.54
N ILE C 4197 26.53 -42.27 -15.38
CA ILE C 4197 26.20 -43.62 -14.95
C ILE C 4197 27.04 -44.63 -15.73
N SER C 4198 27.88 -45.37 -15.02
CA SER C 4198 28.49 -46.56 -15.60
C SER C 4198 27.44 -47.64 -15.78
N GLU C 4199 27.28 -48.07 -17.02
CA GLU C 4199 26.21 -49.01 -17.36
C GLU C 4199 26.48 -50.39 -16.78
N THR C 4200 27.77 -50.74 -16.64
CA THR C 4200 28.17 -51.97 -15.98
C THR C 4200 27.63 -52.05 -14.57
N ASN C 4201 27.88 -51.01 -13.79
CA ASN C 4201 27.45 -51.02 -12.41
C ASN C 4201 25.98 -50.70 -12.29
N ARG C 4202 25.41 -50.08 -13.31
CA ARG C 4202 23.95 -49.94 -13.41
C ARG C 4202 23.28 -51.30 -13.53
N ALA C 4203 23.84 -52.18 -14.35
CA ALA C 4203 23.30 -53.53 -14.48
C ALA C 4203 23.61 -54.37 -13.24
N GLN C 4204 24.76 -54.17 -12.63
CA GLN C 4204 25.06 -54.77 -11.34
C GLN C 4204 24.11 -54.32 -10.25
N TRP C 4205 23.68 -53.06 -10.30
CA TRP C 4205 22.61 -52.56 -9.47
C TRP C 4205 21.33 -53.34 -9.70
N GLU C 4206 21.11 -53.77 -10.93
CA GLU C 4206 19.97 -54.62 -11.25
C GLU C 4206 20.32 -56.08 -11.07
N MET C 4207 20.62 -56.43 -9.83
CA MET C 4207 20.81 -57.83 -9.47
C MET C 4207 19.90 -58.18 -8.31
N PRO C 4208 19.21 -59.32 -8.40
CA PRO C 4208 18.29 -59.72 -7.33
C PRO C 4208 19.01 -60.15 -6.07
N GLN C 4209 20.28 -60.54 -6.16
CA GLN C 4209 21.09 -60.65 -4.97
C GLN C 4209 21.23 -59.31 -4.29
N VAL C 4210 21.41 -58.27 -5.09
CA VAL C 4210 21.50 -56.91 -4.56
C VAL C 4210 20.12 -56.38 -4.21
N LYS C 4211 19.14 -56.61 -5.10
CA LYS C 4211 17.78 -56.11 -4.90
C LYS C 4211 17.14 -56.73 -3.68
N GLU C 4212 17.38 -58.01 -3.44
CA GLU C 4212 16.78 -58.68 -2.31
C GLU C 4212 17.48 -58.31 -1.01
N SER C 4213 18.80 -58.09 -1.06
CA SER C 4213 19.51 -57.54 0.08
C SER C 4213 18.98 -56.17 0.46
N LYS C 4214 18.77 -55.32 -0.53
CA LYS C 4214 18.14 -54.02 -0.33
C LYS C 4214 16.75 -54.17 0.26
N ARG C 4215 15.99 -55.13 -0.27
CA ARG C 4215 14.61 -55.34 0.12
C ARG C 4215 14.49 -55.77 1.57
N GLN C 4216 15.33 -56.73 1.97
CA GLN C 4216 15.41 -57.13 3.37
C GLN C 4216 15.89 -55.99 4.24
N PHE C 4217 16.83 -55.19 3.75
CA PHE C 4217 17.33 -54.05 4.52
C PHE C 4217 16.24 -53.04 4.79
N ILE C 4218 15.46 -52.72 3.76
CA ILE C 4218 14.35 -51.77 3.91
C ILE C 4218 13.28 -52.35 4.82
N PHE C 4219 13.05 -53.66 4.72
CA PHE C 4219 12.16 -54.35 5.65
C PHE C 4219 12.64 -54.23 7.09
N ASP C 4220 13.96 -54.26 7.29
CA ASP C 4220 14.50 -54.22 8.64
C ASP C 4220 14.49 -52.81 9.20
N VAL C 4221 14.73 -51.80 8.37
CA VAL C 4221 14.94 -50.46 8.91
C VAL C 4221 13.66 -49.70 9.19
N VAL C 4222 12.51 -50.34 9.04
CA VAL C 4222 11.26 -49.78 9.55
C VAL C 4222 10.63 -50.70 10.58
N ASN C 4223 10.98 -51.98 10.57
CA ASN C 4223 10.77 -52.83 11.73
C ASN C 4223 11.53 -52.27 12.93
N GLU C 4224 12.74 -51.80 12.69
CA GLU C 4224 13.50 -50.97 13.61
C GLU C 4224 13.71 -49.64 12.89
N GLY C 4225 12.78 -48.71 13.09
CA GLY C 4225 12.89 -47.42 12.45
C GLY C 4225 12.97 -46.28 13.45
N GLY C 4226 14.14 -45.64 13.54
CA GLY C 4226 14.33 -44.62 14.55
C GLY C 4226 15.12 -43.40 14.14
N GLU C 4227 16.09 -43.03 14.98
CA GLU C 4227 16.88 -41.81 14.88
C GLU C 4227 17.85 -41.92 13.70
N ALA C 4228 18.62 -40.87 13.40
CA ALA C 4228 19.44 -40.65 12.21
C ALA C 4228 20.52 -41.71 11.97
N GLU C 4229 20.63 -42.71 12.85
CA GLU C 4229 20.97 -44.06 12.42
C GLU C 4229 20.21 -44.45 11.16
N LYS C 4230 18.90 -44.15 11.12
CA LYS C 4230 18.03 -44.39 9.96
C LYS C 4230 18.64 -43.89 8.64
N MET C 4231 19.43 -42.82 8.68
CA MET C 4231 20.28 -42.49 7.55
C MET C 4231 21.66 -43.11 7.64
N GLU C 4232 22.21 -43.26 8.84
CA GLU C 4232 23.64 -43.50 8.98
C GLU C 4232 24.00 -44.95 8.68
N LEU C 4233 23.29 -45.88 9.30
CA LEU C 4233 23.45 -47.28 8.96
C LEU C 4233 22.88 -47.57 7.59
N PHE C 4234 21.95 -46.75 7.11
CA PHE C 4234 21.61 -46.77 5.70
C PHE C 4234 22.80 -46.36 4.85
N VAL C 4235 23.51 -45.30 5.25
CA VAL C 4235 24.77 -44.94 4.62
C VAL C 4235 25.80 -46.05 4.78
N SER C 4236 25.78 -46.76 5.92
CA SER C 4236 26.64 -47.93 6.06
C SER C 4236 26.26 -49.05 5.11
N PHE C 4237 24.97 -49.25 4.85
CA PHE C 4237 24.51 -50.23 3.88
C PHE C 4237 24.92 -49.83 2.48
N CYS C 4238 24.95 -48.53 2.22
CA CYS C 4238 25.49 -48.03 0.96
C CYS C 4238 26.97 -48.32 0.86
N GLU C 4239 27.72 -48.13 1.95
CA GLU C 4239 29.14 -48.44 1.92
C GLU C 4239 29.42 -49.92 1.86
N ASP C 4240 28.54 -50.73 2.44
CA ASP C 4240 28.48 -52.15 2.20
C ASP C 4240 28.32 -52.46 0.73
N THR C 4241 27.38 -51.80 0.07
CA THR C 4241 27.14 -51.96 -1.34
C THR C 4241 28.34 -51.54 -2.17
N ILE C 4242 29.07 -50.53 -1.69
CA ILE C 4242 30.34 -50.15 -2.30
C ILE C 4242 31.31 -51.31 -2.29
N PHE C 4243 31.51 -51.92 -1.12
CA PHE C 4243 32.41 -53.06 -1.05
C PHE C 4243 31.85 -54.28 -1.75
N GLU C 4244 30.53 -54.39 -1.79
CA GLU C 4244 29.87 -55.44 -2.55
C GLU C 4244 30.19 -55.36 -4.03
N MET C 4245 30.06 -54.19 -4.62
CA MET C 4245 30.43 -53.99 -6.01
C MET C 4245 31.94 -54.09 -6.19
N GLN C 4246 32.69 -53.74 -5.15
CA GLN C 4246 34.14 -53.85 -5.20
C GLN C 4246 34.59 -55.28 -5.36
N ILE C 4247 34.07 -56.18 -4.54
CA ILE C 4247 34.41 -57.58 -4.69
C ILE C 4247 33.71 -58.20 -5.90
N ALA C 4248 32.55 -57.65 -6.30
CA ALA C 4248 31.89 -58.10 -7.50
C ALA C 4248 32.68 -57.78 -8.75
N ALA C 4249 33.54 -56.76 -8.69
CA ALA C 4249 34.44 -56.49 -9.79
C ALA C 4249 35.49 -57.57 -9.94
N GLN C 4250 36.05 -58.03 -8.83
CA GLN C 4250 37.21 -58.91 -8.89
C GLN C 4250 36.84 -60.35 -9.22
N ILE C 4251 35.61 -60.76 -8.94
CA ILE C 4251 35.21 -62.14 -9.15
C ILE C 4251 34.89 -62.43 -10.62
N SER C 4252 34.66 -61.41 -11.43
CA SER C 4252 34.22 -61.61 -12.79
C SER C 4252 35.38 -62.02 -13.69
N GLU C 4253 35.04 -62.44 -14.91
CA GLU C 4253 36.03 -62.85 -15.89
C GLU C 4253 35.88 -62.06 -17.19
N PHE C 4540 53.21 -75.97 -12.81
CA PHE C 4540 54.67 -75.99 -12.73
C PHE C 4540 55.15 -75.21 -11.51
N TRP C 4541 55.96 -74.18 -11.75
CA TRP C 4541 56.39 -73.30 -10.67
C TRP C 4541 55.24 -72.46 -10.13
N GLY C 4542 54.51 -71.79 -11.01
CA GLY C 4542 53.36 -71.02 -10.60
C GLY C 4542 52.14 -71.26 -11.46
N GLU C 4543 52.32 -72.00 -12.56
CA GLU C 4543 51.22 -72.27 -13.47
C GLU C 4543 50.16 -73.17 -12.84
N LEU C 4544 50.57 -74.07 -11.94
CA LEU C 4544 49.60 -74.86 -11.19
C LEU C 4544 48.75 -73.98 -10.28
N GLU C 4545 49.36 -72.95 -9.66
CA GLU C 4545 48.59 -72.02 -8.85
C GLU C 4545 47.70 -71.14 -9.71
N VAL C 4546 48.15 -70.80 -10.91
CA VAL C 4546 47.32 -70.06 -11.87
C VAL C 4546 46.09 -70.88 -12.24
N GLN C 4547 46.29 -72.16 -12.54
CA GLN C 4547 45.18 -73.07 -12.82
C GLN C 4547 44.27 -73.25 -11.61
N ARG C 4548 44.86 -73.27 -10.42
CA ARG C 4548 44.09 -73.38 -9.18
C ARG C 4548 43.17 -72.19 -8.98
N VAL C 4549 43.70 -70.97 -9.13
CA VAL C 4549 42.89 -69.77 -8.94
C VAL C 4549 41.87 -69.63 -10.06
N LYS C 4550 42.24 -70.03 -11.27
CA LYS C 4550 41.30 -69.97 -12.40
C LYS C 4550 40.14 -70.93 -12.22
N PHE C 4551 40.41 -72.15 -11.75
CA PHE C 4551 39.32 -73.07 -11.47
C PHE C 4551 38.56 -72.66 -10.21
N LEU C 4552 39.22 -71.94 -9.31
CA LEU C 4552 38.56 -71.39 -8.14
C LEU C 4552 37.53 -70.34 -8.53
N ASN C 4553 37.82 -69.56 -9.55
CA ASN C 4553 36.83 -68.66 -10.14
C ASN C 4553 35.62 -69.42 -10.67
N TYR C 4554 35.84 -70.52 -11.38
CA TYR C 4554 34.73 -71.34 -11.87
C TYR C 4554 33.96 -71.96 -10.73
N LEU C 4555 34.66 -72.33 -9.67
CA LEU C 4555 34.03 -72.85 -8.47
C LEU C 4555 33.10 -71.82 -7.83
N SER C 4556 33.63 -70.65 -7.52
CA SER C 4556 32.86 -69.66 -6.78
C SER C 4556 31.90 -68.88 -7.67
N ARG C 4557 31.95 -69.09 -8.99
CA ARG C 4557 31.06 -68.37 -9.90
C ARG C 4557 29.60 -68.76 -9.71
N ASN C 4558 29.33 -70.05 -9.60
CA ASN C 4558 27.96 -70.57 -9.53
C ASN C 4558 27.77 -71.29 -8.20
N PHE C 4559 27.61 -70.51 -7.14
CA PHE C 4559 27.61 -71.07 -5.80
C PHE C 4559 26.23 -71.55 -5.38
N TYR C 4560 25.20 -70.74 -5.63
CA TYR C 4560 23.86 -71.16 -5.29
C TYR C 4560 23.36 -72.24 -6.22
N THR C 4561 23.98 -72.35 -7.39
CA THR C 4561 23.79 -73.53 -8.22
C THR C 4561 24.30 -74.76 -7.52
N LEU C 4562 25.43 -74.63 -6.79
CA LEU C 4562 25.96 -75.76 -6.03
C LEU C 4562 25.11 -76.06 -4.81
N ARG C 4563 24.59 -75.01 -4.16
CA ARG C 4563 23.61 -75.17 -3.10
C ARG C 4563 22.39 -75.93 -3.59
N PHE C 4564 21.87 -75.53 -4.75
CA PHE C 4564 20.76 -76.20 -5.41
C PHE C 4564 21.11 -77.63 -5.80
N LEU C 4565 22.36 -77.88 -6.15
CA LEU C 4565 22.76 -79.21 -6.59
C LEU C 4565 22.86 -80.18 -5.43
N ALA C 4566 23.45 -79.74 -4.31
CA ALA C 4566 23.46 -80.59 -3.12
C ALA C 4566 22.07 -80.76 -2.55
N LEU C 4567 21.23 -79.71 -2.67
CA LEU C 4567 19.80 -79.81 -2.38
C LEU C 4567 19.14 -80.93 -3.18
N PHE C 4568 19.42 -80.97 -4.48
CA PHE C 4568 18.86 -82.02 -5.32
C PHE C 4568 19.46 -83.37 -4.99
N LEU C 4569 20.71 -83.40 -4.54
CA LEU C 4569 21.40 -84.65 -4.28
C LEU C 4569 20.92 -85.31 -2.99
N ALA C 4570 20.46 -84.52 -2.03
CA ALA C 4570 19.96 -85.10 -0.78
C ALA C 4570 18.67 -85.92 -0.98
N PHE C 4571 17.88 -85.58 -2.01
CA PHE C 4571 16.56 -86.20 -2.21
C PHE C 4571 16.65 -87.70 -2.47
N ALA C 4572 17.39 -88.07 -3.52
CA ALA C 4572 17.43 -89.48 -3.91
C ALA C 4572 18.20 -90.32 -2.90
N ILE C 4573 19.22 -89.74 -2.27
CA ILE C 4573 20.00 -90.50 -1.30
C ILE C 4573 19.22 -90.70 -0.02
N ASN C 4574 18.21 -89.87 0.24
CA ASN C 4574 17.30 -90.19 1.33
C ASN C 4574 16.06 -90.96 0.87
N PHE C 4575 15.79 -90.98 -0.43
CA PHE C 4575 14.62 -91.66 -0.95
C PHE C 4575 14.87 -93.15 -1.12
N ILE C 4576 16.07 -93.52 -1.57
CA ILE C 4576 16.44 -94.92 -1.69
C ILE C 4576 16.70 -95.56 -0.32
N LEU C 4577 16.75 -94.75 0.73
CA LEU C 4577 16.87 -95.19 2.10
C LEU C 4577 15.57 -95.80 2.63
N LEU C 4578 14.50 -95.79 1.83
CA LEU C 4578 13.22 -96.36 2.18
C LEU C 4578 13.17 -97.87 2.05
N PHE C 4579 14.30 -98.52 1.81
CA PHE C 4579 14.31 -99.92 1.43
C PHE C 4579 15.04 -100.80 2.44
N TYR C 4580 15.41 -100.25 3.60
CA TYR C 4580 16.04 -101.04 4.63
C TYR C 4580 15.07 -102.02 5.27
N LYS C 4581 15.59 -103.20 5.57
CA LYS C 4581 14.78 -104.29 6.10
C LYS C 4581 15.69 -105.18 6.93
N VAL C 4582 15.62 -105.03 8.25
CA VAL C 4582 16.53 -105.72 9.15
C VAL C 4582 16.25 -107.22 9.13
N SER C 4583 17.23 -108.00 9.54
CA SER C 4583 17.11 -109.45 9.58
C SER C 4583 17.82 -109.96 10.81
N ASP C 4584 17.47 -111.16 11.26
CA ASP C 4584 18.41 -111.91 12.09
C ASP C 4584 19.23 -112.86 11.23
N SER C 4585 19.78 -112.34 10.13
CA SER C 4585 20.34 -113.19 9.09
C SER C 4585 21.19 -112.36 8.15
N PRO C 4586 22.45 -112.71 7.97
CA PRO C 4586 23.26 -112.03 6.96
C PRO C 4586 22.89 -112.52 5.57
N PRO C 4587 23.08 -111.68 4.54
CA PRO C 4587 22.88 -112.13 3.16
C PRO C 4587 23.94 -113.14 2.71
N ASN C 4626 21.68 -112.52 17.45
CA ASN C 4626 22.25 -111.36 16.80
C ASN C 4626 21.54 -111.05 15.48
N MET C 4627 21.05 -109.82 15.36
CA MET C 4627 20.34 -109.39 14.17
C MET C 4627 21.30 -108.76 13.18
N VAL C 4628 20.94 -108.82 11.91
CA VAL C 4628 21.75 -108.27 10.83
C VAL C 4628 20.95 -107.19 10.14
N TYR C 4629 21.53 -105.99 10.08
CA TYR C 4629 20.89 -104.85 9.42
C TYR C 4629 20.94 -105.07 7.91
N TYR C 4630 20.05 -105.93 7.44
CA TYR C 4630 19.95 -106.18 6.03
C TYR C 4630 19.28 -105.00 5.33
N PHE C 4631 19.62 -104.81 4.07
CA PHE C 4631 18.99 -103.81 3.21
C PHE C 4631 18.29 -104.54 2.09
N LEU C 4632 16.98 -104.40 2.02
CA LEU C 4632 16.23 -105.03 0.94
C LEU C 4632 16.40 -104.24 -0.35
N GLU C 4633 16.91 -104.90 -1.39
CA GLU C 4633 17.00 -104.29 -2.70
C GLU C 4633 15.85 -104.76 -3.57
N GLU C 4634 15.54 -103.96 -4.58
CA GLU C 4634 14.43 -104.24 -5.49
C GLU C 4634 14.93 -105.02 -6.70
N SER C 4635 14.11 -105.05 -7.74
CA SER C 4635 14.42 -105.81 -8.96
C SER C 4635 15.53 -105.19 -9.80
N THR C 4636 16.08 -104.04 -9.41
CA THR C 4636 17.07 -103.37 -10.22
C THR C 4636 18.46 -104.00 -10.05
N GLY C 4637 19.15 -104.15 -11.17
CA GLY C 4637 20.52 -104.65 -11.16
C GLY C 4637 21.53 -103.62 -10.71
N TYR C 4638 21.16 -102.35 -10.70
CA TYR C 4638 21.98 -101.29 -10.13
C TYR C 4638 21.63 -101.15 -8.65
N MET C 4639 21.96 -99.99 -8.07
CA MET C 4639 21.96 -99.67 -6.65
C MET C 4639 23.07 -100.53 -6.05
N GLU C 4640 24.18 -100.48 -6.73
CA GLU C 4640 25.50 -101.06 -6.51
C GLU C 4640 26.30 -100.07 -5.68
N PRO C 4641 27.61 -100.30 -5.35
CA PRO C 4641 28.43 -99.20 -4.77
C PRO C 4641 28.65 -97.95 -5.63
N ALA C 4642 27.97 -97.83 -6.77
CA ALA C 4642 27.64 -96.50 -7.30
C ALA C 4642 26.91 -95.65 -6.26
N LEU C 4643 26.12 -96.28 -5.38
CA LEU C 4643 25.65 -95.63 -4.16
C LEU C 4643 26.78 -95.05 -3.32
N TRP C 4644 27.84 -95.84 -3.09
CA TRP C 4644 29.00 -95.35 -2.35
C TRP C 4644 29.73 -94.25 -3.09
N CYS C 4645 29.77 -94.34 -4.41
CA CYS C 4645 30.25 -93.25 -5.27
C CYS C 4645 29.44 -91.98 -5.08
N LEU C 4646 28.12 -92.08 -4.99
CA LEU C 4646 27.28 -90.93 -4.68
C LEU C 4646 27.52 -90.39 -3.29
N SER C 4647 27.84 -91.26 -2.32
CA SER C 4647 28.12 -90.82 -0.97
C SER C 4647 29.40 -89.97 -0.91
N LEU C 4648 30.49 -90.51 -1.46
CA LEU C 4648 31.73 -89.75 -1.51
C LEU C 4648 31.60 -88.52 -2.40
N LEU C 4649 30.74 -88.58 -3.41
CA LEU C 4649 30.42 -87.42 -4.23
C LEU C 4649 29.74 -86.32 -3.44
N HIS C 4650 28.78 -86.69 -2.59
CA HIS C 4650 28.09 -85.69 -1.79
C HIS C 4650 29.00 -85.08 -0.74
N THR C 4651 29.88 -85.90 -0.16
CA THR C 4651 30.88 -85.36 0.75
C THR C 4651 31.84 -84.42 0.02
N LEU C 4652 32.20 -84.77 -1.22
CA LEU C 4652 33.05 -83.93 -2.04
C LEU C 4652 32.39 -82.59 -2.35
N VAL C 4653 31.10 -82.60 -2.71
CA VAL C 4653 30.47 -81.35 -3.08
C VAL C 4653 30.21 -80.48 -1.85
N ALA C 4654 29.99 -81.08 -0.68
CA ALA C 4654 29.95 -80.27 0.54
C ALA C 4654 31.31 -79.67 0.86
N PHE C 4655 32.38 -80.46 0.65
CA PHE C 4655 33.74 -79.96 0.85
C PHE C 4655 34.10 -78.82 -0.09
N LEU C 4656 33.57 -78.84 -1.29
CA LEU C 4656 33.76 -77.71 -2.19
C LEU C 4656 32.88 -76.52 -1.83
N CYS C 4657 31.67 -76.78 -1.29
CA CYS C 4657 30.85 -75.67 -0.80
C CYS C 4657 31.50 -74.94 0.36
N ILE C 4658 32.33 -75.65 1.14
CA ILE C 4658 33.13 -75.01 2.20
C ILE C 4658 33.99 -73.89 1.65
N ILE C 4659 34.78 -74.17 0.62
CA ILE C 4659 35.72 -73.16 0.15
C ILE C 4659 35.03 -72.19 -0.81
N GLY C 4660 33.91 -72.61 -1.40
CA GLY C 4660 33.08 -71.65 -2.13
C GLY C 4660 32.49 -70.59 -1.21
N TYR C 4661 31.98 -71.00 -0.06
CA TYR C 4661 31.54 -70.07 0.96
C TYR C 4661 32.67 -69.23 1.49
N ASN C 4662 33.85 -69.85 1.69
CA ASN C 4662 35.05 -69.14 2.13
C ASN C 4662 35.43 -68.02 1.19
N CYS C 4663 35.62 -68.33 -0.08
CA CYS C 4663 36.04 -67.35 -1.06
C CYS C 4663 34.91 -66.43 -1.47
N LEU C 4664 33.68 -66.78 -1.14
CA LEU C 4664 32.54 -65.99 -1.58
C LEU C 4664 32.03 -65.05 -0.52
N LYS C 4665 31.55 -65.59 0.59
CA LYS C 4665 30.72 -64.80 1.47
C LYS C 4665 31.54 -63.95 2.42
N VAL C 4666 32.64 -64.47 2.92
CA VAL C 4666 33.29 -63.77 4.01
C VAL C 4666 34.65 -63.19 3.61
N PRO C 4667 34.69 -62.22 2.71
CA PRO C 4667 35.50 -61.04 2.99
C PRO C 4667 34.58 -59.96 3.56
N LEU C 4668 33.28 -60.24 3.47
CA LEU C 4668 32.28 -59.20 3.65
C LEU C 4668 32.06 -58.87 5.10
N VAL C 4669 31.83 -59.89 5.93
CA VAL C 4669 31.62 -59.66 7.36
C VAL C 4669 32.91 -59.20 8.00
N ILE C 4670 34.04 -59.61 7.41
CA ILE C 4670 35.34 -59.09 7.78
C ILE C 4670 35.40 -57.59 7.57
N PHE C 4671 34.94 -57.13 6.41
CA PHE C 4671 34.96 -55.69 6.14
C PHE C 4671 33.90 -54.97 6.95
N LYS C 4672 32.81 -55.66 7.32
CA LYS C 4672 31.84 -55.11 8.27
C LYS C 4672 32.51 -54.77 9.57
N ARG C 4673 33.25 -55.75 10.11
CA ARG C 4673 34.02 -55.55 11.33
C ARG C 4673 35.08 -54.48 11.16
N GLU C 4674 35.75 -54.45 10.01
CA GLU C 4674 36.72 -53.40 9.67
C GLU C 4674 36.10 -52.02 9.75
N LYS C 4675 34.94 -51.84 9.12
CA LYS C 4675 34.33 -50.52 9.02
C LYS C 4675 33.76 -50.07 10.35
N GLU C 4676 33.08 -50.98 11.07
CA GLU C 4676 32.55 -50.62 12.38
C GLU C 4676 33.66 -50.40 13.38
N LEU C 4677 34.79 -51.09 13.25
CA LEU C 4677 35.91 -50.84 14.13
C LEU C 4677 36.60 -49.53 13.77
N ALA C 4678 36.64 -49.19 12.49
CA ALA C 4678 37.20 -47.90 12.11
C ALA C 4678 36.36 -46.75 12.64
N ARG C 4679 35.04 -46.92 12.65
CA ARG C 4679 34.18 -45.92 13.28
C ARG C 4679 34.38 -45.87 14.78
N LYS C 4680 34.49 -47.03 15.43
CA LYS C 4680 34.63 -47.07 16.88
C LYS C 4680 36.05 -46.75 17.34
N LEU C 4681 36.99 -46.60 16.42
CA LEU C 4681 38.29 -46.11 16.80
C LEU C 4681 38.44 -44.63 16.47
N GLU C 4682 37.90 -44.18 15.34
CA GLU C 4682 38.02 -42.79 14.98
C GLU C 4682 37.07 -41.93 15.80
N PHE C 4683 35.79 -42.27 15.77
CA PHE C 4683 34.77 -41.48 16.43
C PHE C 4683 34.51 -41.91 17.85
N ASP C 4684 35.00 -43.08 18.25
CA ASP C 4684 34.80 -43.56 19.60
C ASP C 4684 36.15 -43.87 20.22
N GLY C 4685 36.18 -43.94 21.55
CA GLY C 4685 37.43 -44.21 22.24
C GLY C 4685 37.39 -45.56 22.91
N LEU C 4686 36.84 -46.54 22.18
CA LEU C 4686 36.47 -47.81 22.79
C LEU C 4686 37.68 -48.68 23.07
N TYR C 4687 38.84 -48.31 22.56
CA TYR C 4687 40.07 -48.72 23.19
C TYR C 4687 40.85 -47.52 23.65
N ILE C 4688 40.53 -46.35 23.12
CA ILE C 4688 41.42 -45.22 23.16
C ILE C 4688 41.13 -44.44 24.41
N THR C 4689 39.93 -43.89 24.46
CA THR C 4689 39.63 -42.88 25.47
C THR C 4689 39.29 -43.55 26.78
N GLU C 4690 38.19 -44.28 26.82
CA GLU C 4690 37.85 -44.91 28.07
C GLU C 4690 38.36 -46.34 28.14
N GLN C 4691 37.71 -47.22 27.38
CA GLN C 4691 37.73 -48.63 27.71
C GLN C 4691 36.89 -49.36 26.67
N PRO C 4692 37.08 -50.67 26.51
CA PRO C 4692 36.02 -51.50 25.92
C PRO C 4692 34.87 -51.73 26.90
N GLY C 4693 33.90 -52.54 26.50
CA GLY C 4693 32.88 -52.90 27.47
C GLY C 4693 33.33 -53.91 28.50
N ASP C 4694 34.49 -54.54 28.28
CA ASP C 4694 35.09 -55.67 28.99
C ASP C 4694 34.27 -56.95 28.88
N ASP C 4695 33.18 -56.91 28.11
CA ASP C 4695 32.39 -58.05 27.68
C ASP C 4695 32.37 -57.92 26.16
N ASP C 4696 31.46 -58.63 25.50
CA ASP C 4696 31.32 -58.64 24.04
C ASP C 4696 32.62 -59.09 23.37
N VAL C 4697 32.90 -60.38 23.56
CA VAL C 4697 34.18 -61.06 23.32
C VAL C 4697 34.77 -60.82 21.93
N LYS C 4698 33.94 -60.42 20.97
CA LYS C 4698 34.44 -59.80 19.76
C LYS C 4698 35.31 -58.57 20.05
N GLY C 4699 34.95 -57.76 21.06
CA GLY C 4699 35.77 -56.61 21.38
C GLY C 4699 37.04 -56.99 22.14
N GLN C 4700 36.94 -57.96 23.04
CA GLN C 4700 38.12 -58.54 23.67
C GLN C 4700 39.03 -59.22 22.67
N TRP C 4701 38.44 -59.74 21.59
CA TRP C 4701 39.15 -60.46 20.56
C TRP C 4701 40.03 -59.55 19.71
N ASP C 4702 39.64 -58.31 19.54
CA ASP C 4702 40.35 -57.44 18.63
C ASP C 4702 41.57 -56.79 19.27
N ARG C 4703 41.77 -57.00 20.58
CA ARG C 4703 43.01 -56.56 21.22
C ARG C 4703 44.22 -57.31 20.66
N LEU C 4704 44.00 -58.52 20.17
CA LEU C 4704 45.07 -59.36 19.63
C LEU C 4704 45.58 -58.87 18.28
N VAL C 4705 44.85 -57.98 17.61
CA VAL C 4705 45.11 -57.73 16.20
C VAL C 4705 45.43 -56.26 15.90
N LEU C 4706 45.40 -55.40 16.92
CA LEU C 4706 45.76 -53.99 16.73
C LEU C 4706 47.21 -53.83 16.35
N ASN C 4707 48.08 -54.73 16.80
CA ASN C 4707 49.50 -54.63 16.53
C ASN C 4707 49.87 -55.26 15.20
N THR C 4708 48.94 -55.90 14.53
CA THR C 4708 49.22 -56.40 13.21
C THR C 4708 49.34 -55.21 12.24
N PRO C 4709 50.41 -55.16 11.45
CA PRO C 4709 50.56 -54.05 10.51
C PRO C 4709 49.54 -54.08 9.39
N SER C 4710 49.03 -55.25 9.04
CA SER C 4710 48.00 -55.34 8.04
C SER C 4710 46.66 -55.47 8.72
N PHE C 4711 46.49 -54.81 9.86
CA PHE C 4711 45.18 -54.71 10.49
C PHE C 4711 44.14 -54.04 9.60
N PRO C 4712 44.42 -52.92 8.84
CA PRO C 4712 43.51 -52.51 7.77
C PRO C 4712 43.84 -53.17 6.43
N SER C 4713 43.88 -54.50 6.40
CA SER C 4713 44.03 -55.18 5.13
C SER C 4713 42.75 -55.13 4.31
N ASN C 4714 41.65 -55.64 4.87
CA ASN C 4714 40.38 -55.62 4.18
C ASN C 4714 39.79 -54.22 4.12
N TYR C 4715 40.01 -53.41 5.15
CA TYR C 4715 39.67 -52.01 5.04
C TYR C 4715 40.68 -51.32 4.12
N TRP C 4716 40.27 -50.18 3.58
CA TRP C 4716 41.02 -49.57 2.50
C TRP C 4716 42.08 -48.62 3.04
N ASP C 4717 41.67 -47.63 3.82
CA ASP C 4717 42.58 -46.59 4.28
C ASP C 4717 43.54 -47.15 5.32
N LYS C 4718 44.83 -46.92 5.09
CA LYS C 4718 45.85 -47.23 6.06
C LYS C 4718 46.43 -45.98 6.71
N PHE C 4719 45.95 -44.80 6.30
CA PHE C 4719 46.30 -43.57 6.99
C PHE C 4719 45.67 -43.48 8.37
N VAL C 4720 44.62 -44.28 8.62
CA VAL C 4720 43.78 -44.15 9.81
C VAL C 4720 44.59 -44.35 11.08
N LYS C 4721 45.67 -45.13 11.02
CA LYS C 4721 46.62 -45.18 12.12
C LYS C 4721 47.25 -43.82 12.37
N ARG C 4722 47.72 -43.15 11.33
CA ARG C 4722 48.26 -41.80 11.46
C ARG C 4722 47.20 -40.77 11.79
N LYS C 4723 45.96 -41.04 11.44
CA LYS C 4723 44.85 -40.15 11.74
C LYS C 4723 44.50 -40.23 13.21
N VAL C 4724 44.62 -41.42 13.79
CA VAL C 4724 44.58 -41.55 15.24
C VAL C 4724 45.79 -40.87 15.86
N LEU C 4725 46.95 -40.96 15.21
CA LEU C 4725 48.14 -40.26 15.68
C LEU C 4725 47.96 -38.76 15.63
N ASP C 4726 47.16 -38.28 14.68
CA ASP C 4726 46.77 -36.88 14.68
C ASP C 4726 45.81 -36.58 15.83
N LYS C 4727 44.69 -37.29 15.86
CA LYS C 4727 43.57 -36.93 16.72
C LYS C 4727 43.83 -37.30 18.17
N HIS C 4728 43.96 -38.59 18.46
CA HIS C 4728 44.20 -39.06 19.81
C HIS C 4728 45.67 -39.32 20.09
N GLY C 4729 46.52 -39.39 19.07
CA GLY C 4729 47.94 -39.48 19.32
C GLY C 4729 48.52 -38.24 19.95
N ASP C 4730 47.84 -37.11 19.82
CA ASP C 4730 48.17 -35.93 20.61
C ASP C 4730 47.90 -36.16 22.08
N ILE C 4731 46.67 -36.59 22.42
CA ILE C 4731 46.16 -36.41 23.78
C ILE C 4731 46.73 -37.43 24.75
N PHE C 4732 47.31 -38.52 24.26
CA PHE C 4732 47.70 -39.62 25.11
C PHE C 4732 49.20 -39.87 25.02
N GLY C 4733 49.63 -40.96 25.66
CA GLY C 4733 51.00 -41.42 25.51
C GLY C 4733 51.26 -41.74 24.05
N ARG C 4734 52.08 -40.93 23.39
CA ARG C 4734 52.25 -41.07 21.95
C ARG C 4734 52.98 -42.35 21.60
N GLU C 4735 54.07 -42.63 22.30
CA GLU C 4735 54.72 -43.92 22.16
C GLU C 4735 53.89 -45.05 22.75
N ARG C 4736 53.00 -44.76 23.71
CA ARG C 4736 52.08 -45.76 24.21
C ARG C 4736 51.15 -46.25 23.11
N ILE C 4737 50.60 -45.33 22.33
CA ILE C 4737 49.73 -45.73 21.24
C ILE C 4737 50.56 -46.27 20.08
N ALA C 4738 51.77 -45.76 19.89
CA ALA C 4738 52.73 -46.25 18.90
C ALA C 4738 53.45 -47.50 19.35
N GLU C 4739 53.03 -48.07 20.46
CA GLU C 4739 53.19 -49.46 20.80
C GLU C 4739 51.89 -50.23 20.70
N LEU C 4740 50.78 -49.59 21.10
CA LEU C 4740 49.53 -50.29 21.30
C LEU C 4740 48.87 -50.66 19.98
N LEU C 4741 49.22 -49.96 18.91
CA LEU C 4741 48.74 -50.30 17.58
C LEU C 4741 49.82 -50.93 16.73
N GLY C 4742 50.77 -51.62 17.34
CA GLY C 4742 51.99 -51.91 16.64
C GLY C 4742 52.73 -50.60 16.49
N MET C 4743 53.03 -50.24 15.23
CA MET C 4743 53.68 -48.97 14.87
C MET C 4743 55.02 -48.80 15.59
N ASP C 4744 55.76 -49.91 15.67
CA ASP C 4744 56.99 -50.01 16.44
C ASP C 4744 58.06 -49.13 15.78
N LEU C 4745 58.38 -48.01 16.45
CA LEU C 4745 59.22 -46.92 15.93
C LEU C 4745 58.70 -46.38 14.61
N ALA C 4746 57.38 -46.43 14.38
CA ALA C 4746 56.81 -45.73 13.24
C ALA C 4746 56.79 -44.24 13.46
N SER C 4747 56.91 -43.80 14.72
CA SER C 4747 57.32 -42.43 15.02
C SER C 4747 58.60 -42.05 14.29
N LEU C 4748 59.58 -42.95 14.26
CA LEU C 4748 60.75 -42.74 13.43
C LEU C 4748 60.49 -42.99 11.96
N GLU C 4749 59.73 -44.04 11.63
CA GLU C 4749 59.52 -44.46 10.24
C GLU C 4749 58.59 -43.54 9.47
N ILE C 4750 57.96 -42.56 10.12
CA ILE C 4750 57.19 -41.56 9.41
C ILE C 4750 58.09 -40.69 8.54
N THR C 4751 59.31 -40.42 8.99
CA THR C 4751 60.27 -39.65 8.21
C THR C 4751 61.47 -40.47 7.75
N ALA C 4752 61.80 -41.56 8.45
CA ALA C 4752 62.92 -42.40 8.06
C ALA C 4752 62.61 -43.21 6.82
N HIS C 4753 61.37 -43.68 6.70
CA HIS C 4753 60.93 -44.43 5.53
C HIS C 4753 60.30 -43.46 4.54
N ASN C 4754 61.03 -42.37 4.27
CA ASN C 4754 60.60 -41.35 3.34
C ASN C 4754 61.72 -40.86 2.44
N GLU C 4755 62.94 -41.37 2.59
CA GLU C 4755 64.00 -41.06 1.64
C GLU C 4755 63.73 -41.74 0.30
N ARG C 4756 63.50 -43.04 0.33
CA ARG C 4756 63.08 -43.78 -0.86
C ARG C 4756 62.12 -44.88 -0.42
N LYS C 4757 61.22 -45.25 -1.32
CA LYS C 4757 60.29 -46.33 -1.04
C LYS C 4757 60.42 -47.40 -2.12
N PRO C 4758 61.44 -48.26 -2.03
CA PRO C 4758 61.68 -49.23 -3.10
C PRO C 4758 60.78 -50.46 -2.99
N ASP C 4759 61.01 -51.39 -3.90
CA ASP C 4759 60.31 -52.67 -3.92
C ASP C 4759 61.33 -53.79 -3.78
N PRO C 4760 61.43 -54.41 -2.61
CA PRO C 4760 62.33 -55.57 -2.44
C PRO C 4760 61.82 -56.77 -3.21
N PRO C 4761 62.69 -57.68 -3.63
CA PRO C 4761 62.27 -58.77 -4.53
C PRO C 4761 61.52 -59.87 -3.79
N PRO C 4762 60.45 -60.40 -4.39
CA PRO C 4762 59.74 -61.54 -3.78
C PRO C 4762 60.44 -62.87 -4.10
N GLY C 4763 60.69 -63.64 -3.04
CA GLY C 4763 61.26 -64.97 -3.19
C GLY C 4763 60.25 -66.01 -2.78
N LEU C 4764 59.02 -65.89 -3.29
CA LEU C 4764 57.83 -66.57 -2.79
C LEU C 4764 57.97 -68.10 -2.81
N LEU C 4765 57.16 -68.74 -1.96
CA LEU C 4765 57.16 -70.17 -1.64
C LEU C 4765 58.49 -70.66 -1.07
N THR C 4766 59.32 -69.76 -0.54
CA THR C 4766 60.53 -70.09 0.21
C THR C 4766 60.53 -69.48 1.60
N TRP C 4767 60.16 -68.22 1.72
CA TRP C 4767 60.02 -67.55 3.00
C TRP C 4767 58.63 -67.72 3.58
N LEU C 4768 57.77 -68.51 2.92
CA LEU C 4768 56.31 -68.53 3.09
C LEU C 4768 55.85 -68.75 4.52
N MET C 4769 56.70 -69.31 5.37
CA MET C 4769 56.54 -69.26 6.82
C MET C 4769 56.42 -67.85 7.38
N SER C 4770 56.98 -66.83 6.71
CA SER C 4770 57.06 -65.50 7.28
C SER C 4770 55.88 -64.65 6.81
N ILE C 4771 54.70 -65.10 7.18
CA ILE C 4771 53.46 -64.36 6.95
C ILE C 4771 52.87 -63.99 8.31
N ASP C 4772 51.87 -63.12 8.29
CA ASP C 4772 51.29 -62.59 9.53
C ASP C 4772 50.43 -63.67 10.19
N VAL C 4773 51.05 -64.41 11.11
CA VAL C 4773 50.39 -65.54 11.75
C VAL C 4773 49.30 -65.07 12.71
N LYS C 4774 49.62 -64.05 13.53
CA LYS C 4774 48.71 -63.55 14.55
C LYS C 4774 47.45 -62.95 13.95
N TYR C 4775 47.60 -62.25 12.82
CA TYR C 4775 46.47 -61.73 12.08
C TYR C 4775 45.57 -62.86 11.57
N GLN C 4776 46.19 -63.94 11.08
CA GLN C 4776 45.42 -65.11 10.63
C GLN C 4776 44.72 -65.80 11.79
N ILE C 4777 45.36 -65.84 12.95
CA ILE C 4777 44.75 -66.40 14.16
C ILE C 4777 43.50 -65.62 14.52
N TRP C 4778 43.63 -64.30 14.59
CA TRP C 4778 42.50 -63.42 14.84
C TRP C 4778 41.41 -63.61 13.80
N LYS C 4779 41.82 -63.69 12.53
CA LYS C 4779 40.94 -63.92 11.40
C LYS C 4779 40.14 -65.20 11.56
N PHE C 4780 40.82 -66.31 11.84
CA PHE C 4780 40.18 -67.61 11.88
C PHE C 4780 39.29 -67.72 13.11
N GLY C 4781 39.64 -67.01 14.18
CA GLY C 4781 38.72 -66.91 15.29
C GLY C 4781 37.44 -66.20 14.92
N VAL C 4782 37.53 -65.11 14.15
CA VAL C 4782 36.33 -64.46 13.64
C VAL C 4782 35.54 -65.40 12.73
N ILE C 4783 36.25 -66.17 11.90
CA ILE C 4783 35.65 -67.16 11.01
C ILE C 4783 34.86 -68.18 11.81
N PHE C 4784 35.43 -68.63 12.91
CA PHE C 4784 34.76 -69.64 13.70
C PHE C 4784 33.65 -69.07 14.55
N THR C 4785 33.71 -67.79 14.89
CA THR C 4785 32.58 -67.15 15.53
C THR C 4785 31.44 -66.84 14.56
N ASP C 4786 31.68 -66.93 13.26
CA ASP C 4786 30.56 -66.86 12.32
C ASP C 4786 29.62 -68.04 12.51
N ASN C 4787 28.32 -67.76 12.40
CA ASN C 4787 27.31 -68.77 12.72
C ASN C 4787 26.89 -69.55 11.49
N SER C 4788 26.67 -68.86 10.37
CA SER C 4788 26.29 -69.57 9.15
C SER C 4788 27.45 -70.40 8.61
N PHE C 4789 28.68 -69.96 8.87
CA PHE C 4789 29.84 -70.82 8.68
C PHE C 4789 29.72 -72.06 9.54
N LEU C 4790 29.40 -71.87 10.81
CA LEU C 4790 29.22 -73.00 11.72
C LEU C 4790 28.00 -73.82 11.34
N TYR C 4791 27.00 -73.19 10.72
CA TYR C 4791 25.83 -73.89 10.20
C TYR C 4791 26.22 -74.86 9.09
N LEU C 4792 26.94 -74.36 8.09
CA LEU C 4792 27.32 -75.25 6.99
C LEU C 4792 28.43 -76.20 7.41
N GLY C 4793 29.20 -75.86 8.44
CA GLY C 4793 30.21 -76.79 8.92
C GLY C 4793 29.62 -77.90 9.77
N TRP C 4794 28.59 -77.59 10.55
CA TRP C 4794 27.83 -78.64 11.21
C TRP C 4794 27.13 -79.54 10.20
N TYR C 4795 26.72 -78.95 9.07
CA TYR C 4795 26.25 -79.78 7.96
C TYR C 4795 27.33 -80.71 7.41
N MET C 4796 28.61 -80.34 7.50
CA MET C 4796 29.70 -81.18 7.02
C MET C 4796 29.90 -82.42 7.88
N VAL C 4797 29.61 -82.30 9.18
CA VAL C 4797 29.88 -83.37 10.13
C VAL C 4797 29.00 -84.58 9.82
N MET C 4798 27.78 -84.33 9.35
CA MET C 4798 26.90 -85.40 8.89
C MET C 4798 27.46 -86.10 7.65
N SER C 4799 28.08 -85.35 6.74
CA SER C 4799 28.66 -85.95 5.54
C SER C 4799 29.89 -86.80 5.89
N LEU C 4800 30.66 -86.37 6.88
CA LEU C 4800 31.76 -87.20 7.37
C LEU C 4800 31.27 -88.47 8.04
N LEU C 4801 30.21 -88.36 8.85
CA LEU C 4801 29.84 -89.50 9.69
C LEU C 4801 28.86 -90.44 9.00
N GLY C 4802 28.31 -90.06 7.86
CA GLY C 4802 27.45 -90.97 7.13
C GLY C 4802 28.18 -92.18 6.58
N HIS C 4803 29.47 -92.04 6.29
CA HIS C 4803 30.26 -93.17 5.80
C HIS C 4803 30.46 -94.23 6.87
N TYR C 4804 30.44 -93.86 8.14
CA TYR C 4804 30.18 -94.85 9.18
C TYR C 4804 28.73 -95.29 9.08
N ASN C 4805 28.51 -96.60 9.11
CA ASN C 4805 27.22 -97.18 8.72
C ASN C 4805 26.17 -96.84 9.77
N ASN C 4806 25.61 -95.65 9.64
CA ASN C 4806 24.70 -95.09 10.62
C ASN C 4806 23.71 -94.20 9.89
N PHE C 4807 23.10 -93.29 10.65
CA PHE C 4807 22.04 -92.43 10.12
C PHE C 4807 22.58 -91.39 9.16
N PHE C 4808 23.76 -90.85 9.46
CA PHE C 4808 24.22 -89.48 9.24
C PHE C 4808 24.19 -89.01 7.80
N PHE C 4809 23.85 -89.76 6.76
CA PHE C 4809 23.48 -89.10 5.52
C PHE C 4809 22.05 -88.60 5.54
N ALA C 4810 21.24 -89.05 6.50
CA ALA C 4810 19.83 -88.69 6.52
C ALA C 4810 19.61 -87.26 6.99
N ALA C 4811 20.50 -86.75 7.85
CA ALA C 4811 20.34 -85.41 8.43
C ALA C 4811 20.69 -84.30 7.45
N HIS C 4812 21.05 -84.64 6.21
CA HIS C 4812 21.43 -83.62 5.23
C HIS C 4812 20.25 -82.78 4.80
N LEU C 4813 19.06 -83.38 4.72
CA LEU C 4813 17.98 -82.68 4.05
C LEU C 4813 17.21 -81.75 4.98
N LEU C 4814 17.61 -81.66 6.25
CA LEU C 4814 16.91 -80.84 7.23
C LEU C 4814 17.24 -79.36 7.06
N ASP C 4815 18.51 -79.00 7.24
CA ASP C 4815 18.89 -77.59 7.27
C ASP C 4815 18.81 -76.92 5.91
N ILE C 4816 18.86 -77.69 4.82
CA ILE C 4816 18.66 -77.09 3.52
C ILE C 4816 17.22 -76.65 3.29
N ALA C 4817 16.26 -77.22 4.02
CA ALA C 4817 14.90 -76.70 4.00
C ALA C 4817 14.82 -75.31 4.61
N MET C 4818 15.57 -75.05 5.67
CA MET C 4818 15.67 -73.67 6.16
C MET C 4818 16.51 -72.84 5.20
N GLY C 4819 17.43 -73.49 4.47
CA GLY C 4819 18.10 -72.83 3.37
C GLY C 4819 17.17 -72.35 2.28
N VAL C 4820 16.02 -73.02 2.10
CA VAL C 4820 14.98 -72.47 1.24
C VAL C 4820 14.41 -71.22 1.91
N LYS C 4821 14.23 -70.17 1.10
CA LYS C 4821 13.77 -68.89 1.60
C LYS C 4821 12.35 -68.97 2.15
N THR C 4822 11.47 -69.67 1.44
CA THR C 4822 10.05 -69.65 1.76
C THR C 4822 9.74 -70.37 3.06
N LEU C 4823 10.65 -71.22 3.53
CA LEU C 4823 10.40 -71.95 4.77
C LEU C 4823 10.84 -71.16 5.98
N ARG C 4824 11.79 -70.24 5.81
CA ARG C 4824 12.14 -69.34 6.88
C ARG C 4824 10.99 -68.41 7.22
N THR C 4825 10.17 -68.07 6.22
CA THR C 4825 8.94 -67.30 6.45
C THR C 4825 8.01 -68.04 7.40
N ILE C 4826 8.02 -69.37 7.33
CA ILE C 4826 7.20 -70.17 8.23
C ILE C 4826 7.87 -70.27 9.58
N LEU C 4827 9.17 -70.58 9.58
CA LEU C 4827 9.83 -71.04 10.79
C LEU C 4827 10.21 -69.89 11.71
N SER C 4828 10.54 -68.71 11.16
CA SER C 4828 10.91 -67.61 12.04
C SER C 4828 9.71 -67.04 12.76
N SER C 4829 8.51 -67.14 12.18
CA SER C 4829 7.29 -66.84 12.91
C SER C 4829 7.14 -67.76 14.11
N VAL C 4830 7.48 -69.03 13.94
CA VAL C 4830 7.50 -69.96 15.06
C VAL C 4830 8.58 -69.58 16.06
N THR C 4831 9.73 -69.12 15.55
CA THR C 4831 10.91 -68.88 16.37
C THR C 4831 10.76 -67.61 17.22
N HIS C 4832 9.93 -66.66 16.78
CA HIS C 4832 9.85 -65.36 17.44
C HIS C 4832 9.27 -65.45 18.84
N ASN C 4833 8.11 -66.12 18.97
CA ASN C 4833 7.44 -66.22 20.27
C ASN C 4833 7.88 -67.45 21.06
N GLY C 4834 8.95 -68.12 20.63
CA GLY C 4834 9.44 -69.25 21.39
C GLY C 4834 10.05 -68.83 22.72
N LYS C 4835 10.60 -67.61 22.77
CA LYS C 4835 11.08 -67.01 24.01
C LYS C 4835 9.96 -66.81 25.02
N GLN C 4836 8.72 -66.65 24.57
CA GLN C 4836 7.59 -66.65 25.47
C GLN C 4836 7.07 -68.06 25.72
N LEU C 4837 7.21 -68.94 24.73
CA LEU C 4837 6.62 -70.27 24.80
C LEU C 4837 7.36 -71.17 25.79
N VAL C 4838 8.68 -71.01 25.89
CA VAL C 4838 9.45 -71.84 26.82
C VAL C 4838 9.07 -71.54 28.27
N MET C 4839 8.65 -70.31 28.55
CA MET C 4839 8.18 -69.99 29.88
C MET C 4839 6.84 -70.64 30.14
N THR C 4840 6.02 -70.81 29.09
CA THR C 4840 4.76 -71.52 29.23
C THR C 4840 5.02 -73.00 29.49
N VAL C 4841 6.07 -73.54 28.89
CA VAL C 4841 6.48 -74.93 29.13
C VAL C 4841 6.89 -75.13 30.58
N GLY C 4842 7.78 -74.26 31.08
CA GLY C 4842 8.19 -74.34 32.48
C GLY C 4842 7.05 -74.10 33.44
N LEU C 4843 6.10 -73.26 33.05
CA LEU C 4843 4.86 -73.11 33.80
C LEU C 4843 4.06 -74.39 33.84
N LEU C 4844 3.95 -75.09 32.72
CA LEU C 4844 3.14 -76.29 32.67
C LEU C 4844 3.72 -77.38 33.55
N ALA C 4845 5.05 -77.43 33.60
CA ALA C 4845 5.75 -78.34 34.51
C ALA C 4845 5.36 -78.11 35.98
N VAL C 4846 5.40 -76.86 36.44
CA VAL C 4846 5.12 -76.63 37.86
C VAL C 4846 3.63 -76.75 38.15
N VAL C 4847 2.77 -76.57 37.14
CA VAL C 4847 1.33 -76.71 37.36
C VAL C 4847 0.95 -78.18 37.50
N VAL C 4848 1.51 -79.05 36.66
CA VAL C 4848 1.21 -80.46 36.85
C VAL C 4848 1.93 -81.02 38.07
N TYR C 4849 3.03 -80.39 38.48
CA TYR C 4849 3.62 -80.68 39.78
C TYR C 4849 2.66 -80.34 40.92
N LEU C 4850 1.98 -79.20 40.84
CA LEU C 4850 0.98 -78.84 41.82
C LEU C 4850 -0.17 -79.84 41.83
N TYR C 4851 -0.58 -80.28 40.65
CA TYR C 4851 -1.63 -81.29 40.54
C TYR C 4851 -1.21 -82.65 41.04
N THR C 4852 0.10 -82.93 41.06
CA THR C 4852 0.58 -84.25 41.39
C THR C 4852 0.39 -84.58 42.87
N VAL C 4853 0.67 -83.62 43.75
CA VAL C 4853 0.62 -83.87 45.18
C VAL C 4853 -0.80 -84.11 45.67
N VAL C 4854 -1.79 -83.58 44.96
CA VAL C 4854 -3.19 -83.71 45.35
C VAL C 4854 -3.63 -85.16 45.30
N ALA C 4855 -3.43 -85.79 44.16
CA ALA C 4855 -3.69 -87.22 44.05
C ALA C 4855 -2.64 -88.04 44.75
N PHE C 4856 -1.44 -87.50 44.99
CA PHE C 4856 -0.44 -88.31 45.68
C PHE C 4856 -0.78 -88.48 47.15
N ASN C 4857 -1.49 -87.52 47.73
CA ASN C 4857 -1.82 -87.65 49.14
C ASN C 4857 -3.31 -87.80 49.42
N PHE C 4858 -4.17 -87.63 48.42
CA PHE C 4858 -5.60 -87.83 48.61
C PHE C 4858 -6.15 -88.96 47.76
N PHE C 4859 -5.84 -88.98 46.46
CA PHE C 4859 -6.29 -90.05 45.59
C PHE C 4859 -5.21 -91.10 45.41
N ARG C 4860 -4.40 -91.29 46.45
CA ARG C 4860 -3.26 -92.19 46.38
C ARG C 4860 -3.72 -93.64 46.23
N LYS C 4861 -4.83 -93.96 46.85
CA LYS C 4861 -5.48 -95.27 46.78
C LYS C 4861 -6.27 -95.48 45.51
N PHE C 4862 -6.12 -94.64 44.50
CA PHE C 4862 -7.19 -94.54 43.53
C PHE C 4862 -6.73 -94.73 42.09
N TYR C 4863 -5.43 -94.86 41.82
CA TYR C 4863 -4.95 -94.98 40.44
C TYR C 4863 -5.27 -96.32 39.82
N ASN C 4864 -4.61 -97.38 40.32
CA ASN C 4864 -5.03 -98.77 40.15
C ASN C 4864 -5.08 -99.18 38.68
N LYS C 4865 -3.89 -99.31 38.09
CA LYS C 4865 -3.72 -99.60 36.68
C LYS C 4865 -4.26 -100.95 36.19
N SER C 4866 -4.81 -101.77 37.11
CA SER C 4866 -5.71 -102.88 36.82
C SER C 4866 -5.09 -104.03 36.03
N GLU C 4867 -4.00 -104.59 36.53
CA GLU C 4867 -3.64 -105.95 36.16
C GLU C 4867 -4.63 -106.90 36.85
N ASP C 4868 -4.80 -108.08 36.27
CA ASP C 4868 -5.82 -109.01 36.74
C ASP C 4868 -5.48 -109.56 38.12
N GLU C 4869 -6.34 -109.22 39.10
CA GLU C 4869 -6.42 -109.74 40.47
C GLU C 4869 -5.29 -109.23 41.36
N ASP C 4870 -4.27 -108.63 40.76
CA ASP C 4870 -3.16 -108.04 41.48
C ASP C 4870 -2.89 -106.70 40.84
N GLU C 4871 -2.52 -105.71 41.64
CA GLU C 4871 -2.12 -104.41 41.09
C GLU C 4871 -0.83 -103.96 41.75
N PRO C 4872 0.34 -104.46 41.31
CA PRO C 4872 1.59 -103.80 41.67
C PRO C 4872 1.73 -102.44 41.01
N ASP C 4873 1.03 -102.22 39.91
CA ASP C 4873 1.09 -101.00 39.13
C ASP C 4873 0.06 -100.03 39.69
N MET C 4874 0.51 -99.20 40.64
CA MET C 4874 -0.16 -97.97 40.99
C MET C 4874 0.90 -96.89 41.01
N LYS C 4875 0.70 -95.84 40.22
CA LYS C 4875 1.73 -94.81 40.11
C LYS C 4875 1.83 -93.96 41.37
N CYS C 4876 0.82 -93.99 42.23
CA CYS C 4876 0.91 -93.43 43.58
C CYS C 4876 1.56 -94.40 44.57
N ASP C 4877 2.73 -94.89 44.18
CA ASP C 4877 3.69 -95.53 45.08
C ASP C 4877 4.94 -94.69 45.20
N ASP C 4878 5.47 -94.23 44.07
CA ASP C 4878 6.61 -93.33 44.03
C ASP C 4878 6.18 -91.99 43.45
N MET C 4879 6.78 -90.93 44.01
CA MET C 4879 6.37 -89.57 43.68
C MET C 4879 6.76 -89.20 42.25
N MET C 4880 8.02 -89.46 41.88
CA MET C 4880 8.48 -89.25 40.52
C MET C 4880 7.75 -90.12 39.51
N THR C 4881 7.35 -91.33 39.92
CA THR C 4881 6.60 -92.20 39.03
C THR C 4881 5.21 -91.64 38.76
N CYS C 4882 4.53 -91.14 39.80
CA CYS C 4882 3.25 -90.48 39.62
C CYS C 4882 3.38 -89.24 38.74
N TYR C 4883 4.42 -88.44 38.98
CA TYR C 4883 4.60 -87.22 38.20
C TYR C 4883 4.94 -87.50 36.75
N LEU C 4884 5.72 -88.55 36.50
CA LEU C 4884 6.01 -88.93 35.12
C LEU C 4884 4.77 -89.55 34.46
N PHE C 4885 3.93 -90.20 35.26
CA PHE C 4885 2.66 -90.71 34.76
C PHE C 4885 1.73 -89.61 34.32
N HIS C 4886 1.79 -88.46 35.01
CA HIS C 4886 1.09 -87.26 34.51
C HIS C 4886 1.57 -86.87 33.13
N MET C 4887 2.88 -86.64 33.00
CA MET C 4887 3.45 -86.08 31.78
C MET C 4887 3.42 -87.06 30.63
N TYR C 4888 3.29 -88.35 30.88
CA TYR C 4888 3.18 -89.30 29.79
C TYR C 4888 1.76 -89.71 29.52
N VAL C 4889 0.89 -89.64 30.53
CA VAL C 4889 -0.46 -90.18 30.45
C VAL C 4889 -1.50 -89.10 30.74
N GLY C 4890 -1.42 -88.49 31.92
CA GLY C 4890 -2.46 -87.58 32.36
C GLY C 4890 -2.59 -86.34 31.49
N VAL C 4891 -1.48 -85.89 30.93
CA VAL C 4891 -1.50 -84.79 29.99
C VAL C 4891 -1.79 -85.28 28.57
N ARG C 4892 -1.67 -86.58 28.34
CA ARG C 4892 -1.82 -87.17 27.02
C ARG C 4892 -3.14 -87.93 26.88
N ALA C 4893 -3.92 -88.06 27.95
CA ALA C 4893 -5.12 -88.89 27.93
C ALA C 4893 -6.26 -88.33 27.07
N GLY C 4894 -6.45 -87.00 27.06
CA GLY C 4894 -7.46 -86.44 26.18
C GLY C 4894 -8.88 -86.74 26.61
N GLY C 4895 -9.34 -86.06 27.65
CA GLY C 4895 -10.53 -86.48 28.35
C GLY C 4895 -10.23 -86.38 29.83
N GLY C 4896 -9.07 -85.82 30.12
CA GLY C 4896 -8.67 -85.64 31.49
C GLY C 4896 -8.16 -86.94 32.08
N ILE C 4897 -8.02 -86.92 33.40
CA ILE C 4897 -7.41 -88.03 34.09
C ILE C 4897 -8.38 -89.20 34.24
N GLY C 4898 -9.69 -88.95 34.14
CA GLY C 4898 -10.69 -89.99 34.29
C GLY C 4898 -10.80 -90.90 33.10
N ASP C 4899 -9.69 -91.57 32.76
CA ASP C 4899 -9.61 -92.46 31.63
C ASP C 4899 -8.96 -93.80 31.99
N GLU C 4900 -8.02 -93.84 32.94
CA GLU C 4900 -7.33 -95.06 33.32
C GLU C 4900 -7.28 -95.24 34.82
N ILE C 4901 -7.92 -94.34 35.56
CA ILE C 4901 -7.90 -94.27 37.01
C ILE C 4901 -9.34 -94.48 37.46
N GLU C 4902 -9.51 -95.06 38.66
CA GLU C 4902 -10.74 -95.68 39.14
C GLU C 4902 -11.97 -94.78 39.05
N ASP C 4903 -13.11 -95.44 39.05
CA ASP C 4903 -14.40 -94.76 39.03
C ASP C 4903 -14.62 -94.07 40.38
N PRO C 4904 -14.92 -92.77 40.40
CA PRO C 4904 -15.23 -92.13 41.69
C PRO C 4904 -16.67 -92.33 42.15
N ALA C 4905 -17.37 -93.32 41.60
CA ALA C 4905 -18.78 -93.56 41.90
C ALA C 4905 -19.04 -94.05 43.32
N GLY C 4906 -18.00 -94.30 44.12
CA GLY C 4906 -18.16 -94.65 45.51
C GLY C 4906 -18.54 -93.45 46.36
N ASP C 4907 -18.58 -93.69 47.67
CA ASP C 4907 -19.05 -92.68 48.60
C ASP C 4907 -18.01 -91.59 48.83
N GLU C 4908 -16.78 -91.98 49.15
CA GLU C 4908 -15.76 -91.03 49.56
C GLU C 4908 -15.19 -90.30 48.35
N TYR C 4909 -15.11 -88.97 48.45
CA TYR C 4909 -14.34 -88.10 47.56
C TYR C 4909 -14.84 -88.10 46.12
N GLU C 4910 -16.10 -88.50 45.93
CA GLU C 4910 -16.73 -88.42 44.61
C GLU C 4910 -16.82 -86.98 44.15
N LEU C 4911 -17.30 -86.11 45.04
CA LEU C 4911 -17.36 -84.68 44.80
C LEU C 4911 -15.99 -84.08 44.57
N TYR C 4912 -14.95 -84.63 45.19
CA TYR C 4912 -13.62 -84.07 45.02
C TYR C 4912 -13.00 -84.48 43.69
N ARG C 4913 -13.23 -85.73 43.26
CA ARG C 4913 -12.74 -86.14 41.94
C ARG C 4913 -13.52 -85.47 40.81
N VAL C 4914 -14.84 -85.29 40.99
CA VAL C 4914 -15.60 -84.62 39.95
C VAL C 4914 -15.30 -83.12 39.94
N VAL C 4915 -14.70 -82.59 41.00
CA VAL C 4915 -14.10 -81.27 40.92
C VAL C 4915 -12.79 -81.32 40.15
N PHE C 4916 -11.87 -82.19 40.57
CA PHE C 4916 -10.49 -82.06 40.14
C PHE C 4916 -10.28 -82.50 38.71
N ASP C 4917 -10.93 -83.58 38.28
CA ASP C 4917 -10.82 -84.04 36.90
C ASP C 4917 -11.38 -83.00 35.93
N ILE C 4918 -12.49 -82.36 36.27
CA ILE C 4918 -13.08 -81.42 35.34
C ILE C 4918 -12.32 -80.09 35.33
N THR C 4919 -11.82 -79.63 36.48
CA THR C 4919 -10.98 -78.43 36.49
C THR C 4919 -9.64 -78.66 35.80
N PHE C 4920 -9.08 -79.86 35.97
CA PHE C 4920 -8.00 -80.36 35.15
C PHE C 4920 -8.34 -80.27 33.66
N PHE C 4921 -9.53 -80.73 33.29
CA PHE C 4921 -9.99 -80.73 31.91
C PHE C 4921 -10.23 -79.30 31.42
N PHE C 4922 -10.45 -78.36 32.33
CA PHE C 4922 -10.50 -76.97 31.92
C PHE C 4922 -9.12 -76.43 31.65
N PHE C 4923 -8.24 -76.46 32.65
CA PHE C 4923 -7.16 -75.50 32.61
C PHE C 4923 -6.00 -75.99 31.77
N VAL C 4924 -5.37 -77.09 32.17
CA VAL C 4924 -4.23 -77.59 31.43
C VAL C 4924 -4.63 -78.23 30.11
N ILE C 4925 -5.90 -78.56 29.93
CA ILE C 4925 -6.36 -79.17 28.71
C ILE C 4925 -6.88 -78.14 27.73
N VAL C 4926 -7.80 -77.28 28.16
CA VAL C 4926 -8.35 -76.30 27.24
C VAL C 4926 -7.58 -74.99 27.34
N ILE C 4927 -7.43 -74.48 28.55
CA ILE C 4927 -6.93 -73.12 28.74
C ILE C 4927 -5.45 -73.06 28.38
N LEU C 4928 -4.67 -74.03 28.83
CA LEU C 4928 -3.25 -74.01 28.56
C LEU C 4928 -2.90 -74.29 27.11
N LEU C 4929 -3.83 -74.87 26.36
CA LEU C 4929 -3.57 -75.18 24.96
C LEU C 4929 -3.77 -73.99 24.04
N ALA C 4930 -4.80 -73.19 24.28
CA ALA C 4930 -5.06 -72.01 23.47
C ALA C 4930 -3.96 -70.96 23.58
N ILE C 4931 -3.15 -71.02 24.64
CA ILE C 4931 -1.99 -70.14 24.79
C ILE C 4931 -0.97 -70.40 23.69
N ILE C 4932 -0.50 -71.64 23.61
CA ILE C 4932 0.49 -72.03 22.62
C ILE C 4932 -0.12 -71.97 21.23
N GLN C 4933 -1.44 -72.18 21.15
CA GLN C 4933 -2.15 -71.94 19.91
C GLN C 4933 -2.08 -70.48 19.50
N GLY C 4934 -2.30 -69.55 20.43
CA GLY C 4934 -2.44 -68.16 20.05
C GLY C 4934 -1.12 -67.45 19.84
N LEU C 4935 -0.03 -68.01 20.38
CA LEU C 4935 1.31 -67.46 20.15
C LEU C 4935 1.69 -67.39 18.67
N ILE C 4936 1.45 -68.48 17.95
CA ILE C 4936 1.83 -68.52 16.53
C ILE C 4936 0.88 -67.66 15.71
N ILE C 4937 -0.37 -67.55 16.13
CA ILE C 4937 -1.32 -66.70 15.40
C ILE C 4937 -0.97 -65.24 15.60
N ASP C 4938 -0.49 -64.90 16.79
CA ASP C 4938 0.09 -63.60 17.06
C ASP C 4938 1.28 -63.30 16.16
N ALA C 4939 2.19 -64.27 16.00
CA ALA C 4939 3.34 -64.07 15.13
C ALA C 4939 2.93 -63.95 13.66
N PHE C 4940 1.89 -64.68 13.26
CA PHE C 4940 1.38 -64.59 11.90
C PHE C 4940 0.75 -63.24 11.61
N GLY C 4941 -0.01 -62.71 12.55
CA GLY C 4941 -0.48 -61.35 12.44
C GLY C 4941 0.62 -60.33 12.41
N GLU C 4942 1.68 -60.55 13.19
CA GLU C 4942 2.88 -59.73 13.19
C GLU C 4942 3.57 -59.66 11.84
N LEU C 4943 3.95 -60.82 11.31
CA LEU C 4943 4.85 -60.86 10.16
C LEU C 4943 4.13 -60.41 8.90
N ARG C 4944 2.83 -60.64 8.82
CA ARG C 4944 2.06 -60.10 7.71
C ARG C 4944 1.91 -58.59 7.85
N ASP C 4945 1.74 -58.10 9.08
CA ASP C 4945 1.63 -56.67 9.31
C ASP C 4945 2.91 -55.95 8.93
N GLN C 4946 4.05 -56.61 9.12
CA GLN C 4946 5.31 -56.03 8.70
C GLN C 4946 5.45 -55.99 7.18
N GLN C 4947 4.99 -57.05 6.51
CA GLN C 4947 4.97 -57.07 5.04
C GLN C 4947 4.05 -56.01 4.47
N GLU C 4948 2.99 -55.68 5.19
CA GLU C 4948 2.12 -54.62 4.71
C GLU C 4948 2.66 -53.25 5.05
N GLN C 4949 3.31 -53.10 6.20
CA GLN C 4949 3.91 -51.84 6.60
C GLN C 4949 5.03 -51.43 5.66
N VAL C 4950 5.85 -52.38 5.23
CA VAL C 4950 6.87 -52.07 4.23
C VAL C 4950 6.23 -51.83 2.87
N LYS C 4951 5.05 -52.39 2.63
CA LYS C 4951 4.32 -52.08 1.42
C LYS C 4951 3.63 -50.74 1.52
N GLU C 4952 3.05 -50.45 2.67
CA GLU C 4952 2.32 -49.20 2.89
C GLU C 4952 3.24 -47.99 2.82
N ASP C 4953 4.35 -48.01 3.57
CA ASP C 4953 5.13 -46.81 3.68
C ASP C 4953 5.97 -46.57 2.43
N MET C 4954 6.22 -47.62 1.65
CA MET C 4954 6.86 -47.44 0.35
C MET C 4954 5.95 -46.66 -0.59
N GLU C 4955 4.64 -46.84 -0.45
CA GLU C 4955 3.68 -46.11 -1.24
C GLU C 4955 3.36 -44.72 -0.67
N THR C 4956 3.45 -44.54 0.64
CA THR C 4956 3.05 -43.27 1.24
C THR C 4956 4.21 -42.30 1.47
N LYS C 4957 5.45 -42.76 1.55
CA LYS C 4957 6.59 -41.86 1.49
C LYS C 4957 7.66 -42.47 0.60
N CYS C 4958 8.31 -41.61 -0.17
CA CYS C 4958 9.55 -42.02 -0.81
C CYS C 4958 10.65 -42.26 0.20
N PHE C 4959 10.64 -41.48 1.29
CA PHE C 4959 11.42 -41.65 2.51
C PHE C 4959 12.90 -41.36 2.32
N ILE C 4960 13.35 -41.25 1.07
CA ILE C 4960 14.69 -40.79 0.78
C ILE C 4960 14.85 -39.32 1.17
N CYS C 4961 13.77 -38.55 1.11
CA CYS C 4961 13.57 -37.40 1.97
C CYS C 4961 12.15 -37.50 2.48
N GLY C 4962 11.98 -37.43 3.79
CA GLY C 4962 10.76 -37.92 4.41
C GLY C 4962 9.52 -37.09 4.18
N ILE C 4963 9.01 -37.11 2.95
CA ILE C 4963 7.81 -36.34 2.59
C ILE C 4963 6.71 -37.33 2.20
N GLY C 4964 5.50 -37.09 2.72
CA GLY C 4964 4.35 -37.92 2.37
C GLY C 4964 3.99 -37.84 0.91
N SER C 4965 3.32 -38.89 0.44
CA SER C 4965 3.01 -39.07 -0.97
C SER C 4965 2.02 -38.05 -1.51
N ASP C 4966 1.19 -37.47 -0.65
CA ASP C 4966 0.16 -36.54 -1.11
C ASP C 4966 0.75 -35.28 -1.69
N TYR C 4967 1.71 -34.66 -0.99
CA TYR C 4967 2.31 -33.44 -1.49
C TYR C 4967 3.11 -33.69 -2.75
N PHE C 4968 3.73 -34.86 -2.86
CA PHE C 4968 4.35 -35.28 -4.11
C PHE C 4968 3.36 -35.39 -5.25
N ASP C 4969 2.24 -36.06 -5.02
CA ASP C 4969 1.29 -36.28 -6.08
C ASP C 4969 0.24 -35.17 -6.14
N THR C 4970 0.55 -34.01 -5.56
CA THR C 4970 -0.23 -32.79 -5.80
C THR C 4970 -0.26 -32.47 -7.30
N THR C 4971 0.91 -32.48 -7.93
CA THR C 4971 0.95 -32.62 -9.36
C THR C 4971 0.64 -34.07 -9.73
N PRO C 4972 -0.18 -34.29 -10.75
CA PRO C 4972 -0.52 -35.66 -11.14
C PRO C 4972 0.70 -36.42 -11.63
N HIS C 4973 0.83 -37.66 -11.13
CA HIS C 4973 2.03 -38.48 -11.28
C HIS C 4973 3.25 -37.74 -10.77
N GLY C 4974 3.22 -37.36 -9.50
CA GLY C 4974 4.34 -36.66 -8.90
C GLY C 4974 5.12 -37.54 -7.95
N PHE C 4975 4.44 -38.52 -7.36
CA PHE C 4975 5.12 -39.42 -6.43
C PHE C 4975 6.12 -40.31 -7.15
N GLU C 4976 5.70 -40.95 -8.23
CA GLU C 4976 6.64 -41.78 -8.97
C GLU C 4976 7.63 -40.92 -9.74
N THR C 4977 7.26 -39.67 -10.02
CA THR C 4977 8.22 -38.69 -10.52
C THR C 4977 9.33 -38.44 -9.51
N HIS C 4978 9.00 -38.36 -8.22
CA HIS C 4978 10.06 -38.26 -7.23
C HIS C 4978 10.85 -39.55 -7.10
N THR C 4979 10.18 -40.69 -7.20
CA THR C 4979 10.94 -41.91 -7.01
C THR C 4979 11.65 -42.38 -8.26
N LEU C 4980 11.51 -41.65 -9.38
CA LEU C 4980 12.31 -41.94 -10.56
C LEU C 4980 13.25 -40.81 -10.94
N GLU C 4981 12.71 -39.62 -11.22
CA GLU C 4981 13.54 -38.54 -11.69
C GLU C 4981 14.27 -37.86 -10.56
N GLU C 4982 13.60 -37.67 -9.44
CA GLU C 4982 14.26 -37.27 -8.21
C GLU C 4982 14.87 -38.53 -7.59
N HIS C 4983 15.19 -38.45 -6.30
CA HIS C 4983 15.92 -39.52 -5.63
C HIS C 4983 15.20 -40.85 -5.61
N ASN C 4984 15.72 -41.77 -6.41
CA ASN C 4984 15.19 -43.11 -6.57
C ASN C 4984 15.70 -44.06 -5.51
N LEU C 4985 16.19 -43.52 -4.38
CA LEU C 4985 16.85 -44.24 -3.29
C LEU C 4985 18.15 -44.88 -3.77
N ALA C 4986 18.68 -44.46 -4.91
CA ALA C 4986 19.80 -45.16 -5.54
C ALA C 4986 20.86 -44.20 -6.04
N ASN C 4987 20.43 -42.96 -6.33
CA ASN C 4987 21.29 -41.90 -6.85
C ASN C 4987 22.46 -41.64 -5.93
N TYR C 4988 22.22 -41.76 -4.63
CA TYR C 4988 23.26 -41.52 -3.64
C TYR C 4988 24.38 -42.52 -3.75
N MET C 4989 24.04 -43.81 -3.78
CA MET C 4989 25.09 -44.82 -3.85
C MET C 4989 25.77 -44.78 -5.19
N PHE C 4990 25.04 -44.39 -6.24
CA PHE C 4990 25.65 -44.27 -7.55
C PHE C 4990 26.66 -43.13 -7.57
N PHE C 4991 26.31 -42.00 -6.95
CA PHE C 4991 27.22 -40.87 -6.92
C PHE C 4991 28.39 -41.11 -5.98
N LEU C 4992 28.19 -41.94 -4.97
CA LEU C 4992 29.31 -42.47 -4.18
C LEU C 4992 30.39 -43.09 -5.04
N MET C 4993 30.03 -44.07 -5.86
CA MET C 4993 30.95 -44.70 -6.79
C MET C 4993 31.55 -43.65 -7.72
N TYR C 4994 30.71 -42.75 -8.19
CA TYR C 4994 31.12 -41.69 -9.11
C TYR C 4994 32.20 -40.80 -8.52
N LEU C 4995 32.09 -40.44 -7.25
CA LEU C 4995 33.07 -39.53 -6.68
C LEU C 4995 34.30 -40.26 -6.14
N ILE C 4996 34.09 -41.44 -5.56
CA ILE C 4996 35.19 -42.30 -5.15
C ILE C 4996 36.10 -42.65 -6.31
N ASN C 4997 35.52 -42.86 -7.49
CA ASN C 4997 36.32 -43.11 -8.67
C ASN C 4997 36.78 -41.83 -9.35
N LYS C 4998 36.62 -40.69 -8.68
CA LYS C 4998 37.07 -39.41 -9.20
C LYS C 4998 38.22 -38.89 -8.33
N ASP C 4999 39.19 -38.26 -8.97
CA ASP C 4999 40.42 -37.86 -8.31
C ASP C 4999 40.22 -36.60 -7.48
N GLU C 5000 41.08 -36.48 -6.46
CA GLU C 5000 41.08 -35.39 -5.51
C GLU C 5000 41.25 -34.03 -6.15
N THR C 5001 42.19 -33.91 -7.10
CA THR C 5001 42.41 -32.65 -7.81
C THR C 5001 41.20 -32.27 -8.64
N GLU C 5002 40.52 -33.26 -9.18
CA GLU C 5002 39.53 -33.02 -10.20
C GLU C 5002 38.19 -32.57 -9.67
N HIS C 5003 37.95 -32.68 -8.35
CA HIS C 5003 36.63 -32.42 -7.82
C HIS C 5003 36.27 -30.95 -7.89
N THR C 5004 34.98 -30.66 -7.82
CA THR C 5004 34.52 -29.29 -7.71
C THR C 5004 34.72 -28.81 -6.29
N GLY C 5005 34.40 -27.55 -6.06
CA GLY C 5005 34.27 -27.08 -4.69
C GLY C 5005 33.15 -27.82 -3.96
N GLN C 5006 32.06 -28.08 -4.67
CA GLN C 5006 30.93 -28.80 -4.09
C GLN C 5006 31.27 -30.25 -3.82
N GLU C 5007 31.86 -30.92 -4.82
CA GLU C 5007 32.24 -32.32 -4.69
C GLU C 5007 33.30 -32.53 -3.63
N SER C 5008 34.32 -31.68 -3.64
CA SER C 5008 35.33 -31.70 -2.60
C SER C 5008 34.75 -31.37 -1.23
N TYR C 5009 33.76 -30.49 -1.19
CA TYR C 5009 33.17 -30.08 0.07
C TYR C 5009 32.37 -31.20 0.69
N VAL C 5010 31.59 -31.90 -0.13
CA VAL C 5010 30.77 -32.96 0.41
C VAL C 5010 31.62 -34.20 0.68
N TRP C 5011 32.73 -34.39 -0.02
CA TRP C 5011 33.63 -35.48 0.36
C TRP C 5011 34.38 -35.18 1.63
N LYS C 5012 34.69 -33.91 1.86
CA LYS C 5012 35.18 -33.47 3.16
C LYS C 5012 34.17 -33.79 4.24
N MET C 5013 32.88 -33.54 3.97
CA MET C 5013 31.83 -33.94 4.88
C MET C 5013 31.72 -35.44 5.02
N TYR C 5014 32.08 -36.19 3.98
CA TYR C 5014 32.12 -37.64 4.09
C TYR C 5014 33.19 -38.09 5.05
N GLN C 5015 34.41 -37.55 4.88
CA GLN C 5015 35.49 -37.85 5.79
C GLN C 5015 35.18 -37.38 7.19
N GLU C 5016 34.41 -36.31 7.30
CA GLU C 5016 33.84 -35.88 8.56
C GLU C 5016 32.77 -36.85 9.06
N ARG C 5017 32.19 -37.64 8.15
CA ARG C 5017 30.92 -38.34 8.34
C ARG C 5017 29.83 -37.36 8.76
N CYS C 5018 29.76 -36.25 8.03
CA CYS C 5018 28.69 -35.29 8.23
C CYS C 5018 27.66 -35.42 7.11
N TRP C 5019 26.39 -35.40 7.50
CA TRP C 5019 25.29 -35.83 6.64
C TRP C 5019 24.23 -34.76 6.58
N ASP C 5020 24.68 -33.51 6.57
CA ASP C 5020 23.78 -32.37 6.46
C ASP C 5020 23.11 -32.26 5.10
N PHE C 5021 23.81 -32.65 4.05
CA PHE C 5021 23.37 -32.49 2.67
C PHE C 5021 22.21 -33.39 2.28
N PHE C 5022 21.68 -34.19 3.20
CA PHE C 5022 20.41 -34.78 2.88
C PHE C 5022 19.35 -33.70 2.88
N PRO C 5023 18.49 -33.69 1.87
CA PRO C 5023 17.36 -32.77 1.85
C PRO C 5023 16.44 -32.96 3.04
N ALA C 5024 15.83 -34.14 3.15
CA ALA C 5024 15.15 -34.64 4.35
C ALA C 5024 14.05 -33.68 4.83
N GLY C 5025 13.06 -33.45 3.98
CA GLY C 5025 11.97 -32.59 4.37
C GLY C 5025 11.46 -31.70 3.26
N ASP C 5026 12.24 -31.56 2.19
CA ASP C 5026 11.85 -30.79 1.01
C ASP C 5026 12.75 -31.23 -0.13
N CYS C 5027 12.17 -31.37 -1.32
CA CYS C 5027 12.96 -31.62 -2.52
C CYS C 5027 12.69 -30.51 -3.53
N PHE C 5028 13.37 -29.37 -3.31
CA PHE C 5028 13.68 -28.34 -4.29
C PHE C 5028 12.47 -27.54 -4.76
N ARG C 5029 11.27 -27.98 -4.47
CA ARG C 5029 10.11 -27.40 -5.10
C ARG C 5029 9.09 -26.87 -4.12
N LYS C 5030 9.05 -27.37 -2.89
CA LYS C 5030 8.57 -26.52 -1.82
C LYS C 5030 9.58 -25.42 -1.54
N GLN C 5031 10.86 -25.71 -1.77
CA GLN C 5031 11.90 -24.70 -1.83
C GLN C 5031 11.59 -23.64 -2.88
N TYR C 5032 11.42 -24.05 -4.12
CA TYR C 5032 11.21 -23.11 -5.23
C TYR C 5032 9.78 -23.18 -5.75
N GLU C 5033 8.85 -23.22 -4.80
CA GLU C 5033 7.45 -23.54 -5.11
C GLU C 5033 6.69 -22.35 -5.68
N ASP C 5034 6.46 -21.33 -4.85
CA ASP C 5034 5.83 -20.11 -5.34
C ASP C 5034 6.83 -19.24 -6.05
N GLN C 5035 8.12 -19.54 -5.89
CA GLN C 5035 9.18 -18.97 -6.69
C GLN C 5035 8.92 -19.20 -8.17
N LEU C 5036 8.91 -20.46 -8.60
CA LEU C 5036 8.46 -20.81 -9.94
C LEU C 5036 7.94 -22.23 -9.90
N SER C 5037 6.63 -22.36 -9.99
CA SER C 5037 5.96 -23.64 -9.93
C SER C 5037 6.17 -24.44 -11.22
N GLN D 12 22.07 1.45 -25.52
CA GLN D 12 23.08 0.42 -25.33
C GLN D 12 24.15 0.48 -26.41
N PHE D 13 23.96 -0.35 -27.44
CA PHE D 13 24.99 -0.60 -28.43
C PHE D 13 24.39 -0.64 -29.82
N LEU D 14 25.20 -1.10 -30.77
CA LEU D 14 24.79 -1.16 -32.15
C LEU D 14 24.95 -2.57 -32.70
N ARG D 15 23.93 -3.05 -33.41
CA ARG D 15 23.90 -4.34 -34.07
C ARG D 15 23.69 -4.11 -35.55
N THR D 16 23.54 -5.20 -36.31
CA THR D 16 23.27 -5.01 -37.73
C THR D 16 21.77 -5.05 -38.00
N ASP D 17 21.43 -4.88 -39.29
CA ASP D 17 20.07 -4.65 -39.79
C ASP D 17 19.38 -3.48 -39.09
N ASP D 18 20.08 -2.36 -38.97
CA ASP D 18 19.59 -1.20 -38.24
C ASP D 18 19.75 0.06 -39.06
N GLU D 19 19.17 1.15 -38.58
CA GLU D 19 19.06 2.39 -39.35
C GLU D 19 19.67 3.55 -38.57
N VAL D 20 20.76 4.08 -39.09
CA VAL D 20 21.51 5.17 -38.47
C VAL D 20 21.94 6.16 -39.55
N VAL D 21 22.37 7.34 -39.11
CA VAL D 21 22.79 8.39 -40.04
C VAL D 21 24.12 8.99 -39.62
N LEU D 22 24.83 9.53 -40.59
CA LEU D 22 26.11 10.19 -40.35
C LEU D 22 25.93 11.54 -39.68
N GLN D 23 26.97 11.98 -38.99
CA GLN D 23 27.04 13.34 -38.49
C GLN D 23 28.49 13.74 -38.34
N CYS D 24 28.79 14.96 -38.76
CA CYS D 24 29.97 15.71 -38.37
C CYS D 24 29.51 17.12 -37.95
N SER D 25 30.44 17.91 -37.43
CA SER D 25 30.15 19.32 -37.14
C SER D 25 31.46 20.07 -37.28
N ALA D 26 31.63 20.77 -38.41
CA ALA D 26 32.84 21.52 -38.68
C ALA D 26 32.53 23.01 -38.62
N THR D 27 33.44 23.77 -38.02
CA THR D 27 33.24 25.19 -37.91
C THR D 27 33.65 25.91 -39.20
N VAL D 28 33.02 27.06 -39.43
CA VAL D 28 33.37 27.94 -40.54
C VAL D 28 33.65 29.32 -39.98
N LEU D 29 32.67 29.86 -39.26
CA LEU D 29 32.66 31.24 -38.81
C LEU D 29 33.00 31.33 -37.32
N LYS D 30 33.98 30.51 -36.91
CA LYS D 30 34.31 30.23 -35.51
C LYS D 30 33.12 29.69 -34.73
N GLU D 31 32.25 28.93 -35.41
CA GLU D 31 31.11 28.31 -34.77
C GLU D 31 30.76 27.04 -35.55
N GLN D 32 30.44 25.99 -34.80
CA GLN D 32 30.22 24.66 -35.37
C GLN D 32 29.00 24.64 -36.28
N LEU D 33 29.12 23.90 -37.37
CA LEU D 33 28.03 23.72 -38.32
C LEU D 33 27.78 22.24 -38.47
N LYS D 34 26.65 21.78 -37.95
CA LYS D 34 26.29 20.37 -38.07
C LYS D 34 25.98 20.04 -39.53
N LEU D 35 26.82 19.20 -40.11
CA LEU D 35 26.76 18.88 -41.53
C LEU D 35 26.51 17.40 -41.72
N CYS D 36 25.57 17.08 -42.59
CA CYS D 36 25.24 15.71 -42.92
C CYS D 36 25.57 15.44 -44.38
N LEU D 37 26.20 14.31 -44.63
CA LEU D 37 26.60 13.91 -45.97
C LEU D 37 25.37 13.54 -46.78
N ALA D 38 25.25 14.12 -47.97
CA ALA D 38 24.11 13.85 -48.84
C ALA D 38 24.62 13.61 -50.25
N ALA D 39 23.98 12.67 -50.93
CA ALA D 39 24.32 12.35 -52.31
C ALA D 39 23.07 11.85 -53.01
N GLU D 40 22.82 12.34 -54.22
CA GLU D 40 21.58 11.98 -54.90
C GLU D 40 21.64 10.57 -55.46
N GLY D 41 22.78 10.18 -56.03
CA GLY D 41 22.80 8.90 -56.70
C GLY D 41 22.51 9.08 -58.16
N PHE D 42 21.23 8.93 -58.53
CA PHE D 42 20.75 9.13 -59.90
C PHE D 42 21.14 10.51 -60.43
N GLY D 43 21.94 10.53 -61.49
CA GLY D 43 22.45 11.76 -62.03
C GLY D 43 23.59 12.36 -61.23
N ASN D 44 23.43 12.57 -59.93
CA ASN D 44 24.48 13.13 -59.07
C ASN D 44 25.10 11.98 -58.29
N ARG D 45 26.21 11.46 -58.81
CA ARG D 45 26.99 10.50 -58.06
C ARG D 45 27.83 11.16 -56.97
N LEU D 46 28.08 12.46 -57.10
CA LEU D 46 28.97 13.16 -56.17
C LEU D 46 28.28 13.38 -54.83
N CYS D 47 29.04 13.89 -53.87
CA CYS D 47 28.59 14.03 -52.50
C CYS D 47 28.75 15.47 -52.06
N PHE D 48 27.90 15.89 -51.12
CA PHE D 48 27.90 17.25 -50.64
C PHE D 48 27.40 17.24 -49.20
N LEU D 49 27.24 18.42 -48.62
CA LEU D 49 26.92 18.53 -47.20
C LEU D 49 25.61 19.29 -47.00
N GLU D 50 24.93 18.99 -45.91
CA GLU D 50 23.67 19.59 -45.55
C GLU D 50 23.78 20.19 -44.16
N PRO D 51 23.66 21.50 -44.01
CA PRO D 51 23.65 22.08 -42.66
C PRO D 51 22.30 21.90 -42.00
N THR D 52 22.33 21.47 -40.74
CA THR D 52 21.11 21.20 -40.00
C THR D 52 20.99 22.15 -38.82
N SER D 53 21.87 23.16 -38.78
CA SER D 53 22.02 24.00 -37.60
C SER D 53 20.90 25.01 -37.41
N ASN D 54 20.14 25.33 -38.45
CA ASN D 54 19.03 26.27 -38.31
C ASN D 54 17.69 25.54 -38.37
N ALA D 55 17.64 24.34 -37.80
CA ALA D 55 16.45 23.48 -37.91
C ALA D 55 15.25 24.03 -37.15
N GLN D 56 15.45 24.96 -36.23
CA GLN D 56 14.34 25.70 -35.66
C GLN D 56 13.65 26.60 -36.68
N ASN D 57 14.38 27.07 -37.69
CA ASN D 57 13.82 27.96 -38.70
C ASN D 57 13.94 27.42 -40.11
N VAL D 58 15.13 27.03 -40.53
CA VAL D 58 15.39 26.58 -41.90
C VAL D 58 15.49 25.07 -41.87
N PRO D 59 14.54 24.35 -42.47
CA PRO D 59 14.56 22.90 -42.44
C PRO D 59 15.64 22.34 -43.35
N PRO D 60 16.43 21.38 -42.87
CA PRO D 60 17.38 20.68 -43.74
C PRO D 60 16.72 19.50 -44.46
N ASP D 61 17.53 18.79 -45.24
CA ASP D 61 17.07 17.62 -45.99
C ASP D 61 17.69 16.37 -45.40
N LEU D 62 16.84 15.38 -45.13
CA LEU D 62 17.25 14.13 -44.48
C LEU D 62 16.81 12.91 -45.27
N ALA D 63 16.47 13.07 -46.54
CA ALA D 63 16.02 11.94 -47.33
C ALA D 63 17.15 11.18 -48.00
N ILE D 64 18.08 11.90 -48.65
CA ILE D 64 19.23 11.28 -49.29
C ILE D 64 20.43 11.21 -48.36
N CYS D 65 20.22 11.42 -47.07
CA CYS D 65 21.30 11.29 -46.11
C CYS D 65 21.33 9.93 -45.41
N CYS D 66 20.29 9.11 -45.57
CA CYS D 66 20.12 7.93 -44.73
C CYS D 66 20.83 6.72 -45.32
N PHE D 67 21.57 6.02 -44.48
CA PHE D 67 22.32 4.83 -44.88
C PHE D 67 21.81 3.63 -44.11
N THR D 68 22.19 2.46 -44.62
CA THR D 68 21.70 1.20 -44.10
C THR D 68 22.87 0.24 -43.96
N LEU D 69 22.90 -0.46 -42.84
CA LEU D 69 23.90 -1.48 -42.61
C LEU D 69 23.44 -2.78 -43.26
N GLU D 70 24.30 -3.38 -44.07
CA GLU D 70 23.91 -4.60 -44.77
C GLU D 70 24.70 -5.80 -44.33
N GLN D 71 26.01 -5.66 -44.16
CA GLN D 71 26.84 -6.81 -43.84
C GLN D 71 28.12 -6.34 -43.17
N SER D 72 28.41 -6.89 -42.00
CA SER D 72 29.59 -6.51 -41.23
C SER D 72 30.46 -7.74 -41.01
N LEU D 73 31.73 -7.63 -41.40
CA LEU D 73 32.64 -8.77 -41.37
C LEU D 73 34.03 -8.34 -40.94
N SER D 74 34.78 -9.31 -40.44
CA SER D 74 36.23 -9.16 -40.38
C SER D 74 36.80 -9.18 -41.80
N VAL D 75 38.06 -8.75 -41.90
CA VAL D 75 38.71 -8.61 -43.20
C VAL D 75 38.92 -9.96 -43.87
N ARG D 76 39.24 -10.99 -43.09
CA ARG D 76 39.54 -12.27 -43.72
C ARG D 76 38.27 -13.03 -44.07
N ALA D 77 37.22 -12.84 -43.28
CA ALA D 77 35.91 -13.35 -43.67
C ALA D 77 35.40 -12.63 -44.92
N LEU D 78 35.67 -11.34 -45.04
CA LEU D 78 35.26 -10.61 -46.23
C LEU D 78 36.08 -11.05 -47.44
N GLN D 79 37.36 -11.30 -47.23
CA GLN D 79 38.22 -11.81 -48.29
C GLN D 79 37.80 -13.21 -48.70
N GLU D 80 37.36 -14.00 -47.74
CA GLU D 80 36.74 -15.29 -48.01
C GLU D 80 35.48 -15.14 -48.86
N MET D 81 34.65 -14.17 -48.51
CA MET D 81 33.45 -13.88 -49.29
C MET D 81 33.78 -13.44 -50.71
N LEU D 82 34.86 -12.68 -50.85
CA LEU D 82 35.32 -12.24 -52.16
C LEU D 82 35.95 -13.33 -52.97
N ALA D 83 36.16 -14.51 -52.39
CA ALA D 83 36.45 -15.71 -53.16
C ALA D 83 35.18 -16.38 -53.66
N ASN D 84 34.03 -15.73 -53.52
CA ASN D 84 32.76 -16.29 -53.95
C ASN D 84 32.01 -15.27 -54.77
N GLY D 97 21.63 -10.57 -39.81
CA GLY D 97 20.95 -10.49 -38.53
C GLY D 97 21.30 -9.24 -37.77
N HIS D 98 21.55 -9.39 -36.47
CA HIS D 98 21.81 -8.26 -35.58
C HIS D 98 23.14 -8.53 -34.89
N ARG D 99 24.16 -8.82 -35.69
CA ARG D 99 25.51 -8.93 -35.18
C ARG D 99 25.98 -7.57 -34.66
N THR D 100 26.43 -7.59 -33.41
CA THR D 100 26.84 -6.38 -32.70
C THR D 100 28.18 -5.91 -33.25
N LEU D 101 28.29 -4.60 -33.44
CA LEU D 101 29.40 -4.03 -34.20
C LEU D 101 30.67 -4.00 -33.37
N LEU D 102 31.75 -4.55 -33.93
CA LEU D 102 33.03 -4.61 -33.25
C LEU D 102 34.08 -3.86 -34.06
N TYR D 103 34.93 -3.12 -33.35
CA TYR D 103 35.94 -2.29 -33.98
C TYR D 103 36.98 -3.16 -34.70
N GLY D 104 37.19 -2.89 -35.98
CA GLY D 104 37.97 -3.74 -36.84
C GLY D 104 37.15 -4.45 -37.87
N HIS D 105 35.83 -4.44 -37.73
CA HIS D 105 34.99 -5.03 -38.75
C HIS D 105 34.91 -4.11 -39.95
N ALA D 106 35.03 -4.74 -41.12
CA ALA D 106 34.52 -4.13 -42.32
C ALA D 106 33.00 -4.13 -42.28
N ILE D 107 32.39 -3.27 -43.08
CA ILE D 107 30.93 -3.16 -43.08
C ILE D 107 30.46 -2.86 -44.49
N LEU D 108 29.23 -3.28 -44.79
CA LEU D 108 28.62 -3.04 -46.10
C LEU D 108 27.61 -1.92 -45.93
N LEU D 109 27.88 -0.80 -46.62
CA LEU D 109 27.04 0.38 -46.49
C LEU D 109 26.19 0.57 -47.73
N ARG D 110 24.87 0.61 -47.53
CA ARG D 110 23.92 0.83 -48.61
C ARG D 110 23.33 2.19 -48.37
N HIS D 111 22.89 2.87 -49.42
CA HIS D 111 22.02 4.00 -49.18
C HIS D 111 20.62 3.46 -48.92
N ALA D 112 19.91 4.08 -47.97
CA ALA D 112 18.58 3.61 -47.64
C ALA D 112 17.60 3.84 -48.78
N HIS D 113 17.59 5.04 -49.33
CA HIS D 113 16.57 5.42 -50.31
C HIS D 113 16.78 4.73 -51.64
N SER D 114 17.95 4.94 -52.27
CA SER D 114 18.26 4.35 -53.56
C SER D 114 18.42 2.85 -53.50
N ARG D 115 18.72 2.31 -52.31
CA ARG D 115 19.00 0.90 -52.07
C ARG D 115 20.17 0.41 -52.93
N MET D 116 21.08 1.31 -53.20
CA MET D 116 22.32 1.05 -53.93
C MET D 116 23.46 1.02 -52.94
N TYR D 117 24.48 0.24 -53.27
CA TYR D 117 25.62 0.10 -52.38
C TYR D 117 26.55 1.28 -52.54
N LEU D 118 26.77 2.00 -51.45
CA LEU D 118 27.61 3.18 -51.49
C LEU D 118 29.07 2.79 -51.66
N SER D 119 29.59 3.01 -52.86
CA SER D 119 30.93 2.58 -53.21
C SER D 119 31.78 3.83 -53.44
N CYS D 120 33.02 3.61 -53.90
CA CYS D 120 34.00 4.66 -54.09
C CYS D 120 34.49 4.61 -55.52
N LEU D 121 34.54 5.78 -56.18
CA LEU D 121 34.97 5.79 -57.57
C LEU D 121 36.47 6.00 -57.65
N THR D 122 37.01 5.69 -58.82
CA THR D 122 38.45 5.72 -59.04
C THR D 122 38.80 6.94 -59.86
N THR D 123 38.03 7.99 -59.71
CA THR D 123 38.13 9.16 -60.57
C THR D 123 38.66 10.35 -59.79
N SER D 124 39.15 11.34 -60.52
CA SER D 124 39.69 12.56 -59.93
C SER D 124 38.60 13.62 -59.88
N ARG D 125 38.59 14.38 -58.79
CA ARG D 125 37.63 15.47 -58.64
C ARG D 125 38.32 16.63 -57.94
N SER D 126 37.74 17.82 -58.11
CA SER D 126 38.09 19.08 -57.45
C SER D 126 39.50 19.58 -57.78
N MET D 127 40.18 18.99 -58.77
CA MET D 127 41.55 19.34 -59.19
C MET D 127 42.53 19.28 -58.02
N THR D 128 42.33 18.32 -57.13
CA THR D 128 43.21 18.16 -55.98
C THR D 128 44.57 17.62 -56.35
N ASP D 129 44.69 17.00 -57.53
CA ASP D 129 45.89 16.30 -58.00
C ASP D 129 46.32 15.26 -56.98
N LYS D 130 45.36 14.49 -56.49
CA LYS D 130 45.58 13.60 -55.37
C LYS D 130 44.73 12.35 -55.58
N LEU D 131 44.64 11.56 -54.52
CA LEU D 131 43.91 10.30 -54.47
C LEU D 131 42.54 10.51 -53.82
N ALA D 132 41.91 11.63 -54.17
CA ALA D 132 40.64 12.05 -53.59
C ALA D 132 39.57 10.99 -53.79
N PHE D 133 39.36 10.59 -55.04
CA PHE D 133 38.61 9.39 -55.43
C PHE D 133 37.18 9.44 -54.90
N ASP D 134 36.43 10.38 -55.50
CA ASP D 134 35.08 10.77 -55.11
C ASP D 134 34.16 9.57 -54.88
N VAL D 135 33.29 9.71 -53.90
CA VAL D 135 32.43 8.62 -53.46
C VAL D 135 31.27 8.47 -54.43
N GLY D 136 31.08 7.26 -54.95
CA GLY D 136 30.01 7.03 -55.89
C GLY D 136 29.39 5.66 -55.77
N LEU D 137 28.07 5.68 -55.56
CA LEU D 137 27.24 4.48 -55.52
C LEU D 137 26.68 4.24 -56.91
N GLN D 138 26.89 3.05 -57.45
CA GLN D 138 26.40 2.84 -58.80
C GLN D 138 25.31 1.78 -58.80
N GLU D 139 25.67 0.56 -58.44
CA GLU D 139 24.72 -0.43 -57.94
C GLU D 139 25.47 -1.28 -56.95
N ASP D 140 26.68 -0.82 -56.60
CA ASP D 140 27.86 -1.69 -56.66
C ASP D 140 27.85 -2.81 -55.66
N ALA D 141 27.16 -3.90 -56.02
CA ALA D 141 27.20 -5.14 -55.28
C ALA D 141 28.55 -5.84 -55.40
N THR D 142 29.35 -5.47 -56.39
CA THR D 142 30.72 -5.95 -56.49
C THR D 142 31.55 -5.34 -55.37
N GLY D 143 31.76 -6.11 -54.31
CA GLY D 143 32.25 -5.57 -53.06
C GLY D 143 33.74 -5.33 -52.97
N GLU D 144 34.22 -4.23 -53.53
CA GLU D 144 35.63 -3.92 -53.35
C GLU D 144 35.82 -2.61 -52.60
N ALA D 145 35.21 -1.54 -53.10
CA ALA D 145 35.36 -0.20 -52.54
C ALA D 145 34.26 0.16 -51.57
N CYS D 146 33.10 -0.48 -51.68
CA CYS D 146 31.94 -0.20 -50.84
C CYS D 146 32.05 -0.79 -49.45
N TRP D 147 33.22 -1.29 -49.07
CA TRP D 147 33.44 -1.90 -47.79
C TRP D 147 34.38 -1.03 -46.96
N TRP D 148 34.05 -0.90 -45.69
CA TRP D 148 34.56 0.17 -44.84
C TRP D 148 34.87 -0.36 -43.45
N THR D 149 36.14 -0.62 -43.21
CA THR D 149 36.60 -1.07 -41.90
C THR D 149 36.44 0.03 -40.86
N MET D 150 36.16 -0.42 -39.64
CA MET D 150 35.77 0.47 -38.54
C MET D 150 36.82 0.37 -37.46
N HIS D 151 37.55 1.44 -37.27
CA HIS D 151 38.57 1.41 -36.25
C HIS D 151 38.20 2.36 -35.11
N PRO D 152 38.66 2.03 -33.90
CA PRO D 152 38.38 2.90 -32.75
C PRO D 152 39.02 4.27 -32.90
N ALA D 153 38.45 5.23 -32.19
CA ALA D 153 38.89 6.62 -32.31
C ALA D 153 40.26 6.82 -31.68
N SER D 154 40.38 6.58 -30.38
CA SER D 154 41.61 6.82 -29.65
C SER D 154 42.01 5.56 -28.90
N LYS D 155 42.98 5.71 -28.01
CA LYS D 155 43.32 4.64 -27.07
C LYS D 155 42.28 4.45 -25.98
N GLN D 156 41.35 5.41 -25.84
CA GLN D 156 40.22 5.21 -24.94
C GLN D 156 39.34 4.06 -25.42
N ARG D 157 39.12 3.97 -26.71
CA ARG D 157 38.50 2.81 -27.33
C ARG D 157 39.60 1.85 -27.79
N SER D 158 39.18 0.69 -28.28
CA SER D 158 40.12 -0.32 -28.77
C SER D 158 39.40 -1.22 -29.76
N GLU D 159 40.16 -2.10 -30.40
CA GLU D 159 39.63 -2.97 -31.44
C GLU D 159 38.71 -4.03 -30.84
N GLY D 160 37.72 -4.43 -31.63
CA GLY D 160 36.84 -5.51 -31.23
C GLY D 160 35.92 -5.18 -30.08
N GLU D 161 35.78 -3.92 -29.74
CA GLU D 161 34.85 -3.51 -28.69
C GLU D 161 33.49 -3.26 -29.31
N LYS D 162 32.45 -3.45 -28.50
CA LYS D 162 31.10 -3.27 -29.00
C LYS D 162 30.82 -1.79 -29.17
N VAL D 163 30.29 -1.41 -30.34
CA VAL D 163 30.08 0.00 -30.61
C VAL D 163 28.79 0.43 -29.92
N ARG D 164 28.90 1.40 -29.00
CA ARG D 164 27.75 1.97 -28.34
C ARG D 164 26.93 2.79 -29.30
N VAL D 165 25.81 3.29 -28.78
CA VAL D 165 24.94 4.17 -29.55
C VAL D 165 25.67 5.48 -29.80
N GLY D 166 26.11 5.70 -31.03
CA GLY D 166 26.77 6.93 -31.39
C GLY D 166 28.19 7.10 -30.90
N ASP D 167 29.14 6.30 -31.41
CA ASP D 167 30.52 6.42 -30.98
C ASP D 167 31.33 7.21 -32.01
N ASP D 168 32.59 7.50 -31.65
CA ASP D 168 33.53 8.19 -32.53
C ASP D 168 34.30 7.15 -33.34
N LEU D 169 34.24 7.29 -34.65
CA LEU D 169 34.54 6.18 -35.55
C LEU D 169 35.64 6.56 -36.54
N ILE D 170 36.41 5.56 -36.94
CA ILE D 170 37.44 5.70 -37.96
C ILE D 170 37.04 4.84 -39.15
N LEU D 171 36.68 5.48 -40.24
CA LEU D 171 36.03 4.82 -41.36
C LEU D 171 37.01 4.68 -42.51
N VAL D 172 37.65 3.52 -42.60
CA VAL D 172 38.72 3.30 -43.56
C VAL D 172 38.13 2.50 -44.70
N SER D 173 38.61 2.73 -45.92
CA SER D 173 38.15 1.95 -47.04
C SER D 173 38.77 0.55 -47.01
N VAL D 174 38.38 -0.25 -47.97
CA VAL D 174 38.91 -1.60 -48.14
C VAL D 174 39.75 -1.70 -49.40
N SER D 175 39.22 -1.23 -50.52
CA SER D 175 39.97 -1.22 -51.76
C SER D 175 41.15 -0.26 -51.72
N SER D 176 40.95 0.96 -51.25
CA SER D 176 42.00 1.95 -51.18
C SER D 176 42.53 2.16 -49.78
N GLU D 177 41.70 1.96 -48.75
CA GLU D 177 42.04 2.11 -47.34
C GLU D 177 42.49 3.53 -47.01
N ARG D 178 41.56 4.46 -47.19
CA ARG D 178 41.73 5.86 -46.79
C ARG D 178 40.57 6.19 -45.86
N TYR D 179 40.70 7.30 -45.12
CA TYR D 179 39.70 7.66 -44.13
C TYR D 179 38.39 8.13 -44.77
N LEU D 180 37.47 8.58 -43.94
CA LEU D 180 36.34 9.37 -44.42
C LEU D 180 36.81 10.81 -44.29
N HIS D 181 37.61 11.23 -45.26
CA HIS D 181 38.25 12.53 -45.15
C HIS D 181 37.24 13.62 -45.46
N LEU D 182 36.70 14.24 -44.41
CA LEU D 182 35.96 15.49 -44.57
C LEU D 182 36.99 16.54 -44.93
N SER D 183 37.08 16.85 -46.23
CA SER D 183 38.18 17.64 -46.76
C SER D 183 37.64 18.91 -47.38
N THR D 184 37.74 20.02 -46.66
CA THR D 184 37.43 21.30 -47.27
C THR D 184 38.48 21.64 -48.32
N ALA D 185 38.07 22.44 -49.30
CA ALA D 185 38.92 22.78 -50.42
C ALA D 185 38.92 24.29 -50.55
N SER D 186 39.46 24.79 -51.66
CA SER D 186 39.33 26.20 -51.98
C SER D 186 37.88 26.57 -52.22
N GLY D 187 37.07 25.63 -52.69
CA GLY D 187 35.63 25.81 -52.74
C GLY D 187 35.00 25.52 -51.40
N GLU D 188 33.96 24.71 -51.40
CA GLU D 188 33.21 24.43 -50.19
C GLU D 188 33.92 23.34 -49.38
N LEU D 189 33.35 23.01 -48.23
CA LEU D 189 33.78 21.86 -47.45
C LEU D 189 33.34 20.60 -48.19
N GLN D 190 34.30 19.84 -48.68
CA GLN D 190 34.01 18.70 -49.54
C GLN D 190 34.30 17.40 -48.80
N VAL D 191 33.86 16.30 -49.41
CA VAL D 191 33.92 14.97 -48.80
C VAL D 191 34.59 14.01 -49.78
N ASP D 192 35.65 13.33 -49.32
CA ASP D 192 36.32 12.30 -50.11
C ASP D 192 36.95 11.28 -49.18
N ALA D 193 37.69 10.33 -49.76
CA ALA D 193 38.49 9.38 -48.98
C ALA D 193 39.93 9.62 -49.37
N SER D 194 40.55 10.62 -48.76
CA SER D 194 41.91 10.95 -49.17
C SER D 194 42.92 10.90 -48.03
N PHE D 195 42.81 11.77 -47.03
CA PHE D 195 43.94 12.01 -46.14
C PHE D 195 43.64 11.72 -44.68
N MET D 196 42.66 12.40 -44.08
CA MET D 196 42.63 12.63 -42.64
C MET D 196 41.33 12.15 -42.03
N GLN D 197 41.36 12.02 -40.71
CA GLN D 197 40.25 11.48 -39.95
C GLN D 197 39.06 12.41 -39.95
N THR D 198 37.90 11.82 -39.64
CA THR D 198 36.73 12.55 -39.17
C THR D 198 35.92 11.56 -38.36
N LEU D 199 35.63 11.92 -37.11
CA LEU D 199 34.88 11.05 -36.22
C LEU D 199 33.41 11.17 -36.60
N TRP D 200 33.01 10.36 -37.57
CA TRP D 200 31.63 10.36 -38.02
C TRP D 200 30.75 9.65 -37.02
N ASN D 201 29.63 10.29 -36.72
CA ASN D 201 28.78 9.87 -35.62
C ASN D 201 27.47 9.36 -36.18
N MET D 202 27.17 8.10 -35.88
CA MET D 202 25.89 7.55 -36.25
C MET D 202 24.84 7.96 -35.24
N ASN D 203 23.93 8.81 -35.69
CA ASN D 203 22.77 9.18 -34.89
C ASN D 203 21.73 8.10 -35.12
N PRO D 204 21.13 7.58 -34.06
CA PRO D 204 20.05 6.60 -34.21
C PRO D 204 18.80 7.27 -34.75
N ILE D 205 18.77 7.41 -36.07
CA ILE D 205 17.64 8.03 -36.74
C ILE D 205 16.37 7.20 -36.57
N CYS D 206 16.51 5.90 -36.34
CA CYS D 206 15.42 4.95 -36.20
C CYS D 206 16.02 3.65 -35.67
N SER D 207 15.18 2.62 -35.58
CA SER D 207 15.61 1.30 -35.12
C SER D 207 14.61 0.27 -35.64
N CYS D 208 14.66 -0.94 -35.09
CA CYS D 208 13.70 -1.98 -35.41
C CYS D 208 12.33 -1.65 -34.84
N CYS D 209 11.36 -1.36 -35.71
CA CYS D 209 10.07 -0.88 -35.27
C CYS D 209 9.13 -2.03 -34.96
N GLU D 210 7.89 -1.67 -34.64
CA GLU D 210 6.83 -2.64 -34.41
C GLU D 210 5.80 -2.56 -35.53
N GLU D 211 5.28 -3.73 -35.89
CA GLU D 211 4.39 -3.87 -37.03
C GLU D 211 3.04 -3.24 -36.72
N GLY D 212 2.54 -2.43 -37.65
CA GLY D 212 1.25 -1.80 -37.47
C GLY D 212 1.29 -0.60 -36.55
N TYR D 213 2.45 -0.01 -36.36
CA TYR D 213 2.58 1.17 -35.51
C TYR D 213 3.30 2.26 -36.28
N VAL D 214 2.74 3.46 -36.21
CA VAL D 214 3.28 4.59 -36.96
C VAL D 214 4.52 5.10 -36.24
N THR D 215 5.65 5.09 -36.93
CA THR D 215 6.84 5.77 -36.46
C THR D 215 7.15 6.91 -37.42
N GLY D 216 8.16 7.69 -37.05
CA GLY D 216 8.44 8.91 -37.78
C GLY D 216 9.05 8.66 -39.14
N GLY D 217 9.21 9.75 -39.88
CA GLY D 217 9.76 9.70 -41.21
C GLY D 217 8.90 8.98 -42.22
N HIS D 218 7.60 8.87 -41.98
CA HIS D 218 6.77 8.06 -42.85
C HIS D 218 6.10 8.92 -43.91
N VAL D 219 5.87 8.28 -45.06
CA VAL D 219 5.45 8.95 -46.29
C VAL D 219 4.12 8.32 -46.65
N LEU D 220 3.03 8.95 -46.23
CA LEU D 220 1.79 8.22 -46.03
C LEU D 220 0.58 9.06 -46.38
N ARG D 221 -0.57 8.39 -46.36
CA ARG D 221 -1.86 8.98 -46.68
C ARG D 221 -2.65 9.24 -45.42
N LEU D 222 -3.58 10.18 -45.55
CA LEU D 222 -4.29 10.79 -44.43
C LEU D 222 -5.78 10.67 -44.74
N PHE D 223 -6.35 9.53 -44.39
CA PHE D 223 -7.71 9.24 -44.83
C PHE D 223 -8.74 9.98 -44.00
N HIS D 224 -9.61 10.71 -44.70
CA HIS D 224 -10.63 11.52 -44.06
C HIS D 224 -11.94 10.76 -44.07
N GLY D 225 -12.83 11.12 -43.16
CA GLY D 225 -14.13 10.46 -43.11
C GLY D 225 -14.02 9.10 -42.49
N HIS D 226 -14.70 8.12 -43.08
CA HIS D 226 -14.67 6.75 -42.59
C HIS D 226 -14.10 5.78 -43.62
N MET D 227 -14.63 5.79 -44.84
CA MET D 227 -14.24 4.80 -45.84
C MET D 227 -13.37 5.39 -46.94
N ASP D 228 -13.88 6.35 -47.72
CA ASP D 228 -13.14 6.77 -48.91
C ASP D 228 -13.18 8.30 -48.99
N GLU D 229 -12.24 8.92 -48.31
CA GLU D 229 -11.95 10.35 -48.45
C GLU D 229 -10.57 10.58 -47.86
N CYS D 230 -9.83 11.53 -48.39
CA CYS D 230 -8.54 11.88 -47.81
C CYS D 230 -8.25 13.34 -48.09
N LEU D 231 -7.10 13.77 -47.60
CA LEU D 231 -6.69 15.15 -47.74
C LEU D 231 -6.09 15.37 -49.12
N THR D 232 -6.39 16.53 -49.71
CA THR D 232 -5.77 16.89 -50.98
C THR D 232 -5.59 18.40 -51.03
N ILE D 233 -5.03 18.86 -52.14
CA ILE D 233 -4.81 20.27 -52.42
C ILE D 233 -5.20 20.55 -53.86
N SER D 234 -4.98 21.79 -54.28
CA SER D 234 -5.08 22.14 -55.68
C SER D 234 -3.93 21.50 -56.47
N ALA D 235 -4.25 21.08 -57.69
CA ALA D 235 -3.29 20.37 -58.52
C ALA D 235 -2.24 21.32 -59.08
N ALA D 236 -1.29 20.76 -59.82
CA ALA D 236 -0.17 21.51 -60.35
C ALA D 236 -0.58 22.25 -61.62
N ASP D 237 0.43 22.84 -62.29
CA ASP D 237 0.26 23.79 -63.39
C ASP D 237 -0.70 24.91 -62.99
N SER D 238 -0.48 25.43 -61.79
CA SER D 238 -1.45 26.29 -61.15
C SER D 238 -0.84 27.66 -60.90
N ASP D 239 -1.62 28.69 -61.19
CA ASP D 239 -1.33 30.02 -60.72
C ASP D 239 -1.45 30.13 -59.20
N ASP D 240 -2.20 29.21 -58.57
CA ASP D 240 -2.16 29.06 -57.13
C ASP D 240 -0.79 28.64 -56.64
N GLN D 241 -0.02 27.92 -57.48
CA GLN D 241 1.22 27.24 -57.12
C GLN D 241 1.00 26.24 -55.99
N ARG D 242 -0.17 25.60 -55.99
CA ARG D 242 -0.54 24.50 -55.09
C ARG D 242 -0.47 24.92 -53.62
N ARG D 243 -1.34 25.84 -53.25
CA ARG D 243 -1.40 26.30 -51.87
C ARG D 243 -2.70 25.95 -51.17
N LEU D 244 -3.82 25.96 -51.89
CA LEU D 244 -5.14 25.78 -51.30
C LEU D 244 -5.35 24.31 -50.99
N VAL D 245 -5.78 24.03 -49.77
CA VAL D 245 -5.85 22.67 -49.26
C VAL D 245 -7.30 22.20 -49.39
N TYR D 246 -7.50 20.94 -49.80
CA TYR D 246 -8.85 20.49 -50.05
C TYR D 246 -9.10 19.10 -49.47
N TYR D 247 -10.24 18.54 -49.89
CA TYR D 247 -10.61 17.16 -49.58
C TYR D 247 -11.10 16.51 -50.86
N GLU D 248 -11.04 15.18 -50.88
CA GLU D 248 -11.41 14.42 -52.06
C GLU D 248 -11.62 12.98 -51.65
N GLY D 249 -12.54 12.32 -52.35
CA GLY D 249 -12.83 10.92 -52.09
C GLY D 249 -11.83 10.00 -52.75
N GLY D 250 -12.33 9.04 -53.54
CA GLY D 250 -11.48 7.98 -54.05
C GLY D 250 -10.83 8.20 -55.40
N ALA D 251 -10.24 9.37 -55.63
CA ALA D 251 -9.40 9.57 -56.81
C ALA D 251 -7.95 9.87 -56.45
N VAL D 252 -7.71 10.88 -55.62
CA VAL D 252 -6.35 11.28 -55.25
C VAL D 252 -5.72 10.31 -54.26
N CYS D 253 -6.50 9.35 -53.74
CA CYS D 253 -6.01 8.27 -52.92
C CYS D 253 -4.98 7.40 -53.65
N THR D 254 -5.04 7.35 -54.97
CA THR D 254 -4.00 6.61 -55.69
C THR D 254 -2.97 7.58 -56.26
N HIS D 255 -3.00 8.82 -55.80
CA HIS D 255 -2.19 9.86 -56.39
C HIS D 255 -1.18 10.37 -55.38
N ALA D 256 -0.30 11.26 -55.84
CA ALA D 256 0.82 11.73 -55.04
C ALA D 256 0.50 13.00 -54.26
N ARG D 257 -0.61 13.66 -54.58
CA ARG D 257 -0.95 14.88 -53.86
C ARG D 257 -1.42 14.58 -52.44
N SER D 258 -2.03 13.41 -52.25
CA SER D 258 -2.46 12.93 -50.95
C SER D 258 -1.32 12.42 -50.09
N LEU D 259 -0.10 12.38 -50.62
CA LEU D 259 1.04 11.83 -49.88
C LEU D 259 1.71 12.91 -49.05
N TRP D 260 2.08 12.54 -47.83
CA TRP D 260 2.67 13.48 -46.89
C TRP D 260 3.78 12.79 -46.12
N ARG D 261 4.94 13.44 -46.09
CA ARG D 261 6.10 12.98 -45.35
C ARG D 261 6.08 13.60 -43.96
N LEU D 262 6.41 12.80 -42.96
CA LEU D 262 6.47 13.26 -41.58
C LEU D 262 7.92 13.60 -41.27
N GLU D 263 8.15 14.76 -40.65
CA GLU D 263 9.48 15.11 -40.20
C GLU D 263 9.44 15.60 -38.76
N PRO D 264 9.77 14.76 -37.79
CA PRO D 264 9.86 15.24 -36.40
C PRO D 264 11.05 16.16 -36.21
N LEU D 265 10.94 16.98 -35.17
CA LEU D 265 11.90 18.04 -34.93
C LEU D 265 13.19 17.51 -34.31
N ARG D 266 13.18 16.29 -33.79
CA ARG D 266 14.37 15.69 -33.21
C ARG D 266 15.36 15.30 -34.30
N ILE D 267 16.53 14.88 -33.84
CA ILE D 267 17.56 14.39 -34.75
C ILE D 267 17.70 12.88 -34.63
N SER D 268 18.15 12.41 -33.48
CA SER D 268 18.15 10.99 -33.20
C SER D 268 16.76 10.58 -32.76
N TRP D 269 16.41 9.32 -33.05
CA TRP D 269 15.12 8.72 -32.76
C TRP D 269 13.97 9.49 -33.41
N SER D 270 14.24 10.03 -34.61
CA SER D 270 13.16 10.53 -35.44
C SER D 270 12.23 9.40 -35.85
N GLY D 271 12.78 8.22 -36.11
CA GLY D 271 11.99 7.05 -36.45
C GLY D 271 11.60 6.22 -35.24
N SER D 272 11.65 6.82 -34.04
CA SER D 272 11.09 6.15 -32.89
C SER D 272 9.56 6.18 -32.95
N HIS D 273 8.93 5.47 -32.02
CA HIS D 273 7.47 5.30 -32.06
C HIS D 273 6.77 6.63 -31.82
N LEU D 274 6.00 7.05 -32.82
CA LEU D 274 5.26 8.28 -32.71
C LEU D 274 4.13 8.11 -31.71
N ARG D 275 3.94 9.13 -30.88
CA ARG D 275 3.04 9.05 -29.75
C ARG D 275 2.05 10.22 -29.79
N TRP D 276 1.03 10.10 -28.95
CA TRP D 276 0.10 11.20 -28.78
C TRP D 276 0.79 12.34 -28.05
N GLY D 277 0.40 13.56 -28.38
CA GLY D 277 1.07 14.70 -27.82
C GLY D 277 2.48 14.86 -28.36
N GLN D 278 2.60 15.15 -29.65
CA GLN D 278 3.94 15.17 -30.21
C GLN D 278 4.05 16.17 -31.36
N PRO D 279 4.89 17.19 -31.22
CA PRO D 279 5.00 18.21 -32.27
C PRO D 279 6.03 17.84 -33.31
N LEU D 280 5.81 18.32 -34.53
CA LEU D 280 6.61 17.95 -35.69
C LEU D 280 6.31 18.89 -36.85
N ARG D 281 6.83 18.53 -38.03
CA ARG D 281 6.59 19.24 -39.27
C ARG D 281 6.13 18.22 -40.31
N ILE D 282 5.39 18.71 -41.30
CA ILE D 282 4.80 17.86 -42.33
C ILE D 282 5.21 18.42 -43.68
N ARG D 283 5.84 17.60 -44.51
CA ARG D 283 6.30 17.99 -45.83
C ARG D 283 5.42 17.34 -46.88
N HIS D 284 5.22 18.00 -48.01
CA HIS D 284 4.70 17.27 -49.15
C HIS D 284 5.84 16.58 -49.87
N VAL D 285 5.53 15.44 -50.46
CA VAL D 285 6.54 14.49 -50.86
C VAL D 285 7.14 14.87 -52.21
N THR D 286 6.32 14.84 -53.25
CA THR D 286 6.80 15.13 -54.59
C THR D 286 7.09 16.62 -54.75
N THR D 287 6.29 17.45 -54.09
CA THR D 287 6.48 18.89 -54.21
C THR D 287 7.64 19.37 -53.34
N GLY D 288 7.90 18.68 -52.24
CA GLY D 288 8.97 19.10 -51.36
C GLY D 288 8.66 20.36 -50.58
N ARG D 289 7.38 20.59 -50.29
CA ARG D 289 6.94 21.79 -49.58
C ARG D 289 6.28 21.38 -48.27
N TYR D 290 6.36 22.27 -47.30
CA TYR D 290 5.77 22.06 -45.99
C TYR D 290 4.38 22.67 -45.95
N LEU D 291 3.86 22.84 -44.74
CA LEU D 291 2.50 23.34 -44.55
C LEU D 291 2.45 24.18 -43.28
N ALA D 292 2.10 25.46 -43.42
CA ALA D 292 1.96 26.32 -42.26
C ALA D 292 0.89 27.37 -42.54
N LEU D 293 0.41 27.96 -41.45
CA LEU D 293 -0.45 29.14 -41.48
C LEU D 293 0.41 30.30 -40.99
N THR D 294 0.91 31.11 -41.94
CA THR D 294 2.06 31.97 -41.64
C THR D 294 1.66 33.18 -40.80
N GLU D 295 0.91 34.11 -41.36
CA GLU D 295 0.29 35.14 -40.53
C GLU D 295 -1.16 35.39 -40.90
N ASP D 296 -1.42 35.50 -42.21
CA ASP D 296 -2.75 35.84 -42.70
C ASP D 296 -3.15 35.09 -43.95
N GLN D 297 -2.27 34.31 -44.57
CA GLN D 297 -2.48 33.87 -45.94
C GLN D 297 -3.49 32.73 -46.05
N GLY D 298 -4.08 32.29 -44.95
CA GLY D 298 -4.93 31.13 -44.98
C GLY D 298 -4.12 29.87 -44.95
N LEU D 299 -4.81 28.75 -45.03
CA LEU D 299 -4.15 27.44 -44.94
C LEU D 299 -3.45 27.16 -46.25
N VAL D 300 -2.17 27.56 -46.33
CA VAL D 300 -1.39 27.48 -47.55
C VAL D 300 -0.24 26.50 -47.39
N VAL D 301 0.13 25.87 -48.50
CA VAL D 301 1.18 24.85 -48.53
C VAL D 301 2.51 25.61 -48.60
N VAL D 302 3.14 25.80 -47.45
CA VAL D 302 4.28 26.71 -47.35
C VAL D 302 5.52 26.04 -47.95
N ASP D 303 6.48 26.87 -48.35
CA ASP D 303 7.69 26.38 -49.01
C ASP D 303 8.64 25.77 -47.97
N ALA D 304 9.82 25.34 -48.42
CA ALA D 304 10.79 24.65 -47.58
C ALA D 304 11.75 25.59 -46.88
N CYS D 305 11.34 26.83 -46.60
CA CYS D 305 12.18 27.77 -45.88
C CYS D 305 11.42 28.59 -44.83
N LYS D 306 10.10 28.52 -44.80
CA LYS D 306 9.28 29.35 -43.92
C LYS D 306 8.39 28.48 -43.04
N ALA D 307 8.98 27.43 -42.49
CA ALA D 307 8.28 26.47 -41.65
C ALA D 307 8.90 26.46 -40.26
N HIS D 308 9.09 27.64 -39.68
CA HIS D 308 9.96 27.82 -38.52
C HIS D 308 9.31 27.44 -37.19
N THR D 309 8.63 26.28 -37.15
CA THR D 309 8.16 25.53 -35.98
C THR D 309 7.02 26.24 -35.24
N LYS D 310 6.77 27.52 -35.51
CA LYS D 310 5.78 28.31 -34.80
C LYS D 310 4.51 28.45 -35.61
N ALA D 311 4.66 28.85 -36.86
CA ALA D 311 3.58 28.74 -37.82
C ALA D 311 3.28 27.29 -38.17
N THR D 312 4.27 26.39 -38.08
CA THR D 312 4.02 25.00 -38.41
C THR D 312 3.25 24.31 -37.29
N SER D 313 3.90 24.13 -36.14
CA SER D 313 3.33 23.80 -34.82
C SER D 313 2.27 22.70 -34.87
N PHE D 314 2.66 21.51 -35.29
CA PHE D 314 1.65 20.51 -35.60
C PHE D 314 1.78 19.26 -34.73
N CYS D 315 0.68 18.95 -34.05
CA CYS D 315 0.68 17.87 -33.08
C CYS D 315 -0.61 17.06 -33.22
N PHE D 316 -0.73 16.03 -32.40
CA PHE D 316 -1.75 15.03 -32.53
C PHE D 316 -2.52 14.84 -31.25
N ARG D 317 -3.84 14.74 -31.38
CA ARG D 317 -4.76 14.77 -30.28
C ARG D 317 -5.63 13.52 -30.33
N VAL D 318 -5.77 12.88 -29.16
CA VAL D 318 -6.86 11.93 -28.97
C VAL D 318 -8.20 12.64 -29.06
N SER D 319 -8.33 13.72 -28.31
CA SER D 319 -9.40 14.69 -28.46
C SER D 319 -8.82 16.04 -28.09
N LYS D 320 -9.68 17.05 -27.97
CA LYS D 320 -9.23 18.44 -28.01
C LYS D 320 -9.15 19.00 -26.60
N GLU D 321 -8.70 18.17 -25.66
CA GLU D 321 -8.78 18.46 -24.23
C GLU D 321 -7.76 19.48 -23.76
N LYS D 322 -7.69 19.64 -22.45
CA LYS D 322 -6.79 20.57 -21.76
C LYS D 322 -5.34 20.09 -21.74
N LEU D 323 -4.66 20.22 -22.88
CA LEU D 323 -3.27 19.80 -23.01
C LEU D 323 -2.35 20.62 -22.11
N ASP D 324 -1.60 19.91 -21.26
CA ASP D 324 -0.77 20.53 -20.25
C ASP D 324 0.66 20.76 -20.71
N THR D 325 1.14 19.96 -21.67
CA THR D 325 2.45 20.09 -22.32
C THR D 325 3.60 20.01 -21.31
N ALA D 326 3.44 19.14 -20.31
CA ALA D 326 4.53 18.85 -19.37
C ALA D 326 4.73 17.35 -19.22
N PRO D 327 4.61 16.60 -20.31
CA PRO D 327 5.09 15.21 -20.32
C PRO D 327 6.46 15.11 -21.00
N LYS D 328 7.03 16.27 -21.32
CA LYS D 328 8.14 16.37 -22.28
C LYS D 328 9.43 15.84 -21.67
N ARG D 329 9.59 14.52 -21.75
CA ARG D 329 10.85 13.86 -21.45
C ARG D 329 11.27 13.12 -22.71
N ASP D 330 12.47 13.42 -23.20
CA ASP D 330 12.93 12.82 -24.45
C ASP D 330 13.24 11.34 -24.29
N VAL D 331 13.00 10.60 -25.36
CA VAL D 331 13.15 9.14 -25.37
C VAL D 331 14.33 8.79 -26.25
N GLU D 332 15.34 8.18 -25.65
CA GLU D 332 16.51 7.73 -26.39
C GLU D 332 16.42 6.28 -26.80
N GLY D 333 15.22 5.75 -26.88
CA GLY D 333 14.96 4.48 -27.50
C GLY D 333 13.80 4.62 -28.47
N MET D 334 13.20 3.50 -28.84
CA MET D 334 12.03 3.51 -29.70
C MET D 334 10.79 4.06 -29.01
N GLY D 335 10.72 3.95 -27.69
CA GLY D 335 9.56 4.38 -26.97
C GLY D 335 8.44 3.37 -27.08
N PRO D 336 7.25 3.71 -26.60
CA PRO D 336 6.11 2.80 -26.71
C PRO D 336 5.40 2.95 -28.04
N PRO D 337 5.15 1.85 -28.75
CA PRO D 337 4.37 1.92 -29.99
C PRO D 337 2.91 2.22 -29.69
N GLU D 338 2.48 3.44 -30.04
CA GLU D 338 1.12 3.88 -29.75
C GLU D 338 0.28 4.01 -31.01
N ILE D 339 0.70 4.84 -31.95
CA ILE D 339 -0.18 5.25 -33.04
C ILE D 339 -0.16 4.19 -34.12
N LYS D 340 -1.34 3.67 -34.45
CA LYS D 340 -1.48 2.59 -35.41
C LYS D 340 -1.95 3.14 -36.76
N TYR D 341 -2.17 2.25 -37.70
CA TYR D 341 -2.59 2.60 -39.05
C TYR D 341 -4.08 2.35 -39.20
N GLY D 342 -4.82 3.36 -39.64
CA GLY D 342 -6.23 3.22 -39.89
C GLY D 342 -7.12 3.28 -38.67
N GLU D 343 -6.67 2.81 -37.52
CA GLU D 343 -7.42 2.88 -36.28
C GLU D 343 -6.82 3.91 -35.33
N SER D 344 -6.02 4.84 -35.86
CA SER D 344 -5.43 5.89 -35.01
C SER D 344 -6.46 6.95 -34.65
N LEU D 345 -7.15 7.50 -35.66
CA LEU D 345 -8.19 8.53 -35.51
C LEU D 345 -7.67 9.76 -34.77
N CYS D 346 -6.57 10.32 -35.28
CA CYS D 346 -5.91 11.44 -34.64
C CYS D 346 -6.70 12.73 -34.83
N PHE D 347 -6.23 13.78 -34.20
CA PHE D 347 -6.70 15.13 -34.50
C PHE D 347 -5.47 16.02 -34.63
N VAL D 348 -5.18 16.44 -35.84
CA VAL D 348 -4.07 17.35 -36.07
C VAL D 348 -4.45 18.72 -35.53
N GLN D 349 -3.74 19.14 -34.50
CA GLN D 349 -3.96 20.47 -33.94
C GLN D 349 -2.77 21.33 -34.28
N HIS D 350 -3.06 22.56 -34.71
CA HIS D 350 -2.02 23.56 -34.73
C HIS D 350 -1.73 24.01 -33.30
N VAL D 351 -0.46 23.90 -32.90
CA VAL D 351 -0.11 24.06 -31.50
C VAL D 351 -0.15 25.53 -31.07
N ALA D 352 0.57 26.39 -31.80
CA ALA D 352 0.78 27.75 -31.35
C ALA D 352 -0.50 28.57 -31.40
N SER D 353 -1.28 28.41 -32.47
CA SER D 353 -2.52 29.14 -32.60
C SER D 353 -3.69 28.41 -31.93
N GLY D 354 -3.51 27.17 -31.52
CA GLY D 354 -4.59 26.42 -30.90
C GLY D 354 -5.72 26.04 -31.83
N LEU D 355 -5.51 26.12 -33.14
CA LEU D 355 -6.58 25.93 -34.10
C LEU D 355 -6.69 24.46 -34.49
N TRP D 356 -7.91 24.01 -34.68
CA TRP D 356 -8.17 22.62 -35.05
C TRP D 356 -8.54 22.53 -36.52
N LEU D 357 -7.92 21.58 -37.20
CA LEU D 357 -8.10 21.38 -38.63
C LEU D 357 -9.45 20.71 -38.85
N THR D 358 -10.32 21.36 -39.59
CA THR D 358 -11.58 20.76 -40.02
C THR D 358 -11.95 21.34 -41.37
N TYR D 359 -12.94 20.74 -42.00
CA TYR D 359 -13.44 21.31 -43.25
C TYR D 359 -14.29 22.54 -42.94
N ALA D 360 -14.43 23.39 -43.95
CA ALA D 360 -15.27 24.58 -43.84
C ALA D 360 -16.66 24.39 -44.41
N ALA D 361 -16.82 23.48 -45.38
CA ALA D 361 -18.00 23.22 -46.19
C ALA D 361 -18.56 24.51 -46.78
N PRO D 362 -17.70 25.41 -47.23
CA PRO D 362 -18.17 26.61 -47.95
C PRO D 362 -18.34 26.31 -49.43
N ASP D 363 -19.58 26.27 -49.88
CA ASP D 363 -19.84 25.88 -51.25
C ASP D 363 -21.13 26.50 -51.77
N PRO D 364 -21.14 26.97 -53.02
CA PRO D 364 -22.40 27.38 -53.64
C PRO D 364 -23.16 26.18 -54.20
N LYS D 365 -24.35 26.41 -54.74
CA LYS D 365 -25.12 25.31 -55.34
C LYS D 365 -24.45 24.83 -56.62
N ALA D 366 -23.82 25.74 -57.36
CA ALA D 366 -23.06 25.35 -58.54
C ALA D 366 -21.79 24.61 -58.16
N LEU D 367 -21.11 25.05 -57.11
CA LEU D 367 -19.91 24.38 -56.64
C LEU D 367 -20.21 23.01 -56.04
N ARG D 368 -21.42 22.82 -55.51
CA ARG D 368 -21.84 21.51 -55.03
C ARG D 368 -22.03 20.54 -56.19
N LEU D 369 -22.68 20.97 -57.26
CA LEU D 369 -22.87 20.14 -58.44
C LEU D 369 -21.59 19.95 -59.23
N GLY D 370 -20.62 20.85 -59.09
CA GLY D 370 -19.37 20.71 -59.82
C GLY D 370 -18.31 19.93 -59.09
N VAL D 371 -17.23 20.61 -58.70
CA VAL D 371 -16.06 19.96 -58.13
C VAL D 371 -16.35 19.54 -56.70
N LEU D 372 -15.77 18.41 -56.29
CA LEU D 372 -15.92 17.89 -54.93
C LEU D 372 -14.73 18.33 -54.09
N LYS D 373 -14.71 19.63 -53.79
CA LYS D 373 -13.56 20.27 -53.16
C LYS D 373 -14.02 21.11 -52.00
N LYS D 374 -14.11 20.52 -50.81
CA LYS D 374 -14.24 21.28 -49.58
C LYS D 374 -12.87 21.79 -49.19
N LYS D 375 -12.80 22.68 -48.21
CA LYS D 375 -11.51 23.25 -47.85
C LYS D 375 -11.20 23.00 -46.39
N ALA D 376 -10.03 22.44 -46.14
CA ALA D 376 -9.51 22.36 -44.78
C ALA D 376 -9.13 23.74 -44.27
N ILE D 377 -9.48 24.01 -43.01
CA ILE D 377 -9.15 25.24 -42.31
C ILE D 377 -8.72 24.87 -40.90
N LEU D 378 -7.69 25.56 -40.44
CA LEU D 378 -7.27 25.49 -39.05
C LEU D 378 -8.28 26.34 -38.28
N HIS D 379 -9.27 25.68 -37.70
CA HIS D 379 -10.44 26.34 -37.19
C HIS D 379 -10.39 26.41 -35.68
N GLN D 380 -11.04 27.45 -35.13
CA GLN D 380 -11.01 27.72 -33.70
C GLN D 380 -11.76 26.68 -32.89
N GLU D 381 -12.65 25.90 -33.52
CA GLU D 381 -13.44 24.91 -32.80
C GLU D 381 -13.26 23.52 -33.39
N GLY D 382 -13.25 23.39 -34.71
CA GLY D 382 -13.30 22.09 -35.35
C GLY D 382 -14.70 21.50 -35.33
N HIS D 383 -14.94 20.61 -36.28
CA HIS D 383 -16.22 19.92 -36.33
C HIS D 383 -16.09 18.57 -35.62
N MET D 384 -17.20 17.86 -35.49
CA MET D 384 -17.27 16.61 -34.75
C MET D 384 -16.99 15.39 -35.62
N ASP D 385 -16.54 15.61 -36.86
CA ASP D 385 -16.41 14.53 -37.83
C ASP D 385 -15.09 14.60 -38.59
N ASP D 386 -13.99 14.90 -37.90
CA ASP D 386 -12.69 14.95 -38.57
C ASP D 386 -12.09 13.55 -38.67
N ALA D 387 -11.76 12.94 -37.52
CA ALA D 387 -11.38 11.52 -37.38
C ALA D 387 -10.19 11.15 -38.25
N LEU D 388 -9.05 11.76 -37.97
CA LEU D 388 -7.91 11.68 -38.88
C LEU D 388 -7.13 10.39 -38.67
N PHE D 389 -7.31 9.42 -39.56
CA PHE D 389 -6.60 8.16 -39.50
C PHE D 389 -5.78 7.95 -40.77
N LEU D 390 -4.75 7.09 -40.65
CA LEU D 390 -3.62 7.12 -41.55
C LEU D 390 -3.46 5.83 -42.34
N THR D 391 -2.64 5.91 -43.39
CA THR D 391 -2.30 4.76 -44.21
C THR D 391 -0.97 5.00 -44.89
N ARG D 392 0.00 4.13 -44.60
CA ARG D 392 1.32 4.15 -45.19
C ARG D 392 1.37 3.15 -46.34
N CYS D 393 2.02 3.52 -47.44
CA CYS D 393 2.15 2.64 -48.60
C CYS D 393 3.62 2.23 -48.72
N GLN D 394 3.92 1.07 -48.13
CA GLN D 394 5.30 0.63 -47.99
C GLN D 394 5.71 -0.14 -49.24
N GLN D 395 6.25 0.59 -50.21
CA GLN D 395 6.72 0.00 -51.45
C GLN D 395 7.67 0.95 -52.14
N GLU D 396 8.03 0.61 -53.38
CA GLU D 396 8.93 1.40 -54.20
C GLU D 396 8.31 2.75 -54.60
N GLU D 397 6.98 2.87 -54.51
CA GLU D 397 6.30 4.12 -54.77
C GLU D 397 6.82 5.26 -53.90
N SER D 398 7.17 4.96 -52.64
CA SER D 398 7.79 5.94 -51.77
C SER D 398 9.13 6.40 -52.33
N GLN D 399 9.87 5.50 -52.96
CA GLN D 399 11.15 5.87 -53.55
C GLN D 399 10.96 6.68 -54.83
N ALA D 400 10.03 6.23 -55.67
CA ALA D 400 9.75 6.90 -56.93
C ALA D 400 9.16 8.28 -56.73
N ALA D 401 8.51 8.54 -55.60
CA ALA D 401 7.96 9.86 -55.35
C ALA D 401 9.07 10.88 -55.09
N ARG D 402 10.12 10.48 -54.40
CA ARG D 402 11.28 11.35 -54.27
C ARG D 402 12.06 11.42 -55.58
N MET D 403 11.98 10.36 -56.39
CA MET D 403 12.50 10.46 -57.75
C MET D 403 11.76 11.54 -58.55
N ILE D 404 10.47 11.72 -58.31
CA ILE D 404 9.72 12.80 -58.95
C ILE D 404 10.25 14.16 -58.51
N HIS D 405 10.53 14.30 -57.21
CA HIS D 405 10.99 15.58 -56.70
C HIS D 405 12.39 15.92 -57.19
N SER D 406 13.28 14.93 -57.21
CA SER D 406 14.60 15.11 -57.80
C SER D 406 14.53 15.39 -59.29
N THR D 407 13.59 14.73 -59.98
CA THR D 407 13.34 14.95 -61.40
C THR D 407 12.94 16.39 -61.68
N ALA D 408 11.97 16.90 -60.92
CA ALA D 408 11.52 18.26 -61.08
C ALA D 408 12.59 19.26 -60.69
N GLY D 409 13.33 18.99 -59.61
CA GLY D 409 14.40 19.88 -59.19
C GLY D 409 15.54 19.94 -60.18
N LEU D 410 15.75 18.87 -60.94
CA LEU D 410 16.70 18.93 -62.04
C LEU D 410 16.12 19.67 -63.23
N TYR D 411 14.87 19.40 -63.57
CA TYR D 411 14.42 19.83 -64.89
C TYR D 411 13.99 21.27 -64.89
N ASN D 412 13.51 21.78 -63.76
CA ASN D 412 13.21 23.20 -63.69
C ASN D 412 14.46 24.05 -63.78
N GLN D 413 15.51 23.68 -63.05
CA GLN D 413 16.77 24.42 -63.12
C GLN D 413 17.48 24.21 -64.46
N PHE D 414 17.19 23.11 -65.16
CA PHE D 414 17.77 22.91 -66.47
C PHE D 414 17.06 23.65 -67.58
N ILE D 415 15.72 23.60 -67.60
CA ILE D 415 14.94 24.20 -68.68
C ILE D 415 15.10 25.72 -68.70
N LYS D 416 15.20 26.35 -67.54
CA LYS D 416 15.39 27.79 -67.50
C LYS D 416 16.76 28.22 -68.01
N GLY D 417 17.74 27.33 -67.99
CA GLY D 417 19.01 27.66 -68.62
C GLY D 417 18.92 27.65 -70.14
N LEU D 418 17.93 26.97 -70.69
CA LEU D 418 17.70 27.04 -72.13
C LEU D 418 17.14 28.39 -72.55
N ASP D 419 16.31 28.98 -71.69
CA ASP D 419 15.76 30.30 -72.00
C ASP D 419 16.79 31.40 -71.82
N SER D 420 17.92 31.10 -71.17
CA SER D 420 19.01 32.05 -71.04
C SER D 420 19.65 32.37 -72.39
N PHE D 421 19.64 31.43 -73.33
CA PHE D 421 20.17 31.68 -74.67
C PHE D 421 19.12 31.47 -75.75
N SER D 422 17.87 31.21 -75.36
CA SER D 422 16.80 31.10 -76.34
C SER D 422 16.60 32.41 -77.09
N GLY D 423 16.27 33.47 -76.37
CA GLY D 423 16.20 34.77 -76.98
C GLY D 423 17.53 35.47 -77.09
N LYS D 424 18.59 34.89 -76.54
CA LYS D 424 19.89 35.58 -76.48
C LYS D 424 20.88 34.82 -77.34
N PRO D 425 21.32 35.39 -78.46
CA PRO D 425 22.31 34.70 -79.29
C PRO D 425 23.69 34.69 -78.66
N ARG D 426 24.64 34.15 -79.43
CA ARG D 426 26.01 34.02 -78.96
C ARG D 426 26.87 35.09 -79.61
N GLY D 427 27.27 36.08 -78.82
CA GLY D 427 28.35 36.95 -79.23
C GLY D 427 29.66 36.19 -79.17
N SER D 428 30.62 36.66 -79.98
CA SER D 428 31.95 36.06 -80.02
C SER D 428 32.65 36.26 -78.67
N GLY D 429 32.90 35.17 -77.95
CA GLY D 429 33.40 35.26 -76.62
C GLY D 429 32.61 34.39 -75.66
N PRO D 430 31.86 35.02 -74.75
CA PRO D 430 31.00 34.26 -73.83
C PRO D 430 29.86 33.59 -74.58
N PRO D 431 29.73 32.27 -74.44
CA PRO D 431 28.65 31.59 -75.17
C PRO D 431 27.28 31.82 -74.58
N ALA D 432 27.19 31.86 -73.25
CA ALA D 432 25.93 32.03 -72.53
C ALA D 432 26.26 32.55 -71.14
N GLY D 433 25.28 32.49 -70.24
CA GLY D 433 25.47 32.94 -68.88
C GLY D 433 25.74 31.78 -67.94
N PRO D 434 24.70 31.35 -67.21
CA PRO D 434 24.85 30.19 -66.33
C PRO D 434 24.98 28.92 -67.14
N ALA D 435 25.58 27.91 -66.50
CA ALA D 435 25.79 26.65 -67.17
C ALA D 435 24.51 25.83 -67.19
N LEU D 436 24.58 24.68 -67.87
CA LEU D 436 23.50 23.72 -67.92
C LEU D 436 23.95 22.40 -67.36
N PRO D 437 23.12 21.72 -66.54
CA PRO D 437 23.43 20.33 -66.20
C PRO D 437 23.31 19.45 -67.43
N ILE D 438 24.44 18.89 -67.86
CA ILE D 438 24.51 18.12 -69.09
C ILE D 438 24.77 16.66 -68.82
N GLU D 439 25.89 16.35 -68.18
CA GLU D 439 26.33 14.97 -67.99
C GLU D 439 25.42 14.23 -67.04
N ALA D 440 25.00 14.87 -65.95
CA ALA D 440 24.07 14.30 -65.01
C ALA D 440 22.70 14.05 -65.61
N VAL D 441 22.19 14.98 -66.41
CA VAL D 441 20.94 14.77 -67.15
C VAL D 441 21.07 13.60 -68.10
N ILE D 442 22.17 13.53 -68.85
CA ILE D 442 22.43 12.37 -69.69
C ILE D 442 22.59 11.13 -68.85
N LEU D 443 23.20 11.27 -67.67
CA LEU D 443 23.27 10.14 -66.73
C LEU D 443 21.88 9.75 -66.24
N SER D 444 21.08 10.74 -65.84
CA SER D 444 19.77 10.45 -65.26
C SER D 444 18.80 9.89 -66.29
N LEU D 445 18.95 10.26 -67.55
CA LEU D 445 18.14 9.65 -68.58
C LEU D 445 18.54 8.21 -68.83
N GLN D 446 19.84 7.92 -68.80
CA GLN D 446 20.27 6.54 -68.86
C GLN D 446 19.87 5.79 -67.61
N ASP D 447 19.74 6.49 -66.48
CA ASP D 447 19.17 5.88 -65.29
C ASP D 447 17.72 5.52 -65.51
N LEU D 448 16.92 6.45 -66.02
CA LEU D 448 15.48 6.25 -66.01
C LEU D 448 14.99 5.41 -67.16
N ILE D 449 15.72 5.37 -68.27
CA ILE D 449 15.33 4.49 -69.36
C ILE D 449 15.57 3.03 -68.99
N GLY D 450 16.74 2.74 -68.41
CA GLY D 450 16.96 1.43 -67.82
C GLY D 450 16.03 1.13 -66.66
N TYR D 451 15.62 2.17 -65.92
CA TYR D 451 14.60 2.02 -64.91
C TYR D 451 13.24 1.67 -65.50
N PHE D 452 12.95 2.14 -66.72
CA PHE D 452 11.74 1.82 -67.44
C PHE D 452 11.99 0.86 -68.60
N GLU D 453 12.95 -0.03 -68.45
CA GLU D 453 13.14 -1.10 -69.41
C GLU D 453 11.98 -2.09 -69.34
N PRO D 454 11.50 -2.57 -70.49
CA PRO D 454 10.49 -3.63 -70.47
C PRO D 454 11.10 -4.95 -70.00
N PRO D 455 10.27 -5.85 -69.47
CA PRO D 455 10.80 -7.17 -69.12
C PRO D 455 11.12 -7.98 -70.36
N SER D 456 11.96 -8.99 -70.16
CA SER D 456 12.33 -9.88 -71.24
C SER D 456 11.16 -10.76 -71.64
N GLU D 457 11.22 -11.29 -72.86
CA GLU D 457 10.19 -12.19 -73.34
C GLU D 457 10.43 -13.62 -72.90
N GLU D 458 11.58 -13.91 -72.31
CA GLU D 458 11.82 -15.21 -71.71
C GLU D 458 11.34 -15.30 -70.27
N LEU D 459 10.68 -14.26 -69.76
CA LEU D 459 10.17 -14.28 -68.40
C LEU D 459 8.95 -15.19 -68.29
N GLN D 460 8.79 -15.75 -67.10
CA GLN D 460 7.56 -16.45 -66.71
C GLN D 460 6.35 -15.55 -66.92
N HIS D 461 5.25 -16.15 -67.35
CA HIS D 461 3.98 -15.45 -67.44
C HIS D 461 3.55 -14.87 -66.10
N GLU D 462 3.82 -15.57 -65.00
CA GLU D 462 3.42 -15.09 -63.68
C GLU D 462 4.14 -13.81 -63.29
N GLU D 463 5.47 -13.88 -63.25
CA GLU D 463 6.27 -12.70 -62.92
C GLU D 463 6.10 -11.62 -63.97
N LYS D 464 5.83 -12.04 -65.20
CA LYS D 464 5.57 -11.13 -66.29
C LYS D 464 4.33 -10.28 -66.03
N GLN D 465 3.21 -10.93 -65.70
CA GLN D 465 1.98 -10.19 -65.39
C GLN D 465 2.12 -9.36 -64.13
N SER D 466 2.95 -9.80 -63.17
CA SER D 466 3.20 -8.97 -61.99
C SER D 466 3.94 -7.69 -62.37
N LYS D 467 5.02 -7.81 -63.13
CA LYS D 467 5.78 -6.64 -63.54
C LYS D 467 5.02 -5.76 -64.51
N LEU D 468 4.05 -6.33 -65.23
CA LEU D 468 3.18 -5.51 -66.05
C LEU D 468 2.38 -4.52 -65.22
N ARG D 469 1.78 -4.99 -64.14
CA ARG D 469 1.08 -4.09 -63.24
C ARG D 469 2.05 -3.13 -62.56
N SER D 470 3.20 -3.65 -62.16
CA SER D 470 4.26 -2.87 -61.53
C SER D 470 4.78 -1.74 -62.40
N LEU D 471 4.83 -1.96 -63.71
CA LEU D 471 5.36 -1.01 -64.68
C LEU D 471 4.30 -0.06 -65.18
N ARG D 472 3.09 -0.55 -65.43
CA ARG D 472 1.98 0.33 -65.76
C ARG D 472 1.61 1.24 -64.60
N ASN D 473 1.87 0.79 -63.37
CA ASN D 473 1.76 1.65 -62.22
C ASN D 473 2.68 2.86 -62.35
N ARG D 474 3.96 2.61 -62.63
CA ARG D 474 4.93 3.67 -62.74
C ARG D 474 4.69 4.53 -63.98
N GLN D 475 4.08 3.96 -65.01
CA GLN D 475 3.63 4.76 -66.14
C GLN D 475 2.49 5.68 -65.77
N SER D 476 1.40 5.12 -65.25
CA SER D 476 0.18 5.87 -64.98
C SER D 476 0.36 6.91 -63.88
N LEU D 477 1.28 6.69 -62.95
CA LEU D 477 1.62 7.70 -61.96
C LEU D 477 2.40 8.84 -62.57
N PHE D 478 2.96 8.66 -63.75
CA PHE D 478 3.64 9.76 -64.41
C PHE D 478 2.71 10.39 -65.43
N GLN D 479 1.42 10.19 -65.24
CA GLN D 479 0.42 11.15 -65.66
C GLN D 479 -0.03 12.01 -64.50
N GLU D 480 0.23 11.58 -63.27
CA GLU D 480 -0.39 12.21 -62.11
C GLU D 480 0.28 13.52 -61.76
N GLU D 481 1.61 13.53 -61.73
CA GLU D 481 2.38 14.76 -61.63
C GLU D 481 2.66 15.37 -62.99
N GLY D 482 1.79 15.10 -63.96
CA GLY D 482 1.93 15.58 -65.30
C GLY D 482 2.98 14.74 -65.98
N MET D 483 4.25 15.07 -65.73
CA MET D 483 5.44 14.28 -66.02
C MET D 483 5.68 14.03 -67.51
N LEU D 484 4.76 14.49 -68.36
CA LEU D 484 4.72 14.23 -69.79
C LEU D 484 4.64 15.52 -70.56
N SER D 485 3.76 16.43 -70.14
CA SER D 485 3.75 17.78 -70.68
C SER D 485 5.04 18.50 -70.32
N LEU D 486 5.65 18.12 -69.20
CA LEU D 486 7.00 18.56 -68.89
C LEU D 486 7.97 18.15 -69.98
N VAL D 487 7.86 16.91 -70.46
CA VAL D 487 8.70 16.44 -71.56
C VAL D 487 8.33 17.16 -72.85
N LEU D 488 7.04 17.46 -73.02
CA LEU D 488 6.59 18.19 -74.20
C LEU D 488 7.19 19.59 -74.23
N ASN D 489 7.24 20.26 -73.09
CA ASN D 489 7.88 21.57 -73.01
C ASN D 489 9.39 21.47 -73.13
N CYS D 490 9.98 20.35 -72.68
CA CYS D 490 11.38 20.08 -72.98
C CYS D 490 11.63 20.02 -74.46
N ILE D 491 10.75 19.37 -75.21
CA ILE D 491 10.91 19.31 -76.66
C ILE D 491 10.57 20.66 -77.28
N ASP D 492 9.66 21.42 -76.63
CA ASP D 492 9.30 22.75 -77.10
C ASP D 492 10.50 23.70 -77.04
N ARG D 493 11.29 23.61 -75.98
CA ARG D 493 12.50 24.40 -75.90
C ARG D 493 13.70 23.71 -76.51
N LEU D 494 13.54 22.46 -76.93
CA LEU D 494 14.51 21.73 -77.72
C LEU D 494 13.96 21.40 -79.10
N ASN D 495 13.20 22.32 -79.69
CA ASN D 495 12.32 21.94 -80.77
C ASN D 495 12.73 22.58 -82.09
N VAL D 496 12.84 23.90 -82.10
CA VAL D 496 13.19 24.62 -83.32
C VAL D 496 14.70 24.71 -83.33
N TYR D 497 15.34 23.64 -83.78
CA TYR D 497 16.79 23.58 -83.88
C TYR D 497 17.12 22.91 -85.21
N THR D 498 17.26 23.71 -86.25
CA THR D 498 17.34 23.22 -87.61
C THR D 498 18.62 22.44 -87.84
N THR D 499 19.75 23.12 -87.81
CA THR D 499 21.02 22.41 -87.82
C THR D 499 21.44 21.99 -86.42
N ALA D 500 21.28 22.92 -85.45
CA ALA D 500 21.76 22.79 -84.08
C ALA D 500 23.22 22.37 -84.04
N ALA D 501 24.01 22.92 -84.96
CA ALA D 501 25.45 22.71 -84.97
C ALA D 501 26.18 24.03 -84.81
N HIS D 502 25.97 24.95 -85.73
CA HIS D 502 26.19 26.37 -85.46
C HIS D 502 24.95 27.00 -84.88
N PHE D 503 23.80 26.35 -85.04
CA PHE D 503 22.58 26.80 -84.42
C PHE D 503 22.48 26.36 -82.97
N ALA D 504 23.27 25.38 -82.55
CA ALA D 504 23.48 25.16 -81.14
C ALA D 504 24.64 26.00 -80.62
N GLU D 505 25.32 26.74 -81.49
CA GLU D 505 26.28 27.75 -81.05
C GLU D 505 25.58 29.09 -80.83
N TYR D 506 24.48 29.05 -80.10
CA TYR D 506 23.94 30.20 -79.41
C TYR D 506 24.01 30.01 -77.91
N ALA D 507 24.24 28.78 -77.46
CA ALA D 507 24.88 28.48 -76.19
C ALA D 507 26.33 28.08 -76.39
N GLY D 508 26.86 28.20 -77.61
CA GLY D 508 28.26 27.94 -77.88
C GLY D 508 28.55 26.52 -78.31
N GLU D 509 29.84 26.21 -78.38
CA GLU D 509 30.30 24.93 -78.85
C GLU D 509 30.19 23.87 -77.75
N GLU D 510 30.52 22.64 -78.14
CA GLU D 510 30.60 21.41 -77.33
C GLU D 510 29.25 20.92 -76.82
N ALA D 511 28.17 21.66 -77.04
CA ALA D 511 26.84 21.19 -76.74
C ALA D 511 26.16 20.61 -77.97
N ALA D 512 26.50 21.11 -79.17
CA ALA D 512 25.99 20.54 -80.41
C ALA D 512 26.44 19.10 -80.59
N GLU D 513 27.64 18.79 -80.11
CA GLU D 513 28.16 17.43 -80.10
C GLU D 513 27.26 16.48 -79.34
N SER D 514 26.93 16.81 -78.11
CA SER D 514 26.07 15.98 -77.27
C SER D 514 24.62 16.04 -77.70
N TRP D 515 24.21 17.14 -78.34
CA TRP D 515 22.81 17.48 -78.55
C TRP D 515 22.06 16.44 -79.36
N LYS D 516 22.69 15.95 -80.44
CA LYS D 516 22.04 14.98 -81.31
C LYS D 516 21.72 13.70 -80.56
N GLU D 517 22.70 13.20 -79.80
CA GLU D 517 22.49 12.09 -78.88
C GLU D 517 21.43 12.41 -77.82
N ILE D 518 21.40 13.65 -77.35
CA ILE D 518 20.41 14.06 -76.36
C ILE D 518 19.00 13.94 -76.92
N VAL D 519 18.84 14.23 -78.22
CA VAL D 519 17.55 14.08 -78.88
C VAL D 519 17.15 12.61 -78.98
N ASN D 520 18.11 11.73 -79.29
CA ASN D 520 17.90 10.29 -79.24
C ASN D 520 17.42 9.85 -77.87
N LEU D 521 18.06 10.37 -76.83
CA LEU D 521 17.66 10.09 -75.46
C LEU D 521 16.25 10.58 -75.17
N LEU D 522 15.90 11.75 -75.70
CA LEU D 522 14.58 12.33 -75.52
C LEU D 522 13.49 11.43 -76.08
N TYR D 523 13.59 11.12 -77.38
CA TYR D 523 12.53 10.33 -77.99
C TYR D 523 12.60 8.88 -77.58
N GLU D 524 13.76 8.43 -77.13
CA GLU D 524 13.91 7.11 -76.54
C GLU D 524 13.11 6.99 -75.26
N LEU D 525 13.34 7.89 -74.30
CA LEU D 525 12.59 7.88 -73.06
C LEU D 525 11.12 8.18 -73.32
N LEU D 526 10.83 8.97 -74.35
CA LEU D 526 9.46 9.24 -74.74
C LEU D 526 8.76 7.98 -75.22
N ALA D 527 9.45 7.15 -76.01
CA ALA D 527 8.91 5.87 -76.40
C ALA D 527 8.75 4.94 -75.21
N SER D 528 9.64 5.05 -74.22
CA SER D 528 9.47 4.32 -72.97
C SER D 528 8.24 4.77 -72.19
N LEU D 529 7.85 6.03 -72.31
CA LEU D 529 6.76 6.62 -71.54
C LEU D 529 5.37 6.06 -71.87
N ILE D 530 5.22 5.33 -72.97
CA ILE D 530 3.92 5.10 -73.58
C ILE D 530 3.47 3.65 -73.44
N ARG D 531 4.41 2.72 -73.55
CA ARG D 531 4.13 1.35 -73.97
C ARG D 531 3.30 0.59 -72.95
N GLY D 532 2.27 -0.12 -73.45
CA GLY D 532 1.34 -0.85 -72.64
C GLY D 532 0.09 -0.05 -72.28
N ASN D 533 0.19 1.27 -72.25
CA ASN D 533 -0.92 2.11 -71.84
C ASN D 533 -1.61 2.72 -73.05
N ARG D 534 -2.93 2.74 -72.97
CA ARG D 534 -3.78 3.45 -73.92
C ARG D 534 -4.05 4.87 -73.48
N ALA D 535 -3.97 5.14 -72.17
CA ALA D 535 -4.25 6.47 -71.65
C ALA D 535 -3.16 7.47 -72.01
N ASN D 536 -1.90 7.01 -72.13
CA ASN D 536 -0.85 7.89 -72.61
C ASN D 536 -1.08 8.32 -74.04
N CYS D 537 -1.59 7.41 -74.87
CA CYS D 537 -1.96 7.75 -76.23
C CYS D 537 -3.17 8.65 -76.26
N ALA D 538 -4.08 8.48 -75.30
CA ALA D 538 -5.30 9.26 -75.23
C ALA D 538 -5.04 10.72 -74.90
N LEU D 539 -4.01 11.00 -74.09
CA LEU D 539 -3.61 12.37 -73.82
C LEU D 539 -3.09 13.09 -75.05
N PHE D 540 -2.54 12.37 -76.02
CA PHE D 540 -1.80 13.00 -77.10
C PHE D 540 -2.56 12.98 -78.41
N SER D 541 -3.88 12.82 -78.35
CA SER D 541 -4.73 13.17 -79.48
C SER D 541 -4.60 14.65 -79.82
N THR D 542 -4.41 15.50 -78.81
CA THR D 542 -4.16 16.91 -79.06
C THR D 542 -2.72 17.14 -79.52
N ASN D 543 -1.76 16.46 -78.89
CA ASN D 543 -0.36 16.64 -79.20
C ASN D 543 0.06 15.89 -80.47
N LEU D 544 -0.89 15.18 -81.10
CA LEU D 544 -0.63 14.36 -82.27
C LEU D 544 -0.08 15.17 -83.43
N ASP D 545 -0.80 16.21 -83.84
CA ASP D 545 -0.34 17.05 -84.94
C ASP D 545 0.90 17.84 -84.57
N TRP D 546 1.16 18.05 -83.28
CA TRP D 546 2.42 18.67 -82.89
C TRP D 546 3.60 17.73 -83.11
N VAL D 547 3.44 16.46 -82.73
CA VAL D 547 4.56 15.52 -82.73
C VAL D 547 4.99 15.19 -84.16
N VAL D 548 4.09 14.63 -84.96
CA VAL D 548 4.53 13.99 -86.18
C VAL D 548 4.76 14.99 -87.30
N SER D 549 4.29 16.23 -87.14
CA SER D 549 4.57 17.24 -88.15
C SER D 549 5.97 17.82 -88.01
N LYS D 550 6.66 17.49 -86.92
CA LYS D 550 8.09 17.82 -86.79
C LYS D 550 8.88 17.12 -87.89
N LEU D 551 8.78 15.78 -87.91
CA LEU D 551 9.38 14.90 -88.92
C LEU D 551 10.90 15.13 -88.98
N ASP D 552 11.52 14.95 -87.82
CA ASP D 552 12.79 15.60 -87.53
C ASP D 552 14.00 14.91 -88.12
N ARG D 553 13.82 13.95 -89.04
CA ARG D 553 14.70 13.57 -90.15
C ARG D 553 16.15 13.25 -89.76
N LEU D 554 16.49 13.21 -88.47
CA LEU D 554 17.81 12.81 -88.01
C LEU D 554 17.71 11.86 -86.84
N GLU D 555 16.59 11.86 -86.14
CA GLU D 555 16.31 10.95 -85.06
C GLU D 555 15.09 10.09 -85.34
N ALA D 556 14.22 10.51 -86.27
CA ALA D 556 12.83 10.10 -86.33
C ALA D 556 12.63 8.61 -86.55
N SER D 557 13.57 7.93 -87.20
CA SER D 557 13.47 6.48 -87.34
C SER D 557 13.68 5.76 -86.03
N SER D 558 14.40 6.37 -85.09
CA SER D 558 14.73 5.67 -83.84
C SER D 558 13.61 5.80 -82.81
N GLY D 559 13.41 7.01 -82.28
CA GLY D 559 12.52 7.15 -81.15
C GLY D 559 11.11 7.45 -81.61
N ILE D 560 11.01 8.33 -82.61
CA ILE D 560 9.71 8.76 -83.09
C ILE D 560 8.97 7.63 -83.78
N LEU D 561 9.64 6.91 -84.68
CA LEU D 561 9.03 5.80 -85.42
C LEU D 561 8.57 4.69 -84.49
N GLU D 562 9.30 4.46 -83.41
CA GLU D 562 8.84 3.54 -82.40
C GLU D 562 7.60 4.07 -81.70
N VAL D 563 7.66 5.31 -81.21
CA VAL D 563 6.58 5.79 -80.35
C VAL D 563 5.31 6.07 -81.16
N LEU D 564 5.42 6.35 -82.46
CA LEU D 564 4.20 6.47 -83.24
C LEU D 564 3.57 5.11 -83.49
N TYR D 565 4.38 4.06 -83.56
CA TYR D 565 3.76 2.74 -83.51
C TYR D 565 3.14 2.48 -82.15
N CYS D 566 3.76 2.99 -81.09
CA CYS D 566 3.24 2.81 -79.74
C CYS D 566 1.90 3.51 -79.56
N VAL D 567 1.63 4.54 -80.37
CA VAL D 567 0.31 5.15 -80.31
C VAL D 567 -0.61 4.65 -81.41
N LEU D 568 -0.09 4.02 -82.46
CA LEU D 568 -0.94 3.34 -83.43
C LEU D 568 -1.19 1.90 -83.08
N ILE D 569 -1.10 1.56 -81.79
CA ILE D 569 -1.38 0.21 -81.34
C ILE D 569 -2.35 0.18 -80.16
N GLU D 570 -2.58 1.30 -79.48
CA GLU D 570 -3.35 1.31 -78.25
C GLU D 570 -4.69 2.03 -78.38
N SER D 571 -4.70 3.26 -78.90
CA SER D 571 -5.93 4.04 -78.94
C SER D 571 -6.40 4.23 -80.37
N PRO D 572 -7.63 3.83 -80.71
CA PRO D 572 -8.14 4.04 -82.07
C PRO D 572 -8.62 5.45 -82.35
N GLU D 573 -8.73 6.29 -81.32
CA GLU D 573 -9.20 7.65 -81.54
C GLU D 573 -8.12 8.51 -82.17
N VAL D 574 -6.85 8.13 -81.99
CA VAL D 574 -5.78 8.74 -82.76
C VAL D 574 -5.89 8.33 -84.23
N LEU D 575 -6.29 7.09 -84.50
CA LEU D 575 -6.57 6.67 -85.86
C LEU D 575 -7.79 7.39 -86.42
N ASN D 576 -8.68 7.81 -85.55
CA ASN D 576 -9.90 8.51 -85.93
C ASN D 576 -9.64 9.96 -86.32
N ILE D 577 -8.51 10.53 -85.93
CA ILE D 577 -8.31 11.97 -86.11
C ILE D 577 -7.20 12.23 -87.11
N ILE D 578 -7.06 11.34 -88.09
CA ILE D 578 -6.12 11.52 -89.20
C ILE D 578 -6.53 12.73 -90.03
N GLN D 579 -5.55 13.30 -90.72
CA GLN D 579 -5.71 14.59 -91.38
C GLN D 579 -5.14 14.58 -92.78
N GLU D 580 -4.44 13.49 -93.15
CA GLU D 580 -3.90 13.12 -94.46
C GLU D 580 -2.67 13.93 -94.84
N ASN D 581 -2.44 15.05 -94.18
CA ASN D 581 -1.17 15.73 -94.31
C ASN D 581 -0.07 15.01 -93.55
N HIS D 582 -0.47 14.24 -92.54
CA HIS D 582 0.47 13.42 -91.80
C HIS D 582 0.87 12.19 -92.60
N ILE D 583 -0.09 11.59 -93.32
CA ILE D 583 0.29 10.42 -94.12
C ILE D 583 1.04 10.87 -95.37
N LYS D 584 0.80 12.09 -95.85
CA LYS D 584 1.69 12.64 -96.86
C LYS D 584 3.11 12.82 -96.31
N SER D 585 3.23 13.18 -95.03
CA SER D 585 4.55 13.23 -94.40
C SER D 585 5.14 11.83 -94.26
N ILE D 586 4.30 10.83 -94.05
CA ILE D 586 4.72 9.44 -94.01
C ILE D 586 5.30 8.99 -95.35
N ILE D 587 4.58 9.30 -96.44
CA ILE D 587 5.03 8.89 -97.76
C ILE D 587 6.30 9.65 -98.16
N SER D 588 6.38 10.92 -97.75
CA SER D 588 7.61 11.67 -98.00
C SER D 588 8.77 11.14 -97.17
N LEU D 589 8.50 10.68 -95.95
CA LEU D 589 9.55 10.10 -95.13
C LEU D 589 10.01 8.77 -95.69
N LEU D 590 9.07 8.00 -96.25
CA LEU D 590 9.41 6.79 -96.99
C LEU D 590 10.28 7.11 -98.19
N ASP D 591 9.96 8.19 -98.90
CA ASP D 591 10.79 8.67 -100.00
C ASP D 591 12.18 9.08 -99.54
N LYS D 592 12.29 9.68 -98.35
CA LYS D 592 13.57 10.15 -97.85
C LYS D 592 14.45 9.04 -97.30
N HIS D 593 13.86 8.02 -96.69
CA HIS D 593 14.65 7.03 -95.98
C HIS D 593 14.45 5.61 -96.45
N GLY D 594 13.24 5.23 -96.84
CA GLY D 594 13.05 4.04 -97.62
C GLY D 594 12.70 2.80 -96.84
N ARG D 595 13.38 1.71 -97.21
CA ARG D 595 12.92 0.37 -96.91
C ARG D 595 13.20 -0.01 -95.46
N ASN D 596 12.13 -0.23 -94.71
CA ASN D 596 12.20 -0.54 -93.29
C ASN D 596 11.08 -1.51 -92.95
N HIS D 597 11.35 -2.32 -91.94
CA HIS D 597 10.32 -3.14 -91.31
C HIS D 597 9.27 -2.27 -90.63
N LYS D 598 9.74 -1.24 -89.93
CA LYS D 598 8.91 -0.53 -88.97
C LYS D 598 7.85 0.32 -89.62
N VAL D 599 8.21 1.08 -90.67
CA VAL D 599 7.23 1.93 -91.34
C VAL D 599 6.16 1.11 -92.03
N LEU D 600 6.47 -0.12 -92.41
CA LEU D 600 5.50 -1.02 -93.02
C LEU D 600 4.63 -1.69 -91.99
N ASP D 601 5.19 -2.03 -90.83
CA ASP D 601 4.38 -2.54 -89.74
C ASP D 601 3.42 -1.47 -89.22
N VAL D 602 3.86 -0.21 -89.24
CA VAL D 602 3.00 0.90 -88.82
C VAL D 602 1.81 1.05 -89.76
N LEU D 603 2.08 1.06 -91.06
CA LEU D 603 0.98 1.18 -92.00
C LEU D 603 0.21 -0.12 -92.14
N CYS D 604 0.76 -1.24 -91.65
CA CYS D 604 -0.04 -2.45 -91.52
C CYS D 604 -1.01 -2.33 -90.35
N SER D 605 -0.56 -1.76 -89.24
CA SER D 605 -1.42 -1.47 -88.10
C SER D 605 -2.37 -0.31 -88.36
N LEU D 606 -2.14 0.45 -89.44
CA LEU D 606 -2.95 1.61 -89.77
C LEU D 606 -4.41 1.30 -90.04
N CYS D 607 -4.71 0.27 -90.84
CA CYS D 607 -6.06 0.11 -91.38
C CYS D 607 -7.05 -0.38 -90.32
N VAL D 608 -6.69 -1.43 -89.60
CA VAL D 608 -7.54 -1.99 -88.54
C VAL D 608 -6.88 -1.70 -87.20
N CYS D 609 -7.70 -1.26 -86.23
CA CYS D 609 -7.23 -1.03 -84.87
C CYS D 609 -7.47 -2.24 -83.99
N ASN D 610 -8.74 -2.59 -83.77
CA ASN D 610 -9.12 -3.74 -82.95
C ASN D 610 -10.42 -4.28 -83.54
N GLY D 611 -10.29 -5.26 -84.42
CA GLY D 611 -11.46 -5.79 -85.08
C GLY D 611 -12.06 -4.85 -86.12
N VAL D 612 -12.66 -3.75 -85.67
CA VAL D 612 -13.21 -2.76 -86.59
C VAL D 612 -12.07 -2.01 -87.28
N ALA D 613 -12.38 -1.54 -88.49
CA ALA D 613 -11.39 -0.86 -89.32
C ALA D 613 -12.04 0.32 -90.02
N VAL D 614 -11.39 1.47 -89.94
CA VAL D 614 -11.88 2.67 -90.61
C VAL D 614 -11.56 2.59 -92.09
N ARG D 615 -12.48 3.07 -92.93
CA ARG D 615 -12.26 3.06 -94.37
C ARG D 615 -11.46 4.27 -94.83
N SER D 616 -11.27 5.26 -93.97
CA SER D 616 -10.64 6.52 -94.37
C SER D 616 -9.18 6.32 -94.74
N ASN D 617 -8.42 5.70 -93.83
CA ASN D 617 -7.02 5.42 -94.13
C ASN D 617 -6.88 4.38 -95.24
N GLN D 618 -7.80 3.41 -95.29
CA GLN D 618 -7.75 2.39 -96.33
C GLN D 618 -7.91 2.99 -97.72
N ASP D 619 -8.88 3.89 -97.88
CA ASP D 619 -9.09 4.54 -99.16
C ASP D 619 -7.97 5.50 -99.52
N LEU D 620 -7.49 6.27 -98.53
CA LEU D 620 -6.42 7.24 -98.79
C LEU D 620 -5.13 6.54 -99.18
N ILE D 621 -4.81 5.43 -98.55
CA ILE D 621 -3.57 4.75 -98.89
C ILE D 621 -3.78 3.84 -100.09
N THR D 622 -5.03 3.52 -100.42
CA THR D 622 -5.31 2.90 -101.70
C THR D 622 -5.01 3.87 -102.83
N GLU D 623 -5.44 5.12 -102.68
CA GLU D 623 -5.19 6.13 -103.70
C GLU D 623 -3.72 6.54 -103.73
N ASN D 624 -3.20 6.98 -102.59
CA ASN D 624 -1.83 7.43 -102.42
C ASN D 624 -0.84 6.30 -102.61
N LEU D 625 -1.27 5.06 -102.50
CA LEU D 625 -0.56 3.95 -103.11
C LEU D 625 -0.68 4.19 -104.59
N LEU D 626 0.37 4.73 -105.17
CA LEU D 626 0.36 5.08 -106.58
C LEU D 626 0.33 3.80 -107.42
N PRO D 627 -0.57 3.69 -108.39
CA PRO D 627 -0.56 2.53 -109.30
C PRO D 627 0.60 2.53 -110.28
N GLY D 628 1.33 3.64 -110.39
CA GLY D 628 2.63 3.60 -111.04
C GLY D 628 3.64 2.78 -110.27
N ARG D 629 3.51 2.74 -108.94
CA ARG D 629 4.13 1.74 -108.05
C ARG D 629 5.67 1.83 -108.07
N GLU D 630 6.18 3.05 -107.92
CA GLU D 630 7.59 3.34 -108.11
C GLU D 630 8.49 2.74 -107.04
N LEU D 631 7.98 2.53 -105.83
CA LEU D 631 8.78 1.98 -104.74
C LEU D 631 8.54 0.49 -104.55
N LEU D 632 7.32 0.05 -104.79
CA LEU D 632 6.89 -1.30 -104.43
C LEU D 632 7.46 -2.32 -105.40
N LEU D 633 7.35 -3.59 -105.03
CA LEU D 633 7.92 -4.69 -105.79
C LEU D 633 6.83 -5.35 -106.65
N GLN D 634 7.14 -5.58 -107.92
CA GLN D 634 6.19 -6.19 -108.84
C GLN D 634 6.86 -7.26 -109.67
N THR D 635 6.25 -8.44 -109.66
CA THR D 635 6.75 -9.56 -110.43
C THR D 635 5.90 -9.74 -111.67
N ASN D 636 6.44 -10.51 -112.60
CA ASN D 636 5.84 -10.64 -113.92
C ASN D 636 6.11 -12.05 -114.44
N LEU D 637 5.05 -12.66 -114.96
CA LEU D 637 5.19 -13.95 -115.64
C LEU D 637 5.95 -13.76 -116.94
N ILE D 638 7.18 -14.25 -116.96
CA ILE D 638 8.12 -14.00 -118.05
C ILE D 638 8.50 -15.35 -118.65
N ASN D 639 8.46 -15.43 -119.97
CA ASN D 639 8.94 -16.63 -120.64
C ASN D 639 10.47 -16.61 -120.69
N TYR D 640 11.05 -17.81 -120.75
CA TYR D 640 12.49 -17.91 -120.85
C TYR D 640 12.97 -17.46 -122.23
N VAL D 641 13.92 -16.53 -122.23
CA VAL D 641 14.46 -15.95 -123.45
C VAL D 641 15.76 -16.67 -123.79
N THR D 642 16.04 -16.77 -125.08
CA THR D 642 17.15 -17.56 -125.60
C THR D 642 17.94 -16.73 -126.60
N SER D 643 19.09 -17.26 -127.01
CA SER D 643 19.91 -16.68 -128.07
C SER D 643 20.89 -17.74 -128.56
N ILE D 644 20.66 -18.24 -129.77
CA ILE D 644 21.54 -19.24 -130.38
C ILE D 644 22.47 -18.53 -131.37
N ARG D 645 23.73 -18.48 -131.03
CA ARG D 645 24.58 -17.99 -132.10
C ARG D 645 24.94 -19.13 -133.04
N PRO D 646 25.27 -18.82 -134.27
CA PRO D 646 26.25 -19.64 -134.99
C PRO D 646 27.65 -19.20 -134.59
N ASN D 647 28.62 -20.05 -134.89
CA ASN D 647 30.02 -19.73 -134.64
C ASN D 647 30.54 -18.77 -135.71
N ILE D 648 30.00 -17.55 -135.67
CA ILE D 648 30.28 -16.53 -136.66
C ILE D 648 30.65 -15.26 -135.93
N PHE D 649 31.80 -14.70 -136.27
CA PHE D 649 32.47 -13.68 -135.47
C PHE D 649 33.04 -12.63 -136.40
N VAL D 650 32.34 -11.51 -136.55
CA VAL D 650 32.72 -10.48 -137.50
C VAL D 650 33.41 -9.36 -136.73
N GLY D 651 34.75 -9.32 -136.80
CA GLY D 651 35.51 -8.22 -136.26
C GLY D 651 36.31 -7.55 -137.35
N ARG D 652 36.26 -6.22 -137.35
CA ARG D 652 36.87 -5.42 -138.40
C ARG D 652 38.07 -4.69 -137.82
N ALA D 653 39.26 -5.07 -138.27
CA ALA D 653 40.49 -4.41 -137.86
C ALA D 653 41.26 -4.00 -139.10
N GLU D 654 42.46 -3.48 -138.90
CA GLU D 654 43.37 -3.19 -140.00
C GLU D 654 43.90 -4.51 -140.54
N GLY D 655 43.28 -5.02 -141.60
CA GLY D 655 43.66 -6.29 -142.16
C GLY D 655 42.46 -7.16 -142.47
N SER D 656 42.38 -8.32 -141.84
CA SER D 656 41.26 -9.22 -142.06
C SER D 656 39.98 -8.66 -141.45
N THR D 657 39.06 -8.26 -142.32
CA THR D 657 37.71 -7.89 -141.94
C THR D 657 36.66 -8.73 -142.63
N GLN D 658 37.07 -9.63 -143.53
CA GLN D 658 36.20 -10.55 -144.28
C GLN D 658 35.11 -9.80 -145.05
N TYR D 659 35.55 -8.88 -145.92
CA TYR D 659 34.78 -8.26 -147.00
C TYR D 659 33.73 -7.25 -146.52
N GLY D 660 33.47 -7.20 -145.22
CA GLY D 660 32.62 -6.20 -144.58
C GLY D 660 31.20 -6.01 -145.07
N LYS D 661 30.70 -6.88 -145.94
CA LYS D 661 29.42 -6.71 -146.60
C LYS D 661 28.72 -8.05 -146.59
N TRP D 662 27.80 -8.23 -145.65
CA TRP D 662 27.26 -9.53 -145.30
C TRP D 662 25.74 -9.52 -145.34
N TYR D 663 25.15 -10.71 -145.19
CA TYR D 663 23.80 -10.93 -145.67
C TYR D 663 23.18 -12.15 -145.01
N PHE D 664 22.01 -11.97 -144.41
CA PHE D 664 21.25 -13.06 -143.80
C PHE D 664 19.95 -13.30 -144.55
N GLU D 665 19.68 -14.58 -144.83
CA GLU D 665 18.35 -15.05 -145.17
C GLU D 665 18.01 -16.20 -144.24
N VAL D 666 16.96 -16.02 -143.42
CA VAL D 666 16.52 -17.02 -142.46
C VAL D 666 15.04 -17.30 -142.70
N MET D 667 14.70 -18.59 -142.80
CA MET D 667 13.34 -19.01 -143.09
C MET D 667 12.51 -19.05 -141.81
N VAL D 668 11.30 -18.48 -141.85
CA VAL D 668 10.42 -18.45 -140.70
C VAL D 668 9.20 -19.27 -141.02
N ASP D 669 9.16 -20.51 -140.54
CA ASP D 669 7.99 -21.37 -140.72
C ASP D 669 7.57 -21.90 -139.36
N GLU D 670 6.82 -21.08 -138.63
CA GLU D 670 6.26 -21.43 -137.33
C GLU D 670 5.00 -20.62 -137.09
N VAL D 671 4.00 -21.27 -136.51
CA VAL D 671 2.80 -20.60 -136.04
C VAL D 671 2.62 -20.99 -134.58
N VAL D 672 3.24 -20.25 -133.67
CA VAL D 672 2.83 -20.22 -132.27
C VAL D 672 2.73 -18.73 -131.93
N PRO D 673 1.63 -18.06 -132.30
CA PRO D 673 1.57 -16.61 -132.10
C PRO D 673 1.37 -16.25 -130.63
N PHE D 674 0.49 -16.97 -129.97
CA PHE D 674 0.27 -16.84 -128.53
C PHE D 674 0.72 -18.12 -127.86
N LEU D 675 1.45 -17.97 -126.77
CA LEU D 675 1.49 -19.03 -125.79
C LEU D 675 0.28 -18.79 -124.89
N THR D 676 -0.04 -19.74 -124.01
CA THR D 676 -1.05 -19.50 -122.99
C THR D 676 -0.63 -18.43 -121.99
N ALA D 677 0.66 -18.11 -121.90
CA ALA D 677 1.14 -16.99 -121.07
C ALA D 677 0.93 -15.66 -121.78
N GLN D 678 1.56 -15.46 -122.93
CA GLN D 678 1.33 -14.26 -123.73
C GLN D 678 1.69 -14.56 -125.18
N ALA D 679 1.82 -13.50 -125.97
CA ALA D 679 2.40 -13.62 -127.29
C ALA D 679 3.86 -14.03 -127.18
N THR D 680 4.24 -15.04 -127.97
CA THR D 680 5.55 -15.64 -127.86
C THR D 680 6.64 -14.69 -128.34
N HIS D 681 7.76 -14.71 -127.63
CA HIS D 681 8.94 -13.93 -128.00
C HIS D 681 9.64 -14.61 -129.16
N LEU D 682 9.97 -13.83 -130.18
CA LEU D 682 10.72 -14.32 -131.33
C LEU D 682 11.36 -13.12 -132.02
N ARG D 683 12.67 -12.98 -131.89
CA ARG D 683 13.37 -11.87 -132.52
C ARG D 683 14.69 -12.37 -133.10
N VAL D 684 15.56 -11.43 -133.49
CA VAL D 684 16.80 -11.74 -134.18
C VAL D 684 17.71 -10.52 -134.07
N GLY D 685 19.03 -10.75 -134.09
CA GLY D 685 19.92 -9.60 -134.20
C GLY D 685 21.41 -9.80 -134.06
N TRP D 686 22.05 -8.91 -133.31
CA TRP D 686 23.50 -8.75 -133.31
C TRP D 686 24.03 -8.43 -131.93
N ALA D 687 25.35 -8.54 -131.81
CA ALA D 687 26.10 -8.09 -130.66
C ALA D 687 27.54 -7.91 -131.08
N LEU D 688 28.32 -7.25 -130.22
CA LEU D 688 29.77 -7.09 -130.43
C LEU D 688 30.50 -7.51 -129.16
N THR D 689 30.68 -8.84 -129.02
CA THR D 689 31.34 -9.53 -127.90
C THR D 689 30.73 -9.26 -126.53
N GLU D 690 29.60 -8.56 -126.47
CA GLU D 690 29.01 -8.08 -125.23
C GLU D 690 27.52 -8.36 -125.27
N GLY D 691 27.16 -9.58 -125.59
CA GLY D 691 25.78 -9.91 -125.82
C GLY D 691 25.17 -10.26 -124.50
N TYR D 692 25.12 -11.56 -124.21
CA TYR D 692 24.85 -12.11 -122.87
C TYR D 692 23.41 -11.83 -122.45
N SER D 693 22.48 -12.13 -123.35
CA SER D 693 21.14 -12.57 -122.99
C SER D 693 21.15 -13.77 -122.05
N PRO D 694 22.21 -14.68 -122.05
CA PRO D 694 22.41 -15.52 -120.86
C PRO D 694 22.70 -14.74 -119.58
N TYR D 695 22.85 -15.48 -118.48
CA TYR D 695 22.30 -15.10 -117.18
C TYR D 695 20.87 -14.66 -117.49
N PRO D 696 19.94 -15.58 -117.93
CA PRO D 696 18.72 -15.13 -118.63
C PRO D 696 17.58 -14.69 -117.71
N GLY D 697 17.92 -13.92 -116.69
CA GLY D 697 16.93 -13.61 -115.67
C GLY D 697 16.33 -12.22 -115.77
N GLY D 698 16.65 -11.39 -114.79
CA GLY D 698 16.01 -10.10 -114.67
C GLY D 698 16.88 -8.97 -115.12
N GLY D 699 16.49 -8.35 -116.23
CA GLY D 699 17.22 -7.22 -116.75
C GLY D 699 16.57 -5.92 -116.34
N GLU D 700 16.83 -4.86 -117.09
CA GLU D 700 16.35 -3.54 -116.70
C GLU D 700 14.86 -3.40 -116.96
N GLY D 701 14.37 -4.06 -118.01
CA GLY D 701 12.94 -4.18 -118.21
C GLY D 701 12.40 -5.34 -117.42
N TRP D 702 11.15 -5.72 -117.68
CA TRP D 702 10.49 -6.82 -116.99
C TRP D 702 11.10 -8.11 -117.50
N GLY D 703 12.28 -8.46 -116.96
CA GLY D 703 13.05 -9.57 -117.45
C GLY D 703 14.18 -9.15 -118.36
N GLY D 704 15.22 -9.97 -118.44
CA GLY D 704 16.34 -9.70 -119.30
C GLY D 704 16.11 -10.26 -120.68
N ASN D 705 15.20 -9.64 -121.43
CA ASN D 705 14.75 -10.21 -122.69
C ASN D 705 15.81 -10.02 -123.78
N GLY D 706 15.73 -10.89 -124.80
CA GLY D 706 16.89 -11.24 -125.59
C GLY D 706 17.62 -10.21 -126.44
N VAL D 707 17.07 -9.80 -127.58
CA VAL D 707 17.83 -8.96 -128.51
C VAL D 707 17.03 -7.68 -128.75
N GLY D 708 17.75 -6.57 -128.81
CA GLY D 708 17.09 -5.29 -128.90
C GLY D 708 16.56 -4.76 -127.61
N ASP D 709 17.20 -5.12 -126.52
CA ASP D 709 16.77 -4.71 -125.20
C ASP D 709 17.90 -4.12 -124.40
N ASP D 710 18.99 -3.74 -125.07
CA ASP D 710 20.05 -2.90 -124.55
C ASP D 710 20.68 -2.15 -125.72
N LEU D 711 21.85 -1.55 -125.48
CA LEU D 711 22.62 -0.91 -126.54
C LEU D 711 23.48 -1.91 -127.30
N TYR D 712 23.56 -3.15 -126.82
CA TYR D 712 24.41 -4.16 -127.41
C TYR D 712 23.67 -5.10 -128.34
N SER D 713 22.36 -4.97 -128.44
CA SER D 713 21.58 -5.92 -129.20
C SER D 713 20.48 -5.17 -129.93
N TYR D 714 20.02 -5.75 -131.03
CA TYR D 714 19.16 -5.08 -131.99
C TYR D 714 18.13 -6.06 -132.53
N GLY D 715 16.89 -5.95 -132.06
CA GLY D 715 15.88 -6.98 -132.27
C GLY D 715 14.77 -6.49 -133.17
N PHE D 716 13.88 -7.42 -133.50
CA PHE D 716 12.76 -7.12 -134.39
C PHE D 716 11.70 -8.21 -134.27
N ASP D 717 10.44 -7.79 -134.23
CA ASP D 717 9.33 -8.73 -134.15
C ASP D 717 8.12 -8.25 -134.95
N GLY D 718 8.36 -7.61 -136.09
CA GLY D 718 7.32 -7.40 -137.09
C GLY D 718 6.98 -5.96 -137.40
N LEU D 719 6.75 -5.13 -136.39
CA LEU D 719 6.73 -3.69 -136.64
C LEU D 719 7.36 -3.00 -135.41
N HIS D 720 8.68 -2.95 -135.39
CA HIS D 720 9.40 -2.41 -134.24
C HIS D 720 10.80 -2.00 -134.66
N LEU D 721 11.48 -1.32 -133.75
CA LEU D 721 12.91 -1.01 -133.88
C LEU D 721 13.53 -1.22 -132.50
N TRP D 722 13.91 -2.45 -132.20
CA TRP D 722 14.33 -2.79 -130.84
C TRP D 722 15.80 -2.50 -130.60
N THR D 723 16.08 -1.65 -129.62
CA THR D 723 17.34 -1.60 -128.89
C THR D 723 17.09 -0.84 -127.59
N GLY D 724 17.35 -1.51 -126.47
CA GLY D 724 17.01 -0.91 -125.20
C GLY D 724 15.51 -0.87 -124.96
N HIS D 725 14.81 -1.95 -125.32
CA HIS D 725 13.36 -2.10 -125.18
C HIS D 725 12.59 -1.00 -125.90
N VAL D 726 13.04 -0.65 -127.10
CA VAL D 726 12.40 0.42 -127.87
C VAL D 726 11.46 -0.21 -128.89
N ALA D 727 10.18 0.12 -128.78
CA ALA D 727 9.14 -0.52 -129.56
C ALA D 727 8.62 0.38 -130.67
N ARG D 728 9.49 1.24 -131.19
CA ARG D 728 8.89 2.11 -132.20
C ARG D 728 8.84 1.40 -133.55
N PRO D 729 7.69 1.44 -134.22
CA PRO D 729 7.49 0.62 -135.43
C PRO D 729 8.19 1.23 -136.64
N VAL D 730 7.94 0.60 -137.79
CA VAL D 730 8.62 0.95 -139.04
C VAL D 730 7.60 1.41 -140.08
N THR D 731 8.10 1.81 -141.26
CA THR D 731 7.28 2.12 -142.42
C THR D 731 7.66 1.12 -143.51
N SER D 732 7.01 -0.05 -143.48
CA SER D 732 7.32 -1.12 -144.41
C SER D 732 6.06 -1.54 -145.15
N PRO D 733 6.20 -2.05 -146.38
CA PRO D 733 5.04 -2.63 -147.07
C PRO D 733 4.57 -3.90 -146.38
N GLY D 734 3.26 -3.99 -146.18
CA GLY D 734 2.71 -5.09 -145.41
C GLY D 734 3.06 -4.94 -143.95
N GLN D 735 2.71 -3.80 -143.37
CA GLN D 735 3.10 -3.48 -142.00
C GLN D 735 2.25 -4.29 -141.04
N HIS D 736 2.73 -5.47 -140.69
CA HIS D 736 2.10 -6.33 -139.72
C HIS D 736 3.21 -7.02 -138.96
N LEU D 737 2.87 -8.08 -138.23
CA LEU D 737 3.86 -8.72 -137.39
C LEU D 737 4.66 -9.73 -138.20
N LEU D 738 5.50 -10.52 -137.53
CA LEU D 738 6.26 -11.55 -138.23
C LEU D 738 5.33 -12.70 -138.56
N ALA D 739 4.85 -12.70 -139.79
CA ALA D 739 4.08 -13.82 -140.30
C ALA D 739 4.98 -15.04 -140.50
N PRO D 740 4.42 -16.24 -140.55
CA PRO D 740 5.18 -17.37 -141.07
C PRO D 740 5.39 -17.23 -142.58
N GLU D 741 6.29 -18.07 -143.08
CA GLU D 741 6.78 -18.02 -144.48
C GLU D 741 7.37 -16.66 -144.80
N ASP D 742 8.26 -16.19 -143.93
CA ASP D 742 8.97 -14.95 -144.17
C ASP D 742 10.48 -15.18 -144.13
N VAL D 743 11.19 -14.38 -144.92
CA VAL D 743 12.64 -14.36 -144.97
C VAL D 743 13.10 -12.93 -144.76
N VAL D 744 13.87 -12.70 -143.71
CA VAL D 744 14.40 -11.38 -143.39
C VAL D 744 15.85 -11.32 -143.85
N SER D 745 16.07 -10.62 -144.95
CA SER D 745 17.40 -10.32 -145.45
C SER D 745 17.99 -9.26 -144.53
N CYS D 746 18.94 -9.67 -143.71
CA CYS D 746 19.66 -8.76 -142.82
C CYS D 746 20.95 -8.37 -143.51
N CYS D 747 21.01 -7.13 -143.99
CA CYS D 747 22.17 -6.65 -144.73
C CYS D 747 23.09 -5.87 -143.80
N LEU D 748 24.38 -6.19 -143.88
CA LEU D 748 25.42 -5.59 -143.06
C LEU D 748 26.46 -4.96 -143.97
N ASP D 749 26.83 -3.72 -143.66
CA ASP D 749 27.95 -3.05 -144.31
C ASP D 749 28.85 -2.48 -143.23
N LEU D 750 30.15 -2.49 -143.48
CA LEU D 750 31.12 -1.99 -142.51
C LEU D 750 31.89 -0.78 -143.01
N SER D 751 31.51 -0.23 -144.16
CA SER D 751 32.17 0.98 -144.65
C SER D 751 31.74 2.19 -143.83
N VAL D 752 30.45 2.29 -143.54
CA VAL D 752 29.91 3.44 -142.81
C VAL D 752 30.24 3.31 -141.31
N PRO D 753 29.92 2.21 -140.59
CA PRO D 753 29.21 0.94 -140.79
C PRO D 753 27.70 1.11 -140.68
N SER D 754 26.94 0.21 -141.29
CA SER D 754 25.50 0.33 -141.39
C SER D 754 24.86 -1.04 -141.28
N ILE D 755 23.69 -1.07 -140.66
CA ILE D 755 22.88 -2.28 -140.58
C ILE D 755 21.50 -1.95 -141.12
N SER D 756 21.07 -2.66 -142.15
CA SER D 756 19.74 -2.48 -142.69
C SER D 756 19.05 -3.83 -142.73
N PHE D 757 17.72 -3.80 -142.59
CA PHE D 757 16.93 -5.00 -142.67
C PHE D 757 15.95 -4.85 -143.82
N ARG D 758 15.57 -5.99 -144.39
CA ARG D 758 14.62 -5.99 -145.50
C ARG D 758 13.97 -7.36 -145.56
N ILE D 759 12.68 -7.43 -145.33
CA ILE D 759 11.90 -8.64 -145.55
C ILE D 759 11.62 -8.64 -147.05
N ASN D 760 11.05 -9.72 -147.57
CA ASN D 760 11.11 -10.21 -148.94
C ASN D 760 11.05 -9.15 -150.04
N GLY D 761 9.92 -8.46 -150.19
CA GLY D 761 10.01 -7.20 -150.90
C GLY D 761 10.42 -6.08 -149.96
N CYS D 762 9.46 -5.65 -149.12
CA CYS D 762 9.50 -4.94 -147.83
C CYS D 762 10.75 -4.09 -147.58
N PRO D 763 10.97 -2.99 -148.32
CA PRO D 763 12.13 -2.15 -148.04
C PRO D 763 11.99 -1.41 -146.72
N VAL D 764 12.35 -2.11 -145.64
CA VAL D 764 12.16 -1.61 -144.29
C VAL D 764 13.02 -0.36 -144.07
N GLN D 765 12.34 0.75 -143.76
CA GLN D 765 13.01 2.03 -143.55
C GLN D 765 13.60 2.10 -142.13
N GLY D 766 14.67 1.34 -141.92
CA GLY D 766 15.41 1.43 -140.68
C GLY D 766 16.89 1.18 -140.91
N VAL D 767 17.71 2.19 -140.61
CA VAL D 767 19.15 2.14 -140.88
C VAL D 767 19.87 2.48 -139.59
N PHE D 768 20.78 1.62 -139.17
CA PHE D 768 21.47 1.77 -137.91
C PHE D 768 22.96 1.92 -138.15
N GLU D 769 23.48 3.10 -137.88
CA GLU D 769 24.84 3.51 -138.18
C GLU D 769 25.42 4.17 -136.94
N ALA D 770 26.64 4.72 -137.10
CA ALA D 770 27.36 5.48 -136.07
C ALA D 770 27.59 4.67 -134.80
N PHE D 771 28.12 3.46 -134.98
CA PHE D 771 28.36 2.56 -133.88
C PHE D 771 29.79 2.02 -133.97
N ASN D 772 30.42 1.83 -132.81
CA ASN D 772 31.80 1.37 -132.76
C ASN D 772 31.89 -0.10 -133.19
N LEU D 773 32.99 -0.41 -133.88
CA LEU D 773 33.25 -1.72 -134.47
C LEU D 773 34.20 -2.51 -133.60
N ASP D 774 34.04 -2.35 -132.28
CA ASP D 774 35.01 -2.86 -131.31
C ASP D 774 34.71 -4.34 -131.01
N GLY D 775 35.14 -5.20 -131.93
CA GLY D 775 35.09 -6.62 -131.64
C GLY D 775 34.42 -7.52 -132.65
N LEU D 776 34.51 -8.83 -132.40
CA LEU D 776 33.83 -9.82 -133.20
C LEU D 776 32.32 -9.73 -132.99
N PHE D 777 31.57 -10.29 -133.93
CA PHE D 777 30.12 -10.20 -133.89
C PHE D 777 29.48 -11.55 -133.66
N PHE D 778 28.15 -11.55 -133.77
CA PHE D 778 27.28 -12.66 -133.46
C PHE D 778 26.00 -12.57 -134.28
N PRO D 779 25.62 -13.63 -134.97
CA PRO D 779 24.23 -13.73 -135.44
C PRO D 779 23.36 -14.17 -134.27
N VAL D 780 22.62 -13.22 -133.72
CA VAL D 780 21.80 -13.45 -132.54
C VAL D 780 20.38 -13.68 -133.00
N VAL D 781 19.75 -14.73 -132.49
CA VAL D 781 18.33 -14.96 -132.69
C VAL D 781 17.69 -15.22 -131.32
N SER D 782 16.81 -14.32 -130.90
CA SER D 782 16.17 -14.45 -129.60
C SER D 782 14.74 -14.92 -129.77
N PHE D 783 14.33 -15.83 -128.90
CA PHE D 783 13.04 -16.47 -129.10
C PHE D 783 12.58 -17.10 -127.80
N SER D 784 11.28 -17.11 -127.60
CA SER D 784 10.66 -18.01 -126.66
C SER D 784 10.41 -19.34 -127.38
N ALA D 785 9.87 -20.33 -126.68
CA ALA D 785 9.80 -21.68 -127.21
C ALA D 785 8.68 -21.83 -128.24
N GLY D 786 8.53 -23.06 -128.73
CA GLY D 786 7.56 -23.35 -129.76
C GLY D 786 8.03 -23.06 -131.17
N VAL D 787 9.26 -22.61 -131.32
CA VAL D 787 9.76 -22.11 -132.60
C VAL D 787 10.85 -23.04 -133.09
N LYS D 788 10.53 -23.86 -134.09
CA LYS D 788 11.49 -24.68 -134.80
C LYS D 788 11.82 -23.99 -136.12
N VAL D 789 13.08 -23.59 -136.29
CA VAL D 789 13.48 -22.69 -137.36
C VAL D 789 14.49 -23.40 -138.25
N ARG D 790 14.64 -22.91 -139.48
CA ARG D 790 15.65 -23.39 -140.41
C ARG D 790 16.44 -22.21 -140.95
N PHE D 791 17.74 -22.42 -141.13
CA PHE D 791 18.60 -21.41 -141.72
C PHE D 791 18.96 -21.80 -143.15
N LEU D 792 19.86 -21.03 -143.75
CA LEU D 792 20.44 -21.35 -145.04
C LEU D 792 21.94 -21.11 -144.93
N LEU D 793 22.73 -22.13 -145.27
CA LEU D 793 24.17 -22.06 -145.04
C LEU D 793 24.88 -21.04 -145.92
N GLY D 794 24.28 -20.65 -147.04
CA GLY D 794 25.00 -19.85 -148.00
C GLY D 794 25.89 -20.72 -148.86
N GLY D 795 26.91 -21.32 -148.25
CA GLY D 795 27.77 -22.24 -148.94
C GLY D 795 27.09 -23.52 -149.40
N ARG D 796 26.73 -24.40 -148.46
CA ARG D 796 26.23 -25.71 -148.85
C ARG D 796 24.71 -25.75 -148.94
N HIS D 797 24.03 -25.56 -147.81
CA HIS D 797 22.58 -25.63 -147.76
C HIS D 797 21.94 -24.25 -147.79
N GLY D 798 22.55 -23.31 -148.50
CA GLY D 798 21.88 -22.08 -148.77
C GLY D 798 21.05 -22.20 -150.02
N GLU D 799 19.77 -22.49 -149.84
CA GLU D 799 18.81 -22.54 -150.94
C GLU D 799 18.06 -21.22 -150.94
N PHE D 800 18.70 -20.20 -151.50
CA PHE D 800 18.22 -18.83 -151.37
C PHE D 800 16.97 -18.62 -152.22
N LYS D 801 15.86 -18.31 -151.57
CA LYS D 801 14.64 -17.95 -152.27
C LYS D 801 14.69 -16.54 -152.82
N PHE D 802 15.64 -15.73 -152.36
CA PHE D 802 15.80 -14.37 -152.84
C PHE D 802 17.27 -14.09 -153.08
N LEU D 803 17.54 -12.92 -153.44
CA LEU D 803 18.89 -12.61 -153.86
C LEU D 803 19.52 -11.60 -152.92
N PRO D 804 20.85 -11.60 -152.84
CA PRO D 804 21.53 -10.53 -152.12
C PRO D 804 21.44 -9.22 -152.87
N PRO D 805 21.66 -8.10 -152.18
CA PRO D 805 22.04 -6.85 -152.86
C PRO D 805 23.43 -6.99 -153.45
N PRO D 806 23.89 -6.01 -154.31
CA PRO D 806 25.19 -6.17 -154.98
C PRO D 806 26.39 -6.38 -154.07
N GLY D 807 26.92 -7.60 -154.16
CA GLY D 807 28.10 -8.04 -153.46
C GLY D 807 27.95 -8.18 -151.96
N TYR D 808 27.17 -9.17 -151.50
CA TYR D 808 27.07 -9.44 -150.05
C TYR D 808 27.22 -10.93 -149.74
N ALA D 809 28.48 -11.43 -149.79
CA ALA D 809 29.12 -12.49 -149.01
C ALA D 809 28.22 -13.60 -148.45
N PRO D 810 27.69 -14.52 -149.25
CA PRO D 810 26.92 -15.64 -148.69
C PRO D 810 27.77 -16.74 -148.02
N CYS D 811 28.64 -16.31 -147.10
CA CYS D 811 29.34 -17.16 -146.12
C CYS D 811 30.26 -18.18 -146.80
N HIS D 812 31.20 -17.65 -147.58
CA HIS D 812 32.15 -18.49 -148.30
C HIS D 812 33.61 -18.21 -148.01
N GLU D 813 34.05 -16.95 -148.18
CA GLU D 813 35.47 -16.63 -148.31
C GLU D 813 36.26 -16.91 -147.03
N ALA D 814 35.75 -16.44 -145.89
CA ALA D 814 36.42 -16.61 -144.61
C ALA D 814 35.36 -17.03 -143.59
N VAL D 815 35.22 -18.34 -143.38
CA VAL D 815 34.32 -18.88 -142.37
C VAL D 815 34.82 -20.24 -141.92
N LEU D 816 34.86 -20.45 -140.58
CA LEU D 816 35.36 -21.63 -139.88
C LEU D 816 36.79 -21.98 -140.30
N PRO D 817 37.80 -21.21 -139.88
CA PRO D 817 39.15 -21.38 -140.47
C PRO D 817 39.87 -22.64 -140.04
N ARG D 818 39.91 -22.96 -138.75
CA ARG D 818 40.52 -24.20 -138.29
C ARG D 818 39.51 -25.16 -137.72
N GLU D 819 38.22 -24.93 -137.93
CA GLU D 819 37.16 -25.76 -137.36
C GLU D 819 36.05 -25.88 -138.39
N ARG D 820 34.90 -26.40 -137.95
CA ARG D 820 33.73 -26.61 -138.78
C ARG D 820 32.66 -25.58 -138.44
N LEU D 821 31.46 -25.80 -138.98
CA LEU D 821 30.33 -24.91 -138.76
C LEU D 821 29.44 -25.45 -137.65
N ARG D 822 29.07 -24.58 -136.72
CA ARG D 822 28.29 -24.94 -135.55
C ARG D 822 27.33 -23.82 -135.18
N LEU D 823 26.17 -24.20 -134.68
CA LEU D 823 25.30 -23.31 -133.94
C LEU D 823 25.57 -23.51 -132.45
N GLU D 824 25.43 -22.44 -131.68
CA GLU D 824 25.81 -22.56 -130.28
C GLU D 824 24.98 -21.62 -129.42
N PRO D 825 24.76 -21.97 -128.16
CA PRO D 825 24.34 -20.96 -127.19
C PRO D 825 25.48 -20.00 -126.94
N ILE D 826 25.17 -18.71 -126.88
CA ILE D 826 26.18 -17.67 -126.74
C ILE D 826 26.75 -17.74 -125.32
N LYS D 827 27.95 -18.33 -125.21
CA LYS D 827 28.74 -18.41 -123.98
C LYS D 827 27.98 -19.05 -122.83
N GLU D 828 27.63 -20.31 -123.01
CA GLU D 828 26.88 -20.99 -121.96
C GLU D 828 27.79 -21.32 -120.79
N TYR D 829 27.17 -21.45 -119.61
CA TYR D 829 27.86 -21.87 -118.41
C TYR D 829 27.53 -23.31 -118.05
N ARG D 830 26.33 -23.76 -118.37
CA ARG D 830 25.90 -25.13 -118.20
C ARG D 830 25.66 -25.72 -119.58
N ARG D 831 25.90 -27.02 -119.71
CA ARG D 831 25.40 -27.75 -120.85
C ARG D 831 24.77 -29.03 -120.34
N GLU D 832 24.00 -29.68 -121.20
CA GLU D 832 23.45 -30.98 -120.86
C GLU D 832 24.51 -32.06 -121.08
N GLY D 833 24.31 -33.19 -120.42
CA GLY D 833 25.17 -34.32 -120.58
C GLY D 833 24.33 -35.57 -120.66
N PRO D 834 24.93 -36.68 -121.10
CA PRO D 834 24.23 -37.96 -121.00
C PRO D 834 23.99 -38.36 -119.57
N ARG D 835 24.95 -38.07 -118.70
CA ARG D 835 24.82 -38.18 -117.27
C ARG D 835 25.72 -37.14 -116.66
N GLY D 836 25.21 -36.38 -115.70
CA GLY D 836 25.99 -35.28 -115.17
C GLY D 836 26.12 -34.16 -116.17
N PRO D 837 25.05 -33.39 -116.36
CA PRO D 837 25.09 -32.28 -117.32
C PRO D 837 26.16 -31.26 -116.99
N HIS D 838 27.01 -31.01 -117.97
CA HIS D 838 28.29 -30.39 -117.67
C HIS D 838 28.15 -28.90 -117.53
N LEU D 839 28.83 -28.39 -116.52
CA LEU D 839 29.13 -26.98 -116.44
C LEU D 839 30.34 -26.71 -117.31
N VAL D 840 30.50 -25.45 -117.67
CA VAL D 840 31.61 -25.01 -118.51
C VAL D 840 31.97 -23.59 -118.11
N GLY D 841 33.27 -23.33 -117.96
CA GLY D 841 33.76 -22.01 -117.69
C GLY D 841 33.60 -21.03 -118.83
N PRO D 842 34.28 -19.89 -118.74
CA PRO D 842 34.17 -18.89 -119.80
C PRO D 842 34.85 -19.34 -121.08
N SER D 843 34.50 -18.68 -122.18
CA SER D 843 35.09 -18.99 -123.48
C SER D 843 36.25 -18.05 -123.74
N ARG D 844 37.36 -18.59 -124.25
CA ARG D 844 38.51 -17.78 -124.61
C ARG D 844 38.16 -16.98 -125.85
N CYS D 845 37.77 -15.72 -125.65
CA CYS D 845 37.44 -14.85 -126.76
C CYS D 845 38.71 -14.47 -127.50
N LEU D 846 38.97 -15.14 -128.62
CA LEU D 846 40.22 -14.97 -129.36
C LEU D 846 40.04 -13.85 -130.37
N SER D 847 40.75 -12.74 -130.13
CA SER D 847 40.91 -11.62 -131.07
C SER D 847 39.55 -10.98 -131.43
N HIS D 848 38.94 -10.39 -130.40
CA HIS D 848 37.76 -9.54 -130.64
C HIS D 848 38.14 -8.35 -131.50
N THR D 849 38.96 -7.46 -130.97
CA THR D 849 39.71 -6.53 -131.79
C THR D 849 40.97 -7.23 -132.30
N ASP D 850 41.54 -6.67 -133.35
CA ASP D 850 42.71 -7.22 -134.05
C ASP D 850 42.47 -8.66 -134.52
N PHE D 851 41.50 -8.82 -135.41
CA PHE D 851 41.20 -10.10 -136.04
C PHE D 851 42.01 -10.30 -137.32
N VAL D 852 43.17 -9.67 -137.42
CA VAL D 852 43.98 -9.65 -138.62
C VAL D 852 45.29 -10.39 -138.35
N PRO D 853 45.94 -10.93 -139.37
CA PRO D 853 47.35 -11.31 -139.22
C PRO D 853 48.24 -10.08 -139.35
N CYS D 854 49.51 -10.25 -138.98
CA CYS D 854 50.44 -9.13 -139.00
C CYS D 854 51.85 -9.62 -139.29
N PRO D 855 52.48 -9.15 -140.36
CA PRO D 855 53.89 -9.49 -140.60
C PRO D 855 54.78 -8.78 -139.59
N VAL D 856 55.70 -9.55 -139.04
CA VAL D 856 56.76 -8.98 -138.21
C VAL D 856 57.71 -8.26 -139.16
N ASP D 857 57.56 -6.94 -139.25
CA ASP D 857 58.27 -6.16 -140.25
C ASP D 857 59.75 -5.98 -139.91
N ILE D 861 66.75 -5.90 -143.25
CA ILE D 861 67.65 -4.77 -143.08
C ILE D 861 68.86 -4.88 -144.00
N VAL D 862 69.92 -5.53 -143.52
CA VAL D 862 71.18 -5.60 -144.23
C VAL D 862 71.53 -7.07 -144.45
N LEU D 863 72.74 -7.33 -144.97
CA LEU D 863 73.20 -8.71 -145.04
C LEU D 863 74.72 -8.78 -144.94
N PRO D 864 75.24 -9.56 -143.99
CA PRO D 864 76.69 -9.79 -143.94
C PRO D 864 77.16 -10.60 -145.15
N PRO D 865 78.43 -10.46 -145.53
CA PRO D 865 78.86 -11.04 -146.83
C PRO D 865 78.91 -12.57 -146.85
N HIS D 866 79.22 -13.22 -145.72
CA HIS D 866 79.21 -14.69 -145.73
C HIS D 866 77.80 -15.25 -145.86
N LEU D 867 76.79 -14.47 -145.47
CA LEU D 867 75.41 -14.85 -145.74
C LEU D 867 74.91 -14.35 -147.07
N GLU D 868 75.53 -13.31 -147.64
CA GLU D 868 75.32 -12.98 -149.04
C GLU D 868 75.77 -14.12 -149.94
N ARG D 869 76.86 -14.79 -149.54
CA ARG D 869 77.34 -15.96 -150.27
C ARG D 869 76.34 -17.11 -150.17
N ILE D 870 75.65 -17.25 -149.04
CA ILE D 870 74.74 -18.37 -148.88
C ILE D 870 73.33 -18.01 -149.31
N ARG D 871 73.06 -16.73 -149.59
CA ARG D 871 71.83 -16.33 -150.25
C ARG D 871 71.69 -16.96 -151.62
N GLU D 872 72.77 -16.95 -152.40
CA GLU D 872 72.76 -17.55 -153.73
C GLU D 872 72.61 -19.05 -153.64
N LYS D 873 73.27 -19.69 -152.68
CA LYS D 873 73.19 -21.13 -152.53
C LYS D 873 71.84 -21.57 -151.95
N LEU D 874 71.20 -20.73 -151.15
CA LEU D 874 69.84 -21.03 -150.70
C LEU D 874 68.85 -20.85 -151.84
N ALA D 875 69.04 -19.83 -152.67
CA ALA D 875 68.24 -19.70 -153.88
C ALA D 875 68.49 -20.83 -154.85
N GLU D 876 69.68 -21.43 -154.82
CA GLU D 876 69.91 -22.68 -155.55
C GLU D 876 69.09 -23.81 -154.97
N ASN D 877 69.26 -24.10 -153.68
CA ASN D 877 68.79 -25.40 -153.19
C ASN D 877 67.30 -25.39 -152.91
N ILE D 878 66.71 -24.22 -152.61
CA ILE D 878 65.26 -24.10 -152.57
C ILE D 878 64.68 -24.31 -153.96
N HIS D 879 65.36 -23.80 -154.99
CA HIS D 879 64.94 -24.08 -156.35
C HIS D 879 65.14 -25.55 -156.72
N GLU D 880 66.16 -26.19 -156.14
CA GLU D 880 66.40 -27.62 -156.32
C GLU D 880 65.23 -28.42 -155.78
N LEU D 881 64.79 -28.10 -154.57
CA LEU D 881 63.68 -28.84 -153.96
C LEU D 881 62.34 -28.45 -154.58
N TRP D 882 62.22 -27.22 -155.08
CA TRP D 882 61.01 -26.83 -155.78
C TRP D 882 60.92 -27.48 -157.15
N ALA D 883 62.05 -27.71 -157.81
CA ALA D 883 62.11 -28.51 -159.02
C ALA D 883 61.87 -29.99 -158.73
N LEU D 884 62.35 -30.48 -157.59
CA LEU D 884 62.06 -31.85 -157.17
C LEU D 884 60.58 -32.06 -156.90
N THR D 885 59.91 -31.05 -156.34
CA THR D 885 58.47 -31.05 -156.17
C THR D 885 57.75 -31.21 -157.51
N ARG D 886 58.26 -30.58 -158.56
CA ARG D 886 57.65 -30.69 -159.88
C ARG D 886 57.94 -32.04 -160.51
N ILE D 887 59.19 -32.51 -160.42
CA ILE D 887 59.57 -33.72 -161.14
C ILE D 887 59.00 -34.97 -160.47
N GLU D 888 58.86 -34.96 -159.14
CA GLU D 888 58.16 -36.04 -158.46
C GLU D 888 56.67 -36.06 -158.74
N GLN D 889 56.10 -34.95 -159.20
CA GLN D 889 54.74 -34.93 -159.71
C GLN D 889 54.70 -35.19 -161.21
N GLY D 890 55.85 -35.21 -161.87
CA GLY D 890 55.91 -35.56 -163.28
C GLY D 890 55.96 -34.38 -164.23
N TRP D 891 56.19 -33.17 -163.71
CA TRP D 891 56.35 -31.97 -164.53
C TRP D 891 57.70 -32.07 -165.24
N THR D 892 57.69 -32.42 -166.52
CA THR D 892 58.89 -32.45 -167.34
C THR D 892 59.27 -31.01 -167.74
N TYR D 893 60.48 -30.85 -168.26
CA TYR D 893 60.93 -29.54 -168.71
C TYR D 893 60.24 -29.16 -170.00
N GLY D 894 59.78 -27.91 -170.06
CA GLY D 894 59.21 -27.35 -171.25
C GLY D 894 59.04 -25.86 -171.10
N PRO D 895 59.51 -25.09 -172.08
CA PRO D 895 59.60 -23.63 -171.90
C PRO D 895 58.25 -22.93 -171.87
N VAL D 896 57.18 -23.59 -172.28
CA VAL D 896 55.82 -23.09 -172.10
C VAL D 896 55.32 -23.60 -170.76
N ARG D 897 55.03 -22.68 -169.84
CA ARG D 897 54.49 -23.07 -168.55
C ARG D 897 53.04 -23.47 -168.73
N ASP D 898 52.79 -24.77 -168.85
CA ASP D 898 51.43 -25.26 -169.02
C ASP D 898 51.19 -26.30 -167.93
N ASP D 899 49.93 -26.41 -167.53
CA ASP D 899 49.60 -27.27 -166.40
C ASP D 899 49.21 -28.68 -166.86
N ASN D 900 48.53 -28.78 -168.01
CA ASN D 900 48.11 -30.09 -168.50
C ASN D 900 49.22 -30.79 -169.28
N LYS D 901 50.11 -30.03 -169.92
CA LYS D 901 51.23 -30.62 -170.63
C LYS D 901 52.33 -31.11 -169.70
N ARG D 902 52.30 -30.70 -168.43
CA ARG D 902 53.36 -30.91 -167.45
C ARG D 902 54.70 -30.41 -167.98
N LEU D 903 54.71 -29.14 -168.40
CA LEU D 903 55.92 -28.52 -168.92
C LEU D 903 56.27 -27.32 -168.06
N HIS D 904 57.49 -27.32 -167.54
CA HIS D 904 57.93 -26.32 -166.57
C HIS D 904 59.18 -25.62 -167.09
N PRO D 905 59.13 -24.32 -167.36
CA PRO D 905 60.25 -23.64 -168.01
C PRO D 905 61.46 -23.40 -167.11
N CYS D 906 61.33 -23.53 -165.80
CA CYS D 906 62.42 -23.26 -164.89
C CYS D 906 63.01 -24.55 -164.31
N LEU D 907 62.99 -25.64 -165.07
CA LEU D 907 63.74 -26.84 -164.71
C LEU D 907 65.13 -26.77 -165.33
N VAL D 908 65.87 -25.76 -164.88
CA VAL D 908 67.15 -25.36 -165.45
C VAL D 908 68.17 -25.30 -164.33
N ASN D 909 69.42 -25.09 -164.71
CA ASN D 909 70.48 -24.81 -163.75
C ASN D 909 70.27 -23.43 -163.13
N PHE D 910 71.01 -23.16 -162.04
CA PHE D 910 70.94 -21.87 -161.38
C PHE D 910 71.49 -20.76 -162.28
N HIS D 911 72.55 -21.06 -163.03
CA HIS D 911 73.03 -20.12 -164.01
C HIS D 911 72.33 -20.28 -165.35
N SER D 912 71.46 -21.28 -165.49
CA SER D 912 70.56 -21.37 -166.62
C SER D 912 69.16 -20.86 -166.28
N LEU D 913 69.00 -20.23 -165.11
CA LEU D 913 67.70 -19.69 -164.72
C LEU D 913 67.30 -18.51 -165.60
N PRO D 914 66.01 -18.34 -165.87
CA PRO D 914 65.54 -17.12 -166.51
C PRO D 914 65.76 -15.91 -165.61
N GLU D 915 65.75 -14.74 -166.23
CA GLU D 915 65.85 -13.49 -165.48
C GLU D 915 64.70 -13.23 -164.50
N PRO D 916 63.43 -13.60 -164.77
CA PRO D 916 62.46 -13.54 -163.65
C PRO D 916 62.71 -14.59 -162.58
N GLU D 917 63.08 -15.82 -162.97
CA GLU D 917 63.18 -16.91 -162.01
C GLU D 917 64.36 -16.74 -161.05
N ARG D 918 65.53 -16.36 -161.58
CA ARG D 918 66.70 -16.15 -160.74
C ARG D 918 66.52 -14.95 -159.83
N ASN D 919 65.96 -13.86 -160.34
CA ASN D 919 65.67 -12.70 -159.51
C ASN D 919 64.61 -12.98 -158.46
N TYR D 920 63.62 -13.83 -158.77
CA TYR D 920 62.64 -14.25 -157.77
C TYR D 920 63.26 -15.10 -156.67
N ASN D 921 64.09 -16.09 -157.03
CA ASN D 921 64.73 -16.94 -156.04
C ASN D 921 65.70 -16.15 -155.17
N LEU D 922 66.51 -15.27 -155.77
CA LEU D 922 67.41 -14.43 -154.99
C LEU D 922 66.66 -13.38 -154.18
N GLN D 923 65.51 -12.92 -154.68
CA GLN D 923 64.71 -11.95 -153.95
C GLN D 923 64.09 -12.57 -152.71
N MET D 924 63.53 -13.78 -152.84
CA MET D 924 63.04 -14.50 -151.68
C MET D 924 64.17 -14.84 -150.73
N SER D 925 65.32 -15.26 -151.25
CA SER D 925 66.45 -15.63 -150.42
C SER D 925 67.14 -14.42 -149.78
N GLY D 926 66.87 -13.21 -150.28
CA GLY D 926 67.40 -12.02 -149.66
C GLY D 926 66.46 -11.43 -148.63
N GLU D 927 65.16 -11.36 -148.97
CA GLU D 927 64.15 -10.90 -148.03
C GLU D 927 64.02 -11.83 -146.84
N THR D 928 64.23 -13.13 -147.05
CA THR D 928 64.24 -14.10 -145.95
C THR D 928 65.37 -13.78 -144.97
N LEU D 929 66.58 -13.51 -145.47
CA LEU D 929 67.71 -13.25 -144.59
C LEU D 929 67.59 -11.89 -143.92
N LYS D 930 67.03 -10.91 -144.63
CA LYS D 930 66.75 -9.61 -144.03
C LYS D 930 65.71 -9.71 -142.92
N THR D 931 64.79 -10.68 -143.04
CA THR D 931 63.92 -10.99 -141.91
C THR D 931 64.68 -11.71 -140.80
N LEU D 932 65.50 -12.69 -141.16
CA LEU D 932 66.14 -13.57 -140.17
C LEU D 932 67.26 -12.87 -139.41
N LEU D 933 67.65 -11.65 -139.81
CA LEU D 933 68.57 -10.88 -138.98
C LEU D 933 67.98 -10.58 -137.62
N ALA D 934 66.77 -10.01 -137.60
CA ALA D 934 66.15 -9.56 -136.35
C ALA D 934 65.57 -10.75 -135.57
N LEU D 935 66.47 -11.61 -135.10
CA LEU D 935 66.11 -12.76 -134.31
C LEU D 935 66.98 -12.95 -133.09
N GLY D 936 68.16 -12.34 -133.03
CA GLY D 936 69.09 -12.63 -131.95
C GLY D 936 69.72 -14.00 -132.07
N CYS D 937 69.80 -14.55 -133.27
CA CYS D 937 70.40 -15.85 -133.52
C CYS D 937 71.84 -15.65 -133.98
N HIS D 938 72.73 -16.50 -133.48
CA HIS D 938 74.15 -16.44 -133.81
C HIS D 938 74.39 -17.28 -135.04
N VAL D 939 74.55 -16.64 -136.19
CA VAL D 939 74.77 -17.31 -137.47
C VAL D 939 76.11 -16.85 -138.02
N GLY D 940 76.99 -17.80 -138.30
CA GLY D 940 78.28 -17.46 -138.87
C GLY D 940 79.00 -18.68 -139.36
N MET D 941 79.88 -18.46 -140.32
CA MET D 941 80.74 -19.53 -140.83
C MET D 941 81.69 -20.01 -139.73
N ALA D 942 81.73 -21.33 -139.53
CA ALA D 942 82.47 -21.91 -138.42
C ALA D 942 83.50 -22.95 -138.86
N ASP D 943 83.19 -23.72 -139.89
CA ASP D 943 83.97 -24.92 -140.20
C ASP D 943 84.67 -24.90 -141.54
N GLU D 944 84.03 -24.39 -142.60
CA GLU D 944 84.57 -24.28 -143.97
C GLU D 944 84.96 -25.62 -144.59
N LYS D 945 84.48 -26.74 -144.04
CA LYS D 945 84.74 -28.06 -144.62
C LYS D 945 83.50 -28.90 -144.82
N ALA D 946 82.40 -28.61 -144.12
CA ALA D 946 81.12 -29.24 -144.45
C ALA D 946 80.61 -28.79 -145.81
N GLU D 947 80.98 -27.58 -146.25
CA GLU D 947 80.67 -27.12 -147.59
C GLU D 947 81.39 -27.97 -148.63
N ASP D 948 82.60 -28.42 -148.32
CA ASP D 948 83.30 -29.35 -149.20
C ASP D 948 82.81 -30.77 -149.03
N ASN D 949 82.27 -31.10 -147.86
CA ASN D 949 81.65 -32.40 -147.59
C ASN D 949 80.22 -32.48 -148.12
N LEU D 950 79.71 -31.41 -148.72
CA LEU D 950 78.43 -31.45 -149.41
C LEU D 950 78.44 -32.42 -150.57
N LYS D 951 77.57 -33.42 -150.51
CA LYS D 951 77.33 -34.32 -151.63
C LYS D 951 76.01 -33.95 -152.28
N LYS D 952 75.88 -34.28 -153.56
CA LYS D 952 74.67 -34.00 -154.31
C LYS D 952 73.85 -35.27 -154.46
N THR D 953 72.53 -35.09 -154.52
CA THR D 953 71.61 -36.22 -154.58
C THR D 953 71.65 -36.85 -155.95
N LYS D 954 72.20 -38.07 -156.03
CA LYS D 954 72.26 -38.78 -157.29
C LYS D 954 70.90 -39.38 -157.62
N LEU D 955 70.37 -39.01 -158.77
CA LEU D 955 69.04 -39.41 -159.19
C LEU D 955 69.11 -40.13 -160.53
N PRO D 956 68.10 -40.94 -160.88
CA PRO D 956 68.08 -41.51 -162.23
C PRO D 956 67.71 -40.48 -163.30
N LYS D 957 67.70 -40.93 -164.56
CA LYS D 957 67.43 -40.05 -165.68
C LYS D 957 65.97 -39.64 -165.79
N THR D 958 65.08 -40.28 -165.03
CA THR D 958 63.71 -39.79 -164.92
C THR D 958 63.66 -38.41 -164.29
N TYR D 959 64.57 -38.13 -163.36
CA TYR D 959 64.74 -36.81 -162.80
C TYR D 959 65.47 -35.88 -163.76
N MET D 960 66.30 -36.42 -164.63
CA MET D 960 66.97 -35.61 -165.63
C MET D 960 65.96 -35.13 -166.66
N MET D 961 66.01 -33.84 -166.97
CA MET D 961 65.00 -33.22 -167.78
C MET D 961 65.47 -33.10 -169.24
N SER D 962 64.59 -32.56 -170.08
CA SER D 962 64.84 -32.51 -171.51
C SER D 962 65.94 -31.50 -171.88
N ASN D 963 66.22 -30.55 -170.98
CA ASN D 963 67.39 -29.70 -171.09
C ASN D 963 68.64 -30.31 -170.47
N GLY D 964 68.56 -31.58 -170.08
CA GLY D 964 69.67 -32.23 -169.38
C GLY D 964 69.83 -31.84 -167.94
N TYR D 965 68.85 -31.15 -167.35
CA TYR D 965 68.94 -30.70 -165.96
C TYR D 965 68.32 -31.74 -165.04
N LYS D 966 69.17 -32.51 -164.38
CA LYS D 966 68.74 -33.32 -163.26
C LYS D 966 68.93 -32.51 -161.99
N PRO D 967 67.92 -32.44 -161.13
CA PRO D 967 68.08 -31.68 -159.89
C PRO D 967 69.02 -32.41 -158.94
N ALA D 968 70.00 -31.68 -158.42
CA ALA D 968 70.98 -32.24 -157.49
C ALA D 968 70.97 -31.42 -156.20
N PRO D 969 70.01 -31.66 -155.32
CA PRO D 969 70.05 -31.02 -154.00
C PRO D 969 71.12 -31.67 -153.14
N LEU D 970 71.41 -31.01 -152.02
CA LEU D 970 72.52 -31.41 -151.18
C LEU D 970 72.17 -32.63 -150.34
N ASP D 971 73.04 -33.62 -150.36
CA ASP D 971 72.86 -34.84 -149.59
C ASP D 971 73.17 -34.51 -148.13
N LEU D 972 72.16 -34.00 -147.43
CA LEU D 972 72.29 -33.53 -146.05
C LEU D 972 71.29 -34.20 -145.14
N SER D 973 71.19 -35.52 -145.27
CA SER D 973 70.34 -36.31 -144.38
C SER D 973 70.96 -36.48 -143.00
N HIS D 974 72.26 -36.24 -142.86
CA HIS D 974 72.98 -36.47 -141.61
C HIS D 974 72.98 -35.27 -140.69
N VAL D 975 72.19 -34.24 -140.97
CA VAL D 975 72.25 -32.99 -140.22
C VAL D 975 70.92 -32.79 -139.51
N ARG D 976 70.96 -32.70 -138.18
CA ARG D 976 69.86 -32.17 -137.42
C ARG D 976 70.05 -30.66 -137.24
N LEU D 977 68.93 -29.93 -137.24
CA LEU D 977 69.02 -28.47 -137.15
C LEU D 977 69.23 -28.01 -135.70
N THR D 978 68.26 -28.34 -134.82
CA THR D 978 68.10 -28.05 -133.39
C THR D 978 66.76 -28.59 -132.90
N PRO D 979 66.66 -28.97 -131.63
CA PRO D 979 65.33 -29.12 -131.02
C PRO D 979 64.72 -27.80 -130.60
N ALA D 980 65.55 -26.78 -130.39
CA ALA D 980 65.14 -25.49 -129.87
C ALA D 980 64.33 -24.69 -130.87
N GLN D 981 64.72 -24.73 -132.14
CA GLN D 981 64.05 -23.97 -133.19
C GLN D 981 62.82 -24.67 -133.73
N THR D 982 62.34 -25.72 -133.05
CA THR D 982 61.07 -26.33 -133.39
C THR D 982 59.91 -25.34 -133.20
N THR D 983 60.07 -24.38 -132.30
CA THR D 983 59.14 -23.27 -132.18
C THR D 983 59.55 -22.06 -133.01
N LEU D 984 60.86 -21.84 -133.21
CA LEU D 984 61.31 -20.68 -133.96
C LEU D 984 61.01 -20.81 -135.44
N VAL D 985 60.95 -22.04 -135.95
CA VAL D 985 60.57 -22.26 -137.34
C VAL D 985 59.10 -21.92 -137.54
N ASP D 986 58.25 -22.25 -136.57
CA ASP D 986 56.85 -21.82 -136.63
C ASP D 986 56.72 -20.32 -136.44
N ARG D 987 57.62 -19.72 -135.66
CA ARG D 987 57.64 -18.27 -135.50
C ARG D 987 57.96 -17.55 -136.80
N LEU D 988 58.98 -18.01 -137.52
CA LEU D 988 59.26 -17.49 -138.85
C LEU D 988 58.18 -17.87 -139.85
N ALA D 989 57.54 -19.03 -139.68
CA ALA D 989 56.50 -19.47 -140.59
C ALA D 989 55.25 -18.60 -140.50
N GLU D 990 54.86 -18.22 -139.29
CA GLU D 990 53.71 -17.35 -139.10
C GLU D 990 53.98 -15.96 -139.66
N ASN D 991 55.20 -15.46 -139.48
CA ASN D 991 55.58 -14.17 -140.03
C ASN D 991 55.63 -14.19 -141.55
N GLY D 992 56.12 -15.28 -142.15
CA GLY D 992 56.15 -15.35 -143.60
C GLY D 992 54.76 -15.52 -144.19
N HIS D 993 53.90 -16.29 -143.53
CA HIS D 993 52.52 -16.42 -143.97
C HIS D 993 51.76 -15.11 -143.81
N ASN D 994 52.07 -14.35 -142.76
CA ASN D 994 51.46 -13.04 -142.59
C ASN D 994 51.97 -12.05 -143.62
N VAL D 995 53.24 -12.19 -144.02
CA VAL D 995 53.78 -11.36 -145.09
C VAL D 995 53.11 -11.68 -146.41
N TRP D 996 52.88 -12.96 -146.69
CA TRP D 996 52.15 -13.37 -147.89
C TRP D 996 50.70 -12.90 -147.84
N ALA D 997 50.09 -12.90 -146.65
CA ALA D 997 48.72 -12.44 -146.50
C ALA D 997 48.62 -10.93 -146.69
N ARG D 998 49.60 -10.18 -146.18
CA ARG D 998 49.61 -8.74 -146.40
C ARG D 998 49.93 -8.40 -147.85
N ASP D 999 50.70 -9.24 -148.53
CA ASP D 999 50.94 -9.08 -149.95
C ASP D 999 49.67 -9.30 -150.76
N ARG D 1000 48.91 -10.35 -150.42
CA ARG D 1000 47.72 -10.68 -151.18
C ARG D 1000 46.49 -9.88 -150.76
N VAL D 1001 46.52 -9.24 -149.59
CA VAL D 1001 45.35 -8.62 -148.99
C VAL D 1001 45.58 -7.15 -148.68
N ALA D 1002 46.55 -6.86 -147.80
CA ALA D 1002 46.85 -5.48 -147.47
C ALA D 1002 47.47 -4.76 -148.64
N GLN D 1003 48.35 -5.44 -149.36
CA GLN D 1003 48.83 -4.92 -150.64
C GLN D 1003 47.91 -5.32 -151.78
N GLY D 1004 47.50 -6.59 -151.83
CA GLY D 1004 46.74 -7.08 -152.96
C GLY D 1004 45.28 -6.71 -152.95
N TRP D 1005 44.57 -7.11 -151.88
CA TRP D 1005 43.10 -7.11 -151.82
C TRP D 1005 42.52 -7.85 -153.02
N SER D 1006 42.88 -9.13 -153.13
CA SER D 1006 42.57 -9.90 -154.32
C SER D 1006 41.09 -10.24 -154.40
N TYR D 1007 40.50 -10.06 -155.58
CA TYR D 1007 39.11 -10.42 -155.82
C TYR D 1007 39.07 -11.86 -156.38
N SER D 1008 39.71 -12.74 -155.64
CA SER D 1008 39.75 -14.16 -155.97
C SER D 1008 39.54 -14.96 -154.68
N ALA D 1009 39.22 -16.24 -154.86
CA ALA D 1009 38.96 -17.12 -153.73
C ALA D 1009 40.27 -17.47 -153.01
N ARG D 1020 39.57 -18.02 -149.91
CA ARG D 1020 40.51 -18.45 -148.89
C ARG D 1020 41.44 -17.31 -148.47
N LEU D 1021 40.95 -16.46 -147.58
CA LEU D 1021 41.73 -15.36 -147.01
C LEU D 1021 41.28 -15.13 -145.57
N VAL D 1022 42.16 -15.44 -144.62
CA VAL D 1022 41.80 -15.39 -143.19
C VAL D 1022 43.04 -15.13 -142.35
N PRO D 1023 42.90 -15.04 -141.02
CA PRO D 1023 44.07 -14.76 -140.18
C PRO D 1023 44.97 -15.98 -140.05
N TYR D 1024 46.28 -15.73 -140.02
CA TYR D 1024 47.27 -16.78 -140.16
C TYR D 1024 47.71 -17.40 -138.84
N ARG D 1025 47.34 -16.80 -137.71
CA ARG D 1025 47.72 -17.35 -136.42
C ARG D 1025 47.01 -18.66 -136.13
N LEU D 1026 45.79 -18.81 -136.61
CA LEU D 1026 45.03 -20.04 -136.47
C LEU D 1026 44.39 -20.39 -137.81
N LEU D 1027 45.18 -20.32 -138.87
CA LEU D 1027 44.63 -20.47 -140.22
C LEU D 1027 44.28 -21.92 -140.53
N ASP D 1028 45.29 -22.79 -140.57
CA ASP D 1028 45.10 -24.13 -141.11
C ASP D 1028 46.23 -25.01 -140.64
N GLU D 1029 45.94 -26.30 -140.49
CA GLU D 1029 46.93 -27.26 -140.04
C GLU D 1029 47.90 -27.64 -141.16
N ALA D 1030 47.36 -27.96 -142.35
CA ALA D 1030 48.20 -28.36 -143.47
C ALA D 1030 49.07 -27.21 -143.97
N THR D 1031 48.58 -25.98 -143.87
CA THR D 1031 49.38 -24.81 -144.24
C THR D 1031 50.58 -24.65 -143.31
N LYS D 1032 50.37 -24.83 -142.00
CA LYS D 1032 51.46 -24.70 -141.05
C LYS D 1032 52.40 -25.89 -141.14
N ARG D 1033 51.89 -27.08 -141.49
CA ARG D 1033 52.76 -28.22 -141.73
C ARG D 1033 53.63 -28.02 -142.95
N SER D 1034 53.06 -27.50 -144.04
CA SER D 1034 53.85 -27.20 -145.23
C SER D 1034 54.81 -26.05 -144.99
N ASN D 1035 54.44 -25.10 -144.15
CA ASN D 1035 55.32 -23.97 -143.90
C ASN D 1035 56.42 -24.36 -142.92
N ARG D 1036 56.17 -25.36 -142.08
CA ARG D 1036 57.24 -25.97 -141.30
C ARG D 1036 58.14 -26.81 -142.19
N ASP D 1037 57.55 -27.47 -143.19
CA ASP D 1037 58.33 -28.22 -144.18
C ASP D 1037 59.20 -27.28 -145.01
N SER D 1038 58.74 -26.05 -145.23
CA SER D 1038 59.50 -25.05 -145.96
C SER D 1038 60.80 -24.66 -145.26
N LEU D 1039 60.86 -24.78 -143.94
CA LEU D 1039 62.05 -24.41 -143.20
C LEU D 1039 62.74 -25.61 -142.57
N CYS D 1040 62.16 -26.81 -142.66
CA CYS D 1040 62.84 -28.01 -142.19
C CYS D 1040 64.04 -28.33 -143.07
N GLN D 1041 63.97 -27.98 -144.36
CA GLN D 1041 65.09 -28.09 -145.27
C GLN D 1041 65.82 -26.76 -145.43
N ALA D 1042 65.84 -25.94 -144.39
CA ALA D 1042 66.57 -24.68 -144.40
C ALA D 1042 67.72 -24.69 -143.42
N VAL D 1043 67.46 -24.94 -142.14
CA VAL D 1043 68.53 -24.86 -141.13
C VAL D 1043 69.39 -26.13 -141.20
N ARG D 1044 68.77 -27.27 -141.51
CA ARG D 1044 69.52 -28.49 -141.79
C ARG D 1044 70.38 -28.34 -143.04
N THR D 1045 69.94 -27.50 -143.98
CA THR D 1045 70.74 -27.27 -145.18
C THR D 1045 71.90 -26.32 -144.90
N LEU D 1046 71.66 -25.26 -144.12
CA LEU D 1046 72.71 -24.29 -143.83
C LEU D 1046 73.76 -24.83 -142.85
N LEU D 1047 73.38 -25.71 -141.93
CA LEU D 1047 74.40 -26.36 -141.11
C LEU D 1047 75.22 -27.35 -141.92
N GLY D 1048 74.62 -27.93 -142.97
CA GLY D 1048 75.40 -28.74 -143.90
C GLY D 1048 76.30 -27.90 -144.79
N TYR D 1049 75.88 -26.68 -145.13
CA TYR D 1049 76.80 -25.70 -145.68
C TYR D 1049 77.93 -25.34 -144.73
N GLY D 1050 77.67 -25.35 -143.42
CA GLY D 1050 78.69 -25.08 -142.44
C GLY D 1050 78.45 -23.82 -141.64
N TYR D 1051 77.34 -23.13 -141.87
CA TYR D 1051 77.00 -21.93 -141.13
C TYR D 1051 76.40 -22.33 -139.79
N ASN D 1052 77.17 -22.13 -138.73
CA ASN D 1052 76.73 -22.36 -137.36
C ASN D 1052 75.59 -21.42 -137.03
N ILE D 1053 74.45 -21.99 -136.67
CA ILE D 1053 73.22 -21.25 -136.36
C ILE D 1053 72.79 -21.66 -134.96
N GLU D 1054 72.77 -20.70 -134.05
CA GLU D 1054 72.41 -20.97 -132.65
C GLU D 1054 71.34 -20.00 -132.16
N ASP D 1070 41.27 -15.54 -119.41
CA ASP D 1070 40.29 -14.48 -119.21
C ASP D 1070 39.94 -14.37 -117.72
N ARG D 1071 38.84 -15.02 -117.34
CA ARG D 1071 38.34 -15.02 -115.96
C ARG D 1071 37.85 -16.41 -115.61
N VAL D 1072 37.07 -16.51 -114.53
CA VAL D 1072 36.65 -17.78 -113.96
C VAL D 1072 35.16 -17.68 -113.60
N ARG D 1073 34.38 -18.69 -114.00
CA ARG D 1073 33.03 -18.84 -113.50
C ARG D 1073 33.04 -19.63 -112.19
N ILE D 1074 32.44 -19.08 -111.14
CA ILE D 1074 32.51 -19.66 -109.81
C ILE D 1074 31.11 -20.10 -109.40
N PHE D 1075 31.02 -21.31 -108.86
CA PHE D 1075 29.74 -21.95 -108.55
C PHE D 1075 29.76 -22.45 -107.12
N ARG D 1076 28.62 -22.39 -106.46
CA ARG D 1076 28.54 -22.78 -105.06
C ARG D 1076 27.11 -23.13 -104.71
N ALA D 1077 26.94 -23.88 -103.64
CA ALA D 1077 25.62 -24.29 -103.22
C ALA D 1077 24.92 -23.15 -102.48
N GLU D 1078 23.71 -23.42 -102.01
CA GLU D 1078 23.00 -22.37 -101.30
C GLU D 1078 23.46 -22.29 -99.85
N LYS D 1079 23.57 -21.07 -99.35
CA LYS D 1079 23.95 -20.80 -97.97
C LYS D 1079 22.97 -21.38 -96.96
N SER D 1080 21.72 -21.64 -97.35
CA SER D 1080 20.80 -22.37 -96.50
C SER D 1080 21.25 -23.80 -96.25
N TYR D 1081 21.98 -24.38 -97.19
CA TYR D 1081 22.51 -25.73 -97.07
C TYR D 1081 23.90 -25.76 -96.49
N THR D 1082 24.29 -24.73 -95.75
CA THR D 1082 25.60 -24.72 -95.11
C THR D 1082 25.59 -25.70 -93.96
N VAL D 1083 26.19 -26.87 -94.18
CA VAL D 1083 26.19 -27.93 -93.19
C VAL D 1083 27.05 -27.53 -92.01
N GLN D 1084 26.65 -27.97 -90.82
CA GLN D 1084 27.35 -27.59 -89.61
C GLN D 1084 27.69 -28.78 -88.73
N SER D 1085 27.55 -30.00 -89.23
CA SER D 1085 27.70 -31.17 -88.38
C SER D 1085 28.01 -32.40 -89.24
N GLY D 1086 28.55 -33.42 -88.58
CA GLY D 1086 28.58 -34.76 -89.12
C GLY D 1086 29.73 -35.03 -90.07
N ARG D 1087 29.47 -35.97 -90.97
CA ARG D 1087 30.44 -36.41 -91.96
C ARG D 1087 29.80 -36.38 -93.33
N TRP D 1088 30.50 -35.78 -94.29
CA TRP D 1088 29.88 -35.46 -95.56
C TRP D 1088 30.77 -35.82 -96.72
N TYR D 1089 30.17 -35.75 -97.91
CA TYR D 1089 30.81 -36.22 -99.13
C TYR D 1089 30.05 -35.67 -100.31
N PHE D 1090 30.77 -35.36 -101.37
CA PHE D 1090 30.21 -35.19 -102.71
C PHE D 1090 31.23 -35.72 -103.70
N GLU D 1091 30.80 -35.93 -104.93
CA GLU D 1091 31.66 -36.57 -105.92
C GLU D 1091 31.68 -35.75 -107.19
N PHE D 1092 32.88 -35.33 -107.61
CA PHE D 1092 33.06 -34.47 -108.77
C PHE D 1092 33.76 -35.25 -109.88
N GLU D 1093 33.47 -34.87 -111.13
CA GLU D 1093 34.06 -35.52 -112.29
C GLU D 1093 34.54 -34.44 -113.26
N ALA D 1094 35.83 -34.47 -113.58
CA ALA D 1094 36.49 -33.43 -114.37
C ALA D 1094 36.93 -33.98 -115.72
N VAL D 1095 36.28 -33.51 -116.78
CA VAL D 1095 36.63 -33.93 -118.13
C VAL D 1095 38.01 -33.39 -118.52
N THR D 1096 38.15 -32.07 -118.49
CA THR D 1096 39.44 -31.44 -118.75
C THR D 1096 40.39 -31.69 -117.58
N THR D 1097 41.68 -31.49 -117.85
CA THR D 1097 42.72 -31.61 -116.84
C THR D 1097 43.21 -30.24 -116.40
N GLY D 1098 42.52 -29.18 -116.83
CA GLY D 1098 43.07 -27.85 -116.80
C GLY D 1098 42.91 -27.06 -115.53
N GLU D 1099 42.28 -25.90 -115.66
CA GLU D 1099 42.32 -24.86 -114.63
C GLU D 1099 40.96 -24.72 -113.96
N MET D 1100 40.82 -25.35 -112.82
CA MET D 1100 39.66 -25.13 -111.96
C MET D 1100 40.11 -25.50 -110.55
N ARG D 1101 39.23 -25.28 -109.59
CA ARG D 1101 39.52 -25.59 -108.20
C ARG D 1101 38.23 -26.07 -107.54
N VAL D 1102 38.33 -27.18 -106.82
CA VAL D 1102 37.18 -27.81 -106.18
C VAL D 1102 37.48 -27.93 -104.70
N GLY D 1103 36.57 -27.42 -103.87
CA GLY D 1103 36.76 -27.51 -102.45
C GLY D 1103 35.55 -27.06 -101.66
N TRP D 1104 35.82 -26.72 -100.41
CA TRP D 1104 34.83 -26.26 -99.47
C TRP D 1104 35.12 -24.80 -99.12
N ALA D 1105 34.14 -24.13 -98.52
CA ALA D 1105 34.30 -22.72 -98.27
C ALA D 1105 33.44 -22.28 -97.09
N ARG D 1106 33.84 -21.17 -96.49
CA ARG D 1106 33.04 -20.53 -95.46
C ARG D 1106 31.76 -19.96 -96.08
N PRO D 1107 30.67 -19.83 -95.32
CA PRO D 1107 29.44 -19.28 -95.89
C PRO D 1107 29.48 -17.77 -96.11
N GLU D 1108 30.56 -17.09 -95.75
CA GLU D 1108 30.68 -15.66 -96.01
C GLU D 1108 31.54 -15.40 -97.24
N LEU D 1109 31.05 -15.88 -98.38
CA LEU D 1109 31.80 -15.77 -99.62
C LEU D 1109 31.63 -14.39 -100.21
N ARG D 1110 32.51 -13.49 -99.82
CA ARG D 1110 32.76 -12.30 -100.59
C ARG D 1110 33.28 -12.70 -101.97
N PRO D 1111 32.67 -12.26 -103.04
CA PRO D 1111 33.26 -12.51 -104.37
C PRO D 1111 34.45 -11.59 -104.64
N ASP D 1112 34.94 -11.61 -105.88
CA ASP D 1112 36.15 -10.90 -106.32
C ASP D 1112 37.40 -11.35 -105.57
N VAL D 1113 37.36 -12.57 -105.04
CA VAL D 1113 38.47 -13.15 -104.30
C VAL D 1113 38.84 -14.46 -104.98
N GLU D 1114 40.10 -14.62 -105.33
CA GLU D 1114 40.50 -15.88 -105.92
C GLU D 1114 40.55 -16.96 -104.85
N LEU D 1115 40.40 -18.20 -105.27
CA LEU D 1115 39.99 -19.26 -104.37
C LEU D 1115 41.19 -19.94 -103.74
N GLY D 1116 41.24 -19.93 -102.41
CA GLY D 1116 42.31 -20.56 -101.68
C GLY D 1116 43.55 -19.73 -101.48
N ALA D 1117 43.48 -18.43 -101.76
CA ALA D 1117 44.62 -17.56 -101.51
C ALA D 1117 44.65 -17.04 -100.09
N ASP D 1118 43.74 -17.48 -99.23
CA ASP D 1118 43.54 -16.82 -97.96
C ASP D 1118 43.06 -17.83 -96.93
N GLU D 1119 42.64 -17.32 -95.78
CA GLU D 1119 42.08 -18.11 -94.70
C GLU D 1119 40.65 -18.52 -94.96
N LEU D 1120 40.02 -17.92 -95.96
CA LEU D 1120 38.61 -18.13 -96.22
C LEU D 1120 38.32 -19.53 -96.77
N ALA D 1121 39.15 -20.00 -97.70
CA ALA D 1121 38.80 -21.20 -98.44
C ALA D 1121 39.96 -22.18 -98.48
N TYR D 1122 39.66 -23.41 -98.07
CA TYR D 1122 40.52 -24.57 -98.30
C TYR D 1122 40.14 -25.16 -99.64
N VAL D 1123 41.04 -25.14 -100.60
CA VAL D 1123 40.75 -25.63 -101.94
C VAL D 1123 42.02 -26.22 -102.52
N PHE D 1124 41.87 -26.94 -103.62
CA PHE D 1124 42.95 -27.64 -104.28
C PHE D 1124 42.99 -27.24 -105.75
N ASN D 1125 44.20 -27.18 -106.30
CA ASN D 1125 44.39 -27.08 -107.74
C ASN D 1125 45.26 -28.25 -108.18
N GLY D 1126 44.89 -28.89 -109.29
CA GLY D 1126 45.64 -30.02 -109.77
C GLY D 1126 46.06 -29.84 -111.20
N HIS D 1127 46.38 -28.61 -111.58
CA HIS D 1127 47.26 -28.48 -112.72
C HIS D 1127 48.69 -28.65 -112.28
N ARG D 1128 48.95 -28.47 -110.98
CA ARG D 1128 50.26 -28.63 -110.39
C ARG D 1128 50.25 -29.56 -109.20
N GLY D 1129 49.07 -29.96 -108.72
CA GLY D 1129 48.99 -30.69 -107.48
C GLY D 1129 49.28 -29.79 -106.30
N GLN D 1130 48.41 -28.82 -106.06
CA GLN D 1130 48.61 -27.83 -105.01
C GLN D 1130 47.31 -27.56 -104.30
N ARG D 1131 47.31 -27.74 -102.98
CA ARG D 1131 46.19 -27.32 -102.16
C ARG D 1131 46.35 -25.85 -101.84
N TRP D 1132 45.27 -25.10 -101.93
CA TRP D 1132 45.33 -23.65 -101.75
C TRP D 1132 44.52 -23.29 -100.52
N HIS D 1133 45.20 -22.80 -99.50
CA HIS D 1133 44.59 -22.12 -98.37
C HIS D 1133 45.69 -21.28 -97.74
N LEU D 1134 45.41 -20.00 -97.49
CA LEU D 1134 46.41 -18.98 -97.14
C LEU D 1134 47.54 -18.97 -98.16
N GLY D 1135 47.17 -19.06 -99.42
CA GLY D 1135 48.11 -19.25 -100.52
C GLY D 1135 48.19 -20.70 -100.93
N SER D 1136 49.01 -20.93 -101.95
CA SER D 1136 49.21 -22.26 -102.51
C SER D 1136 50.19 -23.05 -101.66
N GLU D 1137 50.10 -24.37 -101.76
CA GLU D 1137 50.87 -25.30 -100.99
C GLU D 1137 51.03 -26.52 -101.89
N PRO D 1138 52.25 -27.03 -102.06
CA PRO D 1138 52.44 -28.26 -102.84
C PRO D 1138 51.79 -29.44 -102.12
N PHE D 1139 51.03 -30.24 -102.87
CA PHE D 1139 50.22 -31.29 -102.28
C PHE D 1139 49.90 -32.30 -103.36
N GLY D 1140 50.66 -33.39 -103.38
CA GLY D 1140 50.37 -34.48 -104.29
C GLY D 1140 50.65 -34.16 -105.75
N ARG D 1141 49.74 -34.64 -106.58
CA ARG D 1141 49.89 -34.80 -108.03
C ARG D 1141 48.89 -33.95 -108.80
N PRO D 1142 49.22 -33.59 -110.04
CA PRO D 1142 48.23 -32.93 -110.91
C PRO D 1142 47.16 -33.86 -111.45
N TRP D 1143 46.36 -33.36 -112.39
CA TRP D 1143 45.13 -34.02 -112.80
C TRP D 1143 45.32 -34.94 -114.01
N GLN D 1144 44.27 -35.74 -114.24
CA GLN D 1144 44.09 -36.53 -115.45
C GLN D 1144 42.72 -36.22 -116.02
N SER D 1145 42.33 -36.93 -117.08
CA SER D 1145 40.97 -36.78 -117.58
C SER D 1145 40.06 -37.78 -116.90
N GLY D 1146 38.75 -37.56 -117.01
CA GLY D 1146 37.79 -38.34 -116.26
C GLY D 1146 37.73 -37.82 -114.85
N ASP D 1147 38.74 -38.18 -114.05
CA ASP D 1147 39.19 -37.42 -112.89
C ASP D 1147 38.10 -37.33 -111.81
N VAL D 1148 37.76 -38.48 -111.25
CA VAL D 1148 36.75 -38.57 -110.20
C VAL D 1148 37.30 -37.94 -108.93
N VAL D 1149 36.62 -36.91 -108.44
CA VAL D 1149 37.07 -36.14 -107.28
C VAL D 1149 36.05 -36.32 -106.16
N GLY D 1150 36.53 -36.74 -105.00
CA GLY D 1150 35.70 -36.85 -103.81
C GLY D 1150 36.27 -35.96 -102.70
N CYS D 1151 35.39 -35.26 -102.01
CA CYS D 1151 35.79 -34.38 -100.93
C CYS D 1151 34.96 -34.69 -99.70
N MET D 1152 35.63 -35.12 -98.65
CA MET D 1152 35.02 -35.54 -97.41
C MET D 1152 35.42 -34.58 -96.30
N ILE D 1153 34.63 -34.57 -95.23
CA ILE D 1153 34.96 -33.78 -94.06
C ILE D 1153 34.32 -34.43 -92.84
N ASP D 1154 35.13 -34.62 -91.80
CA ASP D 1154 34.60 -34.99 -90.50
C ASP D 1154 34.71 -33.74 -89.64
N LEU D 1155 33.56 -33.12 -89.39
CA LEU D 1155 33.51 -31.94 -88.55
C LEU D 1155 33.72 -32.29 -87.09
N THR D 1156 33.38 -33.52 -86.71
CA THR D 1156 33.74 -34.01 -85.38
C THR D 1156 35.25 -34.10 -85.24
N GLU D 1157 35.90 -34.73 -86.21
CA GLU D 1157 37.36 -34.79 -86.24
C GLU D 1157 37.96 -33.46 -86.66
N ASN D 1158 37.17 -32.61 -87.33
CA ASN D 1158 37.61 -31.32 -87.88
C ASN D 1158 38.75 -31.52 -88.88
N THR D 1159 38.48 -32.37 -89.87
CA THR D 1159 39.50 -32.73 -90.85
C THR D 1159 38.86 -32.91 -92.21
N ILE D 1160 39.45 -32.26 -93.22
CA ILE D 1160 38.99 -32.30 -94.60
C ILE D 1160 39.87 -33.30 -95.34
N ILE D 1161 39.25 -34.25 -96.02
CA ILE D 1161 39.93 -35.35 -96.69
C ILE D 1161 39.60 -35.28 -98.16
N PHE D 1162 40.60 -35.41 -99.02
CA PHE D 1162 40.40 -35.37 -100.46
C PHE D 1162 40.82 -36.70 -101.07
N THR D 1163 39.96 -37.25 -101.93
CA THR D 1163 40.25 -38.46 -102.68
C THR D 1163 40.18 -38.13 -104.17
N LEU D 1164 41.09 -38.71 -104.94
CA LEU D 1164 41.10 -38.56 -106.39
C LEU D 1164 40.98 -39.93 -107.03
N ASN D 1165 39.92 -40.13 -107.81
CA ASN D 1165 39.59 -41.40 -108.47
C ASN D 1165 39.49 -42.52 -107.45
N GLY D 1166 38.88 -42.22 -106.31
CA GLY D 1166 38.82 -43.16 -105.21
C GLY D 1166 40.12 -43.33 -104.46
N GLU D 1167 41.14 -42.53 -104.77
CA GLU D 1167 42.42 -42.63 -104.09
C GLU D 1167 42.64 -41.37 -103.26
N VAL D 1168 42.75 -41.57 -101.95
CA VAL D 1168 42.94 -40.46 -101.01
C VAL D 1168 44.30 -39.81 -101.26
N LEU D 1169 44.33 -38.49 -101.19
CA LEU D 1169 45.52 -37.74 -101.57
C LEU D 1169 46.46 -37.58 -100.39
N MET D 1170 47.75 -37.50 -100.70
CA MET D 1170 48.80 -37.47 -99.70
C MET D 1170 49.42 -36.08 -99.61
N SER D 1171 49.92 -35.77 -98.42
CA SER D 1171 50.65 -34.55 -98.18
C SER D 1171 52.11 -34.73 -98.60
N ASP D 1172 52.89 -33.66 -98.43
CA ASP D 1172 54.33 -33.81 -98.62
C ASP D 1172 54.98 -34.41 -97.37
N SER D 1173 54.27 -34.38 -96.24
CA SER D 1173 54.69 -35.09 -95.04
C SER D 1173 54.12 -36.49 -94.97
N GLY D 1174 53.45 -36.95 -96.03
CA GLY D 1174 52.87 -38.27 -96.04
C GLY D 1174 51.55 -38.40 -95.31
N SER D 1175 51.00 -37.30 -94.81
CA SER D 1175 49.73 -37.36 -94.11
C SER D 1175 48.58 -37.50 -95.11
N GLU D 1176 47.41 -37.86 -94.59
CA GLU D 1176 46.23 -38.16 -95.40
C GLU D 1176 45.34 -36.93 -95.39
N THR D 1177 45.71 -35.96 -96.24
CA THR D 1177 45.00 -34.69 -96.46
C THR D 1177 44.84 -33.94 -95.14
N ALA D 1178 45.98 -33.54 -94.61
CA ALA D 1178 46.08 -32.99 -93.26
C ALA D 1178 45.50 -31.57 -93.23
N PHE D 1179 44.17 -31.49 -93.24
CA PHE D 1179 43.47 -30.25 -92.96
C PHE D 1179 42.97 -30.33 -91.53
N ARG D 1180 43.91 -30.26 -90.60
CA ARG D 1180 43.60 -30.32 -89.20
C ARG D 1180 43.30 -28.93 -88.68
N GLU D 1181 42.61 -28.88 -87.53
CA GLU D 1181 42.29 -27.67 -86.80
C GLU D 1181 41.49 -26.70 -87.67
N ILE D 1182 40.28 -27.13 -87.96
CA ILE D 1182 39.26 -26.27 -88.53
C ILE D 1182 38.13 -26.17 -87.51
N GLU D 1183 37.50 -25.01 -87.46
CA GLU D 1183 36.39 -24.79 -86.55
C GLU D 1183 35.07 -25.05 -87.27
N ILE D 1184 33.97 -24.65 -86.64
CA ILE D 1184 32.71 -24.55 -87.35
C ILE D 1184 32.59 -23.20 -88.03
N GLY D 1185 32.87 -22.14 -87.29
CA GLY D 1185 32.54 -20.80 -87.75
C GLY D 1185 31.04 -20.70 -87.83
N ASP D 1186 30.52 -20.70 -89.05
CA ASP D 1186 29.09 -20.83 -89.30
C ASP D 1186 28.82 -22.06 -90.16
N GLY D 1187 29.63 -23.09 -89.97
CA GLY D 1187 29.57 -24.23 -90.85
C GLY D 1187 30.38 -23.92 -92.10
N PHE D 1188 30.22 -24.80 -93.08
CA PHE D 1188 30.95 -24.65 -94.34
C PHE D 1188 30.08 -25.14 -95.48
N LEU D 1189 30.53 -24.85 -96.70
CA LEU D 1189 29.75 -25.13 -97.88
C LEU D 1189 30.74 -25.41 -99.00
N PRO D 1190 30.50 -26.41 -99.84
CA PRO D 1190 31.44 -26.69 -100.93
C PRO D 1190 31.34 -25.65 -102.03
N VAL D 1191 32.34 -25.65 -102.90
CA VAL D 1191 32.49 -24.61 -103.90
C VAL D 1191 33.36 -25.13 -105.05
N CYS D 1192 33.09 -24.63 -106.26
CA CYS D 1192 33.88 -24.97 -107.41
C CYS D 1192 34.19 -23.72 -108.22
N SER D 1193 35.35 -23.73 -108.87
CA SER D 1193 35.72 -22.71 -109.83
C SER D 1193 35.75 -23.35 -111.21
N LEU D 1194 35.81 -22.52 -112.24
CA LEU D 1194 35.97 -22.97 -113.62
C LEU D 1194 36.71 -21.91 -114.43
N GLY D 1195 37.93 -22.25 -114.85
CA GLY D 1195 38.69 -21.37 -115.70
C GLY D 1195 38.18 -21.40 -117.13
N PRO D 1196 38.85 -20.67 -118.00
CA PRO D 1196 38.40 -20.59 -119.41
C PRO D 1196 38.59 -21.91 -120.12
N GLY D 1197 37.56 -22.32 -120.85
CA GLY D 1197 37.59 -23.57 -121.58
C GLY D 1197 37.66 -24.80 -120.70
N GLN D 1198 36.97 -24.78 -119.58
CA GLN D 1198 37.02 -25.87 -118.62
C GLN D 1198 35.63 -26.47 -118.47
N VAL D 1199 35.48 -27.70 -118.95
CA VAL D 1199 34.19 -28.37 -118.95
C VAL D 1199 34.20 -29.46 -117.88
N GLY D 1200 33.00 -29.89 -117.50
CA GLY D 1200 32.88 -30.96 -116.54
C GLY D 1200 31.69 -30.74 -115.63
N HIS D 1201 31.23 -31.75 -114.93
CA HIS D 1201 30.05 -31.60 -114.09
C HIS D 1201 30.37 -31.99 -112.66
N LEU D 1202 29.50 -31.59 -111.76
CA LEU D 1202 29.53 -32.03 -110.37
C LEU D 1202 28.37 -32.99 -110.16
N ASN D 1203 28.65 -34.14 -109.56
CA ASN D 1203 27.59 -35.01 -109.13
C ASN D 1203 27.29 -34.72 -107.66
N LEU D 1204 26.08 -35.05 -107.25
CA LEU D 1204 25.52 -34.49 -106.03
C LEU D 1204 25.27 -35.50 -104.92
N GLY D 1205 24.89 -36.74 -105.25
CA GLY D 1205 24.41 -37.64 -104.24
C GLY D 1205 22.91 -37.62 -104.11
N GLN D 1206 22.22 -37.06 -105.10
CA GLN D 1206 20.76 -37.10 -105.11
C GLN D 1206 20.28 -38.54 -105.29
N ASP D 1207 20.97 -39.30 -106.13
CA ASP D 1207 20.74 -40.73 -106.27
C ASP D 1207 22.03 -41.48 -105.97
N VAL D 1208 21.85 -42.65 -105.34
CA VAL D 1208 23.00 -43.47 -104.95
C VAL D 1208 23.68 -44.06 -106.17
N SER D 1209 22.90 -44.62 -107.09
CA SER D 1209 23.46 -45.20 -108.31
C SER D 1209 23.96 -44.13 -109.27
N SER D 1210 23.52 -42.88 -109.11
CA SER D 1210 24.07 -41.80 -109.91
C SER D 1210 25.49 -41.46 -109.53
N LEU D 1211 25.91 -41.79 -108.31
CA LEU D 1211 27.29 -41.54 -107.89
C LEU D 1211 28.25 -42.44 -108.65
N ARG D 1212 29.41 -41.86 -108.99
CA ARG D 1212 30.30 -42.49 -109.95
C ARG D 1212 30.97 -43.73 -109.37
N PHE D 1213 31.84 -43.54 -108.38
CA PHE D 1213 32.46 -44.69 -107.73
C PHE D 1213 31.64 -45.07 -106.51
N PHE D 1214 31.68 -44.22 -105.49
CA PHE D 1214 31.03 -44.35 -104.18
C PHE D 1214 31.05 -45.77 -103.66
N ALA D 1215 32.27 -46.29 -103.49
CA ALA D 1215 32.45 -47.61 -102.93
C ALA D 1215 33.62 -47.69 -101.97
N ILE D 1216 34.35 -46.61 -101.76
CA ILE D 1216 35.66 -46.73 -101.14
C ILE D 1216 35.58 -46.44 -99.65
N CYS D 1217 35.16 -45.22 -99.30
CA CYS D 1217 35.37 -44.68 -97.97
C CYS D 1217 34.18 -43.92 -97.42
N GLY D 1218 33.38 -43.28 -98.27
CA GLY D 1218 32.26 -42.47 -97.78
C GLY D 1218 31.18 -43.33 -97.15
N LEU D 1219 31.08 -44.58 -97.58
CA LEU D 1219 30.16 -45.51 -96.95
C LEU D 1219 30.73 -45.97 -95.61
N GLN D 1220 31.91 -46.60 -95.65
CA GLN D 1220 32.48 -47.30 -94.52
C GLN D 1220 32.89 -46.36 -93.39
N GLU D 1221 33.20 -45.10 -93.69
CA GLU D 1221 33.61 -44.17 -92.67
C GLU D 1221 32.55 -43.13 -92.36
N GLY D 1222 31.28 -43.44 -92.60
CA GLY D 1222 30.20 -42.63 -92.12
C GLY D 1222 29.97 -41.33 -92.85
N PHE D 1223 30.66 -41.09 -93.95
CA PHE D 1223 30.50 -39.85 -94.67
C PHE D 1223 29.19 -39.88 -95.44
N GLU D 1224 28.77 -38.72 -95.93
CA GLU D 1224 27.42 -38.74 -96.45
C GLU D 1224 27.34 -37.94 -97.73
N PRO D 1225 26.71 -38.49 -98.77
CA PRO D 1225 26.37 -37.68 -99.93
C PRO D 1225 25.44 -36.55 -99.55
N PHE D 1226 25.56 -35.46 -100.29
CA PHE D 1226 25.04 -34.18 -99.81
C PHE D 1226 23.51 -34.14 -99.85
N ALA D 1227 22.92 -34.21 -101.04
CA ALA D 1227 21.48 -34.08 -101.16
C ALA D 1227 20.84 -35.45 -101.31
N ILE D 1228 21.13 -36.32 -100.34
CA ILE D 1228 20.59 -37.67 -100.40
C ILE D 1228 19.11 -37.68 -100.02
N ASN D 1229 18.74 -37.00 -98.95
CA ASN D 1229 17.37 -37.02 -98.45
C ASN D 1229 16.64 -35.77 -98.94
N MET D 1230 16.74 -35.54 -100.25
CA MET D 1230 16.09 -34.37 -100.82
C MET D 1230 15.13 -34.78 -101.93
N GLN D 1231 14.38 -33.82 -102.45
CA GLN D 1231 13.49 -34.06 -103.56
C GLN D 1231 13.84 -33.23 -104.77
N ARG D 1232 14.95 -32.49 -104.75
CA ARG D 1232 15.34 -31.57 -105.80
C ARG D 1232 16.81 -31.26 -105.64
N PRO D 1233 17.51 -30.92 -106.72
CA PRO D 1233 18.89 -30.47 -106.60
C PRO D 1233 18.97 -29.07 -106.03
N VAL D 1234 20.19 -28.68 -105.64
CA VAL D 1234 20.44 -27.34 -105.11
C VAL D 1234 20.36 -26.35 -106.26
N THR D 1235 19.93 -25.12 -105.96
CA THR D 1235 19.77 -24.12 -107.01
C THR D 1235 21.07 -23.48 -107.45
N THR D 1236 22.18 -23.77 -106.74
CA THR D 1236 23.57 -23.56 -107.19
C THR D 1236 23.85 -22.10 -107.56
N TRP D 1237 23.91 -21.28 -106.51
CA TRP D 1237 24.27 -19.88 -106.65
C TRP D 1237 25.64 -19.72 -107.28
N PHE D 1238 25.78 -18.73 -108.14
CA PHE D 1238 27.01 -18.62 -108.90
C PHE D 1238 27.37 -17.15 -109.09
N SER D 1239 28.59 -16.92 -109.52
CA SER D 1239 29.16 -15.59 -109.61
C SER D 1239 28.60 -14.81 -110.80
N LYS D 1240 28.37 -13.53 -110.58
CA LYS D 1240 28.06 -12.58 -111.64
C LYS D 1240 29.37 -12.17 -112.30
N SER D 1241 29.29 -11.74 -113.56
CA SER D 1241 30.45 -11.27 -114.30
C SER D 1241 30.17 -9.96 -115.03
N LEU D 1242 29.10 -9.25 -114.65
CA LEU D 1242 28.77 -7.98 -115.30
C LEU D 1242 28.93 -6.90 -114.23
N PRO D 1243 29.54 -5.75 -114.57
CA PRO D 1243 29.74 -4.68 -113.58
C PRO D 1243 28.44 -4.05 -113.10
N GLN D 1244 27.69 -4.81 -112.31
CA GLN D 1244 26.48 -4.28 -111.70
C GLN D 1244 26.83 -3.31 -110.59
N PHE D 1245 26.04 -2.24 -110.53
CA PHE D 1245 26.20 -1.16 -109.59
C PHE D 1245 26.05 -1.66 -108.16
N GLU D 1246 26.94 -1.20 -107.29
CA GLU D 1246 26.85 -1.64 -105.92
C GLU D 1246 27.18 -0.45 -105.03
N PRO D 1247 26.28 -0.03 -104.16
CA PRO D 1247 26.58 1.08 -103.26
C PRO D 1247 27.72 0.71 -102.32
N VAL D 1248 28.58 1.71 -102.10
CA VAL D 1248 29.88 1.55 -101.47
C VAL D 1248 29.71 1.05 -100.04
N PRO D 1249 30.44 0.01 -99.64
CA PRO D 1249 30.36 -0.44 -98.25
C PRO D 1249 30.89 0.62 -97.31
N PRO D 1250 30.33 0.74 -96.11
CA PRO D 1250 30.89 1.66 -95.12
C PRO D 1250 32.29 1.29 -94.70
N GLU D 1251 32.64 0.02 -94.75
CA GLU D 1251 34.01 -0.42 -94.56
C GLU D 1251 34.63 -0.67 -95.92
N HIS D 1252 35.32 0.34 -96.43
CA HIS D 1252 36.38 0.10 -97.38
C HIS D 1252 37.67 0.58 -96.75
N PRO D 1253 38.79 -0.12 -96.98
CA PRO D 1253 40.07 0.32 -96.37
C PRO D 1253 40.51 1.72 -96.75
N HIS D 1254 40.69 1.99 -98.03
CA HIS D 1254 41.19 3.30 -98.45
C HIS D 1254 40.13 4.13 -99.15
N TYR D 1255 38.87 3.72 -99.13
CA TYR D 1255 37.79 4.51 -99.70
C TYR D 1255 36.87 4.98 -98.59
N GLU D 1256 36.50 6.26 -98.64
CA GLU D 1256 35.65 6.87 -97.64
C GLU D 1256 34.99 8.11 -98.24
N VAL D 1257 33.80 8.44 -97.72
CA VAL D 1257 33.11 9.66 -98.11
C VAL D 1257 32.75 10.40 -96.83
N ALA D 1258 32.47 11.69 -96.99
CA ALA D 1258 32.16 12.56 -95.85
C ALA D 1258 30.93 13.36 -96.18
N ARG D 1259 29.92 13.26 -95.31
CA ARG D 1259 28.73 14.08 -95.41
C ARG D 1259 29.06 15.51 -95.01
N MET D 1260 28.65 16.47 -95.84
CA MET D 1260 28.88 17.86 -95.55
C MET D 1260 27.58 18.54 -95.13
N ASP D 1261 27.71 19.60 -94.34
CA ASP D 1261 26.58 20.38 -93.90
C ASP D 1261 26.37 21.54 -94.85
N GLY D 1262 25.10 21.90 -95.05
CA GLY D 1262 24.78 23.04 -95.87
C GLY D 1262 24.99 24.32 -95.07
N THR D 1263 26.07 25.02 -95.33
CA THR D 1263 26.39 26.23 -94.60
C THR D 1263 25.72 27.42 -95.27
N VAL D 1264 25.95 28.60 -94.70
CA VAL D 1264 25.58 29.84 -95.37
C VAL D 1264 26.42 30.02 -96.62
N ASP D 1265 27.67 29.57 -96.60
CA ASP D 1265 28.53 29.61 -97.76
C ASP D 1265 28.46 28.36 -98.62
N THR D 1266 28.24 27.18 -98.03
CA THR D 1266 28.32 25.96 -98.82
C THR D 1266 26.97 25.24 -98.84
N PRO D 1267 26.59 24.68 -99.98
CA PRO D 1267 25.51 23.69 -100.00
C PRO D 1267 26.01 22.37 -99.43
N PRO D 1268 25.11 21.47 -99.03
CA PRO D 1268 25.59 20.17 -98.52
C PRO D 1268 26.19 19.32 -99.63
N CYS D 1269 27.30 18.68 -99.30
CA CYS D 1269 28.12 17.99 -100.29
C CYS D 1269 28.44 16.58 -99.83
N LEU D 1270 28.93 15.80 -100.78
CA LEU D 1270 29.47 14.47 -100.53
C LEU D 1270 30.94 14.60 -100.89
N ARG D 1271 31.80 14.72 -99.89
CA ARG D 1271 33.23 14.82 -100.17
C ARG D 1271 33.84 13.43 -100.17
N LEU D 1272 34.24 12.97 -101.34
CA LEU D 1272 34.99 11.73 -101.44
C LEU D 1272 36.39 12.00 -100.92
N ALA D 1273 36.90 11.07 -100.12
CA ALA D 1273 38.27 11.14 -99.63
C ALA D 1273 38.91 9.77 -99.81
N HIS D 1274 40.21 9.71 -99.54
CA HIS D 1274 40.98 8.53 -99.86
C HIS D 1274 42.22 8.49 -98.98
N ARG D 1275 42.59 7.28 -98.56
CA ARG D 1275 43.86 7.09 -97.86
C ARG D 1275 44.99 7.18 -98.88
N THR D 1276 45.34 8.43 -99.20
CA THR D 1276 46.27 8.74 -100.30
C THR D 1276 47.68 8.42 -99.86
N TRP D 1277 47.99 7.13 -99.83
CA TRP D 1277 49.25 6.65 -99.29
C TRP D 1277 49.76 5.46 -100.08
N GLY D 1278 50.79 4.80 -99.56
CA GLY D 1278 51.42 3.68 -100.25
C GLY D 1278 50.67 2.39 -100.00
N SER D 1279 51.17 1.29 -100.59
CA SER D 1279 50.73 -0.09 -100.39
C SER D 1279 49.28 -0.35 -100.83
N GLN D 1280 48.66 0.60 -101.49
CA GLN D 1280 47.28 0.47 -101.95
C GLN D 1280 47.05 1.46 -103.08
N ASN D 1281 46.59 0.94 -104.23
CA ASN D 1281 46.28 1.77 -105.38
C ASN D 1281 45.24 1.07 -106.26
N SER D 1282 44.59 1.82 -107.13
CA SER D 1282 43.49 1.26 -107.93
C SER D 1282 43.33 2.09 -109.21
N LEU D 1283 42.42 1.63 -110.07
CA LEU D 1283 42.15 2.24 -111.36
C LEU D 1283 41.05 3.28 -111.28
N VAL D 1284 40.50 3.64 -112.44
CA VAL D 1284 39.42 4.62 -112.55
C VAL D 1284 38.17 4.07 -111.87
N GLU D 1285 37.79 4.70 -110.76
CA GLU D 1285 36.62 4.29 -109.98
C GLU D 1285 35.37 4.81 -110.67
N MET D 1286 34.67 3.93 -111.37
CA MET D 1286 33.43 4.31 -112.02
C MET D 1286 32.31 4.41 -110.99
N LEU D 1287 32.16 5.58 -110.38
CA LEU D 1287 31.15 5.79 -109.36
C LEU D 1287 29.85 6.29 -109.99
N PHE D 1288 28.74 5.93 -109.36
CA PHE D 1288 27.44 6.28 -109.91
C PHE D 1288 26.42 6.41 -108.78
N LEU D 1289 25.80 7.59 -108.71
CA LEU D 1289 24.82 7.81 -107.66
C LEU D 1289 23.51 7.09 -107.99
N ARG D 1290 22.67 6.96 -106.97
CA ARG D 1290 21.34 6.38 -107.14
C ARG D 1290 20.36 7.45 -107.64
N LEU D 1291 20.46 7.73 -108.95
CA LEU D 1291 19.63 8.71 -109.60
C LEU D 1291 18.89 8.06 -110.77
N SER D 1292 17.63 8.44 -110.92
CA SER D 1292 16.85 8.06 -112.09
C SER D 1292 16.05 9.30 -112.48
N LEU D 1293 16.68 10.19 -113.25
CA LEU D 1293 16.07 11.47 -113.62
C LEU D 1293 15.02 11.20 -114.67
N PRO D 1294 13.80 10.92 -114.23
CA PRO D 1294 12.69 10.61 -115.10
C PRO D 1294 12.31 11.83 -115.93
N VAL D 1295 12.49 11.72 -117.24
CA VAL D 1295 12.14 12.83 -118.12
C VAL D 1295 10.62 12.97 -118.18
N GLN D 1296 10.18 14.15 -118.63
CA GLN D 1296 8.86 14.65 -118.23
C GLN D 1296 7.73 14.29 -119.20
N PHE D 1297 7.88 13.30 -120.08
CA PHE D 1297 6.75 12.91 -120.93
C PHE D 1297 6.38 11.45 -120.70
N UNK D 1438 5.32 14.46 -124.97
CA UNK D 1438 4.44 15.29 -124.16
C UNK D 1438 5.22 16.38 -123.43
N UNK D 1439 6.55 16.33 -123.54
CA UNK D 1439 7.41 17.34 -122.94
C UNK D 1439 8.72 17.39 -123.70
N UNK D 1440 9.62 18.26 -123.25
CA UNK D 1440 10.92 18.47 -123.89
C UNK D 1440 11.97 18.52 -122.78
N UNK D 1441 12.71 17.43 -122.63
CA UNK D 1441 13.83 17.37 -121.70
C UNK D 1441 15.09 17.67 -122.49
N UNK D 1442 15.62 18.88 -122.31
CA UNK D 1442 16.84 19.32 -122.99
C UNK D 1442 17.77 19.90 -121.93
N UNK D 1443 18.77 19.11 -121.55
CA UNK D 1443 19.67 19.52 -120.48
C UNK D 1443 20.91 20.20 -121.04
N UNK D 1444 21.72 20.74 -120.14
CA UNK D 1444 22.93 21.43 -120.53
C UNK D 1444 23.92 21.36 -119.37
N UNK D 1445 25.07 20.76 -119.62
CA UNK D 1445 26.16 20.84 -118.66
C UNK D 1445 26.95 22.12 -118.88
N UNK D 1446 27.09 22.91 -117.82
CA UNK D 1446 27.76 24.20 -117.91
C UNK D 1446 29.10 24.13 -117.20
N UNK D 1447 30.09 24.82 -117.75
CA UNK D 1447 31.41 24.93 -117.13
C UNK D 1447 31.40 25.97 -116.02
N UNK D 1448 32.58 26.37 -115.57
CA UNK D 1448 32.69 27.49 -114.65
C UNK D 1448 32.14 28.79 -115.25
N UNK D 1449 32.47 29.07 -116.51
CA UNK D 1449 31.85 30.17 -117.23
C UNK D 1449 31.33 29.69 -118.57
N UNK D 1450 32.02 28.74 -119.18
CA UNK D 1450 31.73 28.31 -120.54
C UNK D 1450 30.48 27.41 -120.55
N UNK D 1451 30.03 27.05 -121.75
CA UNK D 1451 28.81 26.26 -121.90
C UNK D 1451 29.08 25.17 -122.91
N UNK D 1452 29.33 23.96 -122.42
CA UNK D 1452 29.37 22.76 -123.25
C UNK D 1452 27.93 22.51 -123.69
N UNK D 1453 27.75 22.28 -124.98
CA UNK D 1453 26.43 22.24 -125.59
C UNK D 1453 25.70 20.93 -125.34
N UNK D 1454 24.67 20.69 -126.14
CA UNK D 1454 23.84 19.49 -126.12
C UNK D 1454 24.60 18.26 -126.61
N UNK D 1455 23.84 17.20 -126.92
CA UNK D 1455 24.01 15.79 -126.50
C UNK D 1455 23.31 15.56 -125.17
N UNK D 1456 22.52 16.55 -124.77
CA UNK D 1456 21.38 16.28 -123.90
C UNK D 1456 20.21 17.14 -124.35
N UNK D 1457 19.46 16.68 -125.34
CA UNK D 1457 18.36 17.50 -125.84
C UNK D 1457 17.17 16.67 -126.28
N UNK D 1458 17.26 15.35 -126.16
CA UNK D 1458 16.27 14.46 -126.76
C UNK D 1458 15.89 13.40 -125.73
N UNK D 1459 14.87 13.70 -124.95
CA UNK D 1459 14.39 12.78 -123.94
C UNK D 1459 12.92 13.06 -123.67
N UNK D 1460 12.12 12.00 -123.65
CA UNK D 1460 10.71 12.11 -123.34
C UNK D 1460 10.39 11.64 -121.94
N UNK D 1461 10.64 10.37 -121.61
CA UNK D 1461 10.30 9.87 -120.30
C UNK D 1461 11.41 8.99 -119.74
N UNK D 1462 12.63 9.16 -120.23
CA UNK D 1462 13.75 8.34 -119.81
C UNK D 1462 14.18 8.74 -118.41
N UNK D 1463 14.78 7.79 -117.69
CA UNK D 1463 15.23 7.99 -116.31
C UNK D 1463 16.75 7.90 -116.28
N UNK D 1464 17.40 9.02 -115.99
CA UNK D 1464 18.84 9.16 -116.14
C UNK D 1464 19.52 9.24 -114.78
N UNK D 1465 20.73 8.71 -114.70
CA UNK D 1465 21.50 8.75 -113.48
C UNK D 1465 22.44 9.94 -113.48
N UNK D 1466 23.06 10.19 -112.34
CA UNK D 1466 24.21 11.05 -112.29
C UNK D 1466 25.47 10.19 -112.22
N UNK D 1467 26.46 10.50 -113.05
CA UNK D 1467 27.57 9.60 -113.22
C UNK D 1467 28.88 10.31 -112.89
N UNK D 1468 29.81 9.52 -112.36
CA UNK D 1468 31.16 10.00 -112.09
C UNK D 1468 32.17 8.87 -112.23
N UNK D 1469 32.70 8.66 -113.42
CA UNK D 1469 33.75 7.67 -113.61
C UNK D 1469 35.09 8.29 -113.25
N UNK D 1470 35.32 8.51 -111.96
CA UNK D 1470 36.48 9.24 -111.49
C UNK D 1470 37.69 8.30 -111.46
N UNK D 1471 38.87 8.90 -111.43
CA UNK D 1471 40.11 8.15 -111.36
C UNK D 1471 40.93 8.66 -110.19
N UNK D 1472 41.94 7.88 -109.81
CA UNK D 1472 42.74 8.20 -108.64
C UNK D 1472 43.72 9.34 -108.95
N UNK D 1473 43.94 10.18 -107.94
CA UNK D 1473 44.91 11.27 -108.06
C UNK D 1473 45.84 11.32 -106.86
N UNK D 1474 45.65 10.42 -105.88
CA UNK D 1474 46.44 10.32 -104.65
C UNK D 1474 46.45 11.65 -103.87
N UNK D 1475 45.30 12.33 -103.90
CA UNK D 1475 45.19 13.64 -103.28
C UNK D 1475 43.79 13.80 -102.70
N UNK D 1476 43.44 15.03 -102.33
CA UNK D 1476 42.10 15.34 -101.83
C UNK D 1476 41.14 15.25 -103.01
N UNK D 1477 40.18 14.33 -102.92
CA UNK D 1477 39.28 14.12 -104.03
C UNK D 1477 38.15 15.13 -104.05
N UNK D 1478 37.12 14.86 -104.83
CA UNK D 1478 36.06 15.81 -105.10
C UNK D 1478 35.08 15.90 -103.94
N UNK D 1479 34.11 16.79 -104.10
CA UNK D 1479 33.01 17.01 -103.16
C UNK D 1479 31.81 17.41 -104.02
N UNK D 1480 30.98 16.44 -104.34
CA UNK D 1480 29.78 16.69 -105.15
C UNK D 1480 28.75 17.39 -104.26
N UNK D 1481 28.56 18.68 -104.50
CA UNK D 1481 27.60 19.46 -103.73
C UNK D 1481 26.24 19.41 -104.39
N UNK D 1482 25.21 19.63 -103.58
CA UNK D 1482 23.82 19.70 -104.04
C UNK D 1482 23.41 21.15 -103.91
N UNK D 1483 23.66 21.91 -104.97
CA UNK D 1483 23.49 23.36 -104.93
C UNK D 1483 22.23 23.77 -105.69
N UNK D 1484 21.95 25.07 -105.65
CA UNK D 1484 20.89 25.70 -106.41
C UNK D 1484 21.36 27.06 -106.92
N UNK D 1485 20.66 27.56 -107.91
CA UNK D 1485 20.92 28.88 -108.47
C UNK D 1485 19.60 29.62 -108.57
N UNK D 1486 19.61 30.71 -109.33
CA UNK D 1486 18.39 31.37 -109.77
C UNK D 1486 17.80 30.72 -111.02
N UNK D 1487 18.12 29.45 -111.27
CA UNK D 1487 17.77 28.76 -112.51
C UNK D 1487 17.36 27.34 -112.13
N UNK D 1488 17.32 26.41 -113.07
CA UNK D 1488 16.77 25.08 -112.85
C UNK D 1488 17.73 24.21 -112.02
N UNK D 1489 17.40 22.92 -111.93
CA UNK D 1489 18.05 21.98 -111.02
C UNK D 1489 19.52 21.80 -111.36
N UNK D 1490 20.38 22.04 -110.37
CA UNK D 1490 21.82 22.01 -110.55
C UNK D 1490 22.47 21.18 -109.45
N UNK D 1491 23.68 20.70 -109.71
CA UNK D 1491 24.48 19.93 -108.75
C UNK D 1491 25.95 20.13 -109.10
N UNK D 1492 26.63 20.98 -108.34
CA UNK D 1492 28.03 21.25 -108.60
C UNK D 1492 28.91 20.17 -107.99
N UNK D 1493 30.20 20.25 -108.30
CA UNK D 1493 31.18 19.34 -107.70
C UNK D 1493 32.54 20.04 -107.73
N UNK D 1494 32.96 20.54 -106.58
CA UNK D 1494 34.33 21.01 -106.44
C UNK D 1494 35.28 19.81 -106.39
N UNK D 1495 36.54 20.03 -106.77
CA UNK D 1495 37.47 18.92 -106.86
C UNK D 1495 38.90 19.42 -106.71
N UNK D 1496 39.81 18.46 -106.47
CA UNK D 1496 41.23 18.78 -106.48
C UNK D 1496 42.06 17.67 -107.13
N UNK D 1497 41.45 16.84 -107.98
CA UNK D 1497 42.13 15.78 -108.69
C UNK D 1497 42.73 16.33 -109.98
N UNK D 1498 43.33 15.43 -110.77
CA UNK D 1498 44.00 15.86 -111.99
C UNK D 1498 43.05 15.83 -113.19
N UNK D 1499 42.56 14.65 -113.55
CA UNK D 1499 41.71 14.47 -114.71
C UNK D 1499 40.88 13.20 -114.54
N UNK D 1500 39.62 13.27 -114.94
CA UNK D 1500 38.70 12.14 -114.82
C UNK D 1500 37.53 12.37 -115.77
N UNK D 1501 36.84 11.29 -116.14
CA UNK D 1501 35.66 11.42 -116.98
C UNK D 1501 34.42 11.58 -116.12
N UNK D 1502 33.57 12.54 -116.51
CA UNK D 1502 32.33 12.83 -115.80
C UNK D 1502 31.17 12.79 -116.77
N UNK D 1503 29.98 12.54 -116.24
CA UNK D 1503 28.81 12.28 -117.08
C UNK D 1503 27.54 12.52 -116.27
N UNK D 1504 26.41 12.24 -116.90
CA UNK D 1504 25.14 12.04 -116.22
C UNK D 1504 24.47 10.88 -116.97
N UNK D 1505 24.68 9.67 -116.46
CA UNK D 1505 24.37 8.47 -117.22
C UNK D 1505 22.88 8.22 -117.27
N UNK D 1506 22.51 7.18 -118.00
CA UNK D 1506 21.19 6.59 -117.85
C UNK D 1506 21.25 5.55 -116.74
N UNK D 1507 20.22 4.71 -116.66
CA UNK D 1507 20.29 3.54 -115.80
C UNK D 1507 20.66 2.30 -116.63
N UNK D 1508 21.63 2.50 -117.52
CA UNK D 1508 21.96 1.50 -118.53
C UNK D 1508 23.46 1.32 -118.67
N UNK D 1509 24.21 1.67 -117.64
CA UNK D 1509 25.66 1.66 -117.75
C UNK D 1509 26.26 0.39 -117.16
N UNK D 1510 27.35 -0.06 -117.79
CA UNK D 1510 28.16 -1.16 -117.28
C UNK D 1510 29.61 -0.91 -117.70
N UNK D 1511 30.41 -0.36 -116.80
CA UNK D 1511 31.70 0.21 -117.18
C UNK D 1511 32.79 -0.82 -117.40
N UNK D 1512 34.02 -0.35 -117.52
CA UNK D 1512 35.16 -1.16 -117.92
C UNK D 1512 36.43 -0.64 -117.29
N UNK D 1513 37.57 -1.02 -117.87
CA UNK D 1513 38.89 -0.58 -117.43
C UNK D 1513 39.18 0.81 -118.01
N UNK D 1514 40.43 1.26 -118.06
CA UNK D 1514 40.77 2.63 -118.45
C UNK D 1514 40.37 2.91 -119.89
N UNK D 1515 39.38 3.78 -120.07
CA UNK D 1515 38.91 4.22 -121.38
C UNK D 1515 38.31 5.61 -121.22
N UNK D 1516 38.41 6.42 -122.27
CA UNK D 1516 37.99 7.81 -122.18
C UNK D 1516 36.91 8.13 -123.21
N UNK D 1517 36.74 7.26 -124.19
CA UNK D 1517 35.76 7.49 -125.25
C UNK D 1517 35.19 6.16 -125.73
N UNK D 1518 34.64 6.18 -126.94
CA UNK D 1518 34.01 5.02 -127.61
C UNK D 1518 32.89 4.43 -126.74
N UNK D 1519 31.88 5.26 -126.52
CA UNK D 1519 30.78 4.94 -125.61
C UNK D 1519 29.71 4.05 -126.24
N UNK D 1520 29.93 3.56 -127.46
CA UNK D 1520 29.06 2.62 -128.17
C UNK D 1520 27.65 3.13 -128.36
N UNK D 1521 27.49 4.25 -129.05
CA UNK D 1521 26.18 4.77 -129.43
C UNK D 1521 25.76 4.12 -130.76
N UNK D 1522 24.69 4.63 -131.34
CA UNK D 1522 24.27 4.22 -132.68
C UNK D 1522 23.54 5.39 -133.32
N UNK D 1523 22.95 5.17 -134.49
CA UNK D 1523 22.14 6.19 -135.14
C UNK D 1523 21.03 5.52 -135.92
N UNK D 1524 19.82 5.63 -135.40
CA UNK D 1524 18.64 5.14 -136.10
C UNK D 1524 18.24 6.14 -137.17
N UNK D 1525 17.55 5.65 -138.19
CA UNK D 1525 17.11 6.47 -139.31
C UNK D 1525 15.90 5.79 -139.94
N UNK D 1526 14.74 6.41 -139.81
CA UNK D 1526 13.50 5.90 -140.39
C UNK D 1526 13.02 6.91 -141.44
N UNK D 1527 13.28 6.62 -142.71
CA UNK D 1527 12.79 7.48 -143.77
C UNK D 1527 11.34 7.14 -144.06
N UNK D 1528 10.69 7.93 -144.91
CA UNK D 1528 9.26 7.75 -145.13
C UNK D 1528 8.97 6.63 -146.12
N UNK D 1529 9.33 6.80 -147.39
CA UNK D 1529 9.02 5.79 -148.39
C UNK D 1529 10.26 5.17 -149.02
N UNK D 1530 11.09 5.94 -149.71
CA UNK D 1530 12.37 5.42 -150.16
C UNK D 1530 13.51 6.01 -149.34
N UNK D 1531 13.69 7.33 -149.45
CA UNK D 1531 14.63 8.05 -148.59
C UNK D 1531 14.13 9.47 -148.31
N UNK D 1532 12.84 9.72 -148.49
CA UNK D 1532 12.35 11.08 -148.69
C UNK D 1532 12.30 11.89 -147.40
N UNK D 1533 11.45 11.50 -146.45
CA UNK D 1533 11.33 12.23 -145.20
C UNK D 1533 11.91 11.40 -144.08
N UNK D 1534 13.08 11.78 -143.59
CA UNK D 1534 13.78 10.96 -142.62
C UNK D 1534 13.49 11.43 -141.20
N UNK D 1535 13.42 10.46 -140.29
CA UNK D 1535 13.40 10.68 -138.86
C UNK D 1535 14.59 9.90 -138.32
N UNK D 1536 15.72 10.59 -138.24
CA UNK D 1536 16.97 9.97 -137.81
C UNK D 1536 17.41 10.60 -136.49
N UNK D 1537 18.13 9.83 -135.69
CA UNK D 1537 18.61 10.29 -134.40
C UNK D 1537 19.79 9.44 -133.97
N UNK D 1538 20.63 10.02 -133.12
CA UNK D 1538 21.56 9.21 -132.37
C UNK D 1538 20.80 8.37 -131.36
N UNK D 1539 21.38 7.22 -131.00
CA UNK D 1539 20.65 6.21 -130.27
C UNK D 1539 21.11 6.07 -128.83
N UNK D 1540 21.45 7.18 -128.16
CA UNK D 1540 21.50 7.28 -126.70
C UNK D 1540 22.49 6.33 -126.03
N UNK D 1541 23.80 6.56 -126.21
CA UNK D 1541 24.80 5.88 -125.43
C UNK D 1541 24.56 6.11 -123.93
N UNK D 1542 24.97 5.13 -123.12
CA UNK D 1542 24.55 4.98 -121.74
C UNK D 1542 24.96 6.13 -120.83
N UNK D 1543 25.90 6.98 -121.25
CA UNK D 1543 26.33 8.11 -120.44
C UNK D 1543 26.83 9.27 -121.30
N UNK D 1544 27.57 10.17 -120.67
CA UNK D 1544 28.30 11.26 -121.32
C UNK D 1544 29.79 11.08 -121.04
N UNK D 1545 30.61 12.08 -121.38
CA UNK D 1545 32.04 11.99 -121.12
C UNK D 1545 32.61 13.37 -120.85
N UNK D 1546 33.47 13.45 -119.84
CA UNK D 1546 34.19 14.69 -119.58
C UNK D 1546 35.65 14.38 -119.26
N UNK D 1547 36.23 13.43 -119.99
CA UNK D 1547 37.58 12.95 -119.73
C UNK D 1547 38.58 14.03 -120.10
N UNK D 1548 39.07 14.74 -119.07
CA UNK D 1548 40.05 15.82 -119.17
C UNK D 1548 39.57 16.93 -120.10
N UNK D 1549 38.47 17.58 -119.71
CA UNK D 1549 37.85 18.58 -120.57
C UNK D 1549 38.61 19.91 -120.55
N UNK D 1550 39.20 20.26 -119.41
CA UNK D 1550 39.86 21.56 -119.27
C UNK D 1550 41.21 21.56 -119.97
N UNK D 1551 41.45 22.61 -120.76
CA UNK D 1551 42.72 22.79 -121.46
C UNK D 1551 43.51 23.89 -120.77
N UNK D 1552 44.30 23.48 -119.77
CA UNK D 1552 45.09 24.41 -118.99
C UNK D 1552 46.57 24.11 -119.14
N UNK D 1553 47.40 24.82 -118.37
CA UNK D 1553 48.84 24.60 -118.37
C UNK D 1553 49.20 23.49 -117.38
N UNK D 1554 50.48 23.36 -117.08
CA UNK D 1554 50.95 22.32 -116.18
C UNK D 1554 51.09 22.78 -114.73
N UNK D 1555 50.40 23.85 -114.34
CA UNK D 1555 50.55 24.39 -112.99
C UNK D 1555 49.22 24.61 -112.27
N UNK D 1556 48.34 23.62 -112.27
CA UNK D 1556 47.02 23.74 -111.65
C UNK D 1556 47.11 23.75 -110.13
N UNK D 1557 46.32 24.63 -109.49
CA UNK D 1557 46.31 24.71 -108.04
C UNK D 1557 44.90 24.84 -107.48
N UNK D 1558 43.93 25.19 -108.32
CA UNK D 1558 42.60 25.54 -107.85
C UNK D 1558 41.60 24.43 -108.12
N UNK D 1559 40.33 24.70 -107.83
CA UNK D 1559 39.23 23.75 -107.99
C UNK D 1559 38.42 24.06 -109.24
N UNK D 1560 37.52 23.14 -109.59
CA UNK D 1560 36.63 23.30 -110.72
C UNK D 1560 35.18 23.28 -110.24
N UNK D 1561 34.31 23.99 -110.93
CA UNK D 1561 32.92 24.13 -110.48
C UNK D 1561 31.96 24.00 -111.66
N UNK D 1562 32.17 22.99 -112.50
CA UNK D 1562 31.25 22.71 -113.60
C UNK D 1562 29.98 22.08 -113.03
N UNK D 1563 28.83 22.61 -113.42
CA UNK D 1563 27.54 22.12 -112.91
C UNK D 1563 26.66 21.68 -114.08
N UNK D 1564 25.40 21.35 -113.82
CA UNK D 1564 24.48 20.94 -114.86
C UNK D 1564 23.17 21.67 -114.67
N UNK D 1565 22.31 21.59 -115.69
CA UNK D 1565 20.98 22.14 -115.60
C UNK D 1565 20.07 21.30 -116.48
N UNK D 1566 18.81 21.18 -116.06
CA UNK D 1566 17.86 20.30 -116.74
C UNK D 1566 16.67 21.13 -117.18
N UNK D 1567 15.69 20.45 -117.78
CA UNK D 1567 14.47 21.11 -118.24
C UNK D 1567 13.47 21.23 -117.10
N UNK D 1568 13.84 21.94 -116.05
CA UNK D 1568 12.97 22.20 -114.91
C UNK D 1568 12.47 23.63 -115.00
N UNK D 1569 11.25 23.85 -114.51
CA UNK D 1569 10.60 25.14 -114.66
C UNK D 1569 11.10 26.13 -113.61
N UNK D 1570 10.50 27.32 -113.60
CA UNK D 1570 10.86 28.39 -112.68
C UNK D 1570 9.59 28.93 -112.03
N UNK D 1571 9.78 29.52 -110.85
CA UNK D 1571 8.68 30.12 -110.10
C UNK D 1571 9.21 31.33 -109.37
N UNK D 1572 8.89 32.51 -109.86
CA UNK D 1572 9.33 33.74 -109.23
C UNK D 1572 8.19 34.74 -109.20
N MET D 1573 14.04 24.14 -108.81
CA MET D 1573 15.22 24.99 -109.03
C MET D 1573 16.49 24.48 -108.30
N PRO D 1574 16.37 23.88 -107.07
CA PRO D 1574 17.49 23.03 -106.63
C PRO D 1574 17.38 21.66 -107.25
N LEU D 1575 18.33 20.78 -106.94
CA LEU D 1575 18.25 19.42 -107.45
C LEU D 1575 17.20 18.61 -106.71
N SER D 1576 17.10 18.80 -105.39
CA SER D 1576 16.15 18.03 -104.59
C SER D 1576 14.71 18.45 -104.82
N ALA D 1577 14.47 19.58 -105.48
CA ALA D 1577 13.11 19.97 -105.79
C ALA D 1577 12.54 19.20 -106.97
N ALA D 1578 13.35 18.43 -107.68
CA ALA D 1578 12.91 17.84 -108.94
C ALA D 1578 12.22 16.49 -108.77
N MET D 1579 12.77 15.59 -107.96
CA MET D 1579 12.34 14.20 -108.01
C MET D 1579 11.29 13.90 -106.96
N PHE D 1580 11.47 14.45 -105.77
CA PHE D 1580 10.85 13.90 -104.58
C PHE D 1580 9.38 14.24 -104.46
N LEU D 1581 8.87 15.16 -105.30
CA LEU D 1581 7.46 15.33 -105.65
C LEU D 1581 6.62 15.93 -104.53
N SER D 1582 7.16 15.98 -103.32
CA SER D 1582 6.63 16.80 -102.25
C SER D 1582 7.55 17.98 -101.97
N GLU D 1583 8.83 17.83 -102.28
CA GLU D 1583 9.74 18.95 -102.45
C GLU D 1583 9.62 19.56 -103.84
N ARG D 1584 8.74 19.01 -104.68
CA ARG D 1584 8.37 19.68 -105.92
C ARG D 1584 7.71 21.03 -105.65
N LYS D 1585 7.00 21.15 -104.54
CA LYS D 1585 6.49 22.42 -104.07
C LYS D 1585 7.43 23.08 -103.06
N ASN D 1586 8.44 22.36 -102.59
CA ASN D 1586 9.38 22.91 -101.61
C ASN D 1586 10.77 22.99 -102.21
N PRO D 1587 11.13 24.09 -102.88
CA PRO D 1587 12.43 24.16 -103.56
C PRO D 1587 13.61 24.36 -102.63
N ALA D 1588 13.86 23.39 -101.76
CA ALA D 1588 15.04 23.44 -100.91
C ALA D 1588 15.96 22.26 -101.22
N PRO D 1589 17.27 22.50 -101.37
CA PRO D 1589 18.18 21.38 -101.61
C PRO D 1589 18.43 20.59 -100.34
N GLN D 1590 18.32 19.26 -100.46
CA GLN D 1590 18.39 18.37 -99.31
C GLN D 1590 19.24 17.16 -99.67
N CYS D 1591 19.46 16.28 -98.69
CA CYS D 1591 20.20 15.05 -98.91
C CYS D 1591 19.54 13.93 -98.13
N PRO D 1592 18.58 13.24 -98.75
CA PRO D 1592 18.03 12.04 -98.13
C PRO D 1592 19.06 10.93 -98.08
N PRO D 1593 18.96 10.02 -97.10
CA PRO D 1593 19.83 8.84 -97.09
C PRO D 1593 19.57 7.87 -98.23
N ARG D 1594 18.49 8.01 -98.98
CA ARG D 1594 18.28 7.21 -100.18
C ARG D 1594 19.28 7.54 -101.28
N LEU D 1595 19.93 8.70 -101.22
CA LEU D 1595 20.94 9.05 -102.21
C LEU D 1595 22.23 8.30 -101.90
N GLU D 1596 22.56 7.32 -102.75
CA GLU D 1596 23.70 6.46 -102.54
C GLU D 1596 24.51 6.33 -103.82
N VAL D 1597 25.82 6.41 -103.70
CA VAL D 1597 26.69 6.27 -104.85
C VAL D 1597 27.10 4.80 -104.98
N GLN D 1598 26.96 4.26 -106.18
CA GLN D 1598 27.21 2.86 -106.43
C GLN D 1598 28.56 2.67 -107.08
N MET D 1599 29.36 1.78 -106.47
CA MET D 1599 30.63 1.36 -107.03
C MET D 1599 30.36 0.02 -107.71
N LEU D 1600 30.28 0.04 -109.03
CA LEU D 1600 29.96 -1.14 -109.81
C LEU D 1600 31.04 -2.22 -109.67
N MET D 1601 30.62 -3.48 -109.82
CA MET D 1601 31.54 -4.58 -109.75
C MET D 1601 31.04 -5.78 -110.55
N PRO D 1602 31.93 -6.45 -111.26
CA PRO D 1602 31.52 -7.61 -112.06
C PRO D 1602 31.50 -8.90 -111.27
N VAL D 1603 30.85 -8.88 -110.10
CA VAL D 1603 30.79 -10.06 -109.24
C VAL D 1603 29.62 -9.89 -108.30
N SER D 1604 28.86 -10.96 -108.13
CA SER D 1604 27.78 -11.08 -107.15
C SER D 1604 27.57 -12.57 -106.95
N TRP D 1605 26.41 -12.94 -106.41
CA TRP D 1605 26.03 -14.36 -106.37
C TRP D 1605 24.66 -14.51 -107.00
N SER D 1606 24.66 -15.00 -108.24
CA SER D 1606 23.46 -15.18 -109.04
C SER D 1606 22.96 -16.60 -108.89
N ARG D 1607 21.64 -16.75 -108.95
CA ARG D 1607 20.98 -18.02 -108.76
C ARG D 1607 20.85 -18.74 -110.09
N MET D 1608 21.07 -20.04 -110.08
CA MET D 1608 20.89 -20.82 -111.30
C MET D 1608 19.48 -21.40 -111.33
N PRO D 1609 18.80 -21.38 -112.49
CA PRO D 1609 17.49 -22.03 -112.57
C PRO D 1609 17.61 -23.54 -112.53
N ASN D 1610 16.65 -24.16 -111.84
CA ASN D 1610 16.56 -25.61 -111.82
C ASN D 1610 15.98 -26.15 -113.13
N HIS D 1611 15.40 -25.29 -113.97
CA HIS D 1611 14.80 -25.73 -115.22
C HIS D 1611 15.09 -24.72 -116.31
N PHE D 1612 15.14 -25.21 -117.53
CA PHE D 1612 15.30 -24.40 -118.73
C PHE D 1612 14.33 -24.91 -119.79
N LEU D 1613 14.46 -24.38 -121.00
CA LEU D 1613 13.66 -24.88 -122.10
C LEU D 1613 14.22 -26.24 -122.55
N GLN D 1614 13.35 -27.26 -122.54
CA GLN D 1614 13.77 -28.61 -122.86
C GLN D 1614 14.14 -28.79 -124.32
N VAL D 1615 13.63 -27.94 -125.20
CA VAL D 1615 13.94 -28.06 -126.62
C VAL D 1615 14.38 -26.71 -127.16
N GLU D 1622 19.64 -29.47 -137.76
CA GLU D 1622 19.56 -30.76 -138.44
C GLU D 1622 19.91 -30.62 -139.92
N ARG D 1623 18.96 -30.94 -140.79
CA ARG D 1623 19.16 -30.90 -142.22
C ARG D 1623 18.40 -29.73 -142.82
N LEU D 1624 18.62 -29.53 -144.13
CA LEU D 1624 18.04 -28.46 -144.94
C LEU D 1624 18.34 -27.09 -144.31
N GLY D 1625 19.63 -26.79 -144.27
CA GLY D 1625 20.08 -25.59 -143.60
C GLY D 1625 19.96 -25.64 -142.10
N TRP D 1626 20.21 -26.81 -141.50
CA TRP D 1626 20.30 -27.02 -140.05
C TRP D 1626 19.00 -26.65 -139.34
N ALA D 1627 17.99 -27.48 -139.58
CA ALA D 1627 16.70 -27.37 -138.92
C ALA D 1627 16.87 -27.47 -137.40
N VAL D 1628 16.54 -26.39 -136.72
CA VAL D 1628 16.66 -26.29 -135.27
C VAL D 1628 15.32 -26.68 -134.66
N GLN D 1629 15.34 -27.47 -133.59
CA GLN D 1629 14.14 -27.91 -132.92
C GLN D 1629 13.99 -27.21 -131.57
N CYS D 1630 12.82 -26.60 -131.36
CA CYS D 1630 12.47 -25.98 -130.08
C CYS D 1630 10.96 -25.90 -129.99
N GLN D 1631 10.37 -26.69 -129.09
CA GLN D 1631 8.92 -26.71 -128.96
C GLN D 1631 8.43 -26.54 -127.53
N ASP D 1632 9.15 -27.09 -126.54
CA ASP D 1632 8.66 -27.27 -125.18
C ASP D 1632 8.61 -25.93 -124.42
N PRO D 1633 7.42 -25.48 -124.04
CA PRO D 1633 7.29 -24.16 -123.40
C PRO D 1633 7.49 -24.19 -121.89
N LEU D 1634 7.98 -23.06 -121.36
CA LEU D 1634 8.19 -22.89 -119.92
C LEU D 1634 8.30 -21.40 -119.63
N THR D 1635 7.70 -20.95 -118.53
CA THR D 1635 7.73 -19.55 -118.13
C THR D 1635 8.29 -19.44 -116.71
N MET D 1636 8.45 -18.20 -116.26
CA MET D 1636 8.94 -17.92 -114.92
C MET D 1636 8.36 -16.60 -114.45
N MET D 1637 8.34 -16.40 -113.14
CA MET D 1637 7.92 -15.13 -112.56
C MET D 1637 9.06 -14.52 -111.74
N ALA D 1638 9.15 -13.20 -111.78
CA ALA D 1638 10.37 -12.54 -111.31
C ALA D 1638 10.09 -11.07 -111.04
N LEU D 1639 10.48 -10.64 -109.84
CA LEU D 1639 10.23 -9.29 -109.36
C LEU D 1639 11.01 -8.23 -110.12
N HIS D 1640 10.29 -7.23 -110.60
CA HIS D 1640 10.90 -6.04 -111.17
C HIS D 1640 10.82 -4.94 -110.11
N ILE D 1641 11.97 -4.43 -109.72
CA ILE D 1641 11.96 -3.19 -108.93
C ILE D 1641 11.90 -2.00 -109.88
N PRO D 1642 10.88 -1.14 -109.77
CA PRO D 1642 10.85 0.07 -110.59
C PRO D 1642 11.74 1.17 -110.03
N GLU D 1643 12.01 1.14 -108.72
CA GLU D 1643 12.87 2.14 -108.10
C GLU D 1643 14.29 2.07 -108.62
N GLU D 1644 14.76 0.90 -109.05
CA GLU D 1644 16.00 0.81 -109.80
C GLU D 1644 15.75 0.69 -111.29
N ASN D 1645 14.50 0.45 -111.68
CA ASN D 1645 14.09 0.01 -113.02
C ASN D 1645 14.95 -1.17 -113.47
N ARG D 1646 14.84 -2.24 -112.71
CA ARG D 1646 15.40 -3.52 -113.14
C ARG D 1646 14.57 -4.65 -112.55
N CYS D 1647 14.81 -5.83 -113.08
CA CYS D 1647 14.09 -7.02 -112.65
C CYS D 1647 15.05 -8.00 -112.00
N MET D 1648 14.50 -8.94 -111.23
CA MET D 1648 15.28 -9.94 -110.53
C MET D 1648 14.38 -11.08 -110.10
N ASP D 1649 15.01 -12.18 -109.70
CA ASP D 1649 14.25 -13.38 -109.36
C ASP D 1649 13.51 -13.19 -108.04
N ILE D 1650 12.42 -13.93 -107.91
CA ILE D 1650 11.72 -14.08 -106.65
C ILE D 1650 12.56 -14.82 -105.63
N LEU D 1651 13.54 -15.61 -106.06
CA LEU D 1651 14.37 -16.34 -105.12
C LEU D 1651 15.76 -15.76 -104.98
N GLU D 1652 15.97 -14.54 -105.48
CA GLU D 1652 17.07 -13.71 -105.03
C GLU D 1652 16.84 -13.13 -103.65
N LEU D 1653 15.62 -13.23 -103.13
CA LEU D 1653 15.24 -12.61 -101.87
C LEU D 1653 15.73 -13.41 -100.67
N SER D 1654 15.85 -14.72 -100.84
CA SER D 1654 16.54 -15.60 -99.92
C SER D 1654 18.05 -15.47 -99.98
N GLU D 1655 18.56 -14.58 -100.83
CA GLU D 1655 19.93 -14.08 -100.80
C GLU D 1655 20.01 -12.70 -100.20
N ARG D 1656 18.98 -11.86 -100.41
CA ARG D 1656 19.01 -10.51 -99.87
C ARG D 1656 18.85 -10.50 -98.37
N LEU D 1657 17.84 -11.22 -97.85
CA LEU D 1657 17.50 -11.40 -96.44
C LEU D 1657 17.05 -10.11 -95.76
N ASP D 1658 16.86 -9.05 -96.48
CA ASP D 1658 16.32 -7.81 -95.96
C ASP D 1658 15.19 -7.29 -96.83
N LEU D 1659 15.31 -7.40 -98.15
CA LEU D 1659 14.23 -7.00 -99.03
C LEU D 1659 13.11 -8.02 -98.99
N GLN D 1660 13.45 -9.29 -98.81
CA GLN D 1660 12.46 -10.30 -98.46
C GLN D 1660 11.79 -9.94 -97.15
N ARG D 1661 12.59 -9.56 -96.16
CA ARG D 1661 12.04 -9.10 -94.89
C ARG D 1661 11.27 -7.80 -95.08
N PHE D 1662 11.77 -6.90 -95.92
CA PHE D 1662 10.97 -5.77 -96.36
C PHE D 1662 9.71 -6.20 -97.08
N HIS D 1663 9.78 -7.21 -97.92
CA HIS D 1663 8.56 -7.62 -98.58
C HIS D 1663 7.67 -8.45 -97.67
N SER D 1664 8.26 -9.15 -96.69
CA SER D 1664 7.44 -9.84 -95.71
C SER D 1664 6.59 -8.85 -94.91
N HIS D 1665 7.14 -7.68 -94.63
CA HIS D 1665 6.36 -6.61 -94.07
C HIS D 1665 5.44 -5.98 -95.11
N THR D 1666 5.79 -6.08 -96.39
CA THR D 1666 4.83 -5.68 -97.41
C THR D 1666 3.74 -6.73 -97.57
N LEU D 1667 4.09 -7.99 -97.32
CA LEU D 1667 3.18 -9.13 -97.51
C LEU D 1667 2.02 -9.09 -96.53
N ARG D 1668 2.32 -8.84 -95.26
CA ARG D 1668 1.25 -8.67 -94.28
C ARG D 1668 0.56 -7.34 -94.40
N LEU D 1669 1.22 -6.34 -94.98
CA LEU D 1669 0.57 -5.09 -95.30
C LEU D 1669 -0.50 -5.28 -96.37
N TYR D 1670 -0.28 -6.24 -97.26
CA TYR D 1670 -1.25 -6.56 -98.30
C TYR D 1670 -2.53 -7.12 -97.72
N ARG D 1671 -2.44 -7.79 -96.57
CA ARG D 1671 -3.64 -8.17 -95.85
C ARG D 1671 -4.25 -6.96 -95.16
N ALA D 1672 -3.43 -5.99 -94.77
CA ALA D 1672 -3.93 -4.84 -94.05
C ALA D 1672 -4.64 -3.88 -94.97
N VAL D 1673 -4.06 -3.62 -96.14
CA VAL D 1673 -4.67 -2.71 -97.12
C VAL D 1673 -5.96 -3.31 -97.66
N CYS D 1674 -5.90 -4.55 -98.12
CA CYS D 1674 -7.12 -5.28 -98.45
C CYS D 1674 -7.69 -5.90 -97.18
N ALA D 1675 -8.29 -5.02 -96.37
CA ALA D 1675 -8.80 -5.47 -95.09
C ALA D 1675 -10.15 -6.13 -95.24
N LEU D 1676 -10.84 -6.34 -94.12
CA LEU D 1676 -12.08 -7.08 -94.09
C LEU D 1676 -13.21 -6.27 -94.69
N GLY D 1677 -14.05 -6.94 -95.48
CA GLY D 1677 -15.16 -6.33 -96.18
C GLY D 1677 -14.74 -5.32 -97.23
N ASN D 1678 -13.51 -5.42 -97.73
CA ASN D 1678 -12.99 -4.39 -98.63
C ASN D 1678 -13.00 -4.98 -100.03
N ASN D 1679 -14.17 -4.97 -100.66
CA ASN D 1679 -14.32 -5.49 -102.00
C ASN D 1679 -14.21 -4.42 -103.05
N ARG D 1680 -14.46 -3.17 -102.68
CA ARG D 1680 -14.26 -2.05 -103.58
C ARG D 1680 -12.79 -1.91 -103.94
N VAL D 1681 -11.90 -2.25 -103.01
CA VAL D 1681 -10.48 -2.32 -103.30
C VAL D 1681 -10.09 -3.70 -103.87
N ALA D 1682 -10.83 -4.77 -103.53
CA ALA D 1682 -10.48 -6.09 -104.03
C ALA D 1682 -10.72 -6.22 -105.53
N HIS D 1683 -11.78 -5.59 -106.03
CA HIS D 1683 -11.99 -5.54 -107.48
C HIS D 1683 -11.00 -4.61 -108.16
N ALA D 1684 -10.37 -3.72 -107.40
CA ALA D 1684 -9.33 -2.84 -107.93
C ALA D 1684 -7.94 -3.44 -107.79
N LEU D 1685 -7.81 -4.55 -107.08
CA LEU D 1685 -6.54 -5.14 -106.71
C LEU D 1685 -6.02 -6.17 -107.70
N CYS D 1686 -6.86 -6.67 -108.61
CA CYS D 1686 -6.38 -7.57 -109.64
C CYS D 1686 -5.40 -6.88 -110.59
N SER D 1687 -5.51 -5.56 -110.75
CA SER D 1687 -4.52 -4.82 -111.49
C SER D 1687 -3.24 -4.63 -110.70
N HIS D 1688 -3.32 -4.72 -109.37
CA HIS D 1688 -2.16 -4.41 -108.54
C HIS D 1688 -1.12 -5.51 -108.62
N VAL D 1689 -1.50 -6.77 -108.42
CA VAL D 1689 -0.51 -7.80 -108.66
C VAL D 1689 -0.82 -8.50 -109.98
N ASP D 1690 -1.83 -9.36 -109.97
CA ASP D 1690 -2.17 -10.23 -111.09
C ASP D 1690 -3.41 -11.06 -110.80
N GLN D 1691 -3.67 -12.01 -111.69
CA GLN D 1691 -4.45 -13.19 -111.38
C GLN D 1691 -3.67 -14.48 -111.48
N ALA D 1692 -2.92 -14.65 -112.56
CA ALA D 1692 -2.37 -15.95 -112.92
C ALA D 1692 -1.14 -16.31 -112.09
N GLN D 1693 -0.27 -15.34 -111.85
CA GLN D 1693 0.92 -15.65 -111.07
C GLN D 1693 0.61 -15.83 -109.60
N LEU D 1694 -0.56 -15.41 -109.16
CA LEU D 1694 -1.05 -15.81 -107.86
C LEU D 1694 -1.26 -17.31 -107.80
N LEU D 1695 -1.89 -17.89 -108.80
CA LEU D 1695 -2.05 -19.33 -108.86
C LEU D 1695 -0.74 -20.02 -109.17
N HIS D 1696 0.18 -19.32 -109.84
CA HIS D 1696 1.52 -19.86 -110.01
C HIS D 1696 2.29 -19.85 -108.71
N ALA D 1697 2.00 -18.90 -107.84
CA ALA D 1697 2.56 -18.89 -106.50
C ALA D 1697 1.97 -20.01 -105.65
N LEU D 1698 0.76 -20.47 -106.00
CA LEU D 1698 0.26 -21.70 -105.42
C LEU D 1698 1.11 -22.88 -105.90
N GLU D 1699 1.53 -22.83 -107.16
CA GLU D 1699 2.05 -24.00 -107.85
C GLU D 1699 3.42 -24.45 -107.35
N ASP D 1700 4.27 -23.53 -106.88
CA ASP D 1700 5.67 -23.86 -106.66
C ASP D 1700 5.86 -24.68 -105.38
N ALA D 1701 6.96 -25.44 -105.34
CA ALA D 1701 7.34 -26.25 -104.20
C ALA D 1701 8.65 -25.83 -103.55
N HIS D 1702 9.42 -24.97 -104.20
CA HIS D 1702 10.63 -24.39 -103.63
C HIS D 1702 10.38 -22.92 -103.37
N LEU D 1703 10.12 -22.59 -102.12
CA LEU D 1703 9.74 -21.25 -101.68
C LEU D 1703 10.15 -21.13 -100.22
N PRO D 1704 10.61 -19.95 -99.78
CA PRO D 1704 11.28 -19.89 -98.48
C PRO D 1704 10.34 -19.87 -97.28
N GLY D 1705 9.13 -19.36 -97.41
CA GLY D 1705 8.15 -19.50 -96.35
C GLY D 1705 7.65 -18.22 -95.70
N PRO D 1706 8.54 -17.29 -95.35
CA PRO D 1706 8.08 -15.93 -95.06
C PRO D 1706 7.60 -15.22 -96.32
N LEU D 1707 7.98 -15.72 -97.48
CA LEU D 1707 7.49 -15.37 -98.79
C LEU D 1707 6.22 -16.18 -99.04
N ARG D 1708 5.97 -16.52 -100.31
CA ARG D 1708 4.75 -17.05 -100.91
C ARG D 1708 3.94 -18.06 -100.09
N ALA D 1709 4.55 -18.74 -99.12
CA ALA D 1709 3.77 -19.44 -98.13
C ALA D 1709 2.87 -18.49 -97.36
N GLY D 1710 3.30 -17.25 -97.17
CA GLY D 1710 2.41 -16.21 -96.74
C GLY D 1710 1.36 -15.81 -97.75
N TYR D 1711 1.60 -16.05 -99.05
CA TYR D 1711 0.62 -15.67 -100.05
C TYR D 1711 -0.61 -16.54 -100.04
N TYR D 1712 -0.52 -17.76 -99.51
CA TYR D 1712 -1.71 -18.56 -99.31
C TYR D 1712 -2.63 -17.90 -98.30
N ASP D 1713 -2.05 -17.33 -97.24
CA ASP D 1713 -2.82 -16.58 -96.28
C ASP D 1713 -3.25 -15.22 -96.83
N LEU D 1714 -2.53 -14.70 -97.83
CA LEU D 1714 -2.98 -13.46 -98.46
C LEU D 1714 -4.17 -13.72 -99.37
N LEU D 1715 -4.17 -14.86 -100.05
CA LEU D 1715 -5.34 -15.29 -100.79
C LEU D 1715 -6.52 -15.57 -99.87
N ILE D 1716 -6.23 -16.11 -98.69
CA ILE D 1716 -7.22 -16.20 -97.63
C ILE D 1716 -7.78 -14.82 -97.27
N SER D 1717 -6.88 -13.84 -97.11
CA SER D 1717 -7.26 -12.48 -96.79
C SER D 1717 -8.10 -11.82 -97.87
N ILE D 1718 -7.92 -12.21 -99.12
CA ILE D 1718 -8.66 -11.58 -100.21
C ILE D 1718 -9.77 -12.46 -100.75
N HIS D 1719 -9.78 -13.74 -100.41
CA HIS D 1719 -10.83 -14.64 -100.88
C HIS D 1719 -11.25 -15.61 -99.79
N LEU D 1720 -11.39 -15.12 -98.57
CA LEU D 1720 -12.09 -15.88 -97.54
C LEU D 1720 -13.20 -15.07 -96.91
N GLU D 1721 -12.86 -13.84 -96.53
CA GLU D 1721 -13.48 -13.10 -95.44
C GLU D 1721 -14.96 -12.83 -95.67
N SER D 1722 -15.30 -12.27 -96.79
CA SER D 1722 -16.64 -11.80 -97.05
C SER D 1722 -17.61 -12.91 -97.36
N ALA D 1723 -17.13 -14.14 -97.51
CA ALA D 1723 -17.97 -15.27 -97.84
C ALA D 1723 -17.98 -16.24 -96.66
N CYS D 1724 -16.89 -16.22 -95.91
CA CYS D 1724 -16.70 -17.19 -94.85
C CYS D 1724 -17.19 -16.64 -93.53
N ARG D 1725 -16.98 -15.35 -93.27
CA ARG D 1725 -17.69 -14.75 -92.16
C ARG D 1725 -19.18 -14.72 -92.43
N SER D 1726 -19.57 -14.51 -93.69
CA SER D 1726 -20.93 -14.78 -94.13
C SER D 1726 -21.33 -16.22 -93.87
N ARG D 1727 -20.40 -17.16 -94.05
CA ARG D 1727 -20.71 -18.55 -93.77
C ARG D 1727 -20.73 -18.83 -92.27
N ARG D 1728 -19.66 -18.46 -91.57
CA ARG D 1728 -19.53 -18.85 -90.17
C ARG D 1728 -20.49 -18.10 -89.25
N SER D 1729 -21.00 -16.95 -89.69
CA SER D 1729 -21.93 -16.18 -88.87
C SER D 1729 -23.26 -16.91 -88.77
N MET D 1730 -23.85 -17.24 -89.91
CA MET D 1730 -25.10 -17.96 -89.96
C MET D 1730 -24.91 -19.46 -89.92
N LEU D 1731 -23.67 -19.91 -89.70
CA LEU D 1731 -23.40 -21.31 -89.40
C LEU D 1731 -24.14 -21.76 -88.17
N SER D 1732 -24.21 -20.94 -87.13
CA SER D 1732 -24.93 -21.30 -85.92
C SER D 1732 -26.42 -21.00 -86.04
N GLU D 1733 -27.01 -21.38 -87.17
CA GLU D 1733 -28.41 -21.14 -87.48
C GLU D 1733 -28.92 -22.36 -88.23
N TYR D 1734 -29.79 -23.13 -87.59
CA TYR D 1734 -30.36 -24.34 -88.17
C TYR D 1734 -31.83 -24.11 -88.47
N ILE D 1735 -32.20 -24.26 -89.73
CA ILE D 1735 -33.50 -23.82 -90.21
C ILE D 1735 -33.77 -24.49 -91.56
N VAL D 1736 -35.03 -24.81 -91.83
CA VAL D 1736 -35.36 -25.73 -92.91
C VAL D 1736 -36.79 -25.54 -93.41
N PRO D 1737 -37.03 -25.66 -94.73
CA PRO D 1737 -38.39 -25.82 -95.25
C PRO D 1737 -38.86 -27.27 -95.19
N LEU D 1738 -39.96 -27.58 -95.86
CA LEU D 1738 -40.30 -28.95 -96.19
C LEU D 1738 -40.06 -29.20 -97.68
N THR D 1739 -39.13 -30.10 -97.97
CA THR D 1739 -38.98 -30.76 -99.25
C THR D 1739 -39.18 -32.24 -99.00
N PRO D 1740 -39.36 -33.06 -100.03
CA PRO D 1740 -39.26 -34.51 -99.81
C PRO D 1740 -37.86 -34.94 -99.40
N GLU D 1741 -36.82 -34.23 -99.86
CA GLU D 1741 -35.48 -34.48 -99.38
C GLU D 1741 -35.34 -34.14 -97.90
N THR D 1742 -36.01 -33.08 -97.46
CA THR D 1742 -36.13 -32.78 -96.04
C THR D 1742 -36.88 -33.86 -95.31
N ARG D 1743 -38.01 -34.30 -95.87
CA ARG D 1743 -38.92 -35.19 -95.20
C ARG D 1743 -38.33 -36.58 -95.00
N ALA D 1744 -37.66 -37.10 -96.02
CA ALA D 1744 -37.04 -38.41 -95.98
C ALA D 1744 -35.55 -38.22 -95.73
N ILE D 1745 -35.18 -38.08 -94.47
CA ILE D 1745 -33.79 -38.19 -94.06
C ILE D 1745 -33.76 -38.78 -92.65
N THR D 1746 -32.85 -39.73 -92.44
CA THR D 1746 -32.73 -40.46 -91.18
C THR D 1746 -31.27 -40.87 -91.03
N LEU D 1747 -31.03 -41.86 -90.16
CA LEU D 1747 -29.74 -42.54 -90.10
C LEU D 1747 -29.38 -43.13 -91.46
N PHE D 1748 -30.29 -43.93 -92.00
CA PHE D 1748 -30.17 -44.74 -93.20
C PHE D 1748 -28.84 -45.48 -93.34
N PRO D 1749 -28.60 -46.56 -92.61
CA PRO D 1749 -27.58 -47.51 -93.04
C PRO D 1749 -28.17 -48.58 -93.94
N PRO D 1750 -27.80 -48.61 -95.22
CA PRO D 1750 -28.22 -49.73 -96.07
C PRO D 1750 -27.24 -50.88 -96.01
N GLY D 1751 -27.73 -52.08 -95.75
CA GLY D 1751 -26.86 -53.25 -95.75
C GLY D 1751 -27.50 -54.48 -95.17
N ARG D 1752 -26.77 -55.15 -94.27
CA ARG D 1752 -27.26 -56.35 -93.58
C ARG D 1752 -27.93 -56.02 -92.26
N LYS D 1753 -28.51 -54.82 -92.14
CA LYS D 1753 -29.24 -54.27 -90.99
C LYS D 1753 -28.40 -54.16 -89.71
N GLY D 1754 -27.08 -54.30 -89.80
CA GLY D 1754 -26.21 -54.08 -88.66
C GLY D 1754 -25.63 -52.71 -88.56
N GLY D 1755 -26.00 -51.79 -89.46
CA GLY D 1755 -25.43 -50.46 -89.44
C GLY D 1755 -26.09 -49.53 -88.44
N ASN D 1756 -27.32 -49.85 -88.04
CA ASN D 1756 -27.94 -49.12 -86.94
C ASN D 1756 -27.25 -49.45 -85.63
N ALA D 1757 -26.71 -50.66 -85.50
CA ALA D 1757 -25.82 -50.96 -84.39
C ALA D 1757 -24.41 -50.47 -84.65
N ARG D 1758 -24.02 -50.33 -85.91
CA ARG D 1758 -22.70 -49.88 -86.31
C ARG D 1758 -22.74 -48.36 -86.53
N ARG D 1759 -21.75 -47.83 -87.24
CA ARG D 1759 -21.75 -46.43 -87.64
C ARG D 1759 -22.94 -46.13 -88.54
N HIS D 1760 -23.62 -45.04 -88.23
CA HIS D 1760 -24.88 -44.70 -88.87
C HIS D 1760 -24.71 -44.08 -90.23
N GLY D 1761 -23.48 -43.81 -90.65
CA GLY D 1761 -23.21 -43.20 -91.93
C GLY D 1761 -21.86 -42.50 -91.94
N LEU D 1762 -21.76 -41.39 -92.67
CA LEU D 1762 -20.51 -40.66 -92.80
C LEU D 1762 -20.80 -39.16 -92.76
N PRO D 1763 -19.98 -38.37 -92.07
CA PRO D 1763 -20.04 -36.92 -92.23
C PRO D 1763 -19.59 -36.53 -93.64
N GLY D 1764 -20.07 -35.37 -94.09
CA GLY D 1764 -19.90 -35.05 -95.49
C GLY D 1764 -20.86 -35.87 -96.31
N VAL D 1765 -22.14 -35.56 -96.17
CA VAL D 1765 -23.24 -36.32 -96.76
C VAL D 1765 -23.91 -35.33 -97.71
N GLY D 1766 -25.05 -35.70 -98.30
CA GLY D 1766 -25.65 -34.91 -99.36
C GLY D 1766 -26.38 -33.67 -98.90
N VAL D 1767 -27.59 -33.47 -99.41
CA VAL D 1767 -28.27 -32.18 -99.30
C VAL D 1767 -28.68 -31.91 -97.85
N THR D 1768 -28.22 -30.77 -97.32
CA THR D 1768 -28.43 -30.43 -95.92
C THR D 1768 -29.71 -29.65 -95.67
N THR D 1769 -30.22 -28.93 -96.67
CA THR D 1769 -31.47 -28.13 -96.63
C THR D 1769 -31.45 -27.07 -95.51
N SER D 1770 -30.28 -26.67 -95.05
CA SER D 1770 -30.21 -25.45 -94.25
C SER D 1770 -30.28 -24.26 -95.18
N LEU D 1771 -30.75 -23.14 -94.64
CA LEU D 1771 -30.93 -21.93 -95.45
C LEU D 1771 -29.55 -21.35 -95.72
N ARG D 1772 -28.91 -21.84 -96.77
CA ARG D 1772 -27.52 -21.50 -97.09
C ARG D 1772 -27.50 -20.84 -98.46
N PRO D 1773 -27.07 -19.58 -98.55
CA PRO D 1773 -27.09 -18.88 -99.84
C PRO D 1773 -25.83 -19.13 -100.63
N PRO D 1774 -25.79 -18.76 -101.91
CA PRO D 1774 -24.52 -18.51 -102.57
C PRO D 1774 -23.87 -17.25 -102.02
N HIS D 1775 -22.57 -17.12 -102.24
CA HIS D 1775 -21.87 -16.01 -101.62
C HIS D 1775 -21.85 -14.76 -102.50
N HIS D 1776 -22.37 -14.87 -103.73
CA HIS D 1776 -22.63 -13.74 -104.63
C HIS D 1776 -21.37 -12.96 -104.98
N PHE D 1777 -20.52 -13.63 -105.76
CA PHE D 1777 -19.28 -13.02 -106.22
C PHE D 1777 -19.58 -12.06 -107.37
N SER D 1778 -18.56 -11.30 -107.78
CA SER D 1778 -18.68 -10.37 -108.89
C SER D 1778 -17.43 -10.51 -109.73
N PRO D 1779 -17.52 -10.28 -111.04
CA PRO D 1779 -16.32 -10.23 -111.86
C PRO D 1779 -15.53 -8.97 -111.58
N PRO D 1780 -14.27 -9.09 -111.17
CA PRO D 1780 -13.42 -7.90 -111.07
C PRO D 1780 -13.05 -7.36 -112.43
N CYS D 1781 -13.29 -6.06 -112.60
CA CYS D 1781 -13.10 -5.42 -113.89
C CYS D 1781 -12.84 -3.93 -113.66
N PHE D 1782 -12.47 -3.25 -114.74
CA PHE D 1782 -12.11 -1.84 -114.67
C PHE D 1782 -12.75 -0.98 -115.76
N VAL D 1783 -13.09 -1.53 -116.93
CA VAL D 1783 -13.63 -0.73 -118.03
C VAL D 1783 -15.10 -0.39 -117.83
N ALA D 1784 -15.73 -0.90 -116.79
CA ALA D 1784 -17.13 -0.58 -116.52
C ALA D 1784 -17.26 0.85 -116.00
N ALA D 1785 -18.45 1.41 -116.17
CA ALA D 1785 -18.74 2.75 -115.69
C ALA D 1785 -18.98 2.73 -114.18
N LEU D 1786 -19.18 3.92 -113.63
CA LEU D 1786 -19.35 4.13 -112.20
C LEU D 1786 -20.83 4.28 -111.84
N PRO D 1787 -21.25 3.80 -110.67
CA PRO D 1787 -22.63 4.03 -110.25
C PRO D 1787 -22.84 5.48 -109.84
N ALA D 1788 -23.99 6.03 -110.25
CA ALA D 1788 -24.38 7.44 -110.07
C ALA D 1788 -23.34 8.42 -110.60
N GLU D 1793 -23.28 4.81 -106.11
CA GLU D 1793 -24.56 4.33 -105.58
C GLU D 1793 -24.85 2.92 -106.08
N ALA D 1794 -24.35 1.94 -105.33
CA ALA D 1794 -24.49 0.53 -105.67
C ALA D 1794 -24.24 -0.29 -104.40
N PRO D 1795 -24.66 -1.57 -104.35
CA PRO D 1795 -24.13 -2.47 -103.32
C PRO D 1795 -22.68 -2.76 -103.64
N ALA D 1796 -21.80 -1.84 -103.22
CA ALA D 1796 -20.68 -1.24 -104.00
C ALA D 1796 -19.97 -2.32 -104.81
N ARG D 1797 -19.29 -3.27 -104.17
CA ARG D 1797 -18.60 -4.35 -104.85
C ARG D 1797 -18.87 -5.64 -104.10
N LEU D 1798 -19.20 -6.71 -104.83
CA LEU D 1798 -19.66 -7.91 -104.15
C LEU D 1798 -18.52 -8.73 -103.58
N SER D 1799 -17.74 -9.38 -104.46
CA SER D 1799 -16.48 -10.08 -104.20
C SER D 1799 -15.91 -10.52 -105.54
N PRO D 1800 -14.59 -10.45 -105.74
CA PRO D 1800 -14.01 -11.03 -106.96
C PRO D 1800 -14.05 -12.55 -106.91
N ALA D 1801 -13.99 -13.18 -108.08
CA ALA D 1801 -14.26 -14.59 -108.22
C ALA D 1801 -13.07 -15.36 -108.77
N ILE D 1802 -13.08 -16.68 -108.53
CA ILE D 1802 -12.02 -17.61 -108.91
C ILE D 1802 -12.71 -18.84 -109.52
N PRO D 1803 -12.11 -19.54 -110.52
CA PRO D 1803 -12.65 -20.85 -110.90
C PRO D 1803 -12.42 -21.89 -109.81
N LEU D 1804 -13.51 -22.21 -109.13
CA LEU D 1804 -13.43 -22.88 -107.84
C LEU D 1804 -13.20 -24.38 -107.96
N GLU D 1805 -13.79 -25.02 -108.96
CA GLU D 1805 -13.62 -26.47 -109.09
C GLU D 1805 -12.20 -26.82 -109.53
N ALA D 1806 -11.66 -26.09 -110.51
CA ALA D 1806 -10.29 -26.30 -110.91
C ALA D 1806 -9.33 -25.90 -109.80
N LEU D 1807 -9.67 -24.84 -109.07
CA LEU D 1807 -8.91 -24.45 -107.89
C LEU D 1807 -8.91 -25.55 -106.83
N ARG D 1808 -10.07 -26.16 -106.60
CA ARG D 1808 -10.21 -27.22 -105.62
C ARG D 1808 -9.42 -28.45 -106.02
N ASP D 1809 -9.46 -28.81 -107.31
CA ASP D 1809 -8.71 -29.96 -107.79
C ASP D 1809 -7.21 -29.73 -107.69
N LYS D 1810 -6.75 -28.53 -108.06
CA LYS D 1810 -5.35 -28.14 -107.93
C LYS D 1810 -4.89 -28.18 -106.49
N ALA D 1811 -5.75 -27.73 -105.57
CA ALA D 1811 -5.39 -27.77 -104.16
C ALA D 1811 -5.37 -29.20 -103.64
N LEU D 1812 -6.30 -30.04 -104.11
CA LEU D 1812 -6.41 -31.39 -103.58
C LEU D 1812 -5.25 -32.25 -104.04
N ARG D 1813 -4.86 -32.12 -105.31
CA ARG D 1813 -3.70 -32.87 -105.79
C ARG D 1813 -2.40 -32.40 -105.15
N MET D 1814 -2.27 -31.11 -104.86
CA MET D 1814 -1.06 -30.62 -104.21
C MET D 1814 -1.03 -31.03 -102.75
N LEU D 1815 -2.20 -31.08 -102.11
CA LEU D 1815 -2.27 -31.55 -100.74
C LEU D 1815 -1.96 -33.03 -100.63
N GLY D 1816 -2.50 -33.85 -101.55
CA GLY D 1816 -2.16 -35.26 -101.56
C GLY D 1816 -0.69 -35.49 -101.88
N GLU D 1817 -0.11 -34.64 -102.72
CA GLU D 1817 1.32 -34.66 -102.96
C GLU D 1817 2.10 -34.34 -101.69
N ALA D 1818 1.62 -33.35 -100.92
CA ALA D 1818 2.27 -32.98 -99.67
C ALA D 1818 2.21 -34.11 -98.65
N VAL D 1819 1.09 -34.82 -98.59
CA VAL D 1819 0.96 -35.93 -97.66
C VAL D 1819 1.85 -37.10 -98.08
N ARG D 1820 1.89 -37.39 -99.39
CA ARG D 1820 2.74 -38.47 -99.88
C ARG D 1820 4.23 -38.14 -99.71
N ASP D 1821 4.58 -36.86 -99.80
CA ASP D 1821 5.96 -36.44 -99.56
C ASP D 1821 6.32 -36.46 -98.08
N GLY D 1822 5.39 -36.08 -97.20
CA GLY D 1822 5.62 -36.20 -95.78
C GLY D 1822 5.70 -37.63 -95.31
N GLY D 1823 5.06 -38.56 -96.02
CA GLY D 1823 5.27 -39.97 -95.75
C GLY D 1823 6.67 -40.46 -96.07
N GLN D 1824 7.40 -39.75 -96.92
CA GLN D 1824 8.76 -40.15 -97.29
C GLN D 1824 9.79 -39.72 -96.27
N HIS D 1825 9.50 -38.66 -95.49
CA HIS D 1825 10.38 -38.12 -94.45
C HIS D 1825 11.73 -37.70 -95.00
N ALA D 1826 11.70 -36.98 -96.12
CA ALA D 1826 12.91 -36.41 -96.68
C ALA D 1826 13.36 -35.22 -95.83
N ARG D 1827 14.57 -34.76 -96.09
CA ARG D 1827 15.14 -33.62 -95.40
C ARG D 1827 14.96 -32.34 -96.21
N ASP D 1828 13.90 -32.29 -97.01
CA ASP D 1828 13.58 -31.07 -97.72
C ASP D 1828 12.18 -30.58 -97.36
N PRO D 1829 11.99 -29.98 -96.18
CA PRO D 1829 10.67 -29.43 -95.87
C PRO D 1829 10.45 -28.13 -96.62
N VAL D 1830 9.21 -27.94 -97.06
CA VAL D 1830 8.90 -26.76 -97.86
C VAL D 1830 8.93 -25.54 -96.96
N GLY D 1831 9.59 -24.50 -97.42
CA GLY D 1831 9.76 -23.34 -96.58
C GLY D 1831 10.73 -23.52 -95.44
N GLY D 1832 11.57 -24.54 -95.49
CA GLY D 1832 12.56 -24.78 -94.45
C GLY D 1832 12.02 -25.53 -93.25
N SER D 1833 10.70 -25.56 -93.11
CA SER D 1833 10.09 -26.10 -91.92
C SER D 1833 8.96 -27.04 -92.30
N VAL D 1834 8.59 -27.89 -91.34
CA VAL D 1834 7.31 -28.58 -91.43
C VAL D 1834 6.17 -27.58 -91.31
N GLU D 1835 6.41 -26.48 -90.59
CA GLU D 1835 5.41 -25.43 -90.46
C GLU D 1835 5.14 -24.74 -91.78
N PHE D 1836 6.17 -24.25 -92.45
CA PHE D 1836 5.95 -23.68 -93.77
C PHE D 1836 5.70 -24.74 -94.82
N GLN D 1837 5.95 -26.01 -94.50
CA GLN D 1837 5.56 -27.10 -95.38
C GLN D 1837 4.06 -27.34 -95.30
N PHE D 1838 3.49 -27.12 -94.12
CA PHE D 1838 2.07 -27.31 -93.87
C PHE D 1838 1.45 -25.98 -93.43
N VAL D 1839 1.96 -25.04 -94.20
CA VAL D 1839 1.49 -23.70 -94.56
C VAL D 1839 -0.03 -23.60 -94.69
N PRO D 1840 -0.65 -22.40 -94.42
CA PRO D 1840 -2.09 -22.18 -94.64
C PRO D 1840 -2.70 -22.44 -96.01
N VAL D 1841 -1.97 -23.11 -96.90
CA VAL D 1841 -2.57 -24.11 -97.78
C VAL D 1841 -3.64 -24.91 -97.05
N LEU D 1842 -3.30 -25.41 -95.86
CA LEU D 1842 -4.26 -26.13 -95.02
C LEU D 1842 -5.42 -25.24 -94.59
N LYS D 1843 -5.14 -23.97 -94.33
CA LYS D 1843 -6.21 -23.05 -93.98
C LYS D 1843 -7.14 -22.80 -95.15
N LEU D 1844 -6.59 -22.78 -96.35
CA LEU D 1844 -7.41 -22.69 -97.55
C LEU D 1844 -8.18 -23.98 -97.79
N VAL D 1845 -7.61 -25.12 -97.40
CA VAL D 1845 -8.33 -26.39 -97.44
C VAL D 1845 -9.55 -26.33 -96.53
N SER D 1846 -9.34 -25.86 -95.30
CA SER D 1846 -10.44 -25.67 -94.35
C SER D 1846 -11.41 -24.59 -94.82
N THR D 1847 -10.93 -23.65 -95.61
CA THR D 1847 -11.79 -22.61 -96.15
C THR D 1847 -12.74 -23.18 -97.19
N LEU D 1848 -12.21 -23.96 -98.13
CA LEU D 1848 -13.06 -24.65 -99.09
C LEU D 1848 -13.94 -25.68 -98.42
N LEU D 1849 -13.48 -26.24 -97.31
CA LEU D 1849 -14.30 -27.10 -96.47
C LEU D 1849 -15.50 -26.36 -95.93
N VAL D 1850 -15.25 -25.26 -95.22
CA VAL D 1850 -16.29 -24.54 -94.52
C VAL D 1850 -17.19 -23.80 -95.50
N MET D 1851 -16.71 -23.52 -96.71
CA MET D 1851 -17.56 -22.98 -97.75
C MET D 1851 -18.22 -24.05 -98.57
N GLY D 1852 -18.08 -25.32 -98.17
CA GLY D 1852 -18.77 -26.42 -98.80
C GLY D 1852 -18.38 -26.69 -100.23
N ILE D 1853 -17.13 -26.37 -100.59
CA ILE D 1853 -16.74 -26.42 -101.99
C ILE D 1853 -16.54 -27.85 -102.44
N PHE D 1854 -16.19 -28.72 -101.50
CA PHE D 1854 -15.84 -30.10 -101.84
C PHE D 1854 -17.08 -30.93 -102.18
N GLY D 1855 -16.91 -31.79 -103.17
CA GLY D 1855 -17.93 -32.77 -103.49
C GLY D 1855 -17.84 -33.93 -102.52
N ASP D 1856 -18.74 -34.90 -102.67
CA ASP D 1856 -18.80 -36.00 -101.71
C ASP D 1856 -17.61 -36.93 -101.88
N GLU D 1857 -17.12 -37.09 -103.11
CA GLU D 1857 -15.93 -37.89 -103.31
C GLU D 1857 -14.68 -37.17 -102.83
N ASP D 1858 -14.71 -35.84 -102.81
CA ASP D 1858 -13.63 -35.09 -102.20
C ASP D 1858 -13.64 -35.24 -100.69
N VAL D 1859 -14.85 -35.31 -100.11
CA VAL D 1859 -15.00 -35.64 -98.70
C VAL D 1859 -14.44 -37.02 -98.42
N LYS D 1860 -14.76 -37.99 -99.28
CA LYS D 1860 -14.22 -39.34 -99.14
C LYS D 1860 -12.70 -39.35 -99.32
N GLN D 1861 -12.19 -38.43 -100.13
CA GLN D 1861 -10.77 -38.31 -100.37
C GLN D 1861 -10.04 -37.76 -99.15
N ILE D 1862 -10.60 -36.74 -98.52
CA ILE D 1862 -9.92 -36.18 -97.36
C ILE D 1862 -10.17 -37.02 -96.12
N LEU D 1863 -11.22 -37.83 -96.12
CA LEU D 1863 -11.29 -38.88 -95.13
C LEU D 1863 -10.31 -40.01 -95.44
N LYS D 1864 -9.94 -40.17 -96.71
CA LYS D 1864 -8.91 -41.15 -97.05
C LYS D 1864 -7.52 -40.72 -96.63
N MET D 1865 -7.33 -39.47 -96.20
CA MET D 1865 -6.12 -39.13 -95.45
C MET D 1865 -5.99 -39.93 -94.17
N ILE D 1866 -7.10 -40.27 -93.52
CA ILE D 1866 -7.03 -41.05 -92.30
C ILE D 1866 -7.86 -42.31 -92.56
N GLU D 1867 -7.81 -42.78 -93.81
CA GLU D 1867 -8.48 -44.00 -94.27
C GLU D 1867 -8.35 -45.23 -93.36
N PRO D 1868 -7.25 -45.46 -92.61
CA PRO D 1868 -7.34 -46.50 -91.58
C PRO D 1868 -8.31 -46.18 -90.47
N GLU D 1869 -8.22 -44.99 -89.85
CA GLU D 1869 -9.12 -44.67 -88.75
C GLU D 1869 -10.52 -44.36 -89.25
N VAL D 1870 -10.63 -43.77 -90.44
CA VAL D 1870 -11.95 -43.55 -91.04
C VAL D 1870 -12.60 -44.88 -91.39
N PHE D 1871 -11.83 -45.78 -92.03
CA PHE D 1871 -12.22 -47.16 -92.33
C PHE D 1871 -13.50 -47.21 -93.16
N THR D 1872 -13.38 -46.67 -94.38
CA THR D 1872 -14.51 -46.53 -95.29
C THR D 1872 -15.11 -47.88 -95.65
N GLU D 1873 -16.44 -47.89 -95.85
CA GLU D 1873 -17.19 -49.12 -96.00
C GLU D 1873 -16.89 -49.85 -97.31
N GLU D 1874 -16.31 -49.17 -98.28
CA GLU D 1874 -15.94 -49.81 -99.54
C GLU D 1874 -14.58 -50.51 -99.40
N LEU D 1922 3.38 -49.17 -96.54
CA LEU D 1922 2.05 -49.20 -95.93
C LEU D 1922 1.39 -47.83 -96.01
N GLU D 1923 0.06 -47.82 -96.09
CA GLU D 1923 -0.70 -46.58 -96.16
C GLU D 1923 -1.03 -46.05 -94.77
N GLU D 1924 -0.18 -45.18 -94.24
CA GLU D 1924 -0.42 -44.63 -92.91
C GLU D 1924 -1.44 -43.50 -92.97
N GLY D 1925 -2.20 -43.33 -91.89
CA GLY D 1925 -3.14 -42.23 -91.80
C GLY D 1925 -2.42 -40.91 -91.66
N LEU D 1926 -3.21 -39.84 -91.81
CA LEU D 1926 -2.68 -38.48 -91.83
C LEU D 1926 -2.10 -38.08 -90.47
N LEU D 1927 -2.59 -38.66 -89.41
CA LEU D 1927 -2.44 -38.01 -88.12
C LEU D 1927 -1.19 -38.46 -87.37
N GLN D 1928 -0.57 -39.55 -87.80
CA GLN D 1928 0.51 -40.15 -87.02
C GLN D 1928 1.83 -39.41 -87.15
N MET D 1929 1.92 -38.44 -88.04
CA MET D 1929 3.15 -37.69 -88.21
C MET D 1929 3.33 -36.72 -87.05
N LYS D 1930 4.58 -36.36 -86.78
CA LYS D 1930 4.94 -35.49 -85.66
C LYS D 1930 4.67 -34.05 -86.06
N LEU D 1931 3.54 -33.51 -85.60
CA LEU D 1931 3.09 -32.19 -86.00
C LEU D 1931 3.44 -31.20 -84.92
N PRO D 1932 4.31 -30.20 -85.17
CA PRO D 1932 4.88 -29.42 -84.06
C PRO D 1932 3.91 -28.58 -83.24
N GLU D 1933 3.35 -27.50 -83.78
CA GLU D 1933 2.29 -26.82 -83.04
C GLU D 1933 1.16 -26.33 -83.93
N SER D 1934 1.53 -25.75 -85.07
CA SER D 1934 0.61 -24.94 -85.84
C SER D 1934 -0.27 -25.77 -86.74
N VAL D 1935 0.02 -27.06 -86.84
CA VAL D 1935 -0.81 -27.95 -87.63
C VAL D 1935 -2.08 -28.27 -86.86
N LYS D 1936 -1.96 -28.38 -85.55
CA LYS D 1936 -3.04 -28.93 -84.74
C LYS D 1936 -4.19 -27.95 -84.60
N LEU D 1937 -3.90 -26.66 -84.65
CA LEU D 1937 -4.98 -25.67 -84.57
C LEU D 1937 -5.82 -25.65 -85.84
N GLN D 1938 -5.19 -25.79 -87.00
CA GLN D 1938 -5.94 -25.98 -88.23
C GLN D 1938 -6.68 -27.31 -88.23
N MET D 1939 -6.10 -28.32 -87.59
CA MET D 1939 -6.80 -29.61 -87.48
C MET D 1939 -8.03 -29.50 -86.60
N CYS D 1940 -7.94 -28.70 -85.54
CA CYS D 1940 -9.12 -28.42 -84.72
C CYS D 1940 -10.18 -27.66 -85.50
N ASN D 1941 -9.77 -26.64 -86.25
CA ASN D 1941 -10.66 -25.92 -87.17
C ASN D 1941 -11.31 -26.85 -88.17
N LEU D 1942 -10.58 -27.86 -88.61
CA LEU D 1942 -11.08 -28.86 -89.55
C LEU D 1942 -12.16 -29.72 -88.92
N LEU D 1943 -11.84 -30.37 -87.81
CA LEU D 1943 -12.74 -31.35 -87.21
C LEU D 1943 -13.93 -30.72 -86.53
N GLU D 1944 -13.79 -29.44 -86.15
CA GLU D 1944 -14.89 -28.66 -85.62
C GLU D 1944 -16.04 -28.59 -86.61
N TYR D 1945 -15.71 -28.46 -87.90
CA TYR D 1945 -16.71 -28.51 -88.97
C TYR D 1945 -17.45 -29.85 -88.97
N PHE D 1946 -16.71 -30.94 -88.79
CA PHE D 1946 -17.29 -32.27 -88.96
C PHE D 1946 -18.22 -32.62 -87.82
N CYS D 1947 -17.88 -32.17 -86.62
CA CYS D 1947 -18.79 -32.35 -85.50
C CYS D 1947 -20.08 -31.57 -85.72
N ASP D 1948 -19.99 -30.40 -86.34
CA ASP D 1948 -21.17 -29.63 -86.70
C ASP D 1948 -21.98 -30.35 -87.77
N GLN D 1949 -21.28 -31.01 -88.70
CA GLN D 1949 -21.94 -31.81 -89.73
C GLN D 1949 -22.76 -32.93 -89.12
N GLU D 1950 -22.16 -33.67 -88.19
CA GLU D 1950 -22.86 -34.77 -87.53
C GLU D 1950 -24.03 -34.25 -86.71
N LEU D 1951 -23.85 -33.14 -86.01
CA LEU D 1951 -24.92 -32.58 -85.20
C LEU D 1951 -26.07 -32.08 -86.06
N GLN D 1952 -25.75 -31.46 -87.21
CA GLN D 1952 -26.78 -30.98 -88.11
C GLN D 1952 -27.54 -32.14 -88.74
N HIS D 1953 -26.83 -33.22 -89.07
CA HIS D 1953 -27.49 -34.39 -89.60
C HIS D 1953 -28.39 -35.05 -88.56
N ARG D 1954 -27.95 -35.07 -87.30
CA ARG D 1954 -28.75 -35.64 -86.23
C ARG D 1954 -30.03 -34.84 -86.00
N VAL D 1955 -29.91 -33.51 -85.94
CA VAL D 1955 -31.09 -32.68 -85.73
C VAL D 1955 -31.98 -32.68 -86.97
N GLU D 1956 -31.41 -32.90 -88.15
CA GLU D 1956 -32.19 -32.97 -89.37
C GLU D 1956 -33.02 -34.25 -89.42
N SER D 1957 -32.41 -35.37 -89.03
CA SER D 1957 -33.13 -36.63 -88.91
C SER D 1957 -34.23 -36.56 -87.86
N LEU D 1958 -33.95 -35.89 -86.73
CA LEU D 1958 -34.97 -35.67 -85.71
C LEU D 1958 -36.15 -34.88 -86.25
N ALA D 1959 -35.87 -33.77 -86.94
CA ALA D 1959 -36.94 -32.95 -87.48
C ALA D 1959 -37.73 -33.66 -88.56
N ALA D 1960 -37.08 -34.54 -89.32
CA ALA D 1960 -37.79 -35.34 -90.30
C ALA D 1960 -38.69 -36.37 -89.62
N PHE D 1961 -38.26 -36.90 -88.47
CA PHE D 1961 -39.10 -37.85 -87.73
C PHE D 1961 -40.32 -37.18 -87.11
N ALA D 1962 -40.13 -36.01 -86.50
CA ALA D 1962 -41.20 -35.33 -85.80
C ALA D 1962 -42.33 -34.91 -86.72
N GLU D 1963 -42.06 -34.76 -88.01
CA GLU D 1963 -43.07 -34.38 -88.99
C GLU D 1963 -44.05 -35.50 -89.29
N ARG D 1964 -43.57 -36.67 -89.73
CA ARG D 1964 -44.51 -37.74 -89.99
C ARG D 1964 -45.02 -38.39 -88.72
N TYR D 1965 -44.41 -38.11 -87.57
CA TYR D 1965 -45.08 -38.49 -86.35
C TYR D 1965 -46.28 -37.60 -86.08
N VAL D 1966 -46.12 -36.28 -86.20
CA VAL D 1966 -47.21 -35.39 -85.86
C VAL D 1966 -48.30 -35.40 -86.93
N ASP D 1967 -47.96 -35.85 -88.15
CA ASP D 1967 -48.96 -35.96 -89.21
C ASP D 1967 -50.01 -37.02 -88.86
N LYS D 1968 -49.57 -38.21 -88.46
CA LYS D 1968 -50.51 -39.22 -88.00
C LYS D 1968 -51.07 -38.90 -86.62
N LEU D 1969 -50.40 -38.04 -85.85
CA LEU D 1969 -50.91 -37.71 -84.53
C LEU D 1969 -52.10 -36.75 -84.58
N GLN D 1970 -52.05 -35.73 -85.45
CA GLN D 1970 -53.22 -34.88 -85.62
C GLN D 1970 -54.36 -35.63 -86.26
N ALA D 1971 -54.06 -36.63 -87.10
CA ALA D 1971 -55.08 -37.55 -87.57
C ALA D 1971 -55.64 -38.41 -86.44
N ASN D 1972 -54.81 -38.76 -85.45
CA ASN D 1972 -55.30 -39.53 -84.32
C ASN D 1972 -56.27 -38.70 -83.49
N GLN D 1973 -55.94 -37.43 -83.25
CA GLN D 1973 -56.90 -36.55 -82.58
C GLN D 1973 -58.13 -36.29 -83.46
N ARG D 1974 -57.95 -36.24 -84.77
CA ARG D 1974 -59.07 -36.00 -85.68
C ARG D 1974 -60.06 -37.15 -85.69
N SER D 1975 -59.56 -38.38 -85.63
CA SER D 1975 -60.46 -39.53 -85.53
C SER D 1975 -61.00 -39.69 -84.12
N ARG D 1976 -60.21 -39.32 -83.11
CA ARG D 1976 -60.61 -39.50 -81.73
C ARG D 1976 -61.70 -38.50 -81.34
N TYR D 1977 -61.72 -37.33 -81.97
CA TYR D 1977 -62.81 -36.39 -81.75
C TYR D 1977 -64.09 -36.86 -82.41
N ALA D 1978 -63.98 -37.52 -83.57
CA ALA D 1978 -65.15 -38.16 -84.18
C ALA D 1978 -65.64 -39.32 -83.32
N LEU D 1979 -64.72 -39.95 -82.58
CA LEU D 1979 -65.09 -41.03 -81.67
C LEU D 1979 -65.84 -40.54 -80.44
N LEU D 1980 -66.00 -39.23 -80.25
CA LEU D 1980 -66.87 -38.68 -79.22
C LEU D 1980 -67.92 -37.74 -79.79
N MET D 1981 -67.80 -37.39 -81.07
CA MET D 1981 -68.84 -36.64 -81.76
C MET D 1981 -69.94 -37.58 -82.27
N ARG D 1982 -69.55 -38.69 -82.89
CA ARG D 1982 -70.52 -39.65 -83.39
C ARG D 1982 -70.59 -40.93 -82.56
N ALA D 1983 -69.49 -41.28 -81.88
CA ALA D 1983 -69.40 -42.52 -81.12
C ALA D 1983 -69.32 -42.21 -79.63
N PHE D 1984 -70.14 -41.25 -79.20
CA PHE D 1984 -69.98 -40.62 -77.90
C PHE D 1984 -70.25 -41.57 -76.74
N THR D 1985 -71.49 -42.06 -76.64
CA THR D 1985 -72.01 -42.77 -75.46
C THR D 1985 -71.66 -42.01 -74.18
N MET D 1986 -72.24 -40.81 -74.07
CA MET D 1986 -71.71 -39.77 -73.20
C MET D 1986 -71.84 -40.11 -71.73
N SER D 1987 -70.68 -40.24 -71.08
CA SER D 1987 -70.60 -40.44 -69.65
C SER D 1987 -69.71 -39.35 -69.07
N ALA D 1988 -69.68 -39.24 -67.74
CA ALA D 1988 -68.95 -38.16 -67.10
C ALA D 1988 -67.44 -38.38 -67.16
N ALA D 1989 -66.99 -39.64 -67.07
CA ALA D 1989 -65.57 -39.94 -67.19
C ALA D 1989 -65.03 -39.66 -68.59
N GLU D 1990 -65.78 -40.06 -69.61
CA GLU D 1990 -65.43 -39.69 -70.98
C GLU D 1990 -65.50 -38.18 -71.16
N THR D 1991 -66.48 -37.54 -70.52
CA THR D 1991 -66.61 -36.08 -70.54
C THR D 1991 -65.48 -35.38 -69.79
N ALA D 1992 -65.04 -35.93 -68.66
CA ALA D 1992 -63.89 -35.38 -67.96
C ALA D 1992 -62.59 -35.58 -68.71
N ARG D 1993 -62.47 -36.67 -69.46
CA ARG D 1993 -61.30 -36.88 -70.30
C ARG D 1993 -61.29 -35.93 -71.49
N ARG D 1994 -62.43 -35.78 -72.17
CA ARG D 1994 -62.53 -34.94 -73.36
C ARG D 1994 -62.73 -33.48 -73.03
N THR D 1995 -62.73 -33.12 -71.75
CA THR D 1995 -62.73 -31.72 -71.35
C THR D 1995 -61.47 -31.02 -71.83
N ARG D 1996 -60.34 -31.72 -71.80
CA ARG D 1996 -59.07 -31.14 -72.21
C ARG D 1996 -58.93 -31.03 -73.72
N GLU D 1997 -59.88 -31.52 -74.49
CA GLU D 1997 -59.88 -31.19 -75.91
C GLU D 1997 -60.29 -29.73 -76.12
N PHE D 1998 -61.37 -29.32 -75.46
CA PHE D 1998 -61.84 -27.95 -75.58
C PHE D 1998 -61.06 -27.02 -74.69
N ARG D 1999 -60.48 -27.55 -73.61
CA ARG D 1999 -59.44 -26.89 -72.85
C ARG D 1999 -58.10 -27.17 -73.53
N SER D 2000 -57.00 -26.89 -72.82
CA SER D 2000 -55.62 -27.20 -73.20
C SER D 2000 -55.22 -26.54 -74.52
N PRO D 2001 -54.85 -25.26 -74.50
CA PRO D 2001 -54.19 -24.66 -75.66
C PRO D 2001 -52.94 -25.46 -76.01
N PRO D 2002 -52.57 -25.48 -77.30
CA PRO D 2002 -51.62 -26.50 -77.78
C PRO D 2002 -50.21 -26.41 -77.23
N GLN D 2003 -49.89 -25.39 -76.41
CA GLN D 2003 -48.75 -25.53 -75.51
C GLN D 2003 -49.00 -26.67 -74.53
N GLU D 2004 -49.98 -26.52 -73.64
CA GLU D 2004 -50.27 -27.52 -72.62
C GLU D 2004 -50.92 -28.78 -73.16
N GLN D 2005 -51.54 -28.70 -74.34
CA GLN D 2005 -52.24 -29.85 -74.90
C GLN D 2005 -51.27 -30.94 -75.34
N ILE D 2006 -50.18 -30.55 -76.00
CA ILE D 2006 -49.17 -31.52 -76.40
C ILE D 2006 -48.41 -31.98 -75.18
N ASN D 2007 -48.27 -31.10 -74.19
CA ASN D 2007 -47.62 -31.45 -72.94
C ASN D 2007 -48.36 -32.55 -72.20
N MET D 2008 -49.70 -32.45 -72.19
CA MET D 2008 -50.52 -33.48 -71.57
C MET D 2008 -50.34 -34.83 -72.26
N LEU D 2009 -50.35 -34.82 -73.59
CA LEU D 2009 -50.24 -36.07 -74.34
C LEU D 2009 -48.86 -36.68 -74.23
N LEU D 2010 -47.83 -35.84 -74.15
CA LEU D 2010 -46.47 -36.34 -74.08
C LEU D 2010 -46.14 -36.88 -72.69
N HIS D 2011 -46.92 -36.50 -71.68
CA HIS D 2011 -46.81 -37.09 -70.36
C HIS D 2011 -47.14 -38.57 -70.39
N PHE D 2012 -48.07 -38.97 -71.24
CA PHE D 2012 -48.44 -40.38 -71.33
C PHE D 2012 -47.36 -41.17 -72.02
N LYS D 2013 -46.75 -40.59 -73.06
CA LYS D 2013 -45.73 -41.30 -73.80
C LYS D 2013 -44.39 -41.31 -73.08
N ASP D 2014 -43.88 -40.14 -72.69
CA ASP D 2014 -42.56 -40.04 -72.10
C ASP D 2014 -42.69 -40.15 -70.60
N GLU D 2015 -42.70 -41.38 -70.11
CA GLU D 2015 -42.76 -41.66 -68.68
C GLU D 2015 -42.25 -43.08 -68.48
N ALA D 2016 -42.34 -43.55 -67.24
CA ALA D 2016 -42.21 -44.98 -66.97
C ALA D 2016 -43.59 -45.64 -66.99
N ASP D 2017 -44.36 -45.34 -68.04
CA ASP D 2017 -45.77 -45.71 -68.20
C ASP D 2017 -46.60 -45.34 -66.97
N GLU D 2018 -46.30 -44.19 -66.37
CA GLU D 2018 -46.84 -43.80 -65.08
C GLU D 2018 -47.94 -42.76 -65.23
N GLU D 2019 -48.71 -42.83 -66.33
CA GLU D 2019 -49.71 -41.80 -66.58
C GLU D 2019 -51.03 -42.31 -67.15
N ASP D 2020 -51.20 -43.63 -67.30
CA ASP D 2020 -52.42 -44.27 -67.83
C ASP D 2020 -52.74 -43.77 -69.25
N CYS D 2021 -51.83 -44.11 -70.15
CA CYS D 2021 -51.79 -43.56 -71.51
C CYS D 2021 -53.06 -43.89 -72.30
N PRO D 2022 -53.42 -43.04 -73.27
CA PRO D 2022 -54.60 -43.30 -74.10
C PRO D 2022 -54.42 -44.42 -75.10
N LEU D 2023 -55.38 -44.49 -76.02
CA LEU D 2023 -55.46 -45.50 -77.09
C LEU D 2023 -54.18 -45.80 -77.88
N PRO D 2024 -53.36 -44.80 -78.38
CA PRO D 2024 -52.29 -45.18 -79.32
C PRO D 2024 -51.13 -45.95 -78.70
N GLU D 2025 -51.08 -47.25 -78.99
CA GLU D 2025 -50.07 -48.15 -78.46
C GLU D 2025 -48.96 -48.47 -79.44
N ASP D 2026 -49.20 -48.27 -80.74
CA ASP D 2026 -48.15 -48.52 -81.72
C ASP D 2026 -47.27 -47.31 -81.92
N ILE D 2027 -47.83 -46.11 -81.75
CA ILE D 2027 -47.05 -44.91 -81.99
C ILE D 2027 -46.66 -44.28 -80.67
N ARG D 2028 -46.84 -45.01 -79.58
CA ARG D 2028 -46.01 -44.75 -78.41
C ARG D 2028 -44.72 -45.56 -78.48
N GLN D 2029 -44.66 -46.52 -79.39
CA GLN D 2029 -43.55 -47.44 -79.54
C GLN D 2029 -42.50 -46.96 -80.52
N ASP D 2030 -42.94 -46.32 -81.61
CA ASP D 2030 -42.00 -45.75 -82.57
C ASP D 2030 -41.18 -44.61 -81.95
N LEU D 2031 -41.83 -43.81 -81.10
CA LEU D 2031 -41.14 -42.75 -80.38
C LEU D 2031 -40.12 -43.31 -79.42
N GLN D 2032 -40.44 -44.43 -78.75
CA GLN D 2032 -39.50 -45.05 -77.84
C GLN D 2032 -38.30 -45.64 -78.57
N ASP D 2033 -38.56 -46.34 -79.67
CA ASP D 2033 -37.47 -46.91 -80.46
C ASP D 2033 -36.63 -45.82 -81.12
N PHE D 2034 -37.27 -44.72 -81.51
CA PHE D 2034 -36.53 -43.60 -82.08
C PHE D 2034 -35.72 -42.88 -81.02
N HIS D 2035 -36.28 -42.78 -79.82
CA HIS D 2035 -35.57 -42.16 -78.71
C HIS D 2035 -34.38 -43.01 -78.30
N GLN D 2036 -34.51 -44.33 -78.42
CA GLN D 2036 -33.38 -45.21 -78.18
C GLN D 2036 -32.33 -45.08 -79.27
N ASP D 2037 -32.76 -45.07 -80.53
CA ASP D 2037 -31.86 -44.87 -81.66
C ASP D 2037 -31.21 -43.51 -81.66
N LEU D 2038 -31.86 -42.52 -81.04
CA LEU D 2038 -31.32 -41.17 -81.01
C LEU D 2038 -30.11 -41.09 -80.10
N LEU D 2039 -30.23 -41.62 -78.88
CA LEU D 2039 -29.08 -41.69 -78.00
C LEU D 2039 -28.03 -42.67 -78.49
N ALA D 2040 -28.45 -43.72 -79.22
CA ALA D 2040 -27.49 -44.61 -79.84
C ALA D 2040 -26.66 -43.90 -80.90
N HIS D 2041 -27.32 -43.08 -81.73
CA HIS D 2041 -26.60 -42.25 -82.70
C HIS D 2041 -25.79 -41.17 -82.01
N CYS D 2042 -26.25 -40.71 -80.86
CA CYS D 2042 -25.47 -39.83 -80.02
C CYS D 2042 -24.44 -40.65 -79.27
N GLY D 2043 -23.72 -40.01 -78.35
CA GLY D 2043 -22.63 -40.67 -77.68
C GLY D 2043 -23.00 -41.70 -76.64
N ILE D 2044 -24.29 -41.95 -76.42
CA ILE D 2044 -24.70 -42.87 -75.36
C ILE D 2044 -24.40 -44.30 -75.77
N GLN D 2045 -23.77 -45.06 -74.87
CA GLN D 2045 -23.39 -46.44 -75.16
C GLN D 2045 -24.59 -47.36 -75.24
N LEU D 2046 -25.74 -46.95 -74.67
CA LEU D 2046 -27.00 -47.69 -74.71
C LEU D 2046 -26.86 -49.10 -74.13
N GLU D 2047 -26.10 -49.19 -73.04
CA GLU D 2047 -25.81 -50.48 -72.41
C GLU D 2047 -27.06 -50.95 -71.67
N GLY D 2048 -27.67 -52.02 -72.16
CA GLY D 2048 -28.88 -52.56 -71.57
C GLY D 2048 -30.13 -52.10 -72.28
N LYS D 2089 -6.10 -48.91 -77.91
CA LYS D 2089 -7.36 -49.45 -78.39
C LYS D 2089 -7.77 -48.82 -79.71
N LYS D 2090 -8.42 -49.60 -80.59
CA LYS D 2090 -8.85 -49.12 -81.88
C LYS D 2090 -10.17 -48.36 -81.76
N PRO D 2091 -10.19 -47.06 -82.12
CA PRO D 2091 -11.42 -46.28 -82.00
C PRO D 2091 -12.52 -46.70 -82.96
N GLN D 2092 -12.18 -46.75 -84.25
CA GLN D 2092 -13.11 -46.94 -85.37
C GLN D 2092 -14.28 -45.95 -85.35
N SER D 2093 -14.07 -44.76 -84.79
CA SER D 2093 -15.12 -43.78 -84.56
C SER D 2093 -14.48 -42.45 -84.26
N LEU D 2094 -15.24 -41.39 -84.53
CA LEU D 2094 -14.71 -40.03 -84.36
C LEU D 2094 -14.53 -39.68 -82.90
N GLN D 2095 -15.45 -40.13 -82.04
CA GLN D 2095 -15.38 -39.72 -80.64
C GLN D 2095 -14.23 -40.39 -79.92
N GLU D 2096 -14.13 -41.72 -80.03
CA GLU D 2096 -12.98 -42.44 -79.49
C GLU D 2096 -11.70 -42.09 -80.22
N LEU D 2097 -11.80 -41.60 -81.46
CA LEU D 2097 -10.64 -41.22 -82.23
C LEU D 2097 -10.03 -39.92 -81.73
N VAL D 2098 -10.87 -38.90 -81.55
CA VAL D 2098 -10.41 -37.64 -80.99
C VAL D 2098 -9.97 -37.84 -79.55
N SER D 2099 -10.74 -38.62 -78.80
CA SER D 2099 -10.35 -38.95 -77.44
C SER D 2099 -9.35 -40.11 -77.40
N HIS D 2100 -8.57 -40.30 -78.45
CA HIS D 2100 -7.30 -40.98 -78.36
C HIS D 2100 -6.16 -40.14 -78.92
N MET D 2101 -6.43 -39.38 -79.98
CA MET D 2101 -5.41 -38.55 -80.59
C MET D 2101 -5.07 -37.35 -79.71
N VAL D 2102 -6.08 -36.68 -79.17
CA VAL D 2102 -5.79 -35.60 -78.24
C VAL D 2102 -5.18 -36.16 -76.97
N VAL D 2103 -5.51 -37.41 -76.63
CA VAL D 2103 -4.91 -38.09 -75.48
C VAL D 2103 -3.42 -38.29 -75.69
N ARG D 2104 -3.03 -38.78 -76.86
CA ARG D 2104 -1.60 -38.98 -77.10
C ARG D 2104 -0.88 -37.66 -77.29
N TRP D 2105 -1.59 -36.63 -77.75
CA TRP D 2105 -1.03 -35.29 -77.78
C TRP D 2105 -0.76 -34.77 -76.38
N ALA D 2106 -1.69 -35.04 -75.47
CA ALA D 2106 -1.55 -34.55 -74.11
C ALA D 2106 -0.49 -35.32 -73.34
N GLN D 2107 -0.39 -36.63 -73.56
CA GLN D 2107 0.66 -37.41 -72.92
C GLN D 2107 1.97 -37.31 -73.68
N GLU D 2108 2.00 -36.57 -74.78
CA GLU D 2108 3.24 -36.03 -75.29
C GLU D 2108 3.68 -34.85 -74.43
N ASP D 2109 4.72 -34.14 -74.85
CA ASP D 2109 5.49 -33.28 -73.96
C ASP D 2109 4.74 -32.00 -73.61
N TYR D 2110 5.46 -31.09 -72.95
CA TYR D 2110 4.87 -29.86 -72.47
C TYR D 2110 4.49 -28.96 -73.64
N VAL D 2111 3.20 -28.66 -73.74
CA VAL D 2111 2.64 -27.97 -74.90
C VAL D 2111 2.40 -26.51 -74.52
N GLN D 2112 2.89 -25.60 -75.36
CA GLN D 2112 2.64 -24.17 -75.23
C GLN D 2112 1.63 -23.74 -76.30
N SER D 2113 1.53 -22.42 -76.57
CA SER D 2113 0.56 -21.76 -77.44
C SER D 2113 -0.85 -22.00 -76.90
N PRO D 2114 -1.22 -21.31 -75.82
CA PRO D 2114 -2.41 -21.70 -75.04
C PRO D 2114 -3.73 -21.49 -75.75
N GLU D 2115 -3.77 -20.65 -76.77
CA GLU D 2115 -4.99 -20.50 -77.56
C GLU D 2115 -5.28 -21.76 -78.35
N LEU D 2116 -4.23 -22.42 -78.85
CA LEU D 2116 -4.37 -23.78 -79.36
C LEU D 2116 -4.92 -24.71 -78.29
N VAL D 2117 -4.46 -24.56 -77.06
CA VAL D 2117 -4.92 -25.43 -75.98
C VAL D 2117 -6.39 -25.16 -75.67
N ARG D 2118 -6.78 -23.89 -75.70
CA ARG D 2118 -8.19 -23.50 -75.62
C ARG D 2118 -9.00 -24.14 -76.72
N ALA D 2119 -8.49 -24.11 -77.94
CA ALA D 2119 -9.20 -24.68 -79.08
C ALA D 2119 -9.31 -26.19 -78.97
N MET D 2120 -8.27 -26.84 -78.46
CA MET D 2120 -8.28 -28.28 -78.26
C MET D 2120 -9.35 -28.68 -77.25
N PHE D 2121 -9.35 -28.02 -76.10
CA PHE D 2121 -10.30 -28.46 -75.10
C PHE D 2121 -11.69 -27.95 -75.35
N SER D 2122 -11.87 -26.96 -76.22
CA SER D 2122 -13.20 -26.60 -76.69
C SER D 2122 -13.87 -27.77 -77.39
N LEU D 2123 -13.19 -28.38 -78.36
CA LEU D 2123 -13.78 -29.52 -79.05
C LEU D 2123 -13.74 -30.75 -78.17
N LEU D 2124 -12.80 -30.80 -77.24
CA LEU D 2124 -12.78 -31.91 -76.29
C LEU D 2124 -13.96 -31.85 -75.34
N HIS D 2125 -14.46 -30.65 -75.06
CA HIS D 2125 -15.75 -30.53 -74.42
C HIS D 2125 -16.84 -31.14 -75.29
N ARG D 2126 -16.81 -30.86 -76.59
CA ARG D 2126 -17.80 -31.37 -77.51
C ARG D 2126 -17.73 -32.89 -77.67
N GLN D 2127 -16.60 -33.49 -77.32
CA GLN D 2127 -16.45 -34.94 -77.27
C GLN D 2127 -17.38 -35.59 -76.27
N TYR D 2128 -17.84 -34.86 -75.26
CA TYR D 2128 -18.57 -35.44 -74.15
C TYR D 2128 -19.94 -34.81 -73.94
N ASP D 2129 -20.02 -33.49 -73.83
CA ASP D 2129 -21.29 -32.83 -73.59
C ASP D 2129 -21.98 -32.45 -74.90
N GLY D 2130 -22.13 -33.44 -75.79
CA GLY D 2130 -22.94 -33.23 -76.98
C GLY D 2130 -24.40 -33.01 -76.63
N LEU D 2131 -24.86 -33.62 -75.54
CA LEU D 2131 -26.21 -33.36 -75.05
C LEU D 2131 -26.35 -31.94 -74.55
N GLY D 2132 -25.35 -31.45 -73.81
CA GLY D 2132 -25.32 -30.05 -73.46
C GLY D 2132 -25.13 -29.17 -74.67
N GLU D 2133 -24.34 -29.63 -75.64
CA GLU D 2133 -24.24 -28.92 -76.91
C GLU D 2133 -25.54 -28.98 -77.69
N LEU D 2134 -26.27 -30.08 -77.57
CA LEU D 2134 -27.60 -30.16 -78.15
C LEU D 2134 -28.54 -29.16 -77.51
N LEU D 2135 -28.50 -29.07 -76.20
CA LEU D 2135 -29.28 -28.08 -75.46
C LEU D 2135 -28.86 -26.66 -75.80
N ARG D 2136 -27.60 -26.45 -76.16
CA ARG D 2136 -27.14 -25.15 -76.59
C ARG D 2136 -27.80 -24.70 -77.89
N ALA D 2137 -27.79 -25.54 -78.93
CA ALA D 2137 -28.45 -25.20 -80.18
C ALA D 2137 -29.94 -25.49 -80.17
N LEU D 2138 -30.46 -26.02 -79.07
CA LEU D 2138 -31.90 -26.25 -78.97
C LEU D 2138 -32.75 -24.97 -79.05
N PRO D 2139 -32.34 -23.81 -78.52
CA PRO D 2139 -33.10 -22.59 -78.86
C PRO D 2139 -32.76 -21.99 -80.21
N ARG D 2140 -31.90 -22.61 -81.02
CA ARG D 2140 -31.48 -22.01 -82.27
C ARG D 2140 -31.91 -22.80 -83.50
N ALA D 2141 -32.84 -23.72 -83.34
CA ALA D 2141 -33.36 -24.48 -84.46
C ALA D 2141 -34.72 -23.93 -84.88
N TYR D 2142 -35.04 -24.07 -86.16
CA TYR D 2142 -36.35 -23.62 -86.63
C TYR D 2142 -36.71 -24.40 -87.87
N THR D 2143 -37.98 -24.29 -88.27
CA THR D 2143 -38.50 -24.93 -89.47
C THR D 2143 -39.47 -23.94 -90.12
N ILE D 2144 -39.32 -23.72 -91.42
CA ILE D 2144 -40.10 -22.69 -92.10
C ILE D 2144 -41.04 -23.35 -93.10
N SER D 2145 -42.10 -22.63 -93.45
CA SER D 2145 -43.08 -23.14 -94.38
C SER D 2145 -42.48 -23.18 -95.78
N PRO D 2146 -42.84 -24.17 -96.61
CA PRO D 2146 -42.23 -24.27 -97.94
C PRO D 2146 -42.63 -23.11 -98.83
N SER D 2147 -41.74 -22.81 -99.78
CA SER D 2147 -41.82 -21.66 -100.68
C SER D 2147 -41.92 -20.34 -99.92
N SER D 2148 -41.29 -20.26 -98.77
CA SER D 2148 -41.07 -19.00 -98.07
C SER D 2148 -39.61 -18.59 -98.11
N VAL D 2149 -38.82 -19.25 -98.94
CA VAL D 2149 -37.37 -19.10 -98.88
C VAL D 2149 -36.93 -17.83 -99.60
N GLU D 2150 -37.83 -17.25 -100.40
CA GLU D 2150 -37.50 -16.09 -101.21
C GLU D 2150 -37.39 -14.81 -100.39
N ASP D 2151 -38.22 -14.64 -99.37
CA ASP D 2151 -38.02 -13.58 -98.41
C ASP D 2151 -37.01 -13.99 -97.35
N THR D 2152 -36.82 -15.30 -97.16
CA THR D 2152 -35.91 -15.78 -96.15
C THR D 2152 -34.47 -15.48 -96.51
N MET D 2153 -34.08 -15.77 -97.76
CA MET D 2153 -32.74 -15.46 -98.23
C MET D 2153 -32.50 -13.96 -98.31
N SER D 2154 -33.56 -13.20 -98.64
CA SER D 2154 -33.43 -11.75 -98.70
C SER D 2154 -33.15 -11.17 -97.32
N LEU D 2155 -34.01 -11.52 -96.35
CA LEU D 2155 -33.80 -11.12 -94.95
C LEU D 2155 -32.50 -11.69 -94.40
N LEU D 2156 -32.09 -12.85 -94.89
CA LEU D 2156 -30.88 -13.52 -94.46
C LEU D 2156 -29.63 -12.76 -94.90
N GLU D 2157 -29.52 -12.45 -96.19
CA GLU D 2157 -28.42 -11.64 -96.68
C GLU D 2157 -28.49 -10.21 -96.16
N CYS D 2158 -29.69 -9.74 -95.83
CA CYS D 2158 -29.80 -8.40 -95.27
C CYS D 2158 -29.31 -8.38 -93.84
N LEU D 2159 -29.54 -9.46 -93.09
CA LEU D 2159 -28.87 -9.65 -91.80
C LEU D 2159 -27.37 -9.79 -91.99
N GLY D 2160 -26.95 -10.38 -93.11
CA GLY D 2160 -25.54 -10.41 -93.45
C GLY D 2160 -24.92 -9.04 -93.58
N GLN D 2161 -25.69 -8.06 -94.08
CA GLN D 2161 -25.24 -6.67 -94.09
C GLN D 2161 -25.01 -6.15 -92.69
N ILE D 2162 -25.92 -6.47 -91.79
CA ILE D 2162 -25.90 -5.96 -90.43
C ILE D 2162 -24.76 -6.57 -89.65
N ARG D 2163 -24.55 -7.88 -89.82
CA ARG D 2163 -23.43 -8.55 -89.21
C ARG D 2163 -22.11 -8.11 -89.80
N SER D 2164 -22.11 -7.70 -91.07
CA SER D 2164 -20.90 -7.13 -91.65
C SER D 2164 -20.67 -5.71 -91.15
N LEU D 2165 -21.67 -4.84 -91.26
CA LEU D 2165 -21.56 -3.45 -90.78
C LEU D 2165 -21.42 -3.35 -89.27
N LEU D 2166 -21.69 -4.42 -88.54
CA LEU D 2166 -21.31 -4.53 -87.14
C LEU D 2166 -19.82 -4.26 -86.93
N ILE D 2167 -18.96 -4.88 -87.76
CA ILE D 2167 -17.52 -4.73 -87.61
C ILE D 2167 -16.97 -3.62 -88.49
N VAL D 2168 -17.83 -2.87 -89.15
CA VAL D 2168 -17.43 -1.82 -90.07
C VAL D 2168 -17.57 -0.47 -89.37
N GLN D 2169 -16.49 0.32 -89.42
CA GLN D 2169 -16.53 1.70 -88.95
C GLN D 2169 -17.51 2.51 -89.77
N MET D 2170 -18.24 3.40 -89.10
CA MET D 2170 -19.32 4.14 -89.73
C MET D 2170 -18.79 5.15 -90.74
N GLY D 2171 -18.98 4.84 -92.01
CA GLY D 2171 -18.88 5.84 -93.05
C GLY D 2171 -20.28 6.30 -93.39
N PRO D 2172 -20.40 7.40 -94.12
CA PRO D 2172 -21.71 7.77 -94.66
C PRO D 2172 -22.22 6.75 -95.66
N GLN D 2173 -21.31 6.11 -96.40
CA GLN D 2173 -21.70 5.01 -97.27
C GLN D 2173 -22.14 3.81 -96.45
N GLU D 2174 -21.61 3.66 -95.23
CA GLU D 2174 -22.16 2.69 -94.30
C GLU D 2174 -23.48 3.14 -93.69
N GLU D 2175 -23.72 4.46 -93.67
CA GLU D 2175 -24.92 4.97 -93.02
C GLU D 2175 -26.16 4.68 -93.84
N ASN D 2176 -26.21 5.19 -95.07
CA ASN D 2176 -27.35 4.99 -95.94
C ASN D 2176 -27.56 3.55 -96.38
N LEU D 2177 -26.50 2.75 -96.48
CA LEU D 2177 -26.67 1.33 -96.79
C LEU D 2177 -27.35 0.59 -95.66
N MET D 2178 -27.04 0.98 -94.42
CA MET D 2178 -27.72 0.43 -93.26
C MET D 2178 -29.20 0.78 -93.26
N ILE D 2179 -29.53 2.02 -93.63
CA ILE D 2179 -30.92 2.44 -93.65
C ILE D 2179 -31.65 1.78 -94.82
N GLN D 2180 -30.93 1.49 -95.90
CA GLN D 2180 -31.45 0.68 -96.99
C GLN D 2180 -31.78 -0.73 -96.53
N SER D 2181 -30.89 -1.33 -95.73
CA SER D 2181 -31.16 -2.60 -95.08
C SER D 2181 -32.37 -2.54 -94.17
N ILE D 2182 -32.54 -1.42 -93.45
CA ILE D 2182 -33.70 -1.19 -92.61
C ILE D 2182 -34.98 -1.18 -93.43
N GLY D 2183 -34.96 -0.52 -94.59
CA GLY D 2183 -36.12 -0.55 -95.47
C GLY D 2183 -36.41 -1.93 -96.04
N ASN D 2184 -35.37 -2.70 -96.31
CA ASN D 2184 -35.55 -4.09 -96.72
C ASN D 2184 -36.26 -4.90 -95.63
N ILE D 2185 -35.74 -4.85 -94.40
CA ILE D 2185 -36.36 -5.65 -93.34
C ILE D 2185 -37.66 -5.04 -92.84
N MET D 2186 -37.93 -3.80 -93.20
CA MET D 2186 -39.29 -3.29 -93.18
C MET D 2186 -40.17 -3.97 -94.19
N ASN D 2187 -39.62 -4.29 -95.35
CA ASN D 2187 -40.44 -4.61 -96.50
C ASN D 2187 -40.19 -6.05 -96.91
N ASN D 2188 -40.26 -6.98 -95.96
CA ASN D 2188 -40.11 -8.39 -96.26
C ASN D 2188 -41.21 -9.26 -95.65
N LYS D 2189 -41.94 -8.76 -94.64
CA LYS D 2189 -43.27 -9.14 -94.18
C LYS D 2189 -43.42 -10.57 -93.65
N VAL D 2190 -42.39 -11.39 -93.78
CA VAL D 2190 -42.28 -12.61 -93.03
C VAL D 2190 -41.74 -12.29 -91.64
N PHE D 2191 -41.01 -11.17 -91.54
CA PHE D 2191 -40.88 -10.36 -90.33
C PHE D 2191 -42.18 -10.29 -89.54
N TYR D 2192 -43.30 -9.99 -90.20
CA TYR D 2192 -44.59 -9.95 -89.52
C TYR D 2192 -45.18 -11.32 -89.32
N GLN D 2193 -44.74 -12.31 -90.09
CA GLN D 2193 -45.30 -13.64 -89.95
C GLN D 2193 -44.76 -14.36 -88.73
N HIS D 2194 -43.45 -14.43 -88.56
CA HIS D 2194 -42.86 -15.16 -87.45
C HIS D 2194 -41.73 -14.36 -86.80
N PRO D 2195 -42.06 -13.45 -85.88
CA PRO D 2195 -41.01 -12.77 -85.12
C PRO D 2195 -40.36 -13.64 -84.08
N ASN D 2196 -40.95 -14.80 -83.76
CA ASN D 2196 -40.37 -15.70 -82.77
C ASN D 2196 -39.04 -16.27 -83.22
N LEU D 2197 -38.84 -16.38 -84.53
CA LEU D 2197 -37.52 -16.69 -85.07
C LEU D 2197 -36.53 -15.56 -84.78
N MET D 2198 -36.98 -14.31 -84.92
CA MET D 2198 -36.09 -13.16 -84.73
C MET D 2198 -35.63 -13.04 -83.29
N ARG D 2199 -36.46 -13.51 -82.35
CA ARG D 2199 -36.04 -13.62 -80.96
C ARG D 2199 -34.87 -14.57 -80.82
N ALA D 2200 -34.80 -15.61 -81.66
CA ALA D 2200 -33.66 -16.51 -81.65
C ALA D 2200 -32.47 -15.95 -82.43
N LEU D 2201 -32.55 -14.69 -82.87
CA LEU D 2201 -31.47 -14.11 -83.64
C LEU D 2201 -30.66 -13.06 -82.89
N GLY D 2202 -31.15 -12.55 -81.77
CA GLY D 2202 -30.45 -11.48 -81.10
C GLY D 2202 -30.43 -10.22 -81.92
N MET D 2203 -31.52 -9.96 -82.66
CA MET D 2203 -31.54 -8.89 -83.63
C MET D 2203 -31.45 -7.53 -82.94
N HIS D 2204 -32.31 -7.32 -81.95
CA HIS D 2204 -32.25 -6.16 -81.07
C HIS D 2204 -30.91 -6.04 -80.37
N GLU D 2205 -30.27 -7.16 -80.04
CA GLU D 2205 -28.97 -7.11 -79.39
C GLU D 2205 -27.91 -6.55 -80.31
N THR D 2206 -27.88 -7.02 -81.56
CA THR D 2206 -26.99 -6.45 -82.56
C THR D 2206 -27.25 -4.97 -82.75
N VAL D 2207 -28.53 -4.58 -82.77
CA VAL D 2207 -28.91 -3.16 -82.88
C VAL D 2207 -28.38 -2.37 -81.69
N MET D 2208 -28.56 -2.90 -80.48
CA MET D 2208 -28.13 -2.19 -79.29
C MET D 2208 -26.63 -2.09 -79.22
N GLU D 2209 -25.93 -3.14 -79.62
CA GLU D 2209 -24.48 -3.13 -79.55
C GLU D 2209 -23.87 -2.19 -80.57
N VAL D 2210 -24.46 -2.11 -81.77
CA VAL D 2210 -23.94 -1.12 -82.69
C VAL D 2210 -24.43 0.28 -82.30
N MET D 2211 -25.51 0.37 -81.53
CA MET D 2211 -25.99 1.65 -81.06
C MET D 2211 -25.14 2.19 -79.92
N VAL D 2212 -24.62 1.31 -79.08
CA VAL D 2212 -23.71 1.72 -78.02
C VAL D 2212 -22.41 2.26 -78.62
N ASN D 2213 -22.05 1.78 -79.81
CA ASN D 2213 -20.90 2.32 -80.51
C ASN D 2213 -21.14 3.77 -80.94
N VAL D 2214 -22.30 4.05 -81.52
CA VAL D 2214 -22.55 5.43 -81.92
C VAL D 2214 -23.02 6.29 -80.76
N LEU D 2215 -23.29 5.67 -79.61
CA LEU D 2215 -23.64 6.42 -78.41
C LEU D 2215 -22.50 6.53 -77.42
N GLY D 2216 -21.34 5.95 -77.72
CA GLY D 2216 -20.23 5.92 -76.80
C GLY D 2216 -19.10 6.84 -77.23
N GLY D 2217 -18.06 6.86 -76.40
CA GLY D 2217 -16.89 7.68 -76.65
C GLY D 2217 -17.13 9.14 -76.37
N GLY D 2218 -17.84 9.81 -77.28
CA GLY D 2218 -18.16 11.21 -77.09
C GLY D 2218 -19.44 11.37 -76.29
N GLU D 2219 -19.29 11.63 -74.99
CA GLU D 2219 -20.45 11.85 -74.15
C GLU D 2219 -21.15 13.15 -74.52
N THR D 2220 -20.37 14.17 -74.84
CA THR D 2220 -20.90 15.42 -75.37
C THR D 2220 -20.09 15.96 -76.54
N LYS D 2221 -19.23 15.14 -77.14
CA LYS D 2221 -18.34 15.63 -78.19
C LYS D 2221 -19.07 15.80 -79.51
N GLU D 2222 -19.54 14.70 -80.10
CA GLU D 2222 -20.20 14.76 -81.39
C GLU D 2222 -21.45 13.89 -81.37
N ILE D 2223 -22.50 14.39 -82.01
CA ILE D 2223 -23.71 13.63 -82.25
C ILE D 2223 -23.71 13.24 -83.71
N ARG D 2224 -22.50 13.08 -84.26
CA ARG D 2224 -22.27 12.75 -85.65
C ARG D 2224 -22.95 11.45 -86.03
N PHE D 2225 -23.23 11.33 -87.33
CA PHE D 2225 -24.26 10.45 -87.89
C PHE D 2225 -25.59 10.55 -87.15
N PRO D 2226 -26.36 11.63 -87.31
CA PRO D 2226 -27.79 11.56 -86.97
C PRO D 2226 -28.55 10.87 -88.10
N LYS D 2227 -29.88 10.79 -87.90
CA LYS D 2227 -30.90 10.39 -88.89
C LYS D 2227 -30.85 8.90 -89.22
N MET D 2228 -29.81 8.21 -88.78
CA MET D 2228 -29.66 6.77 -88.88
C MET D 2228 -29.92 6.07 -87.56
N VAL D 2229 -29.45 6.67 -86.47
CA VAL D 2229 -29.86 6.26 -85.12
C VAL D 2229 -31.37 6.38 -84.96
N THR D 2230 -31.96 7.48 -85.48
CA THR D 2230 -33.41 7.62 -85.44
C THR D 2230 -34.07 6.61 -86.36
N SER D 2231 -33.42 6.29 -87.48
CA SER D 2231 -33.94 5.29 -88.40
C SER D 2231 -34.04 3.91 -87.77
N CYS D 2232 -32.94 3.41 -87.22
CA CYS D 2232 -32.95 2.09 -86.59
C CYS D 2232 -33.79 2.11 -85.32
N CYS D 2233 -33.87 3.27 -84.65
CA CYS D 2233 -34.71 3.41 -83.47
C CYS D 2233 -36.20 3.27 -83.82
N ARG D 2234 -36.66 4.04 -84.80
CA ARG D 2234 -38.06 3.97 -85.18
C ARG D 2234 -38.38 2.65 -85.87
N PHE D 2235 -37.40 1.99 -86.49
CA PHE D 2235 -37.66 0.63 -86.93
C PHE D 2235 -37.81 -0.34 -85.77
N LEU D 2236 -36.94 -0.24 -84.77
CA LEU D 2236 -36.98 -1.21 -83.68
C LEU D 2236 -38.18 -0.96 -82.78
N CYS D 2237 -38.74 0.26 -82.84
CA CYS D 2237 -40.06 0.52 -82.30
C CYS D 2237 -41.11 -0.42 -82.86
N TYR D 2238 -41.06 -0.71 -84.17
CA TYR D 2238 -42.04 -1.60 -84.77
C TYR D 2238 -41.87 -3.03 -84.28
N PHE D 2239 -40.62 -3.52 -84.32
CA PHE D 2239 -40.32 -4.87 -83.88
C PHE D 2239 -40.60 -5.04 -82.39
N CYS D 2240 -40.43 -3.97 -81.62
CA CYS D 2240 -40.91 -3.94 -80.25
C CYS D 2240 -42.42 -4.06 -80.16
N ARG D 2241 -43.14 -3.29 -80.98
CA ARG D 2241 -44.59 -3.23 -80.98
C ARG D 2241 -45.22 -4.57 -81.31
N ILE D 2242 -44.67 -5.28 -82.28
CA ILE D 2242 -45.31 -6.55 -82.62
C ILE D 2242 -44.72 -7.66 -81.74
N SER D 2243 -45.15 -7.66 -80.48
CA SER D 2243 -44.68 -8.58 -79.46
C SER D 2243 -45.39 -8.40 -78.13
N ARG D 2244 -45.31 -9.43 -77.31
CA ARG D 2244 -45.35 -9.31 -75.86
C ARG D 2244 -44.17 -10.04 -75.24
N GLN D 2245 -43.27 -10.55 -76.07
CA GLN D 2245 -42.21 -11.43 -75.59
C GLN D 2245 -40.84 -10.97 -76.06
N ASN D 2246 -40.78 -10.36 -77.25
CA ASN D 2246 -39.56 -9.70 -77.67
C ASN D 2246 -39.27 -8.49 -76.81
N GLN D 2247 -40.31 -7.72 -76.53
CA GLN D 2247 -40.24 -6.57 -75.64
C GLN D 2247 -39.89 -6.95 -74.21
N ARG D 2248 -40.06 -8.22 -73.83
CA ARG D 2248 -39.55 -8.69 -72.56
C ARG D 2248 -38.04 -8.69 -72.51
N SER D 2249 -37.38 -9.08 -73.61
CA SER D 2249 -35.93 -9.01 -73.65
C SER D 2249 -35.44 -7.57 -73.75
N MET D 2250 -36.29 -6.68 -74.24
CA MET D 2250 -35.96 -5.26 -74.19
C MET D 2250 -36.08 -4.73 -72.77
N PHE D 2251 -37.07 -5.20 -72.04
CA PHE D 2251 -37.16 -4.93 -70.61
C PHE D 2251 -35.97 -5.50 -69.87
N ASP D 2252 -35.45 -6.62 -70.34
CA ASP D 2252 -34.20 -7.18 -69.84
C ASP D 2252 -33.03 -6.25 -70.09
N HIS D 2253 -33.06 -5.48 -71.17
CA HIS D 2253 -31.98 -4.60 -71.54
C HIS D 2253 -32.26 -3.16 -71.12
N LEU D 2254 -33.40 -2.95 -70.46
CA LEU D 2254 -34.01 -1.64 -70.38
C LEU D 2254 -33.16 -0.65 -69.59
N SER D 2255 -32.78 -1.00 -68.36
CA SER D 2255 -31.98 -0.11 -67.52
C SER D 2255 -30.63 0.20 -68.13
N TYR D 2256 -30.06 -0.79 -68.82
CA TYR D 2256 -28.90 -0.55 -69.65
C TYR D 2256 -29.20 0.47 -70.74
N LEU D 2257 -30.26 0.23 -71.50
CA LEU D 2257 -30.60 1.19 -72.54
C LEU D 2257 -31.23 2.45 -71.95
N LEU D 2258 -31.69 2.39 -70.71
CA LEU D 2258 -32.02 3.61 -69.99
C LEU D 2258 -30.76 4.40 -69.65
N GLU D 2259 -29.68 3.70 -69.31
CA GLU D 2259 -28.41 4.36 -69.11
C GLU D 2259 -27.90 4.96 -70.42
N ASN D 2260 -28.26 4.36 -71.54
CA ASN D 2260 -27.98 4.97 -72.83
C ASN D 2260 -28.90 6.15 -73.14
N SER D 2261 -30.20 6.01 -72.91
CA SER D 2261 -31.18 6.99 -73.35
C SER D 2261 -31.18 8.25 -72.51
N GLY D 2262 -30.64 8.18 -71.30
CA GLY D 2262 -30.59 9.32 -70.40
C GLY D 2262 -29.78 10.49 -70.90
N ILE D 2263 -28.75 10.22 -71.70
CA ILE D 2263 -28.00 11.27 -72.38
C ILE D 2263 -28.60 11.60 -73.74
N GLY D 2264 -29.70 10.95 -74.12
CA GLY D 2264 -30.29 11.18 -75.42
C GLY D 2264 -31.17 12.42 -75.44
N LEU D 2265 -32.42 12.23 -75.90
CA LEU D 2265 -33.45 13.28 -75.95
C LEU D 2265 -33.01 14.48 -76.78
N GLY D 2266 -32.83 14.25 -78.08
CA GLY D 2266 -32.45 15.32 -78.98
C GLY D 2266 -33.53 15.69 -79.97
N MET D 2267 -33.43 15.14 -81.18
CA MET D 2267 -34.43 15.40 -82.20
C MET D 2267 -35.74 14.70 -81.86
N GLN D 2268 -36.84 15.36 -82.20
CA GLN D 2268 -38.17 14.77 -82.06
C GLN D 2268 -38.36 13.62 -83.04
N GLY D 2269 -39.46 12.90 -82.86
CA GLY D 2269 -39.70 11.70 -83.63
C GLY D 2269 -39.12 10.48 -82.94
N SER D 2270 -38.07 9.90 -83.51
CA SER D 2270 -37.46 8.74 -82.91
C SER D 2270 -36.39 9.16 -81.90
N THR D 2271 -36.31 8.41 -80.79
CA THR D 2271 -35.56 8.78 -79.61
C THR D 2271 -35.32 7.51 -78.82
N PRO D 2272 -34.12 7.30 -78.25
CA PRO D 2272 -33.93 6.12 -77.38
C PRO D 2272 -34.84 6.08 -76.17
N LEU D 2273 -35.33 7.23 -75.70
CA LEU D 2273 -36.46 7.23 -74.78
C LEU D 2273 -37.75 6.83 -75.49
N ASP D 2274 -37.89 7.16 -76.78
CA ASP D 2274 -39.15 6.84 -77.47
C ASP D 2274 -39.28 5.36 -77.73
N VAL D 2275 -38.18 4.68 -78.06
CA VAL D 2275 -38.26 3.24 -78.23
C VAL D 2275 -38.44 2.53 -76.90
N ALA D 2276 -37.94 3.12 -75.81
CA ALA D 2276 -38.24 2.58 -74.49
C ALA D 2276 -39.69 2.85 -74.09
N ALA D 2277 -40.25 3.95 -74.57
CA ALA D 2277 -41.66 4.23 -74.36
C ALA D 2277 -42.53 3.26 -75.15
N ALA D 2278 -42.07 2.85 -76.33
CA ALA D 2278 -42.67 1.74 -77.04
C ALA D 2278 -42.51 0.42 -76.28
N SER D 2279 -41.42 0.29 -75.52
CA SER D 2279 -41.15 -0.89 -74.72
C SER D 2279 -41.91 -0.95 -73.41
N VAL D 2280 -42.92 -0.11 -73.19
CA VAL D 2280 -43.67 -0.10 -71.93
C VAL D 2280 -45.17 -0.03 -72.12
N ILE D 2281 -45.65 0.09 -73.37
CA ILE D 2281 -47.08 0.13 -73.62
C ILE D 2281 -47.71 -1.23 -73.33
N ASP D 2282 -46.98 -2.30 -73.58
CA ASP D 2282 -47.42 -3.66 -73.22
C ASP D 2282 -47.31 -3.80 -71.70
N ASN D 2283 -48.32 -3.30 -71.00
CA ASN D 2283 -48.33 -3.28 -69.55
C ASN D 2283 -48.97 -4.55 -69.00
N ASN D 2284 -49.35 -4.48 -67.72
CA ASN D 2284 -49.89 -5.56 -66.88
C ASN D 2284 -48.91 -6.70 -66.71
N GLU D 2285 -47.64 -6.52 -67.08
CA GLU D 2285 -46.64 -7.57 -67.03
C GLU D 2285 -45.28 -7.08 -66.57
N LEU D 2286 -44.99 -5.79 -66.73
CA LEU D 2286 -43.67 -5.26 -66.45
C LEU D 2286 -43.67 -4.14 -65.43
N ALA D 2287 -44.82 -3.48 -65.21
CA ALA D 2287 -44.95 -2.56 -64.10
C ALA D 2287 -44.82 -3.28 -62.76
N LEU D 2288 -45.19 -4.56 -62.72
CA LEU D 2288 -44.87 -5.39 -61.58
C LEU D 2288 -43.41 -5.81 -61.56
N ALA D 2289 -42.79 -5.96 -62.72
CA ALA D 2289 -41.39 -6.35 -62.82
C ALA D 2289 -40.45 -5.15 -62.72
N LEU D 2290 -40.98 -3.97 -62.46
CA LEU D 2290 -40.29 -2.69 -62.51
C LEU D 2290 -39.14 -2.60 -61.52
N GLN D 2291 -38.14 -1.77 -61.84
CA GLN D 2291 -36.90 -1.69 -61.08
C GLN D 2291 -36.77 -0.34 -60.41
N GLU D 2292 -36.61 -0.36 -59.09
CA GLU D 2292 -36.46 0.85 -58.31
C GLU D 2292 -35.19 1.61 -58.70
N GLN D 2293 -34.15 0.90 -59.12
CA GLN D 2293 -32.93 1.54 -59.56
C GLN D 2293 -33.17 2.40 -60.79
N ASP D 2294 -33.92 1.88 -61.76
CA ASP D 2294 -34.29 2.65 -62.94
C ASP D 2294 -35.26 3.77 -62.65
N LEU D 2295 -36.20 3.54 -61.72
CA LEU D 2295 -37.07 4.61 -61.24
C LEU D 2295 -36.28 5.74 -60.61
N GLU D 2296 -35.24 5.38 -59.86
CA GLU D 2296 -34.32 6.36 -59.30
C GLU D 2296 -33.59 7.13 -60.38
N LYS D 2297 -33.18 6.44 -61.44
CA LYS D 2297 -32.40 7.09 -62.48
C LYS D 2297 -33.22 8.06 -63.31
N VAL D 2298 -34.46 7.70 -63.63
CA VAL D 2298 -35.27 8.64 -64.40
C VAL D 2298 -35.69 9.83 -63.55
N VAL D 2299 -35.77 9.66 -62.23
CA VAL D 2299 -36.02 10.79 -61.35
C VAL D 2299 -34.80 11.69 -61.29
N SER D 2300 -33.60 11.10 -61.24
CA SER D 2300 -32.37 11.89 -61.33
C SER D 2300 -32.29 12.63 -62.66
N TYR D 2301 -32.72 11.96 -63.73
CA TYR D 2301 -32.80 12.56 -65.05
C TYR D 2301 -33.70 13.77 -65.07
N LEU D 2302 -34.89 13.66 -64.49
CA LEU D 2302 -35.82 14.78 -64.53
C LEU D 2302 -35.41 15.88 -63.55
N ALA D 2303 -34.74 15.50 -62.46
CA ALA D 2303 -34.23 16.51 -61.53
C ALA D 2303 -33.11 17.33 -62.16
N GLY D 2304 -32.29 16.69 -63.00
CA GLY D 2304 -31.37 17.45 -63.83
C GLY D 2304 -32.06 18.25 -64.93
N CYS D 2305 -33.16 17.73 -65.47
CA CYS D 2305 -33.93 18.45 -66.48
C CYS D 2305 -34.53 19.74 -65.95
N GLY D 2306 -34.94 19.75 -64.68
CA GLY D 2306 -35.45 20.95 -64.05
C GLY D 2306 -34.44 22.04 -63.82
N LEU D 2307 -33.14 21.78 -64.04
CA LEU D 2307 -32.11 22.79 -63.88
C LEU D 2307 -31.31 23.06 -65.14
N GLN D 2308 -31.26 22.13 -66.08
CA GLN D 2308 -30.60 22.39 -67.35
C GLN D 2308 -31.46 23.37 -68.16
N SER D 2309 -30.83 24.08 -69.09
CA SER D 2309 -31.47 25.24 -69.70
C SER D 2309 -31.39 25.17 -71.22
N CYS D 2310 -31.76 24.01 -71.80
CA CYS D 2310 -31.89 23.74 -73.24
C CYS D 2310 -30.62 24.07 -74.03
N PRO D 2311 -29.59 23.21 -73.96
CA PRO D 2311 -28.32 23.52 -74.65
C PRO D 2311 -28.44 23.56 -76.17
N MET D 2312 -29.35 22.79 -76.76
CA MET D 2312 -29.57 22.85 -78.20
C MET D 2312 -30.23 24.16 -78.62
N LEU D 2313 -30.97 24.80 -77.71
CA LEU D 2313 -31.57 26.10 -77.99
C LEU D 2313 -30.70 27.25 -77.52
N LEU D 2314 -29.64 26.97 -76.76
CA LEU D 2314 -28.60 27.98 -76.54
C LEU D 2314 -27.92 28.36 -77.85
N ALA D 2315 -27.75 27.40 -78.75
CA ALA D 2315 -27.14 27.63 -80.05
C ALA D 2315 -28.14 28.06 -81.11
N LYS D 2316 -29.30 28.58 -80.71
CA LYS D 2316 -30.30 28.98 -81.70
C LYS D 2316 -31.05 30.26 -81.33
N GLY D 2317 -30.49 31.09 -80.47
CA GLY D 2317 -31.10 32.39 -80.18
C GLY D 2317 -32.36 32.31 -79.35
N TYR D 2318 -32.22 31.87 -78.10
CA TYR D 2318 -33.35 31.71 -77.20
C TYR D 2318 -32.99 32.28 -75.85
N PRO D 2319 -33.97 32.82 -75.11
CA PRO D 2319 -33.67 33.55 -73.88
C PRO D 2319 -33.21 32.70 -72.70
N ASP D 2320 -33.11 31.37 -72.86
CA ASP D 2320 -32.38 30.47 -71.95
C ASP D 2320 -32.93 30.49 -70.52
N ILE D 2321 -34.18 30.04 -70.40
CA ILE D 2321 -34.82 29.88 -69.10
C ILE D 2321 -34.18 28.68 -68.42
N GLY D 2322 -33.94 28.77 -67.11
CA GLY D 2322 -33.14 27.79 -66.40
C GLY D 2322 -33.74 26.41 -66.18
N TRP D 2323 -34.88 26.12 -66.80
CA TRP D 2323 -35.41 24.77 -66.83
C TRP D 2323 -35.71 24.43 -68.28
N ASN D 2324 -36.27 23.24 -68.52
CA ASN D 2324 -36.46 22.73 -69.87
C ASN D 2324 -37.94 22.52 -70.17
N PRO D 2325 -38.62 23.53 -70.72
CA PRO D 2325 -39.99 23.33 -71.20
C PRO D 2325 -40.06 22.37 -72.35
N CYS D 2326 -39.02 22.27 -73.16
CA CYS D 2326 -38.88 21.22 -74.15
C CYS D 2326 -38.57 19.89 -73.50
N GLY D 2327 -37.46 19.82 -72.77
CA GLY D 2327 -36.90 18.61 -72.20
C GLY D 2327 -37.80 17.86 -71.26
N GLY D 2328 -38.59 18.56 -70.43
CA GLY D 2328 -39.55 17.88 -69.59
C GLY D 2328 -40.64 17.21 -70.41
N GLU D 2329 -41.06 17.83 -71.50
CA GLU D 2329 -42.01 17.20 -72.40
C GLU D 2329 -41.38 16.08 -73.20
N ARG D 2330 -40.07 16.14 -73.42
CA ARG D 2330 -39.36 14.96 -73.93
C ARG D 2330 -39.37 13.83 -72.90
N TYR D 2331 -39.30 14.18 -71.62
CA TYR D 2331 -39.59 13.21 -70.56
C TYR D 2331 -41.09 13.03 -70.42
N LEU D 2332 -41.47 12.27 -69.39
CA LEU D 2332 -42.80 12.12 -68.80
C LEU D 2332 -43.78 11.32 -69.65
N ASP D 2333 -43.45 11.10 -70.91
CA ASP D 2333 -44.35 10.34 -71.78
C ASP D 2333 -44.29 8.87 -71.47
N PHE D 2334 -43.06 8.34 -71.35
CA PHE D 2334 -42.81 7.02 -70.80
C PHE D 2334 -43.50 6.80 -69.47
N LEU D 2335 -43.40 7.80 -68.59
CA LEU D 2335 -43.92 7.68 -67.23
C LEU D 2335 -45.43 7.67 -67.22
N ARG D 2336 -46.04 8.38 -68.17
CA ARG D 2336 -47.46 8.24 -68.42
C ARG D 2336 -47.80 6.85 -68.94
N PHE D 2337 -46.96 6.33 -69.85
CA PHE D 2337 -47.26 5.11 -70.58
C PHE D 2337 -47.26 3.87 -69.70
N ALA D 2338 -46.77 3.96 -68.47
CA ALA D 2338 -46.98 2.87 -67.53
C ALA D 2338 -48.40 2.87 -66.96
N VAL D 2339 -49.05 4.03 -66.86
CA VAL D 2339 -50.29 4.11 -66.09
C VAL D 2339 -51.43 4.22 -67.11
N PHE D 2340 -51.16 3.78 -68.33
CA PHE D 2340 -51.91 4.23 -69.50
C PHE D 2340 -53.04 3.28 -69.90
N VAL D 2341 -52.69 2.06 -70.32
CA VAL D 2341 -53.68 1.17 -70.93
C VAL D 2341 -54.59 0.56 -69.88
N ASN D 2342 -54.05 0.29 -68.70
CA ASN D 2342 -54.86 -0.05 -67.54
C ASN D 2342 -55.12 1.23 -66.74
N GLY D 2343 -55.82 2.16 -67.39
CA GLY D 2343 -56.04 3.53 -66.94
C GLY D 2343 -56.43 3.67 -65.49
N GLU D 2344 -55.73 4.56 -64.77
CA GLU D 2344 -55.65 4.59 -63.31
C GLU D 2344 -55.16 3.24 -62.78
N SER D 2345 -53.89 2.97 -63.10
CA SER D 2345 -53.22 1.71 -62.76
C SER D 2345 -52.77 1.65 -61.32
N VAL D 2346 -51.91 0.67 -61.01
CA VAL D 2346 -51.57 0.34 -59.63
C VAL D 2346 -50.77 1.47 -59.01
N GLU D 2347 -51.07 1.73 -57.73
CA GLU D 2347 -50.36 2.76 -57.00
C GLU D 2347 -48.96 2.32 -56.61
N GLU D 2348 -48.65 1.03 -56.77
CA GLU D 2348 -47.27 0.55 -56.63
C GLU D 2348 -46.31 1.29 -57.54
N ASN D 2349 -46.76 1.65 -58.74
CA ASN D 2349 -45.98 2.52 -59.59
C ASN D 2349 -45.91 3.93 -59.00
N ALA D 2350 -47.07 4.58 -58.86
CA ALA D 2350 -47.15 6.01 -58.55
C ALA D 2350 -46.65 6.36 -57.16
N ASN D 2351 -46.57 5.40 -56.24
CA ASN D 2351 -46.19 5.72 -54.87
C ASN D 2351 -44.72 6.05 -54.77
N VAL D 2352 -43.86 5.20 -55.30
CA VAL D 2352 -42.43 5.52 -55.34
C VAL D 2352 -42.15 6.67 -56.29
N VAL D 2353 -43.04 6.92 -57.25
CA VAL D 2353 -42.91 8.09 -58.09
C VAL D 2353 -43.08 9.36 -57.25
N VAL D 2354 -44.22 9.49 -56.60
CA VAL D 2354 -44.58 10.78 -56.02
C VAL D 2354 -43.87 10.98 -54.69
N ARG D 2355 -43.70 9.91 -53.91
CA ARG D 2355 -43.01 10.00 -52.62
C ARG D 2355 -41.54 10.32 -52.77
N LEU D 2356 -40.97 10.11 -53.95
CA LEU D 2356 -39.62 10.58 -54.22
C LEU D 2356 -39.61 11.85 -55.05
N LEU D 2357 -40.70 12.14 -55.73
CA LEU D 2357 -40.87 13.38 -56.47
C LEU D 2357 -41.11 14.56 -55.54
N ILE D 2358 -41.55 14.29 -54.31
CA ILE D 2358 -41.58 15.31 -53.27
C ILE D 2358 -40.22 15.47 -52.61
N ARG D 2359 -39.37 14.42 -52.63
CA ARG D 2359 -38.02 14.55 -52.08
C ARG D 2359 -37.19 15.53 -52.89
N LYS D 2360 -37.39 15.58 -54.20
CA LYS D 2360 -36.82 16.63 -55.05
C LYS D 2360 -37.95 17.54 -55.49
N PRO D 2361 -38.19 18.66 -54.77
CA PRO D 2361 -39.16 19.64 -55.27
C PRO D 2361 -38.68 20.42 -56.49
N GLU D 2362 -37.40 20.28 -56.88
CA GLU D 2362 -36.95 20.84 -58.15
C GLU D 2362 -37.40 20.01 -59.34
N CYS D 2363 -37.96 18.81 -59.10
CA CYS D 2363 -38.66 18.10 -60.16
C CYS D 2363 -39.92 18.83 -60.60
N PHE D 2364 -40.51 19.64 -59.72
CA PHE D 2364 -41.66 20.44 -60.10
C PHE D 2364 -41.23 21.62 -60.98
N GLY D 2365 -42.23 22.31 -61.53
CA GLY D 2365 -41.99 23.58 -62.17
C GLY D 2365 -41.53 24.59 -61.13
N PRO D 2366 -40.57 25.44 -61.50
CA PRO D 2366 -40.10 26.45 -60.55
C PRO D 2366 -41.11 27.54 -60.29
N ALA D 2367 -41.95 27.86 -61.27
CA ALA D 2367 -43.07 28.79 -61.08
C ALA D 2367 -44.26 28.12 -60.42
N LEU D 2368 -44.12 26.87 -60.02
CA LEU D 2368 -45.09 26.16 -59.20
C LEU D 2368 -44.58 25.95 -57.78
N ARG D 2369 -43.42 25.32 -57.62
CA ARG D 2369 -42.88 24.99 -56.31
C ARG D 2369 -41.59 25.75 -56.02
N GLY D 2370 -41.53 27.01 -56.46
CA GLY D 2370 -40.50 27.90 -55.96
C GLY D 2370 -40.72 28.20 -54.48
N GLU D 2371 -39.63 28.42 -53.76
CA GLU D 2371 -39.67 28.61 -52.32
C GLU D 2371 -40.39 29.89 -51.91
N GLY D 2372 -40.38 30.92 -52.75
CA GLY D 2372 -41.12 32.12 -52.43
C GLY D 2372 -42.45 32.17 -53.16
N GLY D 2373 -42.60 33.14 -54.05
CA GLY D 2373 -43.82 33.30 -54.81
C GLY D 2373 -43.79 32.51 -56.11
N SER D 2374 -44.55 31.42 -56.16
CA SER D 2374 -44.59 30.59 -57.37
C SER D 2374 -46.07 30.25 -57.63
N GLY D 2375 -46.76 31.18 -58.30
CA GLY D 2375 -48.15 30.97 -58.62
C GLY D 2375 -48.28 30.22 -59.92
N LEU D 2376 -49.05 29.13 -59.91
CA LEU D 2376 -49.15 28.31 -61.12
C LEU D 2376 -50.08 28.96 -62.14
N LEU D 2377 -51.30 29.30 -61.74
CA LEU D 2377 -52.19 30.01 -62.65
C LEU D 2377 -51.67 31.40 -62.98
N ALA D 2378 -50.93 32.02 -62.05
CA ALA D 2378 -50.18 33.23 -62.36
C ALA D 2378 -49.15 32.99 -63.45
N ALA D 2379 -48.43 31.86 -63.40
CA ALA D 2379 -47.48 31.50 -64.43
C ALA D 2379 -48.18 31.24 -65.76
N ILE D 2380 -49.38 30.68 -65.71
CA ILE D 2380 -50.09 30.37 -66.95
C ILE D 2380 -50.64 31.64 -67.59
N GLU D 2381 -51.20 32.55 -66.78
CA GLU D 2381 -51.65 33.84 -67.31
C GLU D 2381 -50.48 34.67 -67.82
N GLU D 2382 -49.30 34.52 -67.20
CA GLU D 2382 -48.10 35.14 -67.76
C GLU D 2382 -47.68 34.48 -69.06
N ALA D 2383 -47.81 33.15 -69.14
CA ALA D 2383 -47.43 32.41 -70.34
C ALA D 2383 -48.36 32.70 -71.50
N ILE D 2384 -49.59 33.14 -71.21
CA ILE D 2384 -50.45 33.69 -72.25
C ILE D 2384 -49.80 34.91 -72.90
N ARG D 2385 -49.28 35.82 -72.08
CA ARG D 2385 -48.59 36.99 -72.60
C ARG D 2385 -47.26 36.61 -73.25
N ILE D 2386 -46.62 35.55 -72.75
CA ILE D 2386 -45.37 35.09 -73.36
C ILE D 2386 -45.62 34.50 -74.74
N SER D 2387 -46.70 33.73 -74.89
CA SER D 2387 -47.10 33.25 -76.21
C SER D 2387 -47.56 34.37 -77.12
N GLU D 2388 -48.13 35.44 -76.56
CA GLU D 2388 -48.48 36.62 -77.34
C GLU D 2388 -47.28 37.45 -77.75
N ASP D 2389 -46.20 37.43 -76.97
CA ASP D 2389 -45.02 38.23 -77.27
C ASP D 2389 -43.92 37.36 -77.86
N PRO D 2390 -43.68 37.42 -79.17
CA PRO D 2390 -42.68 36.55 -79.80
C PRO D 2390 -41.23 36.93 -79.53
N ALA D 2391 -40.98 37.98 -78.75
CA ALA D 2391 -39.62 38.40 -78.42
C ALA D 2391 -38.89 37.41 -77.53
N ARG D 2392 -39.61 36.54 -76.82
CA ARG D 2392 -39.00 35.56 -75.94
C ARG D 2392 -38.73 34.23 -76.65
N ASP D 2393 -38.52 34.26 -77.96
CA ASP D 2393 -38.35 33.05 -78.74
C ASP D 2393 -37.20 33.26 -79.72
N GLY D 2394 -37.10 32.37 -80.69
CA GLY D 2394 -36.13 32.50 -81.75
C GLY D 2394 -36.70 33.30 -82.90
N PRO D 2395 -36.37 34.59 -82.96
CA PRO D 2395 -36.93 35.45 -84.01
C PRO D 2395 -35.91 36.45 -84.55
N ASN D 2414 -37.00 27.64 -83.89
CA ASN D 2414 -38.18 28.25 -84.46
C ASN D 2414 -39.18 27.20 -84.92
N ARG D 2415 -39.14 26.04 -84.27
CA ARG D 2415 -40.05 24.95 -84.60
C ARG D 2415 -41.47 25.27 -84.18
N VAL D 2416 -41.64 25.79 -82.96
CA VAL D 2416 -42.93 26.20 -82.44
C VAL D 2416 -42.71 27.42 -81.54
N HIS D 2417 -43.82 28.03 -81.14
CA HIS D 2417 -43.78 29.07 -80.13
C HIS D 2417 -43.56 28.39 -78.77
N LEU D 2418 -43.01 29.15 -77.82
CA LEU D 2418 -42.52 28.55 -76.58
C LEU D 2418 -43.57 28.49 -75.49
N GLY D 2419 -44.65 29.27 -75.61
CA GLY D 2419 -45.76 29.13 -74.69
C GLY D 2419 -46.41 27.77 -74.77
N HIS D 2420 -46.42 27.17 -75.96
CA HIS D 2420 -46.91 25.80 -76.05
C HIS D 2420 -45.94 24.80 -75.44
N ALA D 2421 -44.63 25.08 -75.52
CA ALA D 2421 -43.66 24.23 -74.83
C ALA D 2421 -43.78 24.34 -73.31
N ILE D 2422 -44.20 25.50 -72.81
CA ILE D 2422 -44.56 25.61 -71.40
C ILE D 2422 -45.79 24.77 -71.10
N MET D 2423 -46.90 25.05 -71.80
CA MET D 2423 -48.19 24.51 -71.38
C MET D 2423 -48.32 23.01 -71.67
N SER D 2424 -47.64 22.52 -72.70
CA SER D 2424 -47.66 21.09 -72.99
C SER D 2424 -47.02 20.31 -71.86
N PHE D 2425 -45.87 20.78 -71.38
CA PHE D 2425 -45.22 20.14 -70.24
C PHE D 2425 -46.03 20.29 -68.96
N TYR D 2426 -46.64 21.45 -68.74
CA TYR D 2426 -47.42 21.62 -67.51
C TYR D 2426 -48.71 20.81 -67.53
N ALA D 2427 -49.46 20.85 -68.64
CA ALA D 2427 -50.60 19.96 -68.81
C ALA D 2427 -50.21 18.50 -68.83
N ALA D 2428 -48.97 18.19 -69.23
CA ALA D 2428 -48.44 16.84 -69.13
C ALA D 2428 -48.22 16.41 -67.69
N LEU D 2429 -47.65 17.31 -66.88
CA LEU D 2429 -47.57 17.11 -65.45
C LEU D 2429 -48.93 16.87 -64.83
N ILE D 2430 -49.94 17.63 -65.28
CA ILE D 2430 -51.28 17.47 -64.73
C ILE D 2430 -51.91 16.15 -65.20
N ASP D 2431 -51.66 15.77 -66.45
CA ASP D 2431 -52.23 14.54 -66.99
C ASP D 2431 -51.62 13.30 -66.36
N LEU D 2432 -50.33 13.35 -66.02
CA LEU D 2432 -49.73 12.24 -65.29
C LEU D 2432 -50.36 12.08 -63.92
N LEU D 2433 -50.71 13.21 -63.28
CA LEU D 2433 -51.44 13.13 -62.02
C LEU D 2433 -52.87 12.63 -62.20
N GLY D 2434 -53.51 13.00 -63.32
CA GLY D 2434 -54.86 12.52 -63.58
C GLY D 2434 -54.91 11.03 -63.85
N ARG D 2435 -53.88 10.49 -64.50
CA ARG D 2435 -53.80 9.05 -64.68
C ARG D 2435 -53.26 8.34 -63.44
N CYS D 2436 -52.41 9.00 -62.66
CA CYS D 2436 -51.89 8.46 -61.42
C CYS D 2436 -52.66 8.99 -60.23
N ALA D 2437 -53.97 9.20 -60.40
CA ALA D 2437 -54.89 9.40 -59.29
C ALA D 2437 -54.75 8.25 -58.28
N PRO D 2438 -54.84 8.55 -56.98
CA PRO D 2438 -54.46 7.55 -55.95
C PRO D 2438 -55.37 6.34 -55.89
N GLU D 2439 -56.67 6.51 -56.12
CA GLU D 2439 -57.57 5.40 -55.89
C GLU D 2439 -58.79 5.55 -56.78
N MET D 2440 -59.15 4.44 -57.41
CA MET D 2440 -60.50 4.27 -57.90
C MET D 2440 -61.31 3.74 -56.72
N HIS D 2441 -62.64 3.63 -56.90
CA HIS D 2441 -63.56 3.57 -55.78
C HIS D 2441 -63.43 2.31 -54.93
N LEU D 2442 -62.84 1.25 -55.49
CA LEU D 2442 -62.62 0.00 -54.77
C LEU D 2442 -61.77 0.21 -53.52
N ILE D 2443 -60.79 1.09 -53.61
CA ILE D 2443 -59.92 1.41 -52.49
C ILE D 2443 -60.05 2.87 -52.06
N GLN D 2444 -60.76 3.67 -52.86
CA GLN D 2444 -61.05 5.03 -52.45
C GLN D 2444 -62.06 5.04 -51.32
N ALA D 2445 -62.99 4.11 -51.34
CA ALA D 2445 -63.85 3.86 -50.19
C ALA D 2445 -63.28 2.81 -49.25
N GLY D 2446 -62.20 2.14 -49.64
CA GLY D 2446 -61.76 0.99 -48.87
C GLY D 2446 -60.28 0.86 -48.55
N LYS D 2447 -59.52 1.94 -48.59
CA LYS D 2447 -58.13 1.86 -48.18
C LYS D 2447 -57.66 3.20 -47.63
N GLY D 2448 -57.21 3.17 -46.38
CA GLY D 2448 -56.73 4.38 -45.71
C GLY D 2448 -55.39 4.87 -46.21
N GLU D 2449 -54.64 3.99 -46.88
CA GLU D 2449 -53.35 4.39 -47.42
C GLU D 2449 -53.50 5.35 -48.59
N ALA D 2450 -54.41 5.05 -49.51
CA ALA D 2450 -54.66 5.95 -50.63
C ALA D 2450 -55.36 7.22 -50.22
N LEU D 2451 -56.03 7.22 -49.06
CA LEU D 2451 -56.64 8.44 -48.55
C LEU D 2451 -55.59 9.48 -48.18
N ARG D 2452 -54.46 9.02 -47.62
CA ARG D 2452 -53.30 9.89 -47.43
C ARG D 2452 -52.87 10.53 -48.74
N ILE D 2453 -52.83 9.73 -49.80
CA ILE D 2453 -52.29 10.19 -51.07
C ILE D 2453 -53.25 11.16 -51.74
N ARG D 2454 -54.55 10.90 -51.61
CA ARG D 2454 -55.54 11.82 -52.15
C ARG D 2454 -55.59 13.12 -51.38
N ALA D 2455 -55.47 13.06 -50.05
CA ALA D 2455 -55.39 14.27 -49.25
C ALA D 2455 -54.12 15.05 -49.56
N ILE D 2456 -53.02 14.34 -49.83
CA ILE D 2456 -51.79 15.01 -50.20
C ILE D 2456 -51.93 15.67 -51.57
N LEU D 2457 -52.63 15.05 -52.51
CA LEU D 2457 -52.86 15.70 -53.79
C LEU D 2457 -53.75 16.91 -53.67
N ARG D 2458 -54.82 16.82 -52.88
CA ARG D 2458 -55.65 17.98 -52.60
C ARG D 2458 -54.89 19.08 -51.89
N SER D 2459 -53.89 18.73 -51.08
CA SER D 2459 -53.01 19.73 -50.50
C SER D 2459 -52.13 20.37 -51.57
N LEU D 2460 -51.62 19.55 -52.49
CA LEU D 2460 -50.70 20.04 -53.51
C LEU D 2460 -51.41 20.93 -54.51
N VAL D 2461 -52.40 20.38 -55.22
CA VAL D 2461 -53.21 21.22 -56.08
C VAL D 2461 -54.48 21.61 -55.32
N PRO D 2462 -54.64 22.90 -55.03
CA PRO D 2462 -55.85 23.35 -54.33
C PRO D 2462 -57.02 23.40 -55.29
N LEU D 2463 -58.20 23.53 -54.71
CA LEU D 2463 -59.37 23.85 -55.49
C LEU D 2463 -59.33 25.32 -55.88
N ASP D 2464 -59.96 25.63 -57.02
CA ASP D 2464 -60.17 26.96 -57.61
C ASP D 2464 -58.92 27.58 -58.20
N ASP D 2465 -57.76 26.97 -57.99
CA ASP D 2465 -56.62 27.29 -58.84
C ASP D 2465 -56.84 26.72 -60.23
N LEU D 2466 -57.47 25.55 -60.28
CA LEU D 2466 -57.79 24.88 -61.52
C LEU D 2466 -58.97 25.50 -62.24
N VAL D 2467 -59.84 26.20 -61.50
CA VAL D 2467 -61.06 26.73 -62.10
C VAL D 2467 -60.74 27.91 -63.00
N GLY D 2468 -59.76 28.73 -62.62
CA GLY D 2468 -59.27 29.76 -63.51
C GLY D 2468 -58.60 29.19 -64.73
N ILE D 2469 -57.88 28.07 -64.56
CA ILE D 2469 -57.29 27.34 -65.69
C ILE D 2469 -58.38 26.86 -66.64
N ILE D 2470 -59.49 26.40 -66.08
CA ILE D 2470 -60.65 26.03 -66.89
C ILE D 2470 -61.26 27.27 -67.57
N SER D 2471 -61.30 28.38 -66.85
CA SER D 2471 -61.97 29.60 -67.32
C SER D 2471 -61.05 30.50 -68.14
N LEU D 2472 -59.90 29.94 -68.55
CA LEU D 2472 -58.99 30.58 -69.50
C LEU D 2472 -59.39 30.79 -70.96
N PRO D 2473 -60.19 29.88 -71.64
CA PRO D 2473 -59.86 29.46 -73.02
C PRO D 2473 -59.65 30.52 -74.09
N LEU D 2474 -58.84 30.14 -75.09
CA LEU D 2474 -58.36 31.04 -76.11
C LEU D 2474 -59.39 31.19 -77.23
N GLN D 2475 -58.95 31.75 -78.36
CA GLN D 2475 -59.83 32.10 -79.48
C GLN D 2475 -60.18 30.88 -80.31
N ILE D 2476 -60.77 31.13 -81.48
CA ILE D 2476 -61.40 30.11 -82.30
C ILE D 2476 -60.81 30.20 -83.71
N PRO D 2477 -60.34 29.09 -84.30
CA PRO D 2477 -59.88 29.07 -85.70
C PRO D 2477 -61.02 29.17 -86.71
N THR D 2478 -61.51 30.40 -86.92
CA THR D 2478 -62.62 30.61 -87.84
C THR D 2478 -62.46 32.02 -88.43
N LEU D 2479 -61.97 32.08 -89.66
CA LEU D 2479 -61.83 33.34 -90.38
C LEU D 2479 -61.84 33.13 -91.88
N UNK D 2517 -58.36 32.16 -91.76
CA UNK D 2517 -57.20 32.16 -90.87
C UNK D 2517 -57.46 31.28 -89.64
N UNK D 2518 -56.79 30.12 -89.62
CA UNK D 2518 -56.92 29.20 -88.50
C UNK D 2518 -56.03 29.63 -87.33
N UNK D 2519 -56.08 28.89 -86.23
CA UNK D 2519 -55.33 29.21 -85.04
C UNK D 2519 -53.99 28.47 -85.06
N UNK D 2520 -53.08 28.90 -84.19
CA UNK D 2520 -51.75 28.31 -84.14
C UNK D 2520 -51.77 27.01 -83.36
N UNK D 2521 -51.25 25.96 -83.97
CA UNK D 2521 -50.99 24.71 -83.26
C UNK D 2521 -49.75 24.81 -82.38
N UNK D 2522 -48.97 25.88 -82.53
CA UNK D 2522 -47.87 26.21 -81.64
C UNK D 2522 -48.33 27.04 -80.45
N UNK D 2523 -49.63 26.96 -80.13
CA UNK D 2523 -50.24 27.63 -79.00
C UNK D 2523 -50.85 26.58 -78.08
N UNK D 2524 -51.62 27.03 -77.07
CA UNK D 2524 -52.23 26.14 -76.09
C UNK D 2524 -53.24 25.19 -76.69
N UNK D 2525 -53.12 23.90 -76.42
CA UNK D 2525 -54.02 22.91 -77.00
C UNK D 2525 -55.33 22.84 -76.22
N UNK D 2526 -56.45 22.80 -76.96
CA UNK D 2526 -57.75 22.71 -76.33
C UNK D 2526 -58.01 21.32 -75.79
N UNK D 2527 -57.38 20.30 -76.38
CA UNK D 2527 -57.49 18.95 -75.85
C UNK D 2527 -56.70 18.80 -74.55
N UNK D 2528 -55.70 19.65 -74.34
CA UNK D 2528 -54.92 19.67 -73.10
C UNK D 2528 -55.70 20.24 -71.93
N UNK D 2529 -56.85 20.88 -72.19
CA UNK D 2529 -57.72 21.29 -71.11
C UNK D 2529 -58.39 20.09 -70.44
N UNK D 2530 -58.55 19.00 -71.19
CA UNK D 2530 -59.11 17.76 -70.65
C UNK D 2530 -58.13 17.00 -69.76
N UNK D 2531 -56.85 17.40 -69.75
CA UNK D 2531 -55.89 16.79 -68.84
C UNK D 2531 -56.19 17.14 -67.39
N UNK D 2532 -56.75 18.32 -67.14
CA UNK D 2532 -57.18 18.69 -65.80
C UNK D 2532 -58.51 18.07 -65.42
N UNK D 2533 -59.27 17.57 -66.39
CA UNK D 2533 -60.59 17.01 -66.11
C UNK D 2533 -60.49 15.72 -65.30
N UNK D 2534 -59.59 14.81 -65.69
CA UNK D 2534 -59.40 13.59 -64.93
C UNK D 2534 -58.81 13.86 -63.55
N UNK D 2535 -57.92 14.84 -63.45
CA UNK D 2535 -57.34 15.19 -62.16
C UNK D 2535 -58.38 15.83 -61.24
N UNK D 2536 -59.20 16.73 -61.77
CA UNK D 2536 -60.23 17.34 -60.95
C UNK D 2536 -61.43 16.42 -60.73
N UNK D 2537 -61.53 15.33 -61.48
CA UNK D 2537 -62.59 14.37 -61.27
C UNK D 2537 -62.15 13.17 -60.45
N UNK D 2538 -60.84 13.01 -60.24
CA UNK D 2538 -60.39 11.82 -59.51
C UNK D 2538 -59.46 12.14 -58.34
N UNK D 2539 -59.03 13.39 -58.18
CA UNK D 2539 -58.23 13.78 -57.02
C UNK D 2539 -58.89 14.96 -56.32
N UNK D 2540 -59.35 15.93 -57.09
CA UNK D 2540 -60.18 16.99 -56.56
C UNK D 2540 -61.65 16.74 -56.88
N UNK D 2541 -62.05 15.47 -56.82
CA UNK D 2541 -63.35 14.97 -57.25
C UNK D 2541 -64.52 15.68 -56.60
N UNK D 2542 -65.44 16.19 -57.41
CA UNK D 2542 -66.59 16.93 -56.91
C UNK D 2542 -67.82 16.04 -57.06
N UNK D 2543 -68.74 16.13 -56.10
CA UNK D 2543 -70.01 15.44 -56.19
C UNK D 2543 -71.13 16.39 -55.78
N UNK D 2544 -70.75 17.55 -55.24
CA UNK D 2544 -71.70 18.47 -54.65
C UNK D 2544 -72.43 19.31 -55.69
N UNK D 2545 -73.11 20.35 -55.23
CA UNK D 2545 -73.76 21.32 -56.10
C UNK D 2545 -72.77 22.36 -56.64
N UNK D 2546 -71.49 22.21 -56.27
CA UNK D 2546 -70.41 22.96 -56.90
C UNK D 2546 -70.17 22.55 -58.33
N UNK D 2547 -70.80 21.46 -58.80
CA UNK D 2547 -70.84 21.14 -60.22
C UNK D 2547 -71.53 22.24 -61.02
N UNK D 2548 -72.47 22.96 -60.42
CA UNK D 2548 -73.04 24.12 -61.09
C UNK D 2548 -72.01 25.23 -61.26
N UNK D 2549 -71.18 25.47 -60.25
CA UNK D 2549 -70.10 26.45 -60.39
C UNK D 2549 -69.04 25.95 -61.35
N UNK D 2550 -68.86 24.65 -61.44
CA UNK D 2550 -68.01 24.04 -62.45
C UNK D 2550 -68.54 24.24 -63.85
N UNK D 2551 -69.83 24.01 -64.08
CA UNK D 2551 -70.46 24.33 -65.36
C UNK D 2551 -70.41 25.81 -65.66
N UNK D 2552 -70.41 26.66 -64.63
CA UNK D 2552 -70.28 28.11 -64.78
C UNK D 2552 -68.95 28.53 -65.39
N UNK D 2553 -67.94 27.66 -65.33
CA UNK D 2553 -66.70 27.90 -66.06
C UNK D 2553 -66.62 26.96 -67.25
N UNK D 2554 -67.49 25.95 -67.26
CA UNK D 2554 -67.41 24.89 -68.25
C UNK D 2554 -68.47 25.00 -69.34
N UNK D 2555 -69.72 25.27 -68.97
CA UNK D 2555 -70.78 25.32 -69.96
C UNK D 2555 -70.70 26.54 -70.85
N UNK D 2556 -69.90 27.55 -70.48
CA UNK D 2556 -69.56 28.59 -71.43
C UNK D 2556 -68.77 28.01 -72.60
N UNK D 2557 -67.82 27.12 -72.29
CA UNK D 2557 -67.11 26.42 -73.36
C UNK D 2557 -68.02 25.43 -74.07
N UNK D 2558 -69.03 24.89 -73.39
CA UNK D 2558 -69.99 24.02 -74.07
C UNK D 2558 -70.88 24.80 -75.03
N UNK D 2559 -71.21 26.03 -74.66
CA UNK D 2559 -71.92 26.92 -75.58
C UNK D 2559 -71.03 27.31 -76.75
N UNK D 2560 -69.75 27.55 -76.50
CA UNK D 2560 -68.80 27.81 -77.57
C UNK D 2560 -68.53 26.57 -78.42
N UNK D 2561 -68.82 25.38 -77.90
CA UNK D 2561 -68.56 24.14 -78.63
C UNK D 2561 -69.52 23.98 -79.80
N UNK D 2562 -70.75 24.46 -79.65
CA UNK D 2562 -71.73 24.36 -80.72
C UNK D 2562 -71.59 25.47 -81.77
N UNK D 2563 -70.46 26.20 -81.78
CA UNK D 2563 -70.33 27.33 -82.67
C UNK D 2563 -69.67 26.94 -83.99
N UNK D 2564 -68.45 26.40 -83.94
CA UNK D 2564 -67.63 26.21 -85.12
C UNK D 2564 -67.88 24.89 -85.84
N UNK D 2565 -69.07 24.31 -85.68
CA UNK D 2565 -69.43 23.06 -86.34
C UNK D 2565 -70.13 23.31 -87.67
N UNK D 2566 -69.88 24.45 -88.30
CA UNK D 2566 -70.58 24.80 -89.52
C UNK D 2566 -69.64 24.80 -90.72
N UNK D 2567 -68.52 25.53 -90.62
CA UNK D 2567 -67.69 25.76 -91.80
C UNK D 2567 -66.81 24.56 -92.11
N UNK D 2568 -65.82 24.28 -91.26
CA UNK D 2568 -64.95 23.14 -91.53
C UNK D 2568 -64.58 22.35 -90.27
N UNK D 2569 -64.76 22.98 -89.10
CA UNK D 2569 -64.25 22.52 -87.81
C UNK D 2569 -62.78 22.12 -87.88
N UNK D 2570 -61.94 23.00 -88.43
CA UNK D 2570 -60.53 22.70 -88.61
C UNK D 2570 -59.81 22.73 -87.27
N UNK D 2571 -58.75 21.92 -87.15
CA UNK D 2571 -57.98 21.70 -85.94
C UNK D 2571 -58.88 21.26 -84.78
N UNK D 2572 -59.51 20.09 -84.93
CA UNK D 2572 -60.57 19.67 -84.02
C UNK D 2572 -60.00 18.97 -82.78
N UNK D 2573 -59.07 19.66 -82.11
CA UNK D 2573 -58.61 19.22 -80.80
C UNK D 2573 -59.67 19.39 -79.74
N UNK D 2574 -60.58 20.36 -79.93
CA UNK D 2574 -61.73 20.48 -79.05
C UNK D 2574 -62.70 19.33 -79.25
N UNK D 2575 -62.74 18.74 -80.45
CA UNK D 2575 -63.54 17.54 -80.65
C UNK D 2575 -62.99 16.35 -79.90
N UNK D 2576 -61.67 16.33 -79.66
CA UNK D 2576 -61.08 15.33 -78.79
C UNK D 2576 -61.24 15.68 -77.32
N UNK D 2577 -61.16 16.97 -76.97
CA UNK D 2577 -61.41 17.44 -75.62
C UNK D 2577 -62.83 17.14 -75.15
N UNK D 2578 -63.82 17.35 -76.02
CA UNK D 2578 -65.20 17.03 -75.71
C UNK D 2578 -65.46 15.54 -75.79
N UNK D 2579 -64.61 14.82 -76.52
CA UNK D 2579 -64.61 13.37 -76.43
C UNK D 2579 -63.99 12.91 -75.12
N UNK D 2580 -63.24 13.78 -74.45
CA UNK D 2580 -62.68 13.47 -73.14
C UNK D 2580 -63.35 14.26 -72.02
N UNK D 2581 -64.40 15.03 -72.31
CA UNK D 2581 -65.10 15.76 -71.26
C UNK D 2581 -66.60 15.50 -71.22
N UNK D 2582 -67.23 15.10 -72.33
CA UNK D 2582 -68.63 14.74 -72.27
C UNK D 2582 -68.87 13.45 -71.51
N UNK D 2583 -67.85 12.58 -71.44
CA UNK D 2583 -67.95 11.41 -70.58
C UNK D 2583 -67.95 11.80 -69.10
N UNK D 2584 -67.26 12.90 -68.76
CA UNK D 2584 -67.30 13.39 -67.38
C UNK D 2584 -68.68 13.92 -67.03
N UNK D 2585 -69.35 14.57 -68.00
CA UNK D 2585 -70.74 14.96 -67.78
C UNK D 2585 -71.66 13.75 -67.74
N UNK D 2586 -71.36 12.74 -68.55
CA UNK D 2586 -72.10 11.48 -68.54
C UNK D 2586 -71.95 10.73 -67.24
N UNK D 2587 -70.85 10.93 -66.52
CA UNK D 2587 -70.60 10.31 -65.23
C UNK D 2587 -71.16 11.16 -64.10
N UNK D 2588 -72.20 11.93 -64.39
CA UNK D 2588 -72.88 12.76 -63.39
C UNK D 2588 -74.36 12.78 -63.76
N UNK D 2589 -75.16 12.03 -63.02
CA UNK D 2589 -76.62 11.99 -63.21
C UNK D 2589 -77.34 12.70 -62.07
N UNK D 2590 -76.70 13.71 -61.48
CA UNK D 2590 -77.28 14.44 -60.36
C UNK D 2590 -77.67 15.83 -60.83
N UNK D 2591 -78.96 16.03 -61.08
CA UNK D 2591 -79.48 17.34 -61.47
C UNK D 2591 -80.43 17.84 -60.39
N UNK D 2592 -80.70 19.13 -60.42
CA UNK D 2592 -81.49 19.77 -59.39
C UNK D 2592 -82.31 20.94 -59.93
N UNK D 2593 -82.84 21.77 -59.02
CA UNK D 2593 -83.66 22.92 -59.36
C UNK D 2593 -82.78 24.14 -59.58
N UNK D 2594 -83.42 25.31 -59.61
CA UNK D 2594 -82.82 26.60 -60.02
C UNK D 2594 -82.15 26.46 -61.39
N UNK D 2595 -82.85 25.82 -62.30
CA UNK D 2595 -82.31 25.41 -63.60
C UNK D 2595 -82.28 26.63 -64.53
N UNK D 2596 -81.41 27.58 -64.19
CA UNK D 2596 -81.29 28.79 -65.00
C UNK D 2596 -80.48 28.51 -66.26
N UNK D 2597 -79.22 28.14 -66.08
CA UNK D 2597 -78.35 27.82 -67.20
C UNK D 2597 -78.45 26.36 -67.61
N UNK D 2598 -79.27 25.56 -66.92
CA UNK D 2598 -79.36 24.15 -67.24
C UNK D 2598 -80.08 23.92 -68.56
N UNK D 2599 -81.17 24.66 -68.82
CA UNK D 2599 -81.84 24.57 -70.10
C UNK D 2599 -80.97 25.10 -71.23
N UNK D 2600 -80.15 26.11 -70.96
CA UNK D 2600 -79.22 26.62 -71.96
C UNK D 2600 -78.12 25.60 -72.25
N UNK D 2601 -77.62 24.90 -71.23
CA UNK D 2601 -76.62 23.87 -71.45
C UNK D 2601 -77.21 22.67 -72.17
N UNK D 2602 -78.46 22.33 -71.87
CA UNK D 2602 -79.14 21.26 -72.60
C UNK D 2602 -79.39 21.65 -74.04
N UNK D 2603 -79.69 22.93 -74.30
CA UNK D 2603 -79.86 23.40 -75.67
C UNK D 2603 -78.53 23.39 -76.41
N UNK D 2604 -77.43 23.73 -75.72
CA UNK D 2604 -76.12 23.67 -76.34
C UNK D 2604 -75.72 22.23 -76.63
N UNK D 2605 -76.05 21.30 -75.74
CA UNK D 2605 -75.81 19.88 -75.98
C UNK D 2605 -76.62 19.36 -77.15
N UNK D 2606 -77.90 19.75 -77.23
CA UNK D 2606 -78.73 19.33 -78.36
C UNK D 2606 -78.28 19.96 -79.66
N UNK D 2607 -77.79 21.21 -79.61
CA UNK D 2607 -77.30 21.87 -80.82
C UNK D 2607 -76.01 21.23 -81.31
N UNK D 2608 -75.08 20.94 -80.40
CA UNK D 2608 -73.86 20.25 -80.77
C UNK D 2608 -74.12 18.81 -81.19
N UNK D 2609 -75.17 18.19 -80.65
CA UNK D 2609 -75.51 16.81 -81.03
C UNK D 2609 -76.15 16.78 -82.40
N UNK D 2610 -77.00 17.75 -82.70
CA UNK D 2610 -77.59 17.84 -84.03
C UNK D 2610 -76.56 18.29 -85.06
N UNK D 2611 -75.56 19.07 -84.64
CA UNK D 2611 -74.50 19.53 -85.55
C UNK D 2611 -73.50 18.39 -85.77
N UNK D 2612 -73.92 17.43 -86.58
CA UNK D 2612 -73.11 16.28 -86.91
C UNK D 2612 -72.56 16.32 -88.33
N UNK D 2613 -72.73 17.44 -89.04
CA UNK D 2613 -72.25 17.53 -90.41
C UNK D 2613 -70.74 17.68 -90.46
N UNK D 2614 -70.23 18.77 -89.90
CA UNK D 2614 -68.79 18.99 -89.83
C UNK D 2614 -68.19 18.09 -88.75
N UNK D 2615 -67.14 17.35 -89.11
CA UNK D 2615 -66.38 16.46 -88.22
C UNK D 2615 -67.26 15.41 -87.54
N UNK D 2616 -67.81 14.49 -88.35
CA UNK D 2616 -68.82 13.52 -87.91
C UNK D 2616 -68.32 12.59 -86.80
N UNK D 2617 -67.29 11.79 -87.09
CA UNK D 2617 -66.60 10.91 -86.13
C UNK D 2617 -67.56 9.97 -85.42
N UNK D 2618 -68.12 8.99 -86.18
CA UNK D 2618 -69.30 8.23 -85.74
C UNK D 2618 -69.08 7.48 -84.43
N UNK D 2619 -67.84 7.12 -84.12
CA UNK D 2619 -67.54 6.58 -82.79
C UNK D 2619 -67.78 7.61 -81.70
N UNK D 2620 -67.26 8.83 -81.89
CA UNK D 2620 -67.53 9.91 -80.95
C UNK D 2620 -68.99 10.33 -80.97
N UNK D 2621 -69.68 10.12 -82.10
CA UNK D 2621 -71.12 10.39 -82.17
C UNK D 2621 -71.89 9.41 -81.31
N UNK D 2622 -71.53 8.13 -81.37
CA UNK D 2622 -72.14 7.14 -80.49
C UNK D 2622 -71.79 7.37 -79.03
N UNK D 2623 -70.57 7.85 -78.76
CA UNK D 2623 -70.17 8.18 -77.39
C UNK D 2623 -70.98 9.34 -76.83
N UNK D 2624 -71.16 10.38 -77.64
CA UNK D 2624 -72.00 11.51 -77.23
C UNK D 2624 -73.48 11.11 -77.15
N UNK D 2625 -73.90 10.14 -77.96
CA UNK D 2625 -75.27 9.64 -77.87
C UNK D 2625 -75.50 8.92 -76.55
N UNK D 2626 -74.55 8.09 -76.13
CA UNK D 2626 -74.60 7.48 -74.81
C UNK D 2626 -74.53 8.51 -73.69
N UNK D 2627 -73.69 9.54 -73.84
CA UNK D 2627 -73.59 10.61 -72.86
C UNK D 2627 -74.88 11.42 -72.74
N UNK D 2628 -75.59 11.63 -73.85
CA UNK D 2628 -76.86 12.34 -73.82
C UNK D 2628 -77.99 11.48 -73.28
N UNK D 2629 -77.96 10.17 -73.57
CA UNK D 2629 -78.94 9.27 -73.00
C UNK D 2629 -78.75 9.10 -71.51
N UNK D 2630 -77.53 9.23 -71.01
CA UNK D 2630 -77.24 9.16 -69.59
C UNK D 2630 -77.82 10.31 -68.79
N UNK D 2631 -77.92 11.50 -69.40
CA UNK D 2631 -78.42 12.67 -68.69
C UNK D 2631 -79.93 12.63 -68.49
N UNK D 2632 -80.64 11.73 -69.17
CA UNK D 2632 -82.08 11.59 -68.99
C UNK D 2632 -82.45 11.06 -67.62
N UNK D 2633 -81.52 10.40 -66.93
CA UNK D 2633 -81.73 9.95 -65.55
C UNK D 2633 -81.18 10.95 -64.55
N UNK D 2634 -81.21 12.23 -64.88
CA UNK D 2634 -80.73 13.25 -63.95
C UNK D 2634 -81.81 14.27 -63.62
N UNK D 2635 -82.53 14.73 -64.64
CA UNK D 2635 -83.44 15.86 -64.51
C UNK D 2635 -84.89 15.40 -64.44
N UNK D 2636 -85.78 16.36 -64.12
CA UNK D 2636 -87.20 16.08 -63.92
C UNK D 2636 -88.04 17.14 -64.63
N UNK D 2637 -88.35 16.89 -65.91
CA UNK D 2637 -89.42 17.58 -66.67
C UNK D 2637 -89.17 19.07 -66.84
N UNK D 2638 -87.95 19.54 -66.60
CA UNK D 2638 -87.63 20.94 -66.77
C UNK D 2638 -87.28 21.28 -68.20
N UNK D 2639 -87.05 20.28 -69.05
CA UNK D 2639 -86.66 20.51 -70.43
C UNK D 2639 -87.91 20.85 -71.24
N UNK D 2640 -88.21 22.14 -71.29
CA UNK D 2640 -89.30 22.62 -72.12
C UNK D 2640 -88.81 23.08 -73.48
N UNK D 2641 -87.82 23.98 -73.50
CA UNK D 2641 -87.34 24.55 -74.76
C UNK D 2641 -86.60 23.51 -75.58
N UNK D 2642 -85.81 22.65 -74.93
CA UNK D 2642 -85.11 21.60 -75.66
C UNK D 2642 -86.07 20.56 -76.21
N UNK D 2643 -87.15 20.25 -75.47
CA UNK D 2643 -88.15 19.33 -75.99
C UNK D 2643 -88.94 19.97 -77.13
N UNK D 2644 -89.16 21.28 -77.06
CA UNK D 2644 -89.80 21.98 -78.17
C UNK D 2644 -88.92 21.96 -79.41
N UNK D 2645 -87.62 22.18 -79.23
CA UNK D 2645 -86.67 22.10 -80.32
C UNK D 2645 -86.54 20.70 -80.89
N UNK D 2646 -86.64 19.67 -80.04
CA UNK D 2646 -86.61 18.30 -80.53
C UNK D 2646 -87.87 17.97 -81.30
N UNK D 2647 -89.03 18.39 -80.78
CA UNK D 2647 -90.29 18.12 -81.47
C UNK D 2647 -90.42 18.91 -82.76
N UNK D 2648 -89.64 19.99 -82.91
CA UNK D 2648 -89.66 20.79 -84.12
C UNK D 2648 -88.60 20.35 -85.13
N UNK D 2649 -87.58 19.63 -84.68
CA UNK D 2649 -86.49 19.29 -85.59
C UNK D 2649 -86.51 17.82 -85.96
N UNK D 2650 -86.58 16.94 -84.96
CA UNK D 2650 -86.49 15.51 -85.24
C UNK D 2650 -87.77 14.99 -85.87
N UNK D 2651 -88.92 15.49 -85.42
CA UNK D 2651 -90.19 15.13 -86.05
C UNK D 2651 -90.28 15.67 -87.46
N UNK D 2652 -89.67 16.82 -87.74
CA UNK D 2652 -89.55 17.33 -89.09
C UNK D 2652 -88.68 16.41 -89.94
N UNK D 2653 -87.40 16.30 -89.59
CA UNK D 2653 -86.45 15.46 -90.32
C UNK D 2653 -86.39 14.10 -89.65
N UNK D 2654 -87.43 13.29 -89.91
CA UNK D 2654 -87.53 11.97 -89.30
C UNK D 2654 -86.93 10.90 -90.20
N UNK D 2655 -85.76 11.22 -90.77
CA UNK D 2655 -85.00 10.27 -91.55
C UNK D 2655 -83.51 10.41 -91.26
N UNK D 2656 -83.17 11.34 -90.37
CA UNK D 2656 -81.79 11.77 -90.17
C UNK D 2656 -80.97 10.71 -89.44
N UNK D 2657 -79.67 10.98 -89.31
CA UNK D 2657 -78.79 10.11 -88.54
C UNK D 2657 -79.07 10.17 -87.06
N UNK D 2658 -79.38 11.35 -86.53
CA UNK D 2658 -79.73 11.49 -85.12
C UNK D 2658 -81.15 11.07 -84.82
N UNK D 2659 -81.95 10.76 -85.85
CA UNK D 2659 -83.36 10.46 -85.66
C UNK D 2659 -83.58 9.12 -84.96
N UNK D 2660 -82.74 8.12 -85.24
CA UNK D 2660 -82.89 6.82 -84.59
C UNK D 2660 -82.55 6.91 -83.10
N UNK D 2661 -81.55 7.71 -82.75
CA UNK D 2661 -81.25 7.95 -81.35
C UNK D 2661 -82.31 8.80 -80.67
N UNK D 2662 -82.88 9.76 -81.40
CA UNK D 2662 -83.97 10.56 -80.86
C UNK D 2662 -85.23 9.74 -80.64
N UNK D 2663 -85.43 8.68 -81.42
CA UNK D 2663 -86.55 7.76 -81.17
C UNK D 2663 -86.42 7.08 -79.82
N UNK D 2664 -85.21 6.58 -79.51
CA UNK D 2664 -84.98 5.98 -78.20
C UNK D 2664 -85.02 7.01 -77.08
N UNK D 2665 -84.58 8.24 -77.37
CA UNK D 2665 -84.63 9.29 -76.36
C UNK D 2665 -86.07 9.71 -76.06
N UNK D 2666 -86.92 9.73 -77.08
CA UNK D 2666 -88.33 10.04 -76.87
C UNK D 2666 -89.06 8.89 -76.18
N UNK D 2667 -88.68 7.65 -76.50
CA UNK D 2667 -89.20 6.52 -75.75
C UNK D 2667 -88.75 6.53 -74.30
N UNK D 2668 -87.56 7.06 -74.02
CA UNK D 2668 -87.12 7.25 -72.65
C UNK D 2668 -87.93 8.30 -71.91
N UNK D 2669 -88.26 9.41 -72.58
CA UNK D 2669 -89.11 10.42 -71.98
C UNK D 2669 -90.57 9.96 -71.87
N UNK D 2670 -90.96 8.98 -72.68
CA UNK D 2670 -92.30 8.42 -72.59
C UNK D 2670 -92.53 7.69 -71.27
N UNK D 2671 -91.46 7.17 -70.66
CA UNK D 2671 -91.55 6.48 -69.37
C UNK D 2671 -91.46 7.46 -68.20
N UNK D 2672 -91.66 8.74 -68.45
CA UNK D 2672 -91.61 9.76 -67.40
C UNK D 2672 -92.94 10.49 -67.26
N UNK D 2673 -93.90 10.15 -68.12
CA UNK D 2673 -95.22 10.78 -68.08
C UNK D 2673 -96.29 9.71 -67.96
N UNK D 2674 -95.87 8.49 -67.61
CA UNK D 2674 -96.80 7.37 -67.49
C UNK D 2674 -97.74 7.50 -66.31
N UNK D 2675 -97.27 8.03 -65.18
CA UNK D 2675 -98.10 8.19 -63.99
C UNK D 2675 -98.32 9.65 -63.64
N UNK D 2676 -97.27 10.39 -63.34
CA UNK D 2676 -97.40 11.80 -63.01
C UNK D 2676 -96.74 12.62 -64.11
N UNK D 2677 -96.63 13.93 -63.88
CA UNK D 2677 -96.00 14.90 -64.80
C UNK D 2677 -96.65 14.90 -66.18
N UNK D 2678 -97.94 14.59 -66.24
CA UNK D 2678 -98.72 14.67 -67.47
C UNK D 2678 -99.43 16.02 -67.59
N UNK D 2679 -99.03 16.99 -66.78
CA UNK D 2679 -99.71 18.28 -66.67
C UNK D 2679 -99.04 19.35 -67.53
N UNK D 2680 -99.30 19.33 -68.84
CA UNK D 2680 -98.76 20.33 -69.75
C UNK D 2680 -99.68 20.39 -70.97
N UNK D 2681 -100.44 21.48 -71.09
CA UNK D 2681 -101.42 21.58 -72.17
C UNK D 2681 -100.77 21.89 -73.51
N UNK D 2682 -99.86 22.86 -73.54
CA UNK D 2682 -99.19 23.20 -74.80
C UNK D 2682 -98.25 22.09 -75.24
N UNK D 2683 -97.58 21.43 -74.29
CA UNK D 2683 -96.76 20.28 -74.65
C UNK D 2683 -97.63 19.09 -75.01
N UNK D 2684 -98.86 19.01 -74.50
CA UNK D 2684 -99.79 17.99 -74.96
C UNK D 2684 -100.24 18.27 -76.39
N UNK D 2685 -100.40 19.54 -76.75
CA UNK D 2685 -100.69 19.91 -78.13
C UNK D 2685 -99.52 19.56 -79.05
N UNK D 2686 -98.29 19.86 -78.60
CA UNK D 2686 -97.11 19.47 -79.36
C UNK D 2686 -96.95 17.96 -79.43
N UNK D 2687 -97.42 17.24 -78.41
CA UNK D 2687 -97.34 15.79 -78.41
C UNK D 2687 -98.36 15.18 -79.36
N UNK D 2688 -99.55 15.78 -79.44
CA UNK D 2688 -100.52 15.34 -80.44
C UNK D 2688 -100.04 15.65 -81.85
N UNK D 2689 -99.37 16.78 -82.02
CA UNK D 2689 -98.73 17.10 -83.29
C UNK D 2689 -97.62 16.10 -83.62
N UNK D 2690 -96.86 15.68 -82.61
CA UNK D 2690 -95.81 14.69 -82.82
C UNK D 2690 -96.39 13.31 -83.10
N UNK D 2691 -97.53 12.98 -82.50
CA UNK D 2691 -98.21 11.72 -82.81
C UNK D 2691 -98.74 11.71 -84.22
N UNK D 2692 -99.22 12.87 -84.70
CA UNK D 2692 -99.60 12.98 -86.09
C UNK D 2692 -98.39 12.92 -87.03
N UNK D 2693 -97.26 13.48 -86.60
CA UNK D 2693 -96.05 13.44 -87.41
C UNK D 2693 -95.47 12.04 -87.49
N UNK D 2694 -95.56 11.29 -86.39
CA UNK D 2694 -95.28 9.87 -86.41
C UNK D 2694 -96.28 9.11 -87.27
N UNK D 2695 -97.55 9.52 -87.23
CA UNK D 2695 -98.53 8.95 -88.14
C UNK D 2695 -98.29 9.35 -89.58
N UNK D 2696 -97.67 10.51 -89.81
CA UNK D 2696 -97.25 10.90 -91.16
C UNK D 2696 -96.12 10.04 -91.68
N UNK D 2697 -95.28 9.48 -90.80
CA UNK D 2697 -94.22 8.59 -91.20
C UNK D 2697 -94.69 7.14 -91.32
N UNK D 2698 -95.98 6.87 -91.10
CA UNK D 2698 -96.50 5.53 -91.32
C UNK D 2698 -96.56 5.22 -92.81
N UNK D 2699 -96.79 6.24 -93.63
CA UNK D 2699 -96.76 6.11 -95.08
C UNK D 2699 -95.38 6.40 -95.66
N UNK D 2700 -94.36 6.48 -94.81
CA UNK D 2700 -93.00 6.73 -95.27
C UNK D 2700 -92.34 5.44 -95.74
N UNK D 2701 -91.03 5.48 -95.95
CA UNK D 2701 -90.28 4.34 -96.45
C UNK D 2701 -90.31 3.17 -95.48
N UNK D 2702 -90.61 2.00 -96.02
CA UNK D 2702 -90.78 0.78 -95.24
C UNK D 2702 -89.47 0.07 -94.98
N UNK D 2703 -88.53 0.71 -94.29
CA UNK D 2703 -87.28 0.07 -93.93
C UNK D 2703 -87.57 -0.92 -92.81
N UNK D 2704 -87.86 -2.16 -93.20
CA UNK D 2704 -88.29 -3.19 -92.27
C UNK D 2704 -87.14 -3.60 -91.35
N UNK D 2705 -87.37 -3.40 -90.05
CA UNK D 2705 -86.51 -3.73 -88.92
C UNK D 2705 -85.22 -2.92 -88.86
N UNK D 2706 -84.99 -2.05 -89.85
CA UNK D 2706 -83.89 -1.11 -89.79
C UNK D 2706 -84.41 0.18 -89.19
N UNK D 2707 -85.46 0.71 -89.79
CA UNK D 2707 -86.19 1.84 -89.23
C UNK D 2707 -87.57 1.44 -88.70
N UNK D 2708 -88.10 0.30 -89.13
CA UNK D 2708 -89.42 -0.13 -88.66
C UNK D 2708 -89.37 -0.55 -87.20
N UNK D 2709 -88.45 -1.44 -86.84
CA UNK D 2709 -88.26 -1.83 -85.46
C UNK D 2709 -87.58 -0.76 -84.63
N UNK D 2710 -86.95 0.22 -85.28
CA UNK D 2710 -86.33 1.33 -84.57
C UNK D 2710 -87.35 2.26 -83.92
N UNK D 2711 -88.60 2.20 -84.36
CA UNK D 2711 -89.65 2.98 -83.72
C UNK D 2711 -90.90 2.15 -83.43
N UNK D 2712 -90.92 0.86 -83.79
CA UNK D 2712 -92.00 -0.01 -83.37
C UNK D 2712 -91.93 -0.26 -81.87
N UNK D 2713 -90.72 -0.26 -81.32
CA UNK D 2713 -90.53 -0.19 -79.88
C UNK D 2713 -90.89 1.17 -79.32
N UNK D 2714 -90.77 2.23 -80.12
CA UNK D 2714 -91.16 3.57 -79.71
C UNK D 2714 -92.65 3.84 -79.95
N UNK D 2715 -93.43 2.80 -80.23
CA UNK D 2715 -94.88 2.90 -80.25
C UNK D 2715 -95.45 3.02 -78.85
N UNK D 2716 -94.67 2.72 -77.81
CA UNK D 2716 -95.04 2.98 -76.43
C UNK D 2716 -94.94 4.45 -76.07
N UNK D 2717 -94.38 5.29 -76.94
CA UNK D 2717 -94.46 6.73 -76.75
C UNK D 2717 -95.89 7.22 -76.93
N UNK D 2718 -96.69 6.53 -77.72
CA UNK D 2718 -98.10 6.88 -77.87
C UNK D 2718 -98.93 6.37 -76.70
N UNK D 2719 -98.38 5.47 -75.89
CA UNK D 2719 -99.15 4.90 -74.78
C UNK D 2719 -99.19 5.79 -73.55
N UNK D 2720 -98.23 6.72 -73.41
CA UNK D 2720 -98.11 7.51 -72.19
C UNK D 2720 -99.15 8.62 -72.07
N UNK D 2721 -99.90 8.89 -73.12
CA UNK D 2721 -100.86 9.99 -73.09
C UNK D 2721 -102.29 9.47 -72.95
N UNK D 2722 -103.21 10.41 -72.72
CA UNK D 2722 -104.62 10.12 -72.65
C UNK D 2722 -105.24 10.15 -74.05
N UNK D 2723 -106.57 10.14 -74.10
CA UNK D 2723 -107.30 10.19 -75.36
C UNK D 2723 -108.14 11.44 -75.51
N UNK D 2724 -108.07 12.36 -74.55
CA UNK D 2724 -108.88 13.57 -74.60
C UNK D 2724 -108.41 14.51 -75.70
N UNK D 2725 -109.38 15.14 -76.36
CA UNK D 2725 -109.09 16.10 -77.41
C UNK D 2725 -108.98 17.48 -76.79
N UNK D 2726 -107.85 18.14 -77.02
CA UNK D 2726 -107.72 19.54 -76.64
C UNK D 2726 -108.35 20.42 -77.72
N UNK D 2727 -108.30 21.74 -77.51
CA UNK D 2727 -108.85 22.69 -78.47
C UNK D 2727 -107.88 22.82 -79.64
N UNK D 2728 -108.04 21.91 -80.61
CA UNK D 2728 -107.15 21.83 -81.76
C UNK D 2728 -107.88 22.34 -83.00
N UNK D 2729 -107.27 23.33 -83.67
CA UNK D 2729 -107.82 23.84 -84.91
C UNK D 2729 -107.36 22.98 -86.08
N UNK D 2730 -107.77 23.34 -87.29
CA UNK D 2730 -107.38 22.57 -88.47
C UNK D 2730 -106.94 23.54 -89.55
N UNK D 2731 -105.65 23.53 -89.87
CA UNK D 2731 -105.08 24.40 -90.89
C UNK D 2731 -103.87 23.72 -91.49
N UNK D 2732 -103.56 24.07 -92.74
CA UNK D 2732 -102.45 23.45 -93.45
C UNK D 2732 -101.74 24.49 -94.29
N UNK D 2733 -100.42 24.37 -94.33
CA UNK D 2733 -99.57 25.25 -95.13
C UNK D 2733 -98.28 24.54 -95.51
N ASN D 2734 -82.00 25.06 -92.02
CA ASN D 2734 -82.92 25.08 -93.16
C ASN D 2734 -84.37 25.09 -92.68
N PHE D 2735 -85.14 26.06 -93.16
CA PHE D 2735 -86.52 26.23 -92.73
C PHE D 2735 -87.28 26.92 -93.84
N ASP D 2736 -88.61 26.74 -93.86
CA ASP D 2736 -89.45 27.28 -94.92
C ASP D 2736 -90.86 27.60 -94.39
N PRO D 2737 -91.11 28.85 -94.00
CA PRO D 2737 -92.50 29.26 -93.72
C PRO D 2737 -93.25 29.60 -95.00
N ARG D 2738 -94.53 29.90 -94.85
CA ARG D 2738 -95.39 30.27 -95.98
C ARG D 2738 -96.22 31.51 -95.66
N PRO D 2739 -95.67 32.71 -95.87
CA PRO D 2739 -96.54 33.88 -96.01
C PRO D 2739 -97.08 33.97 -97.41
N VAL D 2740 -98.07 34.82 -97.65
CA VAL D 2740 -98.63 35.00 -98.97
C VAL D 2740 -97.94 36.21 -99.60
N GLU D 2741 -98.02 36.31 -100.93
CA GLU D 2741 -97.50 37.47 -101.64
C GLU D 2741 -98.36 38.68 -101.33
N THR D 2742 -97.87 39.56 -100.46
CA THR D 2742 -98.68 40.69 -100.00
C THR D 2742 -98.57 41.90 -100.92
N LEU D 2743 -97.37 42.25 -101.39
CA LEU D 2743 -97.15 43.51 -102.12
C LEU D 2743 -97.89 43.58 -103.44
N ASN D 2744 -98.33 42.44 -103.98
CA ASN D 2744 -99.14 42.41 -105.18
C ASN D 2744 -100.63 42.25 -104.88
N VAL D 2745 -101.10 42.83 -103.76
CA VAL D 2745 -102.52 42.79 -103.40
C VAL D 2745 -103.04 44.22 -103.34
N ILE D 2746 -104.15 44.47 -104.04
CA ILE D 2746 -104.71 45.82 -104.16
C ILE D 2746 -105.42 46.19 -102.88
N ILE D 2747 -105.08 47.36 -102.34
CA ILE D 2747 -105.81 47.94 -101.22
C ILE D 2747 -106.83 48.91 -101.79
N PRO D 2748 -108.13 48.73 -101.50
CA PRO D 2748 -109.13 49.72 -101.91
C PRO D 2748 -108.95 51.07 -101.24
N GLU D 2749 -109.57 52.09 -101.83
CA GLU D 2749 -109.34 53.47 -101.43
C GLU D 2749 -109.97 53.81 -100.09
N LYS D 2750 -111.06 53.13 -99.72
CA LYS D 2750 -111.65 53.35 -98.40
C LYS D 2750 -110.81 52.73 -97.28
N LEU D 2751 -109.89 51.83 -97.60
CA LEU D 2751 -109.00 51.26 -96.61
C LEU D 2751 -107.72 52.05 -96.42
N ASP D 2752 -107.41 53.00 -97.30
CA ASP D 2752 -106.19 53.79 -97.13
C ASP D 2752 -106.33 54.76 -95.96
N SER D 2753 -107.48 55.43 -95.85
CA SER D 2753 -107.76 56.22 -94.67
C SER D 2753 -107.92 55.34 -93.43
N PHE D 2754 -108.30 54.08 -93.60
CA PHE D 2754 -108.35 53.16 -92.47
C PHE D 2754 -106.96 52.76 -92.00
N ILE D 2755 -106.02 52.63 -92.94
CA ILE D 2755 -104.62 52.42 -92.60
C ILE D 2755 -104.05 53.64 -91.90
N ASN D 2756 -104.41 54.83 -92.37
CA ASN D 2756 -104.05 56.06 -91.68
C ASN D 2756 -104.69 56.13 -90.29
N LYS D 2757 -105.88 55.57 -90.12
CA LYS D 2757 -106.50 55.53 -88.80
C LYS D 2757 -105.81 54.54 -87.88
N PHE D 2758 -105.35 53.39 -88.37
CA PHE D 2758 -104.61 52.50 -87.47
C PHE D 2758 -103.21 53.01 -87.21
N ALA D 2759 -102.67 53.83 -88.11
CA ALA D 2759 -101.41 54.51 -87.80
C ALA D 2759 -101.63 55.61 -86.77
N GLU D 2760 -102.79 56.29 -86.85
CA GLU D 2760 -103.21 57.22 -85.81
C GLU D 2760 -103.42 56.50 -84.48
N TYR D 2761 -103.98 55.29 -84.52
CA TYR D 2761 -104.15 54.52 -83.29
C TYR D 2761 -102.82 53.95 -82.80
N THR D 2762 -101.88 53.72 -83.71
CA THR D 2762 -100.52 53.34 -83.33
C THR D 2762 -99.86 54.45 -82.53
N HIS D 2763 -99.93 55.69 -83.03
CA HIS D 2763 -99.52 56.83 -82.24
C HIS D 2763 -100.35 57.00 -80.97
N GLU D 2764 -101.67 56.78 -81.05
CA GLU D 2764 -102.61 57.05 -79.98
C GLU D 2764 -102.39 56.12 -78.80
N LYS D 2765 -101.93 54.91 -79.07
CA LYS D 2765 -101.56 53.99 -78.01
C LYS D 2765 -100.09 54.14 -77.62
N TRP D 2766 -99.20 54.41 -78.59
CA TRP D 2766 -97.77 54.37 -78.34
C TRP D 2766 -97.29 55.59 -77.57
N ALA D 2767 -97.66 56.80 -78.03
CA ALA D 2767 -97.34 58.01 -77.29
C ALA D 2767 -98.06 58.07 -75.95
N PHE D 2768 -99.24 57.45 -75.84
CA PHE D 2768 -99.91 57.35 -74.55
C PHE D 2768 -99.14 56.44 -73.59
N ASP D 2769 -98.61 55.32 -74.09
CA ASP D 2769 -97.73 54.49 -73.27
C ASP D 2769 -96.45 55.21 -72.91
N LYS D 2770 -95.95 56.06 -73.81
CA LYS D 2770 -94.81 56.92 -73.47
C LYS D 2770 -95.14 57.89 -72.35
N ILE D 2771 -96.35 58.44 -72.33
CA ILE D 2771 -96.69 59.38 -71.27
C ILE D 2771 -97.07 58.63 -69.98
N GLN D 2772 -97.55 57.39 -70.09
CA GLN D 2772 -97.74 56.55 -68.90
C GLN D 2772 -96.40 56.15 -68.29
N ASN D 2773 -95.38 55.98 -69.11
CA ASN D 2773 -94.00 55.85 -68.63
C ASN D 2773 -93.32 57.21 -68.49
N ASN D 2774 -94.10 58.30 -68.63
CA ASN D 2774 -93.66 59.69 -68.44
C ASN D 2774 -92.52 60.09 -69.38
N TRP D 2775 -92.70 59.79 -70.67
CA TRP D 2775 -91.81 60.32 -71.69
C TRP D 2775 -92.38 61.65 -72.19
N SER D 2776 -91.74 62.74 -71.81
CA SER D 2776 -92.25 64.08 -72.05
C SER D 2776 -91.92 64.51 -73.48
N TYR D 2777 -92.11 65.80 -73.76
CA TYR D 2777 -91.77 66.35 -75.06
C TYR D 2777 -90.38 67.00 -74.99
N GLY D 2778 -89.66 66.93 -76.11
CA GLY D 2778 -88.35 67.53 -76.16
C GLY D 2778 -87.71 67.51 -77.54
N GLU D 2779 -86.41 67.26 -77.60
CA GLU D 2779 -85.69 67.34 -78.87
C GLU D 2779 -85.58 65.98 -79.55
N ASN D 2780 -85.10 64.97 -78.84
CA ASN D 2780 -84.88 63.65 -79.42
C ASN D 2780 -85.54 62.60 -78.53
N VAL D 2781 -85.47 61.35 -78.99
CA VAL D 2781 -85.87 60.21 -78.16
C VAL D 2781 -84.70 60.00 -77.19
N ASP D 2782 -84.75 60.70 -76.07
CA ASP D 2782 -83.66 60.73 -75.11
C ASP D 2782 -84.14 60.10 -73.82
N GLU D 2783 -83.34 59.19 -73.28
CA GLU D 2783 -83.70 58.51 -72.05
C GLU D 2783 -83.39 59.32 -70.81
N GLU D 2784 -82.34 60.14 -70.87
CA GLU D 2784 -81.97 60.98 -69.72
C GLU D 2784 -83.00 62.08 -69.50
N LEU D 2785 -83.31 62.83 -70.55
CA LEU D 2785 -84.30 63.90 -70.44
C LEU D 2785 -85.73 63.40 -70.52
N LYS D 2786 -85.92 62.11 -70.88
CA LYS D 2786 -87.21 61.43 -70.95
C LYS D 2786 -88.15 62.16 -71.93
N THR D 2787 -87.67 62.30 -73.16
CA THR D 2787 -88.33 63.12 -74.17
C THR D 2787 -88.84 62.28 -75.33
N HIS D 2788 -89.86 62.83 -75.99
CA HIS D 2788 -90.54 62.25 -77.14
C HIS D 2788 -90.91 63.40 -78.08
N PRO D 2789 -90.12 63.66 -79.13
CA PRO D 2789 -90.38 64.82 -79.99
C PRO D 2789 -91.57 64.66 -80.91
N MET D 2790 -92.11 63.44 -81.04
CA MET D 2790 -93.23 63.19 -81.92
C MET D 2790 -94.57 63.26 -81.18
N LEU D 2791 -94.60 63.88 -80.00
CA LEU D 2791 -95.86 64.09 -79.28
C LEU D 2791 -96.65 65.16 -80.01
N ARG D 2792 -97.34 64.73 -81.06
CA ARG D 2792 -98.14 65.59 -81.93
C ARG D 2792 -99.07 64.68 -82.73
N PRO D 2793 -100.26 65.15 -83.12
CA PRO D 2793 -101.26 64.26 -83.70
C PRO D 2793 -100.86 63.72 -85.07
N TYR D 2794 -101.59 62.68 -85.49
CA TYR D 2794 -101.25 61.97 -86.70
C TYR D 2794 -101.56 62.79 -87.95
N LYS D 2795 -102.55 63.67 -87.89
CA LYS D 2795 -102.84 64.61 -88.97
C LYS D 2795 -101.77 65.67 -89.14
N THR D 2796 -100.86 65.81 -88.18
CA THR D 2796 -99.83 66.82 -88.21
C THR D 2796 -98.48 66.29 -88.67
N PHE D 2797 -98.30 64.98 -88.78
CA PHE D 2797 -97.04 64.46 -89.28
C PHE D 2797 -96.93 64.68 -90.78
N SER D 2798 -95.70 64.57 -91.28
CA SER D 2798 -95.40 64.62 -92.69
C SER D 2798 -95.47 63.21 -93.27
N GLU D 2799 -95.08 63.04 -94.53
CA GLU D 2799 -95.21 61.76 -95.20
C GLU D 2799 -94.04 60.81 -94.96
N LYS D 2800 -93.28 61.00 -93.88
CA LYS D 2800 -92.29 60.05 -93.41
C LYS D 2800 -92.59 59.51 -92.03
N ASP D 2801 -92.96 60.39 -91.09
CA ASP D 2801 -93.33 59.94 -89.76
C ASP D 2801 -94.68 59.25 -89.73
N LYS D 2802 -95.56 59.56 -90.70
CA LYS D 2802 -96.74 58.74 -90.94
C LYS D 2802 -96.37 57.34 -91.42
N GLU D 2803 -95.32 57.22 -92.24
CA GLU D 2803 -94.88 55.93 -92.73
C GLU D 2803 -94.21 55.07 -91.66
N ILE D 2804 -93.74 55.69 -90.58
CA ILE D 2804 -93.19 54.93 -89.46
C ILE D 2804 -94.30 54.13 -88.77
N TYR D 2805 -95.49 54.73 -88.66
CA TYR D 2805 -96.65 54.10 -88.05
C TYR D 2805 -97.40 53.22 -89.04
N ARG D 2806 -97.30 53.56 -90.33
CA ARG D 2806 -98.12 53.03 -91.42
C ARG D 2806 -97.72 51.63 -91.89
N TRP D 2807 -96.43 51.26 -91.81
CA TRP D 2807 -95.96 50.08 -92.52
C TRP D 2807 -96.44 48.72 -91.96
N PRO D 2808 -96.68 48.54 -90.61
CA PRO D 2808 -97.27 47.24 -90.23
C PRO D 2808 -98.78 47.24 -90.31
N ILE D 2809 -99.35 47.88 -91.33
CA ILE D 2809 -100.80 47.96 -91.51
C ILE D 2809 -101.07 47.54 -92.94
N LYS D 2810 -100.33 48.16 -93.86
CA LYS D 2810 -100.55 47.97 -95.29
C LYS D 2810 -100.31 46.52 -95.71
N GLU D 2811 -99.13 46.00 -95.41
CA GLU D 2811 -98.82 44.63 -95.81
C GLU D 2811 -99.56 43.61 -94.94
N SER D 2812 -100.10 44.04 -93.80
CA SER D 2812 -100.95 43.18 -93.00
C SER D 2812 -102.32 42.99 -93.66
N LEU D 2813 -102.97 44.09 -94.04
CA LEU D 2813 -104.23 44.01 -94.77
C LEU D 2813 -104.06 43.42 -96.16
N LYS D 2814 -102.92 43.64 -96.81
CA LYS D 2814 -102.62 42.98 -98.09
C LYS D 2814 -102.55 41.47 -97.96
N ALA D 2815 -101.99 40.96 -96.85
CA ALA D 2815 -102.10 39.54 -96.57
C ALA D 2815 -103.53 39.14 -96.25
N MET D 2816 -104.26 40.00 -95.54
CA MET D 2816 -105.63 39.73 -95.18
C MET D 2816 -106.58 39.72 -96.36
N ILE D 2817 -106.39 40.59 -97.36
CA ILE D 2817 -107.25 40.55 -98.54
C ILE D 2817 -106.96 39.29 -99.37
N ALA D 2818 -105.69 38.92 -99.51
CA ALA D 2818 -105.34 37.71 -100.25
C ALA D 2818 -105.79 36.44 -99.52
N TRP D 2819 -105.89 36.50 -98.20
CA TRP D 2819 -106.38 35.36 -97.45
C TRP D 2819 -107.90 35.29 -97.49
N GLU D 2820 -108.58 36.31 -96.98
CA GLU D 2820 -110.01 36.30 -96.76
C GLU D 2820 -110.64 37.50 -97.47
N TRP D 2821 -111.51 37.22 -98.42
CA TRP D 2821 -112.16 38.26 -99.24
C TRP D 2821 -113.40 38.84 -98.54
N THR D 2822 -113.22 39.24 -97.27
CA THR D 2822 -114.22 39.99 -96.50
C THR D 2822 -113.49 41.04 -95.68
N ILE D 2823 -113.30 42.24 -96.24
CA ILE D 2823 -113.01 43.41 -95.44
C ILE D 2823 -114.00 44.47 -95.91
N GLU D 2824 -115.13 44.57 -95.21
CA GLU D 2824 -116.28 45.34 -95.67
C GLU D 2824 -116.87 46.11 -94.49
N LYS D 2825 -117.53 47.22 -94.81
CA LYS D 2825 -118.18 48.07 -93.81
C LYS D 2825 -119.38 47.33 -93.25
N ALA D 2826 -119.22 46.75 -92.06
CA ALA D 2826 -120.22 45.85 -91.49
C ALA D 2826 -120.81 46.35 -90.17
N ARG D 2827 -119.99 46.92 -89.29
CA ARG D 2827 -120.46 47.30 -87.96
C ARG D 2827 -120.19 48.77 -87.65
N GLU D 2828 -120.39 49.16 -86.39
CA GLU D 2828 -120.09 50.48 -85.90
C GLU D 2828 -118.93 50.38 -84.90
N GLY D 2829 -118.10 51.43 -84.86
CA GLY D 2829 -116.86 51.36 -84.11
C GLY D 2829 -117.07 51.41 -82.61
N GLU D 2830 -116.18 50.73 -81.89
CA GLU D 2830 -116.23 50.68 -80.43
C GLU D 2830 -114.85 50.97 -79.86
N TYR D 2855 -98.19 66.44 -76.51
CA TYR D 2855 -99.53 65.98 -76.89
C TYR D 2855 -99.81 64.58 -76.34
N ASN D 2856 -100.98 64.42 -75.73
CA ASN D 2856 -101.36 63.15 -75.10
C ASN D 2856 -102.59 62.59 -75.80
N PRO D 2857 -102.42 61.67 -76.74
CA PRO D 2857 -103.58 60.98 -77.32
C PRO D 2857 -104.08 59.87 -76.39
N GLN D 2858 -105.37 59.59 -76.47
CA GLN D 2858 -106.02 58.68 -75.53
C GLN D 2858 -106.62 57.49 -76.26
N PRO D 2859 -106.06 56.28 -76.11
CA PRO D 2859 -106.61 55.12 -76.82
C PRO D 2859 -107.90 54.64 -76.19
N PRO D 2860 -108.98 54.52 -76.99
CA PRO D 2860 -110.26 54.09 -76.43
C PRO D 2860 -110.32 52.59 -76.16
N ASP D 2861 -111.46 52.12 -75.65
CA ASP D 2861 -111.64 50.70 -75.42
C ASP D 2861 -112.00 50.00 -76.72
N LEU D 2862 -111.20 49.02 -77.10
CA LEU D 2862 -111.43 48.24 -78.31
C LEU D 2862 -111.97 46.84 -78.00
N SER D 2863 -111.93 46.42 -76.74
CA SER D 2863 -112.36 45.09 -76.32
C SER D 2863 -113.80 45.09 -75.85
N GLY D 2864 -114.66 45.85 -76.53
CA GLY D 2864 -116.08 45.86 -76.20
C GLY D 2864 -116.79 44.57 -76.51
N VAL D 2865 -116.38 43.87 -77.57
CA VAL D 2865 -116.93 42.56 -77.93
C VAL D 2865 -115.78 41.57 -78.03
N THR D 2866 -115.90 40.45 -77.32
CA THR D 2866 -114.94 39.36 -77.44
C THR D 2866 -115.07 38.73 -78.82
N LEU D 2867 -113.93 38.47 -79.45
CA LEU D 2867 -113.89 37.86 -80.77
C LEU D 2867 -114.46 36.44 -80.70
N SER D 2868 -115.16 36.04 -81.76
CA SER D 2868 -115.81 34.73 -81.81
C SER D 2868 -114.78 33.65 -82.12
N ARG D 2869 -115.25 32.45 -82.49
CA ARG D 2869 -114.31 31.50 -83.07
C ARG D 2869 -113.87 31.95 -84.46
N GLU D 2870 -114.80 32.48 -85.26
CA GLU D 2870 -114.50 32.96 -86.60
C GLU D 2870 -113.54 34.14 -86.60
N LEU D 2871 -113.64 35.01 -85.59
CA LEU D 2871 -112.76 36.16 -85.45
C LEU D 2871 -111.52 35.86 -84.61
N GLN D 2872 -111.59 34.88 -83.72
CA GLN D 2872 -110.47 34.58 -82.83
C GLN D 2872 -109.51 33.61 -83.50
N ALA D 2873 -109.98 32.88 -84.52
CA ALA D 2873 -109.06 32.19 -85.41
C ALA D 2873 -108.22 33.16 -86.22
N MET D 2874 -108.69 34.40 -86.42
CA MET D 2874 -107.81 35.38 -87.00
C MET D 2874 -106.83 36.00 -86.01
N ALA D 2875 -107.00 35.80 -84.71
CA ALA D 2875 -105.89 36.07 -83.80
C ALA D 2875 -104.79 35.03 -84.01
N GLU D 2876 -105.19 33.76 -84.06
CA GLU D 2876 -104.34 32.64 -84.46
C GLU D 2876 -103.74 32.83 -85.85
N GLN D 2877 -104.39 33.62 -86.72
CA GLN D 2877 -103.92 33.84 -88.08
C GLN D 2877 -103.10 35.11 -88.25
N LEU D 2878 -103.39 36.16 -87.49
CA LEU D 2878 -102.64 37.41 -87.65
C LEU D 2878 -101.41 37.46 -86.76
N ALA D 2879 -101.42 36.77 -85.60
CA ALA D 2879 -100.13 36.54 -84.97
C ALA D 2879 -99.32 35.52 -85.75
N GLU D 2880 -100.01 34.65 -86.51
CA GLU D 2880 -99.31 33.83 -87.49
C GLU D 2880 -98.77 34.66 -88.64
N ASN D 2881 -99.43 35.77 -88.97
CA ASN D 2881 -98.87 36.69 -89.97
C ASN D 2881 -97.67 37.43 -89.40
N TYR D 2882 -97.75 37.80 -88.11
CA TYR D 2882 -96.65 38.35 -87.34
C TYR D 2882 -95.50 37.37 -87.20
N HIS D 2883 -95.75 36.08 -87.40
CA HIS D 2883 -94.66 35.15 -87.59
C HIS D 2883 -94.29 34.95 -89.05
N ASN D 2884 -95.24 34.87 -89.97
CA ASN D 2884 -94.97 34.53 -91.37
C ASN D 2884 -94.21 35.62 -92.10
N THR D 2885 -94.81 36.82 -92.18
CA THR D 2885 -94.14 37.91 -92.90
C THR D 2885 -92.91 38.38 -92.14
N TRP D 2886 -93.04 38.58 -90.84
CA TRP D 2886 -91.93 39.06 -90.03
C TRP D 2886 -90.84 38.01 -89.86
N GLY D 2887 -91.17 36.72 -90.07
CA GLY D 2887 -90.16 35.68 -89.92
C GLY D 2887 -89.57 35.24 -91.22
N ARG D 2888 -90.30 35.40 -92.32
CA ARG D 2888 -89.66 35.42 -93.63
C ARG D 2888 -88.67 36.57 -93.72
N LYS D 2889 -89.05 37.74 -93.18
CA LYS D 2889 -88.12 38.86 -93.10
C LYS D 2889 -86.99 38.59 -92.12
N LYS D 2890 -87.26 37.82 -91.05
CA LYS D 2890 -86.20 37.47 -90.11
C LYS D 2890 -85.22 36.47 -90.70
N LYS D 2891 -85.71 35.52 -91.49
CA LYS D 2891 -84.83 34.61 -92.22
C LYS D 2891 -84.03 35.34 -93.28
N GLN D 2892 -84.65 36.30 -93.97
CA GLN D 2892 -83.90 37.18 -94.87
C GLN D 2892 -82.89 38.04 -94.12
N GLU D 2893 -83.19 38.41 -92.87
CA GLU D 2893 -82.25 39.15 -92.04
C GLU D 2893 -81.02 38.31 -91.71
N LEU D 2894 -81.18 36.99 -91.59
CA LEU D 2894 -80.02 36.15 -91.36
C LEU D 2894 -79.29 35.83 -92.66
N GLU D 2895 -80.03 35.58 -93.73
CA GLU D 2895 -79.46 35.27 -95.03
C GLU D 2895 -78.75 36.47 -95.68
N ALA D 2896 -79.11 37.69 -95.29
CA ALA D 2896 -78.48 38.89 -95.83
C ALA D 2896 -77.38 39.41 -94.90
N LYS D 2897 -77.19 38.75 -93.75
CA LYS D 2897 -76.07 39.05 -92.88
C LYS D 2897 -75.01 37.95 -92.91
N GLY D 2898 -74.90 37.21 -94.01
CA GLY D 2898 -73.90 36.18 -94.14
C GLY D 2898 -74.17 34.92 -93.34
N GLY D 2899 -75.36 34.77 -92.79
CA GLY D 2899 -75.68 33.65 -91.92
C GLY D 2899 -76.11 34.13 -90.56
N GLY D 2900 -76.04 33.22 -89.60
CA GLY D 2900 -76.51 33.48 -88.26
C GLY D 2900 -77.78 32.69 -88.00
N THR D 2901 -77.98 32.30 -86.76
CA THR D 2901 -79.13 31.52 -86.34
C THR D 2901 -80.03 32.34 -85.44
N HIS D 2902 -81.23 31.82 -85.20
CA HIS D 2902 -82.18 32.46 -84.31
C HIS D 2902 -83.10 31.35 -83.79
N PRO D 2903 -83.32 31.28 -82.47
CA PRO D 2903 -84.07 30.16 -81.91
C PRO D 2903 -85.58 30.23 -82.12
N LEU D 2904 -86.09 31.23 -82.83
CA LEU D 2904 -87.52 31.36 -83.05
C LEU D 2904 -87.85 31.22 -84.52
N LEU D 2905 -87.18 30.29 -85.19
CA LEU D 2905 -87.59 29.89 -86.53
C LEU D 2905 -88.44 28.62 -86.48
N VAL D 2906 -89.22 28.52 -85.41
CA VAL D 2906 -90.11 27.40 -85.15
C VAL D 2906 -91.50 27.82 -85.63
N PRO D 2907 -92.39 26.85 -85.93
CA PRO D 2907 -93.75 27.20 -86.34
C PRO D 2907 -94.54 27.89 -85.23
N TYR D 2908 -95.64 28.50 -85.66
CA TYR D 2908 -96.43 29.35 -84.78
C TYR D 2908 -97.15 28.55 -83.69
N ASP D 2909 -97.54 27.31 -83.98
CA ASP D 2909 -98.21 26.48 -82.98
C ASP D 2909 -97.28 26.04 -81.86
N THR D 2910 -95.98 26.09 -82.10
CA THR D 2910 -94.98 25.61 -81.15
C THR D 2910 -94.22 26.75 -80.48
N LEU D 2911 -94.80 27.94 -80.40
CA LEU D 2911 -94.09 29.04 -79.77
C LEU D 2911 -94.17 28.96 -78.26
N THR D 2912 -93.43 29.85 -77.61
CA THR D 2912 -93.51 29.97 -76.16
C THR D 2912 -94.62 30.94 -75.79
N ALA D 2913 -94.93 31.03 -74.49
CA ALA D 2913 -96.04 31.84 -74.04
C ALA D 2913 -95.75 33.34 -74.08
N LYS D 2914 -94.50 33.75 -74.29
CA LYS D 2914 -94.20 35.17 -74.43
C LYS D 2914 -94.76 35.72 -75.74
N GLU D 2915 -94.41 35.10 -76.86
CA GLU D 2915 -94.98 35.49 -78.13
C GLU D 2915 -96.40 34.97 -78.32
N LYS D 2916 -96.84 34.03 -77.49
CA LYS D 2916 -98.26 33.70 -77.36
C LYS D 2916 -98.98 34.66 -76.42
N ALA D 2917 -98.30 35.71 -75.97
CA ALA D 2917 -98.93 36.87 -75.35
C ALA D 2917 -98.83 38.11 -76.22
N ARG D 2918 -97.62 38.51 -76.61
CA ARG D 2918 -97.38 39.80 -77.26
C ARG D 2918 -97.90 39.89 -78.69
N ASP D 2919 -97.50 38.97 -79.59
CA ASP D 2919 -97.97 39.03 -80.96
C ASP D 2919 -99.45 38.67 -81.08
N ARG D 2920 -99.95 37.80 -80.20
CA ARG D 2920 -101.40 37.56 -80.14
C ARG D 2920 -102.15 38.79 -79.66
N GLU D 2921 -101.58 39.53 -78.71
CA GLU D 2921 -102.17 40.78 -78.25
C GLU D 2921 -102.21 41.81 -79.37
N LYS D 2922 -101.13 41.90 -80.14
CA LYS D 2922 -101.08 42.81 -81.28
C LYS D 2922 -102.08 42.40 -82.35
N ALA D 2923 -102.25 41.10 -82.58
CA ALA D 2923 -103.22 40.60 -83.54
C ALA D 2923 -104.65 40.89 -83.09
N GLN D 2924 -104.93 40.69 -81.81
CA GLN D 2924 -106.28 40.95 -81.30
C GLN D 2924 -106.59 42.45 -81.28
N GLU D 2925 -105.59 43.29 -81.04
CA GLU D 2925 -105.86 44.72 -81.09
C GLU D 2925 -106.01 45.20 -82.53
N LEU D 2926 -105.32 44.57 -83.48
CA LEU D 2926 -105.58 44.86 -84.89
C LEU D 2926 -106.98 44.43 -85.31
N LEU D 2927 -107.43 43.26 -84.82
CA LEU D 2927 -108.78 42.77 -85.12
C LEU D 2927 -109.84 43.64 -84.46
N LYS D 2928 -109.59 44.13 -83.25
CA LYS D 2928 -110.55 45.00 -82.61
C LYS D 2928 -110.51 46.41 -83.19
N PHE D 2929 -109.39 46.81 -83.79
CA PHE D 2929 -109.44 48.03 -84.59
C PHE D 2929 -110.19 47.79 -85.90
N LEU D 2930 -110.15 46.58 -86.45
CA LEU D 2930 -111.02 46.26 -87.58
C LEU D 2930 -112.48 46.32 -87.18
N GLN D 2931 -112.79 45.89 -85.97
CA GLN D 2931 -114.12 46.12 -85.40
C GLN D 2931 -114.45 47.60 -85.28
N MET D 2932 -113.47 48.41 -84.92
CA MET D 2932 -113.63 49.86 -85.00
C MET D 2932 -113.80 50.28 -86.46
N ASN D 2933 -114.78 51.16 -86.70
CA ASN D 2933 -115.32 51.49 -88.02
C ASN D 2933 -115.83 50.27 -88.80
N GLY D 2934 -116.14 49.18 -88.09
CA GLY D 2934 -116.87 48.03 -88.60
C GLY D 2934 -116.35 47.30 -89.82
N TYR D 2935 -115.15 46.76 -89.78
CA TYR D 2935 -114.60 45.98 -90.89
C TYR D 2935 -114.47 44.54 -90.42
N ALA D 2936 -115.57 43.80 -90.54
CA ALA D 2936 -115.64 42.41 -90.07
C ALA D 2936 -114.96 41.50 -91.08
N VAL D 2937 -114.05 40.66 -90.60
CA VAL D 2937 -113.28 39.83 -91.50
C VAL D 2937 -113.52 38.36 -91.18
N THR D 2938 -114.37 37.71 -91.97
CA THR D 2938 -114.83 36.34 -91.72
C THR D 2938 -114.54 35.50 -92.95
N ARG D 2939 -113.89 34.35 -92.75
CA ARG D 2939 -113.69 33.40 -93.85
C ARG D 2939 -114.85 32.41 -93.92
N UNK D 3113 -114.20 27.49 -93.16
CA UNK D 3113 -113.96 28.53 -92.17
C UNK D 3113 -113.54 27.93 -90.84
N UNK D 3114 -114.44 27.94 -89.86
CA UNK D 3114 -114.20 27.35 -88.55
C UNK D 3114 -114.91 26.00 -88.46
N UNK D 3115 -114.38 25.13 -87.60
CA UNK D 3115 -114.91 23.78 -87.49
C UNK D 3115 -115.99 23.72 -86.41
N UNK D 3116 -116.47 22.51 -86.12
CA UNK D 3116 -117.52 22.30 -85.14
C UNK D 3116 -116.94 22.35 -83.73
N UNK D 3117 -117.75 22.88 -82.80
CA UNK D 3117 -117.35 22.97 -81.39
C UNK D 3117 -117.90 21.77 -80.62
N UNK D 3118 -117.49 20.59 -81.07
CA UNK D 3118 -117.91 19.33 -80.47
C UNK D 3118 -116.69 18.56 -80.01
N UNK D 3119 -116.93 17.60 -79.11
CA UNK D 3119 -115.85 16.75 -78.62
C UNK D 3119 -115.46 15.78 -79.73
N UNK D 3120 -114.52 16.19 -80.58
CA UNK D 3120 -114.14 15.39 -81.72
C UNK D 3120 -113.34 14.16 -81.35
N UNK D 3121 -112.72 14.14 -80.15
CA UNK D 3121 -111.95 13.04 -79.60
C UNK D 3121 -110.81 12.65 -80.54
N UNK D 3122 -109.80 13.54 -80.67
CA UNK D 3122 -108.77 13.45 -81.71
C UNK D 3122 -107.99 12.15 -81.71
N UNK D 3123 -107.93 11.44 -80.59
CA UNK D 3123 -107.40 10.08 -80.62
C UNK D 3123 -108.38 9.12 -81.30
N UNK D 3124 -109.69 9.35 -81.17
CA UNK D 3124 -110.69 8.47 -81.74
C UNK D 3124 -111.07 8.83 -83.17
N UNK D 3125 -110.96 10.09 -83.55
CA UNK D 3125 -111.16 10.45 -84.95
C UNK D 3125 -110.00 9.96 -85.81
N UNK D 3126 -108.78 10.04 -85.28
CA UNK D 3126 -107.64 9.40 -85.94
C UNK D 3126 -107.78 7.89 -85.93
N UNK D 3127 -108.42 7.33 -84.89
CA UNK D 3127 -108.71 5.91 -84.88
C UNK D 3127 -109.75 5.54 -85.92
N UNK D 3128 -110.70 6.43 -86.18
CA UNK D 3128 -111.69 6.19 -87.23
C UNK D 3128 -111.05 6.30 -88.61
N UNK D 3129 -110.12 7.24 -88.78
CA UNK D 3129 -109.35 7.32 -90.01
C UNK D 3129 -108.46 6.09 -90.19
N UNK D 3130 -107.93 5.55 -89.09
CA UNK D 3130 -107.16 4.32 -89.17
C UNK D 3130 -108.04 3.12 -89.45
N UNK D 3131 -109.27 3.10 -88.96
CA UNK D 3131 -110.20 2.03 -89.30
C UNK D 3131 -110.63 2.12 -90.76
N UNK D 3132 -110.73 3.34 -91.29
CA UNK D 3132 -110.96 3.51 -92.72
C UNK D 3132 -109.76 3.03 -93.53
N UNK D 3133 -108.54 3.31 -93.06
CA UNK D 3133 -107.35 2.76 -93.69
C UNK D 3133 -107.29 1.25 -93.55
N UNK D 3134 -107.86 0.70 -92.48
CA UNK D 3134 -107.93 -0.75 -92.31
C UNK D 3134 -108.94 -1.37 -93.26
N UNK D 3135 -110.06 -0.68 -93.51
CA UNK D 3135 -111.00 -1.15 -94.52
C UNK D 3135 -110.42 -1.03 -95.92
N UNK D 3136 -109.58 -0.01 -96.16
CA UNK D 3136 -108.88 0.09 -97.43
C UNK D 3136 -107.84 -1.01 -97.58
N UNK D 3137 -107.15 -1.35 -96.50
CA UNK D 3137 -106.21 -2.47 -96.49
C UNK D 3137 -106.92 -3.82 -96.54
N UNK D 3138 -108.21 -3.87 -96.18
CA UNK D 3138 -108.98 -5.08 -96.42
C UNK D 3138 -109.18 -5.33 -97.90
N UNK D 3139 -109.26 -4.26 -98.71
CA UNK D 3139 -109.26 -4.42 -100.15
C UNK D 3139 -107.90 -4.92 -100.65
N UNK D 3140 -106.82 -4.46 -100.03
CA UNK D 3140 -105.49 -4.98 -100.36
C UNK D 3140 -105.35 -6.44 -99.94
N UNK D 3141 -105.97 -6.82 -98.83
CA UNK D 3141 -105.98 -8.22 -98.39
C UNK D 3141 -106.79 -9.09 -99.33
N UNK D 3142 -107.91 -8.56 -99.85
CA UNK D 3142 -108.67 -9.30 -100.85
C UNK D 3142 -107.92 -9.41 -102.17
N UNK D 3143 -107.15 -8.39 -102.53
CA UNK D 3143 -106.32 -8.46 -103.73
C UNK D 3143 -105.17 -9.45 -103.57
N UNK D 3144 -104.58 -9.51 -102.37
CA UNK D 3144 -103.51 -10.46 -102.11
C UNK D 3144 -104.03 -11.89 -101.99
N UNK D 3145 -105.24 -12.06 -101.46
CA UNK D 3145 -105.87 -13.38 -101.48
C UNK D 3145 -106.24 -13.77 -102.90
N UNK D 3146 -106.58 -12.78 -103.74
CA UNK D 3146 -106.70 -13.04 -105.17
C UNK D 3146 -105.34 -13.27 -105.80
N UNK D 3147 -104.28 -12.69 -105.24
CA UNK D 3147 -102.93 -12.91 -105.72
C UNK D 3147 -102.32 -14.16 -105.07
N UNK D 3148 -98.98 -2.25 -99.94
CA UNK D 3148 -97.61 -2.37 -100.42
C UNK D 3148 -96.62 -2.10 -99.29
N UNK D 3149 -96.07 -0.89 -99.27
CA UNK D 3149 -95.10 -0.50 -98.25
C UNK D 3149 -95.72 -0.28 -96.88
N UNK D 3150 -97.02 0.00 -96.82
CA UNK D 3150 -97.68 0.22 -95.55
C UNK D 3150 -98.26 -1.07 -94.96
N UNK D 3151 -98.07 -2.21 -95.62
CA UNK D 3151 -98.51 -3.48 -95.07
C UNK D 3151 -97.72 -3.86 -93.83
N UNK D 3152 -96.43 -3.53 -93.80
CA UNK D 3152 -95.66 -3.61 -92.57
C UNK D 3152 -96.08 -2.53 -91.57
N UNK D 3153 -96.41 -1.34 -92.06
CA UNK D 3153 -96.95 -0.29 -91.18
C UNK D 3153 -98.33 -0.67 -90.65
N UNK D 3154 -99.10 -1.45 -91.41
CA UNK D 3154 -100.36 -1.97 -90.91
C UNK D 3154 -100.17 -3.11 -89.92
N UNK D 3155 -99.17 -3.97 -90.15
CA UNK D 3155 -98.93 -5.06 -89.21
C UNK D 3155 -98.37 -4.56 -87.89
N UNK D 3156 -97.57 -3.48 -87.93
CA UNK D 3156 -97.10 -2.88 -86.68
C UNK D 3156 -98.23 -2.20 -85.94
N UNK D 3157 -99.18 -1.61 -86.67
CA UNK D 3157 -100.37 -1.05 -86.06
C UNK D 3157 -101.27 -2.13 -85.48
N UNK D 3158 -101.29 -3.32 -86.08
CA UNK D 3158 -102.04 -4.44 -85.52
C UNK D 3158 -101.47 -4.86 -84.18
N UNK D 3159 -100.16 -4.76 -84.02
CA UNK D 3159 -99.55 -5.01 -82.72
C UNK D 3159 -99.81 -3.87 -81.74
N UNK D 3160 -99.70 -2.63 -82.21
CA UNK D 3160 -99.91 -1.48 -81.35
C UNK D 3160 -101.36 -1.29 -80.95
N UNK D 3161 -102.30 -1.96 -81.63
CA UNK D 3161 -103.71 -1.84 -81.30
C UNK D 3161 -104.04 -2.47 -79.95
N UNK D 3162 -103.48 -3.65 -79.66
CA UNK D 3162 -103.69 -4.27 -78.36
C UNK D 3162 -103.05 -3.45 -77.24
N UNK D 3163 -101.96 -2.77 -77.54
CA UNK D 3163 -101.35 -1.85 -76.60
C UNK D 3163 -102.21 -0.62 -76.36
N UNK D 3164 -102.70 0.02 -77.41
CA UNK D 3164 -103.45 1.26 -77.29
C UNK D 3164 -104.85 1.07 -76.72
N UNK D 3165 -105.50 -0.06 -77.01
CA UNK D 3165 -106.81 -0.33 -76.43
C UNK D 3165 -106.72 -0.56 -74.93
N UNK D 3166 -105.72 -1.34 -74.50
CA UNK D 3166 -105.51 -1.55 -73.08
C UNK D 3166 -104.88 -0.33 -72.42
N UNK D 3167 -104.31 0.57 -73.23
CA UNK D 3167 -103.77 1.81 -72.69
C UNK D 3167 -104.86 2.71 -72.13
N UNK D 3168 -105.94 2.91 -72.88
CA UNK D 3168 -107.06 3.62 -72.26
C UNK D 3168 -107.91 2.65 -71.44
N UNK D 3169 -108.66 1.77 -72.13
CA UNK D 3169 -109.39 0.62 -71.56
C UNK D 3169 -110.44 0.98 -70.49
N UNK D 3170 -110.58 2.25 -70.12
CA UNK D 3170 -111.49 2.71 -69.08
C UNK D 3170 -112.15 3.99 -69.56
N UNK D 3171 -111.63 4.52 -70.66
CA UNK D 3171 -112.21 5.70 -71.30
C UNK D 3171 -113.60 5.44 -71.84
N UNK D 3172 -113.95 4.18 -72.13
CA UNK D 3172 -115.33 3.82 -72.41
C UNK D 3172 -116.22 4.05 -71.19
N UNK D 3173 -115.71 3.76 -69.99
CA UNK D 3173 -116.46 4.05 -68.78
C UNK D 3173 -116.44 5.54 -68.46
N UNK D 3174 -115.42 6.26 -68.96
CA UNK D 3174 -115.37 7.70 -68.76
C UNK D 3174 -116.38 8.41 -69.65
N UNK D 3175 -116.20 8.31 -70.97
CA UNK D 3175 -117.08 8.89 -71.97
C UNK D 3175 -117.20 7.91 -73.13
N UNK D 3176 -118.40 7.38 -73.33
CA UNK D 3176 -118.62 6.29 -74.30
C UNK D 3176 -118.65 6.86 -75.71
N UNK D 3177 -117.52 6.73 -76.40
CA UNK D 3177 -117.46 6.97 -77.83
C UNK D 3177 -117.58 5.64 -78.54
N UNK D 3178 -118.64 5.49 -79.35
CA UNK D 3178 -118.91 4.23 -80.03
C UNK D 3178 -118.09 4.04 -81.30
N UNK D 3179 -117.15 4.96 -81.58
CA UNK D 3179 -116.26 4.80 -82.73
C UNK D 3179 -115.36 3.59 -82.56
N UNK D 3180 -114.99 3.26 -81.32
CA UNK D 3180 -114.20 2.06 -81.07
C UNK D 3180 -115.01 0.80 -81.31
N UNK D 3181 -116.29 0.80 -80.91
CA UNK D 3181 -117.15 -0.35 -81.19
C UNK D 3181 -117.42 -0.50 -82.68
N UNK D 3182 -117.50 0.61 -83.40
CA UNK D 3182 -117.62 0.57 -84.85
C UNK D 3182 -116.35 0.05 -85.52
N UNK D 3183 -115.18 0.50 -85.09
CA UNK D 3183 -113.92 0.00 -85.60
C UNK D 3183 -113.68 -1.46 -85.23
N UNK D 3184 -114.31 -1.94 -84.16
CA UNK D 3184 -114.26 -3.36 -83.82
C UNK D 3184 -114.92 -4.20 -84.91
N UNK D 3185 -116.11 -3.79 -85.36
CA UNK D 3185 -116.74 -4.49 -86.47
C UNK D 3185 -116.03 -4.23 -87.79
N UNK D 3186 -115.42 -3.05 -87.94
CA UNK D 3186 -114.64 -2.75 -89.14
C UNK D 3186 -113.40 -3.64 -89.23
N UNK D 3187 -112.86 -4.04 -88.09
CA UNK D 3187 -111.81 -5.04 -88.08
C UNK D 3187 -112.36 -6.44 -88.19
N UNK D 3188 -113.58 -6.68 -87.67
CA UNK D 3188 -114.18 -8.00 -87.71
C UNK D 3188 -114.57 -8.41 -89.12
N UNK D 3189 -114.82 -7.43 -90.00
CA UNK D 3189 -115.07 -7.74 -91.40
C UNK D 3189 -113.85 -8.36 -92.08
N UNK D 3190 -112.68 -7.72 -91.93
CA UNK D 3190 -111.46 -8.30 -92.50
C UNK D 3190 -111.01 -9.54 -91.72
N UNK D 3191 -111.43 -9.66 -90.46
CA UNK D 3191 -111.22 -10.89 -89.71
C UNK D 3191 -112.03 -12.04 -90.25
N UNK D 3192 -113.28 -11.81 -90.64
CA UNK D 3192 -114.05 -12.83 -91.34
C UNK D 3192 -113.49 -13.09 -92.73
N UNK D 3193 -112.85 -12.08 -93.33
CA UNK D 3193 -112.17 -12.27 -94.60
C UNK D 3193 -110.94 -13.16 -94.50
N UNK D 3194 -110.42 -13.39 -93.30
CA UNK D 3194 -109.29 -14.29 -93.09
C UNK D 3194 -109.62 -15.42 -92.14
N UNK D 3195 -110.90 -15.54 -91.73
CA UNK D 3195 -111.29 -16.57 -90.75
C UNK D 3195 -111.21 -17.98 -91.33
N UNK D 3196 -111.17 -18.11 -92.66
CA UNK D 3196 -110.96 -19.40 -93.28
C UNK D 3196 -109.50 -19.65 -93.60
N UNK D 3197 -108.68 -18.61 -93.68
CA UNK D 3197 -107.29 -18.76 -94.11
C UNK D 3197 -106.30 -18.44 -93.01
N UNK D 3198 -106.37 -17.22 -92.48
CA UNK D 3198 -105.47 -16.65 -91.46
C UNK D 3198 -104.00 -16.76 -91.90
N UNK D 3199 -103.72 -16.07 -92.99
CA UNK D 3199 -102.36 -16.04 -93.55
C UNK D 3199 -101.43 -15.08 -92.81
N UNK D 3200 -101.99 -14.06 -92.15
CA UNK D 3200 -101.18 -13.08 -91.45
C UNK D 3200 -100.72 -13.58 -90.09
N UNK D 3201 -100.20 -12.67 -89.28
CA UNK D 3201 -99.71 -13.01 -87.94
C UNK D 3201 -100.88 -13.36 -87.02
N UNK D 3202 -100.66 -14.36 -86.18
CA UNK D 3202 -101.64 -14.79 -85.19
C UNK D 3202 -101.62 -13.92 -83.93
N UNK D 3203 -100.74 -12.92 -83.87
CA UNK D 3203 -100.77 -11.96 -82.78
C UNK D 3203 -102.00 -11.06 -82.86
N UNK D 3204 -102.58 -10.90 -84.05
CA UNK D 3204 -103.86 -10.22 -84.17
C UNK D 3204 -104.99 -10.97 -83.49
N UNK D 3205 -104.88 -12.30 -83.37
CA UNK D 3205 -105.88 -13.06 -82.62
C UNK D 3205 -105.82 -12.77 -81.13
N UNK D 3206 -104.62 -12.60 -80.59
CA UNK D 3206 -104.47 -12.18 -79.20
C UNK D 3206 -104.86 -10.72 -79.01
N UNK D 3207 -104.57 -9.86 -79.99
CA UNK D 3207 -105.06 -8.49 -79.98
C UNK D 3207 -106.58 -8.42 -80.02
N UNK D 3208 -107.22 -9.38 -80.70
CA UNK D 3208 -108.67 -9.47 -80.66
C UNK D 3208 -109.16 -9.84 -79.26
N UNK D 3209 -108.44 -10.73 -78.58
CA UNK D 3209 -108.77 -11.02 -77.19
C UNK D 3209 -108.48 -9.83 -76.29
N UNK D 3210 -107.42 -9.07 -76.59
CA UNK D 3210 -107.10 -7.88 -75.81
C UNK D 3210 -108.15 -6.79 -75.99
N UNK D 3211 -108.76 -6.72 -77.18
CA UNK D 3211 -109.87 -5.82 -77.42
C UNK D 3211 -111.17 -6.34 -76.82
N UNK D 3212 -111.38 -7.66 -76.81
CA UNK D 3212 -112.59 -8.22 -76.22
C UNK D 3212 -112.58 -8.09 -74.70
N UNK D 3213 -111.39 -8.09 -74.10
CA UNK D 3213 -111.28 -7.86 -72.66
C UNK D 3213 -111.60 -6.43 -72.27
N UNK D 3214 -111.18 -5.44 -73.07
CA UNK D 3214 -111.45 -4.05 -72.74
C UNK D 3214 -112.88 -3.66 -73.08
N UNK D 3215 -113.59 -4.52 -73.81
CA UNK D 3215 -114.95 -4.21 -74.23
C UNK D 3215 -115.92 -4.34 -73.07
N UNK D 3216 -116.02 -5.53 -72.48
CA UNK D 3216 -116.96 -5.76 -71.40
C UNK D 3216 -116.29 -6.50 -70.24
N UNK D 3217 -129.21 -1.47 -76.41
CA UNK D 3217 -129.28 -0.07 -76.03
C UNK D 3217 -129.30 0.82 -77.26
N UNK D 3218 -129.16 2.14 -77.04
CA UNK D 3218 -129.05 3.06 -78.16
C UNK D 3218 -127.73 2.88 -78.90
N UNK D 3219 -126.68 2.47 -78.19
CA UNK D 3219 -125.45 2.08 -78.85
C UNK D 3219 -125.62 0.78 -79.62
N UNK D 3220 -126.38 -0.17 -79.05
CA UNK D 3220 -126.64 -1.45 -79.71
C UNK D 3220 -127.91 -1.37 -80.56
N UNK D 3221 -127.92 -0.38 -81.46
CA UNK D 3221 -129.08 -0.12 -82.29
C UNK D 3221 -128.96 -0.83 -83.64
N UNK D 3222 -127.95 -0.48 -84.42
CA UNK D 3222 -127.79 -1.04 -85.76
C UNK D 3222 -126.37 -1.53 -85.93
N UNK D 3223 -126.09 -2.74 -85.44
CA UNK D 3223 -124.80 -3.36 -85.70
C UNK D 3223 -124.97 -4.77 -86.26
N UNK D 3224 -125.88 -5.53 -85.66
CA UNK D 3224 -126.16 -6.94 -86.00
C UNK D 3224 -124.90 -7.81 -86.03
N UNK D 3225 -123.96 -7.51 -85.12
CA UNK D 3225 -122.75 -8.31 -85.04
C UNK D 3225 -123.02 -9.67 -84.41
N UNK D 3226 -124.03 -9.73 -83.53
CA UNK D 3226 -124.48 -11.02 -83.04
C UNK D 3226 -125.18 -11.82 -84.15
N UNK D 3227 -125.87 -11.13 -85.05
CA UNK D 3227 -126.42 -11.80 -86.23
C UNK D 3227 -125.31 -12.24 -87.17
N UNK D 3228 -124.17 -11.55 -87.16
CA UNK D 3228 -123.02 -12.00 -87.93
C UNK D 3228 -122.36 -13.22 -87.28
N UNK D 3229 -122.28 -13.23 -85.96
CA UNK D 3229 -121.76 -14.36 -85.21
C UNK D 3229 -122.71 -15.55 -85.17
N UNK D 3230 -123.98 -15.34 -85.56
CA UNK D 3230 -124.88 -16.47 -85.81
C UNK D 3230 -124.35 -17.38 -86.91
N UNK D 3231 -123.71 -16.79 -87.94
CA UNK D 3231 -123.08 -17.60 -88.98
C UNK D 3231 -121.87 -18.36 -88.42
N UNK D 3232 -121.18 -17.78 -87.45
CA UNK D 3232 -120.11 -18.51 -86.78
C UNK D 3232 -120.67 -19.62 -85.91
N UNK D 3233 -121.84 -19.41 -85.31
CA UNK D 3233 -122.49 -20.46 -84.54
C UNK D 3233 -122.98 -21.59 -85.44
N UNK D 3234 -123.35 -21.27 -86.67
CA UNK D 3234 -123.70 -22.29 -87.66
C UNK D 3234 -122.47 -23.00 -88.21
N UNK D 3235 -121.37 -22.27 -88.42
CA UNK D 3235 -120.10 -22.89 -88.77
C UNK D 3235 -119.55 -23.75 -87.63
N UNK D 3236 -119.93 -23.45 -86.39
CA UNK D 3236 -119.61 -24.35 -85.27
C UNK D 3236 -120.33 -25.68 -85.42
N UNK D 3237 -121.60 -25.64 -85.85
CA UNK D 3237 -122.31 -26.88 -86.15
C UNK D 3237 -121.73 -27.57 -87.37
N UNK D 3238 -121.24 -26.81 -88.34
CA UNK D 3238 -120.58 -27.39 -89.51
C UNK D 3238 -119.29 -28.08 -89.14
N UNK D 3239 -118.47 -27.47 -88.27
CA UNK D 3239 -117.26 -28.10 -87.81
C UNK D 3239 -117.56 -29.27 -86.87
N UNK D 3240 -118.68 -29.21 -86.15
CA UNK D 3240 -119.10 -30.35 -85.33
C UNK D 3240 -119.52 -31.53 -86.20
N UNK D 3241 -120.19 -31.26 -87.32
CA UNK D 3241 -120.48 -32.33 -88.28
C UNK D 3241 -119.22 -32.82 -88.97
N UNK D 3242 -118.25 -31.94 -89.19
CA UNK D 3242 -116.96 -32.36 -89.75
C UNK D 3242 -116.19 -33.23 -88.79
N UNK D 3243 -116.27 -32.96 -87.49
CA UNK D 3243 -115.63 -33.80 -86.49
C UNK D 3243 -116.39 -35.09 -86.24
N UNK D 3244 -117.72 -35.07 -86.36
CA UNK D 3244 -118.50 -36.30 -86.25
C UNK D 3244 -118.29 -37.19 -87.46
N UNK D 3245 -118.01 -36.60 -88.62
CA UNK D 3245 -117.66 -37.37 -89.81
C UNK D 3245 -116.15 -37.64 -89.90
N UNK D 3246 -115.35 -37.02 -89.04
CA UNK D 3246 -113.92 -37.26 -89.01
C UNK D 3246 -113.56 -38.24 -87.90
N UNK D 3247 -112.46 -22.61 -93.36
CA UNK D 3247 -113.44 -22.92 -92.33
C UNK D 3247 -112.75 -23.49 -91.10
N UNK D 3248 -111.46 -23.76 -91.24
CA UNK D 3248 -110.66 -24.33 -90.16
C UNK D 3248 -109.83 -23.30 -89.41
N UNK D 3249 -109.58 -22.13 -89.99
CA UNK D 3249 -108.75 -21.14 -89.32
C UNK D 3249 -109.51 -20.39 -88.23
N UNK D 3250 -110.84 -20.40 -88.27
CA UNK D 3250 -111.65 -19.81 -87.20
C UNK D 3250 -112.09 -20.83 -86.17
N UNK D 3251 -111.29 -21.87 -85.92
CA UNK D 3251 -111.70 -22.93 -85.02
C UNK D 3251 -111.17 -22.77 -83.60
N UNK D 3252 -110.10 -21.99 -83.40
CA UNK D 3252 -109.47 -21.88 -82.09
C UNK D 3252 -109.56 -20.49 -81.51
N UNK D 3253 -109.17 -19.46 -82.28
CA UNK D 3253 -109.20 -18.09 -81.77
C UNK D 3253 -110.63 -17.61 -81.58
N UNK D 3254 -111.55 -18.09 -82.42
CA UNK D 3254 -112.96 -17.78 -82.23
C UNK D 3254 -113.51 -18.44 -80.97
N UNK D 3255 -113.11 -19.68 -80.69
CA UNK D 3255 -113.55 -20.34 -79.47
C UNK D 3255 -112.95 -19.70 -78.23
N UNK D 3256 -111.75 -19.15 -78.36
CA UNK D 3256 -111.14 -18.41 -77.25
C UNK D 3256 -111.85 -17.08 -77.00
N UNK D 3257 -112.10 -16.32 -78.07
CA UNK D 3257 -112.76 -15.03 -77.92
C UNK D 3257 -114.23 -15.19 -77.53
N UNK D 3258 -114.82 -16.34 -77.83
CA UNK D 3258 -116.17 -16.62 -77.37
C UNK D 3258 -116.23 -16.77 -75.85
N UNK D 3259 -115.30 -17.54 -75.29
CA UNK D 3259 -115.16 -17.63 -73.84
C UNK D 3259 -114.82 -16.29 -73.23
N UNK D 3260 -113.97 -15.50 -73.90
CA UNK D 3260 -113.58 -14.19 -73.40
C UNK D 3260 -114.76 -13.23 -73.34
N UNK D 3261 -115.52 -13.11 -74.42
CA UNK D 3261 -116.65 -12.20 -74.45
C UNK D 3261 -117.81 -12.70 -73.61
N UNK D 3262 -117.96 -14.02 -73.47
CA UNK D 3262 -119.05 -14.54 -72.67
C UNK D 3262 -118.76 -14.43 -71.18
N UNK D 3263 -117.50 -14.56 -70.77
CA UNK D 3263 -117.10 -14.24 -69.41
C UNK D 3263 -117.08 -12.74 -69.16
N UNK D 3264 -116.90 -11.93 -70.22
CA UNK D 3264 -116.99 -10.48 -70.11
C UNK D 3264 -118.42 -10.00 -69.86
N UNK D 3265 -119.41 -10.87 -70.00
CA UNK D 3265 -120.80 -10.56 -69.68
C UNK D 3265 -121.08 -10.64 -68.19
N UNK D 3266 -120.05 -10.80 -67.37
CA UNK D 3266 -120.18 -10.72 -65.92
C UNK D 3266 -120.42 -9.30 -65.44
N UNK D 3267 -120.13 -8.30 -66.26
CA UNK D 3267 -120.37 -6.92 -65.89
C UNK D 3267 -121.41 -6.29 -66.81
N UNK D 3268 -121.34 -6.62 -68.10
CA UNK D 3268 -122.23 -6.06 -69.10
C UNK D 3268 -123.36 -7.05 -69.42
N UNK D 3269 -124.47 -6.50 -69.92
CA UNK D 3269 -125.62 -7.32 -70.28
C UNK D 3269 -126.40 -6.61 -71.39
N UNK D 3270 -126.98 -7.41 -72.28
CA UNK D 3270 -127.79 -6.93 -73.38
C UNK D 3270 -129.10 -7.70 -73.42
N UNK D 3271 -129.88 -7.47 -74.47
CA UNK D 3271 -131.19 -8.07 -74.63
C UNK D 3271 -131.19 -9.29 -75.54
N UNK D 3272 -130.02 -9.70 -76.04
CA UNK D 3272 -129.84 -10.79 -77.01
C UNK D 3272 -130.69 -10.56 -78.26
N UNK D 3273 -130.54 -9.38 -78.85
CA UNK D 3273 -131.25 -9.01 -80.07
C UNK D 3273 -130.72 -9.84 -81.22
N UNK D 3274 -131.55 -10.78 -81.70
CA UNK D 3274 -131.19 -11.79 -82.71
C UNK D 3274 -129.96 -12.59 -82.28
N UNK D 3275 -129.87 -12.89 -80.99
CA UNK D 3275 -128.71 -13.55 -80.43
C UNK D 3275 -129.02 -14.73 -79.53
N UNK D 3276 -130.20 -14.79 -78.90
CA UNK D 3276 -130.55 -15.92 -78.07
C UNK D 3276 -130.71 -17.18 -78.91
N UNK D 3277 -131.39 -17.06 -80.05
CA UNK D 3277 -131.49 -18.19 -80.97
C UNK D 3277 -130.15 -18.49 -81.64
N UNK D 3278 -129.33 -17.45 -81.85
CA UNK D 3278 -128.00 -17.64 -82.41
C UNK D 3278 -127.11 -18.46 -81.48
N UNK D 3279 -127.17 -18.18 -80.18
CA UNK D 3279 -126.45 -18.98 -79.20
C UNK D 3279 -127.08 -20.35 -79.03
N UNK D 3280 -128.41 -20.43 -79.12
CA UNK D 3280 -129.11 -21.69 -78.93
C UNK D 3280 -128.87 -22.65 -80.09
N UNK D 3281 -128.55 -22.12 -81.28
CA UNK D 3281 -128.20 -22.96 -82.41
C UNK D 3281 -126.92 -23.74 -82.14
N UNK D 3282 -125.84 -23.05 -81.77
CA UNK D 3282 -124.62 -23.74 -81.41
C UNK D 3282 -124.76 -24.51 -80.10
N UNK D 3283 -125.69 -24.11 -79.24
CA UNK D 3283 -125.91 -24.84 -77.99
C UNK D 3283 -126.56 -26.19 -78.25
N UNK D 3284 -127.59 -26.24 -79.10
CA UNK D 3284 -128.18 -27.51 -79.50
C UNK D 3284 -127.21 -28.33 -80.34
N UNK D 3285 -126.37 -27.66 -81.14
CA UNK D 3285 -125.31 -28.36 -81.87
C UNK D 3285 -124.31 -29.02 -80.94
N UNK D 3286 -123.95 -28.34 -79.84
CA UNK D 3286 -123.05 -28.91 -78.86
C UNK D 3286 -123.71 -30.02 -78.05
N UNK D 3287 -124.99 -29.85 -77.73
CA UNK D 3287 -125.73 -30.90 -77.03
C UNK D 3287 -125.88 -32.14 -77.89
N UNK D 3288 -125.96 -31.97 -79.22
CA UNK D 3288 -125.96 -33.10 -80.12
C UNK D 3288 -124.58 -33.74 -80.27
N UNK D 3289 -123.56 -32.95 -80.56
CA UNK D 3289 -122.23 -33.47 -80.85
C UNK D 3289 -121.42 -33.73 -79.59
N UNK D 3290 -122.03 -33.63 -78.40
CA UNK D 3290 -121.34 -33.99 -77.17
C UNK D 3290 -121.12 -35.50 -77.07
N UNK D 3291 -121.88 -36.29 -77.83
CA UNK D 3291 -121.71 -37.73 -77.87
C UNK D 3291 -121.26 -38.22 -79.25
N UNK D 3292 -120.74 -37.33 -80.08
CA UNK D 3292 -120.26 -37.70 -81.41
C UNK D 3292 -118.93 -38.43 -81.25
N UNK D 3293 -118.89 -39.69 -81.68
CA UNK D 3293 -117.68 -40.49 -81.56
C UNK D 3293 -116.67 -40.11 -82.64
N UNK D 3294 -115.43 -40.57 -82.44
CA UNK D 3294 -114.26 -40.25 -83.28
C UNK D 3294 -114.06 -38.74 -83.39
N UNK D 3295 -114.28 -38.05 -82.28
CA UNK D 3295 -114.17 -36.60 -82.20
C UNK D 3295 -113.20 -36.29 -81.07
N UNK D 3296 -112.05 -36.96 -81.12
CA UNK D 3296 -111.01 -36.88 -80.10
C UNK D 3296 -110.19 -35.61 -80.23
N UNK D 3297 -109.02 -35.59 -79.59
CA UNK D 3297 -108.06 -34.48 -79.56
C UNK D 3297 -108.70 -33.22 -78.94
N UNK D 3298 -108.93 -33.34 -77.63
CA UNK D 3298 -109.18 -32.22 -76.72
C UNK D 3298 -110.42 -31.40 -77.04
N UNK D 3299 -111.61 -31.99 -76.87
CA UNK D 3299 -112.86 -31.25 -76.98
C UNK D 3299 -113.05 -30.31 -75.79
N UNK D 3300 -112.27 -29.24 -75.76
CA UNK D 3300 -112.22 -28.30 -74.64
C UNK D 3300 -112.73 -26.93 -75.04
N UNK D 3301 -113.60 -26.87 -76.05
CA UNK D 3301 -114.28 -25.64 -76.42
C UNK D 3301 -115.48 -25.36 -75.52
N UNK D 3302 -115.75 -26.23 -74.54
CA UNK D 3302 -116.82 -26.00 -73.57
C UNK D 3302 -116.45 -24.95 -72.54
N UNK D 3303 -115.24 -24.38 -72.60
CA UNK D 3303 -114.94 -23.18 -71.85
C UNK D 3303 -115.81 -22.01 -72.28
N UNK D 3304 -116.08 -21.88 -73.58
CA UNK D 3304 -117.03 -20.88 -74.04
C UNK D 3304 -118.44 -21.19 -73.57
N UNK D 3305 -118.78 -22.49 -73.47
CA UNK D 3305 -120.07 -22.90 -72.92
C UNK D 3305 -120.21 -22.56 -71.43
N UNK D 3306 -119.15 -22.80 -70.66
CA UNK D 3306 -119.14 -22.40 -69.25
C UNK D 3306 -119.21 -20.89 -69.09
N UNK D 3307 -118.52 -20.15 -69.97
CA UNK D 3307 -118.52 -18.70 -69.90
C UNK D 3307 -119.85 -18.10 -70.35
N UNK D 3308 -120.57 -18.76 -71.25
CA UNK D 3308 -121.89 -18.34 -71.68
C UNK D 3308 -122.99 -18.93 -70.82
N UNK D 3309 -122.65 -19.84 -69.89
CA UNK D 3309 -123.59 -20.39 -68.94
C UNK D 3309 -124.03 -19.40 -67.87
N UNK D 3310 -123.38 -18.24 -67.78
CA UNK D 3310 -123.79 -17.19 -66.87
C UNK D 3310 -124.52 -16.10 -67.64
N UNK D 3311 -125.32 -16.50 -68.63
CA UNK D 3311 -126.11 -15.57 -69.42
C UNK D 3311 -127.40 -15.20 -68.70
N UNK D 3312 -128.33 -14.58 -69.43
CA UNK D 3312 -129.64 -14.22 -68.90
C UNK D 3312 -130.42 -15.47 -68.48
N UNK D 3313 -130.51 -16.45 -69.37
CA UNK D 3313 -131.17 -17.71 -69.06
C UNK D 3313 -130.53 -18.88 -69.79
N UNK D 3314 -135.15 -28.47 -78.50
CA UNK D 3314 -136.01 -27.46 -79.08
C UNK D 3314 -137.48 -27.78 -78.82
N UNK D 3315 -137.82 -27.95 -77.54
CA UNK D 3315 -139.18 -28.29 -77.17
C UNK D 3315 -140.08 -27.06 -77.25
N UNK D 3316 -139.80 -26.04 -76.45
CA UNK D 3316 -140.54 -24.79 -76.48
C UNK D 3316 -140.02 -23.83 -77.55
N UNK D 3317 -138.90 -24.17 -78.18
CA UNK D 3317 -138.36 -23.39 -79.29
C UNK D 3317 -139.22 -23.51 -80.54
N UNK D 3318 -139.95 -24.61 -80.70
CA UNK D 3318 -140.94 -24.71 -81.76
C UNK D 3318 -142.12 -23.79 -81.52
N UNK D 3319 -142.40 -23.44 -80.25
CA UNK D 3319 -143.42 -22.47 -79.89
C UNK D 3319 -142.90 -21.04 -79.95
N UNK D 3320 -141.67 -20.86 -80.39
CA UNK D 3320 -141.08 -19.52 -80.50
C UNK D 3320 -140.31 -19.39 -81.81
N UNK D 3321 -140.41 -20.41 -82.67
CA UNK D 3321 -139.70 -20.41 -83.94
C UNK D 3321 -140.29 -19.39 -84.91
N UNK D 3322 -141.56 -19.58 -85.26
CA UNK D 3322 -142.26 -18.61 -86.10
C UNK D 3322 -143.24 -17.76 -85.31
N UNK D 3323 -143.65 -18.21 -84.11
CA UNK D 3323 -144.60 -17.45 -83.31
C UNK D 3323 -143.98 -16.17 -82.78
N UNK D 3324 -142.78 -16.26 -82.21
CA UNK D 3324 -142.07 -15.06 -81.79
C UNK D 3324 -141.52 -14.27 -82.97
N UNK D 3325 -141.31 -14.93 -84.12
CA UNK D 3325 -140.87 -14.22 -85.32
C UNK D 3325 -141.97 -13.34 -85.89
N UNK D 3326 -143.22 -13.81 -85.85
CA UNK D 3326 -144.35 -13.01 -86.30
C UNK D 3326 -144.77 -12.02 -85.23
N UNK D 3327 -145.15 -12.53 -84.06
CA UNK D 3327 -145.56 -11.68 -82.95
C UNK D 3327 -144.34 -11.25 -82.14
N UNK D 3328 -140.51 -11.64 -76.03
CA UNK D 3328 -139.82 -12.91 -75.89
C UNK D 3328 -140.78 -14.00 -75.44
N UNK D 3329 -140.81 -15.10 -76.18
CA UNK D 3329 -141.67 -16.24 -75.84
C UNK D 3329 -140.93 -17.18 -74.90
N UNK D 3330 -140.73 -16.70 -73.68
CA UNK D 3330 -140.04 -17.45 -72.64
C UNK D 3330 -140.83 -17.31 -71.34
N UNK D 3331 -140.91 -18.39 -70.58
CA UNK D 3331 -141.73 -18.41 -69.38
C UNK D 3331 -140.92 -18.82 -68.16
N UNK D 3332 -141.61 -19.08 -67.04
CA UNK D 3332 -140.97 -19.46 -65.79
C UNK D 3332 -140.50 -20.91 -65.79
N UNK D 3333 -140.84 -21.68 -66.82
CA UNK D 3333 -140.36 -23.05 -66.97
C UNK D 3333 -139.78 -23.23 -68.37
N UNK D 3334 -138.98 -22.26 -68.81
CA UNK D 3334 -138.39 -22.31 -70.14
C UNK D 3334 -137.04 -23.02 -70.08
N UNK D 3335 -136.09 -22.47 -69.32
CA UNK D 3335 -134.82 -23.13 -69.09
C UNK D 3335 -134.85 -24.11 -67.94
N UNK D 3336 -135.85 -23.99 -67.05
CA UNK D 3336 -136.01 -24.93 -65.94
C UNK D 3336 -136.69 -26.21 -66.37
N UNK D 3337 -137.16 -26.30 -67.61
CA UNK D 3337 -137.80 -27.53 -68.09
C UNK D 3337 -136.76 -28.62 -68.35
N UNK D 3338 -135.62 -28.26 -68.94
CA UNK D 3338 -134.54 -29.21 -69.18
C UNK D 3338 -133.65 -29.39 -67.96
N UNK D 3339 -133.86 -28.58 -66.91
CA UNK D 3339 -133.06 -28.69 -65.70
C UNK D 3339 -133.35 -29.98 -64.95
N UNK D 3340 -134.58 -30.48 -65.03
CA UNK D 3340 -134.90 -31.74 -64.38
C UNK D 3340 -134.29 -32.92 -65.13
N UNK D 3341 -134.26 -32.86 -66.47
CA UNK D 3341 -133.59 -33.90 -67.24
C UNK D 3341 -132.09 -33.89 -67.00
N UNK D 3342 -131.50 -32.70 -66.90
CA UNK D 3342 -130.10 -32.58 -66.50
C UNK D 3342 -129.85 -33.07 -65.09
N UNK D 3343 -130.79 -32.84 -64.17
CA UNK D 3343 -130.62 -33.31 -62.80
C UNK D 3343 -130.73 -34.82 -62.71
N UNK D 3344 -131.61 -35.42 -63.51
CA UNK D 3344 -131.68 -36.87 -63.60
C UNK D 3344 -130.44 -37.47 -64.22
N UNK D 3345 -129.91 -36.83 -65.28
CA UNK D 3345 -128.67 -37.28 -65.89
C UNK D 3345 -127.48 -37.13 -64.94
N UNK D 3346 -127.52 -36.12 -64.08
CA UNK D 3346 -126.50 -35.96 -63.06
C UNK D 3346 -126.63 -36.98 -61.94
N UNK D 3347 -127.86 -37.27 -61.49
CA UNK D 3347 -128.09 -38.26 -60.46
C UNK D 3347 -127.80 -39.67 -60.93
N UNK D 3348 -127.84 -39.91 -62.25
CA UNK D 3348 -127.40 -41.20 -62.79
C UNK D 3348 -125.90 -41.41 -62.53
N UNK D 3349 -125.07 -40.49 -63.01
CA UNK D 3349 -123.63 -40.59 -62.82
C UNK D 3349 -123.18 -40.30 -61.40
N UNK D 3350 -124.08 -39.78 -60.55
CA UNK D 3350 -123.76 -39.66 -59.13
C UNK D 3350 -123.60 -41.03 -58.49
N UNK D 3351 -124.48 -41.97 -58.82
CA UNK D 3351 -124.35 -43.34 -58.36
C UNK D 3351 -123.42 -44.16 -59.23
N UNK D 3352 -123.52 -44.04 -60.55
CA UNK D 3352 -122.62 -44.75 -61.46
C UNK D 3352 -121.25 -44.10 -61.40
N UNK D 3353 -120.32 -44.73 -60.69
CA UNK D 3353 -118.96 -44.19 -60.53
C UNK D 3353 -118.24 -44.36 -61.87
N UNK D 3354 -118.35 -43.32 -62.70
CA UNK D 3354 -117.80 -43.35 -64.06
C UNK D 3354 -116.29 -43.22 -64.00
N UNK D 3355 -115.63 -44.34 -63.70
CA UNK D 3355 -114.18 -44.36 -63.65
C UNK D 3355 -113.56 -44.31 -65.04
N UNK D 3356 -114.32 -44.67 -66.07
CA UNK D 3356 -113.80 -44.58 -67.44
C UNK D 3356 -113.72 -43.13 -67.87
N UNK D 3357 -112.56 -42.76 -68.43
CA UNK D 3357 -112.37 -41.41 -68.93
C UNK D 3357 -113.26 -41.14 -70.14
N UNK D 3358 -113.53 -42.16 -70.96
CA UNK D 3358 -114.49 -42.00 -72.04
C UNK D 3358 -115.91 -41.82 -71.52
N UNK D 3359 -116.22 -42.42 -70.37
CA UNK D 3359 -117.51 -42.20 -69.74
C UNK D 3359 -117.62 -40.80 -69.17
N UNK D 3360 -116.51 -40.28 -68.63
CA UNK D 3360 -116.50 -38.94 -68.06
C UNK D 3360 -116.35 -37.85 -69.14
N UNK D 3361 -115.94 -38.22 -70.35
CA UNK D 3361 -115.67 -37.23 -71.38
C UNK D 3361 -116.94 -36.63 -71.97
N UNK D 3362 -118.10 -37.17 -71.63
CA UNK D 3362 -119.37 -36.58 -72.04
C UNK D 3362 -120.09 -35.94 -70.87
N UNK D 3363 -119.63 -36.16 -69.65
CA UNK D 3363 -120.30 -35.66 -68.45
C UNK D 3363 -119.51 -34.51 -67.82
N UNK D 3364 -118.24 -34.74 -67.51
CA UNK D 3364 -117.42 -33.67 -66.95
C UNK D 3364 -117.10 -32.60 -67.99
N UNK D 3365 -116.97 -32.99 -69.26
CA UNK D 3365 -116.72 -32.02 -70.31
C UNK D 3365 -117.96 -31.25 -70.71
N UNK D 3366 -119.12 -31.64 -70.21
CA UNK D 3366 -120.36 -30.92 -70.45
C UNK D 3366 -120.88 -30.20 -69.21
N UNK D 3367 -120.43 -30.60 -68.02
CA UNK D 3367 -120.87 -29.96 -66.78
C UNK D 3367 -120.27 -28.58 -66.56
N UNK D 3368 -119.34 -28.16 -67.43
CA UNK D 3368 -118.82 -26.80 -67.36
C UNK D 3368 -119.92 -25.78 -67.60
N UNK D 3369 -120.77 -26.02 -68.59
CA UNK D 3369 -121.93 -25.16 -68.79
C UNK D 3369 -123.03 -25.40 -67.78
N UNK D 3370 -122.93 -26.46 -66.98
CA UNK D 3370 -123.89 -26.71 -65.91
C UNK D 3370 -123.48 -26.09 -64.59
N UNK D 3371 -122.19 -25.76 -64.44
CA UNK D 3371 -121.66 -25.26 -63.18
C UNK D 3371 -122.21 -23.89 -62.79
N UNK D 3372 -122.73 -23.11 -63.74
CA UNK D 3372 -123.22 -21.77 -63.44
C UNK D 3372 -124.69 -21.80 -63.03
N UNK D 3373 -124.99 -22.62 -62.02
CA UNK D 3373 -126.36 -22.77 -61.55
C UNK D 3373 -126.84 -21.52 -60.82
N UNK D 3374 -126.07 -21.03 -59.85
CA UNK D 3374 -126.45 -19.81 -59.15
C UNK D 3374 -126.25 -18.57 -60.01
N UNK D 3375 -125.54 -18.70 -61.13
CA UNK D 3375 -125.40 -17.59 -62.07
C UNK D 3375 -126.60 -17.51 -63.00
N UNK D 3376 -127.07 -18.66 -63.49
CA UNK D 3376 -128.33 -18.68 -64.24
C UNK D 3376 -129.50 -18.31 -63.35
N UNK D 3377 -129.44 -18.69 -62.08
CA UNK D 3377 -130.39 -18.18 -61.11
C UNK D 3377 -130.03 -16.74 -60.74
N UNK D 3378 -130.98 -16.05 -60.15
CA UNK D 3378 -130.72 -14.71 -59.61
C UNK D 3378 -130.37 -14.84 -58.13
N UNK D 3379 -131.29 -15.39 -57.36
CA UNK D 3379 -131.07 -15.64 -55.94
C UNK D 3379 -130.59 -17.08 -55.77
N UNK D 3380 -130.44 -17.60 -54.55
CA UNK D 3380 -129.99 -18.96 -54.36
C UNK D 3380 -131.17 -19.83 -53.97
N UNK D 3381 -132.28 -19.66 -54.68
CA UNK D 3381 -133.49 -20.44 -54.41
C UNK D 3381 -133.27 -21.91 -54.71
N UNK D 3382 -132.42 -22.21 -55.68
CA UNK D 3382 -132.09 -23.59 -56.05
C UNK D 3382 -130.76 -24.03 -55.47
N UNK D 3383 -130.36 -23.49 -54.32
CA UNK D 3383 -129.09 -23.86 -53.71
C UNK D 3383 -129.18 -25.13 -52.88
N UNK D 3384 -130.39 -25.63 -52.60
CA UNK D 3384 -130.52 -26.90 -51.90
C UNK D 3384 -130.03 -28.05 -52.77
N UNK D 3385 -130.18 -27.94 -54.09
CA UNK D 3385 -129.60 -28.92 -54.99
C UNK D 3385 -128.08 -28.82 -55.02
N UNK D 3386 -127.54 -27.60 -54.97
CA UNK D 3386 -126.10 -27.41 -54.92
C UNK D 3386 -125.49 -27.87 -53.60
N UNK D 3387 -126.29 -27.90 -52.54
CA UNK D 3387 -125.82 -28.44 -51.26
C UNK D 3387 -125.49 -29.93 -51.33
N UNK D 3388 -126.10 -30.66 -52.27
CA UNK D 3388 -125.76 -32.05 -52.51
C UNK D 3388 -124.92 -32.24 -53.77
N UNK D 3389 -124.93 -31.27 -54.69
CA UNK D 3389 -124.10 -31.36 -55.89
C UNK D 3389 -122.62 -31.23 -55.56
N UNK D 3390 -122.30 -30.51 -54.49
CA UNK D 3390 -120.92 -30.46 -54.02
C UNK D 3390 -120.46 -31.82 -53.49
N UNK D 3391 -121.35 -32.51 -52.77
CA UNK D 3391 -121.02 -33.86 -52.32
C UNK D 3391 -120.96 -34.84 -53.48
N UNK D 3392 -121.75 -34.60 -54.54
CA UNK D 3392 -121.66 -35.41 -55.75
C UNK D 3392 -120.32 -35.22 -56.45
N UNK D 3393 -119.86 -33.98 -56.55
CA UNK D 3393 -118.53 -33.72 -57.11
C UNK D 3393 -117.43 -34.26 -56.20
N UNK D 3394 -117.68 -34.30 -54.89
CA UNK D 3394 -116.72 -34.89 -53.96
C UNK D 3394 -116.64 -36.40 -54.14
N UNK D 3395 -117.79 -37.04 -54.41
CA UNK D 3395 -117.77 -38.47 -54.71
C UNK D 3395 -117.12 -38.75 -56.04
N UNK D 3396 -117.29 -37.85 -57.02
CA UNK D 3396 -116.61 -37.98 -58.30
C UNK D 3396 -115.10 -37.85 -58.15
N UNK D 3397 -114.65 -37.06 -57.18
CA UNK D 3397 -113.24 -36.97 -56.86
C UNK D 3397 -112.74 -38.16 -56.06
N UNK D 3398 -113.52 -38.64 -55.09
CA UNK D 3398 -113.20 -39.82 -54.30
C UNK D 3398 -113.31 -41.11 -55.09
N UNK D 3399 -113.82 -41.05 -56.31
CA UNK D 3399 -113.72 -42.13 -57.29
C UNK D 3399 -112.28 -42.46 -57.68
N UNK D 3400 -111.30 -41.61 -57.31
CA UNK D 3400 -109.86 -41.89 -57.33
C UNK D 3400 -109.35 -42.20 -58.72
N UNK D 3401 -109.40 -41.20 -59.61
CA UNK D 3401 -108.81 -41.30 -60.93
C UNK D 3401 -107.31 -41.59 -60.82
N UNK D 3402 -106.82 -42.44 -61.73
CA UNK D 3402 -105.53 -43.08 -61.53
C UNK D 3402 -104.37 -42.16 -61.86
N UNK D 3403 -104.24 -41.74 -63.12
CA UNK D 3403 -103.07 -40.95 -63.49
C UNK D 3403 -103.42 -39.55 -63.96
N UNK D 3404 -104.19 -39.45 -65.04
CA UNK D 3404 -104.43 -38.16 -65.70
C UNK D 3404 -105.87 -38.03 -66.18
N UNK D 3405 -106.82 -38.70 -65.53
CA UNK D 3405 -108.21 -38.53 -65.93
C UNK D 3405 -108.79 -37.23 -65.38
N UNK D 3406 -108.90 -37.13 -64.06
CA UNK D 3406 -109.29 -35.88 -63.42
C UNK D 3406 -108.12 -34.94 -63.23
N UNK D 3407 -106.89 -35.43 -63.43
CA UNK D 3407 -105.73 -34.56 -63.36
C UNK D 3407 -105.59 -33.69 -64.60
N UNK D 3408 -105.82 -34.25 -65.80
CA UNK D 3408 -105.89 -33.42 -66.99
C UNK D 3408 -107.16 -32.61 -67.04
N UNK D 3409 -108.27 -33.17 -66.57
CA UNK D 3409 -109.51 -32.39 -66.39
C UNK D 3409 -109.58 -31.80 -65.00
N UNK D 3410 -108.54 -31.09 -64.59
CA UNK D 3410 -108.52 -30.36 -63.34
C UNK D 3410 -108.92 -28.91 -63.54
N UNK D 3411 -109.36 -28.54 -64.75
CA UNK D 3411 -109.96 -27.24 -64.98
C UNK D 3411 -111.34 -27.12 -64.34
N UNK D 3412 -111.95 -28.25 -63.98
CA UNK D 3412 -113.14 -28.22 -63.14
C UNK D 3412 -112.82 -27.71 -61.74
N UNK D 3413 -111.60 -27.95 -61.25
CA UNK D 3413 -111.20 -27.40 -59.97
C UNK D 3413 -111.03 -25.90 -60.04
N UNK D 3414 -110.78 -25.35 -61.23
CA UNK D 3414 -110.77 -23.90 -61.39
C UNK D 3414 -112.18 -23.32 -61.25
N UNK D 3415 -113.20 -24.04 -61.71
CA UNK D 3415 -114.56 -23.61 -61.50
C UNK D 3415 -115.09 -23.95 -60.12
N UNK D 3416 -114.44 -24.88 -59.42
CA UNK D 3416 -114.89 -25.37 -58.13
C UNK D 3416 -114.47 -24.49 -56.96
N UNK D 3417 -114.02 -23.26 -57.22
CA UNK D 3417 -113.67 -22.35 -56.14
C UNK D 3417 -114.88 -21.61 -55.60
N UNK D 3418 -115.67 -21.01 -56.50
CA UNK D 3418 -116.87 -20.28 -56.09
C UNK D 3418 -117.99 -21.20 -55.63
N UNK D 3419 -117.92 -22.49 -55.98
CA UNK D 3419 -118.89 -23.45 -55.48
C UNK D 3419 -118.75 -23.70 -54.00
N UNK D 3420 -117.55 -23.51 -53.43
CA UNK D 3420 -117.32 -23.68 -52.01
C UNK D 3420 -117.70 -22.46 -51.19
N UNK D 3421 -118.28 -21.45 -51.82
CA UNK D 3421 -118.73 -20.25 -51.11
C UNK D 3421 -120.10 -20.48 -50.50
N UNK D 3422 -121.09 -20.77 -51.34
CA UNK D 3422 -122.48 -20.90 -50.90
C UNK D 3422 -122.83 -22.32 -50.46
N UNK D 3423 -121.85 -23.20 -50.36
CA UNK D 3423 -122.10 -24.57 -49.93
C UNK D 3423 -122.40 -24.60 -48.44
N UNK D 3424 -123.57 -25.12 -48.08
CA UNK D 3424 -123.98 -25.24 -46.68
C UNK D 3424 -123.12 -26.30 -46.01
N UNK D 3425 -122.15 -25.86 -45.21
CA UNK D 3425 -121.25 -26.80 -44.54
C UNK D 3425 -121.91 -27.51 -43.37
N UNK D 3426 -122.98 -26.94 -42.80
CA UNK D 3426 -123.72 -27.66 -41.76
C UNK D 3426 -124.44 -28.86 -42.35
N UNK D 3427 -125.09 -28.68 -43.49
CA UNK D 3427 -125.67 -29.79 -44.23
C UNK D 3427 -124.60 -30.70 -44.80
N UNK D 3428 -123.45 -30.15 -45.19
CA UNK D 3428 -122.36 -30.91 -45.76
C UNK D 3428 -121.31 -31.30 -44.73
N UNK D 3429 -121.68 -31.35 -43.45
CA UNK D 3429 -120.79 -31.95 -42.46
C UNK D 3429 -120.59 -33.43 -42.72
N UNK D 3430 -121.61 -34.11 -43.25
CA UNK D 3430 -121.43 -35.48 -43.70
C UNK D 3430 -120.53 -35.54 -44.92
N UNK D 3431 -120.62 -34.53 -45.80
CA UNK D 3431 -119.69 -34.46 -46.92
C UNK D 3431 -118.29 -34.10 -46.46
N UNK D 3432 -118.19 -33.39 -45.34
CA UNK D 3432 -116.89 -33.11 -44.74
C UNK D 3432 -116.31 -34.35 -44.11
N UNK D 3433 -117.15 -35.21 -43.54
CA UNK D 3433 -116.68 -36.51 -43.06
C UNK D 3433 -116.33 -37.43 -44.22
N UNK D 3434 -117.03 -37.29 -45.36
CA UNK D 3434 -116.69 -38.07 -46.53
C UNK D 3434 -115.39 -37.61 -47.18
N UNK D 3435 -115.19 -36.29 -47.23
CA UNK D 3435 -113.91 -35.75 -47.67
C UNK D 3435 -112.82 -36.06 -46.66
N UNK D 3436 -113.18 -36.20 -45.38
CA UNK D 3436 -112.23 -36.66 -44.38
C UNK D 3436 -111.88 -38.13 -44.58
N UNK D 3437 -112.83 -38.93 -45.04
CA UNK D 3437 -112.54 -40.31 -45.40
C UNK D 3437 -111.68 -40.39 -46.65
N UNK D 3438 -111.91 -39.49 -47.61
CA UNK D 3438 -111.06 -39.42 -48.79
C UNK D 3438 -109.66 -38.94 -48.43
N UNK D 3439 -109.56 -38.01 -47.49
CA UNK D 3439 -108.27 -37.55 -47.00
C UNK D 3439 -107.59 -38.62 -46.16
N UNK D 3440 -108.36 -39.46 -45.48
CA UNK D 3440 -107.77 -40.58 -44.75
C UNK D 3440 -107.28 -41.66 -45.69
N UNK D 3441 -107.98 -41.87 -46.81
CA UNK D 3441 -107.49 -42.75 -47.85
C UNK D 3441 -106.22 -42.19 -48.50
N UNK D 3442 -106.19 -40.88 -48.74
CA UNK D 3442 -104.97 -40.24 -49.23
C UNK D 3442 -103.85 -40.31 -48.21
N UNK D 3443 -104.18 -40.22 -46.92
CA UNK D 3443 -103.17 -40.32 -45.88
C UNK D 3443 -102.67 -41.74 -45.71
N UNK D 3444 -103.52 -42.73 -45.97
CA UNK D 3444 -103.08 -44.11 -45.93
C UNK D 3444 -102.21 -44.45 -47.14
N UNK D 3445 -102.56 -43.92 -48.31
CA UNK D 3445 -101.70 -44.07 -49.48
C UNK D 3445 -100.39 -43.33 -49.30
N UNK D 3446 -100.44 -42.16 -48.66
CA UNK D 3446 -99.22 -41.43 -48.35
C UNK D 3446 -98.43 -42.10 -47.26
N UNK D 3447 -99.08 -42.85 -46.38
CA UNK D 3447 -98.37 -43.63 -45.38
C UNK D 3447 -97.70 -44.84 -45.99
N UNK D 3448 -98.34 -45.44 -46.99
CA UNK D 3448 -97.70 -46.51 -47.75
C UNK D 3448 -96.51 -45.99 -48.54
N UNK D 3449 -96.66 -44.83 -49.17
CA UNK D 3449 -95.54 -44.20 -49.87
C UNK D 3449 -94.47 -43.73 -48.90
N UNK D 3450 -94.85 -43.38 -47.67
CA UNK D 3450 -93.88 -42.95 -46.68
C UNK D 3450 -93.13 -44.14 -46.11
N UNK D 3451 -93.79 -45.29 -45.98
CA UNK D 3451 -93.11 -46.51 -45.64
C UNK D 3451 -92.16 -46.94 -46.76
N UNK D 3452 -92.55 -46.71 -48.02
CA UNK D 3452 -91.65 -46.98 -49.14
C UNK D 3452 -90.44 -46.05 -49.14
N UNK D 3453 -90.64 -44.77 -48.83
CA UNK D 3453 -89.53 -43.83 -48.80
C UNK D 3453 -88.65 -44.05 -47.57
N UNK D 3454 -89.24 -44.49 -46.46
CA UNK D 3454 -88.45 -44.89 -45.30
C UNK D 3454 -87.73 -46.20 -45.55
N UNK D 3455 -88.23 -47.01 -46.49
CA UNK D 3455 -87.50 -48.14 -47.02
C UNK D 3455 -86.63 -47.73 -48.20
N UNK D 3456 -85.86 -46.66 -47.99
CA UNK D 3456 -84.72 -46.31 -48.83
C UNK D 3456 -83.51 -47.10 -48.38
N UNK D 3457 -83.51 -48.39 -48.71
CA UNK D 3457 -82.59 -49.37 -48.19
C UNK D 3457 -81.24 -49.27 -48.91
N UNK D 3458 -80.43 -50.31 -48.80
CA UNK D 3458 -79.14 -50.47 -49.49
C UNK D 3458 -79.33 -50.33 -51.01
N UNK D 3459 -78.24 -50.11 -51.73
CA UNK D 3459 -78.23 -49.32 -52.97
C UNK D 3459 -79.00 -49.97 -54.11
N UNK D 3460 -80.34 -49.95 -54.04
CA UNK D 3460 -81.16 -50.29 -55.19
C UNK D 3460 -81.73 -49.02 -55.80
N UNK D 3461 -81.53 -48.86 -57.11
CA UNK D 3461 -81.89 -47.63 -57.82
C UNK D 3461 -83.34 -47.64 -58.30
N UNK D 3462 -84.18 -48.48 -57.71
CA UNK D 3462 -85.58 -48.58 -58.08
C UNK D 3462 -86.44 -47.56 -57.34
N UNK D 3463 -85.90 -46.91 -56.31
CA UNK D 3463 -86.65 -45.94 -55.55
C UNK D 3463 -86.91 -44.64 -56.30
N UNK D 3464 -86.03 -44.28 -57.23
CA UNK D 3464 -86.17 -43.05 -58.01
C UNK D 3464 -87.32 -43.11 -59.00
N UNK D 3465 -87.71 -44.29 -59.46
CA UNK D 3465 -88.84 -44.43 -60.35
C UNK D 3465 -90.13 -44.73 -59.60
N UNK D 3466 -90.07 -44.90 -58.28
CA UNK D 3466 -91.24 -45.25 -57.48
C UNK D 3466 -91.70 -44.10 -56.59
N UNK D 3467 -90.80 -43.56 -55.75
CA UNK D 3467 -91.17 -42.48 -54.86
C UNK D 3467 -91.47 -41.18 -55.60
N UNK D 3468 -90.66 -40.85 -56.62
CA UNK D 3468 -90.93 -39.69 -57.44
C UNK D 3468 -92.21 -39.82 -58.24
N UNK D 3469 -92.54 -41.04 -58.66
CA UNK D 3469 -93.82 -41.29 -59.33
C UNK D 3469 -95.01 -41.17 -58.41
N UNK D 3470 -94.92 -41.75 -57.21
CA UNK D 3470 -96.03 -41.69 -56.26
C UNK D 3470 -96.22 -40.28 -55.72
N UNK D 3471 -95.15 -39.49 -55.68
CA UNK D 3471 -95.27 -38.09 -55.27
C UNK D 3471 -95.95 -37.26 -56.33
N UNK D 3472 -95.51 -37.38 -57.59
CA UNK D 3472 -96.10 -36.60 -58.67
C UNK D 3472 -97.50 -37.05 -59.01
N UNK D 3473 -97.88 -38.29 -58.67
CA UNK D 3473 -99.26 -38.72 -58.84
C UNK D 3473 -100.19 -37.97 -57.88
N UNK D 3474 -99.82 -37.90 -56.61
CA UNK D 3474 -100.63 -37.19 -55.63
C UNK D 3474 -100.44 -35.68 -55.67
N UNK D 3475 -99.45 -35.20 -56.44
CA UNK D 3475 -99.19 -33.76 -56.58
C UNK D 3475 -100.41 -33.02 -57.13
N UNK D 3476 -100.84 -33.36 -58.34
CA UNK D 3476 -102.01 -32.73 -58.94
C UNK D 3476 -103.30 -33.09 -58.24
N UNK D 3477 -103.32 -34.19 -57.49
CA UNK D 3477 -104.49 -34.53 -56.69
C UNK D 3477 -104.65 -33.55 -55.53
N UNK D 3478 -103.61 -33.42 -54.70
CA UNK D 3478 -103.65 -32.52 -53.56
C UNK D 3478 -103.73 -31.06 -53.96
N UNK D 3479 -103.14 -30.70 -55.11
CA UNK D 3479 -103.22 -29.32 -55.59
C UNK D 3479 -104.64 -28.93 -55.95
N UNK D 3480 -105.38 -29.83 -56.60
CA UNK D 3480 -106.79 -29.58 -56.87
C UNK D 3480 -107.64 -29.71 -55.62
N UNK D 3481 -107.24 -30.54 -54.65
CA UNK D 3481 -108.02 -30.73 -53.44
C UNK D 3481 -107.97 -29.49 -52.54
N UNK D 3482 -106.79 -28.90 -52.42
CA UNK D 3482 -106.61 -27.75 -51.52
C UNK D 3482 -107.38 -26.52 -52.00
N UNK D 3483 -107.52 -26.33 -53.31
CA UNK D 3483 -108.23 -25.17 -53.83
C UNK D 3483 -109.70 -25.21 -53.49
N UNK D 3484 -110.33 -26.38 -53.58
CA UNK D 3484 -111.70 -26.53 -53.13
C UNK D 3484 -111.84 -26.54 -51.62
N UNK D 3485 -110.88 -27.13 -50.91
CA UNK D 3485 -110.96 -27.21 -49.47
C UNK D 3485 -110.73 -25.87 -48.77
N UNK D 3486 -110.02 -24.95 -49.42
CA UNK D 3486 -109.67 -23.69 -48.77
C UNK D 3486 -110.89 -22.77 -48.64
N UNK D 3487 -111.61 -22.57 -49.74
CA UNK D 3487 -112.79 -21.71 -49.71
C UNK D 3487 -113.93 -22.34 -48.92
N UNK D 3488 -113.95 -23.67 -48.80
CA UNK D 3488 -114.93 -24.30 -47.93
C UNK D 3488 -114.60 -24.07 -46.46
N UNK D 3489 -113.32 -24.17 -46.10
CA UNK D 3489 -112.93 -24.00 -44.71
C UNK D 3489 -112.98 -22.54 -44.29
N UNK D 3490 -112.60 -21.63 -45.19
CA UNK D 3490 -112.63 -20.21 -44.87
C UNK D 3490 -114.04 -19.68 -44.72
N UNK D 3491 -114.99 -20.16 -45.52
CA UNK D 3491 -116.38 -19.79 -45.35
C UNK D 3491 -116.99 -20.41 -44.10
N UNK D 3492 -116.55 -21.61 -43.73
CA UNK D 3492 -117.10 -22.28 -42.56
C UNK D 3492 -116.24 -22.02 -41.34
N UNK D 3493 -115.32 -21.06 -41.45
CA UNK D 3493 -114.42 -20.74 -40.34
C UNK D 3493 -115.19 -20.13 -39.18
N UNK D 3494 -116.18 -19.29 -39.46
CA UNK D 3494 -116.93 -18.63 -38.40
C UNK D 3494 -117.78 -19.62 -37.62
N UNK D 3495 -118.48 -20.52 -38.32
CA UNK D 3495 -119.31 -21.50 -37.63
C UNK D 3495 -118.47 -22.52 -36.88
N UNK D 3496 -117.36 -22.96 -37.46
CA UNK D 3496 -116.47 -23.89 -36.78
C UNK D 3496 -115.68 -23.23 -35.66
N UNK D 3497 -115.59 -21.90 -35.65
CA UNK D 3497 -114.92 -21.18 -34.58
C UNK D 3497 -115.89 -20.75 -33.49
N UNK D 3498 -117.19 -20.68 -33.78
CA UNK D 3498 -118.13 -20.22 -32.78
C UNK D 3498 -118.34 -21.26 -31.69
N UNK D 3499 -118.88 -22.42 -32.05
CA UNK D 3499 -119.06 -23.47 -31.05
C UNK D 3499 -118.40 -24.79 -31.44
N UNK D 3500 -118.76 -25.32 -32.62
CA UNK D 3500 -118.49 -26.71 -32.92
C UNK D 3500 -117.12 -26.90 -33.54
N UNK D 3501 -116.32 -27.78 -32.95
CA UNK D 3501 -114.97 -28.04 -33.45
C UNK D 3501 -114.66 -29.53 -33.48
N UNK D 3502 -115.62 -30.37 -33.04
CA UNK D 3502 -115.36 -31.80 -32.96
C UNK D 3502 -115.30 -32.45 -34.33
N UNK D 3503 -116.12 -31.98 -35.28
CA UNK D 3503 -115.97 -32.42 -36.66
C UNK D 3503 -114.68 -31.90 -37.26
N UNK D 3504 -114.25 -30.71 -36.84
CA UNK D 3504 -112.96 -30.16 -37.21
C UNK D 3504 -111.82 -30.73 -36.39
N UNK D 3505 -112.12 -31.39 -35.26
CA UNK D 3505 -111.06 -32.04 -34.50
C UNK D 3505 -110.46 -33.21 -35.26
N UNK D 3506 -111.30 -34.00 -35.93
CA UNK D 3506 -110.80 -35.06 -36.78
C UNK D 3506 -110.06 -34.51 -37.99
N UNK D 3507 -110.51 -33.36 -38.51
CA UNK D 3507 -109.83 -32.73 -39.64
C UNK D 3507 -108.45 -32.24 -39.25
N UNK D 3508 -108.33 -31.62 -38.07
CA UNK D 3508 -107.04 -31.20 -37.57
C UNK D 3508 -106.15 -32.39 -37.23
N UNK D 3509 -106.75 -33.50 -36.77
CA UNK D 3509 -105.97 -34.70 -36.49
C UNK D 3509 -105.46 -35.34 -37.77
N UNK D 3510 -106.23 -35.26 -38.85
CA UNK D 3510 -105.85 -35.86 -40.13
C UNK D 3510 -105.00 -34.92 -40.97
N UNK D 3511 -104.95 -33.63 -40.63
CA UNK D 3511 -104.18 -32.65 -41.38
C UNK D 3511 -102.69 -32.68 -41.00
N UNK D 3512 -102.06 -33.85 -41.05
CA UNK D 3512 -100.64 -34.00 -40.81
C UNK D 3512 -99.86 -34.18 -42.10
N UNK D 3513 -100.50 -33.95 -43.25
CA UNK D 3513 -99.87 -34.26 -44.53
C UNK D 3513 -98.77 -33.26 -44.87
N UNK D 3514 -98.91 -32.01 -44.42
CA UNK D 3514 -97.85 -31.05 -44.64
C UNK D 3514 -96.63 -31.35 -43.78
N UNK D 3515 -96.85 -31.77 -42.53
CA UNK D 3515 -95.75 -32.19 -41.67
C UNK D 3515 -95.12 -33.49 -42.16
N UNK D 3516 -95.91 -34.33 -42.83
CA UNK D 3516 -95.37 -35.57 -43.35
C UNK D 3516 -94.59 -35.36 -44.65
N UNK D 3517 -95.27 -34.94 -45.71
CA UNK D 3517 -94.69 -34.96 -47.05
C UNK D 3517 -93.81 -33.73 -47.30
N UNK D 3518 -94.41 -32.55 -47.32
CA UNK D 3518 -93.61 -31.36 -47.54
C UNK D 3518 -93.17 -30.70 -46.24
N UNK D 3519 -92.70 -31.48 -45.27
CA UNK D 3519 -91.81 -30.97 -44.24
C UNK D 3519 -90.58 -31.85 -44.19
N UNK D 3520 -90.81 -33.16 -44.12
CA UNK D 3520 -89.73 -34.13 -44.06
C UNK D 3520 -89.72 -34.95 -45.34
N UNK D 3521 -88.51 -35.25 -45.83
CA UNK D 3521 -88.28 -35.85 -47.16
C UNK D 3521 -88.99 -35.06 -48.24
N UNK D 3522 -88.84 -33.73 -48.18
CA UNK D 3522 -89.49 -32.83 -49.11
C UNK D 3522 -88.68 -32.58 -50.36
N UNK D 3523 -87.72 -33.46 -50.69
CA UNK D 3523 -87.09 -33.38 -51.99
C UNK D 3523 -87.99 -33.98 -53.06
N UNK D 3524 -88.55 -35.16 -52.80
CA UNK D 3524 -89.55 -35.75 -53.67
C UNK D 3524 -90.90 -35.04 -53.56
N UNK D 3525 -91.20 -34.48 -52.39
CA UNK D 3525 -92.35 -33.60 -52.27
C UNK D 3525 -92.08 -32.26 -52.95
N UNK D 3526 -90.81 -31.91 -53.14
CA UNK D 3526 -90.40 -30.74 -53.90
C UNK D 3526 -90.16 -31.09 -55.37
N UNK D 3527 -90.17 -32.37 -55.69
CA UNK D 3527 -90.23 -32.83 -57.08
C UNK D 3527 -91.62 -32.70 -57.66
N UNK D 3528 -92.63 -32.44 -56.81
CA UNK D 3528 -93.97 -32.07 -57.23
C UNK D 3528 -94.03 -30.69 -57.84
N UNK D 3529 -92.97 -29.88 -57.66
CA UNK D 3529 -92.90 -28.58 -58.32
C UNK D 3529 -92.77 -28.74 -59.83
N UNK D 3530 -92.26 -29.87 -60.32
CA UNK D 3530 -92.27 -30.13 -61.74
C UNK D 3530 -93.69 -30.34 -62.25
N UNK D 3531 -94.52 -31.06 -61.48
CA UNK D 3531 -95.92 -31.21 -61.83
C UNK D 3531 -96.66 -29.88 -61.74
N UNK D 3532 -96.30 -29.06 -60.75
CA UNK D 3532 -96.91 -27.74 -60.62
C UNK D 3532 -96.50 -26.79 -61.74
N UNK D 3533 -95.25 -26.90 -62.21
CA UNK D 3533 -94.77 -26.10 -63.33
C UNK D 3533 -95.33 -26.57 -64.65
N UNK D 3534 -95.57 -27.87 -64.80
CA UNK D 3534 -96.34 -28.37 -65.95
C UNK D 3534 -97.78 -27.87 -65.86
N UNK D 3535 -98.30 -27.72 -64.64
CA UNK D 3535 -99.61 -27.14 -64.44
C UNK D 3535 -99.57 -25.62 -64.62
N UNK D 3536 -91.92 -19.77 -54.65
CA UNK D 3536 -92.50 -19.40 -53.36
C UNK D 3536 -93.29 -20.56 -52.77
N UNK D 3537 -93.91 -20.31 -51.62
CA UNK D 3537 -94.77 -21.32 -51.01
C UNK D 3537 -96.04 -21.51 -51.82
N UNK D 3538 -96.40 -22.76 -52.05
CA UNK D 3538 -97.55 -23.06 -52.91
C UNK D 3538 -98.57 -23.83 -52.07
N UNK D 3539 -99.29 -23.09 -51.23
CA UNK D 3539 -100.55 -23.49 -50.59
C UNK D 3539 -100.43 -24.62 -49.57
N UNK D 3540 -99.25 -25.20 -49.40
CA UNK D 3540 -99.11 -26.30 -48.45
C UNK D 3540 -99.07 -25.77 -47.03
N UNK D 3541 -98.15 -24.86 -46.75
CA UNK D 3541 -98.14 -24.18 -45.46
C UNK D 3541 -99.29 -23.19 -45.33
N UNK D 3542 -99.73 -22.61 -46.45
CA UNK D 3542 -100.87 -21.70 -46.46
C UNK D 3542 -102.17 -22.40 -46.09
N UNK D 3543 -102.29 -23.70 -46.39
CA UNK D 3543 -103.39 -24.48 -45.84
C UNK D 3543 -103.24 -24.61 -44.33
N UNK D 3544 -102.03 -24.93 -43.86
CA UNK D 3544 -101.76 -24.93 -42.44
C UNK D 3544 -101.83 -23.53 -41.83
N UNK D 3545 -101.50 -22.49 -42.61
CA UNK D 3545 -101.71 -21.14 -42.13
C UNK D 3545 -103.19 -20.80 -42.03
N UNK D 3546 -104.02 -21.45 -42.85
CA UNK D 3546 -105.46 -21.28 -42.78
C UNK D 3546 -106.13 -22.27 -41.83
N UNK D 3547 -105.34 -23.12 -41.18
CA UNK D 3547 -105.91 -24.11 -40.28
C UNK D 3547 -105.34 -24.05 -38.86
N UNK D 3548 -104.22 -23.37 -38.65
CA UNK D 3548 -103.59 -23.36 -37.35
C UNK D 3548 -104.32 -22.50 -36.33
N UNK D 3549 -105.16 -21.57 -36.79
CA UNK D 3549 -105.87 -20.68 -35.87
C UNK D 3549 -106.88 -21.46 -35.02
N UNK D 3550 -107.77 -22.20 -35.68
CA UNK D 3550 -108.71 -23.04 -34.94
C UNK D 3550 -108.02 -24.22 -34.27
N UNK D 3551 -106.88 -24.64 -34.80
CA UNK D 3551 -106.12 -25.72 -34.16
C UNK D 3551 -105.55 -25.29 -32.83
N UNK D 3552 -104.89 -24.13 -32.80
CA UNK D 3552 -104.39 -23.55 -31.56
C UNK D 3552 -105.50 -23.04 -30.67
N UNK D 3553 -106.67 -22.73 -31.25
CA UNK D 3553 -107.83 -22.39 -30.45
C UNK D 3553 -108.29 -23.59 -29.63
N UNK D 3554 -108.22 -24.77 -30.22
CA UNK D 3554 -108.63 -26.01 -29.56
C UNK D 3554 -107.44 -26.79 -29.01
N UNK D 3555 -106.25 -26.20 -29.01
CA UNK D 3555 -105.07 -26.90 -28.52
C UNK D 3555 -105.10 -27.07 -27.01
N UNK D 3556 -105.32 -25.98 -26.28
CA UNK D 3556 -105.38 -26.02 -24.83
C UNK D 3556 -106.18 -24.82 -24.33
N UNK D 3557 -106.94 -25.06 -23.27
CA UNK D 3557 -107.37 -23.97 -22.39
C UNK D 3557 -106.14 -23.26 -21.85
N UNK D 3558 -106.21 -21.94 -21.82
CA UNK D 3558 -105.02 -21.10 -21.69
C UNK D 3558 -104.43 -21.16 -20.28
N UNK D 3559 -103.32 -20.45 -20.09
CA UNK D 3559 -102.54 -20.33 -18.85
C UNK D 3559 -101.89 -21.65 -18.42
N UNK D 3560 -101.89 -22.66 -19.29
CA UNK D 3560 -100.89 -23.71 -19.16
C UNK D 3560 -100.02 -23.73 -20.41
N UNK D 3561 -100.66 -24.02 -21.55
CA UNK D 3561 -100.22 -23.77 -22.92
C UNK D 3561 -98.99 -24.56 -23.37
N UNK D 3562 -98.22 -25.13 -22.43
CA UNK D 3562 -97.12 -26.09 -22.62
C UNK D 3562 -96.11 -25.71 -23.71
N UNK D 3563 -95.98 -24.42 -24.02
CA UNK D 3563 -95.47 -24.01 -25.33
C UNK D 3563 -93.97 -24.21 -25.47
N UNK D 3564 -93.18 -23.46 -24.71
CA UNK D 3564 -91.74 -23.66 -24.72
C UNK D 3564 -91.36 -24.94 -23.98
N UNK D 3565 -92.27 -25.44 -23.14
CA UNK D 3565 -92.06 -26.72 -22.47
C UNK D 3565 -92.01 -27.87 -23.47
N UNK D 3566 -92.76 -27.78 -24.56
CA UNK D 3566 -92.81 -28.85 -25.54
C UNK D 3566 -92.01 -28.55 -26.80
N UNK D 3567 -91.83 -27.26 -27.15
CA UNK D 3567 -91.18 -26.92 -28.41
C UNK D 3567 -89.69 -27.23 -28.38
N UNK D 3568 -89.07 -27.10 -27.20
CA UNK D 3568 -87.66 -27.43 -27.07
C UNK D 3568 -87.40 -28.93 -27.15
N UNK D 3569 -88.24 -29.74 -26.51
CA UNK D 3569 -88.08 -31.19 -26.59
C UNK D 3569 -88.40 -31.71 -27.99
N UNK D 3570 -89.34 -31.07 -28.68
CA UNK D 3570 -89.65 -31.44 -30.05
C UNK D 3570 -88.60 -30.93 -31.04
N UNK D 3571 -87.88 -29.85 -30.71
CA UNK D 3571 -86.78 -29.41 -31.54
C UNK D 3571 -85.57 -30.33 -31.44
N UNK D 3572 -85.49 -31.13 -30.38
CA UNK D 3572 -84.42 -32.10 -30.21
C UNK D 3572 -84.68 -33.42 -30.93
N UNK D 3573 -85.70 -33.45 -31.81
CA UNK D 3573 -86.07 -34.60 -32.65
C UNK D 3573 -86.43 -35.82 -31.81
N UNK D 3574 -87.06 -35.57 -30.65
CA UNK D 3574 -87.59 -36.64 -29.81
C UNK D 3574 -88.82 -37.23 -30.50
N UNK D 3575 -88.98 -38.54 -30.36
CA UNK D 3575 -90.10 -39.25 -30.98
C UNK D 3575 -91.42 -38.87 -30.36
N UNK D 3576 -92.52 -39.12 -31.06
CA UNK D 3576 -93.86 -38.80 -30.59
C UNK D 3576 -94.27 -39.60 -29.36
N UNK D 3577 -93.97 -40.90 -29.32
CA UNK D 3577 -94.17 -41.66 -28.08
C UNK D 3577 -93.21 -41.20 -27.00
N UNK D 3578 -91.99 -40.80 -27.40
CA UNK D 3578 -91.07 -40.21 -26.45
C UNK D 3578 -91.53 -38.85 -25.98
N UNK D 3579 -92.20 -38.09 -26.85
CA UNK D 3579 -92.78 -36.81 -26.44
C UNK D 3579 -93.93 -37.02 -25.47
N UNK D 3580 -94.78 -38.02 -25.72
CA UNK D 3580 -95.84 -38.38 -24.80
C UNK D 3580 -95.31 -38.89 -23.47
N UNK D 3581 -94.22 -39.65 -23.49
CA UNK D 3581 -93.57 -40.09 -22.25
C UNK D 3581 -92.95 -38.92 -21.49
N UNK D 3582 -92.38 -37.95 -22.20
CA UNK D 3582 -91.85 -36.76 -21.54
C UNK D 3582 -92.97 -35.91 -20.94
N UNK D 3583 -94.11 -35.83 -21.63
CA UNK D 3583 -95.24 -35.07 -21.10
C UNK D 3583 -95.87 -35.76 -19.90
N UNK D 3584 -95.88 -37.09 -19.90
CA UNK D 3584 -96.45 -37.82 -18.77
C UNK D 3584 -95.49 -37.83 -17.58
N UNK D 3585 -94.28 -38.35 -17.77
CA UNK D 3585 -93.29 -38.49 -16.71
C UNK D 3585 -92.73 -37.15 -16.26
N UNK D 3586 -92.80 -36.12 -17.10
CA UNK D 3586 -92.51 -34.76 -16.68
C UNK D 3586 -93.76 -34.05 -16.23
N UNK D 3587 -93.91 -33.81 -14.93
CA UNK D 3587 -95.14 -33.30 -14.34
C UNK D 3587 -95.48 -31.91 -14.86
N UNK D 3588 -96.75 -31.69 -15.18
CA UNK D 3588 -97.19 -30.42 -15.73
C UNK D 3588 -97.26 -29.41 -14.61
N UNK D 3589 -97.34 -28.13 -15.00
CA UNK D 3589 -97.41 -27.05 -14.04
C UNK D 3589 -98.20 -25.91 -14.65
N UNK D 3590 -99.09 -25.33 -13.86
CA UNK D 3590 -99.90 -24.19 -14.30
C UNK D 3590 -100.23 -23.34 -13.08
N UNK D 3591 -99.89 -22.05 -13.13
CA UNK D 3591 -100.11 -21.16 -12.00
C UNK D 3591 -100.93 -19.94 -12.42
N UNK D 3592 -101.02 -18.95 -11.54
CA UNK D 3592 -101.78 -17.74 -11.79
C UNK D 3592 -100.85 -16.63 -12.25
N UNK D 3593 -101.24 -15.92 -13.30
CA UNK D 3593 -100.45 -14.82 -13.81
C UNK D 3593 -101.33 -13.71 -14.38
N UNK D 3594 -100.72 -12.66 -14.92
CA UNK D 3594 -101.46 -11.59 -15.57
C UNK D 3594 -102.03 -11.99 -16.92
N UNK D 3595 -101.30 -12.77 -17.71
CA UNK D 3595 -101.81 -13.30 -18.96
C UNK D 3595 -102.88 -14.37 -18.74
N UNK D 3596 -102.94 -14.96 -17.55
CA UNK D 3596 -104.02 -15.87 -17.21
C UNK D 3596 -105.36 -15.17 -17.25
N UNK D 3597 -105.47 -14.04 -16.55
CA UNK D 3597 -106.68 -13.22 -16.61
C UNK D 3597 -106.93 -12.62 -17.99
N UNK D 3598 -105.87 -12.42 -18.77
CA UNK D 3598 -106.02 -11.95 -20.14
C UNK D 3598 -106.65 -13.00 -21.04
N UNK D 3599 -106.16 -14.23 -20.99
CA UNK D 3599 -106.55 -15.27 -21.95
C UNK D 3599 -107.47 -16.32 -21.34
N UNK D 3600 -107.02 -16.99 -20.29
CA UNK D 3600 -107.73 -18.15 -19.76
C UNK D 3600 -109.05 -17.80 -19.08
N UNK D 3601 -109.18 -16.57 -18.58
CA UNK D 3601 -110.46 -16.13 -18.02
C UNK D 3601 -111.55 -16.11 -19.09
N UNK D 3602 -111.19 -15.75 -20.31
CA UNK D 3602 -112.11 -15.87 -21.43
C UNK D 3602 -112.16 -17.29 -21.98
N UNK D 3603 -111.04 -18.00 -21.93
CA UNK D 3603 -110.94 -19.31 -22.58
C UNK D 3603 -111.74 -20.37 -21.84
N UNK D 3604 -111.59 -20.45 -20.52
CA UNK D 3604 -112.36 -21.40 -19.73
C UNK D 3604 -113.84 -21.09 -19.72
N UNK D 3605 -114.23 -19.82 -19.83
CA UNK D 3605 -115.62 -19.45 -19.95
C UNK D 3605 -116.21 -19.79 -21.30
N UNK D 3606 -115.49 -19.52 -22.40
CA UNK D 3606 -116.01 -19.79 -23.73
C UNK D 3606 -115.88 -21.24 -24.13
N UNK D 3607 -115.07 -22.02 -23.43
CA UNK D 3607 -115.01 -23.45 -23.66
C UNK D 3607 -116.31 -24.08 -23.20
N UNK D 3608 -116.59 -23.94 -21.88
CA UNK D 3608 -117.77 -24.51 -21.22
C UNK D 3608 -117.89 -26.01 -21.47
N UNK D 3609 -116.75 -26.70 -21.45
CA UNK D 3609 -116.71 -28.10 -21.85
C UNK D 3609 -116.02 -28.95 -20.79
N UNK D 3610 -115.76 -30.22 -21.11
CA UNK D 3610 -115.13 -31.15 -20.19
C UNK D 3610 -113.61 -31.00 -20.24
N UNK D 3611 -112.92 -31.86 -19.48
CA UNK D 3611 -111.48 -31.82 -19.40
C UNK D 3611 -110.98 -33.21 -19.01
N UNK D 3612 -109.75 -33.52 -19.44
CA UNK D 3612 -109.11 -34.77 -19.09
C UNK D 3612 -107.62 -34.53 -18.92
N UNK D 3613 -106.91 -35.56 -18.49
CA UNK D 3613 -105.46 -35.48 -18.36
C UNK D 3613 -104.75 -36.21 -19.49
N UNK D 3614 -105.26 -37.38 -19.87
CA UNK D 3614 -104.69 -38.10 -21.01
C UNK D 3614 -105.07 -37.44 -22.33
N UNK D 3615 -106.30 -36.93 -22.45
CA UNK D 3615 -106.67 -36.17 -23.63
C UNK D 3615 -105.95 -34.84 -23.71
N UNK D 3616 -105.65 -34.22 -22.57
CA UNK D 3616 -104.79 -33.03 -22.58
C UNK D 3616 -103.39 -33.37 -23.05
N UNK D 3617 -102.89 -34.55 -22.69
CA UNK D 3617 -101.62 -35.02 -23.22
C UNK D 3617 -101.68 -35.28 -24.71
N UNK D 3618 -102.74 -35.94 -25.19
CA UNK D 3618 -102.84 -36.32 -26.59
C UNK D 3618 -103.03 -35.12 -27.51
N UNK D 3619 -103.92 -34.20 -27.13
CA UNK D 3619 -104.19 -33.04 -27.97
C UNK D 3619 -103.00 -32.09 -28.02
N UNK D 3620 -102.28 -31.95 -26.90
CA UNK D 3620 -101.09 -31.10 -26.91
C UNK D 3620 -99.94 -31.79 -27.62
N UNK D 3621 -99.86 -33.11 -27.53
CA UNK D 3621 -98.80 -33.84 -28.21
C UNK D 3621 -99.01 -33.86 -29.72
N UNK D 3622 -100.26 -33.87 -30.16
CA UNK D 3622 -100.54 -33.75 -31.58
C UNK D 3622 -100.18 -32.36 -32.10
N UNK D 3623 -100.43 -31.34 -31.28
CA UNK D 3623 -100.21 -29.96 -31.68
C UNK D 3623 -98.75 -29.55 -31.61
N UNK D 3624 -97.99 -30.03 -30.62
CA UNK D 3624 -96.69 -29.46 -30.31
C UNK D 3624 -95.64 -29.87 -31.34
N UNK D 3625 -95.64 -31.15 -31.71
CA UNK D 3625 -94.71 -31.63 -32.72
C UNK D 3625 -95.00 -31.04 -34.09
N UNK D 3626 -96.27 -30.90 -34.45
CA UNK D 3626 -96.63 -30.26 -35.71
C UNK D 3626 -96.27 -28.78 -35.67
N UNK D 3627 -96.37 -28.15 -34.50
CA UNK D 3627 -96.01 -26.74 -34.38
C UNK D 3627 -94.51 -26.54 -34.47
N UNK D 3628 -93.74 -27.47 -33.90
CA UNK D 3628 -92.28 -27.38 -34.00
C UNK D 3628 -91.82 -27.65 -35.42
N UNK D 3629 -92.48 -28.60 -36.11
CA UNK D 3629 -92.20 -28.84 -37.51
C UNK D 3629 -92.58 -27.65 -38.38
N UNK D 3630 -93.68 -26.98 -38.05
CA UNK D 3630 -94.09 -25.80 -38.79
C UNK D 3630 -93.15 -24.63 -38.53
N UNK D 3631 -92.65 -24.49 -37.31
CA UNK D 3631 -91.67 -23.46 -37.02
C UNK D 3631 -90.35 -23.73 -37.70
N UNK D 3632 -89.94 -25.00 -37.76
CA UNK D 3632 -88.71 -25.35 -38.46
C UNK D 3632 -88.86 -25.18 -39.96
N UNK D 3633 -90.05 -25.45 -40.50
CA UNK D 3633 -90.31 -25.29 -41.93
C UNK D 3633 -90.85 -23.91 -42.26
N UNK D 3634 -90.88 -23.01 -41.29
CA UNK D 3634 -91.27 -21.63 -41.50
C UNK D 3634 -90.13 -20.67 -41.22
N UNK D 3635 -89.50 -20.78 -40.05
CA UNK D 3635 -88.40 -19.88 -39.71
C UNK D 3635 -87.16 -20.16 -40.55
N UNK D 3636 -86.90 -21.42 -40.88
CA UNK D 3636 -85.84 -21.69 -41.84
C UNK D 3636 -86.32 -21.46 -43.27
N UNK D 3637 -87.63 -21.47 -43.50
CA UNK D 3637 -88.13 -21.00 -44.79
C UNK D 3637 -88.04 -19.49 -44.89
N UNK D 3638 -88.20 -18.79 -43.76
CA UNK D 3638 -88.03 -17.34 -43.73
C UNK D 3638 -86.59 -17.00 -43.37
N THR D 3639 -58.61 -25.36 -79.30
CA THR D 3639 -58.30 -25.80 -80.65
C THR D 3639 -57.78 -27.23 -80.65
N PRO D 3640 -58.13 -27.99 -81.68
CA PRO D 3640 -57.64 -29.37 -81.79
C PRO D 3640 -56.26 -29.39 -82.46
N LEU D 3641 -55.69 -30.59 -82.55
CA LEU D 3641 -54.33 -30.70 -83.09
C LEU D 3641 -54.33 -30.55 -84.61
N TYR D 3642 -55.38 -31.03 -85.28
CA TYR D 3642 -55.54 -30.81 -86.70
C TYR D 3642 -55.95 -29.36 -86.95
N ASN D 3643 -56.32 -29.05 -88.20
CA ASN D 3643 -56.65 -27.75 -88.79
C ASN D 3643 -55.71 -26.63 -88.33
N LEU D 3644 -54.43 -26.95 -88.27
CA LEU D 3644 -53.37 -26.12 -87.72
C LEU D 3644 -52.27 -26.00 -88.76
N PRO D 3645 -51.57 -24.86 -88.81
CA PRO D 3645 -50.42 -24.74 -89.71
C PRO D 3645 -49.32 -25.71 -89.34
N THR D 3646 -48.74 -26.34 -90.37
CA THR D 3646 -47.90 -27.51 -90.14
C THR D 3646 -46.51 -27.11 -89.66
N HIS D 3647 -45.91 -26.09 -90.27
CA HIS D 3647 -44.62 -25.58 -89.80
C HIS D 3647 -44.75 -24.98 -88.41
N ARG D 3648 -45.88 -24.34 -88.12
CA ARG D 3648 -46.15 -23.78 -86.81
C ARG D 3648 -46.31 -24.87 -85.77
N ALA D 3649 -47.05 -25.92 -86.13
CA ALA D 3649 -47.23 -27.07 -85.25
C ALA D 3649 -45.91 -27.81 -85.04
N CYS D 3650 -45.07 -27.85 -86.08
CA CYS D 3650 -43.78 -28.51 -85.96
C CYS D 3650 -42.86 -27.74 -85.04
N ASN D 3651 -42.86 -26.41 -85.13
CA ASN D 3651 -42.07 -25.60 -84.22
C ASN D 3651 -42.59 -25.69 -82.78
N MET D 3652 -43.91 -25.68 -82.61
CA MET D 3652 -44.53 -25.83 -81.30
C MET D 3652 -44.21 -27.18 -80.67
N PHE D 3653 -44.37 -28.27 -81.43
CA PHE D 3653 -44.04 -29.60 -80.94
C PHE D 3653 -42.55 -29.76 -80.72
N LEU D 3654 -41.74 -29.11 -81.56
CA LEU D 3654 -40.30 -29.12 -81.43
C LEU D 3654 -39.88 -28.52 -80.09
N GLU D 3655 -40.53 -27.43 -79.69
CA GLU D 3655 -40.35 -26.97 -78.33
C GLU D 3655 -40.99 -27.94 -77.34
N SER D 3656 -42.11 -28.56 -77.73
CA SER D 3656 -42.88 -29.43 -76.86
C SER D 3656 -42.36 -30.86 -76.84
N TYR D 3657 -41.08 -31.05 -77.12
CA TYR D 3657 -40.36 -32.30 -76.91
C TYR D 3657 -39.78 -32.41 -75.47
N LYS D 3658 -40.37 -31.66 -74.54
CA LYS D 3658 -39.67 -31.20 -73.34
C LYS D 3658 -39.36 -32.33 -72.37
N ALA D 3659 -40.33 -33.21 -72.10
CA ALA D 3659 -40.03 -34.30 -71.17
C ALA D 3659 -39.15 -35.36 -71.82
N ALA D 3660 -39.23 -35.49 -73.15
CA ALA D 3660 -38.33 -36.36 -73.87
C ALA D 3660 -37.04 -35.68 -74.25
N TRP D 3661 -36.74 -34.52 -73.66
CA TRP D 3661 -35.44 -33.90 -73.82
C TRP D 3661 -34.37 -34.68 -73.07
N ILE D 3662 -33.19 -34.07 -73.02
CA ILE D 3662 -31.98 -34.67 -72.48
C ILE D 3662 -31.92 -34.54 -70.97
N LEU D 3663 -33.02 -34.10 -70.35
CA LEU D 3663 -33.14 -34.01 -68.90
C LEU D 3663 -33.36 -35.38 -68.26
N THR D 3664 -32.47 -36.32 -68.56
CA THR D 3664 -32.43 -37.65 -67.98
C THR D 3664 -31.06 -37.86 -67.34
N GLU D 3665 -30.89 -38.99 -66.69
CA GLU D 3665 -29.61 -39.31 -66.06
C GLU D 3665 -28.63 -39.72 -67.14
N ASP D 3666 -27.65 -38.85 -67.40
CA ASP D 3666 -26.68 -39.14 -68.45
C ASP D 3666 -25.61 -40.10 -67.97
N HIS D 3667 -24.80 -39.65 -67.01
CA HIS D 3667 -23.77 -40.37 -66.26
C HIS D 3667 -22.54 -40.74 -67.11
N SER D 3668 -22.55 -40.47 -68.42
CA SER D 3668 -21.55 -41.05 -69.30
C SER D 3668 -20.18 -40.38 -69.21
N PHE D 3669 -20.11 -39.10 -68.89
CA PHE D 3669 -18.86 -38.36 -69.05
C PHE D 3669 -18.45 -37.64 -67.78
N GLU D 3670 -18.77 -38.20 -66.63
CA GLU D 3670 -18.34 -37.63 -65.35
C GLU D 3670 -17.15 -38.38 -64.77
N ASP D 3671 -17.28 -39.70 -64.63
CA ASP D 3671 -16.14 -40.48 -64.20
C ASP D 3671 -15.12 -40.62 -65.33
N ARG D 3672 -15.61 -41.05 -66.50
CA ARG D 3672 -14.78 -41.41 -67.63
C ARG D 3672 -13.91 -40.27 -68.12
N MET D 3673 -14.47 -39.06 -68.11
CA MET D 3673 -13.75 -37.91 -68.63
C MET D 3673 -12.67 -37.45 -67.65
N ILE D 3674 -12.74 -37.90 -66.41
CA ILE D 3674 -11.71 -37.57 -65.42
C ILE D 3674 -10.67 -38.67 -65.33
N ASP D 3675 -11.08 -39.92 -65.63
CA ASP D 3675 -10.21 -41.09 -65.54
C ASP D 3675 -8.96 -40.92 -66.38
N ASP D 3676 -9.16 -40.72 -67.67
CA ASP D 3676 -8.12 -40.47 -68.66
C ASP D 3676 -7.25 -39.25 -68.37
N LEU D 3677 -7.85 -38.12 -67.95
CA LEU D 3677 -7.08 -36.89 -67.74
C LEU D 3677 -6.04 -37.02 -66.65
N SER D 3678 -6.32 -37.85 -65.65
CA SER D 3678 -5.38 -38.16 -64.60
C SER D 3678 -4.57 -39.39 -64.97
N LYS D 3679 -5.11 -40.21 -65.87
CA LYS D 3679 -4.54 -41.54 -66.06
C LYS D 3679 -3.57 -41.56 -67.23
N ALA D 3680 -3.84 -40.76 -68.27
CA ALA D 3680 -2.99 -40.78 -69.46
C ALA D 3680 -1.62 -40.16 -69.20
N GLY D 3681 -1.45 -39.42 -68.10
CA GLY D 3681 -0.14 -38.93 -67.74
C GLY D 3681 0.81 -39.99 -67.21
N GLU D 3682 0.30 -41.21 -66.97
CA GLU D 3682 1.11 -42.32 -66.46
C GLU D 3682 1.53 -43.28 -67.57
N GLN D 3683 1.86 -42.76 -68.75
CA GLN D 3683 2.31 -43.61 -69.85
C GLN D 3683 3.73 -44.10 -69.60
N GLU D 3684 3.86 -45.41 -69.40
CA GLU D 3684 5.18 -45.99 -69.14
C GLU D 3684 6.02 -46.08 -70.41
N GLU D 3685 5.37 -46.09 -71.57
CA GLU D 3685 6.11 -46.04 -72.82
C GLU D 3685 6.76 -44.68 -73.02
N GLU D 3686 6.13 -43.63 -72.50
CA GLU D 3686 6.74 -42.29 -72.46
C GLU D 3686 7.50 -42.11 -71.15
N GLU D 3687 8.39 -43.06 -70.87
CA GLU D 3687 9.21 -43.01 -69.66
C GLU D 3687 10.53 -43.70 -70.00
N GLU D 3688 11.54 -42.90 -70.32
CA GLU D 3688 12.87 -43.42 -70.64
C GLU D 3688 13.89 -42.36 -70.23
N GLU D 3689 14.41 -42.50 -69.01
CA GLU D 3689 15.45 -41.64 -68.42
C GLU D 3689 15.02 -40.17 -68.42
N VAL D 3690 13.83 -39.92 -67.88
CA VAL D 3690 13.29 -38.56 -67.86
C VAL D 3690 13.96 -37.73 -66.78
N GLU D 3691 13.98 -38.25 -65.54
CA GLU D 3691 14.48 -37.57 -64.34
C GLU D 3691 13.80 -36.22 -64.12
N GLU D 3692 12.51 -36.14 -64.42
CA GLU D 3692 11.72 -34.93 -64.27
C GLU D 3692 10.25 -35.34 -64.17
N LYS D 3693 9.35 -34.36 -64.28
CA LYS D 3693 7.92 -34.63 -64.24
C LYS D 3693 7.19 -33.53 -65.00
N LYS D 3694 6.83 -33.80 -66.26
CA LYS D 3694 5.94 -32.91 -66.97
C LYS D 3694 4.53 -33.10 -66.40
N PRO D 3695 3.70 -32.06 -66.43
CA PRO D 3695 2.39 -32.16 -65.78
C PRO D 3695 1.42 -33.01 -66.58
N ASP D 3696 0.31 -33.35 -65.94
CA ASP D 3696 -0.71 -34.21 -66.49
C ASP D 3696 -1.44 -33.52 -67.64
N PRO D 3697 -2.21 -34.28 -68.42
CA PRO D 3697 -3.26 -33.64 -69.24
C PRO D 3697 -4.18 -32.79 -68.40
N LEU D 3698 -4.65 -33.37 -67.29
CA LEU D 3698 -5.47 -32.66 -66.33
C LEU D 3698 -4.72 -31.50 -65.71
N HIS D 3699 -3.44 -31.69 -65.42
CA HIS D 3699 -2.71 -30.64 -64.72
C HIS D 3699 -2.40 -29.47 -65.63
N GLN D 3700 -1.95 -29.74 -66.85
CA GLN D 3700 -1.75 -28.67 -67.83
C GLN D 3700 -3.07 -28.02 -68.22
N LEU D 3701 -4.17 -28.78 -68.14
CA LEU D 3701 -5.49 -28.20 -68.31
C LEU D 3701 -5.81 -27.20 -67.21
N VAL D 3702 -5.41 -27.52 -65.97
CA VAL D 3702 -5.51 -26.56 -64.88
C VAL D 3702 -4.58 -25.36 -65.12
N LEU D 3703 -3.39 -25.64 -65.65
CA LEU D 3703 -2.41 -24.60 -65.91
C LEU D 3703 -2.89 -23.60 -66.95
N HIS D 3704 -3.66 -24.08 -67.93
CA HIS D 3704 -4.27 -23.17 -68.89
C HIS D 3704 -5.30 -22.27 -68.21
N PHE D 3705 -6.04 -22.81 -67.26
CA PHE D 3705 -6.99 -22.01 -66.51
C PHE D 3705 -6.28 -20.99 -65.64
N SER D 3706 -5.17 -21.39 -65.05
CA SER D 3706 -4.39 -20.46 -64.25
C SER D 3706 -3.77 -19.37 -65.12
N ARG D 3707 -3.37 -19.73 -66.33
CA ARG D 3707 -2.78 -18.73 -67.21
C ARG D 3707 -3.82 -17.77 -67.74
N THR D 3708 -4.99 -18.27 -68.12
CA THR D 3708 -6.04 -17.37 -68.55
C THR D 3708 -6.64 -16.62 -67.37
N ALA D 3709 -6.44 -17.09 -66.14
CA ALA D 3709 -6.78 -16.32 -64.97
C ALA D 3709 -5.78 -15.22 -64.69
N LEU D 3710 -4.50 -15.47 -64.95
CA LEU D 3710 -3.46 -14.48 -64.72
C LEU D 3710 -3.31 -13.51 -65.87
N THR D 3711 -3.80 -13.87 -67.04
CA THR D 3711 -3.88 -12.95 -68.17
C THR D 3711 -5.00 -11.98 -67.84
N GLU D 3712 -4.67 -10.92 -67.09
CA GLU D 3712 -5.73 -10.15 -66.45
C GLU D 3712 -6.40 -9.21 -67.43
N LYS D 3713 -7.61 -8.82 -67.05
CA LYS D 3713 -8.34 -7.76 -67.72
C LYS D 3713 -9.14 -7.06 -66.63
N SER D 3714 -9.49 -5.80 -66.88
CA SER D 3714 -10.46 -5.12 -66.03
C SER D 3714 -11.79 -5.86 -66.01
N LYS D 3715 -12.24 -6.35 -67.15
CA LYS D 3715 -13.40 -7.21 -67.22
C LYS D 3715 -12.96 -8.67 -67.11
N LEU D 3716 -13.95 -9.56 -67.21
CA LEU D 3716 -13.72 -10.96 -67.50
C LEU D 3716 -14.97 -11.48 -68.17
N ASP D 3717 -14.79 -12.24 -69.23
CA ASP D 3717 -15.84 -12.45 -70.22
C ASP D 3717 -16.76 -13.59 -69.79
N GLU D 3718 -17.62 -14.01 -70.72
CA GLU D 3718 -18.51 -15.15 -70.51
C GLU D 3718 -17.73 -16.42 -70.23
N ASP D 3719 -16.99 -16.90 -71.23
CA ASP D 3719 -16.17 -18.11 -71.20
C ASP D 3719 -17.01 -19.31 -70.72
N TYR D 3720 -18.15 -19.44 -71.41
CA TYR D 3720 -19.13 -20.49 -71.16
C TYR D 3720 -18.50 -21.87 -71.23
N LEU D 3721 -17.56 -22.03 -72.16
CA LEU D 3721 -16.54 -23.07 -72.15
C LEU D 3721 -16.02 -23.36 -70.75
N TYR D 3722 -15.43 -22.36 -70.10
CA TYR D 3722 -14.80 -22.61 -68.82
C TYR D 3722 -15.83 -22.75 -67.71
N MET D 3723 -16.96 -22.05 -67.86
CA MET D 3723 -18.10 -22.32 -67.01
C MET D 3723 -18.51 -23.77 -67.06
N ALA D 3724 -18.57 -24.34 -68.26
CA ALA D 3724 -18.87 -25.75 -68.42
C ALA D 3724 -17.79 -26.61 -67.77
N TYR D 3725 -16.56 -26.11 -67.74
CA TYR D 3725 -15.48 -26.92 -67.18
C TYR D 3725 -15.48 -26.94 -65.69
N ALA D 3726 -15.76 -25.79 -65.07
CA ALA D 3726 -16.02 -25.75 -63.64
C ALA D 3726 -17.19 -26.63 -63.27
N ASP D 3727 -18.23 -26.68 -64.13
CA ASP D 3727 -19.35 -27.57 -63.89
C ASP D 3727 -18.96 -29.03 -63.99
N ILE D 3728 -18.17 -29.39 -65.01
CA ILE D 3728 -17.66 -30.75 -65.18
C ILE D 3728 -16.84 -31.16 -63.98
N MET D 3729 -16.01 -30.26 -63.49
CA MET D 3729 -15.14 -30.59 -62.36
C MET D 3729 -15.93 -30.67 -61.06
N ALA D 3730 -17.00 -29.88 -60.95
CA ALA D 3730 -17.87 -30.02 -59.78
C ALA D 3730 -18.62 -31.33 -59.80
N LYS D 3731 -19.18 -31.69 -60.96
CA LYS D 3731 -19.88 -32.95 -61.13
C LYS D 3731 -18.97 -34.16 -61.03
N SER D 3732 -17.69 -34.00 -61.31
CA SER D 3732 -16.72 -35.06 -61.07
C SER D 3732 -16.57 -35.37 -59.60
N CYS D 3733 -16.39 -34.35 -58.75
CA CYS D 3733 -16.37 -34.56 -57.32
C CYS D 3733 -17.75 -34.94 -56.80
N HIS D 3734 -18.79 -34.44 -57.45
CA HIS D 3734 -20.15 -34.78 -57.08
C HIS D 3734 -20.54 -36.18 -57.46
N LEU D 3735 -19.79 -36.83 -58.36
CA LEU D 3735 -20.01 -38.25 -58.62
C LEU D 3735 -19.80 -39.09 -57.37
N GLU D 3736 -18.89 -38.68 -56.49
CA GLU D 3736 -18.81 -39.24 -55.17
C GLU D 3736 -19.79 -38.61 -54.19
N GLU D 3737 -20.00 -37.29 -54.27
CA GLU D 3737 -20.79 -36.62 -53.26
C GLU D 3737 -22.28 -36.89 -53.43
N GLY D 3738 -22.86 -36.43 -54.54
CA GLY D 3738 -24.21 -36.83 -54.88
C GLY D 3738 -24.24 -38.31 -55.23
N GLY D 3739 -25.37 -38.94 -54.95
CA GLY D 3739 -25.43 -40.38 -54.86
C GLY D 3739 -25.08 -40.91 -53.49
N GLU D 3740 -24.17 -40.25 -52.77
CA GLU D 3740 -23.92 -40.52 -51.36
C GLU D 3740 -24.40 -39.37 -50.48
N ASN D 3741 -24.71 -38.22 -51.06
CA ASN D 3741 -25.21 -37.08 -50.31
C ASN D 3741 -26.07 -36.20 -51.21
N GLU D 3747 -36.17 -45.93 -47.26
CA GLU D 3747 -36.41 -44.65 -46.62
C GLU D 3747 -35.40 -44.38 -45.52
N GLU D 3748 -35.32 -45.32 -44.58
CA GLU D 3748 -34.39 -45.23 -43.47
C GLU D 3748 -33.04 -45.77 -43.91
N VAL D 3749 -32.04 -44.88 -43.95
CA VAL D 3749 -30.68 -45.22 -44.36
C VAL D 3749 -29.85 -45.48 -43.11
N GLU D 3750 -29.31 -46.68 -42.99
CA GLU D 3750 -28.48 -47.05 -41.84
C GLU D 3750 -27.11 -47.45 -42.34
N VAL D 3751 -26.17 -46.51 -42.29
CA VAL D 3751 -24.77 -46.73 -42.65
C VAL D 3751 -24.12 -47.56 -41.55
N SER D 3752 -23.55 -48.70 -41.93
CA SER D 3752 -22.84 -49.52 -40.97
C SER D 3752 -21.51 -48.86 -40.59
N PHE D 3753 -20.90 -49.39 -39.53
CA PHE D 3753 -19.54 -48.96 -39.22
C PHE D 3753 -18.56 -49.43 -40.28
N GLU D 3754 -18.86 -50.53 -40.97
CA GLU D 3754 -18.05 -50.96 -42.09
C GLU D 3754 -18.16 -49.99 -43.26
N GLU D 3755 -19.36 -49.47 -43.51
CA GLU D 3755 -19.49 -48.47 -44.57
C GLU D 3755 -18.88 -47.15 -44.15
N LYS D 3756 -18.91 -46.87 -42.85
CA LYS D 3756 -18.20 -45.73 -42.29
C LYS D 3756 -16.71 -45.85 -42.54
N GLU D 3757 -16.16 -47.04 -42.26
CA GLU D 3757 -14.79 -47.41 -42.61
C GLU D 3757 -14.50 -47.20 -44.09
N MET D 3758 -15.43 -47.59 -44.95
CA MET D 3758 -15.18 -47.49 -46.39
C MET D 3758 -15.21 -46.08 -46.93
N GLU D 3759 -16.14 -45.25 -46.45
CA GLU D 3759 -16.37 -43.94 -47.04
C GLU D 3759 -15.34 -42.90 -46.61
N LYS D 3760 -14.42 -43.25 -45.71
CA LYS D 3760 -13.36 -42.32 -45.37
C LYS D 3760 -12.40 -42.15 -46.54
N GLN D 3761 -11.92 -43.26 -47.10
CA GLN D 3761 -11.27 -43.19 -48.39
C GLN D 3761 -12.36 -43.29 -49.44
N ARG D 3762 -12.02 -43.33 -50.74
CA ARG D 3762 -12.88 -43.26 -51.94
C ARG D 3762 -13.81 -42.04 -51.95
N LEU D 3763 -13.66 -41.13 -50.99
CA LEU D 3763 -14.25 -39.81 -50.95
C LEU D 3763 -13.22 -38.77 -50.61
N LEU D 3764 -12.27 -39.10 -49.75
CA LEU D 3764 -11.03 -38.37 -49.60
C LEU D 3764 -10.00 -38.80 -50.62
N TYR D 3765 -10.09 -40.04 -51.11
CA TYR D 3765 -9.26 -40.49 -52.22
C TYR D 3765 -9.50 -39.66 -53.47
N GLN D 3766 -10.75 -39.24 -53.68
CA GLN D 3766 -11.11 -38.31 -54.73
C GLN D 3766 -10.30 -37.03 -54.69
N GLN D 3767 -9.96 -36.57 -53.48
CA GLN D 3767 -9.30 -35.27 -53.33
C GLN D 3767 -7.84 -35.33 -53.75
N SER D 3768 -7.14 -36.41 -53.42
CA SER D 3768 -5.82 -36.54 -54.00
C SER D 3768 -5.88 -36.94 -55.46
N ARG D 3769 -6.92 -37.68 -55.85
CA ARG D 3769 -7.20 -37.92 -57.25
C ARG D 3769 -7.52 -36.61 -57.97
N LEU D 3770 -8.08 -35.64 -57.25
CA LEU D 3770 -8.29 -34.30 -57.76
C LEU D 3770 -6.98 -33.54 -58.03
N HIS D 3771 -5.83 -34.10 -57.65
CA HIS D 3771 -4.50 -33.53 -57.86
C HIS D 3771 -4.41 -32.17 -57.17
N THR D 3772 -4.41 -32.28 -55.84
CA THR D 3772 -4.17 -31.21 -54.88
C THR D 3772 -3.10 -30.23 -55.31
N ARG D 3773 -2.00 -30.72 -55.88
CA ARG D 3773 -0.96 -29.86 -56.43
C ARG D 3773 -1.48 -29.00 -57.58
N GLY D 3774 -2.38 -29.52 -58.40
CA GLY D 3774 -2.97 -28.70 -59.43
C GLY D 3774 -4.20 -27.98 -58.95
N ALA D 3775 -5.03 -28.69 -58.19
CA ALA D 3775 -6.41 -28.26 -57.98
C ALA D 3775 -6.55 -27.03 -57.08
N ALA D 3776 -5.59 -26.81 -56.17
CA ALA D 3776 -5.86 -25.95 -55.03
C ALA D 3776 -5.93 -24.46 -55.37
N GLU D 3777 -4.84 -23.88 -55.87
CA GLU D 3777 -4.63 -22.45 -55.77
C GLU D 3777 -5.48 -21.62 -56.70
N MET D 3778 -5.99 -22.20 -57.77
CA MET D 3778 -6.57 -21.36 -58.81
C MET D 3778 -8.00 -20.91 -58.51
N VAL D 3779 -8.74 -21.63 -57.64
CA VAL D 3779 -10.05 -21.12 -57.25
C VAL D 3779 -9.93 -19.87 -56.40
N LEU D 3780 -8.81 -19.72 -55.68
CA LEU D 3780 -8.48 -18.53 -54.93
C LEU D 3780 -8.25 -17.35 -55.85
N GLN D 3781 -7.43 -17.53 -56.88
CA GLN D 3781 -7.13 -16.43 -57.78
C GLN D 3781 -8.30 -16.14 -58.69
N MET D 3782 -9.21 -17.09 -58.87
CA MET D 3782 -10.44 -16.79 -59.60
C MET D 3782 -11.33 -15.84 -58.83
N ILE D 3783 -11.32 -15.94 -57.51
CA ILE D 3783 -12.10 -15.00 -56.71
C ILE D 3783 -11.34 -13.69 -56.54
N SER D 3784 -10.01 -13.77 -56.44
CA SER D 3784 -9.18 -12.57 -56.46
C SER D 3784 -9.21 -11.86 -57.82
N ALA D 3785 -9.72 -12.52 -58.85
CA ALA D 3785 -10.11 -11.92 -60.12
C ALA D 3785 -11.47 -11.22 -59.99
N CYS D 3786 -12.14 -11.02 -61.14
CA CYS D 3786 -13.33 -10.19 -61.34
C CYS D 3786 -14.35 -10.29 -60.20
N LYS D 3787 -14.71 -9.14 -59.67
CA LYS D 3787 -14.78 -8.97 -58.23
C LYS D 3787 -16.06 -8.32 -57.74
N GLY D 3788 -16.73 -7.55 -58.60
CA GLY D 3788 -17.89 -6.81 -58.16
C GLY D 3788 -19.19 -7.44 -58.62
N GLU D 3789 -19.13 -8.19 -59.70
CA GLU D 3789 -20.34 -8.73 -60.29
C GLU D 3789 -20.65 -10.12 -59.74
N THR D 3790 -21.94 -10.43 -59.70
CA THR D 3790 -22.42 -11.75 -59.31
C THR D 3790 -22.62 -12.62 -60.54
N GLY D 3791 -21.52 -12.85 -61.24
CA GLY D 3791 -21.56 -13.64 -62.45
C GLY D 3791 -21.84 -15.10 -62.14
N ALA D 3792 -22.47 -15.74 -63.13
CA ALA D 3792 -22.67 -17.18 -63.05
C ALA D 3792 -21.37 -17.95 -63.08
N MET D 3793 -20.33 -17.39 -63.70
CA MET D 3793 -18.97 -17.91 -63.54
C MET D 3793 -18.54 -17.92 -62.08
N VAL D 3794 -18.81 -16.82 -61.38
CA VAL D 3794 -18.41 -16.73 -59.98
C VAL D 3794 -19.25 -17.67 -59.13
N SER D 3795 -20.54 -17.78 -59.47
CA SER D 3795 -21.44 -18.75 -58.86
C SER D 3795 -20.93 -20.17 -59.04
N SER D 3796 -20.54 -20.52 -60.25
CA SER D 3796 -19.95 -21.81 -60.58
C SER D 3796 -18.66 -22.05 -59.85
N THR D 3797 -17.82 -21.03 -59.72
CA THR D 3797 -16.56 -21.08 -59.01
C THR D 3797 -16.74 -21.45 -57.56
N LEU D 3798 -17.75 -20.87 -56.91
CA LEU D 3798 -18.09 -21.30 -55.56
C LEU D 3798 -18.71 -22.69 -55.55
N LYS D 3799 -19.59 -22.98 -56.51
CA LYS D 3799 -20.13 -24.32 -56.64
C LYS D 3799 -19.06 -25.33 -56.98
N LEU D 3800 -18.00 -24.92 -57.68
CA LEU D 3800 -16.87 -25.81 -57.85
C LEU D 3800 -16.09 -25.95 -56.55
N GLY D 3801 -15.76 -24.84 -55.90
CA GLY D 3801 -14.92 -24.86 -54.71
C GLY D 3801 -15.52 -25.61 -53.54
N ILE D 3802 -16.85 -25.68 -53.46
CA ILE D 3802 -17.45 -26.53 -52.44
C ILE D 3802 -17.21 -27.99 -52.76
N SER D 3803 -17.29 -28.36 -54.04
CA SER D 3803 -16.92 -29.71 -54.46
C SER D 3803 -15.44 -29.99 -54.27
N ILE D 3804 -14.62 -28.95 -54.27
CA ILE D 3804 -13.20 -29.12 -54.00
C ILE D 3804 -12.97 -29.47 -52.54
N LEU D 3805 -13.22 -28.52 -51.64
CA LEU D 3805 -12.89 -28.72 -50.24
C LEU D 3805 -14.12 -29.10 -49.44
N ASN D 3806 -15.00 -29.88 -50.08
CA ASN D 3806 -16.24 -30.28 -49.43
C ASN D 3806 -15.96 -31.23 -48.27
N GLY D 3807 -14.97 -32.09 -48.44
CA GLY D 3807 -14.63 -33.02 -47.38
C GLY D 3807 -13.56 -32.51 -46.45
N GLY D 3808 -13.63 -31.25 -46.03
CA GLY D 3808 -12.66 -30.81 -45.06
C GLY D 3808 -11.41 -30.40 -45.79
N ASN D 3809 -10.53 -31.41 -45.93
CA ASN D 3809 -9.35 -31.37 -46.78
C ASN D 3809 -8.35 -30.36 -46.25
N ALA D 3810 -7.98 -30.56 -44.99
CA ALA D 3810 -7.02 -29.70 -44.30
C ALA D 3810 -5.64 -29.74 -44.95
N GLU D 3811 -5.33 -30.79 -45.70
CA GLU D 3811 -4.10 -30.81 -46.47
C GLU D 3811 -4.09 -29.70 -47.51
N VAL D 3812 -5.16 -29.59 -48.28
CA VAL D 3812 -5.19 -28.52 -49.27
C VAL D 3812 -5.51 -27.18 -48.64
N GLN D 3813 -6.12 -27.18 -47.45
CA GLN D 3813 -6.27 -25.94 -46.71
C GLN D 3813 -4.92 -25.42 -46.23
N GLN D 3814 -4.02 -26.33 -45.85
CA GLN D 3814 -2.65 -25.98 -45.54
C GLN D 3814 -1.98 -25.30 -46.71
N LYS D 3815 -2.01 -25.95 -47.88
CA LYS D 3815 -1.45 -25.42 -49.10
C LYS D 3815 -2.09 -24.10 -49.48
N MET D 3816 -3.38 -23.98 -49.24
CA MET D 3816 -4.15 -22.81 -49.62
C MET D 3816 -3.81 -21.60 -48.77
N LEU D 3817 -3.93 -21.74 -47.45
CA LEU D 3817 -3.54 -20.69 -46.52
C LEU D 3817 -2.08 -20.32 -46.68
N ASP D 3818 -1.25 -21.33 -46.94
CA ASP D 3818 0.14 -21.06 -47.25
C ASP D 3818 0.29 -20.27 -48.54
N TYR D 3819 -0.55 -20.53 -49.53
CA TYR D 3819 -0.45 -19.77 -50.76
C TYR D 3819 -0.98 -18.37 -50.59
N LEU D 3820 -1.99 -18.19 -49.73
CA LEU D 3820 -2.44 -16.87 -49.32
C LEU D 3820 -1.30 -16.08 -48.69
N LYS D 3821 -0.70 -16.65 -47.66
CA LYS D 3821 0.43 -16.04 -46.97
C LYS D 3821 1.73 -16.30 -47.68
N ASP D 3822 1.69 -16.68 -48.95
CA ASP D 3822 2.82 -16.76 -49.84
C ASP D 3822 2.77 -15.71 -50.93
N LYS D 3823 1.70 -15.73 -51.72
CA LYS D 3823 1.53 -14.75 -52.77
C LYS D 3823 1.28 -13.36 -52.21
N LYS D 3824 0.51 -13.27 -51.11
CA LYS D 3824 0.43 -12.10 -50.24
C LYS D 3824 -0.01 -10.84 -50.99
N GLU D 3825 -1.28 -10.81 -51.37
CA GLU D 3825 -1.80 -9.65 -52.05
C GLU D 3825 -3.23 -9.38 -51.61
N VAL D 3826 -3.63 -8.12 -51.72
CA VAL D 3826 -5.02 -7.74 -51.54
C VAL D 3826 -5.67 -7.80 -52.92
N GLY D 3827 -7.00 -7.83 -52.94
CA GLY D 3827 -7.76 -8.04 -54.15
C GLY D 3827 -8.65 -9.25 -54.11
N PHE D 3828 -8.54 -10.06 -53.06
CA PHE D 3828 -9.28 -11.30 -52.92
C PHE D 3828 -10.37 -11.20 -51.87
N PHE D 3829 -10.00 -10.86 -50.64
CA PHE D 3829 -11.01 -10.72 -49.59
C PHE D 3829 -11.83 -9.47 -49.80
N GLN D 3830 -11.24 -8.45 -50.41
CA GLN D 3830 -12.04 -7.29 -50.76
C GLN D 3830 -12.91 -7.56 -51.98
N SER D 3831 -12.50 -8.50 -52.84
CA SER D 3831 -13.44 -9.05 -53.82
C SER D 3831 -14.57 -9.80 -53.14
N ILE D 3832 -14.26 -10.53 -52.07
CA ILE D 3832 -15.24 -11.29 -51.33
C ILE D 3832 -16.28 -10.39 -50.69
N GLN D 3833 -15.82 -9.36 -49.97
CA GLN D 3833 -16.72 -8.54 -49.17
C GLN D 3833 -17.62 -7.67 -50.02
N ALA D 3834 -17.20 -7.32 -51.24
CA ALA D 3834 -18.08 -6.57 -52.14
C ALA D 3834 -19.23 -7.45 -52.60
N LEU D 3835 -18.95 -8.72 -52.85
CA LEU D 3835 -20.00 -9.65 -53.20
C LEU D 3835 -20.86 -9.97 -51.99
N MET D 3836 -20.29 -9.92 -50.79
CA MET D 3836 -21.09 -9.99 -49.58
C MET D 3836 -22.01 -8.79 -49.47
N GLN D 3837 -21.50 -7.60 -49.78
CA GLN D 3837 -22.36 -6.41 -49.90
C GLN D 3837 -23.40 -6.59 -50.97
N THR D 3838 -23.08 -7.35 -52.01
CA THR D 3838 -23.99 -7.56 -53.12
C THR D 3838 -24.76 -8.86 -52.90
N CYS D 3839 -25.66 -8.81 -51.92
CA CYS D 3839 -26.52 -9.95 -51.63
C CYS D 3839 -27.93 -9.47 -51.41
N SER D 3840 -28.88 -10.10 -52.09
CA SER D 3840 -30.28 -9.77 -51.92
C SER D 3840 -30.79 -10.29 -50.59
N VAL D 3841 -31.85 -9.67 -50.10
CA VAL D 3841 -32.58 -10.14 -48.94
C VAL D 3841 -34.04 -10.30 -49.34
N LEU D 3842 -34.86 -10.72 -48.38
CA LEU D 3842 -36.29 -10.79 -48.63
C LEU D 3842 -36.85 -9.37 -48.81
N ASP D 3843 -37.75 -9.23 -49.78
CA ASP D 3843 -38.22 -7.93 -50.21
C ASP D 3843 -39.75 -7.95 -50.20
N LEU D 3844 -40.35 -7.23 -49.26
CA LEU D 3844 -41.79 -7.23 -49.12
C LEU D 3844 -42.46 -6.57 -50.30
N ASN D 3845 -41.85 -5.51 -50.83
CA ASN D 3845 -42.43 -4.82 -51.97
C ASN D 3845 -42.36 -5.68 -53.22
N ALA D 3846 -41.24 -6.38 -53.41
CA ALA D 3846 -41.14 -7.32 -54.52
C ALA D 3846 -42.05 -8.51 -54.32
N PHE D 3847 -42.33 -8.86 -53.07
CA PHE D 3847 -43.36 -9.85 -52.82
C PHE D 3847 -44.73 -9.32 -53.17
N GLU D 3848 -44.98 -8.03 -52.95
CA GLU D 3848 -46.28 -7.48 -53.30
C GLU D 3848 -46.47 -7.38 -54.80
N ARG D 3849 -45.36 -7.32 -55.54
CA ARG D 3849 -45.44 -7.39 -56.99
C ARG D 3849 -45.87 -8.77 -57.43
N GLN D 3850 -45.22 -9.81 -56.94
CA GLN D 3850 -45.59 -11.17 -57.30
C GLN D 3850 -46.88 -11.61 -56.64
N ASN D 3851 -47.30 -10.94 -55.59
CA ASN D 3851 -48.59 -11.18 -54.98
C ASN D 3851 -49.71 -10.76 -55.92
N LYS D 3852 -49.63 -9.54 -56.45
CA LYS D 3852 -50.58 -9.09 -57.44
C LYS D 3852 -50.41 -9.81 -58.76
N ALA D 3853 -49.22 -10.32 -59.04
CA ALA D 3853 -49.03 -11.17 -60.22
C ALA D 3853 -49.76 -12.51 -60.05
N GLU D 3854 -49.71 -13.06 -58.84
CA GLU D 3854 -50.50 -14.25 -58.53
C GLU D 3854 -51.99 -13.96 -58.56
N GLY D 3855 -52.40 -12.78 -58.11
CA GLY D 3855 -53.77 -12.33 -58.27
C GLY D 3855 -54.18 -12.11 -59.71
N LEU D 3856 -53.23 -11.80 -60.58
CA LEU D 3856 -53.45 -11.69 -62.02
C LEU D 3856 -53.04 -12.96 -62.74
N GLY D 3857 -53.26 -14.11 -62.10
CA GLY D 3857 -52.97 -15.39 -62.72
C GLY D 3857 -54.03 -15.87 -63.68
N MET D 3858 -55.00 -14.99 -64.00
CA MET D 3858 -56.02 -15.25 -65.00
C MET D 3858 -55.63 -14.73 -66.37
N VAL D 3859 -54.34 -14.78 -66.71
CA VAL D 3859 -53.83 -14.30 -67.99
C VAL D 3859 -54.29 -15.21 -69.13
N ASN D 3860 -54.09 -14.76 -70.36
CA ASN D 3860 -54.65 -15.42 -71.53
C ASN D 3860 -53.91 -16.73 -71.84
N GLU D 3861 -54.28 -17.34 -72.97
CA GLU D 3861 -53.77 -18.65 -73.34
C GLU D 3861 -52.30 -18.57 -73.71
N ASP D 3862 -51.50 -19.47 -73.12
CA ASP D 3862 -50.04 -19.55 -73.28
C ASP D 3862 -49.35 -18.24 -72.90
N GLY D 3863 -49.89 -17.53 -71.90
CA GLY D 3863 -49.29 -16.30 -71.44
C GLY D 3863 -49.26 -16.18 -69.93
N THR D 3864 -49.90 -17.14 -69.25
CA THR D 3864 -49.90 -17.18 -67.79
C THR D 3864 -48.75 -17.99 -67.23
N VAL D 3865 -47.91 -18.56 -68.09
CA VAL D 3865 -46.82 -19.44 -67.67
C VAL D 3865 -45.47 -18.78 -67.86
N ILE D 3866 -45.44 -17.51 -68.26
CA ILE D 3866 -44.17 -16.79 -68.34
C ILE D 3866 -43.63 -16.52 -66.94
N ASN D 3867 -44.52 -16.39 -65.97
CA ASN D 3867 -44.18 -16.26 -64.56
C ASN D 3867 -44.92 -17.32 -63.75
N ARG D 3868 -44.89 -18.56 -64.26
CA ARG D 3868 -45.49 -19.67 -63.52
C ARG D 3868 -44.69 -19.98 -62.25
N GLN D 3869 -43.37 -20.09 -62.38
CA GLN D 3869 -42.50 -20.13 -61.22
C GLN D 3869 -41.93 -18.75 -60.93
N ASN D 3870 -41.14 -18.20 -61.87
CA ASN D 3870 -40.51 -16.88 -61.79
C ASN D 3870 -39.68 -16.70 -60.52
N GLY D 3871 -38.99 -17.76 -60.10
CA GLY D 3871 -38.31 -17.78 -58.81
C GLY D 3871 -37.04 -16.95 -58.73
N GLU D 3872 -36.69 -16.24 -59.80
CA GLU D 3872 -35.52 -15.37 -59.81
C GLU D 3872 -35.86 -13.96 -59.35
N LYS D 3873 -36.72 -13.82 -58.34
CA LYS D 3873 -37.28 -12.52 -58.00
C LYS D 3873 -36.95 -12.02 -56.60
N VAL D 3874 -37.37 -12.70 -55.54
CA VAL D 3874 -37.18 -12.17 -54.19
C VAL D 3874 -35.74 -12.35 -53.74
N MET D 3875 -35.24 -13.58 -53.80
CA MET D 3875 -33.84 -13.84 -53.51
C MET D 3875 -33.03 -14.01 -54.77
N ALA D 3876 -33.40 -15.00 -55.60
CA ALA D 3876 -32.57 -15.57 -56.67
C ALA D 3876 -31.18 -15.93 -56.14
N ASP D 3877 -31.14 -16.42 -54.90
CA ASP D 3877 -29.92 -16.31 -54.12
C ASP D 3877 -29.65 -17.56 -53.30
N ASP D 3878 -30.61 -18.48 -53.21
CA ASP D 3878 -30.44 -19.68 -52.40
C ASP D 3878 -29.42 -20.60 -53.02
N GLU D 3879 -29.43 -20.73 -54.34
CA GLU D 3879 -28.36 -21.42 -55.02
C GLU D 3879 -27.06 -20.64 -55.00
N PHE D 3880 -27.10 -19.36 -54.64
CA PHE D 3880 -25.91 -18.54 -54.58
C PHE D 3880 -25.42 -18.29 -53.16
N THR D 3881 -26.28 -17.79 -52.27
CA THR D 3881 -25.68 -17.30 -51.04
C THR D 3881 -25.66 -18.34 -49.92
N GLN D 3882 -26.55 -19.33 -49.92
CA GLN D 3882 -26.36 -20.42 -48.97
C GLN D 3882 -25.15 -21.25 -49.37
N ASP D 3883 -24.97 -21.45 -50.66
CA ASP D 3883 -23.72 -21.81 -51.28
C ASP D 3883 -22.55 -20.95 -50.80
N LEU D 3884 -22.74 -19.63 -50.73
CA LEU D 3884 -21.67 -18.73 -50.27
C LEU D 3884 -21.31 -18.98 -48.82
N PHE D 3885 -22.31 -19.01 -47.94
CA PHE D 3885 -22.05 -19.26 -46.53
C PHE D 3885 -21.51 -20.66 -46.26
N ARG D 3886 -21.96 -21.65 -47.01
CA ARG D 3886 -21.41 -22.99 -46.89
C ARG D 3886 -19.95 -23.01 -47.32
N PHE D 3887 -19.60 -22.27 -48.36
CA PHE D 3887 -18.22 -22.23 -48.81
C PHE D 3887 -17.35 -21.53 -47.78
N LEU D 3888 -17.81 -20.41 -47.25
CA LEU D 3888 -17.04 -19.67 -46.27
C LEU D 3888 -16.93 -20.42 -44.96
N GLN D 3889 -17.92 -21.27 -44.67
CA GLN D 3889 -17.83 -22.15 -43.51
C GLN D 3889 -16.83 -23.27 -43.74
N LEU D 3890 -16.87 -23.88 -44.94
CA LEU D 3890 -15.96 -24.95 -45.27
C LEU D 3890 -14.53 -24.47 -45.45
N LEU D 3891 -14.32 -23.16 -45.53
CA LEU D 3891 -12.99 -22.62 -45.30
C LEU D 3891 -12.46 -23.00 -43.93
N CYS D 3892 -13.28 -22.86 -42.90
CA CYS D 3892 -12.83 -22.93 -41.51
C CYS D 3892 -13.54 -24.02 -40.73
N GLU D 3893 -14.03 -25.05 -41.42
CA GLU D 3893 -14.62 -26.19 -40.72
C GLU D 3893 -13.57 -26.95 -39.93
N GLY D 3894 -12.43 -27.26 -40.56
CA GLY D 3894 -11.26 -27.64 -39.80
C GLY D 3894 -10.82 -26.48 -38.94
N HIS D 3895 -10.87 -26.70 -37.63
CA HIS D 3895 -10.66 -25.62 -36.67
C HIS D 3895 -9.19 -25.26 -36.66
N ASN D 3896 -8.83 -24.38 -37.58
CA ASN D 3896 -7.45 -24.19 -37.94
C ASN D 3896 -6.74 -23.32 -36.93
N ASN D 3897 -7.45 -22.30 -36.42
CA ASN D 3897 -7.11 -21.41 -35.31
C ASN D 3897 -5.99 -20.43 -35.69
N ASP D 3898 -5.51 -20.51 -36.91
CA ASP D 3898 -4.56 -19.54 -37.43
C ASP D 3898 -4.96 -19.00 -38.78
N PHE D 3899 -5.55 -19.85 -39.63
CA PHE D 3899 -6.44 -19.39 -40.70
C PHE D 3899 -7.57 -18.54 -40.15
N GLN D 3900 -8.08 -18.93 -38.99
CA GLN D 3900 -9.09 -18.14 -38.30
C GLN D 3900 -8.52 -16.79 -37.89
N ASN D 3901 -7.29 -16.78 -37.40
CA ASN D 3901 -6.64 -15.52 -37.05
C ASN D 3901 -6.30 -14.71 -38.29
N TYR D 3902 -6.06 -15.40 -39.39
CA TYR D 3902 -5.84 -14.76 -40.67
C TYR D 3902 -7.08 -14.07 -41.17
N LEU D 3903 -8.22 -14.71 -41.01
CA LEU D 3903 -9.50 -14.12 -41.38
C LEU D 3903 -9.88 -12.96 -40.47
N ARG D 3904 -9.54 -13.05 -39.19
CA ARG D 3904 -9.70 -11.89 -38.32
C ARG D 3904 -8.76 -10.76 -38.72
N THR D 3905 -7.49 -11.07 -38.94
CA THR D 3905 -6.53 -10.04 -39.27
C THR D 3905 -5.55 -10.55 -40.30
N GLN D 3906 -5.43 -9.78 -41.37
CA GLN D 3906 -4.71 -10.16 -42.56
C GLN D 3906 -3.36 -9.44 -42.52
N THR D 3907 -2.62 -9.69 -41.43
CA THR D 3907 -1.42 -8.92 -41.13
C THR D 3907 -0.25 -9.23 -42.05
N GLY D 3908 -0.29 -10.35 -42.75
CA GLY D 3908 0.71 -10.64 -43.76
C GLY D 3908 0.55 -9.68 -44.91
N ASN D 3909 -0.69 -9.28 -45.16
CA ASN D 3909 -0.97 -8.20 -46.09
C ASN D 3909 -0.89 -6.87 -45.35
N THR D 3910 -0.81 -5.79 -46.12
CA THR D 3910 -0.73 -4.45 -45.55
C THR D 3910 -2.04 -3.99 -44.93
N THR D 3911 -3.16 -4.64 -45.24
CA THR D 3911 -4.45 -4.22 -44.71
C THR D 3911 -5.02 -5.31 -43.84
N THR D 3912 -6.27 -5.13 -43.41
CA THR D 3912 -6.96 -6.12 -42.58
C THR D 3912 -8.45 -6.00 -42.84
N ILE D 3913 -9.07 -7.10 -43.21
CA ILE D 3913 -10.45 -7.11 -43.68
C ILE D 3913 -11.43 -7.46 -42.57
N ASN D 3914 -11.19 -8.59 -41.87
CA ASN D 3914 -11.99 -9.06 -40.73
C ASN D 3914 -13.46 -9.24 -41.13
N ILE D 3915 -13.67 -10.28 -41.92
CA ILE D 3915 -14.92 -10.48 -42.64
C ILE D 3915 -16.06 -10.81 -41.68
N ILE D 3916 -15.72 -11.18 -40.45
CA ILE D 3916 -16.71 -11.45 -39.41
C ILE D 3916 -17.55 -10.21 -39.12
N ILE D 3917 -16.93 -9.02 -39.26
CA ILE D 3917 -17.63 -7.75 -39.05
C ILE D 3917 -18.80 -7.60 -40.01
N CYS D 3918 -18.51 -7.62 -41.29
CA CYS D 3918 -19.54 -7.54 -42.31
C CYS D 3918 -20.40 -8.79 -42.39
N THR D 3919 -19.94 -9.91 -41.83
CA THR D 3919 -20.80 -11.08 -41.68
C THR D 3919 -21.94 -10.79 -40.72
N VAL D 3920 -21.58 -10.26 -39.55
CA VAL D 3920 -22.56 -9.76 -38.59
C VAL D 3920 -23.44 -8.71 -39.22
N ASP D 3921 -22.83 -7.83 -40.02
CA ASP D 3921 -23.60 -6.78 -40.68
C ASP D 3921 -24.59 -7.31 -41.71
N TYR D 3922 -24.19 -8.26 -42.54
CA TYR D 3922 -25.16 -8.80 -43.48
C TYR D 3922 -26.19 -9.66 -42.78
N LEU D 3923 -25.80 -10.32 -41.70
CA LEU D 3923 -26.77 -10.99 -40.86
C LEU D 3923 -27.80 -10.02 -40.29
N LEU D 3924 -27.35 -8.80 -39.96
CA LEU D 3924 -28.29 -7.75 -39.54
C LEU D 3924 -29.24 -7.37 -40.66
N ARG D 3925 -28.72 -7.22 -41.88
CA ARG D 3925 -29.54 -6.84 -43.02
C ARG D 3925 -30.53 -7.92 -43.37
N LEU D 3926 -30.15 -9.16 -43.18
CA LEU D 3926 -31.05 -10.29 -43.31
C LEU D 3926 -32.09 -10.30 -42.19
N GLN D 3927 -31.63 -10.03 -40.97
CA GLN D 3927 -32.46 -10.10 -39.78
C GLN D 3927 -33.59 -9.11 -39.86
N GLU D 3928 -33.27 -7.87 -40.20
CA GLU D 3928 -34.27 -6.82 -40.28
C GLU D 3928 -35.26 -7.09 -41.39
N SER D 3929 -34.77 -7.65 -42.50
CA SER D 3929 -35.61 -8.04 -43.62
C SER D 3929 -36.63 -9.09 -43.23
N ILE D 3930 -36.18 -10.15 -42.58
CA ILE D 3930 -37.09 -11.21 -42.15
C ILE D 3930 -37.98 -10.74 -41.01
N SER D 3931 -37.47 -9.83 -40.19
CA SER D 3931 -38.23 -9.28 -39.07
C SER D 3931 -39.42 -8.49 -39.57
N ASP D 3932 -39.19 -7.65 -40.56
CA ASP D 3932 -40.27 -6.91 -41.18
C ASP D 3932 -41.14 -7.79 -42.06
N PHE D 3933 -40.58 -8.87 -42.60
CA PHE D 3933 -41.39 -9.89 -43.29
C PHE D 3933 -42.42 -10.49 -42.37
N TYR D 3934 -42.04 -10.74 -41.11
CA TYR D 3934 -43.02 -11.17 -40.14
C TYR D 3934 -44.08 -10.11 -39.88
N TRP D 3935 -43.71 -8.83 -40.02
CA TRP D 3935 -44.71 -7.79 -39.85
C TRP D 3935 -45.72 -7.77 -40.97
N TYR D 3936 -45.42 -8.37 -42.11
CA TYR D 3936 -46.44 -8.51 -43.13
C TYR D 3936 -47.53 -9.47 -42.70
N TYR D 3937 -47.15 -10.66 -42.24
CA TYR D 3937 -48.11 -11.66 -41.83
C TYR D 3937 -48.51 -11.50 -40.38
N SER D 3938 -48.08 -10.42 -39.75
CA SER D 3938 -48.61 -10.06 -38.45
C SER D 3938 -50.08 -9.70 -38.52
N GLY D 3939 -50.55 -9.24 -39.67
CA GLY D 3939 -51.97 -8.99 -39.84
C GLY D 3939 -52.80 -10.25 -40.01
N LYS D 3940 -52.64 -10.91 -41.15
CA LYS D 3940 -53.50 -12.04 -41.47
C LYS D 3940 -52.89 -13.34 -40.96
N ASP D 3941 -53.75 -14.33 -40.78
CA ASP D 3941 -53.37 -15.61 -40.19
C ASP D 3941 -52.77 -16.59 -41.18
N VAL D 3942 -53.17 -16.54 -42.44
CA VAL D 3942 -52.78 -17.57 -43.39
C VAL D 3942 -51.52 -17.15 -44.12
N ILE D 3943 -50.67 -18.12 -44.43
CA ILE D 3943 -49.51 -17.94 -45.29
C ILE D 3943 -49.88 -18.60 -46.62
N GLU D 3944 -49.41 -18.05 -47.72
CA GLU D 3944 -49.59 -18.77 -48.96
C GLU D 3944 -48.64 -19.94 -49.03
N GLU D 3945 -48.94 -20.85 -49.97
CA GLU D 3945 -47.94 -21.84 -50.35
C GLU D 3945 -46.69 -21.15 -50.86
N GLN D 3946 -46.85 -20.08 -51.63
CA GLN D 3946 -45.70 -19.30 -52.06
C GLN D 3946 -45.05 -18.57 -50.88
N GLY D 3947 -45.87 -18.15 -49.92
CA GLY D 3947 -45.32 -17.52 -48.73
C GLY D 3947 -44.47 -18.47 -47.90
N LYS D 3948 -44.91 -19.71 -47.77
CA LYS D 3948 -44.09 -20.73 -47.14
C LYS D 3948 -42.91 -21.09 -48.02
N ARG D 3949 -43.09 -21.03 -49.35
CA ARG D 3949 -42.11 -21.49 -50.30
C ARG D 3949 -40.89 -20.58 -50.35
N ASN D 3950 -41.09 -19.28 -50.43
CA ASN D 3950 -40.00 -18.31 -50.47
C ASN D 3950 -39.37 -18.11 -49.10
N PHE D 3951 -39.97 -18.66 -48.06
CA PHE D 3951 -39.46 -18.37 -46.73
C PHE D 3951 -38.82 -19.59 -46.10
N SER D 3952 -39.19 -20.78 -46.58
CA SER D 3952 -38.39 -21.96 -46.29
C SER D 3952 -36.96 -21.78 -46.78
N LYS D 3953 -36.83 -21.15 -47.94
CA LYS D 3953 -35.53 -20.68 -48.44
C LYS D 3953 -34.84 -19.78 -47.43
N ALA D 3954 -35.55 -18.75 -46.97
CA ALA D 3954 -35.00 -17.77 -46.05
C ALA D 3954 -34.61 -18.37 -44.71
N MET D 3955 -35.31 -19.41 -44.29
CA MET D 3955 -34.97 -20.12 -43.06
C MET D 3955 -33.76 -21.03 -43.27
N SER D 3956 -33.74 -21.75 -44.38
CA SER D 3956 -32.63 -22.67 -44.65
C SER D 3956 -31.31 -21.95 -44.87
N VAL D 3957 -31.33 -20.75 -45.43
CA VAL D 3957 -30.08 -20.03 -45.63
C VAL D 3957 -29.57 -19.48 -44.31
N ALA D 3958 -30.46 -18.90 -43.51
CA ALA D 3958 -30.08 -18.36 -42.21
C ALA D 3958 -29.59 -19.46 -41.27
N LYS D 3959 -30.11 -20.67 -41.44
CA LYS D 3959 -29.52 -21.84 -40.81
C LYS D 3959 -28.03 -21.97 -41.16
N GLN D 3960 -27.71 -21.87 -42.46
CA GLN D 3960 -26.32 -21.95 -42.89
C GLN D 3960 -25.51 -20.78 -42.36
N VAL D 3961 -26.17 -19.63 -42.19
CA VAL D 3961 -25.52 -18.48 -41.59
C VAL D 3961 -25.12 -18.79 -40.15
N PHE D 3962 -26.05 -19.39 -39.37
CA PHE D 3962 -25.74 -19.87 -38.03
C PHE D 3962 -24.56 -20.82 -38.03
N ASN D 3963 -24.56 -21.75 -38.97
CA ASN D 3963 -23.55 -22.80 -38.97
C ASN D 3963 -22.16 -22.23 -39.25
N SER D 3964 -22.07 -21.35 -40.24
CA SER D 3964 -20.81 -20.65 -40.51
C SER D 3964 -20.37 -19.77 -39.35
N LEU D 3965 -21.29 -19.06 -38.71
CA LEU D 3965 -20.97 -18.25 -37.55
C LEU D 3965 -20.51 -19.06 -36.35
N THR D 3966 -21.04 -20.27 -36.18
CA THR D 3966 -20.49 -21.18 -35.17
C THR D 3966 -19.08 -21.57 -35.54
N GLU D 3967 -18.86 -21.94 -36.80
CA GLU D 3967 -17.54 -22.37 -37.23
C GLU D 3967 -16.51 -21.26 -37.23
N TYR D 3968 -16.94 -20.01 -37.08
CA TYR D 3968 -16.03 -18.92 -36.78
C TYR D 3968 -15.38 -19.07 -35.42
N ILE D 3969 -16.16 -19.48 -34.43
CA ILE D 3969 -15.73 -19.36 -33.04
C ILE D 3969 -15.40 -20.70 -32.42
N GLN D 3970 -15.84 -21.81 -33.00
CA GLN D 3970 -15.57 -23.11 -32.42
C GLN D 3970 -14.10 -23.46 -32.58
N GLY D 3971 -13.55 -24.17 -31.58
CA GLY D 3971 -12.12 -24.17 -31.40
C GLY D 3971 -11.74 -22.79 -30.93
N PRO D 3972 -12.02 -22.49 -29.62
CA PRO D 3972 -12.26 -21.10 -29.19
C PRO D 3972 -11.15 -20.09 -29.46
N CYS D 3973 -11.42 -19.23 -30.42
CA CYS D 3973 -10.50 -18.19 -30.84
C CYS D 3973 -10.79 -16.97 -30.01
N THR D 3974 -9.92 -16.70 -29.05
CA THR D 3974 -10.16 -15.69 -28.04
C THR D 3974 -10.19 -14.30 -28.62
N GLY D 3975 -9.39 -14.03 -29.66
CA GLY D 3975 -9.46 -12.75 -30.33
C GLY D 3975 -10.79 -12.53 -31.02
N ASN D 3976 -11.33 -13.59 -31.62
CA ASN D 3976 -12.66 -13.50 -32.22
C ASN D 3976 -13.73 -13.34 -31.16
N GLN D 3977 -13.55 -13.99 -30.02
CA GLN D 3977 -14.51 -13.83 -28.93
C GLN D 3977 -14.46 -12.43 -28.34
N GLN D 3978 -13.28 -11.82 -28.33
CA GLN D 3978 -13.17 -10.43 -27.90
C GLN D 3978 -13.72 -9.48 -28.93
N SER D 3979 -13.60 -9.82 -30.20
CA SER D 3979 -14.29 -9.08 -31.25
C SER D 3979 -15.79 -9.13 -31.07
N LEU D 3980 -16.30 -10.30 -30.73
CA LEU D 3980 -17.74 -10.43 -30.53
C LEU D 3980 -18.18 -9.86 -29.20
N ALA D 3981 -17.25 -9.70 -28.26
CA ALA D 3981 -17.53 -8.94 -27.06
C ALA D 3981 -17.85 -7.50 -27.41
N HIS D 3982 -17.06 -6.90 -28.29
CA HIS D 3982 -17.26 -5.50 -28.65
C HIS D 3982 -18.23 -5.32 -29.80
N SER D 3983 -18.62 -6.39 -30.47
CA SER D 3983 -19.57 -6.27 -31.54
C SER D 3983 -20.97 -6.05 -30.98
N ARG D 3984 -21.81 -5.45 -31.81
CA ARG D 3984 -23.22 -5.28 -31.49
C ARG D 3984 -24.06 -6.41 -32.08
N LEU D 3985 -23.38 -7.53 -32.31
CA LEU D 3985 -24.02 -8.84 -32.47
C LEU D 3985 -25.02 -9.12 -31.36
N TRP D 3986 -24.66 -8.75 -30.14
CA TRP D 3986 -25.51 -8.85 -28.98
C TRP D 3986 -26.88 -8.20 -29.20
N ASP D 3987 -26.91 -7.07 -29.91
CA ASP D 3987 -28.17 -6.50 -30.34
C ASP D 3987 -28.82 -7.37 -31.41
N ALA D 3988 -28.03 -7.87 -32.36
CA ALA D 3988 -28.55 -8.65 -33.47
C ALA D 3988 -29.19 -9.96 -33.05
N VAL D 3989 -28.82 -10.48 -31.88
CA VAL D 3989 -29.44 -11.69 -31.37
C VAL D 3989 -30.92 -11.45 -31.06
N VAL D 3990 -31.24 -10.26 -30.55
CA VAL D 3990 -32.45 -10.05 -29.77
C VAL D 3990 -33.68 -10.00 -30.67
N GLY D 3991 -33.53 -9.40 -31.85
CA GLY D 3991 -34.62 -9.30 -32.80
C GLY D 3991 -35.14 -10.65 -33.25
N PHE D 3992 -34.27 -11.64 -33.32
CA PHE D 3992 -34.72 -13.00 -33.59
C PHE D 3992 -35.65 -13.52 -32.52
N LEU D 3993 -35.28 -13.33 -31.25
CA LEU D 3993 -36.13 -13.74 -30.14
C LEU D 3993 -37.47 -13.05 -30.17
N HIS D 3994 -37.48 -11.74 -30.45
CA HIS D 3994 -38.74 -11.02 -30.49
C HIS D 3994 -39.61 -11.45 -31.66
N VAL D 3995 -39.00 -11.81 -32.80
CA VAL D 3995 -39.76 -12.37 -33.91
C VAL D 3995 -40.30 -13.74 -33.55
N PHE D 3996 -39.43 -14.59 -33.01
CA PHE D 3996 -39.71 -15.97 -32.64
C PHE D 3996 -40.86 -16.08 -31.68
N ALA D 3997 -40.89 -15.24 -30.64
CA ALA D 3997 -41.91 -15.29 -29.59
C ALA D 3997 -43.31 -15.12 -30.15
N HIS D 3998 -43.44 -14.30 -31.17
CA HIS D 3998 -44.71 -14.17 -31.86
C HIS D 3998 -44.90 -15.27 -32.89
N MET D 3999 -43.82 -15.67 -33.56
CA MET D 3999 -43.87 -16.80 -34.48
C MET D 3999 -44.19 -18.09 -33.75
N MET D 4000 -43.62 -18.28 -32.57
CA MET D 4000 -43.91 -19.44 -31.72
C MET D 4000 -45.38 -19.55 -31.40
N MET D 4001 -46.05 -18.43 -31.24
CA MET D 4001 -47.47 -18.51 -30.96
C MET D 4001 -48.27 -18.65 -32.24
N LYS D 4002 -47.94 -17.88 -33.28
CA LYS D 4002 -48.83 -17.83 -34.43
C LYS D 4002 -48.69 -19.06 -35.30
N LEU D 4003 -47.47 -19.61 -35.41
CA LEU D 4003 -47.25 -20.76 -36.26
C LEU D 4003 -47.73 -22.05 -35.63
N ALA D 4004 -47.96 -22.04 -34.32
CA ALA D 4004 -48.54 -23.19 -33.63
C ALA D 4004 -50.01 -23.38 -33.94
N GLN D 4005 -50.66 -22.37 -34.52
CA GLN D 4005 -52.10 -22.32 -34.66
C GLN D 4005 -52.60 -22.91 -35.95
N ASP D 4006 -51.84 -23.82 -36.57
CA ASP D 4006 -52.22 -24.35 -37.87
C ASP D 4006 -51.60 -25.72 -38.07
N SER D 4007 -52.44 -26.64 -38.52
CA SER D 4007 -52.03 -27.98 -38.91
C SER D 4007 -51.43 -28.04 -40.30
N SER D 4008 -51.39 -26.93 -41.02
CA SER D 4008 -50.67 -26.84 -42.28
C SER D 4008 -49.24 -26.36 -42.08
N GLN D 4009 -48.94 -25.79 -40.92
CA GLN D 4009 -47.65 -25.16 -40.67
C GLN D 4009 -46.76 -26.06 -39.82
N ILE D 4010 -47.00 -27.37 -39.90
CA ILE D 4010 -46.39 -28.31 -38.97
C ILE D 4010 -44.92 -28.51 -39.29
N GLU D 4011 -44.61 -28.93 -40.52
CA GLU D 4011 -43.23 -29.08 -40.93
C GLU D 4011 -42.49 -27.75 -40.99
N LEU D 4012 -43.21 -26.65 -41.21
CA LEU D 4012 -42.59 -25.33 -41.24
C LEU D 4012 -42.14 -24.92 -39.85
N LEU D 4013 -43.02 -25.09 -38.86
CA LEU D 4013 -42.64 -24.77 -37.50
C LEU D 4013 -41.65 -25.78 -36.94
N LYS D 4014 -41.69 -27.01 -37.44
CA LYS D 4014 -40.65 -27.99 -37.17
C LYS D 4014 -39.30 -27.53 -37.67
N GLU D 4015 -39.27 -26.96 -38.88
CA GLU D 4015 -38.05 -26.37 -39.41
C GLU D 4015 -37.62 -25.16 -38.58
N LEU D 4016 -38.59 -24.41 -38.06
CA LEU D 4016 -38.27 -23.30 -37.18
C LEU D 4016 -37.64 -23.78 -35.88
N LEU D 4017 -38.11 -24.92 -35.37
CA LEU D 4017 -37.47 -25.55 -34.22
C LEU D 4017 -36.03 -25.89 -34.50
N ASP D 4018 -35.76 -26.41 -35.70
CA ASP D 4018 -34.40 -26.71 -36.12
C ASP D 4018 -33.57 -25.45 -36.24
N LEU D 4019 -34.16 -24.40 -36.81
CA LEU D 4019 -33.48 -23.13 -37.00
C LEU D 4019 -33.10 -22.49 -35.68
N GLN D 4020 -34.04 -22.45 -34.75
CA GLN D 4020 -33.79 -21.82 -33.48
C GLN D 4020 -32.91 -22.69 -32.59
N LYS D 4021 -32.92 -24.01 -32.83
CA LYS D 4021 -31.93 -24.86 -32.18
C LYS D 4021 -30.53 -24.57 -32.70
N ASP D 4022 -30.40 -24.37 -34.01
CA ASP D 4022 -29.13 -23.95 -34.60
C ASP D 4022 -28.71 -22.58 -34.11
N MET D 4023 -29.67 -21.71 -33.81
CA MET D 4023 -29.37 -20.44 -33.17
C MET D 4023 -28.82 -20.64 -31.78
N VAL D 4024 -29.53 -21.42 -30.95
CA VAL D 4024 -29.18 -21.50 -29.55
C VAL D 4024 -27.92 -22.32 -29.32
N VAL D 4025 -27.55 -23.21 -30.24
CA VAL D 4025 -26.27 -23.90 -30.06
C VAL D 4025 -25.11 -22.97 -30.39
N MET D 4026 -25.34 -21.97 -31.26
CA MET D 4026 -24.37 -20.90 -31.39
C MET D 4026 -24.26 -20.13 -30.09
N LEU D 4027 -25.38 -19.96 -29.39
CA LEU D 4027 -25.35 -19.21 -28.14
C LEU D 4027 -24.65 -20.00 -27.06
N LEU D 4028 -24.78 -21.33 -27.12
CA LEU D 4028 -23.97 -22.22 -26.31
C LEU D 4028 -22.49 -22.07 -26.64
N SER D 4029 -22.17 -22.06 -27.92
CA SER D 4029 -20.83 -21.94 -28.45
C SER D 4029 -20.17 -20.61 -28.09
N LEU D 4030 -20.98 -19.59 -27.81
CA LEU D 4030 -20.46 -18.29 -27.40
C LEU D 4030 -19.67 -18.38 -26.11
N LEU D 4031 -20.06 -19.29 -25.22
CA LEU D 4031 -19.34 -19.43 -23.96
C LEU D 4031 -18.01 -20.13 -24.23
N GLU D 4032 -18.11 -21.39 -24.64
CA GLU D 4032 -17.02 -22.29 -25.00
C GLU D 4032 -15.90 -22.22 -23.97
N GLY D 4033 -16.32 -22.38 -22.72
CA GLY D 4033 -15.45 -22.07 -21.60
C GLY D 4033 -15.50 -20.59 -21.29
N ASN D 4034 -16.68 -20.08 -20.97
CA ASN D 4034 -16.81 -18.70 -20.54
C ASN D 4034 -16.27 -18.57 -19.13
N VAL D 4035 -15.50 -17.51 -18.88
CA VAL D 4035 -15.07 -17.23 -17.52
C VAL D 4035 -16.27 -16.57 -16.84
N VAL D 4036 -16.22 -16.46 -15.50
CA VAL D 4036 -17.37 -16.13 -14.67
C VAL D 4036 -17.96 -14.76 -14.96
N ASN D 4037 -17.14 -13.72 -15.11
CA ASN D 4037 -17.66 -12.36 -15.17
C ASN D 4037 -17.00 -11.56 -16.29
N GLY D 4038 -16.17 -12.21 -17.08
CA GLY D 4038 -15.38 -11.50 -18.07
C GLY D 4038 -16.15 -11.04 -19.29
N MET D 4039 -17.12 -10.13 -19.08
CA MET D 4039 -17.76 -9.29 -20.08
C MET D 4039 -18.68 -10.03 -21.03
N ILE D 4040 -18.70 -11.36 -21.00
CA ILE D 4040 -19.49 -12.15 -21.93
C ILE D 4040 -20.78 -12.62 -21.29
N ALA D 4041 -20.67 -13.38 -20.21
CA ALA D 4041 -21.83 -13.71 -19.38
C ALA D 4041 -22.44 -12.46 -18.80
N ARG D 4042 -21.63 -11.45 -18.53
CA ARG D 4042 -22.13 -10.17 -18.03
C ARG D 4042 -23.04 -9.47 -19.04
N GLN D 4043 -22.79 -9.68 -20.33
CA GLN D 4043 -23.68 -9.17 -21.36
C GLN D 4043 -24.78 -10.15 -21.71
N MET D 4044 -24.57 -11.43 -21.43
CA MET D 4044 -25.65 -12.39 -21.56
C MET D 4044 -26.75 -12.12 -20.56
N VAL D 4045 -26.36 -11.74 -19.34
CA VAL D 4045 -27.24 -11.13 -18.36
C VAL D 4045 -28.04 -10.01 -18.98
N ASP D 4046 -27.34 -9.12 -19.69
CA ASP D 4046 -27.97 -7.92 -20.23
C ASP D 4046 -29.00 -8.27 -21.29
N MET D 4047 -28.64 -9.14 -22.23
CA MET D 4047 -29.57 -9.48 -23.28
C MET D 4047 -30.70 -10.39 -22.79
N LEU D 4048 -30.48 -11.19 -21.75
CA LEU D 4048 -31.56 -12.02 -21.26
C LEU D 4048 -32.56 -11.21 -20.46
N VAL D 4049 -32.08 -10.27 -19.66
CA VAL D 4049 -32.96 -9.32 -19.01
C VAL D 4049 -33.65 -8.44 -20.05
N GLU D 4050 -32.95 -8.14 -21.14
CA GLU D 4050 -33.48 -7.34 -22.23
C GLU D 4050 -34.65 -8.01 -22.93
N SER D 4051 -34.43 -9.18 -23.52
CA SER D 4051 -35.45 -9.89 -24.27
C SER D 4051 -36.15 -10.90 -23.40
N SER D 4052 -36.12 -10.65 -22.09
CA SER D 4052 -36.66 -11.56 -21.11
C SER D 4052 -38.15 -11.79 -21.28
N SER D 4053 -38.88 -10.78 -21.74
CA SER D 4053 -40.32 -10.95 -21.92
C SER D 4053 -40.63 -11.89 -23.08
N ASN D 4054 -39.84 -11.81 -24.15
CA ASN D 4054 -39.88 -12.85 -25.16
C ASN D 4054 -39.46 -14.19 -24.57
N VAL D 4055 -38.41 -14.17 -23.74
CA VAL D 4055 -37.97 -15.38 -23.04
C VAL D 4055 -39.05 -15.85 -22.06
N GLU D 4056 -39.78 -14.90 -21.43
CA GLU D 4056 -40.95 -15.27 -20.63
C GLU D 4056 -41.97 -16.03 -21.44
N MET D 4057 -42.25 -15.55 -22.65
CA MET D 4057 -43.25 -16.17 -23.51
C MET D 4057 -42.77 -17.53 -24.02
N ILE D 4058 -41.48 -17.63 -24.28
CA ILE D 4058 -40.87 -18.86 -24.77
C ILE D 4058 -40.86 -19.93 -23.68
N LEU D 4059 -40.40 -19.56 -22.49
CA LEU D 4059 -40.44 -20.48 -21.36
C LEU D 4059 -41.86 -20.82 -20.96
N LYS D 4060 -42.78 -19.89 -21.17
CA LYS D 4060 -44.19 -20.11 -20.93
C LYS D 4060 -44.72 -21.21 -21.84
N PHE D 4061 -44.51 -21.03 -23.15
CA PHE D 4061 -44.74 -22.05 -24.17
C PHE D 4061 -44.13 -23.38 -23.80
N PHE D 4062 -42.89 -23.35 -23.31
CA PHE D 4062 -42.19 -24.57 -22.95
C PHE D 4062 -42.86 -25.27 -21.78
N ASP D 4063 -43.22 -24.50 -20.75
CA ASP D 4063 -43.63 -25.11 -19.50
C ASP D 4063 -45.07 -25.58 -19.58
N MET D 4064 -45.89 -24.91 -20.38
CA MET D 4064 -47.27 -25.37 -20.54
C MET D 4064 -47.33 -26.69 -21.29
N PHE D 4065 -46.35 -26.96 -22.13
CA PHE D 4065 -46.39 -28.10 -23.01
C PHE D 4065 -45.48 -29.22 -22.55
N LEU D 4066 -44.51 -28.93 -21.71
CA LEU D 4066 -43.78 -29.96 -21.00
C LEU D 4066 -44.69 -30.72 -20.05
N LYS D 4067 -45.54 -29.99 -19.33
CA LYS D 4067 -46.46 -30.65 -18.42
C LYS D 4067 -47.62 -31.28 -19.14
N LEU D 4068 -47.78 -31.04 -20.44
CA LEU D 4068 -48.91 -31.56 -21.20
C LEU D 4068 -48.92 -33.07 -21.27
N LYS D 4069 -47.76 -33.69 -21.46
CA LYS D 4069 -47.69 -35.15 -21.49
C LYS D 4069 -47.92 -35.73 -20.09
N ASP D 4070 -47.76 -34.91 -19.06
CA ASP D 4070 -48.13 -35.34 -17.73
C ASP D 4070 -49.61 -35.15 -17.49
N ILE D 4071 -50.18 -34.10 -18.06
CA ILE D 4071 -51.60 -33.81 -17.91
C ILE D 4071 -52.42 -34.84 -18.67
N VAL D 4072 -52.07 -35.12 -19.92
CA VAL D 4072 -52.53 -36.38 -20.47
C VAL D 4072 -51.41 -37.38 -20.19
N GLY D 4073 -51.27 -37.72 -18.91
CA GLY D 4073 -50.58 -38.87 -18.38
C GLY D 4073 -51.33 -39.16 -17.11
N SER D 4074 -52.42 -38.43 -16.94
CA SER D 4074 -53.19 -38.37 -15.70
C SER D 4074 -54.53 -39.06 -15.91
N GLU D 4075 -54.87 -39.91 -14.96
CA GLU D 4075 -56.13 -40.62 -15.05
C GLU D 4075 -57.33 -39.74 -14.73
N ALA D 4076 -57.11 -38.62 -14.05
CA ALA D 4076 -58.17 -37.63 -13.89
C ALA D 4076 -58.64 -37.08 -15.22
N PHE D 4077 -57.71 -36.90 -16.15
CA PHE D 4077 -58.06 -36.65 -17.54
C PHE D 4077 -58.78 -37.84 -18.15
N GLN D 4078 -58.45 -39.05 -17.73
CA GLN D 4078 -59.02 -40.25 -18.33
C GLN D 4078 -60.38 -40.61 -17.75
N ASP D 4079 -60.82 -39.92 -16.71
CA ASP D 4079 -62.05 -40.33 -16.02
C ASP D 4079 -63.28 -39.99 -16.84
N TYR D 4080 -63.47 -38.72 -17.11
CA TYR D 4080 -64.73 -38.17 -17.59
C TYR D 4080 -64.99 -38.47 -19.06
N VAL D 4081 -64.01 -39.01 -19.79
CA VAL D 4081 -64.20 -39.23 -21.23
C VAL D 4081 -65.00 -40.51 -21.45
N THR D 4082 -66.11 -40.39 -22.17
CA THR D 4082 -66.92 -41.53 -22.60
C THR D 4082 -66.80 -41.59 -24.12
N ASP D 4083 -65.72 -42.18 -24.60
CA ASP D 4083 -65.43 -42.32 -26.01
C ASP D 4083 -64.56 -43.54 -26.24
N PRO D 4084 -65.16 -44.70 -26.55
CA PRO D 4084 -64.37 -45.88 -26.89
C PRO D 4084 -63.65 -45.76 -28.22
N ARG D 4085 -64.03 -44.84 -29.09
CA ARG D 4085 -63.27 -44.59 -30.30
C ARG D 4085 -62.08 -43.66 -30.05
N GLY D 4086 -61.95 -43.13 -28.83
CA GLY D 4086 -60.80 -42.30 -28.49
C GLY D 4086 -60.89 -40.88 -28.97
N LEU D 4087 -61.98 -40.51 -29.62
CA LEU D 4087 -62.21 -39.15 -30.10
C LEU D 4087 -62.90 -38.40 -28.98
N ILE D 4088 -62.10 -37.96 -27.99
CA ILE D 4088 -62.62 -37.16 -26.89
C ILE D 4088 -63.12 -35.82 -27.42
N SER D 4089 -64.33 -35.46 -27.00
CA SER D 4089 -65.01 -34.29 -27.53
C SER D 4089 -64.39 -33.01 -26.97
N LYS D 4090 -64.93 -31.87 -27.38
CA LYS D 4090 -64.33 -30.62 -26.97
C LYS D 4090 -65.04 -30.01 -25.76
N LYS D 4091 -66.26 -30.44 -25.45
CA LYS D 4091 -66.99 -29.77 -24.36
C LYS D 4091 -66.64 -30.32 -22.99
N ASP D 4092 -66.51 -31.64 -22.88
CA ASP D 4092 -65.93 -32.21 -21.66
C ASP D 4092 -64.50 -31.75 -21.45
N PHE D 4093 -63.75 -31.67 -22.55
CA PHE D 4093 -62.46 -31.00 -22.59
C PHE D 4093 -62.56 -29.58 -22.04
N GLN D 4094 -63.55 -28.81 -22.50
CA GLN D 4094 -63.73 -27.43 -22.10
C GLN D 4094 -64.03 -27.28 -20.62
N LYS D 4095 -64.89 -28.15 -20.11
CA LYS D 4095 -65.18 -28.21 -18.68
C LYS D 4095 -63.94 -28.52 -17.86
N ALA D 4096 -63.31 -29.67 -18.12
CA ALA D 4096 -62.33 -30.23 -17.22
C ALA D 4096 -60.98 -29.54 -17.29
N MET D 4097 -60.79 -28.62 -18.24
CA MET D 4097 -59.60 -27.77 -18.20
C MET D 4097 -59.62 -26.82 -17.02
N ASP D 4098 -60.80 -26.44 -16.54
CA ASP D 4098 -60.90 -25.77 -15.25
C ASP D 4098 -60.74 -26.72 -14.08
N SER D 4099 -61.23 -27.95 -14.22
CA SER D 4099 -61.16 -28.93 -13.14
C SER D 4099 -59.73 -29.29 -12.80
N GLN D 4100 -58.91 -29.53 -13.82
CA GLN D 4100 -57.49 -29.63 -13.61
C GLN D 4100 -56.89 -28.23 -13.45
N LYS D 4101 -56.04 -28.08 -12.46
CA LYS D 4101 -55.60 -26.76 -12.01
C LYS D 4101 -54.34 -26.35 -12.75
N GLN D 4102 -53.67 -25.31 -12.23
CA GLN D 4102 -52.37 -24.77 -12.65
C GLN D 4102 -52.33 -24.36 -14.13
N PHE D 4103 -53.50 -24.05 -14.70
CA PHE D 4103 -53.58 -23.57 -16.07
C PHE D 4103 -54.27 -22.20 -16.07
N THR D 4104 -54.31 -21.58 -17.23
CA THR D 4104 -54.91 -20.26 -17.35
C THR D 4104 -55.82 -20.25 -18.58
N GLY D 4105 -56.88 -19.44 -18.48
CA GLY D 4105 -57.82 -19.18 -19.55
C GLY D 4105 -57.26 -18.93 -20.94
N PRO D 4106 -56.41 -17.91 -21.11
CA PRO D 4106 -55.80 -17.66 -22.43
C PRO D 4106 -54.91 -18.78 -22.91
N GLU D 4107 -54.25 -19.49 -22.01
CA GLU D 4107 -53.52 -20.69 -22.40
C GLU D 4107 -54.44 -21.70 -23.04
N ILE D 4108 -55.60 -21.94 -22.41
CA ILE D 4108 -56.56 -22.90 -22.94
C ILE D 4108 -57.17 -22.38 -24.23
N GLN D 4109 -57.33 -21.06 -24.35
CA GLN D 4109 -57.78 -20.47 -25.60
C GLN D 4109 -56.77 -20.71 -26.71
N PHE D 4110 -55.49 -20.59 -26.38
CA PHE D 4110 -54.44 -20.90 -27.33
C PHE D 4110 -54.39 -22.39 -27.65
N LEU D 4111 -54.73 -23.23 -26.67
CA LEU D 4111 -54.85 -24.67 -26.90
C LEU D 4111 -55.96 -24.98 -27.90
N LEU D 4112 -57.10 -24.31 -27.75
CA LEU D 4112 -58.20 -24.48 -28.68
C LEU D 4112 -57.86 -23.93 -30.05
N SER D 4113 -57.06 -22.86 -30.08
CA SER D 4113 -56.59 -22.30 -31.34
C SER D 4113 -55.66 -23.24 -32.07
N CYS D 4114 -54.79 -23.93 -31.33
CA CYS D 4114 -53.86 -24.85 -31.96
C CYS D 4114 -54.49 -26.19 -32.30
N SER D 4115 -55.47 -26.64 -31.52
CA SER D 4115 -56.09 -27.93 -31.73
C SER D 4115 -57.10 -27.86 -32.87
N GLU D 4116 -57.81 -28.97 -33.08
CA GLU D 4116 -58.72 -29.11 -34.20
C GLU D 4116 -60.13 -29.34 -33.68
N ALA D 4117 -61.11 -28.74 -34.34
CA ALA D 4117 -62.49 -28.83 -33.89
C ALA D 4117 -63.09 -30.18 -34.22
N ASP D 4118 -63.18 -30.49 -35.52
CA ASP D 4118 -63.87 -31.65 -36.09
C ASP D 4118 -65.32 -31.69 -35.60
N GLU D 4119 -65.91 -30.49 -35.54
CA GLU D 4119 -67.31 -30.25 -35.14
C GLU D 4119 -67.62 -30.77 -33.74
N ASN D 4120 -66.80 -30.34 -32.77
CA ASN D 4120 -67.00 -30.59 -31.33
C ASN D 4120 -66.95 -32.09 -31.01
N GLU D 4121 -66.01 -32.79 -31.63
CA GLU D 4121 -65.92 -34.23 -31.53
C GLU D 4121 -64.55 -34.74 -31.13
N MET D 4122 -63.48 -34.07 -31.56
CA MET D 4122 -62.14 -34.63 -31.43
C MET D 4122 -61.19 -33.63 -30.79
N ILE D 4123 -60.28 -34.17 -29.97
CA ILE D 4123 -59.15 -33.45 -29.44
C ILE D 4123 -57.83 -34.08 -29.85
N ASN D 4124 -57.75 -35.41 -29.77
CA ASN D 4124 -56.58 -36.24 -30.13
C ASN D 4124 -55.35 -35.79 -29.36
N PHE D 4125 -55.48 -35.98 -28.05
CA PHE D 4125 -54.43 -35.86 -27.05
C PHE D 4125 -53.09 -36.45 -27.50
N GLU D 4126 -53.11 -37.62 -28.14
CA GLU D 4126 -51.88 -38.35 -28.39
C GLU D 4126 -51.08 -37.69 -29.49
N GLU D 4127 -51.71 -37.42 -30.63
CA GLU D 4127 -51.05 -36.67 -31.69
C GLU D 4127 -50.74 -35.25 -31.24
N PHE D 4128 -51.59 -34.67 -30.40
CA PHE D 4128 -51.40 -33.30 -29.94
C PHE D 4128 -50.14 -33.18 -29.08
N ALA D 4129 -49.84 -34.22 -28.30
CA ALA D 4129 -48.59 -34.27 -27.57
C ALA D 4129 -47.42 -34.63 -28.47
N ASN D 4130 -47.53 -35.73 -29.21
CA ASN D 4130 -46.38 -36.27 -29.91
C ASN D 4130 -46.00 -35.47 -31.15
N ARG D 4131 -46.91 -34.60 -31.61
CA ARG D 4131 -46.53 -33.57 -32.56
C ARG D 4131 -45.55 -32.59 -31.96
N PHE D 4132 -45.82 -32.15 -30.75
CA PHE D 4132 -44.92 -31.27 -30.03
C PHE D 4132 -43.62 -31.97 -29.61
N GLN D 4133 -43.67 -33.31 -29.46
CA GLN D 4133 -42.68 -34.09 -28.72
C GLN D 4133 -41.23 -33.89 -29.16
N GLU D 4134 -40.89 -34.28 -30.39
CA GLU D 4134 -39.50 -34.66 -30.68
C GLU D 4134 -38.50 -33.50 -30.68
N PRO D 4135 -38.69 -32.38 -31.39
CA PRO D 4135 -37.64 -31.34 -31.36
C PRO D 4135 -37.64 -30.53 -30.08
N ALA D 4136 -38.70 -30.65 -29.28
CA ALA D 4136 -38.84 -29.87 -28.07
C ALA D 4136 -37.77 -30.25 -27.04
N ARG D 4137 -37.45 -31.55 -26.97
CA ARG D 4137 -36.38 -32.01 -26.10
C ARG D 4137 -35.05 -31.40 -26.49
N ASP D 4138 -34.81 -31.28 -27.79
CA ASP D 4138 -33.52 -30.82 -28.26
C ASP D 4138 -33.35 -29.33 -28.08
N ILE D 4139 -34.41 -28.57 -28.33
CA ILE D 4139 -34.32 -27.13 -28.08
C ILE D 4139 -34.29 -26.84 -26.58
N GLY D 4140 -35.06 -27.58 -25.78
CA GLY D 4140 -35.16 -27.26 -24.37
C GLY D 4140 -33.96 -27.73 -23.59
N PHE D 4141 -33.32 -28.81 -24.05
CA PHE D 4141 -32.03 -29.22 -23.52
C PHE D 4141 -31.02 -28.11 -23.65
N ASN D 4142 -30.92 -27.51 -24.85
CA ASN D 4142 -29.97 -26.44 -25.11
C ASN D 4142 -30.24 -25.22 -24.27
N VAL D 4143 -31.50 -24.80 -24.23
CA VAL D 4143 -31.89 -23.63 -23.44
C VAL D 4143 -31.62 -23.87 -21.95
N ALA D 4144 -32.00 -25.05 -21.46
CA ALA D 4144 -31.89 -25.33 -20.04
C ALA D 4144 -30.45 -25.47 -19.61
N VAL D 4145 -29.63 -26.15 -20.41
CA VAL D 4145 -28.23 -26.28 -20.03
C VAL D 4145 -27.48 -24.97 -20.26
N LEU D 4146 -27.99 -24.10 -21.14
CA LEU D 4146 -27.44 -22.77 -21.28
C LEU D 4146 -27.62 -21.99 -20.00
N LEU D 4147 -28.86 -21.94 -19.53
CA LEU D 4147 -29.17 -21.32 -18.24
C LEU D 4147 -28.40 -21.97 -17.11
N THR D 4148 -28.22 -23.29 -17.20
CA THR D 4148 -27.52 -24.04 -16.18
C THR D 4148 -26.07 -23.62 -16.08
N ASN D 4149 -25.36 -23.69 -17.19
CA ASN D 4149 -23.95 -23.35 -17.22
C ASN D 4149 -23.74 -21.89 -16.91
N LEU D 4150 -24.65 -21.00 -17.33
CA LEU D 4150 -24.54 -19.60 -16.95
C LEU D 4150 -24.71 -19.39 -15.46
N SER D 4151 -25.70 -20.04 -14.87
CA SER D 4151 -25.92 -19.97 -13.44
C SER D 4151 -24.73 -20.53 -12.69
N GLU D 4152 -24.09 -21.52 -13.26
CA GLU D 4152 -22.97 -22.17 -12.62
C GLU D 4152 -21.66 -21.45 -12.87
N HIS D 4153 -21.56 -20.65 -13.92
CA HIS D 4153 -20.44 -19.72 -14.03
C HIS D 4153 -20.58 -18.62 -13.00
N VAL D 4154 -21.67 -17.88 -13.09
CA VAL D 4154 -21.85 -16.76 -12.20
C VAL D 4154 -23.15 -16.93 -11.40
N PRO D 4155 -23.04 -17.36 -10.16
CA PRO D 4155 -24.17 -17.23 -9.24
C PRO D 4155 -24.29 -15.81 -8.70
N HIS D 4156 -25.20 -15.63 -7.74
CA HIS D 4156 -25.40 -14.38 -7.01
C HIS D 4156 -25.84 -13.26 -7.94
N ASP D 4157 -26.93 -13.51 -8.64
CA ASP D 4157 -27.70 -12.47 -9.32
C ASP D 4157 -29.16 -12.77 -9.07
N PRO D 4158 -29.89 -11.89 -8.38
CA PRO D 4158 -31.32 -12.15 -8.14
C PRO D 4158 -32.15 -12.12 -9.40
N ARG D 4159 -31.73 -11.34 -10.40
CA ARG D 4159 -32.36 -11.38 -11.71
C ARG D 4159 -32.20 -12.75 -12.34
N LEU D 4160 -31.02 -13.34 -12.21
CA LEU D 4160 -30.80 -14.72 -12.63
C LEU D 4160 -31.68 -15.69 -11.88
N ARG D 4161 -31.75 -15.56 -10.55
CA ARG D 4161 -32.65 -16.35 -9.72
C ARG D 4161 -34.10 -16.27 -10.18
N ASN D 4162 -34.51 -15.09 -10.62
CA ASN D 4162 -35.82 -14.92 -11.22
C ASN D 4162 -35.95 -15.71 -12.51
N PHE D 4163 -34.89 -15.81 -13.30
CA PHE D 4163 -34.95 -16.67 -14.46
C PHE D 4163 -35.01 -18.13 -14.05
N LEU D 4164 -34.31 -18.50 -12.99
CA LEU D 4164 -34.44 -19.84 -12.44
C LEU D 4164 -35.84 -20.06 -11.89
N GLU D 4165 -36.41 -19.01 -11.31
CA GLU D 4165 -37.78 -19.04 -10.83
C GLU D 4165 -38.76 -19.32 -11.96
N LEU D 4166 -38.50 -18.76 -13.13
CA LEU D 4166 -39.31 -19.12 -14.28
C LEU D 4166 -39.05 -20.55 -14.73
N ALA D 4167 -37.80 -20.86 -15.06
CA ALA D 4167 -37.45 -22.12 -15.71
C ALA D 4167 -37.17 -23.23 -14.73
N GLU D 4168 -37.80 -23.20 -13.55
CA GLU D 4168 -37.46 -24.17 -12.52
C GLU D 4168 -37.90 -25.59 -12.88
N SER D 4169 -39.18 -25.77 -13.25
CA SER D 4169 -39.72 -27.12 -13.42
C SER D 4169 -39.21 -27.80 -14.69
N ILE D 4170 -38.77 -27.01 -15.65
CA ILE D 4170 -38.34 -27.57 -16.93
C ILE D 4170 -37.01 -28.26 -16.76
N LEU D 4171 -36.08 -27.60 -16.07
CA LEU D 4171 -34.86 -28.24 -15.57
C LEU D 4171 -35.16 -29.41 -14.66
N GLU D 4172 -36.25 -29.34 -13.89
CA GLU D 4172 -36.63 -30.46 -13.04
C GLU D 4172 -37.00 -31.67 -13.87
N TYR D 4173 -37.58 -31.45 -15.05
CA TYR D 4173 -37.78 -32.56 -15.95
C TYR D 4173 -36.47 -33.05 -16.56
N PHE D 4174 -35.56 -32.14 -16.85
CA PHE D 4174 -34.40 -32.48 -17.66
C PHE D 4174 -33.27 -33.12 -16.89
N ARG D 4175 -33.22 -32.91 -15.58
CA ARG D 4175 -32.10 -33.39 -14.76
C ARG D 4175 -31.77 -34.90 -14.77
N PRO D 4176 -32.65 -35.84 -15.17
CA PRO D 4176 -32.11 -37.17 -15.48
C PRO D 4176 -31.48 -37.28 -16.85
N TYR D 4177 -31.55 -36.26 -17.68
CA TYR D 4177 -31.06 -36.38 -19.05
C TYR D 4177 -29.80 -35.61 -19.31
N LEU D 4178 -29.34 -34.80 -18.37
CA LEU D 4178 -28.10 -34.09 -18.53
C LEU D 4178 -26.96 -34.82 -17.84
N GLY D 4179 -25.83 -34.94 -18.55
CA GLY D 4179 -24.59 -35.29 -17.91
C GLY D 4179 -23.70 -34.07 -17.81
N ARG D 4180 -23.02 -33.96 -16.68
CA ARG D 4180 -21.99 -32.96 -16.48
C ARG D 4180 -20.64 -33.64 -16.60
N ILE D 4181 -19.69 -32.90 -17.16
CA ILE D 4181 -18.34 -33.45 -17.28
C ILE D 4181 -17.36 -32.30 -17.14
N GLU D 4182 -16.25 -32.54 -16.44
CA GLU D 4182 -15.22 -31.53 -16.27
C GLU D 4182 -13.88 -32.11 -16.66
N ILE D 4183 -13.03 -31.27 -17.23
CA ILE D 4183 -11.75 -31.68 -17.77
C ILE D 4183 -10.71 -30.66 -17.36
N MET D 4184 -9.45 -30.99 -17.62
CA MET D 4184 -8.38 -30.02 -17.62
C MET D 4184 -7.59 -30.28 -18.89
N GLY D 4185 -7.80 -29.45 -19.90
CA GLY D 4185 -7.08 -29.64 -21.13
C GLY D 4185 -6.89 -28.34 -21.88
N ALA D 4186 -5.66 -28.11 -22.35
CA ALA D 4186 -5.23 -26.99 -23.19
C ALA D 4186 -5.43 -25.62 -22.54
N SER D 4187 -5.74 -25.56 -21.25
CA SER D 4187 -5.97 -24.30 -20.58
C SER D 4187 -5.21 -24.25 -19.27
N ARG D 4188 -4.61 -25.38 -18.88
CA ARG D 4188 -4.09 -25.64 -17.54
C ARG D 4188 -5.16 -25.41 -16.47
N ARG D 4189 -6.43 -25.61 -16.82
CA ARG D 4189 -7.54 -25.22 -15.99
C ARG D 4189 -8.71 -26.17 -16.19
N ILE D 4190 -9.53 -26.28 -15.15
CA ILE D 4190 -10.67 -27.19 -15.15
C ILE D 4190 -11.85 -26.47 -15.79
N GLU D 4191 -12.46 -27.10 -16.78
CA GLU D 4191 -13.58 -26.59 -17.54
C GLU D 4191 -14.69 -27.62 -17.55
N ARG D 4192 -15.91 -27.19 -17.84
CA ARG D 4192 -17.07 -28.06 -17.74
C ARG D 4192 -17.86 -28.07 -19.03
N ILE D 4193 -18.08 -29.26 -19.55
CA ILE D 4193 -18.89 -29.48 -20.73
C ILE D 4193 -20.12 -30.26 -20.26
N TYR D 4194 -21.04 -30.54 -21.17
CA TYR D 4194 -22.28 -31.23 -20.89
C TYR D 4194 -22.69 -32.07 -22.07
N PHE D 4195 -23.74 -32.87 -21.87
CA PHE D 4195 -24.17 -33.84 -22.88
C PHE D 4195 -25.51 -34.43 -22.49
N GLU D 4196 -26.14 -35.07 -23.46
CA GLU D 4196 -27.45 -35.71 -23.33
C GLU D 4196 -27.30 -37.13 -22.82
N ILE D 4197 -28.42 -37.70 -22.38
CA ILE D 4197 -28.47 -39.06 -21.88
C ILE D 4197 -29.53 -39.84 -22.64
N SER D 4198 -29.10 -40.88 -23.35
CA SER D 4198 -30.04 -41.87 -23.85
C SER D 4198 -30.58 -42.69 -22.70
N GLU D 4199 -31.90 -42.67 -22.56
CA GLU D 4199 -32.55 -43.29 -21.41
C GLU D 4199 -32.46 -44.80 -21.49
N THR D 4200 -32.44 -45.34 -22.73
CA THR D 4200 -32.23 -46.76 -22.95
C THR D 4200 -30.94 -47.25 -22.33
N ASN D 4201 -29.84 -46.57 -22.64
CA ASN D 4201 -28.55 -46.98 -22.15
C ASN D 4201 -28.34 -46.53 -20.71
N ARG D 4202 -29.12 -45.54 -20.27
CA ARG D 4202 -29.18 -45.20 -18.85
C ARG D 4202 -29.76 -46.34 -18.03
N ALA D 4203 -30.81 -46.97 -18.55
CA ALA D 4203 -31.39 -48.12 -17.87
C ALA D 4203 -30.52 -49.35 -17.99
N GLN D 4204 -29.85 -49.50 -19.14
CA GLN D 4204 -28.84 -50.55 -19.30
C GLN D 4204 -27.67 -50.36 -18.35
N TRP D 4205 -27.30 -49.11 -18.08
CA TRP D 4205 -26.36 -48.79 -17.01
C TRP D 4205 -26.87 -49.29 -15.67
N GLU D 4206 -28.16 -49.24 -15.46
CA GLU D 4206 -28.77 -49.79 -14.25
C GLU D 4206 -29.08 -51.27 -14.43
N MET D 4207 -28.03 -52.05 -14.62
CA MET D 4207 -28.17 -53.49 -14.62
C MET D 4207 -27.20 -54.10 -13.63
N PRO D 4208 -27.68 -55.04 -12.82
CA PRO D 4208 -26.81 -55.66 -11.81
C PRO D 4208 -25.77 -56.56 -12.40
N GLN D 4209 -25.97 -57.06 -13.62
CA GLN D 4209 -24.87 -57.67 -14.35
C GLN D 4209 -23.78 -56.65 -14.61
N VAL D 4210 -24.18 -55.43 -14.94
CA VAL D 4210 -23.22 -54.36 -15.16
C VAL D 4210 -22.73 -53.81 -13.83
N LYS D 4211 -23.65 -53.59 -12.88
CA LYS D 4211 -23.31 -53.03 -11.58
C LYS D 4211 -22.38 -53.94 -10.81
N GLU D 4212 -22.59 -55.24 -10.89
CA GLU D 4212 -21.75 -56.18 -10.16
C GLU D 4212 -20.39 -56.34 -10.82
N SER D 4213 -20.36 -56.28 -12.15
CA SER D 4213 -19.09 -56.25 -12.86
C SER D 4213 -18.27 -55.03 -12.48
N LYS D 4214 -18.93 -53.86 -12.42
CA LYS D 4214 -18.30 -52.65 -11.92
C LYS D 4214 -17.82 -52.80 -10.49
N ARG D 4215 -18.65 -53.43 -9.66
CA ARG D 4215 -18.37 -53.59 -8.25
C ARG D 4215 -17.15 -54.46 -8.02
N GLN D 4216 -17.08 -55.60 -8.71
CA GLN D 4216 -15.91 -56.44 -8.67
C GLN D 4216 -14.69 -55.73 -9.22
N PHE D 4217 -14.87 -54.94 -10.28
CA PHE D 4217 -13.76 -54.19 -10.87
C PHE D 4217 -13.18 -53.19 -9.88
N ILE D 4218 -14.04 -52.45 -9.20
CA ILE D 4218 -13.61 -51.49 -8.20
C ILE D 4218 -12.96 -52.19 -7.02
N PHE D 4219 -13.49 -53.35 -6.65
CA PHE D 4219 -12.87 -54.21 -5.64
C PHE D 4219 -11.47 -54.62 -6.06
N ASP D 4220 -11.26 -54.89 -7.34
CA ASP D 4220 -9.98 -55.36 -7.81
C ASP D 4220 -8.97 -54.23 -7.93
N VAL D 4221 -9.40 -53.04 -8.33
CA VAL D 4221 -8.45 -52.00 -8.66
C VAL D 4221 -7.94 -51.22 -7.47
N VAL D 4222 -8.31 -51.62 -6.25
CA VAL D 4222 -7.65 -51.12 -5.05
C VAL D 4222 -7.01 -52.24 -4.27
N ASN D 4223 -7.45 -53.48 -4.47
CA ASN D 4223 -6.64 -54.62 -4.11
C ASN D 4223 -5.32 -54.59 -4.86
N GLU D 4224 -5.37 -54.24 -6.14
CA GLU D 4224 -4.21 -53.85 -6.93
C GLU D 4224 -4.44 -52.40 -7.32
N GLY D 4225 -3.95 -51.49 -6.50
CA GLY D 4225 -4.11 -50.08 -6.78
C GLY D 4225 -2.79 -49.36 -6.94
N GLY D 4226 -2.47 -48.94 -8.17
CA GLY D 4226 -1.18 -48.34 -8.41
C GLY D 4226 -1.15 -47.15 -9.36
N GLU D 4227 -0.21 -47.22 -10.32
CA GLU D 4227 0.11 -46.14 -11.25
C GLU D 4227 -1.02 -45.97 -12.26
N ALA D 4228 -0.94 -44.99 -13.16
CA ALA D 4228 -1.98 -44.48 -14.06
C ALA D 4228 -2.55 -45.53 -15.02
N GLU D 4229 -2.06 -46.77 -14.98
CA GLU D 4229 -2.92 -47.93 -15.17
C GLU D 4229 -4.24 -47.79 -14.45
N LYS D 4230 -4.20 -47.32 -13.20
CA LYS D 4230 -5.37 -47.04 -12.36
C LYS D 4230 -6.45 -46.22 -13.08
N MET D 4231 -6.03 -45.34 -13.99
CA MET D 4231 -6.97 -44.75 -14.93
C MET D 4231 -7.08 -45.53 -16.23
N GLU D 4232 -6.00 -46.14 -16.69
CA GLU D 4232 -5.92 -46.60 -18.08
C GLU D 4232 -6.69 -47.89 -18.29
N LEU D 4233 -6.42 -48.88 -17.44
CA LEU D 4233 -7.22 -50.10 -17.47
C LEU D 4233 -8.62 -49.84 -16.93
N PHE D 4234 -8.80 -48.80 -16.13
CA PHE D 4234 -10.14 -48.31 -15.87
C PHE D 4234 -10.80 -47.79 -17.14
N VAL D 4235 -10.05 -47.02 -17.93
CA VAL D 4235 -10.51 -46.63 -19.26
C VAL D 4235 -10.71 -47.85 -20.15
N SER D 4236 -9.89 -48.89 -19.99
CA SER D 4236 -10.13 -50.14 -20.70
C SER D 4236 -11.41 -50.82 -20.25
N PHE D 4237 -11.74 -50.76 -18.96
CA PHE D 4237 -12.99 -51.29 -18.46
C PHE D 4237 -14.17 -50.50 -18.99
N CYS D 4238 -13.96 -49.20 -19.17
CA CYS D 4238 -14.98 -48.39 -19.82
C CYS D 4238 -15.15 -48.80 -21.27
N GLU D 4239 -14.06 -49.09 -21.97
CA GLU D 4239 -14.17 -49.53 -23.36
C GLU D 4239 -14.72 -50.94 -23.47
N ASP D 4240 -14.46 -51.78 -22.47
CA ASP D 4240 -15.17 -53.03 -22.26
C ASP D 4240 -16.66 -52.81 -22.15
N THR D 4241 -17.06 -51.84 -21.33
CA THR D 4241 -18.45 -51.50 -21.14
C THR D 4241 -19.08 -50.97 -22.42
N ILE D 4242 -18.28 -50.29 -23.24
CA ILE D 4242 -18.70 -49.88 -24.57
C ILE D 4242 -19.07 -51.09 -25.41
N PHE D 4243 -18.18 -52.08 -25.47
CA PHE D 4243 -18.48 -53.28 -26.24
C PHE D 4243 -19.56 -54.11 -25.57
N GLU D 4244 -19.66 -54.04 -24.25
CA GLU D 4244 -20.73 -54.69 -23.52
C GLU D 4244 -22.09 -54.17 -23.93
N MET D 4245 -22.25 -52.84 -23.96
CA MET D 4245 -23.49 -52.24 -24.43
C MET D 4245 -23.68 -52.47 -25.92
N GLN D 4246 -22.57 -52.59 -26.66
CA GLN D 4246 -22.64 -52.85 -28.09
C GLN D 4246 -23.28 -54.19 -28.38
N ILE D 4247 -22.80 -55.24 -27.71
CA ILE D 4247 -23.42 -56.54 -27.91
C ILE D 4247 -24.76 -56.62 -27.21
N ALA D 4248 -24.97 -55.85 -26.14
CA ALA D 4248 -26.26 -55.77 -25.49
C ALA D 4248 -27.32 -55.16 -26.38
N ALA D 4249 -26.92 -54.34 -27.34
CA ALA D 4249 -27.84 -53.82 -28.33
C ALA D 4249 -28.34 -54.92 -29.25
N GLN D 4250 -27.44 -55.79 -29.70
CA GLN D 4250 -27.78 -56.74 -30.75
C GLN D 4250 -28.58 -57.92 -30.25
N ILE D 4251 -28.47 -58.25 -28.97
CA ILE D 4251 -29.15 -59.41 -28.41
C ILE D 4251 -30.62 -59.16 -28.15
N SER D 4252 -31.04 -57.91 -28.08
CA SER D 4252 -32.40 -57.58 -27.69
C SER D 4252 -33.37 -57.81 -28.84
N GLU D 4253 -34.65 -57.75 -28.52
CA GLU D 4253 -35.71 -57.94 -29.51
C GLU D 4253 -36.68 -56.75 -29.51
N PHE D 4540 -37.02 -73.36 -44.92
CA PHE D 4540 -36.94 -73.58 -46.36
C PHE D 4540 -35.52 -73.33 -46.85
N TRP D 4541 -35.39 -72.39 -47.78
CA TRP D 4541 -34.07 -71.98 -48.25
C TRP D 4541 -33.29 -71.23 -47.19
N GLY D 4542 -33.91 -70.22 -46.57
CA GLY D 4542 -33.27 -69.49 -45.51
C GLY D 4542 -34.17 -69.28 -44.31
N GLU D 4543 -35.46 -69.61 -44.47
CA GLU D 4543 -36.42 -69.43 -43.39
C GLU D 4543 -36.15 -70.35 -42.21
N LEU D 4544 -35.59 -71.54 -42.46
CA LEU D 4544 -35.16 -72.40 -41.37
C LEU D 4544 -34.02 -71.79 -40.59
N GLU D 4545 -33.09 -71.12 -41.27
CA GLU D 4545 -32.02 -70.42 -40.56
C GLU D 4545 -32.54 -69.19 -39.82
N VAL D 4546 -33.55 -68.53 -40.39
CA VAL D 4546 -34.22 -67.43 -39.69
C VAL D 4546 -34.86 -67.91 -38.39
N GLN D 4547 -35.56 -69.04 -38.46
CA GLN D 4547 -36.16 -69.65 -37.27
C GLN D 4547 -35.09 -70.11 -36.29
N ARG D 4548 -33.96 -70.59 -36.80
CA ARG D 4548 -32.84 -71.02 -35.97
C ARG D 4548 -32.26 -69.85 -35.18
N VAL D 4549 -31.98 -68.74 -35.84
CA VAL D 4549 -31.41 -67.58 -35.17
C VAL D 4549 -32.43 -66.95 -34.22
N LYS D 4550 -33.71 -66.96 -34.61
CA LYS D 4550 -34.76 -66.41 -33.75
C LYS D 4550 -34.93 -67.23 -32.48
N PHE D 4551 -34.90 -68.55 -32.59
CA PHE D 4551 -34.95 -69.38 -31.39
C PHE D 4551 -33.64 -69.31 -30.62
N LEU D 4552 -32.54 -69.03 -31.30
CA LEU D 4552 -31.26 -68.82 -30.64
C LEU D 4552 -31.28 -67.57 -29.76
N ASN D 4553 -31.99 -66.53 -30.20
CA ASN D 4553 -32.25 -65.39 -29.34
C ASN D 4553 -33.01 -65.76 -28.08
N TYR D 4554 -34.05 -66.59 -28.21
CA TYR D 4554 -34.80 -67.05 -27.06
C TYR D 4554 -33.96 -67.92 -26.15
N LEU D 4555 -33.06 -68.70 -26.75
CA LEU D 4555 -32.12 -69.51 -26.00
C LEU D 4555 -31.19 -68.65 -25.17
N SER D 4556 -30.48 -67.73 -25.80
CA SER D 4556 -29.48 -66.95 -25.10
C SER D 4556 -30.06 -65.80 -24.31
N ARG D 4557 -31.37 -65.56 -24.39
CA ARG D 4557 -32.00 -64.47 -23.65
C ARG D 4557 -31.96 -64.72 -22.15
N ASN D 4558 -32.30 -65.93 -21.71
CA ASN D 4558 -32.42 -66.27 -20.30
C ASN D 4558 -31.41 -67.37 -19.96
N PHE D 4559 -30.16 -66.96 -19.82
CA PHE D 4559 -29.09 -67.94 -19.69
C PHE D 4559 -28.87 -68.35 -18.25
N TYR D 4560 -28.85 -67.38 -17.34
CA TYR D 4560 -28.67 -67.72 -15.93
C TYR D 4560 -29.93 -68.36 -15.36
N THR D 4561 -31.05 -68.14 -16.03
CA THR D 4561 -32.24 -68.95 -15.75
C THR D 4561 -31.98 -70.41 -16.09
N LEU D 4562 -31.25 -70.67 -17.17
CA LEU D 4562 -30.91 -72.05 -17.54
C LEU D 4562 -29.87 -72.62 -16.59
N ARG D 4563 -28.92 -71.79 -16.16
CA ARG D 4563 -27.97 -72.18 -15.12
C ARG D 4563 -28.70 -72.56 -13.84
N PHE D 4564 -29.67 -71.74 -13.43
CA PHE D 4564 -30.52 -72.02 -12.29
C PHE D 4564 -31.37 -73.27 -12.50
N LEU D 4565 -31.78 -73.53 -13.74
CA LEU D 4565 -32.64 -74.68 -14.00
C LEU D 4565 -31.86 -75.98 -13.93
N ALA D 4566 -30.67 -76.03 -14.51
CA ALA D 4566 -29.82 -77.21 -14.37
C ALA D 4566 -29.36 -77.38 -12.92
N LEU D 4567 -29.14 -76.27 -12.22
CA LEU D 4567 -28.91 -76.27 -10.77
C LEU D 4567 -30.04 -76.97 -10.04
N PHE D 4568 -31.28 -76.62 -10.37
CA PHE D 4568 -32.43 -77.24 -9.75
C PHE D 4568 -32.58 -78.70 -10.17
N LEU D 4569 -32.13 -79.01 -11.39
CA LEU D 4569 -32.30 -80.36 -11.92
C LEU D 4569 -31.32 -81.34 -11.31
N ALA D 4570 -30.14 -80.88 -10.88
CA ALA D 4570 -29.19 -81.78 -10.24
C ALA D 4570 -29.67 -82.31 -8.89
N PHE D 4571 -30.53 -81.56 -8.20
CA PHE D 4571 -30.93 -81.90 -6.83
C PHE D 4571 -31.69 -83.22 -6.77
N ALA D 4572 -32.80 -83.32 -7.51
CA ALA D 4572 -33.63 -84.51 -7.42
C ALA D 4572 -32.96 -85.72 -8.02
N ILE D 4573 -32.16 -85.53 -9.08
CA ILE D 4573 -31.50 -86.65 -9.72
C ILE D 4573 -30.36 -87.16 -8.85
N ASN D 4574 -29.84 -86.35 -7.92
CA ASN D 4574 -28.94 -86.91 -6.92
C ASN D 4574 -29.65 -87.31 -5.64
N PHE D 4575 -30.89 -86.87 -5.44
CA PHE D 4575 -31.61 -87.19 -4.22
C PHE D 4575 -32.28 -88.55 -4.31
N ILE D 4576 -32.81 -88.89 -5.49
CA ILE D 4576 -33.38 -90.22 -5.70
C ILE D 4576 -32.32 -91.30 -5.81
N LEU D 4577 -31.05 -90.90 -5.91
CA LEU D 4577 -29.91 -91.79 -5.88
C LEU D 4577 -29.63 -92.36 -4.50
N LEU D 4578 -30.39 -91.95 -3.49
CA LEU D 4578 -30.27 -92.45 -2.13
C LEU D 4578 -30.91 -93.81 -1.92
N PHE D 4579 -31.34 -94.48 -2.98
CA PHE D 4579 -32.17 -95.67 -2.86
C PHE D 4579 -31.50 -96.90 -3.42
N TYR D 4580 -30.22 -96.82 -3.79
CA TYR D 4580 -29.50 -98.00 -4.28
C TYR D 4580 -29.25 -99.00 -3.16
N LYS D 4581 -29.36 -100.27 -3.54
CA LYS D 4581 -29.24 -101.36 -2.59
C LYS D 4581 -28.74 -102.57 -3.33
N VAL D 4582 -27.45 -102.87 -3.21
CA VAL D 4582 -26.81 -103.92 -3.99
C VAL D 4582 -27.35 -105.28 -3.54
N SER D 4583 -27.20 -106.28 -4.41
CA SER D 4583 -27.67 -107.63 -4.12
C SER D 4583 -26.66 -108.60 -4.71
N ASP D 4584 -26.66 -109.83 -4.20
CA ASP D 4584 -26.12 -110.92 -5.01
C ASP D 4584 -27.23 -111.62 -5.76
N SER D 4585 -28.09 -110.85 -6.41
CA SER D 4585 -29.34 -111.36 -6.94
C SER D 4585 -29.94 -110.37 -7.92
N PRO D 4586 -30.22 -110.79 -9.15
CA PRO D 4586 -30.93 -109.93 -10.08
C PRO D 4586 -32.41 -109.88 -9.73
N PRO D 4587 -33.09 -108.78 -10.06
CA PRO D 4587 -34.55 -108.71 -9.90
C PRO D 4587 -35.30 -109.64 -10.85
N ASN D 4626 -21.24 -113.69 -7.89
CA ASN D 4626 -21.45 -112.44 -8.64
C ASN D 4626 -22.59 -111.64 -8.02
N MET D 4627 -22.30 -110.40 -7.69
CA MET D 4627 -23.29 -109.50 -7.09
C MET D 4627 -24.00 -108.70 -8.17
N VAL D 4628 -25.22 -108.29 -7.87
CA VAL D 4628 -26.05 -107.52 -8.80
C VAL D 4628 -26.33 -106.17 -8.16
N TYR D 4629 -25.98 -105.10 -8.87
CA TYR D 4629 -26.22 -103.74 -8.40
C TYR D 4629 -27.72 -103.46 -8.50
N TYR D 4630 -28.45 -103.98 -7.55
CA TYR D 4630 -29.88 -103.75 -7.50
C TYR D 4630 -30.14 -102.33 -7.01
N PHE D 4631 -31.26 -101.76 -7.43
CA PHE D 4631 -31.74 -100.47 -6.97
C PHE D 4631 -33.06 -100.69 -6.25
N LEU D 4632 -33.09 -100.38 -4.96
CA LEU D 4632 -34.33 -100.50 -4.22
C LEU D 4632 -35.28 -99.36 -4.54
N GLU D 4633 -36.45 -99.70 -5.02
CA GLU D 4633 -37.49 -98.70 -5.25
C GLU D 4633 -38.48 -98.71 -4.09
N GLU D 4634 -39.17 -97.58 -3.94
CA GLU D 4634 -40.12 -97.40 -2.87
C GLU D 4634 -41.52 -97.80 -3.33
N SER D 4635 -42.53 -97.38 -2.57
CA SER D 4635 -43.92 -97.72 -2.85
C SER D 4635 -44.50 -96.99 -4.07
N THR D 4636 -43.72 -96.13 -4.72
CA THR D 4636 -44.26 -95.35 -5.84
C THR D 4636 -44.29 -96.16 -7.12
N GLY D 4637 -45.40 -96.02 -7.85
CA GLY D 4637 -45.53 -96.65 -9.15
C GLY D 4637 -44.76 -95.98 -10.25
N TYR D 4638 -44.32 -94.74 -10.02
CA TYR D 4638 -43.42 -94.05 -10.93
C TYR D 4638 -41.99 -94.36 -10.52
N MET D 4639 -41.04 -93.50 -10.94
CA MET D 4639 -39.58 -93.68 -10.91
C MET D 4639 -39.30 -94.83 -11.87
N GLU D 4640 -39.91 -94.69 -13.03
CA GLU D 4640 -39.88 -95.48 -14.25
C GLU D 4640 -38.75 -94.91 -15.11
N PRO D 4641 -38.51 -95.41 -16.37
CA PRO D 4641 -37.59 -94.68 -17.27
C PRO D 4641 -37.96 -93.26 -17.68
N ALA D 4642 -39.01 -92.66 -17.09
CA ALA D 4642 -39.06 -91.22 -16.93
C ALA D 4642 -37.80 -90.67 -16.26
N LEU D 4643 -37.21 -91.45 -15.35
CA LEU D 4643 -35.84 -91.20 -14.88
C LEU D 4643 -34.84 -91.08 -16.04
N TRP D 4644 -34.87 -92.01 -16.98
CA TRP D 4644 -33.99 -91.96 -18.15
C TRP D 4644 -34.32 -90.76 -19.04
N CYS D 4645 -35.60 -90.41 -19.14
CA CYS D 4645 -36.02 -89.18 -19.78
C CYS D 4645 -35.42 -87.95 -19.12
N LEU D 4646 -35.40 -87.91 -17.78
CA LEU D 4646 -34.74 -86.84 -17.06
C LEU D 4646 -33.23 -86.81 -17.29
N SER D 4647 -32.62 -87.99 -17.46
CA SER D 4647 -31.18 -88.06 -17.71
C SER D 4647 -30.83 -87.46 -19.07
N LEU D 4648 -31.51 -87.91 -20.12
CA LEU D 4648 -31.29 -87.34 -21.44
C LEU D 4648 -31.72 -85.88 -21.51
N LEU D 4649 -32.71 -85.49 -20.70
CA LEU D 4649 -33.09 -84.09 -20.56
C LEU D 4649 -31.98 -83.25 -19.95
N HIS D 4650 -31.31 -83.76 -18.91
CA HIS D 4650 -30.23 -83.00 -18.30
C HIS D 4650 -29.03 -82.89 -19.22
N THR D 4651 -28.76 -83.96 -19.97
CA THR D 4651 -27.70 -83.88 -20.97
C THR D 4651 -28.05 -82.88 -22.07
N LEU D 4652 -29.33 -82.84 -22.46
CA LEU D 4652 -29.82 -81.88 -23.43
C LEU D 4652 -29.67 -80.45 -22.95
N VAL D 4653 -30.01 -80.18 -21.69
CA VAL D 4653 -29.95 -78.80 -21.23
C VAL D 4653 -28.51 -78.37 -21.01
N ALA D 4654 -27.60 -79.30 -20.65
CA ALA D 4654 -26.19 -78.94 -20.63
C ALA D 4654 -25.67 -78.66 -22.04
N PHE D 4655 -26.12 -79.45 -23.02
CA PHE D 4655 -25.74 -79.23 -24.41
C PHE D 4655 -26.24 -77.89 -24.95
N LEU D 4656 -27.39 -77.44 -24.49
CA LEU D 4656 -27.86 -76.11 -24.86
C LEU D 4656 -27.12 -75.01 -24.09
N CYS D 4657 -26.71 -75.27 -22.85
CA CYS D 4657 -25.89 -74.31 -22.11
C CYS D 4657 -24.55 -74.08 -22.79
N ILE D 4658 -24.03 -75.12 -23.49
CA ILE D 4658 -22.81 -74.97 -24.29
C ILE D 4658 -22.95 -73.83 -25.31
N ILE D 4659 -24.01 -73.86 -26.12
CA ILE D 4659 -24.09 -72.88 -27.18
C ILE D 4659 -24.67 -71.57 -26.66
N GLY D 4660 -25.38 -71.62 -25.53
CA GLY D 4660 -25.76 -70.39 -24.85
C GLY D 4660 -24.56 -69.63 -24.35
N TYR D 4661 -23.60 -70.33 -23.74
CA TYR D 4661 -22.34 -69.74 -23.33
C TYR D 4661 -21.54 -69.27 -24.54
N ASN D 4662 -21.54 -70.06 -25.62
CA ASN D 4662 -20.87 -69.70 -26.87
C ASN D 4662 -21.38 -68.38 -27.42
N CYS D 4663 -22.69 -68.27 -27.64
CA CYS D 4663 -23.27 -67.09 -28.23
C CYS D 4663 -23.36 -65.95 -27.22
N LEU D 4664 -23.18 -66.23 -25.94
CA LEU D 4664 -23.35 -65.21 -24.93
C LEU D 4664 -22.03 -64.62 -24.48
N LYS D 4665 -21.17 -65.42 -23.88
CA LYS D 4665 -20.08 -64.87 -23.10
C LYS D 4665 -18.90 -64.51 -23.96
N VAL D 4666 -18.61 -65.30 -24.97
CA VAL D 4666 -17.32 -65.09 -25.63
C VAL D 4666 -17.48 -64.58 -27.07
N PRO D 4667 -18.01 -63.38 -27.25
CA PRO D 4667 -17.33 -62.47 -28.18
C PRO D 4667 -16.44 -61.54 -27.37
N LEU D 4668 -16.64 -61.60 -26.06
CA LEU D 4668 -16.13 -60.56 -25.17
C LEU D 4668 -14.65 -60.72 -24.90
N VAL D 4669 -14.22 -61.92 -24.51
CA VAL D 4669 -12.81 -62.15 -24.25
C VAL D 4669 -12.03 -62.09 -25.56
N ILE D 4670 -12.71 -62.41 -26.66
CA ILE D 4670 -12.16 -62.22 -27.99
C ILE D 4670 -11.86 -60.75 -28.23
N PHE D 4671 -12.80 -59.87 -27.89
CA PHE D 4671 -12.57 -58.45 -28.08
C PHE D 4671 -11.58 -57.91 -27.07
N LYS D 4672 -11.49 -58.54 -25.89
CA LYS D 4672 -10.42 -58.23 -24.94
C LYS D 4672 -9.06 -58.43 -25.58
N ARG D 4673 -8.87 -59.62 -26.16
CA ARG D 4673 -7.65 -59.93 -26.89
C ARG D 4673 -7.44 -58.99 -28.07
N GLU D 4674 -8.51 -58.67 -28.80
CA GLU D 4674 -8.45 -57.70 -29.90
C GLU D 4674 -7.92 -56.36 -29.44
N LYS D 4675 -8.47 -55.84 -28.35
CA LYS D 4675 -8.14 -54.50 -27.89
C LYS D 4675 -6.73 -54.46 -27.31
N GLU D 4676 -6.37 -55.45 -26.49
CA GLU D 4676 -5.03 -55.49 -25.93
C GLU D 4676 -3.98 -55.75 -27.01
N LEU D 4677 -4.34 -56.50 -28.06
CA LEU D 4677 -3.40 -56.69 -29.16
C LEU D 4677 -3.29 -55.44 -30.00
N ALA D 4678 -4.38 -54.69 -30.15
CA ALA D 4678 -4.31 -53.43 -30.86
C ALA D 4678 -3.43 -52.43 -30.13
N ARG D 4679 -3.48 -52.43 -28.80
CA ARG D 4679 -2.56 -51.60 -28.03
C ARG D 4679 -1.13 -52.08 -28.16
N LYS D 4680 -0.92 -53.39 -28.10
CA LYS D 4680 0.44 -53.92 -28.16
C LYS D 4680 0.99 -53.95 -29.58
N LEU D 4681 0.19 -53.62 -30.58
CA LEU D 4681 0.73 -53.46 -31.91
C LEU D 4681 0.92 -51.98 -32.24
N GLU D 4682 0.00 -51.12 -31.81
CA GLU D 4682 0.14 -49.71 -32.11
C GLU D 4682 1.18 -49.07 -31.22
N PHE D 4683 1.02 -49.22 -29.92
CA PHE D 4683 1.89 -48.57 -28.95
C PHE D 4683 3.09 -49.41 -28.57
N ASP D 4684 3.08 -50.70 -28.91
CA ASP D 4684 4.19 -51.57 -28.58
C ASP D 4684 4.69 -52.24 -29.85
N GLY D 4685 5.90 -52.75 -29.81
CA GLY D 4685 6.48 -53.39 -30.97
C GLY D 4685 6.66 -54.87 -30.75
N LEU D 4686 5.64 -55.47 -30.13
CA LEU D 4686 5.77 -56.81 -29.58
C LEU D 4686 5.76 -57.87 -30.68
N TYR D 4687 5.41 -57.50 -31.89
CA TYR D 4687 5.89 -58.25 -33.04
C TYR D 4687 6.73 -57.37 -33.93
N ILE D 4688 6.62 -56.07 -33.77
CA ILE D 4688 7.06 -55.13 -34.77
C ILE D 4688 8.50 -54.78 -34.50
N THR D 4689 8.71 -54.13 -33.37
CA THR D 4689 10.00 -53.49 -33.13
C THR D 4689 11.01 -54.51 -32.65
N GLU D 4690 10.78 -55.07 -31.48
CA GLU D 4690 11.75 -56.03 -31.00
C GLU D 4690 11.33 -57.45 -31.34
N GLN D 4691 10.31 -57.94 -30.64
CA GLN D 4691 10.14 -59.38 -30.48
C GLN D 4691 8.92 -59.61 -29.62
N PRO D 4692 8.33 -60.81 -29.67
CA PRO D 4692 7.48 -61.25 -28.55
C PRO D 4692 8.30 -61.64 -27.34
N GLY D 4693 7.65 -62.15 -26.30
CA GLY D 4693 8.42 -62.68 -25.20
C GLY D 4693 9.05 -64.03 -25.47
N ASP D 4694 8.65 -64.69 -26.57
CA ASP D 4694 8.96 -66.06 -27.00
C ASP D 4694 8.40 -67.11 -26.04
N ASP D 4695 7.67 -66.69 -25.02
CA ASP D 4695 6.88 -67.51 -24.12
C ASP D 4695 5.50 -66.88 -24.19
N ASP D 4696 4.61 -67.21 -23.25
CA ASP D 4696 3.23 -66.71 -23.18
C ASP D 4696 2.47 -67.07 -24.46
N VAL D 4697 2.23 -68.38 -24.58
CA VAL D 4697 1.78 -69.09 -25.79
C VAL D 4697 0.56 -68.48 -26.48
N LYS D 4698 -0.21 -67.68 -25.75
CA LYS D 4698 -1.15 -66.76 -26.38
C LYS D 4698 -0.44 -65.82 -27.37
N GLY D 4699 0.76 -65.35 -27.05
CA GLY D 4699 1.47 -64.49 -27.99
C GLY D 4699 2.08 -65.25 -29.15
N GLN D 4700 2.59 -66.45 -28.90
CA GLN D 4700 3.01 -67.34 -29.96
C GLN D 4700 1.84 -67.76 -30.84
N TRP D 4701 0.65 -67.80 -30.26
CA TRP D 4701 -0.56 -68.22 -30.94
C TRP D 4701 -1.03 -67.21 -31.96
N ASP D 4702 -0.78 -65.94 -31.71
CA ASP D 4702 -1.33 -64.91 -32.57
C ASP D 4702 -0.50 -64.67 -33.82
N ARG D 4703 0.66 -65.33 -33.94
CA ARG D 4703 1.43 -65.29 -35.17
C ARG D 4703 0.67 -65.95 -36.32
N LEU D 4704 -0.21 -66.89 -36.00
CA LEU D 4704 -0.99 -67.62 -36.98
C LEU D 4704 -2.09 -66.78 -37.62
N VAL D 4705 -2.43 -65.63 -37.04
CA VAL D 4705 -3.67 -64.97 -37.40
C VAL D 4705 -3.44 -63.54 -37.88
N LEU D 4706 -2.20 -63.06 -37.90
CA LEU D 4706 -1.89 -61.73 -38.42
C LEU D 4706 -2.18 -61.63 -39.91
N ASN D 4707 -2.05 -62.72 -40.65
CA ASN D 4707 -2.26 -62.73 -42.08
C ASN D 4707 -3.71 -62.92 -42.46
N THR D 4708 -4.57 -63.18 -41.48
CA THR D 4708 -5.98 -63.23 -41.78
C THR D 4708 -6.49 -61.82 -42.08
N PRO D 4709 -7.21 -61.64 -43.19
CA PRO D 4709 -7.72 -60.31 -43.52
C PRO D 4709 -8.79 -59.83 -42.56
N SER D 4710 -9.52 -60.75 -41.94
CA SER D 4710 -10.51 -60.37 -40.96
C SER D 4710 -9.93 -60.55 -39.58
N PHE D 4711 -8.63 -60.30 -39.43
CA PHE D 4711 -8.02 -60.25 -38.10
C PHE D 4711 -8.65 -59.20 -37.19
N PRO D 4712 -8.98 -57.94 -37.64
CA PRO D 4712 -9.87 -57.08 -36.84
C PRO D 4712 -11.34 -57.28 -37.17
N SER D 4713 -11.81 -58.53 -37.05
CA SER D 4713 -13.25 -58.76 -37.19
C SER D 4713 -14.01 -58.29 -35.98
N ASN D 4714 -13.68 -58.81 -34.80
CA ASN D 4714 -14.32 -58.40 -33.57
C ASN D 4714 -13.92 -57.01 -33.15
N TYR D 4715 -12.67 -56.62 -33.41
CA TYR D 4715 -12.32 -55.22 -33.23
C TYR D 4715 -12.93 -54.40 -34.36
N TRP D 4716 -13.05 -53.10 -34.11
CA TRP D 4716 -13.86 -52.27 -34.98
C TRP D 4716 -13.02 -51.68 -36.11
N ASP D 4717 -11.95 -50.97 -35.77
CA ASP D 4717 -11.16 -50.27 -36.76
C ASP D 4717 -10.36 -51.25 -37.61
N LYS D 4718 -10.48 -51.13 -38.92
CA LYS D 4718 -9.66 -51.87 -39.85
C LYS D 4718 -8.63 -50.99 -40.53
N PHE D 4719 -8.61 -49.69 -40.20
CA PHE D 4719 -7.54 -48.81 -40.66
C PHE D 4719 -6.24 -49.11 -39.96
N VAL D 4720 -6.27 -49.81 -38.82
CA VAL D 4720 -5.12 -49.98 -37.94
C VAL D 4720 -3.98 -50.69 -38.65
N LYS D 4721 -4.29 -51.53 -39.64
CA LYS D 4721 -3.26 -52.06 -40.52
C LYS D 4721 -2.55 -50.95 -41.28
N ARG D 4722 -3.30 -50.04 -41.88
CA ARG D 4722 -2.73 -48.89 -42.57
C ARG D 4722 -2.08 -47.91 -41.61
N LYS D 4723 -2.52 -47.88 -40.37
CA LYS D 4723 -1.94 -47.01 -39.36
C LYS D 4723 -0.59 -47.54 -38.91
N VAL D 4724 -0.44 -48.86 -38.87
CA VAL D 4724 0.87 -49.45 -38.74
C VAL D 4724 1.71 -49.18 -39.99
N LEU D 4725 1.07 -49.19 -41.17
CA LEU D 4725 1.77 -48.84 -42.39
C LEU D 4725 2.22 -47.39 -42.38
N ASP D 4726 1.48 -46.53 -41.70
CA ASP D 4726 1.95 -45.18 -41.47
C ASP D 4726 3.12 -45.16 -40.50
N LYS D 4727 2.90 -45.70 -39.30
CA LYS D 4727 3.82 -45.51 -38.18
C LYS D 4727 5.06 -46.36 -38.32
N HIS D 4728 4.90 -47.68 -38.29
CA HIS D 4728 6.00 -48.60 -38.40
C HIS D 4728 6.21 -49.12 -39.81
N GLY D 4729 5.23 -48.96 -40.70
CA GLY D 4729 5.45 -49.29 -42.08
C GLY D 4729 6.47 -48.42 -42.77
N ASP D 4730 6.73 -47.24 -42.23
CA ASP D 4730 7.87 -46.43 -42.65
C ASP D 4730 9.18 -47.11 -42.27
N ILE D 4731 9.34 -47.47 -40.99
CA ILE D 4731 10.67 -47.69 -40.44
C ILE D 4731 11.24 -49.04 -40.83
N PHE D 4732 10.42 -49.96 -41.32
CA PHE D 4732 10.86 -51.34 -41.53
C PHE D 4732 10.71 -51.72 -42.99
N GLY D 4733 10.94 -53.00 -43.26
CA GLY D 4733 10.66 -53.55 -44.58
C GLY D 4733 9.19 -53.39 -44.87
N ARG D 4734 8.85 -52.52 -45.82
CA ARG D 4734 7.45 -52.19 -46.05
C ARG D 4734 6.70 -53.36 -46.64
N GLU D 4735 7.28 -54.00 -47.67
CA GLU D 4735 6.73 -55.24 -48.17
C GLU D 4735 6.88 -56.39 -47.18
N ARG D 4736 7.87 -56.32 -46.29
CA ARG D 4736 7.99 -57.31 -45.23
C ARG D 4736 6.78 -57.29 -44.31
N ILE D 4737 6.35 -56.10 -43.91
CA ILE D 4737 5.18 -56.00 -43.06
C ILE D 4737 3.91 -56.23 -43.88
N ALA D 4738 3.93 -55.83 -45.15
CA ALA D 4738 2.84 -56.08 -46.11
C ALA D 4738 2.84 -57.49 -46.65
N GLU D 4739 3.70 -58.34 -46.11
CA GLU D 4739 3.55 -59.78 -46.10
C GLU D 4739 3.18 -60.29 -44.72
N LEU D 4740 3.76 -59.70 -43.67
CA LEU D 4740 3.70 -60.26 -42.34
C LEU D 4740 2.32 -60.08 -41.71
N LEU D 4741 1.55 -59.12 -42.21
CA LEU D 4741 0.18 -58.94 -41.76
C LEU D 4741 -0.82 -59.37 -42.80
N GLY D 4742 -0.46 -60.33 -43.63
CA GLY D 4742 -1.21 -60.53 -44.85
C GLY D 4742 -0.90 -59.35 -45.73
N MET D 4743 -1.95 -58.62 -46.15
CA MET D 4743 -1.86 -57.40 -46.95
C MET D 4743 -1.11 -57.65 -48.26
N ASP D 4744 -1.40 -58.81 -48.86
CA ASP D 4744 -0.69 -59.30 -50.04
C ASP D 4744 -1.00 -58.39 -51.23
N LEU D 4745 0.00 -57.61 -51.64
CA LEU D 4745 -0.10 -56.53 -52.62
C LEU D 4745 -1.17 -55.51 -52.24
N ALA D 4746 -1.42 -55.33 -50.95
CA ALA D 4746 -2.26 -54.22 -50.50
C ALA D 4746 -1.56 -52.89 -50.65
N SER D 4747 -0.22 -52.92 -50.75
CA SER D 4747 0.53 -51.79 -51.30
C SER D 4747 -0.01 -51.35 -52.64
N LEU D 4748 -0.33 -52.30 -53.51
CA LEU D 4748 -1.03 -51.98 -54.75
C LEU D 4748 -2.50 -51.68 -54.53
N GLU D 4749 -3.18 -52.46 -53.68
CA GLU D 4749 -4.62 -52.37 -53.50
C GLU D 4749 -5.06 -51.13 -52.73
N ILE D 4750 -4.12 -50.36 -52.17
CA ILE D 4750 -4.46 -49.09 -51.56
C ILE D 4750 -4.97 -48.10 -52.60
N THR D 4751 -4.45 -48.15 -53.83
CA THR D 4751 -4.91 -47.29 -54.90
C THR D 4751 -5.60 -48.06 -56.02
N ALA D 4752 -5.31 -49.34 -56.19
CA ALA D 4752 -5.94 -50.14 -57.22
C ALA D 4752 -7.39 -50.44 -56.89
N HIS D 4753 -7.67 -50.69 -55.61
CA HIS D 4753 -9.04 -50.94 -55.15
C HIS D 4753 -9.65 -49.63 -54.70
N ASN D 4754 -9.53 -48.61 -55.55
CA ASN D 4754 -10.06 -47.30 -55.28
C ASN D 4754 -10.73 -46.68 -56.50
N GLU D 4755 -10.75 -47.35 -57.65
CA GLU D 4755 -11.53 -46.88 -58.79
C GLU D 4755 -13.02 -47.04 -58.52
N ARG D 4756 -13.44 -48.24 -58.14
CA ARG D 4756 -14.80 -48.47 -57.70
C ARG D 4756 -14.78 -49.53 -56.61
N LYS D 4757 -15.76 -49.46 -55.72
CA LYS D 4757 -15.87 -50.45 -54.66
C LYS D 4757 -17.24 -51.12 -54.72
N PRO D 4758 -17.44 -52.08 -55.63
CA PRO D 4758 -18.77 -52.65 -55.82
C PRO D 4758 -19.09 -53.72 -54.78
N ASP D 4759 -20.26 -54.31 -54.95
CA ASP D 4759 -20.72 -55.43 -54.11
C ASP D 4759 -20.95 -56.64 -54.99
N PRO D 4760 -20.06 -57.63 -54.97
CA PRO D 4760 -20.28 -58.88 -55.71
C PRO D 4760 -21.41 -59.68 -55.10
N PRO D 4761 -22.10 -60.50 -55.89
CA PRO D 4761 -23.32 -61.17 -55.40
C PRO D 4761 -23.00 -62.34 -54.49
N PRO D 4762 -23.76 -62.52 -53.41
CA PRO D 4762 -23.58 -63.69 -52.54
C PRO D 4762 -24.32 -64.91 -53.09
N GLY D 4763 -23.59 -66.01 -53.21
CA GLY D 4763 -24.16 -67.28 -53.63
C GLY D 4763 -24.14 -68.27 -52.48
N LEU D 4764 -24.59 -67.84 -51.31
CA LEU D 4764 -24.37 -68.49 -50.03
C LEU D 4764 -24.90 -69.93 -50.00
N LEU D 4765 -24.32 -70.71 -49.08
CA LEU D 4765 -24.51 -72.15 -48.89
C LEU D 4765 -24.11 -72.97 -50.12
N THR D 4766 -23.30 -72.39 -51.02
CA THR D 4766 -22.70 -73.11 -52.15
C THR D 4766 -21.18 -73.01 -52.14
N TRP D 4767 -20.65 -71.81 -51.91
CA TRP D 4767 -19.22 -71.60 -51.77
C TRP D 4767 -18.74 -71.78 -50.35
N LEU D 4768 -19.64 -72.19 -49.44
CA LEU D 4768 -19.52 -72.09 -47.98
C LEU D 4768 -18.24 -72.71 -47.43
N MET D 4769 -17.62 -73.62 -48.16
CA MET D 4769 -16.24 -74.04 -47.93
C MET D 4769 -15.24 -72.90 -47.94
N SER D 4770 -15.52 -71.79 -48.64
CA SER D 4770 -14.53 -70.74 -48.85
C SER D 4770 -14.72 -69.64 -47.80
N ILE D 4771 -14.52 -70.04 -46.55
CA ILE D 4771 -14.50 -69.12 -45.42
C ILE D 4771 -13.11 -69.16 -44.81
N ASP D 4772 -12.84 -68.21 -43.91
CA ASP D 4772 -11.52 -68.05 -43.33
C ASP D 4772 -11.26 -69.18 -42.33
N VAL D 4773 -10.63 -70.25 -42.80
CA VAL D 4773 -10.42 -71.44 -41.98
C VAL D 4773 -9.37 -71.19 -40.91
N LYS D 4774 -8.26 -70.55 -41.29
CA LYS D 4774 -7.14 -70.30 -40.40
C LYS D 4774 -7.52 -69.38 -39.24
N TYR D 4775 -8.34 -68.38 -39.53
CA TYR D 4775 -8.88 -67.50 -38.50
C TYR D 4775 -9.75 -68.28 -37.53
N GLN D 4776 -10.57 -69.20 -38.03
CA GLN D 4776 -11.40 -70.05 -37.16
C GLN D 4776 -10.54 -70.99 -36.32
N ILE D 4777 -9.45 -71.49 -36.89
CA ILE D 4777 -8.51 -72.34 -36.16
C ILE D 4777 -7.93 -71.58 -34.99
N TRP D 4778 -7.40 -70.39 -35.27
CA TRP D 4778 -6.89 -69.50 -34.23
C TRP D 4778 -7.96 -69.20 -33.17
N LYS D 4779 -9.16 -68.91 -33.65
CA LYS D 4779 -10.32 -68.64 -32.80
C LYS D 4779 -10.62 -69.79 -31.87
N PHE D 4780 -10.72 -71.00 -32.41
CA PHE D 4780 -11.11 -72.15 -31.61
C PHE D 4780 -10.02 -72.56 -30.65
N GLY D 4781 -8.77 -72.29 -31.02
CA GLY D 4781 -7.70 -72.45 -30.06
C GLY D 4781 -7.81 -71.51 -28.89
N VAL D 4782 -8.17 -70.25 -29.15
CA VAL D 4782 -8.46 -69.31 -28.06
C VAL D 4782 -9.63 -69.79 -27.21
N ILE D 4783 -10.67 -70.31 -27.88
CA ILE D 4783 -11.85 -70.86 -27.21
C ILE D 4783 -11.44 -72.00 -26.27
N PHE D 4784 -10.56 -72.86 -26.73
CA PHE D 4784 -10.16 -73.99 -25.92
C PHE D 4784 -9.18 -73.60 -24.83
N THR D 4785 -8.44 -72.51 -25.02
CA THR D 4785 -7.63 -71.99 -23.92
C THR D 4785 -8.44 -71.24 -22.89
N ASP D 4786 -9.71 -70.91 -23.19
CA ASP D 4786 -10.57 -70.40 -22.13
C ASP D 4786 -10.81 -71.45 -21.05
N ASN D 4787 -10.82 -70.99 -19.80
CA ASN D 4787 -10.88 -71.91 -18.67
C ASN D 4787 -12.31 -72.19 -18.24
N SER D 4788 -13.14 -71.14 -18.15
CA SER D 4788 -14.52 -71.35 -17.76
C SER D 4788 -15.30 -72.08 -18.84
N PHE D 4789 -14.88 -71.91 -20.09
CA PHE D 4789 -15.35 -72.80 -21.16
C PHE D 4789 -14.95 -74.23 -20.87
N LEU D 4790 -13.69 -74.44 -20.49
CA LEU D 4790 -13.23 -75.78 -20.15
C LEU D 4790 -13.88 -76.26 -18.85
N TYR D 4791 -14.25 -75.34 -17.97
CA TYR D 4791 -14.99 -75.68 -16.76
C TYR D 4791 -16.37 -76.26 -17.09
N LEU D 4792 -17.13 -75.55 -17.91
CA LEU D 4792 -18.45 -76.05 -18.25
C LEU D 4792 -18.37 -77.24 -19.23
N GLY D 4793 -17.27 -77.35 -19.97
CA GLY D 4793 -17.12 -78.51 -20.84
C GLY D 4793 -16.70 -79.76 -20.10
N TRP D 4794 -15.89 -79.60 -19.05
CA TRP D 4794 -15.62 -80.71 -18.15
C TRP D 4794 -16.88 -81.11 -17.41
N TYR D 4795 -17.75 -80.15 -17.13
CA TYR D 4795 -19.08 -80.48 -16.63
C TYR D 4795 -19.90 -81.31 -17.63
N MET D 4796 -19.67 -81.15 -18.93
CA MET D 4796 -20.40 -81.91 -19.94
C MET D 4796 -20.00 -83.39 -19.95
N VAL D 4797 -18.74 -83.67 -19.61
CA VAL D 4797 -18.21 -85.02 -19.70
C VAL D 4797 -18.92 -85.94 -18.72
N MET D 4798 -19.29 -85.40 -17.55
CA MET D 4798 -20.10 -86.14 -16.59
C MET D 4798 -21.49 -86.45 -17.13
N SER D 4799 -22.09 -85.52 -17.88
CA SER D 4799 -23.42 -85.76 -18.45
C SER D 4799 -23.36 -86.81 -19.55
N LEU D 4800 -22.26 -86.84 -20.31
CA LEU D 4800 -22.08 -87.91 -21.29
C LEU D 4800 -21.88 -89.26 -20.62
N LEU D 4801 -21.09 -89.30 -19.54
CA LEU D 4801 -20.68 -90.59 -19.01
C LEU D 4801 -21.65 -91.12 -17.96
N GLY D 4802 -22.62 -90.31 -17.52
CA GLY D 4802 -23.63 -90.82 -16.61
C GLY D 4802 -24.53 -91.86 -17.21
N HIS D 4803 -24.76 -91.80 -18.53
CA HIS D 4803 -25.57 -92.79 -19.21
C HIS D 4803 -24.93 -94.16 -19.22
N TYR D 4804 -23.61 -94.23 -19.18
CA TYR D 4804 -22.97 -95.47 -18.76
C TYR D 4804 -23.23 -95.67 -17.29
N ASN D 4805 -23.64 -96.87 -16.91
CA ASN D 4805 -24.22 -97.13 -15.59
C ASN D 4805 -23.13 -97.04 -14.53
N ASN D 4806 -22.86 -95.80 -14.12
CA ASN D 4806 -21.75 -95.50 -13.23
C ASN D 4806 -22.15 -94.30 -12.38
N PHE D 4807 -21.15 -93.62 -11.83
CA PHE D 4807 -21.36 -92.52 -10.90
C PHE D 4807 -21.91 -91.28 -11.62
N PHE D 4808 -21.43 -91.03 -12.83
CA PHE D 4808 -21.18 -89.73 -13.44
C PHE D 4808 -22.36 -88.81 -13.55
N PHE D 4809 -23.60 -89.12 -13.18
CA PHE D 4809 -24.55 -88.04 -12.97
C PHE D 4809 -24.39 -87.41 -11.59
N ALA D 4810 -23.64 -88.05 -10.69
CA ALA D 4810 -23.52 -87.54 -9.32
C ALA D 4810 -22.60 -86.34 -9.25
N ALA D 4811 -21.60 -86.26 -10.14
CA ALA D 4811 -20.62 -85.18 -10.11
C ALA D 4811 -21.15 -83.86 -10.64
N HIS D 4812 -22.43 -83.80 -11.00
CA HIS D 4812 -23.00 -82.58 -11.55
C HIS D 4812 -23.14 -81.49 -10.50
N LEU D 4813 -23.44 -81.88 -9.26
CA LEU D 4813 -23.85 -80.88 -8.29
C LEU D 4813 -22.66 -80.22 -7.59
N LEU D 4814 -21.43 -80.61 -7.94
CA LEU D 4814 -20.23 -80.07 -7.28
C LEU D 4814 -19.89 -78.68 -7.79
N ASP D 4815 -19.59 -78.56 -9.07
CA ASP D 4815 -19.09 -77.30 -9.61
C ASP D 4815 -20.14 -76.22 -9.67
N ILE D 4816 -21.42 -76.57 -9.69
CA ILE D 4816 -22.45 -75.55 -9.64
C ILE D 4816 -22.53 -74.89 -8.27
N ALA D 4817 -22.06 -75.54 -7.22
CA ALA D 4817 -21.92 -74.88 -5.92
C ALA D 4817 -20.87 -73.77 -5.97
N MET D 4818 -19.77 -73.99 -6.69
CA MET D 4818 -18.86 -72.87 -6.92
C MET D 4818 -19.46 -71.88 -7.90
N GLY D 4819 -20.35 -72.35 -8.77
CA GLY D 4819 -21.16 -71.44 -9.58
C GLY D 4819 -22.05 -70.53 -8.76
N VAL D 4820 -22.44 -70.95 -7.55
CA VAL D 4820 -23.08 -70.02 -6.62
C VAL D 4820 -22.04 -69.00 -6.17
N LYS D 4821 -22.45 -67.73 -6.15
CA LYS D 4821 -21.55 -66.63 -5.81
C LYS D 4821 -21.08 -66.72 -4.36
N THR D 4822 -22.00 -67.03 -3.45
CA THR D 4822 -21.70 -66.95 -2.02
C THR D 4822 -20.73 -68.02 -1.56
N LEU D 4823 -20.55 -69.09 -2.34
CA LEU D 4823 -19.64 -70.14 -1.95
C LEU D 4823 -18.23 -69.85 -2.41
N ARG D 4824 -18.08 -69.06 -3.47
CA ARG D 4824 -16.75 -68.61 -3.88
C ARG D 4824 -16.13 -67.72 -2.81
N THR D 4825 -16.97 -66.96 -2.09
CA THR D 4825 -16.51 -66.18 -0.95
C THR D 4825 -15.89 -67.07 0.11
N ILE D 4826 -16.39 -68.28 0.25
CA ILE D 4826 -15.83 -69.22 1.20
C ILE D 4826 -14.57 -69.87 0.62
N LEU D 4827 -14.67 -70.30 -0.63
CA LEU D 4827 -13.68 -71.21 -1.18
C LEU D 4827 -12.42 -70.49 -1.64
N SER D 4828 -12.53 -69.26 -2.12
CA SER D 4828 -11.34 -68.56 -2.56
C SER D 4828 -10.46 -68.12 -1.40
N SER D 4829 -11.06 -67.88 -0.24
CA SER D 4829 -10.30 -67.69 0.99
C SER D 4829 -9.46 -68.93 1.30
N VAL D 4830 -10.05 -70.10 1.10
CA VAL D 4830 -9.32 -71.35 1.25
C VAL D 4830 -8.23 -71.46 0.18
N THR D 4831 -8.55 -71.01 -1.03
CA THR D 4831 -7.68 -71.20 -2.19
C THR D 4831 -6.45 -70.28 -2.15
N HIS D 4832 -6.56 -69.14 -1.45
CA HIS D 4832 -5.50 -68.13 -1.48
C HIS D 4832 -4.22 -68.61 -0.81
N ASN D 4833 -4.33 -69.14 0.41
CA ASN D 4833 -3.16 -69.58 1.16
C ASN D 4833 -2.82 -71.04 0.91
N GLY D 4834 -3.44 -71.67 -0.10
CA GLY D 4834 -3.09 -73.04 -0.43
C GLY D 4834 -1.70 -73.15 -1.01
N LYS D 4835 -1.23 -72.10 -1.68
CA LYS D 4835 0.14 -72.02 -2.16
C LYS D 4835 1.15 -72.03 -1.02
N GLN D 4836 0.76 -71.57 0.17
CA GLN D 4836 1.60 -71.73 1.34
C GLN D 4836 1.35 -73.07 2.03
N LEU D 4837 0.13 -73.58 1.92
CA LEU D 4837 -0.27 -74.77 2.66
C LEU D 4837 0.37 -76.04 2.09
N VAL D 4838 0.53 -76.08 0.77
CA VAL D 4838 1.14 -77.25 0.15
C VAL D 4838 2.59 -77.42 0.57
N MET D 4839 3.29 -76.30 0.86
CA MET D 4839 4.63 -76.39 1.36
C MET D 4839 4.64 -76.92 2.79
N THR D 4840 3.59 -76.63 3.56
CA THR D 4840 3.46 -77.19 4.89
C THR D 4840 3.21 -78.69 4.82
N VAL D 4841 2.47 -79.12 3.79
CA VAL D 4841 2.24 -80.55 3.57
C VAL D 4841 3.55 -81.27 3.26
N GLY D 4842 4.31 -80.74 2.31
CA GLY D 4842 5.61 -81.32 1.98
C GLY D 4842 6.58 -81.28 3.14
N LEU D 4843 6.50 -80.25 3.96
CA LEU D 4843 7.24 -80.20 5.21
C LEU D 4843 6.83 -81.31 6.16
N LEU D 4844 5.54 -81.58 6.29
CA LEU D 4844 5.07 -82.59 7.22
C LEU D 4844 5.54 -83.97 6.81
N ALA D 4845 5.60 -84.21 5.50
CA ALA D 4845 6.16 -85.44 4.96
C ALA D 4845 7.60 -85.67 5.41
N VAL D 4846 8.46 -84.65 5.25
CA VAL D 4846 9.87 -84.87 5.58
C VAL D 4846 10.08 -84.90 7.09
N VAL D 4847 9.19 -84.28 7.86
CA VAL D 4847 9.32 -84.32 9.31
C VAL D 4847 8.96 -85.69 9.86
N VAL D 4848 7.88 -86.29 9.37
CA VAL D 4848 7.57 -87.64 9.83
C VAL D 4848 8.54 -88.66 9.24
N TYR D 4849 9.16 -88.33 8.11
CA TYR D 4849 10.29 -89.12 7.62
C TYR D 4849 11.47 -89.06 8.59
N LEU D 4850 11.77 -87.88 9.13
CA LEU D 4850 12.80 -87.75 10.15
C LEU D 4850 12.46 -88.55 11.40
N TYR D 4851 11.19 -88.51 11.79
CA TYR D 4851 10.75 -89.29 12.94
C TYR D 4851 10.76 -90.78 12.70
N THR D 4852 10.70 -91.20 11.44
CA THR D 4852 10.57 -92.62 11.12
C THR D 4852 11.84 -93.39 11.43
N VAL D 4853 13.01 -92.82 11.09
CA VAL D 4853 14.27 -93.53 11.24
C VAL D 4853 14.63 -93.74 12.70
N VAL D 4854 14.12 -92.88 13.59
CA VAL D 4854 14.44 -92.95 15.01
C VAL D 4854 13.89 -94.23 15.61
N ALA D 4855 12.60 -94.48 15.42
CA ALA D 4855 12.02 -95.74 15.84
C ALA D 4855 12.42 -96.87 14.92
N PHE D 4856 12.84 -96.60 13.69
CA PHE D 4856 13.23 -97.71 12.82
C PHE D 4856 14.55 -98.31 13.26
N ASN D 4857 15.41 -97.52 13.89
CA ASN D 4857 16.69 -98.08 14.30
C ASN D 4857 16.88 -98.13 15.81
N PHE D 4858 15.99 -97.53 16.59
CA PHE D 4858 16.09 -97.59 18.04
C PHE D 4858 14.90 -98.29 18.67
N PHE D 4859 13.67 -97.93 18.30
CA PHE D 4859 12.48 -98.58 18.82
C PHE D 4859 11.97 -99.63 17.85
N ARG D 4860 12.90 -100.26 17.13
CA ARG D 4860 12.54 -101.22 16.10
C ARG D 4860 11.91 -102.46 16.70
N LYS D 4861 12.38 -102.85 17.89
CA LYS D 4861 11.86 -103.95 18.67
C LYS D 4861 10.58 -103.63 19.41
N PHE D 4862 9.92 -102.53 19.11
CA PHE D 4862 9.02 -101.97 20.10
C PHE D 4862 7.61 -101.74 19.61
N TYR D 4863 7.33 -101.93 18.31
CA TYR D 4863 6.00 -101.64 17.78
C TYR D 4863 4.96 -102.65 18.21
N ASN D 4864 5.08 -103.88 17.70
CA ASN D 4864 4.44 -105.08 18.26
C ASN D 4864 2.91 -104.96 18.29
N LYS D 4865 2.34 -105.04 17.08
CA LYS D 4865 0.90 -104.85 16.88
C LYS D 4865 -0.01 -105.89 17.53
N SER D 4866 0.57 -106.89 18.22
CA SER D 4866 -0.08 -107.73 19.22
C SER D 4866 -1.21 -108.61 18.70
N GLU D 4867 -0.92 -109.44 17.71
CA GLU D 4867 -1.71 -110.64 17.49
C GLU D 4867 -1.40 -111.62 18.61
N ASP D 4868 -2.35 -112.51 18.88
CA ASP D 4868 -2.23 -113.41 20.02
C ASP D 4868 -1.11 -114.42 19.82
N GLU D 4869 -0.09 -114.33 20.69
CA GLU D 4869 1.03 -115.26 20.90
C GLU D 4869 2.06 -115.23 19.77
N ASP D 4870 1.71 -114.58 18.66
CA ASP D 4870 2.59 -114.42 17.51
C ASP D 4870 2.45 -112.99 17.07
N GLU D 4871 3.53 -112.37 16.63
CA GLU D 4871 3.46 -111.03 16.06
C GLU D 4871 4.24 -110.98 14.76
N PRO D 4872 3.67 -111.44 13.65
CA PRO D 4872 4.26 -111.09 12.34
C PRO D 4872 4.10 -109.63 12.02
N ASP D 4873 3.12 -108.97 12.63
CA ASP D 4873 2.80 -107.57 12.38
C ASP D 4873 3.65 -106.72 13.33
N MET D 4874 4.82 -106.33 12.85
CA MET D 4874 5.57 -105.21 13.39
C MET D 4874 5.96 -104.34 12.22
N LYS D 4875 5.57 -103.07 12.26
CA LYS D 4875 5.82 -102.20 11.11
C LYS D 4875 7.29 -101.84 10.98
N CYS D 4876 8.08 -102.03 12.03
CA CYS D 4876 9.54 -101.96 11.95
C CYS D 4876 10.15 -103.28 11.46
N ASP D 4877 9.63 -103.76 10.33
CA ASP D 4877 10.28 -104.77 9.51
C ASP D 4877 10.69 -104.18 8.18
N ASP D 4878 9.80 -103.45 7.54
CA ASP D 4878 10.07 -102.73 6.31
C ASP D 4878 9.97 -101.23 6.54
N MET D 4879 10.86 -100.50 5.87
CA MET D 4879 11.00 -99.07 6.10
C MET D 4879 9.79 -98.29 5.60
N MET D 4880 9.37 -98.57 4.36
CA MET D 4880 8.16 -97.98 3.80
C MET D 4880 6.91 -98.36 4.58
N THR D 4881 6.88 -99.58 5.13
CA THR D 4881 5.74 -100.01 5.93
C THR D 4881 5.66 -99.22 7.23
N CYS D 4882 6.79 -99.02 7.89
CA CYS D 4882 6.84 -98.17 9.08
C CYS D 4882 6.43 -96.74 8.77
N TYR D 4883 6.93 -96.20 7.67
CA TYR D 4883 6.62 -94.82 7.31
C TYR D 4883 5.16 -94.65 6.91
N LEU D 4884 4.58 -95.64 6.25
CA LEU D 4884 3.16 -95.57 5.94
C LEU D 4884 2.31 -95.78 7.19
N PHE D 4885 2.83 -96.55 8.15
CA PHE D 4885 2.18 -96.71 9.44
C PHE D 4885 2.13 -95.40 10.21
N HIS D 4886 3.16 -94.57 10.06
CA HIS D 4886 3.09 -93.20 10.60
C HIS D 4886 1.92 -92.44 10.00
N MET D 4887 1.90 -92.34 8.67
CA MET D 4887 0.94 -91.48 7.98
C MET D 4887 -0.48 -92.01 8.05
N TYR D 4888 -0.66 -93.28 8.34
CA TYR D 4888 -2.02 -93.79 8.49
C TYR D 4888 -2.43 -93.91 9.94
N VAL D 4889 -1.46 -94.07 10.85
CA VAL D 4889 -1.74 -94.37 12.25
C VAL D 4889 -1.12 -93.34 13.17
N GLY D 4890 0.20 -93.17 13.09
CA GLY D 4890 0.91 -92.33 14.04
C GLY D 4890 0.51 -90.88 13.98
N VAL D 4891 0.14 -90.40 12.80
CA VAL D 4891 -0.37 -89.05 12.65
C VAL D 4891 -1.87 -89.02 12.91
N ARG D 4892 -2.53 -90.17 12.93
CA ARG D 4892 -3.98 -90.26 13.08
C ARG D 4892 -4.38 -90.76 14.46
N ALA D 4893 -3.42 -91.13 15.31
CA ALA D 4893 -3.74 -91.76 16.60
C ALA D 4893 -4.37 -90.80 17.60
N GLY D 4894 -3.94 -89.54 17.66
CA GLY D 4894 -4.58 -88.59 18.54
C GLY D 4894 -4.30 -88.85 20.01
N GLY D 4895 -3.10 -88.50 20.44
CA GLY D 4895 -2.60 -88.98 21.71
C GLY D 4895 -1.16 -89.40 21.47
N GLY D 4896 -0.69 -89.13 20.28
CA GLY D 4896 0.66 -89.47 19.93
C GLY D 4896 0.79 -90.94 19.61
N ILE D 4897 2.04 -91.38 19.54
CA ILE D 4897 2.33 -92.73 19.09
C ILE D 4897 2.06 -93.75 20.20
N GLY D 4898 2.04 -93.31 21.46
CA GLY D 4898 1.82 -94.22 22.58
C GLY D 4898 0.38 -94.66 22.73
N ASP D 4899 -0.15 -95.30 21.68
CA ASP D 4899 -1.51 -95.78 21.64
C ASP D 4899 -1.62 -97.22 21.17
N GLU D 4900 -0.72 -97.69 20.30
CA GLU D 4900 -0.77 -99.05 19.76
C GLU D 4900 0.59 -99.72 19.82
N ILE D 4901 1.58 -99.04 20.39
CA ILE D 4901 2.96 -99.47 20.43
C ILE D 4901 3.30 -99.63 21.91
N GLU D 4902 4.23 -100.56 22.21
CA GLU D 4902 4.46 -101.15 23.53
C GLU D 4902 4.66 -100.12 24.65
N ASP D 4903 4.44 -100.59 25.85
CA ASP D 4903 4.63 -99.79 27.05
C ASP D 4903 6.12 -99.57 27.26
N PRO D 4904 6.59 -98.32 27.42
CA PRO D 4904 8.01 -98.10 27.72
C PRO D 4904 8.35 -98.28 29.19
N ALA D 4905 7.49 -98.93 29.97
CA ALA D 4905 7.68 -99.09 31.41
C ALA D 4905 8.85 -99.99 31.79
N GLY D 4906 9.52 -100.61 30.84
CA GLY D 4906 10.71 -101.38 31.12
C GLY D 4906 11.92 -100.49 31.40
N ASP D 4907 13.07 -101.15 31.54
CA ASP D 4907 14.28 -100.46 31.94
C ASP D 4907 14.87 -99.64 30.79
N GLU D 4908 15.05 -100.27 29.64
CA GLU D 4908 15.77 -99.63 28.54
C GLU D 4908 14.89 -98.63 27.82
N TYR D 4909 15.43 -97.42 27.61
CA TYR D 4909 14.90 -96.41 26.68
C TYR D 4909 13.54 -95.88 27.11
N GLU D 4910 13.20 -96.03 28.40
CA GLU D 4910 11.98 -95.44 28.94
C GLU D 4910 12.04 -93.93 28.85
N LEU D 4911 13.17 -93.34 29.27
CA LEU D 4911 13.42 -91.92 29.16
C LEU D 4911 13.42 -91.46 27.72
N TYR D 4912 13.83 -92.31 26.78
CA TYR D 4912 13.88 -91.89 25.39
C TYR D 4912 12.50 -91.90 24.75
N ARG D 4913 11.66 -92.91 25.09
CA ARG D 4913 10.29 -92.91 24.58
C ARG D 4913 9.44 -91.82 25.22
N VAL D 4914 9.65 -91.53 26.51
CA VAL D 4914 8.90 -90.47 27.15
C VAL D 4914 9.39 -89.11 26.67
N VAL D 4915 10.58 -89.04 26.08
CA VAL D 4915 10.95 -87.84 25.33
C VAL D 4915 10.23 -87.80 23.99
N PHE D 4916 10.34 -88.87 23.21
CA PHE D 4916 10.00 -88.78 21.79
C PHE D 4916 8.50 -88.73 21.56
N ASP D 4917 7.73 -89.52 22.31
CA ASP D 4917 6.27 -89.50 22.18
C ASP D 4917 5.70 -88.15 22.55
N ILE D 4918 6.23 -87.52 23.60
CA ILE D 4918 5.66 -86.26 24.04
C ILE D 4918 6.10 -85.11 23.13
N THR D 4919 7.36 -85.12 22.65
CA THR D 4919 7.78 -84.10 21.68
C THR D 4919 7.07 -84.26 20.34
N PHE D 4920 6.83 -85.51 19.93
CA PHE D 4920 5.89 -85.83 18.86
C PHE D 4920 4.52 -85.21 19.11
N PHE D 4921 4.00 -85.37 20.33
CA PHE D 4921 2.71 -84.84 20.72
C PHE D 4921 2.72 -83.32 20.76
N PHE D 4922 3.90 -82.72 20.93
CA PHE D 4922 3.97 -81.28 20.80
C PHE D 4922 3.92 -80.86 19.34
N PHE D 4923 4.86 -81.32 18.53
CA PHE D 4923 5.16 -80.55 17.35
C PHE D 4923 4.22 -80.87 16.21
N VAL D 4924 4.23 -82.11 15.73
CA VAL D 4924 3.38 -82.47 14.62
C VAL D 4924 1.92 -82.58 15.01
N ILE D 4925 1.62 -82.68 16.30
CA ILE D 4925 0.26 -82.78 16.77
C ILE D 4925 -0.33 -81.43 17.11
N VAL D 4926 0.36 -80.65 17.95
CA VAL D 4926 -0.18 -79.36 18.34
C VAL D 4926 0.36 -78.26 17.44
N ILE D 4927 1.68 -78.21 17.29
CA ILE D 4927 2.32 -77.06 16.64
C ILE D 4927 2.02 -77.06 15.15
N LEU D 4928 2.12 -78.23 14.52
CA LEU D 4928 1.90 -78.29 13.09
C LEU D 4928 0.44 -78.11 12.70
N LEU D 4929 -0.47 -78.29 13.64
CA LEU D 4929 -1.90 -78.15 13.34
C LEU D 4929 -2.36 -76.71 13.36
N ALA D 4930 -1.87 -75.90 14.30
CA ALA D 4930 -2.25 -74.49 14.38
C ALA D 4930 -1.77 -73.70 13.19
N ILE D 4931 -0.79 -74.21 12.44
CA ILE D 4931 -0.34 -73.57 11.21
C ILE D 4931 -1.45 -73.57 10.16
N ILE D 4932 -1.93 -74.77 9.83
CA ILE D 4932 -2.99 -74.93 8.84
C ILE D 4932 -4.28 -74.32 9.36
N GLN D 4933 -4.45 -74.34 10.69
CA GLN D 4933 -5.54 -73.62 11.30
C GLN D 4933 -5.44 -72.11 11.05
N GLY D 4934 -4.25 -71.53 11.22
CA GLY D 4934 -4.14 -70.09 11.16
C GLY D 4934 -4.07 -69.52 9.77
N LEU D 4935 -3.74 -70.36 8.78
CA LEU D 4935 -3.76 -69.93 7.37
C LEU D 4935 -5.12 -69.43 6.92
N ILE D 4936 -6.18 -70.18 7.23
CA ILE D 4936 -7.51 -69.79 6.79
C ILE D 4936 -8.01 -68.59 7.59
N ILE D 4937 -7.60 -68.47 8.85
CA ILE D 4937 -8.01 -67.32 9.65
C ILE D 4937 -7.32 -66.06 9.14
N ASP D 4938 -6.07 -66.20 8.69
CA ASP D 4938 -5.37 -65.14 7.98
C ASP D 4938 -6.10 -64.72 6.72
N ALA D 4939 -6.57 -65.69 5.92
CA ALA D 4939 -7.32 -65.35 4.71
C ALA D 4939 -8.67 -64.70 5.02
N PHE D 4940 -9.30 -65.11 6.11
CA PHE D 4940 -10.56 -64.51 6.54
C PHE D 4940 -10.38 -63.07 7.00
N GLY D 4941 -9.32 -62.81 7.75
CA GLY D 4941 -8.98 -61.44 8.05
C GLY D 4941 -8.66 -60.61 6.84
N GLU D 4942 -7.98 -61.21 5.86
CA GLU D 4942 -7.68 -60.58 4.57
C GLU D 4942 -8.93 -60.16 3.80
N LEU D 4943 -9.82 -61.12 3.54
CA LEU D 4943 -10.90 -60.88 2.59
C LEU D 4943 -11.93 -59.95 3.18
N ARG D 4944 -12.10 -59.98 4.50
CA ARG D 4944 -12.97 -59.01 5.14
C ARG D 4944 -12.35 -57.62 5.13
N ASP D 4945 -11.02 -57.56 5.30
CA ASP D 4945 -10.33 -56.28 5.27
C ASP D 4945 -10.43 -55.64 3.89
N GLN D 4946 -10.46 -56.46 2.85
CA GLN D 4946 -10.63 -55.94 1.50
C GLN D 4946 -12.05 -55.41 1.28
N GLN D 4947 -13.05 -56.11 1.83
CA GLN D 4947 -14.43 -55.65 1.77
C GLN D 4947 -14.62 -54.36 2.53
N GLU D 4948 -13.85 -54.15 3.59
CA GLU D 4948 -13.96 -52.89 4.30
C GLU D 4948 -13.17 -51.79 3.63
N GLN D 4949 -12.03 -52.12 3.03
CA GLN D 4949 -11.21 -51.14 2.32
C GLN D 4949 -11.95 -50.58 1.11
N VAL D 4950 -12.66 -51.44 0.37
CA VAL D 4950 -13.49 -50.94 -0.72
C VAL D 4950 -14.70 -50.19 -0.20
N LYS D 4951 -15.13 -50.48 1.02
CA LYS D 4951 -16.18 -49.70 1.66
C LYS D 4951 -15.63 -48.39 2.20
N GLU D 4952 -14.45 -48.43 2.81
CA GLU D 4952 -13.83 -47.25 3.39
C GLU D 4952 -13.49 -46.22 2.33
N ASP D 4953 -12.77 -46.62 1.29
CA ASP D 4953 -12.26 -45.61 0.38
C ASP D 4953 -13.35 -45.09 -0.54
N MET D 4954 -14.43 -45.85 -0.73
CA MET D 4954 -15.59 -45.32 -1.45
C MET D 4954 -16.23 -44.17 -0.68
N GLU D 4955 -16.16 -44.21 0.65
CA GLU D 4955 -16.67 -43.14 1.48
C GLU D 4955 -15.68 -42.01 1.66
N THR D 4956 -14.38 -42.29 1.64
CA THR D 4956 -13.38 -41.25 1.90
C THR D 4956 -12.83 -40.55 0.67
N LYS D 4957 -12.90 -41.16 -0.51
CA LYS D 4957 -12.65 -40.45 -1.75
C LYS D 4957 -13.66 -40.85 -2.79
N CYS D 4958 -14.09 -39.87 -3.58
CA CYS D 4958 -14.82 -40.19 -4.79
C CYS D 4958 -13.93 -40.90 -5.79
N PHE D 4959 -12.65 -40.53 -5.82
CA PHE D 4959 -11.54 -41.20 -6.50
C PHE D 4959 -11.61 -41.05 -8.03
N ILE D 4960 -12.74 -40.58 -8.54
CA ILE D 4960 -12.85 -40.22 -9.94
C ILE D 4960 -11.97 -39.00 -10.24
N CYS D 4961 -11.79 -38.13 -9.26
CA CYS D 4961 -10.60 -37.31 -9.15
C CYS D 4961 -10.17 -37.40 -7.69
N GLY D 4962 -8.91 -37.74 -7.47
CA GLY D 4962 -8.51 -38.26 -6.17
C GLY D 4962 -8.46 -37.25 -5.04
N ILE D 4963 -9.62 -36.80 -4.60
CA ILE D 4963 -9.73 -35.81 -3.52
C ILE D 4963 -10.43 -36.48 -2.34
N GLY D 4964 -9.89 -36.27 -1.13
CA GLY D 4964 -10.50 -36.78 0.08
C GLY D 4964 -11.86 -36.17 0.35
N SER D 4965 -12.66 -36.92 1.11
CA SER D 4965 -14.06 -36.59 1.37
C SER D 4965 -14.23 -35.32 2.20
N ASP D 4966 -13.23 -34.96 3.00
CA ASP D 4966 -13.37 -33.82 3.89
C ASP D 4966 -13.48 -32.51 3.14
N TYR D 4967 -12.61 -32.29 2.16
CA TYR D 4967 -12.65 -31.06 1.40
C TYR D 4967 -13.91 -30.96 0.56
N PHE D 4968 -14.41 -32.10 0.07
CA PHE D 4968 -15.73 -32.15 -0.55
C PHE D 4968 -16.83 -31.76 0.38
N ASP D 4969 -16.86 -32.31 1.57
CA ASP D 4969 -17.95 -32.06 2.49
C ASP D 4969 -17.64 -30.88 3.39
N THR D 4970 -16.70 -30.01 2.99
CA THR D 4970 -16.53 -28.70 3.62
C THR D 4970 -17.83 -27.90 3.52
N THR D 4971 -18.41 -27.83 2.34
CA THR D 4971 -19.81 -27.50 2.22
C THR D 4971 -20.64 -28.69 2.69
N PRO D 4972 -21.69 -28.45 3.47
CA PRO D 4972 -22.52 -29.57 3.94
C PRO D 4972 -23.23 -30.27 2.79
N HIS D 4973 -23.18 -31.61 2.83
CA HIS D 4973 -23.58 -32.48 1.72
C HIS D 4973 -22.83 -32.10 0.44
N GLY D 4974 -21.50 -32.16 0.51
CA GLY D 4974 -20.70 -31.84 -0.65
C GLY D 4974 -20.08 -33.08 -1.27
N PHE D 4975 -19.87 -34.11 -0.45
CA PHE D 4975 -19.29 -35.34 -0.98
C PHE D 4975 -20.25 -36.06 -1.91
N GLU D 4976 -21.50 -36.25 -1.48
CA GLU D 4976 -22.47 -36.90 -2.36
C GLU D 4976 -22.88 -35.95 -3.49
N THR D 4977 -22.72 -34.65 -3.27
CA THR D 4977 -22.85 -33.69 -4.35
C THR D 4977 -21.80 -33.94 -5.44
N HIS D 4978 -20.57 -34.24 -5.05
CA HIS D 4978 -19.59 -34.60 -6.06
C HIS D 4978 -19.90 -35.96 -6.68
N THR D 4979 -20.37 -36.91 -5.90
CA THR D 4979 -20.60 -38.21 -6.50
C THR D 4979 -21.93 -38.31 -7.23
N LEU D 4980 -22.74 -37.26 -7.23
CA LEU D 4980 -23.93 -37.23 -8.05
C LEU D 4980 -23.90 -36.16 -9.12
N GLU D 4981 -23.77 -34.89 -8.75
CA GLU D 4981 -23.84 -33.81 -9.72
C GLU D 4981 -22.54 -33.65 -10.46
N GLU D 4982 -21.43 -33.75 -9.75
CA GLU D 4982 -20.13 -33.89 -10.39
C GLU D 4982 -19.96 -35.34 -10.82
N HIS D 4983 -18.72 -35.74 -11.07
CA HIS D 4983 -18.44 -37.04 -11.65
C HIS D 4983 -18.88 -38.21 -10.77
N ASN D 4984 -19.93 -38.86 -11.23
CA ASN D 4984 -20.53 -40.00 -10.56
C ASN D 4984 -19.86 -41.31 -10.92
N LEU D 4985 -18.60 -41.24 -11.39
CA LEU D 4985 -17.82 -42.34 -11.91
C LEU D 4985 -18.46 -42.96 -13.16
N ALA D 4986 -19.40 -42.25 -13.78
CA ALA D 4986 -20.20 -42.83 -14.85
C ALA D 4986 -20.34 -41.90 -16.05
N ASN D 4987 -20.21 -40.59 -15.77
CA ASN D 4987 -20.32 -39.54 -16.78
C ASN D 4987 -19.35 -39.74 -17.91
N TYR D 4988 -18.17 -40.27 -17.59
CA TYR D 4988 -17.15 -40.50 -18.59
C TYR D 4988 -17.59 -41.53 -19.59
N MET D 4989 -18.04 -42.68 -19.12
CA MET D 4989 -18.43 -43.74 -20.04
C MET D 4989 -19.69 -43.34 -20.80
N PHE D 4990 -20.53 -42.54 -20.17
CA PHE D 4990 -21.73 -42.06 -20.86
C PHE D 4990 -21.35 -41.11 -22.00
N PHE D 4991 -20.39 -40.23 -21.75
CA PHE D 4991 -19.97 -39.29 -22.77
C PHE D 4991 -19.15 -39.97 -23.86
N LEU D 4992 -18.48 -41.06 -23.51
CA LEU D 4992 -17.90 -41.96 -24.52
C LEU D 4992 -18.90 -42.38 -25.56
N MET D 4993 -20.01 -42.98 -25.14
CA MET D 4993 -21.09 -43.37 -26.05
C MET D 4993 -21.60 -42.17 -26.81
N TYR D 4994 -21.77 -41.05 -26.09
CA TYR D 4994 -22.26 -39.81 -26.66
C TYR D 4994 -21.39 -39.31 -27.81
N LEU D 4995 -20.07 -39.38 -27.68
CA LEU D 4995 -19.22 -38.84 -28.72
C LEU D 4995 -18.95 -39.85 -29.82
N ILE D 4996 -18.80 -41.13 -29.45
CA ILE D 4996 -18.68 -42.20 -30.43
C ILE D 4996 -19.88 -42.26 -31.35
N ASN D 4997 -21.08 -41.99 -30.82
CA ASN D 4997 -22.26 -41.93 -31.64
C ASN D 4997 -22.46 -40.56 -32.28
N LYS D 4998 -21.45 -39.70 -32.21
CA LYS D 4998 -21.50 -38.38 -32.83
C LYS D 4998 -20.49 -38.33 -33.98
N ASP D 4999 -20.87 -37.65 -35.06
CA ASP D 4999 -20.10 -37.65 -36.28
C ASP D 4999 -18.89 -36.72 -36.18
N GLU D 5000 -17.89 -37.05 -37.00
CA GLU D 5000 -16.62 -36.36 -37.06
C GLU D 5000 -16.77 -34.88 -37.42
N THR D 5001 -17.61 -34.58 -38.41
CA THR D 5001 -17.85 -33.20 -38.82
C THR D 5001 -18.52 -32.41 -37.70
N GLU D 5002 -19.37 -33.08 -36.94
CA GLU D 5002 -20.26 -32.38 -36.04
C GLU D 5002 -19.62 -31.97 -34.74
N HIS D 5003 -18.43 -32.49 -34.43
CA HIS D 5003 -17.85 -32.26 -33.10
C HIS D 5003 -17.43 -30.81 -32.93
N THR D 5004 -17.28 -30.41 -31.67
CA THR D 5004 -16.72 -29.11 -31.36
C THR D 5004 -15.22 -29.16 -31.55
N GLY D 5005 -14.58 -28.01 -31.36
CA GLY D 5005 -13.13 -28.02 -31.20
C GLY D 5005 -12.72 -28.80 -29.98
N GLN D 5006 -13.48 -28.69 -28.90
CA GLN D 5006 -13.20 -29.41 -27.67
C GLN D 5006 -13.43 -30.90 -27.83
N GLU D 5007 -14.58 -31.25 -28.40
CA GLU D 5007 -14.93 -32.66 -28.60
C GLU D 5007 -13.99 -33.34 -29.57
N SER D 5008 -13.69 -32.66 -30.68
CA SER D 5008 -12.71 -33.17 -31.62
C SER D 5008 -11.32 -33.23 -31.01
N TYR D 5009 -10.99 -32.30 -30.13
CA TYR D 5009 -9.67 -32.27 -29.52
C TYR D 5009 -9.48 -33.43 -28.57
N VAL D 5010 -10.50 -33.70 -27.76
CA VAL D 5010 -10.36 -34.78 -26.80
C VAL D 5010 -10.51 -36.13 -27.48
N TRP D 5011 -11.22 -36.22 -28.60
CA TRP D 5011 -11.23 -37.47 -29.35
C TRP D 5011 -9.91 -37.70 -30.06
N LYS D 5012 -9.27 -36.63 -30.50
CA LYS D 5012 -7.89 -36.71 -30.96
C LYS D 5012 -6.99 -37.25 -29.87
N MET D 5013 -7.18 -36.77 -28.65
CA MET D 5013 -6.46 -37.31 -27.50
C MET D 5013 -6.84 -38.75 -27.21
N TYR D 5014 -8.07 -39.14 -27.54
CA TYR D 5014 -8.45 -40.54 -27.41
C TYR D 5014 -7.68 -41.41 -28.39
N GLN D 5015 -7.65 -41.00 -29.65
CA GLN D 5015 -6.89 -41.73 -30.65
C GLN D 5015 -5.41 -41.71 -30.32
N GLU D 5016 -4.95 -40.65 -29.66
CA GLU D 5016 -3.63 -40.60 -29.08
C GLU D 5016 -3.50 -41.54 -27.89
N ARG D 5017 -4.63 -41.90 -27.27
CA ARG D 5017 -4.70 -42.46 -25.93
C ARG D 5017 -3.99 -41.55 -24.94
N CYS D 5018 -4.30 -40.25 -25.01
CA CYS D 5018 -3.81 -39.29 -24.06
C CYS D 5018 -4.93 -38.93 -23.08
N TRP D 5019 -4.56 -38.87 -21.80
CA TRP D 5019 -5.53 -38.85 -20.72
C TRP D 5019 -5.24 -37.69 -19.77
N ASP D 5020 -4.82 -36.58 -20.36
CA ASP D 5020 -4.55 -35.37 -19.61
C ASP D 5020 -5.80 -34.73 -19.02
N PHE D 5021 -6.91 -34.82 -19.74
CA PHE D 5021 -8.16 -34.16 -19.39
C PHE D 5021 -8.84 -34.74 -18.16
N PHE D 5022 -8.27 -35.72 -17.49
CA PHE D 5022 -8.77 -36.02 -16.18
C PHE D 5022 -8.42 -34.86 -15.25
N PRO D 5023 -9.38 -34.42 -14.46
CA PRO D 5023 -9.10 -33.40 -13.44
C PRO D 5023 -8.05 -33.86 -12.44
N ALA D 5024 -8.36 -34.94 -11.70
CA ALA D 5024 -7.41 -35.72 -10.90
C ALA D 5024 -6.64 -34.85 -9.89
N GLY D 5025 -7.38 -34.23 -8.99
CA GLY D 5025 -6.74 -33.40 -7.97
C GLY D 5025 -7.48 -32.14 -7.62
N ASP D 5026 -8.44 -31.76 -8.47
CA ASP D 5026 -9.29 -30.59 -8.25
C ASP D 5026 -10.50 -30.75 -9.14
N CYS D 5027 -11.68 -30.41 -8.62
CA CYS D 5027 -12.89 -30.34 -9.44
C CYS D 5027 -13.47 -28.92 -9.35
N PHE D 5028 -12.86 -28.03 -10.13
CA PHE D 5028 -13.43 -26.77 -10.62
C PHE D 5028 -13.62 -25.71 -9.54
N ARG D 5029 -13.51 -26.08 -8.27
CA ARG D 5029 -13.92 -25.18 -7.21
C ARG D 5029 -12.83 -24.87 -6.22
N LYS D 5030 -11.85 -25.75 -6.05
CA LYS D 5030 -10.55 -25.26 -5.61
C LYS D 5030 -9.92 -24.43 -6.73
N GLN D 5031 -10.21 -24.80 -7.98
CA GLN D 5031 -9.91 -23.95 -9.13
C GLN D 5031 -10.54 -22.58 -8.99
N TYR D 5032 -11.86 -22.53 -8.84
CA TYR D 5032 -12.59 -21.27 -8.81
C TYR D 5032 -13.12 -20.98 -7.40
N GLU D 5033 -12.25 -21.21 -6.42
CA GLU D 5033 -12.66 -21.23 -5.02
C GLU D 5033 -12.81 -19.85 -4.44
N ASP D 5034 -11.68 -19.14 -4.27
CA ASP D 5034 -11.74 -17.76 -3.81
C ASP D 5034 -12.11 -16.82 -4.94
N GLN D 5035 -12.04 -17.33 -6.17
CA GLN D 5035 -12.59 -16.64 -7.34
C GLN D 5035 -14.07 -16.33 -7.14
N LEU D 5036 -14.90 -17.38 -7.00
CA LEU D 5036 -16.28 -17.19 -6.59
C LEU D 5036 -16.73 -18.48 -5.90
N SER D 5037 -16.88 -18.40 -4.59
CA SER D 5037 -17.26 -19.55 -3.79
C SER D 5037 -18.73 -19.89 -3.98
ZN ZN E . -18.59 -29.86 16.27
ZN ZN F . 5.03 -31.02 22.69
ZN ZN G . 10.97 -37.15 -0.29
ZN ZN H . -12.19 -35.52 -6.58
#